data_9P7O
#
_entry.id   9P7O
#
_cell.length_a   1.00
_cell.length_b   1.00
_cell.length_c   1.00
_cell.angle_alpha   90.00
_cell.angle_beta   90.00
_cell.angle_gamma   90.00
#
_symmetry.space_group_name_H-M   'P 1'
#
loop_
_entity.id
_entity.type
_entity.pdbx_description
1 polymer 'Transcription factor BTF3'
2 polymer 'P site tRNA'
3 polymer 'Elongation factor 1-alpha 1'
4 polymer 'A/T site tRNA'
5 polymer '28S rRNA'
6 polymer '5S rRNA'
7 polymer '5.8S rRNA'
8 polymer '60S ribosomal protein L8'
9 polymer 'Large ribosomal subunit protein uL3'
10 polymer '60S ribosomal protein L4'
11 polymer 'Large ribosomal subunit protein uL18'
12 polymer 'Large ribosomal subunit protein eL6'
13 polymer '60S ribosomal protein L7'
14 polymer '60S ribosomal protein L7a'
15 polymer '60S ribosomal protein L9'
16 polymer 'Ribosomal protein uL16-like'
17 polymer '60S ribosomal protein L11'
18 polymer 'Large ribosomal subunit protein eL13'
19 polymer '60S ribosomal protein L14'
20 polymer '60S ribosomal protein L15'
21 polymer '60S ribosomal protein L13a'
22 polymer '60S ribosomal protein L17'
23 polymer '60S ribosomal protein L18'
24 polymer '60S ribosomal protein L19'
25 polymer '60S ribosomal protein L18a'
26 polymer '60S ribosomal protein L21'
27 polymer 'Heparin-binding protein HBp15'
28 polymer '60S ribosomal protein L23'
29 polymer 'Ribosomal protein L24'
30 polymer '60S ribosomal protein L23a'
31 polymer '60S ribosomal protein L26'
32 polymer '60S ribosomal protein L27'
33 polymer '60S ribosomal protein L27a'
34 polymer 'Large ribosomal subunit protein eL29'
35 polymer '60S ribosomal protein L30'
36 polymer '60S ribosomal protein L31'
37 polymer '60S ribosomal protein L32'
38 polymer '60S ribosomal protein L35a'
39 polymer '60S ribosomal protein L34'
40 polymer '60S ribosomal protein L35'
41 polymer '60S ribosomal protein L36'
42 polymer '60S ribosomal protein L37'
43 polymer '60S ribosomal protein L38'
44 polymer '60S ribosomal protein L39'
45 polymer 'Large ribosomal subunit protein eL40'
46 polymer '60S ribosomal protein L41'
47 polymer '60S ribosomal protein L36a'
48 polymer '60S ribosomal protein L37a'
49 polymer '60S ribosomal protein L28'
50 polymer '60S acidic ribosomal protein P0'
51 polymer 'Large ribosomal subunit protein uL11'
52 polymer 'Small ribosomal subunit protein uS3'
53 polymer '40S ribosomal protein S5'
54 polymer '40S ribosomal protein S10'
55 polymer 'Small ribosomal subunit protein eS12'
56 polymer 'Small ribosomal subunit protein uS19'
57 polymer 'Small ribosomal subunit protein uS9'
58 polymer 'Small ribosomal subunit protein eS17'
59 polymer '40S ribosomal protein S18'
60 polymer '40S ribosomal protein S19'
61 polymer '40S ribosomal protein S20'
62 polymer 'Small ribosomal subunit protein eS25'
63 polymer '40S ribosomal protein S28'
64 polymer '40S ribosomal protein S29'
65 polymer 'Ubiquitin-40S ribosomal protein S27a'
66 polymer 'Receptor of activated protein C kinase 1'
67 polymer '40S ribosomal protein SA'
68 polymer '40S ribosomal protein S3a'
69 polymer '40S ribosomal protein S2'
70 polymer 'Small ribosomal subunit protein eS4, X isoform'
71 polymer '40S ribosomal protein S6'
72 polymer 'Small ribosomal subunit protein eS7'
73 polymer '40S ribosomal protein S8'
74 polymer '40S ribosomal protein S9'
75 polymer '40S ribosomal protein S11'
76 polymer '40S ribosomal protein S13'
77 polymer 'Small ribosomal subunit protein uS11'
78 polymer 'Small ribosomal subunit protein eS21'
79 polymer '40S ribosomal protein S15a'
80 polymer '40S ribosomal protein S23'
81 polymer '40S ribosomal protein S24'
82 polymer '40S ribosomal protein S26'
83 polymer 'Small ribosomal subunit protein eS27'
84 polymer 'Small ribosomal subunit protein eS30'
85 polymer '18S rRNA'
86 polymer 'Z site tRNA'
87 non-polymer 'MAGNESIUM ION'
88 non-polymer SPERMINE
89 non-polymer SPERMIDINE
90 non-polymer 'ZINC ION'
#
loop_
_entity_poly.entity_id
_entity_poly.type
_entity_poly.pdbx_seq_one_letter_code
_entity_poly.pdbx_strand_id
1 'polypeptide(L)' IMNQEKLAKLQAQVRIGGKGTARRKKKVVHR CI
2 'polyribonucleotide' GUCUCCGUAGUGUAGGGUAUCACGUUCGCCUAACACGCGAAAGGUCCUCGGUUCGAAACCGGGCGGAAACACCA Pt
3 'polypeptide(L)'
;EKTHINIVVIGHVDSGKSTTTGHLIYKCGGIDKRTIEKFEKEAAEMGKGSFKYAWVLDKLKAERERGITIDISLWKFETS
KYYVTIIDAPGHRDFIKNMITGTSQADCAVLIVAAGVGEFEAGISKNGQTREHALLAYTLGVKQLIVGVNKMDSTEPPY
(SEP)QKRYEEIVKEVSTYIKKIGYNPDTVAFVPISGWNGDNMLEPSANMPWFKGWKVTRKDGNASGTTLLEALDCILPP
TRPTDKPLRLPLQDVYKIGGIGTVPVGRVETGVLKPGMVVTFAPVNVTTEVKSVEMHHEALSEALPGDNVGFNVKNVSVK
DVRRGNVAGDSKNDPPMEAAGFTAQVIILNHPGQISAGYAPVLDCHTAHIACKFAELKEKIDRRSGKKLEDGPKFLKSGD
AAIVDMVPGKPMCVESFSDYPPLGRFAVRDMRQTVAVGVIKAVDKK
;
CF
4 'polyribonucleotide' GUCUCCGUAGUGUAGCGGUUAUCACGUUCGCCUAACACGCGAAAGGUCCUCGGUUCGAAACCGGGCGGAAACACCA AT
5 'polyribonucleotide'
;CGCGACCUCAGAUCAGACGUGGCGACCCGCUGAAUUUAAGCAUAUUAGUCAGCGGAGGAGAAGAAACUAACCAGGAUUCC
CUCAGUAACGGCGAGUGAACAGGGAAGAGCCCAGCGCCGAAUCCCCGCCCCGCGGCGGGGCGCGGGACAUGUGGCGUACG
GAAGACCCGCUCCCCGGCGCCGCUCGUGGGGGGCCCAAGUCCUUCUGAUCGAGGCCCAGCCCGUGGACGGUGUGAGGCCG
GUAGCGGCCCCCGGCGCGCCGGGCCCGGGUCUUCCCGGAGUCGGGUUGCUUGGGAAUGCAGCCCAAAGCGGGUGGUAAAC
UCCAUCUAAGGCUAAAUACCGGCACGAGACCGAUAGUCAACAAGUACCGUAAGGGAAAGUUGAAAAGAACUUUGAAG
(A2M)G(A2M)GAGUUCAAGAGGGCGUGAAACCGUUAAGAGGUAAACGGGUGGGGUCCGCGCAGUCCGCCCGGAGGAUUC
AACCCGGCGGCGGGUCCGGCCGUGUCGGCGGCCCGGCGGAUCUUUCCCGCGCGGGGGACCGUCCCCCGACCGGCGACCGG
CCGCCGCCGGGCGCAUUUCCACCGCGGCGGUGCGCCGCGACCGGCUCCGGGACGGCUGGGAAGGCCCGGCGGGGAAGGUG
GCUCGGGGGCCCCCGAGUGUUACAGCCCCCCCGGCAGCAGCACUCGCCGAAUCCCGGGGCCGAGGGAGCGAGACCCGUCG
CCGCGCUCUCCCCCCUCGGGGGGGCCGGGCCACCCCUCCCACGGCGCGACCGCUCGGGGCGGACUGUCCCCAGUGCGCCC
CGGGCGGGUCGCGCCGUCGGGCCCGGGGGAGGCCACGCGCGCGUCCCCCGAAGAGGGGGACGGCGGAGCGAGCGCACGGG
GUCGGCGGCGACGUCGGCUACCCACCCGACCC(OMG)UCUUG(1MA)(A2M)AC(A2M)CGGACCAAGGAGU(OMC)UAA
CACGUGCGCGAGUCGGGGGCUCGCACGAAAGCCGCCGUGGCGCAAUGAAGGUGAAGGCCGGCGCGCUCGCCGGCCGAGGU
GGGAUCCCGAGGCCUCUCCAGUCCGCCGAGGGCGCACCACCGGCCCGUCUCGCCCGCCGCGCCGGGGAGGUGGAGCACGA
GCGCACGUGUUAGGACCC(OMG)A(A2M)AGAUGGUGA(A2M)C(PSU)AUGCCUGGGCAGGGCGAAGCCAGAGGAAACU
CUGGUGGAGGUCCG(PSU)AGCGGUCCUGACGUGCAAAUCGGUCGUCCGACCUGGGUAUAG(OMG)GGCGAAAGACUAAU
CGAACCAUCUAGUAGCUGGUUCCCUCCGAAGUUUCCC(PSU)CAGGA(PSU)AGCUGGCGCUCUCGCAGACCCGAGCCAC
GCAGUUUUAUCCGGUAAAGCGAA(PSU)GAUUAGAGGUCUUGGGGCCGAAACGAUCUCAACCUA(PSU)(PSU)CUCAAA
CUU(PSU)AAAUGGGUAAGAAGCCCGGCUCGCUGGCGUGGAGCCGGGCGUGGAAUGCGAGUGCCUAGUGGGCCAC(PSU)
U(PSU)UGGUAAGC(A2M)GAACUGGCGCUGCGGGAUGAACCGAACGCCGGGUUAAGGCGCCCGAUGCCGACGCUCAUCA
GACCCCAGAAAAGGUGUUGGUUGAUAUAGACAGCAGGACGGUGGCCAUGGAAGUCGGAAUCCGCUAAGGAGUGUGUAACA
ACUCACCUGCCGAAUCAACUAGCCCUGAAAAUGGAUGGCGCUGGAGCGUCGGGCCCAUACCCGGCCGUCGCCGGCAGUCG
AGAGUGGACGGGAGCGGCGGCCGGAGCCCCGCGGACGCUACGCCGCGACGAGUAGGAGGGCCGCUGCGGUGAGCCUUGAA
GCCUAGGGCGCGGGCCCGGGUGGAGCCGCCGCAGGUGCAGAU(OMC)UUGGUGGUAGU(A2M)(OMG)(OMC)AAAUAUU
CAAACGAGAACUUUGAAGGCCGAAGUGG(A2M)GAAGGGUUCCAUGUGAACAG(OMC)A(OMG)UUGAACAUGGGUCAGU
CGGUCCUGAGAGAUGGGCGAGCGCCGUUCCGAAGGGACGGGCGAUGGCCUCCGUUGCCCUCGGCCGAUCGAAAGGGAGUC
GGGUUCAGAUCCCCGAAUCCGGAGUGGCGGAGAUGGGCGCCGCGAGGCGUCCAGUGCGGUAACGCGACCGAUCCCGGAGA
AGCCGGCGGGAGCCCCGGGGAGAGUUCUCUU(PSU)UCUUUGUGAAGGGCAGGGCGCCCUGGAAUGGGUUCGCCCCGAGA
GAGGGGCCCGUGCCUUGGAAAGCGUCGCGGUUCCGGCGGCGUCCGGUGAGCUCUCGCUGGCCCUUGAAAAUCCGGGGGAG
AGGGUGUAAAUCUCGCGCCGGGCCGUACCC(A2M)UAUCCGCAGCAGGUCU(OMC)CAAGGUGAAC(A2M)GCCUCUGG
(OMC)AUGUUGGAACAA(OMU)G(PSU)AGGUAAGGGAAGUCGGCAAGC(OMC)GGAUCCGUAACUUC(OMG)GGAUAAG
GAUUGGCUCUAAGGGCUGGGUCGGUCGCGGCCGGCGCCUAGCAGCCGACUUAGAACUGGUGCGGACCAGG(OMG)GAAUC
CGAC(PSU)G(PSU)UUAAUUAAAACAAAGCAUCGCGAAGGCCCGCGGCGGGUGUUGACGCGAUGUGAUU(PSU)CUGCC
(OMC)AGUGCUCUGAAUGUCA(A2M)AGUGAAGAAAUUCAAUGAAGCGCGG(OMG)UAAACGGCGGGAGUAACUAUGACU
CUCUUAAGGUAGC(5MC)AA(A2M)UGCCUC(OMG)UCAUCUAAUUAGUGA(OMC)GCGCAUGAA(UY1)GGA(PSU)GA
(A2M)CGAG(A2M)UUCCCACUGU(OMC)CC(PSU)ACCUAC(PSU)A(PSU)CCAGCGAAACCAC(A2M)G(OMC)CAA
GGGAACGGGCU(PSU)GG(OMC)GGAAUCAGCGG(OMG)GAAAGAAGACCCUGUUGAGC(PSU)UGAC(OMU)CUAGUCU
GGCACGGUGAAGAGACAUGAGAACUCUGAUCGUUUUUUCACUGACCCGGUGAGGCGGGGGGGCGAGCCCCGAGGGGCUCU
CGCUUCUGGCGCCAAGCGCCCGGCCGCGCGCCGGCCGGGCGCGACCCGCUCCGGGGACAGUGCCAGGUGGGGAGUUUGAC
UG(OMG)GGCGGUACACCUGUCAAACGGUA(6MZ)CGCAGG(OMU)(OMG)UCCUAAGGCGAGCUCAGGGAGGACAGAAA
CCUCCCGUGGAGCAGAAGGGCAAAAGCUCGCUUGA(PSU)CU(PSU)GA(PSU)UUUCAG(OMU)ACGAA(PSU)ACAGA
CCGUGAAAGCGGGGCCUCACGAUCCUUCUGACCUU(PSU)UGGGUUU(PSU)AAGCAGGA(OMG)GUGUCAGAAAAGUUA
CCACAG(OMG)GAUAACUGGC(PSU)UGUGGCGGCCAAGCGUUCAUAGCGACG(PSU)CGCUUUUUGA(PSU)CCUU
(5MC)GAUGUCGG(OMC)(PSU)CUUCCUAUCAUUG(PSU)GAAGCAGAAUUCACCAAGCGU(PSU)(OMG)GAU(OMU)
(OMG)(PSU)UCACCCACUAAUAGGGAACG(PSU)G(A2M)GCUGGG(UR3)U(PSU)AGA(OMC)CGUCGUGAGACAGG
U(PSU)AGUUUUACCCUACUGAUG(A2M)UGUG(PSU)UG(PSU)UGCCAUGGUA(A2M)UCCUGCUCAGUACGAGAGGA
ACCGCAG(OMG)U(OMU)CA(OMG)ACAU(PSU)UGGUGUA(PSU)(OMG)UGCUUGGCUGAGGAGCCAAUGGGGCGAAG
CUACCA(PSU)CUGUGGGAUUAUGAC(PSU)GAACGCCUCUAAGUCAGAAUCCCGCCCAGGCGGAACGAUACGGCAGCGC
CGCGGAGCCUCGGUUGGCCUCGGAUAGCCGGUCCCCCGCCGGGGUCCGGUGCGGAGUGCCCUUCGUCCUGGGAAACGGGG
CGCGGCCGGAGAGGCGGCCGCCCCCUCGCCCGUCACGCACCGCACGUUCGUGGGGAACCUGGCGCUAAACCA(PSU)
(PSU)CGUAGACGACCUGCUUCUGGGUCGGGG(PSU)UUCGUACG(PSU)AGCAGAGCAGCUCCCUCGCUGCGAUCUAUU
GAAAGUCAGCCCUCGACACAAGGGUUUGU
;
L5
6 'polyribonucleotide'
;GUCUACGGCCAUACCACCCUGAACGCGCCCGAUCUCGUCUGAUCUCGGAAGCUAAGCAGGGUCGGGCCUGGUUAGUACUU
GGAUGGGAGACCGCCUGGGAAUACCGGGUGCUGUAGGCUU
;
L7
7 'polyribonucleotide'
;CGACUCUUAGCGGUGGAUCACUCGGCUCGUGCGUCGAUGAAGAACGCAGCUAGC(PSU)GCGAGAAUUAAUG(PSU)GAA
UU(OMG)CAGGACACAUUGAUCAUCGACACUUCGAACGCACUUGCGGCCCCGGGUUCCUCCCGGGGCUACGCCUGUCUGA
GCGUCGCU
;
L8
8 'polypeptide(L)'
;GRVIRGQRKGAGSVFRAHVKHRKGAARLRAVDFAERHGYIKGIVKDIIHDPGRGAPLAKVVFRDPYRFKKRTELFIAAEG
IHTGQFVYCGKKAQLNIGNVLPVGTMPEGTIVCCLEEKPGDRGKLARASGNYATVISHNPETKKTRVKLPSGSKKVISSA
NRAVVGVVAGGGRIDKPILKAGRAYHKYKAKRNCWPRVRGVAMNPVEHPFGGGNHQHIGKPSTIRRDAPAGRKVGLIAAR
RTGRLRGT
;
LA
9 'polypeptide(L)'
;SHRKFSAPRHGSLGFLPRKRSSRHRGKVKSFPKDDPSKPVHLTAFLGYKAGMTHIVREVDRPGSKVNKKEVVEAVTIVET
PPMVVVGIVGYVETPRGLRTFKTVFAEHISDECKRRFYKNWHKSKKKAFTKYCKKWQDEDGKKQLEKDFSSMKKYCQVIR
VIAHTQMRLLPLRQKKAHLMEIQVNGGTVAEKLDWARERLEQQVPVNQVFGQDEMIDVIGVTKGKGYKGVTSRWHTKKLP
RKTHRGLRKVACIGAWHPARVAFSVARAGQKGYHHRTEINKKIYKIGQGYLIKDGKLIKNNASTDYDLSDKSINPLGGFV
HYGEVTNDFVMLKGCVVGTKKRVLTLRKSLLVQTKRRALEKIDLKFIDTTSKFGHGRFQTMEEKKAFMGPLKKDRIAKEE
GA
;
LB
10 'polypeptide(L)'
;MACARPLISVYSEKGESSGKNVTLPAVFKAPIRPDIVNFVHTNLRKNNRQPYAVSELAGHQTSAESWGTGRAVARIPRVR
GGGTHRSGQGAFGNMCRGGRMFAPTKTWRRWHRRVNTTQKRYAICSALAASALPALVMSKGHRIEEVPELPLVVEDKVEG
YKKTKEAVLLLKKLKAWNDIKKVYASQRMRAGKGKMRNRRRIQRRGPCIIYNEDNGIIKAFRNIPGITLLNVSKLNILKL
APGGHVGRFCIWTESAFRKLDELYGTWRKAASLKSNYNLPMHKMINTDLSRILKSPEIQRALRAPRKKIHRRVLKKNPLK
NLRIMLKLNPYAKTMRRNTILRQARNHKLRVDKAAAAAAALQAKSDEK
;
LC
11 'polypeptide(L)'
;GFVKVVKNKAYFKRYQVKFRRRREGKTDYYARKRLVIQDKNKYNTPKYRMIVRVTNRDIICQIAYARIEGDMIVCAAYAH
ELPKYGVKVGLTNYAAAYCTGLLLARRLLNRFGMDKIYEGQVEVTGDEYNVESIDGQPGAFTCYLDAGLARTTTGNKVFG
ALKGAVDGGLSIPHSTKRFPGYDSESKEFNAEVHRKHIMGQNVADYMRYLMEEDEDAYKKQFSQYIKNSVTPDMMEEMYK
KAHAAIRENPVYEKKPKKEVKKKRWNRPKMSLAQKKDRVAQKKASFLRAQERA
;
LD
12 'polypeptide(L)'
;KGKPHCSRNPVLVRGIGRYSRSAMYSRKAMYKRKYSAAKSKVEKKKKEKVLATVTKPVGGDKNGGTRVVKLRKMPRYYPT
EDVPRKLLSHGKKPFSQHVRKLRASITPGTILIILTGRHRGKRVVFLKQLASGLLLVTGPLVLNRVPLRRTHQKFVIATS
TKIDISNVKIPKHLTDAYFKKKKLRKPRHQEGEIFDTEKEKYEITEQRKIDQKAVDSQILPKIKAIPQLQGYLRSVFALT
NGIYPHKLVF
;
LE
13 'polypeptide(L)'
;NFAELKIKRLRKKFAQKMLRKARRKLIYEKAKHYHKEYRQMYRTEIRMARMARKAGNFYVPAEPKLAFVIRIRGINGVSP
KVRKVLQLLRLRQIFNGTFVKLNKASINMLRIVEPYIAWGYPNLKSVNELIYKRGYGKINKKRIALTDNALIARSLGKYG
IICMEDLIHEIYTVGKRFKEANNFLWPFKLSSPRGGMKKKTTHFVEGGDAGNREDQINRLIRRMN
;
LF
14 'polypeptide(L)'
;KVVNPLFEKRPKNFGIGQDIQPKRDLTRFVKWPRYIRLQRQRAILYKRLKVPPAINQFTQALDRQTATQLLKLAHKYRPE
TKQEKKQRLLARAEKKAAGKGDVPTKRPPVLRAGVNTVTTLVENKKAQLVVIAHDVDPIELVVFLPALCRKMGVPYCIIK
GKARLGRLVHRKTCTTVAFTQVNSEDKGALAKLVEAIRTNYNDRYDEIRRHWGGNVLGPKSVARIAKLEKAKAKELATKL
G
;
LG
15 'polypeptide(L)'
;MKTILSNQTVDIPENVDITLKGRTVIVKGPRGTLRRDFNHINVELSLLGKKKKRLRVDKWWGNRKELATVRTICSHVQNM
IKGVTLGFRYKMRSVYAHFPINVVIQENGSLVEIRNFLGEKYIRRVRMRPGVACSVSQAQKDELILEGNDIELVSNSAAL
IQQATTVKNKDIRKFLDGIYVSEKGTVQQA
;
LH
16 'polypeptide(L)'
;GRRPARCYRYCKNKPYPKSRFCRGVPDAKIRIFDLGRKKAKVDEFPLGGHMVSDEYEQLSSEALEAARICANKYMVKSCG
RDGFHMRVRLHPFHVIRINKMLSCAGADRLQTGMRGAFGKPQGTVARVHIGQVIMSIRTKLQNEEHVIEALRRAKFKFPG
RQKIHISKKWGFTKFNADEFEDMVAKKCLIPDGCGVKYVPSHGPLDKWRVLHS
;
LI
17 'polypeptide(L)'
;QDQGEKENPMRELRIRKLCLNICVGESGDRLTRAAKVLEQLTGQTPVFSKARYTVRSFGIRRNEKIAVHCTVRGAKAEEI
LEKGLKVREYELRKNNFSDTGNFGFGIQEHIDLGIKYDPSIGIYGLDFYVVLGRPGFSIADKKRRTGCIGAKHRISKEEA
MRWFQQKYDGIILPGK
;
LJ
18 'polypeptide(L)'
;APSRNGMVLKPHFHKDWQRRVATWFNQPARKIRRRKARQAKARRIAPRPASGPIRPIVRCPTVRYHTKVRAGRGFSLEEL
RVAGIHKKVARTIGISVDPRRRNKSTESLQANVQRLKEYRSKLILFPRKPSAPKKGDSSAEELKLATQLTGPVMPVRNVY
KKEKARVITEEEKNFKAFASLRMARANARLFGIRAKRAKEAAEQDVEKKK
;
LL
19 'polypeptide(L)'
;VFRRFVEVGRVAYVSFGPHAGKLVAIVDVIDQNRALVDGPCTQVRRQAMPFKCMQLTDFILKFPHSAHQKYVRQAWQKAD
INTKWAATRWAKKIEARERKAKMTDFDRFKVMKAKKMRNRIIKNEVKKLQKAALLKASP
;
LM
20 'polypeptide(L)'
;GAYKYIQELWRKKQSDVMRFLLRVRCWQYRQLSALHRAPRPTRPDKARRLGYKAKQGYVIYRIRVRRGGRKRPVPKGATY
GKPVHHGVNQLKFARSLQSVAEERAGRHCGALRVLNSYWVGEDSTYKFFEVILIDPFHKAIRRNPDTQWITKPVHKHREM
RGLTSAGRKSRGLGKGHKFHHTIGGSRRAAWRRRNTLQLHRYR
;
LN
21 'polypeptide(L)'
;EVQVLVLDGRGHLLGRLAAIVAKQVLLGRKVVVVRCEGINISGNFYRNKLKYLAFLRKRMNTNPSRGPYHFRAPSRIFWR
TVRGMLPHKTKRGQAALDRLKVFDGIPPPYDKKKRMVVPAALKVVRLKPTRKFAYLGRLAHEVGWKYQAVTATLEEKRKE
KAKIHYRKKKQLMRLRKQAEKNVEKKIDKYTEVLKTHGLLV
;
LO
22 'polypeptide(L)'
;VRYSLDPENPTKSCKSRGSNLRVHFKNTRETAQAIKGMHIRKATKYLKDVTLQKQCVPFRRYNGGVGRCAQAKQWGWTQG
RWPKKSAEFLLHMLKNAESNAELKGLDVDSLVIEHIQVNKAPKMRRRTYRAHGRINPYMSSPCHIEMILTEKE
;
LP
23 'polypeptide(L)'
;GVDIRHNKDRKVRRKEPKSQDIYLRLLVKLYRFLARRTNSTFNQVVLKRLFMSRTNRPPLSLSRMIRKMKLPGRENKTAV
VVGTITDDVRVQEVPKLKVCALRVTSRARSRILRAGGKILTFDQLALDSPKGCGTVLLSGPRKGREVYRHFGKAPGTPHS
HTKPYVRSKGRKFERARGRRASRGYKN
;
LQ
24 'polypeptide(L)'
;SMLRLQKRLASSVLRCGKKKVWLDPNETNEIANANSRQQIRKLIKDGLIIRKPVTVHSRARCRKNTLARRKGRHMGIGKR
KGTANARMPEKVTWMRRMRILRRLLRRYRESKKIDRHMYHSLYLKVKGNVFKNKRILMEHIHKLKADKARKKLLADQAEA
RRSKTKEARKRREERLQAKKEEIIKTL
;
LR
25 'polypeptide(L)'
;KASGTLREYKVVGRCLPTPKCHTPPLYRMRIFAPNHVVAKSRFWYFVSQLKKMKKSSGEIVYCGQVFEKSPLRVKNFGIW
LRYDSRSGTHNMYREYRDLTTAGAVTQCYRDMGARHRARAHSIQIMKVEEIAASKCRRPAVKQFHDSKIKFPLPHRVLRR
QHKPRFTTKRPNTFF
;
LS
26 'polypeptide(L)'
;TNTKGKRRGTRYMFSRPFRKHGVVPLATYMRIYKKGDIVDIKGMGTVQKGMPHKCYHGKTGRVYNVTQHAVGIVVNKQVK
GKILAKRINVRIEHIKHSKSRDSFLKRVKENDQKKKEAKEKGTWVQLKRQPAPPREAHFVRTNGKEPELLEPIPYEFMA
;
LT
27 'polypeptide(L)'
;QVLKFTLDCTHPVEDGIMDAANFEQFLQERIKVNGKAGNLGGGVVTIERSKSKITVTSEVPFSKRYLKYLTKKYLKKNNL
RDWLRVVANSKESYELRYFQI
;
LU
28 'polypeptide(L)'
;SGAKFRISLGLPVGAVINCADNTGAKNLYIISVKGIKGRLNRLPAAGVGDMVMATVKKGKPELRKKVHPAVVIRQRKSYR
RKDGVFLYFEDNAGVIVNNKGEMKGSAITGPVAKECADLWPRIASNAGSIA
;
LV
29 'polypeptide(L)'
;MKVELCSFSGYKIYPGHGRRYARTDGKVFQFLNAKCESAFLSKRNPRQINWTVLYRRKHKKGQKRTRRAVKFQRAITGAS
LADIMAKRNQKPEVRKAQREQAIRAAKEAKKAKQASKK
;
LW
30 'polypeptide(L)'
;KKKIRTSPTFRRPKTLRLRRQPKYPRKSAPRRNKLDHYAIIKFPLTTESAMKKIEDNNTLVFIVDVKANKHQIKQAVKKL
YDIDVAKVNTLIRPDGEKKAYVRLAPDYDALDVANKIGII
;
LX
31 'polypeptide(L)'
;MKFNPFVTSDRSKNRKRHFNAPSHIRRKIMSSPLSKELRQKYNVRSMPIRKDDEVQVVRGHYKGQQIGKVVQVYRKKYVI
YIERVQREKANGTTVHVGIHPSKVVITRLKLDKDRKKILERKAKSRQVGKEKGK
;
LY
32 'polypeptide(L)'
;GKFMKPGKVVLVLAGRYSGRKAVIVKNIDDGTSDRPYSHALVAGIDRYPRKVTAAMGKKKIAKRSKIKSFVKVYNYNHLM
PTRYSVDIPLDKTVVNKDVFRDPALKRKARREAKVKFEERYKTGKNKWFFQKLRF
;
LZ
33 'polypeptide(L)'
;PSRLRKTRKLRGHVSHGHGRIGKHRKHPGGRGNAGGLHHHRINFDKYHPGYFGKVGMKHYHLKRNQSFCPTVNLDKLWTL
VSEQTRVNAAKNKTGAAPIIDVVRSGYYKVLGKGKLPKQPVIVKAKFFSRRAEEKIKSVGGACVLVA
;
La
34 'polypeptide(L)'
;AKSKNHTTHNQSRKWHRNGIKKPRSQRYESLKGVDPKFLRNMRFAKKHNKKGLKKMQANNAKAMSARAEAIKALVVSRKL
DRLAYIAHPKLGKRARARIAKGLRLCRPK
;
Lb
35 'polypeptide(L)'
;KSLESINSRLQLVMKSGKYVLGYKQTLKMIRQGKAKLVILANNCPALRKSEIEYYAMLAKTGVHHYSGNNIELGTACGKY
YRVCTLAIIDPGDSDIIR
;
Lc
36 'polypeptide(L)'
;NEVVTREYTINIHKRIHGVGFKKRAPRALKEIRKFAMKEMGTPDVRIDTRLNKAVWAKGIRNVPYRIRVRLSRKRNEDED
SPNKLYTLVTYVPVTTFKNLQTVNVDE
;
Ld
37 'polypeptide(L)'
;AALRPLVKPKIVKKRTKKFIRHQSDRYVKIKRNWRKPRGIDNRVRRRFKGQILMPNIGYGSNKKTKHMLPSGFRKFLVHN
VKELEVLLMCNKSYCAEIAHNVSSKNRKAIVERAAQLAIRVTNPNARL
;
Le
38 'polypeptide(L)'
;SGRLWSKAIFAGYKRGLRNQREHTALLKIEGVYARDETEFYLGKRCAYVYKAKNNTVTPGGKPNKTRVIWGKVTRAHGNS
GMVRAKFRSNLPAKAIGHRIRVMLYPSRI
;
Lf
39 'polypeptide(L)'
;VQRLTYRRRLSYNTASNKTRLSRTPGNRIVYLYTKKVGKAPKSACGVCPGRLRGVRAVRPKVLMRLSKTKKHVSRAYGGS
MCAKCVRDRIKRAFLIEEQKIVVKVLKAQAQSQK
;
Lg
40 'polypeptide(L)'
;AKIKARDLRGKKKEELLKQLDDLKVELSQLRVAKVTGGAASKLSKIRVVRKSIARVLTVINQTQKENLRKFYKGKKYKPL
DLRPKKTRAMRRRLNKHEENLKTKKQQRKERLYPLRKYAVKA
;
Lh
41 'polypeptide(L)'
;ALRYPMAVGLNKGHKVTKNVSKPRHSRRRGRLTKHTKFVRDMIREVCGFAPYERRAMELLKVSKDKRALKFIKKRVGTHI
RAKRKREELSNVLAAMRKAAAK
;
Li
42 'polypeptide(L)'
;TKGTSSFGKRRNKTHTLCRRCGSKAYHLQKSTCGKCGYPAKRKRKYNWSAKAKRRNTTGTGRMRHLKIVYRRFRHGFREG
TTPKPK
;
Lj
43 'polypeptide(L)' PRKIEEIKDFLLTARRKDAKSVKIKKNKDNVKFKVRCSRYLYTLVITDKEKAEKLKQSLPPGLAVKELK Lk
44 'polypeptide(L)' SSHKTFRIKRFLAKKQKQNRPIPQWIRMKTGNKIRYNSKRRHWRRTKLGL Ll
45 'polypeptide(L)' IIEPSLRQLAQKYNCDKMICRKCYARLHPRAVNCRKKKCGHTNNLRPKKKVK Lm
46 'polypeptide(L)' MRAKWRKKRMRRLKRKRRKMRQRS Ln
47 'polypeptide(L)'
;VNVPKTRRTFCKKCGKHQPHKVTQYKKGKDSLYAQGKRRYDRKQSGYGGQTKPIFRKKAKTTKKIVLRLECVEPNCRSKR
MLAIKRCKHFELGGDKKRKGQVIQF
;
Lo
48 'polypeptide(L)'
;AKRTKKVGIVGKYGTRYGASLRKMVKKIEISQHAKYTCSFCGKTKMKRRAVGIWHCGSCMKTVAGGAWTYNTTSAVTVKS
AIRRLKELKDQ
;
Lp
49 'polypeptide(L)'
;SAHLQWMVVRNCSSFLIKRNKQTYSTEPNNLKARNSFRYNGLIHRKTVGVEPAADGKGVVVVIKRRSGQRKPATSYVRTT
INKNARATLSSIRHMIRKNKYRPDLRMAAIRRASAILRSQKPVMV
;
Lr
50 'polypeptide(L)'
;DRATWKSNYFLKIIQLLDDYPKCFIVGADNVGSKQMQQIRMSLRGKAVVLMGKNTMMRKAIRGHLENNPALEKLLPHIRG
NVGFVFTKEDLTEIRDMLLANKVPAAARAGAIAPCEVTVPAQNTGLGPEKTSFFQALGITTKISRGTIEILSDVQLIKTG
DKVGASEATLLNMLNISPFSFGLVIQQVFDNGSIYN
;
Ls
51 'polypeptide(L)'
;PNEIKVVYLRCTGGEVGATSALAPKIGPLGLSPKKVGDDIAKATGDWKGLRITVKLTIQNRQAQIEVVPSASALIIKALK
EITFDEIVNIARQMRHRSLARELSGTIKEILGTAQSVGCNVDGRHPHDIIDDINSGAVECP
;
Lt
52 'polypeptide(L)'
;MAVQISKKRKFVADGIFKAELNEFLTRELAEDGYSGVEVRVTPTRTEIIILATRTQNVLGEKGRRIRELTAVVQKRFGFP
EGSVELYAEKVATRGLCAIAQAESLRYKLLGGLAVRRACYGVLRFIMESGAKGCEVVVSGKLRGQRAKSMKFVDGLMIHS
GDPVNYYVDTAVRHVLLRQGVLGIKVKIMLPWDPTGKIGPKKPLPDHVSIVEPKDEILPTTPISEQK
;
SD
53 'polypeptide(L)'
;DIKLFGKWSTDDVQINDISLQDYIAVKEKYAKYLPHSAGRYAAKRFRKAQCPIVERLTNSMMMHGRNNGKKLMTVRIVKH
AFEIIHLLTGENPLQVLVNAIINSGPREDSTRIGRAGTVRRQAVDVSPLRRVNQAIWLLCTGAREAAFRNIKTIAECLAD
ELINAAKGSSNSYAIKKKDELERVAKSNR
;
SF
54 'polypeptide(L)'
;MLMPKKNRIAIYELLFKEGVMVAKKDVHMPKHPELADKNVPNLHVMKAMQSLKSRGYVKEQFAWRHFYWYLTNEGIQYLR
DYLHLPPEIVPATLRRSR
;
SK
55 'polypeptide(L)'
;VMDVNTALQEVLKTALIHDGLARGIREAAKALDKRQAHLCVLASNCDEPMYVKLVEALCAEHQINLIKVDDNKKLGEWVG
LCKIDREGKPRKVVGCSCVVVKDYGKESQAKDVIEEYFKCKK
;
SM
56 'polypeptide(L)'
;TYRGVDLDQLLDMSYEQLMQLYSARQRRRLNRGLRRKQHSLLKRLRKAKKEAPPMEKPEVVKTHLRDMIILPEMVGSMVG
VYNGKTFNQVEIKPEMIGHYLGEFSITYKPVKHGRPGIGAT
;
SP
57 'polypeptide(L)'
;SKGPLQSVQVFGRKKTATAVAHCKRGNGLIKVNGRPLEMIEPRTLQYKLLEPVLLLGKERFAGVDIRVRVKGGGHVAQIY
AIRQSISKALVAYYQKYVDEASKKEIKDILIQYDRTLLVADPRRCESKKFGGPGARARYQKSYR
;
SQ
58 'polypeptide(L)'
;MGRVRTKTVKKAARVIIEKYYTRLGNDFHTNKRVCEEIAIIPSKKLRNKIAGYVTHLMKRIQRGPVRGISIKLQEEERER
RDNYVPEVSALDQEIIEVDPDTKEMLKLLDFGSLSNLQVTQPTVGMNFKTPRGPV
;
SR
59 'polypeptide(L)'
;MSLVIPEKFQHILRVLNTNIDGRRKIAFAITAIKGVGRRYAHVVLRKADIDLTKRAGELTEDEVERVITIMQNPRQYKIP
DWFLNRQKDVKDGKYSQVLANGLDNKLREDLERLKKIRAHRGLRHFWGLRVRGQHTKTTGRRGRT
;
SS
60 'polypeptide(L)'
;PGVTVKDVNQQEFVRALAAFLKKSGKLKVPEWVDTVKLAKHKELAPYDENWFYTRAASTARHLYLRGGAGVGSMTKIYGG
RQRNGVMPSHFSRGSKSVARRVLQALEGLKMVEKDQDGGRKLTPQGQRDLDRIAGQVAAANKK
;
ST
61 'polypeptide(L)'
;AIHRIRITLTSRNVKSLEKVCADLIRGAKEKNLKVKGPVRMPTKTLRITTRKTPCGEGSKTWDRFQMRIHKRLIDLHSPS
EIVKQITSISIEPGVEVEVTIADA
;
SU
62 'polypeptide(L)' RDKLNNLVLFDKATYDKLCKEVPNYKLITPAVVSERLKIRGSLARAALQELLSKGLIKLVSKHRAQVIYTRNTKG SZ
63 'polypeptide(L)' RVQPIKLARVTKVLGRTGSQGQCTQVRVEFMDDTSRSIIRNVKGPVREGDVLTLLESEREARRL Sc
64 'polypeptide(L)' GHQQLYWSHPRKFGQGSRSCRVCSNRHGLIRKYGLNMCRQCFRQYAKDIGFIKLD Sd
65 'polypeptide(L)' YTTPKKNKHKRKKVKLAVLKYYKVDENGKISRLRRECPSDECGAGVFMASHFDRHYCGKCCLTYCFN Sf
66 'polypeptide(L)'
;TEQMTLRGTLKGHNGWVTQIATTPQFPDMILSASRDKTIIMWKLTRDETNYGIPQRALRGHSHFVSDVVISSDGQFALSG
SWDGTLRLWDLTTGTTTRRFVGHTKDVLSVAFSSDNRQIVSGSRDKTIKLWNTLGVCKYTVQDESHSEWVSCVRFSPNSS
NPIIVSCGWDKLVKVWNLANCKLKTNHIGHTGYLNTVTVSPDGSLCASGGKDGQAMLWDLNEGKHLYTLDGGDIINALCF
SPNRYWLCAATGPSIKIWDLEGKIIVDELKQEVISTSSKAEPPQCTSLAWSADGQTLFAGYTDNLVRVWQVTI
;
Sg
67 'polypeptide(L)'
;GALDVLQMKEEDVLKFLAAGTHLGGTNLDFQMEQYIYKRKSDGIYIINLKRTWEKLLLAARAIVAIENPADVSVISSRNT
GQRAVLKFAAATGATPIAGRFTPGTFTNQIQAAFREPRLLVVTDPRADHQPLTEASYVNLPTIALCNTDSPLRYVDIAIP
CNNKGAHSVGLMWWMLAREVLRMRGTISREHPWEVMPDLYFYRDPEEIEKEEQAAAEKAVT
;
SA
68 'polypeptide(L)'
;VVDPFSKKDWYDVKAPAMFNIRNIGKTLVTRTQGTKIASDGLKGRVFEVSLADLQNDEVAFRKFKLITEDVQGKNCLTNF
HGMDLTRDKMCSMVKKWQTMIEAHVDVKTTDGYLLRLFCVGFTKKRNNQIRKTSYAQHQQVRQIRKKMMEIMTREVQTND
LKEVVNKLIPDSIGKDIEKACQSIYPLHDVFVRKVKMLKKPKFELGKLMELHGE
;
SB
69 'polypeptide(L)'
;EWMPVTKLGRLVKDMKIKSLEEIYLFSLPIKESEIIDFFLGASLKDEVLKIMPVQKQTRAGQRTRFKAFVAIGDYNGHVG
LGVKCSKEVATAIRGAIILAKLSIVPVRRGYWGNKIGKPHTVPCKVTGRCGSVLVRLIPAPRGTGIVSAPVPKKLLMMAG
IDDCYTSARGCTATLGNFAKATFDAISKTYSYLTPDLWKETVFTKSPYQEFTDHLVKTHTRV
;
SC
70 'polypeptide(L)'
;ARGPKKHLKRVAAPKHWMLDKLTGVFAPRPSTGPHKLRECLPLIIFLRNRLKYALTGDEVKKICMQRFIKIDGKVRTDIT
YPAGFMDVISIDKTGENFRLIYDTKGRFAVHRITPEEAKYKLCKVRKIFVGTKGIPHLVTHDARTIRYPDPLIKVNDTIQ
IDLETGKITDFIKFDTGNLCMVTGGANLGRIGVITNRERHPGSFDVVHVKDANGNSFATRLSNIFVIGKGNKPWISLPRG
KGIRLTIAEERDKRLAAKQSSG
;
SE
71 'polypeptide(L)'
;MKLNISFPATGCQKLIEVDDERKLRTFYEKRMATEVAADALGEEWKGYVVRISGGNDKQGFPMKQGVLTHGRVRLLLSKG
HSCYRPRRTGERKRKSVRGCIVDANLSVLNLVIVKKGEKDIPGLTDTTVPRRLGPKRASRIRKLFNLSKEDDVRQYVVRK
PLNKEGKKPRTKAPKIQRLVTPRVLQHKRRRIALKKQRTKKNKEEAAEYAKLLAKRMKEAKEKRQEQIAKRRRLSSL
;
SG
72 'polypeptide(L)'
;SAKIVKPNGEKPDEFESGISQALLELEMNSDLKAQLRELNITAAKEIEVGGGRKAIIIFVPVPQLKSFQKIQVRLVRELE
KKFSGKHVVFIAQRRILPKPTRKKNKQKRPRSRTLTAVHDAILEDLVFPSEIVGKRIRVKLDGSRLIKVHLDKAQQNNVE
HKVETFSGVYKKLTGKDVNFEFPEFQ
;
SH
73 'polypeptide(L)'
;GISRDNWHKRRKTGGKRKPYHKKRKYELGRPAANTKIGPRRIHTVRVRGGNKKYRALRLDVGNFSWGSECCTRKTRIIDV
VYNASNNELVRTKTLVKNCIVLIDSTPYRQWYESHYALPLGRKKGAKLTPEEEEILNKKRSKKIQKKYDERKKNAKISSL
LEEQFQQGKLLACIASRPGQCGRADGYVLEGKELEFYLRKIKARKG
;
SI
74 'polypeptide(L)'
;PVARSWVCRKTYVTPRRPFEKSRLDQELKLIGEYGLRNKREVWRVKFTLAKIRKAARELLTLDEKDPRRLFEGNALLRRL
VRIGVLDEGKMKLDYILGLKIEDFLERRLQTQVFKLGLAKSIHHARVLIRQRHIRVRKQVVNIPSFIVRLDSQKHIDFSL
RSPYGGGRPGRVKRKNAKKGQGGAG
;
SJ
75 'polypeptide(L)'
;ADIQTERAYQKQPTIFQNKKRVLLGETGKEKLPRYYKNIGLGFKTPKEAIEGTYIDKKCPFTGNVSIRGRILSGVVTKMK
MQRTIVIRRDYLHYIRKYNRFEKRHKNMSVHLSPCFRDVQIGDIVTVGECRPLSKTVRFNVLKVTKAAGTKKQ
;
SL
76 'polypeptide(L)'
;GRMHAPGKGLSQSALPYRRSVPTWLKLTSDDVKEQIYKLAKKGLTPSQIGVILRDSHGVAQVRFVTGNKILRILKSKGLA
PDLPEDLYHLIKKAVAVRKHLERNRKDKDAKFRLILIESRIHRLARYYKTKRVLPPNWKYESSTASALVA
;
SN
77 'polypeptide(L)'
;EQVISLGPQVAEGENVFGVCHIFASFNDTFVHVTDLSGKETICRVTGGMKVKADRDESSPYAAMLAAQDVAQRCKELGIT
ALHIKLRATGGNRTKTPGPGAQSALRALARSGMKIGRIEDVTPIPSDSTRRKGGRRGRRL
;
SO
78 'polypeptide(L)'
;MQNDAGEFVDLYVPRKCSASNRIIGAKDHASIQMNVAEVDKVTGRFNGQFKTYAICGAIRRMGESDDSILRLAKADGIVS
KNF
;
SV
79 'polypeptide(L)'
;VRMNVLADALKSINNAEKRGKRQVLIRPCSKVIVRFLTVMMKHGYIGEFEIIDDHRAGKIVVNLTGRLNKCGVISPRFDV
QLKDLEKWQNNLLPSRQFGFIVLTTSAGIMDHEEARRKHTGGKILGFFF
;
SW
80 'polypeptide(L)'
;GKCRGLRTARKLRSHRRDQKWHDKQYKKAHLGTALKANPFGGASHAKGIVLEKVGVEAKQPNSAIRKCVRVQLIKNGKKI
TAFVPNDGCLNFIEENDEVLVAGFGRKGHAVGDIPGVRFKVVKVANVSLLALYKGKKERPR
;
SX
81 'polypeptide(L)'
;NDTVTIRTRKFMTNRLLQRKQMVIDVLHPGKATVPKTEIREKLAKMYKTTPDVIFVFGFRTHFGGGKTTGFGMIYDSLDY
AKKNEPKHRLARHGLYEKKKTSRKQRKERKNRMKKVRGTAKANVGAGKKPK
;
SY
82 'polypeptide(L)'
;TKKRRNNGRAKKGRGHVQPIRCTNCARCVPKDKAIKKFVIRNIVEAAAVRDISEASVFDAYVLPKLYVKLHYCVSCAIHS
KVVRNRSREARKDRTPPPRFRP
;
Sa
83 'polypeptide(L)'
;PLAKDLLHPSPEEEKRKHKKKRLVQSPNSYFMDVKCPGCYKITTVFSHAQTVVLCVGCSTVLCQPTGGKARLTEGCSFRR
KQH
;
Sb
84 'polypeptide(L)' VHGSLARAGKVRGQTPKVAKQEKKKKKTGRAKRRMQYNRRFVNVVPTFGKKKGPNANS Se
85 'polyribonucleotide'
;UACCUGGUUGAUCCUGCCAGUAGCAU(A2M)UGCUUGUCUCAAAGAUUAAGCCAUGCAUGUCUAAGUACGCACGGCCGGU
ACAGUGAAACUGCGAA(PSU)GGCUC(A2M)UUAAA(PSU)CAG(PSU)UAUGGU(OMU)CCUU(OMU)GGUCGCUCGCU
CCUCUCCCACUUGGAUAACUGUGGUA(A2M)UUCUAG(A2M)GCUAA(OMU)A(OMC)AUGCCGACGGGCGCUGACCCCC
UUCGCGGGGGGGAUGCGUGCAUUUAUCAGUGGUGACUCUAGAUAACCUCGGGCCGAUCGCACGCCCCCCGUGGCGGCGAC
GACCCAUUCGAACGUC(OMU)GCCCUAUCAACUUUCGAUGGUAGUCGCCGUGCCUACCAUGGUGACCACGGG(PSU)GAC
GGGGAAUCAGGGUUCGAU(OMU)CCGGAGA(OMG)GGAGCCUGAGAAACGGCUACCACAU(OMC)CAAGG(A2M)AGGCA
GCAGGCGCGC(A2M)AAUUACCCACUCCCGACCCGGGGA(OMG)GUAGUGA(OMC)GAAAAAUAACAAUACAGGACUCUU
UCGAGGCCCUGUAAUUGGAAUGAGUCCACUUUAA(A2M)UCCUUUAACGAGGAUCCAUUGGAG(OMG)GCAAGUCUGGUG
CCAGCAGCCGCGG(OMU)AAUUCCAGCUCCAAUA(OMG)CGUA(PSU)A(PSU)UAAAGUUGCUGCAGUU(A2M)AAAAG
CUCGUAG(PSU)U(OMG)GA(PSU)CUUGGGAGCGGGCGUCCCCGCCCUCUCGGCCGGGGCCCGAAGCG(OMU)U(PSU)
ACUUUGAAAAAA(PSU)UAGAGUGUUCAAAGCAGGCCCGAGCCGCCUGGAUACCGCAGCUAGGAA(PSU)AA(PSU)
(OMG)GAAUAGGACCGCGGUUCUAUUUUGUUGGUUUUCGGAACUGAGGCCAUGAUUAAGAGGGACGGCCGGGGGCAUUCG
UAUUGCGCCGCUAGAGGUGAAAU(PSU)CUUGGACCGGCGCAAGACGGACCAGAGCGAAAGCAUU(PSU)GCCAAGAAUG
UUUUCAUUAAUCAAGA(A2M)CGAAAGUCGGAGG(PSU)(PSU)CGAAGACGA(PSU)CAGAUACCGUCGUAGUUCCGAC
CA(PSU)AAACGAUGCCGACCGGCGAUGCGGCGGCGUUAUUCCCAUGACCCGCCGGGCAGCUUCCGGGAAACCAAAGUCU
UUGGGUUCCGGGGGGAGUA(PSU)GG(PSU)UGCAAAGCUGAAACUUAAAGGAAUUGACGGAAGGGCACCACCAGGAGUG
GAGCC(PSU)GCGGCUUAAUU(PSU)GAC(B8N)CAACACGGGAAACCUCACCCGGC(OMC)CGGACACGGACAGGA
(OMU)UGACAGAUUGAUAGCUCUUUCUCGAUUCCGUGGGUGG(OMU)G(OMG)UGCAUGGC(4AC)GUUCUUAGUUGGUG
GAGCGAUUUGUCUGG(PSU)UAAUUCCGAUAACGA(A2M)CGAGACU(OMC)UGGCAUGCUAACUAGUUACGCGACCCCC
GAGCGGUCGGCGUCCCCCAACU(OMU)CUUAGAGGGACAAGUGGCGUUCAGCCACCCGAGAUUGAGCAAUAACA(OMG)G
UCUGUGAUGCCCUUAGAUGUCCGGGGCUGCACGCGCGCUACACUGACUGGCUCAGCGUGUGCCUACCCUACGCCGGCAGG
CGCGGGUAACCCGUUGAACCCCAUUCGUGAUGGGGAUCGGGGAUUGCAAUUAUUCCCCAUGAACGAG(G7M)AAUUCCCA
GUAAGUGCGGGUCAUAAGCUUGCGUUGAUUAAGUCCCUGCCCUUUGUACACACCG(OMC)CCGUCGCUACUACCGAUUGG
AUGGUUUAGUGAGGCCCUCGGAUCGGCCCCGCCGGGGUCGGCCCACGGCCCUGGCGGAGCGCUGAGAAGACGGUCGAACU
UGACUAUCUAGAGGAAGUAAAAGUCGUA(6MZ)CAAGGUUUC(4AC)GUAGGUG(MA6)(MA6)CCUGCGGAAGGAUCAU
UA
;
S2
86 'polyribonucleotide' GCCCGGAUAGCUCAGCUGUAGAGCAUCAGACUUUUAAUCUGAGGGUCCAGGGUUCAAGUCCCUGUUCGGGCGCCA Zt
#
loop_
_chem_comp.id
_chem_comp.type
_chem_comp.name
_chem_comp.formula
1MA RNA linking 6-HYDRO-1-METHYLADENOSINE-5'-MONOPHOSPHATE 'C11 H16 N5 O7 P'
4AC RNA linking N(4)-ACETYLCYTIDINE-5'-MONOPHOSPHATE 'C11 H16 N3 O9 P'
5MC RNA linking 5-METHYLCYTIDINE-5'-MONOPHOSPHATE 'C10 H16 N3 O8 P'
6MZ RNA linking N6-METHYLADENOSINE-5'-MONOPHOSPHATE 'C11 H16 N5 O7 P'
A RNA linking ADENOSINE-5'-MONOPHOSPHATE 'C10 H14 N5 O7 P'
A2M RNA linking '2'-O-methyladenosine 5'-(dihydrogen phosphate)' 'C11 H16 N5 O7 P'
B8N RNA linking '(2~{R})-2-azanyl-4-[5-[(2~{S},3~{R},4~{S},5~{R})-3,4-bis(oxidanyl)-5-(phosphonooxymethyl)oxolan-2-yl]-3-methyl-2,6-bis(oxidanylidene)pyrimidin-1-yl]butanoic acid' 'C14 H22 N3 O11 P'
C RNA linking CYTIDINE-5'-MONOPHOSPHATE 'C9 H14 N3 O8 P'
G RNA linking GUANOSINE-5'-MONOPHOSPHATE 'C10 H14 N5 O8 P'
G7M RNA linking N7-METHYL-GUANOSINE-5'-MONOPHOSPHATE 'C11 H17 N5 O8 P 1'
MA6 RNA linking 6N-DIMETHYLADENOSINE-5'-MONOPHOSHATE 'C12 H18 N5 O7 P'
MG non-polymer 'MAGNESIUM ION' 'Mg 2'
OMC RNA linking O2'-METHYLYCYTIDINE-5'-MONOPHOSPHATE 'C10 H16 N3 O8 P'
OMG RNA linking O2'-METHYLGUANOSINE-5'-MONOPHOSPHATE 'C11 H16 N5 O8 P'
OMU RNA linking 'O2'-METHYLURIDINE 5'-MONOPHOSPHATE' 'C10 H15 N2 O9 P'
PSU RNA linking PSEUDOURIDINE-5'-MONOPHOSPHATE 'C9 H13 N2 O9 P'
SPD non-polymer SPERMIDINE 'C7 H19 N3'
SPM non-polymer SPERMINE 'C10 H26 N4'
U RNA linking URIDINE-5'-MONOPHOSPHATE 'C9 H13 N2 O9 P'
UR3 RNA linking 3-METHYLURIDINE-5'-MONOPHOSHATE 'C10 H15 N2 O9 P'
UY1 RNA linking 2'-O-methylpseudouridine-5'-monophosphate 'C10 H15 N2 O9 P'
ZN non-polymer 'ZINC ION' 'Zn 2'
#
# COMPACT_ATOMS: atom_id res chain seq x y z
N ILE A 1 -20.34 -5.03 115.61
CA ILE A 1 -19.25 -5.98 115.67
C ILE A 1 -19.52 -7.13 114.69
N MET A 2 -18.50 -7.94 114.43
CA MET A 2 -18.58 -9.02 113.45
C MET A 2 -18.63 -10.35 114.17
N ASN A 3 -19.59 -11.19 113.79
CA ASN A 3 -19.60 -12.59 114.17
C ASN A 3 -19.63 -13.44 112.91
N GLN A 4 -19.67 -14.77 113.11
CA GLN A 4 -19.53 -15.70 111.99
C GLN A 4 -20.69 -15.56 111.00
N GLU A 5 -21.91 -15.36 111.52
CA GLU A 5 -23.06 -15.19 110.64
C GLU A 5 -22.94 -13.91 109.82
N LYS A 6 -22.49 -12.82 110.44
CA LYS A 6 -22.35 -11.56 109.74
C LYS A 6 -21.24 -11.60 108.71
N LEU A 7 -20.13 -12.27 109.03
CA LEU A 7 -19.01 -12.35 108.10
C LEU A 7 -19.35 -13.14 106.84
N ALA A 8 -20.02 -14.29 107.01
CA ALA A 8 -20.27 -15.17 105.87
C ALA A 8 -21.19 -14.52 104.85
N LYS A 9 -22.08 -13.64 105.28
CA LYS A 9 -22.95 -12.92 104.36
C LYS A 9 -22.31 -11.63 103.87
N LEU A 10 -21.39 -11.05 104.66
CA LEU A 10 -20.69 -9.86 104.23
C LEU A 10 -19.85 -10.12 102.99
N GLN A 11 -19.26 -11.31 102.89
CA GLN A 11 -18.48 -11.67 101.72
C GLN A 11 -19.29 -11.53 100.44
N ALA A 12 -20.60 -11.77 100.52
CA ALA A 12 -21.43 -11.67 99.32
C ALA A 12 -21.58 -10.22 98.87
N GLN A 13 -21.94 -9.32 99.78
CA GLN A 13 -22.31 -7.97 99.35
C GLN A 13 -21.10 -7.18 98.87
N VAL A 14 -19.91 -7.45 99.42
CA VAL A 14 -18.74 -6.70 98.99
C VAL A 14 -18.28 -7.13 97.59
N ARG A 15 -18.64 -8.32 97.15
CA ARG A 15 -18.30 -8.80 95.82
C ARG A 15 -19.40 -8.39 94.85
N ILE A 16 -19.09 -7.46 93.96
CA ILE A 16 -20.04 -7.01 92.93
C ILE A 16 -19.57 -7.41 91.54
N GLY A 17 -18.66 -8.38 91.46
CA GLY A 17 -18.17 -8.81 90.17
C GLY A 17 -17.20 -9.97 90.35
N GLY A 18 -16.72 -10.47 89.22
CA GLY A 18 -15.78 -11.56 89.20
C GLY A 18 -14.38 -11.11 89.57
N LYS A 19 -13.43 -12.02 89.38
CA LYS A 19 -12.04 -11.74 89.70
C LYS A 19 -11.52 -10.59 88.86
N GLY A 20 -10.86 -9.64 89.51
CA GLY A 20 -10.30 -8.50 88.83
C GLY A 20 -11.15 -7.26 88.83
N THR A 21 -12.21 -7.22 89.63
CA THR A 21 -13.06 -6.04 89.76
C THR A 21 -12.97 -5.49 91.17
N ALA A 22 -13.15 -4.18 91.29
CA ALA A 22 -13.03 -3.52 92.59
C ALA A 22 -14.14 -3.96 93.53
N ARG A 23 -13.81 -4.03 94.81
CA ARG A 23 -14.77 -4.44 95.81
C ARG A 23 -15.67 -3.27 96.20
N ARG A 24 -16.89 -3.60 96.63
CA ARG A 24 -17.80 -2.60 97.14
C ARG A 24 -17.29 -2.04 98.46
N LYS A 25 -17.37 -0.72 98.60
CA LYS A 25 -16.85 -0.09 99.80
C LYS A 25 -17.90 0.02 100.90
N LYS A 26 -19.11 0.46 100.55
CA LYS A 26 -20.14 0.67 101.56
C LYS A 26 -21.51 0.62 100.91
N LYS A 27 -22.52 0.38 101.76
CA LYS A 27 -23.92 0.53 101.36
C LYS A 27 -24.65 1.09 102.58
N VAL A 28 -24.78 2.41 102.64
CA VAL A 28 -25.29 3.09 103.81
C VAL A 28 -26.65 3.70 103.46
N VAL A 29 -27.63 3.46 104.32
CA VAL A 29 -28.94 4.08 104.20
C VAL A 29 -29.03 5.20 105.22
N HIS A 30 -29.55 6.35 104.80
CA HIS A 30 -29.75 7.49 105.68
C HIS A 30 -30.96 8.27 105.18
N ARG A 31 -31.89 8.55 106.08
CA ARG A 31 -33.08 9.32 105.72
C ARG A 31 -33.01 10.71 106.33
CA GLU C 1 52.44 -86.10 18.27
C GLU C 1 50.94 -86.05 18.04
N LYS C 2 50.42 -84.84 17.86
CA LYS C 2 48.99 -84.62 17.71
C LYS C 2 48.73 -83.77 16.48
N THR C 3 47.85 -84.25 15.61
CA THR C 3 47.58 -83.62 14.33
C THR C 3 46.31 -82.78 14.42
N HIS C 4 46.31 -81.67 13.68
CA HIS C 4 45.20 -80.73 13.65
C HIS C 4 44.40 -80.91 12.37
N ILE C 5 43.08 -81.03 12.51
CA ILE C 5 42.20 -81.30 11.38
C ILE C 5 41.06 -80.29 11.38
N ASN C 6 40.77 -79.74 10.21
CA ASN C 6 39.67 -78.79 10.02
C ASN C 6 38.44 -79.53 9.53
N ILE C 7 37.35 -79.42 10.28
CA ILE C 7 36.06 -80.02 9.93
C ILE C 7 35.08 -78.89 9.66
N VAL C 8 34.39 -78.96 8.54
CA VAL C 8 33.34 -77.98 8.25
C VAL C 8 31.99 -78.67 8.31
N VAL C 9 30.95 -77.87 8.48
CA VAL C 9 29.58 -78.36 8.61
C VAL C 9 28.73 -77.72 7.52
N ILE C 10 28.08 -78.56 6.70
CA ILE C 10 27.23 -78.11 5.61
C ILE C 10 25.85 -78.74 5.77
N GLY C 11 24.82 -77.99 5.39
CA GLY C 11 23.45 -78.44 5.58
C GLY C 11 22.41 -77.53 4.94
N HIS C 12 21.34 -77.25 5.68
CA HIS C 12 20.25 -76.41 5.19
C HIS C 12 19.86 -75.39 6.25
N VAL C 13 18.98 -74.48 5.85
CA VAL C 13 18.41 -73.53 6.79
C VAL C 13 17.54 -74.28 7.81
N ASP C 14 17.77 -73.99 9.09
CA ASP C 14 17.04 -74.63 10.19
C ASP C 14 17.11 -76.15 10.11
N SER C 15 18.28 -76.66 9.76
CA SER C 15 18.52 -78.10 9.69
C SER C 15 19.24 -78.62 10.93
N GLY C 16 19.29 -77.84 12.01
CA GLY C 16 20.04 -78.24 13.17
C GLY C 16 21.54 -78.13 13.00
N LYS C 17 21.99 -77.42 11.96
CA LYS C 17 23.41 -77.36 11.62
C LYS C 17 24.23 -76.82 12.79
N SER C 18 23.74 -75.77 13.44
CA SER C 18 24.42 -75.20 14.59
C SER C 18 23.97 -75.82 15.90
N THR C 19 22.75 -76.35 15.96
CA THR C 19 22.26 -76.97 17.18
C THR C 19 23.07 -78.22 17.53
N THR C 20 23.27 -79.10 16.55
CA THR C 20 24.00 -80.33 16.86
C THR C 20 25.46 -80.06 17.14
N THR C 21 26.07 -79.07 16.50
CA THR C 21 27.46 -78.77 16.83
C THR C 21 27.59 -78.04 18.15
N GLY C 22 26.57 -77.29 18.58
CA GLY C 22 26.56 -76.78 19.94
C GLY C 22 26.50 -77.89 20.96
N HIS C 23 25.63 -78.88 20.74
CA HIS C 23 25.62 -80.06 21.60
C HIS C 23 26.97 -80.75 21.59
N LEU C 24 27.57 -80.90 20.41
CA LEU C 24 28.85 -81.59 20.31
C LEU C 24 29.94 -80.86 21.07
N ILE C 25 30.01 -79.54 20.92
CA ILE C 25 31.07 -78.79 21.59
C ILE C 25 30.85 -78.80 23.10
N TYR C 26 29.60 -78.75 23.56
CA TYR C 26 29.36 -78.82 24.99
C TYR C 26 29.73 -80.20 25.54
N LYS C 27 29.31 -81.26 24.85
CA LYS C 27 29.55 -82.61 25.37
C LYS C 27 31.03 -82.99 25.29
N CYS C 28 31.77 -82.48 24.31
CA CYS C 28 33.20 -82.72 24.29
C CYS C 28 33.97 -81.78 25.22
N GLY C 29 33.36 -80.67 25.63
CA GLY C 29 33.98 -79.82 26.62
C GLY C 29 34.65 -78.57 26.07
N GLY C 30 34.00 -77.91 25.11
CA GLY C 30 34.49 -76.64 24.61
C GLY C 30 33.93 -75.48 25.41
N ILE C 31 32.66 -75.59 25.79
CA ILE C 31 32.00 -74.62 26.65
C ILE C 31 31.58 -75.33 27.92
N ASP C 32 30.95 -74.60 28.84
CA ASP C 32 30.51 -75.18 30.10
C ASP C 32 29.00 -74.99 30.28
N LYS C 33 28.49 -75.67 31.31
CA LYS C 33 27.05 -75.68 31.57
C LYS C 33 26.55 -74.30 31.96
N ARG C 34 27.36 -73.53 32.69
CA ARG C 34 26.95 -72.18 33.06
C ARG C 34 26.76 -71.30 31.83
N THR C 35 27.70 -71.37 30.89
CA THR C 35 27.59 -70.59 29.66
C THR C 35 26.40 -71.05 28.83
N ILE C 36 26.18 -72.37 28.75
CA ILE C 36 25.08 -72.85 27.93
C ILE C 36 23.73 -72.49 28.58
N GLU C 37 23.69 -72.42 29.91
CA GLU C 37 22.47 -71.97 30.58
C GLU C 37 22.27 -70.47 30.40
N LYS C 38 23.36 -69.71 30.34
CA LYS C 38 23.25 -68.30 30.00
C LYS C 38 22.67 -68.13 28.60
N PHE C 39 23.09 -68.97 27.66
CA PHE C 39 22.49 -68.97 26.34
C PHE C 39 21.01 -69.30 26.41
N GLU C 40 20.63 -70.28 27.24
CA GLU C 40 19.22 -70.62 27.40
C GLU C 40 18.42 -69.44 27.91
N LYS C 41 18.92 -68.77 28.96
CA LYS C 41 18.19 -67.64 29.52
C LYS C 41 18.09 -66.49 28.54
N GLU C 42 19.14 -66.25 27.74
CA GLU C 42 19.08 -65.22 26.73
C GLU C 42 18.07 -65.57 25.64
N ALA C 43 17.95 -66.85 25.29
CA ALA C 43 16.94 -67.28 24.33
C ALA C 43 15.53 -67.25 24.89
N ALA C 44 15.39 -67.31 26.21
CA ALA C 44 14.08 -67.45 26.82
C ALA C 44 13.19 -66.25 26.53
N GLU C 45 13.73 -65.03 26.56
CA GLU C 45 12.89 -63.84 26.44
C GLU C 45 12.22 -63.76 25.07
N MET C 46 13.01 -63.89 24.01
CA MET C 46 12.46 -63.80 22.66
C MET C 46 12.12 -65.15 22.05
N GLY C 47 12.10 -66.21 22.86
CA GLY C 47 11.41 -67.42 22.50
C GLY C 47 12.15 -68.36 21.58
N LYS C 48 13.38 -68.05 21.19
CA LYS C 48 14.16 -68.93 20.33
C LYS C 48 15.01 -69.88 21.18
N GLY C 49 14.31 -70.56 22.10
CA GLY C 49 14.97 -71.52 22.97
C GLY C 49 15.42 -72.78 22.26
N SER C 50 14.90 -73.05 21.08
CA SER C 50 15.36 -74.18 20.30
C SER C 50 16.79 -73.99 19.81
N PHE C 51 17.27 -72.75 19.75
CA PHE C 51 18.58 -72.44 19.20
C PHE C 51 19.56 -71.96 20.29
N LYS C 52 19.31 -72.36 21.53
CA LYS C 52 20.26 -72.04 22.60
C LYS C 52 21.58 -72.78 22.41
N TYR C 53 21.54 -73.93 21.73
CA TYR C 53 22.77 -74.60 21.33
C TYR C 53 23.31 -74.04 20.02
N ALA C 54 22.46 -73.43 19.20
CA ALA C 54 22.92 -72.83 17.96
C ALA C 54 23.68 -71.54 18.20
N TRP C 55 23.42 -70.86 19.31
CA TRP C 55 24.08 -69.59 19.58
C TRP C 55 25.54 -69.73 19.95
N VAL C 56 26.00 -70.95 20.24
CA VAL C 56 27.43 -71.17 20.45
C VAL C 56 28.19 -70.83 19.18
N LEU C 57 27.66 -71.24 18.03
CA LEU C 57 28.27 -70.92 16.74
C LEU C 57 27.76 -69.61 16.17
N ASP C 58 26.50 -69.26 16.44
CA ASP C 58 25.93 -67.99 15.99
C ASP C 58 26.33 -66.90 16.97
N LYS C 59 27.54 -66.39 16.79
CA LYS C 59 28.04 -65.34 17.66
C LYS C 59 27.43 -63.98 17.34
N LEU C 60 26.98 -63.77 16.09
CA LEU C 60 26.49 -62.47 15.69
C LEU C 60 25.09 -62.22 16.25
N LYS C 61 24.85 -60.97 16.67
CA LYS C 61 23.55 -60.63 17.24
C LYS C 61 22.46 -60.69 16.18
N ALA C 62 22.76 -60.28 14.95
CA ALA C 62 21.81 -60.46 13.87
C ALA C 62 21.53 -61.93 13.61
N GLU C 63 22.57 -62.77 13.69
CA GLU C 63 22.38 -64.21 13.58
C GLU C 63 21.42 -64.72 14.64
N ARG C 64 21.59 -64.27 15.88
CA ARG C 64 20.72 -64.72 16.97
C ARG C 64 19.28 -64.25 16.75
N GLU C 65 19.10 -62.98 16.38
CA GLU C 65 17.74 -62.45 16.29
C GLU C 65 17.02 -62.96 15.05
N ARG C 66 17.76 -63.39 14.03
CA ARG C 66 17.13 -63.95 12.84
C ARG C 66 17.01 -65.46 12.89
N GLY C 67 17.76 -66.12 13.78
CA GLY C 67 17.71 -67.56 13.87
C GLY C 67 18.49 -68.31 12.83
N ILE C 68 19.23 -67.61 11.96
CA ILE C 68 19.98 -68.24 10.89
C ILE C 68 21.42 -67.75 10.93
N THR C 69 22.31 -68.57 10.38
CA THR C 69 23.73 -68.26 10.34
C THR C 69 24.04 -67.42 9.11
N ILE C 70 24.70 -66.28 9.31
CA ILE C 70 25.05 -65.40 8.20
C ILE C 70 26.47 -65.66 7.72
N ASP C 71 27.42 -65.80 8.64
CA ASP C 71 28.82 -66.00 8.28
C ASP C 71 29.38 -67.20 9.02
N ILE C 72 30.42 -67.78 8.42
CA ILE C 72 31.08 -68.93 9.02
C ILE C 72 31.75 -68.53 10.32
N SER C 73 31.91 -69.50 11.21
CA SER C 73 32.53 -69.26 12.50
C SER C 73 33.21 -70.54 12.97
N LEU C 74 34.20 -70.35 13.85
CA LEU C 74 35.19 -71.35 14.20
C LEU C 74 35.12 -71.70 15.68
N TRP C 75 35.45 -72.96 15.98
CA TRP C 75 35.64 -73.39 17.36
C TRP C 75 36.71 -74.47 17.41
N LYS C 76 37.29 -74.63 18.61
CA LYS C 76 38.31 -75.62 18.86
C LYS C 76 37.84 -76.59 19.93
N PHE C 77 38.29 -77.84 19.82
CA PHE C 77 38.14 -78.81 20.89
C PHE C 77 39.09 -79.96 20.65
N GLU C 78 39.36 -80.71 21.71
CA GLU C 78 40.29 -81.83 21.67
C GLU C 78 39.52 -83.13 21.84
N THR C 79 39.67 -84.03 20.88
CA THR C 79 39.10 -85.36 20.97
C THR C 79 40.05 -86.29 21.70
N SER C 80 39.75 -87.58 21.68
CA SER C 80 40.60 -88.54 22.36
C SER C 80 41.82 -88.94 21.55
N LYS C 81 41.92 -88.53 20.30
CA LYS C 81 43.07 -88.91 19.47
C LYS C 81 43.88 -87.73 18.98
N TYR C 82 43.25 -86.69 18.43
CA TYR C 82 44.00 -85.57 17.86
C TYR C 82 43.24 -84.27 18.08
N TYR C 83 43.81 -83.17 17.59
CA TYR C 83 43.29 -81.83 17.79
C TYR C 83 42.58 -81.38 16.52
N VAL C 84 41.33 -80.95 16.67
CA VAL C 84 40.51 -80.55 15.53
C VAL C 84 39.84 -79.21 15.81
N THR C 85 39.48 -78.53 14.74
CA THR C 85 38.65 -77.34 14.80
C THR C 85 37.47 -77.54 13.87
N ILE C 86 36.42 -76.76 14.12
CA ILE C 86 35.16 -76.89 13.39
C ILE C 86 34.71 -75.53 12.88
N ILE C 87 34.19 -75.51 11.67
CA ILE C 87 33.64 -74.34 11.01
C ILE C 87 32.18 -74.64 10.70
N ASP C 88 31.31 -73.68 10.97
CA ASP C 88 29.92 -73.87 10.57
C ASP C 88 29.70 -73.30 9.17
N ALA C 89 28.61 -73.73 8.53
CA ALA C 89 28.19 -73.07 7.31
C ALA C 89 26.88 -72.34 7.53
N PRO C 90 26.65 -71.23 6.81
CA PRO C 90 25.35 -70.57 6.89
C PRO C 90 24.18 -71.44 6.50
N GLY C 91 24.35 -72.32 5.53
CA GLY C 91 23.25 -73.19 5.11
C GLY C 91 22.09 -72.44 4.50
N HIS C 92 22.36 -71.47 3.63
CA HIS C 92 21.33 -70.66 3.03
C HIS C 92 21.67 -70.40 1.58
N ARG C 93 20.63 -70.29 0.74
CA ARG C 93 20.81 -70.03 -0.68
C ARG C 93 21.54 -68.71 -0.93
N ASP C 94 21.30 -67.71 -0.07
CA ASP C 94 21.92 -66.41 -0.28
C ASP C 94 23.39 -66.38 0.14
N PHE C 95 23.75 -67.09 1.20
CA PHE C 95 25.09 -67.02 1.78
C PHE C 95 25.98 -68.17 1.32
N ILE C 96 25.78 -68.59 0.08
CA ILE C 96 26.65 -69.59 -0.53
C ILE C 96 28.09 -69.07 -0.57
N LYS C 97 28.26 -67.78 -0.90
CA LYS C 97 29.59 -67.20 -0.95
C LYS C 97 30.26 -67.21 0.42
N ASN C 98 29.48 -67.06 1.48
CA ASN C 98 30.03 -67.17 2.82
C ASN C 98 30.43 -68.60 3.14
N MET C 99 29.57 -69.57 2.80
CA MET C 99 29.87 -70.95 3.21
C MET C 99 30.99 -71.58 2.39
N ILE C 100 31.16 -71.16 1.13
CA ILE C 100 32.19 -71.77 0.31
C ILE C 100 33.57 -71.39 0.81
N THR C 101 33.71 -70.23 1.47
CA THR C 101 34.97 -69.88 2.09
C THR C 101 35.37 -70.89 3.16
N GLY C 102 34.42 -71.22 4.05
CA GLY C 102 34.70 -72.23 5.06
C GLY C 102 34.98 -73.60 4.46
N THR C 103 34.17 -74.00 3.47
CA THR C 103 34.41 -75.30 2.84
C THR C 103 35.72 -75.33 2.06
N SER C 104 36.21 -74.17 1.62
CA SER C 104 37.52 -74.13 0.97
C SER C 104 38.64 -74.26 1.99
N GLN C 105 38.50 -73.62 3.15
CA GLN C 105 39.51 -73.79 4.20
C GLN C 105 39.25 -75.03 5.05
N ALA C 106 39.07 -76.16 4.38
CA ALA C 106 38.63 -77.39 5.03
C ALA C 106 39.50 -78.57 4.63
N ASP C 107 39.81 -79.42 5.61
CA ASP C 107 40.39 -80.73 5.33
C ASP C 107 39.34 -81.84 5.28
N CYS C 108 38.23 -81.68 5.99
CA CYS C 108 37.16 -82.67 5.96
C CYS C 108 35.84 -81.99 6.31
N ALA C 109 34.75 -82.70 6.04
CA ALA C 109 33.43 -82.09 6.13
C ALA C 109 32.43 -83.07 6.76
N VAL C 110 31.32 -82.50 7.22
CA VAL C 110 30.16 -83.25 7.66
C VAL C 110 28.93 -82.63 7.02
N LEU C 111 28.02 -83.47 6.55
CA LEU C 111 26.82 -83.05 5.86
C LEU C 111 25.60 -83.45 6.68
N ILE C 112 24.67 -82.51 6.82
CA ILE C 112 23.52 -82.68 7.71
C ILE C 112 22.24 -82.55 6.90
N VAL C 113 21.34 -83.52 7.04
CA VAL C 113 20.00 -83.45 6.50
C VAL C 113 19.02 -83.81 7.62
N ALA C 114 17.95 -83.03 7.75
CA ALA C 114 16.91 -83.35 8.72
C ALA C 114 16.10 -84.55 8.26
N ALA C 115 15.84 -85.47 9.19
CA ALA C 115 15.16 -86.72 8.87
C ALA C 115 13.65 -86.59 8.78
N GLY C 116 13.07 -85.47 9.23
CA GLY C 116 11.63 -85.33 9.24
C GLY C 116 11.04 -85.27 7.84
N VAL C 117 9.74 -85.41 7.79
CA VAL C 117 9.00 -85.37 6.53
C VAL C 117 8.66 -83.93 6.19
N GLY C 118 8.89 -83.56 4.93
CA GLY C 118 8.70 -82.20 4.48
C GLY C 118 9.97 -81.37 4.43
N GLU C 119 11.05 -81.84 5.04
CA GLU C 119 12.34 -81.16 4.97
C GLU C 119 13.37 -81.90 4.15
N PHE C 120 13.43 -83.23 4.22
CA PHE C 120 14.39 -83.98 3.41
C PHE C 120 14.07 -83.83 1.93
N GLU C 121 12.79 -83.82 1.57
CA GLU C 121 12.39 -83.74 0.17
C GLU C 121 12.81 -82.41 -0.44
N ALA C 122 12.66 -81.31 0.30
CA ALA C 122 13.17 -80.04 -0.18
C ALA C 122 14.69 -79.93 -0.04
N GLY C 123 15.27 -80.65 0.91
CA GLY C 123 16.72 -80.60 1.09
C GLY C 123 17.47 -81.20 -0.08
N ILE C 124 17.02 -82.37 -0.54
CA ILE C 124 17.59 -82.98 -1.74
C ILE C 124 16.57 -82.84 -2.87
N SER C 125 16.86 -81.91 -3.77
CA SER C 125 15.98 -81.56 -4.89
C SER C 125 16.79 -80.64 -5.80
N LYS C 126 16.18 -80.24 -6.91
CA LYS C 126 16.84 -79.29 -7.79
C LYS C 126 17.09 -77.96 -7.08
N ASN C 127 16.11 -77.48 -6.33
CA ASN C 127 16.29 -76.29 -5.51
C ASN C 127 16.99 -76.61 -4.20
N GLY C 128 17.22 -77.89 -3.89
CA GLY C 128 17.87 -78.24 -2.66
C GLY C 128 19.32 -77.83 -2.62
N GLN C 129 19.83 -77.59 -1.42
CA GLN C 129 21.19 -77.13 -1.22
C GLN C 129 22.15 -78.24 -0.79
N THR C 130 21.63 -79.40 -0.39
CA THR C 130 22.51 -80.52 -0.07
C THR C 130 23.30 -80.96 -1.29
N ARG C 131 22.63 -81.01 -2.45
CA ARG C 131 23.32 -81.30 -3.69
C ARG C 131 24.46 -80.33 -3.95
N GLU C 132 24.18 -79.04 -3.84
CA GLU C 132 25.18 -78.01 -4.09
C GLU C 132 26.34 -78.13 -3.11
N HIS C 133 26.03 -78.35 -1.83
CA HIS C 133 27.07 -78.41 -0.80
C HIS C 133 27.98 -79.61 -1.01
N ALA C 134 27.39 -80.78 -1.24
CA ALA C 134 28.19 -81.98 -1.47
C ALA C 134 29.00 -81.87 -2.74
N LEU C 135 28.45 -81.19 -3.76
CA LEU C 135 29.20 -80.97 -4.99
C LEU C 135 30.40 -80.06 -4.76
N LEU C 136 30.17 -78.91 -4.10
CA LEU C 136 31.23 -77.93 -3.93
C LEU C 136 32.30 -78.42 -2.98
N ALA C 137 31.96 -79.32 -2.05
CA ALA C 137 32.99 -79.89 -1.18
C ALA C 137 34.03 -80.65 -1.99
N TYR C 138 33.59 -81.57 -2.84
CA TYR C 138 34.51 -82.30 -3.71
C TYR C 138 35.19 -81.36 -4.69
N THR C 139 34.47 -80.35 -5.17
CA THR C 139 35.06 -79.41 -6.13
C THR C 139 36.22 -78.64 -5.50
N LEU C 140 36.04 -78.16 -4.28
CA LEU C 140 37.06 -77.36 -3.60
C LEU C 140 38.14 -78.21 -2.96
N GLY C 141 37.93 -79.50 -2.77
CA GLY C 141 38.97 -80.38 -2.30
C GLY C 141 38.72 -81.12 -1.00
N VAL C 142 37.46 -81.27 -0.59
CA VAL C 142 37.14 -82.10 0.57
C VAL C 142 37.26 -83.55 0.11
N LYS C 143 38.38 -84.19 0.43
CA LYS C 143 38.64 -85.55 -0.03
C LYS C 143 37.67 -86.54 0.61
N GLN C 144 37.55 -86.50 1.94
CA GLN C 144 36.64 -87.38 2.65
C GLN C 144 35.71 -86.54 3.51
N LEU C 145 34.50 -87.07 3.72
CA LEU C 145 33.53 -86.41 4.57
C LEU C 145 32.74 -87.48 5.32
N ILE C 146 31.89 -87.02 6.23
CA ILE C 146 30.93 -87.88 6.91
C ILE C 146 29.56 -87.22 6.81
N VAL C 147 28.52 -88.04 6.98
CA VAL C 147 27.15 -87.55 6.91
C VAL C 147 26.43 -87.94 8.19
N GLY C 148 25.73 -86.98 8.78
CA GLY C 148 24.94 -87.23 9.96
C GLY C 148 23.51 -86.78 9.74
N VAL C 149 22.58 -87.71 9.82
CA VAL C 149 21.17 -87.38 9.67
C VAL C 149 20.62 -86.93 11.01
N ASN C 150 19.94 -85.78 11.01
CA ASN C 150 19.51 -85.11 12.23
C ASN C 150 17.98 -85.07 12.28
N LYS C 151 17.47 -84.88 13.50
CA LYS C 151 16.05 -84.60 13.75
C LYS C 151 15.16 -85.75 13.28
N MET C 152 15.57 -86.99 13.56
CA MET C 152 14.64 -88.10 13.43
C MET C 152 13.72 -88.23 14.63
N ASP C 153 13.95 -87.43 15.68
CA ASP C 153 13.01 -87.37 16.79
C ASP C 153 11.66 -86.84 16.34
N SER C 154 11.64 -85.90 15.40
CA SER C 154 10.40 -85.37 14.87
C SER C 154 9.72 -86.31 13.89
N THR C 155 10.39 -87.37 13.46
CA THR C 155 9.78 -88.34 12.58
C THR C 155 8.74 -89.17 13.33
N GLU C 156 7.83 -89.77 12.57
CA GLU C 156 6.79 -90.63 13.11
C GLU C 156 6.87 -92.01 12.48
N PRO C 157 7.24 -93.06 13.23
CA PRO C 157 7.67 -93.05 14.64
C PRO C 157 9.06 -92.46 14.81
N PRO C 158 9.34 -91.85 15.96
CA PRO C 158 10.69 -91.32 16.20
C PRO C 158 11.71 -92.45 16.21
N TYR C 159 12.88 -92.15 15.64
CA TYR C 159 14.00 -93.09 15.57
C TYR C 159 13.60 -94.39 14.89
N SEP C 160 13.39 -94.33 13.58
CA SEP C 160 12.94 -95.51 12.84
CB SEP C 160 11.65 -95.21 12.09
OG SEP C 160 11.47 -96.12 11.02
C SEP C 160 13.98 -96.03 11.87
O SEP C 160 14.92 -95.33 11.52
P SEP C 160 10.46 -97.31 11.40
O1P SEP C 160 10.69 -98.53 10.38
O2P SEP C 160 8.94 -96.78 11.29
O3P SEP C 160 10.73 -97.83 12.90
N GLN C 161 13.78 -97.27 11.43
CA GLN C 161 14.66 -97.90 10.45
C GLN C 161 14.41 -97.40 9.03
N LYS C 162 13.17 -97.57 8.56
CA LYS C 162 12.88 -97.37 7.14
C LYS C 162 13.09 -95.92 6.74
N ARG C 163 12.75 -94.97 7.62
CA ARG C 163 13.04 -93.57 7.33
C ARG C 163 14.53 -93.33 7.17
N TYR C 164 15.33 -93.97 8.02
CA TYR C 164 16.78 -93.87 7.90
C TYR C 164 17.28 -94.47 6.58
N GLU C 165 16.77 -95.65 6.23
CA GLU C 165 17.27 -96.34 5.04
C GLU C 165 16.88 -95.62 3.75
N GLU C 166 15.64 -95.16 3.67
CA GLU C 166 15.15 -94.53 2.44
C GLU C 166 15.91 -93.27 2.10
N ILE C 167 16.59 -92.67 3.08
CA ILE C 167 17.35 -91.46 2.82
C ILE C 167 18.85 -91.74 2.71
N VAL C 168 19.36 -92.72 3.47
CA VAL C 168 20.78 -93.03 3.32
C VAL C 168 21.06 -93.65 1.97
N LYS C 169 20.13 -94.47 1.45
CA LYS C 169 20.32 -94.99 0.09
C LYS C 169 20.24 -93.90 -0.96
N GLU C 170 19.34 -92.93 -0.79
CA GLU C 170 19.24 -91.82 -1.74
C GLU C 170 20.53 -91.00 -1.75
N VAL C 171 21.03 -90.62 -0.58
CA VAL C 171 22.28 -89.86 -0.56
C VAL C 171 23.47 -90.70 -0.99
N SER C 172 23.44 -92.02 -0.74
CA SER C 172 24.54 -92.87 -1.20
C SER C 172 24.59 -92.94 -2.72
N THR C 173 23.45 -93.12 -3.36
CA THR C 173 23.45 -93.14 -4.82
C THR C 173 23.73 -91.75 -5.40
N TYR C 174 23.35 -90.67 -4.71
CA TYR C 174 23.73 -89.35 -5.21
C TYR C 174 25.23 -89.12 -5.13
N ILE C 175 25.87 -89.51 -4.03
CA ILE C 175 27.31 -89.29 -3.92
C ILE C 175 28.06 -90.28 -4.80
N LYS C 176 27.48 -91.44 -5.08
CA LYS C 176 28.05 -92.31 -6.10
C LYS C 176 27.99 -91.66 -7.47
N LYS C 177 26.87 -90.98 -7.77
CA LYS C 177 26.76 -90.24 -9.02
C LYS C 177 27.80 -89.11 -9.09
N ILE C 178 28.04 -88.44 -7.97
CA ILE C 178 28.92 -87.27 -7.98
C ILE C 178 30.40 -87.66 -7.86
N GLY C 179 30.72 -88.85 -7.34
CA GLY C 179 32.11 -89.24 -7.21
C GLY C 179 32.49 -89.83 -5.87
N TYR C 180 31.80 -89.44 -4.80
CA TYR C 180 32.13 -89.93 -3.46
C TYR C 180 31.80 -91.40 -3.31
N ASN C 181 32.41 -92.02 -2.31
CA ASN C 181 32.20 -93.44 -2.05
C ASN C 181 31.29 -93.64 -0.83
N PRO C 182 30.09 -94.20 -1.02
CA PRO C 182 29.25 -94.54 0.14
C PRO C 182 29.92 -95.48 1.11
N ASP C 183 30.80 -96.37 0.64
CA ASP C 183 31.55 -97.23 1.54
C ASP C 183 32.45 -96.43 2.46
N THR C 184 33.14 -95.42 1.91
CA THR C 184 34.05 -94.63 2.73
C THR C 184 33.29 -93.75 3.70
N VAL C 185 32.24 -93.07 3.25
CA VAL C 185 31.56 -92.12 4.12
C VAL C 185 30.79 -92.87 5.20
N ALA C 186 30.95 -92.42 6.44
CA ALA C 186 30.21 -92.99 7.56
C ALA C 186 28.84 -92.32 7.66
N PHE C 187 27.86 -93.09 8.07
CA PHE C 187 26.49 -92.62 8.20
C PHE C 187 26.11 -92.62 9.67
N VAL C 188 25.76 -91.46 10.21
CA VAL C 188 25.51 -91.39 11.64
C VAL C 188 24.11 -90.85 11.91
N PRO C 189 23.28 -91.58 12.64
CA PRO C 189 22.01 -91.00 13.09
C PRO C 189 22.18 -90.23 14.39
N ILE C 190 21.77 -88.95 14.41
CA ILE C 190 21.90 -88.12 15.59
C ILE C 190 20.59 -87.37 15.81
N SER C 191 20.17 -87.30 17.07
CA SER C 191 19.04 -86.46 17.46
C SER C 191 19.63 -85.19 18.07
N GLY C 192 19.69 -84.14 17.26
CA GLY C 192 20.35 -82.92 17.67
C GLY C 192 19.70 -82.22 18.84
N TRP C 193 18.43 -81.83 18.67
CA TRP C 193 17.75 -81.06 19.71
C TRP C 193 17.65 -81.83 21.01
N ASN C 194 17.50 -83.15 20.94
CA ASN C 194 17.53 -83.97 22.14
C ASN C 194 18.95 -84.30 22.59
N GLY C 195 19.95 -84.07 21.75
CA GLY C 195 21.32 -84.33 22.11
C GLY C 195 21.62 -85.80 22.31
N ASP C 196 21.57 -86.57 21.23
CA ASP C 196 21.72 -88.02 21.32
C ASP C 196 22.73 -88.51 20.29
N ASN C 197 23.46 -89.56 20.66
CA ASN C 197 24.41 -90.25 19.80
C ASN C 197 25.56 -89.34 19.36
N MET C 198 26.26 -88.80 20.35
CA MET C 198 27.54 -88.14 20.12
C MET C 198 28.67 -88.80 20.90
N LEU C 199 28.48 -89.05 22.19
CA LEU C 199 29.49 -89.68 23.04
C LEU C 199 29.17 -91.12 23.38
N GLU C 200 27.91 -91.42 23.69
CA GLU C 200 27.50 -92.75 24.06
C GLU C 200 26.36 -93.20 23.16
N PRO C 201 26.19 -94.51 22.97
CA PRO C 201 25.03 -95.01 22.19
C PRO C 201 23.74 -94.74 22.94
N SER C 202 22.88 -93.92 22.34
CA SER C 202 21.58 -93.64 22.95
C SER C 202 20.70 -94.87 22.92
N ALA C 203 20.23 -95.30 24.09
CA ALA C 203 19.47 -96.55 24.20
C ALA C 203 18.00 -96.38 23.82
N ASN C 204 17.55 -95.16 23.56
CA ASN C 204 16.18 -94.98 23.06
C ASN C 204 16.02 -95.60 21.69
N MET C 205 17.04 -95.51 20.85
CA MET C 205 17.05 -96.19 19.56
C MET C 205 18.09 -97.30 19.56
N PRO C 206 17.68 -98.57 19.66
CA PRO C 206 18.62 -99.69 19.54
C PRO C 206 18.69 -100.32 18.16
N TRP C 207 17.86 -99.87 17.22
CA TRP C 207 17.79 -100.49 15.90
C TRP C 207 19.03 -100.24 15.06
N PHE C 208 19.84 -99.25 15.41
CA PHE C 208 21.07 -98.95 14.70
C PHE C 208 22.22 -99.65 15.40
N LYS C 209 22.92 -100.52 14.65
CA LYS C 209 23.96 -101.36 15.22
C LYS C 209 25.36 -100.82 14.97
N GLY C 210 25.48 -99.61 14.43
CA GLY C 210 26.79 -99.04 14.16
C GLY C 210 27.24 -99.26 12.74
N TRP C 211 27.97 -98.29 12.19
CA TRP C 211 28.46 -98.37 10.82
C TRP C 211 29.84 -98.99 10.75
N LYS C 212 30.11 -99.65 9.63
CA LYS C 212 31.43 -100.16 9.28
C LYS C 212 31.91 -99.43 8.04
N VAL C 213 33.10 -98.83 8.13
CA VAL C 213 33.67 -98.06 7.04
C VAL C 213 34.97 -98.70 6.59
N THR C 214 35.18 -98.73 5.28
CA THR C 214 36.35 -99.31 4.66
C THR C 214 37.04 -98.22 3.84
N ARG C 215 38.36 -98.19 3.86
CA ARG C 215 39.13 -97.20 3.14
C ARG C 215 40.50 -97.76 2.83
N LYS C 216 41.16 -97.17 1.84
CA LYS C 216 42.44 -97.69 1.37
C LYS C 216 43.48 -97.70 2.49
N ASP C 217 43.45 -96.72 3.38
CA ASP C 217 44.35 -96.73 4.53
C ASP C 217 44.01 -97.86 5.49
N GLY C 218 42.72 -98.09 5.74
CA GLY C 218 42.34 -99.07 6.73
C GLY C 218 40.84 -99.10 6.92
N ASN C 219 40.43 -99.85 7.94
CA ASN C 219 39.02 -100.10 8.20
C ASN C 219 38.68 -99.68 9.62
N ALA C 220 37.44 -99.23 9.81
CA ALA C 220 37.01 -98.75 11.11
C ALA C 220 35.54 -99.10 11.34
N SER C 221 35.17 -99.12 12.62
CA SER C 221 33.79 -99.34 13.02
C SER C 221 33.40 -98.23 14.00
N GLY C 222 32.22 -97.68 13.82
CA GLY C 222 31.79 -96.54 14.61
C GLY C 222 30.37 -96.68 15.08
N THR C 223 30.12 -96.13 16.28
CA THR C 223 28.77 -96.08 16.86
C THR C 223 28.33 -94.67 17.25
N THR C 224 29.27 -93.73 17.41
CA THR C 224 28.96 -92.35 17.77
C THR C 224 29.74 -91.42 16.85
N LEU C 225 29.38 -90.13 16.91
CA LEU C 225 30.08 -89.13 16.10
C LEU C 225 31.56 -89.05 16.46
N LEU C 226 31.88 -89.12 17.76
CA LEU C 226 33.27 -89.13 18.16
C LEU C 226 34.02 -90.33 17.61
N GLU C 227 33.38 -91.50 17.65
CA GLU C 227 34.00 -92.70 17.09
C GLU C 227 34.15 -92.59 15.59
N ALA C 228 33.27 -91.83 14.94
CA ALA C 228 33.40 -91.61 13.49
C ALA C 228 34.59 -90.70 13.19
N LEU C 229 34.70 -89.58 13.90
CA LEU C 229 35.70 -88.58 13.58
C LEU C 229 37.06 -88.85 14.23
N ASP C 230 37.17 -89.87 15.08
CA ASP C 230 38.47 -90.26 15.61
C ASP C 230 39.20 -91.25 14.70
N CYS C 231 38.63 -91.60 13.55
CA CYS C 231 39.28 -92.47 12.60
C CYS C 231 39.34 -91.86 11.20
N ILE C 232 39.25 -90.53 11.11
CA ILE C 232 39.30 -89.88 9.79
C ILE C 232 40.72 -89.97 9.24
N LEU C 233 40.82 -89.83 7.93
CA LEU C 233 42.11 -89.88 7.26
C LEU C 233 42.91 -88.63 7.58
N PRO C 234 44.12 -88.76 8.12
CA PRO C 234 44.98 -87.59 8.29
C PRO C 234 45.51 -87.12 6.95
N PRO C 235 45.21 -85.88 6.56
CA PRO C 235 45.64 -85.39 5.25
C PRO C 235 47.14 -85.12 5.21
N THR C 236 47.67 -85.13 3.99
CA THR C 236 49.09 -84.89 3.79
C THR C 236 49.42 -83.41 3.91
N ARG C 237 50.69 -83.13 4.16
CA ARG C 237 51.15 -81.77 4.40
C ARG C 237 52.23 -81.37 3.41
N PRO C 238 51.96 -80.47 2.46
CA PRO C 238 52.99 -80.03 1.50
C PRO C 238 53.97 -79.04 2.12
N THR C 239 54.71 -79.50 3.13
CA THR C 239 55.66 -78.63 3.82
C THR C 239 56.78 -78.19 2.89
N ASP C 240 57.31 -79.11 2.07
CA ASP C 240 58.37 -78.76 1.14
C ASP C 240 57.92 -77.73 0.12
N LYS C 241 56.64 -77.75 -0.23
CA LYS C 241 56.10 -76.77 -1.17
C LYS C 241 56.18 -75.38 -0.55
N PRO C 242 56.51 -74.36 -1.33
CA PRO C 242 56.62 -73.00 -0.77
C PRO C 242 55.31 -72.49 -0.21
N LEU C 243 55.42 -71.45 0.62
CA LEU C 243 54.30 -70.98 1.41
C LEU C 243 53.22 -70.34 0.54
N ARG C 244 51.98 -70.76 0.74
CA ARG C 244 50.82 -70.09 0.16
C ARG C 244 49.75 -70.00 1.25
N LEU C 245 49.04 -68.88 1.28
CA LEU C 245 48.09 -68.68 2.36
C LEU C 245 46.96 -67.74 1.94
N PRO C 246 45.80 -68.25 1.55
CA PRO C 246 44.64 -67.38 1.35
C PRO C 246 44.19 -66.80 2.68
N LEU C 247 43.67 -65.58 2.63
CA LEU C 247 43.30 -64.85 3.84
C LEU C 247 41.79 -64.85 3.99
N GLN C 248 41.31 -65.58 5.00
CA GLN C 248 39.88 -65.63 5.25
C GLN C 248 39.33 -64.28 5.69
N ASP C 249 40.07 -63.56 6.52
CA ASP C 249 39.61 -62.25 6.97
C ASP C 249 40.82 -61.45 7.46
N VAL C 250 40.56 -60.18 7.78
CA VAL C 250 41.57 -59.29 8.35
C VAL C 250 40.93 -58.55 9.51
N TYR C 251 41.61 -58.54 10.66
CA TYR C 251 41.09 -57.88 11.84
C TYR C 251 42.06 -56.80 12.32
N LYS C 252 41.52 -55.82 13.03
CA LYS C 252 42.32 -54.77 13.67
C LYS C 252 42.20 -54.99 15.18
N ILE C 253 43.14 -55.73 15.74
CA ILE C 253 43.10 -56.07 17.15
C ILE C 253 43.76 -54.95 17.95
N GLY C 254 43.10 -54.51 19.01
CA GLY C 254 43.63 -53.45 19.85
C GLY C 254 44.93 -53.80 20.53
N GLY C 255 45.96 -53.00 20.29
CA GLY C 255 47.26 -53.20 20.90
C GLY C 255 48.27 -53.90 20.02
N ILE C 256 47.83 -54.59 18.99
CA ILE C 256 48.75 -55.30 18.10
C ILE C 256 48.54 -54.96 16.63
N GLY C 257 47.42 -54.37 16.23
CA GLY C 257 47.31 -53.88 14.87
C GLY C 257 46.60 -54.82 13.91
N THR C 258 47.11 -54.89 12.69
CA THR C 258 46.47 -55.65 11.63
C THR C 258 46.88 -57.11 11.71
N VAL C 259 45.90 -57.98 11.87
CA VAL C 259 46.13 -59.43 11.91
C VAL C 259 45.28 -60.08 10.81
N PRO C 260 45.87 -60.52 9.71
CA PRO C 260 45.16 -61.40 8.80
C PRO C 260 44.94 -62.76 9.43
N VAL C 261 43.86 -63.42 9.00
CA VAL C 261 43.45 -64.73 9.49
C VAL C 261 43.15 -65.61 8.29
N GLY C 262 43.80 -66.76 8.21
CA GLY C 262 43.62 -67.68 7.10
C GLY C 262 44.18 -69.03 7.45
N ARG C 263 43.90 -70.00 6.58
CA ARG C 263 44.31 -71.38 6.80
C ARG C 263 45.52 -71.68 5.94
N VAL C 264 46.60 -72.13 6.58
CA VAL C 264 47.85 -72.38 5.86
C VAL C 264 47.68 -73.57 4.94
N GLU C 265 47.80 -73.33 3.64
CA GLU C 265 47.66 -74.41 2.67
C GLU C 265 48.97 -75.15 2.47
N THR C 266 50.00 -74.43 2.05
CA THR C 266 51.31 -75.01 1.75
C THR C 266 52.38 -74.28 2.53
N GLY C 267 53.48 -74.98 2.79
CA GLY C 267 54.62 -74.38 3.46
C GLY C 267 54.39 -74.22 4.94
N VAL C 268 55.44 -73.75 5.62
CA VAL C 268 55.42 -73.53 7.06
C VAL C 268 55.66 -72.05 7.32
N LEU C 269 54.74 -71.43 8.05
CA LEU C 269 54.84 -70.02 8.40
C LEU C 269 55.36 -69.88 9.82
N LYS C 270 56.42 -69.10 9.98
CA LYS C 270 56.97 -68.80 11.28
C LYS C 270 57.36 -67.34 11.33
N PRO C 271 57.20 -66.67 12.46
CA PRO C 271 57.58 -65.26 12.56
C PRO C 271 59.08 -65.11 12.37
N GLY C 272 59.47 -64.27 11.40
CA GLY C 272 60.88 -64.08 11.14
C GLY C 272 61.29 -64.06 9.68
N MET C 273 60.35 -64.00 8.75
CA MET C 273 60.69 -63.72 7.36
C MET C 273 59.61 -62.84 6.74
N VAL C 274 60.01 -62.12 5.70
CA VAL C 274 59.10 -61.23 5.00
C VAL C 274 58.17 -62.05 4.11
N VAL C 275 56.93 -61.58 3.96
CA VAL C 275 55.94 -62.21 3.11
C VAL C 275 55.39 -61.17 2.15
N THR C 276 54.80 -61.66 1.07
CA THR C 276 54.18 -60.81 0.05
C THR C 276 52.75 -61.25 -0.17
N PHE C 277 51.84 -60.27 -0.23
CA PHE C 277 50.45 -60.51 -0.54
C PHE C 277 50.25 -60.25 -2.03
N ALA C 278 49.66 -61.23 -2.73
CA ALA C 278 49.74 -61.22 -4.19
C ALA C 278 48.87 -60.16 -4.84
N PRO C 279 47.55 -60.14 -4.64
CA PRO C 279 46.72 -59.19 -5.42
C PRO C 279 47.08 -57.73 -5.17
N VAL C 280 47.46 -57.39 -3.94
CA VAL C 280 47.79 -56.02 -3.59
C VAL C 280 49.28 -55.73 -3.71
N ASN C 281 50.12 -56.76 -3.86
CA ASN C 281 51.55 -56.61 -4.14
C ASN C 281 52.24 -55.75 -3.09
N VAL C 282 52.06 -56.12 -1.83
CA VAL C 282 52.70 -55.44 -0.72
C VAL C 282 53.62 -56.42 0.00
N THR C 283 54.79 -55.95 0.39
CA THR C 283 55.79 -56.76 1.06
C THR C 283 55.87 -56.36 2.53
N THR C 284 55.88 -57.35 3.41
CA THR C 284 55.72 -57.09 4.84
C THR C 284 56.33 -58.22 5.65
N GLU C 285 57.10 -57.85 6.68
CA GLU C 285 57.59 -58.84 7.63
C GLU C 285 56.45 -59.29 8.55
N VAL C 286 56.39 -60.58 8.80
CA VAL C 286 55.46 -61.12 9.78
C VAL C 286 56.02 -60.92 11.18
N LYS C 287 55.16 -60.53 12.11
CA LYS C 287 55.57 -60.22 13.47
C LYS C 287 55.31 -61.37 14.44
N SER C 288 54.12 -61.95 14.38
CA SER C 288 53.78 -63.10 15.22
C SER C 288 52.67 -63.89 14.55
N VAL C 289 52.53 -65.14 14.97
CA VAL C 289 51.48 -66.02 14.46
C VAL C 289 50.80 -66.65 15.66
N GLU C 290 49.53 -67.04 15.49
CA GLU C 290 48.72 -67.45 16.62
C GLU C 290 47.48 -68.20 16.13
N MET C 291 47.22 -69.36 16.72
CA MET C 291 45.99 -70.10 16.51
C MET C 291 45.17 -70.11 17.78
N HIS C 292 43.89 -69.74 17.67
CA HIS C 292 42.92 -69.86 18.76
C HIS C 292 43.42 -69.20 20.03
N HIS C 293 43.97 -67.99 19.88
CA HIS C 293 44.52 -67.20 20.97
C HIS C 293 45.65 -67.94 21.69
N GLU C 294 46.38 -68.78 20.96
CA GLU C 294 47.52 -69.50 21.51
C GLU C 294 48.68 -69.39 20.53
N ALA C 295 49.84 -68.99 21.04
CA ALA C 295 51.00 -68.74 20.19
C ALA C 295 51.55 -70.04 19.62
N LEU C 296 52.08 -69.95 18.40
CA LEU C 296 52.72 -71.07 17.74
C LEU C 296 54.09 -70.65 17.25
N SER C 297 55.07 -71.55 17.41
CA SER C 297 56.39 -71.29 16.85
C SER C 297 56.41 -71.50 15.34
N GLU C 298 55.65 -72.46 14.84
CA GLU C 298 55.52 -72.72 13.42
C GLU C 298 54.05 -72.85 13.06
N ALA C 299 53.72 -72.55 11.81
CA ALA C 299 52.38 -72.72 11.29
C ALA C 299 52.46 -73.77 10.18
N LEU C 300 52.18 -75.01 10.55
CA LEU C 300 52.19 -76.11 9.59
C LEU C 300 51.03 -75.95 8.61
N PRO C 301 51.10 -76.62 7.46
CA PRO C 301 49.95 -76.63 6.56
C PRO C 301 48.72 -77.21 7.25
N GLY C 302 47.55 -76.74 6.82
CA GLY C 302 46.32 -77.14 7.47
C GLY C 302 46.00 -76.40 8.73
N ASP C 303 46.76 -75.35 9.06
CA ASP C 303 46.55 -74.59 10.29
C ASP C 303 45.78 -73.31 9.96
N ASN C 304 44.63 -73.14 10.60
CA ASN C 304 43.84 -71.92 10.49
C ASN C 304 44.31 -70.97 11.58
N VAL C 305 45.19 -70.04 11.21
CA VAL C 305 45.84 -69.16 12.17
C VAL C 305 45.61 -67.72 11.79
N GLY C 306 45.70 -66.85 12.80
CA GLY C 306 45.82 -65.43 12.59
C GLY C 306 47.25 -65.02 12.87
N PHE C 307 47.85 -64.33 11.91
CA PHE C 307 49.25 -63.93 12.00
C PHE C 307 49.37 -62.42 11.94
N ASN C 308 50.24 -61.87 12.77
CA ASN C 308 50.36 -60.43 12.91
C ASN C 308 51.48 -59.91 12.02
N VAL C 309 51.15 -58.90 11.23
CA VAL C 309 52.11 -58.28 10.31
C VAL C 309 52.29 -56.82 10.70
N LYS C 310 53.42 -56.27 10.31
CA LYS C 310 53.84 -54.94 10.75
C LYS C 310 53.69 -53.92 9.63
N ASN C 311 53.80 -52.65 10.03
CA ASN C 311 53.75 -51.42 9.22
C ASN C 311 52.83 -51.50 8.01
N VAL C 312 51.62 -52.03 8.21
CA VAL C 312 50.55 -51.98 7.21
C VAL C 312 49.24 -51.69 7.91
N SER C 313 48.27 -51.21 7.14
CA SER C 313 46.95 -50.91 7.64
C SER C 313 45.95 -51.95 7.15
N VAL C 314 44.77 -51.93 7.77
CA VAL C 314 43.73 -52.90 7.43
C VAL C 314 43.25 -52.74 6.00
N LYS C 315 43.28 -51.51 5.48
CA LYS C 315 42.76 -51.26 4.14
C LYS C 315 43.69 -51.77 3.05
N ASP C 316 44.97 -52.00 3.36
CA ASP C 316 45.90 -52.47 2.33
C ASP C 316 45.62 -53.91 1.94
N VAL C 317 45.28 -54.76 2.91
CA VAL C 317 45.09 -56.19 2.68
C VAL C 317 43.65 -56.54 3.02
N ARG C 318 42.98 -57.22 2.09
CA ARG C 318 41.56 -57.54 2.24
C ARG C 318 41.34 -59.03 2.04
N ARG C 319 40.08 -59.43 2.17
CA ARG C 319 39.69 -60.83 2.04
C ARG C 319 39.96 -61.33 0.63
N GLY C 320 40.40 -62.59 0.52
CA GLY C 320 40.68 -63.20 -0.75
C GLY C 320 42.11 -63.08 -1.21
N ASN C 321 42.90 -62.22 -0.60
CA ASN C 321 44.31 -62.10 -0.96
C ASN C 321 45.08 -63.34 -0.50
N VAL C 322 46.05 -63.74 -1.30
CA VAL C 322 46.93 -64.85 -0.96
C VAL C 322 48.31 -64.30 -0.64
N ALA C 323 48.90 -64.82 0.43
CA ALA C 323 50.22 -64.42 0.89
C ALA C 323 51.21 -65.55 0.63
N GLY C 324 52.47 -65.18 0.43
CA GLY C 324 53.53 -66.15 0.23
C GLY C 324 54.87 -65.56 0.55
N ASP C 325 55.83 -66.44 0.82
CA ASP C 325 57.17 -66.01 1.18
C ASP C 325 57.84 -65.33 -0.02
N SER C 326 58.49 -64.20 0.24
CA SER C 326 59.18 -63.49 -0.82
C SER C 326 60.50 -64.15 -1.19
N LYS C 327 61.15 -64.83 -0.22
CA LYS C 327 62.40 -65.50 -0.51
C LYS C 327 62.20 -66.67 -1.45
N ASN C 328 61.11 -67.41 -1.29
CA ASN C 328 60.70 -68.42 -2.26
C ASN C 328 60.01 -67.72 -3.43
N ASP C 329 59.35 -68.49 -4.28
CA ASP C 329 58.61 -67.88 -5.38
C ASP C 329 57.45 -67.07 -4.83
N PRO C 330 57.36 -65.78 -5.12
CA PRO C 330 56.28 -64.97 -4.56
C PRO C 330 55.03 -65.10 -5.41
N PRO C 331 53.88 -65.36 -4.78
CA PRO C 331 52.62 -65.27 -5.51
C PRO C 331 52.39 -63.84 -5.98
N MET C 332 51.80 -63.70 -7.15
CA MET C 332 51.62 -62.38 -7.71
C MET C 332 50.48 -62.41 -8.71
N GLU C 333 50.03 -61.21 -9.10
CA GLU C 333 48.80 -61.05 -9.86
C GLU C 333 48.89 -61.74 -11.22
N ALA C 334 47.82 -62.44 -11.58
CA ALA C 334 47.72 -63.16 -12.84
C ALA C 334 46.80 -62.41 -13.79
N ALA C 335 47.27 -62.15 -15.01
CA ALA C 335 46.46 -61.45 -15.98
C ALA C 335 45.34 -62.34 -16.53
N GLY C 336 45.64 -63.61 -16.77
CA GLY C 336 44.67 -64.56 -17.26
C GLY C 336 45.06 -65.96 -16.83
N PHE C 337 44.27 -66.93 -17.25
CA PHE C 337 44.57 -68.33 -16.93
C PHE C 337 43.67 -69.23 -17.76
N THR C 338 44.17 -70.43 -18.04
CA THR C 338 43.43 -71.44 -18.77
C THR C 338 42.92 -72.47 -17.78
N ALA C 339 41.67 -72.89 -17.96
CA ALA C 339 41.03 -73.82 -17.03
C ALA C 339 40.34 -74.93 -17.79
N GLN C 340 40.42 -76.14 -17.25
CA GLN C 340 39.61 -77.26 -17.70
C GLN C 340 38.36 -77.28 -16.83
N VAL C 341 37.21 -77.02 -17.44
CA VAL C 341 35.96 -76.83 -16.72
C VAL C 341 34.97 -77.91 -17.11
N ILE C 342 33.99 -78.12 -16.24
CA ILE C 342 32.89 -79.04 -16.49
C ILE C 342 31.60 -78.28 -16.20
N ILE C 343 30.86 -77.92 -17.25
CA ILE C 343 29.61 -77.19 -17.07
C ILE C 343 28.55 -78.15 -16.54
N LEU C 344 27.81 -77.70 -15.53
CA LEU C 344 26.87 -78.55 -14.83
C LEU C 344 25.43 -78.35 -15.30
N ASN C 345 24.93 -77.11 -15.21
CA ASN C 345 23.58 -76.82 -15.68
C ASN C 345 23.47 -75.33 -15.97
N HIS C 346 22.90 -75.00 -17.12
CA HIS C 346 22.67 -73.63 -17.54
C HIS C 346 21.47 -73.59 -18.47
N PRO C 347 20.45 -72.79 -18.16
CA PRO C 347 19.25 -72.76 -19.03
C PRO C 347 19.54 -72.34 -20.44
N GLY C 348 20.54 -71.48 -20.67
CA GLY C 348 20.93 -71.06 -21.99
C GLY C 348 22.31 -71.55 -22.38
N GLN C 349 22.71 -71.17 -23.59
CA GLN C 349 24.03 -71.53 -24.09
C GLN C 349 25.09 -70.59 -23.52
N ILE C 350 26.30 -71.12 -23.38
CA ILE C 350 27.44 -70.35 -22.91
C ILE C 350 28.30 -70.00 -24.12
N SER C 351 28.59 -68.72 -24.30
CA SER C 351 29.42 -68.24 -25.39
C SER C 351 30.54 -67.38 -24.83
N ALA C 352 31.36 -66.85 -25.73
CA ALA C 352 32.40 -65.91 -25.34
C ALA C 352 31.78 -64.61 -24.83
N GLY C 353 32.49 -63.95 -23.91
CA GLY C 353 31.97 -62.76 -23.27
C GLY C 353 31.08 -63.02 -22.07
N TYR C 354 30.83 -64.28 -21.74
CA TYR C 354 30.08 -64.60 -20.53
C TYR C 354 30.93 -64.28 -19.31
N ALA C 355 30.32 -63.61 -18.33
CA ALA C 355 31.04 -63.14 -17.15
C ALA C 355 30.34 -63.64 -15.88
N PRO C 356 30.52 -64.91 -15.54
CA PRO C 356 30.04 -65.40 -14.25
C PRO C 356 31.04 -65.02 -13.16
N VAL C 357 30.75 -65.44 -11.94
CA VAL C 357 31.66 -65.22 -10.83
C VAL C 357 32.34 -66.54 -10.46
N LEU C 358 33.66 -66.52 -10.49
CA LEU C 358 34.50 -67.65 -10.12
C LEU C 358 34.88 -67.49 -8.66
N ASP C 359 34.63 -68.54 -7.89
CA ASP C 359 34.93 -68.59 -6.46
C ASP C 359 36.09 -69.56 -6.30
N CYS C 360 37.27 -69.00 -6.01
CA CYS C 360 38.48 -69.78 -5.83
C CYS C 360 39.02 -69.51 -4.43
N HIS C 361 39.26 -70.58 -3.68
CA HIS C 361 39.56 -70.55 -2.25
C HIS C 361 38.72 -69.51 -1.53
N THR C 362 39.34 -68.40 -1.14
CA THR C 362 38.65 -67.33 -0.42
C THR C 362 38.17 -66.20 -1.34
N ALA C 363 38.84 -66.00 -2.47
CA ALA C 363 38.45 -64.93 -3.39
C ALA C 363 37.20 -65.31 -4.17
N HIS C 364 36.36 -64.31 -4.45
CA HIS C 364 35.11 -64.47 -5.20
C HIS C 364 35.07 -63.35 -6.23
N ILE C 365 35.59 -63.61 -7.43
CA ILE C 365 35.81 -62.56 -8.41
C ILE C 365 35.05 -62.89 -9.69
N ALA C 366 34.42 -61.87 -10.27
CA ALA C 366 33.80 -62.06 -11.58
C ALA C 366 34.87 -62.19 -12.65
N CYS C 367 34.76 -63.23 -13.47
CA CYS C 367 35.72 -63.47 -14.54
C CYS C 367 34.98 -63.54 -15.87
N LYS C 368 35.55 -62.88 -16.87
CA LYS C 368 34.95 -62.84 -18.21
C LYS C 368 35.70 -63.80 -19.13
N PHE C 369 34.97 -64.71 -19.76
CA PHE C 369 35.57 -65.71 -20.62
C PHE C 369 36.12 -65.02 -21.87
N ALA C 370 37.44 -64.94 -21.96
CA ALA C 370 38.06 -64.28 -23.11
C ALA C 370 37.75 -65.02 -24.41
N GLU C 371 37.97 -66.34 -24.41
CA GLU C 371 37.62 -67.14 -25.58
C GLU C 371 37.58 -68.62 -25.20
N LEU C 372 37.12 -69.42 -26.16
CA LEU C 372 37.03 -70.86 -26.02
C LEU C 372 38.05 -71.51 -26.94
N LYS C 373 38.77 -72.51 -26.43
CA LYS C 373 39.78 -73.19 -27.24
C LYS C 373 39.22 -74.48 -27.85
N GLU C 374 38.71 -75.38 -27.02
CA GLU C 374 38.24 -76.66 -27.51
C GLU C 374 37.24 -77.23 -26.52
N LYS C 375 36.46 -78.19 -27.01
CA LYS C 375 35.55 -78.96 -26.15
C LYS C 375 36.21 -80.27 -25.75
N ILE C 376 35.89 -80.71 -24.54
CA ILE C 376 36.50 -81.89 -23.94
C ILE C 376 35.42 -82.89 -23.57
N ASP C 377 35.67 -84.16 -23.87
CA ASP C 377 34.77 -85.22 -23.44
C ASP C 377 34.74 -85.30 -21.93
N ARG C 378 33.64 -85.84 -21.40
CA ARG C 378 33.44 -85.88 -19.95
C ARG C 378 34.56 -86.65 -19.26
N ARG C 379 35.04 -87.73 -19.87
CA ARG C 379 36.11 -88.53 -19.30
C ARG C 379 37.24 -88.70 -20.31
N SER C 380 38.41 -89.05 -19.77
CA SER C 380 39.67 -89.29 -20.47
C SER C 380 40.26 -88.02 -21.10
N GLY C 381 39.63 -86.86 -20.90
CA GLY C 381 40.13 -85.63 -21.49
C GLY C 381 40.18 -85.67 -23.00
N LYS C 382 39.20 -86.30 -23.63
CA LYS C 382 39.29 -86.63 -25.04
C LYS C 382 39.01 -85.40 -25.89
N LYS C 383 39.93 -85.12 -26.82
CA LYS C 383 39.72 -84.07 -27.81
C LYS C 383 38.47 -84.35 -28.63
N LEU C 384 37.63 -83.34 -28.78
CA LEU C 384 36.43 -83.45 -29.60
C LEU C 384 36.49 -82.55 -30.82
N GLU C 385 36.66 -81.24 -30.62
CA GLU C 385 36.77 -80.31 -31.74
C GLU C 385 37.39 -79.01 -31.25
N ASP C 386 37.79 -78.19 -32.22
CA ASP C 386 38.50 -76.94 -31.96
C ASP C 386 37.58 -75.75 -32.17
N GLY C 387 37.78 -74.72 -31.34
CA GLY C 387 37.07 -73.47 -31.47
C GLY C 387 35.57 -73.58 -31.30
N PRO C 388 35.12 -73.87 -30.08
CA PRO C 388 33.68 -73.94 -29.83
C PRO C 388 33.02 -72.58 -29.94
N LYS C 389 31.77 -72.57 -30.39
CA LYS C 389 31.01 -71.34 -30.52
C LYS C 389 29.89 -71.21 -29.51
N PHE C 390 29.52 -72.29 -28.83
CA PHE C 390 28.53 -72.26 -27.78
C PHE C 390 28.69 -73.50 -26.91
N LEU C 391 28.22 -73.40 -25.68
CA LEU C 391 28.40 -74.47 -24.71
C LEU C 391 27.09 -74.78 -24.01
N LYS C 392 26.90 -76.05 -23.66
CA LYS C 392 25.68 -76.52 -23.03
C LYS C 392 26.04 -77.27 -21.74
N SER C 393 25.00 -77.66 -21.01
CA SER C 393 25.20 -78.38 -19.76
C SER C 393 25.71 -79.79 -20.02
N GLY C 394 26.37 -80.35 -19.01
CA GLY C 394 26.95 -81.68 -19.13
C GLY C 394 28.05 -81.77 -20.15
N ASP C 395 28.82 -80.70 -20.34
CA ASP C 395 29.88 -80.66 -21.32
C ASP C 395 31.14 -80.07 -20.68
N ALA C 396 32.30 -80.48 -21.18
CA ALA C 396 33.58 -80.01 -20.71
C ALA C 396 34.33 -79.34 -21.84
N ALA C 397 35.13 -78.33 -21.50
CA ALA C 397 35.81 -77.54 -22.52
C ALA C 397 37.01 -76.83 -21.90
N ILE C 398 37.90 -76.37 -22.77
CA ILE C 398 38.99 -75.48 -22.38
C ILE C 398 38.57 -74.06 -22.69
N VAL C 399 38.55 -73.21 -21.67
CA VAL C 399 38.16 -71.82 -21.80
C VAL C 399 39.23 -70.95 -21.17
N ASP C 400 39.55 -69.84 -21.83
CA ASP C 400 40.49 -68.86 -21.31
C ASP C 400 39.71 -67.62 -20.93
N MET C 401 39.89 -67.17 -19.69
CA MET C 401 39.17 -66.05 -19.13
C MET C 401 40.12 -65.10 -18.44
N VAL C 402 39.69 -63.86 -18.31
CA VAL C 402 40.45 -62.84 -17.58
C VAL C 402 39.52 -62.20 -16.54
N PRO C 403 39.92 -62.19 -15.27
CA PRO C 403 39.06 -61.53 -14.26
C PRO C 403 39.02 -60.03 -14.46
N GLY C 404 37.82 -59.46 -14.30
CA GLY C 404 37.68 -58.02 -14.39
C GLY C 404 38.40 -57.30 -13.28
N LYS C 405 38.27 -57.78 -12.07
CA LYS C 405 39.01 -57.29 -10.91
C LYS C 405 40.32 -58.05 -10.77
N PRO C 406 41.37 -57.41 -10.26
CA PRO C 406 42.63 -58.12 -10.02
C PRO C 406 42.44 -59.34 -9.14
N MET C 407 43.11 -60.43 -9.51
CA MET C 407 42.97 -61.70 -8.83
C MET C 407 44.24 -62.52 -9.02
N CYS C 408 44.66 -63.22 -7.97
CA CYS C 408 45.78 -64.14 -8.04
C CYS C 408 45.26 -65.57 -8.00
N VAL C 409 45.70 -66.39 -8.95
CA VAL C 409 45.33 -67.79 -9.03
C VAL C 409 46.58 -68.62 -9.20
N GLU C 410 46.45 -69.92 -8.95
CA GLU C 410 47.54 -70.86 -9.14
C GLU C 410 47.03 -72.06 -9.93
N SER C 411 47.92 -72.61 -10.77
CA SER C 411 47.57 -73.79 -11.55
C SER C 411 47.46 -75.02 -10.65
N PHE C 412 46.48 -75.88 -10.96
CA PHE C 412 46.29 -77.10 -10.18
C PHE C 412 47.51 -78.01 -10.25
N SER C 413 48.29 -77.94 -11.32
CA SER C 413 49.50 -78.75 -11.42
C SER C 413 50.56 -78.32 -10.42
N ASP C 414 50.43 -77.14 -9.83
CA ASP C 414 51.40 -76.61 -8.88
C ASP C 414 50.87 -76.55 -7.45
N TYR C 415 49.71 -75.93 -7.26
CA TYR C 415 49.15 -75.69 -5.93
C TYR C 415 47.73 -76.24 -5.94
N PRO C 416 47.55 -77.53 -5.66
CA PRO C 416 46.21 -78.15 -5.73
C PRO C 416 45.18 -77.46 -4.84
N PRO C 417 45.50 -77.02 -3.62
CA PRO C 417 44.47 -76.30 -2.84
C PRO C 417 44.08 -74.96 -3.43
N LEU C 418 44.86 -74.40 -4.34
CA LEU C 418 44.53 -73.14 -4.98
C LEU C 418 44.03 -73.30 -6.41
N GLY C 419 44.25 -74.46 -7.02
CA GLY C 419 43.76 -74.69 -8.37
C GLY C 419 42.30 -75.04 -8.46
N ARG C 420 41.71 -75.52 -7.36
CA ARG C 420 40.29 -75.81 -7.34
C ARG C 420 39.50 -74.52 -7.38
N PHE C 421 38.40 -74.53 -8.12
CA PHE C 421 37.52 -73.38 -8.17
C PHE C 421 36.11 -73.83 -8.52
N ALA C 422 35.15 -72.96 -8.25
CA ALA C 422 33.77 -73.18 -8.64
C ALA C 422 33.28 -71.96 -9.40
N VAL C 423 32.18 -72.13 -10.12
CA VAL C 423 31.54 -71.04 -10.85
C VAL C 423 30.10 -70.95 -10.37
N ARG C 424 29.67 -69.76 -9.98
CA ARG C 424 28.36 -69.58 -9.39
C ARG C 424 27.54 -68.59 -10.22
N ASP C 425 26.28 -68.92 -10.46
CA ASP C 425 25.35 -67.99 -11.10
C ASP C 425 23.94 -68.55 -10.93
N MET C 426 22.98 -67.63 -10.76
CA MET C 426 21.56 -67.96 -10.58
C MET C 426 21.33 -68.87 -9.38
N ARG C 427 22.23 -68.81 -8.40
CA ARG C 427 22.19 -69.61 -7.18
C ARG C 427 22.36 -71.10 -7.46
N GLN C 428 22.97 -71.46 -8.59
CA GLN C 428 23.41 -72.84 -8.77
C GLN C 428 24.84 -72.84 -9.30
N THR C 429 25.56 -73.90 -8.98
CA THR C 429 26.93 -74.09 -9.47
C THR C 429 26.87 -74.40 -10.96
N VAL C 430 27.13 -73.40 -11.78
CA VAL C 430 27.03 -73.57 -13.22
C VAL C 430 28.16 -74.45 -13.75
N ALA C 431 29.39 -74.20 -13.28
CA ALA C 431 30.55 -74.92 -13.80
C ALA C 431 31.52 -75.23 -12.68
N VAL C 432 32.29 -76.29 -12.86
CA VAL C 432 33.35 -76.70 -11.94
C VAL C 432 34.55 -77.15 -12.76
N GLY C 433 35.74 -76.92 -12.21
CA GLY C 433 36.94 -77.32 -12.93
C GLY C 433 38.18 -76.92 -12.18
N VAL C 434 39.31 -77.09 -12.85
CA VAL C 434 40.62 -76.78 -12.31
C VAL C 434 41.37 -75.88 -13.29
N ILE C 435 42.46 -75.29 -12.82
CA ILE C 435 43.27 -74.39 -13.62
C ILE C 435 44.54 -75.11 -14.05
N LYS C 436 44.90 -74.96 -15.32
CA LYS C 436 46.03 -75.69 -15.90
C LYS C 436 47.23 -74.79 -16.18
N ALA C 437 47.03 -73.66 -16.85
CA ALA C 437 48.12 -72.75 -17.18
C ALA C 437 47.78 -71.35 -16.71
N VAL C 438 48.77 -70.68 -16.12
CA VAL C 438 48.63 -69.33 -15.57
C VAL C 438 49.77 -68.47 -16.11
N ASP C 439 49.44 -67.29 -16.62
CA ASP C 439 50.47 -66.31 -16.92
C ASP C 439 50.64 -65.37 -15.73
N LYS C 440 51.77 -64.67 -15.71
CA LYS C 440 52.12 -63.81 -14.59
C LYS C 440 52.37 -62.39 -15.08
N LYS C 441 52.08 -61.42 -14.24
CA LYS C 441 52.26 -60.02 -14.59
C LYS C 441 53.71 -59.58 -14.49
P A2M E 398 -63.06 -1.28 70.14
OP1 A2M E 398 -63.61 -0.39 69.08
O5' A2M E 398 -63.62 -3.01 70.06
C5' A2M E 398 -63.29 -3.70 68.98
C4' A2M E 398 -63.07 -5.16 69.35
O4' A2M E 398 -62.35 -5.23 70.56
C3' A2M E 398 -64.37 -5.86 69.59
O3' A2M E 398 -65.00 -6.00 68.36
C2' A2M E 398 -63.92 -7.06 70.41
O2' A2M E 398 -63.20 -8.00 69.67
C1' A2M E 398 -62.96 -6.27 71.32
CM' A2M E 398 -62.71 -9.01 70.51
N9 A2M E 398 -63.52 -5.71 72.51
C8 A2M E 398 -63.93 -4.43 72.84
N7 A2M E 398 -64.40 -4.32 74.09
C5 A2M E 398 -64.30 -5.62 74.57
C6 A2M E 398 -64.62 -6.22 75.77
N6 A2M E 398 -65.16 -5.51 76.81
N1 A2M E 398 -64.42 -7.53 76.01
C2 A2M E 398 -63.89 -8.23 74.98
N3 A2M E 398 -63.53 -7.83 73.76
C4 A2M E 398 -63.76 -6.50 73.61
OP2 A2M E 398 -63.53 -1.13 71.55
P A2M E 400 -71.74 -9.76 70.71
OP1 A2M E 400 -72.42 -10.20 69.45
O5' A2M E 400 -72.27 -10.58 72.20
C5' A2M E 400 -71.90 -11.86 72.33
C4' A2M E 400 -72.31 -12.34 73.69
O4' A2M E 400 -71.44 -11.83 74.65
C3' A2M E 400 -73.70 -11.83 74.01
O3' A2M E 400 -74.58 -12.66 73.35
C2' A2M E 400 -73.70 -11.79 75.53
O2' A2M E 400 -73.86 -13.05 76.11
C1' A2M E 400 -72.24 -11.34 75.70
CM' A2M E 400 -73.58 -12.99 77.48
N9 A2M E 400 -71.98 -9.94 75.83
C8 A2M E 400 -71.51 -8.99 74.93
N7 A2M E 400 -71.40 -7.77 75.47
C5 A2M E 400 -71.81 -7.96 76.77
C6 A2M E 400 -71.93 -7.13 77.87
N6 A2M E 400 -71.62 -5.79 77.79
N1 A2M E 400 -72.37 -7.56 79.06
C2 A2M E 400 -72.68 -8.88 79.13
N3 A2M E 400 -72.61 -9.82 78.19
C4 A2M E 400 -72.18 -9.30 77.03
OP2 A2M E 400 -72.03 -8.39 71.26
P OMG E 902 -66.80 -10.55 17.60
OP1 OMG E 902 -68.19 -10.02 17.39
OP2 OMG E 902 -66.13 -11.46 16.58
O5' OMG E 902 -65.86 -9.30 17.86
C5' OMG E 902 -66.41 -8.08 18.32
C4' OMG E 902 -65.34 -7.06 18.60
O4' OMG E 902 -64.30 -7.62 19.44
C3' OMG E 902 -64.58 -6.52 17.41
O3' OMG E 902 -65.31 -5.61 16.63
C2' OMG E 902 -63.35 -5.93 18.09
O2' OMG E 902 -63.69 -4.71 18.73
CM2 OMG E 902 -62.57 -4.07 19.28
C1' OMG E 902 -63.08 -6.98 19.15
N9 OMG E 902 -62.12 -7.99 18.68
C8 OMG E 902 -62.38 -9.29 18.35
N7 OMG E 902 -61.32 -9.92 17.98
C5 OMG E 902 -60.31 -9.00 18.06
C6 OMG E 902 -58.93 -9.13 17.77
O6 OMG E 902 -58.32 -10.09 17.38
N1 OMG E 902 -58.28 -7.91 18.00
C2 OMG E 902 -58.86 -6.77 18.43
N2 OMG E 902 -58.06 -5.71 18.58
N3 OMG E 902 -60.12 -6.66 18.69
C4 OMG E 902 -60.79 -7.79 18.49
P 1MA E 908 -60.57 -14.07 7.95
OP1 1MA E 908 -61.94 -14.60 8.31
OP2 1MA E 908 -60.36 -12.60 7.76
O5' 1MA E 908 -59.55 -14.56 9.08
C5' 1MA E 908 -59.53 -15.91 9.50
C4' 1MA E 908 -59.13 -16.03 10.95
O4' 1MA E 908 -57.80 -15.49 11.13
C3' 1MA E 908 -60.03 -15.30 11.94
O3' 1MA E 908 -60.23 -16.11 13.08
C2' 1MA E 908 -59.21 -14.07 12.31
O2' 1MA E 908 -59.49 -13.54 13.59
C1' 1MA E 908 -57.79 -14.61 12.22
N9 1MA E 908 -56.78 -13.59 11.97
C8 1MA E 908 -56.98 -12.27 11.75
N7 1MA E 908 -55.87 -11.64 11.54
C5 1MA E 908 -54.90 -12.59 11.63
C6 1MA E 908 -53.49 -12.47 11.48
N6 1MA E 908 -52.90 -11.38 11.23
N1 1MA E 908 -52.87 -13.72 11.64
CM1 1MA E 908 -51.43 -13.75 11.51
C2 1MA E 908 -53.54 -14.86 11.89
N3 1MA E 908 -54.81 -14.98 12.02
C4 1MA E 908 -55.45 -13.81 11.88
P A2M E 909 -61.48 -17.11 13.15
OP1 A2M E 909 -61.65 -17.87 11.88
O5' A2M E 909 -61.19 -18.11 14.61
C5' A2M E 909 -61.27 -17.48 15.78
C4' A2M E 909 -60.27 -18.07 16.74
O4' A2M E 909 -60.15 -19.42 16.45
C3' A2M E 909 -58.92 -17.43 16.57
O3' A2M E 909 -58.94 -16.25 17.26
C2' A2M E 909 -57.98 -18.54 17.00
O2' A2M E 909 -57.89 -18.67 18.38
C1' A2M E 909 -58.78 -19.71 16.46
CM' A2M E 909 -56.57 -18.78 18.80
N9 A2M E 909 -58.43 -20.29 15.17
C8 A2M E 909 -59.18 -20.50 14.02
N7 A2M E 909 -58.49 -21.10 13.05
C5 A2M E 909 -57.24 -21.28 13.61
C6 A2M E 909 -56.08 -21.84 13.16
N6 A2M E 909 -55.97 -22.35 11.88
N1 A2M E 909 -54.96 -21.90 13.90
C2 A2M E 909 -55.07 -21.39 15.14
N3 A2M E 909 -56.11 -20.82 15.75
C4 A2M E 909 -57.18 -20.79 14.94
OP2 A2M E 909 -62.66 -16.43 13.77
P A2M E 912 -48.83 -14.84 14.27
OP1 A2M E 912 -50.16 -15.43 13.89
O5' A2M E 912 -49.59 -13.66 15.39
C5' A2M E 912 -48.79 -12.76 15.98
C4' A2M E 912 -49.18 -11.36 15.56
O4' A2M E 912 -50.05 -11.46 14.46
C3' A2M E 912 -49.91 -10.59 16.64
O3' A2M E 912 -48.93 -10.10 17.48
C2' A2M E 912 -50.74 -9.61 15.84
O2' A2M E 912 -50.01 -8.52 15.36
C1' A2M E 912 -51.07 -10.54 14.67
CM' A2M E 912 -50.75 -7.78 14.44
N9 A2M E 912 -52.30 -11.27 14.76
C8 A2M E 912 -52.58 -12.61 14.94
N7 A2M E 912 -53.88 -12.88 14.97
C5 A2M E 912 -54.47 -11.64 14.80
C6 A2M E 912 -55.76 -11.21 14.73
N6 A2M E 912 -56.83 -12.08 14.83
N1 A2M E 912 -56.08 -9.91 14.54
C2 A2M E 912 -55.04 -9.06 14.43
N3 A2M E 912 -53.74 -9.31 14.48
C4 A2M E 912 -53.50 -10.63 14.66
OP2 A2M E 912 -47.94 -14.29 13.21
N1 OMC E 926 -73.62 22.30 16.85
C2 OMC E 926 -72.52 22.86 16.18
N3 OMC E 926 -72.00 22.16 15.15
C4 OMC E 926 -72.47 21.00 14.77
C5 OMC E 926 -73.58 20.41 15.43
C6 OMC E 926 -74.10 21.11 16.44
O2 OMC E 926 -72.08 23.93 16.52
N4 OMC E 926 -71.89 20.39 13.75
C1' OMC E 926 -74.26 22.97 18.01
C2' OMC E 926 -75.17 24.12 17.60
O2' OMC E 926 -75.17 25.07 18.66
CM2 OMC E 926 -73.90 25.57 19.00
C3' OMC E 926 -76.51 23.40 17.55
C4' OMC E 926 -76.42 22.45 18.72
O4' OMC E 926 -75.04 22.03 18.72
O3' OMC E 926 -77.62 24.27 17.59
C5' OMC E 926 -77.31 21.24 18.66
O5' OMC E 926 -77.13 20.55 17.43
P OMC E 926 -77.43 18.99 17.33
OP1 OMC E 926 -78.86 18.76 17.80
OP2 OMC E 926 -77.00 18.52 15.94
P OMG E 1108 -56.08 14.51 22.59
OP1 OMG E 1108 -55.54 15.49 23.60
OP2 OMG E 1108 -56.96 15.02 21.45
O5' OMG E 1108 -54.86 13.74 21.93
C5' OMG E 1108 -54.04 12.89 22.71
C4' OMG E 1108 -53.14 12.04 21.85
O4' OMG E 1108 -53.92 11.11 21.06
C3' OMG E 1108 -52.32 12.79 20.82
O3' OMG E 1108 -51.21 13.46 21.37
C2' OMG E 1108 -51.96 11.67 19.84
O2' OMG E 1108 -50.90 10.89 20.34
CM2 OMG E 1108 -50.11 10.34 19.32
C1' OMG E 1108 -53.25 10.84 19.85
N9 OMG E 1108 -54.11 11.23 18.73
C8 OMG E 1108 -55.14 12.13 18.75
N7 OMG E 1108 -55.68 12.28 17.58
C5 OMG E 1108 -54.98 11.45 16.76
C6 OMG E 1108 -55.12 11.20 15.36
O6 OMG E 1108 -55.92 11.67 14.59
N1 OMG E 1108 -54.17 10.27 14.93
C2 OMG E 1108 -53.23 9.68 15.72
N2 OMG E 1108 -52.41 8.82 15.10
N3 OMG E 1108 -53.10 9.91 16.98
C4 OMG E 1108 -53.98 10.80 17.46
P A2M E 1110 -44.77 15.81 20.92
OP1 A2M E 1110 -44.55 15.70 22.40
O5' A2M E 1110 -43.29 15.72 19.94
C5' A2M E 1110 -42.87 14.49 19.66
C4' A2M E 1110 -42.11 14.52 18.37
O4' A2M E 1110 -43.00 14.36 17.32
C3' A2M E 1110 -41.46 15.85 18.18
O3' A2M E 1110 -40.43 15.91 19.08
C2' A2M E 1110 -41.18 15.84 16.69
O2' A2M E 1110 -39.93 15.30 16.36
C1' A2M E 1110 -42.29 14.87 16.22
CM' A2M E 1110 -39.12 16.27 15.79
N9 A2M E 1110 -43.19 15.40 15.24
C8 A2M E 1110 -43.29 15.20 13.88
N7 A2M E 1110 -44.26 15.91 13.31
C5 A2M E 1110 -44.78 16.62 14.37
C6 A2M E 1110 -45.79 17.54 14.49
N6 A2M E 1110 -46.54 17.95 13.41
N1 A2M E 1110 -46.13 18.10 15.67
C2 A2M E 1110 -45.40 17.69 16.72
N3 A2M E 1110 -44.41 16.83 16.80
C4 A2M E 1110 -44.13 16.32 15.59
OP2 A2M E 1110 -45.18 17.12 20.33
P A2M E 1120 -25.65 27.82 42.36
OP1 A2M E 1120 -26.36 29.00 42.96
O5' A2M E 1120 -27.07 26.71 42.60
C5' A2M E 1120 -27.72 26.77 43.79
C4' A2M E 1120 -27.29 25.62 44.72
O4' A2M E 1120 -28.12 25.61 45.83
C3' A2M E 1120 -27.42 24.26 44.06
O3' A2M E 1120 -26.57 23.45 44.79
C2' A2M E 1120 -28.90 23.99 44.22
O2' A2M E 1120 -29.20 22.62 44.24
C1' A2M E 1120 -29.04 24.56 45.64
CM' A2M E 1120 -29.07 22.08 42.96
N9 A2M E 1120 -30.33 25.04 46.04
C8 A2M E 1120 -31.17 25.97 45.47
N7 A2M E 1120 -32.30 26.17 46.16
C5 A2M E 1120 -32.16 25.32 47.23
C6 A2M E 1120 -32.95 25.02 48.31
N6 A2M E 1120 -34.17 25.63 48.50
N1 A2M E 1120 -32.59 24.13 49.25
C2 A2M E 1120 -31.39 23.55 49.06
N3 A2M E 1120 -30.51 23.71 48.08
C4 A2M E 1120 -30.95 24.61 47.18
OP2 A2M E 1120 -24.36 27.37 42.97
N1 PSU E 1122 -23.35 23.63 39.42
C2 PSU E 1122 -23.77 24.67 38.62
N3 PSU E 1122 -23.95 24.47 37.27
C4 PSU E 1122 -23.73 23.24 36.73
C5 PSU E 1122 -23.31 22.20 37.54
C6 PSU E 1122 -23.14 22.41 38.88
O2 PSU E 1122 -23.96 25.77 39.12
O4 PSU E 1122 -23.90 23.09 35.52
C1' PSU E 1122 -23.05 20.81 37.00
C2' PSU E 1122 -21.82 20.79 36.11
O2' PSU E 1122 -21.98 19.78 35.14
C3' PSU E 1122 -20.75 20.40 37.12
C4' PSU E 1122 -21.47 19.39 37.98
O3' PSU E 1122 -19.59 19.85 36.54
O4' PSU E 1122 -22.82 19.95 38.09
C5' PSU E 1122 -20.87 19.20 39.35
O5' PSU E 1122 -21.85 18.87 40.30
P PSU E 1122 -21.90 19.59 41.70
OP1 PSU E 1122 -20.92 18.93 42.58
OP2 PSU E 1122 -21.82 21.07 41.55
N1 PSU E 1168 -1.03 9.33 50.36
C2 PSU E 1168 -1.31 10.55 50.93
N3 PSU E 1168 -1.84 10.62 52.18
C4 PSU E 1168 -2.10 9.48 52.90
C5 PSU E 1168 -1.84 8.24 52.32
C6 PSU E 1168 -1.28 8.20 51.05
O2 PSU E 1168 -1.07 11.58 50.30
O4 PSU E 1168 -2.58 9.60 54.02
C1' PSU E 1168 -2.07 6.92 53.00
C2' PSU E 1168 -3.49 6.73 53.53
O2' PSU E 1168 -3.43 5.86 54.64
C3' PSU E 1168 -4.16 6.05 52.35
C4' PSU E 1168 -3.06 5.16 51.81
O3' PSU E 1168 -5.30 5.31 52.70
O4' PSU E 1168 -1.83 5.93 52.02
C5' PSU E 1168 -3.17 4.80 50.36
O5' PSU E 1168 -2.34 3.69 50.04
P PSU E 1168 -2.13 3.27 48.52
OP1 PSU E 1168 -3.05 2.18 48.17
OP2 PSU E 1168 -2.10 4.50 47.71
P OMG E 1211 -34.17 30.80 22.78
OP1 OMG E 1211 -34.50 32.23 23.18
OP2 OMG E 1211 -35.30 29.85 22.44
O5' OMG E 1211 -33.18 30.84 21.55
C5' OMG E 1211 -32.28 31.93 21.37
C4' OMG E 1211 -30.91 31.47 20.93
O4' OMG E 1211 -30.85 30.02 21.01
C3' OMG E 1211 -30.54 31.83 19.50
O3' OMG E 1211 -29.13 31.99 19.41
C2' OMG E 1211 -30.96 30.58 18.73
O2' OMG E 1211 -30.26 30.39 17.51
CM2 OMG E 1211 -30.53 31.36 16.53
C1' OMG E 1211 -30.65 29.46 19.73
N9 OMG E 1211 -31.54 28.31 19.61
C8 OMG E 1211 -32.50 27.95 20.53
N7 OMG E 1211 -33.13 26.88 20.17
C5 OMG E 1211 -32.58 26.51 18.99
C6 OMG E 1211 -32.88 25.42 18.14
O6 OMG E 1211 -33.72 24.54 18.30
N1 OMG E 1211 -32.05 25.43 17.02
C2 OMG E 1211 -31.09 26.35 16.74
N2 OMG E 1211 -30.41 26.17 15.61
N3 OMG E 1211 -30.83 27.36 17.52
C4 OMG E 1211 -31.59 27.39 18.62
N1 PSU E 1263 -50.07 12.04 -10.32
C2 PSU E 1263 -50.22 11.02 -11.22
N3 PSU E 1263 -50.77 9.83 -10.83
C4 PSU E 1263 -51.17 9.66 -9.52
C5 PSU E 1263 -51.02 10.70 -8.62
C6 PSU E 1263 -50.47 11.89 -9.04
O2 PSU E 1263 -49.87 11.17 -12.38
O4 PSU E 1263 -51.66 8.59 -9.16
C1' PSU E 1263 -51.46 10.52 -7.21
C2' PSU E 1263 -50.33 10.80 -6.23
O2' PSU E 1263 -49.48 9.70 -6.07
C3' PSU E 1263 -51.12 11.17 -4.98
C4' PSU E 1263 -52.34 11.88 -5.53
O3' PSU E 1263 -51.54 9.98 -4.33
O4' PSU E 1263 -52.45 11.47 -6.92
C5' PSU E 1263 -52.30 13.38 -5.46
O5' PSU E 1263 -50.96 13.85 -5.35
P PSU E 1263 -50.59 15.04 -4.36
OP1 PSU E 1263 -51.25 16.29 -4.79
OP2 PSU E 1263 -50.82 14.51 -3.00
N1 PSU E 1269 -64.90 9.82 -8.10
C2 PSU E 1269 -64.43 8.58 -8.44
N3 PSU E 1269 -64.18 8.27 -9.75
C4 PSU E 1269 -64.38 9.21 -10.72
C5 PSU E 1269 -64.84 10.46 -10.38
C6 PSU E 1269 -65.11 10.75 -9.05
O2 PSU E 1269 -64.26 7.74 -7.57
O4 PSU E 1269 -64.14 8.93 -11.89
C1' PSU E 1269 -65.07 11.50 -11.44
C2' PSU E 1269 -66.41 11.22 -12.15
O2' PSU E 1269 -66.28 11.67 -13.49
C3' PSU E 1269 -67.34 12.13 -11.37
C4' PSU E 1269 -66.47 13.35 -11.12
O3' PSU E 1269 -68.55 12.43 -12.06
O4' PSU E 1269 -65.17 12.79 -10.86
C5' PSU E 1269 -66.89 14.23 -9.97
O5' PSU E 1269 -66.98 13.48 -8.77
P PSU E 1269 -67.23 14.21 -7.38
OP1 PSU E 1269 -68.33 15.17 -7.59
OP2 PSU E 1269 -67.33 13.18 -6.33
N1 PSU E 1321 -42.45 -15.80 -48.40
C2 PSU E 1321 -42.57 -16.38 -47.16
N3 PSU E 1321 -42.50 -15.62 -46.02
C4 PSU E 1321 -42.30 -14.27 -46.12
C5 PSU E 1321 -42.16 -13.68 -47.36
C6 PSU E 1321 -42.24 -14.47 -48.49
O2 PSU E 1321 -42.75 -17.60 -47.08
O4 PSU E 1321 -42.23 -13.59 -45.10
C1' PSU E 1321 -41.95 -12.20 -47.49
C2' PSU E 1321 -40.51 -11.78 -47.21
O2' PSU E 1321 -40.52 -10.51 -46.58
C3' PSU E 1321 -39.95 -11.67 -48.63
C4' PSU E 1321 -41.14 -11.16 -49.42
O3' PSU E 1321 -38.83 -10.81 -48.74
O4' PSU E 1321 -42.27 -11.80 -48.80
C5' PSU E 1321 -41.10 -11.48 -50.89
O5' PSU E 1321 -40.77 -12.85 -51.09
P PSU E 1321 -40.63 -13.45 -52.56
OP1 PSU E 1321 -39.71 -12.59 -53.34
OP2 PSU E 1321 -40.33 -14.89 -52.42
N1 PSU E 1358 -36.91 -28.23 -56.06
C2 PSU E 1358 -35.91 -28.53 -55.17
N3 PSU E 1358 -35.61 -29.83 -54.89
C4 PSU E 1358 -36.30 -30.84 -55.50
C5 PSU E 1358 -37.33 -30.54 -56.39
C6 PSU E 1358 -37.61 -29.21 -56.66
O2 PSU E 1358 -35.29 -27.62 -54.63
O4 PSU E 1358 -36.00 -32.00 -55.22
C1' PSU E 1358 -38.12 -31.60 -57.09
C2' PSU E 1358 -38.94 -32.43 -56.11
O2' PSU E 1358 -39.14 -33.71 -56.67
C3' PSU E 1358 -40.25 -31.65 -56.08
C4' PSU E 1358 -40.40 -31.23 -57.53
O3' PSU E 1358 -41.34 -32.41 -55.61
O4' PSU E 1358 -39.05 -30.95 -57.96
C5' PSU E 1358 -41.28 -30.02 -57.77
O5' PSU E 1358 -41.79 -30.01 -59.08
P PSU E 1358 -42.22 -28.64 -59.77
OP1 PSU E 1358 -43.67 -28.66 -60.05
OP2 PSU E 1358 -41.64 -27.54 -58.98
N1 PSU E 1359 -38.16 -29.11 -52.65
C2 PSU E 1359 -37.29 -28.35 -51.90
N3 PSU E 1359 -36.39 -28.95 -51.06
C4 PSU E 1359 -36.37 -30.32 -50.96
C5 PSU E 1359 -37.25 -31.08 -51.71
C6 PSU E 1359 -38.14 -30.45 -52.56
O2 PSU E 1359 -37.31 -27.13 -51.99
O4 PSU E 1359 -35.56 -30.83 -50.19
C1' PSU E 1359 -37.23 -32.58 -51.61
C2' PSU E 1359 -37.86 -33.01 -50.30
O2' PSU E 1359 -37.24 -34.23 -49.90
C3' PSU E 1359 -39.29 -33.26 -50.72
C4' PSU E 1359 -39.12 -33.88 -52.09
O3' PSU E 1359 -40.02 -34.08 -49.83
O4' PSU E 1359 -38.00 -33.14 -52.65
C5' PSU E 1359 -40.31 -33.79 -53.01
O5' PSU E 1359 -40.75 -32.46 -53.16
P PSU E 1359 -41.94 -32.10 -54.15
OP1 PSU E 1359 -43.09 -33.01 -53.93
OP2 PSU E 1359 -42.16 -30.64 -54.07
N1 PSU E 1369 -55.15 -17.88 -45.82
C2 PSU E 1369 -55.00 -18.62 -44.67
N3 PSU E 1369 -55.49 -19.90 -44.62
C4 PSU E 1369 -56.12 -20.44 -45.70
C5 PSU E 1369 -56.27 -19.68 -46.85
C6 PSU E 1369 -55.77 -18.39 -46.89
O2 PSU E 1369 -54.43 -18.14 -43.70
O4 PSU E 1369 -56.55 -21.59 -45.63
C1' PSU E 1369 -56.94 -20.23 -48.08
C2' PSU E 1369 -58.45 -20.43 -47.86
O2' PSU E 1369 -58.85 -21.57 -48.61
C3' PSU E 1369 -59.01 -19.16 -48.48
C4' PSU E 1369 -58.08 -18.94 -49.66
O3' PSU E 1369 -60.37 -19.29 -48.87
O4' PSU E 1369 -56.79 -19.34 -49.16
C5' PSU E 1369 -58.01 -17.52 -50.17
O5' PSU E 1369 -57.34 -16.67 -49.26
P PSU E 1369 -57.12 -15.14 -49.57
OP1 PSU E 1369 -58.29 -14.67 -50.34
OP2 PSU E 1369 -56.76 -14.48 -48.30
N1 PSU E 1437 -58.47 -21.52 -16.77
C2 PSU E 1437 -58.60 -20.15 -16.87
N3 PSU E 1437 -59.31 -19.59 -17.90
C4 PSU E 1437 -59.89 -20.42 -18.84
C5 PSU E 1437 -59.76 -21.79 -18.75
C6 PSU E 1437 -59.04 -22.32 -17.68
O2 PSU E 1437 -58.08 -19.43 -16.03
O4 PSU E 1437 -60.52 -19.92 -19.77
C1' PSU E 1437 -60.39 -22.67 -19.77
C2' PSU E 1437 -59.49 -22.75 -21.00
O2' PSU E 1437 -60.31 -22.96 -22.14
C3' PSU E 1437 -58.67 -23.99 -20.69
C4' PSU E 1437 -59.72 -24.90 -20.07
O3' PSU E 1437 -58.03 -24.56 -21.82
O4' PSU E 1437 -60.54 -23.99 -19.29
C5' PSU E 1437 -59.19 -26.00 -19.18
O5' PSU E 1437 -58.36 -25.48 -18.16
P PSU E 1437 -57.97 -26.37 -16.90
OP1 PSU E 1437 -57.52 -27.68 -17.40
OP2 PSU E 1437 -57.08 -25.58 -16.02
N1 PSU E 1439 -52.88 -19.75 -20.02
C2 PSU E 1439 -52.57 -19.33 -18.75
N3 PSU E 1439 -52.29 -18.02 -18.50
C4 PSU E 1439 -52.33 -17.11 -19.53
C5 PSU E 1439 -52.65 -17.52 -20.81
C6 PSU E 1439 -52.92 -18.87 -21.04
O2 PSU E 1439 -52.54 -20.15 -17.83
O4 PSU E 1439 -52.07 -15.94 -19.28
C1' PSU E 1439 -52.69 -16.54 -21.93
C2' PSU E 1439 -51.25 -16.21 -22.34
O2' PSU E 1439 -51.22 -14.87 -22.78
C3' PSU E 1439 -51.07 -17.16 -23.51
C4' PSU E 1439 -52.42 -17.11 -24.18
O3' PSU E 1439 -50.00 -16.80 -24.37
O4' PSU E 1439 -53.34 -17.05 -23.07
C5' PSU E 1439 -52.74 -18.27 -25.08
O5' PSU E 1439 -52.79 -19.49 -24.36
P PSU E 1439 -53.34 -20.81 -25.03
OP1 PSU E 1439 -52.72 -20.93 -26.37
OP2 PSU E 1439 -53.16 -21.87 -24.01
P A2M E 1448 -47.79 -13.09 -6.29
OP1 A2M E 1448 -48.20 -12.20 -5.15
O5' A2M E 1448 -47.32 -12.23 -7.80
C5' A2M E 1448 -46.36 -11.30 -7.69
C4' A2M E 1448 -45.99 -10.75 -9.05
O4' A2M E 1448 -45.29 -11.74 -9.76
C3' A2M E 1448 -47.18 -10.42 -9.89
O3' A2M E 1448 -47.79 -9.31 -9.37
C2' A2M E 1448 -46.56 -10.35 -11.26
O2' A2M E 1448 -45.70 -9.27 -11.41
C1' A2M E 1448 -45.74 -11.61 -11.10
CM' A2M E 1448 -45.43 -9.05 -12.76
N9 A2M E 1448 -46.40 -12.82 -11.45
C8 A2M E 1448 -46.92 -13.88 -10.71
N7 A2M E 1448 -47.47 -14.84 -11.47
C5 A2M E 1448 -47.28 -14.35 -12.75
C6 A2M E 1448 -47.62 -14.83 -13.99
N6 A2M E 1448 -48.26 -16.04 -14.16
N1 A2M E 1448 -47.34 -14.16 -15.11
C2 A2M E 1448 -46.70 -12.98 -14.95
N3 A2M E 1448 -46.31 -12.37 -13.85
C4 A2M E 1448 -46.63 -13.11 -12.77
OP2 A2M E 1448 -48.81 -13.91 -7.00
N1 OMC E 1792 -60.96 3.63 28.00
C2 OMC E 1792 -62.11 4.26 28.48
N3 OMC E 1792 -63.08 3.48 28.98
C4 OMC E 1792 -62.99 2.18 29.01
C5 OMC E 1792 -61.85 1.51 28.53
C6 OMC E 1792 -60.88 2.29 28.02
O2 OMC E 1792 -62.23 5.47 28.46
N4 OMC E 1792 -63.99 1.48 29.53
C1' OMC E 1792 -59.81 4.36 27.40
C2' OMC E 1792 -59.10 5.28 28.39
O2' OMC E 1792 -58.52 6.36 27.69
CM2 OMC E 1792 -59.33 7.01 26.74
C3' OMC E 1792 -58.02 4.36 28.93
C4' OMC E 1792 -57.64 3.53 27.71
O4' OMC E 1792 -58.87 3.42 26.96
O3' OMC E 1792 -56.89 5.07 29.44
C5' OMC E 1792 -57.11 2.15 28.00
O5' OMC E 1792 -55.89 2.23 28.73
P OMC E 1792 -55.28 0.94 29.41
OP1 OMC E 1792 -54.00 1.34 30.11
OP2 OMC E 1792 -56.41 0.28 30.20
P A2M E 1804 -40.92 -17.96 49.07
OP1 A2M E 1804 -39.93 -19.07 48.96
O5' A2M E 1804 -40.46 -16.47 48.17
C5' A2M E 1804 -39.86 -16.65 46.99
C4' A2M E 1804 -39.68 -15.31 46.30
O4' A2M E 1804 -40.91 -14.67 46.32
C3' A2M E 1804 -38.68 -14.43 47.02
O3' A2M E 1804 -37.44 -14.85 46.62
C2' A2M E 1804 -39.15 -13.05 46.61
O2' A2M E 1804 -38.77 -12.70 45.31
C1' A2M E 1804 -40.64 -13.32 46.63
CM' A2M E 1804 -37.76 -11.73 45.32
N9 A2M E 1804 -41.38 -12.97 47.80
C8 A2M E 1804 -42.10 -13.72 48.72
N7 A2M E 1804 -42.68 -12.99 49.67
C5 A2M E 1804 -42.31 -11.71 49.34
C6 A2M E 1804 -42.56 -10.49 49.90
N6 A2M E 1804 -43.33 -10.36 51.03
N1 A2M E 1804 -42.07 -9.34 49.39
C2 A2M E 1804 -41.31 -9.47 48.29
N3 A2M E 1804 -40.98 -10.58 47.61
C4 A2M E 1804 -41.51 -11.67 48.19
OP2 A2M E 1804 -41.07 -17.25 50.37
P OMG E 1805 -36.36 -15.32 47.71
OP1 OMG E 1805 -34.99 -15.28 47.05
OP2 OMG E 1805 -36.84 -16.60 48.35
O5' OMG E 1805 -36.42 -14.19 48.82
C5' OMG E 1805 -35.87 -12.90 48.58
C4' OMG E 1805 -36.66 -11.83 49.27
O4' OMG E 1805 -38.05 -12.23 49.35
C3' OMG E 1805 -36.30 -11.55 50.72
O3' OMG E 1805 -35.17 -10.71 50.83
C2' OMG E 1805 -37.57 -10.93 51.28
O2' OMG E 1805 -37.62 -9.55 50.96
CM2 OMG E 1805 -38.82 -8.91 51.28
C1' OMG E 1805 -38.66 -11.64 50.47
N9 OMG E 1805 -39.36 -12.69 51.23
C8 OMG E 1805 -39.32 -14.04 50.97
N7 OMG E 1805 -40.05 -14.72 51.80
C5 OMG E 1805 -40.61 -13.78 52.61
C6 OMG E 1805 -41.50 -13.95 53.70
O6 OMG E 1805 -41.98 -14.97 54.15
N1 OMG E 1805 -41.82 -12.72 54.26
C2 OMG E 1805 -41.36 -11.51 53.86
N2 OMG E 1805 -41.78 -10.44 54.53
N3 OMG E 1805 -40.53 -11.37 52.86
C4 OMG E 1805 -40.20 -12.52 52.28
N1 OMC E 1806 -37.80 -10.62 55.90
C2 OMC E 1806 -38.79 -11.04 56.79
N3 OMC E 1806 -39.21 -12.31 56.73
C4 OMC E 1806 -38.72 -13.16 55.86
C5 OMC E 1806 -37.72 -12.78 54.94
C6 OMC E 1806 -37.30 -11.51 55.01
O2 OMC E 1806 -39.24 -10.24 57.60
N4 OMC E 1806 -39.19 -14.40 55.86
C1' OMC E 1806 -37.30 -9.22 55.92
C2' OMC E 1806 -36.15 -9.04 56.90
O2' OMC E 1806 -36.21 -7.72 57.40
CM2 OMC E 1806 -36.96 -7.60 58.59
C3' OMC E 1806 -34.95 -9.19 55.97
C4' OMC E 1806 -35.44 -8.52 54.70
O4' OMC E 1806 -36.84 -8.89 54.63
O3' OMC E 1806 -33.77 -8.62 56.49
C5' OMC E 1806 -34.74 -8.91 53.43
O5' OMC E 1806 -34.72 -10.32 53.27
P OMC E 1806 -34.08 -10.98 51.98
OP1 OMC E 1806 -32.84 -10.19 51.62
OP2 OMC E 1806 -33.98 -12.48 52.19
P A2M E 1842 -20.36 16.33 73.65
OP1 A2M E 1842 -20.95 16.99 74.86
O5' A2M E 1842 -19.59 17.84 73.09
C5' A2M E 1842 -20.17 18.43 72.04
C4' A2M E 1842 -19.21 19.45 71.48
O4' A2M E 1842 -18.15 18.78 70.84
C3' A2M E 1842 -19.88 20.32 70.45
O3' A2M E 1842 -20.71 21.20 71.14
C2' A2M E 1842 -18.69 20.82 69.66
O2' A2M E 1842 -17.94 21.79 70.32
C1' A2M E 1842 -17.90 19.49 69.66
CM' A2M E 1842 -17.68 22.87 69.47
N9 A2M E 1842 -18.17 18.64 68.55
C8 A2M E 1842 -18.83 17.43 68.43
N7 A2M E 1842 -18.86 16.98 67.16
C5 A2M E 1842 -18.20 17.96 66.46
C6 A2M E 1842 -17.86 18.14 65.13
N6 A2M E 1842 -18.22 17.21 64.18
N1 A2M E 1842 -17.19 19.21 64.69
C2 A2M E 1842 -16.85 20.11 65.64
N3 A2M E 1842 -17.08 20.11 66.95
C4 A2M E 1842 -17.76 19.00 67.30
OP2 A2M E 1842 -21.26 15.66 72.67
N1 OMC E 1863 -39.51 -8.21 64.42
C2 OMC E 1863 -38.90 -8.38 65.68
N3 OMC E 1863 -37.90 -7.56 66.03
C4 OMC E 1863 -37.46 -6.64 65.22
C5 OMC E 1863 -38.04 -6.42 63.94
C6 OMC E 1863 -39.05 -7.24 63.59
O2 OMC E 1863 -39.30 -9.24 66.44
N4 OMC E 1863 -36.46 -5.87 65.62
C1' OMC E 1863 -40.62 -9.06 63.93
C2' OMC E 1863 -41.93 -8.81 64.66
O2' OMC E 1863 -42.58 -10.07 64.83
CM2 OMC E 1863 -41.98 -10.91 65.78
C3' OMC E 1863 -42.70 -7.97 63.65
C4' OMC E 1863 -42.23 -8.55 62.33
O4' OMC E 1863 -40.82 -8.79 62.56
O3' OMC E 1863 -44.10 -8.04 63.82
C5' OMC E 1863 -42.42 -7.69 61.11
O5' OMC E 1863 -42.30 -6.32 61.42
P OMC E 1863 -43.30 -5.24 60.80
OP1 OMC E 1863 -44.60 -5.96 60.46
OP2 OMC E 1863 -43.34 -4.05 61.73
P OMG E 1865 -45.82 -5.81 70.60
OP1 OMG E 1865 -46.97 -6.36 71.43
OP2 OMG E 1865 -46.10 -4.89 69.42
O5' OMG E 1865 -44.82 -5.06 71.58
C5' OMG E 1865 -44.38 -5.68 72.79
C4' OMG E 1865 -43.25 -4.90 73.40
O4' OMG E 1865 -42.12 -4.91 72.51
C3' OMG E 1865 -43.54 -3.42 73.64
O3' OMG E 1865 -44.13 -3.18 74.91
C2' OMG E 1865 -42.17 -2.76 73.50
O2' OMG E 1865 -41.42 -2.91 74.70
CM2 OMG E 1865 -40.10 -2.44 74.62
C1' OMG E 1865 -41.52 -3.65 72.43
N9 OMG E 1865 -41.71 -3.12 71.07
C8 OMG E 1865 -42.77 -3.33 70.22
N7 OMG E 1865 -42.61 -2.75 69.07
C5 OMG E 1865 -41.40 -2.13 69.16
C6 OMG E 1865 -40.70 -1.34 68.22
O6 OMG E 1865 -41.03 -1.03 67.09
N1 OMG E 1865 -39.47 -0.91 68.74
C2 OMG E 1865 -39.00 -1.20 69.99
N2 OMG E 1865 -37.80 -0.69 70.31
N3 OMG E 1865 -39.65 -1.93 70.85
C4 OMG E 1865 -40.83 -2.36 70.39
N1 PSU E 2073 3.58 -2.86 94.62
C2 PSU E 2073 2.22 -3.04 94.81
N3 PSU E 2073 1.54 -3.99 94.10
C4 PSU E 2073 2.21 -4.77 93.19
C5 PSU E 2073 3.57 -4.58 92.99
C6 PSU E 2073 4.24 -3.62 93.73
O2 PSU E 2073 1.63 -2.34 95.62
O4 PSU E 2073 1.60 -5.62 92.55
C1' PSU E 2073 4.35 -5.42 92.02
C2' PSU E 2073 4.09 -5.05 90.57
O2' PSU E 2073 4.20 -6.21 89.77
C3' PSU E 2073 5.25 -4.09 90.29
C4' PSU E 2073 6.38 -4.71 91.09
O3' PSU E 2073 5.56 -3.98 88.92
O4' PSU E 2073 5.72 -5.24 92.27
C5' PSU E 2073 7.48 -3.77 91.49
O5' PSU E 2073 6.98 -2.52 91.91
P PSU E 2073 7.72 -1.68 93.04
OP1 PSU E 2073 9.17 -1.86 92.84
OP2 PSU E 2073 7.13 -0.32 93.04
P A2M E 2228 -21.40 14.23 62.89
OP1 A2M E 2228 -21.60 14.28 64.37
O5' A2M E 2228 -22.24 12.66 62.73
C5' A2M E 2228 -22.54 12.30 61.48
C4' A2M E 2228 -23.76 11.40 61.49
O4' A2M E 2228 -24.93 12.19 61.49
C3' A2M E 2228 -23.77 10.50 60.27
O3' A2M E 2228 -23.14 9.33 60.62
C2' A2M E 2228 -25.24 10.51 59.78
O2' A2M E 2228 -26.07 9.41 60.19
C1' A2M E 2228 -25.70 11.84 60.38
CM' A2M E 2228 -26.45 9.44 61.55
N9 A2M E 2228 -25.66 12.94 59.46
C8 A2M E 2228 -25.01 13.12 58.24
N7 A2M E 2228 -25.23 14.32 57.72
C5 A2M E 2228 -26.05 14.93 58.64
C6 A2M E 2228 -26.64 16.17 58.71
N6 A2M E 2228 -26.48 17.10 57.72
N1 A2M E 2228 -27.42 16.55 59.75
C2 A2M E 2228 -27.58 15.62 60.71
N3 A2M E 2228 -27.09 14.39 60.81
C4 A2M E 2228 -26.33 14.09 59.74
OP2 A2M E 2228 -20.01 14.24 62.34
N1 OMC E 2245 -12.50 20.00 64.62
C2 OMC E 2245 -13.26 19.34 65.60
N3 OMC E 2245 -13.97 18.27 65.25
C4 OMC E 2245 -13.98 17.83 64.01
C5 OMC E 2245 -13.23 18.45 62.99
C6 OMC E 2245 -12.53 19.54 63.35
O2 OMC E 2245 -13.25 19.75 66.75
N4 OMC E 2245 -14.71 16.75 63.73
C1' OMC E 2245 -11.70 21.20 64.92
C2' OMC E 2245 -10.39 20.88 65.62
O2' OMC E 2245 -10.09 21.93 66.53
CM2 OMC E 2245 -10.53 21.67 67.84
C3' OMC E 2245 -9.41 20.87 64.47
C4' OMC E 2245 -9.95 21.95 63.55
O4' OMC E 2245 -11.39 21.84 63.71
O3' OMC E 2245 -8.08 21.12 64.86
C5' OMC E 2245 -9.61 21.79 62.11
O5' OMC E 2245 -9.93 20.48 61.66
P OMC E 2245 -9.70 20.06 60.15
OP1 OMC E 2245 -8.28 20.42 59.78
OP2 OMC E 2245 -10.20 18.64 59.96
P A2M E 2256 -1.98 5.27 60.79
OP1 A2M E 2256 -3.31 4.60 60.66
O5' A2M E 2256 -1.48 4.78 59.14
C5' A2M E 2256 -2.46 4.69 58.22
C4' A2M E 2256 -2.15 3.55 57.28
O4' A2M E 2256 -0.77 3.39 57.20
C3' A2M E 2256 -2.75 2.25 57.75
O3' A2M E 2256 -4.09 2.28 57.36
C2' A2M E 2256 -1.84 1.22 57.11
O2' A2M E 2256 -2.13 1.02 55.75
C1' A2M E 2256 -0.52 2.01 57.23
CM' A2M E 2256 -1.68 -0.23 55.33
N9 A2M E 2256 0.34 1.73 58.35
C8 A2M E 2256 0.86 2.55 59.34
N7 A2M E 2256 1.65 1.91 60.21
C5 A2M E 2256 1.64 0.61 59.73
C6 A2M E 2256 2.23 -0.56 60.15
N6 A2M E 2256 3.04 -0.60 61.27
N1 A2M E 2256 2.06 -1.72 59.52
C2 A2M E 2256 1.26 -1.68 58.43
N3 A2M E 2256 0.61 -0.65 57.89
C4 A2M E 2256 0.83 0.48 58.58
OP2 A2M E 2256 -1.07 4.83 61.90
N1 OMC E 2265 -21.56 0.03 71.96
C2 OMC E 2265 -20.91 -1.21 71.93
N3 OMC E 2265 -20.29 -1.64 73.04
C4 OMC E 2265 -20.28 -0.92 74.14
C5 OMC E 2265 -20.92 0.35 74.21
C6 OMC E 2265 -21.53 0.77 73.10
O2 OMC E 2265 -20.92 -1.86 70.91
N4 OMC E 2265 -19.64 -1.40 75.20
C1' OMC E 2265 -22.23 0.61 70.78
C2' OMC E 2265 -23.62 0.04 70.52
O2' OMC E 2265 -23.79 -0.08 69.11
CM2 OMC E 2265 -22.80 -0.82 68.44
C3' OMC E 2265 -24.52 1.16 71.06
C4' OMC E 2265 -23.72 2.40 70.74
O4' OMC E 2265 -22.35 2.00 70.96
O3' OMC E 2265 -25.80 1.18 70.48
C5' OMC E 2265 -24.04 3.60 71.59
O5' OMC E 2265 -23.74 3.36 72.96
P OMC E 2265 -23.75 4.53 74.03
OP1 OMC E 2265 -25.08 5.26 73.90
OP2 OMC E 2265 -23.31 3.96 75.36
N1 OMU E 2278 -27.56 -23.83 44.32
C2 OMU E 2278 -28.04 -22.58 45.01
N3 OMU E 2278 -27.82 -22.40 46.47
C4 OMU E 2278 -27.12 -23.42 47.23
C5 OMU E 2278 -26.64 -24.65 46.53
C6 OMU E 2278 -26.86 -24.82 45.08
O2 OMU E 2278 -28.63 -21.73 44.36
O4 OMU E 2278 -26.95 -23.29 48.35
C1' OMU E 2278 -27.78 -23.96 42.86
C2' OMU E 2278 -26.76 -23.15 42.07
O2' OMU E 2278 -27.36 -22.74 40.85
CM2 OMU E 2278 -28.20 -21.65 41.00
C3' OMU E 2278 -25.70 -24.20 41.83
C4' OMU E 2278 -26.54 -25.42 41.53
O3' OMU E 2278 -24.77 -23.87 40.80
O4' OMU E 2278 -27.62 -25.31 42.49
C5' OMU E 2278 -25.84 -26.76 41.69
O5' OMU E 2278 -25.13 -26.83 42.90
P OMU E 2278 -24.52 -28.21 43.41
OP1 OMU E 2278 -23.75 -28.83 42.29
OP2 OMU E 2278 -23.85 -27.97 44.74
N1 PSU E 2280 -21.70 -18.64 46.27
C2 PSU E 2280 -21.37 -18.94 47.57
N3 PSU E 2280 -21.48 -17.98 48.55
C4 PSU E 2280 -21.91 -16.73 48.22
C5 PSU E 2280 -22.24 -16.42 46.91
C6 PSU E 2280 -22.13 -17.40 45.94
O2 PSU E 2280 -20.99 -20.06 47.85
O4 PSU E 2280 -22.01 -15.87 49.09
C1' PSU E 2280 -22.72 -15.06 46.53
C2' PSU E 2280 -21.57 -14.06 46.48
O2' PSU E 2280 -22.08 -12.78 46.80
C3' PSU E 2280 -21.20 -14.12 45.01
C4' PSU E 2280 -22.55 -14.27 44.34
O3' PSU E 2280 -20.46 -13.01 44.56
O4' PSU E 2280 -23.30 -15.10 45.25
C5' PSU E 2280 -22.53 -14.88 42.96
O5' PSU E 2280 -21.66 -16.00 42.92
P PSU E 2280 -21.90 -17.16 41.87
OP1 PSU E 2280 -21.75 -16.59 40.52
OP2 PSU E 2280 -21.12 -18.36 42.24
N1 OMC E 2302 5.49 -11.34 44.01
C2 OMC E 2302 4.89 -10.07 43.97
N3 OMC E 2302 3.61 -9.96 44.32
C4 OMC E 2302 2.91 -11.00 44.69
C5 OMC E 2302 3.46 -12.31 44.73
C6 OMC E 2302 4.75 -12.40 44.37
O2 OMC E 2302 5.54 -9.10 43.63
N4 OMC E 2302 1.63 -10.83 45.02
C1' OMC E 2302 6.89 -11.60 43.60
C2' OMC E 2302 7.94 -11.09 44.58
O2' OMC E 2302 9.03 -10.59 43.84
CM2 OMC E 2302 8.74 -9.48 43.03
C3' OMC E 2302 8.34 -12.36 45.32
C4' OMC E 2302 8.19 -13.43 44.25
O4' OMC E 2302 7.06 -12.99 43.47
O3' OMC E 2302 9.66 -12.30 45.83
C5' OMC E 2302 7.93 -14.83 44.77
O5' OMC E 2302 6.78 -14.85 45.60
P OMC E 2302 6.14 -16.22 46.07
OP1 OMC E 2302 7.24 -17.06 46.70
OP2 OMC E 2302 4.89 -15.90 46.87
P OMG E 2317 24.36 13.75 32.94
OP1 OMG E 2317 24.80 15.11 32.41
OP2 OMG E 2317 25.24 12.96 33.87
O5' OMG E 2317 22.95 13.93 33.65
C5' OMG E 2317 22.33 12.86 34.36
C4' OMG E 2317 20.86 13.13 34.55
O4' OMG E 2317 20.31 13.56 33.28
C3' OMG E 2317 20.00 11.95 34.93
O3' OMG E 2317 20.02 11.68 36.32
C2' OMG E 2317 18.61 12.35 34.43
O2' OMG E 2317 17.95 13.17 35.38
CM2 OMG E 2317 16.82 12.57 35.96
C1' OMG E 2317 18.94 13.23 33.21
N9 OMG E 2317 18.68 12.56 31.93
C8 OMG E 2317 17.78 12.99 31.00
N7 OMG E 2317 17.74 12.24 29.96
C5 OMG E 2317 18.67 11.26 30.18
C6 OMG E 2317 19.06 10.18 29.37
O6 OMG E 2317 18.65 9.85 28.28
N1 OMG E 2317 20.06 9.43 30.00
C2 OMG E 2317 20.59 9.69 31.21
N2 OMG E 2317 21.55 8.85 31.64
N3 OMG E 2317 20.23 10.70 31.96
C4 OMG E 2317 19.27 11.45 31.41
P OMG E 2395 6.87 -6.51 37.74
OP1 OMG E 2395 7.48 -5.18 38.19
OP2 OMG E 2395 5.67 -6.50 36.82
O5' OMG E 2395 8.04 -7.34 37.05
C5' OMG E 2395 9.35 -7.33 37.58
C4' OMG E 2395 10.24 -8.34 36.89
O4' OMG E 2395 9.57 -9.63 36.82
C3' OMG E 2395 10.60 -8.05 35.45
O3' OMG E 2395 11.60 -7.07 35.29
C2' OMG E 2395 10.99 -9.42 34.94
O2' OMG E 2395 12.26 -9.80 35.45
CM2 OMG E 2395 12.74 -11.01 34.91
C1' OMG E 2395 9.94 -10.28 35.63
N9 OMG E 2395 8.74 -10.40 34.77
C8 OMG E 2395 7.53 -9.78 34.93
N7 OMG E 2395 6.71 -10.10 33.98
C5 OMG E 2395 7.39 -10.95 33.17
C6 OMG E 2395 7.01 -11.62 31.99
O6 OMG E 2395 5.94 -11.58 31.40
N1 OMG E 2395 8.06 -12.41 31.50
C2 OMG E 2395 9.29 -12.53 32.05
N2 OMG E 2395 10.16 -13.33 31.43
N3 OMG E 2395 9.64 -11.91 33.14
C4 OMG E 2395 8.67 -11.15 33.65
N1 PSU E 2405 1.17 15.99 30.30
C2 PSU E 2405 0.62 17.24 30.40
N3 PSU E 2405 0.67 17.93 31.58
C4 PSU E 2405 1.26 17.35 32.67
C5 PSU E 2405 1.82 16.08 32.57
C6 PSU E 2405 1.77 15.40 31.37
O2 PSU E 2405 0.09 17.76 29.45
O4 PSU E 2405 1.28 17.99 33.70
C1' PSU E 2405 2.45 15.46 33.77
C2' PSU E 2405 1.27 15.08 34.66
O2' PSU E 2405 1.63 15.26 36.02
C3' PSU E 2405 1.10 13.62 34.34
C4' PSU E 2405 2.53 13.16 34.18
O3' PSU E 2405 0.39 12.90 35.34
O4' PSU E 2405 3.16 14.27 33.48
C5' PSU E 2405 2.75 11.88 33.42
O5' PSU E 2405 1.99 11.85 32.23
P PSU E 2405 2.18 10.68 31.18
OP1 PSU E 2405 2.03 9.38 31.86
OP2 PSU E 2405 1.28 11.07 30.08
N1 PSU E 2407 -6.09 13.33 31.08
C2 PSU E 2407 -6.38 12.72 29.88
N3 PSU E 2407 -7.25 13.31 29.00
C4 PSU E 2407 -7.84 14.50 29.31
C5 PSU E 2407 -7.54 15.10 30.53
C6 PSU E 2407 -6.66 14.50 31.39
O2 PSU E 2407 -5.87 11.65 29.59
O4 PSU E 2407 -8.62 15.03 28.53
C1' PSU E 2407 -8.14 16.43 30.88
C2' PSU E 2407 -9.63 16.40 31.23
O2' PSU E 2407 -10.20 17.61 30.76
C3' PSU E 2407 -9.59 16.38 32.74
C4' PSU E 2407 -8.39 17.25 33.05
O3' PSU E 2407 -10.77 16.85 33.34
O4' PSU E 2407 -7.46 16.96 32.00
C5' PSU E 2407 -7.72 16.99 34.38
O5' PSU E 2407 -7.31 15.64 34.48
P PSU E 2407 -6.31 15.17 35.62
OP1 PSU E 2407 -6.98 15.39 36.92
OP2 PSU E 2407 -5.84 13.83 35.26
N1 PSU E 2463 13.88 17.16 13.69
C2 PSU E 2463 12.68 16.76 13.19
N3 PSU E 2463 12.61 15.86 12.16
C4 PSU E 2463 13.77 15.38 11.62
C5 PSU E 2463 14.99 15.80 12.10
C6 PSU E 2463 15.03 16.68 13.17
O2 PSU E 2463 11.63 17.19 13.68
O4 PSU E 2463 13.71 14.59 10.68
C1' PSU E 2463 16.26 15.24 11.52
C2' PSU E 2463 16.76 15.93 10.25
O2' PSU E 2463 17.25 14.93 9.38
C3' PSU E 2463 17.90 16.77 10.78
C4' PSU E 2463 18.46 15.93 11.91
O3' PSU E 2463 18.89 17.08 9.81
O4' PSU E 2463 17.29 15.30 12.48
C5' PSU E 2463 19.20 16.70 12.97
O5' PSU E 2463 18.51 17.91 13.27
P PSU E 2463 18.83 18.72 14.60
OP1 PSU E 2463 20.20 19.24 14.52
OP2 PSU E 2463 17.70 19.63 14.85
N1 OMC E 2469 -0.52 29.75 -6.61
C2 OMC E 2469 0.72 29.80 -5.93
N3 OMC E 2469 0.72 29.74 -4.59
C4 OMC E 2469 -0.37 29.64 -3.90
C5 OMC E 2469 -1.63 29.59 -4.52
C6 OMC E 2469 -1.64 29.64 -5.86
O2 OMC E 2469 1.81 29.89 -6.49
N4 OMC E 2469 -0.29 29.59 -2.57
C1' OMC E 2469 -0.83 29.78 -8.06
C2' OMC E 2469 0.22 30.39 -8.97
O2' OMC E 2469 0.18 31.80 -8.97
CM2 OMC E 2469 1.46 32.37 -9.10
C3' OMC E 2469 -0.13 29.75 -10.30
C4' OMC E 2469 -0.60 28.36 -9.88
O4' OMC E 2469 -1.01 28.46 -8.50
O3' OMC E 2469 -1.21 30.45 -10.91
C5' OMC E 2469 0.45 27.28 -10.02
O5' OMC E 2469 1.61 27.78 -10.67
P OMC E 2469 3.04 27.25 -10.28
OP1 OMC E 2469 4.03 27.79 -11.30
OP2 OMC E 2469 3.28 27.50 -8.81
P A2M E 2486 -31.56 53.55 -11.22
OP1 A2M E 2486 -33.03 53.65 -11.46
O5' A2M E 2486 -31.65 54.60 -9.74
C5' A2M E 2486 -32.60 54.28 -8.84
C4' A2M E 2486 -32.27 54.90 -7.49
O4' A2M E 2486 -31.04 54.37 -7.04
C3' A2M E 2486 -32.10 56.40 -7.58
O3' A2M E 2486 -33.36 56.95 -7.68
C2' A2M E 2486 -31.24 56.66 -6.36
O2' A2M E 2486 -31.95 56.51 -5.15
C1' A2M E 2486 -30.31 55.46 -6.55
CM' A2M E 2486 -31.16 56.85 -4.06
N9 A2M E 2486 -29.17 55.67 -7.40
C8 A2M E 2486 -28.84 55.20 -8.67
N7 A2M E 2486 -27.67 55.63 -9.12
C5 A2M E 2486 -27.21 56.43 -8.09
C6 A2M E 2486 -26.07 57.16 -7.90
N6 A2M E 2486 -25.08 57.23 -8.86
N1 A2M E 2486 -25.85 57.88 -6.78
C2 A2M E 2486 -26.83 57.80 -5.84
N3 A2M E 2486 -27.98 57.14 -5.85
C4 A2M E 2486 -28.13 56.47 -7.01
OP2 A2M E 2486 -30.61 54.03 -12.26
P OMG E 2512 2.90 36.61 -10.09
OP1 OMG E 2512 4.25 36.12 -10.57
OP2 OMG E 2512 1.63 35.92 -10.55
O5' OMG E 2512 2.90 36.64 -8.49
C5' OMG E 2512 3.71 37.56 -7.79
C4' OMG E 2512 3.27 37.70 -6.35
O4' OMG E 2512 1.99 38.36 -6.29
C3' OMG E 2512 3.04 36.39 -5.61
O3' OMG E 2512 4.24 35.81 -5.15
C2' OMG E 2512 2.09 36.81 -4.50
O2' OMG E 2512 2.81 37.46 -3.47
CM2 OMG E 2512 2.04 37.72 -2.32
C1' OMG E 2512 1.23 37.85 -5.21
N9 OMG E 2512 -0.02 37.28 -5.75
C8 OMG E 2512 -0.29 37.04 -7.07
N7 OMG E 2512 -1.48 36.55 -7.24
C5 OMG E 2512 -2.01 36.48 -5.98
C6 OMG E 2512 -3.28 36.03 -5.53
O6 OMG E 2512 -4.21 35.59 -6.19
N1 OMG E 2512 -3.38 36.14 -4.15
C2 OMG E 2512 -2.43 36.61 -3.31
N2 OMG E 2512 -2.73 36.64 -2.01
N3 OMG E 2512 -1.26 37.02 -3.72
C4 OMG E 2512 -1.11 36.94 -5.05
P 5MC E 2550 9.69 0.72 7.03
OP1 5MC E 2550 10.03 0.01 8.32
OP2 5MC E 2550 10.67 0.73 5.88
O5' 5MC E 2550 8.32 0.12 6.47
C5' 5MC E 2550 7.20 -0.06 7.31
C4' 5MC E 2550 5.94 -0.21 6.49
O4' 5MC E 2550 5.99 0.69 5.37
C3' 5MC E 2550 5.71 -1.56 5.86
O3' 5MC E 2550 5.19 -2.51 6.77
C2' 5MC E 2550 4.75 -1.23 4.72
O2' 5MC E 2550 3.42 -1.20 5.19
C1' 5MC E 2550 5.16 0.20 4.35
N1 5MC E 2550 5.90 0.26 3.07
C2 5MC E 2550 5.28 0.00 1.84
O2 5MC E 2550 4.10 -0.31 1.79
N3 5MC E 2550 6.03 0.09 0.73
C4 5MC E 2550 7.29 0.41 0.78
N4 5MC E 2550 7.96 0.47 -0.36
C5 5MC E 2550 7.97 0.70 2.00
C6 5MC E 2550 7.20 0.61 3.10
CM5 5MC E 2550 9.41 1.07 2.05
P A2M E 2553 -0.76 -3.28 11.97
OP1 A2M E 2553 -0.73 -3.54 13.44
O5' A2M E 2553 -2.23 -2.29 12.09
C5' A2M E 2553 -2.20 -1.28 12.97
C4' A2M E 2553 -3.45 -0.47 12.78
O4' A2M E 2553 -3.57 0.44 13.83
C3' A2M E 2553 -3.39 0.28 11.45
O3' A2M E 2553 -4.39 -0.23 10.60
C2' A2M E 2553 -3.45 1.75 11.87
O2' A2M E 2553 -4.26 2.56 11.06
C1' A2M E 2553 -4.11 1.55 13.23
CM' A2M E 2553 -3.56 3.68 10.63
N9 A2M E 2553 -4.04 2.70 14.08
C8 A2M E 2553 -3.05 3.64 14.32
N7 A2M E 2553 -3.43 4.59 15.16
C5 A2M E 2553 -4.72 4.25 15.48
C6 A2M E 2553 -5.68 4.80 16.28
N6 A2M E 2553 -5.44 5.95 16.99
N1 A2M E 2553 -6.91 4.28 16.43
C2 A2M E 2553 -7.13 3.16 15.72
N3 A2M E 2553 -6.33 2.50 14.90
C4 A2M E 2553 -5.13 3.09 14.81
OP2 A2M E 2553 -0.87 -4.43 11.03
P OMG E 2560 -1.04 -13.42 3.44
OP1 OMG E 2560 0.41 -13.87 3.56
OP2 OMG E 2560 -1.51 -12.26 4.29
O5' OMG E 2560 -1.32 -13.05 1.92
C5' OMG E 2560 -1.06 -13.99 0.88
C4' OMG E 2560 -0.26 -13.37 -0.22
O4' OMG E 2560 -0.18 -11.95 -0.03
C3' OMG E 2560 1.19 -13.81 -0.29
O3' OMG E 2560 1.34 -15.04 -0.95
C2' OMG E 2560 1.85 -12.65 -1.04
O2' OMG E 2560 1.68 -12.78 -2.44
CM2 OMG E 2560 2.48 -11.89 -3.18
C1' OMG E 2560 1.03 -11.45 -0.56
N9 OMG E 2560 1.69 -10.65 0.48
C8 OMG E 2560 1.11 -10.26 1.66
N7 OMG E 2560 1.88 -9.55 2.40
C5 OMG E 2560 3.04 -9.43 1.67
C6 OMG E 2560 4.25 -8.75 1.99
O6 OMG E 2560 4.51 -8.11 2.99
N1 OMG E 2560 5.17 -8.89 0.97
C2 OMG E 2560 4.98 -9.57 -0.18
N2 OMG E 2560 6.00 -9.59 -1.05
N3 OMG E 2560 3.87 -10.20 -0.47
C4 OMG E 2560 2.94 -10.10 0.48
N1 OMC E 2576 9.72 -6.75 0.66
C2 OMC E 2576 8.39 -7.08 0.35
N3 OMC E 2576 7.45 -6.89 1.27
C4 OMC E 2576 7.74 -6.42 2.46
C5 OMC E 2576 9.07 -6.09 2.83
C6 OMC E 2576 10.01 -6.29 1.90
O2 OMC E 2576 8.12 -7.50 -0.75
N4 OMC E 2576 6.75 -6.27 3.33
C1' OMC E 2576 10.86 -6.94 -0.27
C2' OMC E 2576 10.90 -5.93 -1.42
O2' OMC E 2576 11.16 -6.64 -2.62
CM2 OMC E 2576 10.01 -7.17 -3.25
C3' OMC E 2576 12.10 -5.06 -1.05
C4' OMC E 2576 12.99 -6.02 -0.28
O4' OMC E 2576 12.06 -6.83 0.46
O3' OMC E 2576 12.76 -4.50 -2.17
C5' OMC E 2576 13.96 -5.37 0.67
O5' OMC E 2576 13.28 -4.54 1.59
P OMC E 2576 14.05 -3.87 2.82
OP1 OMC E 2576 15.23 -3.10 2.26
OP2 OMC E 2576 13.02 -3.18 3.68
C1' UY1 E 2586 -3.80 17.77 5.77
C2 UY1 E 2586 -2.91 15.35 2.06
C2' UY1 E 2586 -3.85 16.91 7.04
C3' UY1 E 2586 -2.64 17.41 7.84
C4 UY1 E 2586 -4.58 16.66 3.50
C4' UY1 E 2586 -2.46 18.82 7.34
C5 UY1 E 2586 -3.49 16.92 4.48
C5' UY1 E 2586 -1.09 19.40 7.48
C6 UY1 E 2586 -2.12 16.41 4.25
CM2 UY1 E 2586 -6.16 16.87 6.98
N1 UY1 E 2586 -1.82 15.64 3.07
N3 UY1 E 2586 -4.29 15.88 2.30
O2 UY1 E 2586 -2.68 14.74 1.12
O2' UY1 E 2586 -5.05 17.21 7.72
O3' UY1 E 2586 -2.81 17.35 9.25
O4 UY1 E 2586 -5.64 17.07 3.69
O4' UY1 E 2586 -2.80 18.73 5.94
O5' UY1 E 2586 -1.08 20.77 7.08
OP1 UY1 E 2586 -1.07 23.23 7.49
OP2 UY1 E 2586 -2.22 21.61 9.12
P UY1 E 2586 -1.10 21.91 8.19
N1 PSU E 2590 9.21 9.69 14.96
C2 PSU E 2590 9.37 10.74 15.84
N3 PSU E 2590 10.63 11.12 16.24
C4 PSU E 2590 11.73 10.46 15.74
C5 PSU E 2590 11.56 9.40 14.87
C6 PSU E 2590 10.28 9.04 14.47
O2 PSU E 2590 8.38 11.33 16.28
O4 PSU E 2590 12.84 10.81 16.10
C1' PSU E 2590 12.72 8.68 14.26
C2' PSU E 2590 13.66 7.91 15.19
O2' PSU E 2590 15.00 8.24 14.83
C3' PSU E 2590 13.36 6.45 14.85
C4' PSU E 2590 12.92 6.51 13.40
O3' PSU E 2590 14.47 5.60 15.03
O4' PSU E 2590 12.24 7.78 13.28
C5' PSU E 2590 11.98 5.41 12.98
O5' PSU E 2590 11.66 5.50 11.61
P PSU E 2590 10.20 5.17 11.09
OP1 PSU E 2590 10.20 3.73 10.78
OP2 PSU E 2590 9.22 5.74 12.04
P A2M E 2593 13.72 3.92 28.10
OP1 A2M E 2593 14.33 2.77 28.83
O5' A2M E 2593 12.83 5.09 29.14
C5' A2M E 2593 13.55 5.76 30.02
C4' A2M E 2593 12.72 6.89 30.59
O4' A2M E 2593 12.69 7.92 29.66
C3' A2M E 2593 11.29 6.46 30.84
O3' A2M E 2593 11.28 5.70 31.98
C2' A2M E 2593 10.59 7.80 30.81
O2' A2M E 2593 10.87 8.57 31.94
C1' A2M E 2593 11.36 8.37 29.63
CM' A2M E 2593 9.79 9.40 32.25
N9 A2M E 2593 10.84 8.11 28.32
C8 A2M E 2593 11.29 7.33 27.28
N7 A2M E 2593 10.49 7.38 26.21
C5 A2M E 2593 9.49 8.25 26.60
C6 A2M E 2593 8.35 8.73 25.99
N6 A2M E 2593 8.01 8.37 24.71
N1 A2M E 2593 7.51 9.58 26.60
C2 A2M E 2593 7.85 9.92 27.86
N3 A2M E 2593 8.89 9.56 28.59
C4 A2M E 2593 9.68 8.71 27.91
OP2 A2M E 2593 12.53 3.69 27.21
P A2M E 2598 -5.56 -2.06 26.10
OP1 A2M E 2598 -6.72 -2.82 26.63
O5' A2M E 2598 -5.11 -2.42 24.40
C5' A2M E 2598 -6.07 -2.27 23.49
C4' A2M E 2598 -5.51 -2.52 22.10
O4' A2M E 2598 -4.70 -1.43 21.72
C3' A2M E 2598 -4.65 -3.75 22.03
O3' A2M E 2598 -5.50 -4.85 22.08
C2' A2M E 2598 -3.86 -3.46 20.77
O2' A2M E 2598 -4.65 -3.50 19.62
C1' A2M E 2598 -3.55 -2.01 21.15
CM' A2M E 2598 -3.89 -3.90 18.51
N9 A2M E 2598 -2.46 -1.81 22.04
C8 A2M E 2598 -2.38 -1.40 23.37
N7 A2M E 2598 -1.13 -1.38 23.84
C5 A2M E 2598 -0.38 -1.80 22.77
C6 A2M E 2598 0.96 -2.00 22.58
N6 A2M E 2598 1.87 -1.77 23.58
N1 A2M E 2598 1.46 -2.43 21.42
C2 A2M E 2598 0.56 -2.66 20.43
N3 A2M E 2598 -0.76 -2.52 20.44
C4 A2M E 2598 -1.17 -2.08 21.64
OP2 A2M E 2598 -4.18 -2.38 26.60
N1 OMC E 2609 -7.06 -26.70 33.24
C2 OMC E 2609 -5.88 -27.40 33.53
N3 OMC E 2609 -5.38 -27.30 34.77
C4 OMC E 2609 -5.94 -26.57 35.69
C5 OMC E 2609 -7.13 -25.84 35.44
C6 OMC E 2609 -7.62 -25.94 34.20
O2 OMC E 2609 -5.35 -28.09 32.67
N4 OMC E 2609 -5.39 -26.52 36.89
C1' OMC E 2609 -7.69 -26.71 31.89
C2' OMC E 2609 -8.42 -28.01 31.59
O2' OMC E 2609 -8.31 -28.25 30.19
CM2 OMC E 2609 -6.99 -28.42 29.74
C3' OMC E 2609 -9.85 -27.64 31.94
C4' OMC E 2609 -9.93 -26.18 31.52
O4' OMC E 2609 -8.61 -25.66 31.83
O3' OMC E 2609 -10.83 -28.43 31.30
C5' OMC E 2609 -10.96 -25.35 32.25
O5' OMC E 2609 -10.61 -25.18 33.61
P OMC E 2609 -11.45 -24.22 34.57
OP1 OMC E 2609 -12.92 -24.42 34.22
OP2 OMC E 2609 -10.98 -24.48 35.99
N1 PSU E 2612 -12.64 -28.82 38.97
C2 PSU E 2612 -11.82 -28.51 40.02
N3 PSU E 2612 -11.36 -29.50 40.85
C4 PSU E 2612 -11.72 -30.81 40.61
C5 PSU E 2612 -12.54 -31.11 39.55
C6 PSU E 2612 -12.99 -30.09 38.73
O2 PSU E 2612 -11.51 -27.34 40.24
O4 PSU E 2612 -11.29 -31.68 41.37
C1' PSU E 2612 -12.95 -32.53 39.26
C2' PSU E 2612 -13.92 -33.01 40.34
O2' PSU E 2612 -13.84 -34.42 40.40
C3' PSU E 2612 -15.24 -32.58 39.75
C4' PSU E 2612 -15.05 -32.89 38.28
O3' PSU E 2612 -16.37 -33.21 40.33
O4' PSU E 2612 -13.66 -32.57 38.04
C5' PSU E 2612 -15.92 -32.12 37.33
O5' PSU E 2612 -15.77 -32.58 35.99
P PSU E 2612 -15.03 -31.69 34.91
OP1 PSU E 2612 -15.28 -32.40 33.64
OP2 PSU E 2612 -15.45 -30.30 35.07
N1 PSU E 2619 -26.84 -20.72 53.00
C2 PSU E 2619 -26.75 -21.47 51.85
N3 PSU E 2619 -27.19 -20.96 50.66
C4 PSU E 2619 -27.72 -19.69 50.62
C5 PSU E 2619 -27.82 -18.94 51.78
C6 PSU E 2619 -27.36 -19.48 52.97
O2 PSU E 2619 -26.27 -22.59 51.89
O4 PSU E 2619 -28.11 -19.25 49.55
C1' PSU E 2619 -28.37 -17.55 51.78
C2' PSU E 2619 -29.84 -17.42 51.41
O2' PSU E 2619 -30.00 -16.29 50.58
C3' PSU E 2619 -30.49 -17.17 52.77
C4' PSU E 2619 -29.43 -16.39 53.50
O3' PSU E 2619 -31.71 -16.47 52.69
O4' PSU E 2619 -28.18 -16.96 53.04
C5' PSU E 2619 -29.48 -16.44 55.00
O5' PSU E 2619 -28.78 -15.36 55.57
P PSU E 2619 -28.08 -15.48 56.98
OP1 PSU E 2619 -28.79 -14.60 57.93
OP2 PSU E 2619 -27.93 -16.92 57.27
N1 PSU E 2621 -33.14 -21.60 54.23
C2 PSU E 2621 -33.04 -21.87 55.57
N3 PSU E 2621 -33.44 -23.08 56.07
C4 PSU E 2621 -33.93 -24.03 55.22
C5 PSU E 2621 -34.04 -23.76 53.87
C6 PSU E 2621 -33.62 -22.53 53.38
O2 PSU E 2621 -32.60 -21.01 56.32
O4 PSU E 2621 -34.28 -25.11 55.69
C1' PSU E 2621 -34.55 -24.76 52.86
C2' PSU E 2621 -35.98 -25.24 53.11
O2' PSU E 2621 -36.06 -26.61 52.75
C3' PSU E 2621 -36.77 -24.40 52.13
C4' PSU E 2621 -35.81 -24.27 50.96
O3' PSU E 2621 -38.00 -24.98 51.74
O4' PSU E 2621 -34.51 -24.18 51.58
C5' PSU E 2621 -36.04 -23.05 50.10
O5' PSU E 2621 -36.11 -21.88 50.89
P PSU E 2621 -36.52 -20.50 50.25
OP1 PSU E 2621 -37.68 -20.71 49.38
OP2 PSU E 2621 -36.59 -19.55 51.39
P A2M E 2635 -59.83 -19.24 33.40
OP1 A2M E 2635 -60.65 -19.22 34.64
O5' A2M E 2635 -59.29 -20.87 32.85
C5' A2M E 2635 -57.98 -21.12 32.85
C4' A2M E 2635 -57.65 -21.96 31.64
O4' A2M E 2635 -57.43 -21.11 30.56
C3' A2M E 2635 -56.43 -22.82 31.83
O3' A2M E 2635 -56.88 -23.98 32.47
C2' A2M E 2635 -55.93 -22.97 30.43
O2' A2M E 2635 -56.65 -23.95 29.75
C1' A2M E 2635 -56.32 -21.60 29.89
CM' A2M E 2635 -56.31 -24.00 28.41
N9 A2M E 2635 -55.34 -20.56 29.89
C8 A2M E 2635 -55.23 -19.37 30.61
N7 A2M E 2635 -54.14 -18.66 30.30
C5 A2M E 2635 -53.53 -19.43 29.33
C6 A2M E 2635 -52.38 -19.29 28.59
N6 A2M E 2635 -51.56 -18.19 28.74
N1 A2M E 2635 -51.98 -20.20 27.69
C2 A2M E 2635 -52.79 -21.27 27.56
N3 A2M E 2635 -53.92 -21.58 28.18
C4 A2M E 2635 -54.25 -20.61 29.06
OP2 A2M E 2635 -58.44 -18.69 33.42
N1 OMC E 2637 -51.32 -33.45 27.35
C2 OMC E 2637 -51.48 -34.54 26.49
N3 OMC E 2637 -52.61 -34.61 25.76
C4 OMC E 2637 -53.54 -33.70 25.85
C5 OMC E 2637 -53.41 -32.58 26.71
C6 OMC E 2637 -52.29 -32.52 27.42
O2 OMC E 2637 -50.61 -35.39 26.41
N4 OMC E 2637 -54.63 -33.84 25.10
C1' OMC E 2637 -50.10 -33.29 28.19
C2' OMC E 2637 -48.91 -32.79 27.39
O2' OMC E 2637 -47.73 -33.28 27.99
CM2 OMC E 2637 -46.96 -34.06 27.11
C3' OMC E 2637 -49.04 -31.29 27.61
C4' OMC E 2637 -49.49 -31.21 29.06
O4' OMC E 2637 -50.37 -32.35 29.20
O3' OMC E 2637 -47.84 -30.56 27.36
C5' OMC E 2637 -50.23 -29.96 29.44
O5' OMC E 2637 -51.37 -29.78 28.63
P OMC E 2637 -52.75 -29.31 29.24
OP1 OMC E 2637 -53.80 -29.41 28.16
OP2 OMC E 2637 -52.96 -29.99 30.58
N1 PSU E 2652 -57.83 -35.49 16.13
C2 PSU E 2652 -56.52 -35.41 16.52
N3 PSU E 2652 -55.56 -36.15 15.86
C4 PSU E 2652 -55.93 -36.96 14.83
C5 PSU E 2652 -57.25 -37.04 14.44
C6 PSU E 2652 -58.20 -36.29 15.12
O2 PSU E 2652 -56.19 -34.69 17.45
O4 PSU E 2652 -55.08 -37.62 14.24
C1' PSU E 2652 -57.64 -37.94 13.31
C2' PSU E 2652 -57.82 -39.35 13.85
O2' PSU E 2652 -57.46 -40.28 12.84
C3' PSU E 2652 -59.33 -39.38 14.08
C4' PSU E 2652 -59.84 -38.60 12.88
O3' PSU E 2652 -59.85 -40.69 14.18
O4' PSU E 2652 -58.85 -37.56 12.71
C5' PSU E 2652 -61.20 -37.99 13.04
O5' PSU E 2652 -61.29 -37.26 14.24
P PSU E 2652 -62.57 -36.37 14.57
OP1 PSU E 2652 -63.76 -37.16 14.21
OP2 PSU E 2652 -62.42 -35.87 15.94
N1 OMC E 2655 -55.91 -41.49 26.26
C2 OMC E 2655 -56.96 -40.57 26.44
N3 OMC E 2655 -58.19 -41.05 26.66
C4 OMC E 2655 -58.44 -42.34 26.72
C5 OMC E 2655 -57.40 -43.29 26.55
C6 OMC E 2655 -56.18 -42.81 26.32
O2 OMC E 2655 -56.73 -39.38 26.38
N4 OMC E 2655 -59.68 -42.74 26.94
C1' OMC E 2655 -54.52 -41.03 26.02
C2' OMC E 2655 -53.85 -40.56 27.30
O2' OMC E 2655 -52.89 -39.57 26.96
CM2 OMC E 2655 -53.28 -38.28 27.34
C3' OMC E 2655 -53.17 -41.84 27.76
C4' OMC E 2655 -52.68 -42.43 26.45
O4' OMC E 2655 -53.76 -42.12 25.53
O3' OMC E 2655 -52.12 -41.63 28.70
C5' OMC E 2655 -52.43 -43.91 26.45
O5' OMC E 2655 -51.73 -44.33 25.29
P OMC E 2655 -52.44 -45.25 24.21
OP1 OMC E 2655 -52.01 -46.68 24.40
OP2 OMC E 2655 -53.91 -44.89 24.20
P OMG E 2667 -37.13 -23.05 24.16
OP1 OMG E 2667 -36.42 -22.22 23.12
OP2 OMG E 2667 -37.54 -22.39 25.46
O5' OMG E 2667 -38.42 -23.70 23.51
C5' OMG E 2667 -39.54 -22.91 23.19
C4' OMG E 2667 -40.81 -23.57 23.62
O4' OMG E 2667 -40.63 -24.35 24.83
C3' OMG E 2667 -41.92 -22.61 24.02
O3' OMG E 2667 -42.53 -22.00 22.90
C2' OMG E 2667 -42.83 -23.49 24.84
O2' OMG E 2667 -43.55 -24.37 23.99
CM2 OMG E 2667 -44.81 -24.72 24.51
C1' OMG E 2667 -41.80 -24.31 25.61
N9 OMG E 2667 -41.48 -23.71 26.90
C8 OMG E 2667 -40.26 -23.23 27.31
N7 OMG E 2667 -40.29 -22.75 28.52
C5 OMG E 2667 -41.59 -22.92 28.92
C6 OMG E 2667 -42.23 -22.58 30.14
O6 OMG E 2667 -41.75 -22.07 31.14
N1 OMG E 2667 -43.57 -22.94 30.11
C2 OMG E 2667 -44.22 -23.52 29.08
N2 OMG E 2667 -45.52 -23.78 29.24
N3 OMG E 2667 -43.64 -23.82 27.95
C4 OMG E 2667 -42.34 -23.51 27.93
N1 PSU E 2688 -27.16 22.94 6.79
C2 PSU E 2688 -27.87 22.80 5.64
N3 PSU E 2688 -27.29 22.23 4.53
C4 PSU E 2688 -25.98 21.82 4.59
C5 PSU E 2688 -25.27 21.97 5.76
C6 PSU E 2688 -25.88 22.53 6.86
O2 PSU E 2688 -29.04 23.17 5.58
O4 PSU E 2688 -25.47 21.31 3.60
C1' PSU E 2688 -23.85 21.50 5.85
C2' PSU E 2688 -22.87 22.38 5.09
O2' PSU E 2688 -21.88 21.55 4.53
C3' PSU E 2688 -22.29 23.24 6.22
C4' PSU E 2688 -22.26 22.28 7.38
O3' PSU E 2688 -21.01 23.77 5.90
O4' PSU E 2688 -23.44 21.47 7.20
C5' PSU E 2688 -22.27 22.91 8.75
O5' PSU E 2688 -23.47 23.61 8.98
P PSU E 2688 -23.78 24.26 10.39
OP1 PSU E 2688 -22.69 25.15 10.80
OP2 PSU E 2688 -25.15 24.77 10.17
N1 OMU E 2693 -34.81 32.50 -0.32
C2 OMU E 2693 -34.60 32.40 1.17
N3 OMU E 2693 -33.31 31.92 1.72
C4 OMU E 2693 -32.24 31.54 0.79
C5 OMU E 2693 -32.46 31.64 -0.68
C6 OMU E 2693 -33.75 32.12 -1.21
O2 OMU E 2693 -35.49 32.72 1.92
O4 OMU E 2693 -31.27 31.18 1.20
C1' OMU E 2693 -36.11 32.98 -0.83
C2' OMU E 2693 -36.16 34.51 -0.93
O2' OMU E 2693 -37.48 34.92 -0.64
CM2 OMU E 2693 -37.82 34.72 0.69
C3' OMU E 2693 -35.84 34.72 -2.41
C4' OMU E 2693 -36.55 33.54 -3.06
O3' OMU E 2693 -36.24 35.97 -2.92
O4' OMU E 2693 -36.31 32.46 -2.14
C5' OMU E 2693 -36.07 33.17 -4.43
O5' OMU E 2693 -34.65 33.09 -4.47
P OMU E 2693 -33.90 32.48 -5.73
OP1 OMU E 2693 -34.41 33.20 -6.94
OP2 OMU E 2693 -32.44 32.45 -5.42
P OMG E 2863 -38.48 -5.99 -4.63
OP1 OMG E 2863 -37.15 -5.81 -5.33
OP2 OMG E 2863 -38.57 -6.95 -3.44
O5' OMG E 2863 -38.98 -4.56 -4.15
C5' OMG E 2863 -40.15 -4.43 -3.35
C4' OMG E 2863 -39.87 -3.62 -2.11
O4' OMG E 2863 -39.04 -4.38 -1.20
C3' OMG E 2863 -39.09 -2.33 -2.31
O3' OMG E 2863 -39.89 -1.27 -2.78
C2' OMG E 2863 -38.50 -2.08 -0.94
O2' OMG E 2863 -39.46 -1.51 -0.08
CM2 OMG E 2863 -39.11 -1.49 1.28
C1' OMG E 2863 -38.22 -3.51 -0.46
N9 OMG E 2863 -36.81 -3.91 -0.66
C8 OMG E 2863 -36.37 -4.94 -1.46
N7 OMG E 2863 -35.08 -5.07 -1.43
C5 OMG E 2863 -34.64 -4.10 -0.58
C6 OMG E 2863 -33.33 -3.77 -0.15
O6 OMG E 2863 -32.28 -4.29 -0.47
N1 OMG E 2863 -33.35 -2.71 0.74
C2 OMG E 2863 -34.47 -2.05 1.17
N2 OMG E 2863 -34.27 -1.05 2.03
N3 OMG E 2863 -35.67 -2.35 0.78
C4 OMG E 2863 -35.71 -3.37 -0.08
C2 6MZ E 2887 -45.96 -9.82 -19.08
C4 6MZ E 2887 -46.50 -7.63 -18.51
C5 6MZ E 2887 -47.00 -7.43 -19.72
O1P 6MZ E 2887 -48.27 -2.51 -18.91
O2P 6MZ E 2887 -48.37 -0.88 -17.03
N9 6MZ E 2887 -46.65 -6.50 -17.82
N3 6MZ E 2887 -45.98 -8.82 -18.18
N1 6MZ E 2887 -46.46 -9.62 -20.33
C6 6MZ E 2887 -46.97 -8.46 -20.63
N6 6MZ E 2887 -47.51 -8.30 -21.99
C9 6MZ E 2887 -47.42 -9.43 -22.90
N7 6MZ E 2887 -47.44 -6.19 -19.78
C8 6MZ E 2887 -47.22 -5.61 -18.60
O5' 6MZ E 2887 -48.15 -3.47 -16.48
C5' 6MZ E 2887 -47.17 -3.17 -15.46
C4' 6MZ E 2887 -46.37 -4.28 -15.33
O4' 6MZ E 2887 -47.13 -5.54 -15.83
C1' 6MZ E 2887 -46.25 -6.27 -16.44
C2' 6MZ E 2887 -44.85 -5.44 -16.44
O2' 6MZ E 2887 -44.08 -5.84 -15.31
C3' 6MZ E 2887 -45.19 -4.19 -16.31
O3' 6MZ E 2887 -44.09 -3.41 -15.68
P 6MZ E 2887 -48.73 -2.29 -17.52
N1 OMU E 2894 -40.71 10.40 -30.20
C2 OMU E 2894 -41.52 10.75 -28.98
N3 OMU E 2894 -41.24 10.08 -27.68
C4 OMU E 2894 -40.18 9.09 -27.61
C5 OMU E 2894 -39.39 8.75 -28.82
C6 OMU E 2894 -39.67 9.42 -30.11
O2 OMU E 2894 -42.41 11.58 -29.06
O4 OMU E 2894 -39.97 8.57 -26.63
C1' OMU E 2894 -40.99 11.07 -31.49
C2' OMU E 2894 -40.35 12.45 -31.55
O2' OMU E 2894 -41.22 13.31 -32.28
CM2 OMU E 2894 -42.25 13.85 -31.50
C3' OMU E 2894 -39.10 12.17 -32.37
C4' OMU E 2894 -39.57 11.11 -33.33
O3' OMU E 2894 -38.56 13.29 -33.02
O4' OMU E 2894 -40.45 10.29 -32.53
C5' OMU E 2894 -38.50 10.26 -33.96
O5' OMU E 2894 -37.64 9.70 -32.97
P OMU E 2894 -36.39 8.83 -33.38
OP1 OMU E 2894 -35.56 9.63 -34.34
OP2 OMU E 2894 -35.76 8.30 -32.12
P OMG E 2895 -37.40 14.14 -32.31
OP1 OMG E 2895 -36.58 14.81 -33.40
OP2 OMG E 2895 -36.73 13.25 -31.28
O5' OMG E 2895 -38.21 15.28 -31.54
C5' OMG E 2895 -39.22 16.03 -32.20
C4' OMG E 2895 -39.82 17.08 -31.30
O4' OMG E 2895 -40.53 16.43 -30.22
C3' OMG E 2895 -38.83 18.03 -30.64
O3' OMG E 2895 -39.48 19.28 -30.38
C2' OMG E 2895 -38.57 17.35 -29.31
O2' OMG E 2895 -38.05 18.18 -28.30
CM2 OMG E 2895 -36.65 18.13 -28.24
C1' OMG E 2895 -39.97 16.84 -28.98
N9 OMG E 2895 -40.01 15.70 -28.07
C8 OMG E 2895 -39.19 14.59 -28.05
N7 OMG E 2895 -39.51 13.78 -27.08
C5 OMG E 2895 -40.56 14.38 -26.45
C6 OMG E 2895 -41.33 13.96 -25.33
O6 OMG E 2895 -41.21 12.95 -24.66
N1 OMG E 2895 -42.32 14.89 -25.03
C2 OMG E 2895 -42.55 16.05 -25.70
N2 OMG E 2895 -43.56 16.81 -25.26
N3 OMG E 2895 -41.85 16.42 -26.72
C4 OMG E 2895 -40.88 15.56 -27.06
N1 PSU E 2960 -57.74 29.12 -46.29
C2 PSU E 2960 -58.83 29.57 -46.99
N3 PSU E 2960 -58.90 30.88 -47.40
C4 PSU E 2960 -57.87 31.73 -47.12
C5 PSU E 2960 -56.78 31.28 -46.41
C6 PSU E 2960 -56.72 29.95 -46.01
O2 PSU E 2960 -59.75 28.80 -47.23
O4 PSU E 2960 -57.93 32.90 -47.49
C1' PSU E 2960 -55.64 32.22 -46.10
C2' PSU E 2960 -55.99 33.07 -44.88
O2' PSU E 2960 -55.37 34.33 -45.03
C3' PSU E 2960 -55.32 32.28 -43.77
C4' PSU E 2960 -54.05 31.79 -44.44
O3' PSU E 2960 -55.08 33.03 -42.60
O4' PSU E 2960 -54.47 31.50 -45.80
C5' PSU E 2960 -53.41 30.57 -43.84
O5' PSU E 2960 -54.22 29.43 -44.03
P PSU E 2960 -53.97 28.11 -43.19
OP1 PSU E 2960 -53.82 28.50 -41.77
OP2 PSU E 2960 -55.00 27.13 -43.58
N1 PSU E 2963 -66.71 28.24 -39.17
C2 PSU E 2963 -67.36 27.23 -39.83
N3 PSU E 2963 -68.74 27.13 -39.76
C4 PSU E 2963 -69.44 28.05 -39.02
C5 PSU E 2963 -68.77 29.06 -38.36
C6 PSU E 2963 -67.40 29.15 -38.44
O2 PSU E 2963 -66.72 26.41 -40.48
O4 PSU E 2963 -70.66 27.97 -38.95
C1' PSU E 2963 -69.55 30.07 -37.55
C2' PSU E 2963 -69.84 29.58 -36.14
O2' PSU E 2963 -71.11 30.08 -35.75
C3' PSU E 2963 -68.74 30.26 -35.35
C4' PSU E 2963 -68.61 31.59 -36.05
O3' PSU E 2963 -69.03 30.41 -33.97
O4' PSU E 2963 -68.81 31.27 -37.45
C5' PSU E 2963 -67.28 32.28 -35.87
O5' PSU E 2963 -66.25 31.34 -35.67
P PSU E 2963 -64.73 31.77 -35.82
OP1 PSU E 2963 -64.26 32.38 -34.57
OP2 PSU E 2963 -64.00 30.63 -36.40
N1 PSU E 2966 -67.36 18.40 -33.81
C2 PSU E 2966 -66.05 18.30 -34.23
N3 PSU E 2966 -65.69 17.29 -35.08
C4 PSU E 2966 -66.62 16.40 -35.52
C5 PSU E 2966 -67.94 16.49 -35.08
C6 PSU E 2966 -68.29 17.52 -34.23
O2 PSU E 2966 -65.22 19.10 -33.85
O4 PSU E 2966 -66.28 15.50 -36.28
C1' PSU E 2966 -68.98 15.52 -35.55
C2' PSU E 2966 -68.80 14.13 -34.94
O2' PSU E 2966 -69.19 13.18 -35.92
C3' PSU E 2966 -69.80 14.18 -33.80
C4' PSU E 2966 -70.93 14.98 -34.39
O3' PSU E 2966 -70.20 12.90 -33.35
O4' PSU E 2966 -70.27 15.98 -35.19
C5' PSU E 2966 -71.86 15.64 -33.40
O5' PSU E 2966 -71.17 16.60 -32.62
P PSU E 2966 -71.95 17.72 -31.82
OP1 PSU E 2966 -72.88 17.07 -30.88
OP2 PSU E 2966 -70.90 18.62 -31.36
N1 OMU E 2973 -63.64 16.03 -20.05
C2 OMU E 2973 -62.19 16.30 -19.74
N3 OMU E 2973 -61.16 15.24 -19.98
C4 OMU E 2973 -61.57 13.96 -20.50
C5 OMU E 2973 -63.00 13.70 -20.80
C6 OMU E 2973 -64.01 14.75 -20.57
O2 OMU E 2973 -61.85 17.37 -19.30
O4 OMU E 2973 -60.80 13.15 -20.68
C1' OMU E 2973 -64.66 17.06 -19.82
C2' OMU E 2973 -64.56 18.19 -20.84
O2' OMU E 2973 -65.12 19.36 -20.25
CM2 OMU E 2973 -64.27 20.01 -19.35
C3' OMU E 2973 -65.46 17.66 -21.93
C4' OMU E 2973 -66.59 17.03 -21.14
O3' OMU E 2973 -65.89 18.66 -22.85
O4' OMU E 2973 -65.92 16.48 -19.98
C5' OMU E 2973 -67.35 15.96 -21.85
O5' OMU E 2973 -68.45 15.52 -21.05
P OMU E 2973 -69.68 14.78 -21.72
OP1 OMU E 2973 -70.72 14.58 -20.66
OP2 OMU E 2973 -70.04 15.50 -22.99
N1 PSU E 2979 -62.41 17.28 -39.61
C2 PSU E 2979 -63.55 17.84 -39.10
N3 PSU E 2979 -64.73 17.14 -39.10
C4 PSU E 2979 -64.75 15.86 -39.61
C5 PSU E 2979 -63.59 15.30 -40.11
C6 PSU E 2979 -62.42 16.02 -40.10
O2 PSU E 2979 -63.52 18.99 -38.66
O4 PSU E 2979 -65.80 15.23 -39.62
C1' PSU E 2979 -63.62 13.90 -40.66
C2' PSU E 2979 -64.19 13.89 -42.07
O2' PSU E 2979 -64.84 12.66 -42.29
C3' PSU E 2979 -62.92 13.97 -42.90
C4' PSU E 2979 -61.97 13.09 -42.11
O3' PSU E 2979 -63.09 13.55 -44.24
O4' PSU E 2979 -62.31 13.37 -40.74
C5' PSU E 2979 -60.51 13.35 -42.35
O5' PSU E 2979 -60.23 14.73 -42.32
P PSU E 2979 -58.74 15.26 -42.27
OP1 PSU E 2979 -58.08 14.89 -43.54
OP2 PSU E 2979 -58.80 16.67 -41.85
N1 PSU E 3020 -62.27 56.03 -21.44
C2 PSU E 3020 -61.02 56.16 -21.98
N3 PSU E 3020 -59.90 56.02 -21.21
C4 PSU E 3020 -60.03 55.73 -19.88
C5 PSU E 3020 -61.29 55.60 -19.32
C6 PSU E 3020 -62.41 55.75 -20.13
O2 PSU E 3020 -60.90 56.42 -23.17
O4 PSU E 3020 -59.04 55.60 -19.18
C1' PSU E 3020 -61.43 55.28 -17.86
C2' PSU E 3020 -61.24 56.53 -17.02
O2' PSU E 3020 -60.51 56.19 -15.86
C3' PSU E 3020 -62.68 56.89 -16.66
C4' PSU E 3020 -63.34 55.52 -16.54
O3' PSU E 3020 -62.79 57.64 -15.47
O4' PSU E 3020 -62.69 54.74 -17.57
C5' PSU E 3020 -64.83 55.50 -16.75
O5' PSU E 3020 -65.20 56.02 -18.01
P PSU E 3020 -66.70 55.98 -18.50
OP1 PSU E 3020 -67.58 56.46 -17.42
OP2 PSU E 3020 -66.76 56.62 -19.83
N1 PSU E 3028 -55.32 56.64 -23.04
C2 PSU E 3028 -56.38 56.35 -22.22
N3 PSU E 3028 -56.16 56.18 -20.88
C4 PSU E 3028 -54.90 56.27 -20.36
C5 PSU E 3028 -53.83 56.55 -21.20
C6 PSU E 3028 -54.07 56.74 -22.55
O2 PSU E 3028 -57.51 56.26 -22.67
O4 PSU E 3028 -54.74 56.11 -19.17
C1' PSU E 3028 -52.44 56.68 -20.65
C2' PSU E 3028 -51.90 55.33 -20.22
O2' PSU E 3028 -51.02 55.54 -19.13
C3' PSU E 3028 -51.11 54.92 -21.44
C4' PSU E 3028 -50.49 56.23 -21.88
O3' PSU E 3028 -50.14 53.91 -21.19
O4' PSU E 3028 -51.55 57.19 -21.64
C5' PSU E 3028 -50.04 56.31 -23.31
O5' PSU E 3028 -51.12 56.11 -24.20
P PSU E 3028 -51.03 56.62 -25.70
OP1 PSU E 3028 -49.90 55.96 -26.38
OP2 PSU E 3028 -52.38 56.52 -26.29
P OMG E 3037 -45.02 30.03 -28.52
OP1 OMG E 3037 -43.91 29.11 -28.97
OP2 OMG E 3037 -46.31 29.45 -27.96
O5' OMG E 3037 -44.40 31.03 -27.45
C5' OMG E 3037 -43.13 31.64 -27.69
C4' OMG E 3037 -42.73 32.47 -26.51
O4' OMG E 3037 -43.66 33.56 -26.34
C3' OMG E 3037 -42.75 31.76 -25.16
O3' OMG E 3037 -41.59 30.99 -24.93
C2' OMG E 3037 -42.95 32.90 -24.18
O2' OMG E 3037 -41.71 33.55 -23.92
CM2 OMG E 3037 -41.43 33.68 -22.55
C1' OMG E 3037 -43.84 33.86 -24.97
N9 OMG E 3037 -45.26 33.67 -24.63
C8 OMG E 3037 -46.19 32.94 -25.33
N7 OMG E 3037 -47.35 32.96 -24.75
C5 OMG E 3037 -47.16 33.71 -23.62
C6 OMG E 3037 -48.08 34.08 -22.61
O6 OMG E 3037 -49.26 33.79 -22.50
N1 OMG E 3037 -47.46 34.87 -21.64
C2 OMG E 3037 -46.15 35.25 -21.65
N2 OMG E 3037 -45.75 36.01 -20.63
N3 OMG E 3037 -45.31 34.91 -22.59
C4 OMG E 3037 -45.87 34.16 -23.53
P OMG E 3059 -49.82 0.09 11.88
OP1 OMG E 3059 -51.19 -0.54 11.87
OP2 OMG E 3059 -48.83 -0.26 12.99
O5' OMG E 3059 -49.13 -0.22 10.48
C5' OMG E 3059 -49.81 0.03 9.26
C4' OMG E 3059 -48.91 -0.29 8.09
O4' OMG E 3059 -47.73 0.56 8.17
C3' OMG E 3059 -48.36 -1.71 8.07
O3' OMG E 3059 -49.24 -2.62 7.45
C2' OMG E 3059 -47.04 -1.55 7.33
O2' OMG E 3059 -47.24 -1.52 5.93
CM2 OMG E 3059 -46.07 -1.85 5.21
C1' OMG E 3059 -46.60 -0.16 7.78
N9 OMG E 3059 -45.66 -0.21 8.92
C8 OMG E 3059 -45.97 -0.08 10.25
N7 OMG E 3059 -44.93 -0.18 11.01
C5 OMG E 3059 -43.88 -0.37 10.15
C6 OMG E 3059 -42.50 -0.53 10.39
O6 OMG E 3059 -41.91 -0.54 11.45
N1 OMG E 3059 -41.80 -0.71 9.20
C2 OMG E 3059 -42.33 -0.71 7.96
N2 OMG E 3059 -41.49 -0.89 6.94
N3 OMG E 3059 -43.61 -0.55 7.73
C4 OMG E 3059 -44.33 -0.39 8.84
N1 PSU E 3070 -39.09 -23.56 -2.25
C2 PSU E 3070 -37.91 -22.86 -2.19
N3 PSU E 3070 -37.33 -22.36 -3.33
C4 PSU E 3070 -37.94 -22.58 -4.53
C5 PSU E 3070 -39.13 -23.29 -4.59
C6 PSU E 3070 -39.70 -23.76 -3.42
O2 PSU E 3070 -37.37 -22.68 -1.10
O4 PSU E 3070 -37.42 -22.14 -5.54
C1' PSU E 3070 -39.84 -23.49 -5.89
C2' PSU E 3070 -39.26 -24.46 -6.92
O2' PSU E 3070 -39.29 -23.81 -8.18
C3' PSU E 3070 -40.25 -25.61 -6.88
C4' PSU E 3070 -41.56 -24.95 -6.53
O3' PSU E 3070 -40.32 -26.31 -8.11
O4' PSU E 3070 -41.18 -23.88 -5.64
C5' PSU E 3070 -42.57 -25.83 -5.86
O5' PSU E 3070 -42.07 -26.33 -4.63
P PSU E 3070 -42.98 -27.20 -3.66
OP1 PSU E 3070 -43.62 -28.27 -4.44
OP2 PSU E 3070 -42.12 -27.51 -2.51
N1 PSU E 3098 -28.61 -35.75 -19.67
C2 PSU E 3098 -28.27 -36.37 -18.49
N3 PSU E 3098 -28.96 -37.49 -18.08
C4 PSU E 3098 -29.98 -37.97 -18.85
C5 PSU E 3098 -30.33 -37.34 -20.03
C6 PSU E 3098 -29.63 -36.21 -20.42
O2 PSU E 3098 -27.35 -35.94 -17.81
O4 PSU E 3098 -30.59 -38.96 -18.47
C1' PSU E 3098 -31.46 -37.85 -20.88
C2' PSU E 3098 -32.79 -37.50 -20.22
O2' PSU E 3098 -33.72 -38.51 -20.58
C3' PSU E 3098 -33.13 -36.20 -20.91
C4' PSU E 3098 -32.67 -36.47 -22.34
O3' PSU E 3098 -34.49 -35.85 -20.82
O4' PSU E 3098 -31.44 -37.23 -22.15
C5' PSU E 3098 -32.40 -35.25 -23.17
O5' PSU E 3098 -31.51 -34.35 -22.53
P PSU E 3098 -30.62 -33.34 -23.37
OP1 PSU E 3098 -31.53 -32.45 -24.09
OP2 PSU E 3098 -29.59 -32.79 -22.47
N1 PSU E 3109 -37.53 -14.58 -2.31
C2 PSU E 3109 -37.80 -15.07 -1.06
N3 PSU E 3109 -39.07 -15.48 -0.73
C4 PSU E 3109 -40.07 -15.41 -1.67
C5 PSU E 3109 -39.79 -14.90 -2.92
C6 PSU E 3109 -38.50 -14.50 -3.23
O2 PSU E 3109 -36.91 -15.14 -0.22
O4 PSU E 3109 -41.20 -15.77 -1.38
C1' PSU E 3109 -40.84 -14.83 -4.00
C2' PSU E 3109 -41.93 -13.77 -3.82
O2' PSU E 3109 -43.17 -14.36 -4.18
C3' PSU E 3109 -41.52 -12.72 -4.85
C4' PSU E 3109 -40.87 -13.55 -5.94
O3' PSU E 3109 -42.63 -11.98 -5.35
O4' PSU E 3109 -40.23 -14.64 -5.24
C5' PSU E 3109 -39.84 -12.83 -6.78
O5' PSU E 3109 -38.78 -12.35 -5.99
P PSU E 3109 -37.46 -11.79 -6.66
OP1 PSU E 3109 -37.85 -10.74 -7.61
OP2 PSU E 3109 -36.46 -11.49 -5.62
P 5MC E 3114 -46.47 -7.54 14.05
OP1 5MC E 3114 -46.93 -7.17 15.45
OP2 5MC E 3114 -47.46 -7.59 12.90
O5' 5MC E 3114 -45.32 -6.53 13.65
C5' 5MC E 3114 -44.20 -6.34 14.49
C4' 5MC E 3114 -43.43 -5.10 14.12
O4' 5MC E 3114 -42.78 -5.28 12.86
C3' 5MC E 3114 -44.26 -3.82 13.94
O3' 5MC E 3114 -44.29 -3.03 15.11
C2' 5MC E 3114 -43.60 -3.10 12.74
O2' 5MC E 3114 -43.05 -1.86 13.15
C1' 5MC E 3114 -42.46 -4.03 12.35
N1 5MC E 3114 -42.24 -4.11 10.89
C2 5MC E 3114 -40.96 -4.38 10.43
O2 5MC E 3114 -40.06 -4.53 11.24
N3 5MC E 3114 -40.74 -4.44 9.12
C4 5MC E 3114 -41.72 -4.27 8.27
N4 5MC E 3114 -41.45 -4.36 6.97
C5 5MC E 3114 -43.05 -4.00 8.68
C6 5MC E 3114 -43.25 -3.93 10.01
CM5 5MC E 3114 -44.11 -3.81 7.66
N1 OMC E 3123 -20.16 -23.50 24.28
C2 OMC E 3123 -21.38 -23.31 24.96
N3 OMC E 3123 -22.50 -23.19 24.25
C4 OMC E 3123 -22.49 -23.25 22.95
C5 OMC E 3123 -21.29 -23.43 22.22
C6 OMC E 3123 -20.17 -23.55 22.94
O2 OMC E 3123 -21.40 -23.27 26.19
N4 OMC E 3123 -23.65 -23.12 22.30
C1' OMC E 3123 -18.86 -23.64 24.97
C2' OMC E 3123 -18.76 -24.95 25.75
O2' OMC E 3123 -18.02 -24.69 26.94
CM2 OMC E 3123 -18.84 -24.21 27.97
C3' OMC E 3123 -17.97 -25.82 24.80
C4' OMC E 3123 -17.04 -24.82 24.14
O4' OMC E 3123 -17.84 -23.63 24.01
O3' OMC E 3123 -17.27 -26.87 25.45
C5' OMC E 3123 -16.51 -25.23 22.79
O5' OMC E 3123 -17.58 -25.57 21.92
P OMC E 3123 -17.35 -25.74 20.37
OP1 OMC E 3123 -16.32 -26.84 20.18
OP2 OMC E 3123 -18.71 -25.85 19.70
N1 PSU E 3124 -22.08 -26.74 23.50
C2 PSU E 3124 -23.37 -26.48 23.10
N3 PSU E 3124 -24.39 -26.42 24.01
C4 PSU E 3124 -24.10 -26.64 25.33
C5 PSU E 3124 -22.82 -26.92 25.74
C6 PSU E 3124 -21.81 -26.96 24.80
O2 PSU E 3124 -23.62 -26.29 21.92
O4 PSU E 3124 -25.01 -26.60 26.16
C1' PSU E 3124 -22.49 -27.13 27.19
C2' PSU E 3124 -22.78 -28.51 27.77
O2' PSU E 3124 -23.27 -28.34 29.09
C3' PSU E 3124 -21.39 -29.14 27.79
C4' PSU E 3124 -20.48 -27.97 28.05
O3' PSU E 3124 -21.25 -30.15 28.78
O4' PSU E 3124 -21.13 -26.86 27.39
C5' PSU E 3124 -19.08 -28.10 27.54
O5' PSU E 3124 -19.09 -28.45 26.16
P PSU E 3124 -17.77 -28.39 25.28
OP1 PSU E 3124 -16.80 -29.26 25.97
OP2 PSU E 3124 -18.13 -28.63 23.88
N1 PSU E 3138 -19.15 -58.40 4.81
C2 PSU E 3138 -19.20 -57.39 3.88
N3 PSU E 3138 -20.13 -57.41 2.88
C4 PSU E 3138 -21.04 -58.44 2.82
C5 PSU E 3138 -20.99 -59.46 3.77
C6 PSU E 3138 -20.03 -59.41 4.76
O2 PSU E 3138 -18.38 -56.47 3.93
O4 PSU E 3138 -21.86 -58.43 1.91
C1' PSU E 3138 -21.94 -60.62 3.77
C2' PSU E 3138 -21.89 -61.47 2.51
O2' PSU E 3138 -23.18 -62.02 2.30
C3' PSU E 3138 -20.91 -62.55 2.92
C4' PSU E 3138 -21.26 -62.77 4.37
O3' PSU E 3138 -21.04 -63.73 2.14
O4' PSU E 3138 -21.60 -61.45 4.85
C5' PSU E 3138 -20.16 -63.36 5.23
O5' PSU E 3138 -20.68 -63.87 6.43
P PSU E 3138 -19.79 -63.95 7.75
OP1 PSU E 3138 -19.43 -65.35 8.04
OP2 PSU E 3138 -18.71 -62.96 7.59
N1 PSU E 3160 -10.05 -36.27 15.84
C2 PSU E 3160 -8.69 -36.30 15.64
N3 PSU E 3160 -7.87 -36.72 16.65
C4 PSU E 3160 -8.40 -37.11 17.86
C5 PSU E 3160 -9.77 -37.09 18.05
C6 PSU E 3160 -10.58 -36.66 17.01
O2 PSU E 3160 -8.22 -35.94 14.57
O4 PSU E 3160 -7.65 -37.48 18.75
C1' PSU E 3160 -10.36 -37.51 19.37
C2' PSU E 3160 -10.12 -36.36 20.35
O2' PSU E 3160 -9.97 -36.91 21.64
C3' PSU E 3160 -11.44 -35.61 20.24
C4' PSU E 3160 -12.45 -36.74 20.10
O3' PSU E 3160 -11.69 -34.76 21.34
O4' PSU E 3160 -11.75 -37.70 19.26
C5' PSU E 3160 -13.77 -36.38 19.47
O5' PSU E 3160 -13.60 -35.83 18.18
P PSU E 3160 -14.55 -36.27 16.98
OP1 PSU E 3160 -15.93 -36.29 17.48
OP2 PSU E 3160 -14.24 -35.48 15.79
P OMG E 3161 -11.18 -33.24 21.31
OP1 OMG E 3161 -11.77 -32.51 22.49
OP2 OMG E 3161 -11.37 -32.70 19.90
O5' OMG E 3161 -9.62 -33.37 21.57
C5' OMG E 3161 -9.12 -33.89 22.79
C4' OMG E 3161 -7.63 -33.73 22.88
O4' OMG E 3161 -6.98 -34.54 21.87
C3' OMG E 3161 -7.12 -32.32 22.59
O3' OMG E 3161 -7.19 -31.48 23.72
C2' OMG E 3161 -5.70 -32.58 22.10
O2' OMG E 3161 -4.84 -32.86 23.20
CM2 OMG E 3161 -3.74 -32.00 23.27
C1' OMG E 3161 -5.89 -33.86 21.30
N9 OMG E 3161 -6.20 -33.59 19.89
C8 OMG E 3161 -7.44 -33.61 19.30
N7 OMG E 3161 -7.38 -33.33 18.04
C5 OMG E 3161 -6.07 -33.09 17.79
C6 OMG E 3161 -5.41 -32.74 16.58
O6 OMG E 3161 -5.89 -32.55 15.48
N1 OMG E 3161 -4.05 -32.60 16.79
C2 OMG E 3161 -3.39 -32.78 17.97
N2 OMG E 3161 -2.06 -32.60 17.96
N3 OMG E 3161 -3.99 -33.11 19.07
C4 OMG E 3161 -5.31 -33.24 18.93
N1 OMU E 3165 -8.23 -18.50 13.53
C2 OMU E 3165 -9.15 -19.60 13.09
N3 OMU E 3165 -9.33 -20.81 13.91
C4 OMU E 3165 -8.60 -20.94 15.17
C5 OMU E 3165 -7.69 -19.84 15.60
C6 OMU E 3165 -7.51 -18.64 14.77
O2 OMU E 3165 -9.75 -19.48 12.04
O4 OMU E 3165 -8.74 -21.86 15.81
C1' OMU E 3165 -8.06 -17.30 12.69
C2' OMU E 3165 -9.03 -16.18 13.09
O2' OMU E 3165 -9.46 -15.52 11.91
CM2 OMU E 3165 -10.82 -15.21 11.94
C3' OMU E 3165 -8.14 -15.28 13.93
C4' OMU E 3165 -6.79 -15.43 13.27
O3' OMU E 3165 -8.58 -13.93 13.97
O4' OMU E 3165 -6.75 -16.82 12.86
C5' OMU E 3165 -5.61 -15.15 14.15
O5' OMU E 3165 -5.73 -15.82 15.40
P OMU E 3165 -4.46 -16.09 16.31
OP1 OMU E 3165 -3.94 -14.76 16.74
OP2 OMU E 3165 -4.84 -17.11 17.34
P OMG E 3166 -9.11 -13.30 15.35
OP1 OMG E 3166 -9.67 -11.94 15.04
OP2 OMG E 3166 -8.01 -13.44 16.40
O5' OMG E 3166 -10.31 -14.25 15.76
C5' OMG E 3166 -10.78 -14.29 17.10
C4' OMG E 3166 -12.25 -14.58 17.16
O4' OMG E 3166 -12.99 -13.49 16.57
C3' OMG E 3166 -12.71 -15.81 16.36
O3' OMG E 3166 -12.51 -17.01 17.06
C2' OMG E 3166 -14.18 -15.49 16.11
O2' OMG E 3166 -14.96 -15.81 17.25
CM2 OMG E 3166 -16.03 -16.69 16.97
C1' OMG E 3166 -14.17 -13.98 15.95
N9 OMG E 3166 -14.16 -13.55 14.55
C8 OMG E 3166 -13.12 -13.04 13.84
N7 OMG E 3166 -13.44 -12.75 12.61
C5 OMG E 3166 -14.75 -13.10 12.52
C6 OMG E 3166 -15.64 -13.01 11.41
O6 OMG E 3166 -15.43 -12.61 10.28
N1 OMG E 3166 -16.91 -13.48 11.76
C2 OMG E 3166 -17.27 -13.95 12.98
N2 OMG E 3166 -18.54 -14.36 13.12
N3 OMG E 3166 -16.45 -14.03 13.99
C4 OMG E 3166 -15.22 -13.59 13.71
N1 PSU E 3167 -12.85 -17.24 9.39
C2 PSU E 3167 -13.67 -16.57 8.51
N3 PSU E 3167 -14.90 -16.11 8.91
C4 PSU E 3167 -15.31 -16.31 10.21
C5 PSU E 3167 -14.48 -16.99 11.08
C6 PSU E 3167 -13.24 -17.45 10.65
O2 PSU E 3167 -13.30 -16.39 7.36
O4 PSU E 3167 -16.40 -15.91 10.60
C1' PSU E 3167 -14.92 -17.21 12.49
C2' PSU E 3167 -15.64 -18.55 12.65
O2' PSU E 3167 -16.66 -18.39 13.61
C3' PSU E 3167 -14.52 -19.44 13.19
C4' PSU E 3167 -13.74 -18.48 14.06
O3' PSU E 3167 -14.99 -20.55 13.92
O4' PSU E 3167 -13.80 -17.23 13.34
C5' PSU E 3167 -12.30 -18.85 14.32
O5' PSU E 3167 -12.08 -19.09 15.69
P PSU E 3167 -11.34 -18.03 16.60
OP1 PSU E 3167 -10.83 -18.75 17.78
OP2 PSU E 3167 -10.40 -17.25 15.80
N1 PSU E 3188 -27.21 -23.97 19.18
C2 PSU E 3188 -26.07 -24.59 19.63
N3 PSU E 3188 -26.03 -25.15 20.88
C4 PSU E 3188 -27.13 -25.07 21.69
C5 PSU E 3188 -28.28 -24.45 21.24
C6 PSU E 3188 -28.30 -23.89 19.97
O2 PSU E 3188 -25.08 -24.66 18.91
O4 PSU E 3188 -27.10 -25.57 22.81
C1' PSU E 3188 -29.48 -24.38 22.13
C2' PSU E 3188 -29.39 -23.20 23.10
O2' PSU E 3188 -29.92 -23.62 24.34
C3' PSU E 3188 -30.30 -22.18 22.44
C4' PSU E 3188 -31.37 -23.05 21.82
O3' PSU E 3188 -30.81 -21.25 23.37
O4' PSU E 3188 -30.67 -24.23 21.40
C5' PSU E 3188 -32.11 -22.45 20.65
O5' PSU E 3188 -31.23 -22.18 19.57
P PSU E 3188 -31.77 -21.90 18.11
OP1 PSU E 3188 -32.91 -20.98 18.30
OP2 PSU E 3188 -30.66 -21.51 17.23
P A2M E 3190 -32.53 -17.22 26.97
OP1 A2M E 3190 -33.08 -18.47 26.38
O5' A2M E 3190 -32.92 -16.91 28.71
C5' A2M E 3190 -32.06 -16.15 29.38
C4' A2M E 3190 -32.63 -15.70 30.71
O4' A2M E 3190 -33.81 -14.96 30.50
C3' A2M E 3190 -33.02 -16.83 31.61
O3' A2M E 3190 -31.86 -17.43 32.03
C2' A2M E 3190 -33.84 -16.09 32.63
O2' A2M E 3190 -33.09 -15.23 33.41
C1' A2M E 3190 -34.63 -15.29 31.59
CM' A2M E 3190 -33.92 -14.48 34.23
N9 A2M E 3190 -35.78 -15.96 31.09
C8 A2M E 3190 -35.98 -16.80 30.01
N7 A2M E 3190 -37.24 -17.24 29.90
C5 A2M E 3190 -37.86 -16.63 30.98
C6 A2M E 3190 -39.15 -16.65 31.45
N6 A2M E 3190 -40.15 -17.37 30.83
N1 A2M E 3190 -39.53 -15.96 32.55
C2 A2M E 3190 -38.55 -15.25 33.15
N3 A2M E 3190 -37.27 -15.13 32.83
C4 A2M E 3190 -36.99 -15.84 31.73
OP2 A2M E 3190 -33.08 -15.91 26.55
P UR3 E 3197 -16.46 -6.16 13.57
OP1 UR3 E 3197 -15.59 -5.43 12.62
OP2 UR3 E 3197 -16.55 -5.70 15.00
O5' UR3 E 3197 -17.92 -6.17 12.96
C5' UR3 E 3197 -18.18 -6.74 11.69
C4' UR3 E 3197 -19.64 -7.04 11.51
O4' UR3 E 3197 -20.06 -8.06 12.45
C1' UR3 E 3197 -21.40 -7.84 12.82
N1 UR3 E 3197 -21.46 -7.66 14.29
C6 UR3 E 3197 -20.25 -7.41 15.04
C2 UR3 E 3197 -22.75 -7.73 14.98
O2 UR3 E 3197 -23.73 -7.92 14.39
N3 UR3 E 3197 -22.81 -7.54 16.46
C3U UR3 E 3197 -24.14 -7.62 17.16
C4 UR3 E 3197 -21.62 -7.30 17.21
O4 UR3 E 3197 -21.68 -7.16 18.40
C5 UR3 E 3197 -20.31 -7.23 16.51
C2' UR3 E 3197 -21.89 -6.59 12.08
O2' UR3 E 3197 -22.51 -7.02 10.87
C3' UR3 E 3197 -20.58 -5.89 11.79
O3' UR3 E 3197 -20.66 -4.98 10.70
N1 PSU E 3199 -23.70 0.77 20.68
C2 PSU E 3199 -23.91 1.51 21.83
N3 PSU E 3199 -24.64 2.67 21.77
C4 PSU E 3199 -25.16 3.09 20.57
C5 PSU E 3199 -24.94 2.35 19.42
C6 PSU E 3199 -24.20 1.17 19.51
O2 PSU E 3199 -23.44 1.13 22.90
O4 PSU E 3199 -25.81 4.12 20.54
C1' PSU E 3199 -25.49 2.79 18.10
C2' PSU E 3199 -24.69 3.97 17.57
O2' PSU E 3199 -25.56 4.76 16.78
C3' PSU E 3199 -23.67 3.27 16.71
C4' PSU E 3199 -24.48 2.16 16.08
O3' PSU E 3199 -23.04 4.12 15.75
O4' PSU E 3199 -25.38 1.75 17.14
C5' PSU E 3199 -23.70 0.98 15.60
O5' PSU E 3199 -22.91 0.44 16.63
P PSU E 3199 -21.88 -0.72 16.34
OP1 PSU E 3199 -21.05 -0.22 15.23
OP2 PSU E 3199 -21.27 -1.12 17.62
N1 OMC E 3203 -8.89 6.59 13.62
C2 OMC E 3203 -9.02 5.49 12.77
N3 OMC E 3203 -10.25 5.13 12.38
C4 OMC E 3203 -11.31 5.78 12.75
C5 OMC E 3203 -11.23 6.91 13.62
C6 OMC E 3203 -10.00 7.26 14.02
O2 OMC E 3203 -8.03 4.88 12.41
N4 OMC E 3203 -12.50 5.38 12.32
C1' OMC E 3203 -7.57 7.06 14.13
C2' OMC E 3203 -6.74 7.72 13.04
O2' OMC E 3203 -5.37 7.54 13.37
CM2 OMC E 3203 -4.82 6.38 12.81
C3' OMC E 3203 -7.11 9.18 13.24
C4' OMC E 3203 -7.18 9.28 14.75
O4' OMC E 3203 -7.80 8.02 15.14
O3' OMC E 3203 -6.19 10.09 12.67
C5' OMC E 3203 -7.98 10.43 15.31
O5' OMC E 3203 -9.26 10.52 14.69
P OMC E 3203 -10.35 11.53 15.24
OP1 OMC E 3203 -9.77 12.92 15.16
OP2 OMC E 3203 -11.67 11.20 14.55
N1 PSU E 3219 -12.14 -0.66 16.60
C2 PSU E 3219 -13.07 0.35 16.72
N3 PSU E 3219 -12.83 1.43 17.54
C4 PSU E 3219 -11.64 1.51 18.22
C5 PSU E 3219 -10.71 0.50 18.09
C6 PSU E 3219 -10.98 -0.59 17.28
O2 PSU E 3219 -14.13 0.28 16.12
O4 PSU E 3219 -11.42 2.48 18.94
C1' PSU E 3219 -9.42 0.59 18.85
C2' PSU E 3219 -9.61 0.03 20.26
O2' PSU E 3219 -8.77 0.74 21.15
C3' PSU E 3219 -9.11 -1.39 20.07
C4' PSU E 3219 -7.94 -1.20 19.14
O3' PSU E 3219 -8.76 -2.03 21.28
O4' PSU E 3219 -8.39 -0.17 18.24
C5' PSU E 3219 -7.50 -2.41 18.36
O5' PSU E 3219 -8.60 -3.04 17.73
P PSU E 3219 -8.37 -4.11 16.57
OP1 PSU E 3219 -7.52 -5.23 17.03
OP2 PSU E 3219 -9.69 -4.38 15.98
P A2M E 3238 -52.76 -41.21 51.15
OP1 A2M E 3238 -53.36 -41.57 52.46
O5' A2M E 3238 -53.93 -40.84 49.83
C5' A2M E 3238 -54.47 -39.62 49.85
C4' A2M E 3238 -55.12 -39.35 48.51
O4' A2M E 3238 -54.12 -39.04 47.60
C3' A2M E 3238 -55.83 -40.58 48.01
O3' A2M E 3238 -57.03 -40.62 48.69
C2' A2M E 3238 -55.80 -40.36 46.50
O2' A2M E 3238 -56.72 -39.40 46.07
C1' A2M E 3238 -54.38 -39.78 46.44
CM' A2M E 3238 -56.95 -39.54 44.70
N9 A2M E 3238 -53.32 -40.71 46.26
C8 A2M E 3238 -52.42 -41.27 47.16
N7 A2M E 3238 -51.54 -42.11 46.58
C5 A2M E 3238 -51.92 -42.06 45.24
C6 A2M E 3238 -51.43 -42.66 44.11
N6 A2M E 3238 -50.37 -43.53 44.15
N1 A2M E 3238 -51.98 -42.46 42.89
C2 A2M E 3238 -53.02 -41.60 42.86
N3 A2M E 3238 -53.61 -40.93 43.85
C4 A2M E 3238 -53.01 -41.19 45.03
OP2 A2M E 3238 -52.05 -42.25 50.34
N1 PSU E 3243 -58.79 -54.26 57.32
C2 PSU E 3243 -58.04 -55.12 58.09
N3 PSU E 3243 -57.49 -54.69 59.26
C4 PSU E 3243 -57.68 -53.38 59.67
C5 PSU E 3243 -58.42 -52.52 58.88
C6 PSU E 3243 -58.97 -52.98 57.70
O2 PSU E 3243 -57.89 -56.27 57.72
O4 PSU E 3243 -57.18 -53.00 60.72
C1' PSU E 3243 -58.67 -51.10 59.30
C2' PSU E 3243 -57.45 -50.18 59.21
O2' PSU E 3243 -57.53 -49.24 60.27
C3' PSU E 3243 -57.69 -49.50 57.87
C4' PSU E 3243 -59.20 -49.37 57.81
O3' PSU E 3243 -57.03 -48.25 57.76
O4' PSU E 3243 -59.68 -50.56 58.48
C5' PSU E 3243 -59.80 -49.30 56.43
O5' PSU E 3243 -59.45 -50.44 55.66
P PSU E 3243 -59.87 -50.56 54.14
OP1 PSU E 3243 -59.59 -49.27 53.46
OP2 PSU E 3243 -59.28 -51.79 53.60
N1 PSU E 3246 -48.00 -56.61 54.37
C2 PSU E 3246 -48.55 -57.64 53.66
N3 PSU E 3246 -48.11 -58.92 53.84
C4 PSU E 3246 -47.12 -59.18 54.75
C5 PSU E 3246 -46.57 -58.14 55.48
C6 PSU E 3246 -47.03 -56.85 55.27
O2 PSU E 3246 -49.43 -57.41 52.83
O4 PSU E 3246 -46.73 -60.33 54.92
C1' PSU E 3246 -45.50 -58.40 56.50
C2' PSU E 3246 -44.15 -58.68 55.84
O2' PSU E 3246 -43.46 -59.61 56.65
C3' PSU E 3246 -43.50 -57.31 55.92
C4' PSU E 3246 -43.98 -56.80 57.27
O3' PSU E 3246 -42.09 -57.35 55.81
O4' PSU E 3246 -45.34 -57.28 57.35
C5' PSU E 3246 -43.96 -55.31 57.44
O5' PSU E 3246 -44.62 -54.66 56.38
P PSU E 3246 -45.08 -53.14 56.49
OP1 PSU E 3246 -43.87 -52.31 56.64
OP2 PSU E 3246 -46.03 -52.86 55.40
P A2M E 3257 -26.11 -55.44 27.33
OP1 A2M E 3257 -27.40 -55.61 26.58
O5' A2M E 3257 -24.61 -55.75 26.36
C5' A2M E 3257 -23.46 -55.29 26.86
C4' A2M E 3257 -23.24 -53.85 26.42
O4' A2M E 3257 -22.96 -53.09 27.55
C3' A2M E 3257 -22.08 -53.70 25.46
O3' A2M E 3257 -22.49 -54.19 24.25
C2' A2M E 3257 -21.81 -52.23 25.62
O2' A2M E 3257 -22.82 -51.44 25.07
C1' A2M E 3257 -21.93 -52.21 27.14
CM' A2M E 3257 -22.38 -50.12 24.88
N9 A2M E 3257 -20.74 -52.54 27.88
C8 A2M E 3257 -20.41 -53.61 28.71
N7 A2M E 3257 -19.16 -53.51 29.19
C5 A2M E 3257 -18.69 -52.34 28.63
C6 A2M E 3257 -17.50 -51.65 28.71
N6 A2M E 3257 -16.44 -52.10 29.47
N1 A2M E 3257 -17.30 -50.49 28.05
C2 A2M E 3257 -18.33 -50.04 27.31
N3 A2M E 3257 -19.53 -50.56 27.12
C4 A2M E 3257 -19.66 -51.72 27.81
OP2 A2M E 3257 -25.74 -56.42 28.39
P OMG E 3285 -5.43 -53.93 32.53
OP1 OMG E 3285 -5.20 -53.44 33.95
OP2 OMG E 3285 -6.85 -54.23 32.07
O5' OMG E 3285 -4.80 -52.88 31.53
C5' OMG E 3285 -5.47 -51.68 31.22
C4' OMG E 3285 -5.24 -51.29 29.79
O4' OMG E 3285 -5.30 -52.45 28.93
C3' OMG E 3285 -6.26 -50.34 29.20
O3' OMG E 3285 -6.03 -49.00 29.57
C2' OMG E 3285 -6.15 -50.61 27.72
O2' OMG E 3285 -4.99 -49.99 27.18
CM2 OMG E 3285 -5.17 -49.49 25.89
C1' OMG E 3285 -5.93 -52.12 27.71
N9 OMG E 3285 -7.20 -52.86 27.63
C8 OMG E 3285 -7.61 -53.84 28.51
N7 OMG E 3285 -8.77 -54.33 28.20
C5 OMG E 3285 -9.15 -53.65 27.08
C6 OMG E 3285 -10.32 -53.76 26.29
O6 OMG E 3285 -11.28 -54.51 26.46
N1 OMG E 3285 -10.29 -52.88 25.23
C2 OMG E 3285 -9.29 -52.01 24.94
N2 OMG E 3285 -9.45 -51.23 23.86
N3 OMG E 3285 -8.21 -51.91 25.66
C4 OMG E 3285 -8.18 -52.74 26.71
N1 OMU E 3287 -14.25 -46.46 26.66
C2 OMU E 3287 -15.34 -47.48 26.78
N3 OMU E 3287 -15.19 -48.63 27.70
C4 OMU E 3287 -13.99 -48.77 28.50
C5 OMU E 3287 -12.91 -47.76 28.38
C6 OMU E 3287 -13.07 -46.61 27.46
O2 OMU E 3287 -16.36 -47.36 26.11
O4 OMU E 3287 -13.87 -49.65 29.19
C1' OMU E 3287 -14.41 -45.31 25.73
C2' OMU E 3287 -15.31 -44.25 26.34
O2' OMU E 3287 -15.90 -43.52 25.27
CM2 OMU E 3287 -16.90 -44.22 24.62
C3' OMU E 3287 -14.28 -43.40 27.06
C4' OMU E 3287 -13.14 -43.38 26.06
O3' OMU E 3287 -14.74 -42.12 27.44
O4' OMU E 3287 -13.15 -44.72 25.51
C5' OMU E 3287 -11.78 -43.09 26.63
O5' OMU E 3287 -11.55 -43.82 27.82
P OMU E 3287 -10.11 -43.94 28.45
OP1 OMU E 3287 -9.62 -42.56 28.74
OP2 OMU E 3287 -10.17 -44.96 29.56
P OMG E 3290 -24.03 -44.47 35.71
OP1 OMG E 3290 -25.37 -43.77 35.82
OP2 OMG E 3290 -22.74 -43.67 35.80
O5' OMG E 3290 -23.98 -45.64 36.77
C5' OMG E 3290 -24.91 -46.70 36.71
C4' OMG E 3290 -24.56 -47.80 37.68
O4' OMG E 3290 -23.46 -48.59 37.17
C3' OMG E 3290 -24.06 -47.34 39.03
O3' OMG E 3290 -25.09 -46.89 39.89
C2' OMG E 3290 -23.31 -48.57 39.53
O2' OMG E 3290 -24.23 -49.57 39.92
CM2 OMG E 3290 -23.66 -50.56 40.75
C1' OMG E 3290 -22.65 -49.02 38.24
N9 OMG E 3290 -21.30 -48.44 38.07
C8 OMG E 3290 -20.98 -47.27 37.43
N7 OMG E 3290 -19.71 -47.04 37.45
C5 OMG E 3290 -19.17 -48.08 38.15
C6 OMG E 3290 -17.83 -48.37 38.50
O6 OMG E 3290 -16.82 -47.73 38.25
N1 OMG E 3290 -17.74 -49.56 39.21
C2 OMG E 3290 -18.79 -50.36 39.55
N2 OMG E 3290 -18.50 -51.46 40.25
N3 OMG E 3290 -20.03 -50.10 39.23
C4 OMG E 3290 -20.16 -48.96 38.53
N1 PSU E 3295 -8.41 -47.61 50.33
C2 PSU E 3295 -8.55 -47.01 49.10
N3 PSU E 3295 -7.52 -47.01 48.21
C4 PSU E 3295 -6.33 -47.62 48.55
C5 PSU E 3295 -6.18 -48.20 49.80
C6 PSU E 3295 -7.25 -48.20 50.67
O2 PSU E 3295 -9.61 -46.48 48.80
O4 PSU E 3295 -5.42 -47.60 47.73
C1' PSU E 3295 -4.92 -48.89 50.22
C2' PSU E 3295 -3.70 -47.98 50.35
O2' PSU E 3295 -2.55 -48.72 49.94
C3' PSU E 3295 -3.66 -47.73 51.84
C4' PSU E 3295 -4.16 -49.05 52.43
O3' PSU E 3295 -2.37 -47.40 52.32
O4' PSU E 3295 -5.14 -49.51 51.46
C5' PSU E 3295 -4.79 -48.96 53.78
O5' PSU E 3295 -5.94 -48.13 53.77
P PSU E 3295 -6.93 -48.08 55.00
OP1 PSU E 3295 -6.14 -47.91 56.23
OP2 PSU E 3295 -8.00 -47.12 54.69
N1 PSU E 3303 -11.26 -22.56 67.86
C2 PSU E 3303 -10.46 -21.59 67.30
N3 PSU E 3303 -9.81 -21.83 66.11
C4 PSU E 3303 -9.96 -23.04 65.51
C5 PSU E 3303 -10.76 -24.01 66.07
C6 PSU E 3303 -11.41 -23.76 67.27
O2 PSU E 3303 -10.33 -20.50 67.85
O4 PSU E 3303 -9.38 -23.27 64.45
C1' PSU E 3303 -10.89 -25.33 65.37
C2' PSU E 3303 -10.45 -26.47 66.28
O2' PSU E 3303 -9.62 -27.35 65.54
C3' PSU E 3303 -11.77 -27.14 66.64
C4' PSU E 3303 -12.62 -26.89 65.39
O3' PSU E 3303 -11.64 -28.52 66.93
O4' PSU E 3303 -12.20 -25.59 64.94
C5' PSU E 3303 -14.11 -26.92 65.60
O5' PSU E 3303 -14.52 -28.09 66.27
P PSU E 3303 -15.65 -29.03 65.68
OP1 PSU E 3303 -16.69 -29.07 66.73
OP2 PSU E 3303 -15.99 -28.57 64.31
P OMG E 3304 -11.40 -29.01 68.42
OP1 OMG E 3304 -12.73 -29.50 68.96
OP2 OMG E 3304 -10.60 -27.95 69.18
O5' OMG E 3304 -10.46 -30.28 68.24
C5' OMG E 3304 -10.11 -31.10 69.34
C4' OMG E 3304 -8.95 -32.00 69.01
O4' OMG E 3304 -8.86 -32.18 67.59
C3' OMG E 3304 -7.59 -31.47 69.39
O3' OMG E 3304 -7.32 -31.62 70.77
C2' OMG E 3304 -6.66 -32.27 68.50
O2' OMG E 3304 -6.44 -33.56 69.06
CM2 OMG E 3304 -5.73 -34.42 68.21
C1' OMG E 3304 -7.52 -32.45 67.24
N9 OMG E 3304 -7.12 -31.55 66.15
C8 OMG E 3304 -7.84 -30.48 65.68
N7 OMG E 3304 -7.25 -29.89 64.69
C5 OMG E 3304 -6.09 -30.58 64.49
C6 OMG E 3304 -5.06 -30.39 63.55
O6 OMG E 3304 -4.95 -29.54 62.69
N1 OMG E 3304 -4.06 -31.35 63.71
C2 OMG E 3304 -4.05 -32.34 64.62
N2 OMG E 3304 -2.99 -33.16 64.60
N3 OMG E 3304 -5.01 -32.52 65.50
C4 OMG E 3304 -6.00 -31.63 65.38
N1 PSU E 3340 -10.34 -47.36 41.55
C2 PSU E 3340 -11.69 -47.17 41.60
N3 PSU E 3340 -12.48 -47.90 42.44
C4 PSU E 3340 -11.90 -48.86 43.25
C5 PSU E 3340 -10.53 -49.06 43.20
C6 PSU E 3340 -9.76 -48.29 42.34
O2 PSU E 3340 -12.21 -46.32 40.88
O4 PSU E 3340 -12.60 -49.52 44.00
C1' PSU E 3340 -9.88 -50.09 44.07
C2' PSU E 3340 -10.10 -51.49 43.51
O2' PSU E 3340 -10.14 -52.41 44.60
C3' PSU E 3340 -8.83 -51.70 42.71
C4' PSU E 3340 -7.78 -50.99 43.56
O3' PSU E 3340 -8.51 -53.05 42.47
O4' PSU E 3340 -8.49 -49.86 44.11
C5' PSU E 3340 -6.56 -50.51 42.82
O5' PSU E 3340 -6.92 -49.61 41.78
P PSU E 3340 -5.82 -48.71 41.06
OP1 PSU E 3340 -4.74 -49.60 40.57
OP2 PSU E 3340 -6.56 -47.85 40.13
N1 PSU E 3356 -33.53 -77.57 -3.38
C2 PSU E 3356 -34.54 -76.66 -3.51
N3 PSU E 3356 -35.83 -77.00 -3.17
C4 PSU E 3356 -36.10 -78.27 -2.70
C5 PSU E 3356 -35.07 -79.18 -2.57
C6 PSU E 3356 -33.79 -78.80 -2.92
O2 PSU E 3356 -34.31 -75.54 -3.92
O4 PSU E 3356 -37.24 -78.57 -2.40
C1' PSU E 3356 -35.34 -80.56 -2.04
C2' PSU E 3356 -35.96 -81.44 -3.13
O2' PSU E 3356 -36.78 -82.40 -2.49
C3' PSU E 3356 -34.72 -82.09 -3.71
C4' PSU E 3356 -33.88 -82.34 -2.47
O3' PSU E 3356 -35.00 -83.26 -4.45
O4' PSU E 3356 -34.13 -81.17 -1.65
C5' PSU E 3356 -32.40 -82.48 -2.70
O5' PSU E 3356 -31.87 -81.37 -3.39
P PSU E 3356 -30.31 -81.07 -3.40
OP1 PSU E 3356 -29.60 -82.32 -3.72
OP2 PSU E 3356 -30.09 -79.86 -4.23
N1 PSU E 3558 -41.05 -39.59 68.32
C2 PSU E 3558 -40.69 -40.88 68.04
N3 PSU E 3558 -40.01 -41.63 68.97
C4 PSU E 3558 -39.68 -41.07 70.18
C5 PSU E 3558 -40.04 -39.76 70.45
C6 PSU E 3558 -40.73 -39.03 69.49
O2 PSU E 3558 -40.98 -41.39 66.95
O4 PSU E 3558 -39.07 -41.75 70.99
C1' PSU E 3558 -39.70 -39.12 71.76
C2' PSU E 3558 -38.20 -38.88 71.91
O2' PSU E 3558 -37.85 -39.04 73.27
C3' PSU E 3558 -38.09 -37.42 71.48
C4' PSU E 3558 -39.37 -36.83 72.03
O3' PSU E 3558 -36.91 -36.79 71.97
O4' PSU E 3558 -40.35 -37.87 71.85
C5' PSU E 3558 -39.83 -35.55 71.38
O5' PSU E 3558 -39.93 -35.69 69.97
P PSU E 3558 -40.63 -34.58 69.08
OP1 PSU E 3558 -39.95 -33.29 69.31
OP2 PSU E 3558 -40.76 -35.10 67.72
N1 PSU E 3559 -37.27 -39.73 67.56
C2 PSU E 3559 -37.47 -40.63 66.54
N3 PSU E 3559 -36.92 -41.89 66.60
C4 PSU E 3559 -36.14 -42.23 67.68
C5 PSU E 3559 -35.94 -41.32 68.70
C6 PSU E 3559 -36.52 -40.06 68.62
O2 PSU E 3559 -38.17 -40.33 65.57
O4 PSU E 3559 -35.64 -43.35 67.74
C1' PSU E 3559 -35.11 -41.68 69.90
C2' PSU E 3559 -33.61 -41.64 69.63
O2' PSU E 3559 -33.00 -42.65 70.40
C3' PSU E 3559 -33.24 -40.27 70.18
C4' PSU E 3559 -34.17 -40.12 71.37
O3' PSU E 3559 -31.87 -40.15 70.53
O4' PSU E 3559 -35.39 -40.77 70.94
C5' PSU E 3559 -34.48 -38.71 71.79
O5' PSU E 3559 -35.05 -37.97 70.74
P PSU E 3559 -35.68 -36.52 70.99
OP1 PSU E 3559 -34.69 -35.69 71.69
OP2 PSU E 3559 -36.21 -36.10 69.67
N1 PSU E 3587 -7.18 -46.05 72.18
C2 PSU E 3587 -7.63 -44.77 71.99
N3 PSU E 3587 -8.21 -44.41 70.81
C4 PSU E 3587 -8.33 -45.33 69.80
C5 PSU E 3587 -7.89 -46.63 69.98
C6 PSU E 3587 -7.32 -46.97 71.21
O2 PSU E 3587 -7.51 -43.93 72.88
O4 PSU E 3587 -8.86 -45.00 68.75
C1' PSU E 3587 -8.02 -47.68 68.92
C2' PSU E 3587 -7.12 -47.45 67.72
O2' PSU E 3587 -7.79 -47.93 66.56
C3' PSU E 3587 -5.94 -48.35 68.06
C4' PSU E 3587 -6.62 -49.54 68.71
O3' PSU E 3587 -5.15 -48.71 66.95
O4' PSU E 3587 -7.72 -48.94 69.46
C5' PSU E 3587 -5.76 -50.35 69.63
O5' PSU E 3587 -5.17 -49.55 70.64
P PSU E 3587 -4.55 -50.20 71.94
OP1 PSU E 3587 -3.47 -51.13 71.59
OP2 PSU E 3587 -4.29 -49.10 72.89
N1 PSU E 3596 10.78 -28.55 86.71
C2 PSU E 3596 11.35 -29.56 85.96
N3 PSU E 3596 11.74 -30.73 86.56
C4 PSU E 3596 11.53 -30.91 87.91
C5 PSU E 3596 10.96 -29.89 88.65
C6 PSU E 3596 10.57 -28.71 88.03
O2 PSU E 3596 11.53 -29.40 84.76
O4 PSU E 3596 11.87 -31.95 88.44
C1' PSU E 3596 10.73 -30.08 90.12
C2' PSU E 3596 12.03 -29.86 90.90
O2' PSU E 3596 12.02 -30.70 92.03
C3' PSU E 3596 11.88 -28.40 91.31
C4' PSU E 3596 10.40 -28.29 91.59
O3' PSU E 3596 12.68 -28.04 92.41
O4' PSU E 3596 9.79 -29.16 90.60
C5' PSU E 3596 9.82 -26.91 91.49
O5' PSU E 3596 10.06 -26.34 90.20
P PSU E 3596 9.30 -25.02 89.73
OP1 PSU E 3596 9.45 -24.05 90.82
OP2 PSU E 3596 9.76 -24.68 88.37
N1 PSU G 55 -60.67 33.19 60.66
C2 PSU G 55 -60.69 33.46 62.00
N3 PSU G 55 -61.88 33.64 62.65
C4 PSU G 55 -63.06 33.55 61.94
C5 PSU G 55 -63.03 33.28 60.59
C6 PSU G 55 -61.81 33.09 59.96
O2 PSU G 55 -59.64 33.55 62.63
O4 PSU G 55 -64.13 33.72 62.52
C1' PSU G 55 -64.32 33.18 59.82
C2' PSU G 55 -64.81 34.57 59.47
O2' PSU G 55 -66.23 34.56 59.45
C3' PSU G 55 -64.26 34.73 58.06
C4' PSU G 55 -64.43 33.34 57.49
O3' PSU G 55 -64.93 35.73 57.31
O4' PSU G 55 -64.12 32.48 58.61
C5' PSU G 55 -63.54 33.00 56.32
O5' PSU G 55 -62.17 33.04 56.67
P PSU G 55 -61.07 32.37 55.73
OP1 PSU G 55 -61.40 32.78 54.35
OP2 PSU G 55 -59.72 32.65 56.27
N1 PSU G 69 -82.45 48.50 69.82
C2 PSU G 69 -81.58 47.75 70.55
N3 PSU G 69 -81.57 46.38 70.45
C4 PSU G 69 -82.45 45.76 69.60
C5 PSU G 69 -83.35 46.52 68.87
C6 PSU G 69 -83.33 47.90 68.98
O2 PSU G 69 -80.79 48.31 71.31
O4 PSU G 69 -82.44 44.54 69.51
C1' PSU G 69 -84.30 45.89 67.89
C2' PSU G 69 -85.43 45.00 68.41
O2' PSU G 69 -85.44 43.81 67.65
C3' PSU G 69 -86.67 45.84 68.13
C4' PSU G 69 -86.29 46.63 66.89
O3' PSU G 69 -87.82 45.06 67.91
O4' PSU G 69 -84.88 46.88 67.06
C5' PSU G 69 -87.01 47.94 66.72
O5' PSU G 69 -86.66 48.86 67.74
P PSU G 69 -86.95 50.41 67.58
OP1 PSU G 69 -88.39 50.56 67.27
OP2 PSU G 69 -86.37 51.11 68.75
P OMG G 75 -73.52 25.16 71.13
OP1 OMG G 75 -72.52 24.66 70.11
OP2 OMG G 75 -74.99 25.25 70.74
O5' OMG G 75 -73.39 24.29 72.45
C5' OMG G 75 -73.19 22.90 72.38
C4' OMG G 75 -72.01 22.47 73.22
O4' OMG G 75 -70.78 22.88 72.58
C3' OMG G 75 -71.92 23.09 74.60
O3' OMG G 75 -72.79 22.48 75.54
C2' OMG G 75 -70.44 22.91 74.93
O2' OMG G 75 -70.18 21.58 75.35
CM2 OMG G 75 -68.81 21.30 75.53
C1' OMG G 75 -69.79 23.12 73.55
N9 OMG G 75 -69.26 24.47 73.37
C8 OMG G 75 -69.71 25.44 72.50
N7 OMG G 75 -69.01 26.52 72.57
C5 OMG G 75 -68.06 26.29 73.51
C6 OMG G 75 -67.02 27.11 74.02
O6 OMG G 75 -66.73 28.26 73.71
N1 OMG G 75 -66.29 26.44 74.99
C2 OMG G 75 -66.51 25.18 75.42
N2 OMG G 75 -65.68 24.71 76.37
N3 OMG G 75 -67.46 24.41 74.96
C4 OMG G 75 -68.20 25.01 74.02
N GLY H 1 -24.70 26.43 14.51
CA GLY H 1 -25.89 27.07 15.03
C GLY H 1 -25.70 27.59 16.43
N ARG H 2 -24.47 27.55 16.92
CA ARG H 2 -24.13 27.99 18.27
C ARG H 2 -23.10 29.10 18.19
N VAL H 3 -23.21 30.07 19.10
CA VAL H 3 -22.24 31.15 19.16
C VAL H 3 -20.88 30.58 19.49
N ILE H 4 -19.86 31.01 18.74
CA ILE H 4 -18.54 30.41 18.86
C ILE H 4 -17.73 31.13 19.93
N ARG H 5 -16.67 30.47 20.37
CA ARG H 5 -15.66 31.12 21.19
C ARG H 5 -14.97 32.18 20.35
N GLY H 6 -14.74 33.34 20.97
CA GLY H 6 -14.22 34.47 20.23
C GLY H 6 -15.36 35.43 19.98
N GLN H 7 -16.50 34.88 19.58
CA GLN H 7 -17.74 35.65 19.64
C GLN H 7 -18.17 35.83 21.08
N ARG H 8 -18.00 34.79 21.90
CA ARG H 8 -18.36 34.90 23.31
C ARG H 8 -17.41 35.78 24.10
N LYS H 9 -16.26 36.15 23.54
CA LYS H 9 -15.29 36.93 24.30
C LYS H 9 -15.70 38.37 24.44
N GLY H 10 -16.53 38.89 23.53
CA GLY H 10 -16.89 40.28 23.59
C GLY H 10 -17.87 40.63 24.68
N ALA H 11 -18.71 39.68 25.09
CA ALA H 11 -19.59 39.92 26.23
C ALA H 11 -18.81 40.10 27.51
N GLY H 12 -17.65 39.45 27.61
CA GLY H 12 -16.69 39.73 28.65
C GLY H 12 -16.86 38.92 29.92
N SER H 13 -18.02 38.31 30.13
CA SER H 13 -18.40 37.77 31.44
C SER H 13 -17.28 36.95 32.08
N VAL H 14 -16.87 35.89 31.40
CA VAL H 14 -15.76 35.07 31.87
C VAL H 14 -14.43 35.55 31.31
N PHE H 15 -14.46 36.40 30.29
CA PHE H 15 -13.25 36.82 29.59
C PHE H 15 -12.79 38.23 29.94
N ARG H 16 -13.32 38.82 31.01
CA ARG H 16 -12.73 40.08 31.48
C ARG H 16 -11.33 39.84 32.01
N ALA H 17 -10.53 40.90 31.98
CA ALA H 17 -9.16 40.82 32.45
C ALA H 17 -9.11 40.66 33.97
N HIS H 18 -8.12 39.93 34.46
CA HIS H 18 -7.93 39.71 35.88
C HIS H 18 -7.11 40.87 36.43
N VAL H 19 -7.79 41.86 36.99
CA VAL H 19 -7.16 43.09 37.40
C VAL H 19 -7.19 43.27 38.92
N LYS H 20 -7.34 42.18 39.66
CA LYS H 20 -7.50 42.29 41.11
C LYS H 20 -6.23 42.77 41.78
N HIS H 21 -5.10 42.17 41.46
CA HIS H 21 -3.85 42.47 42.14
C HIS H 21 -2.95 43.40 41.34
N ARG H 22 -3.45 43.93 40.23
CA ARG H 22 -2.65 44.89 39.45
C ARG H 22 -2.48 46.18 40.23
N LYS H 23 -1.32 46.81 40.04
CA LYS H 23 -0.87 47.90 40.87
C LYS H 23 -1.37 49.26 40.42
N GLY H 24 -2.10 49.34 39.32
CA GLY H 24 -2.61 50.59 38.79
C GLY H 24 -2.22 50.79 37.34
N ALA H 25 -2.88 51.77 36.74
CA ALA H 25 -2.56 52.13 35.36
C ALA H 25 -1.19 52.79 35.32
N ALA H 26 -0.34 52.32 34.41
CA ALA H 26 1.01 52.83 34.28
C ALA H 26 1.01 53.98 33.29
N ARG H 27 1.27 55.18 33.78
CA ARG H 27 1.08 56.38 32.98
C ARG H 27 2.16 57.41 33.33
N LEU H 28 2.46 58.27 32.36
CA LEU H 28 3.24 59.47 32.66
C LEU H 28 2.39 60.43 33.48
N ARG H 29 3.04 61.43 34.06
CA ARG H 29 2.28 62.45 34.74
C ARG H 29 1.61 63.38 33.73
N ALA H 30 0.43 63.87 34.09
CA ALA H 30 -0.32 64.73 33.20
C ALA H 30 0.46 66.00 32.91
N VAL H 31 0.40 66.46 31.65
CA VAL H 31 1.16 67.62 31.26
C VAL H 31 0.62 68.86 31.96
N ASP H 32 1.51 69.72 32.42
CA ASP H 32 1.12 70.94 33.11
C ASP H 32 2.17 72.01 32.79
N PHE H 33 2.17 73.07 33.58
CA PHE H 33 3.07 74.19 33.31
C PHE H 33 4.53 73.79 33.42
N ALA H 34 4.88 72.99 34.43
CA ALA H 34 6.26 72.57 34.61
C ALA H 34 6.72 71.71 33.44
N GLU H 35 5.91 70.74 33.03
CA GLU H 35 6.22 69.95 31.84
C GLU H 35 6.39 70.84 30.63
N ARG H 36 5.50 71.82 30.47
CA ARG H 36 5.41 72.59 29.24
C ARG H 36 6.52 73.62 29.11
N HIS H 37 7.04 74.14 30.21
CA HIS H 37 8.00 75.23 30.14
C HIS H 37 9.36 74.93 30.75
N GLY H 38 9.44 74.08 31.76
CA GLY H 38 10.72 73.76 32.36
C GLY H 38 10.84 72.28 32.63
N TYR H 39 11.24 71.92 33.84
CA TYR H 39 11.24 70.53 34.25
C TYR H 39 10.84 70.44 35.71
N ILE H 40 10.36 69.27 36.09
CA ILE H 40 10.05 68.95 37.47
C ILE H 40 10.81 67.68 37.84
N LYS H 41 11.36 67.66 39.04
CA LYS H 41 12.19 66.55 39.51
C LYS H 41 11.38 65.65 40.42
N GLY H 42 11.45 64.34 40.18
CA GLY H 42 10.86 63.36 41.05
C GLY H 42 11.90 62.34 41.44
N ILE H 43 11.59 61.57 42.47
CA ILE H 43 12.51 60.57 43.00
C ILE H 43 11.86 59.19 42.85
N VAL H 44 12.64 58.24 42.34
CA VAL H 44 12.15 56.87 42.18
C VAL H 44 12.12 56.21 43.54
N LYS H 45 10.94 56.15 44.15
CA LYS H 45 10.79 55.56 45.47
C LYS H 45 10.70 54.05 45.43
N ASP H 46 10.21 53.45 44.34
CA ASP H 46 10.16 52.00 44.32
C ASP H 46 10.15 51.48 42.89
N ILE H 47 10.47 50.20 42.76
CA ILE H 47 10.30 49.44 41.52
C ILE H 47 9.57 48.16 41.88
N ILE H 48 8.43 47.92 41.26
CA ILE H 48 7.52 46.85 41.66
C ILE H 48 7.16 46.00 40.45
N HIS H 49 6.62 44.83 40.73
CA HIS H 49 6.17 43.90 39.71
C HIS H 49 4.66 44.00 39.58
N ASP H 50 4.19 44.39 38.40
CA ASP H 50 2.76 44.46 38.15
C ASP H 50 2.29 43.12 37.62
N PRO H 51 1.33 42.46 38.28
CA PRO H 51 0.82 41.19 37.76
C PRO H 51 0.20 41.34 36.39
N GLY H 52 0.44 40.36 35.53
CA GLY H 52 -0.11 40.34 34.20
C GLY H 52 0.77 40.94 33.13
N ARG H 53 1.74 41.76 33.50
CA ARG H 53 2.66 42.36 32.54
C ARG H 53 4.09 41.99 32.92
N GLY H 54 4.95 41.95 31.91
CA GLY H 54 6.35 41.62 32.13
C GLY H 54 7.25 42.79 32.41
N ALA H 55 6.77 44.00 32.22
CA ALA H 55 7.58 45.17 32.50
C ALA H 55 7.44 45.56 33.97
N PRO H 56 8.54 45.88 34.64
CA PRO H 56 8.42 46.43 36.00
C PRO H 56 7.86 47.84 35.95
N LEU H 57 7.22 48.24 37.03
CA LEU H 57 6.65 49.57 37.16
C LEU H 57 7.46 50.37 38.16
N ALA H 58 7.68 51.64 37.86
CA ALA H 58 8.46 52.52 38.72
C ALA H 58 7.52 53.46 39.46
N LYS H 59 7.53 53.39 40.77
CA LYS H 59 6.79 54.30 41.63
C LYS H 59 7.68 55.50 41.90
N VAL H 60 7.29 56.65 41.35
CA VAL H 60 8.07 57.89 41.41
C VAL H 60 7.23 58.94 42.13
N VAL H 61 7.87 59.69 43.03
CA VAL H 61 7.19 60.69 43.83
C VAL H 61 7.67 62.07 43.40
N PHE H 62 6.72 62.93 43.05
CA PHE H 62 6.97 64.31 42.67
C PHE H 62 6.42 65.26 43.73
N ARG H 63 6.80 66.52 43.62
CA ARG H 63 6.23 67.58 44.43
C ARG H 63 5.10 68.25 43.66
N ASP H 64 4.01 68.51 44.34
CA ASP H 64 2.92 69.23 43.70
C ASP H 64 3.29 70.70 43.57
N PRO H 65 3.25 71.28 42.37
CA PRO H 65 3.72 72.66 42.21
C PRO H 65 2.78 73.72 42.75
N TYR H 66 1.53 73.37 43.06
CA TYR H 66 0.55 74.38 43.44
C TYR H 66 0.07 74.26 44.88
N ARG H 67 0.12 73.08 45.46
CA ARG H 67 -0.28 72.89 46.85
C ARG H 67 0.71 71.98 47.54
N PHE H 68 0.76 72.10 48.86
CA PHE H 68 1.69 71.32 49.66
C PHE H 68 1.25 69.87 49.71
N LYS H 69 1.79 69.04 48.84
CA LYS H 69 1.38 67.65 48.73
C LYS H 69 2.41 66.92 47.87
N LYS H 70 2.48 65.60 48.05
CA LYS H 70 3.38 64.75 47.27
C LYS H 70 2.55 63.94 46.28
N ARG H 71 2.94 63.99 45.02
CA ARG H 71 2.23 63.29 43.95
C ARG H 71 3.02 62.05 43.56
N THR H 72 2.36 60.90 43.60
CA THR H 72 2.99 59.63 43.30
C THR H 72 2.51 59.16 41.93
N GLU H 73 3.46 58.84 41.05
CA GLU H 73 3.16 58.31 39.73
C GLU H 73 3.61 56.87 39.62
N LEU H 74 3.18 56.23 38.54
CA LEU H 74 3.40 54.81 38.28
C LEU H 74 4.04 54.63 36.91
N PHE H 75 5.14 55.33 36.67
CA PHE H 75 5.86 55.24 35.40
C PHE H 75 6.18 53.79 35.05
N ILE H 76 6.37 53.55 33.76
CA ILE H 76 6.89 52.27 33.30
C ILE H 76 8.41 52.33 33.35
N ALA H 77 9.02 51.36 34.02
CA ALA H 77 10.44 51.43 34.34
C ALA H 77 11.27 51.22 33.10
N ALA H 78 11.95 52.27 32.64
CA ALA H 78 12.99 52.12 31.64
C ALA H 78 14.17 51.40 32.26
N GLU H 79 14.80 50.52 31.49
CA GLU H 79 15.84 49.67 32.05
C GLU H 79 17.06 50.50 32.41
N GLY H 80 17.57 50.27 33.62
CA GLY H 80 18.72 50.98 34.13
C GLY H 80 18.42 51.92 35.27
N ILE H 81 17.15 52.30 35.44
CA ILE H 81 16.79 53.18 36.54
C ILE H 81 16.76 52.38 37.84
N HIS H 82 17.00 53.06 38.95
CA HIS H 82 17.08 52.42 40.25
C HIS H 82 16.37 53.28 41.27
N THR H 83 16.11 52.71 42.44
CA THR H 83 15.49 53.47 43.50
C THR H 83 16.48 54.49 44.05
N GLY H 84 15.94 55.62 44.50
CA GLY H 84 16.79 56.70 44.96
C GLY H 84 17.38 57.53 43.85
N GLN H 85 16.89 57.36 42.63
CA GLN H 85 17.37 58.12 41.49
C GLN H 85 16.41 59.26 41.19
N PHE H 86 16.96 60.41 40.79
CA PHE H 86 16.15 61.54 40.40
C PHE H 86 15.86 61.46 38.90
N VAL H 87 14.59 61.59 38.54
CA VAL H 87 14.16 61.61 37.16
C VAL H 87 13.47 62.94 36.88
N TYR H 88 13.72 63.50 35.71
CA TYR H 88 13.30 64.85 35.40
C TYR H 88 12.33 64.82 34.23
N CYS H 89 11.23 65.56 34.36
CA CYS H 89 10.16 65.52 33.38
C CYS H 89 9.85 66.94 32.94
N GLY H 90 9.92 67.18 31.65
CA GLY H 90 9.57 68.48 31.12
C GLY H 90 10.36 68.79 29.86
N LYS H 91 10.16 70.00 29.37
CA LYS H 91 10.80 70.41 28.12
C LYS H 91 12.30 70.61 28.32
N LYS H 92 12.71 71.14 29.46
CA LYS H 92 14.11 71.43 29.73
C LYS H 92 14.85 70.28 30.39
N ALA H 93 14.26 69.09 30.42
CA ALA H 93 14.96 67.94 30.97
C ALA H 93 16.09 67.50 30.03
N GLN H 94 17.11 66.90 30.61
CA GLN H 94 18.27 66.43 29.86
C GLN H 94 18.09 64.99 29.43
N LEU H 95 18.83 64.59 28.41
CA LEU H 95 18.77 63.22 27.90
C LEU H 95 19.46 62.27 28.86
N ASN H 96 18.68 61.65 29.73
CA ASN H 96 19.18 60.58 30.57
C ASN H 96 18.11 59.50 30.65
N ILE H 97 18.55 58.29 30.96
CA ILE H 97 17.63 57.16 31.04
C ILE H 97 16.63 57.41 32.16
N GLY H 98 15.35 57.39 31.81
CA GLY H 98 14.28 57.63 32.75
C GLY H 98 13.69 59.02 32.70
N ASN H 99 14.39 59.98 32.11
CA ASN H 99 13.83 61.32 31.98
C ASN H 99 12.71 61.33 30.96
N VAL H 100 11.75 62.22 31.17
CA VAL H 100 10.61 62.37 30.27
C VAL H 100 10.69 63.76 29.65
N LEU H 101 10.68 63.82 28.33
CA LEU H 101 10.82 65.09 27.64
C LEU H 101 10.23 64.94 26.25
N PRO H 102 9.77 66.02 25.63
CA PRO H 102 9.09 65.91 24.33
C PRO H 102 10.02 65.41 23.25
N VAL H 103 9.45 64.68 22.29
CA VAL H 103 10.25 64.10 21.24
C VAL H 103 10.85 65.16 20.34
N GLY H 104 10.15 66.28 20.15
CA GLY H 104 10.65 67.32 19.28
C GLY H 104 11.97 67.92 19.73
N THR H 105 12.25 67.84 21.03
CA THR H 105 13.51 68.32 21.58
C THR H 105 14.59 67.25 21.58
N MET H 106 14.31 66.10 21.04
CA MET H 106 15.27 65.02 21.10
C MET H 106 15.99 64.86 19.77
N PRO H 107 17.26 64.41 19.81
CA PRO H 107 18.04 64.30 18.57
C PRO H 107 17.51 63.26 17.59
N GLU H 108 18.17 63.16 16.44
CA GLU H 108 17.66 62.41 15.30
C GLU H 108 17.88 60.91 15.40
N GLY H 109 18.37 60.39 16.52
CA GLY H 109 18.60 58.97 16.60
C GLY H 109 18.25 58.36 17.95
N THR H 110 17.73 59.19 18.85
CA THR H 110 17.43 58.75 20.20
C THR H 110 16.32 57.70 20.17
N ILE H 111 16.26 56.88 21.21
CA ILE H 111 15.19 55.92 21.31
C ILE H 111 14.50 56.09 22.66
N VAL H 112 13.22 55.77 22.67
CA VAL H 112 12.30 56.20 23.71
C VAL H 112 11.45 55.02 24.14
N CYS H 113 10.88 55.16 25.34
CA CYS H 113 10.28 54.05 26.06
C CYS H 113 8.75 54.11 26.09
N CYS H 114 8.17 55.18 26.60
CA CYS H 114 6.71 55.24 26.77
C CYS H 114 6.21 56.44 25.97
N LEU H 115 5.97 56.21 24.69
CA LEU H 115 5.67 57.30 23.78
C LEU H 115 4.18 57.63 23.80
N GLU H 116 3.87 58.90 23.62
CA GLU H 116 2.48 59.34 23.52
C GLU H 116 2.02 59.26 22.07
N GLU H 117 0.81 58.72 21.89
CA GLU H 117 0.21 58.68 20.56
C GLU H 117 -0.33 60.04 20.17
N LYS H 118 -0.88 60.78 21.13
CA LYS H 118 -1.43 62.11 20.93
C LYS H 118 -0.77 63.08 21.91
N PRO H 119 -0.64 64.34 21.54
CA PRO H 119 0.09 65.27 22.41
C PRO H 119 -0.69 65.66 23.65
N GLY H 120 -0.57 64.88 24.72
CA GLY H 120 -1.22 65.24 25.96
C GLY H 120 -1.77 64.06 26.75
N ASP H 121 -2.07 62.96 26.08
CA ASP H 121 -2.40 61.75 26.82
C ASP H 121 -1.13 61.22 27.48
N ARG H 122 -1.25 60.15 28.24
CA ARG H 122 -0.07 59.59 28.85
C ARG H 122 0.57 58.63 27.86
N GLY H 123 1.57 57.87 28.28
CA GLY H 123 2.28 57.01 27.35
C GLY H 123 1.38 55.92 26.78
N LYS H 124 1.54 55.68 25.49
CA LYS H 124 0.75 54.67 24.79
C LYS H 124 1.56 53.69 23.96
N LEU H 125 2.75 54.04 23.50
CA LEU H 125 3.50 53.22 22.58
C LEU H 125 4.77 52.70 23.23
N ALA H 126 5.22 51.53 22.76
CA ALA H 126 6.46 50.89 23.19
C ALA H 126 6.46 50.58 24.69
N ARG H 127 5.31 50.21 25.22
CA ARG H 127 5.17 49.98 26.65
C ARG H 127 5.53 48.56 27.08
N ALA H 128 5.42 47.58 26.20
CA ALA H 128 5.69 46.20 26.57
C ALA H 128 7.18 45.97 26.75
N SER H 129 7.51 44.99 27.60
CA SER H 129 8.88 44.83 28.09
C SER H 129 9.88 44.58 26.97
N GLY H 130 11.01 45.27 27.03
CA GLY H 130 12.07 45.17 26.05
C GLY H 130 11.88 46.00 24.81
N ASN H 131 10.77 46.72 24.69
CA ASN H 131 10.43 47.44 23.46
C ASN H 131 10.83 48.90 23.55
N TYR H 132 11.00 49.51 22.38
CA TYR H 132 11.39 50.91 22.29
C TYR H 132 10.97 51.43 20.92
N ALA H 133 10.84 52.75 20.84
CA ALA H 133 10.62 53.42 19.57
C ALA H 133 11.83 54.30 19.28
N THR H 134 11.99 54.69 18.03
CA THR H 134 13.14 55.49 17.63
C THR H 134 12.69 56.80 17.01
N VAL H 135 13.30 57.90 17.42
CA VAL H 135 13.01 59.19 16.81
C VAL H 135 13.84 59.32 15.54
N ILE H 136 13.19 59.25 14.38
CA ILE H 136 13.85 59.30 13.10
C ILE H 136 14.10 60.73 12.69
N SER H 137 13.03 61.52 12.55
CA SER H 137 13.23 62.82 11.91
C SER H 137 12.30 63.86 12.51
N HIS H 138 12.62 65.12 12.24
CA HIS H 138 11.83 66.26 12.69
C HIS H 138 11.56 67.19 11.52
N ASN H 139 10.51 67.99 11.65
CA ASN H 139 10.50 69.23 10.89
C ASN H 139 9.93 70.33 11.78
N PRO H 140 10.71 71.37 12.07
CA PRO H 140 10.19 72.44 12.95
C PRO H 140 8.93 73.09 12.42
N GLU H 141 8.84 73.30 11.12
CA GLU H 141 7.57 73.68 10.51
C GLU H 141 6.62 72.50 10.56
N THR H 142 5.34 72.80 10.83
CA THR H 142 4.25 71.84 11.02
C THR H 142 4.41 71.04 12.31
N LYS H 143 5.52 71.23 13.02
CA LYS H 143 5.76 70.67 14.35
C LYS H 143 5.50 69.16 14.38
N LYS H 144 6.15 68.43 13.49
CA LYS H 144 5.95 67.01 13.36
C LYS H 144 7.26 66.26 13.57
N THR H 145 7.13 65.07 14.16
CA THR H 145 8.25 64.18 14.39
C THR H 145 7.90 62.80 13.86
N ARG H 146 8.78 62.22 13.07
CA ARG H 146 8.61 60.88 12.53
C ARG H 146 9.40 59.91 13.39
N VAL H 147 8.74 58.82 13.80
CA VAL H 147 9.31 57.83 14.69
C VAL H 147 9.07 56.44 14.12
N LYS H 148 9.84 55.49 14.61
CA LYS H 148 9.76 54.09 14.22
C LYS H 148 9.27 53.29 15.42
N LEU H 149 8.17 52.56 15.23
CA LEU H 149 7.53 51.81 16.29
C LEU H 149 8.12 50.39 16.39
N PRO H 150 7.87 49.70 17.50
CA PRO H 150 8.38 48.32 17.62
C PRO H 150 7.92 47.39 16.52
N SER H 151 6.78 47.65 15.88
CA SER H 151 6.35 46.80 14.78
C SER H 151 7.12 47.06 13.51
N GLY H 152 8.02 48.03 13.49
CA GLY H 152 8.73 48.41 12.30
C GLY H 152 8.05 49.49 11.50
N SER H 153 6.83 49.86 11.85
CA SER H 153 6.12 50.89 11.11
C SER H 153 6.68 52.26 11.43
N LYS H 154 6.39 53.21 10.55
CA LYS H 154 6.80 54.59 10.70
C LYS H 154 5.55 55.43 10.98
N LYS H 155 5.62 56.29 11.97
CA LYS H 155 4.49 57.10 12.36
C LYS H 155 4.90 58.56 12.52
N VAL H 156 4.05 59.46 12.04
CA VAL H 156 4.24 60.89 12.23
C VAL H 156 3.36 61.32 13.39
N ILE H 157 3.97 61.95 14.39
CA ILE H 157 3.29 62.39 15.59
C ILE H 157 3.65 63.85 15.83
N SER H 158 2.94 64.48 16.77
CA SER H 158 3.27 65.84 17.14
C SER H 158 4.59 65.87 17.89
N SER H 159 5.34 66.95 17.70
CA SER H 159 6.61 67.12 18.40
C SER H 159 6.43 67.31 19.90
N ALA H 160 5.21 67.59 20.36
CA ALA H 160 4.94 67.81 21.78
C ALA H 160 4.70 66.53 22.55
N ASN H 161 4.69 65.37 21.88
CA ASN H 161 4.49 64.11 22.57
C ASN H 161 5.68 63.82 23.46
N ARG H 162 5.41 63.47 24.71
CA ARG H 162 6.47 63.15 25.65
C ARG H 162 6.79 61.65 25.59
N ALA H 163 8.00 61.31 26.03
CA ALA H 163 8.41 59.92 26.08
C ALA H 163 9.56 59.79 27.07
N VAL H 164 9.74 58.57 27.55
CA VAL H 164 10.82 58.25 28.47
C VAL H 164 12.02 57.79 27.68
N VAL H 165 13.20 58.30 28.03
CA VAL H 165 14.42 57.93 27.32
C VAL H 165 14.89 56.56 27.77
N GLY H 166 15.20 55.70 26.81
CA GLY H 166 15.72 54.38 27.08
C GLY H 166 14.77 53.29 26.62
N VAL H 167 15.20 52.06 26.84
CA VAL H 167 14.37 50.90 26.57
C VAL H 167 13.66 50.52 27.86
N VAL H 168 12.44 50.00 27.71
CA VAL H 168 11.69 49.53 28.88
C VAL H 168 12.33 48.27 29.43
N ALA H 169 12.35 48.14 30.75
CA ALA H 169 12.95 47.00 31.42
C ALA H 169 12.13 45.75 31.14
N GLY H 170 12.60 44.63 31.67
CA GLY H 170 11.96 43.37 31.43
C GLY H 170 12.64 42.52 30.36
N GLY H 171 13.68 43.05 29.73
CA GLY H 171 14.61 42.28 28.90
C GLY H 171 14.01 41.33 27.90
N GLY H 172 14.75 40.27 27.56
CA GLY H 172 14.30 39.29 26.59
C GLY H 172 13.43 38.21 27.21
N ARG H 173 12.29 38.62 27.76
CA ARG H 173 11.43 37.70 28.51
C ARG H 173 10.96 36.55 27.64
N ILE H 174 10.78 36.77 26.34
CA ILE H 174 10.30 35.72 25.45
C ILE H 174 11.38 34.74 25.03
N ASP H 175 12.61 34.89 25.51
CA ASP H 175 13.66 33.96 25.13
C ASP H 175 13.50 32.63 25.84
N LYS H 176 13.13 32.64 27.10
CA LYS H 176 13.03 31.42 27.88
C LYS H 176 11.85 30.58 27.42
N PRO H 177 12.06 29.33 27.03
CA PRO H 177 10.91 28.46 26.75
C PRO H 177 10.08 28.24 28.02
N ILE H 178 8.77 28.20 27.83
CA ILE H 178 7.87 28.03 28.97
C ILE H 178 8.01 26.62 29.55
N LEU H 179 8.16 25.63 28.68
CA LEU H 179 8.50 24.24 28.99
C LEU H 179 7.37 23.46 29.65
N LYS H 180 6.32 24.14 30.10
CA LYS H 180 5.33 23.44 30.91
C LYS H 180 3.97 24.07 30.72
N ALA H 181 2.97 23.20 30.54
CA ALA H 181 1.59 23.63 30.55
C ALA H 181 1.23 24.30 31.86
N GLY H 182 1.86 23.86 32.96
CA GLY H 182 1.62 24.51 34.23
C GLY H 182 2.14 25.93 34.28
N ARG H 183 3.33 26.16 33.71
CA ARG H 183 3.86 27.51 33.66
C ARG H 183 3.01 28.40 32.78
N ALA H 184 2.52 27.87 31.66
CA ALA H 184 1.59 28.62 30.84
C ALA H 184 0.30 28.94 31.58
N TYR H 185 -0.20 27.98 32.36
CA TYR H 185 -1.40 28.20 33.16
C TYR H 185 -1.21 29.32 34.15
N HIS H 186 -0.09 29.31 34.86
CA HIS H 186 0.19 30.38 35.82
C HIS H 186 0.42 31.71 35.13
N LYS H 187 0.97 31.69 33.92
CA LYS H 187 1.15 32.93 33.16
C LYS H 187 -0.19 33.56 32.84
N TYR H 188 -1.11 32.78 32.27
CA TYR H 188 -2.37 33.35 31.82
C TYR H 188 -3.40 33.51 32.93
N LYS H 189 -3.21 32.87 34.07
CA LYS H 189 -4.11 33.07 35.20
C LYS H 189 -4.03 34.49 35.72
N ALA H 190 -2.88 35.13 35.59
CA ALA H 190 -2.72 36.52 35.99
C ALA H 190 -3.15 37.50 34.92
N LYS H 191 -3.55 37.02 33.73
CA LYS H 191 -3.91 37.89 32.64
C LYS H 191 -5.39 37.84 32.30
N ARG H 192 -5.91 36.68 31.90
CA ARG H 192 -7.30 36.55 31.48
C ARG H 192 -7.56 35.10 31.11
N ASN H 193 -8.83 34.77 30.92
CA ASN H 193 -9.24 33.41 30.59
C ASN H 193 -9.12 33.23 29.08
N CYS H 194 -7.94 32.83 28.63
CA CYS H 194 -7.74 32.56 27.21
C CYS H 194 -6.90 31.34 26.90
N TRP H 195 -6.24 30.73 27.89
CA TRP H 195 -5.08 29.92 27.55
C TRP H 195 -5.36 28.56 26.92
N PRO H 196 -6.09 27.64 27.57
CA PRO H 196 -6.20 26.31 26.96
C PRO H 196 -7.05 26.43 25.71
N ARG H 197 -6.38 26.40 24.55
CA ARG H 197 -6.98 26.79 23.29
C ARG H 197 -7.30 25.53 22.50
N VAL H 198 -8.59 25.27 22.31
CA VAL H 198 -9.01 24.10 21.55
C VAL H 198 -9.00 24.44 20.06
N ARG H 199 -8.40 23.58 19.26
CA ARG H 199 -8.40 23.77 17.83
C ARG H 199 -9.81 23.64 17.28
N GLY H 200 -10.16 24.51 16.33
CA GLY H 200 -11.50 24.49 15.77
C GLY H 200 -11.81 23.22 15.02
N VAL H 201 -10.80 22.61 14.38
CA VAL H 201 -11.01 21.36 13.67
C VAL H 201 -11.39 20.23 14.61
N ALA H 202 -11.05 20.36 15.89
CA ALA H 202 -11.40 19.37 16.90
C ALA H 202 -12.80 19.58 17.47
N MET H 203 -13.52 20.60 17.01
CA MET H 203 -14.85 20.90 17.47
C MET H 203 -15.89 20.30 16.54
N ASN H 204 -17.14 20.44 16.91
CA ASN H 204 -18.28 20.04 16.09
C ASN H 204 -18.69 21.20 15.20
N PRO H 205 -19.40 20.94 14.09
CA PRO H 205 -19.76 22.03 13.17
C PRO H 205 -20.66 23.08 13.79
N VAL H 206 -21.32 22.77 14.90
CA VAL H 206 -22.27 23.72 15.47
C VAL H 206 -21.55 24.89 16.14
N GLU H 207 -20.37 24.68 16.73
CA GLU H 207 -19.69 25.75 17.42
C GLU H 207 -18.44 26.25 16.70
N HIS H 208 -18.21 25.86 15.45
CA HIS H 208 -17.08 26.42 14.73
C HIS H 208 -17.26 26.22 13.24
N PRO H 209 -16.80 27.15 12.41
CA PRO H 209 -16.79 26.93 10.96
C PRO H 209 -15.91 25.77 10.53
N PHE H 210 -14.84 25.48 11.26
CA PHE H 210 -13.92 24.43 10.87
C PHE H 210 -14.27 23.09 11.47
N GLY H 211 -15.26 23.02 12.33
CA GLY H 211 -15.54 21.79 13.04
C GLY H 211 -16.21 20.75 12.17
N GLY H 212 -16.12 19.50 12.61
CA GLY H 212 -16.79 18.41 11.96
C GLY H 212 -15.92 17.67 10.97
N GLY H 213 -16.51 16.64 10.41
CA GLY H 213 -15.84 15.79 9.45
C GLY H 213 -15.30 14.53 10.09
N ASN H 214 -15.17 13.48 9.28
CA ASN H 214 -14.62 12.24 9.78
C ASN H 214 -13.11 12.29 9.97
N HIS H 215 -12.43 13.14 9.22
CA HIS H 215 -11.03 13.46 9.45
C HIS H 215 -10.92 14.91 9.90
N GLN H 216 -9.94 15.20 10.75
CA GLN H 216 -9.76 16.55 11.26
C GLN H 216 -9.11 17.38 10.16
N HIS H 217 -9.94 17.95 9.30
CA HIS H 217 -9.50 18.82 8.24
C HIS H 217 -10.37 20.06 8.22
N ILE H 218 -9.82 21.15 7.71
CA ILE H 218 -10.56 22.40 7.67
C ILE H 218 -11.69 22.32 6.66
N GLY H 219 -11.41 21.81 5.47
CA GLY H 219 -12.42 21.60 4.45
C GLY H 219 -12.74 22.79 3.59
N LYS H 220 -12.29 23.97 3.96
CA LYS H 220 -12.49 25.20 3.21
C LYS H 220 -11.24 26.04 3.38
N PRO H 221 -10.98 26.98 2.48
CA PRO H 221 -9.78 27.82 2.62
C PRO H 221 -9.78 28.55 3.97
N SER H 222 -8.66 28.41 4.69
CA SER H 222 -8.57 29.00 6.02
C SER H 222 -8.40 30.51 5.96
N THR H 223 -8.01 31.06 4.82
CA THR H 223 -8.00 32.50 4.66
C THR H 223 -9.43 32.99 4.48
N ILE H 224 -9.79 34.03 5.22
CA ILE H 224 -11.16 34.54 5.26
C ILE H 224 -11.12 36.04 5.00
N ARG H 225 -12.14 36.54 4.31
CA ARG H 225 -12.17 37.93 3.92
C ARG H 225 -12.34 38.84 5.12
N ARG H 226 -11.99 40.11 4.92
CA ARG H 226 -12.03 41.08 6.02
C ARG H 226 -13.45 41.32 6.50
N ASP H 227 -14.39 41.49 5.57
CA ASP H 227 -15.77 41.83 5.91
C ASP H 227 -16.63 40.61 6.19
N ALA H 228 -16.03 39.48 6.52
CA ALA H 228 -16.81 38.31 6.90
C ALA H 228 -17.57 38.60 8.19
N PRO H 229 -18.78 38.04 8.33
CA PRO H 229 -19.53 38.24 9.58
C PRO H 229 -18.86 37.56 10.75
N ALA H 230 -19.08 38.12 11.94
CA ALA H 230 -18.59 37.48 13.15
C ALA H 230 -19.25 36.13 13.32
N GLY H 231 -18.50 35.17 13.84
CA GLY H 231 -18.90 33.78 13.80
C GLY H 231 -18.44 33.05 12.58
N ARG H 232 -17.88 33.75 11.60
CA ARG H 232 -17.32 33.16 10.41
C ARG H 232 -15.85 33.47 10.22
N LYS H 233 -15.40 34.69 10.53
CA LYS H 233 -14.01 35.04 10.26
C LYS H 233 -13.13 34.42 11.34
N VAL H 234 -12.80 33.16 11.12
CA VAL H 234 -11.82 32.44 11.90
C VAL H 234 -10.73 31.98 10.94
N GLY H 235 -9.56 31.72 11.50
CA GLY H 235 -8.44 31.35 10.66
C GLY H 235 -7.56 32.54 10.35
N LEU H 236 -7.10 32.64 9.11
CA LEU H 236 -6.21 33.72 8.70
C LEU H 236 -7.07 34.84 8.15
N ILE H 237 -7.22 35.91 8.93
CA ILE H 237 -8.18 36.96 8.63
C ILE H 237 -7.55 37.95 7.65
N ALA H 238 -8.11 38.02 6.44
CA ALA H 238 -7.71 38.99 5.43
C ALA H 238 -6.22 38.90 5.13
N ALA H 239 -5.71 37.67 5.05
CA ALA H 239 -4.29 37.44 4.90
C ALA H 239 -3.82 37.89 3.53
N ARG H 240 -2.76 38.71 3.50
CA ARG H 240 -2.18 39.12 2.24
C ARG H 240 -1.36 38.01 1.60
N ARG H 241 -0.88 37.06 2.40
CA ARG H 241 -0.12 35.93 1.92
C ARG H 241 -0.15 34.86 3.00
N THR H 242 0.22 33.65 2.62
CA THR H 242 0.41 32.55 3.56
C THR H 242 1.72 31.87 3.24
N GLY H 243 2.15 30.99 4.13
CA GLY H 243 3.31 30.18 3.82
C GLY H 243 4.44 30.22 4.83
N ARG H 244 5.62 30.68 4.41
CA ARG H 244 6.82 30.50 5.21
C ARG H 244 7.63 31.77 5.41
N LEU H 245 7.31 32.87 4.73
CA LEU H 245 8.00 34.15 4.88
C LEU H 245 9.49 34.01 4.55
N ARG H 246 9.74 33.70 3.28
CA ARG H 246 11.10 33.51 2.78
C ARG H 246 11.52 34.79 2.07
N GLY H 247 12.39 35.57 2.72
CA GLY H 247 12.94 36.74 2.07
C GLY H 247 12.77 38.06 2.80
N THR H 248 11.80 38.13 3.73
CA THR H 248 11.57 39.36 4.47
C THR H 248 10.91 39.09 5.83
N SER I 1 -28.84 -27.66 13.98
CA SER I 1 -27.66 -28.26 13.36
C SER I 1 -27.00 -29.24 14.31
N HIS I 2 -26.20 -30.13 13.74
CA HIS I 2 -25.55 -31.17 14.53
C HIS I 2 -24.55 -30.57 15.51
N ARG I 3 -24.33 -31.28 16.61
CA ARG I 3 -23.28 -30.87 17.53
C ARG I 3 -21.92 -31.04 16.85
N LYS I 4 -21.00 -30.13 17.15
CA LYS I 4 -19.82 -29.97 16.30
C LYS I 4 -18.85 -31.13 16.45
N PHE I 5 -18.71 -31.65 17.67
CA PHE I 5 -17.87 -32.80 17.94
C PHE I 5 -18.69 -33.88 18.63
N SER I 6 -18.36 -35.13 18.35
CA SER I 6 -19.06 -36.24 18.96
C SER I 6 -18.54 -36.47 20.38
N ALA I 7 -19.46 -36.80 21.28
CA ALA I 7 -19.09 -37.15 22.63
C ALA I 7 -20.13 -38.11 23.18
N PRO I 8 -19.72 -39.14 23.89
CA PRO I 8 -20.69 -40.10 24.43
C PRO I 8 -21.56 -39.48 25.50
N ARG I 9 -22.71 -40.11 25.72
CA ARG I 9 -23.69 -39.61 26.66
C ARG I 9 -23.20 -39.76 28.09
N HIS I 10 -23.59 -38.83 28.96
CA HIS I 10 -23.29 -38.88 30.37
C HIS I 10 -24.35 -39.71 31.09
N GLY I 11 -23.93 -40.79 31.73
CA GLY I 11 -24.84 -41.59 32.51
C GLY I 11 -25.58 -42.61 31.67
N SER I 12 -26.13 -43.60 32.35
CA SER I 12 -26.85 -44.70 31.71
C SER I 12 -28.35 -44.52 31.88
N LEU I 13 -29.09 -44.68 30.79
CA LEU I 13 -30.54 -44.63 30.84
C LEU I 13 -31.15 -45.94 31.32
N GLY I 14 -30.33 -46.94 31.67
CA GLY I 14 -30.85 -48.17 32.21
C GLY I 14 -31.21 -48.11 33.68
N PHE I 15 -30.92 -46.99 34.34
CA PHE I 15 -31.21 -46.81 35.75
C PHE I 15 -32.03 -45.54 35.97
N LEU I 16 -32.92 -45.22 35.03
CA LEU I 16 -33.48 -43.88 34.96
C LEU I 16 -34.30 -43.42 36.15
N PRO I 17 -35.17 -44.21 36.76
CA PRO I 17 -35.85 -43.67 37.95
C PRO I 17 -34.83 -43.49 39.06
N ARG I 18 -34.03 -42.44 38.91
CA ARG I 18 -32.90 -42.19 39.80
C ARG I 18 -33.42 -41.63 41.13
N LYS I 19 -34.15 -42.48 41.83
CA LYS I 19 -34.93 -42.13 42.98
C LYS I 19 -34.48 -42.96 44.18
N ARG I 20 -34.94 -42.55 45.35
CA ARG I 20 -34.72 -43.35 46.54
C ARG I 20 -35.38 -44.71 46.36
N SER I 21 -34.66 -45.76 46.73
CA SER I 21 -35.22 -47.10 46.64
C SER I 21 -36.44 -47.23 47.54
N SER I 22 -37.49 -47.85 47.02
CA SER I 22 -38.70 -48.07 47.80
C SER I 22 -38.49 -49.11 48.90
N ARG I 23 -37.36 -49.80 48.90
CA ARG I 23 -37.05 -50.80 49.90
C ARG I 23 -35.67 -50.56 50.46
N HIS I 24 -35.44 -51.09 51.66
CA HIS I 24 -34.15 -50.99 52.31
C HIS I 24 -33.35 -52.29 52.21
N ARG I 25 -34.03 -53.42 52.06
CA ARG I 25 -33.34 -54.71 52.10
C ARG I 25 -32.62 -55.01 50.79
N GLY I 26 -33.28 -54.81 49.66
CA GLY I 26 -32.71 -55.20 48.39
C GLY I 26 -33.24 -56.55 47.97
N LYS I 27 -34.19 -56.56 47.04
CA LYS I 27 -34.87 -57.79 46.68
C LYS I 27 -34.21 -58.43 45.48
N VAL I 28 -34.37 -59.76 45.39
CA VAL I 28 -33.57 -60.55 44.46
C VAL I 28 -33.98 -60.27 43.02
N LYS I 29 -35.28 -60.29 42.73
CA LYS I 29 -35.88 -59.95 41.45
C LYS I 29 -35.63 -61.00 40.37
N SER I 30 -34.74 -61.94 40.62
CA SER I 30 -34.53 -63.07 39.69
C SER I 30 -33.73 -64.13 40.43
N PHE I 31 -34.33 -65.26 40.65
CA PHE I 31 -33.61 -66.37 41.23
C PHE I 31 -33.01 -67.22 40.14
N PRO I 32 -31.96 -68.00 40.44
CA PRO I 32 -31.37 -68.86 39.40
C PRO I 32 -32.39 -69.83 38.85
N LYS I 33 -32.26 -70.10 37.54
CA LYS I 33 -33.20 -70.99 36.87
C LYS I 33 -33.15 -72.38 37.50
N ASP I 34 -34.32 -72.92 37.79
CA ASP I 34 -34.42 -74.16 38.54
C ASP I 34 -34.29 -75.34 37.59
N ASP I 35 -33.38 -76.27 37.91
CA ASP I 35 -33.27 -77.52 37.19
C ASP I 35 -33.39 -78.67 38.18
N PRO I 36 -34.31 -79.61 37.96
CA PRO I 36 -34.53 -80.68 38.94
C PRO I 36 -33.38 -81.67 39.06
N SER I 37 -32.41 -81.65 38.14
CA SER I 37 -31.31 -82.61 38.25
C SER I 37 -30.40 -82.31 39.43
N LYS I 38 -30.36 -81.07 39.88
CA LYS I 38 -29.49 -80.69 40.98
C LYS I 38 -30.05 -81.19 42.31
N PRO I 39 -29.21 -81.27 43.34
CA PRO I 39 -29.73 -81.51 44.68
C PRO I 39 -30.46 -80.29 45.21
N VAL I 40 -31.33 -80.53 46.20
CA VAL I 40 -32.14 -79.47 46.77
C VAL I 40 -31.24 -78.51 47.54
N HIS I 41 -31.39 -77.21 47.25
CA HIS I 41 -30.51 -76.23 47.86
C HIS I 41 -31.21 -74.87 47.89
N LEU I 42 -30.65 -73.97 48.69
CA LEU I 42 -31.14 -72.60 48.76
C LEU I 42 -30.36 -71.71 47.80
N THR I 43 -31.02 -70.66 47.31
CA THR I 43 -30.42 -69.83 46.28
C THR I 43 -29.87 -68.49 46.78
N ALA I 44 -30.11 -68.11 48.03
CA ALA I 44 -29.67 -66.79 48.47
C ALA I 44 -29.50 -66.78 49.99
N PHE I 45 -29.01 -65.64 50.48
CA PHE I 45 -28.68 -65.44 51.89
C PHE I 45 -28.66 -63.95 52.19
N LEU I 46 -28.73 -63.62 53.47
CA LEU I 46 -28.68 -62.24 53.93
C LEU I 46 -27.46 -62.02 54.80
N GLY I 47 -26.72 -60.95 54.54
CA GLY I 47 -25.57 -60.60 55.35
C GLY I 47 -25.58 -59.12 55.67
N TYR I 48 -24.59 -58.69 56.43
CA TYR I 48 -24.48 -57.31 56.86
C TYR I 48 -23.07 -56.80 56.60
N LYS I 49 -22.96 -55.68 55.89
CA LYS I 49 -21.65 -55.16 55.50
C LYS I 49 -20.90 -54.68 56.74
N ALA I 50 -19.89 -55.44 57.17
CA ALA I 50 -19.12 -55.06 58.33
C ALA I 50 -18.09 -53.99 57.99
N GLY I 51 -17.27 -54.25 56.98
CA GLY I 51 -16.24 -53.31 56.61
C GLY I 51 -15.31 -53.91 55.59
N MET I 52 -14.28 -53.15 55.26
CA MET I 52 -13.33 -53.54 54.23
C MET I 52 -11.94 -53.69 54.84
N THR I 53 -11.12 -54.50 54.19
CA THR I 53 -9.71 -54.64 54.52
C THR I 53 -9.01 -55.10 53.25
N HIS I 54 -7.78 -55.58 53.37
CA HIS I 54 -7.09 -56.12 52.20
C HIS I 54 -6.30 -57.36 52.60
N ILE I 55 -6.00 -58.18 51.59
CA ILE I 55 -5.37 -59.47 51.76
C ILE I 55 -4.18 -59.56 50.82
N VAL I 56 -3.32 -60.53 51.09
CA VAL I 56 -2.19 -60.87 50.24
C VAL I 56 -2.36 -62.31 49.78
N ARG I 57 -2.24 -62.55 48.48
CA ARG I 57 -2.37 -63.91 47.99
C ARG I 57 -1.50 -64.10 46.75
N GLU I 58 -1.21 -65.36 46.46
CA GLU I 58 -0.46 -65.72 45.26
C GLU I 58 -1.44 -66.10 44.15
N VAL I 59 -1.12 -65.67 42.93
CA VAL I 59 -2.01 -65.82 41.79
C VAL I 59 -1.56 -67.00 40.95
N ASP I 60 -2.55 -67.77 40.46
CA ASP I 60 -2.28 -68.95 39.65
C ASP I 60 -2.88 -68.76 38.27
N ARG I 61 -2.61 -67.60 37.66
CA ARG I 61 -3.11 -67.28 36.33
C ARG I 61 -1.99 -67.45 35.32
N PRO I 62 -1.92 -68.57 34.59
CA PRO I 62 -0.83 -68.76 33.64
C PRO I 62 -0.88 -67.74 32.50
N GLY I 63 0.29 -67.34 32.04
CA GLY I 63 0.40 -66.37 30.99
C GLY I 63 0.23 -64.93 31.43
N SER I 64 0.07 -64.68 32.72
CA SER I 64 -0.12 -63.35 33.25
C SER I 64 1.17 -62.82 33.84
N LYS I 65 1.26 -61.49 33.96
CA LYS I 65 2.41 -60.88 34.57
C LYS I 65 2.51 -61.23 36.05
N VAL I 66 1.38 -61.47 36.69
CA VAL I 66 1.33 -61.75 38.11
C VAL I 66 1.19 -63.24 38.39
N ASN I 67 1.60 -64.08 37.45
CA ASN I 67 1.56 -65.52 37.67
C ASN I 67 2.61 -65.91 38.70
N LYS I 68 2.19 -66.66 39.72
CA LYS I 68 3.04 -67.07 40.84
C LYS I 68 3.63 -65.86 41.55
N LYS I 69 2.89 -64.76 41.59
CA LYS I 69 3.31 -63.54 42.24
C LYS I 69 2.33 -63.17 43.33
N GLU I 70 2.82 -62.38 44.29
CA GLU I 70 1.99 -61.89 45.38
C GLU I 70 1.22 -60.65 44.95
N VAL I 71 -0.06 -60.61 45.30
CA VAL I 71 -0.89 -59.44 45.05
C VAL I 71 -1.60 -59.06 46.33
N VAL I 72 -1.87 -57.77 46.46
CA VAL I 72 -2.66 -57.21 47.54
C VAL I 72 -4.01 -56.82 46.96
N GLU I 73 -5.08 -57.37 47.52
CA GLU I 73 -6.41 -57.15 46.99
C GLU I 73 -7.37 -56.75 48.10
N ALA I 74 -8.19 -55.73 47.82
CA ALA I 74 -9.17 -55.29 48.78
C ALA I 74 -10.32 -56.28 48.87
N VAL I 75 -10.84 -56.47 50.08
CA VAL I 75 -11.93 -57.40 50.34
C VAL I 75 -12.94 -56.71 51.25
N THR I 76 -14.18 -57.17 51.14
CA THR I 76 -15.28 -56.71 51.98
C THR I 76 -15.72 -57.85 52.88
N ILE I 77 -15.93 -57.54 54.16
CA ILE I 77 -16.39 -58.52 55.13
C ILE I 77 -17.90 -58.37 55.27
N VAL I 78 -18.62 -59.47 55.13
CA VAL I 78 -20.07 -59.48 55.26
C VAL I 78 -20.41 -60.47 56.36
N GLU I 79 -20.78 -59.96 57.53
CA GLU I 79 -21.14 -60.83 58.63
C GLU I 79 -22.45 -61.54 58.32
N THR I 80 -22.44 -62.86 58.46
CA THR I 80 -23.57 -63.71 58.07
C THR I 80 -23.86 -64.73 59.16
N PRO I 81 -24.58 -64.33 60.20
CA PRO I 81 -25.11 -65.31 61.16
C PRO I 81 -26.13 -66.20 60.47
N PRO I 82 -26.39 -67.40 61.00
CA PRO I 82 -27.30 -68.32 60.31
C PRO I 82 -28.70 -67.74 60.18
N MET I 83 -29.32 -68.00 59.04
CA MET I 83 -30.73 -67.67 58.87
C MET I 83 -31.58 -68.64 59.67
N VAL I 84 -32.80 -68.24 59.99
CA VAL I 84 -33.76 -69.12 60.65
C VAL I 84 -34.96 -69.25 59.73
N VAL I 85 -35.35 -70.48 59.45
CA VAL I 85 -36.44 -70.75 58.51
C VAL I 85 -37.74 -70.82 59.28
N VAL I 86 -38.70 -69.96 58.93
CA VAL I 86 -39.96 -69.85 59.65
C VAL I 86 -41.18 -70.01 58.76
N GLY I 87 -41.02 -70.27 57.48
CA GLY I 87 -42.20 -70.43 56.64
C GLY I 87 -41.86 -71.00 55.29
N ILE I 88 -42.92 -71.34 54.56
CA ILE I 88 -42.84 -71.86 53.20
C ILE I 88 -43.93 -71.20 52.37
N VAL I 89 -43.55 -70.65 51.21
CA VAL I 89 -44.48 -70.09 50.25
C VAL I 89 -44.46 -70.95 49.00
N GLY I 90 -45.63 -71.30 48.49
CA GLY I 90 -45.76 -71.94 47.20
C GLY I 90 -46.21 -70.93 46.16
N TYR I 91 -45.69 -71.06 44.95
CA TYR I 91 -46.10 -70.23 43.84
C TYR I 91 -46.63 -71.12 42.72
N VAL I 92 -47.60 -70.59 41.97
CA VAL I 92 -48.15 -71.30 40.83
C VAL I 92 -48.02 -70.42 39.60
N GLU I 93 -47.65 -71.03 38.48
CA GLU I 93 -47.48 -70.32 37.22
C GLU I 93 -48.85 -70.12 36.57
N THR I 94 -49.13 -68.90 36.17
CA THR I 94 -50.39 -68.51 35.55
C THR I 94 -50.04 -67.75 34.28
N PRO I 95 -50.98 -67.64 33.34
CA PRO I 95 -50.74 -66.76 32.18
C PRO I 95 -50.69 -65.28 32.53
N ARG I 96 -50.79 -64.93 33.80
CA ARG I 96 -50.53 -63.58 34.27
C ARG I 96 -49.25 -63.47 35.09
N GLY I 97 -48.51 -64.56 35.22
CA GLY I 97 -47.28 -64.59 35.97
C GLY I 97 -47.31 -65.59 37.11
N LEU I 98 -46.25 -65.58 37.90
CA LEU I 98 -46.26 -66.34 39.13
C LEU I 98 -47.22 -65.68 40.12
N ARG I 99 -48.00 -66.49 40.84
CA ARG I 99 -48.79 -65.94 41.92
C ARG I 99 -48.68 -66.82 43.15
N THR I 100 -48.79 -66.18 44.30
CA THR I 100 -48.68 -66.86 45.58
C THR I 100 -49.90 -67.76 45.79
N PHE I 101 -49.66 -69.06 45.91
CA PHE I 101 -50.73 -70.01 46.10
C PHE I 101 -51.08 -70.16 47.57
N LYS I 102 -50.11 -70.51 48.40
CA LYS I 102 -50.37 -70.75 49.81
C LYS I 102 -49.09 -70.55 50.62
N THR I 103 -49.24 -69.95 51.79
CA THR I 103 -48.15 -69.74 52.72
C THR I 103 -48.43 -70.52 54.00
N VAL I 104 -47.43 -71.25 54.49
CA VAL I 104 -47.53 -71.99 55.74
C VAL I 104 -46.38 -71.57 56.64
N PHE I 105 -46.70 -71.07 57.82
CA PHE I 105 -45.69 -70.61 58.75
C PHE I 105 -45.46 -71.66 59.82
N ALA I 106 -44.24 -71.69 60.34
CA ALA I 106 -43.88 -72.65 61.36
C ALA I 106 -44.43 -72.22 62.72
N GLU I 107 -44.50 -73.18 63.63
CA GLU I 107 -44.72 -72.86 65.03
C GLU I 107 -43.49 -72.18 65.60
N HIS I 108 -43.67 -71.52 66.74
CA HIS I 108 -42.58 -70.88 67.48
C HIS I 108 -41.79 -69.93 66.60
N ILE I 109 -42.46 -68.89 66.13
CA ILE I 109 -41.77 -67.83 65.42
C ILE I 109 -40.98 -67.00 66.42
N SER I 110 -39.71 -66.74 66.09
CA SER I 110 -38.82 -66.06 67.03
C SER I 110 -39.29 -64.65 67.32
N ASP I 111 -38.86 -64.15 68.46
CA ASP I 111 -39.32 -62.84 68.93
C ASP I 111 -38.81 -61.72 68.03
N GLU I 112 -37.53 -61.78 67.64
CA GLU I 112 -36.99 -60.80 66.72
C GLU I 112 -37.66 -60.86 65.36
N CYS I 113 -38.08 -62.06 64.94
CA CYS I 113 -38.84 -62.17 63.70
C CYS I 113 -40.21 -61.52 63.84
N LYS I 114 -40.89 -61.76 64.97
CA LYS I 114 -42.18 -61.13 65.20
C LYS I 114 -42.09 -59.62 65.27
N ARG I 115 -40.92 -59.09 65.64
CA ARG I 115 -40.76 -57.64 65.65
C ARG I 115 -40.96 -57.03 64.28
N ARG I 116 -40.68 -57.78 63.20
CA ARG I 116 -40.81 -57.26 61.85
C ARG I 116 -42.25 -56.94 61.50
N PHE I 117 -43.22 -57.58 62.17
CA PHE I 117 -44.63 -57.38 61.84
C PHE I 117 -45.24 -56.18 62.53
N TYR I 118 -44.47 -55.41 63.30
CA TYR I 118 -44.98 -54.30 64.08
C TYR I 118 -44.21 -53.04 63.79
N LYS I 119 -44.92 -51.94 63.55
CA LYS I 119 -44.25 -50.65 63.44
C LYS I 119 -43.81 -50.15 64.80
N ASN I 120 -44.65 -50.32 65.82
CA ASN I 120 -44.35 -49.89 67.18
C ASN I 120 -44.38 -51.13 68.06
N TRP I 121 -43.21 -51.75 68.23
CA TRP I 121 -43.10 -52.95 69.05
C TRP I 121 -43.34 -52.64 70.52
N HIS I 122 -42.92 -51.46 70.97
CA HIS I 122 -42.98 -51.13 72.38
C HIS I 122 -44.43 -51.07 72.87
N LYS I 123 -45.31 -50.48 72.09
CA LYS I 123 -46.72 -50.36 72.47
C LYS I 123 -47.54 -51.58 72.12
N SER I 124 -46.98 -52.52 71.36
CA SER I 124 -47.75 -53.66 70.89
C SER I 124 -48.05 -54.63 72.02
N LYS I 125 -49.09 -55.44 71.81
CA LYS I 125 -49.42 -56.53 72.70
C LYS I 125 -48.75 -57.83 72.29
N LYS I 126 -47.93 -57.82 71.24
CA LYS I 126 -47.14 -58.97 70.81
C LYS I 126 -48.04 -60.12 70.38
N LYS I 127 -49.15 -59.80 69.72
CA LYS I 127 -50.19 -60.78 69.45
C LYS I 127 -50.04 -61.49 68.11
N ALA I 128 -49.02 -61.16 67.32
CA ALA I 128 -48.91 -61.70 65.97
C ALA I 128 -48.68 -63.21 66.01
N PHE I 129 -49.39 -63.92 65.12
CA PHE I 129 -49.29 -65.37 64.94
C PHE I 129 -49.69 -66.17 66.17
N THR I 130 -50.29 -65.52 67.17
CA THR I 130 -50.67 -66.22 68.39
C THR I 130 -51.82 -67.17 68.15
N LYS I 131 -52.82 -66.75 67.37
CA LYS I 131 -53.89 -67.67 67.02
C LYS I 131 -53.48 -68.64 65.93
N TYR I 132 -52.54 -68.25 65.08
CA TYR I 132 -52.08 -69.13 64.01
C TYR I 132 -51.30 -70.31 64.58
N CYS I 133 -50.43 -70.06 65.55
CA CYS I 133 -49.62 -71.13 66.11
C CYS I 133 -50.45 -72.19 66.80
N LYS I 134 -51.68 -71.87 67.20
CA LYS I 134 -52.55 -72.84 67.84
C LYS I 134 -52.96 -73.96 66.90
N LYS I 135 -52.91 -73.74 65.59
CA LYS I 135 -53.33 -74.76 64.64
C LYS I 135 -52.25 -75.81 64.39
N TRP I 136 -51.07 -75.64 64.97
CA TRP I 136 -50.04 -76.67 64.91
C TRP I 136 -50.19 -77.71 66.01
N GLN I 137 -51.22 -77.59 66.85
CA GLN I 137 -51.41 -78.48 67.99
C GLN I 137 -52.69 -79.29 67.88
N ASP I 138 -53.81 -78.65 67.53
CA ASP I 138 -55.06 -79.38 67.43
C ASP I 138 -55.06 -80.31 66.22
N GLU I 139 -55.93 -81.32 66.27
CA GLU I 139 -56.03 -82.26 65.16
C GLU I 139 -56.62 -81.61 63.92
N ASP I 140 -57.56 -80.69 64.09
CA ASP I 140 -58.22 -80.08 62.94
C ASP I 140 -57.25 -79.16 62.19
N GLY I 141 -56.53 -78.32 62.94
CA GLY I 141 -55.56 -77.45 62.31
C GLY I 141 -54.43 -78.22 61.65
N LYS I 142 -54.03 -79.34 62.27
CA LYS I 142 -52.98 -80.16 61.66
C LYS I 142 -53.46 -80.80 60.36
N LYS I 143 -54.72 -81.23 60.32
CA LYS I 143 -55.29 -81.73 59.07
C LYS I 143 -55.32 -80.64 58.00
N GLN I 144 -55.67 -79.41 58.40
CA GLN I 144 -55.67 -78.31 57.44
C GLN I 144 -54.26 -78.03 56.94
N LEU I 145 -53.27 -78.12 57.82
CA LEU I 145 -51.88 -77.93 57.41
C LEU I 145 -51.43 -79.01 56.43
N GLU I 146 -51.83 -80.26 56.69
CA GLU I 146 -51.49 -81.33 55.76
C GLU I 146 -52.16 -81.12 54.41
N LYS I 147 -53.40 -80.65 54.42
CA LYS I 147 -54.06 -80.34 53.14
C LYS I 147 -53.35 -79.21 52.42
N ASP I 148 -52.88 -78.20 53.15
CA ASP I 148 -52.14 -77.11 52.52
C ASP I 148 -50.83 -77.60 51.90
N PHE I 149 -50.12 -78.48 52.61
CA PHE I 149 -48.89 -79.02 52.07
C PHE I 149 -49.15 -79.91 50.86
N SER I 150 -50.23 -80.68 50.89
CA SER I 150 -50.58 -81.49 49.72
C SER I 150 -50.95 -80.61 48.52
N SER I 151 -51.67 -79.52 48.77
CA SER I 151 -52.01 -78.59 47.70
C SER I 151 -50.76 -77.96 47.11
N MET I 152 -49.81 -77.58 47.96
CA MET I 152 -48.53 -77.08 47.46
C MET I 152 -47.80 -78.15 46.66
N LYS I 153 -47.84 -79.39 47.13
CA LYS I 153 -47.16 -80.48 46.45
C LYS I 153 -47.72 -80.73 45.06
N LYS I 154 -49.03 -80.65 44.89
CA LYS I 154 -49.64 -81.01 43.63
C LYS I 154 -49.98 -79.82 42.73
N TYR I 155 -49.86 -78.59 43.21
CA TYR I 155 -50.26 -77.43 42.42
C TYR I 155 -49.17 -76.39 42.23
N CYS I 156 -48.15 -76.36 43.07
CA CYS I 156 -47.15 -75.31 43.01
C CYS I 156 -45.96 -75.73 42.17
N GLN I 157 -45.42 -74.78 41.41
CA GLN I 157 -44.27 -75.01 40.54
C GLN I 157 -42.94 -74.68 41.23
N VAL I 158 -42.85 -73.53 41.87
CA VAL I 158 -41.68 -73.15 42.64
C VAL I 158 -42.12 -72.88 44.07
N ILE I 159 -41.26 -73.24 45.03
CA ILE I 159 -41.53 -72.92 46.42
C ILE I 159 -40.35 -72.14 46.96
N ARG I 160 -40.61 -71.34 47.98
CA ARG I 160 -39.61 -70.54 48.65
C ARG I 160 -39.78 -70.68 50.14
N VAL I 161 -38.71 -70.45 50.88
CA VAL I 161 -38.74 -70.48 52.34
C VAL I 161 -38.66 -69.06 52.85
N ILE I 162 -39.47 -68.73 53.84
CA ILE I 162 -39.29 -67.49 54.57
C ILE I 162 -38.18 -67.72 55.59
N ALA I 163 -37.15 -66.90 55.53
CA ALA I 163 -36.05 -66.97 56.48
C ALA I 163 -35.77 -65.58 57.01
N HIS I 164 -35.39 -65.51 58.28
CA HIS I 164 -35.08 -64.25 58.90
C HIS I 164 -33.69 -64.28 59.51
N THR I 165 -33.09 -63.10 59.61
CA THR I 165 -31.79 -62.97 60.24
C THR I 165 -31.93 -62.95 61.75
N GLN I 166 -30.78 -62.89 62.43
CA GLN I 166 -30.73 -62.95 63.89
C GLN I 166 -30.07 -61.68 64.39
N MET I 167 -30.89 -60.69 64.76
CA MET I 167 -30.37 -59.42 65.25
C MET I 167 -29.63 -59.57 66.57
N ARG I 168 -30.02 -60.55 67.39
CA ARG I 168 -29.45 -60.66 68.72
C ARG I 168 -27.95 -60.96 68.69
N LEU I 169 -27.45 -61.44 67.55
CA LEU I 169 -26.05 -61.80 67.40
C LEU I 169 -25.23 -60.70 66.74
N LEU I 170 -25.81 -59.62 66.41
CA LEU I 170 -25.09 -58.56 65.73
C LEU I 170 -24.90 -57.37 66.67
N PRO I 171 -23.83 -56.59 66.51
CA PRO I 171 -23.60 -55.45 67.40
C PRO I 171 -24.43 -54.23 67.08
N LEU I 172 -25.44 -54.34 66.25
CA LEU I 172 -26.19 -53.19 65.79
C LEU I 172 -27.22 -52.77 66.83
N ARG I 173 -27.78 -51.57 66.64
CA ARG I 173 -28.86 -51.12 67.50
C ARG I 173 -30.12 -51.91 67.22
N GLN I 174 -30.37 -52.22 65.95
CA GLN I 174 -31.64 -52.78 65.52
C GLN I 174 -31.85 -54.17 66.08
N LYS I 175 -33.05 -54.42 66.59
CA LYS I 175 -33.47 -55.74 67.01
C LYS I 175 -34.50 -56.35 66.07
N LYS I 176 -35.12 -55.54 65.22
CA LYS I 176 -36.12 -56.00 64.26
C LYS I 176 -35.42 -56.80 63.17
N ALA I 177 -35.72 -58.09 63.08
CA ALA I 177 -35.04 -58.96 62.15
C ALA I 177 -35.48 -58.68 60.72
N HIS I 178 -34.70 -59.20 59.77
CA HIS I 178 -34.97 -59.06 58.35
C HIS I 178 -35.52 -60.37 57.82
N LEU I 179 -36.67 -60.31 57.15
CA LEU I 179 -37.31 -61.45 56.54
C LEU I 179 -37.01 -61.48 55.04
N MET I 180 -37.10 -62.68 54.47
CA MET I 180 -36.75 -62.83 53.07
C MET I 180 -37.30 -64.15 52.55
N GLU I 181 -37.85 -64.12 51.33
CA GLU I 181 -38.17 -65.33 50.60
C GLU I 181 -36.95 -65.79 49.83
N ILE I 182 -36.41 -66.95 50.21
CA ILE I 182 -35.25 -67.54 49.53
C ILE I 182 -35.76 -68.74 48.75
N GLN I 183 -35.44 -68.79 47.46
CA GLN I 183 -35.96 -69.84 46.62
C GLN I 183 -35.20 -71.15 46.85
N VAL I 184 -35.95 -72.24 46.85
CA VAL I 184 -35.42 -73.59 46.95
C VAL I 184 -35.38 -74.19 45.56
N ASN I 185 -34.17 -74.50 45.08
CA ASN I 185 -34.00 -75.04 43.75
C ASN I 185 -33.49 -76.48 43.81
N GLY I 186 -33.60 -77.17 42.69
CA GLY I 186 -32.94 -78.44 42.52
C GLY I 186 -33.70 -79.67 42.98
N GLY I 187 -34.86 -79.94 42.40
CA GLY I 187 -35.54 -81.19 42.65
C GLY I 187 -36.97 -81.13 42.16
N THR I 188 -37.71 -82.16 42.52
CA THR I 188 -39.15 -82.12 42.33
C THR I 188 -39.78 -81.27 43.44
N VAL I 189 -41.01 -80.82 43.18
CA VAL I 189 -41.71 -79.97 44.14
C VAL I 189 -41.93 -80.73 45.45
N ALA I 190 -42.24 -82.03 45.37
CA ALA I 190 -42.40 -82.82 46.58
C ALA I 190 -41.10 -82.89 47.38
N GLU I 191 -39.98 -83.11 46.68
CA GLU I 191 -38.70 -83.21 47.38
C GLU I 191 -38.33 -81.90 48.05
N LYS I 192 -38.47 -80.79 47.34
CA LYS I 192 -38.12 -79.51 47.96
C LYS I 192 -39.10 -79.12 49.05
N LEU I 193 -40.37 -79.52 48.96
CA LEU I 193 -41.29 -79.27 50.06
C LEU I 193 -40.92 -80.09 51.29
N ASP I 194 -40.55 -81.35 51.11
CA ASP I 194 -40.12 -82.14 52.26
C ASP I 194 -38.86 -81.55 52.90
N TRP I 195 -37.92 -81.12 52.06
CA TRP I 195 -36.69 -80.52 52.57
C TRP I 195 -36.99 -79.23 53.34
N ALA I 196 -37.79 -78.35 52.76
CA ALA I 196 -38.14 -77.10 53.42
C ALA I 196 -38.95 -77.35 54.69
N ARG I 197 -39.77 -78.38 54.72
CA ARG I 197 -40.56 -78.68 55.90
C ARG I 197 -39.68 -79.20 57.03
N GLU I 198 -38.69 -80.03 56.71
CA GLU I 198 -37.77 -80.46 57.75
C GLU I 198 -36.85 -79.32 58.21
N ARG I 199 -36.64 -78.31 57.37
CA ARG I 199 -35.86 -77.16 57.83
C ARG I 199 -36.66 -76.13 58.60
N LEU I 200 -37.95 -76.37 58.87
CA LEU I 200 -38.74 -75.38 59.60
C LEU I 200 -38.23 -75.24 61.03
N GLU I 201 -38.21 -73.99 61.50
CA GLU I 201 -37.69 -73.55 62.79
C GLU I 201 -36.17 -73.70 62.91
N GLN I 202 -35.51 -74.21 61.89
CA GLN I 202 -34.10 -74.55 62.00
C GLN I 202 -33.22 -73.41 61.50
N GLN I 203 -31.92 -73.56 61.75
CA GLN I 203 -30.91 -72.58 61.38
C GLN I 203 -30.12 -73.08 60.18
N VAL I 204 -29.94 -72.20 59.21
CA VAL I 204 -29.17 -72.46 58.00
C VAL I 204 -27.92 -71.59 58.05
N PRO I 205 -26.76 -72.17 58.27
CA PRO I 205 -25.52 -71.40 58.20
C PRO I 205 -25.14 -71.09 56.76
N VAL I 206 -24.32 -70.06 56.59
CA VAL I 206 -23.99 -69.58 55.26
C VAL I 206 -23.13 -70.56 54.48
N ASN I 207 -22.42 -71.46 55.17
CA ASN I 207 -21.60 -72.43 54.46
C ASN I 207 -22.41 -73.56 53.85
N GLN I 208 -23.70 -73.65 54.18
CA GLN I 208 -24.60 -74.58 53.50
C GLN I 208 -25.24 -73.98 52.26
N VAL I 209 -25.13 -72.67 52.07
CA VAL I 209 -25.66 -72.01 50.89
C VAL I 209 -24.55 -71.66 49.91
N PHE I 210 -23.47 -71.08 50.40
CA PHE I 210 -22.36 -70.67 49.54
C PHE I 210 -21.10 -71.43 49.91
N GLY I 211 -20.22 -71.59 48.93
CA GLY I 211 -18.96 -72.28 49.11
C GLY I 211 -17.77 -71.37 48.87
N GLN I 212 -16.59 -71.92 49.10
CA GLN I 212 -15.36 -71.21 48.86
C GLN I 212 -15.22 -70.88 47.38
N ASP I 213 -14.53 -69.77 47.09
CA ASP I 213 -14.08 -69.31 45.78
C ASP I 213 -15.08 -69.58 44.66
N GLU I 214 -16.33 -69.24 44.93
CA GLU I 214 -17.36 -69.19 43.90
C GLU I 214 -17.81 -67.74 43.76
N MET I 215 -18.36 -67.41 42.59
CA MET I 215 -18.72 -66.05 42.29
C MET I 215 -20.22 -65.88 42.43
N ILE I 216 -20.62 -64.92 43.26
CA ILE I 216 -22.02 -64.70 43.60
C ILE I 216 -22.43 -63.31 43.16
N ASP I 217 -23.70 -62.96 43.39
CA ASP I 217 -24.21 -61.62 43.13
C ASP I 217 -24.60 -60.99 44.46
N VAL I 218 -24.31 -59.71 44.62
CA VAL I 218 -24.67 -58.96 45.81
C VAL I 218 -25.71 -57.92 45.43
N ILE I 219 -26.82 -57.92 46.15
CA ILE I 219 -27.95 -57.04 45.87
C ILE I 219 -28.19 -56.17 47.08
N GLY I 220 -28.26 -54.86 46.87
CA GLY I 220 -28.43 -54.00 48.01
C GLY I 220 -28.71 -52.58 47.58
N VAL I 221 -28.87 -51.72 48.58
CA VAL I 221 -29.15 -50.30 48.36
C VAL I 221 -27.87 -49.53 48.64
N THR I 222 -27.52 -48.61 47.75
CA THR I 222 -26.27 -47.90 47.85
C THR I 222 -26.34 -46.82 48.92
N LYS I 223 -25.21 -46.16 49.17
CA LYS I 223 -25.15 -45.11 50.17
C LYS I 223 -25.90 -43.88 49.69
N GLY I 224 -26.73 -43.32 50.57
CA GLY I 224 -27.47 -42.12 50.20
C GLY I 224 -26.56 -40.90 50.21
N LYS I 225 -26.76 -40.05 49.21
CA LYS I 225 -26.02 -38.81 49.10
C LYS I 225 -26.91 -37.58 49.14
N GLY I 226 -28.21 -37.76 49.32
CA GLY I 226 -29.11 -36.63 49.38
C GLY I 226 -29.36 -36.01 48.02
N TYR I 227 -29.82 -34.77 48.07
CA TYR I 227 -30.15 -34.02 46.86
C TYR I 227 -28.85 -33.54 46.24
N LYS I 228 -28.61 -33.89 44.98
CA LYS I 228 -27.37 -33.55 44.30
C LYS I 228 -27.66 -32.89 42.97
N GLY I 229 -26.72 -32.07 42.52
CA GLY I 229 -26.84 -31.38 41.25
C GLY I 229 -26.41 -32.27 40.10
N VAL I 230 -26.41 -31.69 38.90
CA VAL I 230 -26.08 -32.47 37.71
C VAL I 230 -24.60 -32.83 37.69
N THR I 231 -23.75 -31.97 38.23
CA THR I 231 -22.31 -32.22 38.15
C THR I 231 -21.92 -33.41 39.03
N SER I 232 -22.55 -33.56 40.19
CA SER I 232 -22.27 -34.70 41.04
C SER I 232 -23.15 -35.90 40.73
N ARG I 233 -24.29 -35.68 40.08
CA ARG I 233 -25.24 -36.75 39.85
C ARG I 233 -24.98 -37.47 38.54
N TRP I 234 -24.85 -36.72 37.45
CA TRP I 234 -24.61 -37.28 36.14
C TRP I 234 -23.19 -37.06 35.64
N HIS I 235 -22.36 -36.36 36.42
CA HIS I 235 -20.95 -36.12 36.11
C HIS I 235 -20.80 -35.40 34.78
N THR I 236 -21.61 -34.37 34.57
CA THR I 236 -21.49 -33.54 33.39
C THR I 236 -20.33 -32.56 33.56
N LYS I 237 -19.93 -31.96 32.45
CA LYS I 237 -18.80 -31.03 32.46
C LYS I 237 -19.16 -29.75 33.20
N LYS I 238 -18.23 -29.26 34.00
CA LYS I 238 -18.42 -27.98 34.67
C LYS I 238 -18.27 -26.83 33.70
N LEU I 239 -19.18 -25.87 33.80
CA LEU I 239 -19.14 -24.70 32.94
C LEU I 239 -17.98 -23.79 33.36
N PRO I 240 -17.53 -22.91 32.47
CA PRO I 240 -16.36 -22.09 32.78
C PRO I 240 -16.62 -21.14 33.94
N ARG I 241 -15.52 -20.61 34.49
CA ARG I 241 -15.60 -19.74 35.65
C ARG I 241 -16.40 -18.48 35.36
N LYS I 242 -16.39 -18.03 34.11
CA LYS I 242 -17.07 -16.80 33.72
C LYS I 242 -18.58 -16.94 33.63
N THR I 243 -19.13 -18.13 33.87
CA THR I 243 -20.57 -18.33 33.75
C THR I 243 -21.33 -17.54 34.81
N HIS I 244 -22.44 -16.93 34.39
CA HIS I 244 -23.09 -15.92 35.23
C HIS I 244 -23.93 -16.55 36.33
N ARG I 245 -24.98 -17.27 35.96
CA ARG I 245 -25.95 -17.72 36.95
C ARG I 245 -25.58 -19.04 37.58
N GLY I 246 -24.32 -19.46 37.45
CA GLY I 246 -23.90 -20.73 38.00
C GLY I 246 -23.27 -21.63 36.98
N LEU I 247 -22.25 -22.39 37.38
CA LEU I 247 -21.51 -23.23 36.46
C LEU I 247 -21.68 -24.72 36.69
N ARG I 248 -22.22 -25.14 37.83
CA ARG I 248 -22.47 -26.55 38.07
C ARG I 248 -23.82 -26.98 37.51
N LYS I 249 -24.03 -26.69 36.23
CA LYS I 249 -25.31 -26.92 35.59
C LYS I 249 -25.08 -27.51 34.21
N VAL I 250 -26.15 -28.02 33.61
CA VAL I 250 -26.17 -28.38 32.21
C VAL I 250 -26.65 -27.16 31.43
N ALA I 251 -25.85 -26.71 30.47
CA ALA I 251 -26.13 -25.43 29.81
C ALA I 251 -27.40 -25.50 28.98
N CYS I 252 -27.52 -26.50 28.11
CA CYS I 252 -28.70 -26.65 27.27
C CYS I 252 -29.43 -27.92 27.65
N ILE I 253 -30.70 -27.78 28.03
CA ILE I 253 -31.50 -28.92 28.45
C ILE I 253 -32.48 -29.34 27.35
N GLY I 254 -32.25 -28.91 26.12
CA GLY I 254 -33.08 -29.32 25.01
C GLY I 254 -33.10 -28.27 23.94
N ALA I 255 -33.47 -28.70 22.73
CA ALA I 255 -33.63 -27.78 21.62
C ALA I 255 -34.97 -27.08 21.71
N TRP I 256 -35.22 -26.14 20.79
CA TRP I 256 -36.52 -25.49 20.72
C TRP I 256 -37.62 -26.50 20.48
N HIS I 257 -37.39 -27.47 19.59
CA HIS I 257 -38.32 -28.56 19.41
C HIS I 257 -37.61 -29.88 19.68
N PRO I 258 -38.27 -30.85 20.33
CA PRO I 258 -39.70 -31.04 20.60
C PRO I 258 -40.42 -30.17 21.64
N ALA I 259 -39.94 -29.00 22.03
CA ALA I 259 -40.70 -28.05 22.86
C ALA I 259 -41.05 -28.63 24.23
N ARG I 260 -40.23 -29.58 24.68
CA ARG I 260 -40.35 -30.15 26.00
C ARG I 260 -38.96 -30.53 26.46
N VAL I 261 -38.83 -30.82 27.74
CA VAL I 261 -37.58 -31.35 28.28
C VAL I 261 -37.67 -32.87 28.23
N ALA I 262 -36.71 -33.50 27.56
CA ALA I 262 -36.75 -34.93 27.42
C ALA I 262 -36.31 -35.63 28.70
N PHE I 263 -36.75 -36.88 28.86
CA PHE I 263 -36.38 -37.68 30.01
C PHE I 263 -34.90 -38.03 30.03
N SER I 264 -34.20 -37.84 28.92
CA SER I 264 -32.80 -38.22 28.78
C SER I 264 -31.85 -37.08 29.11
N VAL I 265 -32.35 -35.97 29.60
CA VAL I 265 -31.53 -34.82 29.94
C VAL I 265 -31.14 -34.91 31.41
N ALA I 266 -29.87 -34.62 31.70
CA ALA I 266 -29.36 -34.70 33.06
C ALA I 266 -29.94 -33.59 33.92
N ARG I 267 -30.60 -33.95 35.01
CA ARG I 267 -31.23 -32.97 35.88
C ARG I 267 -31.02 -33.37 37.34
N ALA I 268 -31.01 -32.36 38.21
CA ALA I 268 -30.65 -32.54 39.60
C ALA I 268 -31.76 -33.26 40.37
N GLY I 269 -31.36 -33.86 41.48
CA GLY I 269 -32.31 -34.55 42.34
C GLY I 269 -31.58 -35.52 43.27
N GLN I 270 -32.28 -36.57 43.63
CA GLN I 270 -31.75 -37.57 44.54
C GLN I 270 -30.55 -38.28 43.92
N LYS I 271 -29.49 -38.44 44.72
CA LYS I 271 -28.36 -39.27 44.35
C LYS I 271 -28.09 -40.26 45.48
N GLY I 272 -27.82 -41.50 45.10
CA GLY I 272 -27.59 -42.52 46.10
C GLY I 272 -28.88 -43.12 46.62
N TYR I 273 -28.71 -44.11 47.49
CA TYR I 273 -29.82 -44.91 48.02
C TYR I 273 -30.63 -45.54 46.89
N HIS I 274 -29.93 -45.98 45.86
CA HIS I 274 -30.55 -46.68 44.75
C HIS I 274 -30.35 -48.18 44.93
N HIS I 275 -31.31 -48.95 44.44
CA HIS I 275 -31.22 -50.40 44.48
C HIS I 275 -30.34 -50.89 43.34
N ARG I 276 -29.34 -51.69 43.66
CA ARG I 276 -28.36 -52.16 42.69
C ARG I 276 -28.09 -53.63 42.89
N THR I 277 -27.63 -54.26 41.82
CA THR I 277 -27.28 -55.68 41.79
C THR I 277 -25.95 -55.82 41.06
N GLU I 278 -24.91 -56.19 41.79
CA GLU I 278 -23.59 -56.39 41.22
C GLU I 278 -23.27 -57.87 41.16
N ILE I 279 -22.95 -58.37 39.98
CA ILE I 279 -22.71 -59.78 39.77
C ILE I 279 -21.22 -60.05 39.83
N ASN I 280 -20.88 -61.34 39.97
CA ASN I 280 -19.51 -61.83 39.81
C ASN I 280 -18.58 -61.27 40.90
N LYS I 281 -18.99 -61.42 42.15
CA LYS I 281 -18.15 -61.11 43.31
C LYS I 281 -17.66 -62.43 43.85
N LYS I 282 -16.34 -62.63 43.86
CA LYS I 282 -15.77 -63.89 44.28
C LYS I 282 -15.74 -63.98 45.80
N ILE I 283 -16.05 -65.17 46.32
CA ILE I 283 -15.97 -65.42 47.75
C ILE I 283 -14.54 -65.82 48.08
N TYR I 284 -13.78 -64.91 48.68
CA TYR I 284 -12.42 -65.29 49.05
C TYR I 284 -12.39 -66.17 50.28
N LYS I 285 -13.30 -65.96 51.23
CA LYS I 285 -13.24 -66.80 52.43
C LYS I 285 -14.64 -66.92 53.00
N ILE I 286 -14.88 -68.01 53.73
CA ILE I 286 -16.04 -68.14 54.58
C ILE I 286 -15.50 -68.40 55.99
N GLY I 287 -15.50 -67.35 56.81
CA GLY I 287 -14.98 -67.47 58.15
C GLY I 287 -15.88 -68.29 59.05
N GLN I 288 -15.28 -68.78 60.13
CA GLN I 288 -15.93 -69.79 60.95
C GLN I 288 -16.65 -69.21 62.15
N GLY I 289 -16.34 -67.98 62.55
CA GLY I 289 -17.00 -67.37 63.69
C GLY I 289 -16.39 -67.82 65.00
N TYR I 290 -16.87 -67.20 66.08
CA TYR I 290 -16.32 -67.47 67.40
C TYR I 290 -16.92 -68.76 67.97
N LEU I 291 -16.08 -69.53 68.64
CA LEU I 291 -16.51 -70.72 69.35
C LEU I 291 -16.01 -70.68 70.78
N ILE I 292 -16.70 -71.38 71.67
CA ILE I 292 -16.28 -71.56 73.05
C ILE I 292 -16.43 -73.05 73.35
N LYS I 293 -15.33 -73.80 73.23
CA LYS I 293 -15.31 -75.18 73.68
C LYS I 293 -14.66 -75.31 75.07
N ASP I 294 -13.43 -74.85 75.19
CA ASP I 294 -12.76 -74.64 76.46
C ASP I 294 -12.30 -73.20 76.63
N GLY I 295 -11.73 -72.62 75.58
CA GLY I 295 -11.52 -71.19 75.51
C GLY I 295 -12.08 -70.65 74.20
N LYS I 296 -12.20 -69.34 74.13
CA LYS I 296 -12.76 -68.72 72.94
C LYS I 296 -11.79 -68.85 71.77
N LEU I 297 -12.30 -69.33 70.64
CA LEU I 297 -11.50 -69.56 69.44
C LEU I 297 -11.74 -68.41 68.46
N ILE I 298 -10.66 -67.75 68.06
CA ILE I 298 -10.75 -66.61 67.15
C ILE I 298 -9.74 -66.77 66.03
N LYS I 299 -8.88 -67.79 66.13
CA LYS I 299 -7.87 -68.02 65.11
C LYS I 299 -8.49 -68.31 63.75
N ASN I 300 -9.63 -69.02 63.74
CA ASN I 300 -10.30 -69.48 62.53
C ASN I 300 -10.84 -68.34 61.68
N ASN I 301 -10.70 -67.09 62.12
CA ASN I 301 -11.19 -65.96 61.35
C ASN I 301 -10.11 -65.39 60.43
N ALA I 302 -8.97 -64.98 60.99
CA ALA I 302 -7.94 -64.31 60.21
C ALA I 302 -6.62 -65.04 60.19
N SER I 303 -6.53 -66.23 60.77
CA SER I 303 -5.31 -67.03 60.65
C SER I 303 -5.36 -67.81 59.34
N THR I 304 -4.31 -67.69 58.54
CA THR I 304 -4.22 -68.40 57.28
C THR I 304 -3.25 -69.56 57.42
N ASP I 305 -2.99 -70.26 56.32
CA ASP I 305 -2.06 -71.37 56.33
C ASP I 305 -0.60 -70.93 56.37
N TYR I 306 -0.34 -69.66 56.08
CA TYR I 306 1.01 -69.11 56.12
C TYR I 306 1.21 -68.11 57.24
N ASP I 307 0.16 -67.76 57.97
CA ASP I 307 0.24 -66.77 59.04
C ASP I 307 0.36 -67.44 60.41
N LEU I 308 -0.60 -68.31 60.74
CA LEU I 308 -0.64 -69.01 62.03
C LEU I 308 -0.60 -68.05 63.20
N SER I 309 -1.23 -66.88 63.03
CA SER I 309 -1.31 -65.87 64.06
C SER I 309 -2.72 -65.91 64.66
N ASP I 310 -2.81 -66.06 65.98
CA ASP I 310 -4.09 -66.19 66.66
C ASP I 310 -4.77 -64.83 66.70
N LYS I 311 -5.39 -64.46 65.59
CA LYS I 311 -6.11 -63.21 65.49
C LYS I 311 -7.41 -63.43 64.73
N SER I 312 -8.39 -62.58 65.02
CA SER I 312 -9.68 -62.63 64.34
C SER I 312 -9.73 -61.61 63.22
N ILE I 313 -10.83 -61.64 62.47
CA ILE I 313 -10.99 -60.75 61.33
C ILE I 313 -11.15 -59.31 61.78
N ASN I 314 -11.49 -59.08 63.04
CA ASN I 314 -11.72 -57.73 63.52
C ASN I 314 -10.42 -56.94 63.50
N PRO I 315 -10.42 -55.73 62.94
CA PRO I 315 -9.22 -54.90 62.99
C PRO I 315 -8.95 -54.43 64.40
N LEU I 316 -7.75 -53.90 64.59
CA LEU I 316 -7.37 -53.36 65.89
C LEU I 316 -8.25 -52.16 66.20
N GLY I 317 -8.90 -52.18 67.36
CA GLY I 317 -9.88 -51.15 67.66
C GLY I 317 -11.24 -51.38 67.06
N GLY I 318 -11.48 -52.53 66.44
CA GLY I 318 -12.79 -52.88 65.93
C GLY I 318 -13.07 -52.27 64.57
N PHE I 319 -14.10 -52.81 63.91
CA PHE I 319 -14.54 -52.27 62.64
C PHE I 319 -15.16 -50.90 62.85
N VAL I 320 -14.66 -49.91 62.11
CA VAL I 320 -15.11 -48.54 62.31
C VAL I 320 -16.56 -48.42 61.84
N HIS I 321 -17.40 -47.84 62.69
CA HIS I 321 -18.82 -47.58 62.47
C HIS I 321 -19.65 -48.85 62.34
N TYR I 322 -19.09 -50.02 62.65
CA TYR I 322 -19.87 -51.25 62.63
C TYR I 322 -19.95 -51.92 63.99
N GLY I 323 -18.82 -52.23 64.60
CA GLY I 323 -18.79 -53.06 65.79
C GLY I 323 -17.80 -54.17 65.62
N GLU I 324 -18.03 -55.26 66.36
CA GLU I 324 -17.17 -56.43 66.33
C GLU I 324 -17.88 -57.58 65.64
N VAL I 325 -17.16 -58.30 64.80
CA VAL I 325 -17.71 -59.43 64.05
C VAL I 325 -17.40 -60.70 64.82
N THR I 326 -18.45 -61.33 65.34
CA THR I 326 -18.32 -62.55 66.13
C THR I 326 -18.99 -63.76 65.49
N ASN I 327 -19.80 -63.57 64.47
CA ASN I 327 -20.49 -64.65 63.80
C ASN I 327 -19.73 -65.05 62.54
N ASP I 328 -20.35 -65.90 61.74
CA ASP I 328 -19.78 -66.27 60.45
C ASP I 328 -19.71 -65.04 59.56
N PHE I 329 -18.74 -65.03 58.66
CA PHE I 329 -18.61 -63.94 57.73
C PHE I 329 -18.21 -64.48 56.36
N VAL I 330 -18.47 -63.68 55.33
CA VAL I 330 -18.05 -63.97 53.97
C VAL I 330 -17.09 -62.88 53.54
N MET I 331 -15.86 -63.28 53.20
CA MET I 331 -14.86 -62.38 52.66
C MET I 331 -15.00 -62.39 51.14
N LEU I 332 -15.66 -61.37 50.62
CA LEU I 332 -15.83 -61.18 49.19
C LEU I 332 -14.68 -60.37 48.62
N LYS I 333 -14.47 -60.47 47.32
CA LYS I 333 -13.42 -59.72 46.64
C LYS I 333 -13.96 -58.39 46.14
N GLY I 334 -13.31 -57.31 46.55
CA GLY I 334 -13.65 -56.00 46.05
C GLY I 334 -14.61 -55.25 46.95
N CYS I 335 -15.24 -54.24 46.38
CA CYS I 335 -16.17 -53.38 47.08
C CYS I 335 -17.60 -53.83 46.84
N VAL I 336 -18.47 -53.45 47.77
CA VAL I 336 -19.86 -53.86 47.77
C VAL I 336 -20.72 -52.65 48.11
N VAL I 337 -21.88 -52.52 47.43
CA VAL I 337 -22.74 -51.37 47.62
C VAL I 337 -23.19 -51.26 49.09
N GLY I 338 -23.53 -50.04 49.48
CA GLY I 338 -24.13 -49.79 50.77
C GLY I 338 -23.15 -49.19 51.76
N THR I 339 -23.71 -48.72 52.87
CA THR I 339 -22.94 -48.17 53.97
C THR I 339 -22.42 -49.32 54.84
N LYS I 340 -21.81 -48.98 55.97
CA LYS I 340 -21.54 -49.97 56.98
C LYS I 340 -22.86 -50.43 57.59
N LYS I 341 -22.83 -51.64 58.16
CA LYS I 341 -23.98 -52.33 58.73
C LYS I 341 -25.25 -52.22 57.88
N ARG I 342 -25.07 -52.23 56.57
CA ARG I 342 -26.18 -52.24 55.62
C ARG I 342 -26.46 -53.68 55.25
N VAL I 343 -27.74 -54.03 55.17
CA VAL I 343 -28.13 -55.40 54.88
C VAL I 343 -27.99 -55.67 53.39
N LEU I 344 -27.27 -56.72 53.05
CA LEU I 344 -27.00 -57.10 51.67
C LEU I 344 -27.58 -58.47 51.40
N THR I 345 -28.04 -58.67 50.17
CA THR I 345 -28.53 -59.95 49.71
C THR I 345 -27.46 -60.59 48.85
N LEU I 346 -27.10 -61.82 49.17
CA LEU I 346 -26.14 -62.59 48.39
C LEU I 346 -26.90 -63.65 47.63
N ARG I 347 -26.77 -63.67 46.32
CA ARG I 347 -27.52 -64.56 45.46
C ARG I 347 -26.55 -65.40 44.63
N LYS I 348 -26.92 -66.66 44.40
CA LYS I 348 -26.16 -67.51 43.49
C LYS I 348 -26.17 -66.90 42.09
N SER I 349 -25.08 -67.12 41.37
CA SER I 349 -24.94 -66.53 40.05
C SER I 349 -25.94 -67.14 39.08
N LEU I 350 -26.59 -66.28 38.29
CA LEU I 350 -27.51 -66.77 37.26
C LEU I 350 -26.77 -67.35 36.07
N LEU I 351 -25.52 -66.96 35.86
CA LEU I 351 -24.75 -67.37 34.70
C LEU I 351 -24.06 -68.70 34.96
N VAL I 352 -23.35 -69.19 33.96
CA VAL I 352 -22.48 -70.35 34.08
C VAL I 352 -21.05 -69.84 34.17
N GLN I 353 -20.35 -70.23 35.22
CA GLN I 353 -18.99 -69.73 35.48
C GLN I 353 -18.00 -70.70 34.86
N THR I 354 -17.44 -70.32 33.71
CA THR I 354 -16.43 -71.12 33.03
C THR I 354 -15.14 -70.37 32.75
N LYS I 355 -15.14 -69.05 32.82
CA LYS I 355 -13.93 -68.29 32.57
C LYS I 355 -12.91 -68.53 33.67
N ARG I 356 -11.64 -68.25 33.36
CA ARG I 356 -10.56 -68.60 34.27
C ARG I 356 -10.48 -67.66 35.47
N ARG I 357 -11.10 -66.48 35.39
CA ARG I 357 -11.34 -65.68 36.60
C ARG I 357 -12.17 -66.46 37.60
N ALA I 358 -13.28 -67.03 37.14
CA ALA I 358 -14.02 -67.97 37.94
C ALA I 358 -13.26 -69.29 38.04
N LEU I 359 -13.80 -70.21 38.84
CA LEU I 359 -13.25 -71.55 39.05
C LEU I 359 -11.76 -71.54 39.37
N GLU I 360 -11.25 -70.42 39.91
CA GLU I 360 -9.85 -70.30 40.28
C GLU I 360 -9.74 -70.42 41.79
N LYS I 361 -8.81 -71.26 42.25
CA LYS I 361 -8.69 -71.54 43.67
C LYS I 361 -7.98 -70.38 44.36
N ILE I 362 -8.59 -69.88 45.43
CA ILE I 362 -8.09 -68.74 46.18
C ILE I 362 -7.44 -69.25 47.46
N ASP I 363 -6.18 -68.91 47.67
CA ASP I 363 -5.42 -69.34 48.83
C ASP I 363 -4.75 -68.13 49.46
N LEU I 364 -5.34 -67.63 50.55
CA LEU I 364 -4.84 -66.44 51.20
C LEU I 364 -3.53 -66.70 51.91
N LYS I 365 -2.60 -65.75 51.83
CA LYS I 365 -1.39 -65.80 52.63
C LYS I 365 -1.41 -64.87 53.83
N PHE I 366 -2.22 -63.82 53.79
CA PHE I 366 -2.20 -62.82 54.84
C PHE I 366 -3.50 -62.03 54.79
N ILE I 367 -4.05 -61.75 55.96
CA ILE I 367 -5.23 -60.90 56.10
C ILE I 367 -4.85 -59.74 56.98
N ASP I 368 -5.00 -58.52 56.47
CA ASP I 368 -4.62 -57.34 57.22
C ASP I 368 -5.62 -57.04 58.32
N THR I 369 -5.12 -56.79 59.52
CA THR I 369 -5.96 -56.43 60.65
C THR I 369 -5.42 -55.22 61.38
N THR I 370 -4.73 -54.32 60.67
CA THR I 370 -4.34 -53.06 61.26
C THR I 370 -5.57 -52.21 61.53
N SER I 371 -5.42 -51.22 62.41
CA SER I 371 -6.54 -50.37 62.77
C SER I 371 -6.96 -49.53 61.57
N LYS I 372 -8.25 -49.55 61.28
CA LYS I 372 -8.83 -48.74 60.22
C LYS I 372 -9.29 -47.39 60.72
N PHE I 373 -9.22 -47.15 62.03
CA PHE I 373 -9.59 -45.87 62.64
C PHE I 373 -8.40 -44.93 62.69
N GLY I 374 -7.73 -44.78 61.56
CA GLY I 374 -6.49 -44.06 61.45
C GLY I 374 -5.49 -44.86 60.66
N HIS I 375 -4.25 -44.39 60.61
CA HIS I 375 -3.19 -45.08 59.90
C HIS I 375 -2.62 -46.15 60.84
N GLY I 376 -3.36 -47.24 60.97
CA GLY I 376 -2.91 -48.32 61.83
C GLY I 376 -1.65 -48.97 61.31
N ARG I 377 -0.83 -49.45 62.24
CA ARG I 377 0.47 -49.99 61.88
C ARG I 377 0.84 -51.25 62.66
N PHE I 378 -0.08 -51.83 63.42
CA PHE I 378 0.16 -53.05 64.16
C PHE I 378 -0.97 -54.02 63.88
N GLN I 379 -0.61 -55.29 63.67
CA GLN I 379 -1.63 -56.30 63.36
C GLN I 379 -2.39 -56.72 64.60
N THR I 380 -1.72 -56.86 65.74
CA THR I 380 -2.33 -57.38 66.94
C THR I 380 -1.94 -56.55 68.16
N MET I 381 -2.75 -56.70 69.21
CA MET I 381 -2.45 -56.09 70.50
C MET I 381 -1.10 -56.55 71.01
N GLU I 382 -0.83 -57.86 70.90
CA GLU I 382 0.42 -58.41 71.41
C GLU I 382 1.61 -57.89 70.62
N GLU I 383 1.47 -57.76 69.30
CA GLU I 383 2.55 -57.20 68.50
C GLU I 383 2.81 -55.75 68.88
N LYS I 384 1.75 -54.97 69.07
CA LYS I 384 1.93 -53.58 69.49
C LYS I 384 2.61 -53.49 70.84
N LYS I 385 2.19 -54.32 71.80
CA LYS I 385 2.81 -54.29 73.13
C LYS I 385 4.26 -54.72 73.07
N ALA I 386 4.57 -55.75 72.30
CA ALA I 386 5.95 -56.21 72.20
C ALA I 386 6.83 -55.16 71.56
N PHE I 387 6.31 -54.45 70.55
CA PHE I 387 7.12 -53.42 69.90
C PHE I 387 7.34 -52.23 70.82
N MET I 388 6.27 -51.72 71.45
CA MET I 388 6.39 -50.48 72.18
C MET I 388 6.86 -50.65 73.62
N GLY I 389 6.89 -51.86 74.15
CA GLY I 389 7.32 -52.07 75.50
C GLY I 389 6.30 -51.56 76.50
N PRO I 390 6.65 -51.57 77.78
CA PRO I 390 5.73 -51.04 78.79
C PRO I 390 5.58 -49.54 78.67
N LEU I 391 4.38 -49.06 78.99
CA LEU I 391 4.07 -47.64 78.95
C LEU I 391 3.81 -47.13 80.36
N LYS I 392 3.51 -45.83 80.45
CA LYS I 392 3.29 -45.23 81.76
C LYS I 392 2.02 -45.74 82.42
N LYS I 393 0.94 -45.88 81.66
CA LYS I 393 -0.30 -46.41 82.22
C LYS I 393 -0.12 -47.85 82.67
N ASP I 394 0.60 -48.66 81.89
CA ASP I 394 0.90 -50.02 82.31
C ASP I 394 1.74 -50.03 83.58
N ARG I 395 2.72 -49.12 83.67
CA ARG I 395 3.57 -49.07 84.85
C ARG I 395 2.78 -48.69 86.09
N ILE I 396 1.89 -47.70 85.99
CA ILE I 396 1.12 -47.32 87.16
C ILE I 396 0.10 -48.39 87.53
N ALA I 397 -0.48 -49.06 86.53
CA ALA I 397 -1.39 -50.18 86.83
C ALA I 397 -0.66 -51.31 87.53
N LYS I 398 0.55 -51.65 87.08
CA LYS I 398 1.34 -52.67 87.74
C LYS I 398 1.79 -52.23 89.13
N GLU I 399 2.05 -50.93 89.30
CA GLU I 399 2.40 -50.41 90.61
C GLU I 399 1.24 -50.57 91.60
N GLU I 400 0.01 -50.31 91.14
CA GLU I 400 -1.14 -50.58 91.99
C GLU I 400 -1.35 -52.06 92.22
N GLY I 401 -1.09 -52.89 91.20
CA GLY I 401 -1.29 -54.32 91.30
C GLY I 401 -0.14 -55.10 91.90
N ALA I 402 0.89 -54.41 92.37
CA ALA I 402 2.05 -55.03 93.01
C ALA I 402 2.75 -56.04 92.10
N MET J 1 -123.75 24.02 7.85
CA MET J 1 -123.14 24.19 9.16
C MET J 1 -122.23 25.42 9.21
N ALA J 2 -121.25 25.47 8.30
CA ALA J 2 -120.31 26.58 8.29
C ALA J 2 -121.01 27.90 7.99
N CYS J 3 -121.96 27.89 7.05
CA CYS J 3 -122.71 29.10 6.72
C CYS J 3 -123.82 29.39 7.71
N ALA J 4 -124.21 28.43 8.55
CA ALA J 4 -125.28 28.60 9.51
C ALA J 4 -124.70 28.98 10.86
N ARG J 5 -125.22 30.05 11.44
CA ARG J 5 -124.73 30.57 12.72
C ARG J 5 -125.88 30.68 13.71
N PRO J 6 -125.94 29.83 14.73
CA PRO J 6 -127.04 29.91 15.71
C PRO J 6 -126.91 31.10 16.64
N LEU J 7 -127.86 31.25 17.56
CA LEU J 7 -127.85 32.31 18.55
C LEU J 7 -127.54 31.71 19.91
N ILE J 8 -126.46 32.16 20.53
CA ILE J 8 -126.06 31.72 21.86
C ILE J 8 -126.65 32.67 22.87
N SER J 9 -127.36 32.13 23.85
CA SER J 9 -127.94 32.94 24.90
C SER J 9 -126.87 33.37 25.89
N VAL J 10 -126.97 34.60 26.36
CA VAL J 10 -126.06 35.12 27.38
C VAL J 10 -126.66 34.83 28.74
N TYR J 11 -125.85 34.26 29.62
CA TYR J 11 -126.31 33.84 30.93
C TYR J 11 -125.97 34.89 31.98
N SER J 12 -126.93 35.14 32.85
CA SER J 12 -126.74 36.10 33.93
C SER J 12 -125.77 35.54 34.96
N GLU J 13 -125.40 36.39 35.92
CA GLU J 13 -124.50 35.98 36.98
C GLU J 13 -125.12 34.95 37.91
N LYS J 14 -126.44 34.74 37.83
CA LYS J 14 -127.12 33.73 38.62
C LYS J 14 -127.23 32.39 37.90
N GLY J 15 -126.65 32.28 36.70
CA GLY J 15 -126.56 31.03 35.99
C GLY J 15 -127.63 30.81 34.95
N GLU J 16 -128.73 31.55 34.99
CA GLU J 16 -129.80 31.37 34.03
C GLU J 16 -129.68 32.38 32.89
N SER J 17 -130.42 32.10 31.82
CA SER J 17 -130.37 32.95 30.64
C SER J 17 -130.93 34.33 30.95
N SER J 18 -130.31 35.34 30.35
CA SER J 18 -130.73 36.72 30.51
C SER J 18 -131.66 37.18 29.40
N GLY J 19 -132.02 36.30 28.46
CA GLY J 19 -132.87 36.66 27.36
C GLY J 19 -132.15 37.33 26.20
N LYS J 20 -130.89 37.69 26.36
CA LYS J 20 -130.11 38.27 25.29
C LYS J 20 -129.41 37.18 24.49
N ASN J 21 -129.26 37.41 23.19
CA ASN J 21 -128.63 36.45 22.31
C ASN J 21 -127.55 37.13 21.51
N VAL J 22 -126.46 36.40 21.25
CA VAL J 22 -125.41 36.82 20.34
C VAL J 22 -125.33 35.80 19.23
N THR J 23 -125.34 36.27 17.98
CA THR J 23 -125.10 35.37 16.86
C THR J 23 -123.71 34.77 16.98
N LEU J 24 -123.61 33.47 16.71
CA LEU J 24 -122.33 32.77 16.79
C LEU J 24 -121.30 33.46 15.91
N PRO J 25 -120.18 33.92 16.46
CA PRO J 25 -119.14 34.51 15.62
C PRO J 25 -118.63 33.50 14.61
N ALA J 26 -118.30 33.99 13.42
CA ALA J 26 -117.91 33.10 12.34
C ALA J 26 -116.61 32.37 12.64
N VAL J 27 -115.83 32.85 13.61
CA VAL J 27 -114.56 32.22 13.96
C VAL J 27 -114.79 30.84 14.57
N PHE J 28 -115.97 30.54 15.07
CA PHE J 28 -116.23 29.23 15.65
C PHE J 28 -116.59 28.19 14.60
N LYS J 29 -116.72 28.59 13.34
CA LYS J 29 -116.89 27.67 12.23
C LYS J 29 -115.62 27.55 11.39
N ALA J 30 -114.51 28.09 11.88
CA ALA J 30 -113.25 28.01 11.18
C ALA J 30 -112.76 26.57 11.14
N PRO J 31 -111.89 26.23 10.19
CA PRO J 31 -111.37 24.86 10.12
C PRO J 31 -110.63 24.48 11.39
N ILE J 32 -111.06 23.39 12.01
CA ILE J 32 -110.35 22.83 13.16
C ILE J 32 -109.17 22.05 12.64
N ARG J 33 -107.97 22.49 12.99
CA ARG J 33 -106.74 21.98 12.37
C ARG J 33 -105.73 21.63 13.46
N PRO J 34 -105.89 20.45 14.08
CA PRO J 34 -104.99 20.08 15.18
C PRO J 34 -103.53 20.00 14.80
N ASP J 35 -103.20 19.67 13.54
CA ASP J 35 -101.80 19.61 13.16
C ASP J 35 -101.18 21.01 13.12
N ILE J 36 -101.90 21.99 12.59
CA ILE J 36 -101.42 23.36 12.60
C ILE J 36 -101.33 23.88 14.02
N VAL J 37 -102.32 23.55 14.86
CA VAL J 37 -102.26 23.98 16.26
C VAL J 37 -101.05 23.38 16.95
N ASN J 38 -100.78 22.09 16.71
CA ASN J 38 -99.63 21.45 17.31
C ASN J 38 -98.33 22.09 16.83
N PHE J 39 -98.23 22.40 15.54
CA PHE J 39 -97.02 23.02 15.02
C PHE J 39 -96.79 24.40 15.63
N VAL J 40 -97.85 25.22 15.68
CA VAL J 40 -97.70 26.57 16.21
C VAL J 40 -97.38 26.53 17.69
N HIS J 41 -98.05 25.65 18.45
CA HIS J 41 -97.76 25.49 19.87
C HIS J 41 -96.33 25.02 20.08
N THR J 42 -95.87 24.06 19.27
CA THR J 42 -94.52 23.54 19.42
C THR J 42 -93.48 24.62 19.18
N ASN J 43 -93.69 25.44 18.16
CA ASN J 43 -92.68 26.44 17.85
C ASN J 43 -92.78 27.68 18.73
N LEU J 44 -93.94 27.96 19.32
CA LEU J 44 -94.03 29.11 20.20
C LEU J 44 -93.70 28.79 21.65
N ARG J 45 -93.78 27.53 22.07
CA ARG J 45 -93.33 27.19 23.41
C ARG J 45 -91.82 27.27 23.54
N LYS J 46 -91.09 27.35 22.44
CA LYS J 46 -89.64 27.53 22.52
C LYS J 46 -89.23 28.97 22.69
N ASN J 47 -90.15 29.92 22.56
CA ASN J 47 -89.79 31.33 22.56
C ASN J 47 -89.68 31.92 23.96
N ASN J 48 -90.32 31.31 24.94
CA ASN J 48 -90.19 31.77 26.32
C ASN J 48 -89.04 31.09 27.04
N ARG J 49 -88.25 30.29 26.32
CA ARG J 49 -87.15 29.56 26.93
C ARG J 49 -86.01 30.50 27.30
N GLN J 50 -85.16 30.01 28.18
CA GLN J 50 -84.04 30.75 28.72
C GLN J 50 -82.77 29.94 28.51
N PRO J 51 -81.70 30.54 28.01
CA PRO J 51 -80.54 29.75 27.59
C PRO J 51 -79.84 29.06 28.74
N TYR J 52 -79.27 27.91 28.43
CA TYR J 52 -78.36 27.22 29.34
C TYR J 52 -77.12 26.80 28.57
N ALA J 53 -76.00 26.77 29.28
CA ALA J 53 -74.75 26.30 28.70
C ALA J 53 -73.81 25.93 29.84
N VAL J 54 -72.80 25.16 29.51
CA VAL J 54 -71.74 24.88 30.45
C VAL J 54 -70.71 26.00 30.34
N SER J 55 -69.83 26.09 31.33
CA SER J 55 -68.74 27.04 31.27
C SER J 55 -67.80 26.66 30.13
N GLU J 56 -67.38 27.67 29.36
CA GLU J 56 -66.44 27.41 28.29
C GLU J 56 -65.01 27.23 28.80
N LEU J 57 -64.77 27.45 30.08
CA LEU J 57 -63.50 27.11 30.70
C LEU J 57 -63.48 25.72 31.30
N ALA J 58 -64.63 25.05 31.37
CA ALA J 58 -64.75 23.83 32.16
C ALA J 58 -63.94 22.71 31.55
N GLY J 59 -63.10 22.09 32.36
CA GLY J 59 -62.28 20.98 31.94
C GLY J 59 -61.06 21.36 31.15
N HIS J 60 -60.81 22.64 30.91
CA HIS J 60 -59.72 23.08 30.05
C HIS J 60 -58.85 24.10 30.74
N GLN J 61 -58.67 23.97 32.04
CA GLN J 61 -57.82 24.84 32.83
C GLN J 61 -56.85 24.01 33.66
N THR J 62 -56.19 23.08 32.98
CA THR J 62 -55.40 22.03 33.58
C THR J 62 -53.92 22.08 33.19
N SER J 63 -53.59 22.60 32.01
CA SER J 63 -52.21 22.63 31.49
C SER J 63 -51.64 21.23 31.31
N ALA J 64 -52.50 20.25 31.10
CA ALA J 64 -52.08 18.87 30.93
C ALA J 64 -51.49 18.65 29.54
N GLU J 65 -50.74 17.55 29.41
CA GLU J 65 -50.21 17.16 28.11
C GLU J 65 -50.06 15.65 28.08
N SER J 66 -49.95 15.11 26.87
CA SER J 66 -49.77 13.69 26.70
C SER J 66 -48.40 13.25 27.19
N TRP J 67 -48.34 12.05 27.77
CA TRP J 67 -47.07 11.51 28.24
C TRP J 67 -46.22 10.94 27.12
N GLY J 68 -46.77 10.79 25.93
CA GLY J 68 -46.04 10.11 24.87
C GLY J 68 -46.58 8.71 24.67
N THR J 69 -45.72 7.78 24.26
CA THR J 69 -46.18 6.43 23.97
C THR J 69 -45.28 5.34 24.50
N GLY J 70 -44.16 5.65 25.13
CA GLY J 70 -43.28 4.60 25.59
C GLY J 70 -43.41 4.29 27.06
N ARG J 71 -44.52 4.69 27.68
CA ARG J 71 -44.65 4.59 29.13
C ARG J 71 -45.83 3.72 29.56
N ALA J 72 -46.33 2.87 28.66
CA ALA J 72 -47.32 1.83 28.99
C ALA J 72 -48.63 2.41 29.51
N VAL J 73 -48.97 3.62 29.10
CA VAL J 73 -50.24 4.24 29.47
C VAL J 73 -50.89 4.78 28.21
N ALA J 74 -52.21 4.97 28.27
CA ALA J 74 -52.92 5.52 27.14
C ALA J 74 -52.47 6.95 26.85
N ARG J 75 -52.57 7.35 25.60
CA ARG J 75 -51.99 8.60 25.13
C ARG J 75 -52.86 9.81 25.45
N ILE J 76 -53.79 9.70 26.37
CA ILE J 76 -54.61 10.82 26.81
C ILE J 76 -53.71 11.82 27.54
N PRO J 77 -53.99 13.12 27.47
CA PRO J 77 -53.21 14.08 28.27
C PRO J 77 -53.34 13.82 29.76
N ARG J 78 -52.26 14.07 30.49
CA ARG J 78 -52.19 13.82 31.91
C ARG J 78 -51.82 15.10 32.64
N VAL J 79 -52.40 15.29 33.83
CA VAL J 79 -52.05 16.43 34.66
C VAL J 79 -50.60 16.30 35.11
N ARG J 80 -49.92 17.44 35.21
CA ARG J 80 -48.50 17.47 35.48
C ARG J 80 -48.23 17.60 36.99
N GLY J 81 -46.96 17.56 37.35
CA GLY J 81 -46.56 17.74 38.72
C GLY J 81 -46.70 16.47 39.54
N GLY J 82 -46.61 16.65 40.84
CA GLY J 82 -46.74 15.54 41.77
C GLY J 82 -47.31 15.95 43.10
N GLY J 83 -47.29 15.06 44.07
CA GLY J 83 -47.70 15.40 45.41
C GLY J 83 -49.19 15.52 45.61
N THR J 84 -50.00 15.15 44.62
CA THR J 84 -51.43 15.19 44.79
C THR J 84 -52.04 14.05 43.98
N HIS J 85 -53.30 13.74 44.28
CA HIS J 85 -53.99 12.69 43.55
C HIS J 85 -54.14 13.04 42.08
N ARG J 86 -54.36 14.32 41.78
CA ARG J 86 -54.63 14.75 40.42
C ARG J 86 -53.47 14.50 39.47
N SER J 87 -52.25 14.41 39.98
CA SER J 87 -51.08 14.28 39.13
C SER J 87 -51.12 12.97 38.35
N GLY J 88 -50.86 13.05 37.05
CA GLY J 88 -50.86 11.87 36.21
C GLY J 88 -52.23 11.37 35.81
N GLN J 89 -53.29 12.09 36.16
CA GLN J 89 -54.64 11.69 35.79
C GLN J 89 -55.01 12.28 34.44
N GLY J 90 -55.89 11.58 33.73
CA GLY J 90 -56.29 12.02 32.41
C GLY J 90 -57.06 13.33 32.45
N ALA J 91 -56.95 14.08 31.35
CA ALA J 91 -57.56 15.40 31.29
C ALA J 91 -58.05 15.68 29.87
N PHE J 92 -58.92 16.69 29.77
CA PHE J 92 -59.37 17.32 28.53
C PHE J 92 -60.32 16.48 27.69
N GLY J 93 -60.55 15.22 28.05
CA GLY J 93 -61.32 14.32 27.24
C GLY J 93 -62.75 14.18 27.72
N ASN J 94 -63.66 13.90 26.80
CA ASN J 94 -65.04 13.61 27.20
C ASN J 94 -65.13 12.31 27.98
N MET J 95 -64.15 11.42 27.83
CA MET J 95 -64.11 10.16 28.55
C MET J 95 -63.39 10.27 29.89
N CYS J 96 -62.75 11.39 30.16
CA CYS J 96 -61.96 11.56 31.37
C CYS J 96 -62.80 12.18 32.47
N ARG J 97 -62.58 11.73 33.70
CA ARG J 97 -63.24 12.34 34.84
C ARG J 97 -62.64 13.71 35.09
N GLY J 98 -63.51 14.71 35.24
CA GLY J 98 -63.05 16.06 35.39
C GLY J 98 -62.69 16.76 34.10
N GLY J 99 -62.85 16.10 32.96
CA GLY J 99 -62.53 16.67 31.67
C GLY J 99 -63.68 17.46 31.09
N ARG J 100 -63.49 17.88 29.86
CA ARG J 100 -64.48 18.67 29.14
C ARG J 100 -65.50 17.74 28.50
N MET J 101 -66.77 18.11 28.57
CA MET J 101 -67.81 17.32 27.94
C MET J 101 -67.70 17.41 26.42
N PHE J 102 -68.24 16.40 25.74
CA PHE J 102 -68.20 16.40 24.28
C PHE J 102 -69.13 17.47 23.74
N ALA J 103 -68.62 18.29 22.83
CA ALA J 103 -69.37 19.36 22.17
C ALA J 103 -70.11 20.18 23.21
N PRO J 104 -69.41 21.00 23.99
CA PRO J 104 -70.05 21.70 25.10
C PRO J 104 -71.21 22.55 24.61
N THR J 105 -72.28 22.56 25.39
CA THR J 105 -73.46 23.33 25.04
C THR J 105 -73.12 24.81 25.06
N LYS J 106 -73.65 25.55 24.10
CA LYS J 106 -73.32 26.95 23.94
C LYS J 106 -74.62 27.76 23.91
N THR J 107 -74.52 29.02 24.31
CA THR J 107 -75.72 29.82 24.51
C THR J 107 -76.39 30.20 23.20
N TRP J 108 -75.67 30.13 22.07
CA TRP J 108 -76.28 30.46 20.79
C TRP J 108 -76.84 29.21 20.10
N ARG J 109 -77.77 28.57 20.79
CA ARG J 109 -78.40 27.34 20.31
C ARG J 109 -79.57 27.59 19.36
N ARG J 110 -79.96 28.85 19.13
CA ARG J 110 -81.22 29.16 18.43
C ARG J 110 -82.40 28.59 19.19
N TRP J 111 -82.60 29.14 20.38
CA TRP J 111 -83.69 28.70 21.26
C TRP J 111 -85.05 29.11 20.71
N HIS J 112 -85.12 30.19 19.97
CA HIS J 112 -86.39 30.76 19.55
C HIS J 112 -86.70 30.38 18.11
N ARG J 113 -88.00 30.21 17.84
CA ARG J 113 -88.50 29.97 16.50
C ARG J 113 -89.50 31.06 16.15
N ARG J 114 -89.50 31.50 14.90
CA ARG J 114 -90.48 32.45 14.42
C ARG J 114 -91.51 31.71 13.57
N VAL J 115 -92.78 32.00 13.81
CA VAL J 115 -93.88 31.40 13.09
C VAL J 115 -94.55 32.49 12.27
N ASN J 116 -95.09 32.11 11.11
CA ASN J 116 -95.80 33.07 10.28
C ASN J 116 -97.02 33.60 11.00
N THR J 117 -97.26 34.90 10.86
CA THR J 117 -98.40 35.53 11.52
C THR J 117 -99.72 34.92 11.04
N THR J 118 -99.81 34.60 9.76
CA THR J 118 -101.03 34.00 9.24
C THR J 118 -101.26 32.62 9.84
N GLN J 119 -100.19 31.84 10.03
CA GLN J 119 -100.35 30.54 10.65
C GLN J 119 -100.71 30.66 12.13
N LYS J 120 -100.16 31.65 12.82
CA LYS J 120 -100.53 31.85 14.21
C LYS J 120 -102.00 32.23 14.35
N ARG J 121 -102.49 33.10 13.47
CA ARG J 121 -103.90 33.42 13.45
C ARG J 121 -104.75 32.20 13.08
N TYR J 122 -104.26 31.37 12.16
CA TYR J 122 -104.97 30.15 11.81
C TYR J 122 -105.12 29.25 13.02
N ALA J 123 -104.05 29.08 13.79
CA ALA J 123 -104.10 28.24 14.98
C ALA J 123 -105.04 28.81 16.03
N ILE J 124 -105.06 30.13 16.18
CA ILE J 124 -106.01 30.74 17.11
C ILE J 124 -107.45 30.43 16.67
N CYS J 125 -107.71 30.55 15.37
CA CYS J 125 -109.05 30.27 14.87
C CYS J 125 -109.43 28.81 15.09
N SER J 126 -108.50 27.90 14.86
CA SER J 126 -108.76 26.47 15.07
C SER J 126 -109.05 26.17 16.54
N ALA J 127 -108.26 26.75 17.45
CA ALA J 127 -108.49 26.53 18.87
C ALA J 127 -109.84 27.07 19.31
N LEU J 128 -110.21 28.27 18.84
CA LEU J 128 -111.51 28.83 19.17
C LEU J 128 -112.63 27.96 18.63
N ALA J 129 -112.52 27.50 17.39
CA ALA J 129 -113.56 26.67 16.81
C ALA J 129 -113.70 25.35 17.56
N ALA J 130 -112.58 24.77 17.99
CA ALA J 130 -112.64 23.52 18.73
C ALA J 130 -113.22 23.70 20.12
N SER J 131 -113.02 24.88 20.73
CA SER J 131 -113.56 25.12 22.06
C SER J 131 -115.07 25.18 22.10
N ALA J 132 -115.74 25.24 20.95
CA ALA J 132 -117.19 25.31 20.90
C ALA J 132 -117.84 23.96 20.64
N LEU J 133 -117.07 22.87 20.60
CA LEU J 133 -117.60 21.54 20.36
C LEU J 133 -117.53 20.74 21.64
N PRO J 134 -118.66 20.29 22.19
CA PRO J 134 -118.63 19.61 23.49
C PRO J 134 -117.80 18.34 23.52
N ALA J 135 -117.71 17.61 22.41
CA ALA J 135 -116.90 16.40 22.40
C ALA J 135 -115.42 16.70 22.60
N LEU J 136 -114.93 17.78 21.99
CA LEU J 136 -113.52 18.11 22.11
C LEU J 136 -113.19 18.66 23.49
N VAL J 137 -114.06 19.50 24.04
CA VAL J 137 -113.81 20.02 25.38
C VAL J 137 -113.91 18.91 26.41
N MET J 138 -114.84 17.97 26.21
CA MET J 138 -114.91 16.81 27.08
C MET J 138 -113.67 15.94 26.94
N SER J 139 -113.18 15.77 25.71
CA SER J 139 -111.98 14.98 25.48
C SER J 139 -110.72 15.65 26.00
N LYS J 140 -110.77 16.94 26.29
CA LYS J 140 -109.76 17.58 27.12
C LYS J 140 -109.99 17.35 28.60
N GLY J 141 -111.04 16.62 28.96
CA GLY J 141 -111.31 16.29 30.35
C GLY J 141 -111.75 17.44 31.23
N HIS J 142 -112.62 18.31 30.71
CA HIS J 142 -112.95 19.54 31.42
C HIS J 142 -114.20 19.46 32.27
N ARG J 143 -114.84 18.30 32.35
CA ARG J 143 -116.01 18.08 33.22
C ARG J 143 -117.13 19.08 32.92
N ILE J 144 -117.51 19.16 31.65
CA ILE J 144 -118.67 19.92 31.23
C ILE J 144 -119.80 18.92 31.02
N GLU J 145 -120.54 18.64 32.08
CA GLU J 145 -121.74 17.83 31.97
C GLU J 145 -122.97 18.56 32.45
N GLU J 146 -122.80 19.74 33.04
CA GLU J 146 -123.91 20.53 33.54
C GLU J 146 -123.81 21.97 33.07
N VAL J 147 -122.85 22.31 32.23
CA VAL J 147 -122.76 23.64 31.64
C VAL J 147 -123.95 23.84 30.71
N PRO J 148 -124.68 24.97 30.82
CA PRO J 148 -125.90 25.11 30.03
C PRO J 148 -125.68 25.20 28.54
N GLU J 149 -124.63 25.90 28.10
CA GLU J 149 -124.34 26.05 26.68
C GLU J 149 -122.84 26.19 26.53
N LEU J 150 -122.25 25.40 25.62
CA LEU J 150 -120.79 25.31 25.59
C LEU J 150 -120.11 26.62 25.22
N PRO J 151 -120.49 27.34 24.15
CA PRO J 151 -119.93 28.68 23.99
C PRO J 151 -120.49 29.57 25.09
N LEU J 152 -119.97 29.38 26.30
CA LEU J 152 -120.59 29.92 27.51
C LEU J 152 -120.29 31.40 27.59
N VAL J 153 -121.32 32.21 27.50
CA VAL J 153 -121.20 33.67 27.49
C VAL J 153 -121.95 34.21 28.70
N VAL J 154 -121.30 35.09 29.45
CA VAL J 154 -121.92 35.71 30.61
C VAL J 154 -121.95 37.22 30.41
N GLU J 155 -122.76 37.87 31.23
CA GLU J 155 -122.96 39.30 31.11
C GLU J 155 -121.72 40.07 31.54
N ASP J 156 -121.68 41.34 31.14
CA ASP J 156 -120.52 42.19 31.40
C ASP J 156 -120.34 42.52 32.88
N LYS J 157 -121.32 42.25 33.73
CA LYS J 157 -121.19 42.51 35.15
C LYS J 157 -120.06 41.71 35.78
N VAL J 158 -119.70 40.57 35.19
CA VAL J 158 -118.60 39.77 35.70
C VAL J 158 -117.29 40.54 35.63
N GLU J 159 -117.13 41.40 34.62
CA GLU J 159 -115.91 42.17 34.47
C GLU J 159 -115.66 43.12 35.64
N GLY J 160 -116.71 43.51 36.35
CA GLY J 160 -116.59 44.40 37.49
C GLY J 160 -116.47 43.72 38.84
N TYR J 161 -116.27 42.41 38.87
CA TYR J 161 -116.15 41.69 40.12
C TYR J 161 -114.87 42.09 40.84
N LYS J 162 -114.94 42.12 42.16
CA LYS J 162 -113.79 42.56 42.96
C LYS J 162 -113.28 41.51 43.93
N LYS J 163 -114.17 40.77 44.58
CA LYS J 163 -113.78 39.78 45.56
C LYS J 163 -113.73 38.39 44.93
N THR J 164 -113.06 37.47 45.62
CA THR J 164 -112.93 36.11 45.12
C THR J 164 -114.17 35.27 45.45
N LYS J 165 -114.89 35.62 46.51
CA LYS J 165 -116.09 34.88 46.88
C LYS J 165 -117.14 34.97 45.78
N GLU J 166 -117.32 36.15 45.19
CA GLU J 166 -118.31 36.29 44.14
C GLU J 166 -117.88 35.60 42.86
N ALA J 167 -116.57 35.53 42.58
CA ALA J 167 -116.10 34.73 41.45
C ALA J 167 -116.39 33.25 41.66
N VAL J 168 -116.15 32.75 42.88
CA VAL J 168 -116.46 31.37 43.20
C VAL J 168 -117.95 31.11 43.04
N LEU J 169 -118.77 32.04 43.53
CA LEU J 169 -120.21 31.92 43.40
C LEU J 169 -120.64 31.87 41.94
N LEU J 170 -120.03 32.72 41.10
CA LEU J 170 -120.37 32.73 39.69
C LEU J 170 -120.01 31.40 39.04
N LEU J 171 -118.84 30.85 39.35
CA LEU J 171 -118.47 29.55 38.78
C LEU J 171 -119.43 28.46 39.24
N LYS J 172 -119.81 28.48 40.52
CA LYS J 172 -120.74 27.48 41.03
C LYS J 172 -122.10 27.57 40.34
N LYS J 173 -122.61 28.79 40.13
CA LYS J 173 -123.88 28.94 39.45
C LYS J 173 -123.79 28.56 37.98
N LEU J 174 -122.65 28.84 37.36
CA LEU J 174 -122.43 28.45 35.97
C LEU J 174 -122.11 26.98 35.82
N LYS J 175 -121.99 26.26 36.93
CA LYS J 175 -121.71 24.82 36.94
C LYS J 175 -120.34 24.53 36.33
N ALA J 176 -119.43 25.50 36.44
CA ALA J 176 -118.04 25.31 36.06
C ALA J 176 -117.17 25.03 37.28
N TRP J 177 -117.77 24.87 38.45
CA TRP J 177 -117.01 24.61 39.66
C TRP J 177 -116.45 23.20 39.70
N ASN J 178 -117.03 22.28 38.95
CA ASN J 178 -116.53 20.91 38.95
C ASN J 178 -115.16 20.83 38.31
N ASP J 179 -114.89 21.67 37.31
CA ASP J 179 -113.55 21.73 36.73
C ASP J 179 -112.53 22.21 37.76
N ILE J 180 -112.90 23.20 38.57
CA ILE J 180 -112.00 23.68 39.61
C ILE J 180 -111.78 22.61 40.66
N LYS J 181 -112.83 21.88 41.02
CA LYS J 181 -112.66 20.78 41.97
C LYS J 181 -111.77 19.69 41.39
N LYS J 182 -111.83 19.47 40.08
CA LYS J 182 -110.92 18.54 39.44
C LYS J 182 -109.48 19.03 39.52
N VAL J 183 -109.27 20.33 39.33
CA VAL J 183 -107.93 20.89 39.48
C VAL J 183 -107.41 20.68 40.91
N TYR J 184 -108.27 20.96 41.89
CA TYR J 184 -107.92 20.74 43.29
C TYR J 184 -107.54 19.29 43.55
N ALA J 185 -108.32 18.36 43.01
CA ALA J 185 -107.99 16.95 43.14
C ALA J 185 -106.68 16.60 42.44
N SER J 186 -106.34 17.33 41.38
CA SER J 186 -105.15 17.03 40.60
C SER J 186 -103.89 17.68 41.15
N GLN J 187 -103.99 18.56 42.13
CA GLN J 187 -102.79 19.20 42.67
C GLN J 187 -101.96 18.14 43.39
N ARG J 188 -100.84 17.75 42.77
CA ARG J 188 -99.91 16.83 43.43
C ARG J 188 -98.48 17.29 43.21
N MET J 189 -97.52 16.44 43.57
CA MET J 189 -96.11 16.79 43.54
C MET J 189 -95.48 16.26 42.26
N ARG J 190 -94.71 17.12 41.58
CA ARG J 190 -94.09 16.72 40.32
C ARG J 190 -93.02 15.66 40.55
N ALA J 191 -92.80 14.83 39.53
CA ALA J 191 -91.85 13.74 39.60
C ALA J 191 -90.53 14.14 38.94
N GLY J 192 -89.44 14.07 39.70
CA GLY J 192 -88.13 14.22 39.09
C GLY J 192 -87.32 15.41 39.55
N LYS J 193 -86.34 15.80 38.74
CA LYS J 193 -85.43 16.89 39.06
C LYS J 193 -86.08 18.26 39.03
N GLY J 194 -87.29 18.37 38.46
CA GLY J 194 -87.97 19.64 38.44
C GLY J 194 -88.33 20.17 39.82
N LYS J 195 -88.44 19.27 40.81
CA LYS J 195 -88.68 19.71 42.18
C LYS J 195 -87.54 20.58 42.69
N MET J 196 -86.31 20.23 42.33
CA MET J 196 -85.18 21.04 42.76
C MET J 196 -85.00 22.29 41.92
N ARG J 197 -85.78 22.46 40.86
CA ARG J 197 -85.63 23.57 39.94
C ARG J 197 -86.87 24.45 39.91
N ASN J 198 -87.48 24.63 41.07
CA ASN J 198 -88.58 25.55 41.35
C ASN J 198 -89.89 25.14 40.72
N ARG J 199 -89.94 24.05 39.97
CA ARG J 199 -91.20 23.52 39.46
C ARG J 199 -91.72 22.41 40.37
N ARG J 200 -91.92 22.79 41.63
CA ARG J 200 -92.16 21.80 42.67
C ARG J 200 -93.54 21.17 42.57
N ARG J 201 -94.55 21.95 42.17
CA ARG J 201 -95.93 21.49 42.21
C ARG J 201 -96.55 21.55 40.81
N ILE J 202 -97.46 20.61 40.53
CA ILE J 202 -98.15 20.56 39.25
C ILE J 202 -99.64 20.38 39.50
N GLN J 203 -100.44 20.78 38.53
CA GLN J 203 -101.88 20.67 38.66
C GLN J 203 -102.54 20.72 37.28
N ARG J 204 -103.79 20.33 37.25
CA ARG J 204 -104.62 20.35 36.05
C ARG J 204 -104.89 21.79 35.61
N ARG J 205 -105.06 21.97 34.30
CA ARG J 205 -105.50 23.24 33.76
C ARG J 205 -107.00 23.40 33.92
N GLY J 206 -107.42 24.60 34.31
CA GLY J 206 -108.82 24.88 34.50
C GLY J 206 -109.40 25.70 33.36
N PRO J 207 -110.58 26.28 33.58
CA PRO J 207 -111.20 27.09 32.54
C PRO J 207 -110.46 28.38 32.26
N CYS J 208 -110.69 28.91 31.07
CA CYS J 208 -110.12 30.17 30.63
C CYS J 208 -111.24 31.20 30.55
N ILE J 209 -111.16 32.22 31.40
CA ILE J 209 -112.10 33.34 31.37
C ILE J 209 -111.56 34.37 30.39
N ILE J 210 -112.29 34.60 29.31
CA ILE J 210 -111.90 35.57 28.29
C ILE J 210 -112.74 36.82 28.47
N TYR J 211 -112.07 37.92 28.78
CA TYR J 211 -112.72 39.19 29.06
C TYR J 211 -112.33 40.20 28.00
N ASN J 212 -113.13 41.25 27.89
CA ASN J 212 -112.81 42.39 27.03
C ASN J 212 -112.15 43.53 27.78
N GLU J 213 -112.67 43.88 28.96
CA GLU J 213 -112.16 44.98 29.75
C GLU J 213 -111.93 44.52 31.18
N ASP J 214 -110.81 44.93 31.75
CA ASP J 214 -110.50 44.64 33.15
C ASP J 214 -111.07 45.76 34.01
N ASN J 215 -111.97 45.40 34.93
CA ASN J 215 -112.47 46.30 35.94
C ASN J 215 -112.41 45.62 37.30
N GLY J 216 -111.32 44.90 37.54
CA GLY J 216 -111.15 44.11 38.73
C GLY J 216 -111.37 42.63 38.54
N ILE J 217 -111.70 42.18 37.33
CA ILE J 217 -112.01 40.78 37.12
C ILE J 217 -110.80 39.90 37.36
N ILE J 218 -109.61 40.37 36.94
CA ILE J 218 -108.40 39.59 37.16
C ILE J 218 -108.13 39.43 38.65
N LYS J 219 -108.30 40.49 39.42
CA LYS J 219 -108.09 40.39 40.86
C LYS J 219 -109.14 39.50 41.50
N ALA J 220 -110.39 39.58 41.04
CA ALA J 220 -111.46 38.77 41.61
C ALA J 220 -111.20 37.29 41.39
N PHE J 221 -110.84 36.92 40.16
CA PHE J 221 -110.31 35.60 39.87
C PHE J 221 -108.84 35.60 40.24
N ARG J 222 -108.05 34.67 39.69
CA ARG J 222 -106.60 34.55 39.77
C ARG J 222 -106.12 34.00 41.10
N ASN J 223 -106.98 33.84 42.10
CA ASN J 223 -106.66 32.99 43.24
C ASN J 223 -107.33 31.64 43.13
N ILE J 224 -108.19 31.45 42.13
CA ILE J 224 -108.79 30.16 41.84
C ILE J 224 -107.75 29.35 41.08
N PRO J 225 -107.31 28.20 41.59
CA PRO J 225 -106.36 27.38 40.85
C PRO J 225 -106.97 26.88 39.54
N GLY J 226 -106.13 26.87 38.49
CA GLY J 226 -106.54 26.42 37.18
C GLY J 226 -107.13 27.51 36.30
N ILE J 227 -107.78 28.49 36.90
CA ILE J 227 -108.40 29.58 36.14
C ILE J 227 -107.32 30.38 35.43
N THR J 228 -107.49 30.60 34.14
CA THR J 228 -106.59 31.45 33.36
C THR J 228 -107.41 32.55 32.73
N LEU J 229 -107.02 33.80 32.96
CA LEU J 229 -107.74 34.93 32.37
C LEU J 229 -107.01 35.41 31.12
N LEU J 230 -107.79 35.77 30.11
CA LEU J 230 -107.25 36.09 28.80
C LEU J 230 -108.03 37.27 28.23
N ASN J 231 -107.30 38.25 27.72
CA ASN J 231 -107.92 39.36 27.03
C ASN J 231 -108.30 38.93 25.62
N VAL J 232 -109.49 39.35 25.17
CA VAL J 232 -109.96 38.91 23.87
C VAL J 232 -109.08 39.49 22.76
N SER J 233 -108.48 40.67 22.98
CA SER J 233 -107.64 41.29 21.97
C SER J 233 -106.24 40.73 21.94
N LYS J 234 -105.88 39.87 22.90
CA LYS J 234 -104.54 39.32 23.03
C LYS J 234 -104.60 37.83 23.27
N LEU J 235 -105.37 37.13 22.42
CA LEU J 235 -105.53 35.69 22.57
C LEU J 235 -104.20 34.97 22.39
N ASN J 236 -103.94 34.03 23.27
CA ASN J 236 -102.69 33.28 23.30
C ASN J 236 -102.98 31.83 22.97
N ILE J 237 -102.29 31.30 21.95
CA ILE J 237 -102.45 29.90 21.62
C ILE J 237 -101.91 29.00 22.73
N LEU J 238 -100.89 29.45 23.46
CA LEU J 238 -100.36 28.67 24.57
C LEU J 238 -101.35 28.53 25.71
N LYS J 239 -102.31 29.44 25.81
CA LYS J 239 -103.36 29.34 26.81
C LYS J 239 -104.64 28.73 26.28
N LEU J 240 -104.90 28.86 24.97
CA LEU J 240 -106.11 28.27 24.40
C LEU J 240 -105.95 26.79 24.11
N ALA J 241 -104.74 26.33 23.80
CA ALA J 241 -104.46 24.90 23.60
C ALA J 241 -103.27 24.57 24.48
N PRO J 242 -103.52 24.34 25.78
CA PRO J 242 -102.41 24.31 26.74
C PRO J 242 -101.33 23.28 26.45
N GLY J 243 -101.70 22.09 26.02
CA GLY J 243 -100.72 21.08 25.69
C GLY J 243 -100.45 20.92 24.22
N GLY J 244 -100.91 21.84 23.38
CA GLY J 244 -100.99 21.61 21.96
C GLY J 244 -102.23 20.88 21.53
N HIS J 245 -103.11 20.54 22.46
CA HIS J 245 -104.36 19.87 22.17
C HIS J 245 -105.50 20.86 22.25
N VAL J 246 -106.30 20.91 21.19
CA VAL J 246 -107.40 21.87 21.14
C VAL J 246 -108.52 21.42 22.06
N GLY J 247 -109.30 22.39 22.55
CA GLY J 247 -110.49 22.05 23.30
C GLY J 247 -110.48 22.48 24.75
N ARG J 248 -109.82 23.58 25.08
CA ARG J 248 -109.87 24.09 26.44
C ARG J 248 -111.21 24.74 26.70
N PHE J 249 -111.76 24.48 27.89
CA PHE J 249 -113.00 25.12 28.31
C PHE J 249 -112.80 26.62 28.46
N CYS J 250 -113.66 27.40 27.83
CA CYS J 250 -113.56 28.85 27.81
C CYS J 250 -114.89 29.47 28.18
N ILE J 251 -114.86 30.43 29.10
CA ILE J 251 -116.03 31.21 29.49
C ILE J 251 -115.85 32.62 28.96
N TRP J 252 -116.81 33.10 28.20
CA TRP J 252 -116.72 34.37 27.51
C TRP J 252 -117.55 35.43 28.22
N THR J 253 -117.02 36.64 28.29
CA THR J 253 -117.83 37.80 28.61
C THR J 253 -118.61 38.20 27.37
N GLU J 254 -119.73 38.91 27.57
CA GLU J 254 -120.59 39.26 26.45
C GLU J 254 -119.89 40.18 25.47
N SER J 255 -119.20 41.21 25.97
CA SER J 255 -118.51 42.14 25.08
C SER J 255 -117.33 41.49 24.38
N ALA J 256 -116.59 40.63 25.08
CA ALA J 256 -115.54 39.87 24.42
C ALA J 256 -116.09 38.96 23.34
N PHE J 257 -117.26 38.35 23.57
CA PHE J 257 -117.91 37.54 22.55
C PHE J 257 -118.29 38.39 21.35
N ARG J 258 -118.85 39.57 21.58
CA ARG J 258 -119.26 40.42 20.48
C ARG J 258 -118.08 40.97 19.70
N LYS J 259 -116.91 41.10 20.32
CA LYS J 259 -115.75 41.64 19.64
C LYS J 259 -115.09 40.64 18.69
N LEU J 260 -115.47 39.36 18.73
CA LEU J 260 -114.79 38.34 17.94
C LEU J 260 -114.95 38.58 16.44
N ASP J 261 -116.14 39.04 16.01
CA ASP J 261 -116.34 39.29 14.59
C ASP J 261 -115.46 40.43 14.10
N GLU J 262 -115.27 41.47 14.90
CA GLU J 262 -114.35 42.53 14.51
C GLU J 262 -112.90 42.06 14.58
N LEU J 263 -112.58 41.14 15.48
CA LEU J 263 -111.20 40.71 15.63
C LEU J 263 -110.75 39.79 14.50
N TYR J 264 -111.59 38.85 14.08
CA TYR J 264 -111.20 37.87 13.09
C TYR J 264 -112.02 37.88 11.81
N GLY J 265 -113.10 38.64 11.76
CA GLY J 265 -113.88 38.75 10.55
C GLY J 265 -114.85 37.61 10.36
N THR J 266 -115.78 37.82 9.44
CA THR J 266 -116.69 36.80 8.97
C THR J 266 -116.03 36.18 7.74
N TRP J 267 -116.72 35.31 7.01
CA TRP J 267 -116.23 34.98 5.68
C TRP J 267 -116.73 35.98 4.64
N ARG J 268 -117.69 36.81 5.01
CA ARG J 268 -118.17 37.89 4.17
C ARG J 268 -117.43 39.19 4.46
N LYS J 269 -116.99 39.39 5.70
CA LYS J 269 -116.26 40.57 6.12
C LYS J 269 -114.81 40.23 6.43
N ALA J 270 -113.91 41.16 6.14
CA ALA J 270 -112.56 41.05 6.68
C ALA J 270 -112.55 41.56 8.11
N ALA J 271 -111.52 41.17 8.86
CA ALA J 271 -111.39 41.62 10.23
C ALA J 271 -111.13 43.11 10.27
N SER J 272 -111.92 43.83 11.06
CA SER J 272 -111.78 45.27 11.18
C SER J 272 -110.71 45.70 12.16
N LEU J 273 -110.11 44.75 12.89
CA LEU J 273 -109.07 45.04 13.86
C LEU J 273 -107.74 44.41 13.50
N LYS J 274 -107.57 43.94 12.27
CA LYS J 274 -106.31 43.37 11.84
C LYS J 274 -105.86 43.84 10.47
N SER J 275 -106.69 44.57 9.74
CA SER J 275 -106.31 45.38 8.59
C SER J 275 -105.89 44.59 7.36
N ASN J 276 -105.68 43.29 7.52
CA ASN J 276 -105.44 42.46 6.34
C ASN J 276 -106.00 41.05 6.47
N TYR J 277 -106.69 40.72 7.56
CA TYR J 277 -106.97 39.34 7.88
C TYR J 277 -108.39 38.96 7.54
N ASN J 278 -108.57 37.74 7.03
CA ASN J 278 -109.87 37.14 6.82
C ASN J 278 -109.81 35.70 7.28
N LEU J 279 -110.97 35.15 7.60
CA LEU J 279 -111.03 33.79 8.11
C LEU J 279 -110.55 32.81 7.05
N PRO J 280 -109.89 31.73 7.46
CA PRO J 280 -109.45 30.72 6.50
C PRO J 280 -110.62 29.95 5.91
N MET J 281 -110.38 29.39 4.73
CA MET J 281 -111.41 28.71 3.97
C MET J 281 -111.35 27.21 4.22
N HIS J 282 -112.48 26.56 4.02
CA HIS J 282 -112.59 25.11 4.16
C HIS J 282 -112.29 24.45 2.82
N LYS J 283 -111.42 23.44 2.83
CA LYS J 283 -111.24 22.61 1.65
C LYS J 283 -112.23 21.48 1.60
N MET J 284 -113.11 21.36 2.59
CA MET J 284 -114.17 20.37 2.60
C MET J 284 -115.37 21.03 3.29
N ILE J 285 -116.36 21.45 2.50
CA ILE J 285 -117.50 22.17 3.05
C ILE J 285 -118.33 21.25 3.93
N ASN J 286 -118.67 20.08 3.42
CA ASN J 286 -119.50 19.12 4.15
C ASN J 286 -118.61 17.97 4.60
N THR J 287 -118.36 17.89 5.90
CA THR J 287 -117.51 16.86 6.46
C THR J 287 -118.28 15.64 6.94
N ASP J 288 -119.59 15.59 6.70
CA ASP J 288 -120.41 14.47 7.15
C ASP J 288 -120.29 13.34 6.14
N LEU J 289 -119.26 12.50 6.35
CA LEU J 289 -119.02 11.38 5.45
C LEU J 289 -120.19 10.42 5.40
N SER J 290 -120.86 10.21 6.54
CA SER J 290 -121.98 9.28 6.57
C SER J 290 -123.09 9.74 5.64
N ARG J 291 -123.48 11.01 5.71
CA ARG J 291 -124.55 11.48 4.87
C ARG J 291 -124.11 11.62 3.42
N ILE J 292 -122.86 11.97 3.18
CA ILE J 292 -122.36 12.03 1.81
C ILE J 292 -122.41 10.64 1.17
N LEU J 293 -121.97 9.62 1.90
CA LEU J 293 -121.92 8.28 1.33
C LEU J 293 -123.31 7.65 1.24
N LYS J 294 -124.21 8.00 2.14
CA LYS J 294 -125.57 7.50 2.10
C LYS J 294 -126.48 8.34 1.22
N SER J 295 -125.97 9.41 0.63
CA SER J 295 -126.76 10.21 -0.28
C SER J 295 -127.17 9.38 -1.50
N PRO J 296 -128.38 9.57 -2.02
CA PRO J 296 -128.83 8.74 -3.14
C PRO J 296 -127.99 8.90 -4.41
N GLU J 297 -127.46 10.10 -4.66
CA GLU J 297 -126.69 10.32 -5.88
C GLU J 297 -125.35 9.60 -5.84
N ILE J 298 -124.76 9.43 -4.66
CA ILE J 298 -123.60 8.58 -4.54
C ILE J 298 -123.99 7.11 -4.70
N GLN J 299 -125.09 6.72 -4.05
CA GLN J 299 -125.47 5.31 -4.04
C GLN J 299 -125.85 4.80 -5.42
N ARG J 300 -126.43 5.64 -6.26
CA ARG J 300 -126.82 5.20 -7.60
C ARG J 300 -125.60 4.87 -8.46
N ALA J 301 -124.47 5.52 -8.20
CA ALA J 301 -123.29 5.35 -9.04
C ALA J 301 -122.46 4.14 -8.66
N LEU J 302 -122.73 3.51 -7.52
CA LEU J 302 -121.87 2.45 -7.02
C LEU J 302 -122.25 1.10 -7.60
N ARG J 303 -121.25 0.24 -7.75
CA ARG J 303 -121.48 -1.15 -8.04
C ARG J 303 -121.83 -1.90 -6.76
N ALA J 304 -122.45 -3.06 -6.91
CA ALA J 304 -122.92 -3.81 -5.76
C ALA J 304 -121.74 -4.30 -4.92
N PRO J 305 -121.87 -4.34 -3.60
CA PRO J 305 -120.78 -4.81 -2.76
C PRO J 305 -120.49 -6.29 -2.97
N ARG J 306 -119.23 -6.65 -2.85
CA ARG J 306 -118.79 -8.04 -2.95
C ARG J 306 -118.49 -8.51 -1.54
N LYS J 307 -119.51 -9.02 -0.87
CA LYS J 307 -119.43 -9.32 0.56
C LYS J 307 -119.21 -10.79 0.85
N LYS J 308 -118.93 -11.61 -0.15
CA LYS J 308 -118.63 -13.01 0.06
C LYS J 308 -117.12 -13.20 0.18
N ILE J 309 -116.71 -13.93 1.21
CA ILE J 309 -115.30 -14.23 1.44
C ILE J 309 -114.96 -15.52 0.70
N HIS J 310 -113.91 -15.47 -0.11
CA HIS J 310 -113.45 -16.61 -0.89
C HIS J 310 -112.15 -17.10 -0.28
N ARG J 311 -112.26 -17.98 0.72
CA ARG J 311 -111.09 -18.55 1.33
C ARG J 311 -110.44 -19.57 0.40
N ARG J 312 -109.22 -19.97 0.75
CA ARG J 312 -108.49 -20.89 -0.11
C ARG J 312 -109.15 -22.25 -0.13
N VAL J 313 -108.99 -22.94 -1.24
CA VAL J 313 -109.60 -24.25 -1.46
C VAL J 313 -108.49 -25.29 -1.33
N LEU J 314 -108.70 -26.27 -0.45
CA LEU J 314 -107.74 -27.35 -0.30
C LEU J 314 -107.73 -28.20 -1.56
N LYS J 315 -106.60 -28.27 -2.24
CA LYS J 315 -106.52 -28.97 -3.49
C LYS J 315 -106.57 -30.48 -3.27
N LYS J 316 -107.77 -31.05 -3.31
CA LYS J 316 -107.91 -32.49 -3.28
C LYS J 316 -107.47 -33.06 -4.63
N ASN J 317 -106.85 -34.23 -4.58
CA ASN J 317 -106.24 -34.80 -5.78
C ASN J 317 -107.27 -35.52 -6.62
N PRO J 318 -107.53 -35.09 -7.85
CA PRO J 318 -108.09 -36.00 -8.83
C PRO J 318 -107.04 -37.03 -9.18
N LEU J 319 -107.48 -38.16 -9.73
CA LEU J 319 -106.76 -39.41 -9.88
C LEU J 319 -106.72 -40.16 -8.57
N LYS J 320 -107.19 -39.57 -7.48
CA LYS J 320 -107.36 -40.20 -6.18
C LYS J 320 -108.75 -39.99 -5.62
N ASN J 321 -109.36 -38.82 -5.86
CA ASN J 321 -110.69 -38.51 -5.37
C ASN J 321 -111.67 -38.55 -6.53
N LEU J 322 -112.57 -39.52 -6.49
CA LEU J 322 -113.46 -39.76 -7.62
C LEU J 322 -114.36 -38.57 -7.91
N ARG J 323 -114.95 -37.98 -6.88
CA ARG J 323 -115.89 -36.89 -7.11
C ARG J 323 -115.17 -35.63 -7.56
N ILE J 324 -113.95 -35.40 -7.09
CA ILE J 324 -113.16 -34.27 -7.61
C ILE J 324 -112.85 -34.48 -9.08
N MET J 325 -112.47 -35.70 -9.45
CA MET J 325 -112.23 -35.98 -10.86
C MET J 325 -113.49 -35.82 -11.69
N LEU J 326 -114.64 -36.18 -11.14
CA LEU J 326 -115.90 -36.01 -11.88
C LEU J 326 -116.30 -34.55 -11.98
N LYS J 327 -115.96 -33.76 -10.98
CA LYS J 327 -116.20 -32.32 -11.03
C LYS J 327 -115.38 -31.69 -12.15
N LEU J 328 -114.11 -32.10 -12.28
CA LEU J 328 -113.28 -31.56 -13.34
C LEU J 328 -113.58 -32.17 -14.71
N ASN J 329 -114.09 -33.39 -14.75
CA ASN J 329 -114.21 -34.15 -15.99
C ASN J 329 -115.31 -35.19 -15.84
N PRO J 330 -116.53 -34.85 -16.21
CA PRO J 330 -117.65 -35.79 -16.01
C PRO J 330 -117.57 -37.06 -16.85
N TYR J 331 -116.78 -37.08 -17.93
CA TYR J 331 -116.68 -38.28 -18.76
C TYR J 331 -115.82 -39.35 -18.11
N ALA J 332 -115.04 -38.98 -17.09
CA ALA J 332 -114.20 -39.95 -16.40
C ALA J 332 -115.03 -41.02 -15.71
N LYS J 333 -116.24 -40.71 -15.25
CA LYS J 333 -117.08 -41.73 -14.65
C LYS J 333 -117.43 -42.82 -15.63
N THR J 334 -117.82 -42.45 -16.85
CA THR J 334 -118.18 -43.45 -17.84
C THR J 334 -116.97 -44.20 -18.35
N MET J 335 -115.83 -43.52 -18.50
CA MET J 335 -114.61 -44.26 -18.84
C MET J 335 -114.27 -45.29 -17.77
N ARG J 336 -114.35 -44.89 -16.50
CA ARG J 336 -114.02 -45.80 -15.42
C ARG J 336 -115.00 -46.96 -15.35
N ARG J 337 -116.29 -46.69 -15.53
CA ARG J 337 -117.28 -47.76 -15.50
C ARG J 337 -117.08 -48.73 -16.67
N ASN J 338 -116.79 -48.20 -17.85
CA ASN J 338 -116.51 -49.07 -19.00
C ASN J 338 -115.27 -49.90 -18.76
N THR J 339 -114.24 -49.32 -18.16
CA THR J 339 -113.03 -50.06 -17.86
C THR J 339 -113.29 -51.19 -16.87
N ILE J 340 -114.06 -50.90 -15.82
CA ILE J 340 -114.36 -51.94 -14.82
C ILE J 340 -115.17 -53.06 -15.44
N LEU J 341 -116.20 -52.72 -16.22
CA LEU J 341 -117.01 -53.75 -16.85
C LEU J 341 -116.19 -54.58 -17.84
N ARG J 342 -115.35 -53.94 -18.63
CA ARG J 342 -114.51 -54.64 -19.59
C ARG J 342 -113.52 -55.56 -18.89
N GLN J 343 -112.91 -55.08 -17.81
CA GLN J 343 -111.95 -55.91 -17.10
C GLN J 343 -112.63 -57.10 -16.44
N ALA J 344 -113.82 -56.91 -15.89
CA ALA J 344 -114.56 -58.04 -15.34
C ALA J 344 -114.91 -59.07 -16.42
N ARG J 345 -115.36 -58.59 -17.59
CA ARG J 345 -115.69 -59.49 -18.68
C ARG J 345 -114.47 -60.28 -19.14
N ASN J 346 -113.34 -59.60 -19.30
CA ASN J 346 -112.12 -60.28 -19.73
C ASN J 346 -111.65 -61.28 -18.68
N HIS J 347 -111.74 -60.92 -17.41
CA HIS J 347 -111.35 -61.83 -16.34
C HIS J 347 -112.22 -63.08 -16.35
N LYS J 348 -113.53 -62.90 -16.51
CA LYS J 348 -114.41 -64.06 -16.58
C LYS J 348 -114.10 -64.92 -17.80
N LEU J 349 -113.83 -64.28 -18.94
CA LEU J 349 -113.52 -65.05 -20.14
C LEU J 349 -112.25 -65.86 -19.95
N ARG J 350 -111.21 -65.27 -19.37
CA ARG J 350 -109.96 -66.00 -19.19
C ARG J 350 -110.10 -67.10 -18.15
N VAL J 351 -110.89 -66.87 -17.08
CA VAL J 351 -111.11 -67.91 -16.09
C VAL J 351 -111.86 -69.09 -16.71
N ASP J 352 -112.90 -68.79 -17.48
CA ASP J 352 -113.65 -69.86 -18.14
C ASP J 352 -112.79 -70.60 -19.16
N LYS J 353 -111.95 -69.88 -19.90
CA LYS J 353 -111.08 -70.53 -20.87
C LYS J 353 -110.07 -71.44 -20.18
N ALA J 354 -109.51 -70.99 -19.06
CA ALA J 354 -108.58 -71.84 -18.31
C ALA J 354 -109.29 -73.07 -17.76
N ALA J 355 -110.51 -72.91 -17.25
CA ALA J 355 -111.27 -74.05 -16.77
C ALA J 355 -111.58 -75.03 -17.90
N ALA J 356 -111.92 -74.51 -19.08
CA ALA J 356 -112.19 -75.38 -20.22
C ALA J 356 -110.95 -76.14 -20.64
N ALA J 357 -109.80 -75.47 -20.65
CA ALA J 357 -108.55 -76.15 -20.98
C ALA J 357 -108.22 -77.24 -19.96
N ALA J 358 -108.40 -76.94 -18.67
CA ALA J 358 -108.14 -77.94 -17.64
C ALA J 358 -109.08 -79.13 -17.76
N ALA J 359 -110.37 -78.87 -18.03
CA ALA J 359 -111.33 -79.95 -18.21
C ALA J 359 -111.02 -80.78 -19.44
N ALA J 360 -110.55 -80.15 -20.52
CA ALA J 360 -110.12 -80.88 -21.70
C ALA J 360 -108.93 -81.78 -21.37
N LEU J 361 -107.98 -81.27 -20.59
CA LEU J 361 -106.86 -82.09 -20.15
C LEU J 361 -107.32 -83.28 -19.32
N GLN J 362 -108.27 -83.04 -18.41
CA GLN J 362 -108.80 -84.12 -17.59
C GLN J 362 -109.50 -85.17 -18.43
N ALA J 363 -110.29 -84.73 -19.42
CA ALA J 363 -111.00 -85.68 -20.27
C ALA J 363 -110.02 -86.48 -21.12
N LYS J 364 -109.02 -85.84 -21.70
CA LYS J 364 -108.04 -86.54 -22.53
C LYS J 364 -107.06 -87.36 -21.71
N SER J 365 -107.02 -87.18 -20.39
CA SER J 365 -106.20 -88.05 -19.55
C SER J 365 -106.97 -89.20 -18.91
N ASP J 366 -108.27 -89.03 -18.66
CA ASP J 366 -109.09 -90.06 -18.02
C ASP J 366 -110.29 -90.45 -18.88
N GLU J 367 -110.16 -90.41 -20.20
CA GLU J 367 -111.27 -90.76 -21.07
C GLU J 367 -111.62 -92.24 -21.03
N LYS J 368 -110.73 -93.08 -20.51
CA LYS J 368 -110.95 -94.53 -20.38
C LYS J 368 -111.29 -95.19 -21.72
N GLY K 1 -31.85 -20.57 -69.79
CA GLY K 1 -31.19 -19.36 -69.34
C GLY K 1 -30.58 -19.50 -67.97
N PHE K 2 -29.86 -18.47 -67.53
CA PHE K 2 -29.21 -18.45 -66.23
C PHE K 2 -29.72 -17.34 -65.33
N VAL K 3 -30.70 -16.59 -65.77
CA VAL K 3 -31.35 -15.58 -64.96
C VAL K 3 -32.67 -16.15 -64.48
N LYS K 4 -33.06 -15.79 -63.26
CA LYS K 4 -34.37 -16.14 -62.73
C LYS K 4 -35.46 -15.80 -63.72
N VAL K 5 -36.34 -16.76 -63.97
CA VAL K 5 -37.52 -16.51 -64.79
C VAL K 5 -38.42 -15.57 -64.00
N VAL K 6 -38.54 -14.32 -64.47
CA VAL K 6 -39.37 -13.34 -63.77
C VAL K 6 -40.82 -13.77 -63.79
N LYS K 7 -41.30 -14.24 -64.93
CA LYS K 7 -42.70 -14.62 -65.10
C LYS K 7 -42.86 -16.13 -64.89
N ASN K 8 -42.61 -16.55 -63.66
CA ASN K 8 -42.76 -17.94 -63.25
C ASN K 8 -44.19 -18.18 -62.79
N LYS K 9 -44.42 -19.31 -62.13
CA LYS K 9 -45.77 -19.63 -61.67
C LYS K 9 -46.25 -18.63 -60.62
N ALA K 10 -45.38 -18.27 -59.67
CA ALA K 10 -45.79 -17.40 -58.58
C ALA K 10 -46.12 -16.00 -59.08
N TYR K 11 -45.43 -15.54 -60.12
CA TYR K 11 -45.72 -14.23 -60.69
C TYR K 11 -47.16 -14.16 -61.17
N PHE K 12 -47.61 -15.16 -61.91
CA PHE K 12 -49.00 -15.19 -62.35
C PHE K 12 -49.95 -15.49 -61.22
N LYS K 13 -49.51 -16.23 -60.21
CA LYS K 13 -50.38 -16.51 -59.07
C LYS K 13 -50.71 -15.23 -58.31
N ARG K 14 -49.75 -14.32 -58.16
CA ARG K 14 -50.01 -13.08 -57.45
C ARG K 14 -50.40 -11.92 -58.36
N TYR K 15 -50.33 -12.10 -59.67
CA TYR K 15 -50.61 -11.01 -60.59
C TYR K 15 -52.06 -10.55 -60.46
N GLN K 16 -52.26 -9.25 -60.35
CA GLN K 16 -53.60 -8.65 -60.37
C GLN K 16 -53.74 -7.89 -61.68
N VAL K 17 -54.71 -8.30 -62.49
CA VAL K 17 -54.96 -7.60 -63.74
C VAL K 17 -55.64 -6.28 -63.46
N LYS K 18 -55.41 -5.31 -64.32
CA LYS K 18 -56.10 -4.03 -64.23
C LYS K 18 -57.50 -4.17 -64.84
N PHE K 19 -58.26 -3.09 -64.80
CA PHE K 19 -59.59 -3.09 -65.38
C PHE K 19 -59.48 -3.36 -66.88
N ARG K 20 -60.55 -3.93 -67.45
CA ARG K 20 -60.47 -4.40 -68.83
C ARG K 20 -60.21 -3.24 -69.79
N ARG K 21 -60.88 -2.12 -69.59
CA ARG K 21 -60.66 -0.98 -70.47
C ARG K 21 -59.34 -0.28 -70.20
N ARG K 22 -58.83 -0.37 -68.97
CA ARG K 22 -57.47 0.08 -68.71
C ARG K 22 -56.45 -0.76 -69.47
N ARG K 23 -56.62 -2.09 -69.48
CA ARG K 23 -55.73 -2.95 -70.25
C ARG K 23 -55.88 -2.70 -71.74
N GLU K 24 -57.09 -2.45 -72.20
CA GLU K 24 -57.31 -2.08 -73.60
C GLU K 24 -56.79 -0.69 -73.92
N GLY K 25 -56.45 0.11 -72.90
CA GLY K 25 -55.92 1.43 -73.14
C GLY K 25 -56.95 2.38 -73.71
N LYS K 26 -58.17 2.32 -73.23
CA LYS K 26 -59.26 3.16 -73.73
C LYS K 26 -59.78 4.14 -72.69
N THR K 27 -59.81 3.76 -71.43
CA THR K 27 -60.44 4.56 -70.38
C THR K 27 -59.39 4.99 -69.36
N ASP K 28 -59.34 6.28 -69.08
CA ASP K 28 -58.56 6.81 -67.95
C ASP K 28 -59.51 6.90 -66.77
N TYR K 29 -59.39 5.95 -65.84
CA TYR K 29 -60.32 5.88 -64.73
C TYR K 29 -60.12 6.98 -63.72
N TYR K 30 -58.91 7.51 -63.61
CA TYR K 30 -58.67 8.66 -62.75
C TYR K 30 -59.49 9.86 -63.19
N ALA K 31 -59.50 10.13 -64.50
CA ALA K 31 -60.34 11.20 -65.03
C ALA K 31 -61.81 10.83 -64.98
N ARG K 32 -62.14 9.57 -65.23
CA ARG K 32 -63.53 9.16 -65.28
C ARG K 32 -64.22 9.33 -63.93
N LYS K 33 -63.54 8.98 -62.85
CA LYS K 33 -64.13 9.12 -61.53
C LYS K 33 -64.50 10.56 -61.23
N ARG K 34 -63.59 11.49 -61.54
CA ARG K 34 -63.90 12.91 -61.36
C ARG K 34 -64.93 13.41 -62.35
N LEU K 35 -65.09 12.74 -63.48
CA LEU K 35 -65.91 13.26 -64.57
C LEU K 35 -67.35 12.80 -64.55
N VAL K 36 -67.64 11.58 -64.08
CA VAL K 36 -68.97 11.02 -64.21
C VAL K 36 -69.71 10.89 -62.89
N ILE K 37 -69.05 11.11 -61.77
CA ILE K 37 -69.66 10.85 -60.46
C ILE K 37 -70.40 12.09 -60.00
N GLN K 38 -71.66 11.92 -59.66
CA GLN K 38 -72.53 13.00 -59.18
C GLN K 38 -72.45 13.12 -57.67
N ASP K 39 -72.68 14.33 -57.17
CA ASP K 39 -72.73 14.55 -55.74
C ASP K 39 -73.86 13.74 -55.11
N LYS K 40 -73.63 13.22 -53.91
CA LYS K 40 -74.60 12.35 -53.28
C LYS K 40 -75.85 13.08 -52.84
N ASN K 41 -75.76 14.38 -52.58
CA ASN K 41 -76.95 15.14 -52.26
C ASN K 41 -77.69 15.63 -53.49
N LYS K 42 -77.28 15.19 -54.68
CA LYS K 42 -78.05 15.39 -55.89
C LYS K 42 -78.79 14.13 -56.33
N TYR K 43 -78.49 12.99 -55.70
CA TYR K 43 -79.27 11.75 -55.80
C TYR K 43 -79.25 11.27 -57.24
N ASN K 44 -80.39 11.15 -57.91
CA ASN K 44 -80.45 10.58 -59.25
C ASN K 44 -80.50 11.64 -60.34
N THR K 45 -80.05 12.85 -60.05
CA THR K 45 -79.92 13.85 -61.08
C THR K 45 -78.78 13.43 -62.01
N PRO K 46 -79.04 13.22 -63.30
CA PRO K 46 -77.99 12.72 -64.18
C PRO K 46 -76.91 13.77 -64.42
N LYS K 47 -75.69 13.29 -64.59
CA LYS K 47 -74.54 14.14 -64.89
C LYS K 47 -74.14 13.86 -66.33
N TYR K 48 -74.34 14.83 -67.21
CA TYR K 48 -74.15 14.62 -68.64
C TYR K 48 -72.75 15.01 -69.06
N ARG K 49 -72.11 14.12 -69.82
CA ARG K 49 -70.83 14.45 -70.42
C ARG K 49 -70.91 14.23 -71.91
N MET K 50 -70.26 15.11 -72.65
CA MET K 50 -70.13 15.05 -74.09
C MET K 50 -68.81 14.36 -74.41
N ILE K 51 -68.88 13.07 -74.71
CA ILE K 51 -67.73 12.29 -75.12
C ILE K 51 -67.35 12.70 -76.54
N VAL K 52 -66.08 13.03 -76.75
CA VAL K 52 -65.57 13.28 -78.09
C VAL K 52 -64.41 12.32 -78.33
N ARG K 53 -64.48 11.56 -79.41
CA ARG K 53 -63.44 10.60 -79.76
C ARG K 53 -63.12 10.77 -81.23
N VAL K 54 -61.91 11.23 -81.54
CA VAL K 54 -61.48 11.39 -82.91
C VAL K 54 -60.76 10.12 -83.35
N THR K 55 -61.21 9.55 -84.45
CA THR K 55 -60.72 8.27 -84.96
C THR K 55 -59.87 8.55 -86.20
N ASN K 56 -59.17 7.51 -86.67
CA ASN K 56 -58.35 7.66 -87.88
C ASN K 56 -59.16 8.12 -89.08
N ARG K 57 -60.45 7.79 -89.12
CA ARG K 57 -61.28 8.19 -90.25
C ARG K 57 -62.65 8.71 -89.83
N ASP K 58 -62.86 9.03 -88.56
CA ASP K 58 -64.19 9.38 -88.09
C ASP K 58 -64.07 10.23 -86.83
N ILE K 59 -65.16 10.90 -86.50
CA ILE K 59 -65.30 11.63 -85.25
C ILE K 59 -66.61 11.20 -84.61
N ILE K 60 -66.54 10.80 -83.34
CA ILE K 60 -67.70 10.34 -82.59
C ILE K 60 -67.98 11.35 -81.50
N CYS K 61 -69.18 11.91 -81.51
CA CYS K 61 -69.65 12.82 -80.48
C CYS K 61 -70.89 12.20 -79.84
N GLN K 62 -70.84 12.00 -78.53
CA GLN K 62 -71.93 11.36 -77.81
C GLN K 62 -72.22 12.16 -76.56
N ILE K 63 -73.44 12.05 -76.06
CA ILE K 63 -73.80 12.62 -74.78
C ILE K 63 -74.32 11.49 -73.91
N ALA K 64 -73.71 11.32 -72.74
CA ALA K 64 -73.99 10.16 -71.92
C ALA K 64 -73.98 10.53 -70.44
N TYR K 65 -74.67 9.72 -69.66
CA TYR K 65 -74.63 9.83 -68.20
C TYR K 65 -74.41 8.44 -67.63
N ALA K 66 -73.70 8.39 -66.51
CA ALA K 66 -73.27 7.12 -65.95
C ALA K 66 -74.38 6.46 -65.15
N ARG K 67 -74.50 5.14 -65.30
CA ARG K 67 -75.34 4.30 -64.45
C ARG K 67 -74.56 3.07 -64.04
N ILE K 68 -75.07 2.36 -63.05
CA ILE K 68 -74.36 1.22 -62.48
C ILE K 68 -74.21 0.11 -63.52
N GLU K 69 -75.26 -0.16 -64.28
CA GLU K 69 -75.17 -1.18 -65.32
C GLU K 69 -74.42 -0.71 -66.55
N GLY K 70 -74.03 0.56 -66.61
CA GLY K 70 -73.28 1.05 -67.75
C GLY K 70 -73.69 2.45 -68.15
N ASP K 71 -72.89 3.09 -68.99
CA ASP K 71 -73.22 4.43 -69.44
C ASP K 71 -74.46 4.41 -70.32
N MET K 72 -75.31 5.41 -70.14
CA MET K 72 -76.54 5.54 -70.90
C MET K 72 -76.35 6.69 -71.87
N ILE K 73 -76.42 6.38 -73.16
CA ILE K 73 -76.18 7.37 -74.20
C ILE K 73 -77.51 7.89 -74.70
N VAL K 74 -77.69 9.20 -74.68
CA VAL K 74 -78.95 9.81 -75.08
C VAL K 74 -78.90 10.38 -76.49
N CYS K 75 -77.72 10.70 -77.01
CA CYS K 75 -77.62 11.29 -78.34
C CYS K 75 -76.21 11.03 -78.86
N ALA K 76 -76.12 10.63 -80.12
CA ALA K 76 -74.85 10.37 -80.76
C ALA K 76 -74.82 11.01 -82.14
N ALA K 77 -73.70 11.61 -82.48
CA ALA K 77 -73.46 12.16 -83.80
C ALA K 77 -72.11 11.68 -84.31
N TYR K 78 -72.03 11.44 -85.61
CA TYR K 78 -70.83 10.91 -86.22
C TYR K 78 -70.43 11.79 -87.39
N ALA K 79 -69.14 11.74 -87.72
CA ALA K 79 -68.66 12.45 -88.89
C ALA K 79 -68.94 11.70 -90.18
N HIS K 80 -69.28 10.41 -90.10
CA HIS K 80 -69.57 9.67 -91.31
C HIS K 80 -70.98 9.91 -91.85
N GLU K 81 -71.85 10.53 -91.07
CA GLU K 81 -73.14 10.94 -91.58
C GLU K 81 -73.15 12.38 -92.07
N LEU K 82 -72.02 13.07 -91.98
CA LEU K 82 -71.91 14.39 -92.60
C LEU K 82 -72.15 14.37 -94.11
N PRO K 83 -71.71 13.39 -94.90
CA PRO K 83 -72.05 13.38 -96.33
C PRO K 83 -73.54 13.34 -96.64
N LYS K 84 -74.41 13.15 -95.65
CA LYS K 84 -75.84 13.22 -95.90
C LYS K 84 -76.25 14.59 -96.43
N TYR K 85 -75.48 15.62 -96.11
CA TYR K 85 -75.74 16.97 -96.59
C TYR K 85 -74.47 17.80 -96.47
N GLY K 86 -74.12 18.49 -97.55
CA GLY K 86 -72.97 19.38 -97.55
C GLY K 86 -71.64 18.67 -97.67
N VAL K 87 -70.86 18.69 -96.59
CA VAL K 87 -69.50 18.18 -96.64
C VAL K 87 -69.51 16.67 -96.87
N LYS K 88 -68.70 16.23 -97.82
CA LYS K 88 -68.58 14.81 -98.15
C LYS K 88 -67.16 14.28 -98.06
N VAL K 89 -66.16 15.15 -98.12
CA VAL K 89 -64.77 14.75 -98.14
C VAL K 89 -64.06 15.55 -97.07
N GLY K 90 -62.88 15.08 -96.67
CA GLY K 90 -62.12 15.76 -95.66
C GLY K 90 -62.79 15.75 -94.31
N LEU K 91 -63.28 14.59 -93.91
CA LEU K 91 -63.79 14.42 -92.57
C LEU K 91 -62.62 14.37 -91.60
N THR K 92 -62.89 14.07 -90.34
CA THR K 92 -61.93 13.98 -89.23
C THR K 92 -60.96 15.16 -89.18
N ASN K 93 -61.35 16.32 -89.72
CA ASN K 93 -60.60 17.55 -89.56
C ASN K 93 -61.36 18.49 -88.62
N TYR K 94 -60.80 19.68 -88.41
CA TYR K 94 -61.37 20.60 -87.43
C TYR K 94 -62.76 21.07 -87.85
N ALA K 95 -62.94 21.34 -89.13
CA ALA K 95 -64.24 21.80 -89.61
C ALA K 95 -65.30 20.71 -89.46
N ALA K 96 -64.94 19.47 -89.77
CA ALA K 96 -65.87 18.36 -89.56
C ALA K 96 -66.14 18.13 -88.08
N ALA K 97 -65.16 18.39 -87.22
CA ALA K 97 -65.39 18.30 -85.78
C ALA K 97 -66.40 19.35 -85.33
N TYR K 98 -66.27 20.57 -85.82
CA TYR K 98 -67.27 21.59 -85.53
C TYR K 98 -68.64 21.18 -86.05
N CYS K 99 -68.69 20.64 -87.26
CA CYS K 99 -69.97 20.25 -87.84
C CYS K 99 -70.63 19.13 -87.04
N THR K 100 -69.86 18.14 -86.60
CA THR K 100 -70.47 17.04 -85.86
C THR K 100 -70.84 17.45 -84.44
N GLY K 101 -70.08 18.35 -83.82
CA GLY K 101 -70.52 18.90 -82.54
C GLY K 101 -71.81 19.68 -82.67
N LEU K 102 -71.93 20.49 -83.72
CA LEU K 102 -73.16 21.21 -83.99
C LEU K 102 -74.31 20.26 -84.26
N LEU K 103 -74.05 19.17 -84.99
CA LEU K 103 -75.10 18.22 -85.28
C LEU K 103 -75.58 17.51 -84.03
N LEU K 104 -74.65 17.13 -83.15
CA LEU K 104 -75.03 16.54 -81.87
C LEU K 104 -75.86 17.52 -81.04
N ALA K 105 -75.44 18.78 -81.00
CA ALA K 105 -76.16 19.79 -80.25
C ALA K 105 -77.59 19.95 -80.75
N ARG K 106 -77.73 20.11 -82.08
CA ARG K 106 -79.05 20.30 -82.66
C ARG K 106 -79.93 19.07 -82.49
N ARG K 107 -79.36 17.87 -82.65
CA ARG K 107 -80.13 16.65 -82.52
C ARG K 107 -80.62 16.45 -81.09
N LEU K 108 -79.76 16.70 -80.11
CA LEU K 108 -80.18 16.59 -78.71
C LEU K 108 -81.25 17.62 -78.38
N LEU K 109 -81.06 18.85 -78.83
CA LEU K 109 -82.05 19.89 -78.54
C LEU K 109 -83.38 19.59 -79.21
N ASN K 110 -83.35 18.99 -80.40
CA ASN K 110 -84.59 18.60 -81.07
C ASN K 110 -85.28 17.46 -80.34
N ARG K 111 -84.51 16.49 -79.86
CA ARG K 111 -85.10 15.39 -79.10
C ARG K 111 -85.74 15.89 -77.81
N PHE K 112 -85.09 16.84 -77.14
CA PHE K 112 -85.65 17.40 -75.92
C PHE K 112 -86.70 18.47 -76.18
N GLY K 113 -86.90 18.88 -77.44
CA GLY K 113 -87.91 19.86 -77.73
C GLY K 113 -87.54 21.29 -77.40
N MET K 114 -86.25 21.59 -77.30
CA MET K 114 -85.77 22.95 -77.06
C MET K 114 -85.04 23.40 -78.31
N ASP K 115 -85.80 23.89 -79.29
CA ASP K 115 -85.21 24.35 -80.55
C ASP K 115 -85.48 25.81 -80.82
N LYS K 116 -86.73 26.25 -80.70
CA LYS K 116 -87.04 27.66 -80.88
C LYS K 116 -86.36 28.50 -79.82
N ILE K 117 -86.35 28.00 -78.59
CA ILE K 117 -85.46 28.54 -77.57
C ILE K 117 -84.10 27.87 -77.70
N TYR K 118 -83.06 28.58 -77.27
CA TYR K 118 -81.68 28.12 -77.40
C TYR K 118 -81.34 27.83 -78.85
N GLU K 119 -81.42 28.87 -79.67
CA GLU K 119 -81.02 28.74 -81.07
C GLU K 119 -79.51 28.69 -81.22
N GLY K 120 -78.77 29.10 -80.20
CA GLY K 120 -77.33 29.13 -80.29
C GLY K 120 -76.85 30.29 -81.13
N GLN K 121 -75.56 30.22 -81.49
CA GLN K 121 -74.93 31.22 -82.33
C GLN K 121 -75.04 30.78 -83.78
N VAL K 122 -76.10 31.24 -84.45
CA VAL K 122 -76.32 30.85 -85.84
C VAL K 122 -75.29 31.49 -86.75
N GLU K 123 -75.02 32.78 -86.55
CA GLU K 123 -74.01 33.49 -87.33
C GLU K 123 -72.65 33.15 -86.76
N VAL K 124 -71.87 32.35 -87.49
CA VAL K 124 -70.67 31.74 -86.92
C VAL K 124 -69.54 32.74 -86.90
N THR K 125 -68.95 32.92 -85.71
CA THR K 125 -67.66 33.56 -85.56
C THR K 125 -66.87 32.78 -84.52
N GLY K 126 -65.56 33.00 -84.51
CA GLY K 126 -64.73 32.24 -83.61
C GLY K 126 -64.71 32.73 -82.18
N ASP K 127 -65.40 33.83 -81.89
CA ASP K 127 -65.36 34.40 -80.55
C ASP K 127 -66.12 33.52 -79.57
N GLU K 128 -65.89 33.75 -78.28
CA GLU K 128 -66.52 32.93 -77.27
C GLU K 128 -68.02 33.21 -77.22
N TYR K 129 -68.77 32.19 -76.82
CA TYR K 129 -70.21 32.29 -76.68
C TYR K 129 -70.64 31.28 -75.63
N ASN K 130 -71.56 31.69 -74.78
CA ASN K 130 -72.08 30.82 -73.73
C ASN K 130 -73.56 31.07 -73.62
N VAL K 131 -74.36 30.05 -73.95
CA VAL K 131 -75.81 30.21 -73.91
C VAL K 131 -76.26 30.43 -72.47
N GLU K 132 -77.26 31.27 -72.29
CA GLU K 132 -77.78 31.63 -70.98
C GLU K 132 -79.23 31.16 -70.87
N SER K 133 -79.55 30.52 -69.76
CA SER K 133 -80.88 29.99 -69.56
C SER K 133 -81.90 31.10 -69.49
N ILE K 134 -83.04 30.91 -70.16
CA ILE K 134 -84.11 31.89 -70.18
C ILE K 134 -85.08 31.59 -69.06
N ASP K 135 -85.31 32.57 -68.19
CA ASP K 135 -86.24 32.39 -67.09
C ASP K 135 -87.66 32.26 -67.59
N GLY K 136 -88.45 31.43 -66.90
CA GLY K 136 -89.76 31.07 -67.39
C GLY K 136 -89.76 30.06 -68.50
N GLN K 137 -88.61 29.51 -68.83
CA GLN K 137 -88.43 28.54 -69.90
C GLN K 137 -87.57 27.40 -69.36
N PRO K 138 -87.62 26.23 -69.99
CA PRO K 138 -86.74 25.14 -69.55
C PRO K 138 -85.29 25.54 -69.64
N GLY K 139 -84.50 25.11 -68.66
CA GLY K 139 -83.12 25.54 -68.56
C GLY K 139 -82.26 24.97 -69.68
N ALA K 140 -81.14 25.64 -69.92
CA ALA K 140 -80.21 25.21 -70.93
C ALA K 140 -79.59 23.87 -70.56
N PHE K 141 -79.38 23.01 -71.55
CA PHE K 141 -78.76 21.72 -71.30
C PHE K 141 -77.29 21.92 -70.97
N THR K 142 -76.85 21.33 -69.85
CA THR K 142 -75.50 21.50 -69.36
C THR K 142 -74.80 20.15 -69.35
N CYS K 143 -73.66 20.08 -70.01
CA CYS K 143 -72.84 18.87 -70.03
C CYS K 143 -71.38 19.28 -69.96
N TYR K 144 -70.52 18.29 -69.68
CA TYR K 144 -69.10 18.54 -69.53
C TYR K 144 -68.31 17.72 -70.54
N LEU K 145 -67.26 18.33 -71.08
CA LEU K 145 -66.50 17.69 -72.14
C LEU K 145 -65.70 16.51 -71.61
N ASP K 146 -65.74 15.39 -72.33
CA ASP K 146 -64.92 14.22 -72.07
C ASP K 146 -63.97 14.06 -73.27
N ALA K 147 -62.71 14.42 -73.06
CA ALA K 147 -61.70 14.32 -74.10
C ALA K 147 -61.00 12.97 -74.09
N GLY K 148 -61.12 12.21 -73.01
CA GLY K 148 -60.48 10.90 -72.97
C GLY K 148 -58.99 11.01 -72.78
N LEU K 149 -58.25 10.23 -73.56
CA LEU K 149 -56.79 10.21 -73.49
C LEU K 149 -56.16 11.22 -74.45
N ALA K 150 -56.96 12.03 -75.12
CA ALA K 150 -56.42 13.03 -76.04
C ALA K 150 -55.62 14.07 -75.28
N ARG K 151 -54.56 14.56 -75.92
CA ARG K 151 -53.74 15.62 -75.35
C ARG K 151 -54.40 16.95 -75.66
N THR K 152 -54.87 17.63 -74.62
CA THR K 152 -55.69 18.82 -74.79
C THR K 152 -54.80 20.06 -74.89
N THR K 153 -54.05 20.12 -75.98
CA THR K 153 -53.32 21.33 -76.32
C THR K 153 -54.16 22.20 -77.24
N THR K 154 -53.64 23.40 -77.50
CA THR K 154 -54.39 24.38 -78.27
C THR K 154 -54.58 23.90 -79.71
N GLY K 155 -55.82 23.95 -80.19
CA GLY K 155 -56.13 23.51 -81.53
C GLY K 155 -56.62 22.09 -81.65
N ASN K 156 -57.03 21.47 -80.55
CA ASN K 156 -57.47 20.08 -80.60
C ASN K 156 -58.87 19.98 -81.21
N LYS K 157 -59.07 18.92 -81.98
CA LYS K 157 -60.38 18.71 -82.60
C LYS K 157 -61.46 18.41 -81.58
N VAL K 158 -61.11 17.95 -80.38
CA VAL K 158 -62.11 17.81 -79.34
C VAL K 158 -62.64 19.17 -78.94
N PHE K 159 -61.78 20.19 -78.90
CA PHE K 159 -62.26 21.53 -78.64
C PHE K 159 -62.98 22.12 -79.85
N GLY K 160 -62.63 21.68 -81.04
CA GLY K 160 -63.46 22.03 -82.20
C GLY K 160 -64.88 21.51 -82.06
N ALA K 161 -65.03 20.26 -81.63
CA ALA K 161 -66.35 19.70 -81.38
C ALA K 161 -67.06 20.44 -80.26
N LEU K 162 -66.33 20.81 -79.20
CA LEU K 162 -66.93 21.60 -78.14
C LEU K 162 -67.45 22.93 -78.64
N LYS K 163 -66.67 23.62 -79.48
CA LYS K 163 -67.14 24.88 -80.04
C LYS K 163 -68.37 24.67 -80.90
N GLY K 164 -68.39 23.59 -81.68
CA GLY K 164 -69.59 23.27 -82.44
C GLY K 164 -70.81 23.09 -81.56
N ALA K 165 -70.65 22.39 -80.43
CA ALA K 165 -71.78 22.14 -79.55
C ALA K 165 -72.24 23.42 -78.86
N VAL K 166 -71.31 24.25 -78.39
CA VAL K 166 -71.70 25.46 -77.68
C VAL K 166 -72.29 26.48 -78.64
N ASP K 167 -71.91 26.43 -79.92
CA ASP K 167 -72.61 27.24 -80.91
C ASP K 167 -73.97 26.65 -81.24
N GLY K 168 -74.12 25.33 -81.14
CA GLY K 168 -75.42 24.71 -81.32
C GLY K 168 -76.40 25.00 -80.22
N GLY K 169 -75.93 25.26 -79.01
CA GLY K 169 -76.82 25.73 -77.97
C GLY K 169 -76.76 25.02 -76.64
N LEU K 170 -75.72 24.23 -76.41
CA LEU K 170 -75.50 23.58 -75.13
C LEU K 170 -74.60 24.43 -74.24
N SER K 171 -74.82 24.34 -72.94
CA SER K 171 -74.07 25.11 -71.95
C SER K 171 -72.95 24.23 -71.42
N ILE K 172 -71.82 24.26 -72.10
CA ILE K 172 -70.63 23.49 -71.73
C ILE K 172 -69.61 24.45 -71.13
N PRO K 173 -69.24 24.31 -69.86
CA PRO K 173 -68.22 25.19 -69.29
C PRO K 173 -66.89 24.97 -69.97
N HIS K 174 -66.28 26.07 -70.42
CA HIS K 174 -65.04 26.00 -71.17
C HIS K 174 -64.35 27.36 -71.13
N SER K 175 -63.22 27.44 -71.83
CA SER K 175 -62.53 28.69 -72.04
C SER K 175 -61.95 28.68 -73.44
N THR K 176 -61.44 29.84 -73.86
CA THR K 176 -60.91 30.00 -75.20
C THR K 176 -59.42 29.71 -75.29
N LYS K 177 -58.80 29.26 -74.20
CA LYS K 177 -57.36 29.05 -74.20
C LYS K 177 -56.95 27.93 -75.14
N ARG K 178 -57.83 26.94 -75.36
CA ARG K 178 -57.50 25.79 -76.18
C ARG K 178 -58.08 25.88 -77.58
N PHE K 179 -58.68 26.99 -77.93
CA PHE K 179 -59.11 27.17 -79.32
C PHE K 179 -57.92 27.57 -80.18
N PRO K 180 -57.95 27.23 -81.48
CA PRO K 180 -56.80 27.53 -82.34
C PRO K 180 -56.45 29.00 -82.44
N GLY K 181 -57.40 29.90 -82.13
CA GLY K 181 -57.10 31.32 -82.20
C GLY K 181 -56.21 31.83 -81.09
N TYR K 182 -56.08 31.08 -80.00
CA TYR K 182 -55.37 31.58 -78.83
C TYR K 182 -53.89 31.75 -79.11
N ASP K 183 -53.37 32.90 -78.72
CA ASP K 183 -51.94 33.22 -78.85
C ASP K 183 -51.27 32.91 -77.52
N SER K 184 -50.42 31.88 -77.50
CA SER K 184 -49.76 31.50 -76.25
C SER K 184 -48.73 32.52 -75.80
N GLU K 185 -48.28 33.39 -76.70
CA GLU K 185 -47.25 34.37 -76.35
C GLU K 185 -47.85 35.58 -75.65
N SER K 186 -48.79 36.24 -76.30
CA SER K 186 -49.44 37.42 -75.74
C SER K 186 -50.62 37.08 -74.85
N LYS K 187 -50.94 35.80 -74.69
CA LYS K 187 -52.08 35.34 -73.90
C LYS K 187 -53.38 35.98 -74.38
N GLU K 188 -53.56 36.04 -75.70
CA GLU K 188 -54.73 36.66 -76.29
C GLU K 188 -55.39 35.71 -77.29
N PHE K 189 -56.69 35.86 -77.45
CA PHE K 189 -57.49 35.04 -78.35
C PHE K 189 -57.85 35.85 -79.58
N ASN K 190 -57.47 35.35 -80.76
CA ASN K 190 -57.68 36.12 -81.99
C ASN K 190 -59.12 36.09 -82.45
N ALA K 191 -59.80 34.95 -82.27
CA ALA K 191 -61.23 34.78 -82.56
C ALA K 191 -61.58 34.93 -84.03
N GLU K 192 -60.59 35.12 -84.89
CA GLU K 192 -60.80 35.16 -86.34
C GLU K 192 -60.12 34.02 -87.07
N VAL K 193 -58.86 33.73 -86.74
CA VAL K 193 -58.25 32.50 -87.22
C VAL K 193 -58.97 31.28 -86.68
N HIS K 194 -59.64 31.39 -85.53
CA HIS K 194 -60.48 30.30 -85.06
C HIS K 194 -61.66 30.07 -85.99
N ARG K 195 -62.30 31.15 -86.45
CA ARG K 195 -63.36 31.00 -87.43
C ARG K 195 -62.83 30.46 -88.74
N LYS K 196 -61.60 30.84 -89.11
CA LYS K 196 -60.97 30.27 -90.29
C LYS K 196 -60.82 28.76 -90.16
N HIS K 197 -60.36 28.30 -88.99
CA HIS K 197 -60.25 26.86 -88.76
C HIS K 197 -61.61 26.19 -88.79
N ILE K 198 -62.63 26.86 -88.23
CA ILE K 198 -63.98 26.31 -88.25
C ILE K 198 -64.48 26.15 -89.68
N MET K 199 -64.18 27.11 -90.54
CA MET K 199 -64.59 27.06 -91.94
C MET K 199 -63.57 26.35 -92.81
N GLY K 200 -62.54 25.76 -92.22
CA GLY K 200 -61.60 24.97 -93.00
C GLY K 200 -60.68 25.78 -93.88
N GLN K 201 -60.42 27.04 -93.53
CA GLN K 201 -59.59 27.87 -94.38
C GLN K 201 -58.13 27.45 -94.36
N ASN K 202 -57.68 26.81 -93.28
CA ASN K 202 -56.30 26.31 -93.25
C ASN K 202 -56.11 25.19 -94.28
N VAL K 203 -57.10 24.30 -94.41
CA VAL K 203 -57.00 23.23 -95.39
C VAL K 203 -57.04 23.78 -96.81
N ALA K 204 -57.89 24.78 -97.04
CA ALA K 204 -57.94 25.42 -98.36
C ALA K 204 -56.63 26.11 -98.70
N ASP K 205 -56.04 26.78 -97.70
CA ASP K 205 -54.74 27.41 -97.90
C ASP K 205 -53.67 26.37 -98.20
N TYR K 206 -53.74 25.20 -97.54
CA TYR K 206 -52.83 24.12 -97.87
C TYR K 206 -53.01 23.65 -99.30
N MET K 207 -54.25 23.53 -99.76
CA MET K 207 -54.49 23.09 -101.13
C MET K 207 -53.89 24.07 -102.13
N ARG K 208 -54.20 25.35 -101.97
CA ARG K 208 -53.70 26.34 -102.92
C ARG K 208 -52.21 26.61 -102.72
N TYR K 209 -51.64 26.20 -101.58
CA TYR K 209 -50.20 26.25 -101.40
C TYR K 209 -49.51 25.10 -102.13
N LEU K 210 -50.10 23.91 -102.08
CA LEU K 210 -49.53 22.76 -102.78
C LEU K 210 -49.66 22.89 -104.28
N MET K 211 -50.73 23.54 -104.75
CA MET K 211 -50.90 23.75 -106.19
C MET K 211 -49.74 24.54 -106.77
N GLU K 212 -49.27 25.56 -106.06
CA GLU K 212 -48.24 26.44 -106.60
C GLU K 212 -46.83 25.92 -106.41
N GLU K 213 -46.63 24.80 -105.71
CA GLU K 213 -45.29 24.23 -105.59
C GLU K 213 -45.19 22.86 -106.26
N ASP K 214 -46.02 21.90 -105.87
CA ASP K 214 -45.83 20.53 -106.36
C ASP K 214 -47.21 19.94 -106.66
N GLU K 215 -47.59 20.00 -107.94
CA GLU K 215 -48.94 19.61 -108.34
C GLU K 215 -49.19 18.13 -108.07
N ASP K 216 -48.21 17.27 -108.35
CA ASP K 216 -48.40 15.85 -108.07
C ASP K 216 -48.44 15.55 -106.59
N ALA K 217 -47.69 16.29 -105.76
CA ALA K 217 -47.83 16.14 -104.32
C ALA K 217 -49.21 16.61 -103.87
N TYR K 218 -49.73 17.66 -104.50
CA TYR K 218 -51.09 18.09 -104.23
C TYR K 218 -52.09 16.98 -104.56
N LYS K 219 -51.90 16.31 -105.69
CA LYS K 219 -52.77 15.21 -106.06
C LYS K 219 -52.69 14.09 -105.03
N LYS K 220 -51.47 13.73 -104.63
CA LYS K 220 -51.28 12.66 -103.66
C LYS K 220 -51.93 12.99 -102.32
N GLN K 221 -51.82 14.25 -101.89
CA GLN K 221 -52.42 14.63 -100.61
C GLN K 221 -53.93 14.69 -100.72
N PHE K 222 -54.45 15.61 -101.54
CA PHE K 222 -55.90 15.77 -101.70
C PHE K 222 -56.42 15.01 -102.91
N SER K 223 -56.14 13.71 -102.93
CA SER K 223 -56.65 12.86 -104.01
C SER K 223 -58.17 12.81 -104.01
N GLN K 224 -58.78 12.50 -102.87
CA GLN K 224 -60.24 12.38 -102.83
C GLN K 224 -60.93 13.73 -102.93
N TYR K 225 -60.23 14.82 -102.61
CA TYR K 225 -60.79 16.14 -102.85
C TYR K 225 -60.99 16.39 -104.34
N ILE K 226 -60.11 15.85 -105.18
CA ILE K 226 -60.26 15.99 -106.62
C ILE K 226 -61.54 15.32 -107.09
N LYS K 227 -61.82 14.13 -106.57
CA LYS K 227 -63.09 13.47 -106.85
C LYS K 227 -64.24 14.33 -106.36
N ASN K 228 -65.24 14.51 -107.22
CA ASN K 228 -66.40 15.36 -107.01
C ASN K 228 -66.06 16.84 -106.86
N SER K 229 -64.79 17.21 -107.09
CA SER K 229 -64.38 18.60 -107.31
C SER K 229 -64.72 19.50 -106.12
N VAL K 230 -64.08 19.23 -104.99
CA VAL K 230 -64.11 20.14 -103.85
C VAL K 230 -62.90 21.06 -103.94
N THR K 231 -63.15 22.36 -104.03
CA THR K 231 -62.08 23.30 -104.29
C THR K 231 -61.95 24.32 -103.17
N PRO K 232 -60.75 24.88 -102.97
CA PRO K 232 -60.54 25.79 -101.84
C PRO K 232 -61.46 26.99 -101.82
N ASP K 233 -61.84 27.52 -102.98
CA ASP K 233 -62.71 28.68 -103.01
C ASP K 233 -64.12 28.35 -102.52
N MET K 234 -64.61 27.14 -102.78
CA MET K 234 -65.96 26.76 -102.37
C MET K 234 -66.00 26.00 -101.05
N MET K 235 -64.84 25.73 -100.42
CA MET K 235 -64.85 25.00 -99.16
C MET K 235 -65.64 25.73 -98.08
N GLU K 236 -65.45 27.04 -97.94
CA GLU K 236 -66.11 27.79 -96.89
C GLU K 236 -67.62 27.82 -97.09
N GLU K 237 -68.07 28.00 -98.33
CA GLU K 237 -69.51 27.98 -98.57
C GLU K 237 -70.08 26.58 -98.39
N MET K 238 -69.30 25.54 -98.71
CA MET K 238 -69.70 24.18 -98.39
C MET K 238 -69.99 24.04 -96.90
N TYR K 239 -69.07 24.51 -96.07
CA TYR K 239 -69.26 24.38 -94.64
C TYR K 239 -70.40 25.24 -94.12
N LYS K 240 -70.61 26.43 -94.70
CA LYS K 240 -71.73 27.26 -94.30
C LYS K 240 -73.06 26.59 -94.61
N LYS K 241 -73.22 26.06 -95.82
CA LYS K 241 -74.48 25.40 -96.12
C LYS K 241 -74.62 24.08 -95.37
N ALA K 242 -73.51 23.46 -94.99
CA ALA K 242 -73.59 22.28 -94.13
C ALA K 242 -74.13 22.64 -92.76
N HIS K 243 -73.65 23.75 -92.19
CA HIS K 243 -74.21 24.22 -90.92
C HIS K 243 -75.68 24.54 -91.06
N ALA K 244 -76.06 25.19 -92.17
CA ALA K 244 -77.46 25.52 -92.39
C ALA K 244 -78.32 24.27 -92.48
N ALA K 245 -77.84 23.23 -93.19
CA ALA K 245 -78.59 21.99 -93.28
C ALA K 245 -78.67 21.27 -91.94
N ILE K 246 -77.61 21.34 -91.13
CA ILE K 246 -77.64 20.75 -89.79
C ILE K 246 -78.72 21.42 -88.96
N ARG K 247 -78.76 22.76 -88.99
CA ARG K 247 -79.81 23.47 -88.28
C ARG K 247 -81.19 23.15 -88.84
N GLU K 248 -81.28 22.89 -90.14
CA GLU K 248 -82.56 22.69 -90.78
C GLU K 248 -83.16 21.33 -90.43
N ASN K 249 -82.35 20.28 -90.44
CA ASN K 249 -82.82 18.93 -90.09
C ASN K 249 -81.74 18.18 -89.33
N PRO K 250 -81.84 18.10 -88.02
CA PRO K 250 -80.85 17.35 -87.24
C PRO K 250 -81.30 15.93 -86.90
N VAL K 251 -82.56 15.60 -87.19
CA VAL K 251 -83.12 14.31 -86.79
C VAL K 251 -82.39 13.19 -87.52
N TYR K 252 -82.04 12.15 -86.79
CA TYR K 252 -81.41 10.96 -87.35
C TYR K 252 -82.46 9.90 -87.56
N GLU K 253 -82.42 9.27 -88.73
CA GLU K 253 -83.25 8.10 -89.02
C GLU K 253 -82.34 6.93 -89.36
N LYS K 254 -82.67 5.77 -88.83
CA LYS K 254 -81.80 4.61 -88.95
C LYS K 254 -81.96 3.94 -90.30
N LYS K 255 -80.93 3.20 -90.69
CA LYS K 255 -80.95 2.46 -91.95
C LYS K 255 -81.31 1.01 -91.70
N PRO K 256 -82.38 0.49 -92.30
CA PRO K 256 -82.85 -0.86 -91.96
C PRO K 256 -82.15 -1.94 -92.77
N LYS K 257 -81.86 -3.05 -92.10
CA LYS K 257 -81.25 -4.20 -92.75
C LYS K 257 -81.59 -5.44 -91.93
N LYS K 258 -82.45 -6.30 -92.47
CA LYS K 258 -82.87 -7.50 -91.78
C LYS K 258 -82.81 -8.76 -92.63
N GLU K 259 -82.68 -8.64 -93.95
CA GLU K 259 -82.72 -9.78 -94.84
C GLU K 259 -81.36 -10.48 -94.93
N VAL K 260 -80.75 -10.76 -93.78
CA VAL K 260 -79.43 -11.35 -93.72
C VAL K 260 -79.56 -12.76 -93.15
N LYS K 261 -79.07 -13.75 -93.92
CA LYS K 261 -79.04 -15.12 -93.43
C LYS K 261 -78.02 -15.25 -92.31
N LYS K 262 -78.34 -16.07 -91.31
CA LYS K 262 -77.50 -16.22 -90.13
C LYS K 262 -76.28 -17.06 -90.51
N LYS K 263 -75.25 -16.39 -91.00
CA LYS K 263 -73.98 -17.05 -91.34
C LYS K 263 -72.96 -16.76 -90.26
N ARG K 264 -72.20 -17.79 -89.89
CA ARG K 264 -71.17 -17.69 -88.87
C ARG K 264 -69.81 -17.63 -89.53
N TRP K 265 -69.02 -16.62 -89.18
CA TRP K 265 -67.70 -16.41 -89.75
C TRP K 265 -66.57 -16.78 -88.80
N ASN K 266 -66.89 -17.35 -87.64
CA ASN K 266 -65.89 -17.65 -86.63
C ASN K 266 -65.89 -19.15 -86.34
N ARG K 267 -64.73 -19.67 -85.98
CA ARG K 267 -64.67 -21.06 -85.58
C ARG K 267 -65.29 -21.21 -84.19
N PRO K 268 -66.23 -22.12 -84.01
CA PRO K 268 -66.78 -22.35 -82.66
C PRO K 268 -65.76 -23.04 -81.77
N LYS K 269 -65.98 -22.88 -80.47
CA LYS K 269 -65.09 -23.49 -79.49
C LYS K 269 -65.20 -25.01 -79.55
N MET K 270 -64.05 -25.68 -79.52
CA MET K 270 -64.04 -27.14 -79.56
C MET K 270 -64.62 -27.72 -78.27
N SER K 271 -65.20 -28.91 -78.39
CA SER K 271 -65.78 -29.57 -77.25
C SER K 271 -64.74 -30.39 -76.50
N LEU K 272 -65.09 -30.78 -75.28
CA LEU K 272 -64.19 -31.59 -74.47
C LEU K 272 -63.93 -32.95 -75.11
N ALA K 273 -64.96 -33.55 -75.69
CA ALA K 273 -64.77 -34.81 -76.42
C ALA K 273 -63.81 -34.63 -77.58
N GLN K 274 -63.94 -33.53 -78.33
CA GLN K 274 -63.05 -33.28 -79.45
C GLN K 274 -61.61 -33.08 -78.99
N LYS K 275 -61.41 -32.33 -77.91
CA LYS K 275 -60.05 -32.11 -77.42
C LYS K 275 -59.42 -33.41 -76.92
N LYS K 276 -60.18 -34.22 -76.19
CA LYS K 276 -59.66 -35.50 -75.73
C LYS K 276 -59.34 -36.42 -76.89
N ASP K 277 -60.20 -36.44 -77.91
CA ASP K 277 -59.94 -37.26 -79.09
C ASP K 277 -58.69 -36.78 -79.81
N ARG K 278 -58.50 -35.47 -79.89
CA ARG K 278 -57.30 -34.94 -80.54
C ARG K 278 -56.04 -35.35 -79.80
N VAL K 279 -56.07 -35.29 -78.47
CA VAL K 279 -54.93 -35.71 -77.67
C VAL K 279 -54.66 -37.21 -77.88
N ALA K 280 -55.72 -38.01 -77.88
CA ALA K 280 -55.55 -39.46 -78.07
C ALA K 280 -54.97 -39.76 -79.43
N GLN K 281 -55.45 -39.09 -80.47
CA GLN K 281 -54.92 -39.32 -81.81
C GLN K 281 -53.46 -38.90 -81.90
N LYS K 282 -53.08 -37.79 -81.26
CA LYS K 282 -51.69 -37.38 -81.28
C LYS K 282 -50.80 -38.41 -80.59
N LYS K 283 -51.25 -38.95 -79.45
CA LYS K 283 -50.49 -40.01 -78.79
C LYS K 283 -50.35 -41.23 -79.68
N ALA K 284 -51.44 -41.65 -80.31
CA ALA K 284 -51.40 -42.83 -81.18
C ALA K 284 -50.46 -42.62 -82.35
N SER K 285 -50.50 -41.43 -82.96
CA SER K 285 -49.62 -41.15 -84.10
C SER K 285 -48.16 -41.12 -83.68
N PHE K 286 -47.87 -40.59 -82.48
CA PHE K 286 -46.49 -40.60 -82.01
C PHE K 286 -45.99 -42.03 -81.82
N LEU K 287 -46.81 -42.87 -81.19
CA LEU K 287 -46.41 -44.26 -81.00
C LEU K 287 -46.27 -44.99 -82.33
N ARG K 288 -47.13 -44.67 -83.29
CA ARG K 288 -47.01 -45.25 -84.63
C ARG K 288 -45.71 -44.83 -85.29
N ALA K 289 -45.34 -43.56 -85.14
CA ALA K 289 -44.07 -43.10 -85.70
C ALA K 289 -42.89 -43.83 -85.08
N GLN K 290 -42.94 -44.05 -83.76
CA GLN K 290 -41.87 -44.82 -83.13
C GLN K 290 -41.80 -46.24 -83.64
N GLU K 291 -42.96 -46.93 -83.71
CA GLU K 291 -42.92 -48.32 -84.15
C GLU K 291 -42.56 -48.46 -85.62
N ARG K 292 -42.81 -47.43 -86.43
CA ARG K 292 -42.29 -47.45 -87.79
C ARG K 292 -40.79 -47.18 -87.81
N ALA K 293 -40.30 -46.38 -86.86
CA ALA K 293 -38.88 -46.11 -86.65
C ALA K 293 -38.20 -45.57 -87.90
N LYS L 1 -149.06 -41.67 -2.26
CA LYS L 1 -147.64 -41.97 -2.27
C LYS L 1 -147.37 -43.39 -2.74
N GLY L 2 -146.17 -43.63 -3.25
CA GLY L 2 -145.81 -44.93 -3.78
C GLY L 2 -144.84 -45.68 -2.92
N LYS L 3 -144.88 -47.01 -3.00
CA LYS L 3 -144.02 -47.84 -2.18
C LYS L 3 -142.56 -47.65 -2.60
N PRO L 4 -141.63 -47.59 -1.65
CA PRO L 4 -140.22 -47.45 -2.00
C PRO L 4 -139.73 -48.67 -2.77
N HIS L 5 -138.82 -48.41 -3.71
CA HIS L 5 -138.21 -49.45 -4.51
C HIS L 5 -136.73 -49.57 -4.17
N CYS L 6 -136.12 -50.67 -4.60
CA CYS L 6 -134.70 -50.83 -4.45
C CYS L 6 -133.97 -49.94 -5.45
N SER L 7 -132.63 -49.96 -5.40
CA SER L 7 -131.85 -48.96 -6.11
C SER L 7 -131.95 -49.08 -7.62
N ARG L 8 -132.09 -50.29 -8.15
CA ARG L 8 -132.16 -50.54 -9.59
C ARG L 8 -130.91 -50.12 -10.33
N ASN L 9 -129.90 -49.64 -9.61
CA ASN L 9 -128.60 -49.31 -10.16
C ASN L 9 -127.57 -50.00 -9.27
N PRO L 10 -127.25 -51.26 -9.56
CA PRO L 10 -126.31 -51.99 -8.71
C PRO L 10 -124.95 -51.31 -8.66
N VAL L 11 -124.36 -51.28 -7.49
CA VAL L 11 -123.00 -50.78 -7.34
C VAL L 11 -122.04 -51.85 -7.83
N LEU L 12 -121.02 -51.43 -8.57
CA LEU L 12 -119.93 -52.32 -8.93
C LEU L 12 -118.61 -51.90 -8.32
N VAL L 13 -118.37 -50.60 -8.21
CA VAL L 13 -117.32 -50.03 -7.37
C VAL L 13 -117.97 -48.86 -6.64
N ARG L 14 -117.51 -48.61 -5.41
CA ARG L 14 -118.10 -47.54 -4.60
C ARG L 14 -118.04 -46.22 -5.34
N GLY L 15 -119.19 -45.54 -5.42
CA GLY L 15 -119.30 -44.29 -6.13
C GLY L 15 -119.66 -44.42 -7.58
N ILE L 16 -119.70 -45.62 -8.13
CA ILE L 16 -120.02 -45.84 -9.54
C ILE L 16 -121.10 -46.90 -9.62
N GLY L 17 -122.18 -46.60 -10.32
CA GLY L 17 -123.21 -47.58 -10.57
C GLY L 17 -122.93 -48.38 -11.83
N ARG L 18 -123.63 -49.50 -11.97
CA ARG L 18 -123.40 -50.36 -13.12
C ARG L 18 -124.04 -49.81 -14.39
N TYR L 19 -125.10 -49.02 -14.27
CA TYR L 19 -125.83 -48.51 -15.42
C TYR L 19 -125.64 -47.02 -15.59
N SER L 20 -125.65 -46.59 -16.85
CA SER L 20 -125.36 -45.21 -17.20
C SER L 20 -126.57 -44.33 -16.94
N ARG L 21 -126.47 -43.05 -17.33
CA ARG L 21 -127.58 -42.12 -17.13
C ARG L 21 -128.78 -42.51 -17.98
N SER L 22 -128.57 -42.74 -19.27
CA SER L 22 -129.68 -43.11 -20.15
C SER L 22 -130.22 -44.49 -19.82
N ALA L 23 -129.33 -45.41 -19.45
CA ALA L 23 -129.78 -46.74 -19.06
C ALA L 23 -130.64 -46.67 -17.81
N MET L 24 -130.26 -45.84 -16.85
CA MET L 24 -131.08 -45.69 -15.64
C MET L 24 -132.36 -44.94 -15.93
N TYR L 25 -132.34 -44.00 -16.88
CA TYR L 25 -133.56 -43.34 -17.32
C TYR L 25 -134.55 -44.36 -17.86
N SER L 26 -134.09 -45.26 -18.73
CA SER L 26 -134.96 -46.28 -19.28
C SER L 26 -135.38 -47.30 -18.23
N ARG L 27 -134.51 -47.60 -17.27
CA ARG L 27 -134.87 -48.55 -16.22
C ARG L 27 -135.89 -47.96 -15.26
N LYS L 28 -135.86 -46.65 -15.05
CA LYS L 28 -136.81 -45.96 -14.20
C LYS L 28 -138.09 -45.59 -14.93
N ALA L 29 -138.09 -45.66 -16.25
CA ALA L 29 -139.21 -45.19 -17.07
C ALA L 29 -139.54 -43.75 -16.77
N MET L 30 -138.49 -42.92 -16.75
CA MET L 30 -138.68 -41.49 -16.56
C MET L 30 -139.36 -40.84 -17.75
N TYR L 31 -139.51 -41.56 -18.86
CA TYR L 31 -140.20 -41.01 -20.02
C TYR L 31 -141.69 -40.84 -19.76
N LYS L 32 -142.26 -41.62 -18.85
CA LYS L 32 -143.67 -41.48 -18.52
C LYS L 32 -143.92 -40.93 -17.13
N ARG L 33 -142.88 -40.80 -16.30
CA ARG L 33 -143.01 -40.15 -15.01
C ARG L 33 -142.50 -38.71 -15.12
N LYS L 34 -143.33 -37.88 -15.75
CA LYS L 34 -142.99 -36.48 -16.01
C LYS L 34 -144.01 -35.58 -15.34
N TYR L 35 -143.53 -34.60 -14.60
CA TYR L 35 -144.38 -33.72 -13.81
C TYR L 35 -144.08 -32.27 -14.13
N SER L 36 -145.14 -31.47 -14.24
CA SER L 36 -145.01 -30.07 -14.64
C SER L 36 -145.45 -29.09 -13.57
N ALA L 37 -146.67 -29.23 -13.05
CA ALA L 37 -147.19 -28.31 -12.05
C ALA L 37 -148.29 -29.01 -11.27
N ALA L 38 -149.03 -28.24 -10.48
CA ALA L 38 -150.09 -28.78 -9.63
C ALA L 38 -151.37 -29.04 -10.43
N LYS L 49 -147.21 -23.61 10.81
CA LYS L 49 -147.15 -25.01 11.20
C LYS L 49 -147.05 -25.15 12.72
N VAL L 50 -145.87 -24.86 13.25
CA VAL L 50 -145.63 -24.91 14.69
C VAL L 50 -146.13 -23.62 15.32
N LEU L 51 -147.04 -23.75 16.29
CA LEU L 51 -147.61 -22.59 16.95
C LEU L 51 -146.70 -22.17 18.10
N ALA L 52 -146.01 -21.05 17.93
CA ALA L 52 -145.10 -20.59 18.98
C ALA L 52 -145.86 -20.09 20.20
N THR L 53 -147.01 -19.46 19.98
CA THR L 53 -147.83 -18.92 21.06
C THR L 53 -149.13 -19.71 21.13
N VAL L 54 -149.58 -19.97 22.36
CA VAL L 54 -150.84 -20.65 22.62
C VAL L 54 -151.71 -19.71 23.45
N THR L 55 -153.00 -19.67 23.12
CA THR L 55 -153.95 -18.86 23.87
C THR L 55 -154.51 -19.68 25.01
N LYS L 56 -154.38 -19.18 26.24
CA LYS L 56 -154.76 -19.94 27.41
C LYS L 56 -155.69 -19.12 28.30
N PRO L 57 -156.74 -19.75 28.86
CA PRO L 57 -157.63 -19.02 29.77
C PRO L 57 -156.94 -18.65 31.07
N VAL L 58 -156.75 -17.35 31.30
CA VAL L 58 -156.02 -16.91 32.48
C VAL L 58 -156.84 -17.15 33.74
N GLY L 59 -158.15 -17.00 33.66
CA GLY L 59 -159.00 -17.14 34.83
C GLY L 59 -159.03 -15.87 35.67
N GLY L 60 -159.97 -15.84 36.60
CA GLY L 60 -160.16 -14.67 37.42
C GLY L 60 -160.99 -13.62 36.72
N ASP L 61 -161.88 -12.96 37.45
CA ASP L 61 -162.74 -11.94 36.87
C ASP L 61 -161.92 -10.75 36.39
N LYS L 62 -162.42 -10.11 35.33
CA LYS L 62 -161.84 -8.94 34.67
C LYS L 62 -160.32 -8.99 34.54
N ASN L 63 -159.77 -10.16 34.21
CA ASN L 63 -158.39 -10.27 33.74
C ASN L 63 -158.30 -10.28 32.23
N GLY L 64 -159.28 -9.69 31.55
CA GLY L 64 -159.39 -9.90 30.13
C GLY L 64 -159.91 -11.30 29.88
N GLY L 65 -160.00 -11.65 28.60
CA GLY L 65 -160.44 -12.97 28.26
C GLY L 65 -159.40 -14.03 28.58
N THR L 66 -158.29 -14.02 27.85
CA THR L 66 -157.26 -15.04 27.92
C THR L 66 -155.90 -14.37 27.89
N ARG L 67 -154.86 -15.19 27.76
CA ARG L 67 -153.50 -14.70 27.58
C ARG L 67 -152.88 -15.41 26.38
N VAL L 68 -152.19 -14.64 25.54
CA VAL L 68 -151.45 -15.20 24.41
C VAL L 68 -150.06 -15.52 24.95
N VAL L 69 -149.93 -16.70 25.56
CA VAL L 69 -148.69 -17.11 26.20
C VAL L 69 -147.79 -17.73 25.14
N LYS L 70 -146.61 -17.16 24.95
CA LYS L 70 -145.68 -17.70 23.99
C LYS L 70 -144.76 -18.73 24.64
N LEU L 71 -144.36 -19.72 23.86
CA LEU L 71 -143.36 -20.67 24.29
C LEU L 71 -141.99 -20.17 23.86
N ARG L 72 -140.95 -20.66 24.55
CA ARG L 72 -139.57 -20.26 24.28
C ARG L 72 -139.40 -18.75 24.41
N LYS L 73 -139.55 -18.28 25.65
CA LYS L 73 -139.32 -16.88 25.94
C LYS L 73 -137.88 -16.48 25.64
N MET L 74 -137.67 -15.18 25.44
CA MET L 74 -136.37 -14.66 25.10
C MET L 74 -135.41 -14.81 26.27
N PRO L 75 -134.09 -14.88 25.98
CA PRO L 75 -133.12 -15.08 27.07
C PRO L 75 -133.15 -13.97 28.09
N ARG L 76 -132.98 -14.36 29.36
CA ARG L 76 -132.90 -13.38 30.44
C ARG L 76 -131.55 -12.69 30.50
N TYR L 77 -130.49 -13.39 30.09
CA TYR L 77 -129.13 -12.91 30.22
C TYR L 77 -128.38 -13.15 28.91
N TYR L 78 -127.49 -12.23 28.57
CA TYR L 78 -126.63 -12.38 27.43
C TYR L 78 -125.17 -12.27 27.89
N PRO L 79 -124.32 -13.21 27.51
CA PRO L 79 -122.90 -13.07 27.85
C PRO L 79 -122.28 -11.89 27.14
N THR L 80 -121.17 -11.42 27.68
CA THR L 80 -120.52 -10.23 27.13
C THR L 80 -120.01 -10.46 25.71
N GLU L 81 -119.75 -11.71 25.33
CA GLU L 81 -119.32 -12.04 23.98
C GLU L 81 -119.49 -13.53 23.75
N ASP L 82 -119.64 -13.90 22.48
CA ASP L 82 -119.90 -15.27 22.06
C ASP L 82 -118.85 -15.72 21.05
N VAL L 83 -119.07 -16.93 20.52
CA VAL L 83 -118.16 -17.57 19.59
C VAL L 83 -118.89 -17.71 18.26
N PRO L 84 -118.28 -17.37 17.14
CA PRO L 84 -118.93 -17.57 15.84
C PRO L 84 -119.15 -19.05 15.55
N ARG L 85 -120.21 -19.34 14.82
CA ARG L 85 -120.54 -20.72 14.51
C ARG L 85 -119.55 -21.30 13.51
N LYS L 86 -119.51 -22.62 13.45
CA LYS L 86 -118.55 -23.32 12.61
C LYS L 86 -119.02 -23.32 11.16
N LEU L 87 -118.08 -23.64 10.27
CA LEU L 87 -118.42 -23.96 8.89
C LEU L 87 -118.96 -25.38 8.82
N LEU L 88 -119.34 -25.82 7.63
CA LEU L 88 -119.97 -27.11 7.43
C LEU L 88 -118.97 -28.08 6.80
N SER L 89 -119.03 -29.35 7.21
CA SER L 89 -117.94 -30.29 6.97
C SER L 89 -118.26 -31.42 5.99
N HIS L 90 -119.53 -31.61 5.65
CA HIS L 90 -119.99 -32.60 4.64
C HIS L 90 -119.38 -33.99 4.87
N GLY L 91 -119.18 -34.34 6.13
CA GLY L 91 -118.73 -35.66 6.48
C GLY L 91 -118.80 -35.82 7.98
N LYS L 92 -117.80 -36.48 8.58
CA LYS L 92 -117.60 -36.48 10.02
C LYS L 92 -118.84 -36.97 10.75
N LYS L 93 -119.28 -38.18 10.38
CA LYS L 93 -120.45 -38.78 11.00
C LYS L 93 -120.15 -39.13 12.46
N PRO L 94 -121.18 -39.22 13.29
CA PRO L 94 -120.96 -39.63 14.68
C PRO L 94 -120.52 -41.09 14.77
N PHE L 95 -120.00 -41.44 15.94
CA PHE L 95 -119.42 -42.78 16.13
C PHE L 95 -120.46 -43.87 15.99
N SER L 96 -121.72 -43.58 16.33
CA SER L 96 -122.76 -44.58 16.20
C SER L 96 -123.16 -44.85 14.76
N GLN L 97 -122.68 -44.07 13.81
CA GLN L 97 -122.98 -44.26 12.40
C GLN L 97 -121.78 -44.68 11.58
N HIS L 98 -120.63 -44.92 12.22
CA HIS L 98 -119.46 -45.40 11.50
C HIS L 98 -119.69 -46.83 11.05
N VAL L 99 -119.10 -47.18 9.91
CA VAL L 99 -119.14 -48.56 9.43
C VAL L 99 -118.11 -49.36 10.19
N ARG L 100 -118.52 -50.54 10.67
CA ARG L 100 -117.67 -51.35 11.53
C ARG L 100 -116.89 -52.35 10.68
N LYS L 101 -115.58 -52.31 10.80
CA LYS L 101 -114.68 -53.16 10.02
C LYS L 101 -114.12 -54.27 10.91
N LEU L 102 -114.11 -55.48 10.37
CA LEU L 102 -113.60 -56.64 11.08
C LEU L 102 -112.54 -57.33 10.23
N ARG L 103 -111.46 -57.75 10.88
CA ARG L 103 -110.38 -58.42 10.16
C ARG L 103 -110.86 -59.77 9.62
N ALA L 104 -110.36 -60.13 8.44
CA ALA L 104 -110.81 -61.34 7.78
C ALA L 104 -110.42 -62.60 8.53
N SER L 105 -109.41 -62.52 9.40
CA SER L 105 -108.97 -63.69 10.16
C SER L 105 -109.80 -63.92 11.41
N ILE L 106 -110.74 -63.03 11.72
CA ILE L 106 -111.62 -63.18 12.88
C ILE L 106 -113.00 -63.57 12.36
N THR L 107 -113.37 -64.82 12.58
CA THR L 107 -114.69 -65.36 12.27
C THR L 107 -115.25 -65.99 13.53
N PRO L 108 -116.58 -66.13 13.64
CA PRO L 108 -117.15 -66.72 14.86
C PRO L 108 -116.61 -68.11 15.15
N GLY L 109 -116.17 -68.31 16.39
CA GLY L 109 -115.54 -69.53 16.81
C GLY L 109 -114.03 -69.50 16.84
N THR L 110 -113.43 -68.46 16.28
CA THR L 110 -111.97 -68.37 16.25
C THR L 110 -111.42 -68.19 17.66
N ILE L 111 -110.30 -68.86 17.93
CA ILE L 111 -109.60 -68.66 19.20
C ILE L 111 -108.73 -67.42 19.06
N LEU L 112 -108.95 -66.45 19.95
CA LEU L 112 -108.19 -65.22 20.00
C LEU L 112 -107.30 -65.22 21.24
N ILE L 113 -106.30 -64.34 21.22
CA ILE L 113 -105.40 -64.15 22.34
C ILE L 113 -105.54 -62.70 22.80
N ILE L 114 -105.93 -62.53 24.06
CA ILE L 114 -106.06 -61.18 24.61
C ILE L 114 -104.69 -60.63 24.94
N LEU L 115 -104.40 -59.41 24.48
CA LEU L 115 -103.09 -58.82 24.65
C LEU L 115 -103.03 -57.80 25.79
N THR L 116 -104.17 -57.33 26.29
CA THR L 116 -104.20 -56.30 27.32
C THR L 116 -105.20 -56.69 28.39
N GLY L 117 -105.25 -55.87 29.44
CA GLY L 117 -106.20 -56.09 30.52
C GLY L 117 -105.71 -57.13 31.50
N ARG L 118 -106.57 -57.43 32.48
CA ARG L 118 -106.23 -58.43 33.47
C ARG L 118 -106.26 -59.84 32.90
N HIS L 119 -106.93 -60.03 31.76
CA HIS L 119 -106.94 -61.31 31.07
C HIS L 119 -105.87 -61.36 29.99
N ARG L 120 -104.75 -60.72 30.26
CA ARG L 120 -103.62 -60.63 29.34
C ARG L 120 -103.08 -62.01 29.01
N GLY L 121 -102.91 -62.29 27.72
CA GLY L 121 -102.30 -63.53 27.28
C GLY L 121 -103.22 -64.73 27.26
N LYS L 122 -104.48 -64.59 27.67
CA LYS L 122 -105.38 -65.72 27.69
C LYS L 122 -105.95 -65.97 26.30
N ARG L 123 -106.37 -67.21 26.07
CA ARG L 123 -106.97 -67.62 24.80
C ARG L 123 -108.46 -67.79 25.02
N VAL L 124 -109.25 -67.08 24.21
CA VAL L 124 -110.70 -67.00 24.35
C VAL L 124 -111.34 -67.34 23.01
N VAL L 125 -112.67 -67.45 23.02
CA VAL L 125 -113.44 -67.82 21.85
C VAL L 125 -114.22 -66.61 21.37
N PHE L 126 -114.11 -66.29 20.09
CA PHE L 126 -114.84 -65.17 19.52
C PHE L 126 -116.24 -65.62 19.12
N LEU L 127 -117.24 -64.81 19.47
CA LEU L 127 -118.62 -65.12 19.15
C LEU L 127 -119.22 -64.20 18.09
N LYS L 128 -119.21 -62.89 18.33
CA LYS L 128 -119.79 -61.97 17.37
C LYS L 128 -119.26 -60.57 17.60
N GLN L 129 -119.19 -59.80 16.53
CA GLN L 129 -118.91 -58.37 16.63
C GLN L 129 -120.19 -57.64 17.02
N LEU L 130 -120.07 -56.72 17.97
CA LEU L 130 -121.22 -55.96 18.44
C LEU L 130 -121.44 -54.76 17.55
N ALA L 131 -122.42 -53.93 17.92
CA ALA L 131 -122.77 -52.78 17.10
C ALA L 131 -121.69 -51.71 17.10
N SER L 132 -120.82 -51.68 18.11
CA SER L 132 -119.75 -50.70 18.19
C SER L 132 -118.43 -51.23 17.64
N GLY L 133 -118.43 -52.43 17.07
CA GLY L 133 -117.22 -53.03 16.55
C GLY L 133 -116.40 -53.77 17.59
N LEU L 134 -116.79 -53.73 18.85
CA LEU L 134 -116.11 -54.51 19.86
C LEU L 134 -116.50 -55.98 19.73
N LEU L 135 -115.52 -56.86 19.81
CA LEU L 135 -115.81 -58.28 19.78
C LEU L 135 -116.37 -58.72 21.11
N LEU L 136 -117.30 -59.67 21.08
CA LEU L 136 -117.78 -60.33 22.27
C LEU L 136 -117.12 -61.69 22.35
N VAL L 137 -116.39 -61.95 23.43
CA VAL L 137 -115.62 -63.17 23.55
C VAL L 137 -115.96 -63.86 24.85
N THR L 138 -115.72 -65.17 24.87
CA THR L 138 -115.79 -65.94 26.11
C THR L 138 -114.89 -67.16 25.95
N GLY L 139 -113.70 -67.09 26.52
CA GLY L 139 -112.99 -68.29 26.84
C GLY L 139 -113.66 -68.81 28.08
N PRO L 140 -114.36 -69.93 27.97
CA PRO L 140 -115.40 -70.26 28.95
C PRO L 140 -114.87 -70.24 30.37
N LEU L 141 -115.68 -69.67 31.26
CA LEU L 141 -115.22 -69.30 32.59
C LEU L 141 -114.70 -70.49 33.36
N VAL L 142 -115.18 -71.70 33.05
CA VAL L 142 -114.67 -72.91 33.67
C VAL L 142 -113.28 -73.27 33.18
N LEU L 143 -112.81 -72.65 32.10
CA LEU L 143 -111.50 -72.98 31.53
C LEU L 143 -110.44 -71.97 31.96
N ASN L 144 -110.67 -70.68 31.68
CA ASN L 144 -109.64 -69.68 31.98
C ASN L 144 -110.22 -68.41 32.61
N ARG L 145 -111.41 -68.49 33.20
CA ARG L 145 -111.97 -67.42 34.01
C ARG L 145 -112.19 -66.13 33.22
N VAL L 146 -112.55 -66.27 31.95
CA VAL L 146 -112.89 -65.11 31.13
C VAL L 146 -114.39 -65.17 30.85
N PRO L 147 -115.18 -64.29 31.44
CA PRO L 147 -116.63 -64.35 31.22
C PRO L 147 -117.02 -63.84 29.85
N LEU L 148 -118.32 -63.74 29.59
CA LEU L 148 -118.79 -63.03 28.41
C LEU L 148 -118.33 -61.60 28.50
N ARG L 149 -117.39 -61.20 27.65
CA ARG L 149 -116.70 -59.94 27.89
C ARG L 149 -116.37 -59.30 26.55
N ARG L 150 -116.43 -57.98 26.49
CA ARG L 150 -116.05 -57.28 25.28
C ARG L 150 -114.54 -57.16 25.18
N THR L 151 -114.08 -56.97 23.95
CA THR L 151 -112.67 -56.76 23.69
C THR L 151 -112.55 -56.00 22.38
N HIS L 152 -111.37 -55.45 22.13
CA HIS L 152 -111.12 -54.70 20.91
C HIS L 152 -110.31 -55.57 19.96
N GLN L 153 -110.75 -55.62 18.70
CA GLN L 153 -110.06 -56.45 17.71
C GLN L 153 -108.65 -55.97 17.43
N LYS L 154 -108.33 -54.71 17.72
CA LYS L 154 -106.98 -54.25 17.52
C LYS L 154 -106.03 -54.86 18.53
N PHE L 155 -106.53 -55.19 19.72
CA PHE L 155 -105.72 -55.68 20.82
C PHE L 155 -105.85 -57.19 21.02
N VAL L 156 -106.15 -57.93 19.95
CA VAL L 156 -106.19 -59.38 20.02
C VAL L 156 -105.42 -59.95 18.84
N ILE L 157 -105.00 -61.20 18.99
CA ILE L 157 -104.35 -61.95 17.92
C ILE L 157 -105.29 -63.08 17.53
N ALA L 158 -105.64 -63.15 16.25
CA ALA L 158 -106.52 -64.20 15.76
C ALA L 158 -105.67 -65.41 15.39
N THR L 159 -105.90 -66.53 16.06
CA THR L 159 -105.19 -67.75 15.75
C THR L 159 -105.88 -68.50 14.61
N SER L 160 -105.23 -69.56 14.15
CA SER L 160 -105.77 -70.33 13.05
C SER L 160 -106.80 -71.36 13.51
N THR L 161 -106.72 -71.79 14.76
CA THR L 161 -107.64 -72.81 15.25
C THR L 161 -109.03 -72.24 15.47
N LYS L 162 -110.04 -72.95 14.98
CA LYS L 162 -111.43 -72.51 15.05
C LYS L 162 -112.31 -73.67 15.49
N ILE L 163 -113.40 -73.33 16.16
CA ILE L 163 -114.46 -74.27 16.48
C ILE L 163 -115.74 -73.80 15.80
N ASP L 164 -116.48 -74.74 15.23
CA ASP L 164 -117.70 -74.40 14.49
C ASP L 164 -118.79 -74.08 15.50
N ILE L 165 -118.93 -72.80 15.82
CA ILE L 165 -119.99 -72.33 16.70
C ILE L 165 -121.16 -71.79 15.89
N SER L 166 -121.29 -72.18 14.63
CA SER L 166 -122.53 -71.91 13.91
C SER L 166 -123.67 -72.66 14.59
N ASN L 167 -124.88 -72.18 14.36
CA ASN L 167 -126.13 -72.69 14.94
C ASN L 167 -126.06 -72.90 16.46
N VAL L 168 -125.26 -72.09 17.15
CA VAL L 168 -125.42 -71.89 18.58
C VAL L 168 -126.16 -70.57 18.74
N LYS L 169 -126.88 -70.42 19.84
CA LYS L 169 -127.78 -69.28 20.03
C LYS L 169 -127.16 -68.33 21.03
N ILE L 170 -126.52 -67.28 20.53
CA ILE L 170 -126.12 -66.15 21.36
C ILE L 170 -127.39 -65.39 21.70
N PRO L 171 -127.68 -65.16 22.97
CA PRO L 171 -128.90 -64.44 23.34
C PRO L 171 -128.93 -63.03 22.77
N LYS L 172 -130.14 -62.57 22.41
CA LYS L 172 -130.28 -61.31 21.71
C LYS L 172 -129.98 -60.11 22.59
N HIS L 173 -130.25 -60.21 23.90
CA HIS L 173 -130.04 -59.07 24.77
C HIS L 173 -128.56 -58.75 25.00
N LEU L 174 -127.66 -59.62 24.57
CA LEU L 174 -126.23 -59.37 24.73
C LEU L 174 -125.78 -58.27 23.77
N THR L 175 -125.76 -57.03 24.25
CA THR L 175 -125.47 -55.88 23.41
C THR L 175 -124.47 -54.95 24.11
N ASP L 176 -124.12 -53.88 23.39
CA ASP L 176 -123.20 -52.90 23.94
C ASP L 176 -123.78 -52.25 25.19
N ALA L 177 -125.08 -51.94 25.17
CA ALA L 177 -125.72 -51.39 26.37
C ALA L 177 -125.75 -52.42 27.49
N TYR L 178 -125.78 -53.70 27.15
CA TYR L 178 -125.69 -54.73 28.18
C TYR L 178 -124.33 -54.73 28.84
N PHE L 179 -123.26 -54.61 28.05
CA PHE L 179 -121.91 -54.73 28.59
C PHE L 179 -121.31 -53.40 29.03
N LYS L 180 -122.01 -52.29 28.86
CA LYS L 180 -121.48 -50.99 29.26
C LYS L 180 -121.32 -50.92 30.77
N LYS L 181 -120.25 -50.25 31.21
CA LYS L 181 -119.97 -50.12 32.63
C LYS L 181 -121.01 -49.26 33.33
N LYS L 182 -121.22 -49.53 34.61
CA LYS L 182 -122.19 -48.82 35.43
C LYS L 182 -121.45 -48.04 36.51
N LYS L 183 -121.95 -46.85 36.81
CA LYS L 183 -121.34 -45.96 37.80
C LYS L 183 -122.40 -45.42 38.74
N LEU L 184 -122.00 -45.15 39.98
CA LEU L 184 -122.89 -44.66 41.02
C LEU L 184 -122.67 -43.19 41.36
N ARG L 185 -121.43 -42.83 41.69
CA ARG L 185 -121.11 -41.47 42.09
C ARG L 185 -121.33 -40.48 40.95
N LYS L 186 -121.66 -39.23 41.29
CA LYS L 186 -121.79 -38.69 42.64
C LYS L 186 -123.00 -37.79 42.83
N PRO L 187 -124.17 -38.39 43.04
CA PRO L 187 -125.35 -37.59 43.36
C PRO L 187 -125.35 -37.15 44.82
N ARG L 188 -126.14 -36.11 45.10
CA ARG L 188 -126.37 -35.53 46.42
C ARG L 188 -125.10 -35.41 47.26
N HIS L 189 -123.97 -35.13 46.63
CA HIS L 189 -122.69 -35.06 47.32
C HIS L 189 -121.73 -34.25 46.47
N GLN L 190 -121.28 -33.11 46.99
CA GLN L 190 -120.39 -32.22 46.24
C GLN L 190 -119.01 -32.13 46.88
N GLU L 191 -118.93 -31.76 48.15
CA GLU L 191 -117.66 -31.69 48.86
C GLU L 191 -117.43 -32.99 49.59
N GLY L 192 -116.27 -33.62 49.34
CA GLY L 192 -115.96 -34.90 49.94
C GLY L 192 -115.26 -34.79 51.27
N GLU L 193 -116.03 -34.87 52.35
CA GLU L 193 -115.50 -34.93 53.71
C GLU L 193 -115.64 -36.32 54.31
N ILE L 194 -116.59 -37.11 53.84
CA ILE L 194 -116.81 -38.49 54.25
C ILE L 194 -116.50 -39.37 53.05
N PHE L 195 -115.77 -40.47 53.29
CA PHE L 195 -115.32 -41.32 52.20
C PHE L 195 -116.49 -41.92 51.45
N ASP L 196 -116.44 -41.82 50.11
CA ASP L 196 -117.45 -42.37 49.23
C ASP L 196 -116.94 -43.59 48.47
N THR L 197 -116.15 -44.43 49.12
CA THR L 197 -115.54 -45.59 48.49
C THR L 197 -116.48 -46.81 48.47
N GLU L 198 -117.71 -46.66 48.95
CA GLU L 198 -118.67 -47.75 48.89
C GLU L 198 -119.08 -48.04 47.45
N LYS L 199 -119.64 -49.23 47.24
CA LYS L 199 -120.14 -49.73 45.96
C LYS L 199 -118.99 -49.99 44.98
N GLU L 200 -117.75 -49.70 45.40
CA GLU L 200 -116.60 -50.00 44.55
C GLU L 200 -116.51 -51.48 44.24
N LYS L 201 -117.06 -52.32 45.11
CA LYS L 201 -117.20 -53.74 44.81
C LYS L 201 -118.23 -53.91 43.72
N TYR L 202 -117.76 -54.15 42.50
CA TYR L 202 -118.64 -54.54 41.41
C TYR L 202 -119.26 -55.89 41.73
N GLU L 203 -120.58 -55.99 41.53
CA GLU L 203 -121.32 -57.21 41.84
C GLU L 203 -121.72 -57.90 40.54
N ILE L 204 -121.44 -59.19 40.47
CA ILE L 204 -121.87 -59.96 39.30
C ILE L 204 -123.36 -60.20 39.40
N THR L 205 -124.09 -59.83 38.35
CA THR L 205 -125.53 -59.97 38.35
C THR L 205 -125.93 -61.42 38.12
N GLU L 206 -127.04 -61.83 38.75
CA GLU L 206 -127.61 -63.13 38.47
C GLU L 206 -127.93 -63.28 37.00
N GLN L 207 -128.36 -62.20 36.34
CA GLN L 207 -128.60 -62.25 34.90
C GLN L 207 -127.32 -62.56 34.14
N ARG L 208 -126.21 -61.94 34.54
CA ARG L 208 -124.93 -62.23 33.90
C ARG L 208 -124.52 -63.67 34.11
N LYS L 209 -124.72 -64.20 35.32
CA LYS L 209 -124.37 -65.59 35.59
C LYS L 209 -125.22 -66.54 34.76
N ILE L 210 -126.51 -66.24 34.63
CA ILE L 210 -127.40 -67.06 33.82
C ILE L 210 -126.96 -67.02 32.36
N ASP L 211 -126.60 -65.85 31.85
CA ASP L 211 -126.17 -65.74 30.46
C ASP L 211 -124.87 -66.50 30.23
N GLN L 212 -123.93 -66.41 31.17
CA GLN L 212 -122.67 -67.14 31.03
C GLN L 212 -122.92 -68.63 31.01
N LYS L 213 -123.79 -69.11 31.90
CA LYS L 213 -124.14 -70.53 31.89
C LYS L 213 -124.79 -70.93 30.56
N ALA L 214 -125.69 -70.10 30.06
CA ALA L 214 -126.42 -70.43 28.84
C ALA L 214 -125.48 -70.51 27.64
N VAL L 215 -124.51 -69.61 27.56
CA VAL L 215 -123.57 -69.65 26.44
C VAL L 215 -122.59 -70.81 26.59
N ASP L 216 -122.01 -70.97 27.78
CA ASP L 216 -121.00 -72.01 27.97
C ASP L 216 -121.58 -73.40 27.81
N SER L 217 -122.86 -73.60 28.15
CA SER L 217 -123.46 -74.92 28.08
C SER L 217 -123.46 -75.48 26.66
N GLN L 218 -123.47 -74.60 25.65
CA GLN L 218 -123.43 -75.03 24.27
C GLN L 218 -122.12 -74.69 23.57
N ILE L 219 -121.24 -73.92 24.21
CA ILE L 219 -119.90 -73.75 23.68
C ILE L 219 -118.99 -74.92 24.09
N LEU L 220 -119.07 -75.36 25.34
CA LEU L 220 -118.15 -76.37 25.86
C LEU L 220 -118.20 -77.71 25.13
N PRO L 221 -119.36 -78.30 24.82
CA PRO L 221 -119.35 -79.59 24.11
C PRO L 221 -118.64 -79.55 22.78
N LYS L 222 -118.66 -78.41 22.09
CA LYS L 222 -117.91 -78.29 20.84
C LYS L 222 -116.41 -78.12 21.10
N ILE L 223 -116.03 -77.60 22.26
CA ILE L 223 -114.63 -77.53 22.63
C ILE L 223 -114.09 -78.92 22.94
N LYS L 224 -114.85 -79.70 23.72
CA LYS L 224 -114.39 -81.04 24.08
C LYS L 224 -114.37 -82.00 22.90
N ALA L 225 -115.08 -81.67 21.82
CA ALA L 225 -115.17 -82.57 20.68
C ALA L 225 -113.84 -82.73 19.96
N ILE L 226 -112.92 -81.79 20.12
CA ILE L 226 -111.62 -81.88 19.45
C ILE L 226 -110.54 -82.04 20.51
N PRO L 227 -109.55 -82.91 20.29
CA PRO L 227 -108.66 -83.32 21.37
C PRO L 227 -107.83 -82.16 21.92
N GLN L 228 -107.66 -82.18 23.25
CA GLN L 228 -106.84 -81.27 24.05
C GLN L 228 -106.91 -79.81 23.59
N LEU L 229 -108.09 -79.36 23.17
CA LEU L 229 -108.32 -77.94 22.98
C LEU L 229 -108.55 -77.24 24.31
N GLN L 230 -109.13 -77.94 25.28
CA GLN L 230 -109.40 -77.32 26.56
C GLN L 230 -108.11 -76.99 27.30
N GLY L 231 -107.09 -77.84 27.20
CA GLY L 231 -105.80 -77.49 27.77
C GLY L 231 -105.17 -76.29 27.08
N TYR L 232 -105.34 -76.21 25.77
CA TYR L 232 -104.85 -75.05 25.02
C TYR L 232 -105.52 -73.78 25.52
N LEU L 233 -106.83 -73.84 25.75
CA LEU L 233 -107.55 -72.68 26.24
C LEU L 233 -107.22 -72.37 27.70
N ARG L 234 -106.84 -73.38 28.48
CA ARG L 234 -106.43 -73.14 29.85
C ARG L 234 -105.06 -72.47 29.94
N SER L 235 -104.14 -72.82 29.04
CA SER L 235 -102.82 -72.22 29.07
C SER L 235 -102.88 -70.77 28.57
N VAL L 236 -101.82 -70.03 28.88
CA VAL L 236 -101.72 -68.63 28.45
C VAL L 236 -100.58 -68.50 27.47
N PHE L 237 -100.62 -67.42 26.69
CA PHE L 237 -99.61 -67.18 25.68
C PHE L 237 -98.42 -66.42 26.26
N ALA L 238 -97.23 -66.78 25.81
CA ALA L 238 -96.01 -66.16 26.31
C ALA L 238 -94.96 -66.20 25.21
N LEU L 239 -93.99 -65.32 25.32
CA LEU L 239 -92.89 -65.25 24.36
C LEU L 239 -91.65 -65.88 24.98
N THR L 240 -91.33 -67.09 24.53
CA THR L 240 -90.08 -67.74 24.88
C THR L 240 -88.92 -66.98 24.24
N ASN L 241 -87.72 -67.13 24.82
CA ASN L 241 -86.59 -66.32 24.39
C ASN L 241 -86.19 -66.59 22.94
N GLY L 242 -86.40 -67.81 22.46
CA GLY L 242 -85.99 -68.13 21.12
C GLY L 242 -86.99 -67.78 20.04
N ILE L 243 -88.25 -67.58 20.40
CA ILE L 243 -89.34 -67.45 19.43
C ILE L 243 -89.62 -65.98 19.17
N TYR L 244 -89.99 -65.65 17.93
CA TYR L 244 -90.20 -64.29 17.52
C TYR L 244 -91.57 -64.16 16.85
N PRO L 245 -92.36 -63.15 17.22
CA PRO L 245 -93.73 -63.05 16.70
C PRO L 245 -93.80 -62.87 15.20
N HIS L 246 -92.78 -62.33 14.56
CA HIS L 246 -92.83 -62.16 13.11
C HIS L 246 -92.62 -63.45 12.37
N LYS L 247 -91.96 -64.44 12.98
CA LYS L 247 -91.85 -65.77 12.40
C LYS L 247 -92.92 -66.72 12.90
N LEU L 248 -93.60 -66.40 13.99
CA LEU L 248 -94.67 -67.26 14.47
C LEU L 248 -95.84 -67.25 13.50
N VAL L 249 -96.34 -68.43 13.17
CA VAL L 249 -97.63 -68.56 12.49
C VAL L 249 -98.69 -68.77 13.56
N PHE L 250 -99.72 -67.94 13.53
CA PHE L 250 -100.78 -68.06 14.53
C PHE L 250 -101.98 -68.79 13.95
N ASN M 1 -146.09 -6.98 -5.35
CA ASN M 1 -144.84 -7.12 -6.09
C ASN M 1 -144.01 -8.28 -5.57
N PHE M 2 -144.41 -8.82 -4.43
CA PHE M 2 -143.66 -9.93 -3.82
C PHE M 2 -143.73 -11.17 -4.69
N ALA M 3 -144.92 -11.51 -5.18
CA ALA M 3 -145.07 -12.68 -6.06
C ALA M 3 -144.28 -12.48 -7.35
N GLU M 4 -144.32 -11.27 -7.91
CA GLU M 4 -143.58 -11.00 -9.13
C GLU M 4 -142.08 -11.14 -8.91
N LEU M 5 -141.55 -10.62 -7.80
CA LEU M 5 -140.11 -10.74 -7.58
C LEU M 5 -139.70 -12.17 -7.27
N LYS M 6 -140.56 -12.94 -6.59
CA LYS M 6 -140.30 -14.36 -6.42
C LYS M 6 -140.22 -15.07 -7.76
N ILE M 7 -141.17 -14.78 -8.65
CA ILE M 7 -141.16 -15.41 -9.97
C ILE M 7 -139.91 -15.01 -10.74
N LYS M 8 -139.51 -13.74 -10.65
CA LYS M 8 -138.32 -13.28 -11.34
C LYS M 8 -137.07 -14.00 -10.86
N ARG M 9 -136.91 -14.11 -9.54
CA ARG M 9 -135.72 -14.80 -9.02
C ARG M 9 -135.74 -16.29 -9.40
N LEU M 10 -136.90 -16.92 -9.34
CA LEU M 10 -136.97 -18.33 -9.71
C LEU M 10 -136.65 -18.55 -11.18
N ARG M 11 -137.15 -17.66 -12.06
CA ARG M 11 -136.83 -17.75 -13.48
C ARG M 11 -135.33 -17.56 -13.72
N LYS M 12 -134.72 -16.58 -13.05
CA LYS M 12 -133.29 -16.36 -13.25
C LYS M 12 -132.46 -17.53 -12.76
N LYS M 13 -132.80 -18.08 -11.59
CA LYS M 13 -132.07 -19.23 -11.07
C LYS M 13 -132.24 -20.44 -11.96
N PHE M 14 -133.45 -20.65 -12.49
CA PHE M 14 -133.66 -21.79 -13.36
C PHE M 14 -132.92 -21.64 -14.68
N ALA M 15 -132.86 -20.43 -15.22
CA ALA M 15 -132.09 -20.20 -16.44
C ALA M 15 -130.61 -20.45 -16.19
N GLN M 16 -130.09 -20.02 -15.05
CA GLN M 16 -128.69 -20.29 -14.71
C GLN M 16 -128.43 -21.78 -14.58
N LYS M 17 -129.35 -22.51 -13.94
CA LYS M 17 -129.16 -23.95 -13.80
C LYS M 17 -129.20 -24.65 -15.15
N MET M 18 -130.09 -24.21 -16.05
CA MET M 18 -130.11 -24.80 -17.38
C MET M 18 -128.82 -24.52 -18.14
N LEU M 19 -128.28 -23.30 -18.01
CA LEU M 19 -127.01 -22.99 -18.65
C LEU M 19 -125.89 -23.87 -18.11
N ARG M 20 -125.85 -24.07 -16.79
CA ARG M 20 -124.83 -24.95 -16.22
C ARG M 20 -124.98 -26.38 -16.72
N LYS M 21 -126.21 -26.87 -16.81
CA LYS M 21 -126.43 -28.22 -17.28
C LYS M 21 -125.97 -28.39 -18.73
N ALA M 22 -126.27 -27.40 -19.57
CA ALA M 22 -125.84 -27.46 -20.97
C ALA M 22 -124.32 -27.42 -21.08
N ARG M 23 -123.67 -26.56 -20.28
CA ARG M 23 -122.22 -26.50 -20.32
C ARG M 23 -121.58 -27.80 -19.84
N ARG M 24 -122.16 -28.41 -18.81
CA ARG M 24 -121.65 -29.69 -18.33
C ARG M 24 -121.78 -30.77 -19.40
N LYS M 25 -122.92 -30.80 -20.09
CA LYS M 25 -123.10 -31.77 -21.18
C LYS M 25 -122.07 -31.54 -22.29
N LEU M 26 -121.80 -30.27 -22.61
CA LEU M 26 -120.81 -29.96 -23.63
C LEU M 26 -119.42 -30.43 -23.22
N ILE M 27 -119.05 -30.22 -21.95
CA ILE M 27 -117.76 -30.70 -21.46
C ILE M 27 -117.66 -32.21 -21.57
N TYR M 28 -118.74 -32.91 -21.17
CA TYR M 28 -118.74 -34.37 -21.23
C TYR M 28 -118.53 -34.86 -22.66
N GLU M 29 -119.25 -34.26 -23.62
CA GLU M 29 -119.12 -34.74 -24.99
C GLU M 29 -117.80 -34.36 -25.63
N LYS M 30 -117.24 -33.20 -25.27
CA LYS M 30 -115.90 -32.86 -25.74
C LYS M 30 -114.87 -33.85 -25.24
N ALA M 31 -114.99 -34.27 -23.98
CA ALA M 31 -114.07 -35.27 -23.46
C ALA M 31 -114.22 -36.61 -24.19
N LYS M 32 -115.46 -37.00 -24.49
CA LYS M 32 -115.68 -38.22 -25.25
C LYS M 32 -115.02 -38.15 -26.62
N HIS M 33 -115.20 -37.03 -27.32
CA HIS M 33 -114.59 -36.87 -28.64
C HIS M 33 -113.07 -36.86 -28.56
N TYR M 34 -112.51 -36.26 -27.50
CA TYR M 34 -111.06 -36.28 -27.33
C TYR M 34 -110.56 -37.70 -27.09
N HIS M 35 -111.30 -38.50 -26.34
CA HIS M 35 -110.93 -39.91 -26.15
C HIS M 35 -110.88 -40.63 -27.49
N LYS M 36 -111.90 -40.40 -28.33
CA LYS M 36 -111.91 -40.99 -29.66
C LYS M 36 -110.69 -40.56 -30.48
N GLU M 37 -110.36 -39.27 -30.44
CA GLU M 37 -109.21 -38.78 -31.20
C GLU M 37 -107.91 -39.38 -30.72
N TYR M 38 -107.73 -39.50 -29.39
CA TYR M 38 -106.51 -40.07 -28.85
C TYR M 38 -106.33 -41.51 -29.30
N ARG M 39 -107.39 -42.32 -29.18
CA ARG M 39 -107.23 -43.71 -29.60
C ARG M 39 -107.02 -43.81 -31.10
N GLN M 40 -107.60 -42.90 -31.88
CA GLN M 40 -107.36 -42.92 -33.31
C GLN M 40 -105.90 -42.66 -33.63
N MET M 41 -105.29 -41.67 -32.99
CA MET M 41 -103.87 -41.40 -33.24
C MET M 41 -103.00 -42.58 -32.82
N TYR M 42 -103.28 -43.14 -31.64
CA TYR M 42 -102.46 -44.23 -31.15
C TYR M 42 -102.55 -45.45 -32.06
N ARG M 43 -103.74 -45.76 -32.57
CA ARG M 43 -103.85 -46.87 -33.50
C ARG M 43 -103.26 -46.55 -34.86
N THR M 44 -103.34 -45.28 -35.29
CA THR M 44 -102.82 -44.89 -36.59
C THR M 44 -101.33 -45.10 -36.68
N GLU M 45 -100.59 -44.76 -35.61
CA GLU M 45 -99.15 -44.99 -35.65
C GLU M 45 -98.81 -46.47 -35.82
N ILE M 46 -99.49 -47.32 -35.08
CA ILE M 46 -99.26 -48.76 -35.17
C ILE M 46 -99.58 -49.26 -36.57
N ARG M 47 -100.71 -48.81 -37.13
CA ARG M 47 -101.14 -49.27 -38.44
C ARG M 47 -100.16 -48.83 -39.53
N MET M 48 -99.66 -47.60 -39.45
CA MET M 48 -98.68 -47.13 -40.43
C MET M 48 -97.40 -47.95 -40.36
N ALA M 49 -96.89 -48.19 -39.15
CA ALA M 49 -95.71 -49.03 -39.03
C ALA M 49 -95.95 -50.43 -39.57
N ARG M 50 -97.14 -50.99 -39.32
CA ARG M 50 -97.45 -52.32 -39.79
C ARG M 50 -97.48 -52.40 -41.31
N MET M 51 -98.11 -51.42 -41.97
CA MET M 51 -98.13 -51.47 -43.43
C MET M 51 -96.75 -51.25 -44.03
N ALA M 52 -95.93 -50.40 -43.41
CA ALA M 52 -94.56 -50.27 -43.89
C ALA M 52 -93.79 -51.58 -43.77
N ARG M 53 -93.92 -52.26 -42.64
CA ARG M 53 -93.21 -53.52 -42.47
C ARG M 53 -93.74 -54.59 -43.41
N LYS M 54 -95.04 -54.58 -43.68
CA LYS M 54 -95.60 -55.51 -44.65
C LYS M 54 -95.02 -55.26 -46.03
N ALA M 55 -94.88 -54.01 -46.42
CA ALA M 55 -94.28 -53.66 -47.70
C ALA M 55 -92.76 -53.85 -47.70
N GLY M 56 -92.15 -54.04 -46.54
CA GLY M 56 -90.71 -54.17 -46.47
C GLY M 56 -89.97 -52.85 -46.38
N ASN M 57 -90.69 -51.75 -46.24
CA ASN M 57 -90.12 -50.42 -46.14
C ASN M 57 -89.99 -50.03 -44.67
N PHE M 58 -89.69 -48.77 -44.42
CA PHE M 58 -89.56 -48.23 -43.07
C PHE M 58 -90.50 -47.04 -42.92
N TYR M 59 -91.28 -47.03 -41.85
CA TYR M 59 -92.12 -45.90 -41.50
C TYR M 59 -91.43 -45.10 -40.41
N VAL M 60 -91.00 -43.89 -40.74
CA VAL M 60 -90.40 -42.99 -39.77
C VAL M 60 -91.50 -42.13 -39.17
N PRO M 61 -91.74 -42.19 -37.87
CA PRO M 61 -92.81 -41.38 -37.28
C PRO M 61 -92.45 -39.91 -37.32
N ALA M 62 -93.47 -39.08 -37.16
CA ALA M 62 -93.26 -37.64 -37.08
C ALA M 62 -92.37 -37.33 -35.89
N GLU M 63 -91.47 -36.37 -36.07
CA GLU M 63 -90.64 -35.92 -34.97
C GLU M 63 -91.54 -35.35 -33.88
N PRO M 64 -91.32 -35.71 -32.62
CA PRO M 64 -92.22 -35.23 -31.55
C PRO M 64 -92.19 -33.72 -31.45
N LYS M 65 -93.38 -33.14 -31.30
CA LYS M 65 -93.54 -31.70 -31.29
C LYS M 65 -93.75 -31.15 -29.89
N LEU M 66 -93.86 -32.00 -28.89
CA LEU M 66 -94.03 -31.57 -27.51
C LEU M 66 -92.94 -32.20 -26.67
N ALA M 67 -92.36 -31.40 -25.78
CA ALA M 67 -91.35 -31.88 -24.85
C ALA M 67 -91.71 -31.46 -23.44
N PHE M 68 -91.32 -32.27 -22.47
CA PHE M 68 -91.34 -31.87 -21.08
C PHE M 68 -89.90 -31.65 -20.65
N VAL M 69 -89.63 -30.49 -20.05
CA VAL M 69 -88.29 -30.10 -19.65
C VAL M 69 -88.29 -29.91 -18.15
N ILE M 70 -87.36 -30.55 -17.47
CA ILE M 70 -87.22 -30.49 -16.01
C ILE M 70 -85.85 -29.95 -15.70
N ARG M 71 -85.79 -28.91 -14.87
CA ARG M 71 -84.50 -28.37 -14.46
C ARG M 71 -83.93 -29.24 -13.34
N ILE M 72 -82.73 -29.78 -13.53
CA ILE M 72 -82.17 -30.74 -12.59
C ILE M 72 -81.00 -30.18 -11.80
N ARG M 73 -80.42 -29.05 -12.18
CA ARG M 73 -79.35 -28.45 -11.41
C ARG M 73 -79.84 -27.18 -10.73
N GLY M 74 -79.16 -26.83 -9.63
CA GLY M 74 -79.57 -25.72 -8.80
C GLY M 74 -79.19 -24.38 -9.40
N ILE M 75 -79.26 -23.36 -8.55
CA ILE M 75 -79.16 -21.96 -8.98
C ILE M 75 -77.81 -21.36 -8.61
N ASN M 76 -76.83 -22.16 -8.23
CA ASN M 76 -75.54 -21.64 -7.80
C ASN M 76 -74.51 -21.80 -8.90
N GLY M 77 -73.84 -20.70 -9.24
CA GLY M 77 -72.80 -20.71 -10.24
C GLY M 77 -73.30 -21.06 -11.62
N VAL M 78 -74.11 -20.21 -12.22
CA VAL M 78 -74.70 -20.45 -13.53
C VAL M 78 -74.24 -19.35 -14.47
N SER M 79 -73.74 -19.74 -15.63
CA SER M 79 -73.28 -18.78 -16.62
C SER M 79 -74.46 -17.93 -17.11
N PRO M 80 -74.21 -16.69 -17.51
CA PRO M 80 -75.34 -15.78 -17.82
C PRO M 80 -76.22 -16.25 -18.95
N LYS M 81 -75.67 -16.87 -20.00
CA LYS M 81 -76.51 -17.33 -21.10
C LYS M 81 -77.42 -18.48 -20.66
N VAL M 82 -76.88 -19.43 -19.91
CA VAL M 82 -77.68 -20.52 -19.38
C VAL M 82 -78.76 -20.00 -18.44
N ARG M 83 -78.39 -19.05 -17.59
CA ARG M 83 -79.35 -18.46 -16.66
C ARG M 83 -80.48 -17.75 -17.41
N LYS M 84 -80.13 -17.02 -18.46
CA LYS M 84 -81.14 -16.32 -19.26
C LYS M 84 -82.07 -17.30 -19.96
N VAL M 85 -81.53 -18.36 -20.54
CA VAL M 85 -82.38 -19.31 -21.25
C VAL M 85 -83.28 -20.06 -20.28
N LEU M 86 -82.77 -20.37 -19.09
CA LEU M 86 -83.63 -21.01 -18.10
C LEU M 86 -84.76 -20.08 -17.65
N GLN M 87 -84.46 -18.79 -17.48
CA GLN M 87 -85.52 -17.85 -17.15
C GLN M 87 -86.54 -17.75 -18.28
N LEU M 88 -86.10 -17.83 -19.54
CA LEU M 88 -87.03 -17.83 -20.66
C LEU M 88 -87.85 -19.11 -20.75
N LEU M 89 -87.32 -20.22 -20.25
CA LEU M 89 -88.08 -21.46 -20.16
C LEU M 89 -88.89 -21.55 -18.88
N ARG M 90 -88.80 -20.53 -18.02
CA ARG M 90 -89.55 -20.47 -16.76
C ARG M 90 -89.11 -21.54 -15.78
N LEU M 91 -87.84 -21.92 -15.84
CA LEU M 91 -87.28 -22.91 -14.92
C LEU M 91 -86.30 -22.16 -14.02
N ARG M 92 -86.84 -21.54 -12.97
CA ARG M 92 -86.05 -20.75 -12.05
C ARG M 92 -85.78 -21.50 -10.75
N GLN M 93 -86.15 -22.76 -10.67
CA GLN M 93 -85.96 -23.58 -9.50
C GLN M 93 -85.61 -24.98 -9.94
N ILE M 94 -84.86 -25.70 -9.10
CA ILE M 94 -84.55 -27.09 -9.41
C ILE M 94 -85.84 -27.91 -9.29
N PHE M 95 -85.95 -28.92 -10.17
CA PHE M 95 -87.13 -29.77 -10.26
C PHE M 95 -88.38 -28.96 -10.58
N ASN M 96 -88.23 -28.01 -11.49
CA ASN M 96 -89.34 -27.32 -12.12
C ASN M 96 -89.50 -27.86 -13.52
N GLY M 97 -90.73 -28.11 -13.93
CA GLY M 97 -91.03 -28.69 -15.22
C GLY M 97 -91.89 -27.77 -16.05
N THR M 98 -91.71 -27.82 -17.36
CA THR M 98 -92.46 -26.99 -18.28
C THR M 98 -92.62 -27.72 -19.59
N PHE M 99 -93.79 -27.59 -20.19
CA PHE M 99 -94.03 -28.08 -21.53
C PHE M 99 -93.46 -27.10 -22.54
N VAL M 100 -92.68 -27.61 -23.49
CA VAL M 100 -92.02 -26.79 -24.49
C VAL M 100 -92.43 -27.31 -25.86
N LYS M 101 -92.96 -26.43 -26.70
CA LYS M 101 -93.25 -26.79 -28.07
C LYS M 101 -91.96 -26.82 -28.87
N LEU M 102 -91.76 -27.87 -29.65
CA LEU M 102 -90.47 -28.16 -30.25
C LEU M 102 -90.42 -27.62 -31.67
N ASN M 103 -89.43 -26.77 -31.93
CA ASN M 103 -89.08 -26.31 -33.26
C ASN M 103 -87.60 -25.98 -33.23
N LYS M 104 -87.09 -25.36 -34.30
CA LYS M 104 -85.66 -25.10 -34.37
C LYS M 104 -85.21 -24.16 -33.26
N ALA M 105 -85.97 -23.09 -33.02
CA ALA M 105 -85.59 -22.11 -32.01
C ALA M 105 -85.58 -22.74 -30.62
N SER M 106 -86.66 -23.42 -30.24
CA SER M 106 -86.73 -24.02 -28.91
C SER M 106 -85.73 -25.14 -28.75
N ILE M 107 -85.46 -25.91 -29.80
CA ILE M 107 -84.47 -26.97 -29.70
C ILE M 107 -83.08 -26.39 -29.47
N ASN M 108 -82.74 -25.31 -30.16
CA ASN M 108 -81.43 -24.70 -29.91
C ASN M 108 -81.35 -24.09 -28.51
N MET M 109 -82.46 -23.51 -28.03
CA MET M 109 -82.50 -23.04 -26.65
C MET M 109 -82.27 -24.18 -25.66
N LEU M 110 -82.87 -25.34 -25.91
CA LEU M 110 -82.63 -26.50 -25.07
C LEU M 110 -81.19 -26.97 -25.14
N ARG M 111 -80.59 -26.93 -26.33
CA ARG M 111 -79.19 -27.32 -26.48
C ARG M 111 -78.28 -26.42 -25.65
N ILE M 112 -78.60 -25.13 -25.56
CA ILE M 112 -77.77 -24.23 -24.76
C ILE M 112 -77.75 -24.67 -23.29
N VAL M 113 -78.92 -25.01 -22.74
CA VAL M 113 -79.03 -25.32 -21.32
C VAL M 113 -79.02 -26.81 -21.08
N GLU M 114 -78.51 -27.57 -22.04
CA GLU M 114 -78.48 -29.03 -21.94
C GLU M 114 -77.93 -29.57 -20.63
N PRO M 115 -76.79 -29.12 -20.10
CA PRO M 115 -76.30 -29.70 -18.84
C PRO M 115 -77.19 -29.46 -17.64
N TYR M 116 -78.09 -28.47 -17.69
CA TYR M 116 -78.89 -28.09 -16.54
C TYR M 116 -80.28 -28.70 -16.53
N ILE M 117 -80.67 -29.39 -17.61
CA ILE M 117 -82.03 -29.89 -17.75
C ILE M 117 -82.00 -31.35 -18.13
N ALA M 118 -83.11 -32.03 -17.85
CA ALA M 118 -83.44 -33.32 -18.42
C ALA M 118 -84.79 -33.16 -19.11
N TRP M 119 -84.85 -33.52 -20.39
CA TRP M 119 -86.09 -33.31 -21.12
C TRP M 119 -86.37 -34.50 -22.01
N GLY M 120 -87.60 -34.57 -22.47
CA GLY M 120 -88.01 -35.69 -23.29
C GLY M 120 -89.39 -35.48 -23.85
N TYR M 121 -89.99 -36.57 -24.34
CA TYR M 121 -91.27 -36.49 -25.03
C TYR M 121 -92.34 -37.13 -24.16
N PRO M 122 -93.17 -36.34 -23.47
CA PRO M 122 -94.18 -36.93 -22.59
C PRO M 122 -95.26 -37.62 -23.39
N ASN M 123 -95.91 -38.58 -22.75
CA ASN M 123 -97.05 -39.23 -23.37
C ASN M 123 -98.34 -38.72 -22.75
N LEU M 124 -99.46 -39.26 -23.23
CA LEU M 124 -100.76 -38.79 -22.78
C LEU M 124 -100.95 -39.00 -21.29
N LYS M 125 -100.50 -40.15 -20.78
CA LYS M 125 -100.61 -40.39 -19.35
C LYS M 125 -99.79 -39.39 -18.55
N SER M 126 -98.58 -39.08 -19.00
CA SER M 126 -97.76 -38.11 -18.28
C SER M 126 -98.42 -36.74 -18.27
N VAL M 127 -98.98 -36.33 -19.40
CA VAL M 127 -99.67 -35.05 -19.46
C VAL M 127 -100.86 -35.04 -18.51
N ASN M 128 -101.62 -36.12 -18.48
CA ASN M 128 -102.78 -36.19 -17.60
C ASN M 128 -102.37 -36.10 -16.13
N GLU M 129 -101.36 -36.88 -15.73
CA GLU M 129 -100.91 -36.85 -14.35
C GLU M 129 -100.39 -35.48 -13.96
N LEU M 130 -99.61 -34.85 -14.84
CA LEU M 130 -99.04 -33.55 -14.53
C LEU M 130 -100.12 -32.49 -14.38
N ILE M 131 -101.08 -32.45 -15.29
CA ILE M 131 -102.12 -31.42 -15.21
C ILE M 131 -103.05 -31.68 -14.05
N TYR M 132 -103.40 -32.94 -13.79
CA TYR M 132 -104.39 -33.21 -12.75
C TYR M 132 -103.80 -33.13 -11.35
N LYS M 133 -102.59 -33.64 -11.13
CA LYS M 133 -102.06 -33.63 -9.78
C LYS M 133 -101.37 -32.32 -9.42
N ARG M 134 -100.65 -31.71 -10.36
CA ARG M 134 -99.84 -30.54 -10.07
C ARG M 134 -100.19 -29.35 -10.94
N GLY M 135 -101.35 -29.37 -11.58
CA GLY M 135 -101.73 -28.28 -12.45
C GLY M 135 -102.17 -27.04 -11.70
N TYR M 136 -101.45 -25.94 -11.90
CA TYR M 136 -101.81 -24.65 -11.33
C TYR M 136 -101.86 -23.62 -12.44
N GLY M 137 -102.84 -22.73 -12.37
CA GLY M 137 -103.01 -21.68 -13.36
C GLY M 137 -102.42 -20.37 -12.89
N LYS M 138 -102.01 -19.55 -13.84
CA LYS M 138 -101.51 -18.21 -13.55
C LYS M 138 -102.65 -17.23 -13.81
N ILE M 139 -103.52 -17.10 -12.82
CA ILE M 139 -104.70 -16.25 -12.89
C ILE M 139 -104.41 -14.98 -12.10
N ASN M 140 -104.43 -13.85 -12.78
CA ASN M 140 -104.15 -12.55 -12.15
C ASN M 140 -102.79 -12.55 -11.44
N LYS M 141 -101.80 -13.14 -12.10
CA LYS M 141 -100.43 -13.25 -11.60
C LYS M 141 -100.33 -14.07 -10.32
N LYS M 142 -101.35 -14.85 -10.01
CA LYS M 142 -101.38 -15.67 -8.81
C LYS M 142 -101.38 -17.15 -9.19
N ARG M 143 -100.72 -17.96 -8.38
CA ARG M 143 -100.66 -19.41 -8.59
C ARG M 143 -101.91 -20.02 -7.96
N ILE M 144 -102.90 -20.31 -8.79
CA ILE M 144 -104.20 -20.80 -8.33
C ILE M 144 -104.34 -22.25 -8.75
N ALA M 145 -104.70 -23.11 -7.80
CA ALA M 145 -104.91 -24.52 -8.11
C ALA M 145 -106.13 -24.70 -8.99
N LEU M 146 -106.03 -25.63 -9.94
CA LEU M 146 -107.11 -25.88 -10.89
C LEU M 146 -108.11 -26.85 -10.27
N THR M 147 -108.90 -26.32 -9.35
CA THR M 147 -109.92 -27.11 -8.67
C THR M 147 -111.30 -26.99 -9.29
N ASP M 148 -111.46 -26.14 -10.30
CA ASP M 148 -112.74 -25.95 -10.96
C ASP M 148 -112.50 -25.64 -12.42
N ASN M 149 -113.48 -25.98 -13.26
CA ASN M 149 -113.39 -25.66 -14.68
C ASN M 149 -113.63 -24.19 -14.96
N ALA M 150 -114.30 -23.48 -14.05
CA ALA M 150 -114.54 -22.06 -14.25
C ALA M 150 -113.25 -21.26 -14.24
N LEU M 151 -112.25 -21.71 -13.47
CA LEU M 151 -110.96 -21.03 -13.46
C LEU M 151 -110.29 -21.10 -14.82
N ILE M 152 -110.40 -22.24 -15.49
CA ILE M 152 -109.87 -22.35 -16.85
C ILE M 152 -110.71 -21.56 -17.82
N ALA M 153 -112.03 -21.61 -17.67
CA ALA M 153 -112.92 -20.95 -18.63
C ALA M 153 -112.77 -19.44 -18.59
N ARG M 154 -112.59 -18.86 -17.41
CA ARG M 154 -112.53 -17.41 -17.30
C ARG M 154 -111.23 -16.84 -17.84
N SER M 155 -110.19 -17.66 -17.99
CA SER M 155 -108.92 -17.20 -18.51
C SER M 155 -108.65 -17.62 -19.94
N LEU M 156 -109.21 -18.74 -20.38
CA LEU M 156 -108.90 -19.30 -21.69
C LEU M 156 -110.15 -19.57 -22.52
N GLY M 157 -111.33 -19.18 -22.06
CA GLY M 157 -112.53 -19.46 -22.81
C GLY M 157 -112.57 -18.79 -24.16
N LYS M 158 -111.96 -17.61 -24.27
CA LYS M 158 -111.90 -16.91 -25.54
C LYS M 158 -111.14 -17.70 -26.61
N TYR M 159 -110.32 -18.66 -26.20
CA TYR M 159 -109.61 -19.52 -27.13
C TYR M 159 -110.30 -20.87 -27.34
N GLY M 160 -111.49 -21.04 -26.79
CA GLY M 160 -112.20 -22.30 -26.90
C GLY M 160 -111.84 -23.34 -25.86
N ILE M 161 -110.92 -23.02 -24.95
CA ILE M 161 -110.53 -23.94 -23.89
C ILE M 161 -111.34 -23.62 -22.65
N ILE M 162 -112.14 -24.58 -22.19
CA ILE M 162 -113.08 -24.36 -21.10
C ILE M 162 -113.05 -25.43 -20.03
N CYS M 163 -112.12 -26.39 -20.10
CA CYS M 163 -112.09 -27.45 -19.10
C CYS M 163 -110.70 -28.06 -19.05
N MET M 164 -110.47 -28.86 -18.00
CA MET M 164 -109.23 -29.59 -17.86
C MET M 164 -108.94 -30.44 -19.09
N GLU M 165 -109.97 -31.07 -19.65
CA GLU M 165 -109.79 -31.88 -20.85
C GLU M 165 -109.34 -31.04 -22.03
N ASP M 166 -109.92 -29.85 -22.20
CA ASP M 166 -109.49 -28.97 -23.29
C ASP M 166 -108.05 -28.53 -23.09
N LEU M 167 -107.67 -28.22 -21.86
CA LEU M 167 -106.29 -27.84 -21.58
C LEU M 167 -105.33 -28.98 -21.89
N ILE M 168 -105.68 -30.20 -21.47
CA ILE M 168 -104.85 -31.36 -21.73
C ILE M 168 -104.76 -31.63 -23.22
N HIS M 169 -105.86 -31.47 -23.95
CA HIS M 169 -105.85 -31.69 -25.39
C HIS M 169 -104.94 -30.67 -26.08
N GLU M 170 -105.05 -29.40 -25.71
CA GLU M 170 -104.24 -28.39 -26.35
C GLU M 170 -102.76 -28.56 -26.01
N ILE M 171 -102.45 -29.05 -24.81
CA ILE M 171 -101.07 -29.30 -24.47
C ILE M 171 -100.54 -30.51 -25.24
N TYR M 172 -101.30 -31.60 -25.26
CA TYR M 172 -100.82 -32.83 -25.87
C TYR M 172 -100.71 -32.69 -27.38
N THR M 173 -101.83 -32.47 -28.05
CA THR M 173 -101.78 -32.12 -29.47
C THR M 173 -101.51 -30.63 -29.55
N VAL M 174 -100.32 -30.26 -29.98
CA VAL M 174 -99.90 -28.87 -29.87
C VAL M 174 -100.75 -28.04 -30.81
N GLY M 175 -101.74 -27.34 -30.24
CA GLY M 175 -102.77 -26.70 -31.02
C GLY M 175 -102.40 -25.29 -31.43
N LYS M 176 -103.41 -24.59 -31.94
CA LYS M 176 -103.20 -23.20 -32.35
C LYS M 176 -102.90 -22.31 -31.15
N ARG M 177 -103.59 -22.53 -30.04
CA ARG M 177 -103.43 -21.69 -28.84
C ARG M 177 -102.54 -22.36 -27.80
N PHE M 178 -101.53 -23.09 -28.25
CA PHE M 178 -100.63 -23.76 -27.31
C PHE M 178 -99.89 -22.76 -26.46
N LYS M 179 -99.45 -21.64 -27.05
CA LYS M 179 -98.70 -20.67 -26.27
C LYS M 179 -99.53 -20.11 -25.13
N GLU M 180 -100.78 -19.76 -25.40
CA GLU M 180 -101.65 -19.22 -24.36
C GLU M 180 -101.97 -20.29 -23.31
N ALA M 181 -102.29 -21.51 -23.76
CA ALA M 181 -102.63 -22.56 -22.82
C ALA M 181 -101.44 -22.93 -21.95
N ASN M 182 -100.24 -22.94 -22.51
CA ASN M 182 -99.05 -23.31 -21.76
C ASN M 182 -98.64 -22.20 -20.80
N ASN M 183 -98.69 -20.94 -21.24
CA ASN M 183 -98.33 -19.86 -20.35
C ASN M 183 -99.37 -19.64 -19.27
N PHE M 184 -100.61 -20.09 -19.49
CA PHE M 184 -101.59 -20.07 -18.42
C PHE M 184 -101.16 -20.96 -17.26
N LEU M 185 -100.56 -22.10 -17.57
CA LEU M 185 -100.13 -23.02 -16.53
C LEU M 185 -98.90 -22.48 -15.81
N TRP M 186 -98.97 -22.44 -14.49
CA TRP M 186 -97.78 -22.18 -13.70
C TRP M 186 -96.78 -23.33 -13.90
N PRO M 187 -95.48 -23.04 -13.93
CA PRO M 187 -94.50 -24.12 -14.08
C PRO M 187 -94.63 -25.14 -12.96
N PHE M 188 -94.55 -26.41 -13.34
CA PHE M 188 -94.85 -27.49 -12.40
C PHE M 188 -93.74 -27.61 -11.38
N LYS M 189 -94.10 -27.64 -10.11
CA LYS M 189 -93.13 -27.72 -9.02
C LYS M 189 -93.10 -29.17 -8.57
N LEU M 190 -92.17 -29.95 -9.12
CA LEU M 190 -92.15 -31.38 -8.89
C LEU M 190 -91.24 -31.73 -7.72
N SER M 191 -91.51 -32.88 -7.11
CA SER M 191 -90.73 -33.32 -5.97
C SER M 191 -89.39 -33.90 -6.43
N SER M 192 -88.57 -34.32 -5.47
CA SER M 192 -87.35 -35.00 -5.82
C SER M 192 -87.67 -36.36 -6.44
N PRO M 193 -86.86 -36.83 -7.37
CA PRO M 193 -87.15 -38.13 -7.98
C PRO M 193 -87.01 -39.27 -6.99
N ARG M 194 -88.12 -39.94 -6.69
CA ARG M 194 -88.10 -41.06 -5.76
C ARG M 194 -87.31 -42.20 -6.37
N GLY M 195 -86.37 -42.75 -5.60
CA GLY M 195 -85.44 -43.71 -6.13
C GLY M 195 -84.13 -43.12 -6.59
N GLY M 196 -83.98 -41.81 -6.53
CA GLY M 196 -82.72 -41.16 -6.84
C GLY M 196 -82.48 -41.03 -8.33
N MET M 197 -81.50 -40.19 -8.66
CA MET M 197 -81.02 -40.05 -10.03
C MET M 197 -79.81 -40.93 -10.25
N LYS M 198 -79.41 -41.04 -11.51
CA LYS M 198 -78.18 -41.74 -11.83
C LYS M 198 -76.96 -40.86 -11.59
N LYS M 199 -76.88 -39.74 -12.31
CA LYS M 199 -75.78 -38.80 -12.15
C LYS M 199 -76.25 -37.49 -12.77
N LYS M 200 -76.49 -36.47 -11.94
CA LYS M 200 -77.05 -35.24 -12.49
C LYS M 200 -76.01 -34.44 -13.27
N THR M 201 -74.74 -34.80 -13.18
CA THR M 201 -73.68 -33.96 -13.74
C THR M 201 -73.26 -34.38 -15.13
N THR M 202 -73.76 -35.50 -15.66
CA THR M 202 -73.39 -35.96 -17.00
C THR M 202 -74.65 -36.17 -17.82
N HIS M 203 -74.44 -36.43 -19.11
CA HIS M 203 -75.54 -36.63 -20.03
C HIS M 203 -76.18 -38.00 -19.85
N PHE M 204 -77.43 -38.11 -20.28
CA PHE M 204 -78.17 -39.36 -20.15
C PHE M 204 -77.50 -40.49 -20.94
N VAL M 205 -76.98 -40.18 -22.12
CA VAL M 205 -76.38 -41.23 -22.95
C VAL M 205 -75.10 -41.77 -22.35
N GLU M 206 -74.45 -41.02 -21.46
CA GLU M 206 -73.23 -41.49 -20.80
C GLU M 206 -73.48 -41.88 -19.36
N GLY M 207 -74.68 -42.36 -19.06
CA GLY M 207 -75.00 -42.89 -17.75
C GLY M 207 -75.57 -41.92 -16.75
N GLY M 208 -75.70 -40.65 -17.11
CA GLY M 208 -76.18 -39.64 -16.20
C GLY M 208 -77.65 -39.34 -16.37
N ASP M 209 -78.01 -38.08 -16.13
CA ASP M 209 -79.41 -37.66 -16.20
C ASP M 209 -79.67 -36.44 -17.06
N ALA M 210 -78.65 -35.65 -17.39
CA ALA M 210 -78.87 -34.42 -18.14
C ALA M 210 -79.19 -34.73 -19.60
N GLY M 211 -79.67 -33.71 -20.30
CA GLY M 211 -79.88 -33.82 -21.72
C GLY M 211 -81.17 -34.52 -22.09
N ASN M 212 -81.26 -34.85 -23.38
CA ASN M 212 -82.47 -35.42 -23.96
C ASN M 212 -82.46 -36.94 -23.84
N ARG M 213 -83.29 -37.46 -22.95
CA ARG M 213 -83.73 -38.84 -23.03
C ARG M 213 -85.03 -38.84 -23.82
N GLU M 214 -85.13 -39.74 -24.80
CA GLU M 214 -86.19 -39.60 -25.79
C GLU M 214 -87.55 -39.71 -25.14
N ASP M 215 -87.90 -40.90 -24.63
CA ASP M 215 -89.20 -41.12 -24.03
C ASP M 215 -89.09 -41.69 -22.62
N GLN M 216 -87.89 -41.74 -22.06
CA GLN M 216 -87.71 -42.12 -20.67
C GLN M 216 -88.06 -40.98 -19.72
N ILE M 217 -88.39 -39.81 -20.27
CA ILE M 217 -88.91 -38.72 -19.46
C ILE M 217 -90.20 -39.13 -18.76
N ASN M 218 -90.93 -40.11 -19.29
CA ASN M 218 -92.13 -40.58 -18.61
C ASN M 218 -91.77 -41.37 -17.37
N ARG M 219 -90.77 -42.24 -17.45
CA ARG M 219 -90.25 -42.91 -16.26
C ARG M 219 -89.77 -41.91 -15.25
N LEU M 220 -89.11 -40.85 -15.71
CA LEU M 220 -88.67 -39.80 -14.78
C LEU M 220 -89.86 -39.11 -14.13
N ILE M 221 -90.90 -38.80 -14.90
CA ILE M 221 -92.04 -38.06 -14.39
C ILE M 221 -92.80 -38.85 -13.33
N ARG M 222 -93.00 -40.15 -13.57
CA ARG M 222 -93.73 -40.98 -12.61
C ARG M 222 -93.09 -40.91 -11.24
N ARG M 223 -91.76 -41.02 -11.17
CA ARG M 223 -91.06 -40.89 -9.90
C ARG M 223 -90.99 -39.45 -9.42
N MET M 224 -91.01 -38.49 -10.33
CA MET M 224 -90.79 -37.09 -10.00
C MET M 224 -92.01 -36.44 -9.35
N ASN M 225 -93.21 -36.79 -9.77
CA ASN M 225 -94.40 -36.29 -9.09
C ASN M 225 -95.25 -37.40 -8.48
N LYS N 1 15.57 103.38 62.36
CA LYS N 1 16.67 103.53 63.30
C LYS N 1 16.48 102.65 64.53
N VAL N 2 15.24 102.60 65.03
CA VAL N 2 14.90 101.76 66.17
C VAL N 2 14.37 100.40 65.71
N VAL N 3 14.46 100.11 64.41
CA VAL N 3 13.90 98.89 63.86
C VAL N 3 14.61 97.67 64.44
N ASN N 4 13.83 96.66 64.78
CA ASN N 4 14.35 95.43 65.34
C ASN N 4 15.23 94.72 64.32
N PRO N 5 16.49 94.40 64.63
CA PRO N 5 17.33 93.67 63.68
C PRO N 5 16.81 92.28 63.36
N LEU N 6 15.93 91.71 64.18
CA LEU N 6 15.39 90.39 63.91
C LEU N 6 14.48 90.38 62.69
N PHE N 7 13.95 91.53 62.29
CA PHE N 7 13.08 91.60 61.13
C PHE N 7 13.90 91.51 59.85
N GLU N 8 13.39 90.78 58.86
CA GLU N 8 14.11 90.62 57.61
C GLU N 8 13.13 90.29 56.50
N LYS N 9 13.62 90.44 55.27
CA LYS N 9 12.88 89.99 54.10
C LYS N 9 13.02 88.49 53.96
N ARG N 10 11.93 87.83 53.61
CA ARG N 10 11.92 86.40 53.33
C ARG N 10 11.26 86.16 51.99
N PRO N 11 11.89 86.58 50.91
CA PRO N 11 11.23 86.48 49.60
C PRO N 11 11.24 85.05 49.08
N LYS N 12 10.11 84.63 48.52
CA LYS N 12 9.98 83.32 47.92
C LYS N 12 9.91 83.49 46.41
N ASN N 13 10.73 82.73 45.69
CA ASN N 13 10.76 82.77 44.24
C ASN N 13 9.88 81.67 43.67
N PHE N 14 8.99 82.03 42.77
CA PHE N 14 7.99 81.11 42.24
C PHE N 14 8.39 80.54 40.88
N GLY N 15 9.67 80.31 40.67
CA GLY N 15 10.11 79.63 39.48
C GLY N 15 9.65 78.19 39.47
N ILE N 16 9.80 77.55 38.32
CA ILE N 16 9.41 76.16 38.19
C ILE N 16 10.27 75.30 39.09
N GLY N 17 9.63 74.43 39.86
CA GLY N 17 10.33 73.54 40.77
C GLY N 17 10.68 74.14 42.10
N GLN N 18 10.57 75.44 42.26
CA GLN N 18 10.86 76.14 43.50
C GLN N 18 9.58 76.27 44.32
N ASP N 19 9.58 77.18 45.31
CA ASP N 19 8.45 77.39 46.21
C ASP N 19 7.10 77.37 45.50
N ILE N 20 6.11 76.76 46.14
CA ILE N 20 4.87 76.45 45.44
C ILE N 20 4.12 77.74 45.12
N GLN N 21 3.33 77.70 44.06
CA GLN N 21 2.78 78.90 43.46
C GLN N 21 1.76 79.55 44.40
N PRO N 22 1.65 80.88 44.35
CA PRO N 22 0.65 81.56 45.17
C PRO N 22 -0.74 81.36 44.62
N LYS N 23 -1.73 81.57 45.50
CA LYS N 23 -3.12 81.45 45.10
C LYS N 23 -3.49 82.65 44.22
N ARG N 24 -3.40 82.48 42.91
CA ARG N 24 -3.64 83.57 41.97
C ARG N 24 -5.00 83.41 41.30
N ASP N 25 -5.37 84.42 40.53
CA ASP N 25 -6.67 84.46 39.87
C ASP N 25 -6.73 83.43 38.75
N LEU N 26 -7.66 82.48 38.86
CA LEU N 26 -7.81 81.43 37.87
C LEU N 26 -9.13 81.54 37.13
N THR N 27 -9.75 82.72 37.11
CA THR N 27 -11.08 82.86 36.51
C THR N 27 -11.10 82.46 35.05
N ARG N 28 -10.00 82.65 34.33
CA ARG N 28 -9.98 82.23 32.94
C ARG N 28 -9.98 80.71 32.79
N PHE N 29 -9.59 79.98 33.83
CA PHE N 29 -9.36 78.55 33.72
C PHE N 29 -10.30 77.77 34.62
N VAL N 30 -11.46 78.32 34.92
CA VAL N 30 -12.40 77.69 35.84
C VAL N 30 -13.28 76.74 35.06
N LYS N 31 -13.49 75.55 35.61
CA LYS N 31 -14.51 74.63 35.08
C LYS N 31 -15.87 75.21 35.41
N TRP N 32 -16.49 75.83 34.44
CA TRP N 32 -17.73 76.55 34.70
C TRP N 32 -18.93 75.61 34.62
N PRO N 33 -20.04 75.98 35.25
CA PRO N 33 -21.28 75.23 35.05
C PRO N 33 -21.74 75.28 33.62
N ARG N 34 -22.54 74.28 33.25
CA ARG N 34 -22.94 74.12 31.86
C ARG N 34 -23.77 75.30 31.36
N TYR N 35 -24.59 75.90 32.21
CA TYR N 35 -25.38 77.04 31.75
C TYR N 35 -24.53 78.28 31.50
N ILE N 36 -23.53 78.50 32.35
CA ILE N 36 -22.60 79.60 32.10
C ILE N 36 -21.81 79.38 30.83
N ARG N 37 -21.32 78.15 30.63
CA ARG N 37 -20.61 77.84 29.39
C ARG N 37 -21.51 78.03 28.18
N LEU N 38 -22.77 77.61 28.30
CA LEU N 38 -23.70 77.72 27.19
C LEU N 38 -23.98 79.17 26.82
N GLN N 39 -24.22 80.02 27.80
CA GLN N 39 -24.49 81.41 27.48
C GLN N 39 -23.26 82.12 26.93
N ARG N 40 -22.07 81.83 27.46
CA ARG N 40 -20.87 82.44 26.93
C ARG N 40 -20.56 81.96 25.51
N GLN N 41 -20.77 80.67 25.23
CA GLN N 41 -20.55 80.17 23.89
C GLN N 41 -21.60 80.70 22.91
N ARG N 42 -22.83 80.95 23.38
CA ARG N 42 -23.80 81.60 22.50
C ARG N 42 -23.36 83.00 22.15
N ALA N 43 -22.84 83.74 23.13
CA ALA N 43 -22.33 85.07 22.85
C ALA N 43 -21.19 85.02 21.84
N ILE N 44 -20.32 84.02 21.95
CA ILE N 44 -19.21 83.89 21.01
C ILE N 44 -19.71 83.51 19.63
N LEU N 45 -20.72 82.64 19.55
CA LEU N 45 -21.29 82.24 18.27
C LEU N 45 -21.92 83.41 17.55
N TYR N 46 -22.56 84.31 18.28
CA TYR N 46 -23.15 85.48 17.63
C TYR N 46 -22.11 86.42 17.03
N LYS N 47 -20.84 86.24 17.35
CA LYS N 47 -19.76 86.94 16.67
C LYS N 47 -19.05 86.08 15.63
N ARG N 48 -19.05 84.76 15.80
CA ARG N 48 -18.48 83.89 14.77
C ARG N 48 -19.31 83.92 13.50
N LEU N 49 -20.62 83.71 13.63
CA LEU N 49 -21.45 83.50 12.47
C LEU N 49 -21.74 84.81 11.75
N LYS N 50 -22.23 84.69 10.53
CA LYS N 50 -22.70 85.85 9.76
C LYS N 50 -24.11 86.15 10.20
N VAL N 51 -24.29 87.23 10.94
CA VAL N 51 -25.62 87.62 11.42
C VAL N 51 -26.32 88.37 10.29
N PRO N 52 -27.51 87.93 9.88
CA PRO N 52 -28.21 88.64 8.82
C PRO N 52 -28.58 90.03 9.26
N PRO N 53 -28.72 90.97 8.32
CA PRO N 53 -28.97 92.37 8.70
C PRO N 53 -30.22 92.58 9.53
N ALA N 54 -31.27 91.78 9.31
CA ALA N 54 -32.51 91.94 10.08
C ALA N 54 -32.28 91.68 11.55
N ILE N 55 -31.35 90.80 11.90
CA ILE N 55 -31.02 90.57 13.30
C ILE N 55 -29.89 91.50 13.76
N ASN N 56 -28.99 91.85 12.86
CA ASN N 56 -27.84 92.68 13.22
C ASN N 56 -28.22 94.12 13.46
N GLN N 57 -29.33 94.59 12.90
CA GLN N 57 -29.73 95.98 13.08
C GLN N 57 -30.00 96.33 14.54
N PHE N 58 -30.28 95.35 15.38
CA PHE N 58 -30.53 95.62 16.78
C PHE N 58 -29.27 95.82 17.59
N THR N 59 -28.09 95.54 17.01
CA THR N 59 -26.86 95.90 17.69
C THR N 59 -26.62 97.39 17.66
N GLN N 60 -27.08 98.07 16.61
CA GLN N 60 -27.07 99.51 16.56
C GLN N 60 -28.16 100.05 17.47
N ALA N 61 -27.77 100.43 18.68
CA ALA N 61 -28.71 101.03 19.62
C ALA N 61 -28.41 102.52 19.76
N LEU N 62 -29.31 103.21 20.44
CA LEU N 62 -29.11 104.63 20.71
C LEU N 62 -27.90 104.82 21.61
N ASP N 63 -27.16 105.90 21.38
CA ASP N 63 -26.08 106.25 22.28
C ASP N 63 -26.64 106.66 23.63
N ARG N 64 -25.78 106.65 24.65
CA ARG N 64 -26.24 106.83 26.02
C ARG N 64 -26.89 108.20 26.23
N GLN N 65 -26.33 109.24 25.63
CA GLN N 65 -26.89 110.57 25.80
C GLN N 65 -28.29 110.66 25.20
N THR N 66 -28.45 110.20 23.96
CA THR N 66 -29.75 110.24 23.30
C THR N 66 -30.76 109.36 24.02
N ALA N 67 -30.34 108.18 24.48
CA ALA N 67 -31.20 107.34 25.29
C ALA N 67 -31.60 108.02 26.59
N THR N 68 -30.70 108.78 27.20
CA THR N 68 -31.04 109.49 28.42
C THR N 68 -32.10 110.54 28.16
N GLN N 69 -31.95 111.35 27.11
CA GLN N 69 -33.00 112.31 26.80
C GLN N 69 -34.32 111.63 26.46
N LEU N 70 -34.26 110.53 25.71
CA LEU N 70 -35.49 109.85 25.33
C LEU N 70 -36.22 109.29 26.54
N LEU N 71 -35.49 108.65 27.46
CA LEU N 71 -36.14 108.10 28.64
C LEU N 71 -36.59 109.20 29.59
N LYS N 72 -35.86 110.31 29.65
CA LYS N 72 -36.28 111.43 30.49
C LYS N 72 -37.58 112.03 29.95
N LEU N 73 -37.73 112.10 28.63
CA LEU N 73 -39.01 112.52 28.06
C LEU N 73 -40.11 111.49 28.35
N ALA N 74 -39.81 110.21 28.15
CA ALA N 74 -40.81 109.18 28.32
C ALA N 74 -41.25 109.00 29.77
N HIS N 75 -40.45 109.46 30.72
CA HIS N 75 -40.84 109.37 32.12
C HIS N 75 -42.04 110.25 32.46
N LYS N 76 -42.30 111.28 31.65
CA LYS N 76 -43.47 112.12 31.87
C LYS N 76 -44.75 111.47 31.38
N TYR N 77 -44.67 110.37 30.64
CA TYR N 77 -45.83 109.75 30.03
C TYR N 77 -45.94 108.28 30.41
N ARG N 78 -45.40 107.92 31.56
CA ARG N 78 -45.53 106.56 32.04
C ARG N 78 -47.00 106.23 32.30
N PRO N 79 -47.43 105.00 32.05
CA PRO N 79 -48.82 104.64 32.34
C PRO N 79 -49.10 104.72 33.83
N GLU N 80 -50.35 105.02 34.15
CA GLU N 80 -50.75 105.15 35.55
C GLU N 80 -50.76 103.80 36.24
N THR N 81 -50.27 103.77 37.47
CA THR N 81 -50.14 102.55 38.23
C THR N 81 -51.51 102.14 38.78
N LYS N 82 -51.54 100.97 39.43
CA LYS N 82 -52.81 100.46 39.96
C LYS N 82 -53.35 101.37 41.06
N GLN N 83 -52.48 101.85 41.95
CA GLN N 83 -52.95 102.65 43.08
C GLN N 83 -53.49 103.99 42.61
N GLU N 84 -52.76 104.68 41.73
CA GLU N 84 -53.27 105.96 41.26
C GLU N 84 -54.42 105.81 40.29
N LYS N 85 -54.55 104.67 39.59
CA LYS N 85 -55.78 104.41 38.87
C LYS N 85 -56.96 104.26 39.83
N LYS N 86 -56.74 103.58 40.96
CA LYS N 86 -57.79 103.51 41.97
C LYS N 86 -58.16 104.89 42.48
N GLN N 87 -57.15 105.74 42.72
CA GLN N 87 -57.41 107.10 43.19
C GLN N 87 -58.22 107.89 42.17
N ARG N 88 -57.86 107.80 40.89
CA ARG N 88 -58.60 108.52 39.87
C ARG N 88 -60.02 107.99 39.73
N LEU N 89 -60.20 106.67 39.82
CA LEU N 89 -61.54 106.09 39.74
C LEU N 89 -62.40 106.52 40.92
N LEU N 90 -61.83 106.55 42.11
CA LEU N 90 -62.57 107.03 43.28
C LEU N 90 -62.92 108.50 43.16
N ALA N 91 -61.99 109.30 42.62
CA ALA N 91 -62.27 110.72 42.42
C ALA N 91 -63.41 110.91 41.41
N ARG N 92 -63.41 110.13 40.33
CA ARG N 92 -64.51 110.20 39.38
C ARG N 92 -65.83 109.76 40.01
N ALA N 93 -65.81 108.72 40.84
CA ALA N 93 -67.03 108.27 41.49
C ALA N 93 -67.58 109.35 42.41
N GLU N 94 -66.71 109.98 43.20
CA GLU N 94 -67.14 111.07 44.08
C GLU N 94 -67.69 112.24 43.26
N LYS N 95 -67.00 112.61 42.18
CA LYS N 95 -67.41 113.75 41.37
C LYS N 95 -68.75 113.50 40.69
N LYS N 96 -68.98 112.27 40.22
CA LYS N 96 -70.24 111.97 39.55
C LYS N 96 -71.38 111.86 40.56
N ALA N 97 -71.10 111.32 41.74
CA ALA N 97 -72.11 111.29 42.79
C ALA N 97 -72.51 112.71 43.21
N ALA N 98 -71.54 113.60 43.31
CA ALA N 98 -71.81 115.00 43.60
C ALA N 98 -70.65 115.82 43.07
N GLY N 99 -70.89 116.58 42.00
CA GLY N 99 -72.15 116.65 41.28
C GLY N 99 -71.99 116.92 39.80
N LYS N 100 -70.75 116.88 39.32
CA LYS N 100 -70.46 117.36 37.96
C LYS N 100 -71.06 116.44 36.90
N GLY N 101 -70.88 115.13 37.04
CA GLY N 101 -71.43 114.20 36.07
C GLY N 101 -70.40 113.33 35.39
N ASP N 102 -70.49 113.21 34.06
CA ASP N 102 -69.56 112.38 33.31
C ASP N 102 -68.14 112.92 33.43
N VAL N 103 -67.90 114.12 32.91
CA VAL N 103 -66.63 114.84 33.02
C VAL N 103 -65.47 113.98 32.51
N PRO N 104 -65.33 113.79 31.20
CA PRO N 104 -64.14 113.07 30.69
C PRO N 104 -62.83 113.74 31.08
N THR N 105 -62.80 115.07 31.08
CA THR N 105 -61.66 115.86 31.58
C THR N 105 -60.36 115.53 30.87
N LYS N 106 -60.44 115.26 29.56
CA LYS N 106 -59.28 115.18 28.68
C LYS N 106 -58.28 114.12 29.16
N ARG N 107 -58.69 112.85 29.01
CA ARG N 107 -57.84 111.69 29.24
C ARG N 107 -56.44 111.94 28.67
N PRO N 108 -55.42 111.98 29.53
CA PRO N 108 -54.15 112.56 29.10
C PRO N 108 -53.41 111.64 28.14
N PRO N 109 -52.52 112.19 27.32
CA PRO N 109 -51.68 111.33 26.46
C PRO N 109 -50.79 110.46 27.31
N VAL N 110 -50.60 109.21 26.86
CA VAL N 110 -49.88 108.21 27.62
C VAL N 110 -49.06 107.37 26.65
N LEU N 111 -47.96 106.84 27.15
CA LEU N 111 -47.07 106.02 26.35
C LEU N 111 -47.70 104.65 26.13
N ARG N 112 -47.92 104.28 24.88
CA ARG N 112 -48.50 102.98 24.56
C ARG N 112 -47.42 101.91 24.51
N ALA N 113 -47.73 100.75 25.05
CA ALA N 113 -46.73 99.69 25.23
C ALA N 113 -47.28 98.37 24.71
N GLY N 114 -46.35 97.48 24.38
CA GLY N 114 -46.71 96.18 23.87
C GLY N 114 -46.49 96.07 22.38
N VAL N 115 -45.96 94.95 21.91
CA VAL N 115 -45.59 94.84 20.51
C VAL N 115 -46.82 94.85 19.62
N ASN N 116 -47.92 94.22 20.06
CA ASN N 116 -49.13 94.19 19.25
C ASN N 116 -49.77 95.57 19.16
N THR N 117 -49.86 96.28 20.29
CA THR N 117 -50.40 97.63 20.30
C THR N 117 -49.56 98.56 19.42
N VAL N 118 -48.23 98.49 19.56
CA VAL N 118 -47.35 99.33 18.78
C VAL N 118 -47.46 99.01 17.29
N THR N 119 -47.57 97.72 16.95
CA THR N 119 -47.71 97.34 15.55
C THR N 119 -49.00 97.88 14.95
N THR N 120 -50.09 97.79 15.69
CA THR N 120 -51.36 98.36 15.20
C THR N 120 -51.26 99.86 15.04
N LEU N 121 -50.62 100.55 15.98
CA LEU N 121 -50.46 102.00 15.86
C LEU N 121 -49.61 102.37 14.65
N VAL N 122 -48.55 101.62 14.40
CA VAL N 122 -47.71 101.90 13.24
C VAL N 122 -48.49 101.66 11.95
N GLU N 123 -49.23 100.56 11.88
CA GLU N 123 -50.02 100.27 10.69
C GLU N 123 -51.10 101.32 10.46
N ASN N 124 -51.64 101.91 11.53
CA ASN N 124 -52.60 102.99 11.40
C ASN N 124 -51.95 104.36 11.30
N LYS N 125 -50.62 104.44 11.34
CA LYS N 125 -49.88 105.70 11.25
C LYS N 125 -50.30 106.67 12.34
N LYS N 126 -50.58 106.13 13.53
CA LYS N 126 -50.95 106.94 14.68
C LYS N 126 -49.79 107.24 15.61
N ALA N 127 -48.76 106.39 15.61
CA ALA N 127 -47.62 106.60 16.49
C ALA N 127 -46.69 107.66 15.93
N GLN N 128 -46.18 108.52 16.80
CA GLN N 128 -45.22 109.53 16.41
C GLN N 128 -43.77 109.06 16.54
N LEU N 129 -43.53 108.11 17.44
CA LEU N 129 -42.17 107.60 17.63
C LEU N 129 -42.26 106.18 18.18
N VAL N 130 -41.40 105.29 17.70
CA VAL N 130 -41.38 103.91 18.16
C VAL N 130 -40.02 103.64 18.79
N VAL N 131 -40.02 103.03 19.97
CA VAL N 131 -38.79 102.68 20.68
C VAL N 131 -38.79 101.16 20.86
N ILE N 132 -37.77 100.50 20.33
CA ILE N 132 -37.67 99.05 20.31
C ILE N 132 -36.47 98.63 21.15
N ALA N 133 -36.68 97.71 22.09
CA ALA N 133 -35.59 97.15 22.86
C ALA N 133 -34.68 96.32 21.95
N HIS N 134 -33.39 96.31 22.27
CA HIS N 134 -32.43 95.60 21.44
C HIS N 134 -32.24 94.13 21.84
N ASP N 135 -32.83 93.66 22.93
CA ASP N 135 -32.49 92.35 23.46
C ASP N 135 -33.73 91.49 23.69
N VAL N 136 -34.64 91.47 22.72
CA VAL N 136 -35.80 90.58 22.80
C VAL N 136 -35.32 89.18 22.45
N ASP N 137 -35.28 88.29 23.45
CA ASP N 137 -34.58 87.01 23.26
C ASP N 137 -35.25 86.11 22.22
N PRO N 138 -36.57 85.90 22.22
CA PRO N 138 -37.19 85.33 21.02
C PRO N 138 -37.27 86.37 19.93
N ILE N 139 -36.20 86.53 19.15
CA ILE N 139 -36.08 87.69 18.25
C ILE N 139 -36.83 87.32 16.97
N GLU N 140 -38.16 87.36 17.09
CA GLU N 140 -39.07 87.44 15.97
C GLU N 140 -40.21 88.40 16.22
N LEU N 141 -40.43 88.79 17.48
CA LEU N 141 -41.48 89.72 17.82
C LEU N 141 -41.22 91.11 17.27
N VAL N 142 -39.96 91.47 17.03
CA VAL N 142 -39.61 92.83 16.66
C VAL N 142 -38.70 92.92 15.45
N VAL N 143 -38.38 91.80 14.79
CA VAL N 143 -37.50 91.90 13.62
C VAL N 143 -38.17 92.64 12.48
N PHE N 144 -39.48 92.49 12.32
CA PHE N 144 -40.19 93.19 11.26
C PHE N 144 -40.45 94.65 11.60
N LEU N 145 -40.34 95.03 12.87
CA LEU N 145 -40.71 96.37 13.29
C LEU N 145 -39.88 97.49 12.65
N PRO N 146 -38.55 97.38 12.54
CA PRO N 146 -37.84 98.45 11.81
C PRO N 146 -38.31 98.65 10.39
N ALA N 147 -38.47 97.55 9.64
CA ALA N 147 -38.91 97.66 8.26
C ALA N 147 -40.33 98.19 8.16
N LEU N 148 -41.22 97.70 9.02
CA LEU N 148 -42.60 98.17 9.02
C LEU N 148 -42.69 99.64 9.37
N CYS N 149 -41.94 100.07 10.38
CA CYS N 149 -41.94 101.47 10.77
C CYS N 149 -41.38 102.35 9.66
N ARG N 150 -40.32 101.90 9.00
CA ARG N 150 -39.76 102.69 7.91
C ARG N 150 -40.73 102.80 6.75
N LYS N 151 -41.40 101.70 6.40
CA LYS N 151 -42.36 101.74 5.31
C LYS N 151 -43.53 102.64 5.63
N MET N 152 -44.05 102.56 6.85
CA MET N 152 -45.17 103.41 7.21
C MET N 152 -44.75 104.85 7.49
N GLY N 153 -43.45 105.11 7.62
CA GLY N 153 -42.97 106.46 7.76
C GLY N 153 -42.84 106.98 9.18
N VAL N 154 -43.03 106.14 10.19
CA VAL N 154 -42.90 106.57 11.57
C VAL N 154 -41.45 106.43 12.01
N PRO N 155 -40.88 107.42 12.67
CA PRO N 155 -39.50 107.28 13.16
C PRO N 155 -39.41 106.24 14.26
N TYR N 156 -38.35 105.43 14.20
CA TYR N 156 -38.12 104.39 15.17
C TYR N 156 -36.67 104.41 15.60
N CYS N 157 -36.45 104.08 16.87
CA CYS N 157 -35.11 103.95 17.42
C CYS N 157 -35.02 102.64 18.17
N ILE N 158 -33.78 102.16 18.34
CA ILE N 158 -33.50 100.96 19.09
C ILE N 158 -32.71 101.36 20.34
N ILE N 159 -33.17 100.90 21.49
CA ILE N 159 -32.61 101.29 22.77
C ILE N 159 -32.10 100.06 23.51
N LYS N 160 -31.10 100.28 24.35
CA LYS N 160 -30.48 99.20 25.10
C LYS N 160 -31.36 98.81 26.28
N GLY N 161 -31.81 97.56 26.29
CA GLY N 161 -32.47 97.02 27.47
C GLY N 161 -33.98 97.03 27.44
N LYS N 162 -34.58 95.85 27.37
CA LYS N 162 -36.02 95.72 27.58
C LYS N 162 -36.39 95.96 29.04
N ALA N 163 -35.44 95.80 29.96
CA ALA N 163 -35.72 96.06 31.37
C ALA N 163 -36.02 97.54 31.60
N ARG N 164 -35.37 98.43 30.85
CA ARG N 164 -35.65 99.86 31.01
C ARG N 164 -37.06 100.19 30.55
N LEU N 165 -37.49 99.61 29.43
CA LEU N 165 -38.86 99.81 28.98
C LEU N 165 -39.86 99.23 29.97
N GLY N 166 -39.53 98.06 30.53
CA GLY N 166 -40.37 97.50 31.58
C GLY N 166 -40.48 98.41 32.79
N ARG N 167 -39.37 99.01 33.20
CA ARG N 167 -39.41 99.97 34.30
C ARG N 167 -40.22 101.19 33.94
N LEU N 168 -40.21 101.57 32.67
CA LEU N 168 -41.09 102.64 32.21
C LEU N 168 -42.56 102.27 32.38
N VAL N 169 -42.92 101.03 32.08
CA VAL N 169 -44.32 100.62 32.09
C VAL N 169 -44.67 99.83 33.35
N HIS N 170 -43.86 99.96 34.40
CA HIS N 170 -44.11 99.31 35.70
C HIS N 170 -44.24 97.81 35.57
N ARG N 171 -43.42 97.21 34.72
CA ARG N 171 -43.40 95.77 34.54
C ARG N 171 -41.95 95.31 34.50
N LYS N 172 -41.76 94.00 34.30
CA LYS N 172 -40.40 93.48 34.23
C LYS N 172 -39.76 93.78 32.89
N THR N 173 -40.54 93.74 31.82
CA THR N 173 -40.01 93.77 30.46
C THR N 173 -41.06 94.35 29.52
N CYS N 174 -40.61 95.14 28.55
CA CYS N 174 -41.44 95.59 27.45
C CYS N 174 -40.62 95.58 26.18
N THR N 175 -41.15 94.96 25.13
CA THR N 175 -40.42 94.91 23.86
C THR N 175 -40.33 96.30 23.23
N THR N 176 -41.47 96.98 23.12
CA THR N 176 -41.53 98.27 22.44
C THR N 176 -42.46 99.20 23.18
N VAL N 177 -42.21 100.50 23.02
CA VAL N 177 -43.14 101.53 23.47
C VAL N 177 -43.36 102.50 22.32
N ALA N 178 -44.50 103.17 22.35
CA ALA N 178 -44.87 104.06 21.26
C ALA N 178 -45.31 105.40 21.80
N PHE N 179 -44.74 106.46 21.22
CA PHE N 179 -45.17 107.82 21.45
C PHE N 179 -46.21 108.16 20.41
N THR N 180 -47.46 108.25 20.85
CA THR N 180 -48.55 108.89 20.12
C THR N 180 -48.51 110.38 20.47
N GLN N 181 -49.62 111.10 20.22
CA GLN N 181 -49.69 112.53 20.49
C GLN N 181 -49.19 112.86 21.88
N VAL N 182 -48.61 114.05 22.01
CA VAL N 182 -47.84 114.45 23.18
C VAL N 182 -48.30 115.84 23.59
N ASN N 183 -47.91 116.27 24.79
CA ASN N 183 -48.28 117.59 25.26
C ASN N 183 -47.50 118.68 24.52
N SER N 184 -48.10 119.88 24.51
CA SER N 184 -47.54 120.99 23.75
C SER N 184 -46.18 121.40 24.28
N GLU N 185 -46.00 121.40 25.60
CA GLU N 185 -44.72 121.77 26.18
C GLU N 185 -43.62 120.78 25.87
N ASP N 186 -43.97 119.53 25.54
CA ASP N 186 -42.98 118.52 25.20
C ASP N 186 -42.88 118.30 23.70
N LYS N 187 -43.68 119.02 22.90
CA LYS N 187 -43.61 118.88 21.45
C LYS N 187 -42.22 119.21 20.91
N GLY N 188 -41.56 120.23 21.47
CA GLY N 188 -40.24 120.60 20.98
C GLY N 188 -39.19 119.54 21.25
N ALA N 189 -39.17 119.00 22.47
CA ALA N 189 -38.23 117.94 22.80
C ALA N 189 -38.50 116.70 21.96
N LEU N 190 -39.77 116.36 21.77
CA LEU N 190 -40.10 115.23 20.90
C LEU N 190 -39.66 115.50 19.46
N ALA N 191 -39.77 116.74 19.00
CA ALA N 191 -39.33 117.07 17.65
C ALA N 191 -37.83 116.88 17.50
N LYS N 192 -37.05 117.33 18.48
CA LYS N 192 -35.60 117.12 18.41
C LYS N 192 -35.26 115.64 18.42
N LEU N 193 -35.92 114.87 19.29
CA LEU N 193 -35.66 113.44 19.36
C LEU N 193 -36.00 112.77 18.03
N VAL N 194 -37.15 113.12 17.45
CA VAL N 194 -37.56 112.56 16.16
C VAL N 194 -36.56 112.91 15.07
N GLU N 195 -36.08 114.15 15.07
CA GLU N 195 -35.10 114.55 14.05
C GLU N 195 -33.84 113.70 14.14
N ALA N 196 -33.26 113.59 15.34
CA ALA N 196 -32.03 112.82 15.49
C ALA N 196 -32.26 111.34 15.15
N ILE N 197 -33.37 110.78 15.64
CA ILE N 197 -33.65 109.37 15.43
C ILE N 197 -33.91 109.07 13.96
N ARG N 198 -34.62 109.96 13.26
CA ARG N 198 -34.84 109.77 11.83
C ARG N 198 -33.53 109.86 11.06
N THR N 199 -32.64 110.76 11.48
CA THR N 199 -31.33 110.83 10.84
C THR N 199 -30.57 109.52 11.03
N ASN N 200 -30.64 108.93 12.21
CA ASN N 200 -29.86 107.75 12.49
C ASN N 200 -30.46 106.44 11.98
N TYR N 201 -31.79 106.34 11.86
CA TYR N 201 -32.40 105.05 11.57
C TYR N 201 -33.18 105.03 10.27
N ASN N 202 -34.14 105.94 10.07
CA ASN N 202 -35.01 105.84 8.90
C ASN N 202 -34.30 106.27 7.62
N ASP N 203 -33.37 107.22 7.72
CA ASP N 203 -32.75 107.75 6.51
C ASP N 203 -31.72 106.81 5.93
N ARG N 204 -31.00 106.06 6.77
CA ARG N 204 -30.00 105.11 6.31
C ARG N 204 -30.51 103.67 6.35
N TYR N 205 -31.82 103.50 6.17
CA TYR N 205 -32.43 102.19 6.10
C TYR N 205 -31.86 101.35 4.97
N ASP N 206 -31.45 101.99 3.87
CA ASP N 206 -31.02 101.25 2.70
C ASP N 206 -29.75 100.44 2.98
N GLU N 207 -28.81 101.00 3.74
CA GLU N 207 -27.63 100.24 4.12
C GLU N 207 -27.76 99.56 5.48
N ILE N 208 -28.73 99.94 6.30
CA ILE N 208 -29.10 99.07 7.42
C ILE N 208 -29.56 97.72 6.89
N ARG N 209 -30.27 97.72 5.76
CA ARG N 209 -30.72 96.48 5.13
C ARG N 209 -29.57 95.60 4.68
N ARG N 210 -28.40 96.16 4.40
CA ARG N 210 -27.30 95.40 3.84
C ARG N 210 -26.17 95.17 4.82
N HIS N 211 -26.18 95.83 5.97
CA HIS N 211 -25.08 95.71 6.92
C HIS N 211 -25.17 94.37 7.65
N TRP N 212 -24.46 93.38 7.14
CA TRP N 212 -24.33 92.10 7.84
C TRP N 212 -23.44 92.25 9.06
N GLY N 213 -23.61 91.35 10.02
CA GLY N 213 -22.87 91.37 11.26
C GLY N 213 -22.12 90.08 11.51
N GLY N 214 -21.34 90.11 12.60
CA GLY N 214 -20.58 88.93 12.97
C GLY N 214 -19.40 88.71 12.06
N ASN N 215 -19.12 87.43 11.79
CA ASN N 215 -18.03 87.01 10.92
C ASN N 215 -16.69 87.55 11.39
N VAL N 216 -16.46 87.52 12.70
CA VAL N 216 -15.22 87.96 13.32
C VAL N 216 -14.59 86.78 14.03
N LEU N 217 -13.31 86.52 13.75
CA LEU N 217 -12.62 85.40 14.36
C LEU N 217 -12.17 85.75 15.78
N GLY N 218 -11.69 84.73 16.47
CA GLY N 218 -11.20 84.89 17.82
C GLY N 218 -9.90 85.66 17.87
N PRO N 219 -9.57 86.20 19.04
CA PRO N 219 -8.30 86.93 19.15
C PRO N 219 -7.09 86.07 18.86
N LYS N 220 -7.09 84.80 19.26
CA LYS N 220 -5.97 83.92 18.96
C LYS N 220 -5.82 83.70 17.46
N SER N 221 -6.95 83.47 16.77
CA SER N 221 -6.89 83.29 15.32
C SER N 221 -6.43 84.56 14.63
N VAL N 222 -6.93 85.71 15.06
CA VAL N 222 -6.53 86.97 14.46
C VAL N 222 -5.04 87.21 14.67
N ALA N 223 -4.54 86.95 15.88
CA ALA N 223 -3.12 87.14 16.15
C ALA N 223 -2.27 86.19 15.32
N ARG N 224 -2.70 84.94 15.17
CA ARG N 224 -1.95 83.98 14.37
C ARG N 224 -1.91 84.39 12.90
N ILE N 225 -3.05 84.82 12.36
CA ILE N 225 -3.11 85.22 10.97
C ILE N 225 -2.27 86.47 10.73
N ALA N 226 -2.36 87.44 11.64
CA ALA N 226 -1.54 88.64 11.52
C ALA N 226 -0.07 88.33 11.67
N LYS N 227 0.27 87.33 12.49
CA LYS N 227 1.66 86.91 12.62
C LYS N 227 2.19 86.35 11.32
N LEU N 228 1.39 85.52 10.64
CA LEU N 228 1.78 85.02 9.31
C LEU N 228 1.93 86.17 8.32
N GLU N 229 0.98 87.10 8.33
CA GLU N 229 1.03 88.23 7.41
C GLU N 229 2.26 89.07 7.63
N LYS N 230 2.62 89.33 8.89
CA LYS N 230 3.84 90.07 9.18
C LYS N 230 5.08 89.26 8.83
N ALA N 231 5.03 87.94 8.99
CA ALA N 231 6.17 87.10 8.67
C ALA N 231 6.51 87.17 7.19
N LYS N 232 5.49 87.27 6.33
CA LYS N 232 5.79 87.46 4.92
C LYS N 232 5.97 88.92 4.53
N ALA N 233 5.37 89.86 5.26
CA ALA N 233 5.52 91.26 4.93
C ALA N 233 6.90 91.79 5.29
N LYS N 234 7.53 91.24 6.33
CA LYS N 234 8.86 91.69 6.71
C LYS N 234 9.89 91.35 5.64
N GLU N 235 9.69 90.24 4.91
CA GLU N 235 10.59 89.91 3.81
C GLU N 235 10.16 90.57 2.50
N LEU N 236 8.86 90.80 2.30
CA LEU N 236 8.44 91.55 1.12
C LEU N 236 8.90 93.01 1.18
N ALA N 237 9.03 93.57 2.39
CA ALA N 237 9.54 94.92 2.53
C ALA N 237 10.99 95.02 2.08
N THR N 238 11.81 94.02 2.42
CA THR N 238 13.17 93.99 1.90
C THR N 238 13.21 93.67 0.41
N LYS N 239 12.26 92.86 -0.07
CA LYS N 239 12.18 92.54 -1.48
C LYS N 239 11.90 93.79 -2.31
N LEU N 240 10.99 94.64 -1.85
CA LEU N 240 10.71 95.89 -2.54
C LEU N 240 11.79 96.92 -2.20
N GLY N 241 12.16 97.73 -3.20
CA GLY N 241 13.17 98.75 -3.00
C GLY N 241 14.57 98.19 -2.82
N MET O 1 -56.21 -67.63 -16.47
CA MET O 1 -56.90 -68.86 -16.83
C MET O 1 -56.89 -69.87 -15.70
N LYS O 2 -58.04 -70.48 -15.46
CA LYS O 2 -58.16 -71.59 -14.52
C LYS O 2 -58.33 -72.87 -15.34
N THR O 3 -57.45 -73.84 -15.09
CA THR O 3 -57.53 -75.12 -15.78
C THR O 3 -58.47 -76.04 -15.02
N ILE O 4 -59.35 -76.72 -15.76
CA ILE O 4 -60.35 -77.57 -15.13
C ILE O 4 -59.70 -78.65 -14.28
N LEU O 5 -58.74 -79.37 -14.85
CA LEU O 5 -58.13 -80.48 -14.16
C LEU O 5 -56.68 -80.62 -14.60
N SER O 6 -55.78 -80.81 -13.64
CA SER O 6 -54.40 -81.17 -13.91
C SER O 6 -54.07 -82.35 -13.00
N ASN O 7 -53.78 -83.49 -13.60
CA ASN O 7 -53.53 -84.70 -12.84
C ASN O 7 -52.22 -85.32 -13.25
N GLN O 8 -51.58 -86.00 -12.31
CA GLN O 8 -50.36 -86.72 -12.60
C GLN O 8 -50.31 -87.97 -11.73
N THR O 9 -49.84 -89.07 -12.31
CA THR O 9 -49.89 -90.37 -11.67
C THR O 9 -48.49 -90.91 -11.46
N VAL O 10 -48.26 -91.49 -10.29
CA VAL O 10 -46.99 -92.07 -9.90
C VAL O 10 -47.20 -93.57 -9.67
N ASP O 11 -46.41 -94.39 -10.36
CA ASP O 11 -46.47 -95.83 -10.16
C ASP O 11 -45.70 -96.22 -8.91
N ILE O 12 -46.24 -97.18 -8.16
CA ILE O 12 -45.62 -97.65 -6.93
C ILE O 12 -45.04 -99.04 -7.18
N PRO O 13 -43.78 -99.29 -6.84
CA PRO O 13 -43.23 -100.64 -6.97
C PRO O 13 -43.94 -101.64 -6.07
N GLU O 14 -43.68 -102.91 -6.33
CA GLU O 14 -44.43 -103.97 -5.66
C GLU O 14 -43.99 -104.19 -4.22
N ASN O 15 -42.73 -103.89 -3.90
CA ASN O 15 -42.21 -104.17 -2.57
C ASN O 15 -42.42 -103.02 -1.60
N VAL O 16 -43.10 -101.96 -2.02
CA VAL O 16 -43.36 -100.80 -1.17
C VAL O 16 -44.85 -100.48 -1.25
N ASP O 17 -45.44 -100.10 -0.12
CA ASP O 17 -46.84 -99.72 -0.08
C ASP O 17 -47.01 -98.29 0.42
N ILE O 18 -48.09 -97.66 -0.01
CA ILE O 18 -48.36 -96.26 0.28
C ILE O 18 -49.74 -96.15 0.90
N THR O 19 -49.81 -95.43 2.02
CA THR O 19 -51.06 -95.21 2.75
C THR O 19 -51.34 -93.72 2.78
N LEU O 20 -52.60 -93.35 2.54
CA LEU O 20 -53.03 -91.97 2.57
C LEU O 20 -53.90 -91.74 3.80
N LYS O 21 -53.56 -90.71 4.57
CA LYS O 21 -54.39 -90.23 5.67
C LYS O 21 -54.65 -88.76 5.40
N GLY O 22 -55.67 -88.48 4.60
CA GLY O 22 -55.85 -87.15 4.06
C GLY O 22 -54.76 -86.85 3.06
N ARG O 23 -53.97 -85.81 3.32
CA ARG O 23 -52.83 -85.48 2.48
C ARG O 23 -51.50 -85.85 3.14
N THR O 24 -51.52 -86.83 4.03
CA THR O 24 -50.30 -87.37 4.62
C THR O 24 -50.00 -88.70 3.95
N VAL O 25 -48.87 -88.75 3.26
CA VAL O 25 -48.44 -89.95 2.56
C VAL O 25 -47.46 -90.69 3.45
N ILE O 26 -47.78 -91.95 3.74
CA ILE O 26 -46.91 -92.84 4.50
C ILE O 26 -46.44 -93.92 3.54
N VAL O 27 -45.13 -93.96 3.30
CA VAL O 27 -44.53 -94.87 2.34
C VAL O 27 -43.70 -95.86 3.12
N LYS O 28 -44.10 -97.12 3.13
CA LYS O 28 -43.40 -98.16 3.87
C LYS O 28 -42.77 -99.14 2.88
N GLY O 29 -41.46 -99.30 2.97
CA GLY O 29 -40.74 -100.19 2.10
C GLY O 29 -39.75 -101.05 2.86
N PRO O 30 -38.85 -101.72 2.13
CA PRO O 30 -37.87 -102.58 2.79
C PRO O 30 -36.93 -101.85 3.73
N ARG O 31 -36.60 -100.59 3.44
CA ARG O 31 -35.60 -99.89 4.23
C ARG O 31 -36.17 -99.02 5.34
N GLY O 32 -37.48 -98.96 5.48
CA GLY O 32 -38.08 -98.19 6.55
C GLY O 32 -39.37 -97.54 6.11
N THR O 33 -39.75 -96.49 6.83
CA THR O 33 -40.98 -95.77 6.59
C THR O 33 -40.70 -94.28 6.50
N LEU O 34 -41.20 -93.66 5.44
CA LEU O 34 -41.11 -92.22 5.26
C LEU O 34 -42.52 -91.64 5.28
N ARG O 35 -42.74 -90.66 6.15
CA ARG O 35 -44.06 -90.06 6.31
C ARG O 35 -43.95 -88.57 6.05
N ARG O 36 -44.83 -88.04 5.20
CA ARG O 36 -44.77 -86.63 4.86
C ARG O 36 -46.15 -86.13 4.50
N ASP O 37 -46.55 -85.00 5.07
CA ASP O 37 -47.87 -84.44 4.81
C ASP O 37 -47.78 -83.24 3.89
N PHE O 38 -48.75 -83.11 3.00
CA PHE O 38 -48.82 -82.04 2.03
C PHE O 38 -50.05 -81.17 2.28
N ASN O 39 -50.36 -80.95 3.55
CA ASN O 39 -51.54 -80.17 3.92
C ASN O 39 -51.42 -78.71 3.53
N HIS O 40 -50.24 -78.25 3.14
CA HIS O 40 -50.08 -76.89 2.64
C HIS O 40 -50.45 -76.76 1.18
N ILE O 41 -50.82 -77.84 0.51
CA ILE O 41 -51.22 -77.82 -0.89
C ILE O 41 -52.61 -78.42 -1.00
N ASN O 42 -53.50 -77.71 -1.69
CA ASN O 42 -54.88 -78.18 -1.87
C ASN O 42 -54.96 -79.02 -3.13
N VAL O 43 -54.66 -80.30 -2.97
CA VAL O 43 -54.79 -81.29 -4.03
C VAL O 43 -55.58 -82.46 -3.50
N GLU O 44 -55.98 -83.33 -4.43
CA GLU O 44 -56.68 -84.56 -4.09
C GLU O 44 -55.77 -85.72 -4.42
N LEU O 45 -55.49 -86.57 -3.43
CA LEU O 45 -54.63 -87.73 -3.60
C LEU O 45 -55.50 -88.98 -3.57
N SER O 46 -55.24 -89.90 -4.49
CA SER O 46 -56.00 -91.13 -4.50
C SER O 46 -55.10 -92.30 -4.89
N LEU O 47 -55.39 -93.47 -4.33
CA LEU O 47 -54.76 -94.71 -4.75
C LEU O 47 -55.71 -95.45 -5.67
N LEU O 48 -55.26 -95.75 -6.88
CA LEU O 48 -56.18 -96.22 -7.91
C LEU O 48 -56.40 -97.73 -7.87
N GLY O 49 -55.33 -98.51 -8.05
CA GLY O 49 -55.45 -99.93 -8.26
C GLY O 49 -55.23 -100.74 -7.00
N LYS O 50 -55.70 -101.98 -7.06
CA LYS O 50 -55.34 -103.01 -6.10
C LYS O 50 -54.34 -104.00 -6.70
N LYS O 51 -53.79 -103.67 -7.86
CA LYS O 51 -52.96 -104.54 -8.68
C LYS O 51 -51.56 -103.98 -8.88
N LYS O 52 -51.45 -102.73 -9.34
CA LYS O 52 -50.18 -102.11 -9.68
C LYS O 52 -49.92 -100.84 -8.88
N LYS O 53 -50.90 -100.37 -8.09
CA LYS O 53 -50.71 -99.30 -7.12
C LYS O 53 -50.24 -98.00 -7.77
N ARG O 54 -51.14 -97.40 -8.52
CA ARG O 54 -50.94 -96.03 -8.97
C ARG O 54 -51.43 -95.06 -7.91
N LEU O 55 -50.72 -93.94 -7.77
CA LEU O 55 -51.14 -92.84 -6.90
C LEU O 55 -51.33 -91.61 -7.77
N ARG O 56 -52.55 -91.09 -7.79
CA ARG O 56 -52.89 -89.95 -8.63
C ARG O 56 -53.05 -88.69 -7.78
N VAL O 57 -52.47 -87.60 -8.28
CA VAL O 57 -52.60 -86.27 -7.71
C VAL O 57 -53.44 -85.46 -8.67
N ASP O 58 -54.51 -84.85 -8.16
CA ASP O 58 -55.45 -84.08 -8.95
C ASP O 58 -55.52 -82.67 -8.39
N LYS O 59 -55.49 -81.68 -9.29
CA LYS O 59 -55.73 -80.30 -8.93
C LYS O 59 -56.86 -79.79 -9.82
N TRP O 60 -57.92 -79.29 -9.20
CA TRP O 60 -59.09 -78.81 -9.91
C TRP O 60 -59.14 -77.28 -9.80
N TRP O 61 -59.36 -76.63 -10.94
CA TRP O 61 -59.51 -75.18 -11.03
C TRP O 61 -58.31 -74.45 -10.44
N GLY O 62 -57.12 -74.87 -10.86
CA GLY O 62 -55.89 -74.27 -10.40
C GLY O 62 -55.33 -73.32 -11.44
N ASN O 63 -54.78 -72.20 -10.96
CA ASN O 63 -54.13 -71.26 -11.86
C ASN O 63 -52.68 -71.69 -12.07
N ARG O 64 -51.88 -70.82 -12.69
CA ARG O 64 -50.55 -71.22 -13.14
C ARG O 64 -49.65 -71.59 -11.96
N LYS O 65 -49.70 -70.82 -10.88
CA LYS O 65 -48.81 -71.08 -9.76
C LYS O 65 -49.14 -72.37 -9.05
N GLU O 66 -50.42 -72.69 -8.88
CA GLU O 66 -50.79 -73.91 -8.17
C GLU O 66 -50.90 -75.12 -9.08
N LEU O 67 -50.79 -74.95 -10.40
CA LEU O 67 -50.57 -76.12 -11.24
C LEU O 67 -49.13 -76.61 -11.18
N ALA O 68 -48.23 -75.81 -10.62
CA ALA O 68 -46.84 -76.22 -10.49
C ALA O 68 -46.63 -77.20 -9.35
N THR O 69 -47.57 -77.28 -8.42
CA THR O 69 -47.40 -78.11 -7.23
C THR O 69 -47.73 -79.57 -7.45
N VAL O 70 -48.43 -79.92 -8.52
CA VAL O 70 -48.80 -81.32 -8.75
C VAL O 70 -47.56 -82.15 -9.00
N ARG O 71 -46.71 -81.72 -9.93
CA ARG O 71 -45.50 -82.46 -10.20
C ARG O 71 -44.51 -82.36 -9.04
N THR O 72 -44.57 -81.29 -8.24
CA THR O 72 -43.74 -81.22 -7.05
C THR O 72 -44.11 -82.31 -6.05
N ILE O 73 -45.41 -82.48 -5.80
CA ILE O 73 -45.87 -83.53 -4.90
C ILE O 73 -45.50 -84.89 -5.47
N CYS O 74 -45.69 -85.07 -6.78
CA CYS O 74 -45.36 -86.35 -7.39
C CYS O 74 -43.89 -86.68 -7.26
N SER O 75 -43.02 -85.69 -7.48
CA SER O 75 -41.58 -85.91 -7.33
C SER O 75 -41.18 -86.18 -5.90
N HIS O 76 -41.84 -85.51 -4.94
CA HIS O 76 -41.55 -85.80 -3.53
C HIS O 76 -41.96 -87.22 -3.16
N VAL O 77 -43.11 -87.67 -3.66
CA VAL O 77 -43.54 -89.05 -3.40
C VAL O 77 -42.58 -90.04 -4.04
N GLN O 78 -42.13 -89.75 -5.26
CA GLN O 78 -41.16 -90.64 -5.90
C GLN O 78 -39.84 -90.67 -5.14
N ASN O 79 -39.42 -89.54 -4.57
CA ASN O 79 -38.22 -89.54 -3.75
C ASN O 79 -38.41 -90.34 -2.48
N MET O 80 -39.60 -90.30 -1.89
CA MET O 80 -39.88 -91.13 -0.72
C MET O 80 -39.82 -92.61 -1.08
N ILE O 81 -40.40 -92.99 -2.22
CA ILE O 81 -40.34 -94.37 -2.69
C ILE O 81 -38.89 -94.79 -2.91
N LYS O 82 -38.11 -93.93 -3.55
CA LYS O 82 -36.71 -94.21 -3.81
C LYS O 82 -35.93 -94.35 -2.51
N GLY O 83 -36.23 -93.52 -1.52
CA GLY O 83 -35.54 -93.60 -0.25
C GLY O 83 -35.86 -94.88 0.52
N VAL O 84 -37.13 -95.30 0.52
CA VAL O 84 -37.48 -96.50 1.26
C VAL O 84 -37.16 -97.78 0.51
N THR O 85 -36.90 -97.71 -0.79
CA THR O 85 -36.50 -98.90 -1.53
C THR O 85 -34.98 -99.02 -1.67
N LEU O 86 -34.31 -97.98 -2.15
CA LEU O 86 -32.88 -98.01 -2.38
C LEU O 86 -32.08 -97.16 -1.41
N GLY O 87 -32.69 -96.18 -0.77
CA GLY O 87 -31.96 -95.27 0.08
C GLY O 87 -31.21 -94.23 -0.72
N PHE O 88 -30.69 -93.23 -0.01
CA PHE O 88 -29.95 -92.13 -0.61
C PHE O 88 -28.54 -92.10 -0.02
N ARG O 89 -27.54 -92.06 -0.89
CA ARG O 89 -26.15 -91.99 -0.49
C ARG O 89 -25.48 -90.84 -1.21
N TYR O 90 -24.94 -89.90 -0.44
CA TYR O 90 -24.22 -88.75 -0.97
C TYR O 90 -22.75 -88.93 -0.64
N LYS O 91 -21.91 -88.84 -1.66
CA LYS O 91 -20.46 -88.96 -1.49
C LYS O 91 -19.86 -87.56 -1.58
N MET O 92 -19.11 -87.18 -0.55
CA MET O 92 -18.44 -85.90 -0.47
C MET O 92 -16.94 -86.14 -0.50
N ARG O 93 -16.20 -85.25 -1.15
CA ARG O 93 -14.75 -85.27 -1.17
C ARG O 93 -14.22 -84.04 -0.47
N SER O 94 -13.18 -84.21 0.33
CA SER O 94 -12.49 -83.09 0.93
C SER O 94 -11.29 -82.75 0.07
N VAL O 95 -11.23 -81.51 -0.41
CA VAL O 95 -10.17 -81.03 -1.27
C VAL O 95 -9.37 -79.99 -0.50
N TYR O 96 -8.06 -80.05 -0.64
CA TYR O 96 -7.18 -79.12 0.05
C TYR O 96 -5.89 -78.99 -0.73
N ALA O 97 -5.21 -77.86 -0.54
CA ALA O 97 -3.93 -77.62 -1.18
C ALA O 97 -2.78 -78.02 -0.27
N HIS O 98 -2.77 -77.55 0.97
CA HIS O 98 -1.68 -77.84 1.89
C HIS O 98 -2.14 -78.58 3.13
N PHE O 99 -3.13 -78.07 3.85
CA PHE O 99 -3.53 -78.67 5.13
C PHE O 99 -4.55 -79.77 4.90
N PRO O 100 -4.26 -81.01 5.24
CA PRO O 100 -5.26 -82.07 5.10
C PRO O 100 -6.39 -81.89 6.09
N ILE O 101 -7.62 -82.03 5.60
CA ILE O 101 -8.80 -81.95 6.44
C ILE O 101 -8.98 -83.31 7.12
N ASN O 102 -8.85 -83.33 8.45
CA ASN O 102 -9.05 -84.55 9.21
C ASN O 102 -10.48 -84.60 9.71
N VAL O 103 -11.19 -85.65 9.33
CA VAL O 103 -12.60 -85.82 9.65
C VAL O 103 -12.73 -87.02 10.57
N VAL O 104 -13.35 -86.81 11.73
CA VAL O 104 -13.59 -87.86 12.71
C VAL O 104 -15.09 -88.00 12.88
N ILE O 105 -15.60 -89.20 12.66
CA ILE O 105 -17.03 -89.46 12.76
C ILE O 105 -17.32 -89.95 14.18
N GLN O 106 -18.00 -89.12 14.95
CA GLN O 106 -18.35 -89.45 16.33
C GLN O 106 -19.62 -90.29 16.36
N GLU O 107 -20.26 -90.38 17.53
CA GLU O 107 -21.17 -91.46 17.89
C GLU O 107 -22.17 -91.81 16.80
N ASN O 108 -22.08 -93.05 16.31
CA ASN O 108 -23.05 -93.66 15.41
C ASN O 108 -23.26 -92.86 14.13
N GLY O 109 -22.25 -92.11 13.71
CA GLY O 109 -22.36 -91.35 12.49
C GLY O 109 -23.21 -90.10 12.58
N SER O 110 -23.64 -89.72 13.78
CA SER O 110 -24.51 -88.57 13.93
C SER O 110 -23.76 -87.26 14.16
N LEU O 111 -22.45 -87.31 14.37
CA LEU O 111 -21.65 -86.12 14.58
C LEU O 111 -20.38 -86.22 13.76
N VAL O 112 -19.95 -85.08 13.20
CA VAL O 112 -18.77 -85.01 12.35
C VAL O 112 -17.87 -83.92 12.89
N GLU O 113 -16.60 -84.24 13.08
CA GLU O 113 -15.59 -83.28 13.52
C GLU O 113 -14.62 -83.03 12.38
N ILE O 114 -14.49 -81.77 11.99
CA ILE O 114 -13.49 -81.32 11.03
C ILE O 114 -12.40 -80.62 11.83
N ARG O 115 -11.16 -81.07 11.68
CA ARG O 115 -10.07 -80.65 12.56
C ARG O 115 -9.19 -79.57 11.95
N ASN O 116 -8.57 -79.86 10.81
CA ASN O 116 -7.46 -79.07 10.30
C ASN O 116 -7.82 -78.29 9.05
N PHE O 117 -9.07 -77.82 8.96
CA PHE O 117 -9.50 -77.08 7.77
C PHE O 117 -8.72 -75.79 7.65
N LEU O 118 -7.94 -75.67 6.56
CA LEU O 118 -7.09 -74.51 6.31
C LEU O 118 -6.10 -74.28 7.45
N GLY O 119 -5.76 -75.33 8.18
CA GLY O 119 -4.73 -75.27 9.19
C GLY O 119 -5.10 -74.56 10.47
N GLU O 120 -6.36 -74.18 10.64
CA GLU O 120 -6.74 -73.43 11.83
C GLU O 120 -7.10 -74.38 12.96
N LYS O 121 -7.07 -73.85 14.17
CA LYS O 121 -7.24 -74.66 15.38
C LYS O 121 -8.68 -74.78 15.83
N TYR O 122 -9.62 -74.13 15.16
CA TYR O 122 -11.03 -74.34 15.47
C TYR O 122 -11.46 -75.74 15.05
N ILE O 123 -12.19 -76.41 15.92
CA ILE O 123 -12.76 -77.72 15.63
C ILE O 123 -14.20 -77.51 15.23
N ARG O 124 -14.58 -78.00 14.06
CA ARG O 124 -15.94 -77.86 13.57
C ARG O 124 -16.73 -79.10 13.95
N ARG O 125 -17.83 -78.93 14.68
CA ARG O 125 -18.74 -80.01 15.01
C ARG O 125 -20.03 -79.80 14.23
N VAL O 126 -20.38 -80.76 13.38
CA VAL O 126 -21.60 -80.70 12.60
C VAL O 126 -22.44 -81.91 12.96
N ARG O 127 -23.70 -81.66 13.34
CA ARG O 127 -24.61 -82.72 13.77
C ARG O 127 -25.52 -83.09 12.61
N MET O 128 -25.50 -84.36 12.22
CA MET O 128 -26.34 -84.83 11.13
C MET O 128 -27.81 -84.81 11.54
N ARG O 129 -28.67 -84.62 10.55
CA ARG O 129 -30.09 -84.71 10.80
C ARG O 129 -30.46 -86.13 11.21
N PRO O 130 -31.50 -86.30 12.02
CA PRO O 130 -31.86 -87.65 12.49
C PRO O 130 -32.23 -88.56 11.33
N GLY O 131 -31.72 -89.78 11.37
CA GLY O 131 -31.90 -90.72 10.29
C GLY O 131 -30.81 -90.70 9.24
N VAL O 132 -29.83 -89.80 9.35
CA VAL O 132 -28.72 -89.70 8.41
C VAL O 132 -27.46 -90.16 9.11
N ALA O 133 -26.75 -91.10 8.49
CA ALA O 133 -25.53 -91.65 9.06
C ALA O 133 -24.36 -91.24 8.19
N CYS O 134 -23.35 -90.61 8.79
CA CYS O 134 -22.13 -90.26 8.10
C CYS O 134 -21.05 -91.29 8.41
N SER O 135 -20.16 -91.49 7.44
CA SER O 135 -19.09 -92.46 7.58
C SER O 135 -17.95 -92.05 6.68
N VAL O 136 -16.80 -92.68 6.90
CA VAL O 136 -15.61 -92.44 6.10
C VAL O 136 -15.48 -93.57 5.09
N SER O 137 -15.36 -93.22 3.81
CA SER O 137 -15.31 -94.23 2.77
C SER O 137 -14.02 -95.04 2.85
N GLN O 138 -14.14 -96.33 2.59
CA GLN O 138 -13.01 -97.24 2.51
C GLN O 138 -12.47 -97.39 1.08
N ALA O 139 -13.08 -96.73 0.11
CA ALA O 139 -12.63 -96.83 -1.27
C ALA O 139 -11.74 -95.66 -1.68
N GLN O 140 -12.01 -94.47 -1.17
CA GLN O 140 -11.23 -93.28 -1.49
C GLN O 140 -10.56 -92.75 -0.24
N LYS O 141 -9.47 -92.00 -0.44
CA LYS O 141 -8.67 -91.56 0.70
C LYS O 141 -9.33 -90.41 1.45
N ASP O 142 -9.99 -89.50 0.74
CA ASP O 142 -10.66 -88.34 1.36
C ASP O 142 -12.09 -88.34 0.88
N GLU O 143 -12.96 -89.08 1.56
CA GLU O 143 -14.34 -89.20 1.11
C GLU O 143 -15.25 -89.53 2.28
N LEU O 144 -16.34 -88.78 2.39
CA LEU O 144 -17.39 -89.03 3.34
C LEU O 144 -18.60 -89.61 2.62
N ILE O 145 -19.29 -90.54 3.29
CA ILE O 145 -20.49 -91.17 2.78
C ILE O 145 -21.63 -90.84 3.74
N LEU O 146 -22.67 -90.21 3.22
CA LEU O 146 -23.85 -89.90 4.00
C LEU O 146 -24.99 -90.76 3.47
N GLU O 147 -25.56 -91.59 4.33
CA GLU O 147 -26.61 -92.51 3.92
C GLU O 147 -27.87 -92.27 4.72
N GLY O 148 -29.01 -92.38 4.07
CA GLY O 148 -30.26 -92.17 4.77
C GLY O 148 -31.45 -92.57 3.91
N ASN O 149 -32.64 -92.31 4.44
CA ASN O 149 -33.86 -92.59 3.73
C ASN O 149 -34.52 -91.36 3.15
N ASP O 150 -34.36 -90.21 3.79
CA ASP O 150 -35.00 -88.98 3.36
C ASP O 150 -33.99 -88.14 2.60
N ILE O 151 -34.30 -87.85 1.33
CA ILE O 151 -33.36 -87.12 0.49
C ILE O 151 -33.11 -85.72 1.05
N GLU O 152 -34.15 -85.06 1.55
CA GLU O 152 -33.97 -83.73 2.09
C GLU O 152 -33.08 -83.75 3.31
N LEU O 153 -33.25 -84.74 4.20
CA LEU O 153 -32.40 -84.82 5.37
C LEU O 153 -30.96 -85.11 5.00
N VAL O 154 -30.73 -86.05 4.08
CA VAL O 154 -29.37 -86.40 3.70
C VAL O 154 -28.68 -85.21 3.03
N SER O 155 -29.36 -84.57 2.09
CA SER O 155 -28.75 -83.43 1.41
C SER O 155 -28.60 -82.23 2.34
N ASN O 156 -29.49 -82.08 3.32
CA ASN O 156 -29.35 -81.01 4.29
C ASN O 156 -28.11 -81.23 5.15
N SER O 157 -27.87 -82.46 5.58
CA SER O 157 -26.66 -82.76 6.35
C SER O 157 -25.41 -82.51 5.50
N ALA O 158 -25.45 -82.92 4.23
CA ALA O 158 -24.33 -82.66 3.34
C ALA O 158 -24.07 -81.17 3.19
N ALA O 159 -25.14 -80.38 3.04
CA ALA O 159 -25.00 -78.94 2.93
C ALA O 159 -24.48 -78.32 4.22
N LEU O 160 -24.87 -78.87 5.37
CA LEU O 160 -24.32 -78.39 6.63
C LEU O 160 -22.82 -78.59 6.68
N ILE O 161 -22.35 -79.76 6.27
CA ILE O 161 -20.91 -80.02 6.23
C ILE O 161 -20.22 -79.06 5.27
N GLN O 162 -20.78 -78.91 4.07
CA GLN O 162 -20.16 -78.08 3.05
C GLN O 162 -20.09 -76.63 3.48
N GLN O 163 -21.14 -76.12 4.10
CA GLN O 163 -21.15 -74.74 4.56
C GLN O 163 -20.31 -74.55 5.82
N ALA O 164 -20.15 -75.58 6.64
CA ALA O 164 -19.22 -75.48 7.76
C ALA O 164 -17.80 -75.31 7.28
N THR O 165 -17.42 -76.03 6.22
CA THR O 165 -16.09 -75.87 5.64
C THR O 165 -16.11 -74.77 4.57
N THR O 166 -15.97 -73.54 5.03
CA THR O 166 -16.06 -72.36 4.17
C THR O 166 -14.86 -71.45 4.42
N VAL O 167 -14.18 -71.06 3.34
CA VAL O 167 -13.07 -70.13 3.42
C VAL O 167 -13.62 -68.72 3.60
N LYS O 168 -12.96 -67.92 4.44
CA LYS O 168 -13.41 -66.56 4.72
C LYS O 168 -12.25 -65.58 4.60
N ASN O 169 -12.58 -64.38 4.14
CA ASN O 169 -11.64 -63.27 3.99
C ASN O 169 -10.50 -63.61 3.03
N LYS O 170 -10.76 -64.49 2.07
CA LYS O 170 -9.78 -64.90 1.08
C LYS O 170 -10.45 -65.01 -0.27
N ASP O 171 -9.64 -65.00 -1.32
CA ASP O 171 -10.12 -65.25 -2.67
C ASP O 171 -10.51 -66.72 -2.79
N ILE O 172 -11.81 -67.00 -2.79
CA ILE O 172 -12.28 -68.37 -2.80
C ILE O 172 -12.03 -69.06 -4.13
N ARG O 173 -11.76 -68.30 -5.19
CA ARG O 173 -11.37 -68.92 -6.45
C ARG O 173 -9.96 -69.50 -6.39
N LYS O 174 -9.16 -69.08 -5.42
CA LYS O 174 -7.82 -69.60 -5.22
C LYS O 174 -7.72 -70.53 -4.02
N PHE O 175 -8.40 -70.19 -2.93
CA PHE O 175 -8.48 -71.05 -1.75
C PHE O 175 -9.68 -71.98 -1.93
N LEU O 176 -9.47 -73.04 -2.70
CA LEU O 176 -10.55 -73.94 -3.09
C LEU O 176 -10.86 -74.99 -2.04
N ASP O 177 -10.30 -74.87 -0.85
CA ASP O 177 -10.35 -75.96 0.11
C ASP O 177 -11.76 -76.13 0.67
N GLY O 178 -12.07 -77.36 1.06
CA GLY O 178 -13.34 -77.62 1.70
C GLY O 178 -13.84 -79.01 1.34
N ILE O 179 -14.99 -79.34 1.91
CA ILE O 179 -15.66 -80.61 1.66
C ILE O 179 -16.86 -80.34 0.77
N TYR O 180 -16.86 -80.94 -0.43
CA TYR O 180 -17.90 -80.71 -1.42
C TYR O 180 -18.54 -82.03 -1.80
N VAL O 181 -19.85 -82.00 -2.01
CA VAL O 181 -20.58 -83.19 -2.44
C VAL O 181 -20.08 -83.61 -3.81
N SER O 182 -19.48 -84.80 -3.88
CA SER O 182 -18.94 -85.28 -5.14
C SER O 182 -20.03 -85.90 -6.01
N GLU O 183 -20.86 -86.76 -5.43
CA GLU O 183 -21.94 -87.34 -6.21
C GLU O 183 -23.14 -87.64 -5.32
N LYS O 184 -24.28 -87.78 -5.97
CA LYS O 184 -25.54 -88.16 -5.32
C LYS O 184 -26.04 -89.42 -6.00
N GLY O 185 -26.32 -90.45 -5.21
CA GLY O 185 -26.82 -91.69 -5.76
C GLY O 185 -27.60 -92.45 -4.71
N THR O 186 -27.75 -93.75 -4.89
CA THR O 186 -28.49 -94.57 -3.96
C THR O 186 -27.57 -95.56 -3.28
N VAL O 187 -28.14 -96.28 -2.33
CA VAL O 187 -27.55 -97.50 -1.82
C VAL O 187 -28.19 -98.64 -2.61
N GLN O 188 -27.50 -99.77 -2.66
CA GLN O 188 -27.98 -101.03 -3.23
C GLN O 188 -28.03 -101.00 -4.76
N GLN O 189 -27.83 -99.81 -5.35
CA GLN O 189 -27.61 -99.64 -6.80
C GLN O 189 -28.67 -100.35 -7.64
N ALA O 190 -29.86 -100.54 -7.11
CA ALA O 190 -30.89 -101.28 -7.83
C ALA O 190 -31.89 -100.32 -8.48
N GLY P 1 -22.86 -25.82 -17.62
CA GLY P 1 -23.06 -24.66 -18.48
C GLY P 1 -24.45 -24.63 -19.11
N ARG P 2 -25.04 -25.80 -19.29
CA ARG P 2 -26.38 -25.92 -19.82
C ARG P 2 -27.32 -26.44 -18.75
N ARG P 3 -28.52 -25.87 -18.69
CA ARG P 3 -29.53 -26.29 -17.76
C ARG P 3 -30.01 -27.71 -18.11
N PRO P 4 -30.55 -28.44 -17.13
CA PRO P 4 -31.18 -29.72 -17.46
C PRO P 4 -32.33 -29.52 -18.43
N ALA P 5 -32.48 -30.48 -19.35
CA ALA P 5 -33.52 -30.36 -20.37
C ALA P 5 -34.93 -30.39 -19.81
N ARG P 6 -35.10 -30.84 -18.56
CA ARG P 6 -36.41 -30.80 -17.92
C ARG P 6 -36.92 -29.39 -17.74
N CYS P 7 -36.03 -28.40 -17.72
CA CYS P 7 -36.47 -27.02 -17.59
C CYS P 7 -37.08 -26.48 -18.87
N TYR P 8 -36.80 -27.10 -20.02
CA TYR P 8 -37.28 -26.65 -21.31
C TYR P 8 -37.95 -27.78 -22.06
N ARG P 9 -38.45 -28.78 -21.33
CA ARG P 9 -39.08 -29.93 -21.97
C ARG P 9 -40.39 -29.57 -22.69
N TYR P 10 -41.24 -28.75 -22.07
CA TYR P 10 -42.59 -28.57 -22.57
C TYR P 10 -42.70 -27.34 -23.47
N CYS P 11 -43.68 -27.38 -24.37
CA CYS P 11 -43.96 -26.27 -25.28
C CYS P 11 -44.84 -25.26 -24.55
N LYS P 12 -44.20 -24.43 -23.75
CA LYS P 12 -44.95 -23.48 -22.93
C LYS P 12 -45.09 -22.11 -23.58
N ASN P 13 -44.17 -21.73 -24.45
CA ASN P 13 -44.20 -20.42 -25.09
C ASN P 13 -44.72 -20.53 -26.51
N LYS P 14 -44.99 -19.37 -27.09
CA LYS P 14 -45.21 -19.28 -28.52
C LYS P 14 -43.88 -19.51 -29.23
N PRO P 15 -43.90 -19.97 -30.48
CA PRO P 15 -42.65 -20.19 -31.21
C PRO P 15 -41.83 -18.91 -31.30
N TYR P 16 -40.53 -19.04 -31.05
CA TYR P 16 -39.62 -17.91 -30.92
C TYR P 16 -38.45 -18.13 -31.87
N PRO P 17 -38.68 -17.97 -33.17
CA PRO P 17 -37.63 -18.28 -34.13
C PRO P 17 -36.51 -17.26 -34.09
N LYS P 18 -35.38 -17.65 -34.69
CA LYS P 18 -34.26 -16.73 -34.87
C LYS P 18 -34.61 -15.81 -36.04
N SER P 19 -34.88 -14.55 -35.74
CA SER P 19 -35.36 -13.61 -36.75
C SER P 19 -34.70 -12.26 -36.51
N ARG P 20 -35.23 -11.23 -37.15
CA ARG P 20 -34.72 -9.88 -36.96
C ARG P 20 -35.11 -9.30 -35.60
N PHE P 21 -35.98 -9.98 -34.85
CA PHE P 21 -36.32 -9.56 -33.50
C PHE P 21 -35.55 -10.33 -32.44
N CYS P 22 -35.29 -11.61 -32.69
CA CYS P 22 -34.48 -12.43 -31.79
C CYS P 22 -33.08 -12.49 -32.37
N ARG P 23 -32.20 -11.63 -31.87
CA ARG P 23 -30.83 -11.53 -32.36
C ARG P 23 -29.86 -12.05 -31.31
N GLY P 24 -28.69 -12.48 -31.77
CA GLY P 24 -27.69 -13.01 -30.88
C GLY P 24 -27.90 -14.45 -30.48
N VAL P 25 -28.53 -15.24 -31.34
CA VAL P 25 -28.79 -16.65 -31.02
C VAL P 25 -27.53 -17.46 -31.29
N PRO P 26 -27.08 -18.27 -30.34
CA PRO P 26 -25.97 -19.19 -30.62
C PRO P 26 -26.40 -20.26 -31.62
N ASP P 27 -25.41 -20.80 -32.34
CA ASP P 27 -25.70 -21.83 -33.33
C ASP P 27 -26.22 -23.09 -32.67
N ALA P 28 -27.05 -23.82 -33.42
CA ALA P 28 -27.58 -25.08 -32.94
C ALA P 28 -26.49 -26.14 -32.90
N LYS P 29 -26.65 -27.11 -32.01
CA LYS P 29 -25.67 -28.18 -31.88
C LYS P 29 -25.66 -29.08 -33.10
N ILE P 30 -26.80 -29.24 -33.77
CA ILE P 30 -26.90 -30.11 -34.93
C ILE P 30 -26.80 -29.27 -36.20
N ARG P 31 -25.78 -29.56 -37.00
CA ARG P 31 -25.59 -28.90 -38.28
C ARG P 31 -25.80 -29.82 -39.46
N ILE P 32 -25.62 -31.12 -39.27
CA ILE P 32 -25.74 -32.11 -40.33
C ILE P 32 -27.01 -32.91 -40.08
N PHE P 33 -27.85 -33.01 -41.10
CA PHE P 33 -29.13 -33.68 -40.97
C PHE P 33 -29.26 -34.93 -41.83
N ASP P 34 -28.34 -35.17 -42.77
CA ASP P 34 -28.41 -36.34 -43.62
C ASP P 34 -27.08 -37.05 -43.60
N LEU P 35 -27.11 -38.36 -43.36
CA LEU P 35 -25.91 -39.16 -43.25
C LEU P 35 -26.08 -40.46 -44.03
N GLY P 36 -24.99 -41.17 -44.21
CA GLY P 36 -25.02 -42.38 -45.00
C GLY P 36 -24.84 -42.05 -46.47
N ARG P 37 -25.19 -43.02 -47.30
CA ARG P 37 -25.10 -42.82 -48.75
C ARG P 37 -26.30 -42.00 -49.19
N LYS P 38 -26.17 -40.67 -49.09
CA LYS P 38 -27.25 -39.79 -49.50
C LYS P 38 -27.46 -39.84 -51.00
N LYS P 39 -26.42 -40.09 -51.77
CA LYS P 39 -26.51 -40.12 -53.22
C LYS P 39 -27.17 -41.38 -53.76
N ALA P 40 -27.50 -42.34 -52.89
CA ALA P 40 -28.11 -43.58 -53.35
C ALA P 40 -29.46 -43.31 -54.00
N LYS P 41 -29.75 -44.06 -55.06
CA LYS P 41 -30.96 -43.86 -55.81
C LYS P 41 -32.17 -44.40 -55.03
N VAL P 42 -33.35 -44.21 -55.61
CA VAL P 42 -34.59 -44.52 -54.90
C VAL P 42 -34.76 -46.02 -54.74
N ASP P 43 -34.52 -46.77 -55.81
CA ASP P 43 -34.71 -48.21 -55.76
C ASP P 43 -33.64 -48.93 -54.95
N GLU P 44 -32.53 -48.26 -54.66
CA GLU P 44 -31.45 -48.89 -53.91
C GLU P 44 -31.86 -49.18 -52.48
N PHE P 45 -32.60 -48.27 -51.85
CA PHE P 45 -32.99 -48.38 -50.46
C PHE P 45 -34.51 -48.39 -50.37
N PRO P 46 -35.13 -49.55 -50.50
CA PRO P 46 -36.59 -49.61 -50.48
C PRO P 46 -37.21 -49.48 -49.09
N LEU P 47 -36.51 -49.97 -48.07
CA LEU P 47 -37.10 -50.00 -46.73
C LEU P 47 -36.92 -48.67 -46.03
N GLY P 48 -38.01 -48.15 -45.47
CA GLY P 48 -37.98 -46.92 -44.70
C GLY P 48 -38.55 -47.11 -43.32
N GLY P 49 -37.76 -46.79 -42.29
CA GLY P 49 -38.21 -46.89 -40.92
C GLY P 49 -38.08 -45.57 -40.19
N HIS P 50 -39.19 -45.12 -39.61
CA HIS P 50 -39.26 -43.85 -38.91
C HIS P 50 -39.27 -44.07 -37.41
N MET P 51 -38.87 -43.03 -36.69
CA MET P 51 -39.03 -42.96 -35.24
C MET P 51 -39.93 -41.78 -34.94
N VAL P 52 -41.05 -42.05 -34.28
CA VAL P 52 -42.20 -41.15 -34.22
C VAL P 52 -42.45 -40.78 -32.77
N SER P 53 -42.55 -39.50 -32.48
CA SER P 53 -42.81 -39.06 -31.12
C SER P 53 -44.25 -39.38 -30.72
N ASP P 54 -44.46 -39.55 -29.43
CA ASP P 54 -45.79 -39.71 -28.88
C ASP P 54 -46.17 -38.58 -27.95
N GLU P 55 -45.31 -37.60 -27.75
CA GLU P 55 -45.56 -36.53 -26.82
C GLU P 55 -45.35 -35.18 -27.51
N TYR P 56 -46.20 -34.23 -27.18
CA TYR P 56 -46.04 -32.85 -27.64
C TYR P 56 -45.03 -32.19 -26.71
N GLU P 57 -43.80 -32.04 -27.17
CA GLU P 57 -42.74 -31.54 -26.31
C GLU P 57 -41.67 -30.88 -27.18
N GLN P 58 -40.56 -30.51 -26.54
CA GLN P 58 -39.44 -29.86 -27.20
C GLN P 58 -38.22 -30.73 -27.09
N LEU P 59 -37.58 -30.99 -28.23
CA LEU P 59 -36.35 -31.76 -28.30
C LEU P 59 -35.20 -30.79 -28.57
N SER P 60 -34.18 -30.84 -27.72
CA SER P 60 -33.06 -29.92 -27.86
C SER P 60 -32.17 -30.32 -29.03
N SER P 61 -31.45 -29.32 -29.55
CA SER P 61 -30.51 -29.57 -30.63
C SER P 61 -29.40 -30.50 -30.19
N GLU P 62 -28.95 -30.40 -28.94
CA GLU P 62 -27.97 -31.34 -28.41
C GLU P 62 -28.51 -32.76 -28.39
N ALA P 63 -29.78 -32.94 -28.00
CA ALA P 63 -30.37 -34.26 -28.02
C ALA P 63 -30.46 -34.82 -29.43
N LEU P 64 -30.84 -33.97 -30.39
CA LEU P 64 -30.89 -34.42 -31.78
C LEU P 64 -29.51 -34.82 -32.28
N GLU P 65 -28.49 -34.03 -31.95
CA GLU P 65 -27.12 -34.37 -32.32
C GLU P 65 -26.69 -35.70 -31.72
N ALA P 66 -26.98 -35.91 -30.43
CA ALA P 66 -26.60 -37.16 -29.78
C ALA P 66 -27.30 -38.36 -30.41
N ALA P 67 -28.60 -38.25 -30.67
CA ALA P 67 -29.33 -39.35 -31.28
C ALA P 67 -28.85 -39.63 -32.69
N ARG P 68 -28.55 -38.58 -33.46
CA ARG P 68 -28.01 -38.78 -34.80
C ARG P 68 -26.68 -39.50 -34.75
N ILE P 69 -25.79 -39.10 -33.84
CA ILE P 69 -24.49 -39.75 -33.72
C ILE P 69 -24.65 -41.21 -33.33
N CYS P 70 -25.53 -41.50 -32.36
CA CYS P 70 -25.73 -42.88 -31.91
C CYS P 70 -26.25 -43.76 -33.02
N ALA P 71 -27.29 -43.31 -33.72
CA ALA P 71 -27.86 -44.08 -34.82
C ALA P 71 -26.84 -44.26 -35.94
N ASN P 72 -26.06 -43.23 -36.25
CA ASN P 72 -25.06 -43.35 -37.29
C ASN P 72 -24.01 -44.38 -36.93
N LYS P 73 -23.54 -44.37 -35.69
CA LYS P 73 -22.54 -45.34 -35.27
C LYS P 73 -23.09 -46.76 -35.37
N TYR P 74 -24.32 -46.98 -34.91
CA TYR P 74 -24.83 -48.35 -34.97
C TYR P 74 -25.07 -48.79 -36.41
N MET P 75 -25.57 -47.87 -37.26
CA MET P 75 -25.81 -48.24 -38.66
C MET P 75 -24.52 -48.52 -39.39
N VAL P 76 -23.47 -47.75 -39.11
CA VAL P 76 -22.17 -48.02 -39.73
C VAL P 76 -21.63 -49.36 -39.23
N LYS P 77 -21.81 -49.65 -37.94
CA LYS P 77 -21.36 -50.94 -37.42
C LYS P 77 -22.07 -52.11 -38.08
N SER P 78 -23.39 -52.00 -38.25
CA SER P 78 -24.16 -53.16 -38.70
C SER P 78 -24.23 -53.28 -40.21
N CYS P 79 -24.63 -52.21 -40.90
CA CYS P 79 -24.91 -52.26 -42.33
C CYS P 79 -23.78 -51.69 -43.19
N GLY P 80 -22.72 -51.19 -42.59
CA GLY P 80 -21.64 -50.59 -43.34
C GLY P 80 -21.93 -49.14 -43.69
N ARG P 81 -20.88 -48.43 -44.10
CA ARG P 81 -20.99 -46.99 -44.28
C ARG P 81 -21.78 -46.61 -45.52
N ASP P 82 -21.98 -47.53 -46.46
CA ASP P 82 -22.71 -47.24 -47.68
C ASP P 82 -24.04 -47.96 -47.74
N GLY P 83 -24.47 -48.60 -46.65
CA GLY P 83 -25.65 -49.42 -46.65
C GLY P 83 -26.91 -48.78 -46.10
N PHE P 84 -26.91 -47.48 -45.84
CA PHE P 84 -28.05 -46.84 -45.22
C PHE P 84 -28.02 -45.36 -45.54
N HIS P 85 -29.15 -44.71 -45.31
CA HIS P 85 -29.25 -43.26 -45.41
C HIS P 85 -30.19 -42.77 -44.33
N MET P 86 -29.71 -41.88 -43.47
CA MET P 86 -30.49 -41.35 -42.37
C MET P 86 -30.79 -39.88 -42.59
N ARG P 87 -32.01 -39.50 -42.22
CA ARG P 87 -32.46 -38.12 -42.33
C ARG P 87 -33.12 -37.73 -41.01
N VAL P 88 -32.58 -36.71 -40.36
CA VAL P 88 -33.23 -36.12 -39.20
C VAL P 88 -34.32 -35.16 -39.71
N ARG P 89 -35.55 -35.38 -39.26
CA ARG P 89 -36.69 -34.63 -39.75
C ARG P 89 -37.14 -33.53 -38.80
N LEU P 90 -36.27 -33.13 -37.88
CA LEU P 90 -36.58 -32.06 -36.95
C LEU P 90 -35.46 -31.03 -36.99
N HIS P 91 -35.83 -29.77 -37.15
CA HIS P 91 -34.87 -28.69 -37.17
C HIS P 91 -35.09 -27.79 -35.97
N PRO P 92 -34.06 -27.48 -35.20
CA PRO P 92 -34.22 -26.69 -33.96
C PRO P 92 -34.44 -25.20 -34.23
N PHE P 93 -35.70 -24.85 -34.49
CA PHE P 93 -36.04 -23.49 -34.87
C PHE P 93 -36.54 -22.64 -33.71
N HIS P 94 -36.81 -23.22 -32.56
CA HIS P 94 -37.42 -22.49 -31.44
C HIS P 94 -36.34 -22.11 -30.44
N VAL P 95 -36.13 -20.83 -30.23
CA VAL P 95 -35.08 -20.35 -29.36
C VAL P 95 -35.60 -20.30 -27.93
N ILE P 96 -34.91 -20.97 -27.03
CA ILE P 96 -35.22 -20.94 -25.61
C ILE P 96 -34.28 -19.95 -24.94
N ARG P 97 -34.81 -19.23 -23.96
CA ARG P 97 -34.14 -18.12 -23.30
C ARG P 97 -33.74 -18.51 -21.88
N ILE P 98 -32.86 -17.68 -21.29
CA ILE P 98 -32.47 -17.84 -19.90
C ILE P 98 -32.38 -16.47 -19.25
N ASN P 99 -32.96 -16.34 -18.06
CA ASN P 99 -32.79 -15.15 -17.24
C ASN P 99 -31.69 -15.48 -16.23
N LYS P 100 -30.46 -15.12 -16.59
CA LYS P 100 -29.31 -15.52 -15.80
C LYS P 100 -29.24 -14.76 -14.49
N MET P 101 -29.02 -15.48 -13.40
CA MET P 101 -28.81 -14.89 -12.09
C MET P 101 -27.35 -15.06 -11.67
N LEU P 102 -26.86 -14.11 -10.87
CA LEU P 102 -25.50 -14.20 -10.38
C LEU P 102 -25.38 -15.32 -9.36
N SER P 103 -24.53 -16.29 -9.63
CA SER P 103 -24.38 -17.46 -8.77
C SER P 103 -23.29 -17.25 -7.72
N CYS P 104 -23.40 -16.17 -6.97
CA CYS P 104 -22.50 -15.85 -5.88
C CYS P 104 -23.30 -15.78 -4.58
N ALA P 105 -22.63 -15.36 -3.51
CA ALA P 105 -23.28 -15.19 -2.21
C ALA P 105 -23.70 -13.72 -2.01
N GLY P 106 -24.61 -13.28 -2.87
CA GLY P 106 -25.15 -11.94 -2.75
C GLY P 106 -26.37 -11.68 -3.61
N ALA P 107 -27.42 -11.14 -2.98
CA ALA P 107 -28.58 -10.65 -3.69
C ALA P 107 -28.60 -9.14 -3.80
N ASP P 108 -27.85 -8.44 -2.95
CA ASP P 108 -27.69 -7.00 -3.06
C ASP P 108 -26.93 -6.61 -4.32
N ARG P 109 -26.07 -7.50 -4.83
CA ARG P 109 -25.24 -7.21 -5.99
C ARG P 109 -26.15 -7.22 -7.22
N LEU P 110 -26.90 -6.12 -7.36
CA LEU P 110 -27.65 -5.75 -8.56
C LEU P 110 -28.45 -6.90 -9.15
N GLN P 111 -28.84 -7.86 -8.31
CA GLN P 111 -29.54 -9.03 -8.82
C GLN P 111 -30.89 -8.64 -9.41
N THR P 112 -31.63 -7.78 -8.72
CA THR P 112 -32.90 -7.20 -9.13
C THR P 112 -34.01 -8.24 -9.22
N GLY P 113 -33.67 -9.51 -9.01
CA GLY P 113 -34.66 -10.57 -8.99
C GLY P 113 -35.41 -10.67 -10.30
N MET P 114 -36.72 -10.52 -10.22
CA MET P 114 -37.62 -10.72 -11.35
C MET P 114 -37.87 -9.44 -12.12
N ARG P 115 -37.17 -8.35 -11.82
CA ARG P 115 -37.31 -7.11 -12.56
C ARG P 115 -36.56 -7.22 -13.87
N GLY P 116 -37.22 -6.86 -14.98
CA GLY P 116 -36.60 -6.97 -16.28
C GLY P 116 -36.20 -8.40 -16.58
N ALA P 117 -37.12 -9.33 -16.35
CA ALA P 117 -36.80 -10.74 -16.31
C ALA P 117 -36.69 -11.40 -17.68
N PHE P 118 -37.00 -10.68 -18.77
CA PHE P 118 -36.91 -11.28 -20.09
C PHE P 118 -35.47 -11.68 -20.37
N GLY P 119 -35.28 -12.90 -20.86
CA GLY P 119 -33.96 -13.50 -20.93
C GLY P 119 -33.34 -13.43 -22.30
N LYS P 120 -32.05 -13.68 -22.32
CA LYS P 120 -31.15 -13.83 -23.44
C LYS P 120 -31.28 -15.22 -24.03
N PRO P 121 -31.02 -15.37 -25.33
CA PRO P 121 -31.19 -16.69 -25.96
C PRO P 121 -30.24 -17.73 -25.39
N GLN P 122 -30.81 -18.72 -24.70
CA GLN P 122 -30.03 -19.83 -24.17
C GLN P 122 -29.62 -20.80 -25.26
N GLY P 123 -30.57 -21.23 -26.08
CA GLY P 123 -30.27 -22.24 -27.07
C GLY P 123 -31.42 -22.42 -28.02
N THR P 124 -31.38 -23.53 -28.77
CA THR P 124 -32.41 -23.85 -29.73
C THR P 124 -32.94 -25.26 -29.49
N VAL P 125 -34.24 -25.43 -29.69
CA VAL P 125 -34.92 -26.71 -29.57
C VAL P 125 -35.86 -26.86 -30.76
N ALA P 126 -36.31 -28.09 -30.98
CA ALA P 126 -37.29 -28.38 -32.01
C ALA P 126 -38.61 -28.76 -31.36
N ARG P 127 -39.71 -28.32 -31.94
CA ARG P 127 -41.03 -28.65 -31.44
C ARG P 127 -41.56 -29.85 -32.21
N VAL P 128 -41.92 -30.90 -31.48
CA VAL P 128 -42.41 -32.12 -32.07
C VAL P 128 -43.81 -32.40 -31.54
N HIS P 129 -44.69 -32.89 -32.41
CA HIS P 129 -46.06 -33.17 -32.07
C HIS P 129 -46.27 -34.67 -31.94
N ILE P 130 -47.44 -35.04 -31.42
CA ILE P 130 -47.78 -36.46 -31.34
C ILE P 130 -48.00 -36.98 -32.74
N GLY P 131 -47.20 -37.97 -33.14
CA GLY P 131 -47.27 -38.51 -34.47
C GLY P 131 -46.23 -37.98 -35.43
N GLN P 132 -45.49 -36.95 -35.05
CA GLN P 132 -44.48 -36.39 -35.95
C GLN P 132 -43.24 -37.27 -35.97
N VAL P 133 -42.57 -37.29 -37.10
CA VAL P 133 -41.39 -38.14 -37.31
C VAL P 133 -40.15 -37.38 -36.87
N ILE P 134 -39.32 -38.02 -36.06
CA ILE P 134 -38.08 -37.42 -35.59
C ILE P 134 -36.90 -37.82 -36.46
N MET P 135 -36.74 -39.11 -36.71
CA MET P 135 -35.65 -39.62 -37.53
C MET P 135 -36.19 -40.62 -38.53
N SER P 136 -35.51 -40.72 -39.67
CA SER P 136 -35.86 -41.68 -40.70
C SER P 136 -34.59 -42.38 -41.15
N ILE P 137 -34.67 -43.69 -41.35
CA ILE P 137 -33.56 -44.46 -41.92
C ILE P 137 -34.10 -45.28 -43.08
N ARG P 138 -33.48 -45.16 -44.24
CA ARG P 138 -33.83 -45.98 -45.38
C ARG P 138 -32.63 -46.84 -45.76
N THR P 139 -32.90 -48.08 -46.12
CA THR P 139 -31.84 -49.03 -46.45
C THR P 139 -32.45 -50.23 -47.16
N LYS P 140 -31.62 -51.25 -47.37
CA LYS P 140 -32.05 -52.50 -47.98
C LYS P 140 -33.12 -53.15 -47.12
N LEU P 141 -33.92 -54.01 -47.76
CA LEU P 141 -35.04 -54.62 -47.07
C LEU P 141 -34.61 -55.62 -46.01
N GLN P 142 -33.40 -56.17 -46.11
CA GLN P 142 -32.96 -57.16 -45.14
C GLN P 142 -32.33 -56.57 -43.89
N ASN P 143 -32.13 -55.25 -43.83
CA ASN P 143 -31.59 -54.58 -42.66
C ASN P 143 -32.68 -54.01 -41.76
N GLU P 144 -33.87 -54.62 -41.79
CA GLU P 144 -34.99 -54.12 -40.99
C GLU P 144 -34.66 -54.18 -39.50
N GLU P 145 -34.11 -55.32 -39.05
CA GLU P 145 -33.79 -55.47 -37.64
C GLU P 145 -32.68 -54.51 -37.22
N HIS P 146 -31.72 -54.25 -38.11
CA HIS P 146 -30.67 -53.29 -37.80
C HIS P 146 -31.22 -51.88 -37.69
N VAL P 147 -32.15 -51.52 -38.57
CA VAL P 147 -32.80 -50.20 -38.48
C VAL P 147 -33.57 -50.08 -37.17
N ILE P 148 -34.31 -51.12 -36.81
CA ILE P 148 -35.10 -51.08 -35.58
C ILE P 148 -34.18 -50.94 -34.37
N GLU P 149 -33.06 -51.68 -34.35
CA GLU P 149 -32.16 -51.57 -33.22
C GLU P 149 -31.47 -50.21 -33.15
N ALA P 150 -31.10 -49.65 -34.32
CA ALA P 150 -30.50 -48.33 -34.32
C ALA P 150 -31.47 -47.27 -33.81
N LEU P 151 -32.73 -47.33 -34.22
CA LEU P 151 -33.71 -46.37 -33.74
C LEU P 151 -34.01 -46.59 -32.26
N ARG P 152 -34.05 -47.84 -31.80
CA ARG P 152 -34.24 -48.12 -30.39
C ARG P 152 -33.11 -47.55 -29.55
N ARG P 153 -31.87 -47.67 -30.04
CA ARG P 153 -30.75 -47.09 -29.32
C ARG P 153 -30.79 -45.57 -29.34
N ALA P 154 -31.24 -44.99 -30.46
CA ALA P 154 -31.37 -43.54 -30.53
C ALA P 154 -32.47 -43.00 -29.63
N LYS P 155 -33.47 -43.83 -29.31
CA LYS P 155 -34.56 -43.38 -28.43
C LYS P 155 -34.07 -42.93 -27.07
N PHE P 156 -32.98 -43.50 -26.58
CA PHE P 156 -32.53 -43.21 -25.23
C PHE P 156 -31.91 -41.82 -25.08
N LYS P 157 -31.72 -41.10 -26.17
CA LYS P 157 -31.17 -39.75 -26.10
C LYS P 157 -32.25 -38.69 -26.03
N PHE P 158 -33.51 -39.09 -25.88
CA PHE P 158 -34.63 -38.15 -25.93
C PHE P 158 -35.48 -38.27 -24.69
N PRO P 159 -36.13 -37.18 -24.27
CA PRO P 159 -36.87 -37.19 -23.00
C PRO P 159 -38.11 -38.06 -22.98
N GLY P 160 -38.99 -37.88 -23.96
CA GLY P 160 -40.33 -38.41 -23.89
C GLY P 160 -40.46 -39.87 -24.31
N ARG P 161 -41.55 -40.17 -24.98
CA ARG P 161 -41.84 -41.51 -25.47
C ARG P 161 -41.85 -41.51 -26.99
N GLN P 162 -41.19 -42.50 -27.57
CA GLN P 162 -41.09 -42.61 -29.03
C GLN P 162 -41.43 -44.03 -29.45
N LYS P 163 -41.95 -44.16 -30.66
CA LYS P 163 -42.30 -45.43 -31.26
C LYS P 163 -41.46 -45.64 -32.50
N ILE P 164 -41.21 -46.91 -32.83
CA ILE P 164 -40.50 -47.27 -34.04
C ILE P 164 -41.52 -47.82 -35.02
N HIS P 165 -41.49 -47.33 -36.26
CA HIS P 165 -42.52 -47.67 -37.22
C HIS P 165 -41.88 -47.92 -38.58
N ILE P 166 -42.06 -49.14 -39.11
CA ILE P 166 -41.59 -49.45 -40.44
C ILE P 166 -42.66 -48.99 -41.41
N SER P 167 -42.40 -47.89 -42.12
CA SER P 167 -43.43 -47.27 -42.93
C SER P 167 -43.74 -48.12 -44.15
N LYS P 168 -44.92 -47.89 -44.71
CA LYS P 168 -45.36 -48.59 -45.91
C LYS P 168 -44.94 -47.87 -47.19
N LYS P 169 -44.32 -46.71 -47.09
CA LYS P 169 -43.83 -46.00 -48.27
C LYS P 169 -42.50 -46.60 -48.72
N TRP P 170 -42.18 -46.37 -49.99
CA TRP P 170 -40.92 -46.82 -50.56
C TRP P 170 -39.85 -45.79 -50.23
N GLY P 171 -38.91 -46.17 -49.37
CA GLY P 171 -37.82 -45.27 -49.04
C GLY P 171 -38.31 -44.00 -48.40
N PHE P 172 -37.77 -42.87 -48.87
CA PHE P 172 -38.18 -41.56 -48.39
C PHE P 172 -39.27 -40.94 -49.24
N THR P 173 -39.80 -41.67 -50.22
CA THR P 173 -40.87 -41.14 -51.05
C THR P 173 -42.19 -41.16 -50.29
N LYS P 174 -43.20 -40.53 -50.88
CA LYS P 174 -44.54 -40.49 -50.32
C LYS P 174 -45.47 -41.50 -50.98
N PHE P 175 -44.93 -42.44 -51.75
CA PHE P 175 -45.72 -43.41 -52.47
C PHE P 175 -45.55 -44.78 -51.84
N ASN P 176 -46.61 -45.57 -51.85
CA ASN P 176 -46.59 -46.86 -51.17
C ASN P 176 -45.62 -47.82 -51.85
N ALA P 177 -44.98 -48.67 -51.04
CA ALA P 177 -43.95 -49.57 -51.56
C ALA P 177 -44.55 -50.59 -52.53
N ASP P 178 -45.74 -51.10 -52.22
CA ASP P 178 -46.35 -52.08 -53.10
C ASP P 178 -46.79 -51.48 -54.43
N GLU P 179 -47.13 -50.19 -54.44
CA GLU P 179 -47.55 -49.52 -55.65
C GLU P 179 -46.42 -48.77 -56.34
N PHE P 180 -45.20 -48.85 -55.80
CA PHE P 180 -44.09 -48.09 -56.38
C PHE P 180 -43.62 -48.68 -57.70
N GLU P 181 -43.46 -49.99 -57.76
CA GLU P 181 -42.85 -50.63 -58.93
C GLU P 181 -43.69 -50.42 -60.18
N ASP P 182 -45.00 -50.66 -60.09
CA ASP P 182 -45.82 -50.51 -61.28
C ASP P 182 -45.98 -49.05 -61.69
N MET P 183 -45.97 -48.14 -60.73
CA MET P 183 -46.01 -46.71 -61.06
C MET P 183 -44.76 -46.29 -61.80
N VAL P 184 -43.58 -46.79 -61.39
CA VAL P 184 -42.37 -46.50 -62.14
C VAL P 184 -42.41 -47.16 -63.50
N ALA P 185 -42.98 -48.36 -63.60
CA ALA P 185 -43.07 -49.05 -64.88
C ALA P 185 -43.95 -48.28 -65.86
N LYS P 186 -45.10 -47.79 -65.41
CA LYS P 186 -46.01 -47.02 -66.25
C LYS P 186 -45.65 -45.54 -66.27
N LYS P 187 -44.54 -45.16 -65.66
CA LYS P 187 -43.93 -43.83 -65.80
C LYS P 187 -44.79 -42.74 -65.17
N CYS P 188 -45.50 -43.08 -64.11
CA CYS P 188 -46.01 -42.04 -63.22
C CYS P 188 -44.94 -41.52 -62.28
N LEU P 189 -43.81 -42.21 -62.17
CA LEU P 189 -42.69 -41.77 -61.34
C LEU P 189 -41.41 -41.83 -62.17
N ILE P 190 -40.54 -40.84 -61.96
CA ILE P 190 -39.25 -40.79 -62.63
C ILE P 190 -38.19 -40.57 -61.55
N PRO P 191 -37.23 -41.47 -61.37
CA PRO P 191 -36.22 -41.27 -60.32
C PRO P 191 -35.33 -40.07 -60.60
N ASP P 192 -34.96 -39.37 -59.52
CA ASP P 192 -33.91 -38.36 -59.59
C ASP P 192 -33.24 -38.26 -58.22
N GLY P 193 -32.03 -38.80 -58.12
CA GLY P 193 -31.36 -38.80 -56.83
C GLY P 193 -32.09 -39.66 -55.84
N CYS P 194 -32.16 -39.18 -54.60
CA CYS P 194 -32.77 -39.93 -53.52
C CYS P 194 -34.29 -40.00 -53.61
N GLY P 195 -34.91 -39.18 -54.46
CA GLY P 195 -36.35 -39.13 -54.55
C GLY P 195 -36.83 -39.33 -55.98
N VAL P 196 -38.15 -39.32 -56.13
CA VAL P 196 -38.79 -39.49 -57.43
C VAL P 196 -39.60 -38.25 -57.75
N LYS P 197 -39.85 -38.06 -59.03
CA LYS P 197 -40.73 -37.00 -59.54
C LYS P 197 -42.02 -37.64 -60.00
N TYR P 198 -43.13 -37.15 -59.48
CA TYR P 198 -44.44 -37.59 -59.95
C TYR P 198 -44.77 -36.89 -61.26
N VAL P 199 -45.17 -37.66 -62.26
CA VAL P 199 -45.49 -37.11 -63.57
C VAL P 199 -46.99 -37.23 -63.79
N PRO P 200 -47.75 -36.17 -63.60
CA PRO P 200 -49.20 -36.26 -63.80
C PRO P 200 -49.54 -36.33 -65.28
N SER P 201 -50.76 -36.77 -65.54
CA SER P 201 -51.26 -36.86 -66.92
C SER P 201 -51.86 -35.53 -67.37
N HIS P 202 -51.13 -34.45 -67.18
CA HIS P 202 -51.54 -33.15 -67.71
C HIS P 202 -50.29 -32.29 -67.90
N GLY P 203 -50.43 -31.29 -68.76
CA GLY P 203 -49.31 -30.51 -69.22
C GLY P 203 -49.17 -30.62 -70.72
N PRO P 204 -48.11 -30.05 -71.28
CA PRO P 204 -47.90 -30.19 -72.73
C PRO P 204 -47.58 -31.62 -73.13
N LEU P 205 -48.01 -31.99 -74.34
CA LEU P 205 -47.70 -33.31 -74.85
C LEU P 205 -46.23 -33.47 -75.21
N ASP P 206 -45.48 -32.37 -75.30
CA ASP P 206 -44.05 -32.50 -75.54
C ASP P 206 -43.36 -33.15 -74.36
N LYS P 207 -43.78 -32.80 -73.14
CA LYS P 207 -43.25 -33.48 -71.97
C LYS P 207 -43.68 -34.93 -71.89
N TRP P 208 -44.79 -35.28 -72.55
CA TRP P 208 -45.18 -36.69 -72.60
C TRP P 208 -44.35 -37.46 -73.62
N ARG P 209 -44.06 -36.84 -74.76
CA ARG P 209 -43.32 -37.54 -75.80
C ARG P 209 -41.81 -37.47 -75.62
N VAL P 210 -41.30 -36.65 -74.70
CA VAL P 210 -39.91 -36.84 -74.31
C VAL P 210 -39.80 -38.10 -73.45
N LEU P 211 -40.82 -38.38 -72.65
CA LEU P 211 -41.03 -39.73 -72.15
C LEU P 211 -41.53 -40.62 -73.28
N HIS P 212 -41.55 -41.92 -73.03
CA HIS P 212 -41.92 -42.90 -74.06
C HIS P 212 -41.04 -42.77 -75.30
N SER P 213 -39.80 -42.30 -75.12
CA SER P 213 -38.89 -42.07 -76.23
C SER P 213 -37.44 -42.11 -75.77
N LYS Q 6 -44.73 -12.15 -102.50
CA LYS Q 6 -44.59 -13.28 -101.60
C LYS Q 6 -44.39 -12.80 -100.18
N GLU Q 7 -43.65 -11.70 -100.03
CA GLU Q 7 -43.42 -11.08 -98.73
C GLU Q 7 -44.33 -9.88 -98.58
N ASN Q 8 -44.98 -9.78 -97.43
CA ASN Q 8 -45.89 -8.67 -97.15
C ASN Q 8 -45.10 -7.37 -97.11
N PRO Q 9 -45.52 -6.33 -97.84
CA PRO Q 9 -44.78 -5.07 -97.81
C PRO Q 9 -44.73 -4.42 -96.44
N MET Q 10 -45.63 -4.79 -95.54
CA MET Q 10 -45.66 -4.22 -94.20
C MET Q 10 -44.66 -4.88 -93.26
N ARG Q 11 -43.89 -5.85 -93.74
CA ARG Q 11 -42.87 -6.52 -92.95
C ARG Q 11 -41.46 -6.05 -93.25
N GLU Q 12 -41.30 -5.04 -94.10
CA GLU Q 12 -39.96 -4.61 -94.50
C GLU Q 12 -39.23 -3.96 -93.35
N LEU Q 13 -37.98 -4.35 -93.14
CA LEU Q 13 -37.15 -3.71 -92.13
C LEU Q 13 -36.77 -2.30 -92.57
N ARG Q 14 -36.62 -1.41 -91.60
CA ARG Q 14 -36.19 -0.05 -91.86
C ARG Q 14 -35.62 0.53 -90.58
N ILE Q 15 -34.82 1.58 -90.74
CA ILE Q 15 -34.15 2.20 -89.61
C ILE Q 15 -35.14 3.09 -88.87
N ARG Q 16 -35.31 2.84 -87.57
CA ARG Q 16 -36.16 3.72 -86.77
C ARG Q 16 -35.39 4.95 -86.33
N LYS Q 17 -34.31 4.76 -85.58
CA LYS Q 17 -33.47 5.87 -85.13
C LYS Q 17 -32.02 5.42 -85.16
N LEU Q 18 -31.12 6.39 -85.11
CA LEU Q 18 -29.69 6.11 -85.19
C LEU Q 18 -28.95 6.32 -83.88
N CYS Q 19 -29.36 7.28 -83.06
CA CYS Q 19 -28.91 7.40 -81.66
C CYS Q 19 -27.39 7.57 -81.54
N LEU Q 20 -26.91 8.70 -82.04
CA LEU Q 20 -25.52 9.06 -81.83
C LEU Q 20 -25.26 9.48 -80.39
N ASN Q 21 -24.08 9.10 -79.89
CA ASN Q 21 -23.75 9.42 -78.50
C ASN Q 21 -22.25 9.67 -78.36
N ILE Q 22 -21.89 10.77 -77.72
CA ILE Q 22 -20.49 11.09 -77.40
C ILE Q 22 -20.40 11.22 -75.89
N CYS Q 23 -19.66 10.33 -75.24
CA CYS Q 23 -19.54 10.35 -73.79
C CYS Q 23 -18.20 10.97 -73.40
N VAL Q 24 -18.19 12.30 -73.34
CA VAL Q 24 -17.05 13.00 -72.77
C VAL Q 24 -17.00 12.70 -71.27
N GLY Q 25 -15.79 12.54 -70.75
CA GLY Q 25 -15.67 12.16 -69.35
C GLY Q 25 -16.21 13.21 -68.39
N GLU Q 26 -15.98 14.48 -68.69
CA GLU Q 26 -16.31 15.56 -67.77
C GLU Q 26 -17.14 16.62 -68.50
N SER Q 27 -17.52 17.66 -67.77
CA SER Q 27 -18.30 18.76 -68.30
C SER Q 27 -17.39 19.88 -68.78
N GLY Q 28 -17.99 20.97 -69.24
CA GLY Q 28 -17.24 22.16 -69.59
C GLY Q 28 -17.02 22.36 -71.07
N ASP Q 29 -15.86 22.93 -71.40
CA ASP Q 29 -15.54 23.25 -72.79
C ASP Q 29 -15.44 22.01 -73.65
N ARG Q 30 -14.93 20.90 -73.09
CA ARG Q 30 -14.87 19.67 -73.85
C ARG Q 30 -16.26 19.20 -74.25
N LEU Q 31 -17.21 19.24 -73.31
CA LEU Q 31 -18.57 18.82 -73.62
C LEU Q 31 -19.23 19.77 -74.59
N THR Q 32 -18.96 21.08 -74.47
CA THR Q 32 -19.53 22.04 -75.41
C THR Q 32 -19.01 21.81 -76.82
N ARG Q 33 -17.71 21.53 -76.95
CA ARG Q 33 -17.16 21.24 -78.27
C ARG Q 33 -17.71 19.94 -78.83
N ALA Q 34 -17.93 18.94 -77.98
CA ALA Q 34 -18.54 17.70 -78.44
C ALA Q 34 -19.97 17.94 -78.94
N ALA Q 35 -20.73 18.77 -78.22
CA ALA Q 35 -22.07 19.13 -78.66
C ALA Q 35 -22.02 19.85 -80.01
N LYS Q 36 -21.03 20.73 -80.18
CA LYS Q 36 -20.86 21.38 -81.47
C LYS Q 36 -20.53 20.38 -82.57
N VAL Q 37 -19.74 19.35 -82.24
CA VAL Q 37 -19.44 18.28 -83.20
C VAL Q 37 -20.72 17.59 -83.64
N LEU Q 38 -21.56 17.19 -82.68
CA LEU Q 38 -22.78 16.47 -83.02
C LEU Q 38 -23.73 17.35 -83.82
N GLU Q 39 -23.86 18.62 -83.43
CA GLU Q 39 -24.74 19.52 -84.17
C GLU Q 39 -24.22 19.75 -85.58
N GLN Q 40 -22.91 19.87 -85.74
CA GLN Q 40 -22.33 20.01 -87.07
C GLN Q 40 -22.59 18.78 -87.93
N LEU Q 41 -22.48 17.60 -87.34
CA LEU Q 41 -22.66 16.37 -88.12
C LEU Q 41 -24.11 16.16 -88.50
N THR Q 42 -25.04 16.39 -87.57
CA THR Q 42 -26.43 16.04 -87.82
C THR Q 42 -27.28 17.17 -88.38
N GLY Q 43 -26.84 18.42 -88.25
CA GLY Q 43 -27.72 19.53 -88.55
C GLY Q 43 -28.89 19.58 -87.61
N GLN Q 44 -28.65 19.38 -86.31
CA GLN Q 44 -29.72 19.10 -85.37
C GLN Q 44 -29.17 19.25 -83.96
N THR Q 45 -29.87 20.01 -83.12
CA THR Q 45 -29.36 20.35 -81.80
C THR Q 45 -29.36 19.13 -80.88
N PRO Q 46 -28.22 18.81 -80.26
CA PRO Q 46 -28.19 17.65 -79.35
C PRO Q 46 -28.53 18.02 -77.92
N VAL Q 47 -28.58 17.02 -77.03
CA VAL Q 47 -28.87 17.23 -75.62
C VAL Q 47 -27.81 16.55 -74.78
N PHE Q 48 -27.65 17.06 -73.57
CA PHE Q 48 -26.65 16.57 -72.63
C PHE Q 48 -27.25 15.52 -71.70
N SER Q 49 -26.37 14.75 -71.08
CA SER Q 49 -26.77 13.71 -70.14
C SER Q 49 -26.09 13.95 -68.81
N LYS Q 50 -26.87 13.99 -67.74
CA LYS Q 50 -26.30 14.12 -66.41
C LYS Q 50 -25.79 12.76 -65.92
N ALA Q 51 -24.93 12.81 -64.91
CA ALA Q 51 -24.43 11.59 -64.29
C ALA Q 51 -25.40 11.11 -63.22
N ARG Q 52 -25.83 9.86 -63.34
CA ARG Q 52 -26.80 9.31 -62.39
C ARG Q 52 -26.24 9.27 -60.98
N TYR Q 53 -24.99 8.89 -60.83
CA TYR Q 53 -24.36 8.74 -59.53
C TYR Q 53 -23.03 9.48 -59.53
N THR Q 54 -22.36 9.43 -58.39
CA THR Q 54 -21.04 10.05 -58.22
C THR Q 54 -20.03 8.93 -58.01
N VAL Q 55 -19.04 8.84 -58.89
CA VAL Q 55 -17.97 7.86 -58.76
C VAL Q 55 -16.64 8.59 -58.74
N ARG Q 56 -15.83 8.29 -57.72
CA ARG Q 56 -14.53 8.94 -57.59
C ARG Q 56 -13.56 8.42 -58.64
N SER Q 57 -13.68 7.14 -59.02
CA SER Q 57 -12.74 6.54 -59.95
C SER Q 57 -12.79 7.22 -61.32
N PHE Q 58 -13.99 7.51 -61.81
CA PHE Q 58 -14.14 8.24 -63.06
C PHE Q 58 -14.18 9.75 -62.83
N GLY Q 59 -14.21 10.19 -61.58
CA GLY Q 59 -14.12 11.60 -61.27
C GLY Q 59 -15.31 12.42 -61.74
N ILE Q 60 -16.52 11.88 -61.59
CA ILE Q 60 -17.73 12.60 -61.97
C ILE Q 60 -18.64 12.70 -60.75
N ARG Q 61 -19.42 13.77 -60.69
CA ARG Q 61 -20.41 13.96 -59.63
C ARG Q 61 -21.81 13.75 -60.17
N ARG Q 62 -22.73 13.47 -59.25
CA ARG Q 62 -24.13 13.30 -59.62
C ARG Q 62 -24.69 14.58 -60.21
N ASN Q 63 -25.58 14.44 -61.19
CA ASN Q 63 -26.27 15.53 -61.85
C ASN Q 63 -25.31 16.44 -62.61
N GLU Q 64 -24.12 15.97 -62.92
CA GLU Q 64 -23.15 16.72 -63.70
C GLU Q 64 -23.25 16.30 -65.16
N LYS Q 65 -23.31 17.27 -66.05
CA LYS Q 65 -23.43 16.99 -67.48
C LYS Q 65 -22.21 16.24 -67.97
N ILE Q 66 -22.40 14.98 -68.38
CA ILE Q 66 -21.28 14.13 -68.74
C ILE Q 66 -21.20 13.98 -70.24
N ALA Q 67 -22.25 13.47 -70.85
CA ALA Q 67 -22.24 13.12 -72.26
C ALA Q 67 -23.18 14.01 -73.05
N VAL Q 68 -23.15 13.83 -74.36
CA VAL Q 68 -24.08 14.47 -75.28
C VAL Q 68 -24.58 13.40 -76.22
N HIS Q 69 -25.83 13.54 -76.69
CA HIS Q 69 -26.39 12.51 -77.55
C HIS Q 69 -27.54 13.11 -78.33
N CYS Q 70 -27.89 12.46 -79.44
CA CYS Q 70 -29.03 12.87 -80.24
C CYS Q 70 -29.50 11.71 -81.09
N THR Q 71 -30.82 11.59 -81.23
CA THR Q 71 -31.42 10.58 -82.08
C THR Q 71 -31.76 11.19 -83.43
N VAL Q 72 -31.47 10.45 -84.49
CA VAL Q 72 -31.70 10.92 -85.85
C VAL Q 72 -32.56 9.88 -86.55
N ARG Q 73 -33.63 10.33 -87.21
CA ARG Q 73 -34.57 9.45 -87.87
C ARG Q 73 -34.73 9.84 -89.33
N GLY Q 74 -34.90 8.83 -90.19
CA GLY Q 74 -35.23 9.07 -91.58
C GLY Q 74 -34.05 9.06 -92.54
N ALA Q 75 -34.16 9.87 -93.59
CA ALA Q 75 -33.11 9.91 -94.61
C ALA Q 75 -31.79 10.41 -94.03
N LYS Q 76 -31.84 11.37 -93.10
CA LYS Q 76 -30.61 11.81 -92.46
C LYS Q 76 -29.96 10.68 -91.69
N ALA Q 77 -30.76 9.85 -91.03
CA ALA Q 77 -30.22 8.66 -90.38
C ALA Q 77 -29.60 7.71 -91.40
N GLU Q 78 -30.24 7.55 -92.55
CA GLU Q 78 -29.67 6.70 -93.59
C GLU Q 78 -28.30 7.20 -94.03
N GLU Q 79 -28.17 8.51 -94.25
CA GLU Q 79 -26.89 9.05 -94.71
C GLU Q 79 -25.82 8.97 -93.64
N ILE Q 80 -26.17 9.27 -92.38
CA ILE Q 80 -25.18 9.22 -91.32
C ILE Q 80 -24.72 7.78 -91.08
N LEU Q 81 -25.64 6.83 -91.14
CA LEU Q 81 -25.26 5.42 -91.04
C LEU Q 81 -24.38 5.01 -92.21
N GLU Q 82 -24.69 5.52 -93.41
CA GLU Q 82 -23.85 5.23 -94.57
C GLU Q 82 -22.42 5.72 -94.36
N LYS Q 83 -22.27 6.94 -93.84
CA LYS Q 83 -20.93 7.46 -93.57
C LYS Q 83 -20.21 6.66 -92.49
N GLY Q 84 -20.92 6.31 -91.42
CA GLY Q 84 -20.30 5.52 -90.37
C GLY Q 84 -19.86 4.14 -90.84
N LEU Q 85 -20.69 3.48 -91.64
CA LEU Q 85 -20.32 2.18 -92.18
C LEU Q 85 -19.21 2.29 -93.22
N LYS Q 86 -19.17 3.40 -93.97
CA LYS Q 86 -18.03 3.64 -94.84
C LYS Q 86 -16.74 3.71 -94.05
N VAL Q 87 -16.76 4.40 -92.91
CA VAL Q 87 -15.58 4.43 -92.05
C VAL Q 87 -15.26 3.03 -91.54
N ARG Q 88 -16.28 2.28 -91.12
CA ARG Q 88 -16.11 0.90 -90.65
C ARG Q 88 -15.77 -0.08 -91.75
N GLU Q 89 -15.70 0.37 -93.01
CA GLU Q 89 -15.36 -0.48 -94.16
C GLU Q 89 -16.42 -1.56 -94.39
N TYR Q 90 -17.65 -1.29 -93.95
CA TYR Q 90 -18.80 -2.17 -94.15
C TYR Q 90 -18.54 -3.57 -93.60
N GLU Q 91 -17.92 -3.64 -92.44
CA GLU Q 91 -17.71 -4.90 -91.74
C GLU Q 91 -18.02 -4.71 -90.26
N LEU Q 92 -18.73 -5.68 -89.69
CA LEU Q 92 -19.14 -5.64 -88.29
C LEU Q 92 -18.96 -7.01 -87.67
N ARG Q 93 -18.71 -7.03 -86.37
CA ARG Q 93 -18.55 -8.29 -85.67
C ARG Q 93 -19.90 -8.95 -85.42
N LYS Q 94 -19.86 -10.28 -85.34
CA LYS Q 94 -21.07 -11.07 -85.08
C LYS Q 94 -21.75 -10.63 -83.79
N ASN Q 95 -20.98 -10.27 -82.77
CA ASN Q 95 -21.55 -9.86 -81.50
C ASN Q 95 -21.94 -8.38 -81.48
N ASN Q 96 -21.75 -7.65 -82.57
CA ASN Q 96 -22.21 -6.27 -82.60
C ASN Q 96 -23.73 -6.16 -82.68
N PHE Q 97 -24.43 -7.27 -82.89
CA PHE Q 97 -25.88 -7.28 -83.05
C PHE Q 97 -26.51 -7.76 -81.75
N SER Q 98 -27.51 -7.03 -81.28
CA SER Q 98 -28.22 -7.44 -80.07
C SER Q 98 -29.25 -8.51 -80.41
N ASP Q 99 -29.78 -9.15 -79.36
CA ASP Q 99 -30.81 -10.16 -79.56
C ASP Q 99 -32.19 -9.57 -79.83
N THR Q 100 -32.34 -8.26 -79.70
CA THR Q 100 -33.60 -7.60 -79.99
C THR Q 100 -33.68 -7.09 -81.42
N GLY Q 101 -32.68 -7.35 -82.25
CA GLY Q 101 -32.76 -7.03 -83.66
C GLY Q 101 -32.22 -5.69 -84.07
N ASN Q 102 -31.34 -5.08 -83.27
CA ASN Q 102 -30.76 -3.80 -83.61
C ASN Q 102 -29.29 -3.81 -83.20
N PHE Q 103 -28.50 -2.91 -83.78
CA PHE Q 103 -27.05 -3.06 -83.63
C PHE Q 103 -26.39 -1.70 -83.53
N GLY Q 104 -25.07 -1.71 -83.42
CA GLY Q 104 -24.33 -0.47 -83.29
C GLY Q 104 -22.84 -0.73 -83.34
N PHE Q 105 -22.10 0.37 -83.44
CA PHE Q 105 -20.64 0.33 -83.51
C PHE Q 105 -20.11 1.67 -83.01
N GLY Q 106 -18.81 1.87 -83.15
CA GLY Q 106 -18.17 3.08 -82.69
C GLY Q 106 -17.18 3.62 -83.70
N ILE Q 107 -17.03 4.94 -83.70
CA ILE Q 107 -16.11 5.64 -84.58
C ILE Q 107 -15.10 6.35 -83.69
N GLN Q 108 -13.81 6.13 -83.98
CA GLN Q 108 -12.76 6.63 -83.10
C GLN Q 108 -12.53 8.13 -83.30
N GLU Q 109 -12.61 8.62 -84.53
CA GLU Q 109 -12.41 10.04 -84.82
C GLU Q 109 -13.56 10.55 -85.67
N HIS Q 110 -14.14 11.68 -85.28
CA HIS Q 110 -15.32 12.19 -85.96
C HIS Q 110 -15.02 12.90 -87.26
N ILE Q 111 -13.75 13.08 -87.62
CA ILE Q 111 -13.41 13.85 -88.81
C ILE Q 111 -13.18 12.98 -90.03
N ASP Q 112 -13.09 11.67 -89.87
CA ASP Q 112 -12.92 10.80 -91.03
C ASP Q 112 -14.23 10.52 -91.75
N LEU Q 113 -15.35 10.98 -91.23
CA LEU Q 113 -16.65 10.90 -91.90
C LEU Q 113 -17.11 12.31 -92.23
N GLY Q 114 -16.72 12.79 -93.41
CA GLY Q 114 -17.25 14.03 -93.94
C GLY Q 114 -16.79 15.30 -93.25
N ILE Q 115 -17.00 15.38 -91.94
CA ILE Q 115 -16.79 16.63 -91.21
C ILE Q 115 -15.31 16.98 -91.19
N LYS Q 116 -14.98 18.17 -91.68
CA LYS Q 116 -13.59 18.62 -91.67
C LYS Q 116 -13.18 19.04 -90.27
N TYR Q 117 -11.88 18.93 -90.02
CA TYR Q 117 -11.33 19.35 -88.74
C TYR Q 117 -11.43 20.86 -88.56
N ASP Q 118 -11.59 21.28 -87.31
CA ASP Q 118 -11.52 22.68 -86.93
C ASP Q 118 -10.61 22.80 -85.71
N PRO Q 119 -9.74 23.81 -85.68
CA PRO Q 119 -8.84 23.96 -84.52
C PRO Q 119 -9.56 24.15 -83.21
N SER Q 120 -10.72 24.78 -83.20
CA SER Q 120 -11.53 24.92 -81.99
C SER Q 120 -12.40 23.69 -81.72
N ILE Q 121 -12.07 22.57 -82.35
CA ILE Q 121 -12.80 21.32 -82.23
C ILE Q 121 -11.81 20.20 -82.00
N GLY Q 122 -12.13 19.30 -81.07
CA GLY Q 122 -11.26 18.18 -80.75
C GLY Q 122 -11.28 17.08 -81.79
N ILE Q 123 -10.96 15.87 -81.33
CA ILE Q 123 -10.84 14.69 -82.19
C ILE Q 123 -11.84 13.66 -81.67
N TYR Q 124 -13.01 14.15 -81.23
CA TYR Q 124 -13.95 13.33 -80.49
C TYR Q 124 -14.38 12.10 -81.27
N GLY Q 125 -14.46 10.96 -80.58
CA GLY Q 125 -15.11 9.79 -81.10
C GLY Q 125 -16.56 9.74 -80.69
N LEU Q 126 -17.25 8.70 -81.15
CA LEU Q 126 -18.69 8.64 -80.92
C LEU Q 126 -19.20 7.22 -81.15
N ASP Q 127 -20.45 7.02 -80.75
CA ASP Q 127 -21.14 5.74 -80.81
C ASP Q 127 -22.35 5.86 -81.70
N PHE Q 128 -22.48 4.93 -82.65
CA PHE Q 128 -23.66 4.77 -83.48
C PHE Q 128 -24.43 3.57 -82.97
N TYR Q 129 -25.74 3.72 -82.80
CA TYR Q 129 -26.53 2.54 -82.41
C TYR Q 129 -27.86 2.61 -83.16
N VAL Q 130 -27.92 1.94 -84.29
CA VAL Q 130 -29.11 1.95 -85.11
C VAL Q 130 -30.12 0.95 -84.58
N VAL Q 131 -31.38 1.39 -84.56
CA VAL Q 131 -32.51 0.60 -84.09
C VAL Q 131 -33.36 0.26 -85.29
N LEU Q 132 -33.48 -1.03 -85.59
CA LEU Q 132 -34.29 -1.47 -86.72
C LEU Q 132 -35.76 -1.52 -86.31
N GLY Q 133 -36.61 -1.59 -87.32
CA GLY Q 133 -38.04 -1.63 -87.07
C GLY Q 133 -38.82 -1.97 -88.32
N ARG Q 134 -40.06 -2.37 -88.11
CA ARG Q 134 -41.01 -2.66 -89.16
C ARG Q 134 -42.17 -1.67 -89.05
N PRO Q 135 -42.94 -1.51 -90.12
CA PRO Q 135 -44.19 -0.72 -90.01
C PRO Q 135 -45.10 -1.31 -88.94
N GLY Q 136 -45.54 -0.46 -88.03
CA GLY Q 136 -46.40 -0.88 -86.94
C GLY Q 136 -45.71 -1.01 -85.60
N PHE Q 137 -44.42 -0.69 -85.49
CA PHE Q 137 -43.78 -0.72 -84.19
C PHE Q 137 -44.21 0.44 -83.30
N SER Q 138 -44.85 1.46 -83.87
CA SER Q 138 -45.25 2.63 -83.09
C SER Q 138 -46.39 2.36 -82.13
N ILE Q 139 -47.08 1.22 -82.27
CA ILE Q 139 -48.18 0.91 -81.37
C ILE Q 139 -47.69 0.66 -79.95
N ALA Q 140 -46.43 0.29 -79.77
CA ALA Q 140 -45.88 0.18 -78.43
C ALA Q 140 -45.60 1.53 -77.79
N ASP Q 141 -45.65 2.60 -78.56
CA ASP Q 141 -45.36 3.94 -78.06
C ASP Q 141 -46.56 4.87 -78.10
N LYS Q 142 -47.60 4.53 -78.85
CA LYS Q 142 -48.78 5.39 -78.93
C LYS Q 142 -49.45 5.49 -77.56
N LYS Q 143 -50.28 6.54 -77.41
CA LYS Q 143 -50.89 6.80 -76.11
C LYS Q 143 -52.18 6.00 -75.94
N ARG Q 144 -53.10 6.12 -76.87
CA ARG Q 144 -54.39 5.44 -76.79
C ARG Q 144 -54.30 4.07 -77.43
N ARG Q 145 -54.70 3.05 -76.67
CA ARG Q 145 -54.74 1.67 -77.14
C ARG Q 145 -53.35 1.18 -77.57
N THR Q 146 -52.37 1.40 -76.71
CA THR Q 146 -51.04 0.87 -76.98
C THR Q 146 -51.01 -0.64 -76.76
N GLY Q 147 -50.09 -1.30 -77.46
CA GLY Q 147 -49.98 -2.75 -77.35
C GLY Q 147 -48.64 -3.24 -77.85
N CYS Q 148 -48.35 -4.49 -77.56
CA CYS Q 148 -47.12 -5.12 -78.01
C CYS Q 148 -47.22 -5.52 -79.48
N ILE Q 149 -46.06 -5.80 -80.08
CA ILE Q 149 -46.02 -5.99 -81.53
C ILE Q 149 -46.30 -7.42 -81.98
N GLY Q 150 -46.28 -8.38 -81.09
CA GLY Q 150 -46.51 -9.73 -81.61
C GLY Q 150 -45.22 -10.41 -82.00
N ALA Q 151 -45.20 -11.74 -81.85
CA ALA Q 151 -43.95 -12.48 -81.95
C ALA Q 151 -43.41 -12.52 -83.36
N LYS Q 152 -44.29 -12.75 -84.35
CA LYS Q 152 -43.81 -12.86 -85.73
C LYS Q 152 -43.32 -11.53 -86.26
N HIS Q 153 -43.89 -10.42 -85.79
CA HIS Q 153 -43.50 -9.11 -86.27
C HIS Q 153 -42.15 -8.65 -85.74
N ARG Q 154 -41.59 -9.32 -84.74
CA ARG Q 154 -40.35 -8.89 -84.13
C ARG Q 154 -39.19 -9.03 -85.11
N ILE Q 155 -38.02 -8.55 -84.68
CA ILE Q 155 -36.79 -8.65 -85.44
C ILE Q 155 -35.79 -9.45 -84.61
N SER Q 156 -35.20 -10.47 -85.22
CA SER Q 156 -34.20 -11.28 -84.55
C SER Q 156 -32.79 -10.82 -84.93
N LYS Q 157 -31.82 -11.34 -84.19
CA LYS Q 157 -30.42 -11.07 -84.51
C LYS Q 157 -30.07 -11.56 -85.91
N GLU Q 158 -30.58 -12.73 -86.29
CA GLU Q 158 -30.33 -13.26 -87.62
C GLU Q 158 -30.93 -12.35 -88.68
N GLU Q 159 -32.14 -11.84 -88.44
CA GLU Q 159 -32.78 -10.97 -89.42
C GLU Q 159 -32.05 -9.64 -89.55
N ALA Q 160 -31.56 -9.09 -88.44
CA ALA Q 160 -30.78 -7.87 -88.51
C ALA Q 160 -29.49 -8.08 -89.29
N MET Q 161 -28.81 -9.21 -89.05
CA MET Q 161 -27.61 -9.53 -89.81
C MET Q 161 -27.91 -9.67 -91.30
N ARG Q 162 -29.01 -10.36 -91.62
CA ARG Q 162 -29.37 -10.55 -93.03
C ARG Q 162 -29.69 -9.22 -93.70
N TRP Q 163 -30.44 -8.36 -93.01
CA TRP Q 163 -30.75 -7.04 -93.55
C TRP Q 163 -29.49 -6.23 -93.79
N PHE Q 164 -28.54 -6.28 -92.86
CA PHE Q 164 -27.27 -5.61 -93.08
C PHE Q 164 -26.56 -6.14 -94.31
N GLN Q 165 -26.53 -7.47 -94.46
CA GLN Q 165 -25.87 -8.08 -95.62
C GLN Q 165 -26.54 -7.72 -96.94
N GLN Q 166 -27.87 -7.69 -97.00
CA GLN Q 166 -28.49 -7.34 -98.27
C GLN Q 166 -28.39 -5.85 -98.56
N LYS Q 167 -28.61 -4.99 -97.58
CA LYS Q 167 -28.63 -3.56 -97.88
C LYS Q 167 -27.22 -3.02 -98.08
N TYR Q 168 -26.38 -3.11 -97.06
CA TYR Q 168 -25.07 -2.48 -97.09
C TYR Q 168 -23.96 -3.43 -97.50
N ASP Q 169 -24.30 -4.54 -98.17
CA ASP Q 169 -23.44 -5.63 -98.62
C ASP Q 169 -22.28 -5.88 -97.66
N GLY Q 170 -22.59 -5.92 -96.37
CA GLY Q 170 -21.57 -5.95 -95.34
C GLY Q 170 -21.02 -7.32 -95.09
N ILE Q 171 -19.98 -7.37 -94.27
CA ILE Q 171 -19.30 -8.59 -93.89
C ILE Q 171 -19.46 -8.79 -92.39
N ILE Q 172 -20.01 -9.93 -92.01
CA ILE Q 172 -20.23 -10.25 -90.60
C ILE Q 172 -19.03 -11.08 -90.17
N LEU Q 173 -18.08 -10.42 -89.51
CA LEU Q 173 -16.88 -11.10 -89.07
C LEU Q 173 -17.21 -12.08 -87.94
N PRO Q 174 -16.50 -13.20 -87.86
CA PRO Q 174 -16.74 -14.16 -86.77
C PRO Q 174 -16.06 -13.74 -85.47
N GLY Q 175 -16.47 -12.59 -84.94
CA GLY Q 175 -15.92 -12.09 -83.70
C GLY Q 175 -16.43 -12.82 -82.47
N ALA R 1 -64.19 18.83 0.58
CA ALA R 1 -64.27 18.08 -0.66
C ALA R 1 -65.64 18.24 -1.30
N PRO R 2 -65.67 18.66 -2.56
CA PRO R 2 -66.95 18.76 -3.26
C PRO R 2 -67.58 17.40 -3.46
N SER R 3 -68.90 17.37 -3.47
CA SER R 3 -69.66 16.13 -3.61
C SER R 3 -70.78 16.36 -4.61
N ARG R 4 -70.58 15.88 -5.83
CA ARG R 4 -71.56 15.98 -6.93
C ARG R 4 -71.84 17.47 -7.18
N ASN R 5 -73.03 17.79 -7.64
CA ASN R 5 -73.38 19.17 -7.90
C ASN R 5 -73.60 19.93 -6.59
N GLY R 6 -73.26 21.20 -6.62
CA GLY R 6 -73.45 22.03 -5.45
C GLY R 6 -72.95 23.43 -5.74
N MET R 7 -73.18 24.31 -4.78
CA MET R 7 -72.71 25.68 -4.86
C MET R 7 -71.34 25.78 -4.22
N VAL R 8 -70.43 26.50 -4.87
CA VAL R 8 -69.12 26.75 -4.28
C VAL R 8 -69.31 27.78 -3.17
N LEU R 9 -69.15 27.34 -1.94
CA LEU R 9 -69.43 28.15 -0.77
C LEU R 9 -68.14 28.68 -0.16
N LYS R 10 -68.22 29.88 0.41
CA LYS R 10 -67.07 30.52 1.04
C LYS R 10 -67.48 31.01 2.42
N PRO R 11 -67.50 30.14 3.42
CA PRO R 11 -67.79 30.59 4.79
C PRO R 11 -66.67 31.44 5.33
N HIS R 12 -67.04 32.53 6.00
CA HIS R 12 -66.05 33.40 6.62
C HIS R 12 -65.87 33.05 8.09
N PHE R 13 -65.48 31.80 8.32
CA PHE R 13 -65.30 31.25 9.66
C PHE R 13 -63.88 30.70 9.83
N HIS R 14 -62.90 31.45 9.36
CA HIS R 14 -61.50 31.09 9.51
C HIS R 14 -60.79 31.97 10.52
N LYS R 15 -61.51 32.80 11.26
CA LYS R 15 -60.90 33.91 11.97
C LYS R 15 -61.27 33.92 13.45
N ASP R 16 -61.47 32.76 14.05
CA ASP R 16 -61.75 32.62 15.48
C ASP R 16 -63.00 33.42 15.88
N TRP R 17 -64.10 33.13 15.19
CA TRP R 17 -65.31 33.91 15.34
C TRP R 17 -65.99 33.71 16.69
N GLN R 18 -65.73 32.59 17.37
CA GLN R 18 -66.46 32.29 18.60
C GLN R 18 -66.05 33.17 19.77
N ARG R 19 -64.94 33.90 19.66
CA ARG R 19 -64.62 34.86 20.70
C ARG R 19 -65.48 36.11 20.59
N ARG R 20 -65.98 36.41 19.39
CA ARG R 20 -66.80 37.59 19.16
C ARG R 20 -68.12 37.11 18.56
N VAL R 21 -69.04 36.71 19.42
CA VAL R 21 -70.39 36.37 19.03
C VAL R 21 -71.33 37.21 19.87
N ALA R 22 -72.19 37.99 19.22
CA ALA R 22 -73.12 38.87 19.91
C ALA R 22 -74.47 38.18 19.98
N THR R 23 -74.84 37.70 21.15
CA THR R 23 -76.18 37.16 21.35
C THR R 23 -77.15 38.29 21.63
N TRP R 24 -78.44 37.99 21.52
CA TRP R 24 -79.48 39.00 21.62
C TRP R 24 -80.48 38.67 22.71
N PHE R 25 -80.05 37.99 23.78
CA PHE R 25 -80.96 37.65 24.85
C PHE R 25 -81.39 38.87 25.65
N ASN R 26 -80.69 39.99 25.50
CA ASN R 26 -81.06 41.23 26.13
C ASN R 26 -81.86 42.14 25.20
N GLN R 27 -82.34 41.62 24.07
CA GLN R 27 -83.18 42.43 23.19
C GLN R 27 -84.51 42.83 23.82
N PRO R 28 -85.30 41.93 24.43
CA PRO R 28 -86.52 42.40 25.10
C PRO R 28 -86.25 43.34 26.25
N ALA R 29 -85.19 43.11 27.01
CA ALA R 29 -84.83 44.03 28.09
C ALA R 29 -84.44 45.39 27.54
N ARG R 30 -83.71 45.41 26.41
CA ARG R 30 -83.35 46.67 25.79
C ARG R 30 -84.58 47.42 25.31
N LYS R 31 -85.54 46.70 24.74
CA LYS R 31 -86.77 47.36 24.31
C LYS R 31 -87.53 47.94 25.49
N ILE R 32 -87.61 47.20 26.60
CA ILE R 32 -88.28 47.71 27.79
C ILE R 32 -87.57 48.94 28.33
N ARG R 33 -86.23 48.90 28.38
CA ARG R 33 -85.46 50.04 28.87
C ARG R 33 -85.65 51.26 27.98
N ARG R 34 -85.64 51.06 26.66
CA ARG R 34 -85.85 52.18 25.75
C ARG R 34 -87.25 52.76 25.91
N ARG R 35 -88.26 51.91 26.09
CA ARG R 35 -89.61 52.42 26.29
C ARG R 35 -89.72 53.21 27.58
N LYS R 36 -89.09 52.72 28.65
CA LYS R 36 -89.12 53.46 29.91
C LYS R 36 -88.43 54.80 29.79
N ALA R 37 -87.29 54.84 29.08
CA ALA R 37 -86.63 56.11 28.85
C ALA R 37 -87.48 57.07 28.02
N ARG R 38 -88.17 56.55 27.00
CA ARG R 38 -89.06 57.39 26.21
C ARG R 38 -90.18 57.97 27.07
N GLN R 39 -90.79 57.15 27.92
CA GLN R 39 -91.87 57.64 28.77
C GLN R 39 -91.36 58.65 29.78
N ALA R 40 -90.19 58.42 30.35
CA ALA R 40 -89.63 59.38 31.29
C ALA R 40 -89.32 60.71 30.62
N LYS R 41 -88.77 60.67 29.40
CA LYS R 41 -88.51 61.89 28.66
C LYS R 41 -89.80 62.63 28.33
N ALA R 42 -90.84 61.90 27.93
CA ALA R 42 -92.11 62.52 27.59
C ALA R 42 -92.74 63.17 28.83
N ARG R 43 -92.59 62.53 29.99
CA ARG R 43 -93.05 63.16 31.22
C ARG R 43 -92.22 64.40 31.54
N ARG R 44 -90.92 64.34 31.31
CA ARG R 44 -90.04 65.45 31.67
C ARG R 44 -90.36 66.70 30.86
N ILE R 45 -90.55 66.56 29.55
CA ILE R 45 -91.02 67.67 28.72
C ILE R 45 -92.54 67.49 28.64
N ALA R 46 -93.26 68.09 29.58
CA ALA R 46 -94.64 67.69 29.81
C ALA R 46 -95.58 68.12 28.69
N PRO R 47 -95.67 69.41 28.29
CA PRO R 47 -96.58 69.73 27.19
C PRO R 47 -95.90 69.70 25.83
N ARG R 48 -94.57 69.71 25.82
CA ARG R 48 -93.85 69.68 24.56
C ARG R 48 -94.04 68.33 23.88
N PRO R 49 -94.01 68.30 22.55
CA PRO R 49 -94.22 67.04 21.83
C PRO R 49 -93.17 66.00 22.21
N ALA R 50 -93.62 64.75 22.32
CA ALA R 50 -92.76 63.69 22.85
C ALA R 50 -91.65 63.34 21.86
N SER R 51 -91.95 63.37 20.55
CA SER R 51 -90.96 62.99 19.57
C SER R 51 -89.87 64.04 19.39
N GLY R 52 -90.19 65.30 19.61
CA GLY R 52 -89.19 66.34 19.60
C GLY R 52 -89.51 67.46 18.64
N PRO R 53 -88.47 68.09 18.10
CA PRO R 53 -88.67 69.25 17.23
C PRO R 53 -89.30 68.86 15.90
N ILE R 54 -89.87 69.86 15.23
CA ILE R 54 -90.33 69.67 13.87
C ILE R 54 -89.13 69.54 12.93
N ARG R 55 -89.24 68.67 11.94
CA ARG R 55 -88.18 68.44 10.98
C ARG R 55 -88.61 68.93 9.60
N PRO R 56 -87.67 69.36 8.77
CA PRO R 56 -88.03 69.87 7.45
C PRO R 56 -88.36 68.76 6.46
N ILE R 57 -89.08 69.15 5.43
CA ILE R 57 -89.36 68.27 4.30
C ILE R 57 -88.13 68.24 3.41
N VAL R 58 -87.67 67.02 3.09
CA VAL R 58 -86.36 66.81 2.50
C VAL R 58 -86.42 65.70 1.45
N ARG R 59 -85.98 66.00 0.24
CA ARG R 59 -85.96 65.00 -0.82
C ARG R 59 -84.72 64.12 -0.69
N CYS R 60 -84.89 62.83 -0.97
CA CYS R 60 -83.80 61.88 -0.82
C CYS R 60 -82.78 62.04 -1.96
N PRO R 61 -81.49 61.84 -1.67
CA PRO R 61 -80.46 62.22 -2.66
C PRO R 61 -80.47 61.50 -4.00
N THR R 62 -80.28 60.19 -4.04
CA THR R 62 -79.81 59.59 -5.28
C THR R 62 -80.96 59.39 -6.27
N VAL R 63 -80.64 58.81 -7.43
CA VAL R 63 -81.65 58.63 -8.45
C VAL R 63 -82.58 57.48 -8.10
N ARG R 64 -82.19 56.64 -7.14
CA ARG R 64 -83.08 55.57 -6.69
C ARG R 64 -84.22 56.12 -5.85
N TYR R 65 -83.98 57.18 -5.09
CA TYR R 65 -84.90 57.62 -4.07
C TYR R 65 -85.40 59.05 -4.23
N HIS R 66 -85.03 59.76 -5.29
CA HIS R 66 -85.45 61.15 -5.38
C HIS R 66 -86.95 61.32 -5.57
N THR R 67 -87.68 60.26 -5.89
CA THR R 67 -89.13 60.36 -5.95
C THR R 67 -89.74 60.45 -4.55
N LYS R 68 -89.09 59.86 -3.57
CA LYS R 68 -89.57 59.89 -2.20
C LYS R 68 -89.16 61.19 -1.52
N VAL R 69 -89.79 61.44 -0.38
CA VAL R 69 -89.47 62.61 0.44
C VAL R 69 -89.61 62.19 1.90
N ARG R 70 -88.78 62.77 2.76
CA ARG R 70 -88.67 62.33 4.14
C ARG R 70 -88.41 63.53 5.02
N ALA R 71 -88.03 63.26 6.28
CA ALA R 71 -87.75 64.30 7.26
C ALA R 71 -86.25 64.50 7.36
N GLY R 72 -85.83 65.76 7.36
CA GLY R 72 -84.42 66.10 7.42
C GLY R 72 -83.92 66.30 8.83
N ARG R 73 -82.75 66.93 8.94
CA ARG R 73 -82.16 67.18 10.24
C ARG R 73 -82.69 68.46 10.87
N GLY R 74 -82.74 69.54 10.10
CA GLY R 74 -83.25 70.79 10.61
C GLY R 74 -83.50 71.76 9.48
N PHE R 75 -84.29 72.78 9.79
CA PHE R 75 -84.62 73.78 8.79
C PHE R 75 -83.41 74.64 8.46
N SER R 76 -83.25 74.96 7.19
CA SER R 76 -82.10 75.73 6.76
C SER R 76 -82.26 77.20 7.16
N LEU R 77 -81.12 77.89 7.24
CA LEU R 77 -81.13 79.29 7.68
C LEU R 77 -81.87 80.18 6.69
N GLU R 78 -81.82 79.84 5.40
CA GLU R 78 -82.59 80.60 4.42
C GLU R 78 -84.09 80.45 4.66
N GLU R 79 -84.53 79.22 4.95
CA GLU R 79 -85.92 78.97 5.28
C GLU R 79 -86.34 79.73 6.52
N LEU R 80 -85.51 79.70 7.57
CA LEU R 80 -85.82 80.46 8.78
C LEU R 80 -85.86 81.96 8.50
N ARG R 81 -84.93 82.46 7.70
CA ARG R 81 -84.86 83.88 7.41
C ARG R 81 -86.11 84.36 6.71
N VAL R 82 -86.54 83.63 5.66
CA VAL R 82 -87.71 84.09 4.93
C VAL R 82 -89.00 83.72 5.65
N ALA R 83 -88.95 82.82 6.63
CA ALA R 83 -90.09 82.62 7.52
C ALA R 83 -90.11 83.60 8.68
N GLY R 84 -89.05 84.39 8.85
CA GLY R 84 -89.03 85.40 9.89
C GLY R 84 -88.76 84.88 11.28
N ILE R 85 -88.00 83.80 11.41
CA ILE R 85 -87.68 83.21 12.71
C ILE R 85 -86.18 83.35 12.93
N HIS R 86 -85.80 83.81 14.12
CA HIS R 86 -84.40 83.89 14.47
C HIS R 86 -83.82 82.49 14.65
N LYS R 87 -82.59 82.30 14.15
CA LYS R 87 -81.96 80.99 14.20
C LYS R 87 -81.55 80.60 15.62
N LYS R 88 -81.59 81.53 16.56
CA LYS R 88 -81.34 81.20 17.96
C LYS R 88 -82.62 81.10 18.78
N VAL R 89 -83.76 81.51 18.23
CA VAL R 89 -85.04 81.35 18.90
C VAL R 89 -85.78 80.11 18.39
N ALA R 90 -85.45 79.64 17.19
CA ALA R 90 -86.11 78.47 16.64
C ALA R 90 -85.90 77.24 17.52
N ARG R 91 -84.67 77.03 17.99
CA ARG R 91 -84.40 75.87 18.83
C ARG R 91 -85.04 76.02 20.21
N THR R 92 -85.28 77.25 20.65
CA THR R 92 -85.98 77.45 21.92
C THR R 92 -87.46 77.11 21.78
N ILE R 93 -88.08 77.48 20.66
CA ILE R 93 -89.49 77.19 20.47
C ILE R 93 -89.72 75.84 19.80
N GLY R 94 -88.66 75.07 19.61
CA GLY R 94 -88.83 73.69 19.19
C GLY R 94 -88.73 73.45 17.71
N ILE R 95 -87.93 74.26 17.01
CA ILE R 95 -87.70 74.12 15.58
C ILE R 95 -86.27 73.67 15.38
N SER R 96 -86.09 72.49 14.80
CA SER R 96 -84.74 72.01 14.51
C SER R 96 -84.15 72.80 13.35
N VAL R 97 -82.89 73.19 13.50
CA VAL R 97 -82.22 74.00 12.47
C VAL R 97 -80.98 73.27 12.02
N ASP R 98 -80.57 73.54 10.78
CA ASP R 98 -79.43 72.89 10.15
C ASP R 98 -78.67 73.96 9.40
N PRO R 99 -77.65 74.55 10.02
CA PRO R 99 -76.92 75.64 9.36
C PRO R 99 -76.18 75.22 8.10
N ARG R 100 -75.85 73.95 7.94
CA ARG R 100 -75.04 73.53 6.81
C ARG R 100 -75.87 73.07 5.62
N ARG R 101 -77.19 73.06 5.72
CA ARG R 101 -78.04 72.71 4.59
C ARG R 101 -78.35 73.94 3.75
N ARG R 102 -78.27 73.77 2.44
CA ARG R 102 -78.54 74.82 1.47
C ARG R 102 -79.84 74.55 0.76
N ASN R 103 -80.35 75.57 0.07
CA ASN R 103 -81.60 75.48 -0.68
C ASN R 103 -81.31 75.75 -2.14
N LYS R 104 -81.23 74.68 -2.93
CA LYS R 104 -80.96 74.82 -4.35
C LYS R 104 -82.19 75.30 -5.11
N SER R 105 -83.39 74.95 -4.64
CA SER R 105 -84.60 75.19 -5.40
C SER R 105 -85.66 75.92 -4.58
N THR R 106 -86.31 76.87 -5.25
CA THR R 106 -87.37 77.65 -4.64
C THR R 106 -88.56 76.79 -4.24
N GLU R 107 -88.80 75.68 -4.95
CA GLU R 107 -89.92 74.82 -4.59
C GLU R 107 -89.74 74.21 -3.21
N SER R 108 -88.58 73.60 -2.95
CA SER R 108 -88.28 73.06 -1.64
C SER R 108 -88.22 74.16 -0.58
N LEU R 109 -87.64 75.31 -0.93
CA LEU R 109 -87.62 76.45 -0.03
C LEU R 109 -89.03 76.83 0.43
N GLN R 110 -89.95 77.03 -0.52
CA GLN R 110 -91.29 77.45 -0.18
C GLN R 110 -92.07 76.36 0.55
N ALA R 111 -91.84 75.09 0.19
CA ALA R 111 -92.49 74.01 0.92
C ALA R 111 -92.11 74.04 2.39
N ASN R 112 -90.82 74.19 2.67
CA ASN R 112 -90.39 74.24 4.06
C ASN R 112 -90.82 75.51 4.78
N VAL R 113 -90.95 76.64 4.09
CA VAL R 113 -91.41 77.83 4.80
C VAL R 113 -92.91 77.78 5.08
N GLN R 114 -93.72 77.18 4.19
CA GLN R 114 -95.12 76.95 4.56
C GLN R 114 -95.21 75.96 5.72
N ARG R 115 -94.33 74.97 5.76
CA ARG R 115 -94.29 74.07 6.92
C ARG R 115 -93.98 74.83 8.20
N LEU R 116 -93.00 75.74 8.15
CA LEU R 116 -92.66 76.53 9.33
C LEU R 116 -93.80 77.44 9.76
N LYS R 117 -94.47 78.09 8.81
CA LYS R 117 -95.57 78.96 9.16
C LYS R 117 -96.76 78.19 9.72
N GLU R 118 -97.01 76.99 9.20
CA GLU R 118 -98.05 76.14 9.77
C GLU R 118 -97.71 75.72 11.20
N TYR R 119 -96.45 75.35 11.44
CA TYR R 119 -96.04 75.02 12.80
C TYR R 119 -96.19 76.21 13.73
N ARG R 120 -95.80 77.39 13.27
CA ARG R 120 -95.93 78.59 14.10
C ARG R 120 -97.39 78.93 14.37
N SER R 121 -98.27 78.67 13.41
CA SER R 121 -99.70 78.89 13.65
C SER R 121 -100.27 77.87 14.63
N LYS R 122 -99.74 76.66 14.64
CA LYS R 122 -100.23 75.64 15.56
C LYS R 122 -99.50 75.62 16.90
N LEU R 123 -98.51 76.47 17.10
CA LEU R 123 -97.76 76.46 18.35
C LEU R 123 -98.52 77.19 19.45
N ILE R 124 -98.49 76.62 20.65
CA ILE R 124 -98.98 77.27 21.87
C ILE R 124 -97.76 77.58 22.73
N LEU R 125 -97.60 78.85 23.09
CA LEU R 125 -96.44 79.29 23.86
C LEU R 125 -96.87 79.69 25.26
N PHE R 126 -96.24 79.11 26.25
CA PHE R 126 -96.50 79.42 27.65
C PHE R 126 -95.63 80.59 28.09
N PRO R 127 -96.19 81.57 28.80
CA PRO R 127 -95.36 82.66 29.33
C PRO R 127 -94.38 82.14 30.38
N ARG R 128 -93.26 82.84 30.51
CA ARG R 128 -92.23 82.41 31.45
C ARG R 128 -92.75 82.40 32.88
N LYS R 129 -93.34 83.51 33.32
CA LYS R 129 -94.04 83.54 34.60
C LYS R 129 -95.53 83.42 34.34
N PRO R 130 -96.18 82.37 34.84
CA PRO R 130 -97.62 82.19 34.56
C PRO R 130 -98.48 83.35 35.04
N SER R 131 -98.10 83.99 36.14
CA SER R 131 -98.87 85.13 36.65
C SER R 131 -98.65 86.41 35.85
N ALA R 132 -97.68 86.42 34.95
CA ALA R 132 -97.39 87.60 34.11
C ALA R 132 -97.34 87.14 32.66
N PRO R 133 -98.49 87.01 32.00
CA PRO R 133 -98.47 86.62 30.59
C PRO R 133 -98.10 87.80 29.70
N LYS R 134 -96.85 87.79 29.20
CA LYS R 134 -96.33 88.95 28.49
C LYS R 134 -96.71 88.92 27.01
N LYS R 135 -96.22 87.93 26.27
CA LYS R 135 -96.55 87.83 24.86
C LYS R 135 -96.76 86.39 24.38
N GLY R 136 -96.90 85.43 25.28
CA GLY R 136 -96.98 84.05 24.84
C GLY R 136 -98.29 83.68 24.15
N ASP R 137 -99.37 83.59 24.91
CA ASP R 137 -100.67 83.16 24.39
C ASP R 137 -101.76 83.54 25.37
N SER R 138 -103.00 83.52 24.88
CA SER R 138 -104.15 83.68 25.75
C SER R 138 -104.30 82.46 26.64
N SER R 139 -104.72 82.69 27.89
CA SER R 139 -104.88 81.59 28.82
C SER R 139 -106.00 80.65 28.42
N ALA R 140 -106.98 81.11 27.66
CA ALA R 140 -108.09 80.25 27.26
C ALA R 140 -107.62 79.13 26.34
N GLU R 141 -106.69 79.43 25.44
CA GLU R 141 -106.20 78.43 24.49
C GLU R 141 -105.06 77.59 25.03
N GLU R 142 -104.70 77.76 26.29
CA GLU R 142 -103.67 76.93 26.90
C GLU R 142 -104.10 76.34 28.23
N LEU R 143 -105.28 76.66 28.74
CA LEU R 143 -105.77 76.03 29.95
C LEU R 143 -105.97 74.53 29.75
N LYS R 144 -106.72 74.16 28.70
CA LYS R 144 -106.98 72.77 28.41
C LYS R 144 -106.57 72.35 27.01
N LEU R 145 -106.34 73.30 26.11
CA LEU R 145 -105.99 72.95 24.74
C LEU R 145 -104.54 72.52 24.61
N ALA R 146 -103.71 72.78 25.62
CA ALA R 146 -102.34 72.30 25.60
C ALA R 146 -102.32 70.82 25.90
N THR R 147 -101.64 70.04 25.05
CA THR R 147 -101.61 68.61 25.17
C THR R 147 -100.31 68.11 24.54
N GLN R 148 -99.65 67.18 25.22
CA GLN R 148 -98.44 66.59 24.66
C GLN R 148 -98.77 65.85 23.37
N LEU R 149 -98.02 66.15 22.32
CA LEU R 149 -98.26 65.56 21.01
C LEU R 149 -97.48 64.25 20.88
N THR R 150 -98.17 63.21 20.45
CA THR R 150 -97.57 61.89 20.27
C THR R 150 -97.26 61.66 18.80
N GLY R 151 -96.07 61.13 18.52
CA GLY R 151 -95.63 60.93 17.17
C GLY R 151 -94.87 62.13 16.66
N PRO R 152 -94.28 62.00 15.47
CA PRO R 152 -93.54 63.13 14.89
C PRO R 152 -94.45 64.31 14.63
N VAL R 153 -93.91 65.52 14.81
CA VAL R 153 -94.68 66.74 14.63
C VAL R 153 -94.89 66.95 13.15
N MET R 154 -96.17 66.97 12.73
CA MET R 154 -96.56 67.20 11.35
C MET R 154 -95.82 66.24 10.44
N PRO R 155 -96.13 64.95 10.47
CA PRO R 155 -95.27 63.95 9.81
C PRO R 155 -95.14 64.19 8.32
N VAL R 156 -93.93 63.97 7.80
CA VAL R 156 -93.66 64.21 6.39
C VAL R 156 -94.26 63.09 5.56
N ARG R 157 -95.05 63.47 4.57
CA ARG R 157 -95.95 62.55 3.89
C ARG R 157 -95.80 62.72 2.38
N ASN R 158 -95.60 61.60 1.68
CA ASN R 158 -95.50 61.65 0.23
C ASN R 158 -96.88 61.87 -0.37
N VAL R 159 -96.98 62.83 -1.28
CA VAL R 159 -98.24 63.17 -1.92
C VAL R 159 -98.10 63.00 -3.43
N TYR R 160 -99.15 62.48 -4.05
CA TYR R 160 -99.17 62.26 -5.48
C TYR R 160 -100.27 63.11 -6.09
N LYS R 161 -99.91 63.90 -7.10
CA LYS R 161 -100.90 64.68 -7.83
C LYS R 161 -101.61 63.75 -8.80
N LYS R 162 -102.91 63.56 -8.59
CA LYS R 162 -103.70 62.69 -9.45
C LYS R 162 -104.11 63.43 -10.71
N GLU R 163 -103.77 62.86 -11.85
CA GLU R 163 -104.18 63.40 -13.14
C GLU R 163 -105.46 62.70 -13.59
N LYS R 164 -106.45 63.49 -13.96
CA LYS R 164 -107.66 62.92 -14.53
C LYS R 164 -107.40 62.46 -15.95
N ALA R 165 -108.20 61.50 -16.40
CA ALA R 165 -108.09 61.02 -17.78
C ALA R 165 -108.40 62.16 -18.74
N ARG R 166 -107.64 62.20 -19.84
CA ARG R 166 -107.79 63.25 -20.83
C ARG R 166 -107.70 62.64 -22.21
N VAL R 167 -108.18 63.39 -23.20
CA VAL R 167 -108.15 62.92 -24.57
C VAL R 167 -106.72 63.04 -25.10
N ILE R 168 -106.22 61.96 -25.68
CA ILE R 168 -104.87 61.96 -26.24
C ILE R 168 -104.87 62.79 -27.52
N THR R 169 -103.94 63.73 -27.61
CA THR R 169 -103.85 64.57 -28.79
C THR R 169 -102.90 63.96 -29.81
N GLU R 170 -103.02 64.44 -31.05
CA GLU R 170 -102.24 63.90 -32.14
C GLU R 170 -100.74 64.14 -31.95
N GLU R 171 -100.38 65.27 -31.33
CA GLU R 171 -98.97 65.53 -31.07
C GLU R 171 -98.38 64.51 -30.10
N GLU R 172 -99.12 64.20 -29.04
CA GLU R 172 -98.69 63.13 -28.13
C GLU R 172 -98.63 61.79 -28.83
N LYS R 173 -99.60 61.52 -29.71
CA LYS R 173 -99.55 60.25 -30.45
C LYS R 173 -98.36 60.16 -31.38
N ASN R 174 -97.93 61.29 -31.94
CA ASN R 174 -96.82 61.30 -32.87
C ASN R 174 -95.46 61.49 -32.21
N PHE R 175 -95.42 61.73 -30.90
CA PHE R 175 -94.15 61.71 -30.20
C PHE R 175 -93.51 60.33 -30.26
N LYS R 176 -92.20 60.29 -30.47
CA LYS R 176 -91.44 59.04 -30.59
C LYS R 176 -90.53 58.90 -29.38
N ALA R 177 -90.99 58.15 -28.38
CA ALA R 177 -90.28 58.07 -27.10
C ALA R 177 -88.95 57.36 -27.22
N PHE R 178 -88.95 56.17 -27.85
CA PHE R 178 -87.72 55.40 -27.95
C PHE R 178 -86.69 56.11 -28.81
N ALA R 179 -87.13 56.66 -29.94
CA ALA R 179 -86.21 57.39 -30.81
C ALA R 179 -85.66 58.62 -30.11
N SER R 180 -86.51 59.33 -29.36
CA SER R 180 -86.04 60.50 -28.63
C SER R 180 -85.01 60.13 -27.58
N LEU R 181 -85.24 59.04 -26.84
CA LEU R 181 -84.27 58.61 -25.84
C LEU R 181 -82.95 58.22 -26.49
N ARG R 182 -83.01 57.47 -27.58
CA ARG R 182 -81.79 57.04 -28.25
C ARG R 182 -81.01 58.24 -28.78
N MET R 183 -81.70 59.21 -29.39
CA MET R 183 -81.02 60.38 -29.91
C MET R 183 -80.49 61.26 -28.80
N ALA R 184 -81.19 61.34 -27.67
CA ALA R 184 -80.67 62.10 -26.54
C ALA R 184 -79.40 61.49 -26.00
N ARG R 185 -79.37 60.16 -25.88
CA ARG R 185 -78.15 59.49 -25.45
C ARG R 185 -77.01 59.74 -26.44
N ALA R 186 -77.30 59.66 -27.74
CA ALA R 186 -76.27 59.89 -28.74
C ALA R 186 -75.74 61.32 -28.69
N ASN R 187 -76.64 62.29 -28.50
CA ASN R 187 -76.22 63.69 -28.46
C ASN R 187 -75.37 63.96 -27.24
N ALA R 188 -75.78 63.46 -26.08
CA ALA R 188 -74.97 63.64 -24.88
C ALA R 188 -73.64 62.92 -25.00
N ARG R 189 -73.59 61.82 -25.74
CA ARG R 189 -72.33 61.11 -25.92
C ARG R 189 -71.38 61.85 -26.85
N LEU R 190 -71.89 62.39 -27.96
CA LEU R 190 -71.06 62.96 -29.00
C LEU R 190 -70.99 64.47 -28.95
N PHE R 191 -71.49 65.10 -27.90
CA PHE R 191 -71.51 66.56 -27.86
C PHE R 191 -70.10 67.15 -27.91
N GLY R 192 -69.18 66.60 -27.13
CA GLY R 192 -67.85 67.17 -27.05
C GLY R 192 -67.04 67.00 -28.32
N ILE R 193 -67.01 65.79 -28.86
CA ILE R 193 -66.24 65.54 -30.08
C ILE R 193 -66.83 66.27 -31.28
N ARG R 194 -68.15 66.47 -31.31
CA ARG R 194 -68.75 67.28 -32.37
C ARG R 194 -68.25 68.71 -32.30
N ALA R 195 -68.17 69.27 -31.09
CA ALA R 195 -67.66 70.62 -30.92
C ALA R 195 -66.19 70.71 -31.30
N LYS R 196 -65.40 69.69 -30.98
CA LYS R 196 -64.00 69.69 -31.38
C LYS R 196 -63.86 69.65 -32.89
N ARG R 197 -64.67 68.83 -33.56
CA ARG R 197 -64.60 68.77 -35.02
C ARG R 197 -65.05 70.08 -35.64
N ALA R 198 -66.07 70.73 -35.07
CA ALA R 198 -66.46 72.05 -35.54
C ALA R 198 -65.36 73.07 -35.34
N LYS R 199 -64.66 72.99 -34.21
CA LYS R 199 -63.52 73.86 -33.95
C LYS R 199 -62.46 73.70 -35.04
N GLU R 200 -62.06 72.47 -35.32
CA GLU R 200 -61.02 72.23 -36.32
C GLU R 200 -61.48 72.63 -37.72
N ALA R 201 -62.75 72.37 -38.04
CA ALA R 201 -63.28 72.78 -39.34
C ALA R 201 -63.28 74.30 -39.48
N ALA R 202 -63.63 75.02 -38.42
CA ALA R 202 -63.57 76.48 -38.46
C ALA R 202 -62.14 76.98 -38.62
N GLU R 203 -61.18 76.31 -37.95
CA GLU R 203 -59.78 76.72 -38.09
C GLU R 203 -59.28 76.51 -39.51
N GLN R 204 -59.69 75.42 -40.17
CA GLN R 204 -59.32 75.27 -41.57
C GLN R 204 -60.07 76.24 -42.47
N ASP R 205 -61.31 76.55 -42.14
CA ASP R 205 -62.11 77.46 -42.96
C ASP R 205 -61.52 78.87 -42.96
N VAL R 206 -61.06 79.35 -41.81
CA VAL R 206 -60.52 80.71 -41.74
C VAL R 206 -59.18 80.85 -42.45
N GLU R 207 -58.58 79.75 -42.89
CA GLU R 207 -57.32 79.81 -43.62
C GLU R 207 -57.39 79.12 -44.98
N LYS R 208 -58.58 78.71 -45.43
CA LYS R 208 -58.70 78.00 -46.70
C LYS R 208 -58.17 78.80 -47.88
N LYS R 209 -58.30 80.13 -47.85
CA LYS R 209 -57.91 80.98 -48.97
C LYS R 209 -56.55 81.61 -48.66
N LYS R 210 -55.49 80.90 -49.07
CA LYS R 210 -54.13 81.39 -48.90
C LYS R 210 -53.18 80.66 -49.84
N VAL S 1 -61.38 -88.17 -3.30
CA VAL S 1 -61.94 -87.35 -2.23
C VAL S 1 -63.34 -86.92 -2.60
N PHE S 2 -63.47 -86.29 -3.78
CA PHE S 2 -64.76 -85.81 -4.23
C PHE S 2 -65.61 -86.96 -4.75
N ARG S 3 -66.92 -86.85 -4.53
CA ARG S 3 -67.86 -87.87 -4.98
C ARG S 3 -68.97 -87.33 -5.86
N ARG S 4 -69.37 -86.07 -5.68
CA ARG S 4 -70.38 -85.44 -6.51
C ARG S 4 -69.70 -84.48 -7.47
N PHE S 5 -70.00 -84.61 -8.75
CA PHE S 5 -69.33 -83.87 -9.80
C PHE S 5 -70.34 -83.10 -10.63
N VAL S 6 -69.92 -81.94 -11.13
CA VAL S 6 -70.69 -81.21 -12.12
C VAL S 6 -70.46 -81.87 -13.47
N GLU S 7 -71.54 -82.30 -14.11
CA GLU S 7 -71.46 -83.04 -15.36
C GLU S 7 -72.84 -83.11 -15.96
N VAL S 8 -72.90 -83.50 -17.23
CA VAL S 8 -74.17 -83.56 -17.94
C VAL S 8 -75.03 -84.66 -17.35
N GLY S 9 -76.27 -84.32 -17.02
CA GLY S 9 -77.19 -85.26 -16.42
C GLY S 9 -77.18 -85.26 -14.91
N ARG S 10 -76.26 -84.54 -14.28
CA ARG S 10 -76.25 -84.47 -12.83
C ARG S 10 -77.45 -83.66 -12.34
N VAL S 11 -78.14 -84.19 -11.34
CA VAL S 11 -79.30 -83.52 -10.77
C VAL S 11 -78.84 -82.66 -9.60
N ALA S 12 -79.21 -81.39 -9.64
CA ALA S 12 -78.83 -80.42 -8.63
C ALA S 12 -80.07 -79.85 -7.95
N TYR S 13 -79.90 -79.46 -6.70
CA TYR S 13 -80.96 -78.85 -5.91
C TYR S 13 -80.69 -77.36 -5.80
N VAL S 14 -81.70 -76.55 -6.10
CA VAL S 14 -81.55 -75.10 -6.13
C VAL S 14 -81.73 -74.58 -4.72
N SER S 15 -80.67 -73.98 -4.17
CA SER S 15 -80.72 -73.51 -2.79
C SER S 15 -81.43 -72.17 -2.67
N PHE S 16 -81.10 -71.23 -3.55
CA PHE S 16 -81.70 -69.91 -3.49
C PHE S 16 -81.89 -69.38 -4.92
N GLY S 17 -82.41 -68.17 -5.03
CA GLY S 17 -82.72 -67.59 -6.30
C GLY S 17 -84.20 -67.70 -6.61
N PRO S 18 -84.58 -67.39 -7.84
CA PRO S 18 -86.00 -67.48 -8.22
C PRO S 18 -86.55 -68.89 -8.19
N HIS S 19 -85.69 -69.92 -8.28
CA HIS S 19 -86.14 -71.30 -8.39
C HIS S 19 -85.76 -72.11 -7.15
N ALA S 20 -85.70 -71.46 -5.99
CA ALA S 20 -85.24 -72.12 -4.78
C ALA S 20 -86.15 -73.28 -4.40
N GLY S 21 -85.53 -74.36 -3.91
CA GLY S 21 -86.29 -75.51 -3.48
C GLY S 21 -86.70 -76.46 -4.58
N LYS S 22 -86.11 -76.35 -5.76
CA LYS S 22 -86.49 -77.18 -6.90
C LYS S 22 -85.31 -78.03 -7.36
N LEU S 23 -85.63 -79.11 -8.06
CA LEU S 23 -84.62 -79.99 -8.64
C LEU S 23 -84.46 -79.70 -10.12
N VAL S 24 -83.22 -79.73 -10.58
CA VAL S 24 -82.92 -79.48 -11.99
C VAL S 24 -81.88 -80.49 -12.45
N ALA S 25 -81.72 -80.58 -13.77
CA ALA S 25 -80.67 -81.39 -14.38
C ALA S 25 -79.71 -80.48 -15.12
N ILE S 26 -78.42 -80.81 -15.03
CA ILE S 26 -77.38 -80.02 -15.67
C ILE S 26 -77.24 -80.51 -17.11
N VAL S 27 -77.64 -79.68 -18.06
CA VAL S 27 -77.59 -80.03 -19.47
C VAL S 27 -76.25 -79.65 -20.09
N ASP S 28 -75.66 -78.54 -19.67
CA ASP S 28 -74.38 -78.14 -20.24
C ASP S 28 -73.66 -77.25 -19.25
N VAL S 29 -72.39 -76.97 -19.55
CA VAL S 29 -71.54 -76.15 -18.70
C VAL S 29 -71.13 -74.91 -19.48
N ILE S 30 -71.21 -73.75 -18.85
CA ILE S 30 -70.82 -72.48 -19.44
C ILE S 30 -69.77 -71.86 -18.51
N ASP S 31 -68.58 -71.62 -19.07
CA ASP S 31 -67.50 -70.80 -18.51
C ASP S 31 -67.30 -70.86 -16.99
N GLN S 32 -67.37 -72.05 -16.40
CA GLN S 32 -66.91 -72.33 -15.04
C GLN S 32 -67.79 -71.71 -13.96
N ASN S 33 -68.70 -70.85 -14.36
CA ASN S 33 -69.57 -70.19 -13.41
C ASN S 33 -71.03 -70.50 -13.62
N ARG S 34 -71.43 -70.89 -14.82
CA ARG S 34 -72.82 -71.11 -15.13
C ARG S 34 -73.01 -72.48 -15.75
N ALA S 35 -74.26 -72.90 -15.79
CA ALA S 35 -74.60 -74.17 -16.41
C ALA S 35 -75.94 -74.01 -17.11
N LEU S 36 -76.04 -74.59 -18.29
CA LEU S 36 -77.35 -74.75 -18.93
C LEU S 36 -78.12 -75.81 -18.18
N VAL S 37 -79.28 -75.42 -17.68
CA VAL S 37 -80.02 -76.10 -16.63
C VAL S 37 -81.47 -76.27 -17.07
N ASP S 38 -82.04 -77.43 -16.78
CA ASP S 38 -83.36 -77.81 -17.31
C ASP S 38 -84.07 -78.69 -16.29
N GLY S 39 -85.14 -78.18 -15.69
CA GLY S 39 -86.06 -79.05 -15.00
C GLY S 39 -87.37 -79.15 -15.75
N PRO S 40 -87.55 -80.24 -16.50
CA PRO S 40 -88.78 -80.37 -17.29
C PRO S 40 -89.92 -80.95 -16.47
N CYS S 41 -89.60 -81.73 -15.44
CA CYS S 41 -90.61 -82.31 -14.57
C CYS S 41 -90.74 -81.59 -13.25
N THR S 42 -89.84 -80.67 -12.93
CA THR S 42 -89.91 -79.88 -11.71
C THR S 42 -90.17 -78.41 -11.98
N GLN S 43 -90.62 -78.08 -13.19
CA GLN S 43 -91.12 -76.75 -13.54
C GLN S 43 -90.01 -75.71 -13.47
N VAL S 44 -88.87 -76.02 -14.09
CA VAL S 44 -87.78 -75.08 -14.28
C VAL S 44 -87.40 -75.16 -15.76
N ARG S 45 -87.85 -74.18 -16.53
CA ARG S 45 -87.54 -74.17 -17.95
C ARG S 45 -86.04 -73.97 -18.16
N ARG S 46 -85.58 -74.34 -19.35
CA ARG S 46 -84.16 -74.28 -19.68
C ARG S 46 -83.64 -72.86 -19.57
N GLN S 47 -82.50 -72.70 -18.89
CA GLN S 47 -81.91 -71.39 -18.71
C GLN S 47 -80.50 -71.56 -18.18
N ALA S 48 -79.74 -70.45 -18.20
CA ALA S 48 -78.47 -70.43 -17.51
C ALA S 48 -78.68 -70.37 -16.00
N MET S 49 -77.73 -70.90 -15.27
CA MET S 49 -77.85 -70.89 -13.82
C MET S 49 -76.47 -70.95 -13.18
N PRO S 50 -76.17 -70.07 -12.23
CA PRO S 50 -74.85 -70.10 -11.60
C PRO S 50 -74.66 -71.33 -10.73
N PHE S 51 -73.41 -71.75 -10.60
CA PHE S 51 -73.07 -72.88 -9.75
C PHE S 51 -73.14 -72.55 -8.28
N LYS S 52 -73.27 -71.28 -7.91
CA LYS S 52 -73.31 -70.93 -6.50
C LYS S 52 -74.63 -71.31 -5.86
N CYS S 53 -75.73 -71.25 -6.61
CA CYS S 53 -77.04 -71.59 -6.07
C CYS S 53 -77.41 -73.05 -6.30
N MET S 54 -76.46 -73.88 -6.73
CA MET S 54 -76.69 -75.29 -6.92
C MET S 54 -76.10 -76.07 -5.75
N GLN S 55 -76.78 -77.15 -5.37
CA GLN S 55 -76.26 -78.13 -4.43
C GLN S 55 -76.45 -79.49 -5.06
N LEU S 56 -75.35 -80.12 -5.47
CA LEU S 56 -75.42 -81.34 -6.25
C LEU S 56 -76.01 -82.48 -5.41
N THR S 57 -76.83 -83.29 -6.05
CA THR S 57 -77.38 -84.49 -5.45
C THR S 57 -76.63 -85.71 -5.97
N ASP S 58 -77.10 -86.90 -5.61
CA ASP S 58 -76.44 -88.13 -5.99
C ASP S 58 -76.98 -88.74 -7.27
N PHE S 59 -77.97 -88.11 -7.90
CA PHE S 59 -78.62 -88.66 -9.07
C PHE S 59 -77.97 -88.12 -10.34
N ILE S 60 -77.66 -89.03 -11.26
CA ILE S 60 -77.07 -88.67 -12.55
C ILE S 60 -77.96 -89.25 -13.64
N LEU S 61 -78.42 -88.40 -14.54
CA LEU S 61 -79.20 -88.86 -15.68
C LEU S 61 -78.28 -89.07 -16.87
N LYS S 62 -78.71 -89.93 -17.79
CA LYS S 62 -77.92 -90.27 -18.97
C LYS S 62 -78.61 -89.71 -20.20
N PHE S 63 -78.24 -88.49 -20.58
CA PHE S 63 -78.59 -87.93 -21.87
C PHE S 63 -77.38 -87.18 -22.41
N PRO S 64 -77.25 -87.08 -23.72
CA PRO S 64 -76.14 -86.30 -24.29
C PRO S 64 -76.30 -84.82 -23.99
N HIS S 65 -75.17 -84.12 -24.01
CA HIS S 65 -75.17 -82.70 -23.66
C HIS S 65 -75.95 -81.90 -24.69
N SER S 66 -76.66 -80.88 -24.20
CA SER S 66 -77.48 -79.99 -25.02
C SER S 66 -78.56 -80.77 -25.79
N ALA S 67 -79.12 -81.79 -25.15
CA ALA S 67 -80.28 -82.47 -25.71
C ALA S 67 -81.53 -81.64 -25.45
N HIS S 68 -82.63 -82.02 -26.10
CA HIS S 68 -83.85 -81.25 -25.96
C HIS S 68 -84.64 -81.66 -24.72
N GLN S 69 -85.71 -80.87 -24.47
CA GLN S 69 -86.59 -81.12 -23.34
C GLN S 69 -87.17 -82.52 -23.39
N LYS S 70 -87.45 -83.05 -24.58
CA LYS S 70 -88.00 -84.39 -24.68
C LYS S 70 -87.08 -85.41 -24.04
N TYR S 71 -85.81 -85.40 -24.42
CA TYR S 71 -84.90 -86.41 -23.92
C TYR S 71 -84.57 -86.19 -22.46
N VAL S 72 -84.46 -84.92 -22.03
CA VAL S 72 -84.27 -84.67 -20.60
C VAL S 72 -85.46 -85.17 -19.80
N ARG S 73 -86.67 -84.96 -20.32
CA ARG S 73 -87.87 -85.35 -19.59
C ARG S 73 -88.03 -86.87 -19.56
N GLN S 74 -87.70 -87.56 -20.65
CA GLN S 74 -87.74 -89.02 -20.61
C GLN S 74 -86.69 -89.57 -19.65
N ALA S 75 -85.48 -88.99 -19.65
CA ALA S 75 -84.47 -89.44 -18.70
C ALA S 75 -84.91 -89.17 -17.27
N TRP S 76 -85.66 -88.10 -17.04
CA TRP S 76 -86.14 -87.81 -15.69
C TRP S 76 -87.27 -88.74 -15.28
N GLN S 77 -88.21 -89.01 -16.18
CA GLN S 77 -89.37 -89.83 -15.84
C GLN S 77 -89.00 -91.30 -15.70
N LYS S 78 -88.25 -91.83 -16.66
CA LYS S 78 -87.71 -93.18 -16.49
C LYS S 78 -86.62 -93.13 -15.42
N ALA S 79 -86.66 -94.07 -14.48
CA ALA S 79 -85.92 -93.96 -13.23
C ALA S 79 -86.27 -92.65 -12.52
N ASP S 80 -87.54 -92.60 -12.11
CA ASP S 80 -88.22 -91.41 -11.61
C ASP S 80 -87.41 -90.66 -10.57
N ILE S 81 -87.01 -89.43 -10.89
CA ILE S 81 -86.18 -88.66 -9.97
C ILE S 81 -87.03 -88.04 -8.88
N ASN S 82 -88.33 -87.82 -9.13
CA ASN S 82 -89.17 -87.18 -8.13
C ASN S 82 -89.37 -88.06 -6.91
N THR S 83 -89.77 -89.32 -7.12
CA THR S 83 -90.00 -90.20 -6.00
C THR S 83 -88.69 -90.62 -5.33
N LYS S 84 -87.67 -90.91 -6.14
CA LYS S 84 -86.36 -91.22 -5.58
C LYS S 84 -85.79 -90.05 -4.80
N TRP S 85 -86.11 -88.83 -5.20
CA TRP S 85 -85.69 -87.67 -4.42
C TRP S 85 -86.46 -87.58 -3.11
N ALA S 86 -87.79 -87.72 -3.18
CA ALA S 86 -88.60 -87.62 -1.97
C ALA S 86 -88.27 -88.71 -0.96
N ALA S 87 -87.75 -89.84 -1.42
CA ALA S 87 -87.37 -90.92 -0.52
C ALA S 87 -86.08 -90.63 0.25
N THR S 88 -85.28 -89.66 -0.16
CA THR S 88 -83.99 -89.43 0.47
C THR S 88 -84.16 -88.73 1.83
N ARG S 89 -83.11 -88.85 2.64
CA ARG S 89 -83.10 -88.15 3.93
C ARG S 89 -83.02 -86.65 3.74
N TRP S 90 -82.41 -86.20 2.65
CA TRP S 90 -82.30 -84.78 2.36
C TRP S 90 -83.68 -84.16 2.15
N ALA S 91 -84.48 -84.76 1.27
CA ALA S 91 -85.77 -84.19 0.93
C ALA S 91 -86.71 -84.17 2.12
N LYS S 92 -86.72 -85.23 2.92
CA LYS S 92 -87.60 -85.22 4.07
C LYS S 92 -87.07 -84.38 5.22
N LYS S 93 -85.77 -84.10 5.28
CA LYS S 93 -85.30 -83.05 6.17
C LYS S 93 -85.83 -81.69 5.74
N ILE S 94 -85.83 -81.42 4.44
CA ILE S 94 -86.42 -80.18 3.93
C ILE S 94 -87.90 -80.11 4.28
N GLU S 95 -88.60 -81.22 4.08
CA GLU S 95 -90.03 -81.26 4.35
C GLU S 95 -90.31 -81.04 5.83
N ALA S 96 -89.49 -81.63 6.70
CA ALA S 96 -89.62 -81.42 8.14
C ALA S 96 -89.40 -79.97 8.50
N ARG S 97 -88.41 -79.32 7.90
CA ARG S 97 -88.23 -77.89 8.12
C ARG S 97 -89.46 -77.11 7.73
N GLU S 98 -90.03 -77.43 6.57
CA GLU S 98 -91.20 -76.69 6.08
C GLU S 98 -92.39 -76.86 7.03
N ARG S 99 -92.66 -78.10 7.45
CA ARG S 99 -93.83 -78.30 8.30
C ARG S 99 -93.60 -77.85 9.74
N LYS S 100 -92.35 -77.74 10.18
CA LYS S 100 -92.09 -77.08 11.46
C LYS S 100 -92.31 -75.58 11.33
N ALA S 101 -91.93 -75.00 10.20
CA ALA S 101 -92.11 -73.57 10.00
C ALA S 101 -93.60 -73.21 9.93
N LYS S 102 -94.40 -74.04 9.28
CA LYS S 102 -95.81 -73.72 9.09
C LYS S 102 -96.70 -74.19 10.26
N MET S 103 -96.12 -74.39 11.42
CA MET S 103 -96.87 -74.94 12.56
C MET S 103 -97.52 -73.82 13.36
N THR S 104 -98.80 -73.99 13.69
CA THR S 104 -99.58 -72.95 14.35
C THR S 104 -99.42 -73.02 15.86
N ASP S 105 -100.15 -72.16 16.56
CA ASP S 105 -100.00 -72.05 18.01
C ASP S 105 -100.56 -73.28 18.73
N PHE S 106 -101.72 -73.76 18.29
CA PHE S 106 -102.28 -74.97 18.86
C PHE S 106 -101.38 -76.17 18.60
N ASP S 107 -100.81 -76.23 17.39
CA ASP S 107 -99.87 -77.31 17.07
C ASP S 107 -98.63 -77.23 17.94
N ARG S 108 -98.13 -76.02 18.20
CA ARG S 108 -97.00 -75.86 19.11
C ARG S 108 -97.34 -76.34 20.51
N PHE S 109 -98.56 -76.04 20.98
CA PHE S 109 -98.99 -76.49 22.30
C PHE S 109 -99.03 -78.02 22.36
N LYS S 110 -99.60 -78.66 21.34
CA LYS S 110 -99.68 -80.11 21.32
C LYS S 110 -98.30 -80.74 21.23
N VAL S 111 -97.40 -80.14 20.45
CA VAL S 111 -96.03 -80.64 20.36
C VAL S 111 -95.33 -80.49 21.71
N MET S 112 -95.58 -79.38 22.41
CA MET S 112 -95.00 -79.18 23.73
C MET S 112 -95.47 -80.27 24.69
N LYS S 113 -96.76 -80.59 24.67
CA LYS S 113 -97.26 -81.62 25.58
C LYS S 113 -96.68 -82.99 25.25
N ALA S 114 -96.71 -83.37 23.97
CA ALA S 114 -96.20 -84.68 23.57
C ALA S 114 -94.72 -84.81 23.87
N LYS S 115 -93.95 -83.75 23.60
CA LYS S 115 -92.51 -83.79 23.85
C LYS S 115 -92.22 -83.82 25.34
N LYS S 116 -93.03 -83.15 26.15
CA LYS S 116 -92.90 -83.23 27.60
C LYS S 116 -93.02 -84.67 28.08
N MET S 117 -94.11 -85.35 27.68
CA MET S 117 -94.31 -86.72 28.13
C MET S 117 -93.25 -87.66 27.58
N ARG S 118 -92.89 -87.49 26.31
CA ARG S 118 -91.88 -88.35 25.68
C ARG S 118 -90.53 -88.20 26.38
N ASN S 119 -90.13 -86.97 26.67
CA ASN S 119 -88.86 -86.74 27.35
C ASN S 119 -88.88 -87.34 28.75
N ARG S 120 -90.00 -87.23 29.46
CA ARG S 120 -90.04 -87.80 30.81
C ARG S 120 -89.90 -89.31 30.78
N ILE S 121 -90.59 -89.98 29.85
CA ILE S 121 -90.46 -91.43 29.77
C ILE S 121 -89.04 -91.84 29.41
N ILE S 122 -88.43 -91.16 28.44
CA ILE S 122 -87.08 -91.48 28.02
C ILE S 122 -86.10 -91.26 29.17
N LYS S 123 -86.27 -90.17 29.92
CA LYS S 123 -85.39 -89.88 31.05
C LYS S 123 -85.52 -90.93 32.14
N ASN S 124 -86.74 -91.41 32.40
CA ASN S 124 -86.90 -92.50 33.36
C ASN S 124 -86.17 -93.75 32.90
N GLU S 125 -86.28 -94.07 31.61
CA GLU S 125 -85.57 -95.25 31.11
C GLU S 125 -84.05 -95.06 31.20
N VAL S 126 -83.57 -93.85 30.96
CA VAL S 126 -82.14 -93.59 31.07
C VAL S 126 -81.66 -93.77 32.51
N LYS S 127 -82.45 -93.29 33.48
CA LYS S 127 -82.09 -93.50 34.88
C LYS S 127 -82.08 -94.99 35.22
N LYS S 128 -83.06 -95.74 34.71
CA LYS S 128 -83.08 -97.17 34.96
C LYS S 128 -81.84 -97.86 34.40
N LEU S 129 -81.46 -97.50 33.17
CA LEU S 129 -80.26 -98.09 32.58
C LEU S 129 -79.00 -97.69 33.33
N GLN S 130 -78.94 -96.45 33.83
CA GLN S 130 -77.79 -96.03 34.62
C GLN S 130 -77.66 -96.84 35.90
N LYS S 131 -78.77 -97.06 36.60
CA LYS S 131 -78.70 -97.84 37.82
C LYS S 131 -78.40 -99.31 37.51
N ALA S 132 -78.89 -99.80 36.37
CA ALA S 132 -78.57 -101.17 35.98
C ALA S 132 -77.10 -101.33 35.64
N ALA S 133 -76.47 -100.30 35.08
CA ALA S 133 -75.06 -100.34 34.78
C ALA S 133 -74.18 -100.01 35.99
N LEU S 134 -74.75 -99.43 37.04
CA LEU S 134 -73.99 -99.10 38.23
C LEU S 134 -73.75 -100.28 39.14
N LEU S 135 -74.37 -101.43 38.88
CA LEU S 135 -74.20 -102.61 39.73
C LEU S 135 -73.08 -103.53 39.23
N LYS S 136 -71.91 -102.93 38.99
CA LYS S 136 -70.74 -103.67 38.54
C LYS S 136 -69.78 -103.85 39.71
N ALA S 137 -69.37 -105.09 39.96
CA ALA S 137 -68.41 -105.40 41.00
C ALA S 137 -67.57 -106.58 40.50
N SER S 138 -66.41 -106.28 39.94
CA SER S 138 -65.55 -107.30 39.35
C SER S 138 -64.08 -106.92 39.48
N PRO S 139 -63.28 -107.69 40.24
CA PRO S 139 -61.84 -107.46 40.38
C PRO S 139 -61.08 -107.71 39.08
N GLY T 1 -51.23 93.72 15.77
CA GLY T 1 -51.28 92.71 14.74
C GLY T 1 -49.93 92.05 14.52
N ALA T 2 -49.10 92.05 15.55
CA ALA T 2 -47.75 91.52 15.40
C ALA T 2 -47.74 90.01 15.24
N TYR T 3 -48.76 89.33 15.76
CA TYR T 3 -48.80 87.87 15.64
C TYR T 3 -48.93 87.44 14.20
N LYS T 4 -49.65 88.19 13.38
CA LYS T 4 -49.74 87.90 11.96
C LYS T 4 -48.37 87.97 11.31
N TYR T 5 -47.59 88.99 11.65
CA TYR T 5 -46.24 89.12 11.10
C TYR T 5 -45.36 87.97 11.56
N ILE T 6 -45.45 87.59 12.82
CA ILE T 6 -44.62 86.48 13.32
C ILE T 6 -45.00 85.18 12.63
N GLN T 7 -46.29 84.97 12.38
CA GLN T 7 -46.73 83.77 11.68
C GLN T 7 -46.20 83.74 10.25
N GLU T 8 -46.37 84.84 9.51
CA GLU T 8 -45.85 84.89 8.15
C GLU T 8 -44.34 84.76 8.13
N LEU T 9 -43.67 85.23 9.17
CA LEU T 9 -42.23 85.09 9.27
C LEU T 9 -41.83 83.64 9.46
N TRP T 10 -42.46 82.96 10.40
CA TRP T 10 -42.15 81.55 10.65
C TRP T 10 -42.57 80.65 9.50
N ARG T 11 -43.39 81.14 8.58
CA ARG T 11 -43.64 80.39 7.35
C ARG T 11 -42.50 80.54 6.34
N LYS T 12 -41.40 81.17 6.71
CA LYS T 12 -40.28 81.39 5.80
C LYS T 12 -39.01 80.75 6.32
N LYS T 13 -39.08 79.48 6.70
CA LYS T 13 -38.00 78.83 7.44
C LYS T 13 -36.71 78.69 6.64
N GLN T 14 -36.73 78.91 5.33
CA GLN T 14 -35.53 78.84 4.52
C GLN T 14 -34.97 80.20 4.17
N SER T 15 -35.47 81.27 4.78
CA SER T 15 -34.86 82.57 4.61
C SER T 15 -33.56 82.64 5.39
N ASP T 16 -32.79 83.70 5.14
CA ASP T 16 -31.52 83.86 5.84
C ASP T 16 -31.74 84.05 7.33
N VAL T 17 -32.66 84.93 7.70
CA VAL T 17 -32.91 85.21 9.12
C VAL T 17 -33.42 83.96 9.84
N MET T 18 -34.37 83.24 9.24
CA MET T 18 -34.92 82.07 9.91
C MET T 18 -33.94 80.92 9.91
N ARG T 19 -33.15 80.76 8.86
CA ARG T 19 -32.11 79.74 8.86
C ARG T 19 -31.10 80.00 9.97
N PHE T 20 -30.67 81.25 10.11
CA PHE T 20 -29.72 81.59 11.17
C PHE T 20 -30.30 81.32 12.55
N LEU T 21 -31.53 81.78 12.77
CA LEU T 21 -32.15 81.59 14.08
C LEU T 21 -32.36 80.11 14.40
N LEU T 22 -32.80 79.32 13.42
CA LEU T 22 -33.01 77.91 13.65
C LEU T 22 -31.71 77.18 13.93
N ARG T 23 -30.63 77.52 13.22
CA ARG T 23 -29.35 76.89 13.50
C ARG T 23 -28.83 77.23 14.90
N VAL T 24 -28.90 78.51 15.28
CA VAL T 24 -28.41 78.90 16.59
C VAL T 24 -29.24 78.24 17.70
N ARG T 25 -30.56 78.24 17.54
CA ARG T 25 -31.40 77.64 18.57
C ARG T 25 -31.23 76.13 18.62
N CYS T 26 -31.01 75.49 17.47
CA CYS T 26 -30.76 74.05 17.47
C CYS T 26 -29.48 73.71 18.20
N TRP T 27 -28.42 74.52 18.00
CA TRP T 27 -27.20 74.31 18.76
C TRP T 27 -27.45 74.47 20.26
N GLN T 28 -28.15 75.53 20.64
CA GLN T 28 -28.40 75.77 22.06
C GLN T 28 -29.22 74.65 22.69
N TYR T 29 -30.27 74.19 22.00
CA TYR T 29 -31.08 73.09 22.53
C TYR T 29 -30.27 71.80 22.58
N ARG T 30 -29.40 71.58 21.61
CA ARG T 30 -28.52 70.43 21.63
C ARG T 30 -27.63 70.41 22.85
N GLN T 31 -27.22 71.58 23.34
CA GLN T 31 -26.38 71.61 24.53
C GLN T 31 -27.11 71.27 25.82
N LEU T 32 -28.44 71.27 25.83
CA LEU T 32 -29.22 71.07 27.04
C LEU T 32 -29.57 69.59 27.24
N SER T 33 -30.48 69.32 28.18
CA SER T 33 -30.94 67.97 28.44
C SER T 33 -32.02 67.57 27.46
N ALA T 34 -32.33 66.27 27.44
CA ALA T 34 -33.34 65.76 26.53
C ALA T 34 -34.74 66.21 26.93
N LEU T 35 -34.97 66.40 28.22
CA LEU T 35 -36.22 66.93 28.74
C LEU T 35 -35.89 68.13 29.61
N HIS T 36 -36.47 69.28 29.29
CA HIS T 36 -36.02 70.49 29.96
C HIS T 36 -37.14 71.52 29.96
N ARG T 37 -37.43 72.10 31.12
CA ARG T 37 -38.49 73.07 31.17
C ARG T 37 -38.04 74.38 30.55
N ALA T 38 -38.84 74.91 29.64
CA ALA T 38 -38.58 76.21 29.02
C ALA T 38 -39.23 77.30 29.86
N PRO T 39 -38.54 78.42 30.08
CA PRO T 39 -39.16 79.51 30.86
C PRO T 39 -40.39 80.10 30.21
N ARG T 40 -40.46 80.06 28.89
CA ARG T 40 -41.55 80.66 28.13
C ARG T 40 -41.59 79.99 26.77
N PRO T 41 -42.72 80.06 26.06
CA PRO T 41 -42.76 79.51 24.70
C PRO T 41 -41.77 80.22 23.79
N THR T 42 -41.05 79.41 22.99
CA THR T 42 -40.17 79.97 21.98
C THR T 42 -40.96 80.67 20.89
N ARG T 43 -42.12 80.11 20.55
CA ARG T 43 -43.03 80.68 19.55
C ARG T 43 -44.34 81.01 20.23
N PRO T 44 -44.47 82.21 20.79
CA PRO T 44 -45.72 82.56 21.50
C PRO T 44 -46.95 82.53 20.61
N ASP T 45 -46.84 82.94 19.35
CA ASP T 45 -48.00 82.90 18.45
C ASP T 45 -48.46 81.47 18.23
N LYS T 46 -47.53 80.57 17.94
CA LYS T 46 -47.90 79.17 17.72
C LYS T 46 -48.44 78.54 18.99
N ALA T 47 -47.86 78.88 20.15
CA ALA T 47 -48.36 78.34 21.40
C ALA T 47 -49.79 78.77 21.67
N ARG T 48 -50.08 80.06 21.55
CA ARG T 48 -51.44 80.50 21.83
C ARG T 48 -52.41 80.06 20.74
N ARG T 49 -51.92 79.85 19.53
CA ARG T 49 -52.74 79.22 18.50
C ARG T 49 -53.12 77.80 18.89
N LEU T 50 -52.19 77.07 19.48
CA LEU T 50 -52.43 75.70 19.91
C LEU T 50 -53.14 75.63 21.24
N GLY T 51 -53.37 76.75 21.91
CA GLY T 51 -54.23 76.79 23.08
C GLY T 51 -53.59 77.36 24.33
N TYR T 52 -52.32 77.76 24.28
CA TYR T 52 -51.63 78.28 25.44
C TYR T 52 -52.12 79.69 25.76
N LYS T 53 -52.17 80.01 27.05
CA LYS T 53 -52.48 81.35 27.51
C LYS T 53 -51.45 81.76 28.55
N ALA T 54 -50.98 83.00 28.48
CA ALA T 54 -49.92 83.48 29.37
C ALA T 54 -50.53 83.76 30.74
N LYS T 55 -50.73 82.68 31.50
CA LYS T 55 -51.23 82.79 32.85
C LYS T 55 -50.68 81.61 33.66
N GLN T 56 -50.80 81.72 34.98
CA GLN T 56 -50.30 80.68 35.86
C GLN T 56 -51.08 79.38 35.65
N GLY T 57 -50.34 78.27 35.57
CA GLY T 57 -50.90 76.98 35.28
C GLY T 57 -50.50 76.43 33.93
N TYR T 58 -50.06 77.27 33.00
CA TYR T 58 -49.55 76.84 31.72
C TYR T 58 -48.03 76.82 31.79
N VAL T 59 -47.43 75.68 31.46
CA VAL T 59 -45.98 75.56 31.46
C VAL T 59 -45.54 74.98 30.13
N ILE T 60 -44.26 75.14 29.83
CA ILE T 60 -43.69 74.73 28.55
C ILE T 60 -42.51 73.80 28.84
N TYR T 61 -42.49 72.66 28.16
CA TYR T 61 -41.38 71.72 28.29
C TYR T 61 -40.80 71.43 26.92
N ARG T 62 -39.51 71.71 26.75
CA ARG T 62 -38.80 71.38 25.53
C ARG T 62 -38.31 69.94 25.60
N ILE T 63 -38.64 69.17 24.56
CA ILE T 63 -38.32 67.76 24.46
C ILE T 63 -37.48 67.54 23.22
N ARG T 64 -36.48 66.68 23.34
CA ARG T 64 -35.60 66.32 22.24
C ARG T 64 -35.75 64.83 21.98
N VAL T 65 -36.12 64.48 20.75
CA VAL T 65 -36.28 63.08 20.38
C VAL T 65 -35.28 62.75 19.29
N ARG T 66 -34.97 61.46 19.18
CA ARG T 66 -34.03 60.99 18.17
C ARG T 66 -34.77 60.69 16.88
N ARG T 67 -34.17 61.10 15.77
CA ARG T 67 -34.82 60.99 14.48
C ARG T 67 -34.61 59.58 13.90
N GLY T 68 -35.36 59.28 12.86
CA GLY T 68 -35.21 58.03 12.14
C GLY T 68 -36.36 57.08 12.42
N GLY T 69 -36.22 55.89 11.83
CA GLY T 69 -37.21 54.86 11.94
C GLY T 69 -37.04 54.02 13.18
N ARG T 70 -37.77 52.92 13.23
CA ARG T 70 -37.81 52.03 14.38
C ARG T 70 -37.15 50.72 14.01
N LYS T 71 -35.91 50.53 14.45
CA LYS T 71 -35.26 49.24 14.29
C LYS T 71 -35.97 48.21 15.16
N ARG T 72 -36.22 47.04 14.59
CA ARG T 72 -36.89 45.99 15.35
C ARG T 72 -35.94 45.49 16.44
N PRO T 73 -36.35 45.49 17.70
CA PRO T 73 -35.43 45.16 18.80
C PRO T 73 -35.32 43.66 19.03
N VAL T 74 -34.68 42.98 18.10
CA VAL T 74 -34.48 41.54 18.20
C VAL T 74 -32.99 41.25 18.23
N PRO T 75 -32.55 40.20 18.93
CA PRO T 75 -31.11 39.94 19.02
C PRO T 75 -30.56 39.48 17.68
N LYS T 76 -29.49 40.14 17.25
CA LYS T 76 -28.74 39.79 16.03
C LYS T 76 -29.60 39.84 14.78
N GLY T 77 -30.71 40.57 14.81
CA GLY T 77 -31.56 40.68 13.65
C GLY T 77 -32.37 39.44 13.34
N ALA T 78 -32.40 38.47 14.24
CA ALA T 78 -33.08 37.20 14.00
C ALA T 78 -34.53 37.34 14.44
N THR T 79 -35.43 37.42 13.48
CA THR T 79 -36.87 37.40 13.72
C THR T 79 -37.34 36.05 13.21
N TYR T 80 -37.39 35.07 14.11
CA TYR T 80 -37.67 33.69 13.73
C TYR T 80 -39.09 33.58 13.22
N GLY T 81 -39.24 33.42 11.91
CA GLY T 81 -40.56 33.33 11.33
C GLY T 81 -40.49 33.32 9.82
N LYS T 82 -41.63 33.55 9.20
CA LYS T 82 -41.70 33.56 7.75
C LYS T 82 -40.97 34.78 7.20
N PRO T 83 -40.47 34.70 5.97
CA PRO T 83 -39.66 35.80 5.43
C PRO T 83 -40.38 37.13 5.33
N VAL T 84 -41.70 37.14 5.34
CA VAL T 84 -42.42 38.41 5.28
C VAL T 84 -42.23 39.22 6.55
N HIS T 85 -41.77 38.61 7.63
CA HIS T 85 -41.51 39.30 8.89
C HIS T 85 -40.03 39.38 9.22
N HIS T 86 -39.15 39.08 8.27
CA HIS T 86 -37.72 39.16 8.48
C HIS T 86 -37.21 40.59 8.59
N GLY T 87 -38.04 41.57 8.30
CA GLY T 87 -37.62 42.95 8.32
C GLY T 87 -37.12 43.43 9.67
N VAL T 88 -35.93 44.00 9.68
CA VAL T 88 -35.36 44.61 10.86
C VAL T 88 -35.15 46.10 10.67
N ASN T 89 -34.54 46.49 9.55
CA ASN T 89 -34.37 47.88 9.18
C ASN T 89 -35.47 48.32 8.22
N GLN T 90 -35.48 49.61 7.92
CA GLN T 90 -36.50 50.26 7.09
C GLN T 90 -37.90 50.11 7.66
N LEU T 91 -38.02 49.78 8.94
CA LEU T 91 -39.31 49.73 9.61
C LEU T 91 -39.62 51.08 10.23
N LYS T 92 -40.91 51.38 10.33
CA LYS T 92 -41.35 52.70 10.76
C LYS T 92 -42.36 52.57 11.89
N PHE T 93 -42.18 53.40 12.91
CA PHE T 93 -43.11 53.47 14.02
C PHE T 93 -44.44 54.06 13.56
N ALA T 94 -45.53 53.61 14.18
CA ALA T 94 -46.85 54.04 13.74
C ALA T 94 -47.16 55.47 14.17
N ARG T 95 -46.53 55.95 15.24
CA ARG T 95 -46.79 57.27 15.77
C ARG T 95 -45.62 58.18 15.44
N SER T 96 -45.90 59.48 15.36
CA SER T 96 -44.89 60.43 14.95
C SER T 96 -43.99 60.83 16.11
N LEU T 97 -42.86 61.44 15.77
CA LEU T 97 -41.91 61.89 16.78
C LEU T 97 -42.50 62.97 17.66
N GLN T 98 -43.41 63.79 17.12
CA GLN T 98 -44.10 64.76 17.95
C GLN T 98 -44.94 64.07 19.01
N SER T 99 -45.64 63.01 18.62
CA SER T 99 -46.40 62.24 19.59
C SER T 99 -45.49 61.59 20.63
N VAL T 100 -44.33 61.11 20.21
CA VAL T 100 -43.39 60.51 21.16
C VAL T 100 -42.90 61.55 22.16
N ALA T 101 -42.61 62.76 21.68
CA ALA T 101 -42.15 63.82 22.58
C ALA T 101 -43.25 64.22 23.56
N GLU T 102 -44.49 64.30 23.08
CA GLU T 102 -45.61 64.60 23.97
C GLU T 102 -45.76 63.53 25.03
N GLU T 103 -45.64 62.27 24.64
CA GLU T 103 -45.72 61.16 25.58
C GLU T 103 -44.62 61.24 26.62
N ARG T 104 -43.40 61.58 26.21
CA ARG T 104 -42.30 61.67 27.16
C ARG T 104 -42.51 62.82 28.15
N ALA T 105 -42.96 63.97 27.65
CA ALA T 105 -43.24 65.09 28.55
C ALA T 105 -44.33 64.74 29.55
N GLY T 106 -45.40 64.09 29.10
CA GLY T 106 -46.46 63.72 30.02
C GLY T 106 -46.02 62.69 31.04
N ARG T 107 -45.23 61.70 30.60
CA ARG T 107 -44.76 60.68 31.53
C ARG T 107 -43.85 61.26 32.58
N HIS T 108 -43.00 62.22 32.21
CA HIS T 108 -42.19 62.86 33.24
C HIS T 108 -43.04 63.70 34.17
N CYS T 109 -43.88 64.58 33.62
CA CYS T 109 -44.74 65.43 34.44
C CYS T 109 -46.14 64.83 34.46
N GLY T 110 -46.25 63.64 35.05
CA GLY T 110 -47.51 62.94 35.17
C GLY T 110 -48.58 63.68 35.96
N ALA T 111 -48.20 64.68 36.75
CA ALA T 111 -49.17 65.47 37.48
C ALA T 111 -49.75 66.61 36.64
N LEU T 112 -49.28 66.78 35.41
CA LEU T 112 -49.78 67.80 34.51
C LEU T 112 -50.52 67.14 33.35
N ARG T 113 -51.23 67.96 32.58
CA ARG T 113 -52.00 67.49 31.44
C ARG T 113 -51.40 68.07 30.17
N VAL T 114 -51.04 67.21 29.22
CA VAL T 114 -50.54 67.69 27.94
C VAL T 114 -51.70 68.30 27.15
N LEU T 115 -51.49 69.52 26.64
CA LEU T 115 -52.48 70.17 25.81
C LEU T 115 -52.14 70.03 24.33
N ASN T 116 -50.95 70.47 23.94
CA ASN T 116 -50.49 70.39 22.56
C ASN T 116 -48.98 70.48 22.55
N SER T 117 -48.41 70.56 21.35
CA SER T 117 -46.97 70.73 21.20
C SER T 117 -46.71 71.28 19.81
N TYR T 118 -45.51 71.81 19.62
CA TYR T 118 -45.15 72.37 18.32
C TYR T 118 -43.66 72.19 18.08
N TRP T 119 -43.28 72.30 16.81
CA TRP T 119 -41.92 72.07 16.35
C TRP T 119 -41.10 73.35 16.52
N VAL T 120 -39.91 73.23 17.11
CA VAL T 120 -39.04 74.38 17.31
C VAL T 120 -37.68 74.23 16.65
N GLY T 121 -37.34 73.06 16.14
CA GLY T 121 -36.06 72.90 15.49
C GLY T 121 -35.72 71.44 15.25
N GLU T 122 -34.76 71.18 14.37
CA GLU T 122 -34.37 69.81 14.10
C GLU T 122 -32.92 69.77 13.67
N ASP T 123 -32.32 68.60 13.85
CA ASP T 123 -30.97 68.29 13.42
C ASP T 123 -31.03 67.10 12.48
N SER T 124 -29.87 66.56 12.12
CA SER T 124 -29.86 65.29 11.42
C SER T 124 -30.17 64.14 12.34
N THR T 125 -29.95 64.30 13.64
CA THR T 125 -30.17 63.25 14.61
C THR T 125 -31.19 63.58 15.68
N TYR T 126 -31.61 64.83 15.80
CA TYR T 126 -32.57 65.23 16.83
C TYR T 126 -33.67 66.08 16.25
N LYS T 127 -34.85 65.94 16.84
CA LYS T 127 -35.97 66.86 16.63
C LYS T 127 -36.37 67.47 17.96
N PHE T 128 -36.64 68.76 17.95
CA PHE T 128 -36.95 69.50 19.16
C PHE T 128 -38.38 70.02 19.10
N PHE T 129 -39.16 69.68 20.11
CA PHE T 129 -40.53 70.14 20.24
C PHE T 129 -40.68 70.87 21.56
N GLU T 130 -41.73 71.69 21.63
CA GLU T 130 -42.12 72.32 22.86
C GLU T 130 -43.55 71.91 23.15
N VAL T 131 -43.76 71.36 24.33
CA VAL T 131 -45.05 70.79 24.74
C VAL T 131 -45.67 71.72 25.77
N ILE T 132 -46.93 72.06 25.56
CA ILE T 132 -47.69 72.87 26.50
C ILE T 132 -48.33 71.94 27.51
N LEU T 133 -48.08 72.19 28.78
CA LEU T 133 -48.66 71.42 29.87
C LEU T 133 -49.53 72.35 30.71
N ILE T 134 -50.53 71.76 31.35
CA ILE T 134 -51.44 72.51 32.22
C ILE T 134 -51.45 71.83 33.58
N ASP T 135 -51.28 72.61 34.63
CA ASP T 135 -51.46 72.09 35.98
C ASP T 135 -52.94 72.12 36.30
N PRO T 136 -53.63 70.98 36.29
CA PRO T 136 -55.08 70.99 36.42
C PRO T 136 -55.57 71.41 37.79
N PHE T 137 -54.72 71.44 38.80
CA PHE T 137 -55.14 71.76 40.15
C PHE T 137 -54.78 73.17 40.57
N HIS T 138 -54.25 73.98 39.65
CA HIS T 138 -54.07 75.39 39.92
C HIS T 138 -55.41 76.10 39.89
N LYS T 139 -55.55 77.10 40.75
CA LYS T 139 -56.85 77.77 40.87
C LYS T 139 -57.19 78.59 39.64
N ALA T 140 -56.19 79.16 38.97
CA ALA T 140 -56.45 79.91 37.74
C ALA T 140 -57.02 79.01 36.67
N ILE T 141 -56.50 77.80 36.55
CA ILE T 141 -57.03 76.83 35.60
C ILE T 141 -58.41 76.33 36.07
N ARG T 142 -58.54 76.09 37.36
CA ARG T 142 -59.68 75.37 37.91
C ARG T 142 -60.93 76.25 38.02
N ARG T 143 -60.77 77.54 38.24
CA ARG T 143 -61.90 78.45 38.38
C ARG T 143 -62.36 79.04 37.06
N ASN T 144 -61.74 78.63 35.96
CA ASN T 144 -62.04 79.20 34.66
C ASN T 144 -62.85 78.22 33.84
N PRO T 145 -64.09 78.54 33.47
CA PRO T 145 -64.77 77.74 32.45
C PRO T 145 -64.08 77.93 31.11
N ASP T 146 -64.32 76.98 30.20
CA ASP T 146 -63.60 76.78 28.95
C ASP T 146 -62.19 76.26 29.21
N THR T 147 -61.78 76.15 30.46
CA THR T 147 -60.54 75.50 30.84
C THR T 147 -60.80 74.35 31.81
N GLN T 148 -61.96 74.31 32.44
CA GLN T 148 -62.28 73.26 33.41
C GLN T 148 -62.35 71.88 32.78
N TRP T 149 -62.44 71.78 31.46
CA TRP T 149 -62.52 70.48 30.82
C TRP T 149 -61.25 69.67 31.04
N ILE T 150 -60.09 70.33 31.00
CA ILE T 150 -58.82 69.63 31.17
C ILE T 150 -58.68 69.06 32.58
N THR T 151 -59.48 69.56 33.53
CA THR T 151 -59.37 69.09 34.91
C THR T 151 -60.16 67.83 35.19
N LYS T 152 -60.99 67.38 34.24
CA LYS T 152 -61.79 66.19 34.47
C LYS T 152 -60.90 64.94 34.52
N PRO T 153 -61.33 63.91 35.26
CA PRO T 153 -60.54 62.68 35.30
C PRO T 153 -60.39 62.00 33.96
N VAL T 154 -61.37 62.13 33.06
CA VAL T 154 -61.31 61.45 31.79
C VAL T 154 -60.22 62.03 30.90
N HIS T 155 -59.70 63.21 31.22
CA HIS T 155 -58.73 63.90 30.38
C HIS T 155 -57.31 63.81 30.91
N LYS T 156 -56.95 62.69 31.53
CA LYS T 156 -55.58 62.51 32.00
C LYS T 156 -54.82 61.60 31.06
N HIS T 157 -53.57 61.96 30.78
CA HIS T 157 -52.69 61.23 29.87
C HIS T 157 -53.31 61.11 28.48
N ARG T 158 -53.82 62.24 27.98
CA ARG T 158 -54.35 62.30 26.63
C ARG T 158 -53.30 61.91 25.61
N GLU T 159 -52.06 62.33 25.85
CA GLU T 159 -50.97 61.98 24.95
C GLU T 159 -50.66 60.49 24.94
N MET T 160 -51.03 59.77 26.00
CA MET T 160 -50.81 58.34 26.06
C MET T 160 -52.00 57.55 25.53
N ARG T 161 -53.19 58.14 25.53
CA ARG T 161 -54.33 57.52 24.87
C ARG T 161 -54.51 58.02 23.44
N GLY T 162 -53.60 58.86 22.96
CA GLY T 162 -53.68 59.36 21.59
C GLY T 162 -54.77 60.38 21.35
N LEU T 163 -55.02 61.27 22.30
CA LEU T 163 -56.09 62.24 22.19
C LEU T 163 -55.62 63.67 21.95
N THR T 164 -54.31 63.91 21.97
CA THR T 164 -53.80 65.21 21.57
C THR T 164 -53.81 65.31 20.04
N SER T 165 -53.50 66.51 19.54
CA SER T 165 -53.49 66.71 18.10
C SER T 165 -52.44 65.85 17.41
N ALA T 166 -51.24 65.78 17.98
CA ALA T 166 -50.19 64.99 17.37
C ALA T 166 -50.48 63.50 17.44
N GLY T 167 -50.93 63.02 18.59
CA GLY T 167 -51.24 61.62 18.74
C GLY T 167 -52.49 61.18 17.99
N ARG T 168 -53.37 62.11 17.68
CA ARG T 168 -54.60 61.77 16.98
C ARG T 168 -54.35 61.49 15.50
N LYS T 169 -53.30 62.09 14.94
CA LYS T 169 -53.05 62.01 13.51
C LYS T 169 -52.68 60.61 13.06
N SER T 170 -52.18 59.77 13.96
CA SER T 170 -51.77 58.42 13.61
C SER T 170 -52.90 57.41 13.68
N ARG T 171 -54.08 57.83 14.10
CA ARG T 171 -55.19 56.90 14.30
C ARG T 171 -56.06 56.73 13.07
N GLY T 172 -55.81 57.49 12.00
CA GLY T 172 -56.63 57.38 10.81
C GLY T 172 -58.06 57.82 10.99
N LEU T 173 -58.31 58.83 11.82
CA LEU T 173 -59.65 59.35 11.98
C LEU T 173 -59.93 60.42 10.93
N GLY T 174 -61.21 60.66 10.70
CA GLY T 174 -61.62 61.64 9.74
C GLY T 174 -62.95 61.23 9.13
N LYS T 175 -63.48 62.12 8.30
CA LYS T 175 -64.76 61.92 7.66
C LYS T 175 -64.55 61.63 6.18
N GLY T 176 -65.20 60.60 5.69
CA GLY T 176 -65.29 60.39 4.26
C GLY T 176 -64.63 59.11 3.82
N HIS T 177 -64.48 58.99 2.50
CA HIS T 177 -64.11 57.74 1.87
C HIS T 177 -62.66 57.35 2.13
N LYS T 178 -61.83 58.27 2.60
CA LYS T 178 -60.45 57.94 2.87
C LYS T 178 -60.25 57.33 4.25
N PHE T 179 -61.26 57.37 5.11
CA PHE T 179 -61.13 57.00 6.51
C PHE T 179 -62.20 56.00 6.91
N HIS T 180 -62.39 54.99 6.08
CA HIS T 180 -63.34 53.93 6.41
C HIS T 180 -62.78 52.94 7.42
N HIS T 181 -61.49 52.99 7.71
CA HIS T 181 -60.90 52.04 8.65
C HIS T 181 -61.40 52.26 10.07
N THR T 182 -61.83 53.48 10.39
CA THR T 182 -62.09 53.86 11.77
C THR T 182 -63.53 54.32 11.97
N ILE T 183 -64.47 53.77 11.21
CA ILE T 183 -65.88 54.10 11.44
C ILE T 183 -66.33 53.37 12.69
N GLY T 184 -66.72 54.14 13.70
CA GLY T 184 -67.01 53.58 15.02
C GLY T 184 -66.11 54.10 16.11
N GLY T 185 -65.15 54.97 15.81
CA GLY T 185 -64.30 55.59 16.81
C GLY T 185 -62.82 55.25 16.63
N SER T 186 -62.51 54.05 16.18
CA SER T 186 -61.12 53.63 16.07
C SER T 186 -61.04 52.38 15.20
N ARG T 187 -59.81 52.00 14.86
CA ARG T 187 -59.59 50.80 14.07
C ARG T 187 -60.08 49.56 14.80
N ARG T 188 -59.81 49.46 16.09
CA ARG T 188 -60.25 48.29 16.85
C ARG T 188 -61.77 48.26 16.99
N ALA T 189 -62.40 49.42 17.16
CA ALA T 189 -63.85 49.46 17.23
C ALA T 189 -64.48 49.01 15.92
N ALA T 190 -63.97 49.52 14.81
CA ALA T 190 -64.49 49.11 13.51
C ALA T 190 -64.24 47.64 13.26
N TRP T 191 -63.06 47.15 13.63
CA TRP T 191 -62.74 45.74 13.44
C TRP T 191 -63.66 44.84 14.26
N ARG T 192 -63.92 45.21 15.51
CA ARG T 192 -64.83 44.43 16.34
C ARG T 192 -66.24 44.43 15.74
N ARG T 193 -66.70 45.58 15.27
CA ARG T 193 -68.03 45.65 14.68
C ARG T 193 -68.11 44.79 13.42
N ARG T 194 -67.09 44.82 12.58
CA ARG T 194 -67.11 44.11 11.33
C ARG T 194 -66.81 42.62 11.47
N ASN T 195 -66.19 42.21 12.57
CA ASN T 195 -65.84 40.82 12.79
C ASN T 195 -66.67 40.17 13.88
N THR T 196 -67.66 40.88 14.42
CA THR T 196 -68.58 40.28 15.37
C THR T 196 -69.73 39.64 14.62
N LEU T 197 -70.05 38.40 14.98
CA LEU T 197 -71.16 37.67 14.37
C LEU T 197 -72.42 37.94 15.18
N GLN T 198 -73.39 38.62 14.58
CA GLN T 198 -74.64 38.95 15.26
C GLN T 198 -75.59 37.77 15.13
N LEU T 199 -75.77 37.04 16.21
CA LEU T 199 -76.71 35.92 16.25
C LEU T 199 -77.95 36.38 16.99
N HIS T 200 -78.97 36.76 16.23
CA HIS T 200 -80.19 37.29 16.82
C HIS T 200 -80.93 36.19 17.56
N ARG T 201 -82.02 36.56 18.23
CA ARG T 201 -82.83 35.54 18.86
C ARG T 201 -83.59 34.74 17.83
N TYR T 202 -84.07 35.39 16.78
CA TYR T 202 -84.83 34.75 15.71
C TYR T 202 -83.98 34.80 14.45
N ARG T 203 -83.36 33.68 14.12
CA ARG T 203 -82.69 33.51 12.83
C ARG T 203 -83.63 32.93 11.79
N GLU U 1 -78.02 -59.40 23.37
CA GLU U 1 -78.90 -60.18 24.22
C GLU U 1 -78.62 -59.91 25.69
N VAL U 2 -79.21 -60.72 26.57
CA VAL U 2 -79.09 -60.46 28.01
C VAL U 2 -78.00 -61.31 28.65
N GLN U 3 -77.65 -62.45 28.06
CA GLN U 3 -76.57 -63.28 28.58
C GLN U 3 -75.22 -62.76 28.08
N VAL U 4 -74.16 -63.43 28.50
CA VAL U 4 -72.81 -63.11 28.05
C VAL U 4 -72.51 -63.95 26.82
N LEU U 5 -72.08 -63.30 25.75
CA LEU U 5 -71.73 -63.97 24.51
C LEU U 5 -70.25 -64.34 24.57
N VAL U 6 -69.96 -65.63 24.64
CA VAL U 6 -68.60 -66.13 24.75
C VAL U 6 -68.15 -66.62 23.37
N LEU U 7 -67.11 -66.00 22.84
CA LEU U 7 -66.60 -66.27 21.51
C LEU U 7 -65.20 -66.88 21.60
N ASP U 8 -65.00 -67.97 20.87
CA ASP U 8 -63.70 -68.62 20.80
C ASP U 8 -62.85 -67.90 19.78
N GLY U 9 -61.66 -67.47 20.20
CA GLY U 9 -60.79 -66.71 19.33
C GLY U 9 -60.02 -67.51 18.30
N ARG U 10 -60.05 -68.83 18.40
CA ARG U 10 -59.28 -69.65 17.46
C ARG U 10 -59.90 -69.65 16.08
N GLY U 11 -59.07 -69.49 15.06
CA GLY U 11 -59.52 -69.52 13.69
C GLY U 11 -60.18 -68.26 13.20
N HIS U 12 -60.20 -67.21 14.00
CA HIS U 12 -60.89 -65.97 13.67
C HIS U 12 -59.90 -64.92 13.22
N LEU U 13 -60.31 -64.07 12.29
CA LEU U 13 -59.48 -62.99 11.84
C LEU U 13 -59.62 -61.79 12.77
N LEU U 14 -58.50 -61.10 13.01
CA LEU U 14 -58.42 -60.09 14.05
C LEU U 14 -59.41 -58.96 13.82
N GLY U 15 -59.27 -58.24 12.72
CA GLY U 15 -60.12 -57.09 12.49
C GLY U 15 -61.58 -57.41 12.25
N ARG U 16 -61.86 -58.52 11.58
CA ARG U 16 -63.25 -58.93 11.37
C ARG U 16 -63.93 -59.22 12.70
N LEU U 17 -63.31 -60.05 13.54
CA LEU U 17 -63.86 -60.35 14.85
C LEU U 17 -63.96 -59.11 15.71
N ALA U 18 -62.98 -58.22 15.61
CA ALA U 18 -63.00 -57.02 16.42
C ALA U 18 -64.10 -56.07 16.01
N ALA U 19 -64.40 -55.96 14.71
CA ALA U 19 -65.53 -55.16 14.27
C ALA U 19 -66.84 -55.73 14.78
N ILE U 20 -67.00 -57.05 14.67
CA ILE U 20 -68.23 -57.68 15.18
C ILE U 20 -68.37 -57.42 16.68
N VAL U 21 -67.29 -57.62 17.43
CA VAL U 21 -67.34 -57.48 18.88
C VAL U 21 -67.61 -56.04 19.28
N ALA U 22 -66.98 -55.08 18.57
CA ALA U 22 -67.21 -53.68 18.88
C ALA U 22 -68.66 -53.29 18.68
N LYS U 23 -69.26 -53.72 17.57
CA LYS U 23 -70.68 -53.42 17.38
C LYS U 23 -71.55 -54.09 18.45
N GLN U 24 -71.20 -55.32 18.83
CA GLN U 24 -71.98 -56.00 19.86
C GLN U 24 -71.94 -55.27 21.19
N VAL U 25 -70.74 -54.88 21.63
CA VAL U 25 -70.64 -54.20 22.92
C VAL U 25 -71.22 -52.79 22.85
N LEU U 26 -71.25 -52.17 21.67
CA LEU U 26 -71.93 -50.89 21.54
C LEU U 26 -73.44 -51.04 21.59
N LEU U 27 -73.95 -52.20 21.19
CA LEU U 27 -75.37 -52.49 21.34
C LEU U 27 -75.72 -52.98 22.75
N GLY U 28 -74.84 -52.74 23.72
CA GLY U 28 -75.13 -53.06 25.10
C GLY U 28 -75.07 -54.53 25.44
N ARG U 29 -74.18 -55.29 24.81
CA ARG U 29 -74.10 -56.72 25.00
C ARG U 29 -72.79 -57.09 25.67
N LYS U 30 -72.85 -58.00 26.64
CA LYS U 30 -71.66 -58.51 27.30
C LYS U 30 -70.97 -59.51 26.38
N VAL U 31 -69.69 -59.29 26.08
CA VAL U 31 -68.93 -60.13 25.17
C VAL U 31 -67.66 -60.57 25.87
N VAL U 32 -67.34 -61.85 25.79
CA VAL U 32 -66.11 -62.41 26.35
C VAL U 32 -65.42 -63.21 25.25
N VAL U 33 -64.22 -62.78 24.88
CA VAL U 33 -63.44 -63.46 23.85
C VAL U 33 -62.37 -64.28 24.56
N VAL U 34 -62.39 -65.59 24.36
CA VAL U 34 -61.42 -66.48 24.96
C VAL U 34 -60.47 -66.98 23.89
N ARG U 35 -59.34 -67.52 24.35
CA ARG U 35 -58.30 -68.09 23.49
C ARG U 35 -57.86 -67.08 22.44
N CYS U 36 -57.46 -65.90 22.90
CA CYS U 36 -57.02 -64.83 22.00
C CYS U 36 -55.68 -65.13 21.35
N GLU U 37 -54.95 -66.15 21.81
CA GLU U 37 -53.72 -66.52 21.14
C GLU U 37 -53.96 -67.31 19.85
N GLY U 38 -55.17 -67.82 19.66
CA GLY U 38 -55.54 -68.54 18.47
C GLY U 38 -56.04 -67.67 17.35
N ILE U 39 -56.12 -66.36 17.56
CA ILE U 39 -56.62 -65.45 16.54
C ILE U 39 -55.61 -65.38 15.39
N ASN U 40 -56.11 -65.32 14.17
CA ASN U 40 -55.28 -65.24 12.98
C ASN U 40 -55.28 -63.82 12.43
N ILE U 41 -54.20 -63.48 11.72
CA ILE U 41 -54.13 -62.25 10.95
C ILE U 41 -53.72 -62.61 9.54
N SER U 42 -54.43 -62.08 8.56
CA SER U 42 -54.12 -62.36 7.17
C SER U 42 -52.81 -61.72 6.78
N GLY U 43 -52.17 -62.27 5.75
CA GLY U 43 -50.83 -61.84 5.42
C GLY U 43 -49.79 -62.61 6.19
N ASN U 44 -48.61 -62.73 5.61
CA ASN U 44 -47.64 -63.63 6.20
C ASN U 44 -47.03 -63.05 7.48
N PHE U 45 -46.41 -63.95 8.24
CA PHE U 45 -46.03 -63.63 9.60
C PHE U 45 -44.99 -62.53 9.65
N TYR U 46 -44.04 -62.54 8.73
CA TYR U 46 -43.00 -61.51 8.75
C TYR U 46 -43.61 -60.14 8.53
N ARG U 47 -44.58 -60.03 7.61
CA ARG U 47 -45.25 -58.76 7.38
C ARG U 47 -46.01 -58.30 8.61
N ASN U 48 -46.74 -59.20 9.26
CA ASN U 48 -47.49 -58.77 10.44
C ASN U 48 -46.57 -58.40 11.60
N LYS U 49 -45.46 -59.13 11.75
CA LYS U 49 -44.46 -58.78 12.74
C LYS U 49 -43.84 -57.43 12.46
N LEU U 50 -43.59 -57.12 11.18
CA LEU U 50 -43.09 -55.80 10.83
C LEU U 50 -44.07 -54.70 11.20
N LYS U 51 -45.36 -54.95 10.98
CA LYS U 51 -46.37 -53.98 11.38
C LYS U 51 -46.34 -53.73 12.88
N TYR U 52 -46.27 -54.81 13.67
CA TYR U 52 -46.23 -54.60 15.12
C TYR U 52 -44.93 -53.95 15.56
N LEU U 53 -43.82 -54.20 14.85
CA LEU U 53 -42.57 -53.55 15.22
C LEU U 53 -42.60 -52.06 14.90
N ALA U 54 -43.28 -51.68 13.82
CA ALA U 54 -43.51 -50.26 13.57
C ALA U 54 -44.34 -49.65 14.69
N PHE U 55 -45.36 -50.37 15.14
CA PHE U 55 -46.14 -49.91 16.29
C PHE U 55 -45.26 -49.75 17.52
N LEU U 56 -44.32 -50.68 17.73
CA LEU U 56 -43.37 -50.55 18.82
C LEU U 56 -42.50 -49.32 18.68
N ARG U 57 -42.09 -49.01 17.45
CA ARG U 57 -41.27 -47.82 17.23
C ARG U 57 -42.02 -46.56 17.57
N LYS U 58 -43.32 -46.51 17.31
CA LYS U 58 -44.07 -45.29 17.64
C LYS U 58 -44.12 -45.13 19.16
N ARG U 59 -43.32 -44.22 19.69
CA ARG U 59 -43.34 -43.90 21.12
C ARG U 59 -43.09 -42.42 21.29
N MET U 60 -43.45 -41.89 22.45
CA MET U 60 -43.25 -40.48 22.74
C MET U 60 -41.79 -40.19 22.99
N ASN U 61 -41.21 -39.31 22.20
CA ASN U 61 -39.77 -39.08 22.23
C ASN U 61 -39.35 -38.39 23.52
N THR U 62 -40.18 -37.48 24.02
CA THR U 62 -39.81 -36.73 25.22
C THR U 62 -39.89 -37.59 26.47
N ASN U 63 -40.95 -38.37 26.61
CA ASN U 63 -41.13 -39.22 27.78
C ASN U 63 -41.89 -40.46 27.35
N PRO U 64 -41.19 -41.55 27.05
CA PRO U 64 -41.86 -42.77 26.59
C PRO U 64 -42.81 -43.38 27.60
N SER U 65 -42.65 -43.06 28.89
CA SER U 65 -43.57 -43.59 29.90
C SER U 65 -44.98 -43.02 29.73
N ARG U 66 -45.12 -41.88 29.08
CA ARG U 66 -46.42 -41.33 28.76
C ARG U 66 -46.95 -41.80 27.42
N GLY U 67 -46.10 -42.38 26.58
CA GLY U 67 -46.40 -42.59 25.19
C GLY U 67 -47.37 -43.72 24.97
N PRO U 68 -47.50 -44.18 23.73
CA PRO U 68 -48.39 -45.32 23.45
C PRO U 68 -47.94 -46.54 24.25
N TYR U 69 -48.91 -47.20 24.86
CA TYR U 69 -48.63 -48.39 25.67
C TYR U 69 -48.80 -49.61 24.77
N HIS U 70 -47.69 -50.24 24.44
CA HIS U 70 -47.69 -51.39 23.55
C HIS U 70 -47.89 -52.64 24.38
N PHE U 71 -49.09 -53.20 24.30
CA PHE U 71 -49.44 -54.37 25.09
C PHE U 71 -49.06 -55.61 24.30
N ARG U 72 -48.38 -56.54 24.97
CA ARG U 72 -47.77 -57.67 24.29
C ARG U 72 -48.61 -58.94 24.36
N ALA U 73 -49.54 -59.05 25.29
CA ALA U 73 -50.38 -60.25 25.36
C ALA U 73 -51.37 -60.25 24.20
N PRO U 74 -51.69 -61.42 23.65
CA PRO U 74 -52.68 -61.46 22.56
C PRO U 74 -54.04 -60.93 22.97
N SER U 75 -54.48 -61.21 24.19
CA SER U 75 -55.74 -60.68 24.67
C SER U 75 -55.72 -59.16 24.68
N ARG U 76 -54.64 -58.56 25.15
CA ARG U 76 -54.55 -57.11 25.19
C ARG U 76 -54.40 -56.53 23.80
N ILE U 77 -53.75 -57.25 22.88
CA ILE U 77 -53.67 -56.78 21.49
C ILE U 77 -55.06 -56.73 20.88
N PHE U 78 -55.85 -57.78 21.09
CA PHE U 78 -57.21 -57.78 20.56
C PHE U 78 -58.06 -56.71 21.25
N TRP U 79 -57.85 -56.51 22.54
CA TRP U 79 -58.57 -55.47 23.27
C TRP U 79 -58.27 -54.10 22.68
N ARG U 80 -57.00 -53.83 22.37
CA ARG U 80 -56.64 -52.55 21.78
C ARG U 80 -57.20 -52.41 20.37
N THR U 81 -57.25 -53.51 19.62
CA THR U 81 -57.86 -53.48 18.30
C THR U 81 -59.34 -53.11 18.39
N VAL U 82 -60.06 -53.69 19.35
CA VAL U 82 -61.47 -53.35 19.55
C VAL U 82 -61.61 -51.90 19.99
N ARG U 83 -60.72 -51.45 20.87
CA ARG U 83 -60.73 -50.06 21.30
C ARG U 83 -60.52 -49.12 20.13
N GLY U 84 -59.78 -49.57 19.11
CA GLY U 84 -59.61 -48.78 17.91
C GLY U 84 -60.86 -48.65 17.07
N MET U 85 -61.83 -49.54 17.24
CA MET U 85 -63.11 -49.45 16.57
C MET U 85 -64.21 -48.92 17.47
N LEU U 86 -63.91 -48.70 18.74
CA LEU U 86 -64.87 -48.10 19.66
C LEU U 86 -64.59 -46.61 19.83
N PRO U 87 -65.61 -45.81 20.13
CA PRO U 87 -65.38 -44.39 20.46
C PRO U 87 -64.99 -44.21 21.92
N HIS U 88 -63.76 -44.63 22.24
CA HIS U 88 -63.37 -44.86 23.63
C HIS U 88 -63.13 -43.60 24.43
N LYS U 89 -63.24 -42.41 23.84
CA LYS U 89 -63.02 -41.19 24.59
C LYS U 89 -64.32 -40.52 25.02
N THR U 90 -65.44 -41.21 24.87
CA THR U 90 -66.73 -40.77 25.39
C THR U 90 -67.22 -41.79 26.40
N LYS U 91 -68.21 -41.38 27.19
CA LYS U 91 -68.75 -42.28 28.20
C LYS U 91 -69.42 -43.50 27.59
N ARG U 92 -70.13 -43.33 26.48
CA ARG U 92 -70.72 -44.47 25.79
C ARG U 92 -69.66 -45.46 25.33
N GLY U 93 -68.58 -44.95 24.74
CA GLY U 93 -67.52 -45.83 24.28
C GLY U 93 -66.80 -46.51 25.42
N GLN U 94 -66.62 -45.81 26.55
CA GLN U 94 -65.96 -46.42 27.69
C GLN U 94 -66.83 -47.50 28.32
N ALA U 95 -68.15 -47.28 28.39
CA ALA U 95 -69.03 -48.33 28.87
C ALA U 95 -69.03 -49.54 27.94
N ALA U 96 -69.04 -49.28 26.63
CA ALA U 96 -68.97 -50.38 25.67
C ALA U 96 -67.66 -51.17 25.83
N LEU U 97 -66.56 -50.46 26.05
CA LEU U 97 -65.28 -51.11 26.29
C LEU U 97 -65.30 -51.92 27.58
N ASP U 98 -65.96 -51.40 28.62
CA ASP U 98 -66.10 -52.15 29.87
C ASP U 98 -66.90 -53.43 29.69
N ARG U 99 -67.86 -53.43 28.77
CA ARG U 99 -68.66 -54.64 28.55
C ARG U 99 -67.92 -55.75 27.82
N LEU U 100 -66.61 -55.64 27.63
CA LEU U 100 -65.84 -56.63 26.90
C LEU U 100 -64.73 -57.19 27.77
N LYS U 101 -64.61 -58.52 27.77
CA LYS U 101 -63.52 -59.21 28.46
C LYS U 101 -62.75 -60.06 27.47
N VAL U 102 -61.43 -60.07 27.61
CA VAL U 102 -60.55 -60.80 26.71
C VAL U 102 -59.59 -61.65 27.53
N PHE U 103 -59.31 -62.86 27.05
CA PHE U 103 -58.47 -63.80 27.78
C PHE U 103 -57.56 -64.55 26.82
N ASP U 104 -56.39 -64.92 27.34
CA ASP U 104 -55.53 -65.90 26.69
C ASP U 104 -55.85 -67.27 27.27
N GLY U 105 -56.01 -68.26 26.40
CA GLY U 105 -56.50 -69.51 26.90
C GLY U 105 -57.96 -69.39 27.28
N ILE U 106 -58.46 -70.38 28.00
CA ILE U 106 -59.85 -70.35 28.46
C ILE U 106 -59.88 -70.51 29.98
N PRO U 107 -60.20 -69.46 30.71
CA PRO U 107 -60.14 -69.51 32.19
C PRO U 107 -61.30 -70.30 32.76
N PRO U 108 -61.22 -70.67 34.05
CA PRO U 108 -62.20 -71.60 34.64
C PRO U 108 -63.64 -71.12 34.59
N PRO U 109 -63.95 -69.83 34.64
CA PRO U 109 -65.36 -69.45 34.45
C PRO U 109 -65.90 -69.87 33.09
N TYR U 110 -65.08 -69.93 32.06
CA TYR U 110 -65.56 -70.13 30.71
C TYR U 110 -65.13 -71.44 30.06
N ASP U 111 -64.26 -72.22 30.70
CA ASP U 111 -63.89 -73.50 30.10
C ASP U 111 -64.97 -74.54 30.24
N LYS U 112 -65.95 -74.31 31.12
CA LYS U 112 -67.08 -75.21 31.31
C LYS U 112 -68.33 -74.72 30.61
N LYS U 113 -68.19 -73.83 29.64
CA LYS U 113 -69.34 -73.27 28.92
C LYS U 113 -69.12 -73.41 27.43
N LYS U 114 -70.23 -73.51 26.69
CA LYS U 114 -70.16 -73.55 25.24
C LYS U 114 -69.71 -72.19 24.69
N ARG U 115 -68.95 -72.23 23.61
CA ARG U 115 -68.35 -71.04 23.03
C ARG U 115 -68.88 -70.84 21.61
N MET U 116 -69.27 -69.61 21.30
CA MET U 116 -69.82 -69.31 19.99
C MET U 116 -68.69 -69.11 18.98
N VAL U 117 -69.09 -69.01 17.71
CA VAL U 117 -68.17 -68.78 16.60
C VAL U 117 -68.83 -67.78 15.65
N VAL U 118 -68.04 -66.83 15.15
CA VAL U 118 -68.54 -65.86 14.19
C VAL U 118 -68.07 -66.27 12.79
N PRO U 119 -68.94 -66.82 11.95
CA PRO U 119 -68.52 -67.19 10.59
C PRO U 119 -68.03 -66.03 9.75
N ALA U 120 -68.60 -64.84 9.93
CA ALA U 120 -68.18 -63.69 9.14
C ALA U 120 -66.77 -63.25 9.46
N ALA U 121 -66.17 -63.76 10.53
CA ALA U 121 -64.79 -63.46 10.88
C ALA U 121 -63.88 -64.67 10.80
N LEU U 122 -64.39 -65.83 10.38
CA LEU U 122 -63.58 -67.04 10.35
C LEU U 122 -62.61 -67.01 9.19
N LYS U 123 -61.38 -67.47 9.45
CA LYS U 123 -60.36 -67.51 8.42
C LYS U 123 -60.74 -68.45 7.28
N VAL U 124 -61.35 -69.60 7.60
CA VAL U 124 -61.61 -70.61 6.60
C VAL U 124 -62.55 -70.11 5.51
N VAL U 125 -63.49 -69.24 5.85
CA VAL U 125 -64.41 -68.71 4.85
C VAL U 125 -64.04 -67.31 4.38
N ARG U 126 -63.31 -66.54 5.18
CA ARG U 126 -62.96 -65.18 4.79
C ARG U 126 -61.65 -65.08 4.05
N LEU U 127 -60.86 -66.15 3.99
CA LEU U 127 -59.53 -66.09 3.43
C LEU U 127 -59.35 -67.22 2.42
N LYS U 128 -58.72 -66.90 1.29
CA LYS U 128 -58.47 -67.92 0.29
C LYS U 128 -57.49 -68.96 0.83
N PRO U 129 -57.67 -70.23 0.50
CA PRO U 129 -56.84 -71.28 1.10
C PRO U 129 -55.36 -71.19 0.73
N THR U 130 -55.02 -70.47 -0.33
CA THR U 130 -53.63 -70.36 -0.75
C THR U 130 -52.90 -69.18 -0.11
N ARG U 131 -53.60 -68.31 0.60
CA ARG U 131 -52.98 -67.16 1.22
C ARG U 131 -52.34 -67.54 2.55
N LYS U 132 -51.36 -66.74 2.95
CA LYS U 132 -50.64 -66.98 4.19
C LYS U 132 -51.24 -66.14 5.32
N PHE U 133 -50.97 -66.57 6.54
CA PHE U 133 -51.52 -65.90 7.71
C PHE U 133 -50.57 -66.08 8.87
N ALA U 134 -50.78 -65.28 9.91
CA ALA U 134 -49.98 -65.31 11.12
C ALA U 134 -50.84 -65.66 12.31
N TYR U 135 -50.21 -66.27 13.31
CA TYR U 135 -50.88 -66.56 14.57
C TYR U 135 -50.59 -65.45 15.57
N LEU U 136 -51.65 -64.94 16.20
CA LEU U 136 -51.49 -63.87 17.17
C LEU U 136 -50.64 -64.31 18.36
N GLY U 137 -50.76 -65.57 18.78
CA GLY U 137 -49.93 -66.05 19.87
C GLY U 137 -48.46 -66.05 19.53
N ARG U 138 -48.10 -66.55 18.35
CA ARG U 138 -46.70 -66.55 17.94
C ARG U 138 -46.17 -65.13 17.77
N LEU U 139 -46.97 -64.25 17.17
CA LEU U 139 -46.54 -62.87 16.99
C LEU U 139 -46.30 -62.20 18.34
N ALA U 140 -47.23 -62.39 19.27
CA ALA U 140 -47.08 -61.81 20.60
C ALA U 140 -45.85 -62.37 21.30
N HIS U 141 -45.63 -63.68 21.19
CA HIS U 141 -44.47 -64.29 21.83
C HIS U 141 -43.18 -63.70 21.28
N GLU U 142 -43.09 -63.55 19.97
CA GLU U 142 -41.83 -63.05 19.42
C GLU U 142 -41.71 -61.54 19.51
N VAL U 143 -42.77 -60.83 19.89
CA VAL U 143 -42.66 -59.39 20.06
C VAL U 143 -42.67 -58.98 21.53
N GLY U 144 -42.74 -59.93 22.45
CA GLY U 144 -42.49 -59.57 23.84
C GLY U 144 -43.32 -60.28 24.89
N TRP U 145 -44.33 -61.05 24.48
CA TRP U 145 -45.17 -61.77 25.41
C TRP U 145 -44.34 -62.86 26.11
N LYS U 146 -44.66 -63.11 27.37
CA LYS U 146 -43.85 -63.99 28.20
C LYS U 146 -44.51 -65.30 28.55
N TYR U 147 -45.81 -65.45 28.31
CA TYR U 147 -46.56 -66.58 28.84
C TYR U 147 -47.12 -67.46 27.74
N GLN U 148 -46.35 -67.68 26.69
CA GLN U 148 -46.80 -68.59 25.65
C GLN U 148 -46.71 -70.04 26.10
N ALA U 149 -45.64 -70.40 26.83
CA ALA U 149 -45.45 -71.78 27.22
C ALA U 149 -46.43 -72.21 28.31
N VAL U 150 -46.60 -71.38 29.33
CA VAL U 150 -47.49 -71.75 30.43
C VAL U 150 -48.94 -71.79 29.96
N THR U 151 -49.32 -70.88 29.06
CA THR U 151 -50.66 -70.93 28.49
C THR U 151 -50.86 -72.18 27.66
N ALA U 152 -49.84 -72.61 26.93
CA ALA U 152 -49.94 -73.85 26.18
C ALA U 152 -50.12 -75.05 27.10
N THR U 153 -49.37 -75.09 28.19
CA THR U 153 -49.48 -76.21 29.14
C THR U 153 -50.87 -76.24 29.76
N LEU U 154 -51.38 -75.09 30.19
CA LEU U 154 -52.70 -75.05 30.79
C LEU U 154 -53.79 -75.37 29.78
N GLU U 155 -53.62 -74.94 28.53
CA GLU U 155 -54.55 -75.32 27.49
C GLU U 155 -54.55 -76.82 27.24
N GLU U 156 -53.39 -77.46 27.33
CA GLU U 156 -53.35 -78.91 27.13
C GLU U 156 -54.03 -79.65 28.28
N LYS U 157 -53.85 -79.18 29.52
CA LYS U 157 -54.62 -79.76 30.62
C LYS U 157 -56.12 -79.57 30.42
N ARG U 158 -56.52 -78.37 29.99
CA ARG U 158 -57.93 -78.11 29.75
C ARG U 158 -58.48 -79.02 28.68
N LYS U 159 -57.69 -79.28 27.64
CA LYS U 159 -58.13 -80.16 26.57
C LYS U 159 -58.26 -81.60 27.04
N GLU U 160 -57.36 -82.06 27.93
CA GLU U 160 -57.53 -83.40 28.48
C GLU U 160 -58.81 -83.52 29.29
N LYS U 161 -59.09 -82.53 30.14
CA LYS U 161 -60.33 -82.56 30.90
C LYS U 161 -61.55 -82.51 29.99
N ALA U 162 -61.49 -81.71 28.92
CA ALA U 162 -62.60 -81.64 27.98
C ALA U 162 -62.79 -82.96 27.24
N LYS U 163 -61.71 -83.65 26.92
CA LYS U 163 -61.84 -84.97 26.29
C LYS U 163 -62.54 -85.95 27.22
N ILE U 164 -62.20 -85.93 28.50
CA ILE U 164 -62.89 -86.79 29.46
C ILE U 164 -64.38 -86.46 29.52
N HIS U 165 -64.70 -85.17 29.59
CA HIS U 165 -66.10 -84.76 29.66
C HIS U 165 -66.86 -85.16 28.40
N TYR U 166 -66.21 -85.03 27.24
CA TYR U 166 -66.84 -85.42 25.98
C TYR U 166 -67.07 -86.92 25.90
N ARG U 167 -66.15 -87.72 26.42
CA ARG U 167 -66.40 -89.16 26.46
C ARG U 167 -67.60 -89.48 27.34
N LYS U 168 -67.72 -88.80 28.49
CA LYS U 168 -68.91 -89.01 29.33
C LYS U 168 -70.19 -88.61 28.59
N LYS U 169 -70.15 -87.49 27.87
CA LYS U 169 -71.34 -87.05 27.13
C LYS U 169 -71.70 -88.04 26.01
N LYS U 170 -70.70 -88.56 25.30
CA LYS U 170 -70.97 -89.56 24.28
C LYS U 170 -71.58 -90.81 24.87
N GLN U 171 -71.05 -91.26 26.01
CA GLN U 171 -71.62 -92.45 26.63
C GLN U 171 -73.06 -92.22 27.08
N LEU U 172 -73.34 -91.03 27.62
CA LEU U 172 -74.71 -90.71 28.00
C LEU U 172 -75.63 -90.67 26.79
N MET U 173 -75.16 -90.12 25.67
CA MET U 173 -76.02 -90.04 24.50
C MET U 173 -76.26 -91.42 23.89
N ARG U 174 -75.24 -92.28 23.91
CA ARG U 174 -75.43 -93.67 23.48
C ARG U 174 -76.47 -94.35 24.36
N LEU U 175 -76.39 -94.12 25.67
CA LEU U 175 -77.37 -94.70 26.57
C LEU U 175 -78.77 -94.15 26.30
N ARG U 176 -78.87 -92.87 25.91
CA ARG U 176 -80.16 -92.29 25.56
C ARG U 176 -80.73 -92.91 24.30
N LYS U 177 -79.88 -93.14 23.29
CA LYS U 177 -80.35 -93.81 22.08
C LYS U 177 -80.84 -95.22 22.40
N GLN U 178 -80.11 -95.92 23.26
CA GLN U 178 -80.56 -97.25 23.70
C GLN U 178 -81.89 -97.16 24.44
N ALA U 179 -82.07 -96.11 25.25
CA ALA U 179 -83.32 -95.95 25.97
C ALA U 179 -84.49 -95.70 25.02
N GLU U 180 -84.26 -94.89 23.98
CA GLU U 180 -85.31 -94.66 22.98
C GLU U 180 -85.66 -95.94 22.27
N LYS U 181 -84.67 -96.78 21.99
CA LYS U 181 -84.98 -98.08 21.41
C LYS U 181 -85.71 -98.98 22.40
N ASN U 182 -85.38 -98.88 23.69
CA ASN U 182 -86.00 -99.74 24.69
C ASN U 182 -87.47 -99.43 24.85
N VAL U 183 -87.80 -98.15 25.01
CA VAL U 183 -89.20 -97.74 25.13
C VAL U 183 -89.59 -97.09 23.81
N GLU U 184 -90.33 -97.84 22.99
CA GLU U 184 -90.86 -97.31 21.75
C GLU U 184 -92.36 -97.53 21.59
N LYS U 185 -92.92 -98.57 22.20
CA LYS U 185 -94.36 -98.75 22.19
C LYS U 185 -95.05 -97.68 23.03
N LYS U 186 -94.42 -97.26 24.11
CA LYS U 186 -94.95 -96.19 24.95
C LYS U 186 -94.48 -94.82 24.52
N ILE U 187 -93.79 -94.71 23.39
CA ILE U 187 -93.22 -93.45 22.93
C ILE U 187 -93.78 -93.07 21.56
N ASP U 188 -94.17 -94.07 20.78
CA ASP U 188 -94.55 -93.83 19.39
C ASP U 188 -95.75 -92.90 19.26
N LYS U 189 -96.61 -92.85 20.28
CA LYS U 189 -97.76 -91.95 20.23
C LYS U 189 -97.33 -90.50 20.15
N TYR U 190 -96.32 -90.12 20.92
CA TYR U 190 -95.79 -88.76 20.89
C TYR U 190 -94.75 -88.57 19.81
N THR U 191 -94.02 -89.62 19.45
CA THR U 191 -93.11 -89.55 18.32
C THR U 191 -93.87 -89.22 17.05
N GLU U 192 -95.09 -89.76 16.90
CA GLU U 192 -95.86 -89.45 15.71
C GLU U 192 -96.31 -87.99 15.69
N VAL U 193 -96.63 -87.42 16.85
CA VAL U 193 -96.95 -85.99 16.90
C VAL U 193 -95.75 -85.16 16.46
N LEU U 194 -94.58 -85.49 17.01
CA LEU U 194 -93.38 -84.74 16.66
C LEU U 194 -93.05 -84.87 15.18
N LYS U 195 -93.14 -86.08 14.64
CA LYS U 195 -92.90 -86.30 13.22
C LYS U 195 -93.91 -85.57 12.36
N THR U 196 -95.18 -85.56 12.78
CA THR U 196 -96.21 -84.85 12.04
C THR U 196 -95.93 -83.36 11.96
N HIS U 197 -95.44 -82.78 13.05
CA HIS U 197 -95.18 -81.35 13.06
C HIS U 197 -93.71 -81.01 12.81
N GLY U 198 -92.95 -81.96 12.29
CA GLY U 198 -91.68 -81.66 11.68
C GLY U 198 -90.47 -81.77 12.58
N LEU U 199 -90.66 -81.74 13.89
CA LEU U 199 -89.59 -82.10 14.79
C LEU U 199 -89.27 -83.57 14.60
N LEU U 200 -88.00 -83.93 14.80
CA LEU U 200 -87.60 -85.33 14.90
C LEU U 200 -87.96 -86.10 13.63
N VAL U 201 -87.22 -85.77 12.56
CA VAL U 201 -87.27 -86.49 11.29
C VAL U 201 -87.32 -88.00 11.47
N VAL V 1 -76.34 -8.47 67.52
CA VAL V 1 -75.93 -8.21 66.15
C VAL V 1 -76.22 -9.45 65.31
N ARG V 2 -76.37 -9.27 64.00
CA ARG V 2 -76.71 -10.37 63.12
C ARG V 2 -75.48 -11.25 62.89
N TYR V 3 -75.47 -12.42 63.50
CA TYR V 3 -74.56 -13.48 63.09
C TYR V 3 -75.11 -14.16 61.85
N SER V 4 -74.23 -14.83 61.13
CA SER V 4 -74.70 -15.80 60.16
C SER V 4 -74.90 -17.14 60.85
N LEU V 5 -75.91 -17.89 60.40
CA LEU V 5 -76.27 -19.18 61.00
C LEU V 5 -76.62 -19.04 62.47
N ASP V 6 -77.72 -18.35 62.73
CA ASP V 6 -78.24 -18.29 64.09
C ASP V 6 -78.53 -19.70 64.60
N PRO V 7 -78.28 -19.99 65.87
CA PRO V 7 -78.45 -21.36 66.37
C PRO V 7 -79.91 -21.77 66.38
N GLU V 8 -80.13 -23.08 66.24
CA GLU V 8 -81.50 -23.59 66.18
C GLU V 8 -82.24 -23.40 67.50
N ASN V 9 -81.50 -23.46 68.62
CA ASN V 9 -82.08 -23.22 69.93
C ASN V 9 -81.23 -22.23 70.70
N PRO V 10 -81.50 -20.93 70.55
CA PRO V 10 -80.63 -19.92 71.17
C PRO V 10 -80.88 -19.76 72.65
N THR V 11 -81.01 -20.88 73.35
CA THR V 11 -80.97 -20.92 74.80
C THR V 11 -79.96 -21.93 75.33
N LYS V 12 -79.55 -22.89 74.51
CA LYS V 12 -78.45 -23.79 74.81
C LYS V 12 -77.17 -23.38 74.11
N SER V 13 -77.11 -22.13 73.63
CA SER V 13 -76.01 -21.65 72.81
C SER V 13 -75.46 -20.35 73.36
N CYS V 14 -74.18 -20.10 73.09
CA CYS V 14 -73.53 -18.85 73.43
C CYS V 14 -72.72 -18.38 72.23
N LYS V 15 -72.43 -17.08 72.19
CA LYS V 15 -71.85 -16.45 71.03
C LYS V 15 -70.60 -15.67 71.40
N SER V 16 -69.70 -15.55 70.43
CA SER V 16 -68.53 -14.69 70.57
C SER V 16 -68.20 -14.06 69.23
N ARG V 17 -67.58 -12.90 69.28
CA ARG V 17 -67.33 -12.11 68.07
C ARG V 17 -66.11 -11.25 68.30
N GLY V 18 -65.41 -10.95 67.20
CA GLY V 18 -64.30 -10.03 67.22
C GLY V 18 -64.15 -9.40 65.86
N SER V 19 -63.86 -8.10 65.79
CA SER V 19 -63.79 -7.39 64.53
C SER V 19 -62.45 -6.70 64.39
N ASN V 20 -61.94 -6.66 63.16
CA ASN V 20 -60.69 -5.99 62.81
C ASN V 20 -59.53 -6.52 63.64
N LEU V 21 -59.48 -7.83 63.80
CA LEU V 21 -58.42 -8.45 64.59
C LEU V 21 -57.15 -8.56 63.76
N ARG V 22 -56.02 -8.18 64.36
CA ARG V 22 -54.75 -8.09 63.65
C ARG V 22 -54.06 -9.46 63.60
N VAL V 23 -54.71 -10.40 62.92
CA VAL V 23 -54.12 -11.69 62.57
C VAL V 23 -54.35 -11.92 61.09
N HIS V 24 -53.54 -12.83 60.54
CA HIS V 24 -53.64 -13.13 59.13
C HIS V 24 -54.89 -13.95 58.84
N PHE V 25 -55.65 -13.50 57.84
CA PHE V 25 -56.95 -14.09 57.56
C PHE V 25 -56.82 -15.53 57.10
N LYS V 26 -55.81 -15.83 56.28
CA LYS V 26 -55.67 -17.18 55.76
C LYS V 26 -55.31 -18.17 56.87
N ASN V 27 -54.34 -17.81 57.71
CA ASN V 27 -53.98 -18.66 58.84
C ASN V 27 -55.15 -18.85 59.78
N THR V 28 -55.90 -17.77 60.03
CA THR V 28 -57.04 -17.88 60.94
C THR V 28 -58.15 -18.74 60.36
N ARG V 29 -58.38 -18.64 59.05
CA ARG V 29 -59.38 -19.49 58.42
C ARG V 29 -58.98 -20.97 58.54
N GLU V 30 -57.71 -21.28 58.29
CA GLU V 30 -57.28 -22.67 58.42
C GLU V 30 -57.42 -23.17 59.84
N THR V 31 -57.05 -22.34 60.83
CA THR V 31 -57.14 -22.77 62.22
C THR V 31 -58.60 -22.94 62.66
N ALA V 32 -59.48 -22.05 62.20
CA ALA V 32 -60.90 -22.17 62.50
C ALA V 32 -61.50 -23.43 61.89
N GLN V 33 -61.11 -23.75 60.66
CA GLN V 33 -61.55 -25.00 60.05
C GLN V 33 -61.03 -26.20 60.84
N ALA V 34 -59.82 -26.10 61.38
CA ALA V 34 -59.30 -27.19 62.19
C ALA V 34 -60.11 -27.40 63.46
N ILE V 35 -60.45 -26.32 64.15
CA ILE V 35 -61.12 -26.45 65.45
C ILE V 35 -62.64 -26.52 65.32
N LYS V 36 -63.19 -26.40 64.12
CA LYS V 36 -64.64 -26.41 63.96
C LYS V 36 -65.20 -27.79 64.30
N GLY V 37 -66.31 -27.81 65.03
CA GLY V 37 -66.96 -29.04 65.41
C GLY V 37 -66.40 -29.69 66.66
N MET V 38 -65.33 -29.15 67.23
CA MET V 38 -64.70 -29.74 68.39
C MET V 38 -65.51 -29.47 69.65
N HIS V 39 -65.27 -30.29 70.67
CA HIS V 39 -65.65 -29.93 72.02
C HIS V 39 -64.79 -28.77 72.48
N ILE V 40 -65.27 -28.01 73.47
CA ILE V 40 -64.56 -26.80 73.86
C ILE V 40 -63.25 -27.15 74.58
N ARG V 41 -63.27 -28.19 75.43
CA ARG V 41 -62.04 -28.59 76.10
C ARG V 41 -61.01 -29.11 75.11
N LYS V 42 -61.47 -29.93 74.16
CA LYS V 42 -60.60 -30.43 73.11
C LYS V 42 -60.03 -29.30 72.28
N ALA V 43 -60.85 -28.33 71.93
CA ALA V 43 -60.38 -27.20 71.14
C ALA V 43 -59.36 -26.37 71.90
N THR V 44 -59.59 -26.15 73.19
CA THR V 44 -58.63 -25.39 73.99
C THR V 44 -57.28 -26.10 74.07
N LYS V 45 -57.29 -27.40 74.38
CA LYS V 45 -56.01 -28.09 74.47
C LYS V 45 -55.36 -28.23 73.10
N TYR V 46 -56.15 -28.34 72.04
CA TYR V 46 -55.59 -28.41 70.70
C TYR V 46 -54.92 -27.12 70.30
N LEU V 47 -55.54 -25.97 70.63
CA LEU V 47 -54.92 -24.69 70.32
C LEU V 47 -53.66 -24.48 71.14
N LYS V 48 -53.66 -24.92 72.40
CA LYS V 48 -52.44 -24.86 73.19
C LYS V 48 -51.35 -25.74 72.57
N ASP V 49 -51.71 -26.93 72.09
CA ASP V 49 -50.74 -27.78 71.41
C ASP V 49 -50.23 -27.14 70.13
N VAL V 50 -51.08 -26.44 69.40
CA VAL V 50 -50.64 -25.74 68.20
C VAL V 50 -49.62 -24.67 68.56
N THR V 51 -49.87 -23.94 69.66
CA THR V 51 -48.87 -22.99 70.13
C THR V 51 -47.57 -23.67 70.52
N LEU V 52 -47.66 -24.84 71.14
CA LEU V 52 -46.47 -25.57 71.58
C LEU V 52 -45.84 -26.40 70.46
N GLN V 53 -46.39 -26.34 69.25
CA GLN V 53 -45.88 -27.08 68.10
C GLN V 53 -45.90 -28.59 68.32
N LYS V 54 -46.96 -29.08 68.96
CA LYS V 54 -47.17 -30.50 69.13
C LYS V 54 -48.33 -31.04 68.30
N GLN V 55 -49.22 -30.17 67.85
CA GLN V 55 -50.24 -30.51 66.87
C GLN V 55 -50.29 -29.38 65.86
N CYS V 56 -50.53 -29.72 64.61
CA CYS V 56 -50.54 -28.72 63.54
C CYS V 56 -51.95 -28.45 63.09
N VAL V 57 -52.14 -27.32 62.40
CA VAL V 57 -53.38 -27.12 61.68
C VAL V 57 -53.06 -27.44 60.22
N PRO V 58 -53.92 -28.18 59.53
CA PRO V 58 -53.68 -28.47 58.11
C PRO V 58 -54.10 -27.29 57.25
N PHE V 59 -53.23 -26.91 56.33
CA PHE V 59 -53.51 -25.80 55.42
C PHE V 59 -54.09 -26.40 54.15
N ARG V 60 -55.39 -26.27 53.97
CA ARG V 60 -56.08 -27.00 52.91
C ARG V 60 -56.41 -26.13 51.71
N ARG V 61 -56.86 -24.90 51.91
CA ARG V 61 -57.14 -24.02 50.78
C ARG V 61 -56.03 -23.02 50.53
N TYR V 62 -55.50 -22.41 51.58
CA TYR V 62 -54.40 -21.45 51.45
C TYR V 62 -53.09 -22.17 51.76
N ASN V 63 -52.65 -22.99 50.82
CA ASN V 63 -51.51 -23.86 51.03
C ASN V 63 -50.39 -23.62 50.02
N GLY V 64 -50.39 -22.48 49.35
CA GLY V 64 -49.35 -22.20 48.38
C GLY V 64 -48.00 -22.00 49.02
N GLY V 65 -47.10 -22.96 48.85
CA GLY V 65 -45.78 -22.87 49.43
C GLY V 65 -45.68 -23.35 50.86
N VAL V 66 -46.79 -23.74 51.48
CA VAL V 66 -46.74 -24.22 52.86
C VAL V 66 -46.04 -25.56 52.88
N GLY V 67 -45.11 -25.72 53.81
CA GLY V 67 -44.30 -26.91 53.87
C GLY V 67 -45.04 -28.10 54.45
N ARG V 68 -44.40 -29.25 54.33
CA ARG V 68 -44.95 -30.50 54.82
C ARG V 68 -44.47 -30.78 56.23
N CYS V 69 -45.29 -31.50 56.99
CA CYS V 69 -44.95 -31.87 58.34
C CYS V 69 -45.51 -33.25 58.65
N ALA V 70 -44.91 -33.88 59.66
CA ALA V 70 -45.37 -35.21 60.05
C ALA V 70 -46.70 -35.15 60.77
N GLN V 71 -46.98 -34.06 61.47
CA GLN V 71 -48.24 -33.95 62.20
C GLN V 71 -49.44 -33.74 61.31
N ALA V 72 -49.23 -33.42 60.02
CA ALA V 72 -50.35 -33.25 59.13
C ALA V 72 -51.03 -34.56 58.79
N LYS V 73 -50.41 -35.70 59.07
CA LYS V 73 -51.00 -37.00 58.78
C LYS V 73 -52.12 -37.37 59.74
N GLN V 74 -52.20 -36.70 60.89
CA GLN V 74 -53.36 -36.88 61.76
C GLN V 74 -54.62 -36.46 61.03
N TRP V 75 -54.56 -35.34 60.34
CA TRP V 75 -55.54 -34.90 59.39
C TRP V 75 -55.31 -35.69 58.11
N GLY V 76 -56.29 -35.72 57.22
CA GLY V 76 -56.06 -36.51 56.04
C GLY V 76 -55.26 -35.78 54.99
N TRP V 77 -54.13 -35.18 55.36
CA TRP V 77 -53.57 -34.12 54.55
C TRP V 77 -52.06 -34.13 54.70
N THR V 78 -51.39 -33.22 53.98
CA THR V 78 -49.93 -33.28 53.89
C THR V 78 -49.26 -32.00 54.38
N GLN V 79 -49.90 -30.85 54.17
CA GLN V 79 -49.31 -29.56 54.52
C GLN V 79 -49.93 -29.02 55.80
N GLY V 80 -49.09 -28.69 56.76
CA GLY V 80 -49.60 -28.12 58.00
C GLY V 80 -48.61 -27.13 58.58
N ARG V 81 -49.13 -26.29 59.48
CA ARG V 81 -48.31 -25.29 60.14
C ARG V 81 -48.81 -25.08 61.57
N TRP V 82 -48.22 -24.10 62.25
CA TRP V 82 -48.50 -23.84 63.66
C TRP V 82 -48.68 -22.34 63.88
N PRO V 83 -49.80 -21.79 63.44
CA PRO V 83 -49.98 -20.34 63.57
C PRO V 83 -50.22 -19.91 65.01
N LYS V 84 -49.18 -19.36 65.63
CA LYS V 84 -49.26 -19.02 67.04
C LYS V 84 -50.24 -17.88 67.30
N LYS V 85 -50.20 -16.84 66.46
CA LYS V 85 -51.08 -15.70 66.67
C LYS V 85 -52.53 -16.08 66.46
N SER V 86 -52.82 -16.88 65.42
CA SER V 86 -54.17 -17.36 65.21
C SER V 86 -54.64 -18.23 66.36
N ALA V 87 -53.77 -19.11 66.86
CA ALA V 87 -54.15 -19.95 67.99
C ALA V 87 -54.47 -19.11 69.22
N GLU V 88 -53.66 -18.09 69.51
CA GLU V 88 -53.93 -17.26 70.69
C GLU V 88 -55.17 -16.42 70.52
N PHE V 89 -55.43 -15.90 69.32
CA PHE V 89 -56.66 -15.13 69.11
C PHE V 89 -57.90 -15.99 69.30
N LEU V 90 -57.87 -17.22 68.75
CA LEU V 90 -59.01 -18.09 68.94
C LEU V 90 -59.13 -18.56 70.39
N LEU V 91 -58.01 -18.68 71.11
CA LEU V 91 -58.08 -18.99 72.52
C LEU V 91 -58.75 -17.88 73.31
N HIS V 92 -58.43 -16.63 73.00
CA HIS V 92 -59.09 -15.51 73.64
C HIS V 92 -60.58 -15.51 73.33
N MET V 93 -60.93 -15.76 72.08
CA MET V 93 -62.35 -15.79 71.72
C MET V 93 -63.08 -16.94 72.40
N LEU V 94 -62.42 -18.09 72.57
CA LEU V 94 -63.01 -19.21 73.29
C LEU V 94 -63.21 -18.89 74.76
N LYS V 95 -62.25 -18.19 75.39
CA LYS V 95 -62.45 -17.77 76.77
C LYS V 95 -63.61 -16.80 76.89
N ASN V 96 -63.74 -15.86 75.95
CA ASN V 96 -64.87 -14.94 75.98
C ASN V 96 -66.20 -15.67 75.81
N ALA V 97 -66.24 -16.64 74.90
CA ALA V 97 -67.48 -17.40 74.69
C ALA V 97 -67.82 -18.26 75.90
N GLU V 98 -66.81 -18.81 76.56
CA GLU V 98 -67.08 -19.60 77.77
C GLU V 98 -67.58 -18.71 78.90
N SER V 99 -67.05 -17.49 79.01
CA SER V 99 -67.59 -16.55 79.99
C SER V 99 -69.03 -16.19 79.68
N ASN V 100 -69.35 -16.01 78.40
CA ASN V 100 -70.74 -15.78 78.01
C ASN V 100 -71.63 -16.96 78.36
N ALA V 101 -71.13 -18.18 78.19
CA ALA V 101 -71.90 -19.36 78.58
C ALA V 101 -72.14 -19.38 80.09
N GLU V 102 -71.12 -19.04 80.87
CA GLU V 102 -71.29 -18.93 82.32
C GLU V 102 -72.35 -17.89 82.67
N LEU V 103 -72.35 -16.77 81.96
CA LEU V 103 -73.36 -15.75 82.22
C LEU V 103 -74.76 -16.23 81.87
N LYS V 104 -74.90 -16.97 80.77
CA LYS V 104 -76.18 -17.54 80.39
C LYS V 104 -76.54 -18.78 81.22
N GLY V 105 -75.66 -19.21 82.10
CA GLY V 105 -76.00 -20.28 83.03
C GLY V 105 -76.17 -21.65 82.40
N LEU V 106 -75.30 -21.99 81.46
CA LEU V 106 -75.30 -23.31 80.83
C LEU V 106 -73.89 -23.89 80.96
N ASP V 107 -73.79 -25.14 81.39
CA ASP V 107 -72.50 -25.67 81.83
C ASP V 107 -71.53 -25.78 80.66
N VAL V 108 -70.28 -25.42 80.93
CA VAL V 108 -69.30 -25.19 79.87
C VAL V 108 -68.50 -26.45 79.57
N ASP V 109 -68.94 -27.58 80.09
CA ASP V 109 -68.27 -28.85 79.85
C ASP V 109 -68.94 -29.68 78.77
N SER V 110 -70.04 -29.18 78.18
CA SER V 110 -70.71 -29.87 77.09
C SER V 110 -70.82 -28.99 75.86
N LEU V 111 -70.00 -27.96 75.76
CA LEU V 111 -70.04 -27.04 74.64
C LEU V 111 -69.28 -27.59 73.45
N VAL V 112 -69.82 -27.36 72.27
CA VAL V 112 -69.26 -27.80 71.01
C VAL V 112 -69.27 -26.61 70.06
N ILE V 113 -68.17 -26.39 69.35
CA ILE V 113 -68.10 -25.30 68.40
C ILE V 113 -68.91 -25.68 67.18
N GLU V 114 -70.18 -25.27 67.13
CA GLU V 114 -70.96 -25.65 65.96
C GLU V 114 -70.80 -24.66 64.83
N HIS V 115 -70.60 -23.38 65.13
CA HIS V 115 -70.40 -22.40 64.06
C HIS V 115 -69.13 -21.62 64.33
N ILE V 116 -68.28 -21.51 63.33
CA ILE V 116 -67.13 -20.61 63.40
C ILE V 116 -66.87 -20.08 62.01
N GLN V 117 -66.66 -18.77 61.91
CA GLN V 117 -66.56 -18.12 60.62
C GLN V 117 -65.55 -16.99 60.71
N VAL V 118 -64.71 -16.90 59.68
CA VAL V 118 -63.68 -15.87 59.58
C VAL V 118 -63.93 -15.09 58.30
N ASN V 119 -64.11 -13.79 58.42
CA ASN V 119 -64.31 -12.87 57.31
C ASN V 119 -63.09 -11.97 57.19
N LYS V 120 -62.88 -11.44 55.99
CA LYS V 120 -61.86 -10.41 55.80
C LYS V 120 -62.35 -9.08 56.35
N ALA V 121 -61.48 -8.39 57.06
CA ALA V 121 -61.73 -7.04 57.55
C ALA V 121 -61.16 -6.04 56.56
N PRO V 122 -61.53 -4.75 56.67
CA PRO V 122 -60.88 -3.75 55.82
C PRO V 122 -59.38 -3.74 56.01
N LYS V 123 -58.65 -3.73 54.91
CA LYS V 123 -57.20 -3.78 54.97
C LYS V 123 -56.63 -2.44 55.44
N MET V 124 -55.45 -2.51 56.05
CA MET V 124 -54.75 -1.33 56.53
C MET V 124 -53.47 -1.14 55.74
N ARG V 125 -53.22 0.10 55.35
CA ARG V 125 -52.18 0.44 54.38
C ARG V 125 -50.88 0.79 55.07
N ARG V 126 -49.80 0.16 54.63
CA ARG V 126 -48.45 0.58 54.94
C ARG V 126 -47.68 0.64 53.64
N ARG V 127 -46.45 1.14 53.72
CA ARG V 127 -45.70 1.52 52.53
C ARG V 127 -44.37 0.80 52.52
N THR V 128 -43.99 0.25 51.37
CA THR V 128 -42.67 -0.34 51.21
C THR V 128 -41.99 0.29 50.00
N TYR V 129 -40.66 0.28 50.01
CA TYR V 129 -39.85 1.00 49.05
C TYR V 129 -39.10 0.01 48.18
N ARG V 130 -39.16 0.22 46.87
CA ARG V 130 -38.63 -0.72 45.89
C ARG V 130 -37.48 -0.10 45.11
N ALA V 131 -37.05 -0.79 44.07
CA ALA V 131 -35.70 -0.58 43.53
C ALA V 131 -35.53 0.79 42.90
N HIS V 132 -36.45 1.19 42.03
CA HIS V 132 -36.11 2.31 41.16
C HIS V 132 -36.94 3.54 41.49
N GLY V 133 -37.04 3.86 42.78
CA GLY V 133 -37.82 4.99 43.20
C GLY V 133 -39.30 4.70 43.24
N ARG V 134 -39.67 3.45 43.49
CA ARG V 134 -41.05 3.02 43.43
C ARG V 134 -41.58 2.70 44.83
N ILE V 135 -42.89 2.86 44.96
CA ILE V 135 -43.61 2.65 46.21
C ILE V 135 -44.57 1.49 45.99
N ASN V 136 -44.59 0.55 46.93
CA ASN V 136 -45.52 -0.56 46.80
C ASN V 136 -46.32 -0.74 48.09
N PRO V 137 -47.52 -1.30 47.99
CA PRO V 137 -48.33 -1.53 49.18
C PRO V 137 -47.72 -2.54 50.12
N TYR V 138 -48.06 -2.40 51.40
CA TYR V 138 -47.65 -3.31 52.45
C TYR V 138 -48.86 -3.61 53.33
N MET V 139 -49.96 -3.99 52.68
CA MET V 139 -51.24 -4.12 53.34
C MET V 139 -51.22 -5.19 54.42
N SER V 140 -51.96 -4.94 55.49
CA SER V 140 -52.30 -6.00 56.42
C SER V 140 -53.63 -6.62 56.02
N SER V 141 -53.87 -7.82 56.51
CA SER V 141 -55.09 -8.56 56.18
C SER V 141 -55.78 -8.99 57.48
N PRO V 142 -56.42 -8.07 58.17
CA PRO V 142 -57.11 -8.43 59.41
C PRO V 142 -58.39 -9.20 59.12
N CYS V 143 -58.95 -9.77 60.17
CA CYS V 143 -60.14 -10.59 59.98
C CYS V 143 -61.14 -10.33 61.09
N HIS V 144 -62.42 -10.42 60.73
CA HIS V 144 -63.49 -10.60 61.69
C HIS V 144 -63.65 -12.08 61.96
N ILE V 145 -63.95 -12.43 63.21
CA ILE V 145 -64.22 -13.81 63.58
C ILE V 145 -65.51 -13.85 64.37
N GLU V 146 -66.31 -14.88 64.16
CA GLU V 146 -67.47 -15.10 65.00
C GLU V 146 -67.60 -16.60 65.25
N MET V 147 -68.16 -16.94 66.40
CA MET V 147 -68.39 -18.35 66.72
C MET V 147 -69.63 -18.50 67.58
N ILE V 148 -70.35 -19.58 67.34
CA ILE V 148 -71.49 -20.00 68.12
C ILE V 148 -71.19 -21.37 68.69
N LEU V 149 -71.17 -21.47 70.02
CA LEU V 149 -71.03 -22.71 70.74
C LEU V 149 -72.41 -23.24 71.12
N THR V 150 -72.50 -24.55 71.32
CA THR V 150 -73.80 -25.13 71.61
C THR V 150 -73.64 -26.31 72.55
N GLU V 151 -74.58 -26.45 73.49
CA GLU V 151 -74.58 -27.56 74.42
C GLU V 151 -75.05 -28.84 73.72
N LYS V 152 -74.23 -29.88 73.77
CA LYS V 152 -74.65 -31.21 73.36
C LYS V 152 -73.65 -32.22 73.91
N GLU V 153 -74.16 -33.38 74.33
CA GLU V 153 -73.31 -34.41 74.92
C GLU V 153 -73.85 -35.80 74.62
N GLY W 1 -83.95 -23.14 -3.39
CA GLY W 1 -83.63 -21.80 -3.84
C GLY W 1 -84.29 -21.47 -5.16
N VAL W 2 -84.70 -20.21 -5.31
CA VAL W 2 -85.38 -19.75 -6.51
C VAL W 2 -84.57 -18.62 -7.13
N ASP W 3 -84.49 -18.63 -8.45
CA ASP W 3 -83.63 -17.71 -9.20
C ASP W 3 -84.42 -16.47 -9.59
N ILE W 4 -84.64 -15.59 -8.61
CA ILE W 4 -85.29 -14.31 -8.83
C ILE W 4 -84.47 -13.23 -8.15
N ARG W 5 -84.82 -11.99 -8.44
CA ARG W 5 -84.11 -10.82 -7.93
C ARG W 5 -85.09 -9.95 -7.16
N HIS W 6 -84.70 -9.52 -5.96
CA HIS W 6 -85.60 -8.91 -5.01
C HIS W 6 -85.45 -7.40 -4.89
N ASN W 7 -84.67 -6.76 -5.77
CA ASN W 7 -84.42 -5.35 -5.61
C ASN W 7 -85.54 -4.47 -6.12
N LYS W 8 -86.48 -5.03 -6.89
CA LYS W 8 -87.61 -4.28 -7.42
C LYS W 8 -88.93 -4.80 -6.86
N ASP W 9 -88.88 -5.58 -5.79
CA ASP W 9 -90.08 -6.20 -5.24
C ASP W 9 -91.06 -5.14 -4.73
N ARG W 10 -90.55 -4.17 -3.97
CA ARG W 10 -91.37 -3.18 -3.32
C ARG W 10 -91.51 -1.96 -4.23
N LYS W 11 -92.72 -1.74 -4.73
CA LYS W 11 -92.98 -0.58 -5.58
C LYS W 11 -93.06 0.67 -4.73
N VAL W 12 -92.34 1.71 -5.12
CA VAL W 12 -92.27 2.95 -4.37
C VAL W 12 -93.36 3.88 -4.89
N ARG W 13 -94.42 4.06 -4.12
CA ARG W 13 -95.53 4.91 -4.51
C ARG W 13 -96.28 5.32 -3.26
N ARG W 14 -97.00 6.43 -3.37
CA ARG W 14 -97.80 6.93 -2.26
C ARG W 14 -99.04 6.05 -2.11
N LYS W 15 -99.21 5.43 -0.95
CA LYS W 15 -100.43 4.71 -0.62
C LYS W 15 -101.38 5.54 0.23
N GLU W 16 -100.93 6.68 0.73
CA GLU W 16 -101.73 7.59 1.53
C GLU W 16 -101.04 8.94 1.53
N PRO W 17 -101.76 10.02 1.87
CA PRO W 17 -101.07 11.30 2.01
C PRO W 17 -100.12 11.27 3.18
N LYS W 18 -98.93 11.86 2.98
CA LYS W 18 -98.01 12.02 4.08
C LYS W 18 -98.46 13.12 5.03
N SER W 19 -99.41 13.95 4.61
CA SER W 19 -99.95 15.01 5.44
C SER W 19 -100.86 14.45 6.52
N GLN W 20 -100.96 15.20 7.61
CA GLN W 20 -101.87 14.87 8.71
C GLN W 20 -103.13 15.71 8.68
N ASP W 21 -103.35 16.48 7.62
CA ASP W 21 -104.52 17.33 7.47
C ASP W 21 -105.78 16.48 7.54
N ILE W 22 -106.62 16.74 8.55
CA ILE W 22 -107.77 15.87 8.77
C ILE W 22 -108.84 16.06 7.71
N TYR W 23 -108.98 17.27 7.16
CA TYR W 23 -109.95 17.45 6.08
C TYR W 23 -109.50 16.73 4.82
N LEU W 24 -108.20 16.81 4.51
CA LEU W 24 -107.67 16.07 3.39
C LEU W 24 -107.84 14.57 3.60
N ARG W 25 -107.63 14.10 4.82
CA ARG W 25 -107.83 12.68 5.11
C ARG W 25 -109.28 12.25 4.99
N LEU W 26 -110.21 13.12 5.39
CA LEU W 26 -111.63 12.79 5.25
C LEU W 26 -112.03 12.67 3.79
N LEU W 27 -111.60 13.61 2.96
CA LEU W 27 -111.96 13.48 1.56
C LEU W 27 -111.12 12.44 0.82
N VAL W 28 -109.96 12.06 1.37
CA VAL W 28 -109.28 10.87 0.92
C VAL W 28 -110.09 9.62 1.24
N LYS W 29 -110.72 9.57 2.41
CA LYS W 29 -111.63 8.47 2.70
C LYS W 29 -112.78 8.42 1.70
N LEU W 30 -113.36 9.58 1.40
CA LEU W 30 -114.47 9.65 0.45
C LEU W 30 -114.06 9.12 -0.92
N TYR W 31 -112.96 9.62 -1.48
CA TYR W 31 -112.54 9.14 -2.78
C TYR W 31 -111.91 7.76 -2.77
N ARG W 32 -111.40 7.28 -1.64
CA ARG W 32 -111.05 5.87 -1.55
C ARG W 32 -112.28 4.99 -1.73
N PHE W 33 -113.36 5.35 -1.04
CA PHE W 33 -114.61 4.61 -1.21
C PHE W 33 -115.12 4.70 -2.64
N LEU W 34 -115.09 5.90 -3.24
CA LEU W 34 -115.60 6.06 -4.60
C LEU W 34 -114.75 5.30 -5.62
N ALA W 35 -113.42 5.37 -5.49
CA ALA W 35 -112.54 4.66 -6.40
C ALA W 35 -112.71 3.16 -6.27
N ARG W 36 -112.96 2.67 -5.06
CA ARG W 36 -113.17 1.24 -4.88
C ARG W 36 -114.51 0.79 -5.46
N ARG W 37 -115.57 1.53 -5.18
CA ARG W 37 -116.92 1.07 -5.47
C ARG W 37 -117.49 1.61 -6.78
N THR W 38 -116.69 2.30 -7.58
CA THR W 38 -117.11 2.70 -8.91
C THR W 38 -116.13 2.15 -9.94
N ASN W 39 -116.58 2.10 -11.18
CA ASN W 39 -115.71 1.76 -12.29
C ASN W 39 -115.06 2.99 -12.92
N SER W 40 -115.32 4.17 -12.38
CA SER W 40 -114.76 5.40 -12.93
C SER W 40 -113.25 5.43 -12.69
N THR W 41 -112.49 5.70 -13.75
CA THR W 41 -111.06 5.91 -13.60
C THR W 41 -110.74 7.32 -13.14
N PHE W 42 -111.70 8.24 -13.30
CA PHE W 42 -111.51 9.60 -12.80
C PHE W 42 -111.31 9.61 -11.30
N ASN W 43 -112.10 8.83 -10.57
CA ASN W 43 -111.95 8.75 -9.13
C ASN W 43 -110.59 8.18 -8.74
N GLN W 44 -110.10 7.19 -9.47
CA GLN W 44 -108.78 6.64 -9.20
C GLN W 44 -107.69 7.68 -9.40
N VAL W 45 -107.76 8.42 -10.50
CA VAL W 45 -106.78 9.47 -10.76
C VAL W 45 -106.83 10.53 -9.67
N VAL W 46 -108.03 10.94 -9.27
CA VAL W 46 -108.16 11.99 -8.28
C VAL W 46 -107.65 11.51 -6.92
N LEU W 47 -107.91 10.26 -6.56
CA LEU W 47 -107.38 9.71 -5.31
C LEU W 47 -105.86 9.71 -5.30
N LYS W 48 -105.25 9.21 -6.39
CA LYS W 48 -103.80 9.18 -6.41
C LYS W 48 -103.19 10.57 -6.46
N ARG W 49 -103.92 11.55 -7.00
CA ARG W 49 -103.45 12.93 -6.92
C ARG W 49 -103.58 13.49 -5.52
N LEU W 50 -104.62 13.10 -4.78
CA LEU W 50 -104.76 13.52 -3.40
C LEU W 50 -103.63 13.00 -2.54
N PHE W 51 -103.11 11.81 -2.86
CA PHE W 51 -101.97 11.31 -2.11
C PHE W 51 -100.72 12.16 -2.32
N MET W 52 -100.63 12.85 -3.46
CA MET W 52 -99.37 13.41 -3.92
C MET W 52 -98.89 14.56 -3.04
N SER W 53 -97.60 14.86 -3.18
CA SER W 53 -96.98 15.93 -2.41
C SER W 53 -97.28 17.28 -3.06
N ARG W 54 -96.82 18.35 -2.39
CA ARG W 54 -97.10 19.68 -2.89
C ARG W 54 -96.36 19.97 -4.18
N THR W 55 -95.13 19.49 -4.32
CA THR W 55 -94.40 19.68 -5.56
C THR W 55 -95.03 18.90 -6.70
N ASN W 56 -95.73 17.81 -6.39
CA ASN W 56 -96.45 17.05 -7.39
C ASN W 56 -97.89 17.53 -7.56
N ARG W 57 -98.28 18.58 -6.85
CA ARG W 57 -99.58 19.24 -7.05
C ARG W 57 -99.32 20.72 -7.28
N PRO W 58 -98.76 21.08 -8.44
CA PRO W 58 -98.40 22.47 -8.68
C PRO W 58 -99.63 23.34 -8.79
N PRO W 59 -99.51 24.63 -8.45
CA PRO W 59 -100.66 25.53 -8.59
C PRO W 59 -101.04 25.73 -10.05
N LEU W 60 -102.33 25.94 -10.28
CA LEU W 60 -102.88 26.14 -11.61
C LEU W 60 -103.33 27.59 -11.72
N SER W 61 -102.74 28.32 -12.66
CA SER W 61 -103.10 29.72 -12.83
C SER W 61 -104.46 29.85 -13.48
N LEU W 62 -105.12 30.98 -13.19
CA LEU W 62 -106.42 31.25 -13.77
C LEU W 62 -106.33 31.36 -15.29
N SER W 63 -105.24 31.94 -15.79
CA SER W 63 -105.09 32.07 -17.24
C SER W 63 -105.00 30.71 -17.92
N ARG W 64 -104.22 29.79 -17.35
CA ARG W 64 -104.11 28.45 -17.93
C ARG W 64 -105.42 27.70 -17.82
N MET W 65 -106.12 27.84 -16.69
CA MET W 65 -107.42 27.19 -16.56
C MET W 65 -108.41 27.70 -17.60
N ILE W 66 -108.45 29.02 -17.78
CA ILE W 66 -109.34 29.61 -18.78
C ILE W 66 -108.97 29.14 -20.17
N ARG W 67 -107.67 29.09 -20.47
CA ARG W 67 -107.23 28.66 -21.79
C ARG W 67 -107.61 27.21 -22.06
N LYS W 68 -107.44 26.32 -21.08
CA LYS W 68 -107.79 24.93 -21.28
C LYS W 68 -109.30 24.75 -21.37
N MET W 69 -110.07 25.49 -20.56
CA MET W 69 -111.53 25.38 -20.63
C MET W 69 -112.11 26.05 -21.87
N LYS W 70 -111.33 26.88 -22.55
CA LYS W 70 -111.78 27.55 -23.76
C LYS W 70 -111.74 26.66 -24.99
N LEU W 71 -111.10 25.49 -24.89
CA LEU W 71 -110.97 24.60 -26.03
C LEU W 71 -112.33 24.08 -26.47
N PRO W 72 -112.49 23.71 -27.74
CA PRO W 72 -113.81 23.31 -28.24
C PRO W 72 -114.34 22.07 -27.53
N GLY W 73 -115.66 22.06 -27.33
CA GLY W 73 -116.32 20.92 -26.74
C GLY W 73 -116.31 20.88 -25.23
N ARG W 74 -115.64 21.83 -24.57
CA ARG W 74 -115.54 21.86 -23.12
C ARG W 74 -116.47 22.89 -22.50
N GLU W 75 -117.61 23.14 -23.12
CA GLU W 75 -118.60 24.04 -22.56
C GLU W 75 -119.42 23.32 -21.51
N ASN W 76 -119.73 24.04 -20.42
CA ASN W 76 -120.55 23.53 -19.33
C ASN W 76 -119.95 22.27 -18.70
N LYS W 77 -118.63 22.25 -18.60
CA LYS W 77 -117.92 21.17 -17.93
C LYS W 77 -117.24 21.71 -16.68
N THR W 78 -117.04 20.85 -15.70
CA THR W 78 -116.42 21.25 -14.44
C THR W 78 -114.92 21.07 -14.51
N ALA W 79 -114.19 22.16 -14.33
CA ALA W 79 -112.73 22.10 -14.26
C ALA W 79 -112.32 21.59 -12.89
N VAL W 80 -111.59 20.48 -12.86
CA VAL W 80 -111.17 19.86 -11.61
C VAL W 80 -109.65 19.91 -11.53
N VAL W 81 -109.14 20.56 -10.49
CA VAL W 81 -107.71 20.55 -10.19
C VAL W 81 -107.52 20.07 -8.77
N VAL W 82 -106.61 19.13 -8.57
CA VAL W 82 -106.25 18.67 -7.22
C VAL W 82 -105.08 19.56 -6.79
N GLY W 83 -105.43 20.73 -6.27
CA GLY W 83 -104.41 21.71 -5.93
C GLY W 83 -105.03 23.08 -5.79
N THR W 84 -104.20 24.09 -6.00
CA THR W 84 -104.55 25.48 -5.75
C THR W 84 -104.79 26.19 -7.07
N ILE W 85 -105.91 26.90 -7.16
CA ILE W 85 -106.16 27.82 -8.26
C ILE W 85 -105.56 29.17 -7.89
N THR W 86 -104.77 29.71 -8.78
CA THR W 86 -104.05 30.94 -8.54
C THR W 86 -104.58 32.04 -9.45
N ASP W 87 -104.76 33.23 -8.89
CA ASP W 87 -105.09 34.38 -9.70
C ASP W 87 -103.95 34.71 -10.67
N ASP W 88 -104.31 35.00 -11.91
CA ASP W 88 -103.38 35.52 -12.90
C ASP W 88 -103.82 36.94 -13.21
N VAL W 89 -102.98 37.91 -12.86
CA VAL W 89 -103.31 39.31 -13.12
C VAL W 89 -102.98 39.72 -14.54
N ARG W 90 -102.46 38.80 -15.35
CA ARG W 90 -102.18 39.10 -16.74
C ARG W 90 -103.38 38.90 -17.65
N VAL W 91 -104.45 38.29 -17.16
CA VAL W 91 -105.67 38.10 -17.93
C VAL W 91 -106.66 39.20 -17.55
N GLN W 92 -107.38 39.70 -18.53
CA GLN W 92 -108.25 40.86 -18.34
C GLN W 92 -109.72 40.48 -18.18
N GLU W 93 -110.20 39.51 -18.95
CA GLU W 93 -111.58 39.05 -18.88
C GLU W 93 -111.62 37.63 -18.36
N VAL W 94 -112.56 37.36 -17.46
CA VAL W 94 -112.74 36.05 -16.85
C VAL W 94 -114.12 35.54 -17.25
N PRO W 95 -114.22 34.38 -17.89
CA PRO W 95 -115.53 33.85 -18.28
C PRO W 95 -116.19 33.14 -17.10
N LYS W 96 -117.41 32.67 -17.34
CA LYS W 96 -118.17 31.97 -16.32
C LYS W 96 -117.68 30.52 -16.23
N LEU W 97 -117.08 30.17 -15.09
CA LEU W 97 -116.44 28.87 -14.93
C LEU W 97 -117.02 28.14 -13.74
N LYS W 98 -117.26 26.85 -13.90
CA LYS W 98 -117.64 25.96 -12.81
C LYS W 98 -116.42 25.11 -12.48
N VAL W 99 -115.81 25.34 -11.32
CA VAL W 99 -114.51 24.79 -11.03
C VAL W 99 -114.52 24.11 -9.67
N CYS W 100 -113.90 22.94 -9.59
CA CYS W 100 -113.61 22.26 -8.33
C CYS W 100 -112.12 22.34 -8.06
N ALA W 101 -111.76 22.67 -6.82
CA ALA W 101 -110.34 22.77 -6.47
C ALA W 101 -110.15 22.46 -5.00
N LEU W 102 -108.92 22.10 -4.66
CA LEU W 102 -108.56 21.88 -3.28
C LEU W 102 -108.40 23.19 -2.53
N ARG W 103 -107.79 24.19 -3.16
CA ARG W 103 -107.66 25.53 -2.62
C ARG W 103 -107.89 26.53 -3.73
N VAL W 104 -108.47 27.67 -3.38
CA VAL W 104 -108.57 28.81 -4.29
C VAL W 104 -108.05 30.04 -3.56
N THR W 105 -107.12 30.74 -4.21
CA THR W 105 -106.62 32.01 -3.68
C THR W 105 -107.79 32.99 -3.54
N SER W 106 -107.70 33.88 -2.56
CA SER W 106 -108.81 34.79 -2.28
C SER W 106 -109.12 35.67 -3.48
N ARG W 107 -108.09 36.21 -4.13
CA ARG W 107 -108.33 37.10 -5.27
C ARG W 107 -108.89 36.33 -6.46
N ALA W 108 -108.37 35.13 -6.70
CA ALA W 108 -108.90 34.29 -7.78
C ALA W 108 -110.35 33.91 -7.51
N ARG W 109 -110.67 33.60 -6.25
CA ARG W 109 -112.04 33.29 -5.88
C ARG W 109 -112.96 34.48 -6.12
N SER W 110 -112.50 35.68 -5.74
CA SER W 110 -113.30 36.88 -5.97
C SER W 110 -113.53 37.09 -7.45
N ARG W 111 -112.50 36.91 -8.28
CA ARG W 111 -112.65 37.11 -9.72
C ARG W 111 -113.60 36.08 -10.32
N ILE W 112 -113.46 34.82 -9.93
CA ILE W 112 -114.33 33.77 -10.47
C ILE W 112 -115.78 34.03 -10.09
N LEU W 113 -116.02 34.38 -8.82
CA LEU W 113 -117.40 34.58 -8.39
C LEU W 113 -117.99 35.86 -8.98
N ARG W 114 -117.18 36.91 -9.16
CA ARG W 114 -117.66 38.11 -9.83
C ARG W 114 -117.98 37.84 -11.29
N ALA W 115 -117.25 36.93 -11.92
CA ALA W 115 -117.55 36.54 -13.29
C ALA W 115 -118.78 35.65 -13.40
N GLY W 116 -119.51 35.44 -12.30
CA GLY W 116 -120.67 34.57 -12.32
C GLY W 116 -120.37 33.10 -12.17
N GLY W 117 -119.13 32.74 -11.86
CA GLY W 117 -118.74 31.35 -11.77
C GLY W 117 -119.15 30.69 -10.47
N LYS W 118 -118.78 29.42 -10.36
CA LYS W 118 -119.13 28.58 -9.24
C LYS W 118 -117.90 27.81 -8.80
N ILE W 119 -117.71 27.69 -7.50
CA ILE W 119 -116.55 27.05 -6.91
C ILE W 119 -117.03 25.91 -6.03
N LEU W 120 -116.43 24.73 -6.20
CA LEU W 120 -116.83 23.53 -5.51
C LEU W 120 -115.64 22.94 -4.78
N THR W 121 -115.88 22.43 -3.58
CA THR W 121 -114.89 21.58 -2.94
C THR W 121 -115.06 20.17 -3.46
N PHE W 122 -114.14 19.28 -3.08
CA PHE W 122 -114.16 17.94 -3.66
C PHE W 122 -115.31 17.09 -3.13
N ASP W 123 -115.79 17.35 -1.92
CA ASP W 123 -117.00 16.68 -1.46
C ASP W 123 -118.22 17.12 -2.28
N GLN W 124 -118.31 18.41 -2.57
CA GLN W 124 -119.38 18.89 -3.44
C GLN W 124 -119.28 18.31 -4.83
N LEU W 125 -118.05 18.14 -5.33
CA LEU W 125 -117.87 17.48 -6.62
C LEU W 125 -118.31 16.02 -6.56
N ALA W 126 -118.02 15.34 -5.45
CA ALA W 126 -118.47 13.96 -5.31
C ALA W 126 -119.99 13.87 -5.33
N LEU W 127 -120.66 14.79 -4.66
CA LEU W 127 -122.12 14.80 -4.71
C LEU W 127 -122.64 15.16 -6.09
N ASP W 128 -121.99 16.13 -6.75
CA ASP W 128 -122.49 16.63 -8.03
C ASP W 128 -122.32 15.61 -9.14
N SER W 129 -121.11 15.06 -9.27
CA SER W 129 -120.80 14.08 -10.30
C SER W 129 -119.95 12.98 -9.66
N PRO W 130 -120.61 11.97 -9.08
CA PRO W 130 -119.85 10.93 -8.36
C PRO W 130 -118.85 10.18 -9.23
N LYS W 131 -119.16 9.96 -10.50
CA LYS W 131 -118.23 9.28 -11.40
C LYS W 131 -117.31 10.24 -12.12
N GLY W 132 -117.43 11.54 -11.88
CA GLY W 132 -116.61 12.50 -12.59
C GLY W 132 -117.05 12.76 -14.01
N CYS W 133 -118.34 12.61 -14.28
CA CYS W 133 -118.85 12.87 -15.62
C CYS W 133 -118.90 14.36 -15.89
N GLY W 134 -118.60 14.74 -17.12
CA GLY W 134 -118.59 16.14 -17.51
C GLY W 134 -117.52 16.95 -16.82
N THR W 135 -116.34 16.37 -16.64
CA THR W 135 -115.24 17.03 -15.96
C THR W 135 -114.05 17.18 -16.89
N VAL W 136 -113.31 18.25 -16.68
CA VAL W 136 -112.04 18.50 -17.35
C VAL W 136 -110.98 18.47 -16.26
N LEU W 137 -110.22 17.39 -16.19
CA LEU W 137 -109.20 17.23 -15.17
C LEU W 137 -107.94 17.94 -15.63
N LEU W 138 -107.53 18.97 -14.89
CA LEU W 138 -106.40 19.80 -15.24
C LEU W 138 -105.30 19.65 -14.20
N SER W 139 -104.08 19.91 -14.64
CA SER W 139 -102.92 19.90 -13.76
C SER W 139 -102.12 21.17 -14.00
N GLY W 140 -101.50 21.66 -12.94
CA GLY W 140 -100.60 22.77 -13.06
C GLY W 140 -99.32 22.33 -13.73
N PRO W 141 -98.50 23.27 -14.15
CA PRO W 141 -97.23 22.90 -14.79
C PRO W 141 -96.30 22.22 -13.80
N ARG W 142 -96.09 20.92 -13.98
CA ARG W 142 -95.34 20.13 -13.00
C ARG W 142 -93.88 20.52 -12.99
N LYS W 143 -93.32 20.84 -14.16
CA LYS W 143 -91.92 21.21 -14.27
C LYS W 143 -91.72 22.71 -14.26
N GLY W 144 -92.71 23.47 -13.81
CA GLY W 144 -92.56 24.90 -13.65
C GLY W 144 -91.98 25.23 -12.30
N ARG W 145 -90.81 24.68 -11.99
CA ARG W 145 -90.13 24.92 -10.74
C ARG W 145 -88.68 25.26 -11.03
N GLU W 146 -88.06 26.01 -10.13
CA GLU W 146 -86.70 26.47 -10.38
C GLU W 146 -85.70 25.33 -10.34
N VAL W 147 -86.00 24.26 -9.61
CA VAL W 147 -85.08 23.13 -9.49
C VAL W 147 -84.84 22.46 -10.83
N TYR W 148 -85.81 22.53 -11.74
CA TYR W 148 -85.67 21.85 -13.01
C TYR W 148 -84.76 22.60 -13.97
N ARG W 149 -84.45 23.85 -13.69
CA ARG W 149 -83.43 24.55 -14.46
C ARG W 149 -82.03 24.13 -14.07
N HIS W 150 -81.87 23.53 -12.90
CA HIS W 150 -80.60 22.94 -12.50
C HIS W 150 -80.52 21.46 -12.80
N PHE W 151 -81.66 20.77 -12.86
CA PHE W 151 -81.65 19.36 -13.19
C PHE W 151 -81.29 19.16 -14.66
N GLY W 152 -80.67 18.02 -14.95
CA GLY W 152 -80.27 17.68 -16.30
C GLY W 152 -78.80 17.31 -16.37
N LYS W 153 -78.23 17.46 -17.56
CA LYS W 153 -76.80 17.26 -17.73
C LYS W 153 -76.03 18.35 -17.01
N ALA W 154 -74.81 18.03 -16.63
CA ALA W 154 -74.00 18.97 -15.88
C ALA W 154 -73.67 20.19 -16.73
N PRO W 155 -73.58 21.38 -16.12
CA PRO W 155 -73.30 22.58 -16.90
C PRO W 155 -71.97 22.55 -17.63
N GLY W 156 -70.97 21.88 -17.08
CA GLY W 156 -69.66 21.87 -17.68
C GLY W 156 -69.48 20.77 -18.71
N THR W 157 -70.54 20.45 -19.43
CA THR W 157 -70.51 19.47 -20.48
C THR W 157 -71.07 20.09 -21.75
N PRO W 158 -70.64 19.63 -22.92
CA PRO W 158 -71.17 20.20 -24.16
C PRO W 158 -72.65 19.97 -24.32
N HIS W 159 -73.32 20.96 -24.93
CA HIS W 159 -74.73 20.89 -25.30
C HIS W 159 -75.63 20.70 -24.09
N SER W 160 -75.23 21.25 -22.95
CA SER W 160 -76.05 21.30 -21.75
C SER W 160 -76.31 22.74 -21.41
N HIS W 161 -77.59 23.09 -21.26
CA HIS W 161 -78.00 24.44 -20.93
C HIS W 161 -78.67 24.46 -19.57
N THR W 162 -78.10 23.76 -18.61
CA THR W 162 -78.65 23.70 -17.27
C THR W 162 -78.00 24.73 -16.37
N LYS W 163 -78.81 25.36 -15.55
CA LYS W 163 -78.35 26.46 -14.73
C LYS W 163 -77.43 25.95 -13.64
N PRO W 164 -76.23 26.50 -13.49
CA PRO W 164 -75.36 26.11 -12.38
C PRO W 164 -75.81 26.76 -11.08
N TYR W 165 -75.32 26.21 -9.98
CA TYR W 165 -75.57 26.78 -8.66
C TYR W 165 -74.50 27.83 -8.39
N VAL W 166 -74.90 29.09 -8.35
CA VAL W 166 -74.01 30.20 -8.08
C VAL W 166 -74.61 31.05 -6.98
N ARG W 167 -73.77 31.51 -6.06
CA ARG W 167 -74.27 32.36 -4.99
C ARG W 167 -74.63 33.74 -5.49
N SER W 168 -74.01 34.20 -6.56
CA SER W 168 -74.29 35.50 -7.12
C SER W 168 -74.17 35.43 -8.64
N LYS W 169 -74.88 36.31 -9.32
CA LYS W 169 -74.80 36.42 -10.77
C LYS W 169 -74.11 37.72 -11.13
N GLY W 170 -73.02 37.63 -11.89
CA GLY W 170 -72.26 38.80 -12.27
C GLY W 170 -71.11 38.37 -13.16
N ARG W 171 -70.36 39.36 -13.63
CA ARG W 171 -69.28 39.06 -14.57
C ARG W 171 -68.13 38.34 -13.89
N LYS W 172 -68.05 38.36 -12.57
CA LYS W 172 -66.98 37.70 -11.85
C LYS W 172 -67.31 36.28 -11.43
N PHE W 173 -68.54 35.85 -11.59
CA PHE W 173 -69.02 34.61 -10.99
C PHE W 173 -69.26 33.57 -12.09
N GLU W 174 -68.28 32.71 -12.28
CA GLU W 174 -68.36 31.56 -13.18
C GLU W 174 -68.68 31.99 -14.62
N ARG W 175 -67.76 32.76 -15.19
CA ARG W 175 -67.88 33.16 -16.58
C ARG W 175 -66.58 33.06 -17.37
N ALA W 176 -65.48 32.63 -16.77
CA ALA W 176 -64.21 32.73 -17.47
C ALA W 176 -63.75 31.47 -18.20
N ARG W 177 -63.38 30.43 -17.48
CA ARG W 177 -62.66 29.30 -18.06
C ARG W 177 -63.60 28.10 -18.16
N GLY W 178 -63.85 27.64 -19.36
CA GLY W 178 -64.93 26.74 -19.62
C GLY W 178 -66.20 27.43 -20.04
N ARG W 179 -66.17 28.74 -20.20
CA ARG W 179 -67.34 29.50 -20.64
C ARG W 179 -67.08 30.34 -21.88
N ARG W 180 -65.82 30.51 -22.29
CA ARG W 180 -65.50 31.23 -23.50
C ARG W 180 -64.19 30.70 -24.05
N ALA W 181 -64.08 30.75 -25.38
CA ALA W 181 -62.89 30.24 -26.05
C ALA W 181 -61.63 31.03 -25.69
N SER W 182 -61.79 32.27 -25.25
CA SER W 182 -60.64 33.10 -24.90
C SER W 182 -60.00 32.69 -23.58
N ARG W 183 -60.66 31.85 -22.78
CA ARG W 183 -60.10 31.37 -21.51
C ARG W 183 -60.15 29.85 -21.51
N GLY W 184 -59.14 29.23 -22.08
CA GLY W 184 -59.05 27.78 -22.09
C GLY W 184 -59.92 27.13 -23.13
N TYR W 185 -61.23 27.10 -22.89
CA TYR W 185 -62.16 26.38 -23.74
C TYR W 185 -63.56 26.86 -23.43
N LYS W 186 -64.51 26.42 -24.23
CA LYS W 186 -65.90 26.84 -24.04
C LYS W 186 -66.86 25.69 -23.77
N ASN W 187 -66.82 24.64 -24.58
CA ASN W 187 -67.89 23.64 -24.76
C ASN W 187 -69.32 24.10 -24.42
N SER X 1 -36.91 0.85 87.44
CA SER X 1 -37.76 0.30 86.38
C SER X 1 -37.15 0.57 85.01
N MET X 2 -36.63 1.79 84.84
CA MET X 2 -35.88 2.14 83.63
C MET X 2 -34.96 3.29 84.02
N LEU X 3 -33.68 2.98 84.22
CA LEU X 3 -32.73 3.90 84.85
C LEU X 3 -31.82 4.59 83.84
N ARG X 4 -32.32 4.87 82.64
CA ARG X 4 -31.51 5.58 81.66
C ARG X 4 -31.17 6.98 82.14
N LEU X 5 -32.17 7.69 82.68
CA LEU X 5 -31.94 9.02 83.23
C LEU X 5 -30.95 8.99 84.37
N GLN X 6 -31.08 8.00 85.27
CA GLN X 6 -30.19 7.93 86.42
C GLN X 6 -28.76 7.61 86.00
N LYS X 7 -28.58 6.73 85.02
CA LYS X 7 -27.23 6.46 84.52
C LYS X 7 -26.63 7.71 83.89
N ARG X 8 -27.42 8.44 83.11
CA ARG X 8 -26.90 9.65 82.48
C ARG X 8 -26.50 10.70 83.52
N LEU X 9 -27.37 10.93 84.50
CA LEU X 9 -27.07 11.91 85.54
C LEU X 9 -25.88 11.49 86.38
N ALA X 10 -25.77 10.21 86.68
CA ALA X 10 -24.62 9.73 87.45
C ALA X 10 -23.33 9.91 86.67
N SER X 11 -23.37 9.67 85.36
CA SER X 11 -22.20 9.92 84.53
C SER X 11 -21.81 11.39 84.56
N SER X 12 -22.80 12.28 84.44
CA SER X 12 -22.52 13.72 84.45
C SER X 12 -21.94 14.16 85.80
N VAL X 13 -22.48 13.63 86.90
CA VAL X 13 -22.01 14.04 88.22
C VAL X 13 -20.63 13.49 88.50
N LEU X 14 -20.40 12.21 88.19
CA LEU X 14 -19.13 11.56 88.45
C LEU X 14 -18.05 11.94 87.46
N ARG X 15 -18.40 12.65 86.38
CA ARG X 15 -17.44 13.13 85.39
C ARG X 15 -16.71 11.97 84.72
N CYS X 16 -17.40 10.84 84.59
CA CYS X 16 -16.91 9.67 83.89
C CYS X 16 -17.87 9.36 82.76
N GLY X 17 -17.60 8.28 82.05
CA GLY X 17 -18.53 7.81 81.05
C GLY X 17 -19.58 6.93 81.65
N LYS X 18 -20.60 6.62 80.85
CA LYS X 18 -21.61 5.68 81.29
C LYS X 18 -21.08 4.27 81.43
N LYS X 19 -19.89 4.00 80.87
CA LYS X 19 -19.24 2.71 81.10
C LYS X 19 -18.95 2.50 82.57
N LYS X 20 -18.45 3.53 83.25
CA LYS X 20 -17.92 3.40 84.59
C LYS X 20 -18.97 3.61 85.68
N VAL X 21 -20.19 3.98 85.32
CA VAL X 21 -21.25 4.17 86.30
C VAL X 21 -21.79 2.81 86.69
N TRP X 22 -21.78 2.51 87.98
CA TRP X 22 -22.31 1.27 88.52
C TRP X 22 -23.52 1.60 89.37
N LEU X 23 -24.69 1.15 88.95
CA LEU X 23 -25.90 1.29 89.74
C LEU X 23 -26.20 -0.03 90.43
N ASP X 24 -26.55 0.04 91.71
CA ASP X 24 -26.80 -1.16 92.49
C ASP X 24 -27.98 -1.92 91.90
N PRO X 25 -27.79 -3.15 91.43
CA PRO X 25 -28.93 -3.90 90.86
C PRO X 25 -29.98 -4.26 91.87
N ASN X 26 -29.67 -4.18 93.17
CA ASN X 26 -30.66 -4.53 94.18
C ASN X 26 -31.49 -3.32 94.59
N GLU X 27 -30.89 -2.14 94.67
CA GLU X 27 -31.60 -0.94 95.06
C GLU X 27 -32.13 -0.19 93.86
N THR X 28 -32.81 -0.92 92.98
CA THR X 28 -33.33 -0.32 91.76
C THR X 28 -34.42 0.71 92.07
N ASN X 29 -35.31 0.39 93.01
CA ASN X 29 -36.35 1.34 93.37
C ASN X 29 -35.79 2.60 93.99
N GLU X 30 -34.81 2.45 94.90
CA GLU X 30 -34.20 3.61 95.52
C GLU X 30 -33.49 4.48 94.49
N ILE X 31 -32.77 3.87 93.55
CA ILE X 31 -32.12 4.66 92.51
C ILE X 31 -33.15 5.31 91.60
N ALA X 32 -34.23 4.59 91.27
CA ALA X 32 -35.27 5.14 90.42
C ALA X 32 -35.99 6.31 91.07
N ASN X 33 -36.01 6.37 92.40
CA ASN X 33 -36.53 7.56 93.07
C ASN X 33 -35.70 8.80 92.77
N ALA X 34 -34.43 8.64 92.44
CA ALA X 34 -33.54 9.78 92.19
C ALA X 34 -33.88 10.38 90.84
N ASN X 35 -34.32 11.63 90.84
CA ASN X 35 -34.63 12.34 89.60
C ASN X 35 -33.87 13.65 89.46
N SER X 36 -32.94 13.93 90.37
CA SER X 36 -32.19 15.17 90.37
C SER X 36 -30.72 14.87 90.64
N ARG X 37 -29.87 15.83 90.27
CA ARG X 37 -28.44 15.65 90.49
C ARG X 37 -28.09 15.69 91.97
N GLN X 38 -28.87 16.40 92.79
CA GLN X 38 -28.66 16.33 94.23
C GLN X 38 -28.92 14.93 94.77
N GLN X 39 -30.00 14.29 94.32
CA GLN X 39 -30.29 12.94 94.75
C GLN X 39 -29.26 11.96 94.20
N ILE X 40 -28.75 12.19 92.99
CA ILE X 40 -27.67 11.37 92.47
C ILE X 40 -26.43 11.51 93.35
N ARG X 41 -26.10 12.73 93.76
CA ARG X 41 -24.96 12.95 94.65
C ARG X 41 -25.17 12.25 95.98
N LYS X 42 -26.39 12.29 96.51
CA LYS X 42 -26.67 11.59 97.75
C LYS X 42 -26.47 10.08 97.60
N LEU X 43 -26.94 9.52 96.48
CA LEU X 43 -26.75 8.08 96.25
C LEU X 43 -25.27 7.73 96.10
N ILE X 44 -24.51 8.59 95.43
CA ILE X 44 -23.07 8.37 95.29
C ILE X 44 -22.41 8.38 96.66
N LYS X 45 -22.80 9.34 97.51
CA LYS X 45 -22.27 9.40 98.86
C LYS X 45 -22.66 8.18 99.69
N ASP X 46 -23.87 7.67 99.48
CA ASP X 46 -24.35 6.50 100.22
C ASP X 46 -23.86 5.19 99.65
N GLY X 47 -23.19 5.21 98.50
CA GLY X 47 -22.62 4.00 97.96
C GLY X 47 -23.54 3.15 97.13
N LEU X 48 -24.72 3.66 96.76
CA LEU X 48 -25.57 2.94 95.83
C LEU X 48 -25.11 3.13 94.39
N ILE X 49 -24.45 4.25 94.10
CA ILE X 49 -23.85 4.51 92.80
C ILE X 49 -22.34 4.57 93.01
N ILE X 50 -21.60 3.81 92.23
CA ILE X 50 -20.16 3.68 92.37
C ILE X 50 -19.52 3.89 91.01
N ARG X 51 -18.39 4.60 90.99
CA ARG X 51 -17.59 4.75 89.79
C ARG X 51 -16.66 3.56 89.67
N LYS X 52 -16.81 2.78 88.61
CA LYS X 52 -15.96 1.62 88.41
C LYS X 52 -14.54 2.04 88.02
N PRO X 53 -13.55 1.25 88.37
CA PRO X 53 -12.16 1.61 88.04
C PRO X 53 -11.89 1.49 86.55
N VAL X 54 -10.83 2.20 86.12
CA VAL X 54 -10.40 2.13 84.73
C VAL X 54 -9.91 0.72 84.42
N THR X 55 -10.31 0.20 83.25
CA THR X 55 -9.87 -1.11 82.82
C THR X 55 -8.35 -1.13 82.69
N VAL X 56 -7.72 -2.17 83.23
CA VAL X 56 -6.28 -2.23 83.34
C VAL X 56 -5.67 -2.41 81.95
N HIS X 57 -4.77 -1.50 81.59
CA HIS X 57 -3.93 -1.63 80.39
C HIS X 57 -2.50 -1.49 80.88
N SER X 58 -1.86 -2.63 81.16
CA SER X 58 -0.53 -2.61 81.76
C SER X 58 0.55 -2.42 80.70
N ARG X 59 1.56 -1.62 81.06
CA ARG X 59 2.72 -1.40 80.22
C ARG X 59 3.92 -2.22 80.65
N ALA X 60 3.73 -3.19 81.55
CA ALA X 60 4.85 -4.00 82.02
C ALA X 60 5.47 -4.81 80.90
N ARG X 61 4.64 -5.36 80.00
CA ARG X 61 5.15 -6.09 78.86
C ARG X 61 5.99 -5.20 77.96
N CYS X 62 5.51 -3.98 77.69
CA CYS X 62 6.28 -3.05 76.89
C CYS X 62 7.59 -2.67 77.57
N ARG X 63 7.56 -2.48 78.89
CA ARG X 63 8.78 -2.12 79.59
C ARG X 63 9.80 -3.24 79.54
N LYS X 64 9.35 -4.48 79.69
CA LYS X 64 10.26 -5.62 79.58
C LYS X 64 10.86 -5.72 78.17
N ASN X 65 10.01 -5.55 77.15
CA ASN X 65 10.51 -5.58 75.78
C ASN X 65 11.47 -4.43 75.51
N THR X 66 11.19 -3.27 76.10
CA THR X 66 12.07 -2.11 75.92
C THR X 66 13.42 -2.35 76.58
N LEU X 67 13.44 -2.98 77.75
CA LEU X 67 14.72 -3.33 78.37
C LEU X 67 15.50 -4.31 77.50
N ALA X 68 14.81 -5.29 76.93
CA ALA X 68 15.47 -6.19 75.99
C ALA X 68 16.04 -5.44 74.81
N ARG X 69 15.30 -4.47 74.28
CA ARG X 69 15.78 -3.70 73.15
C ARG X 69 16.96 -2.81 73.53
N ARG X 70 16.99 -2.29 74.76
CA ARG X 70 18.17 -1.58 75.24
C ARG X 70 19.38 -2.50 75.25
N LYS X 71 19.20 -3.73 75.73
CA LYS X 71 20.30 -4.69 75.67
C LYS X 71 20.65 -5.08 74.24
N GLY X 72 19.75 -4.88 73.28
CA GLY X 72 20.04 -5.12 71.89
C GLY X 72 19.15 -6.16 71.23
N ARG X 73 18.25 -6.79 71.97
CA ARG X 73 17.42 -7.84 71.40
C ARG X 73 16.34 -7.26 70.49
N HIS X 74 15.80 -8.13 69.64
CA HIS X 74 14.69 -7.82 68.73
C HIS X 74 15.01 -6.69 67.76
N MET X 75 16.29 -6.44 67.47
CA MET X 75 16.66 -5.46 66.46
C MET X 75 17.03 -6.12 65.14
N GLY X 76 18.06 -6.96 65.14
CA GLY X 76 18.47 -7.88 64.09
C GLY X 76 18.40 -7.30 62.70
N ILE X 77 18.14 -8.18 61.74
CA ILE X 77 17.87 -7.79 60.37
C ILE X 77 16.43 -8.10 59.99
N GLY X 78 15.90 -9.20 60.49
CA GLY X 78 14.52 -9.58 60.27
C GLY X 78 13.52 -8.87 61.15
N LYS X 79 13.94 -7.85 61.90
CA LYS X 79 13.03 -7.02 62.65
C LYS X 79 12.99 -5.59 62.16
N ARG X 80 13.68 -5.28 61.07
CA ARG X 80 13.72 -3.94 60.51
C ARG X 80 12.81 -3.88 59.29
N LYS X 81 11.87 -2.94 59.30
CA LYS X 81 10.95 -2.77 58.18
C LYS X 81 11.19 -1.49 57.40
N GLY X 82 11.75 -0.48 58.02
CA GLY X 82 12.05 0.76 57.35
C GLY X 82 13.48 0.81 56.87
N THR X 83 13.74 1.73 55.95
CA THR X 83 15.09 1.96 55.45
C THR X 83 15.98 2.40 56.60
N ALA X 84 17.29 2.15 56.45
CA ALA X 84 18.24 2.61 57.46
C ALA X 84 18.17 4.11 57.65
N ASN X 85 17.98 4.86 56.56
CA ASN X 85 17.80 6.31 56.67
C ASN X 85 16.49 6.68 57.35
N ALA X 86 15.44 5.89 57.13
CA ALA X 86 14.18 6.16 57.81
C ALA X 86 14.29 5.89 59.30
N ARG X 87 15.08 4.88 59.68
CA ARG X 87 15.24 4.55 61.08
C ARG X 87 16.14 5.56 61.79
N MET X 88 17.23 5.96 61.15
CA MET X 88 18.18 6.91 61.73
C MET X 88 18.70 7.78 60.60
N PRO X 89 18.14 8.97 60.43
CA PRO X 89 18.48 9.79 59.25
C PRO X 89 19.93 10.19 59.20
N GLU X 90 20.47 10.17 57.97
CA GLU X 90 21.85 10.58 57.74
C GLU X 90 22.03 12.05 58.05
N LYS X 91 21.03 12.87 57.75
CA LYS X 91 21.12 14.30 58.03
C LYS X 91 21.18 14.56 59.54
N VAL X 92 20.39 13.82 60.32
CA VAL X 92 20.44 13.97 61.77
C VAL X 92 21.78 13.50 62.32
N THR X 93 22.30 12.38 61.79
CA THR X 93 23.62 11.92 62.21
C THR X 93 24.69 12.96 61.90
N TRP X 94 24.62 13.56 60.72
CA TRP X 94 25.56 14.60 60.33
C TRP X 94 25.45 15.83 61.23
N MET X 95 24.22 16.22 61.58
CA MET X 95 24.05 17.36 62.49
C MET X 95 24.68 17.08 63.84
N ARG X 96 24.44 15.89 64.38
CA ARG X 96 25.02 15.55 65.66
C ARG X 96 26.54 15.58 65.59
N ARG X 97 27.10 15.02 64.52
CA ARG X 97 28.55 15.00 64.37
C ARG X 97 29.11 16.40 64.26
N MET X 98 28.49 17.25 63.44
CA MET X 98 28.99 18.62 63.27
C MET X 98 28.89 19.41 64.55
N ARG X 99 27.78 19.29 65.28
CA ARG X 99 27.64 20.03 66.51
C ARG X 99 28.66 19.58 67.54
N ILE X 100 28.90 18.27 67.65
CA ILE X 100 29.87 17.77 68.61
C ILE X 100 31.28 18.27 68.26
N LEU X 101 31.66 18.14 67.00
CA LEU X 101 33.02 18.49 66.61
C LEU X 101 33.25 19.99 66.69
N ARG X 102 32.27 20.79 66.28
CA ARG X 102 32.40 22.24 66.37
C ARG X 102 32.46 22.69 67.82
N ARG X 103 31.67 22.06 68.70
CA ARG X 103 31.74 22.39 70.12
C ARG X 103 33.12 22.07 70.68
N LEU X 104 33.67 20.91 70.29
CA LEU X 104 35.00 20.54 70.77
C LEU X 104 36.06 21.52 70.29
N LEU X 105 35.99 21.92 69.02
CA LEU X 105 36.95 22.88 68.49
C LEU X 105 36.81 24.24 69.17
N ARG X 106 35.58 24.68 69.42
CA ARG X 106 35.39 25.96 70.11
C ARG X 106 35.95 25.91 71.52
N ARG X 107 35.71 24.82 72.25
CA ARG X 107 36.26 24.72 73.59
C ARG X 107 37.77 24.67 73.58
N TYR X 108 38.37 24.01 72.59
CA TYR X 108 39.82 24.02 72.48
C TYR X 108 40.34 25.42 72.19
N ARG X 109 39.68 26.16 71.29
CA ARG X 109 40.14 27.50 70.94
C ARG X 109 40.06 28.44 72.14
N GLU X 110 38.98 28.37 72.90
CA GLU X 110 38.87 29.25 74.07
C GLU X 110 39.49 28.67 75.33
N SER X 111 40.07 27.48 75.27
CA SER X 111 40.94 27.01 76.32
C SER X 111 42.41 27.05 75.91
N LYS X 112 42.71 27.63 74.74
CA LYS X 112 44.07 27.92 74.30
C LYS X 112 44.87 26.66 74.03
N LYS X 113 44.22 25.57 73.68
CA LYS X 113 44.95 24.42 73.18
C LYS X 113 45.36 24.63 71.73
N ILE X 114 44.54 25.34 70.97
CA ILE X 114 44.83 25.67 69.57
C ILE X 114 44.60 27.16 69.37
N ASP X 115 45.12 27.68 68.28
CA ASP X 115 44.98 29.10 67.98
C ASP X 115 43.86 29.30 66.95
N ARG X 116 43.68 30.55 66.51
CA ARG X 116 42.64 30.86 65.54
C ARG X 116 42.90 30.18 64.21
N HIS X 117 44.16 30.12 63.77
CA HIS X 117 44.45 29.56 62.46
C HIS X 117 44.28 28.06 62.43
N MET X 118 44.78 27.38 63.46
CA MET X 118 44.54 25.94 63.57
C MET X 118 43.06 25.65 63.72
N TYR X 119 42.34 26.49 64.48
CA TYR X 119 40.90 26.32 64.60
C TYR X 119 40.21 26.45 63.25
N HIS X 120 40.60 27.43 62.45
CA HIS X 120 39.94 27.63 61.16
C HIS X 120 40.23 26.48 60.21
N SER X 121 41.49 26.02 60.16
CA SER X 121 41.81 24.87 59.33
C SER X 121 41.03 23.64 59.75
N LEU X 122 40.95 23.37 61.05
CA LEU X 122 40.23 22.21 61.51
C LEU X 122 38.71 22.36 61.35
N TYR X 123 38.20 23.59 61.42
CA TYR X 123 36.79 23.82 61.16
C TYR X 123 36.45 23.47 59.72
N LEU X 124 37.26 23.96 58.78
CA LEU X 124 37.01 23.61 57.39
C LEU X 124 37.21 22.13 57.14
N LYS X 125 38.13 21.48 57.86
CA LYS X 125 38.32 20.05 57.67
C LYS X 125 37.16 19.24 58.23
N VAL X 126 36.61 19.60 59.40
CA VAL X 126 35.46 18.87 59.89
C VAL X 126 34.27 19.10 58.98
N LYS X 127 34.12 20.31 58.44
CA LYS X 127 33.08 20.53 57.45
C LYS X 127 33.32 19.69 56.19
N GLY X 128 34.57 19.46 55.84
CA GLY X 128 34.93 18.62 54.73
C GLY X 128 34.95 17.14 55.01
N ASN X 129 34.62 16.74 56.24
CA ASN X 129 34.41 15.34 56.62
C ASN X 129 35.70 14.52 56.47
N VAL X 130 36.69 14.87 57.27
CA VAL X 130 37.89 14.08 57.39
C VAL X 130 38.06 13.48 58.79
N PHE X 131 37.17 13.79 59.72
CA PHE X 131 37.18 13.20 61.05
C PHE X 131 35.86 12.52 61.30
N LYS X 132 35.91 11.26 61.74
CA LYS X 132 34.69 10.53 62.01
C LYS X 132 34.09 10.82 63.37
N ASN X 133 34.90 11.19 64.35
CA ASN X 133 34.35 11.38 65.69
C ASN X 133 35.33 12.18 66.55
N LYS X 134 34.89 12.40 67.79
CA LYS X 134 35.58 13.27 68.73
C LYS X 134 36.98 12.75 69.05
N ARG X 135 37.12 11.44 69.25
CA ARG X 135 38.43 10.89 69.61
C ARG X 135 39.42 11.03 68.47
N ILE X 136 38.97 10.78 67.24
CA ILE X 136 39.85 10.92 66.08
C ILE X 136 40.27 12.36 65.90
N LEU X 137 39.32 13.30 66.01
CA LEU X 137 39.69 14.71 65.88
C LEU X 137 40.67 15.12 66.97
N MET X 138 40.46 14.64 68.20
CA MET X 138 41.33 15.00 69.30
C MET X 138 42.73 14.43 69.11
N GLU X 139 42.84 13.20 68.62
CA GLU X 139 44.16 12.62 68.35
C GLU X 139 44.87 13.38 67.25
N HIS X 140 44.15 13.78 66.20
CA HIS X 140 44.77 14.58 65.15
C HIS X 140 45.23 15.92 65.68
N ILE X 141 44.46 16.52 66.59
CA ILE X 141 44.88 17.77 67.22
C ILE X 141 46.17 17.56 68.00
N HIS X 142 46.28 16.45 68.74
CA HIS X 142 47.49 16.19 69.50
C HIS X 142 48.70 16.01 68.58
N LYS X 143 48.52 15.29 67.47
CA LYS X 143 49.60 15.13 66.51
C LYS X 143 50.03 16.48 65.93
N LEU X 144 49.06 17.32 65.58
CA LEU X 144 49.39 18.66 65.07
C LEU X 144 50.12 19.48 66.11
N LYS X 145 49.69 19.40 67.38
CA LYS X 145 50.34 20.17 68.42
C LYS X 145 51.78 19.71 68.64
N ALA X 146 52.02 18.40 68.60
CA ALA X 146 53.37 17.90 68.76
C ALA X 146 54.26 18.35 67.60
N ASP X 147 53.76 18.27 66.37
CA ASP X 147 54.53 18.72 65.23
C ASP X 147 54.83 20.21 65.32
N LYS X 148 53.84 21.00 65.71
CA LYS X 148 54.02 22.44 65.83
C LYS X 148 55.02 22.77 66.92
N ALA X 149 54.98 22.05 68.04
CA ALA X 149 55.93 22.32 69.12
C ALA X 149 57.36 21.98 68.71
N ARG X 150 57.54 20.86 68.02
CA ARG X 150 58.87 20.51 67.52
C ARG X 150 59.39 21.57 66.55
N LYS X 151 58.55 21.97 65.59
CA LYS X 151 58.95 22.97 64.62
C LYS X 151 59.26 24.30 65.29
N LYS X 152 58.45 24.70 66.28
CA LYS X 152 58.67 25.94 66.99
C LYS X 152 59.97 25.91 67.79
N LEU X 153 60.28 24.77 68.41
CA LEU X 153 61.55 24.63 69.12
C LEU X 153 62.73 24.83 68.18
N LEU X 154 62.73 24.11 67.05
CA LEU X 154 63.83 24.26 66.10
C LEU X 154 63.91 25.69 65.57
N ALA X 155 62.77 26.29 65.25
CA ALA X 155 62.77 27.64 64.71
C ALA X 155 63.28 28.65 65.70
N ASP X 156 62.89 28.54 66.98
CA ASP X 156 63.30 29.55 67.95
C ASP X 156 64.77 29.41 68.31
N GLN X 157 65.29 28.17 68.35
CA GLN X 157 66.73 28.07 68.59
C GLN X 157 67.54 28.52 67.38
N ALA X 158 67.03 28.29 66.16
CA ALA X 158 67.70 28.84 64.99
C ALA X 158 67.70 30.36 65.01
N GLU X 159 66.59 30.97 65.43
CA GLU X 159 66.53 32.42 65.57
C GLU X 159 67.47 32.90 66.66
N ALA X 160 67.64 32.12 67.72
CA ALA X 160 68.60 32.48 68.76
C ALA X 160 70.02 32.52 68.20
N ARG X 161 70.38 31.52 67.40
CA ARG X 161 71.71 31.51 66.78
C ARG X 161 71.89 32.68 65.81
N ARG X 162 70.85 32.97 65.01
CA ARG X 162 70.93 34.10 64.10
C ARG X 162 71.10 35.42 64.85
N SER X 163 70.33 35.59 65.94
CA SER X 163 70.45 36.79 66.74
C SER X 163 71.80 36.89 67.40
N LYS X 164 72.39 35.76 67.82
CA LYS X 164 73.74 35.77 68.36
C LYS X 164 74.75 36.31 67.35
N THR X 165 74.74 35.75 66.14
CA THR X 165 75.72 36.21 65.15
C THR X 165 75.47 37.66 64.75
N LYS X 166 74.21 38.05 64.61
CA LYS X 166 73.90 39.44 64.27
C LYS X 166 74.34 40.39 65.39
N GLU X 167 74.13 39.99 66.64
CA GLU X 167 74.56 40.81 67.77
C GLU X 167 76.07 40.97 67.81
N ALA X 168 76.80 39.88 67.57
CA ALA X 168 78.25 39.98 67.52
C ALA X 168 78.70 40.86 66.36
N ARG X 169 78.02 40.73 65.21
CA ARG X 169 78.36 41.52 64.04
C ARG X 169 78.16 43.00 64.29
N LYS X 170 77.06 43.37 64.95
CA LYS X 170 76.73 44.79 65.08
C LYS X 170 77.57 45.52 66.12
N ARG X 171 78.43 44.82 66.86
CA ARG X 171 79.28 45.48 67.84
C ARG X 171 80.76 45.21 67.67
N ARG X 172 81.13 44.10 67.01
CA ARG X 172 82.54 43.92 66.67
C ARG X 172 83.02 45.04 65.74
N GLU X 173 82.20 45.44 64.77
CA GLU X 173 82.54 46.58 63.94
C GLU X 173 82.49 47.88 64.73
N GLU X 174 81.67 47.95 65.77
CA GLU X 174 81.65 49.16 66.60
C GLU X 174 82.99 49.37 67.27
N ARG X 175 83.51 48.36 67.97
CA ARG X 175 84.81 48.63 68.58
C ARG X 175 85.97 48.52 67.59
N LEU X 176 85.76 47.91 66.40
CA LEU X 176 86.75 48.02 65.35
C LEU X 176 86.87 49.47 64.85
N GLN X 177 85.75 50.12 64.59
CA GLN X 177 85.81 51.51 64.14
C GLN X 177 86.21 52.44 65.28
N ALA X 178 85.93 52.05 66.53
CA ALA X 178 86.52 52.79 67.65
C ALA X 178 88.04 52.71 67.62
N LYS X 179 88.59 51.51 67.41
CA LYS X 179 90.03 51.33 67.29
C LYS X 179 90.60 52.10 66.10
N LYS X 180 89.84 52.19 65.01
CA LYS X 180 90.31 52.92 63.84
C LYS X 180 90.33 54.42 64.09
N GLU X 181 89.15 55.01 64.36
CA GLU X 181 89.04 56.45 64.49
C GLU X 181 89.24 56.96 65.92
N GLU X 182 89.94 56.21 66.76
CA GLU X 182 90.51 56.84 67.96
C GLU X 182 91.78 57.62 67.64
N ILE X 183 92.36 57.45 66.46
CA ILE X 183 93.56 58.19 66.08
C ILE X 183 93.21 59.49 65.37
N ILE X 184 92.21 59.46 64.47
CA ILE X 184 91.82 60.66 63.75
C ILE X 184 91.26 61.70 64.71
N LYS X 185 90.53 61.27 65.74
CA LYS X 185 89.93 62.20 66.69
C LYS X 185 90.94 62.96 67.52
N THR X 186 92.18 62.49 67.60
CA THR X 186 93.23 63.16 68.37
C THR X 186 94.38 63.64 67.51
N LEU X 187 94.41 63.28 66.22
CA LEU X 187 95.46 63.69 65.28
C LEU X 187 96.84 63.32 65.77
N LYS Y 1 -70.14 -43.78 -22.19
CA LYS Y 1 -71.20 -44.78 -22.18
C LYS Y 1 -71.06 -45.71 -20.98
N ALA Y 2 -72.09 -45.76 -20.16
CA ALA Y 2 -72.14 -46.68 -19.03
C ALA Y 2 -72.66 -48.02 -19.52
N SER Y 3 -73.05 -48.89 -18.59
CA SER Y 3 -73.41 -50.25 -18.97
C SER Y 3 -74.51 -50.75 -18.02
N GLY Y 4 -74.69 -52.06 -18.00
CA GLY Y 4 -75.79 -52.76 -17.36
C GLY Y 4 -75.74 -54.18 -17.87
N THR Y 5 -76.85 -54.68 -18.38
CA THR Y 5 -76.84 -55.83 -19.29
C THR Y 5 -77.16 -55.30 -20.68
N LEU Y 6 -76.17 -55.33 -21.56
CA LEU Y 6 -76.31 -54.69 -22.86
C LEU Y 6 -77.34 -55.40 -23.72
N ARG Y 7 -77.91 -54.67 -24.67
CA ARG Y 7 -78.82 -55.22 -25.65
C ARG Y 7 -78.34 -54.89 -27.04
N GLU Y 8 -78.60 -55.80 -27.96
CA GLU Y 8 -78.29 -55.57 -29.37
C GLU Y 8 -79.42 -54.79 -30.04
N TYR Y 9 -79.04 -53.82 -30.85
CA TYR Y 9 -80.00 -53.01 -31.59
C TYR Y 9 -79.57 -52.96 -33.05
N LYS Y 10 -80.53 -53.20 -33.93
CA LYS Y 10 -80.37 -52.95 -35.36
C LYS Y 10 -80.82 -51.51 -35.56
N VAL Y 11 -79.88 -50.66 -35.98
CA VAL Y 11 -80.14 -49.25 -36.22
C VAL Y 11 -79.90 -48.97 -37.70
N VAL Y 12 -80.92 -48.47 -38.37
CA VAL Y 12 -80.85 -48.13 -39.78
C VAL Y 12 -81.11 -46.64 -39.90
N GLY Y 13 -80.24 -45.94 -40.63
CA GLY Y 13 -80.38 -44.51 -40.82
C GLY Y 13 -80.00 -44.11 -42.23
N ARG Y 14 -80.14 -42.81 -42.50
CA ARG Y 14 -79.80 -42.28 -43.81
C ARG Y 14 -79.69 -40.76 -43.72
N CYS Y 15 -79.00 -40.18 -44.70
CA CYS Y 15 -79.03 -38.73 -44.83
C CYS Y 15 -80.44 -38.26 -45.18
N LEU Y 16 -80.71 -37.00 -44.88
CA LEU Y 16 -81.96 -36.42 -45.33
C LEU Y 16 -81.89 -36.16 -46.83
N PRO Y 17 -82.97 -36.43 -47.57
CA PRO Y 17 -82.95 -36.19 -49.02
C PRO Y 17 -82.73 -34.72 -49.33
N THR Y 18 -81.97 -34.47 -50.38
CA THR Y 18 -81.62 -33.13 -50.85
C THR Y 18 -81.78 -33.10 -52.36
N PRO Y 19 -81.82 -31.92 -52.97
CA PRO Y 19 -81.82 -31.87 -54.43
C PRO Y 19 -80.44 -32.11 -55.03
N LYS Y 20 -79.76 -33.10 -54.51
CA LYS Y 20 -78.54 -33.71 -55.03
C LYS Y 20 -78.67 -35.22 -55.11
N CYS Y 21 -79.39 -35.82 -54.17
CA CYS Y 21 -79.76 -37.24 -54.24
C CYS Y 21 -81.11 -37.38 -53.53
N HIS Y 22 -82.17 -37.61 -54.29
CA HIS Y 22 -83.49 -37.75 -53.71
C HIS Y 22 -83.59 -38.99 -52.83
N THR Y 23 -82.81 -40.02 -53.12
CA THR Y 23 -82.81 -41.26 -52.34
C THR Y 23 -81.39 -41.55 -51.89
N PRO Y 24 -80.99 -41.00 -50.73
CA PRO Y 24 -79.68 -41.35 -50.18
C PRO Y 24 -79.67 -42.78 -49.69
N PRO Y 25 -78.50 -43.41 -49.63
CA PRO Y 25 -78.45 -44.82 -49.23
C PRO Y 25 -78.81 -45.02 -47.76
N LEU Y 26 -79.33 -46.19 -47.47
CA LEU Y 26 -79.63 -46.59 -46.10
C LEU Y 26 -78.46 -47.38 -45.53
N TYR Y 27 -78.14 -47.12 -44.27
CA TYR Y 27 -77.02 -47.77 -43.61
C TYR Y 27 -77.48 -48.42 -42.33
N ARG Y 28 -76.99 -49.64 -42.09
CA ARG Y 28 -77.42 -50.46 -40.98
C ARG Y 28 -76.22 -50.78 -40.10
N MET Y 29 -76.43 -50.75 -38.78
CA MET Y 29 -75.41 -51.15 -37.84
C MET Y 29 -76.00 -51.96 -36.70
N ARG Y 30 -75.15 -52.77 -36.10
CA ARG Y 30 -75.46 -53.45 -34.84
C ARG Y 30 -74.80 -52.66 -33.72
N ILE Y 31 -75.61 -52.18 -32.79
CA ILE Y 31 -75.14 -51.38 -31.65
C ILE Y 31 -75.49 -52.12 -30.38
N PHE Y 32 -74.50 -52.36 -29.54
CA PHE Y 32 -74.72 -53.00 -28.24
C PHE Y 32 -74.73 -51.90 -27.20
N ALA Y 33 -75.92 -51.61 -26.67
CA ALA Y 33 -76.13 -50.45 -25.83
C ALA Y 33 -77.08 -50.81 -24.70
N PRO Y 34 -77.03 -50.06 -23.59
CA PRO Y 34 -78.02 -50.28 -22.53
C PRO Y 34 -79.46 -50.03 -22.97
N ASN Y 35 -79.69 -49.05 -23.83
CA ASN Y 35 -81.04 -48.72 -24.26
C ASN Y 35 -81.00 -48.04 -25.61
N HIS Y 36 -82.18 -47.79 -26.17
CA HIS Y 36 -82.27 -47.33 -27.55
C HIS Y 36 -81.78 -45.90 -27.72
N VAL Y 37 -81.88 -45.07 -26.68
CA VAL Y 37 -81.36 -43.72 -26.77
C VAL Y 37 -79.86 -43.74 -26.97
N VAL Y 38 -79.16 -44.49 -26.12
CA VAL Y 38 -77.72 -44.66 -26.26
C VAL Y 38 -77.39 -45.35 -27.57
N ALA Y 39 -78.24 -46.28 -28.00
CA ALA Y 39 -78.01 -46.96 -29.27
C ALA Y 39 -78.02 -45.98 -30.43
N LYS Y 40 -79.00 -45.08 -30.47
CA LYS Y 40 -79.04 -44.06 -31.51
C LYS Y 40 -77.84 -43.13 -31.44
N SER Y 41 -77.44 -42.75 -30.22
CA SER Y 41 -76.26 -41.89 -30.08
C SER Y 41 -75.00 -42.57 -30.61
N ARG Y 42 -74.82 -43.85 -30.30
CA ARG Y 42 -73.65 -44.57 -30.78
C ARG Y 42 -73.71 -44.78 -32.28
N PHE Y 43 -74.92 -44.99 -32.82
CA PHE Y 43 -75.05 -45.08 -34.28
C PHE Y 43 -74.57 -43.81 -34.94
N TRP Y 44 -74.99 -42.66 -34.42
CA TRP Y 44 -74.54 -41.41 -35.01
C TRP Y 44 -73.04 -41.23 -34.86
N TYR Y 45 -72.47 -41.61 -33.71
CA TYR Y 45 -71.02 -41.56 -33.54
C TYR Y 45 -70.31 -42.38 -34.60
N PHE Y 46 -70.73 -43.63 -34.80
CA PHE Y 46 -70.03 -44.51 -35.72
C PHE Y 46 -70.22 -44.10 -37.17
N VAL Y 47 -71.42 -43.67 -37.56
CA VAL Y 47 -71.59 -43.28 -38.96
C VAL Y 47 -70.95 -41.92 -39.23
N SER Y 48 -70.83 -41.05 -38.23
CA SER Y 48 -70.02 -39.86 -38.41
C SER Y 48 -68.56 -40.22 -38.62
N GLN Y 49 -68.07 -41.25 -37.93
CA GLN Y 49 -66.70 -41.69 -38.17
C GLN Y 49 -66.53 -42.28 -39.56
N LEU Y 50 -67.46 -43.14 -39.98
CA LEU Y 50 -67.26 -43.87 -41.23
C LEU Y 50 -67.66 -43.04 -42.44
N LYS Y 51 -68.94 -42.68 -42.54
CA LYS Y 51 -69.41 -41.82 -43.60
C LYS Y 51 -69.32 -40.37 -43.14
N LYS Y 52 -69.69 -39.45 -44.02
CA LYS Y 52 -69.74 -38.03 -43.66
C LYS Y 52 -71.17 -37.64 -43.32
N MET Y 53 -71.66 -38.21 -42.22
CA MET Y 53 -73.02 -37.97 -41.76
C MET Y 53 -73.04 -37.31 -40.39
N LYS Y 54 -74.11 -36.58 -40.14
CA LYS Y 54 -74.36 -35.96 -38.85
C LYS Y 54 -75.80 -36.25 -38.44
N LYS Y 55 -76.05 -36.16 -37.14
CA LYS Y 55 -77.41 -36.32 -36.63
C LYS Y 55 -78.32 -35.25 -37.19
N SER Y 56 -77.80 -34.04 -37.40
CA SER Y 56 -78.61 -32.95 -37.91
C SER Y 56 -78.92 -33.11 -39.39
N SER Y 57 -77.94 -33.56 -40.17
CA SER Y 57 -78.13 -33.70 -41.61
C SER Y 57 -78.78 -35.02 -42.00
N GLY Y 58 -78.96 -35.93 -41.06
CA GLY Y 58 -79.58 -37.20 -41.36
C GLY Y 58 -80.69 -37.55 -40.40
N GLU Y 59 -81.22 -38.77 -40.52
CA GLU Y 59 -82.28 -39.25 -39.66
C GLU Y 59 -82.13 -40.75 -39.49
N ILE Y 60 -82.76 -41.26 -38.44
CA ILE Y 60 -82.74 -42.68 -38.12
C ILE Y 60 -84.10 -43.26 -38.47
N VAL Y 61 -84.13 -44.15 -39.45
CA VAL Y 61 -85.39 -44.71 -39.92
C VAL Y 61 -85.83 -45.92 -39.12
N TYR Y 62 -84.90 -46.62 -38.46
CA TYR Y 62 -85.30 -47.76 -37.66
C TYR Y 62 -84.32 -47.96 -36.53
N CYS Y 63 -84.84 -48.35 -35.36
CA CYS Y 63 -84.01 -48.73 -34.23
C CYS Y 63 -84.78 -49.77 -33.44
N GLY Y 64 -84.43 -51.04 -33.62
CA GLY Y 64 -85.16 -52.10 -32.98
C GLY Y 64 -84.23 -53.11 -32.35
N GLN Y 65 -84.64 -53.63 -31.19
CA GLN Y 65 -83.82 -54.61 -30.50
C GLN Y 65 -83.78 -55.92 -31.28
N VAL Y 66 -82.61 -56.55 -31.27
CA VAL Y 66 -82.39 -57.81 -31.97
C VAL Y 66 -82.38 -58.91 -30.92
N PHE Y 67 -83.43 -59.72 -30.89
CA PHE Y 67 -83.50 -60.83 -29.96
C PHE Y 67 -82.61 -61.97 -30.45
N GLU Y 68 -82.00 -62.67 -29.50
CA GLU Y 68 -81.15 -63.80 -29.85
C GLU Y 68 -81.97 -64.91 -30.46
N LYS Y 69 -81.52 -65.46 -31.58
CA LYS Y 69 -82.26 -66.48 -32.29
C LYS Y 69 -82.10 -67.86 -31.69
N SER Y 70 -81.25 -68.02 -30.69
CA SER Y 70 -81.09 -69.28 -30.00
C SER Y 70 -80.54 -69.05 -28.60
N PRO Y 71 -81.35 -68.51 -27.68
CA PRO Y 71 -80.85 -68.26 -26.32
C PRO Y 71 -80.74 -69.49 -25.44
N LEU Y 72 -81.14 -70.66 -25.94
CA LEU Y 72 -81.08 -71.89 -25.18
C LEU Y 72 -79.90 -72.77 -25.59
N ARG Y 73 -78.98 -72.24 -26.37
CA ARG Y 73 -77.86 -73.00 -26.90
C ARG Y 73 -76.56 -72.32 -26.51
N VAL Y 74 -75.66 -73.09 -25.88
CA VAL Y 74 -74.33 -72.56 -25.58
C VAL Y 74 -73.53 -72.49 -26.86
N LYS Y 75 -72.88 -71.35 -27.08
CA LYS Y 75 -72.12 -71.17 -28.30
C LYS Y 75 -70.94 -70.27 -28.01
N ASN Y 76 -69.97 -70.30 -28.93
CA ASN Y 76 -68.72 -69.58 -28.79
C ASN Y 76 -68.80 -68.28 -29.57
N PHE Y 77 -68.41 -67.17 -28.96
CA PHE Y 77 -68.44 -65.87 -29.60
C PHE Y 77 -67.02 -65.33 -29.73
N GLY Y 78 -66.63 -64.99 -30.95
CA GLY Y 78 -65.43 -64.22 -31.19
C GLY Y 78 -65.81 -62.76 -31.41
N ILE Y 79 -65.06 -61.87 -30.79
CA ILE Y 79 -65.30 -60.45 -30.85
C ILE Y 79 -64.02 -59.77 -31.30
N TRP Y 80 -64.09 -59.06 -32.43
CA TRP Y 80 -63.03 -58.18 -32.88
C TRP Y 80 -63.38 -56.78 -32.41
N LEU Y 81 -62.45 -56.15 -31.70
CA LEU Y 81 -62.65 -54.81 -31.17
C LEU Y 81 -61.37 -54.02 -31.31
N ARG Y 82 -61.47 -52.73 -31.06
CA ARG Y 82 -60.30 -51.87 -30.88
C ARG Y 82 -60.54 -50.99 -29.68
N TYR Y 83 -59.46 -50.61 -29.01
CA TYR Y 83 -59.62 -49.74 -27.85
C TYR Y 83 -58.38 -48.89 -27.69
N ASP Y 84 -58.53 -47.80 -26.94
CA ASP Y 84 -57.43 -46.90 -26.61
C ASP Y 84 -56.89 -47.28 -25.24
N SER Y 85 -55.60 -47.61 -25.18
CA SER Y 85 -54.93 -47.81 -23.90
C SER Y 85 -54.46 -46.45 -23.40
N ARG Y 86 -53.69 -46.46 -22.31
CA ARG Y 86 -53.11 -45.20 -21.85
C ARG Y 86 -52.06 -44.67 -22.82
N SER Y 87 -51.50 -45.53 -23.68
CA SER Y 87 -50.41 -45.15 -24.55
C SER Y 87 -50.58 -45.72 -25.95
N GLY Y 88 -51.78 -45.64 -26.49
CA GLY Y 88 -51.99 -46.05 -27.86
C GLY Y 88 -53.31 -46.74 -28.05
N THR Y 89 -53.53 -47.17 -29.29
CA THR Y 89 -54.75 -47.86 -29.71
C THR Y 89 -54.36 -49.25 -30.20
N HIS Y 90 -55.14 -50.25 -29.81
CA HIS Y 90 -54.84 -51.63 -30.13
C HIS Y 90 -56.09 -52.35 -30.61
N ASN Y 91 -55.89 -53.29 -31.53
CA ASN Y 91 -56.93 -54.18 -31.99
C ASN Y 91 -56.83 -55.50 -31.25
N MET Y 92 -57.98 -56.02 -30.82
CA MET Y 92 -58.02 -57.24 -30.03
C MET Y 92 -59.06 -58.19 -30.62
N TYR Y 93 -58.77 -59.48 -30.50
CA TYR Y 93 -59.74 -60.53 -30.76
C TYR Y 93 -59.89 -61.35 -29.49
N ARG Y 94 -61.11 -61.37 -28.96
CA ARG Y 94 -61.40 -62.04 -27.69
C ARG Y 94 -62.50 -63.07 -27.89
N GLU Y 95 -62.49 -64.10 -27.07
CA GLU Y 95 -63.48 -65.17 -27.18
C GLU Y 95 -64.20 -65.36 -25.87
N TYR Y 96 -65.50 -65.64 -25.95
CA TYR Y 96 -66.34 -65.86 -24.79
C TYR Y 96 -67.31 -66.98 -25.10
N ARG Y 97 -67.92 -67.52 -24.04
CA ARG Y 97 -68.98 -68.50 -24.18
C ARG Y 97 -70.23 -67.96 -23.48
N ASP Y 98 -71.33 -67.87 -24.22
CA ASP Y 98 -72.55 -67.40 -23.61
C ASP Y 98 -73.73 -67.85 -24.46
N LEU Y 99 -74.93 -67.75 -23.87
CA LEU Y 99 -76.14 -68.07 -24.61
C LEU Y 99 -76.55 -66.95 -25.56
N THR Y 100 -76.30 -65.70 -25.18
CA THR Y 100 -76.75 -64.56 -25.97
C THR Y 100 -75.56 -63.75 -26.46
N THR Y 101 -75.73 -63.18 -27.66
CA THR Y 101 -74.72 -62.30 -28.22
C THR Y 101 -74.52 -61.06 -27.36
N ALA Y 102 -75.62 -60.47 -26.90
CA ALA Y 102 -75.52 -59.30 -26.03
C ALA Y 102 -74.86 -59.64 -24.71
N GLY Y 103 -75.15 -60.82 -24.16
CA GLY Y 103 -74.45 -61.24 -22.96
C GLY Y 103 -72.96 -61.45 -23.19
N ALA Y 104 -72.59 -61.95 -24.36
CA ALA Y 104 -71.17 -62.08 -24.68
C ALA Y 104 -70.50 -60.73 -24.78
N VAL Y 105 -71.18 -59.75 -25.37
CA VAL Y 105 -70.60 -58.41 -25.48
C VAL Y 105 -70.49 -57.76 -24.11
N THR Y 106 -71.47 -57.99 -23.25
CA THR Y 106 -71.37 -57.51 -21.87
C THR Y 106 -70.20 -58.14 -21.14
N GLN Y 107 -70.02 -59.46 -21.32
CA GLN Y 107 -68.86 -60.15 -20.78
C GLN Y 107 -67.57 -59.52 -21.28
N CYS Y 108 -67.55 -59.16 -22.57
CA CYS Y 108 -66.37 -58.53 -23.14
C CYS Y 108 -66.10 -57.18 -22.50
N TYR Y 109 -67.13 -56.38 -22.29
CA TYR Y 109 -66.92 -55.07 -21.68
C TYR Y 109 -66.39 -55.21 -20.26
N ARG Y 110 -66.99 -56.12 -19.47
CA ARG Y 110 -66.48 -56.34 -18.12
C ARG Y 110 -65.05 -56.87 -18.12
N ASP Y 111 -64.74 -57.78 -19.04
CA ASP Y 111 -63.41 -58.36 -19.09
C ASP Y 111 -62.36 -57.36 -19.51
N MET Y 112 -62.69 -56.49 -20.48
CA MET Y 112 -61.76 -55.43 -20.85
C MET Y 112 -61.54 -54.47 -19.70
N GLY Y 113 -62.61 -54.11 -18.99
CA GLY Y 113 -62.45 -53.29 -17.81
C GLY Y 113 -61.62 -53.94 -16.73
N ALA Y 114 -61.74 -55.26 -16.58
CA ALA Y 114 -61.02 -55.96 -15.52
C ALA Y 114 -59.55 -56.12 -15.85
N ARG Y 115 -59.23 -56.47 -17.10
CA ARG Y 115 -57.86 -56.82 -17.45
C ARG Y 115 -57.05 -55.65 -17.95
N HIS Y 116 -57.67 -54.70 -18.66
CA HIS Y 116 -56.94 -53.62 -19.28
C HIS Y 116 -57.36 -52.26 -18.78
N ARG Y 117 -58.24 -52.20 -17.78
CA ARG Y 117 -58.73 -50.95 -17.21
C ARG Y 117 -59.38 -50.07 -18.27
N ALA Y 118 -59.87 -50.68 -19.34
CA ALA Y 118 -60.45 -49.95 -20.44
C ALA Y 118 -61.90 -49.61 -20.12
N ARG Y 119 -62.21 -48.32 -20.10
CA ARG Y 119 -63.58 -47.90 -19.88
C ARG Y 119 -64.37 -48.01 -21.17
N ALA Y 120 -65.71 -48.09 -21.02
CA ALA Y 120 -66.56 -48.42 -22.15
C ALA Y 120 -66.52 -47.36 -23.25
N HIS Y 121 -66.14 -46.13 -22.95
CA HIS Y 121 -66.04 -45.12 -24.00
C HIS Y 121 -64.81 -45.32 -24.86
N SER Y 122 -63.84 -46.11 -24.40
CA SER Y 122 -62.63 -46.36 -25.16
C SER Y 122 -62.75 -47.54 -26.11
N ILE Y 123 -63.78 -48.37 -25.96
CA ILE Y 123 -63.88 -49.65 -26.65
C ILE Y 123 -64.80 -49.48 -27.85
N GLN Y 124 -64.35 -49.98 -28.99
CA GLN Y 124 -65.13 -49.95 -30.23
C GLN Y 124 -65.32 -51.39 -30.69
N ILE Y 125 -66.49 -51.95 -30.45
CA ILE Y 125 -66.80 -53.30 -30.92
C ILE Y 125 -67.06 -53.23 -32.42
N MET Y 126 -66.21 -53.89 -33.20
CA MET Y 126 -66.35 -53.82 -34.64
C MET Y 126 -66.83 -55.11 -35.29
N LYS Y 127 -66.75 -56.24 -34.60
CA LYS Y 127 -67.34 -57.46 -35.16
C LYS Y 127 -67.64 -58.43 -34.04
N VAL Y 128 -68.83 -59.05 -34.09
CA VAL Y 128 -69.19 -60.13 -33.20
C VAL Y 128 -69.67 -61.29 -34.06
N GLU Y 129 -69.19 -62.49 -33.77
CA GLU Y 129 -69.51 -63.61 -34.63
C GLU Y 129 -69.52 -64.90 -33.83
N GLU Y 130 -70.56 -65.71 -34.02
CA GLU Y 130 -70.56 -67.06 -33.48
C GLU Y 130 -69.60 -67.93 -34.26
N ILE Y 131 -68.75 -68.66 -33.55
CA ILE Y 131 -67.69 -69.44 -34.17
C ILE Y 131 -67.84 -70.90 -33.76
N ALA Y 132 -67.39 -71.78 -34.64
CA ALA Y 132 -67.42 -73.20 -34.34
C ALA Y 132 -66.36 -73.54 -33.29
N ALA Y 133 -66.61 -74.62 -32.55
CA ALA Y 133 -65.71 -74.98 -31.45
C ALA Y 133 -64.33 -75.38 -31.95
N SER Y 134 -64.20 -75.75 -33.22
CA SER Y 134 -62.89 -76.01 -33.81
C SER Y 134 -62.17 -74.75 -34.24
N LYS Y 135 -62.90 -73.65 -34.42
CA LYS Y 135 -62.29 -72.38 -34.82
C LYS Y 135 -61.85 -71.55 -33.63
N CYS Y 136 -62.09 -72.00 -32.42
CA CYS Y 136 -61.70 -71.24 -31.24
C CYS Y 136 -60.19 -71.24 -31.07
N ARG Y 137 -59.68 -70.16 -30.49
CA ARG Y 137 -58.25 -69.98 -30.30
C ARG Y 137 -57.85 -69.75 -28.85
N ARG Y 138 -58.78 -69.44 -27.97
CA ARG Y 138 -58.46 -69.15 -26.58
C ARG Y 138 -58.61 -70.41 -25.74
N PRO Y 139 -57.55 -70.89 -25.10
CA PRO Y 139 -57.66 -72.16 -24.36
C PRO Y 139 -58.66 -72.13 -23.22
N ALA Y 140 -58.88 -70.97 -22.59
CA ALA Y 140 -59.88 -70.88 -21.54
C ALA Y 140 -61.28 -71.16 -22.07
N VAL Y 141 -61.52 -70.88 -23.35
CA VAL Y 141 -62.76 -71.23 -24.00
C VAL Y 141 -62.73 -72.66 -24.52
N LYS Y 142 -61.58 -73.10 -25.03
CA LYS Y 142 -61.47 -74.42 -25.64
C LYS Y 142 -61.60 -75.53 -24.61
N GLN Y 143 -61.20 -75.29 -23.37
CA GLN Y 143 -61.22 -76.36 -22.38
C GLN Y 143 -62.62 -76.80 -22.01
N PHE Y 144 -63.65 -76.05 -22.37
CA PHE Y 144 -65.03 -76.45 -22.14
C PHE Y 144 -65.61 -77.23 -23.29
N HIS Y 145 -64.81 -77.54 -24.31
CA HIS Y 145 -65.26 -78.37 -25.43
C HIS Y 145 -64.94 -79.83 -25.13
N ASP Y 146 -65.65 -80.37 -24.14
CA ASP Y 146 -65.56 -81.77 -23.77
C ASP Y 146 -66.97 -82.34 -23.72
N SER Y 147 -67.21 -83.40 -24.49
CA SER Y 147 -68.50 -84.06 -24.44
C SER Y 147 -68.74 -84.77 -23.11
N LYS Y 148 -67.66 -85.07 -22.38
CA LYS Y 148 -67.73 -85.75 -21.10
C LYS Y 148 -67.11 -84.88 -20.01
N ILE Y 149 -67.45 -83.59 -20.01
CA ILE Y 149 -66.87 -82.67 -19.04
C ILE Y 149 -67.31 -83.06 -17.64
N LYS Y 150 -66.41 -82.88 -16.67
CA LYS Y 150 -66.67 -83.33 -15.31
C LYS Y 150 -65.71 -82.60 -14.38
N PHE Y 151 -66.25 -81.89 -13.40
CA PHE Y 151 -65.41 -81.28 -12.38
C PHE Y 151 -66.22 -81.13 -11.11
N PRO Y 152 -65.60 -81.19 -9.95
CA PRO Y 152 -66.31 -80.90 -8.70
C PRO Y 152 -66.32 -79.44 -8.35
N LEU Y 153 -66.87 -79.11 -7.19
CA LEU Y 153 -66.83 -77.76 -6.63
C LEU Y 153 -66.01 -77.87 -5.34
N PRO Y 154 -64.71 -77.65 -5.41
CA PRO Y 154 -63.81 -78.10 -4.34
C PRO Y 154 -64.01 -77.45 -2.98
N HIS Y 155 -63.94 -76.13 -2.93
CA HIS Y 155 -63.85 -75.40 -1.66
C HIS Y 155 -65.01 -74.40 -1.63
N ARG Y 156 -66.16 -74.86 -1.17
CA ARG Y 156 -67.38 -74.07 -1.24
C ARG Y 156 -67.44 -73.11 -0.06
N VAL Y 157 -67.28 -71.83 -0.33
CA VAL Y 157 -67.24 -70.82 0.72
C VAL Y 157 -68.64 -70.54 1.21
N LEU Y 158 -68.81 -70.48 2.53
CA LEU Y 158 -70.08 -70.08 3.11
C LEU Y 158 -70.41 -68.65 2.72
N ARG Y 159 -71.55 -68.47 2.08
CA ARG Y 159 -72.00 -67.13 1.71
C ARG Y 159 -73.01 -66.57 2.69
N ARG Y 160 -73.68 -67.41 3.46
CA ARG Y 160 -74.63 -66.96 4.48
C ARG Y 160 -73.91 -66.74 5.81
N GLN Y 161 -72.95 -65.82 5.78
CA GLN Y 161 -72.07 -65.59 6.92
C GLN Y 161 -72.74 -64.84 8.05
N HIS Y 162 -73.92 -64.28 7.84
CA HIS Y 162 -74.59 -63.49 8.87
C HIS Y 162 -75.95 -64.03 9.25
N LYS Y 163 -76.35 -65.19 8.72
CA LYS Y 163 -77.58 -65.86 9.13
C LYS Y 163 -77.25 -67.31 9.42
N PRO Y 164 -76.87 -67.64 10.65
CA PRO Y 164 -76.73 -66.78 11.83
C PRO Y 164 -75.42 -66.04 11.90
N ARG Y 165 -75.38 -64.88 12.57
CA ARG Y 165 -74.12 -64.19 12.77
C ARG Y 165 -73.27 -64.89 13.81
N PHE Y 166 -73.89 -65.43 14.86
CA PHE Y 166 -73.19 -66.17 15.91
C PHE Y 166 -73.73 -67.59 15.97
N THR Y 167 -72.83 -68.56 16.04
CA THR Y 167 -73.22 -69.95 16.02
C THR Y 167 -72.17 -70.77 16.77
N THR Y 168 -72.55 -71.99 17.14
CA THR Y 168 -71.63 -72.89 17.81
C THR Y 168 -70.81 -73.72 16.84
N LYS Y 169 -71.41 -74.13 15.73
CA LYS Y 169 -70.75 -75.03 14.80
C LYS Y 169 -69.97 -74.24 13.76
N ARG Y 170 -68.78 -74.73 13.45
CA ARG Y 170 -67.96 -74.14 12.40
C ARG Y 170 -68.38 -74.69 11.04
N PRO Y 171 -68.32 -73.88 10.00
CA PRO Y 171 -68.84 -74.29 8.70
C PRO Y 171 -68.03 -75.41 8.07
N ASN Y 172 -68.70 -76.14 7.19
CA ASN Y 172 -68.08 -77.17 6.37
C ASN Y 172 -67.94 -76.64 4.95
N THR Y 173 -66.76 -76.83 4.36
CA THR Y 173 -66.54 -76.42 2.99
C THR Y 173 -66.56 -77.57 2.00
N PHE Y 174 -66.64 -78.80 2.46
CA PHE Y 174 -66.68 -79.97 1.59
C PHE Y 174 -68.12 -80.43 1.42
N PHE Y 175 -68.55 -80.53 0.18
CA PHE Y 175 -69.90 -80.99 -0.13
C PHE Y 175 -69.88 -81.98 -1.28
N THR Z 1 -51.11 0.69 -21.24
CA THR Z 1 -49.80 0.66 -21.88
C THR Z 1 -49.92 0.59 -23.40
N ASN Z 2 -51.15 0.60 -23.91
CA ASN Z 2 -51.38 0.62 -25.34
C ASN Z 2 -51.46 2.05 -25.84
N THR Z 3 -50.95 2.28 -27.04
CA THR Z 3 -51.07 3.60 -27.63
C THR Z 3 -52.52 3.86 -28.01
N LYS Z 4 -52.84 5.14 -28.21
CA LYS Z 4 -54.19 5.57 -28.53
C LYS Z 4 -54.29 6.09 -29.96
N GLY Z 5 -53.38 5.68 -30.83
CA GLY Z 5 -53.45 6.11 -32.21
C GLY Z 5 -54.71 5.64 -32.88
N LYS Z 6 -55.20 6.45 -33.83
CA LYS Z 6 -56.50 6.21 -34.41
C LYS Z 6 -56.54 4.90 -35.20
N ARG Z 7 -55.39 4.44 -35.67
CA ARG Z 7 -55.33 3.27 -36.55
C ARG Z 7 -54.48 2.16 -35.96
N ARG Z 8 -54.39 2.09 -34.64
CA ARG Z 8 -53.66 1.00 -34.02
C ARG Z 8 -54.46 -0.29 -34.14
N GLY Z 9 -53.81 -1.36 -34.58
CA GLY Z 9 -54.47 -2.63 -34.73
C GLY Z 9 -55.30 -2.79 -35.98
N THR Z 10 -55.15 -1.88 -36.95
CA THR Z 10 -55.93 -1.92 -38.19
C THR Z 10 -55.13 -2.50 -39.35
N ARG Z 11 -54.02 -3.19 -39.04
CA ARG Z 11 -53.09 -3.66 -40.06
C ARG Z 11 -53.78 -4.54 -41.09
N TYR Z 12 -54.61 -5.48 -40.63
CA TYR Z 12 -55.39 -6.29 -41.55
C TYR Z 12 -56.80 -5.75 -41.76
N MET Z 13 -57.32 -4.99 -40.80
CA MET Z 13 -58.68 -4.48 -40.93
C MET Z 13 -58.82 -3.55 -42.12
N PHE Z 14 -57.87 -2.63 -42.30
CA PHE Z 14 -57.98 -1.66 -43.36
C PHE Z 14 -57.18 -2.04 -44.60
N SER Z 15 -56.51 -3.18 -44.59
CA SER Z 15 -55.79 -3.63 -45.77
C SER Z 15 -56.77 -4.16 -46.81
N ARG Z 16 -56.36 -4.07 -48.08
CA ARG Z 16 -57.19 -4.54 -49.16
C ARG Z 16 -57.18 -6.08 -49.21
N PRO Z 17 -58.23 -6.68 -49.76
CA PRO Z 17 -58.20 -8.12 -50.00
C PRO Z 17 -57.14 -8.49 -51.02
N PHE Z 18 -56.88 -9.79 -51.13
CA PHE Z 18 -55.84 -10.27 -52.01
C PHE Z 18 -56.22 -10.02 -53.47
N ARG Z 19 -55.30 -9.40 -54.22
CA ARG Z 19 -55.49 -9.11 -55.63
C ARG Z 19 -56.73 -8.26 -55.88
N LYS Z 20 -57.04 -7.37 -54.95
CA LYS Z 20 -58.10 -6.41 -55.11
C LYS Z 20 -57.63 -5.03 -54.69
N HIS Z 21 -56.37 -4.71 -55.02
CA HIS Z 21 -55.81 -3.41 -54.77
C HIS Z 21 -56.13 -2.48 -55.94
N GLY Z 22 -55.59 -1.26 -55.89
CA GLY Z 22 -55.66 -0.37 -57.03
C GLY Z 22 -56.87 0.53 -57.09
N VAL Z 23 -57.40 0.72 -58.30
CA VAL Z 23 -58.48 1.66 -58.53
C VAL Z 23 -59.76 1.15 -57.88
N VAL Z 24 -60.46 2.04 -57.19
CA VAL Z 24 -61.76 1.68 -56.62
C VAL Z 24 -62.79 1.62 -57.73
N PRO Z 25 -63.56 0.54 -57.85
CA PRO Z 25 -64.61 0.49 -58.87
C PRO Z 25 -65.65 1.57 -58.67
N LEU Z 26 -66.20 2.07 -59.77
CA LEU Z 26 -67.01 3.29 -59.74
C LEU Z 26 -68.45 3.06 -59.36
N ALA Z 27 -68.94 1.81 -59.33
CA ALA Z 27 -70.30 1.59 -58.86
C ALA Z 27 -70.46 2.00 -57.40
N THR Z 28 -69.40 1.87 -56.60
CA THR Z 28 -69.46 2.30 -55.21
C THR Z 28 -69.76 3.78 -55.10
N TYR Z 29 -69.26 4.59 -56.04
CA TYR Z 29 -69.62 5.98 -56.11
C TYR Z 29 -70.99 6.19 -56.74
N MET Z 30 -71.39 5.32 -57.64
CA MET Z 30 -72.67 5.44 -58.33
C MET Z 30 -73.86 5.02 -57.50
N ARG Z 31 -73.65 4.45 -56.31
CA ARG Z 31 -74.77 4.11 -55.45
C ARG Z 31 -75.47 5.38 -54.95
N ILE Z 32 -76.74 5.22 -54.57
CA ILE Z 32 -77.57 6.32 -54.08
C ILE Z 32 -77.96 6.01 -52.64
N TYR Z 33 -77.74 6.98 -51.76
CA TYR Z 33 -78.06 6.83 -50.34
C TYR Z 33 -79.03 7.93 -49.94
N LYS Z 34 -80.26 7.54 -49.60
CA LYS Z 34 -81.26 8.45 -49.09
C LYS Z 34 -81.13 8.52 -47.57
N LYS Z 35 -81.80 9.51 -46.99
CA LYS Z 35 -81.89 9.57 -45.54
C LYS Z 35 -82.79 8.45 -45.02
N GLY Z 36 -82.35 7.80 -43.95
CA GLY Z 36 -83.13 6.77 -43.31
C GLY Z 36 -82.80 5.36 -43.72
N ASP Z 37 -82.01 5.16 -44.77
CA ASP Z 37 -81.70 3.80 -45.19
C ASP Z 37 -80.49 3.26 -44.43
N ILE Z 38 -80.34 1.95 -44.47
CA ILE Z 38 -79.46 1.22 -43.57
C ILE Z 38 -78.20 0.83 -44.33
N VAL Z 39 -77.04 1.17 -43.78
CA VAL Z 39 -75.77 0.95 -44.44
C VAL Z 39 -74.81 0.23 -43.50
N ASP Z 40 -73.96 -0.61 -44.08
CA ASP Z 40 -72.89 -1.29 -43.36
C ASP Z 40 -71.60 -0.48 -43.53
N ILE Z 41 -70.92 -0.20 -42.42
CA ILE Z 41 -69.67 0.54 -42.46
C ILE Z 41 -68.53 -0.48 -42.54
N LYS Z 42 -67.71 -0.39 -43.58
CA LYS Z 42 -66.58 -1.29 -43.73
C LYS Z 42 -65.24 -0.56 -43.63
N GLY Z 43 -64.99 0.42 -44.48
CA GLY Z 43 -63.76 1.18 -44.29
C GLY Z 43 -62.53 0.71 -45.04
N MET Z 44 -62.59 0.66 -46.37
CA MET Z 44 -61.40 0.28 -47.13
C MET Z 44 -60.28 1.29 -46.93
N GLY Z 45 -59.05 0.81 -47.06
CA GLY Z 45 -57.86 1.62 -46.82
C GLY Z 45 -57.29 2.32 -48.02
N THR Z 46 -57.83 2.09 -49.22
CA THR Z 46 -57.36 2.82 -50.39
C THR Z 46 -57.66 4.31 -50.26
N VAL Z 47 -58.81 4.65 -49.70
CA VAL Z 47 -59.23 6.03 -49.53
C VAL Z 47 -58.98 6.41 -48.08
N GLN Z 48 -58.04 7.31 -47.84
CA GLN Z 48 -57.65 7.69 -46.49
C GLN Z 48 -58.49 8.82 -45.92
N LYS Z 49 -59.32 9.47 -46.72
CA LYS Z 49 -60.15 10.57 -46.25
C LYS Z 49 -61.53 10.06 -45.89
N GLY Z 50 -62.12 10.66 -44.86
CA GLY Z 50 -63.44 10.27 -44.42
C GLY Z 50 -63.52 8.87 -43.87
N MET Z 51 -62.40 8.33 -43.39
CA MET Z 51 -62.39 6.97 -42.89
C MET Z 51 -63.17 6.87 -41.58
N PRO Z 52 -63.87 5.77 -41.34
CA PRO Z 52 -64.46 5.54 -40.02
C PRO Z 52 -63.40 5.07 -39.04
N HIS Z 53 -63.70 5.24 -37.76
CA HIS Z 53 -62.83 4.67 -36.75
C HIS Z 53 -63.01 3.15 -36.72
N LYS Z 54 -62.00 2.47 -36.19
CA LYS Z 54 -61.98 1.01 -36.21
C LYS Z 54 -63.12 0.39 -35.43
N CYS Z 55 -63.73 1.12 -34.49
CA CYS Z 55 -64.85 0.58 -33.75
C CYS Z 55 -66.13 0.58 -34.56
N TYR Z 56 -66.18 1.26 -35.70
CA TYR Z 56 -67.35 1.27 -36.56
C TYR Z 56 -67.20 0.36 -37.76
N HIS Z 57 -66.04 -0.25 -37.96
CA HIS Z 57 -65.90 -1.27 -38.99
C HIS Z 57 -66.74 -2.47 -38.62
N GLY Z 58 -67.56 -2.92 -39.56
CA GLY Z 58 -68.44 -4.03 -39.32
C GLY Z 58 -69.75 -3.68 -38.65
N LYS Z 59 -69.94 -2.42 -38.25
CA LYS Z 59 -71.20 -2.00 -37.68
C LYS Z 59 -72.17 -1.58 -38.77
N THR Z 60 -73.43 -1.42 -38.38
CA THR Z 60 -74.49 -1.09 -39.31
C THR Z 60 -75.30 0.05 -38.72
N GLY Z 61 -75.57 1.07 -39.54
CA GLY Z 61 -76.27 2.24 -39.06
C GLY Z 61 -77.29 2.77 -40.04
N ARG Z 62 -77.89 3.90 -39.70
CA ARG Z 62 -78.94 4.52 -40.51
C ARG Z 62 -78.49 5.90 -40.96
N VAL Z 63 -78.70 6.21 -42.23
CA VAL Z 63 -78.25 7.47 -42.81
C VAL Z 63 -79.18 8.59 -42.41
N TYR Z 64 -78.62 9.67 -41.88
CA TYR Z 64 -79.41 10.85 -41.52
C TYR Z 64 -79.03 12.11 -42.26
N ASN Z 65 -77.89 12.14 -42.94
CA ASN Z 65 -77.41 13.35 -43.59
C ASN Z 65 -76.58 12.95 -44.79
N VAL Z 66 -76.78 13.64 -45.91
CA VAL Z 66 -76.09 13.34 -47.16
C VAL Z 66 -75.39 14.61 -47.64
N THR Z 67 -74.11 14.48 -47.97
CA THR Z 67 -73.29 15.57 -48.49
C THR Z 67 -72.78 15.21 -49.88
N GLN Z 68 -71.86 16.01 -50.40
CA GLN Z 68 -71.34 15.76 -51.74
C GLN Z 68 -70.60 14.44 -51.83
N HIS Z 69 -69.80 14.10 -50.84
CA HIS Z 69 -68.96 12.91 -50.91
C HIS Z 69 -69.18 11.94 -49.77
N ALA Z 70 -69.88 12.32 -48.71
CA ALA Z 70 -70.03 11.47 -47.54
C ALA Z 70 -71.49 11.40 -47.15
N VAL Z 71 -71.75 10.62 -46.09
CA VAL Z 71 -73.06 10.56 -45.46
C VAL Z 71 -72.86 10.62 -43.96
N GLY Z 72 -73.91 11.03 -43.27
CA GLY Z 72 -73.95 10.99 -41.81
C GLY Z 72 -74.76 9.78 -41.38
N ILE Z 73 -74.16 8.98 -40.50
CA ILE Z 73 -74.71 7.69 -40.09
C ILE Z 73 -74.91 7.71 -38.59
N VAL Z 74 -76.08 7.27 -38.16
CA VAL Z 74 -76.37 7.06 -36.74
C VAL Z 74 -76.14 5.58 -36.45
N VAL Z 75 -75.07 5.28 -35.71
CA VAL Z 75 -74.65 3.92 -35.46
C VAL Z 75 -74.50 3.72 -33.96
N ASN Z 76 -75.00 2.58 -33.47
CA ASN Z 76 -74.93 2.29 -32.05
C ASN Z 76 -73.52 1.86 -31.65
N LYS Z 77 -73.03 2.40 -30.54
CA LYS Z 77 -71.73 2.03 -30.01
C LYS Z 77 -71.91 1.70 -28.54
N GLN Z 78 -71.36 0.57 -28.11
CA GLN Z 78 -71.45 0.17 -26.71
C GLN Z 78 -70.19 0.59 -25.98
N VAL Z 79 -70.37 1.38 -24.94
CA VAL Z 79 -69.28 1.86 -24.11
C VAL Z 79 -69.60 1.47 -22.68
N LYS Z 80 -68.79 0.60 -22.10
CA LYS Z 80 -69.08 0.01 -20.79
C LYS Z 80 -70.48 -0.57 -20.77
N GLY Z 81 -71.33 -0.10 -19.85
CA GLY Z 81 -72.65 -0.65 -19.70
C GLY Z 81 -73.74 0.22 -20.27
N LYS Z 82 -73.44 0.94 -21.33
CA LYS Z 82 -74.43 1.78 -22.00
C LYS Z 82 -74.17 1.74 -23.49
N ILE Z 83 -75.25 1.78 -24.26
CA ILE Z 83 -75.19 1.88 -25.71
C ILE Z 83 -75.64 3.28 -26.07
N LEU Z 84 -74.81 3.99 -26.82
CA LEU Z 84 -75.14 5.34 -27.24
C LEU Z 84 -75.06 5.44 -28.76
N ALA Z 85 -75.97 6.23 -29.32
CA ALA Z 85 -76.09 6.37 -30.76
C ALA Z 85 -75.15 7.45 -31.24
N LYS Z 86 -74.01 7.06 -31.79
CA LYS Z 86 -73.04 7.99 -32.31
C LYS Z 86 -73.41 8.42 -33.71
N ARG Z 87 -73.04 9.63 -34.07
CA ARG Z 87 -73.25 10.17 -35.41
C ARG Z 87 -71.89 10.37 -36.06
N ILE Z 88 -71.65 9.70 -37.17
CA ILE Z 88 -70.34 9.74 -37.81
C ILE Z 88 -70.48 10.15 -39.26
N ASN Z 89 -69.51 10.91 -39.73
CA ASN Z 89 -69.43 11.32 -41.14
C ASN Z 89 -68.49 10.36 -41.84
N VAL Z 90 -69.00 9.64 -42.84
CA VAL Z 90 -68.23 8.60 -43.52
C VAL Z 90 -68.38 8.79 -45.01
N ARG Z 91 -67.25 8.85 -45.72
CA ARG Z 91 -67.29 8.92 -47.17
C ARG Z 91 -67.83 7.63 -47.75
N ILE Z 92 -68.51 7.73 -48.89
CA ILE Z 92 -69.28 6.62 -49.43
C ILE Z 92 -68.43 5.45 -49.88
N GLU Z 93 -67.12 5.60 -49.94
CA GLU Z 93 -66.26 4.47 -50.26
C GLU Z 93 -66.30 3.41 -49.17
N HIS Z 94 -66.57 3.82 -47.93
CA HIS Z 94 -66.47 2.95 -46.78
C HIS Z 94 -67.81 2.36 -46.36
N ILE Z 95 -68.86 2.56 -47.14
CA ILE Z 95 -70.19 2.06 -46.80
C ILE Z 95 -70.76 1.31 -47.98
N LYS Z 96 -71.82 0.56 -47.72
CA LYS Z 96 -72.62 -0.08 -48.76
C LYS Z 96 -73.98 -0.39 -48.16
N HIS Z 97 -74.96 -0.57 -49.05
CA HIS Z 97 -76.32 -0.84 -48.61
C HIS Z 97 -76.40 -2.19 -47.90
N SER Z 98 -77.18 -2.23 -46.83
CA SER Z 98 -77.37 -3.46 -46.06
C SER Z 98 -78.49 -4.27 -46.69
N LYS Z 99 -78.20 -5.52 -47.03
CA LYS Z 99 -79.16 -6.36 -47.72
C LYS Z 99 -80.26 -6.90 -46.82
N SER Z 100 -80.07 -6.87 -45.50
CA SER Z 100 -81.13 -7.27 -44.59
C SER Z 100 -82.35 -6.38 -44.74
N ARG Z 101 -82.13 -5.07 -44.79
CA ARG Z 101 -83.22 -4.14 -45.01
C ARG Z 101 -83.88 -4.36 -46.36
N ASP Z 102 -83.09 -4.59 -47.41
CA ASP Z 102 -83.66 -4.81 -48.74
C ASP Z 102 -84.54 -6.05 -48.75
N SER Z 103 -84.06 -7.15 -48.17
CA SER Z 103 -84.86 -8.36 -48.09
C SER Z 103 -86.12 -8.14 -47.27
N PHE Z 104 -86.03 -7.41 -46.17
CA PHE Z 104 -87.21 -7.16 -45.35
C PHE Z 104 -88.26 -6.35 -46.10
N LEU Z 105 -87.85 -5.28 -46.79
CA LEU Z 105 -88.82 -4.49 -47.54
C LEU Z 105 -89.42 -5.27 -48.69
N LYS Z 106 -88.62 -6.11 -49.35
CA LYS Z 106 -89.19 -6.97 -50.39
C LYS Z 106 -90.22 -7.93 -49.79
N ARG Z 107 -89.93 -8.46 -48.59
CA ARG Z 107 -90.90 -9.32 -47.92
C ARG Z 107 -92.17 -8.56 -47.56
N VAL Z 108 -92.04 -7.31 -47.12
CA VAL Z 108 -93.22 -6.51 -46.76
C VAL Z 108 -94.08 -6.25 -47.98
N LYS Z 109 -93.46 -5.85 -49.08
CA LYS Z 109 -94.20 -5.63 -50.32
C LYS Z 109 -94.88 -6.90 -50.78
N GLU Z 110 -94.19 -8.04 -50.69
CA GLU Z 110 -94.77 -9.31 -51.09
C GLU Z 110 -95.93 -9.70 -50.17
N ASN Z 111 -95.81 -9.45 -48.87
CA ASN Z 111 -96.90 -9.76 -47.94
C ASN Z 111 -98.11 -8.88 -48.19
N ASP Z 112 -97.88 -7.60 -48.49
CA ASP Z 112 -99.01 -6.72 -48.80
C ASP Z 112 -99.71 -7.18 -50.07
N GLN Z 113 -98.94 -7.59 -51.08
CA GLN Z 113 -99.53 -8.14 -52.29
C GLN Z 113 -100.30 -9.42 -52.00
N LYS Z 114 -99.77 -10.26 -51.10
CA LYS Z 114 -100.48 -11.47 -50.73
C LYS Z 114 -101.78 -11.17 -50.01
N LYS Z 115 -101.78 -10.18 -49.12
CA LYS Z 115 -103.02 -9.78 -48.45
C LYS Z 115 -104.04 -9.29 -49.47
N LYS Z 116 -103.61 -8.46 -50.42
CA LYS Z 116 -104.54 -7.96 -51.43
C LYS Z 116 -105.12 -9.09 -52.26
N GLU Z 117 -104.25 -10.00 -52.72
CA GLU Z 117 -104.71 -11.11 -53.54
C GLU Z 117 -105.62 -12.05 -52.76
N ALA Z 118 -105.31 -12.30 -51.48
CA ALA Z 118 -106.12 -13.22 -50.68
C ALA Z 118 -107.45 -12.60 -50.29
N LYS Z 119 -107.49 -11.28 -50.12
CA LYS Z 119 -108.78 -10.62 -49.92
C LYS Z 119 -109.58 -10.57 -51.22
N GLU Z 120 -108.89 -10.62 -52.36
CA GLU Z 120 -109.61 -10.72 -53.63
C GLU Z 120 -110.22 -12.10 -53.82
N LYS Z 121 -109.46 -13.16 -53.52
CA LYS Z 121 -109.92 -14.52 -53.77
C LYS Z 121 -110.49 -15.21 -52.54
N GLY Z 122 -110.70 -14.50 -51.44
CA GLY Z 122 -111.44 -15.03 -50.31
C GLY Z 122 -110.67 -15.86 -49.31
N THR Z 123 -109.79 -16.74 -49.79
CA THR Z 123 -109.18 -17.73 -48.92
C THR Z 123 -108.04 -17.12 -48.11
N TRP Z 124 -107.99 -17.48 -46.84
CA TRP Z 124 -106.93 -17.00 -45.94
C TRP Z 124 -105.59 -17.61 -46.34
N VAL Z 125 -104.50 -16.90 -46.03
CA VAL Z 125 -103.16 -17.38 -46.29
C VAL Z 125 -102.24 -16.97 -45.15
N GLN Z 126 -101.20 -17.74 -44.93
CA GLN Z 126 -100.26 -17.53 -43.83
C GLN Z 126 -99.19 -16.53 -44.23
N LEU Z 127 -98.96 -15.53 -43.38
CA LEU Z 127 -97.94 -14.51 -43.61
C LEU Z 127 -96.81 -14.54 -42.59
N LYS Z 128 -97.10 -14.78 -41.32
CA LYS Z 128 -96.05 -14.88 -40.32
C LYS Z 128 -95.20 -16.11 -40.63
N ARG Z 129 -93.89 -15.91 -40.77
CA ARG Z 129 -93.02 -17.03 -41.04
C ARG Z 129 -92.75 -17.80 -39.76
N GLN Z 130 -92.89 -19.07 -39.82
CA GLN Z 130 -92.75 -19.96 -38.68
C GLN Z 130 -91.36 -20.55 -38.63
N PRO Z 131 -90.86 -20.89 -37.45
CA PRO Z 131 -89.56 -21.58 -37.36
C PRO Z 131 -89.66 -22.97 -37.98
N ALA Z 132 -88.51 -23.59 -38.16
CA ALA Z 132 -88.43 -24.89 -38.80
C ALA Z 132 -89.23 -25.91 -38.00
N PRO Z 133 -90.34 -26.43 -38.54
CA PRO Z 133 -91.17 -27.35 -37.78
C PRO Z 133 -90.51 -28.72 -37.68
N PRO Z 134 -90.92 -29.54 -36.73
CA PRO Z 134 -90.44 -30.92 -36.70
C PRO Z 134 -90.83 -31.65 -37.97
N ARG Z 135 -89.97 -32.58 -38.38
CA ARG Z 135 -90.23 -33.35 -39.58
C ARG Z 135 -91.46 -34.23 -39.40
N GLU Z 136 -92.23 -34.37 -40.46
CA GLU Z 136 -93.47 -35.11 -40.43
C GLU Z 136 -93.22 -36.60 -40.71
N ALA Z 137 -94.24 -37.40 -40.45
CA ALA Z 137 -94.14 -38.83 -40.69
C ALA Z 137 -94.06 -39.12 -42.19
N HIS Z 138 -93.23 -40.10 -42.54
CA HIS Z 138 -93.06 -40.45 -43.95
C HIS Z 138 -92.57 -41.89 -44.03
N PHE Z 139 -92.69 -42.46 -45.22
CA PHE Z 139 -92.24 -43.82 -45.48
C PHE Z 139 -90.92 -43.77 -46.25
N VAL Z 140 -90.00 -44.64 -45.88
CA VAL Z 140 -88.71 -44.75 -46.55
C VAL Z 140 -88.67 -46.11 -47.22
N ARG Z 141 -88.69 -46.14 -48.54
CA ARG Z 141 -88.66 -47.39 -49.27
C ARG Z 141 -87.24 -47.95 -49.33
N THR Z 142 -87.16 -49.28 -49.28
CA THR Z 142 -85.89 -49.96 -49.45
C THR Z 142 -85.58 -50.28 -50.91
N ASN Z 143 -86.60 -50.26 -51.77
CA ASN Z 143 -86.45 -50.53 -53.19
C ASN Z 143 -85.83 -51.90 -53.45
N GLY Z 144 -86.14 -52.86 -52.58
CA GLY Z 144 -85.57 -54.18 -52.70
C GLY Z 144 -84.09 -54.26 -52.44
N LYS Z 145 -83.54 -53.28 -51.71
CA LYS Z 145 -82.11 -53.21 -51.45
C LYS Z 145 -81.90 -53.26 -49.95
N GLU Z 146 -81.17 -54.26 -49.49
CA GLU Z 146 -80.84 -54.35 -48.08
C GLU Z 146 -79.86 -53.22 -47.73
N PRO Z 147 -80.10 -52.48 -46.65
CA PRO Z 147 -79.17 -51.41 -46.27
C PRO Z 147 -77.78 -51.96 -45.99
N GLU Z 148 -76.78 -51.20 -46.37
CA GLU Z 148 -75.39 -51.63 -46.22
C GLU Z 148 -75.02 -51.68 -44.75
N LEU Z 149 -74.40 -52.79 -44.34
CA LEU Z 149 -73.95 -52.94 -42.97
C LEU Z 149 -72.61 -52.25 -42.79
N LEU Z 150 -72.51 -51.42 -41.76
CA LEU Z 150 -71.30 -50.64 -41.49
C LEU Z 150 -70.69 -51.10 -40.17
N GLU Z 151 -69.39 -51.30 -40.17
CA GLU Z 151 -68.65 -51.62 -38.95
C GLU Z 151 -67.44 -50.71 -38.84
N PRO Z 152 -67.03 -50.36 -37.63
CA PRO Z 152 -65.80 -49.58 -37.47
C PRO Z 152 -64.59 -50.34 -37.97
N ILE Z 153 -63.64 -49.58 -38.52
CA ILE Z 153 -62.46 -50.17 -39.16
C ILE Z 153 -61.36 -50.37 -38.12
N PRO Z 154 -60.50 -51.36 -38.29
CA PRO Z 154 -59.40 -51.56 -37.33
C PRO Z 154 -58.38 -50.43 -37.37
N TYR Z 155 -57.77 -50.20 -36.22
CA TYR Z 155 -56.75 -49.17 -36.11
C TYR Z 155 -55.46 -49.61 -36.79
N GLU Z 156 -54.79 -48.66 -37.42
CA GLU Z 156 -53.43 -48.87 -37.88
C GLU Z 156 -52.71 -47.53 -37.87
N PHE Z 157 -51.43 -47.55 -37.53
CA PHE Z 157 -50.65 -46.34 -37.53
C PHE Z 157 -50.25 -45.99 -38.96
N MET Z 158 -50.52 -44.75 -39.37
CA MET Z 158 -50.29 -44.34 -40.75
C MET Z 158 -48.98 -43.57 -40.89
N ALA Z 159 -48.84 -42.46 -40.18
CA ALA Z 159 -47.64 -41.63 -40.26
C ALA Z 159 -47.57 -40.68 -39.07
N GLN AA 1 16.47 10.54 109.47
CA GLN AA 1 16.96 9.29 108.91
C GLN AA 1 16.28 8.09 109.56
N VAL AA 2 15.10 8.33 110.15
CA VAL AA 2 14.28 7.29 110.75
C VAL AA 2 12.90 7.34 110.10
N LEU AA 3 12.42 6.19 109.63
CA LEU AA 3 11.14 6.16 108.94
C LEU AA 3 9.98 5.90 109.90
N LYS AA 4 9.99 4.74 110.56
CA LYS AA 4 9.06 4.43 111.65
C LYS AA 4 7.60 4.49 111.20
N PHE AA 5 7.24 3.54 110.35
CA PHE AA 5 5.84 3.35 109.99
C PHE AA 5 5.16 2.41 111.00
N THR AA 6 3.83 2.42 110.97
CA THR AA 6 3.03 1.68 111.94
C THR AA 6 1.91 0.93 111.21
N LEU AA 7 1.58 -0.26 111.71
CA LEU AA 7 0.45 -1.05 111.24
C LEU AA 7 -0.44 -1.34 112.43
N ASP AA 8 -1.73 -1.09 112.29
CA ASP AA 8 -2.67 -1.17 113.42
C ASP AA 8 -3.62 -2.33 113.19
N CYS AA 9 -3.32 -3.47 113.82
CA CYS AA 9 -4.21 -4.62 113.83
C CYS AA 9 -4.93 -4.61 115.17
N THR AA 10 -6.11 -3.99 115.19
CA THR AA 10 -6.90 -3.93 116.42
C THR AA 10 -8.27 -4.58 116.27
N HIS AA 11 -9.06 -4.16 115.28
CA HIS AA 11 -10.40 -4.73 115.11
C HIS AA 11 -10.37 -6.22 114.81
N PRO AA 12 -9.58 -6.73 113.85
CA PRO AA 12 -9.63 -8.18 113.60
C PRO AA 12 -9.01 -8.99 114.72
N VAL AA 13 -8.07 -8.41 115.49
CA VAL AA 13 -7.50 -9.20 116.57
C VAL AA 13 -8.45 -9.23 117.77
N GLU AA 14 -9.26 -8.19 117.96
CA GLU AA 14 -10.27 -8.28 119.01
C GLU AA 14 -11.48 -9.10 118.57
N ASP AA 15 -11.70 -9.26 117.27
CA ASP AA 15 -12.69 -10.22 116.81
C ASP AA 15 -12.13 -11.63 116.63
N GLY AA 16 -10.81 -11.81 116.77
CA GLY AA 16 -10.24 -13.14 116.73
C GLY AA 16 -10.18 -13.79 115.37
N ILE AA 17 -10.14 -13.01 114.29
CA ILE AA 17 -10.01 -13.60 112.96
C ILE AA 17 -8.58 -13.56 112.44
N MET AA 18 -7.69 -12.80 113.10
CA MET AA 18 -6.27 -12.88 112.81
C MET AA 18 -5.51 -12.39 114.02
N ASP AA 19 -4.23 -12.74 114.08
CA ASP AA 19 -3.40 -12.48 115.24
C ASP AA 19 -2.13 -11.71 114.85
N ALA AA 20 -1.88 -10.64 115.61
CA ALA AA 20 -0.75 -9.75 115.34
C ALA AA 20 0.59 -10.46 115.51
N ALA AA 21 0.67 -11.45 116.39
CA ALA AA 21 1.91 -12.20 116.51
C ALA AA 21 2.23 -12.94 115.23
N ASN AA 22 1.23 -13.57 114.62
CA ASN AA 22 1.46 -14.27 113.35
C ASN AA 22 1.72 -13.29 112.22
N PHE AA 23 1.06 -12.12 112.23
CA PHE AA 23 1.33 -11.15 111.19
C PHE AA 23 2.76 -10.61 111.29
N GLU AA 24 3.22 -10.33 112.51
CA GLU AA 24 4.62 -9.97 112.72
C GLU AA 24 5.54 -11.09 112.24
N GLN AA 25 5.22 -12.34 112.60
CA GLN AA 25 6.02 -13.48 112.20
C GLN AA 25 6.03 -13.68 110.69
N PHE AA 26 5.01 -13.18 110.00
CA PHE AA 26 5.00 -13.18 108.55
C PHE AA 26 5.88 -12.08 107.98
N LEU AA 27 5.92 -10.91 108.62
CA LEU AA 27 6.58 -9.76 108.00
C LEU AA 27 8.10 -9.90 107.89
N GLN AA 28 8.75 -10.49 108.89
CA GLN AA 28 10.20 -10.30 108.97
C GLN AA 28 10.96 -11.09 107.90
N GLU AA 29 10.41 -12.19 107.40
CA GLU AA 29 11.06 -12.90 106.31
C GLU AA 29 10.55 -12.47 104.95
N ARG AA 30 9.55 -11.61 104.89
CA ARG AA 30 9.06 -11.11 103.61
C ARG AA 30 9.55 -9.71 103.29
N ILE AA 31 9.91 -8.91 104.30
CA ILE AA 31 10.42 -7.58 104.03
C ILE AA 31 11.78 -7.68 103.34
N LYS AA 32 11.89 -7.04 102.18
CA LYS AA 32 13.10 -7.08 101.38
C LYS AA 32 13.87 -5.78 101.54
N VAL AA 33 15.15 -5.89 101.86
CA VAL AA 33 16.06 -4.76 101.86
C VAL AA 33 17.11 -5.04 100.79
N ASN AA 34 17.26 -4.10 99.85
CA ASN AA 34 18.14 -4.26 98.70
C ASN AA 34 17.82 -5.53 97.92
N GLY AA 35 16.53 -5.87 97.85
CA GLY AA 35 16.06 -6.98 97.08
C GLY AA 35 16.16 -8.33 97.74
N LYS AA 36 16.71 -8.42 98.95
CA LYS AA 36 16.92 -9.69 99.63
C LYS AA 36 15.95 -9.80 100.79
N ALA AA 37 15.11 -10.83 100.78
CA ALA AA 37 14.20 -11.08 101.88
C ALA AA 37 14.92 -11.85 102.98
N GLY AA 38 14.43 -11.68 104.20
CA GLY AA 38 15.09 -12.32 105.33
C GLY AA 38 16.12 -11.42 105.97
N ASN AA 39 16.38 -11.68 107.25
CA ASN AA 39 17.37 -11.05 108.14
C ASN AA 39 17.29 -9.52 108.17
N LEU AA 40 16.21 -8.96 107.63
CA LEU AA 40 15.91 -7.53 107.72
C LEU AA 40 17.08 -6.66 107.26
N GLY AA 41 17.71 -7.08 106.17
CA GLY AA 41 18.88 -6.37 105.66
C GLY AA 41 20.04 -6.37 106.63
N GLY AA 42 20.23 -7.47 107.36
CA GLY AA 42 21.23 -7.50 108.40
C GLY AA 42 20.83 -6.78 109.66
N GLY AA 43 19.53 -6.64 109.91
CA GLY AA 43 19.05 -5.92 111.06
C GLY AA 43 18.92 -4.43 110.87
N VAL AA 44 19.02 -3.93 109.64
CA VAL AA 44 18.91 -2.48 109.44
C VAL AA 44 17.48 -2.01 109.65
N VAL AA 45 16.51 -2.85 109.31
CA VAL AA 45 15.10 -2.56 109.54
C VAL AA 45 14.67 -3.34 110.78
N THR AA 46 14.05 -2.66 111.74
CA THR AA 46 13.61 -3.32 112.95
C THR AA 46 12.08 -3.36 113.03
N ILE AA 47 11.60 -4.41 113.67
CA ILE AA 47 10.18 -4.69 113.83
C ILE AA 47 9.89 -4.86 115.32
N GLU AA 48 8.76 -4.32 115.78
CA GLU AA 48 8.33 -4.65 117.12
C GLU AA 48 6.82 -4.46 117.22
N ARG AA 49 6.26 -4.98 118.32
CA ARG AA 49 4.82 -5.06 118.49
C ARG AA 49 4.42 -4.46 119.82
N SER AA 50 3.19 -3.95 119.88
CA SER AA 50 2.58 -3.46 121.11
C SER AA 50 1.28 -4.19 121.41
N LYS AA 51 1.20 -5.45 120.96
CA LYS AA 51 0.08 -6.39 121.17
C LYS AA 51 -1.15 -6.00 120.38
N SER AA 52 -1.15 -4.79 119.81
CA SER AA 52 -2.07 -4.45 118.73
C SER AA 52 -1.41 -3.62 117.64
N LYS AA 53 -0.33 -2.92 117.92
CA LYS AA 53 0.38 -2.09 116.95
C LYS AA 53 1.68 -2.79 116.60
N ILE AA 54 2.04 -2.74 115.32
CA ILE AA 54 3.26 -3.36 114.82
C ILE AA 54 4.02 -2.26 114.09
N THR AA 55 5.12 -1.80 114.67
CA THR AA 55 5.86 -0.68 114.11
C THR AA 55 7.17 -1.16 113.49
N VAL AA 56 7.47 -0.58 112.32
CA VAL AA 56 8.62 -0.90 111.50
C VAL AA 56 9.48 0.35 111.41
N THR AA 57 10.67 0.30 111.98
CA THR AA 57 11.57 1.45 111.99
C THR AA 57 12.78 1.15 111.12
N SER AA 58 13.05 2.03 110.16
CA SER AA 58 14.12 1.81 109.20
C SER AA 58 15.00 3.05 109.10
N GLU AA 59 16.29 2.81 108.83
CA GLU AA 59 17.28 3.85 108.59
C GLU AA 59 17.71 3.91 107.13
N VAL AA 60 16.97 3.26 106.24
CA VAL AA 60 17.23 3.33 104.81
C VAL AA 60 15.94 3.77 104.12
N PRO AA 61 16.05 4.36 102.91
CA PRO AA 61 14.85 4.73 102.17
C PRO AA 61 13.90 3.56 102.00
N PHE AA 62 12.72 3.66 102.61
CA PHE AA 62 11.84 2.52 102.77
C PHE AA 62 10.40 2.99 102.60
N SER AA 63 9.69 2.40 101.65
CA SER AA 63 8.39 2.90 101.22
C SER AA 63 7.29 2.42 102.16
N LYS AA 64 6.37 3.34 102.49
CA LYS AA 64 5.21 2.97 103.29
C LYS AA 64 4.29 2.03 102.53
N ARG AA 65 4.13 2.25 101.23
CA ARG AA 65 3.22 1.44 100.43
C ARG AA 65 3.68 -0.01 100.35
N TYR AA 66 4.96 -0.27 100.60
CA TYR AA 66 5.43 -1.65 100.69
C TYR AA 66 4.75 -2.38 101.85
N LEU AA 67 4.53 -1.68 102.97
CA LEU AA 67 3.82 -2.29 104.09
C LEU AA 67 2.39 -2.65 103.69
N LYS AA 68 1.72 -1.76 102.95
CA LYS AA 68 0.38 -2.06 102.47
C LYS AA 68 0.38 -3.26 101.55
N TYR AA 69 1.38 -3.34 100.66
CA TYR AA 69 1.47 -4.47 99.74
C TYR AA 69 1.66 -5.78 100.48
N LEU AA 70 2.56 -5.80 101.46
CA LEU AA 70 2.79 -7.01 102.23
C LEU AA 70 1.58 -7.37 103.09
N THR AA 71 0.91 -6.38 103.66
CA THR AA 71 -0.29 -6.64 104.45
C THR AA 71 -1.39 -7.23 103.60
N LYS AA 72 -1.57 -6.68 102.39
CA LYS AA 72 -2.57 -7.24 101.47
C LYS AA 72 -2.21 -8.66 101.09
N LYS AA 73 -0.92 -8.95 100.91
CA LYS AA 73 -0.51 -10.31 100.63
C LYS AA 73 -0.84 -11.25 101.78
N TYR AA 74 -0.62 -10.80 103.02
CA TYR AA 74 -0.98 -11.62 104.18
C TYR AA 74 -2.48 -11.87 104.24
N LEU AA 75 -3.28 -10.83 104.00
CA LEU AA 75 -4.73 -10.99 104.05
C LEU AA 75 -5.21 -11.96 102.98
N LYS AA 76 -4.65 -11.88 101.77
CA LYS AA 76 -5.01 -12.85 100.75
C LYS AA 76 -4.58 -14.25 101.13
N LYS AA 77 -3.41 -14.38 101.77
CA LYS AA 77 -2.96 -15.69 102.24
C LYS AA 77 -3.93 -16.28 103.25
N ASN AA 78 -4.47 -15.45 104.14
CA ASN AA 78 -5.34 -15.92 105.20
C ASN AA 78 -6.82 -15.75 104.90
N ASN AA 79 -7.16 -15.45 103.64
CA ASN AA 79 -8.56 -15.40 103.17
C ASN AA 79 -9.37 -14.33 103.91
N LEU AA 80 -8.70 -13.27 104.36
CA LEU AA 80 -9.37 -12.15 104.99
C LEU AA 80 -9.63 -11.00 104.03
N ARG AA 81 -9.23 -11.15 102.76
CA ARG AA 81 -9.24 -10.02 101.84
C ARG AA 81 -10.65 -9.54 101.55
N ASP AA 82 -11.63 -10.43 101.57
CA ASP AA 82 -13.00 -10.02 101.28
C ASP AA 82 -13.70 -9.37 102.45
N TRP AA 83 -13.09 -9.37 103.64
CA TRP AA 83 -13.66 -8.71 104.81
C TRP AA 83 -12.86 -7.49 105.24
N LEU AA 84 -11.53 -7.58 105.26
CA LEU AA 84 -10.69 -6.53 105.80
C LEU AA 84 -10.13 -5.67 104.68
N ARG AA 85 -9.61 -4.50 105.08
CA ARG AA 85 -9.17 -3.50 104.11
C ARG AA 85 -8.15 -2.60 104.79
N VAL AA 86 -7.02 -2.40 104.13
CA VAL AA 86 -5.94 -1.57 104.67
C VAL AA 86 -6.17 -0.13 104.23
N VAL AA 87 -6.22 0.78 105.19
CA VAL AA 87 -6.55 2.18 104.97
C VAL AA 87 -5.49 3.03 105.67
N ALA AA 88 -4.96 4.03 104.97
CA ALA AA 88 -4.06 4.98 105.60
C ALA AA 88 -4.87 5.87 106.52
N ASN AA 89 -4.86 5.57 107.82
CA ASN AA 89 -5.60 6.40 108.76
C ASN AA 89 -4.88 7.72 109.03
N SER AA 90 -3.55 7.72 108.92
CA SER AA 90 -2.77 8.94 109.06
C SER AA 90 -1.46 8.74 108.33
N LYS AA 91 -0.59 9.75 108.41
CA LYS AA 91 0.77 9.57 107.91
C LYS AA 91 1.48 8.53 108.77
N GLU AA 92 2.48 7.88 108.17
CA GLU AA 92 3.30 6.82 108.79
C GLU AA 92 2.45 5.78 109.53
N SER AA 93 1.20 5.58 109.12
CA SER AA 93 0.34 4.64 109.80
C SER AA 93 -0.66 4.03 108.83
N TYR AA 94 -0.86 2.72 108.94
CA TYR AA 94 -1.91 1.99 108.24
C TYR AA 94 -2.79 1.32 109.27
N GLU AA 95 -4.06 1.13 108.92
CA GLU AA 95 -5.02 0.48 109.80
C GLU AA 95 -5.91 -0.41 108.94
N LEU AA 96 -6.08 -1.66 109.33
CA LEU AA 96 -6.95 -2.55 108.61
C LEU AA 96 -8.29 -2.64 109.35
N ARG AA 97 -9.36 -2.42 108.61
CA ARG AA 97 -10.71 -2.33 109.16
C ARG AA 97 -11.68 -3.02 108.21
N TYR AA 98 -12.89 -3.25 108.71
CA TYR AA 98 -13.87 -4.00 107.95
C TYR AA 98 -14.52 -3.14 106.88
N PHE AA 99 -15.10 -3.79 105.88
CA PHE AA 99 -15.91 -3.09 104.90
C PHE AA 99 -17.21 -2.62 105.53
N GLN AA 100 -17.46 -1.32 105.46
CA GLN AA 100 -18.63 -0.72 106.11
C GLN AA 100 -19.79 -0.76 105.13
N ILE AA 101 -20.66 -1.75 105.27
CA ILE AA 101 -21.80 -1.91 104.39
C ILE AA 101 -22.80 -0.79 104.62
N SER BA 1 3.55 -64.57 27.97
CA SER BA 1 4.02 -63.20 27.76
C SER BA 1 3.67 -62.30 28.95
N GLY BA 2 2.44 -61.78 28.94
CA GLY BA 2 2.00 -60.88 29.98
C GLY BA 2 1.99 -59.43 29.51
N ALA BA 3 0.83 -58.78 29.61
CA ALA BA 3 0.67 -57.41 29.15
C ALA BA 3 0.72 -56.45 30.34
N LYS BA 4 1.08 -55.20 30.03
CA LYS BA 4 1.22 -54.19 31.08
C LYS BA 4 -0.13 -53.86 31.70
N PHE BA 5 -0.16 -53.78 33.02
CA PHE BA 5 -1.37 -53.37 33.71
C PHE BA 5 -1.55 -51.86 33.60
N ARG BA 6 -2.70 -51.39 34.06
CA ARG BA 6 -2.98 -49.96 34.05
C ARG BA 6 -2.28 -49.27 35.22
N ILE BA 7 -1.68 -48.12 34.94
CA ILE BA 7 -1.02 -47.31 35.95
C ILE BA 7 -1.52 -45.89 35.84
N SER BA 8 -1.35 -45.13 36.92
CA SER BA 8 -1.71 -43.73 36.91
C SER BA 8 -0.79 -42.97 35.96
N LEU BA 9 -1.38 -42.11 35.13
CA LEU BA 9 -0.62 -41.53 34.03
C LEU BA 9 0.19 -40.32 34.47
N GLY BA 10 -0.49 -39.24 34.87
CA GLY BA 10 0.19 -38.11 35.46
C GLY BA 10 1.04 -37.26 34.55
N LEU BA 11 1.12 -37.57 33.26
CA LEU BA 11 1.91 -36.78 32.30
C LEU BA 11 1.08 -36.47 31.07
N PRO BA 12 0.29 -35.41 31.11
CA PRO BA 12 -0.55 -35.07 29.96
C PRO BA 12 0.26 -34.46 28.82
N VAL BA 13 -0.41 -34.15 27.71
CA VAL BA 13 0.24 -33.48 26.61
C VAL BA 13 0.66 -32.08 27.06
N GLY BA 14 1.88 -31.71 26.72
CA GLY BA 14 2.44 -30.45 27.16
C GLY BA 14 3.40 -30.55 28.30
N ALA BA 15 3.56 -31.73 28.87
CA ALA BA 15 4.52 -31.92 29.96
C ALA BA 15 5.94 -31.88 29.42
N VAL BA 16 6.84 -31.30 30.21
CA VAL BA 16 8.26 -31.27 29.88
C VAL BA 16 8.98 -32.15 30.90
N ILE BA 17 9.61 -33.21 30.42
CA ILE BA 17 10.29 -34.18 31.24
C ILE BA 17 11.77 -34.12 30.92
N ASN BA 18 12.58 -34.72 31.78
CA ASN BA 18 14.01 -34.77 31.54
C ASN BA 18 14.33 -35.81 30.47
N CYS BA 19 15.49 -35.66 29.86
CA CYS BA 19 15.96 -36.60 28.85
C CYS BA 19 17.12 -37.37 29.47
N ALA BA 20 16.87 -38.61 29.86
CA ALA BA 20 17.79 -39.35 30.72
C ALA BA 20 18.95 -39.98 29.97
N ASP BA 21 18.95 -39.95 28.63
CA ASP BA 21 20.01 -40.58 27.89
C ASP BA 21 21.04 -39.54 27.44
N ASN BA 22 22.10 -40.02 26.79
CA ASN BA 22 23.23 -39.18 26.40
C ASN BA 22 23.13 -38.71 24.97
N THR BA 23 21.92 -38.47 24.48
CA THR BA 23 21.72 -38.01 23.11
C THR BA 23 22.15 -36.57 22.91
N GLY BA 24 22.38 -35.82 23.98
CA GLY BA 24 22.61 -34.40 23.89
C GLY BA 24 21.38 -33.55 24.15
N ALA BA 25 20.22 -34.17 24.24
CA ALA BA 25 18.99 -33.46 24.57
C ALA BA 25 18.84 -33.34 26.08
N LYS BA 26 18.33 -32.20 26.53
CA LYS BA 26 18.10 -31.97 27.95
C LYS BA 26 16.68 -32.28 28.39
N ASN BA 27 15.68 -31.81 27.67
CA ASN BA 27 14.31 -32.10 28.05
C ASN BA 27 13.52 -32.55 26.83
N LEU BA 28 12.37 -33.15 27.11
CA LEU BA 28 11.44 -33.65 26.11
C LEU BA 28 10.07 -33.06 26.41
N TYR BA 29 9.45 -32.48 25.39
CA TYR BA 29 8.15 -31.85 25.51
C TYR BA 29 7.16 -32.77 24.83
N ILE BA 30 6.21 -33.29 25.59
CA ILE BA 30 5.29 -34.32 25.11
C ILE BA 30 4.17 -33.66 24.32
N ILE BA 31 4.04 -34.03 23.05
CA ILE BA 31 2.99 -33.48 22.20
C ILE BA 31 1.86 -34.47 21.96
N SER BA 32 2.07 -35.77 22.17
CA SER BA 32 1.01 -36.76 22.12
C SER BA 32 1.54 -38.07 22.67
N VAL BA 33 0.62 -39.00 22.92
CA VAL BA 33 0.91 -40.31 23.47
C VAL BA 33 0.42 -41.36 22.48
N LYS BA 34 1.20 -42.41 22.30
CA LYS BA 34 0.84 -43.45 21.35
C LYS BA 34 -0.29 -44.31 21.90
N GLY BA 35 -1.17 -44.76 21.00
CA GLY BA 35 -2.24 -45.65 21.37
C GLY BA 35 -3.42 -45.01 22.05
N ILE BA 36 -3.54 -43.69 22.01
CA ILE BA 36 -4.60 -42.96 22.70
C ILE BA 36 -5.71 -42.69 21.69
N LYS BA 37 -6.85 -43.36 21.86
CA LYS BA 37 -8.00 -43.10 21.00
C LYS BA 37 -8.56 -41.71 21.29
N GLY BA 38 -9.00 -41.49 22.52
CA GLY BA 38 -9.32 -40.15 22.95
C GLY BA 38 -10.64 -40.06 23.63
N ARG BA 39 -11.08 -38.82 23.83
CA ARG BA 39 -12.29 -38.42 24.53
C ARG BA 39 -12.39 -36.91 24.35
N LEU BA 40 -13.62 -36.41 24.29
CA LEU BA 40 -13.80 -34.98 24.12
C LEU BA 40 -13.22 -34.24 25.31
N ASN BA 41 -12.35 -33.27 25.02
CA ASN BA 41 -11.66 -32.39 25.95
C ASN BA 41 -10.61 -33.08 26.82
N ARG BA 42 -10.43 -34.40 26.70
CA ARG BA 42 -9.48 -35.10 27.55
C ARG BA 42 -8.08 -35.04 26.96
N LEU BA 43 -7.12 -34.60 27.76
CA LEU BA 43 -5.74 -34.56 27.32
C LEU BA 43 -5.16 -35.97 27.27
N PRO BA 44 -4.46 -36.34 26.20
CA PRO BA 44 -3.76 -37.63 26.20
C PRO BA 44 -2.62 -37.62 27.21
N ALA BA 45 -2.64 -38.58 28.11
CA ALA BA 45 -1.66 -38.65 29.19
C ALA BA 45 -0.87 -39.94 29.11
N ALA BA 46 0.34 -39.91 29.67
CA ALA BA 46 1.27 -41.02 29.58
C ALA BA 46 1.83 -41.37 30.94
N GLY BA 47 2.07 -42.66 31.16
CA GLY BA 47 2.81 -43.14 32.30
C GLY BA 47 4.15 -43.74 31.89
N VAL BA 48 4.81 -44.37 32.86
CA VAL BA 48 6.10 -44.99 32.55
C VAL BA 48 5.86 -46.19 31.64
N GLY BA 49 6.80 -46.42 30.73
CA GLY BA 49 6.65 -47.44 29.73
C GLY BA 49 5.83 -47.03 28.53
N ASP BA 50 5.31 -45.82 28.51
CA ASP BA 50 4.52 -45.35 27.38
C ASP BA 50 5.41 -44.71 26.33
N MET BA 51 5.10 -45.00 25.08
CA MET BA 51 5.67 -44.30 23.94
C MET BA 51 4.91 -43.00 23.71
N VAL BA 52 5.65 -41.92 23.51
CA VAL BA 52 5.09 -40.59 23.28
C VAL BA 52 5.78 -39.99 22.08
N MET BA 53 5.15 -38.99 21.50
CA MET BA 53 5.81 -38.12 20.54
C MET BA 53 6.28 -36.87 21.28
N ALA BA 54 7.54 -36.48 21.08
CA ALA BA 54 8.11 -35.40 21.84
C ALA BA 54 8.96 -34.52 20.95
N THR BA 55 9.19 -33.30 21.40
CA THR BA 55 10.15 -32.39 20.80
C THR BA 55 11.09 -31.92 21.89
N VAL BA 56 12.39 -31.88 21.61
CA VAL BA 56 13.33 -31.41 22.61
C VAL BA 56 13.37 -29.88 22.57
N LYS BA 57 13.10 -29.27 23.72
CA LYS BA 57 13.03 -27.81 23.78
C LYS BA 57 14.40 -27.19 23.98
N LYS BA 58 15.25 -27.82 24.77
CA LYS BA 58 16.62 -27.38 24.94
C LYS BA 58 17.55 -28.59 24.81
N GLY BA 59 18.69 -28.37 24.18
CA GLY BA 59 19.59 -29.45 23.84
C GLY BA 59 20.33 -29.10 22.56
N LYS BA 60 20.88 -30.12 21.93
CA LYS BA 60 21.67 -29.93 20.72
C LYS BA 60 20.78 -29.37 19.61
N PRO BA 61 21.27 -28.40 18.84
CA PRO BA 61 20.42 -27.76 17.82
C PRO BA 61 19.97 -28.70 16.72
N GLU BA 62 20.67 -29.80 16.48
CA GLU BA 62 20.27 -30.73 15.42
C GLU BA 62 19.18 -31.69 15.86
N LEU BA 63 18.68 -31.56 17.08
CA LEU BA 63 17.54 -32.34 17.54
C LEU BA 63 16.30 -31.50 17.80
N ARG BA 64 16.43 -30.17 17.81
CA ARG BA 64 15.40 -29.35 18.44
C ARG BA 64 14.10 -29.33 17.65
N LYS BA 65 14.13 -28.85 16.41
CA LYS BA 65 12.89 -28.61 15.69
C LYS BA 65 12.42 -29.85 14.92
N LYS BA 66 12.33 -30.98 15.63
CA LYS BA 66 11.88 -32.23 15.06
C LYS BA 66 10.95 -32.92 16.04
N VAL BA 67 10.33 -34.00 15.58
CA VAL BA 67 9.47 -34.85 16.39
C VAL BA 67 10.15 -36.21 16.54
N HIS BA 68 10.34 -36.62 17.78
CA HIS BA 68 11.03 -37.86 18.11
C HIS BA 68 10.10 -38.79 18.87
N PRO BA 69 10.17 -40.10 18.62
CA PRO BA 69 9.52 -41.05 19.53
C PRO BA 69 10.34 -41.16 20.80
N ALA BA 70 9.64 -41.18 21.93
CA ALA BA 70 10.29 -41.26 23.22
C ALA BA 70 9.53 -42.24 24.09
N VAL BA 71 10.20 -42.76 25.12
CA VAL BA 71 9.59 -43.66 26.07
C VAL BA 71 9.78 -43.10 27.47
N VAL BA 72 8.70 -43.04 28.24
CA VAL BA 72 8.78 -42.54 29.61
C VAL BA 72 9.35 -43.63 30.50
N ILE BA 73 10.40 -43.28 31.24
CA ILE BA 73 11.09 -44.25 32.09
C ILE BA 73 10.95 -43.93 33.57
N ARG BA 74 10.61 -42.70 33.94
CA ARG BA 74 10.39 -42.34 35.33
C ARG BA 74 9.26 -41.31 35.40
N GLN BA 75 8.42 -41.41 36.42
CA GLN BA 75 7.37 -40.43 36.59
C GLN BA 75 7.24 -40.08 38.07
N ARG BA 76 6.80 -38.86 38.34
CA ARG BA 76 6.62 -38.38 39.70
C ARG BA 76 5.26 -38.71 40.27
N LYS BA 77 4.31 -39.13 39.45
CA LYS BA 77 2.99 -39.50 39.94
C LYS BA 77 3.04 -40.91 40.51
N SER BA 78 2.51 -41.06 41.72
CA SER BA 78 2.51 -42.37 42.38
C SER BA 78 1.61 -43.33 41.62
N TYR BA 79 2.09 -44.55 41.42
CA TYR BA 79 1.29 -45.57 40.75
C TYR BA 79 1.39 -46.88 41.51
N ARG BA 80 0.30 -47.64 41.47
CA ARG BA 80 0.20 -48.92 42.15
C ARG BA 80 0.76 -50.02 41.29
N ARG BA 81 1.51 -50.94 41.90
CA ARG BA 81 2.21 -51.98 41.18
C ARG BA 81 1.65 -53.37 41.52
N LYS BA 82 0.33 -53.46 41.64
CA LYS BA 82 -0.38 -54.74 41.74
C LYS BA 82 0.02 -55.60 42.94
N ASP BA 83 0.89 -55.09 43.79
CA ASP BA 83 1.26 -55.77 45.02
C ASP BA 83 1.19 -54.82 46.20
N GLY BA 84 0.32 -53.81 46.08
CA GLY BA 84 0.12 -52.84 47.14
C GLY BA 84 1.17 -51.77 47.22
N VAL BA 85 2.17 -51.78 46.35
CA VAL BA 85 3.25 -50.81 46.39
C VAL BA 85 2.85 -49.61 45.54
N PHE BA 86 2.80 -48.45 46.16
CA PHE BA 86 2.62 -47.18 45.47
C PHE BA 86 4.00 -46.57 45.29
N LEU BA 87 4.50 -46.59 44.06
CA LEU BA 87 5.85 -46.13 43.78
C LEU BA 87 5.80 -44.85 42.96
N TYR BA 88 6.75 -43.95 43.24
CA TYR BA 88 6.93 -42.74 42.46
C TYR BA 88 8.40 -42.36 42.50
N PHE BA 89 8.78 -41.47 41.61
CA PHE BA 89 10.18 -41.13 41.40
C PHE BA 89 10.42 -39.65 41.71
N GLU BA 90 11.69 -39.27 41.70
CA GLU BA 90 12.07 -37.90 42.01
C GLU BA 90 11.77 -36.95 40.86
N ASP BA 91 11.77 -37.44 39.62
CA ASP BA 91 11.53 -36.58 38.48
C ASP BA 91 10.88 -37.38 37.37
N ASN BA 92 10.22 -36.68 36.46
CA ASN BA 92 9.69 -37.28 35.25
C ASN BA 92 10.81 -37.30 34.21
N ALA BA 93 11.12 -38.48 33.69
CA ALA BA 93 12.20 -38.62 32.74
C ALA BA 93 11.84 -39.63 31.66
N GLY BA 94 12.29 -39.33 30.44
CA GLY BA 94 12.13 -40.25 29.34
C GLY BA 94 13.40 -40.31 28.51
N VAL BA 95 13.40 -41.23 27.55
CA VAL BA 95 14.53 -41.40 26.64
C VAL BA 95 14.03 -41.36 25.21
N ILE BA 96 14.90 -41.00 24.29
CA ILE BA 96 14.57 -40.93 22.87
C ILE BA 96 14.84 -42.29 22.24
N VAL BA 97 13.83 -42.84 21.56
CA VAL BA 97 13.92 -44.11 20.86
C VAL BA 97 13.43 -43.89 19.44
N ASN BA 98 13.37 -44.97 18.67
CA ASN BA 98 12.70 -44.95 17.38
C ASN BA 98 11.41 -45.76 17.48
N ASN BA 99 10.73 -45.90 16.35
CA ASN BA 99 9.47 -46.63 16.33
C ASN BA 99 9.65 -48.11 16.64
N LYS BA 100 10.84 -48.66 16.38
CA LYS BA 100 11.10 -50.06 16.69
C LYS BA 100 11.48 -50.30 18.14
N GLY BA 101 11.80 -49.25 18.89
CA GLY BA 101 12.01 -49.33 20.32
C GLY BA 101 13.43 -49.12 20.77
N GLU BA 102 14.42 -49.31 19.91
CA GLU BA 102 15.81 -49.13 20.33
C GLU BA 102 16.13 -47.66 20.52
N MET BA 103 16.96 -47.37 21.52
CA MET BA 103 17.26 -45.99 21.88
C MET BA 103 18.19 -45.33 20.87
N LYS BA 104 18.05 -44.01 20.76
CA LYS BA 104 19.03 -43.23 20.01
C LYS BA 104 20.33 -43.09 20.79
N GLY BA 105 20.24 -42.99 22.10
CA GLY BA 105 21.41 -42.89 22.95
C GLY BA 105 22.00 -44.26 23.26
N SER BA 106 22.93 -44.27 24.22
CA SER BA 106 23.62 -45.49 24.59
C SER BA 106 23.75 -45.71 26.08
N ALA BA 107 23.27 -44.79 26.92
CA ALA BA 107 23.32 -44.96 28.36
C ALA BA 107 22.20 -44.14 28.98
N ILE BA 108 21.80 -44.53 30.19
CA ILE BA 108 20.70 -43.89 30.90
C ILE BA 108 21.18 -43.48 32.28
N THR BA 109 20.90 -42.24 32.66
CA THR BA 109 21.21 -41.76 34.00
C THR BA 109 19.99 -41.93 34.90
N GLY BA 110 20.20 -42.51 36.07
CA GLY BA 110 19.13 -42.73 37.00
C GLY BA 110 18.43 -44.05 36.78
N PRO BA 111 17.49 -44.38 37.67
CA PRO BA 111 16.80 -45.67 37.57
C PRO BA 111 15.79 -45.68 36.43
N VAL BA 112 15.31 -46.87 36.12
CA VAL BA 112 14.26 -47.08 35.14
C VAL BA 112 13.14 -47.85 35.83
N ALA BA 113 11.90 -47.42 35.61
CA ALA BA 113 10.76 -48.13 36.17
C ALA BA 113 10.72 -49.56 35.63
N LYS BA 114 10.41 -50.51 36.51
CA LYS BA 114 10.30 -51.89 36.08
C LYS BA 114 9.20 -52.08 35.05
N GLU BA 115 8.16 -51.24 35.13
CA GLU BA 115 7.08 -51.30 34.15
C GLU BA 115 7.59 -51.01 32.75
N CYS BA 116 8.50 -50.03 32.64
CA CYS BA 116 9.12 -49.71 31.36
C CYS BA 116 10.17 -50.74 30.96
N ALA BA 117 10.91 -51.25 31.94
CA ALA BA 117 12.00 -52.18 31.63
C ALA BA 117 11.44 -53.50 31.09
N ASP BA 118 10.36 -54.00 31.67
CA ASP BA 118 9.77 -55.25 31.19
C ASP BA 118 9.20 -55.10 29.79
N LEU BA 119 8.80 -53.89 29.42
CA LEU BA 119 8.10 -53.67 28.16
C LEU BA 119 9.03 -53.28 27.03
N TRP BA 120 10.18 -52.66 27.33
CA TRP BA 120 11.16 -52.28 26.32
C TRP BA 120 12.50 -52.93 26.64
N PRO BA 121 12.82 -54.06 26.00
CA PRO BA 121 14.10 -54.73 26.31
C PRO BA 121 15.33 -53.91 25.97
N ARG BA 122 15.27 -53.06 24.95
CA ARG BA 122 16.44 -52.28 24.56
C ARG BA 122 16.73 -51.18 25.58
N ILE BA 123 15.70 -50.66 26.25
CA ILE BA 123 15.92 -49.74 27.34
C ILE BA 123 16.46 -50.47 28.57
N ALA BA 124 16.02 -51.71 28.78
CA ALA BA 124 16.45 -52.47 29.95
C ALA BA 124 17.94 -52.72 29.95
N SER BA 125 18.53 -52.91 28.76
CA SER BA 125 19.97 -53.17 28.71
C SER BA 125 20.77 -51.95 29.13
N ASN BA 126 20.35 -50.76 28.73
CA ASN BA 126 21.02 -49.53 29.12
C ASN BA 126 20.57 -49.00 30.47
N ALA BA 127 19.59 -49.64 31.10
CA ALA BA 127 19.16 -49.22 32.42
C ALA BA 127 20.27 -49.44 33.44
N GLY BA 128 20.68 -48.36 34.11
CA GLY BA 128 21.67 -48.50 35.17
C GLY BA 128 21.14 -49.28 36.36
N SER BA 129 19.90 -48.99 36.77
CA SER BA 129 19.22 -49.77 37.77
C SER BA 129 17.73 -49.75 37.45
N ILE BA 130 17.03 -50.77 37.93
CA ILE BA 130 15.61 -50.95 37.63
C ILE BA 130 14.85 -50.81 38.95
N ALA BA 131 13.89 -49.89 38.97
CA ALA BA 131 13.08 -49.66 40.15
C ALA BA 131 11.64 -50.13 39.94
N MET CA 1 2.77 -60.76 54.41
CA MET CA 1 3.40 -62.07 54.21
C MET CA 1 4.60 -61.93 53.28
N LYS CA 2 4.65 -60.81 52.58
CA LYS CA 2 5.75 -60.53 51.65
C LYS CA 2 6.99 -60.11 52.45
N VAL CA 3 8.01 -59.64 51.73
CA VAL CA 3 9.17 -59.08 52.39
C VAL CA 3 8.75 -57.87 53.22
N GLU CA 4 9.22 -57.80 54.45
CA GLU CA 4 8.87 -56.71 55.35
C GLU CA 4 9.81 -55.53 55.13
N LEU CA 5 9.29 -54.33 55.34
CA LEU CA 5 10.03 -53.11 55.05
C LEU CA 5 10.14 -52.27 56.32
N CYS CA 6 11.12 -51.39 56.35
CA CYS CA 6 11.30 -50.43 57.42
C CYS CA 6 11.41 -49.03 56.83
N SER CA 7 11.01 -48.03 57.60
CA SER CA 7 10.75 -46.69 57.10
C SER CA 7 11.79 -45.69 57.61
N PHE CA 8 11.55 -44.41 57.28
CA PHE CA 8 12.10 -43.27 58.02
C PHE CA 8 12.10 -43.48 59.52
N SER CA 9 10.95 -43.86 60.06
CA SER CA 9 10.79 -44.06 61.50
C SER CA 9 11.28 -45.42 61.97
N GLY CA 10 11.67 -46.30 61.06
CA GLY CA 10 12.09 -47.62 61.46
C GLY CA 10 10.98 -48.57 61.81
N TYR CA 11 9.74 -48.24 61.49
CA TYR CA 11 8.60 -49.10 61.75
C TYR CA 11 8.46 -50.13 60.64
N LYS CA 12 7.87 -51.27 60.98
CA LYS CA 12 7.53 -52.25 59.96
C LYS CA 12 6.43 -51.71 59.06
N ILE CA 13 6.58 -51.91 57.76
CA ILE CA 13 5.57 -51.56 56.78
C ILE CA 13 4.97 -52.85 56.26
N TYR CA 14 3.71 -53.08 56.56
CA TYR CA 14 3.04 -54.27 56.09
C TYR CA 14 2.60 -54.10 54.65
N PRO CA 15 2.38 -55.20 53.93
CA PRO CA 15 1.98 -55.10 52.52
C PRO CA 15 0.70 -54.29 52.35
N GLY CA 16 0.68 -53.50 51.29
CA GLY CA 16 -0.45 -52.64 51.02
C GLY CA 16 -0.47 -51.35 51.79
N HIS CA 17 0.62 -51.01 52.49
CA HIS CA 17 0.68 -49.81 53.30
C HIS CA 17 1.83 -48.93 52.86
N GLY CA 18 1.67 -47.63 53.07
CA GLY CA 18 2.74 -46.69 52.83
C GLY CA 18 3.02 -46.49 51.35
N ARG CA 19 4.16 -45.87 51.09
CA ARG CA 19 4.61 -45.57 49.74
C ARG CA 19 6.09 -45.88 49.59
N ARG CA 20 6.54 -45.91 48.34
CA ARG CA 20 7.93 -46.18 48.00
C ARG CA 20 8.43 -45.06 47.11
N TYR CA 21 9.61 -44.54 47.42
CA TYR CA 21 10.18 -43.37 46.75
C TYR CA 21 11.53 -43.75 46.18
N ALA CA 22 11.68 -43.61 44.87
CA ALA CA 22 12.93 -43.89 44.19
C ALA CA 22 13.57 -42.56 43.77
N ARG CA 23 14.81 -42.34 44.19
CA ARG CA 23 15.50 -41.11 43.86
C ARG CA 23 16.29 -41.28 42.56
N THR CA 24 16.67 -40.15 41.99
CA THR CA 24 17.40 -40.16 40.73
C THR CA 24 18.79 -40.76 40.89
N ASP CA 25 19.41 -40.59 42.06
CA ASP CA 25 20.74 -41.16 42.27
C ASP CA 25 20.72 -42.68 42.40
N GLY CA 26 19.55 -43.30 42.49
CA GLY CA 26 19.44 -44.73 42.50
C GLY CA 26 19.10 -45.36 43.84
N LYS CA 27 18.72 -44.56 44.83
CA LYS CA 27 18.39 -45.08 46.15
C LYS CA 27 16.89 -45.14 46.32
N VAL CA 28 16.42 -46.22 46.95
CA VAL CA 28 14.99 -46.47 47.12
C VAL CA 28 14.68 -46.45 48.61
N PHE CA 29 13.78 -45.57 49.00
CA PHE CA 29 13.29 -45.49 50.37
C PHE CA 29 11.84 -45.93 50.38
N GLN CA 30 11.33 -46.27 51.55
CA GLN CA 30 9.93 -46.61 51.72
C GLN CA 30 9.44 -45.99 53.01
N PHE CA 31 8.25 -45.42 52.96
CA PHE CA 31 7.68 -44.67 54.07
C PHE CA 31 6.37 -45.29 54.52
N LEU CA 32 6.20 -45.33 55.84
CA LEU CA 32 5.00 -45.91 56.43
C LEU CA 32 3.77 -45.05 56.19
N ASN CA 33 3.91 -43.74 56.25
CA ASN CA 33 2.78 -42.86 56.01
C ASN CA 33 3.29 -41.50 55.54
N ALA CA 34 2.36 -40.61 55.23
CA ALA CA 34 2.69 -39.28 54.74
C ALA CA 34 3.41 -38.44 55.79
N LYS CA 35 3.20 -38.69 57.08
CA LYS CA 35 3.94 -37.97 58.09
C LYS CA 35 5.43 -38.25 57.99
N CYS CA 36 5.81 -39.54 57.94
CA CYS CA 36 7.21 -39.91 57.80
C CYS CA 36 7.75 -39.46 56.45
N GLU CA 37 6.95 -39.59 55.39
CA GLU CA 37 7.42 -39.17 54.07
C GLU CA 37 7.68 -37.67 54.02
N SER CA 38 6.81 -36.87 54.63
CA SER CA 38 7.01 -35.42 54.62
C SER CA 38 8.19 -35.03 55.48
N ALA CA 39 8.39 -35.70 56.61
CA ALA CA 39 9.59 -35.44 57.41
C ALA CA 39 10.85 -35.74 56.61
N PHE CA 40 10.89 -36.89 55.93
CA PHE CA 40 12.05 -37.23 55.13
C PHE CA 40 12.27 -36.22 54.00
N LEU CA 41 11.19 -35.81 53.35
CA LEU CA 41 11.30 -34.88 52.23
C LEU CA 41 11.79 -33.51 52.68
N SER CA 42 11.31 -33.03 53.82
CA SER CA 42 11.81 -31.79 54.39
C SER CA 42 13.13 -31.97 55.11
N LYS CA 43 13.68 -33.18 55.08
CA LYS CA 43 15.07 -33.45 55.46
C LYS CA 43 15.27 -33.29 56.96
N ARG CA 44 14.24 -33.62 57.73
CA ARG CA 44 14.36 -33.70 59.18
C ARG CA 44 15.15 -34.95 59.52
N ASN CA 45 16.02 -34.82 60.51
CA ASN CA 45 16.83 -35.96 60.93
C ASN CA 45 16.02 -36.83 61.89
N PRO CA 46 15.85 -38.12 61.59
CA PRO CA 46 15.03 -38.97 62.47
C PRO CA 46 15.65 -39.19 63.84
N ARG CA 47 16.94 -38.92 64.02
CA ARG CA 47 17.54 -39.01 65.35
C ARG CA 47 17.08 -37.90 66.27
N GLN CA 48 16.38 -36.89 65.74
CA GLN CA 48 15.93 -35.75 66.52
C GLN CA 48 14.42 -35.71 66.66
N ILE CA 49 13.70 -36.70 66.15
CA ILE CA 49 12.26 -36.79 66.24
C ILE CA 49 11.93 -37.86 67.26
N ASN CA 50 11.17 -37.48 68.29
CA ASN CA 50 11.16 -38.25 69.53
C ASN CA 50 10.54 -39.63 69.36
N TRP CA 51 9.66 -39.82 68.39
CA TRP CA 51 8.91 -41.06 68.28
C TRP CA 51 9.52 -42.05 67.29
N THR CA 52 10.73 -41.81 66.80
CA THR CA 52 11.33 -42.69 65.83
C THR CA 52 12.25 -43.71 66.51
N VAL CA 53 12.39 -44.87 65.85
CA VAL CA 53 13.20 -45.96 66.37
C VAL CA 53 14.65 -45.51 66.54
N LEU CA 54 15.15 -44.72 65.59
CA LEU CA 54 16.52 -44.24 65.68
C LEU CA 54 16.72 -43.36 66.90
N TYR CA 55 15.78 -42.45 67.17
CA TYR CA 55 15.87 -41.62 68.36
C TYR CA 55 15.82 -42.47 69.62
N ARG CA 56 14.90 -43.44 69.67
CA ARG CA 56 14.77 -44.26 70.86
C ARG CA 56 16.06 -45.03 71.15
N ARG CA 57 16.63 -45.66 70.13
CA ARG CA 57 17.84 -46.43 70.37
C ARG CA 57 19.07 -45.55 70.56
N LYS CA 58 19.04 -44.31 70.07
CA LYS CA 58 20.14 -43.39 70.37
C LYS CA 58 20.08 -42.97 71.83
N HIS CA 59 18.90 -42.62 72.32
CA HIS CA 59 18.75 -42.18 73.69
C HIS CA 59 18.60 -43.32 74.69
N LYS CA 60 18.70 -44.56 74.23
CA LYS CA 60 18.67 -45.74 75.09
C LYS CA 60 17.35 -45.81 75.86
N LYS CA 61 16.27 -45.46 75.18
CA LYS CA 61 14.95 -45.51 75.79
C LYS CA 61 14.44 -46.94 75.83
N GLY CA 62 13.82 -47.30 76.94
CA GLY CA 62 13.31 -48.67 77.09
C GLY CA 62 14.34 -49.69 77.51
N GLN CA 63 15.48 -49.72 76.84
CA GLN CA 63 16.58 -50.61 77.21
C GLN CA 63 17.87 -49.83 77.29
N THR CA 66 32.76 -59.40 82.60
CA THR CA 66 33.68 -59.52 83.72
C THR CA 66 35.12 -59.72 83.25
N ARG CA 67 35.91 -60.41 84.07
CA ARG CA 67 37.30 -60.73 83.75
C ARG CA 67 37.43 -62.22 83.50
N ARG CA 68 38.19 -62.59 82.48
CA ARG CA 68 38.36 -63.98 82.12
C ARG CA 68 39.76 -64.20 81.55
N ALA CA 69 40.47 -65.19 82.09
CA ALA CA 69 41.81 -65.51 81.61
C ALA CA 69 42.08 -66.97 81.97
N VAL CA 70 42.07 -67.84 80.97
CA VAL CA 70 42.25 -69.28 81.17
C VAL CA 70 43.33 -69.77 80.22
N LYS CA 71 44.24 -70.60 80.75
CA LYS CA 71 45.34 -71.16 79.98
C LYS CA 71 45.35 -72.66 80.17
N PHE CA 72 45.60 -73.39 79.09
CA PHE CA 72 45.60 -74.84 79.10
C PHE CA 72 46.94 -75.37 78.58
N GLN CA 73 47.26 -76.59 78.96
CA GLN CA 73 48.49 -77.24 78.55
C GLN CA 73 48.20 -78.20 77.41
N ARG CA 74 49.01 -78.13 76.35
CA ARG CA 74 48.88 -79.01 75.21
C ARG CA 74 50.22 -79.67 74.94
N ALA CA 75 50.18 -80.86 74.35
CA ALA CA 75 51.39 -81.56 73.97
C ALA CA 75 52.14 -80.81 72.89
N ILE CA 76 53.46 -81.00 72.86
CA ILE CA 76 54.33 -80.38 71.88
C ILE CA 76 54.93 -81.48 71.02
N THR CA 77 54.95 -81.26 69.70
CA THR CA 77 55.57 -82.22 68.79
C THR CA 77 57.03 -82.40 69.15
N GLY CA 78 57.38 -83.58 69.64
CA GLY CA 78 58.70 -83.85 70.18
C GLY CA 78 58.73 -84.09 71.67
N ALA CA 79 57.67 -83.71 72.40
CA ALA CA 79 57.59 -83.98 73.83
C ALA CA 79 56.11 -84.01 74.20
N SER CA 80 55.57 -85.21 74.42
CA SER CA 80 54.15 -85.36 74.71
C SER CA 80 53.82 -84.84 76.11
N LEU CA 81 52.55 -84.96 76.48
CA LEU CA 81 52.08 -84.43 77.76
C LEU CA 81 52.76 -85.12 78.94
N ALA CA 82 52.86 -86.44 78.89
CA ALA CA 82 53.55 -87.17 79.96
C ALA CA 82 55.01 -86.76 80.01
N ASP CA 83 55.64 -86.58 78.85
CA ASP CA 83 57.03 -86.15 78.80
C ASP CA 83 57.23 -84.81 79.49
N ILE CA 84 56.41 -83.82 79.13
CA ILE CA 84 56.60 -82.47 79.67
C ILE CA 84 56.26 -82.45 81.16
N MET CA 85 55.25 -83.20 81.58
CA MET CA 85 54.91 -83.24 83.00
C MET CA 85 56.04 -83.89 83.81
N ALA CA 86 56.61 -84.98 83.30
CA ALA CA 86 57.72 -85.63 83.99
C ALA CA 86 58.94 -84.72 84.05
N LYS CA 87 59.21 -83.98 82.97
CA LYS CA 87 60.32 -83.05 82.98
C LYS CA 87 60.10 -81.91 83.98
N ARG CA 88 58.89 -81.37 84.04
CA ARG CA 88 58.64 -80.20 84.87
C ARG CA 88 58.39 -80.55 86.33
N ASN CA 89 58.10 -81.81 86.66
CA ASN CA 89 57.83 -82.19 88.04
C ASN CA 89 59.06 -82.78 88.74
N GLN CA 90 60.24 -82.28 88.39
CA GLN CA 90 61.49 -82.70 89.01
C GLN CA 90 61.86 -81.87 90.23
N LYS CA 91 60.87 -81.28 90.90
CA LYS CA 91 61.15 -80.41 92.05
C LYS CA 91 61.88 -81.07 93.21
N PRO CA 92 61.60 -82.34 93.64
CA PRO CA 92 62.22 -82.81 94.89
C PRO CA 92 63.72 -83.03 94.78
N GLU CA 93 64.47 -81.93 94.71
CA GLU CA 93 65.93 -81.90 94.72
C GLU CA 93 66.56 -82.61 93.53
N VAL CA 94 65.75 -83.08 92.58
CA VAL CA 94 66.29 -83.63 91.35
C VAL CA 94 67.00 -82.54 90.55
N ARG CA 95 66.38 -81.36 90.47
CA ARG CA 95 67.01 -80.22 89.81
C ARG CA 95 68.26 -79.77 90.55
N LYS CA 96 68.26 -79.87 91.89
CA LYS CA 96 69.47 -79.61 92.65
C LYS CA 96 70.57 -80.60 92.28
N ALA CA 97 70.20 -81.87 92.10
CA ALA CA 97 71.18 -82.87 91.67
C ALA CA 97 71.74 -82.54 90.30
N GLN CA 98 70.88 -82.15 89.35
CA GLN CA 98 71.37 -81.75 88.03
C GLN CA 98 72.27 -80.52 88.11
N ARG CA 99 71.89 -79.53 88.91
CA ARG CA 99 72.72 -78.33 89.05
C ARG CA 99 74.10 -78.68 89.59
N GLU CA 100 74.14 -79.45 90.68
CA GLU CA 100 75.43 -79.77 91.29
C GLU CA 100 76.27 -80.66 90.39
N GLN CA 101 75.66 -81.61 89.68
CA GLN CA 101 76.43 -82.46 88.79
C GLN CA 101 76.94 -81.69 87.58
N ALA CA 102 76.16 -80.73 87.07
CA ALA CA 102 76.65 -79.87 86.01
C ALA CA 102 77.82 -79.02 86.50
N ILE CA 103 77.73 -78.54 87.74
CA ILE CA 103 78.80 -77.69 88.28
C ILE CA 103 80.10 -78.50 88.41
N ARG CA 104 80.02 -79.69 88.96
CA ARG CA 104 81.25 -80.49 89.08
C ARG CA 104 81.76 -80.94 87.71
N ALA CA 105 80.86 -81.30 86.80
CA ALA CA 105 81.27 -81.74 85.47
C ALA CA 105 81.97 -80.62 84.73
N ALA CA 106 81.46 -79.40 84.85
CA ALA CA 106 82.17 -78.24 84.35
C ALA CA 106 83.46 -78.00 85.12
N LYS CA 107 83.54 -78.44 86.38
CA LYS CA 107 84.73 -78.18 87.18
C LYS CA 107 85.93 -78.99 86.70
N GLU CA 108 85.76 -80.30 86.41
CA GLU CA 108 86.97 -81.00 85.97
C GLU CA 108 87.41 -80.52 84.59
N ALA CA 109 86.44 -80.21 83.72
CA ALA CA 109 86.79 -79.62 82.43
C ALA CA 109 87.45 -78.26 82.62
N LYS CA 110 87.07 -77.53 83.67
CA LYS CA 110 87.69 -76.25 83.97
C LYS CA 110 89.15 -76.43 84.39
N LYS CA 111 89.42 -77.44 85.21
CA LYS CA 111 90.80 -77.73 85.58
C LYS CA 111 91.63 -78.17 84.38
N ALA CA 112 91.05 -79.01 83.50
CA ALA CA 112 91.76 -79.40 82.29
C ALA CA 112 92.00 -78.20 81.37
N LYS CA 113 91.02 -77.30 81.27
CA LYS CA 113 91.18 -76.09 80.48
C LYS CA 113 92.27 -75.21 81.05
N GLN CA 114 92.34 -75.08 82.38
CA GLN CA 114 93.40 -74.31 83.00
C GLN CA 114 94.77 -74.93 82.72
N ALA CA 115 94.85 -76.26 82.80
CA ALA CA 115 96.12 -76.96 82.55
C ALA CA 115 96.58 -76.76 81.11
N SER CA 116 95.67 -76.85 80.15
CA SER CA 116 96.01 -76.65 78.75
C SER CA 116 96.09 -75.17 78.37
N LYS CA 117 95.66 -74.27 79.24
CA LYS CA 117 95.63 -72.84 78.98
C LYS CA 117 96.87 -72.13 79.50
N LYS CA 118 97.35 -72.53 80.67
CA LYS CA 118 98.56 -71.96 81.25
C LYS CA 118 99.76 -72.85 80.95
N LYS DA 1 -11.98 94.60 42.79
CA LYS DA 1 -10.55 94.35 42.86
C LYS DA 1 -10.24 93.31 43.94
N LYS DA 2 -11.30 92.72 44.50
CA LYS DA 2 -11.15 91.72 45.55
C LYS DA 2 -11.85 90.41 45.26
N LYS DA 3 -12.68 90.33 44.21
CA LYS DA 3 -13.36 89.09 43.87
C LYS DA 3 -12.44 88.24 43.02
N ILE DA 4 -11.92 87.16 43.60
CA ILE DA 4 -10.90 86.34 42.97
C ILE DA 4 -11.31 84.87 43.09
N ARG DA 5 -11.02 84.11 42.04
CA ARG DA 5 -11.24 82.67 42.04
C ARG DA 5 -9.88 82.00 42.12
N THR DA 6 -9.52 81.54 43.31
CA THR DA 6 -8.24 80.88 43.52
C THR DA 6 -8.30 79.39 43.26
N SER DA 7 -9.47 78.86 42.90
CA SER DA 7 -9.62 77.45 42.59
C SER DA 7 -10.27 77.31 41.23
N PRO DA 8 -9.83 76.35 40.41
CA PRO DA 8 -10.42 76.16 39.09
C PRO DA 8 -11.73 75.39 39.09
N THR DA 9 -12.28 75.08 40.26
CA THR DA 9 -13.53 74.35 40.38
C THR DA 9 -14.62 75.30 40.84
N PHE DA 10 -15.74 75.30 40.13
CA PHE DA 10 -16.93 76.02 40.55
C PHE DA 10 -17.76 75.11 41.42
N ARG DA 11 -17.93 75.49 42.69
CA ARG DA 11 -18.78 74.76 43.60
C ARG DA 11 -20.11 75.48 43.74
N ARG DA 12 -21.16 74.70 44.00
CA ARG DA 12 -22.48 75.29 44.18
C ARG DA 12 -22.47 76.19 45.42
N PRO DA 13 -22.87 77.45 45.30
CA PRO DA 13 -22.84 78.34 46.46
C PRO DA 13 -23.82 77.92 47.53
N LYS DA 14 -23.47 78.26 48.76
CA LYS DA 14 -24.28 77.89 49.92
C LYS DA 14 -25.44 78.87 50.08
N THR DA 15 -26.65 78.35 50.03
CA THR DA 15 -27.86 79.15 50.20
C THR DA 15 -28.56 78.69 51.47
N LEU DA 16 -29.28 79.61 52.11
CA LEU DA 16 -29.94 79.24 53.36
C LEU DA 16 -31.15 78.36 53.09
N ARG DA 17 -31.37 77.42 54.00
CA ARG DA 17 -32.50 76.51 53.95
C ARG DA 17 -33.37 76.77 55.16
N LEU DA 18 -34.56 77.30 54.94
CA LEU DA 18 -35.47 77.60 56.04
C LEU DA 18 -35.97 76.33 56.71
N ARG DA 19 -36.18 76.41 58.02
CA ARG DA 19 -36.85 75.33 58.72
C ARG DA 19 -38.35 75.38 58.43
N ARG DA 20 -38.98 74.20 58.43
CA ARG DA 20 -40.40 74.11 58.13
C ARG DA 20 -41.22 74.88 59.16
N GLN DA 21 -42.16 75.69 58.67
CA GLN DA 21 -43.11 76.41 59.51
C GLN DA 21 -44.52 76.14 58.98
N PRO DA 22 -45.02 74.93 59.18
CA PRO DA 22 -46.29 74.55 58.54
C PRO DA 22 -47.47 75.35 59.05
N LYS DA 23 -48.42 75.59 58.16
CA LYS DA 23 -49.62 76.33 58.48
C LYS DA 23 -50.69 75.47 59.13
N TYR DA 24 -50.50 74.16 59.18
CA TYR DA 24 -51.42 73.27 59.87
C TYR DA 24 -50.67 71.99 60.20
N PRO DA 25 -50.89 71.39 61.36
CA PRO DA 25 -50.28 70.08 61.63
C PRO DA 25 -50.94 69.01 60.79
N ARG DA 26 -50.11 68.14 60.23
CA ARG DA 26 -50.64 67.12 59.33
C ARG DA 26 -51.47 66.09 60.07
N LYS DA 27 -51.19 65.90 61.36
CA LYS DA 27 -52.01 65.07 62.23
C LYS DA 27 -52.53 65.94 63.36
N SER DA 28 -53.84 65.83 63.64
CA SER DA 28 -54.48 66.74 64.58
C SER DA 28 -53.92 66.60 65.98
N ALA DA 29 -53.70 65.35 66.43
CA ALA DA 29 -53.18 65.09 67.75
C ALA DA 29 -52.13 64.00 67.65
N PRO DA 30 -51.12 64.02 68.53
CA PRO DA 30 -50.14 62.93 68.54
C PRO DA 30 -50.79 61.61 68.92
N ARG DA 31 -50.32 60.55 68.29
CA ARG DA 31 -50.79 59.21 68.63
C ARG DA 31 -50.21 58.79 69.96
N ARG DA 32 -51.05 58.32 70.87
CA ARG DA 32 -50.60 58.01 72.21
C ARG DA 32 -49.67 56.80 72.20
N ASN DA 33 -48.89 56.68 73.26
CA ASN DA 33 -47.97 55.55 73.39
C ASN DA 33 -48.76 54.29 73.68
N LYS DA 34 -48.85 53.40 72.69
CA LYS DA 34 -49.53 52.13 72.91
C LYS DA 34 -48.71 51.22 73.81
N LEU DA 35 -47.40 51.38 73.81
CA LEU DA 35 -46.51 50.55 74.62
C LEU DA 35 -46.19 51.22 75.95
N ASP DA 36 -47.24 51.40 76.77
CA ASP DA 36 -47.04 51.89 78.12
C ASP DA 36 -46.60 50.73 79.00
N HIS DA 37 -46.55 50.95 80.31
CA HIS DA 37 -45.95 49.95 81.19
C HIS DA 37 -46.83 48.72 81.35
N TYR DA 38 -48.15 48.91 81.39
CA TYR DA 38 -49.06 47.78 81.46
C TYR DA 38 -48.97 46.92 80.21
N ALA DA 39 -48.83 47.56 79.04
CA ALA DA 39 -48.61 46.81 77.81
C ALA DA 39 -47.25 46.13 77.81
N ILE DA 40 -46.24 46.75 78.41
CA ILE DA 40 -44.90 46.17 78.41
C ILE DA 40 -44.87 44.90 79.23
N ILE DA 41 -45.41 44.94 80.44
CA ILE DA 41 -45.43 43.76 81.31
C ILE DA 41 -46.77 43.06 81.13
N LYS DA 42 -46.76 41.91 80.46
CA LYS DA 42 -48.01 41.19 80.20
C LYS DA 42 -48.43 40.37 81.41
N PHE DA 43 -47.64 39.38 81.78
CA PHE DA 43 -47.95 38.53 82.92
C PHE DA 43 -46.68 37.84 83.36
N PRO DA 44 -46.52 37.56 84.64
CA PRO DA 44 -45.33 36.86 85.11
C PRO DA 44 -45.38 35.38 84.78
N LEU DA 45 -44.20 34.78 84.67
CA LEU DA 45 -44.06 33.37 84.41
C LEU DA 45 -43.93 32.65 85.75
N THR DA 46 -44.71 31.58 85.94
CA THR DA 46 -44.82 30.93 87.24
C THR DA 46 -44.44 29.45 87.17
N THR DA 47 -43.62 29.07 86.22
CA THR DA 47 -43.20 27.69 86.12
C THR DA 47 -42.22 27.36 87.23
N GLU DA 48 -41.80 26.10 87.28
CA GLU DA 48 -40.87 25.66 88.31
C GLU DA 48 -39.52 26.35 88.18
N SER DA 49 -39.05 26.55 86.95
CA SER DA 49 -37.80 27.27 86.75
C SER DA 49 -37.93 28.72 87.20
N ALA DA 50 -39.07 29.35 86.94
CA ALA DA 50 -39.29 30.71 87.39
C ALA DA 50 -39.32 30.79 88.91
N MET DA 51 -39.97 29.83 89.57
CA MET DA 51 -39.98 29.81 91.02
C MET DA 51 -38.59 29.60 91.59
N LYS DA 52 -37.79 28.75 90.93
CA LYS DA 52 -36.40 28.56 91.35
C LYS DA 52 -35.60 29.84 91.20
N LYS DA 53 -35.82 30.59 90.12
CA LYS DA 53 -35.17 31.88 89.96
C LYS DA 53 -35.59 32.86 91.04
N ILE DA 54 -36.87 32.84 91.41
CA ILE DA 54 -37.35 33.74 92.45
C ILE DA 54 -36.70 33.42 93.79
N GLU DA 55 -36.69 32.14 94.17
CA GLU DA 55 -36.19 31.77 95.49
C GLU DA 55 -34.67 31.70 95.56
N ASP DA 56 -33.97 31.64 94.43
CA ASP DA 56 -32.53 31.48 94.43
C ASP DA 56 -31.77 32.71 93.98
N ASN DA 57 -32.12 33.25 92.81
CA ASN DA 57 -31.34 34.31 92.19
C ASN DA 57 -31.91 35.69 92.46
N ASN DA 58 -32.96 35.79 93.28
CA ASN DA 58 -33.64 37.06 93.54
C ASN DA 58 -34.14 37.70 92.24
N THR DA 59 -34.67 36.87 91.35
CA THR DA 59 -35.03 37.29 90.01
C THR DA 59 -36.50 36.99 89.76
N LEU DA 60 -37.22 37.97 89.23
CA LEU DA 60 -38.60 37.79 88.79
C LEU DA 60 -38.62 37.52 87.30
N VAL DA 61 -39.42 36.54 86.88
CA VAL DA 61 -39.52 36.17 85.48
C VAL DA 61 -40.85 36.70 84.96
N PHE DA 62 -40.79 37.47 83.88
CA PHE DA 62 -41.99 38.03 83.27
C PHE DA 62 -42.05 37.66 81.80
N ILE DA 63 -43.26 37.67 81.27
CA ILE DA 63 -43.49 37.61 79.84
C ILE DA 63 -43.85 39.02 79.40
N VAL DA 64 -43.03 39.59 78.52
CA VAL DA 64 -43.16 40.99 78.16
C VAL DA 64 -43.50 41.11 76.68
N ASP DA 65 -43.81 42.34 76.28
CA ASP DA 65 -44.05 42.62 74.87
C ASP DA 65 -42.76 42.44 74.09
N VAL DA 66 -42.88 41.91 72.87
CA VAL DA 66 -41.69 41.60 72.08
C VAL DA 66 -40.96 42.87 71.63
N LYS DA 67 -41.66 44.00 71.59
CA LYS DA 67 -41.06 45.25 71.14
C LYS DA 67 -40.40 46.04 72.25
N ALA DA 68 -40.50 45.57 73.50
CA ALA DA 68 -39.96 46.30 74.64
C ALA DA 68 -38.51 45.89 74.87
N ASN DA 69 -37.63 46.88 75.00
CA ASN DA 69 -36.23 46.59 75.25
C ASN DA 69 -35.95 46.58 76.74
N LYS DA 70 -34.67 46.44 77.10
CA LYS DA 70 -34.30 46.26 78.50
C LYS DA 70 -34.58 47.52 79.32
N HIS DA 71 -34.32 48.70 78.75
CA HIS DA 71 -34.61 49.94 79.47
C HIS DA 71 -36.10 50.08 79.75
N GLN DA 72 -36.93 49.80 78.75
CA GLN DA 72 -38.37 49.91 78.94
C GLN DA 72 -38.88 48.89 79.94
N ILE DA 73 -38.36 47.66 79.90
CA ILE DA 73 -38.76 46.64 80.87
C ILE DA 73 -38.39 47.08 82.27
N LYS DA 74 -37.16 47.60 82.43
CA LYS DA 74 -36.71 48.04 83.74
C LYS DA 74 -37.57 49.17 84.29
N GLN DA 75 -37.87 50.16 83.46
CA GLN DA 75 -38.70 51.27 83.93
C GLN DA 75 -40.13 50.83 84.22
N ALA DA 76 -40.67 49.91 83.41
CA ALA DA 76 -42.03 49.44 83.66
C ALA DA 76 -42.13 48.68 84.97
N VAL DA 77 -41.18 47.78 85.23
CA VAL DA 77 -41.18 47.06 86.49
C VAL DA 77 -41.00 48.02 87.66
N LYS DA 78 -40.09 48.98 87.51
CA LYS DA 78 -39.86 49.95 88.58
C LYS DA 78 -41.11 50.77 88.87
N LYS DA 79 -41.86 51.14 87.84
CA LYS DA 79 -43.03 51.98 88.09
C LYS DA 79 -44.16 51.16 88.69
N LEU DA 80 -44.57 50.09 88.03
CA LEU DA 80 -45.80 49.42 88.43
C LEU DA 80 -45.58 48.34 89.50
N TYR DA 81 -44.36 48.15 89.99
CA TYR DA 81 -44.16 47.33 91.18
C TYR DA 81 -43.41 48.04 92.29
N ASP DA 82 -42.94 49.27 92.07
CA ASP DA 82 -42.30 50.10 93.09
C ASP DA 82 -41.09 49.40 93.70
N ILE DA 83 -40.32 48.70 92.86
CA ILE DA 83 -39.12 48.00 93.28
C ILE DA 83 -37.97 48.44 92.41
N ASP DA 84 -36.77 48.42 92.97
CA ASP DA 84 -35.55 48.73 92.24
C ASP DA 84 -34.94 47.44 91.72
N VAL DA 85 -34.51 47.46 90.46
CA VAL DA 85 -34.04 46.26 89.80
C VAL DA 85 -32.56 46.41 89.47
N ALA DA 86 -31.83 45.32 89.62
CA ALA DA 86 -30.39 45.34 89.38
C ALA DA 86 -30.07 45.20 87.89
N LYS DA 87 -30.67 44.22 87.22
CA LYS DA 87 -30.41 44.06 85.80
C LYS DA 87 -31.55 43.29 85.15
N VAL DA 88 -31.57 43.30 83.83
CA VAL DA 88 -32.60 42.61 83.05
C VAL DA 88 -31.90 41.79 81.97
N ASN DA 89 -32.20 40.50 81.92
CA ASN DA 89 -31.78 39.62 80.85
C ASN DA 89 -33.00 39.26 80.02
N THR DA 90 -32.84 39.24 78.71
CA THR DA 90 -33.98 39.12 77.81
C THR DA 90 -33.73 38.03 76.79
N LEU DA 91 -34.69 37.13 76.64
CA LEU DA 91 -34.66 36.19 75.54
C LEU DA 91 -36.02 36.21 74.84
N ILE DA 92 -36.06 35.64 73.66
CA ILE DA 92 -37.32 35.45 72.94
C ILE DA 92 -37.59 33.96 72.85
N ARG DA 93 -38.73 33.54 73.34
CA ARG DA 93 -39.06 32.13 73.47
C ARG DA 93 -39.28 31.51 72.09
N PRO DA 94 -39.16 30.19 71.97
CA PRO DA 94 -39.45 29.55 70.69
C PRO DA 94 -40.87 29.75 70.21
N ASP DA 95 -41.81 30.02 71.11
CA ASP DA 95 -43.19 30.30 70.72
C ASP DA 95 -43.40 31.76 70.32
N GLY DA 96 -42.37 32.59 70.38
CA GLY DA 96 -42.45 33.96 69.94
C GLY DA 96 -42.58 34.98 71.06
N GLU DA 97 -42.94 34.55 72.26
CA GLU DA 97 -43.01 35.47 73.38
C GLU DA 97 -41.62 35.90 73.81
N LYS DA 98 -41.55 37.08 74.42
CA LYS DA 98 -40.30 37.56 75.00
C LYS DA 98 -40.35 37.36 76.50
N LYS DA 99 -39.28 36.81 77.06
CA LYS DA 99 -39.18 36.50 78.47
C LYS DA 99 -38.06 37.31 79.08
N ALA DA 100 -38.34 37.95 80.21
CA ALA DA 100 -37.41 38.83 80.88
C ALA DA 100 -37.13 38.31 82.28
N TYR DA 101 -35.87 38.03 82.56
CA TYR DA 101 -35.39 37.74 83.91
C TYR DA 101 -34.90 39.04 84.52
N VAL DA 102 -35.66 39.56 85.48
CA VAL DA 102 -35.37 40.85 86.10
C VAL DA 102 -34.79 40.57 87.48
N ARG DA 103 -33.51 40.84 87.66
CA ARG DA 103 -32.86 40.67 88.95
C ARG DA 103 -32.98 41.96 89.73
N LEU DA 104 -33.58 41.88 90.91
CA LEU DA 104 -33.89 43.00 91.76
C LEU DA 104 -32.65 43.47 92.52
N ALA DA 105 -32.76 44.65 93.11
CA ALA DA 105 -31.70 45.19 93.94
C ALA DA 105 -31.56 44.34 95.21
N PRO DA 106 -30.37 44.33 95.81
CA PRO DA 106 -30.17 43.47 97.00
C PRO DA 106 -31.09 43.79 98.17
N ASP DA 107 -31.53 45.03 98.30
CA ASP DA 107 -32.40 45.39 99.42
C ASP DA 107 -33.86 45.05 99.16
N TYR DA 108 -34.20 44.58 97.97
CA TYR DA 108 -35.55 44.13 97.65
C TYR DA 108 -35.55 42.61 97.56
N ASP DA 109 -36.56 41.99 98.18
CA ASP DA 109 -36.63 40.54 98.22
C ASP DA 109 -37.62 40.03 97.18
N ALA DA 110 -37.13 39.21 96.27
CA ALA DA 110 -37.98 38.68 95.21
C ALA DA 110 -39.11 37.84 95.76
N LEU DA 111 -38.89 37.14 96.88
CA LEU DA 111 -39.92 36.25 97.40
C LEU DA 111 -41.16 37.02 97.83
N ASP DA 112 -41.00 38.03 98.69
CA ASP DA 112 -42.19 38.75 99.11
C ASP DA 112 -42.67 39.75 98.07
N VAL DA 113 -41.81 40.19 97.14
CA VAL DA 113 -42.32 40.94 96.00
C VAL DA 113 -43.25 40.06 95.17
N ALA DA 114 -42.87 38.80 94.94
CA ALA DA 114 -43.75 37.86 94.27
C ALA DA 114 -45.00 37.58 95.07
N ASN DA 115 -44.90 37.57 96.40
CA ASN DA 115 -46.09 37.44 97.24
C ASN DA 115 -47.07 38.58 96.99
N LYS DA 116 -46.59 39.82 97.04
CA LYS DA 116 -47.51 40.94 96.85
C LYS DA 116 -47.96 41.10 95.41
N ILE DA 117 -47.22 40.53 94.45
CA ILE DA 117 -47.76 40.43 93.09
C ILE DA 117 -48.89 39.41 93.06
N GLY DA 118 -48.69 38.25 93.69
CA GLY DA 118 -49.72 37.22 93.73
C GLY DA 118 -49.37 35.98 92.94
N ILE DA 119 -48.08 35.66 92.88
CA ILE DA 119 -47.62 34.53 92.07
C ILE DA 119 -46.81 33.56 92.90
N ILE DA 120 -47.05 33.53 94.19
CA ILE DA 120 -46.33 32.61 95.06
C ILE DA 120 -46.77 31.18 94.77
N MET EA 1 -100.80 35.12 43.82
CA MET EA 1 -99.48 34.68 44.21
C MET EA 1 -98.51 35.84 44.33
N LYS EA 2 -97.21 35.52 44.40
CA LYS EA 2 -96.20 36.55 44.62
C LYS EA 2 -95.96 37.34 43.35
N PHE EA 3 -96.04 38.67 43.46
CA PHE EA 3 -95.82 39.55 42.32
C PHE EA 3 -94.64 40.49 42.46
N ASN EA 4 -94.12 40.67 43.67
CA ASN EA 4 -92.98 41.56 43.89
C ASN EA 4 -91.74 40.97 43.23
N PRO EA 5 -91.11 41.66 42.28
CA PRO EA 5 -89.92 41.11 41.63
C PRO EA 5 -88.66 41.16 42.47
N PHE EA 6 -88.73 41.56 43.73
CA PHE EA 6 -87.54 41.67 44.57
C PHE EA 6 -87.56 40.70 45.74
N VAL EA 7 -88.61 39.90 45.89
CA VAL EA 7 -88.62 38.78 46.81
C VAL EA 7 -88.56 37.51 45.98
N THR EA 8 -87.72 36.57 46.39
CA THR EA 8 -87.49 35.37 45.61
C THR EA 8 -88.42 34.25 46.07
N SER EA 9 -88.81 33.42 45.11
CA SER EA 9 -89.48 32.17 45.41
C SER EA 9 -88.56 30.98 45.22
N ASP EA 10 -87.26 31.22 45.06
CA ASP EA 10 -86.31 30.14 44.90
C ASP EA 10 -86.19 29.34 46.19
N ARG EA 11 -86.31 28.02 46.06
CA ARG EA 11 -86.31 27.15 47.23
C ARG EA 11 -84.97 27.18 47.95
N SER EA 12 -83.87 27.09 47.21
CA SER EA 12 -82.55 27.13 47.84
C SER EA 12 -82.28 28.47 48.48
N LYS EA 13 -82.69 29.56 47.85
CA LYS EA 13 -82.49 30.87 48.45
C LYS EA 13 -83.29 31.01 49.74
N ASN EA 14 -84.54 30.56 49.74
CA ASN EA 14 -85.35 30.64 50.95
C ASN EA 14 -84.78 29.78 52.07
N ARG EA 15 -84.33 28.58 51.74
CA ARG EA 15 -83.74 27.71 52.76
C ARG EA 15 -82.44 28.29 53.30
N LYS EA 16 -81.61 28.87 52.43
CA LYS EA 16 -80.38 29.51 52.88
C LYS EA 16 -80.68 30.66 53.82
N ARG EA 17 -81.66 31.51 53.47
CA ARG EA 17 -82.04 32.60 54.35
C ARG EA 17 -82.52 32.08 55.69
N HIS EA 18 -83.36 31.06 55.69
CA HIS EA 18 -83.93 30.54 56.93
C HIS EA 18 -82.85 29.95 57.83
N PHE EA 19 -81.93 29.17 57.25
CA PHE EA 19 -80.95 28.49 58.08
C PHE EA 19 -79.75 29.35 58.42
N ASN EA 20 -79.57 30.49 57.77
CA ASN EA 20 -78.49 31.41 58.12
C ASN EA 20 -79.02 32.73 58.63
N ALA EA 21 -80.29 32.78 59.02
CA ALA EA 21 -80.85 33.98 59.60
C ALA EA 21 -80.14 34.34 60.90
N PRO EA 22 -79.83 35.61 61.13
CA PRO EA 22 -79.33 36.03 62.44
C PRO EA 22 -80.40 35.91 63.51
N SER EA 23 -79.98 36.06 64.76
CA SER EA 23 -80.87 35.75 65.87
C SER EA 23 -82.04 36.73 65.96
N HIS EA 24 -81.85 37.98 65.57
CA HIS EA 24 -82.92 38.96 65.74
C HIS EA 24 -84.07 38.74 64.76
N ILE EA 25 -83.87 37.95 63.71
CA ILE EA 25 -84.97 37.53 62.86
C ILE EA 25 -85.30 36.06 63.02
N ARG EA 26 -84.38 35.26 63.59
CA ARG EA 26 -84.78 33.96 64.11
C ARG EA 26 -85.83 34.11 65.19
N ARG EA 27 -85.79 35.23 65.92
CA ARG EA 27 -86.85 35.53 66.88
C ARG EA 27 -88.21 35.64 66.20
N LYS EA 28 -88.25 36.34 65.06
CA LYS EA 28 -89.52 36.46 64.33
C LYS EA 28 -89.94 35.12 63.74
N ILE EA 29 -88.97 34.34 63.25
CA ILE EA 29 -89.28 33.02 62.71
C ILE EA 29 -89.88 32.13 63.78
N MET EA 30 -89.34 32.17 64.99
CA MET EA 30 -89.78 31.34 66.09
C MET EA 30 -90.95 31.99 66.82
N SER EA 31 -92.06 32.11 66.10
CA SER EA 31 -93.29 32.65 66.64
C SER EA 31 -94.27 31.52 66.90
N SER EA 32 -95.21 31.76 67.81
CA SER EA 32 -96.20 30.76 68.15
C SER EA 32 -97.58 31.39 68.12
N PRO EA 33 -98.62 30.60 67.85
CA PRO EA 33 -99.98 31.13 67.94
C PRO EA 33 -100.36 31.39 69.38
N LEU EA 34 -101.21 32.39 69.57
CA LEU EA 34 -101.81 32.61 70.87
C LEU EA 34 -103.02 31.70 71.03
N SER EA 35 -103.41 31.45 72.27
CA SER EA 35 -104.61 30.68 72.52
C SER EA 35 -105.83 31.43 72.02
N LYS EA 36 -106.98 30.75 72.01
CA LYS EA 36 -108.19 31.42 71.56
C LYS EA 36 -108.56 32.56 72.51
N GLU EA 37 -108.39 32.36 73.80
CA GLU EA 37 -108.70 33.40 74.77
C GLU EA 37 -107.78 34.61 74.60
N LEU EA 38 -106.48 34.37 74.38
CA LEU EA 38 -105.57 35.49 74.19
C LEU EA 38 -105.80 36.17 72.85
N ARG EA 39 -106.15 35.40 71.82
CA ARG EA 39 -106.50 35.99 70.53
C ARG EA 39 -107.74 36.86 70.63
N GLN EA 40 -108.69 36.48 71.49
CA GLN EA 40 -109.84 37.32 71.75
C GLN EA 40 -109.43 38.58 72.52
N LYS EA 41 -108.66 38.40 73.59
CA LYS EA 41 -108.34 39.51 74.49
C LYS EA 41 -107.48 40.56 73.80
N TYR EA 42 -106.36 40.14 73.23
CA TYR EA 42 -105.50 41.00 72.43
C TYR EA 42 -105.84 40.70 70.97
N ASN EA 43 -106.14 41.74 70.19
CA ASN EA 43 -106.60 41.45 68.84
C ASN EA 43 -105.44 41.06 67.94
N VAL EA 44 -104.67 40.04 68.34
CA VAL EA 44 -103.53 39.55 67.59
C VAL EA 44 -103.64 38.03 67.49
N ARG EA 45 -102.95 37.48 66.51
CA ARG EA 45 -102.97 36.05 66.26
C ARG EA 45 -101.70 35.35 66.73
N SER EA 46 -100.54 35.84 66.33
CA SER EA 46 -99.27 35.21 66.64
C SER EA 46 -98.38 36.15 67.42
N MET EA 47 -97.25 35.61 67.89
CA MET EA 47 -96.35 36.31 68.80
C MET EA 47 -95.03 35.56 68.81
N PRO EA 48 -93.89 36.24 68.72
CA PRO EA 48 -92.61 35.55 68.90
C PRO EA 48 -92.51 34.97 70.30
N ILE EA 49 -91.92 33.77 70.38
CA ILE EA 49 -91.85 33.07 71.66
C ILE EA 49 -90.81 33.73 72.55
N ARG EA 50 -91.01 33.57 73.86
CA ARG EA 50 -90.32 34.38 74.85
C ARG EA 50 -89.93 33.47 76.02
N LYS EA 51 -88.99 33.96 76.83
CA LYS EA 51 -88.38 33.13 77.87
C LYS EA 51 -89.39 32.58 78.86
N ASP EA 52 -90.23 33.45 79.42
CA ASP EA 52 -91.00 33.07 80.60
C ASP EA 52 -92.50 33.13 80.37
N ASP EA 53 -92.97 32.60 79.26
CA ASP EA 53 -94.41 32.48 79.05
C ASP EA 53 -94.81 31.01 79.12
N GLU EA 54 -96.08 30.77 79.40
CA GLU EA 54 -96.60 29.43 79.54
C GLU EA 54 -97.26 28.99 78.24
N VAL EA 55 -96.90 27.80 77.77
CA VAL EA 55 -97.39 27.26 76.52
C VAL EA 55 -97.91 25.85 76.77
N GLN EA 56 -98.65 25.34 75.79
CA GLN EA 56 -99.00 23.94 75.78
C GLN EA 56 -98.71 23.38 74.39
N VAL EA 57 -98.33 22.11 74.36
CA VAL EA 57 -97.91 21.45 73.14
C VAL EA 57 -99.14 20.87 72.45
N VAL EA 58 -99.23 21.07 71.14
CA VAL EA 58 -100.38 20.61 70.37
C VAL EA 58 -100.02 19.56 69.33
N ARG EA 59 -98.74 19.26 69.13
CA ARG EA 59 -98.34 18.25 68.16
C ARG EA 59 -97.19 17.44 68.73
N GLY EA 60 -97.07 16.21 68.27
CA GLY EA 60 -95.95 15.37 68.66
C GLY EA 60 -96.29 14.42 69.80
N HIS EA 61 -95.23 13.88 70.40
CA HIS EA 61 -95.39 12.93 71.49
C HIS EA 61 -95.94 13.58 72.74
N TYR EA 62 -95.63 14.86 72.97
CA TYR EA 62 -96.01 15.55 74.19
C TYR EA 62 -97.27 16.37 74.02
N LYS EA 63 -98.19 15.91 73.17
CA LYS EA 63 -99.50 16.55 73.07
C LYS EA 63 -100.22 16.48 74.42
N GLY EA 64 -100.96 17.54 74.71
CA GLY EA 64 -101.78 17.54 75.91
C GLY EA 64 -102.22 18.94 76.25
N GLN EA 65 -103.12 19.01 77.22
CA GLN EA 65 -103.61 20.28 77.74
C GLN EA 65 -102.82 20.76 78.94
N GLN EA 66 -101.83 20.00 79.39
CA GLN EA 66 -100.98 20.46 80.49
C GLN EA 66 -100.18 21.68 80.06
N ILE EA 67 -100.10 22.66 80.94
CA ILE EA 67 -99.46 23.94 80.66
C ILE EA 67 -98.07 23.92 81.28
N GLY EA 68 -97.08 24.34 80.51
CA GLY EA 68 -95.71 24.38 81.00
C GLY EA 68 -95.04 25.69 80.65
N LYS EA 69 -94.21 26.16 81.57
CA LYS EA 69 -93.44 27.37 81.36
C LYS EA 69 -92.27 27.11 80.44
N VAL EA 70 -92.06 28.01 79.47
CA VAL EA 70 -90.84 27.95 78.68
C VAL EA 70 -89.66 28.23 79.59
N VAL EA 71 -88.59 27.47 79.41
CA VAL EA 71 -87.40 27.62 80.23
C VAL EA 71 -86.17 27.96 79.42
N GLN EA 72 -86.23 27.88 78.09
CA GLN EA 72 -85.11 28.21 77.23
C GLN EA 72 -85.58 28.35 75.79
N VAL EA 73 -85.07 29.34 75.07
CA VAL EA 73 -85.39 29.52 73.66
C VAL EA 73 -84.08 29.34 72.91
N TYR EA 74 -83.82 28.12 72.45
CA TYR EA 74 -82.56 27.79 71.80
C TYR EA 74 -82.72 28.16 70.32
N ARG EA 75 -82.34 29.40 70.01
CA ARG EA 75 -82.55 29.89 68.66
C ARG EA 75 -81.59 29.29 67.65
N LYS EA 76 -80.41 28.85 68.10
CA LYS EA 76 -79.49 28.20 67.18
C LYS EA 76 -80.04 26.89 66.66
N LYS EA 77 -80.78 26.16 67.48
CA LYS EA 77 -81.40 24.92 67.07
C LYS EA 77 -82.88 25.08 66.75
N TYR EA 78 -83.38 26.31 66.74
CA TYR EA 78 -84.77 26.61 66.37
C TYR EA 78 -85.76 25.85 67.24
N VAL EA 79 -85.47 25.75 68.54
CA VAL EA 79 -86.32 24.98 69.44
C VAL EA 79 -86.54 25.76 70.72
N ILE EA 80 -87.50 25.29 71.51
CA ILE EA 80 -87.74 25.82 72.85
C ILE EA 80 -87.82 24.64 73.80
N TYR EA 81 -87.53 24.92 75.07
CA TYR EA 81 -87.64 23.94 76.13
C TYR EA 81 -88.77 24.33 77.07
N ILE EA 82 -89.51 23.34 77.52
CA ILE EA 82 -90.66 23.54 78.40
C ILE EA 82 -90.44 22.69 79.65
N GLU EA 83 -91.16 23.05 80.71
CA GLU EA 83 -90.92 22.54 82.06
C GLU EA 83 -90.94 21.01 82.15
N ARG EA 84 -92.09 20.39 81.91
CA ARG EA 84 -92.20 18.95 82.04
C ARG EA 84 -92.02 18.22 80.72
N VAL EA 85 -91.70 18.93 79.64
CA VAL EA 85 -91.41 18.28 78.37
C VAL EA 85 -89.96 17.84 78.39
N GLN EA 86 -89.72 16.63 78.89
CA GLN EA 86 -88.36 16.13 79.05
C GLN EA 86 -88.41 14.61 79.02
N ARG EA 87 -87.24 14.02 78.85
CA ARG EA 87 -87.11 12.57 78.83
C ARG EA 87 -85.90 12.16 79.65
N GLU EA 88 -85.95 10.93 80.16
CA GLU EA 88 -84.82 10.37 80.86
C GLU EA 88 -83.84 9.78 79.86
N LYS EA 89 -82.55 10.02 80.09
CA LYS EA 89 -81.53 9.42 79.26
C LYS EA 89 -80.99 8.17 79.97
N ALA EA 90 -79.92 7.59 79.42
CA ALA EA 90 -79.48 6.28 79.86
C ALA EA 90 -79.07 6.29 81.34
N ASN EA 91 -78.29 7.28 81.74
CA ASN EA 91 -77.76 7.34 83.09
C ASN EA 91 -78.73 7.94 84.10
N GLY EA 92 -80.01 8.04 83.76
CA GLY EA 92 -81.02 8.46 84.70
C GLY EA 92 -81.24 9.95 84.83
N THR EA 93 -80.43 10.77 84.18
CA THR EA 93 -80.66 12.20 84.22
C THR EA 93 -81.68 12.61 83.17
N THR EA 94 -82.41 13.68 83.47
CA THR EA 94 -83.43 14.20 82.57
C THR EA 94 -82.83 15.22 81.63
N VAL EA 95 -83.29 15.21 80.39
CA VAL EA 95 -82.90 16.19 79.39
C VAL EA 95 -84.17 16.77 78.78
N HIS EA 96 -84.18 18.08 78.58
CA HIS EA 96 -85.28 18.73 77.90
C HIS EA 96 -85.32 18.30 76.44
N VAL EA 97 -86.53 18.11 75.92
CA VAL EA 97 -86.74 17.79 74.52
C VAL EA 97 -87.14 19.06 73.81
N GLY EA 98 -86.36 19.46 72.82
CA GLY EA 98 -86.65 20.68 72.09
C GLY EA 98 -87.74 20.45 71.08
N ILE EA 99 -88.73 21.34 71.07
CA ILE EA 99 -89.81 21.27 70.10
C ILE EA 99 -89.98 22.63 69.44
N HIS EA 100 -90.49 22.61 68.21
CA HIS EA 100 -90.58 23.83 67.43
C HIS EA 100 -91.68 24.72 67.99
N PRO EA 101 -91.44 26.03 68.09
CA PRO EA 101 -92.45 26.94 68.64
C PRO EA 101 -93.73 27.01 67.83
N SER EA 102 -93.70 26.66 66.54
CA SER EA 102 -94.94 26.64 65.77
C SER EA 102 -95.86 25.51 66.19
N LYS EA 103 -95.37 24.54 66.94
CA LYS EA 103 -96.15 23.40 67.39
C LYS EA 103 -96.63 23.57 68.84
N VAL EA 104 -96.52 24.76 69.40
CA VAL EA 104 -97.10 25.03 70.72
C VAL EA 104 -98.14 26.12 70.55
N VAL EA 105 -98.83 26.46 71.63
CA VAL EA 105 -99.73 27.59 71.65
C VAL EA 105 -99.54 28.32 72.98
N ILE EA 106 -99.46 29.64 72.93
CA ILE EA 106 -99.18 30.43 74.12
C ILE EA 106 -100.48 30.67 74.86
N THR EA 107 -100.49 30.34 76.15
CA THR EA 107 -101.68 30.52 76.98
C THR EA 107 -101.55 31.66 77.97
N ARG EA 108 -100.35 32.14 78.23
CA ARG EA 108 -100.15 33.32 79.08
C ARG EA 108 -98.85 33.98 78.66
N LEU EA 109 -98.93 35.27 78.35
CA LEU EA 109 -97.77 36.01 77.85
C LEU EA 109 -96.97 36.62 79.00
N LYS EA 110 -95.65 36.50 78.90
CA LYS EA 110 -94.74 37.20 79.80
C LYS EA 110 -94.77 38.67 79.44
N LEU EA 111 -95.44 39.48 80.25
CA LEU EA 111 -95.78 40.84 79.88
C LEU EA 111 -94.84 41.85 80.52
N ASP EA 112 -94.23 42.68 79.67
CA ASP EA 112 -93.54 43.89 80.09
C ASP EA 112 -93.89 44.97 79.09
N LYS EA 113 -93.24 46.13 79.19
CA LYS EA 113 -93.62 47.25 78.34
C LYS EA 113 -93.38 46.94 76.86
N ASP EA 114 -92.31 46.20 76.56
CA ASP EA 114 -92.00 45.89 75.16
C ASP EA 114 -93.01 44.90 74.57
N ARG EA 115 -93.33 43.83 75.29
CA ARG EA 115 -94.33 42.90 74.79
C ARG EA 115 -95.68 43.58 74.64
N LYS EA 116 -96.05 44.41 75.62
CA LYS EA 116 -97.31 45.16 75.51
C LYS EA 116 -97.31 46.04 74.27
N LYS EA 117 -96.22 46.77 74.05
CA LYS EA 117 -96.11 47.68 72.91
C LYS EA 117 -96.24 46.95 71.59
N ILE EA 118 -95.55 45.81 71.45
CA ILE EA 118 -95.68 45.02 70.23
C ILE EA 118 -97.11 44.52 70.07
N LEU EA 119 -97.77 44.18 71.19
CA LEU EA 119 -99.15 43.75 71.12
C LEU EA 119 -100.06 44.84 70.58
N GLU EA 120 -99.95 46.08 71.10
CA GLU EA 120 -100.82 47.12 70.55
C GLU EA 120 -100.47 47.43 69.11
N ARG EA 121 -99.19 47.34 68.74
CA ARG EA 121 -98.84 47.63 67.35
C ARG EA 121 -99.47 46.63 66.40
N LYS EA 122 -99.38 45.33 66.73
CA LYS EA 122 -100.02 44.31 65.90
C LYS EA 122 -101.53 44.49 65.87
N ALA EA 123 -102.14 44.81 67.01
CA ALA EA 123 -103.58 45.01 67.05
C ALA EA 123 -104.00 46.20 66.20
N LYS EA 124 -103.26 47.31 66.27
CA LYS EA 124 -103.60 48.47 65.47
C LYS EA 124 -103.46 48.20 63.99
N SER EA 125 -102.41 47.46 63.60
CA SER EA 125 -102.26 47.12 62.19
C SER EA 125 -103.41 46.24 61.71
N ARG EA 126 -103.80 45.26 62.51
CA ARG EA 126 -104.92 44.40 62.14
C ARG EA 126 -106.21 45.19 62.03
N GLN EA 127 -106.43 46.14 62.95
CA GLN EA 127 -107.64 46.95 62.90
C GLN EA 127 -107.65 47.85 61.68
N VAL EA 128 -106.50 48.45 61.34
CA VAL EA 128 -106.42 49.27 60.14
C VAL EA 128 -106.72 48.44 58.90
N GLY EA 129 -106.19 47.22 58.85
CA GLY EA 129 -106.50 46.34 57.74
C GLY EA 129 -107.97 45.99 57.65
N LYS EA 130 -108.60 45.69 58.79
CA LYS EA 130 -110.03 45.39 58.80
C LYS EA 130 -110.85 46.58 58.32
N GLU EA 131 -110.48 47.79 58.75
CA GLU EA 131 -111.23 48.97 58.34
C GLU EA 131 -111.03 49.28 56.87
N LYS EA 132 -109.83 49.04 56.34
CA LYS EA 132 -109.60 49.22 54.92
C LYS EA 132 -110.39 48.21 54.10
N GLY EA 133 -110.43 46.95 54.56
CA GLY EA 133 -111.11 45.92 53.83
C GLY EA 133 -112.60 45.80 54.06
N LYS EA 134 -113.16 46.57 54.98
CA LYS EA 134 -114.60 46.52 55.23
C LYS EA 134 -115.38 47.07 54.05
N GLY FA 1 44.60 71.27 60.14
CA GLY FA 1 44.83 70.70 61.45
C GLY FA 1 43.54 70.43 62.20
N LYS FA 2 43.62 70.37 63.52
CA LYS FA 2 42.44 70.16 64.34
C LYS FA 2 41.50 71.36 64.21
N PHE FA 3 40.21 71.08 64.09
CA PHE FA 3 39.22 72.13 63.94
C PHE FA 3 38.16 72.15 65.03
N MET FA 4 37.99 71.07 65.77
CA MET FA 4 37.03 71.07 66.87
C MET FA 4 37.59 71.90 68.02
N LYS FA 5 37.23 73.17 68.06
CA LYS FA 5 37.73 74.13 69.03
C LYS FA 5 36.56 74.82 69.71
N PRO FA 6 36.77 75.39 70.90
CA PRO FA 6 35.69 76.15 71.54
C PRO FA 6 35.22 77.30 70.66
N GLY FA 7 33.91 77.52 70.68
CA GLY FA 7 33.28 78.52 69.84
C GLY FA 7 32.78 78.01 68.51
N LYS FA 8 33.15 76.79 68.12
CA LYS FA 8 32.74 76.25 66.82
C LYS FA 8 31.32 75.72 66.91
N VAL FA 9 30.52 76.02 65.89
CA VAL FA 9 29.15 75.55 65.83
C VAL FA 9 29.12 74.15 65.26
N VAL FA 10 28.47 73.24 65.96
CA VAL FA 10 28.30 71.86 65.52
C VAL FA 10 26.82 71.54 65.47
N LEU FA 11 26.51 70.44 64.79
CA LEU FA 11 25.15 69.92 64.72
C LEU FA 11 25.11 68.59 65.43
N VAL FA 12 24.09 68.39 66.26
CA VAL FA 12 23.99 67.15 67.02
C VAL FA 12 23.33 66.09 66.16
N LEU FA 13 23.98 64.93 66.04
CA LEU FA 13 23.50 63.88 65.16
C LEU FA 13 22.69 62.81 65.86
N ALA FA 14 22.91 62.59 67.15
CA ALA FA 14 22.24 61.51 67.86
C ALA FA 14 21.72 62.02 69.19
N GLY FA 15 20.81 61.24 69.78
CA GLY FA 15 20.30 61.53 71.10
C GLY FA 15 18.97 62.26 71.05
N ARG FA 16 18.59 62.78 72.21
CA ARG FA 16 17.34 63.53 72.32
C ARG FA 16 17.39 64.81 71.50
N TYR FA 17 18.56 65.41 71.38
CA TYR FA 17 18.73 66.71 70.71
C TYR FA 17 19.23 66.55 69.29
N SER FA 18 18.78 65.51 68.58
CA SER FA 18 19.21 65.31 67.21
C SER FA 18 18.75 66.46 66.33
N GLY FA 19 19.66 66.93 65.49
CA GLY FA 19 19.34 68.02 64.59
C GLY FA 19 19.46 69.40 65.18
N ARG FA 20 19.84 69.52 66.46
CA ARG FA 20 19.98 70.81 67.09
C ARG FA 20 21.34 71.42 66.77
N LYS FA 21 21.37 72.73 66.60
CA LYS FA 21 22.62 73.46 66.51
C LYS FA 21 23.17 73.69 67.90
N ALA FA 22 24.49 73.79 68.00
CA ALA FA 22 25.12 73.93 69.31
C ALA FA 22 26.51 74.49 69.12
N VAL FA 23 27.12 74.91 70.23
CA VAL FA 23 28.46 75.49 70.21
C VAL FA 23 29.35 74.71 71.16
N ILE FA 24 30.57 74.40 70.70
CA ILE FA 24 31.51 73.68 71.53
C ILE FA 24 32.04 74.60 72.62
N VAL FA 25 31.87 74.19 73.87
CA VAL FA 25 32.39 74.93 75.01
C VAL FA 25 33.79 74.44 75.37
N LYS FA 26 34.03 73.13 75.35
CA LYS FA 26 35.36 72.61 75.65
C LYS FA 26 35.58 71.28 74.96
N ASN FA 27 36.51 71.24 74.03
CA ASN FA 27 36.89 70.00 73.37
C ASN FA 27 37.92 69.26 74.21
N ILE FA 28 37.86 67.93 74.19
CA ILE FA 28 38.80 67.10 74.92
C ILE FA 28 39.69 66.30 73.98
N ASP FA 29 39.08 65.64 72.99
CA ASP FA 29 39.71 64.97 71.84
C ASP FA 29 40.86 64.03 72.23
N ASP FA 30 40.92 63.62 73.48
CA ASP FA 30 41.88 62.62 73.91
C ASP FA 30 41.31 61.60 74.88
N GLY FA 31 40.13 61.84 75.46
CA GLY FA 31 39.59 60.94 76.46
C GLY FA 31 40.12 61.25 77.83
N THR FA 32 39.35 60.90 78.87
CA THR FA 32 39.78 61.12 80.25
C THR FA 32 39.69 59.83 81.07
N SER FA 33 39.74 58.67 80.41
CA SER FA 33 39.70 57.34 81.02
C SER FA 33 38.35 57.04 81.66
N ASP FA 34 37.47 58.04 81.68
CA ASP FA 34 36.06 57.85 81.99
C ASP FA 34 35.18 57.95 80.75
N ARG FA 35 35.63 58.73 79.77
CA ARG FA 35 35.10 58.71 78.42
C ARG FA 35 36.30 58.52 77.51
N PRO FA 36 36.75 57.28 77.33
CA PRO FA 36 37.99 57.06 76.56
C PRO FA 36 37.92 57.53 75.11
N TYR FA 37 36.72 57.74 74.57
CA TYR FA 37 36.59 58.32 73.24
C TYR FA 37 36.87 59.82 73.28
N SER FA 38 36.92 60.43 72.10
CA SER FA 38 37.07 61.87 71.99
C SER FA 38 35.71 62.52 72.18
N HIS FA 39 35.63 63.52 73.07
CA HIS FA 39 34.36 64.13 73.38
C HIS FA 39 34.53 65.63 73.54
N ALA FA 40 33.41 66.31 73.79
CA ALA FA 40 33.41 67.76 73.93
C ALA FA 40 32.19 68.19 74.72
N LEU FA 41 32.44 69.00 75.75
CA LEU FA 41 31.35 69.73 76.39
C LEU FA 41 30.80 70.76 75.42
N VAL FA 42 29.47 70.81 75.33
CA VAL FA 42 28.76 71.51 74.27
C VAL FA 42 27.53 72.18 74.87
N ALA FA 43 27.25 73.42 74.47
CA ALA FA 43 26.04 74.12 74.87
C ALA FA 43 25.19 74.37 73.65
N GLY FA 44 23.95 73.89 73.67
CA GLY FA 44 23.08 74.04 72.53
C GLY FA 44 21.75 74.65 72.90
N ILE FA 45 20.83 74.73 71.93
CA ILE FA 45 19.52 75.29 72.15
C ILE FA 45 18.47 74.22 71.86
N ASP FA 46 17.62 73.95 72.84
CA ASP FA 46 16.56 72.97 72.67
C ASP FA 46 15.40 73.55 71.87
N ARG FA 47 14.86 74.67 72.32
CA ARG FA 47 13.76 75.34 71.65
C ARG FA 47 14.30 76.57 70.94
N TYR FA 48 14.15 76.62 69.63
CA TYR FA 48 14.60 77.77 68.88
C TYR FA 48 13.65 78.93 69.09
N PRO FA 49 14.15 80.17 69.04
CA PRO FA 49 13.25 81.32 69.10
C PRO FA 49 12.31 81.34 67.91
N ARG FA 50 11.08 81.76 68.16
CA ARG FA 50 10.09 81.78 67.10
C ARG FA 50 10.32 82.95 66.17
N LYS FA 51 9.82 82.82 64.94
CA LYS FA 51 9.96 83.88 63.96
C LYS FA 51 9.12 85.07 64.36
N VAL FA 52 9.71 86.27 64.34
CA VAL FA 52 9.03 87.50 64.69
C VAL FA 52 8.94 88.39 63.46
N THR FA 53 7.79 89.01 63.28
CA THR FA 53 7.54 89.90 62.15
C THR FA 53 7.27 91.30 62.67
N ALA FA 54 7.23 92.25 61.73
CA ALA FA 54 7.10 93.66 62.11
C ALA FA 54 5.74 93.96 62.73
N ALA FA 55 4.70 93.26 62.31
CA ALA FA 55 3.35 93.51 62.82
C ALA FA 55 3.01 92.53 63.94
N MET FA 56 3.80 92.55 65.01
CA MET FA 56 3.56 91.64 66.12
C MET FA 56 3.37 92.33 67.46
N GLY FA 57 4.16 93.34 67.77
CA GLY FA 57 4.03 93.98 69.06
C GLY FA 57 5.13 93.55 70.01
N LYS FA 58 5.47 94.46 70.93
CA LYS FA 58 6.65 94.27 71.77
C LYS FA 58 6.50 93.09 72.72
N LYS FA 59 5.33 92.94 73.33
CA LYS FA 59 5.13 91.87 74.31
C LYS FA 59 5.15 90.51 73.63
N LYS FA 60 4.48 90.39 72.49
CA LYS FA 60 4.51 89.13 71.74
C LYS FA 60 5.91 88.82 71.24
N ILE FA 61 6.65 89.83 70.80
CA ILE FA 61 8.01 89.61 70.34
C ILE FA 61 8.90 89.15 71.48
N ALA FA 62 8.76 89.75 72.66
CA ALA FA 62 9.54 89.33 73.82
C ALA FA 62 9.18 87.91 74.23
N LYS FA 63 7.89 87.55 74.13
CA LYS FA 63 7.48 86.19 74.42
C LYS FA 63 8.12 85.20 73.44
N ARG FA 64 8.15 85.56 72.16
CA ARG FA 64 8.62 84.65 71.13
C ARG FA 64 10.14 84.59 71.03
N SER FA 65 10.85 85.55 71.61
CA SER FA 65 12.30 85.55 71.57
C SER FA 65 12.93 84.69 72.67
N LYS FA 66 12.13 83.93 73.40
CA LYS FA 66 12.65 83.09 74.47
C LYS FA 66 13.34 81.85 73.90
N ILE FA 67 14.43 81.45 74.52
CA ILE FA 67 15.27 80.36 74.05
C ILE FA 67 15.46 79.35 75.17
N LYS FA 68 15.20 78.08 74.87
CA LYS FA 68 15.49 76.98 75.79
C LYS FA 68 16.79 76.31 75.37
N SER FA 69 17.71 76.17 76.30
CA SER FA 69 19.05 75.65 76.01
C SER FA 69 19.26 74.29 76.64
N PHE FA 70 20.42 73.72 76.36
CA PHE FA 70 20.86 72.49 77.00
C PHE FA 70 22.38 72.49 77.05
N VAL FA 71 22.92 71.66 77.93
CA VAL FA 71 24.36 71.42 78.00
C VAL FA 71 24.59 69.92 78.02
N LYS FA 72 25.52 69.45 77.20
CA LYS FA 72 25.76 68.02 77.06
C LYS FA 72 27.22 67.77 76.75
N VAL FA 73 27.73 66.64 77.20
CA VAL FA 73 29.02 66.13 76.75
C VAL FA 73 28.74 65.11 75.68
N TYR FA 74 29.31 65.33 74.49
CA TYR FA 74 28.99 64.53 73.32
C TYR FA 74 30.24 63.85 72.78
N ASN FA 75 30.10 62.59 72.42
CA ASN FA 75 31.13 61.92 71.64
C ASN FA 75 31.27 62.62 70.29
N TYR FA 76 32.51 62.69 69.79
CA TYR FA 76 32.75 63.35 68.52
C TYR FA 76 31.97 62.72 67.39
N ASN FA 77 31.79 61.41 67.42
CA ASN FA 77 31.09 60.72 66.35
C ASN FA 77 29.62 61.08 66.28
N HIS FA 78 29.07 61.75 67.30
CA HIS FA 78 27.70 62.20 67.30
C HIS FA 78 27.56 63.68 67.00
N LEU FA 79 28.64 64.35 66.62
CA LEU FA 79 28.64 65.77 66.32
C LEU FA 79 29.05 66.00 64.88
N MET FA 80 28.35 66.90 64.21
CA MET FA 80 28.67 67.27 62.84
C MET FA 80 29.26 68.67 62.84
N PRO FA 81 30.56 68.84 62.66
CA PRO FA 81 31.15 70.17 62.71
C PRO FA 81 30.73 71.01 61.52
N THR FA 82 30.71 72.32 61.74
CA THR FA 82 30.38 73.28 60.70
C THR FA 82 31.52 74.29 60.58
N ARG FA 83 31.49 75.05 59.49
CA ARG FA 83 32.48 76.10 59.27
C ARG FA 83 32.16 77.36 60.04
N TYR FA 84 30.99 77.45 60.66
CA TYR FA 84 30.60 78.63 61.40
C TYR FA 84 31.17 78.60 62.81
N SER FA 85 31.14 79.76 63.45
CA SER FA 85 31.60 79.87 64.83
C SER FA 85 30.88 81.04 65.48
N VAL FA 86 30.53 80.89 66.76
CA VAL FA 86 29.97 81.97 67.55
C VAL FA 86 30.89 82.21 68.74
N ASP FA 87 31.25 83.47 68.96
CA ASP FA 87 32.11 83.83 70.08
C ASP FA 87 31.29 84.27 71.29
N ILE FA 88 30.33 83.43 71.69
CA ILE FA 88 29.47 83.75 72.81
C ILE FA 88 30.25 83.46 74.08
N PRO FA 89 30.42 84.43 74.97
CA PRO FA 89 31.32 84.24 76.13
C PRO FA 89 30.64 83.53 77.29
N LEU FA 90 30.51 82.21 77.16
CA LEU FA 90 29.98 81.41 78.24
C LEU FA 90 30.98 81.35 79.40
N ASP FA 91 30.48 81.51 80.61
CA ASP FA 91 31.34 81.46 81.78
C ASP FA 91 31.79 80.03 82.00
N LYS FA 92 33.11 79.81 81.99
CA LYS FA 92 33.63 78.46 82.11
C LYS FA 92 33.49 77.92 83.52
N THR FA 93 33.47 78.80 84.53
CA THR FA 93 33.22 78.34 85.89
C THR FA 93 31.79 77.87 86.07
N VAL FA 94 30.87 78.31 85.22
CA VAL FA 94 29.48 77.90 85.30
C VAL FA 94 29.21 76.70 84.41
N VAL FA 95 29.64 76.76 83.15
CA VAL FA 95 29.49 75.65 82.21
C VAL FA 95 30.86 74.96 82.16
N ASN FA 96 31.04 73.98 83.03
CA ASN FA 96 32.25 73.16 83.06
C ASN FA 96 31.84 71.70 82.99
N LYS FA 97 32.83 70.81 83.09
CA LYS FA 97 32.53 69.40 82.86
C LYS FA 97 31.84 68.75 84.05
N ASP FA 98 32.21 69.13 85.28
CA ASP FA 98 31.69 68.47 86.46
C ASP FA 98 30.31 68.95 86.85
N VAL FA 99 29.61 69.63 85.93
CA VAL FA 99 28.30 70.19 86.24
C VAL FA 99 27.21 69.13 86.24
N PHE FA 100 27.48 67.97 85.63
CA PHE FA 100 26.47 66.95 85.42
C PHE FA 100 26.17 66.15 86.67
N ARG FA 101 27.06 66.15 87.65
CA ARG FA 101 26.84 65.36 88.86
C ARG FA 101 25.86 66.02 89.83
N ASP FA 102 25.55 67.29 89.64
CA ASP FA 102 24.63 67.99 90.53
C ASP FA 102 23.56 68.69 89.68
N PRO FA 103 22.28 68.34 89.84
CA PRO FA 103 21.24 68.99 89.03
C PRO FA 103 21.14 70.48 89.21
N ALA FA 104 21.38 71.00 90.42
CA ALA FA 104 21.31 72.43 90.64
C ALA FA 104 22.35 73.18 89.82
N LEU FA 105 23.58 72.67 89.80
CA LEU FA 105 24.61 73.27 88.96
C LEU FA 105 24.26 73.15 87.48
N LYS FA 106 23.67 72.03 87.08
CA LYS FA 106 23.28 71.89 85.68
C LYS FA 106 22.20 72.90 85.30
N ARG FA 107 21.26 73.15 86.20
CA ARG FA 107 20.29 74.21 85.97
C ARG FA 107 20.97 75.57 85.86
N LYS FA 108 21.97 75.82 86.71
CA LYS FA 108 22.69 77.09 86.66
C LYS FA 108 23.40 77.26 85.33
N ALA FA 109 24.08 76.21 84.86
CA ALA FA 109 24.78 76.28 83.58
C ALA FA 109 23.82 76.46 82.43
N ARG FA 110 22.68 75.77 82.47
CA ARG FA 110 21.69 75.90 81.42
C ARG FA 110 21.09 77.31 81.41
N ARG FA 111 20.88 77.89 82.59
CA ARG FA 111 20.46 79.29 82.68
C ARG FA 111 21.48 80.23 82.08
N GLU FA 112 22.76 80.02 82.38
CA GLU FA 112 23.82 80.86 81.83
C GLU FA 112 23.83 80.79 80.31
N ALA FA 113 23.76 79.57 79.77
CA ALA FA 113 23.73 79.41 78.33
C ALA FA 113 22.51 80.08 77.73
N LYS FA 114 21.35 79.95 78.39
CA LYS FA 114 20.13 80.54 77.87
C LYS FA 114 20.23 82.05 77.81
N VAL FA 115 20.73 82.69 78.87
CA VAL FA 115 20.76 84.15 78.88
C VAL FA 115 21.79 84.68 77.89
N LYS FA 116 22.96 84.02 77.78
CA LYS FA 116 23.94 84.46 76.79
C LYS FA 116 23.40 84.28 75.38
N PHE FA 117 22.73 83.16 75.13
CA PHE FA 117 22.14 82.91 73.82
C PHE FA 117 21.09 83.95 73.48
N GLU FA 118 20.27 84.33 74.45
CA GLU FA 118 19.24 85.34 74.19
C GLU FA 118 19.85 86.70 73.90
N GLU FA 119 20.88 87.10 74.66
CA GLU FA 119 21.45 88.42 74.40
C GLU FA 119 22.19 88.44 73.07
N ARG FA 120 22.73 87.30 72.64
CA ARG FA 120 23.33 87.26 71.30
C ARG FA 120 22.27 87.18 70.21
N TYR FA 121 21.15 86.53 70.48
CA TYR FA 121 20.07 86.45 69.49
C TYR FA 121 19.49 87.82 69.23
N LYS FA 122 19.38 88.64 70.28
CA LYS FA 122 19.09 90.05 70.07
C LYS FA 122 20.25 90.69 69.30
N THR FA 123 19.95 91.83 68.69
CA THR FA 123 20.85 92.57 67.79
C THR FA 123 21.18 91.80 66.52
N GLY FA 124 20.44 90.74 66.21
CA GLY FA 124 20.43 90.13 64.89
C GLY FA 124 21.76 89.65 64.37
N LYS FA 125 22.57 89.03 65.22
CA LYS FA 125 23.85 88.48 64.80
C LYS FA 125 23.82 86.95 64.95
N ASN FA 126 24.61 86.28 64.13
CA ASN FA 126 24.65 84.82 64.07
C ASN FA 126 23.26 84.25 63.83
N LYS FA 127 22.60 84.79 62.81
CA LYS FA 127 21.22 84.39 62.52
C LYS FA 127 21.13 82.93 62.12
N TRP FA 128 22.17 82.40 61.47
CA TRP FA 128 22.17 80.99 61.10
C TRP FA 128 22.21 80.09 62.33
N PHE FA 129 22.91 80.50 63.38
CA PHE FA 129 22.97 79.68 64.58
C PHE FA 129 21.62 79.57 65.26
N PHE FA 130 20.78 80.60 65.14
CA PHE FA 130 19.50 80.62 65.81
C PHE FA 130 18.34 80.21 64.92
N GLN FA 131 18.56 80.08 63.62
CA GLN FA 131 17.57 79.45 62.76
C GLN FA 131 17.56 77.95 62.99
N LYS FA 132 16.38 77.36 62.98
CA LYS FA 132 16.26 75.91 63.11
C LYS FA 132 16.61 75.23 61.79
N LEU FA 133 17.41 74.17 61.87
CA LEU FA 133 17.72 73.40 60.67
C LEU FA 133 16.50 72.59 60.24
N ARG FA 134 16.18 72.66 58.95
CA ARG FA 134 15.02 71.98 58.40
C ARG FA 134 15.48 70.71 57.71
N PHE FA 135 14.96 69.57 58.17
CA PHE FA 135 15.37 68.28 57.63
C PHE FA 135 14.26 67.25 57.78
N PRO GA 1 -85.20 18.16 16.65
CA PRO GA 1 -85.33 16.94 17.45
C PRO GA 1 -84.24 15.93 17.16
N SER GA 2 -83.37 15.70 18.13
CA SER GA 2 -82.30 14.73 17.94
C SER GA 2 -82.81 13.29 17.95
N ARG GA 3 -84.04 13.07 18.38
CA ARG GA 3 -84.60 11.72 18.41
C ARG GA 3 -85.04 11.23 17.03
N LEU GA 4 -85.03 12.10 16.02
CA LEU GA 4 -85.47 11.76 14.68
C LEU GA 4 -84.33 11.52 13.72
N ARG GA 5 -83.10 11.47 14.22
CA ARG GA 5 -81.93 11.48 13.36
C ARG GA 5 -81.26 10.12 13.29
N LYS GA 6 -80.29 10.01 12.38
CA LYS GA 6 -79.60 8.75 12.12
C LYS GA 6 -78.78 8.29 13.31
N THR GA 7 -78.25 9.22 14.10
CA THR GA 7 -77.38 8.86 15.21
C THR GA 7 -78.08 7.96 16.20
N ARG GA 8 -79.40 8.09 16.33
CA ARG GA 8 -80.13 7.21 17.23
C ARG GA 8 -80.27 5.81 16.66
N LYS GA 9 -80.15 5.64 15.35
CA LYS GA 9 -80.23 4.34 14.71
C LYS GA 9 -78.86 3.69 14.51
N LEU GA 10 -77.78 4.45 14.67
CA LEU GA 10 -76.44 3.94 14.46
C LEU GA 10 -75.78 3.47 15.74
N ARG GA 11 -76.52 3.40 16.84
CA ARG GA 11 -75.99 2.88 18.08
C ARG GA 11 -75.87 1.37 18.00
N GLY GA 12 -74.67 0.86 18.22
CA GLY GA 12 -74.40 -0.56 18.09
C GLY GA 12 -73.67 -0.95 16.82
N HIS GA 13 -73.64 -0.07 15.84
CA HIS GA 13 -72.88 -0.27 14.61
C HIS GA 13 -71.58 0.48 14.75
N VAL GA 14 -70.46 -0.24 14.64
CA VAL GA 14 -69.18 0.29 15.12
C VAL GA 14 -68.72 1.48 14.30
N SER GA 15 -68.90 1.44 12.98
CA SER GA 15 -68.33 2.47 12.14
C SER GA 15 -69.20 3.71 12.02
N HIS GA 16 -70.42 3.67 12.56
CA HIS GA 16 -71.33 4.82 12.55
C HIS GA 16 -71.64 5.28 11.14
N GLY GA 17 -71.78 4.34 10.22
CA GLY GA 17 -72.18 4.66 8.88
C GLY GA 17 -71.10 5.25 8.00
N HIS GA 18 -69.84 5.20 8.43
CA HIS GA 18 -68.74 5.76 7.66
C HIS GA 18 -67.78 4.71 7.13
N GLY GA 19 -68.08 3.44 7.32
CA GLY GA 19 -67.27 2.41 6.68
C GLY GA 19 -66.14 1.93 7.55
N ARG GA 20 -65.77 0.68 7.34
CA ARG GA 20 -64.64 0.08 8.05
C ARG GA 20 -63.33 0.27 7.32
N ILE GA 21 -63.36 0.37 5.99
CA ILE GA 21 -62.14 0.42 5.20
C ILE GA 21 -61.61 1.84 5.13
N GLY GA 22 -62.41 2.76 4.59
CA GLY GA 22 -61.98 4.12 4.42
C GLY GA 22 -62.13 4.99 5.65
N LYS GA 23 -62.93 4.54 6.61
CA LYS GA 23 -63.10 5.20 7.90
C LYS GA 23 -63.64 6.61 7.75
N HIS GA 24 -63.70 7.33 8.87
CA HIS GA 24 -64.04 8.75 8.86
C HIS GA 24 -62.85 9.49 9.43
N ARG GA 25 -62.05 10.08 8.54
CA ARG GA 25 -60.85 10.79 8.92
C ARG GA 25 -61.10 12.29 8.81
N LYS GA 26 -60.11 13.07 9.28
CA LYS GA 26 -60.30 14.50 9.47
C LYS GA 26 -60.62 15.26 8.20
N HIS GA 27 -59.67 15.33 7.27
CA HIS GA 27 -59.85 16.09 6.03
C HIS GA 27 -59.09 15.41 4.90
N PRO GA 28 -59.63 14.32 4.36
CA PRO GA 28 -59.06 13.76 3.13
C PRO GA 28 -59.51 14.59 1.94
N GLY GA 29 -58.56 15.00 1.11
CA GLY GA 29 -58.83 15.85 -0.01
C GLY GA 29 -58.53 17.31 0.21
N GLY GA 30 -58.39 17.74 1.46
CA GLY GA 30 -58.11 19.12 1.79
C GLY GA 30 -59.29 19.79 2.48
N ARG GA 31 -59.10 21.07 2.75
CA ARG GA 31 -60.08 21.85 3.48
C ARG GA 31 -60.72 22.86 2.54
N GLY GA 32 -62.05 22.95 2.58
CA GLY GA 32 -62.74 23.93 1.77
C GLY GA 32 -62.65 23.58 0.31
N ASN GA 33 -62.47 24.60 -0.52
CA ASN GA 33 -62.35 24.41 -1.96
C ASN GA 33 -60.90 24.17 -2.36
N ALA GA 34 -60.25 23.25 -1.67
CA ALA GA 34 -58.85 22.97 -1.92
C ALA GA 34 -58.69 22.11 -3.15
N GLY GA 35 -57.61 22.34 -3.89
CA GLY GA 35 -57.30 21.53 -5.05
C GLY GA 35 -58.34 21.62 -6.15
N GLY GA 36 -58.94 22.79 -6.34
CA GLY GA 36 -59.93 22.94 -7.38
C GLY GA 36 -59.36 22.89 -8.79
N LEU GA 37 -58.05 23.00 -8.93
CA LEU GA 37 -57.41 22.85 -10.22
C LEU GA 37 -56.52 21.62 -10.29
N HIS GA 38 -56.35 20.89 -9.20
CA HIS GA 38 -55.42 19.77 -9.19
C HIS GA 38 -56.11 18.43 -8.99
N HIS GA 39 -56.81 18.21 -7.88
CA HIS GA 39 -57.42 16.91 -7.64
C HIS GA 39 -58.92 16.98 -7.44
N HIS GA 40 -59.52 18.16 -7.51
CA HIS GA 40 -60.95 18.32 -7.62
C HIS GA 40 -61.31 18.99 -8.94
N ARG GA 41 -60.40 18.90 -9.91
CA ARG GA 41 -60.56 19.59 -11.18
C ARG GA 41 -61.76 19.07 -11.95
N ILE GA 42 -61.99 17.75 -11.91
CA ILE GA 42 -63.12 17.19 -12.65
C ILE GA 42 -64.43 17.73 -12.11
N ASN GA 43 -64.57 17.77 -10.78
CA ASN GA 43 -65.78 18.31 -10.18
C ASN GA 43 -65.95 19.78 -10.53
N PHE GA 44 -64.88 20.56 -10.44
CA PHE GA 44 -65.00 21.99 -10.71
C PHE GA 44 -65.35 22.25 -12.17
N ASP GA 45 -64.72 21.52 -13.10
CA ASP GA 45 -65.03 21.70 -14.51
C ASP GA 45 -66.43 21.22 -14.83
N LYS GA 46 -66.87 20.15 -14.19
CA LYS GA 46 -68.15 19.53 -14.53
C LYS GA 46 -69.31 20.36 -14.02
N TYR GA 47 -69.21 20.91 -12.80
CA TYR GA 47 -70.35 21.58 -12.20
C TYR GA 47 -70.21 23.09 -12.09
N HIS GA 48 -69.00 23.63 -12.13
CA HIS GA 48 -68.78 25.07 -12.07
C HIS GA 48 -67.83 25.51 -13.18
N PRO GA 49 -68.26 25.46 -14.44
CA PRO GA 49 -67.44 26.01 -15.50
C PRO GA 49 -67.40 27.53 -15.43
N GLY GA 50 -66.24 28.09 -15.75
CA GLY GA 50 -66.04 29.52 -15.64
C GLY GA 50 -65.49 29.98 -14.32
N TYR GA 51 -65.16 29.06 -13.41
CA TYR GA 51 -64.79 29.45 -12.06
C TYR GA 51 -63.43 30.14 -12.01
N PHE GA 52 -62.50 29.76 -12.87
CA PHE GA 52 -61.13 30.26 -12.80
C PHE GA 52 -60.88 31.31 -13.87
N GLY GA 53 -60.29 32.43 -13.48
CA GLY GA 53 -59.87 33.46 -14.41
C GLY GA 53 -60.70 34.73 -14.29
N LYS GA 54 -60.21 35.77 -14.96
CA LYS GA 54 -60.87 37.06 -15.02
C LYS GA 54 -61.54 37.26 -16.36
N VAL GA 55 -62.66 37.96 -16.34
CA VAL GA 55 -63.34 38.43 -17.55
C VAL GA 55 -63.81 39.85 -17.30
N GLY GA 56 -63.57 40.73 -18.26
CA GLY GA 56 -64.21 42.03 -18.24
C GLY GA 56 -63.45 43.11 -17.55
N MET GA 57 -64.11 44.26 -17.45
CA MET GA 57 -63.53 45.47 -16.87
C MET GA 57 -63.96 45.58 -15.42
N LYS GA 58 -63.00 45.78 -14.53
CA LYS GA 58 -63.34 46.11 -13.17
C LYS GA 58 -63.67 47.59 -13.04
N HIS GA 59 -64.47 47.92 -12.04
CA HIS GA 59 -64.98 49.28 -11.87
C HIS GA 59 -65.01 49.58 -10.38
N TYR GA 60 -64.12 50.43 -9.93
CA TYR GA 60 -64.03 50.76 -8.51
C TYR GA 60 -65.21 51.63 -8.10
N HIS GA 61 -65.63 51.46 -6.84
CA HIS GA 61 -66.68 52.25 -6.23
C HIS GA 61 -67.97 52.19 -7.04
N LEU GA 62 -68.48 50.98 -7.20
CA LEU GA 62 -69.76 50.80 -7.85
C LEU GA 62 -70.88 51.25 -6.91
N LYS GA 63 -71.78 52.07 -7.42
CA LYS GA 63 -72.94 52.53 -6.66
C LYS GA 63 -74.19 51.98 -7.33
N ARG GA 64 -74.89 51.08 -6.63
CA ARG GA 64 -76.06 50.43 -7.20
C ARG GA 64 -77.19 51.39 -7.45
N ASN GA 65 -77.29 52.44 -6.63
CA ASN GA 65 -78.39 53.40 -6.77
C ASN GA 65 -78.34 54.10 -8.11
N GLN GA 66 -77.13 54.32 -8.65
CA GLN GA 66 -77.00 54.98 -9.94
C GLN GA 66 -77.67 54.17 -11.04
N SER GA 67 -77.48 52.86 -11.03
CA SER GA 67 -78.00 51.97 -12.05
C SER GA 67 -79.36 51.40 -11.69
N PHE GA 68 -79.92 51.80 -10.56
CA PHE GA 68 -81.28 51.40 -10.18
C PHE GA 68 -82.26 51.78 -11.28
N CYS GA 69 -82.91 50.78 -11.86
CA CYS GA 69 -83.91 50.99 -12.90
C CYS GA 69 -84.83 49.78 -12.97
N PRO GA 70 -85.84 49.72 -12.10
CA PRO GA 70 -86.79 48.60 -12.16
C PRO GA 70 -87.64 48.69 -13.40
N THR GA 71 -88.08 47.51 -13.86
CA THR GA 71 -88.82 47.38 -15.11
C THR GA 71 -90.18 46.75 -14.86
N VAL GA 72 -91.13 47.08 -15.73
CA VAL GA 72 -92.47 46.53 -15.69
C VAL GA 72 -92.88 46.19 -17.11
N ASN GA 73 -93.64 45.12 -17.26
CA ASN GA 73 -94.06 44.68 -18.58
C ASN GA 73 -95.48 45.15 -18.89
N LEU GA 74 -95.79 45.19 -20.18
CA LEU GA 74 -97.08 45.67 -20.63
C LEU GA 74 -98.23 44.76 -20.19
N ASP GA 75 -97.96 43.48 -19.93
CA ASP GA 75 -99.02 42.60 -19.47
C ASP GA 75 -99.41 42.91 -18.03
N LYS GA 76 -98.46 43.37 -17.22
CA LYS GA 76 -98.74 43.80 -15.85
C LYS GA 76 -98.98 45.31 -15.76
N LEU GA 77 -98.98 46.01 -16.89
CA LEU GA 77 -99.12 47.46 -16.86
C LEU GA 77 -100.44 47.91 -16.23
N TRP GA 78 -101.54 47.26 -16.56
CA TRP GA 78 -102.84 47.70 -16.06
C TRP GA 78 -103.08 47.33 -14.61
N THR GA 79 -102.18 46.59 -13.98
CA THR GA 79 -102.33 46.25 -12.57
C THR GA 79 -101.87 47.38 -11.65
N LEU GA 80 -101.29 48.44 -12.20
CA LEU GA 80 -100.78 49.54 -11.39
C LEU GA 80 -101.84 50.54 -10.99
N VAL GA 81 -103.02 50.50 -11.62
CA VAL GA 81 -104.11 51.39 -11.29
C VAL GA 81 -105.25 50.56 -10.71
N SER GA 82 -106.31 51.23 -10.28
CA SER GA 82 -107.45 50.52 -9.73
C SER GA 82 -108.29 49.92 -10.85
N GLU GA 83 -109.10 48.93 -10.48
CA GLU GA 83 -110.01 48.32 -11.44
C GLU GA 83 -111.06 49.31 -11.90
N GLN GA 84 -111.48 50.20 -11.00
CA GLN GA 84 -112.39 51.28 -11.35
C GLN GA 84 -111.86 52.11 -12.50
N THR GA 85 -110.56 52.40 -12.51
CA THR GA 85 -109.96 53.16 -13.60
C THR GA 85 -110.16 52.46 -14.95
N ARG GA 86 -109.82 51.17 -15.01
CA ARG GA 86 -109.89 50.47 -16.29
C ARG GA 86 -111.32 50.30 -16.76
N VAL GA 87 -112.24 49.97 -15.84
CA VAL GA 87 -113.63 49.77 -16.27
C VAL GA 87 -114.25 51.10 -16.70
N ASN GA 88 -113.91 52.19 -16.00
CA ASN GA 88 -114.42 53.50 -16.39
C ASN GA 88 -113.89 53.91 -17.76
N ALA GA 89 -112.60 53.63 -18.02
CA ALA GA 89 -112.05 53.94 -19.34
C ALA GA 89 -112.71 53.10 -20.42
N ALA GA 90 -112.96 51.82 -20.14
CA ALA GA 90 -113.56 50.94 -21.14
C ALA GA 90 -114.98 51.37 -21.46
N LYS GA 91 -115.77 51.72 -20.45
CA LYS GA 91 -117.15 52.12 -20.67
C LYS GA 91 -117.30 53.61 -20.93
N ASN GA 92 -116.21 54.36 -20.98
CA ASN GA 92 -116.29 55.80 -21.21
C ASN GA 92 -116.68 56.08 -22.66
N LYS GA 93 -117.64 56.98 -22.84
CA LYS GA 93 -118.11 57.30 -24.20
C LYS GA 93 -117.09 58.12 -24.97
N THR GA 94 -116.49 59.12 -24.33
CA THR GA 94 -115.47 59.92 -24.98
C THR GA 94 -114.17 59.13 -25.09
N GLY GA 95 -113.22 59.70 -25.81
CA GLY GA 95 -111.95 59.05 -26.03
C GLY GA 95 -110.90 59.40 -24.99
N ALA GA 96 -111.35 59.80 -23.80
CA ALA GA 96 -110.41 60.15 -22.73
C ALA GA 96 -109.71 58.90 -22.24
N ALA GA 97 -108.39 58.98 -22.10
CA ALA GA 97 -107.60 57.84 -21.69
C ALA GA 97 -106.96 58.08 -20.34
N PRO GA 98 -106.93 57.08 -19.46
CA PRO GA 98 -106.30 57.26 -18.16
C PRO GA 98 -104.79 57.32 -18.26
N ILE GA 99 -104.19 57.93 -17.24
CA ILE GA 99 -102.74 58.06 -17.13
C ILE GA 99 -102.24 57.04 -16.11
N ILE GA 100 -101.25 56.26 -16.52
CA ILE GA 100 -100.58 55.31 -15.65
C ILE GA 100 -99.18 55.84 -15.40
N ASP GA 101 -98.82 56.05 -14.14
CA ASP GA 101 -97.54 56.63 -13.77
C ASP GA 101 -96.71 55.54 -13.12
N VAL GA 102 -95.89 54.86 -13.91
CA VAL GA 102 -95.12 53.75 -13.40
C VAL GA 102 -94.02 54.22 -12.47
N VAL GA 103 -93.59 55.47 -12.58
CA VAL GA 103 -92.64 56.01 -11.61
C VAL GA 103 -93.31 56.16 -10.25
N ARG GA 104 -94.58 56.56 -10.25
CA ARG GA 104 -95.35 56.56 -9.01
C ARG GA 104 -95.51 55.16 -8.46
N SER GA 105 -95.76 54.19 -9.34
CA SER GA 105 -95.88 52.81 -8.89
C SER GA 105 -94.54 52.18 -8.54
N GLY GA 106 -93.42 52.84 -8.83
CA GLY GA 106 -92.12 52.34 -8.45
C GLY GA 106 -91.29 51.74 -9.55
N TYR GA 107 -91.64 51.96 -10.81
CA TYR GA 107 -90.92 51.40 -11.95
C TYR GA 107 -90.38 52.54 -12.81
N TYR GA 108 -89.22 52.31 -13.41
CA TYR GA 108 -88.60 53.34 -14.24
C TYR GA 108 -88.68 53.05 -15.72
N LYS GA 109 -88.63 51.78 -16.11
CA LYS GA 109 -88.67 51.39 -17.52
C LYS GA 109 -89.88 50.51 -17.77
N VAL GA 110 -90.55 50.76 -18.89
CA VAL GA 110 -91.66 49.93 -19.35
C VAL GA 110 -91.14 49.03 -20.45
N LEU GA 111 -91.25 47.72 -20.26
CA LEU GA 111 -90.83 46.74 -21.23
C LEU GA 111 -92.05 46.19 -21.98
N GLY GA 112 -91.78 45.46 -23.05
CA GLY GA 112 -92.83 45.15 -24.01
C GLY GA 112 -93.38 43.75 -24.01
N LYS GA 113 -93.12 42.96 -22.97
CA LYS GA 113 -93.62 41.60 -22.94
C LYS GA 113 -95.12 41.59 -22.71
N GLY GA 114 -95.83 40.78 -23.49
CA GLY GA 114 -97.26 40.66 -23.38
C GLY GA 114 -98.00 41.47 -24.43
N LYS GA 115 -99.28 41.67 -24.17
CA LYS GA 115 -100.12 42.48 -25.05
C LYS GA 115 -101.01 43.35 -24.19
N LEU GA 116 -101.57 44.38 -24.82
CA LEU GA 116 -102.43 45.29 -24.11
C LEU GA 116 -103.89 45.08 -24.51
N PRO GA 117 -104.82 45.36 -23.60
CA PRO GA 117 -106.23 45.43 -24.01
C PRO GA 117 -106.45 46.57 -24.98
N LYS GA 118 -107.43 46.40 -25.87
CA LYS GA 118 -107.66 47.35 -26.95
C LYS GA 118 -108.39 48.57 -26.42
N GLN GA 119 -107.63 49.47 -25.78
CA GLN GA 119 -108.14 50.73 -25.29
C GLN GA 119 -107.00 51.68 -25.03
N PRO GA 120 -107.15 52.96 -25.33
CA PRO GA 120 -106.02 53.89 -25.21
C PRO GA 120 -105.63 54.13 -23.76
N VAL GA 121 -104.38 54.56 -23.59
CA VAL GA 121 -103.83 54.84 -22.26
C VAL GA 121 -102.61 55.73 -22.46
N ILE GA 122 -102.41 56.66 -21.53
CA ILE GA 122 -101.18 57.45 -21.48
C ILE GA 122 -100.28 56.83 -20.43
N VAL GA 123 -99.02 56.60 -20.78
CA VAL GA 123 -98.08 55.94 -19.90
C VAL GA 123 -96.93 56.91 -19.63
N LYS GA 124 -96.69 57.21 -18.36
CA LYS GA 124 -95.60 58.08 -17.96
C LYS GA 124 -94.47 57.21 -17.40
N ALA GA 125 -93.32 57.26 -18.06
CA ALA GA 125 -92.19 56.44 -17.64
C ALA GA 125 -90.90 57.17 -17.97
N LYS GA 126 -89.84 56.79 -17.26
CA LYS GA 126 -88.53 57.34 -17.57
C LYS GA 126 -88.00 56.78 -18.89
N PHE GA 127 -88.11 55.48 -19.08
CA PHE GA 127 -87.61 54.83 -20.28
C PHE GA 127 -88.67 53.90 -20.84
N PHE GA 128 -88.66 53.76 -22.15
CA PHE GA 128 -89.54 52.85 -22.87
C PHE GA 128 -88.71 51.98 -23.80
N SER GA 129 -89.12 50.73 -23.97
CA SER GA 129 -88.50 49.94 -25.01
C SER GA 129 -89.24 50.16 -26.32
N ARG GA 130 -88.58 49.79 -27.41
CA ARG GA 130 -89.12 50.05 -28.74
C ARG GA 130 -90.43 49.31 -28.97
N ARG GA 131 -90.47 48.03 -28.60
CA ARG GA 131 -91.69 47.25 -28.81
C ARG GA 131 -92.78 47.67 -27.83
N ALA GA 132 -92.43 48.08 -26.61
CA ALA GA 132 -93.43 48.58 -25.70
C ALA GA 132 -94.08 49.84 -26.23
N GLU GA 133 -93.28 50.76 -26.76
CA GLU GA 133 -93.84 51.96 -27.37
C GLU GA 133 -94.70 51.60 -28.58
N GLU GA 134 -94.25 50.65 -29.39
CA GLU GA 134 -95.02 50.24 -30.55
C GLU GA 134 -96.38 49.68 -30.14
N LYS GA 135 -96.42 48.87 -29.09
CA LYS GA 135 -97.68 48.29 -28.66
C LYS GA 135 -98.61 49.35 -28.06
N ILE GA 136 -98.05 50.27 -27.28
CA ILE GA 136 -98.87 51.32 -26.69
C ILE GA 136 -99.46 52.20 -27.79
N LYS GA 137 -98.67 52.51 -28.82
CA LYS GA 137 -99.22 53.21 -29.97
C LYS GA 137 -100.25 52.37 -30.70
N SER GA 138 -100.04 51.06 -30.77
CA SER GA 138 -100.94 50.17 -31.50
C SER GA 138 -102.31 50.12 -30.88
N VAL GA 139 -102.40 50.25 -29.56
CA VAL GA 139 -103.69 50.29 -28.89
C VAL GA 139 -104.24 51.71 -28.81
N GLY GA 140 -103.65 52.64 -29.56
CA GLY GA 140 -104.15 54.00 -29.62
C GLY GA 140 -103.69 54.90 -28.49
N GLY GA 141 -102.75 54.47 -27.67
CA GLY GA 141 -102.28 55.25 -26.56
C GLY GA 141 -101.10 56.13 -26.92
N ALA GA 142 -100.48 56.68 -25.88
CA ALA GA 142 -99.32 57.55 -26.06
C ALA GA 142 -98.30 57.24 -24.98
N CYS GA 143 -97.03 57.43 -25.33
CA CYS GA 143 -95.92 57.29 -24.39
C CYS GA 143 -95.34 58.66 -24.14
N VAL GA 144 -95.32 59.09 -22.87
CA VAL GA 144 -94.77 60.37 -22.49
C VAL GA 144 -93.69 60.13 -21.43
N LEU GA 145 -92.61 60.89 -21.54
CA LEU GA 145 -91.41 60.65 -20.74
C LEU GA 145 -91.39 61.57 -19.53
N VAL GA 146 -90.74 61.09 -18.46
CA VAL GA 146 -90.52 61.86 -17.26
C VAL GA 146 -89.06 61.74 -16.88
N ALA GA 147 -88.60 62.68 -16.05
CA ALA GA 147 -87.21 62.74 -15.65
C ALA GA 147 -87.02 62.32 -14.20
N ALA HA 1 -45.77 -2.06 -1.97
CA ALA HA 1 -45.47 -1.03 -2.94
C ALA HA 1 -46.32 -1.21 -4.19
N LYS HA 2 -46.10 -2.32 -4.88
CA LYS HA 2 -46.82 -2.59 -6.12
C LYS HA 2 -48.24 -3.04 -5.82
N SER HA 3 -49.08 -3.01 -6.85
CA SER HA 3 -50.48 -3.35 -6.72
C SER HA 3 -50.99 -3.78 -8.09
N LYS HA 4 -52.27 -4.15 -8.15
CA LYS HA 4 -52.87 -4.55 -9.41
C LYS HA 4 -52.97 -3.35 -10.35
N ASN HA 5 -52.81 -3.61 -11.64
CA ASN HA 5 -52.69 -2.57 -12.64
C ASN HA 5 -54.01 -2.22 -13.30
N HIS HA 6 -54.71 -3.22 -13.82
CA HIS HA 6 -55.95 -2.99 -14.55
C HIS HA 6 -56.70 -4.31 -14.64
N THR HA 7 -58.02 -4.24 -14.56
CA THR HA 7 -58.84 -5.39 -14.87
C THR HA 7 -60.23 -4.93 -15.27
N THR HA 8 -60.90 -5.76 -16.08
CA THR HA 8 -62.32 -5.60 -16.35
C THR HA 8 -63.13 -6.69 -15.69
N HIS HA 9 -62.54 -7.41 -14.74
CA HIS HA 9 -63.27 -8.41 -13.98
C HIS HA 9 -64.40 -7.76 -13.21
N ASN HA 10 -65.57 -8.41 -13.22
CA ASN HA 10 -66.80 -7.99 -12.55
C ASN HA 10 -67.48 -6.82 -13.25
N GLN HA 11 -66.82 -6.24 -14.26
CA GLN HA 11 -67.37 -5.05 -14.90
C GLN HA 11 -68.60 -5.39 -15.72
N SER HA 12 -68.60 -6.53 -16.40
CA SER HA 12 -69.77 -6.94 -17.17
C SER HA 12 -70.96 -7.18 -16.26
N ARG HA 13 -70.72 -7.77 -15.09
CA ARG HA 13 -71.80 -7.98 -14.13
C ARG HA 13 -72.36 -6.65 -13.65
N LYS HA 14 -71.48 -5.69 -13.36
CA LYS HA 14 -71.95 -4.36 -12.99
C LYS HA 14 -72.75 -3.73 -14.12
N TRP HA 15 -72.31 -3.90 -15.36
CA TRP HA 15 -73.01 -3.33 -16.50
C TRP HA 15 -74.39 -3.90 -16.65
N HIS HA 16 -74.54 -5.20 -16.44
CA HIS HA 16 -75.82 -5.86 -16.65
C HIS HA 16 -76.73 -5.83 -15.43
N ARG HA 17 -76.25 -5.34 -14.28
CA ARG HA 17 -77.14 -5.24 -13.13
C ARG HA 17 -78.32 -4.31 -13.41
N ASN HA 18 -78.05 -3.14 -13.99
CA ASN HA 18 -79.12 -2.24 -14.40
C ASN HA 18 -79.49 -2.38 -15.86
N GLY HA 19 -78.90 -3.35 -16.56
CA GLY HA 19 -79.24 -3.61 -17.94
C GLY HA 19 -78.58 -2.65 -18.90
N ILE HA 20 -78.11 -3.15 -20.04
CA ILE HA 20 -77.46 -2.32 -21.04
C ILE HA 20 -78.58 -1.88 -22.00
N LYS HA 21 -79.16 -0.72 -21.71
CA LYS HA 21 -80.31 -0.25 -22.47
C LYS HA 21 -79.85 0.43 -23.74
N LYS HA 22 -80.48 0.08 -24.86
CA LYS HA 22 -80.26 0.79 -26.11
C LYS HA 22 -80.78 2.21 -25.99
N PRO HA 23 -80.28 3.14 -26.81
CA PRO HA 23 -80.80 4.50 -26.77
C PRO HA 23 -82.27 4.54 -27.12
N ARG HA 24 -83.00 5.45 -26.49
CA ARG HA 24 -84.44 5.52 -26.66
C ARG HA 24 -84.78 6.03 -28.05
N SER HA 25 -84.97 5.11 -28.99
CA SER HA 25 -85.36 5.48 -30.35
C SER HA 25 -86.75 6.09 -30.31
N GLN HA 26 -86.89 7.27 -30.90
CA GLN HA 26 -88.12 8.04 -30.79
C GLN HA 26 -88.37 8.74 -32.12
N ARG HA 27 -89.64 8.86 -32.48
CA ARG HA 27 -90.01 9.54 -33.71
C ARG HA 27 -89.47 10.96 -33.71
N TYR HA 28 -89.25 11.51 -34.91
CA TYR HA 28 -88.77 12.87 -35.08
C TYR HA 28 -87.41 13.07 -34.40
N GLU HA 29 -86.39 12.46 -35.00
CA GLU HA 29 -85.03 12.75 -34.58
C GLU HA 29 -84.72 14.23 -34.74
N SER HA 30 -83.71 14.69 -34.02
CA SER HA 30 -83.27 16.07 -34.15
C SER HA 30 -82.53 16.27 -35.46
N LEU HA 31 -82.64 17.49 -36.00
CA LEU HA 31 -81.97 17.88 -37.23
C LEU HA 31 -80.58 18.43 -36.98
N LYS HA 32 -79.98 18.13 -35.83
CA LYS HA 32 -78.67 18.66 -35.52
C LYS HA 32 -77.61 17.94 -36.34
N GLY HA 33 -76.72 18.72 -36.95
CA GLY HA 33 -75.67 18.16 -37.78
C GLY HA 33 -76.04 17.97 -39.23
N VAL HA 34 -77.29 18.25 -39.61
CA VAL HA 34 -77.68 18.17 -41.01
C VAL HA 34 -77.09 19.36 -41.77
N ASP HA 35 -76.90 19.19 -43.08
CA ASP HA 35 -76.30 20.19 -43.93
C ASP HA 35 -77.03 21.52 -43.80
N PRO HA 36 -76.36 22.60 -43.43
CA PRO HA 36 -77.07 23.89 -43.26
C PRO HA 36 -77.73 24.41 -44.52
N LYS HA 37 -77.13 24.18 -45.70
CA LYS HA 37 -77.77 24.59 -46.94
C LYS HA 37 -79.07 23.85 -47.16
N PHE HA 38 -79.11 22.56 -46.84
CA PHE HA 38 -80.35 21.81 -46.91
C PHE HA 38 -81.34 22.29 -45.86
N LEU HA 39 -80.86 22.60 -44.66
CA LEU HA 39 -81.75 22.96 -43.57
C LEU HA 39 -82.44 24.29 -43.83
N ARG HA 40 -81.74 25.28 -44.37
CA ARG HA 40 -82.39 26.56 -44.56
C ARG HA 40 -83.43 26.50 -45.67
N ASN HA 41 -83.19 25.71 -46.72
CA ASN HA 41 -84.23 25.53 -47.72
C ASN HA 41 -85.41 24.76 -47.15
N MET HA 42 -85.15 23.80 -46.26
CA MET HA 42 -86.23 23.09 -45.58
C MET HA 42 -87.06 24.06 -44.74
N ARG HA 43 -86.40 25.00 -44.07
CA ARG HA 43 -87.09 26.02 -43.32
C ARG HA 43 -87.92 26.91 -44.24
N PHE HA 44 -87.39 27.24 -45.41
CA PHE HA 44 -88.16 28.05 -46.36
C PHE HA 44 -89.41 27.32 -46.84
N ALA HA 45 -89.28 26.02 -47.13
CA ALA HA 45 -90.44 25.24 -47.54
C ALA HA 45 -91.48 25.18 -46.44
N LYS HA 46 -91.04 24.96 -45.20
CA LYS HA 46 -91.97 24.95 -44.07
C LYS HA 46 -92.64 26.30 -43.89
N LYS HA 47 -91.88 27.39 -44.08
CA LYS HA 47 -92.43 28.72 -43.92
C LYS HA 47 -93.50 29.01 -44.96
N HIS HA 48 -93.28 28.61 -46.21
CA HIS HA 48 -94.20 28.92 -47.28
C HIS HA 48 -95.20 27.82 -47.54
N ASN HA 49 -95.27 26.81 -46.68
CA ASN HA 49 -96.39 25.87 -46.71
C ASN HA 49 -97.74 26.56 -46.55
N LYS HA 50 -97.76 27.77 -45.99
CA LYS HA 50 -99.02 28.48 -45.76
C LYS HA 50 -99.77 28.70 -47.06
N LYS HA 51 -99.09 29.21 -48.08
CA LYS HA 51 -99.74 29.38 -49.38
C LYS HA 51 -99.98 28.02 -50.02
N GLY HA 52 -100.91 28.00 -50.97
CA GLY HA 52 -101.35 26.75 -51.51
C GLY HA 52 -102.26 25.96 -50.61
N LEU HA 53 -102.65 26.51 -49.46
CA LEU HA 53 -103.60 25.84 -48.59
C LEU HA 53 -104.97 25.73 -49.24
N LYS HA 54 -105.43 26.80 -49.90
CA LYS HA 54 -106.71 26.76 -50.57
C LYS HA 54 -106.72 25.75 -51.71
N LYS HA 55 -105.62 25.70 -52.47
CA LYS HA 55 -105.49 24.64 -53.46
C LYS HA 55 -105.46 23.27 -52.80
N MET HA 56 -104.78 23.17 -51.66
CA MET HA 56 -104.68 21.91 -50.95
C MET HA 56 -106.04 21.43 -50.46
N GLN HA 57 -106.79 22.31 -49.80
CA GLN HA 57 -108.11 21.92 -49.31
C GLN HA 57 -109.08 21.68 -50.46
N ALA HA 58 -108.95 22.42 -51.56
CA ALA HA 58 -109.79 22.17 -52.72
C ALA HA 58 -109.54 20.79 -53.30
N ASN HA 59 -108.26 20.41 -53.45
CA ASN HA 59 -107.93 19.09 -53.94
C ASN HA 59 -108.43 18.01 -52.99
N ASN HA 60 -108.25 18.23 -51.67
CA ASN HA 60 -108.70 17.25 -50.70
C ASN HA 60 -110.21 17.09 -50.74
N ALA HA 61 -110.95 18.19 -50.87
CA ALA HA 61 -112.40 18.12 -50.91
C ALA HA 61 -112.90 17.43 -52.18
N LYS HA 62 -112.31 17.74 -53.33
CA LYS HA 62 -112.77 17.10 -54.57
C LYS HA 62 -112.41 15.62 -54.59
N ALA HA 63 -111.23 15.25 -54.11
CA ALA HA 63 -110.90 13.83 -54.01
C ALA HA 63 -111.81 13.12 -53.01
N MET HA 64 -112.14 13.79 -51.90
CA MET HA 64 -113.05 13.21 -50.93
C MET HA 64 -114.43 12.99 -51.52
N SER HA 65 -114.92 13.95 -52.30
CA SER HA 65 -116.22 13.79 -52.94
C SER HA 65 -116.20 12.66 -53.96
N ALA HA 66 -115.11 12.55 -54.75
CA ALA HA 66 -115.01 11.47 -55.72
C ALA HA 66 -114.99 10.11 -55.03
N ARG HA 67 -114.20 9.98 -53.97
CA ARG HA 67 -114.16 8.73 -53.23
C ARG HA 67 -115.51 8.42 -52.59
N ALA HA 68 -116.19 9.45 -52.09
CA ALA HA 68 -117.49 9.26 -51.46
C ALA HA 68 -118.52 8.75 -52.46
N GLU HA 69 -118.55 9.34 -53.66
CA GLU HA 69 -119.52 8.88 -54.64
C GLU HA 69 -119.16 7.49 -55.17
N ALA HA 70 -117.86 7.19 -55.31
CA ALA HA 70 -117.46 5.85 -55.73
C ALA HA 70 -117.85 4.81 -54.69
N ILE HA 71 -117.74 5.16 -53.41
CA ILE HA 71 -118.16 4.25 -52.35
C ILE HA 71 -119.68 4.08 -52.35
N LYS HA 72 -120.41 5.20 -52.41
CA LYS HA 72 -121.86 5.18 -52.30
C LYS HA 72 -122.54 4.59 -53.53
N ALA HA 73 -121.84 4.46 -54.66
CA ALA HA 73 -122.44 3.87 -55.85
C ALA HA 73 -122.65 2.37 -55.62
N LEU HA 74 -123.89 1.98 -55.30
CA LEU HA 74 -124.26 0.59 -55.13
C LEU HA 74 -125.41 0.26 -56.08
N VAL HA 75 -125.26 -0.86 -56.80
CA VAL HA 75 -126.22 -1.39 -57.78
C VAL HA 75 -126.96 -0.32 -58.58
N VAL HA 76 -126.01 -30.26 -41.52
CA VAL HA 76 -126.25 -31.58 -40.97
C VAL HA 76 -126.59 -31.48 -39.49
N SER HA 77 -126.29 -32.54 -38.74
CA SER HA 77 -126.58 -32.56 -37.31
C SER HA 77 -125.42 -32.00 -36.50
N ARG HA 78 -124.25 -32.63 -36.58
CA ARG HA 78 -123.01 -32.15 -35.95
C ARG HA 78 -123.20 -31.95 -34.45
N LYS HA 79 -123.34 -33.10 -33.76
CA LYS HA 79 -123.70 -33.14 -32.35
C LYS HA 79 -122.86 -32.20 -31.50
N LEU HA 80 -121.55 -32.17 -31.71
CA LEU HA 80 -120.69 -31.35 -30.87
C LEU HA 80 -120.92 -29.86 -31.12
N ASP HA 81 -121.09 -29.46 -32.37
CA ASP HA 81 -121.40 -28.07 -32.69
C ASP HA 81 -122.76 -27.66 -32.16
N ARG HA 82 -123.74 -28.56 -32.25
CA ARG HA 82 -125.06 -28.28 -31.68
C ARG HA 82 -124.97 -28.07 -30.19
N LEU HA 83 -124.19 -28.89 -29.50
CA LEU HA 83 -124.01 -28.73 -28.05
C LEU HA 83 -123.33 -27.42 -27.72
N ALA HA 84 -122.32 -27.03 -28.51
CA ALA HA 84 -121.68 -25.74 -28.28
C ALA HA 84 -122.67 -24.59 -28.48
N TYR HA 85 -123.49 -24.68 -29.52
CA TYR HA 85 -124.49 -23.65 -29.77
C TYR HA 85 -125.50 -23.57 -28.64
N ILE HA 86 -125.95 -24.71 -28.13
CA ILE HA 86 -126.89 -24.70 -27.01
C ILE HA 86 -126.23 -24.12 -25.76
N ALA HA 87 -124.98 -24.49 -25.51
CA ALA HA 87 -124.28 -23.98 -24.33
C ALA HA 87 -123.87 -22.52 -24.47
N HIS HA 88 -123.99 -21.93 -25.65
CA HIS HA 88 -123.77 -20.49 -25.78
C HIS HA 88 -124.80 -19.74 -24.95
N PRO HA 89 -124.38 -18.77 -24.13
CA PRO HA 89 -125.32 -18.11 -23.21
C PRO HA 89 -126.46 -17.39 -23.90
N LYS HA 90 -126.24 -16.82 -25.08
CA LYS HA 90 -127.25 -16.03 -25.77
C LYS HA 90 -127.89 -16.77 -26.92
N LEU HA 91 -127.11 -17.47 -27.73
CA LEU HA 91 -127.66 -18.12 -28.91
C LEU HA 91 -128.42 -19.40 -28.55
N GLY HA 92 -128.03 -20.06 -27.46
CA GLY HA 92 -128.68 -21.27 -27.01
C GLY HA 92 -129.80 -21.05 -26.02
N LYS HA 93 -130.20 -19.80 -25.79
CA LYS HA 93 -131.21 -19.51 -24.77
C LYS HA 93 -132.53 -20.17 -25.10
N ARG HA 94 -133.04 -19.96 -26.31
CA ARG HA 94 -134.31 -20.54 -26.70
C ARG HA 94 -134.21 -22.05 -26.86
N ALA HA 95 -133.05 -22.56 -27.29
CA ALA HA 95 -132.87 -24.00 -27.43
C ALA HA 95 -132.94 -24.70 -26.08
N ARG HA 96 -132.25 -24.16 -25.08
CA ARG HA 96 -132.34 -24.79 -23.78
C ARG HA 96 -133.66 -24.54 -23.08
N ALA HA 97 -134.34 -23.44 -23.39
CA ALA HA 97 -135.73 -23.32 -22.96
C ALA HA 97 -136.60 -24.41 -23.57
N ARG HA 98 -136.39 -24.73 -24.85
CA ARG HA 98 -137.13 -25.80 -25.50
C ARG HA 98 -136.87 -27.14 -24.82
N ILE HA 99 -135.61 -27.46 -24.53
CA ILE HA 99 -135.35 -28.75 -23.90
C ILE HA 99 -135.88 -28.78 -22.47
N ALA HA 100 -135.91 -27.64 -21.78
CA ALA HA 100 -136.54 -27.60 -20.46
C ALA HA 100 -138.03 -27.89 -20.53
N LYS HA 101 -138.73 -27.27 -21.49
CA LYS HA 101 -140.14 -27.57 -21.68
C LYS HA 101 -140.36 -29.03 -22.05
N GLY HA 102 -139.45 -29.60 -22.84
CA GLY HA 102 -139.53 -31.01 -23.15
C GLY HA 102 -139.36 -31.89 -21.93
N LEU HA 103 -138.47 -31.51 -21.02
CA LEU HA 103 -138.31 -32.22 -19.76
C LEU HA 103 -139.59 -32.16 -18.92
N ARG HA 104 -140.22 -30.99 -18.85
CA ARG HA 104 -141.37 -30.81 -17.97
C ARG HA 104 -142.66 -31.40 -18.52
N LEU HA 105 -143.06 -31.01 -19.73
CA LEU HA 105 -144.35 -31.38 -20.25
C LEU HA 105 -144.35 -32.77 -20.84
N CYS HA 106 -145.44 -33.51 -20.61
CA CYS HA 106 -145.67 -34.82 -21.21
C CYS HA 106 -147.05 -34.80 -21.85
N ARG HA 107 -147.10 -35.12 -23.14
CA ARG HA 107 -148.35 -35.11 -23.89
C ARG HA 107 -148.40 -36.33 -24.79
N PRO HA 108 -149.58 -36.86 -25.05
CA PRO HA 108 -149.72 -38.04 -25.92
C PRO HA 108 -149.58 -37.65 -27.39
N LYS HA 109 -149.76 -38.65 -28.25
CA LYS HA 109 -149.70 -38.49 -29.70
C LYS HA 109 -148.38 -37.91 -30.17
N LYS IA 1 47.83 57.29 32.25
CA LYS IA 1 49.13 57.38 32.89
C LYS IA 1 48.99 57.86 34.33
N SER IA 2 48.00 58.75 34.54
CA SER IA 2 47.74 59.23 35.88
C SER IA 2 47.24 58.11 36.79
N LEU IA 3 46.40 57.21 36.25
CA LEU IA 3 45.87 56.13 37.07
C LEU IA 3 46.96 55.12 37.46
N GLU IA 4 47.83 54.76 36.52
CA GLU IA 4 48.93 53.87 36.88
C GLU IA 4 49.92 54.56 37.81
N SER IA 5 50.14 55.87 37.64
CA SER IA 5 51.00 56.60 38.56
C SER IA 5 50.42 56.62 39.97
N ILE IA 6 49.11 56.87 40.11
CA ILE IA 6 48.52 56.90 41.44
C ILE IA 6 48.45 55.50 42.03
N ASN IA 7 48.28 54.48 41.21
CA ASN IA 7 48.31 53.11 41.73
C ASN IA 7 49.69 52.75 42.26
N SER IA 8 50.75 53.12 41.53
CA SER IA 8 52.10 52.86 41.99
C SER IA 8 52.42 53.64 43.26
N ARG IA 9 52.00 54.90 43.31
CA ARG IA 9 52.25 55.71 44.50
C ARG IA 9 51.47 55.18 45.69
N LEU IA 10 50.24 54.70 45.48
CA LEU IA 10 49.49 54.06 46.55
C LEU IA 10 50.18 52.80 47.03
N GLN IA 11 50.69 52.00 46.10
CA GLN IA 11 51.41 50.79 46.48
C GLN IA 11 52.63 51.11 47.32
N LEU IA 12 53.31 52.21 47.00
CA LEU IA 12 54.47 52.58 47.78
C LEU IA 12 54.11 53.28 49.08
N VAL IA 13 52.91 53.88 49.17
CA VAL IA 13 52.40 54.33 50.46
C VAL IA 13 52.18 53.14 51.38
N MET IA 14 51.55 52.09 50.87
CA MET IA 14 51.58 50.81 51.57
C MET IA 14 53.02 50.35 51.70
N LYS IA 15 53.29 49.61 52.78
CA LYS IA 15 54.57 48.95 53.01
C LYS IA 15 55.67 49.94 53.37
N SER IA 16 55.40 51.25 53.24
CA SER IA 16 56.41 52.24 53.56
C SER IA 16 55.90 53.44 54.35
N GLY IA 17 54.59 53.67 54.43
CA GLY IA 17 54.06 54.80 55.17
C GLY IA 17 52.97 54.35 56.12
N LYS IA 18 52.43 55.31 56.85
CA LYS IA 18 51.32 55.07 57.76
C LYS IA 18 50.04 55.50 57.06
N TYR IA 19 49.05 54.63 57.07
CA TYR IA 19 47.77 54.95 56.45
C TYR IA 19 46.66 54.41 57.32
N VAL IA 20 45.42 54.55 56.86
CA VAL IA 20 44.31 53.95 57.56
C VAL IA 20 43.19 53.73 56.55
N LEU IA 21 42.55 52.58 56.64
CA LEU IA 21 41.59 52.15 55.65
C LEU IA 21 40.20 52.12 56.27
N GLY IA 22 39.28 52.88 55.69
CA GLY IA 22 37.91 52.84 56.14
C GLY IA 22 37.30 54.16 56.55
N TYR IA 23 35.97 54.23 56.52
CA TYR IA 23 35.25 55.47 56.72
C TYR IA 23 35.40 56.00 58.15
N LYS IA 24 35.15 55.15 59.13
CA LYS IA 24 35.17 55.60 60.52
C LYS IA 24 36.56 56.04 60.95
N GLN IA 25 37.57 55.24 60.63
CA GLN IA 25 38.93 55.60 60.96
C GLN IA 25 39.40 56.81 60.16
N THR IA 26 38.93 56.98 58.93
CA THR IA 26 39.28 58.16 58.16
C THR IA 26 38.73 59.41 58.82
N LEU IA 27 37.47 59.38 59.26
CA LEU IA 27 36.89 60.53 59.95
C LEU IA 27 37.63 60.80 61.25
N LYS IA 28 37.98 59.73 61.99
CA LYS IA 28 38.73 59.90 63.22
C LYS IA 28 40.07 60.57 62.97
N MET IA 29 40.78 60.14 61.92
CA MET IA 29 42.07 60.74 61.60
C MET IA 29 41.91 62.19 61.17
N ILE IA 30 40.89 62.49 60.37
CA ILE IA 30 40.68 63.85 59.89
C ILE IA 30 40.40 64.79 61.06
N ARG IA 31 39.50 64.39 61.96
CA ARG IA 31 39.22 65.28 63.08
C ARG IA 31 40.32 65.29 64.12
N GLN IA 32 41.23 64.31 64.11
CA GLN IA 32 42.47 64.49 64.85
C GLN IA 32 43.45 65.39 64.11
N GLY IA 33 43.22 65.65 62.84
CA GLY IA 33 44.07 66.59 62.12
C GLY IA 33 45.38 66.02 61.66
N LYS IA 34 45.49 64.70 61.54
CA LYS IA 34 46.72 64.07 61.08
C LYS IA 34 46.54 63.33 59.77
N ALA IA 35 45.45 63.58 59.05
CA ALA IA 35 45.24 63.01 57.73
C ALA IA 35 45.72 64.02 56.69
N LYS IA 36 46.65 63.60 55.84
CA LYS IA 36 47.22 64.49 54.84
C LYS IA 36 46.63 64.30 53.45
N LEU IA 37 46.03 63.14 53.17
CA LEU IA 37 45.37 62.92 51.89
C LEU IA 37 44.28 61.90 52.09
N VAL IA 38 43.09 62.20 51.59
CA VAL IA 38 41.94 61.31 51.72
C VAL IA 38 41.55 60.86 50.32
N ILE IA 39 41.53 59.56 50.11
CA ILE IA 39 41.20 58.98 48.81
C ILE IA 39 39.83 58.34 48.90
N LEU IA 40 38.96 58.68 47.96
CA LEU IA 40 37.58 58.22 47.92
C LEU IA 40 37.33 57.48 46.62
N ALA IA 41 36.80 56.26 46.73
CA ALA IA 41 36.35 55.55 45.54
C ALA IA 41 35.14 56.24 44.95
N ASN IA 42 34.99 56.14 43.62
CA ASN IA 42 33.83 56.78 43.00
C ASN IA 42 32.55 56.02 43.29
N ASN IA 43 32.65 54.79 43.80
CA ASN IA 43 31.53 54.02 44.27
C ASN IA 43 30.94 54.57 45.56
N CYS IA 44 31.61 55.53 46.19
CA CYS IA 44 31.22 56.00 47.52
C CYS IA 44 29.81 56.58 47.48
N PRO IA 45 29.01 56.38 48.53
CA PRO IA 45 27.71 57.05 48.60
C PRO IA 45 27.89 58.56 48.56
N ALA IA 46 26.94 59.23 47.92
CA ALA IA 46 27.09 60.67 47.67
C ALA IA 46 27.09 61.46 48.97
N LEU IA 47 26.26 61.06 49.93
CA LEU IA 47 26.23 61.75 51.21
C LEU IA 47 27.55 61.59 51.95
N ARG IA 48 28.11 60.38 51.95
CA ARG IA 48 29.38 60.15 52.60
C ARG IA 48 30.50 60.93 51.91
N LYS IA 49 30.48 60.95 50.58
CA LYS IA 49 31.47 61.71 49.84
C LYS IA 49 31.40 63.19 50.18
N SER IA 50 30.20 63.75 50.21
CA SER IA 50 30.04 65.17 50.54
C SER IA 50 30.48 65.45 51.97
N GLU IA 51 30.15 64.56 52.90
CA GLU IA 51 30.53 64.78 54.30
C GLU IA 51 32.04 64.73 54.47
N ILE IA 52 32.69 63.77 53.83
CA ILE IA 52 34.15 63.67 53.94
C ILE IA 52 34.82 64.86 53.26
N GLU IA 53 34.25 65.34 52.16
CA GLU IA 53 34.79 66.54 51.53
C GLU IA 53 34.65 67.76 52.43
N TYR IA 54 33.52 67.88 53.13
CA TYR IA 54 33.36 68.98 54.09
C TYR IA 54 34.35 68.87 55.24
N TYR IA 55 34.54 67.66 55.76
CA TYR IA 55 35.51 67.44 56.82
C TYR IA 55 36.91 67.82 56.35
N ALA IA 56 37.25 67.46 55.11
CA ALA IA 56 38.55 67.80 54.56
C ALA IA 56 38.69 69.31 54.36
N MET IA 57 37.61 69.99 53.99
CA MET IA 57 37.66 71.44 53.88
C MET IA 57 37.92 72.06 55.23
N LEU IA 58 37.30 71.53 56.28
CA LEU IA 58 37.56 72.03 57.62
C LEU IA 58 38.99 71.76 58.05
N ALA IA 59 39.52 70.59 57.72
CA ALA IA 59 40.85 70.19 58.15
C ALA IA 59 41.96 70.68 57.24
N LYS IA 60 41.62 71.34 56.13
CA LYS IA 60 42.59 71.82 55.13
C LYS IA 60 43.47 70.68 54.63
N THR IA 61 42.84 69.60 54.19
CA THR IA 61 43.54 68.46 53.64
C THR IA 61 42.97 68.10 52.28
N GLY IA 62 43.78 67.45 51.46
CA GLY IA 62 43.38 67.17 50.09
C GLY IA 62 42.56 65.91 49.98
N VAL IA 63 41.66 65.91 49.00
CA VAL IA 63 40.81 64.76 48.69
C VAL IA 63 41.04 64.39 47.23
N HIS IA 64 41.41 63.15 47.00
CA HIS IA 64 41.56 62.60 45.65
C HIS IA 64 40.44 61.61 45.40
N HIS IA 65 39.73 61.81 44.29
CA HIS IA 65 38.66 60.91 43.88
C HIS IA 65 39.28 59.84 42.99
N TYR IA 66 39.54 58.68 43.57
CA TYR IA 66 40.12 57.57 42.84
C TYR IA 66 39.20 57.14 41.71
N SER IA 67 39.76 57.01 40.51
CA SER IA 67 38.98 56.60 39.34
C SER IA 67 38.88 55.08 39.28
N GLY IA 68 38.23 54.52 40.29
CA GLY IA 68 38.03 53.09 40.37
C GLY IA 68 36.66 52.73 40.91
N ASN IA 69 36.65 51.95 41.98
CA ASN IA 69 35.50 51.75 42.85
C ASN IA 69 36.06 51.17 44.13
N ASN IA 70 35.20 50.74 45.05
CA ASN IA 70 35.72 50.26 46.32
C ASN IA 70 36.51 48.97 46.16
N ILE IA 71 36.08 48.09 45.24
CA ILE IA 71 36.83 46.87 44.97
C ILE IA 71 38.21 47.19 44.41
N GLU IA 72 38.26 48.10 43.43
CA GLU IA 72 39.54 48.40 42.80
C GLU IA 72 40.44 49.22 43.70
N LEU IA 73 39.88 50.04 44.58
CA LEU IA 73 40.69 50.73 45.58
C LEU IA 73 41.26 49.76 46.59
N GLY IA 74 40.48 48.75 46.99
CA GLY IA 74 41.06 47.69 47.81
C GLY IA 74 42.19 46.97 47.12
N THR IA 75 42.01 46.67 45.84
CA THR IA 75 43.08 46.03 45.09
C THR IA 75 44.33 46.91 45.02
N ALA IA 76 44.15 48.20 44.76
CA ALA IA 76 45.28 49.12 44.72
C ALA IA 76 45.97 49.24 46.06
N CYS IA 77 45.21 49.17 47.16
CA CYS IA 77 45.82 49.07 48.48
C CYS IA 77 46.49 47.72 48.70
N GLY IA 78 46.17 46.72 47.88
CA GLY IA 78 46.76 45.42 48.05
C GLY IA 78 46.01 44.51 48.98
N LYS IA 79 44.80 44.89 49.39
CA LYS IA 79 43.98 44.11 50.28
C LYS IA 79 43.01 43.26 49.48
N TYR IA 80 42.43 42.28 50.15
CA TYR IA 80 41.42 41.42 49.55
C TYR IA 80 40.02 41.78 50.02
N TYR IA 81 39.84 42.99 50.53
CA TYR IA 81 38.55 43.51 50.91
C TYR IA 81 38.36 44.88 50.27
N ARG IA 82 37.11 45.27 50.11
CA ARG IA 82 36.81 46.57 49.54
C ARG IA 82 37.13 47.67 50.55
N VAL IA 83 37.84 48.71 50.10
CA VAL IA 83 37.98 49.93 50.87
C VAL IA 83 37.38 51.06 50.05
N CYS IA 84 36.52 51.85 50.69
CA CYS IA 84 35.82 52.92 50.02
C CYS IA 84 36.37 54.29 50.37
N THR IA 85 37.04 54.41 51.51
CA THR IA 85 37.64 55.65 51.97
C THR IA 85 38.94 55.32 52.66
N LEU IA 86 39.98 56.11 52.41
CA LEU IA 86 41.24 55.87 53.11
C LEU IA 86 41.97 57.17 53.33
N ALA IA 87 42.84 57.18 54.32
CA ALA IA 87 43.59 58.38 54.69
C ALA IA 87 45.06 58.05 54.87
N ILE IA 88 45.92 58.90 54.31
CA ILE IA 88 47.37 58.73 54.41
C ILE IA 88 47.87 59.64 55.50
N ILE IA 89 48.43 59.07 56.57
CA ILE IA 89 48.96 59.88 57.66
C ILE IA 89 50.29 60.51 57.25
N ASP IA 90 51.18 59.73 56.65
CA ASP IA 90 52.40 60.27 56.05
C ASP IA 90 52.79 59.35 54.90
N PRO IA 91 53.10 59.90 53.73
CA PRO IA 91 53.37 59.06 52.57
C PRO IA 91 54.66 58.28 52.64
N GLY IA 92 55.78 58.97 52.88
CA GLY IA 92 57.09 58.35 52.75
C GLY IA 92 57.56 58.19 51.32
N ASP IA 93 56.80 58.65 50.32
CA ASP IA 93 57.19 58.48 48.93
C ASP IA 93 56.87 59.67 48.04
N SER IA 94 56.68 60.87 48.61
CA SER IA 94 56.39 62.08 47.85
C SER IA 94 55.12 61.94 47.01
N ASP IA 95 54.14 61.19 47.50
CA ASP IA 95 52.78 61.32 46.96
C ASP IA 95 52.23 62.70 47.30
N ILE IA 96 52.59 63.23 48.46
CA ILE IA 96 52.15 64.52 48.93
C ILE IA 96 53.36 65.44 48.93
N ILE IA 97 53.39 66.37 47.98
CA ILE IA 97 54.50 67.30 47.87
C ILE IA 97 54.56 68.19 49.10
N ARG IA 98 55.77 68.35 49.64
CA ARG IA 98 55.96 69.10 50.88
C ARG IA 98 55.71 70.59 50.67
N ASN JA 1 -37.37 -38.91 96.41
CA ASN JA 1 -37.52 -37.53 96.88
C ASN JA 1 -37.71 -36.60 95.68
N GLU JA 2 -37.83 -35.29 95.95
CA GLU JA 2 -37.96 -34.33 94.87
C GLU JA 2 -37.19 -33.04 95.11
N VAL JA 3 -36.33 -32.98 96.12
CA VAL JA 3 -35.55 -31.76 96.40
C VAL JA 3 -34.08 -32.18 96.33
N VAL JA 4 -33.77 -33.12 95.45
CA VAL JA 4 -32.46 -33.74 95.42
C VAL JA 4 -31.48 -32.86 94.65
N THR JA 5 -30.21 -32.97 95.00
CA THR JA 5 -29.13 -32.31 94.28
C THR JA 5 -28.00 -33.29 93.98
N ARG JA 6 -27.50 -33.21 92.75
CA ARG JA 6 -26.51 -34.13 92.24
C ARG JA 6 -25.42 -33.34 91.52
N GLU JA 7 -24.27 -33.97 91.35
CA GLU JA 7 -23.16 -33.37 90.63
C GLU JA 7 -22.87 -34.25 89.41
N TYR JA 8 -22.90 -33.62 88.24
CA TYR JA 8 -22.64 -34.27 86.97
C TYR JA 8 -21.44 -33.62 86.30
N THR JA 9 -20.92 -34.29 85.29
CA THR JA 9 -20.00 -33.69 84.34
C THR JA 9 -20.56 -33.83 82.94
N ILE JA 10 -20.44 -32.76 82.16
CA ILE JA 10 -21.06 -32.67 80.84
C ILE JA 10 -19.96 -32.60 79.80
N ASN JA 11 -20.10 -33.40 78.75
CA ASN JA 11 -19.22 -33.38 77.58
C ASN JA 11 -19.72 -32.29 76.64
N ILE JA 12 -19.35 -31.05 76.96
CA ILE JA 12 -19.66 -29.94 76.09
C ILE JA 12 -19.04 -30.16 74.72
N HIS JA 13 -17.86 -30.76 74.66
CA HIS JA 13 -17.23 -31.05 73.38
C HIS JA 13 -18.12 -31.94 72.53
N LYS JA 14 -18.66 -33.00 73.13
CA LYS JA 14 -19.55 -33.90 72.42
C LYS JA 14 -20.81 -33.19 71.96
N ARG JA 15 -21.39 -32.35 72.80
CA ARG JA 15 -22.65 -31.72 72.44
C ARG JA 15 -22.50 -30.51 71.53
N ILE JA 16 -21.29 -29.98 71.38
CA ILE JA 16 -21.06 -28.80 70.55
C ILE JA 16 -20.35 -29.17 69.24
N HIS JA 17 -19.85 -30.39 69.11
CA HIS JA 17 -19.13 -30.77 67.90
C HIS JA 17 -19.94 -30.50 66.64
N GLY JA 18 -19.38 -29.72 65.73
CA GLY JA 18 -19.99 -29.39 64.47
C GLY JA 18 -20.59 -28.00 64.38
N VAL JA 19 -20.71 -27.30 65.50
CA VAL JA 19 -21.37 -26.00 65.53
C VAL JA 19 -20.38 -24.93 65.09
N GLY JA 20 -20.87 -23.94 64.35
CA GLY JA 20 -20.02 -22.87 63.87
C GLY JA 20 -19.45 -22.02 64.99
N PHE JA 21 -18.45 -21.21 64.63
CA PHE JA 21 -17.67 -20.50 65.62
C PHE JA 21 -18.50 -19.52 66.43
N LYS JA 22 -19.30 -18.70 65.76
CA LYS JA 22 -20.08 -17.68 66.45
C LYS JA 22 -21.29 -18.24 67.17
N LYS JA 23 -21.44 -19.56 67.24
CA LYS JA 23 -22.59 -20.17 67.88
C LYS JA 23 -22.23 -21.16 68.98
N ARG JA 24 -20.94 -21.36 69.27
CA ARG JA 24 -20.54 -22.49 70.09
C ARG JA 24 -20.89 -22.28 71.57
N ALA JA 25 -20.65 -21.09 72.10
CA ALA JA 25 -21.00 -20.84 73.50
C ALA JA 25 -22.50 -20.67 73.73
N PRO JA 26 -23.27 -19.95 72.90
CA PRO JA 26 -24.73 -19.99 73.08
C PRO JA 26 -25.31 -21.38 72.96
N ARG JA 27 -24.79 -22.19 72.05
CA ARG JA 27 -25.26 -23.56 71.95
C ARG JA 27 -24.80 -24.38 73.14
N ALA JA 28 -23.66 -24.04 73.75
CA ALA JA 28 -23.26 -24.71 74.97
C ALA JA 28 -24.22 -24.42 76.10
N LEU JA 29 -24.69 -23.18 76.21
CA LEU JA 29 -25.71 -22.85 77.20
C LEU JA 29 -27.01 -23.61 76.92
N LYS JA 30 -27.41 -23.67 75.65
CA LYS JA 30 -28.63 -24.38 75.30
C LYS JA 30 -28.52 -25.87 75.61
N GLU JA 31 -27.37 -26.48 75.33
CA GLU JA 31 -27.18 -27.89 75.61
C GLU JA 31 -27.10 -28.16 77.11
N ILE JA 32 -26.53 -27.24 77.88
CA ILE JA 32 -26.54 -27.39 79.33
C ILE JA 32 -27.96 -27.34 79.86
N ARG JA 33 -28.77 -26.41 79.37
CA ARG JA 33 -30.16 -26.33 79.80
C ARG JA 33 -30.93 -27.59 79.42
N LYS JA 34 -30.70 -28.09 78.20
CA LYS JA 34 -31.36 -29.30 77.75
C LYS JA 34 -30.93 -30.52 78.56
N PHE JA 35 -29.65 -30.60 78.90
CA PHE JA 35 -29.15 -31.66 79.77
C PHE JA 35 -29.82 -31.61 81.13
N ALA JA 36 -29.94 -30.42 81.71
CA ALA JA 36 -30.58 -30.28 83.01
C ALA JA 36 -32.04 -30.70 82.95
N MET JA 37 -32.74 -30.28 81.89
CA MET JA 37 -34.14 -30.68 81.72
C MET JA 37 -34.28 -32.19 81.62
N LYS JA 38 -33.43 -32.83 80.83
CA LYS JA 38 -33.52 -34.27 80.66
C LYS JA 38 -33.20 -35.00 81.96
N GLU JA 39 -32.22 -34.48 82.73
CA GLU JA 39 -31.84 -35.18 83.96
C GLU JA 39 -32.89 -35.03 85.06
N MET JA 40 -33.39 -33.81 85.28
CA MET JA 40 -34.22 -33.57 86.45
C MET JA 40 -35.70 -33.51 86.15
N GLY JA 41 -36.10 -33.58 84.89
CA GLY JA 41 -37.51 -33.55 84.54
C GLY JA 41 -38.21 -32.26 84.93
N THR JA 42 -37.51 -31.14 84.84
CA THR JA 42 -38.08 -29.83 85.18
C THR JA 42 -37.86 -28.89 84.00
N PRO JA 43 -38.93 -28.43 83.34
CA PRO JA 43 -38.74 -27.44 82.26
C PRO JA 43 -38.18 -26.11 82.74
N ASP JA 44 -38.31 -25.79 84.02
CA ASP JA 44 -37.74 -24.58 84.58
C ASP JA 44 -36.30 -24.86 84.99
N VAL JA 45 -35.35 -24.31 84.25
CA VAL JA 45 -33.93 -24.47 84.54
C VAL JA 45 -33.30 -23.08 84.60
N ARG JA 46 -32.78 -22.73 85.76
CA ARG JA 46 -32.03 -21.49 85.95
C ARG JA 46 -30.55 -21.82 85.94
N ILE JA 47 -29.77 -21.02 85.22
CA ILE JA 47 -28.34 -21.22 85.09
C ILE JA 47 -27.63 -20.13 85.87
N ASP JA 48 -26.73 -20.52 86.76
CA ASP JA 48 -25.99 -19.55 87.55
C ASP JA 48 -25.12 -18.68 86.66
N THR JA 49 -25.00 -17.40 87.05
CA THR JA 49 -24.17 -16.48 86.29
C THR JA 49 -22.71 -16.90 86.34
N ARG JA 50 -22.27 -17.51 87.45
CA ARG JA 50 -20.91 -18.04 87.48
C ARG JA 50 -20.75 -19.19 86.50
N LEU JA 51 -21.78 -20.02 86.33
CA LEU JA 51 -21.71 -21.06 85.32
C LEU JA 51 -21.66 -20.47 83.91
N ASN JA 52 -22.46 -19.45 83.65
CA ASN JA 52 -22.43 -18.80 82.34
C ASN JA 52 -21.06 -18.19 82.08
N LYS JA 53 -20.47 -17.56 83.08
CA LYS JA 53 -19.12 -17.02 82.96
C LYS JA 53 -18.10 -18.12 82.72
N ALA JA 54 -18.25 -19.26 83.38
CA ALA JA 54 -17.33 -20.38 83.15
C ALA JA 54 -17.43 -20.89 81.73
N VAL JA 55 -18.65 -20.97 81.19
CA VAL JA 55 -18.80 -21.45 79.82
C VAL JA 55 -18.24 -20.43 78.83
N TRP JA 56 -18.41 -19.14 79.11
CA TRP JA 56 -17.88 -18.10 78.25
C TRP JA 56 -16.46 -17.69 78.61
N ALA JA 57 -15.77 -18.47 79.46
CA ALA JA 57 -14.48 -18.05 79.97
C ALA JA 57 -13.45 -17.87 78.86
N LYS JA 58 -13.45 -18.76 77.87
CA LYS JA 58 -12.47 -18.73 76.81
C LYS JA 58 -13.04 -18.20 75.50
N GLY JA 59 -14.05 -17.35 75.58
CA GLY JA 59 -14.60 -16.75 74.38
C GLY JA 59 -15.75 -17.52 73.80
N ILE JA 60 -16.20 -17.05 72.64
CA ILE JA 60 -17.42 -17.58 72.03
C ILE JA 60 -17.20 -18.90 71.32
N ARG JA 61 -15.97 -19.22 70.90
CA ARG JA 61 -15.76 -20.41 70.09
C ARG JA 61 -14.93 -21.49 70.76
N ASN JA 62 -14.06 -21.13 71.69
CA ASN JA 62 -13.22 -22.13 72.35
C ASN JA 62 -13.80 -22.50 73.71
N VAL JA 63 -14.99 -23.09 73.69
CA VAL JA 63 -15.69 -23.53 74.90
C VAL JA 63 -14.92 -24.67 75.54
N PRO JA 64 -14.89 -24.78 76.87
CA PRO JA 64 -14.27 -25.95 77.50
C PRO JA 64 -14.93 -27.25 77.08
N TYR JA 65 -14.13 -28.31 76.98
CA TYR JA 65 -14.63 -29.59 76.51
C TYR JA 65 -15.57 -30.23 77.53
N ARG JA 66 -15.15 -30.28 78.79
CA ARG JA 66 -15.93 -30.88 79.85
C ARG JA 66 -16.19 -29.84 80.92
N ILE JA 67 -17.34 -29.95 81.58
CA ILE JA 67 -17.64 -29.00 82.66
C ILE JA 67 -18.34 -29.75 83.79
N ARG JA 68 -17.95 -29.47 85.02
CA ARG JA 68 -18.55 -30.10 86.19
C ARG JA 68 -19.61 -29.17 86.75
N VAL JA 69 -20.86 -29.63 86.75
CA VAL JA 69 -22.00 -28.83 87.16
C VAL JA 69 -22.71 -29.53 88.29
N ARG JA 70 -23.54 -28.77 88.99
CA ARG JA 70 -24.37 -29.29 90.08
C ARG JA 70 -25.82 -28.93 89.78
N LEU JA 71 -26.67 -29.95 89.71
CA LEU JA 71 -28.09 -29.78 89.45
C LEU JA 71 -28.84 -29.90 90.77
N SER JA 72 -29.62 -28.89 91.11
CA SER JA 72 -30.34 -28.84 92.37
C SER JA 72 -31.81 -28.64 92.07
N ARG JA 73 -32.62 -29.68 92.25
CA ARG JA 73 -34.06 -29.55 92.04
C ARG JA 73 -34.66 -28.92 93.29
N LYS JA 74 -35.34 -27.79 93.12
CA LYS JA 74 -35.80 -26.99 94.24
C LYS JA 74 -37.26 -26.62 94.04
N ARG JA 75 -37.94 -26.33 95.14
CA ARG JA 75 -39.35 -25.98 95.09
C ARG JA 75 -39.51 -24.59 94.49
N ASN JA 76 -40.35 -24.49 93.46
CA ASN JA 76 -40.76 -23.19 92.94
C ASN JA 76 -41.96 -22.64 93.70
N GLU JA 77 -42.31 -23.25 94.82
CA GLU JA 77 -43.58 -22.99 95.50
C GLU JA 77 -43.52 -21.63 96.19
N ASP JA 78 -43.43 -20.57 95.38
CA ASP JA 78 -43.40 -19.20 95.87
C ASP JA 78 -44.50 -18.34 95.28
N GLU JA 79 -45.10 -18.75 94.16
CA GLU JA 79 -46.12 -17.98 93.49
C GLU JA 79 -46.90 -18.92 92.59
N ASP JA 80 -47.95 -18.38 91.96
CA ASP JA 80 -48.76 -19.16 91.03
C ASP JA 80 -47.95 -19.39 89.76
N SER JA 81 -47.35 -20.58 89.66
CA SER JA 81 -46.53 -20.94 88.52
C SER JA 81 -46.97 -22.29 87.97
N PRO JA 82 -46.84 -22.49 86.66
CA PRO JA 82 -47.18 -23.80 86.09
C PRO JA 82 -46.30 -24.91 86.60
N ASN JA 83 -45.05 -24.61 86.96
CA ASN JA 83 -44.10 -25.60 87.47
C ASN JA 83 -43.87 -25.35 88.94
N LYS JA 84 -44.07 -26.39 89.75
CA LYS JA 84 -43.79 -26.31 91.18
C LYS JA 84 -42.36 -26.66 91.52
N LEU JA 85 -41.58 -27.11 90.53
CA LEU JA 85 -40.18 -27.47 90.73
C LEU JA 85 -39.33 -26.78 89.69
N TYR JA 86 -38.07 -26.56 90.04
CA TYR JA 86 -37.12 -25.96 89.11
C TYR JA 86 -35.73 -26.44 89.46
N THR JA 87 -34.83 -26.35 88.49
CA THR JA 87 -33.46 -26.82 88.62
C THR JA 87 -32.50 -25.66 88.53
N LEU JA 88 -31.71 -25.45 89.56
CA LEU JA 88 -30.63 -24.48 89.55
C LEU JA 88 -29.33 -25.19 89.21
N VAL JA 89 -28.66 -24.74 88.17
CA VAL JA 89 -27.44 -25.39 87.68
C VAL JA 89 -26.28 -24.48 88.05
N THR JA 90 -25.40 -24.95 88.92
CA THR JA 90 -24.27 -24.17 89.40
C THR JA 90 -22.96 -24.77 88.89
N TYR JA 91 -21.89 -24.01 89.07
CA TYR JA 91 -20.58 -24.35 88.54
C TYR JA 91 -19.71 -24.94 89.64
N VAL JA 92 -19.04 -26.03 89.34
CA VAL JA 92 -18.15 -26.71 90.28
C VAL JA 92 -16.74 -26.70 89.69
N PRO JA 93 -15.85 -25.86 90.20
CA PRO JA 93 -14.49 -25.82 89.67
C PRO JA 93 -13.72 -27.07 90.08
N VAL JA 94 -13.12 -27.74 89.10
CA VAL JA 94 -12.32 -28.93 89.34
C VAL JA 94 -10.97 -28.76 88.67
N THR JA 95 -9.99 -29.50 89.17
CA THR JA 95 -8.66 -29.50 88.59
C THR JA 95 -8.46 -30.60 87.56
N THR JA 96 -9.28 -31.64 87.60
CA THR JA 96 -9.19 -32.72 86.64
C THR JA 96 -10.56 -33.38 86.50
N PHE JA 97 -10.81 -33.96 85.33
CA PHE JA 97 -12.05 -34.67 85.06
C PHE JA 97 -11.87 -36.17 85.04
N LYS JA 98 -10.69 -36.67 85.37
CA LYS JA 98 -10.46 -38.10 85.38
C LYS JA 98 -11.15 -38.75 86.57
N ASN JA 99 -11.88 -39.83 86.30
CA ASN JA 99 -12.52 -40.64 87.33
C ASN JA 99 -13.54 -39.86 88.14
N LEU JA 100 -14.34 -39.02 87.48
CA LEU JA 100 -15.42 -38.31 88.14
C LEU JA 100 -16.74 -38.98 87.79
N GLN JA 101 -17.44 -39.47 88.81
CA GLN JA 101 -18.75 -40.07 88.62
C GLN JA 101 -19.84 -39.04 88.89
N THR JA 102 -21.05 -39.37 88.46
CA THR JA 102 -22.23 -38.60 88.84
C THR JA 102 -22.57 -38.95 90.28
N VAL JA 103 -22.49 -37.97 91.17
CA VAL JA 103 -22.57 -38.25 92.60
C VAL JA 103 -23.70 -37.45 93.24
N ASN JA 104 -24.49 -38.13 94.06
CA ASN JA 104 -25.49 -37.44 94.87
C ASN JA 104 -24.77 -36.59 95.91
N VAL JA 105 -25.17 -35.33 96.05
CA VAL JA 105 -24.58 -34.45 97.05
C VAL JA 105 -25.65 -34.12 98.07
N ASP JA 106 -25.26 -34.10 99.34
CA ASP JA 106 -26.20 -33.88 100.43
C ASP JA 106 -26.43 -32.38 100.63
N GLU JA 107 -27.08 -32.03 101.72
CA GLU JA 107 -27.36 -30.63 102.05
C GLU JA 107 -26.10 -29.91 102.48
N ALA KA 1 -113.89 -23.49 39.41
CA ALA KA 1 -113.48 -22.59 40.48
C ALA KA 1 -113.18 -21.21 39.92
N ALA KA 2 -112.10 -21.12 39.17
CA ALA KA 2 -111.71 -19.86 38.54
C ALA KA 2 -112.60 -19.56 37.35
N LEU KA 3 -112.63 -18.28 36.97
CA LEU KA 3 -113.39 -17.86 35.81
C LEU KA 3 -112.69 -18.34 34.54
N ARG KA 4 -113.47 -18.84 33.62
CA ARG KA 4 -112.86 -19.45 32.45
C ARG KA 4 -112.95 -18.52 31.25
N PRO KA 5 -111.96 -18.56 30.35
CA PRO KA 5 -111.99 -17.69 29.18
C PRO KA 5 -113.07 -18.12 28.20
N LEU KA 6 -113.29 -17.26 27.21
CA LEU KA 6 -114.27 -17.56 26.17
C LEU KA 6 -113.88 -18.81 25.39
N VAL KA 7 -112.65 -18.84 24.89
CA VAL KA 7 -112.11 -19.99 24.20
C VAL KA 7 -110.71 -20.25 24.75
N LYS KA 8 -110.31 -21.52 24.73
CA LYS KA 8 -108.99 -21.92 25.22
C LYS KA 8 -108.31 -22.73 24.14
N PRO KA 9 -107.73 -22.07 23.14
CA PRO KA 9 -106.98 -22.79 22.11
C PRO KA 9 -105.68 -23.33 22.67
N LYS KA 10 -105.07 -24.22 21.90
CA LYS KA 10 -103.79 -24.80 22.28
C LYS KA 10 -102.69 -23.82 21.93
N ILE KA 11 -102.03 -23.28 22.95
CA ILE KA 11 -100.97 -22.31 22.75
C ILE KA 11 -99.70 -23.03 22.32
N VAL KA 12 -99.16 -22.65 21.16
CA VAL KA 12 -97.95 -23.26 20.62
C VAL KA 12 -96.86 -22.20 20.65
N LYS KA 13 -95.77 -22.50 21.36
CA LYS KA 13 -94.61 -21.63 21.44
C LYS KA 13 -93.52 -22.20 20.54
N LYS KA 14 -93.08 -21.42 19.55
CA LYS KA 14 -92.04 -21.90 18.66
C LYS KA 14 -90.73 -22.11 19.41
N ARG KA 15 -90.42 -21.22 20.35
CA ARG KA 15 -89.25 -21.38 21.20
C ARG KA 15 -89.64 -21.07 22.63
N THR KA 16 -89.18 -21.90 23.56
CA THR KA 16 -89.51 -21.72 24.97
C THR KA 16 -88.38 -21.09 25.76
N LYS KA 17 -87.13 -21.35 25.38
CA LYS KA 17 -85.99 -20.77 26.06
C LYS KA 17 -85.81 -19.31 25.67
N LYS KA 18 -84.90 -18.62 26.34
CA LYS KA 18 -84.59 -17.23 26.06
C LYS KA 18 -83.41 -17.13 25.11
N PHE KA 19 -83.38 -16.06 24.33
CA PHE KA 19 -82.23 -15.76 23.49
C PHE KA 19 -81.20 -15.02 24.33
N ILE KA 20 -80.12 -15.67 24.66
CA ILE KA 20 -79.08 -15.07 25.48
C ILE KA 20 -78.07 -14.40 24.56
N ARG KA 21 -77.45 -13.34 25.07
CA ARG KA 21 -76.42 -12.65 24.31
C ARG KA 21 -75.19 -13.53 24.18
N HIS KA 22 -74.52 -13.42 23.02
CA HIS KA 22 -73.30 -14.15 22.79
C HIS KA 22 -72.25 -13.76 23.82
N GLN KA 23 -71.61 -14.78 24.40
CA GLN KA 23 -70.55 -14.63 25.41
C GLN KA 23 -71.06 -14.00 26.70
N SER KA 24 -72.36 -13.99 26.93
CA SER KA 24 -72.87 -13.50 28.20
C SER KA 24 -72.56 -14.47 29.34
N ASP KA 25 -72.26 -15.72 29.02
CA ASP KA 25 -71.88 -16.69 30.03
C ASP KA 25 -70.46 -16.47 30.53
N ARG KA 26 -69.58 -15.91 29.70
CA ARG KA 26 -68.17 -15.78 30.06
C ARG KA 26 -67.87 -14.50 30.82
N TYR KA 27 -68.78 -13.55 30.88
CA TYR KA 27 -68.52 -12.28 31.53
C TYR KA 27 -69.72 -11.85 32.35
N VAL KA 28 -69.43 -11.28 33.53
CA VAL KA 28 -70.48 -10.64 34.31
C VAL KA 28 -70.80 -9.27 33.73
N LYS KA 29 -69.82 -8.62 33.11
CA LYS KA 29 -70.06 -7.32 32.50
C LYS KA 29 -71.01 -7.42 31.31
N ILE KA 30 -71.23 -8.61 30.77
CA ILE KA 30 -72.12 -8.81 29.63
C ILE KA 30 -73.43 -9.36 30.17
N LYS KA 31 -74.47 -8.54 30.14
CA LYS KA 31 -75.79 -9.01 30.53
C LYS KA 31 -76.38 -9.91 29.45
N ARG KA 32 -77.32 -10.74 29.85
CA ARG KA 32 -77.92 -11.71 28.94
C ARG KA 32 -78.90 -11.08 27.97
N ASN KA 33 -79.22 -9.79 28.11
CA ASN KA 33 -80.08 -9.12 27.15
C ASN KA 33 -79.51 -9.24 25.76
N TRP KA 34 -80.38 -9.55 24.79
CA TRP KA 34 -79.92 -9.85 23.46
C TRP KA 34 -79.32 -8.61 22.80
N ARG KA 35 -78.13 -8.78 22.23
CA ARG KA 35 -77.51 -7.76 21.39
C ARG KA 35 -77.03 -8.45 20.13
N LYS KA 36 -77.32 -7.83 18.99
CA LYS KA 36 -76.95 -8.45 17.72
C LYS KA 36 -75.45 -8.42 17.54
N PRO KA 37 -74.81 -9.56 17.27
CA PRO KA 37 -73.36 -9.56 17.06
C PRO KA 37 -73.02 -8.91 15.73
N ARG KA 38 -72.05 -8.00 15.75
CA ARG KA 38 -71.67 -7.30 14.52
C ARG KA 38 -70.18 -7.36 14.26
N GLY KA 39 -69.47 -8.29 14.91
CA GLY KA 39 -68.07 -8.46 14.62
C GLY KA 39 -67.84 -9.04 13.24
N ILE KA 40 -66.67 -8.75 12.69
CA ILE KA 40 -66.37 -9.20 11.33
C ILE KA 40 -66.22 -10.72 11.29
N ASP KA 41 -65.65 -11.31 12.33
CA ASP KA 41 -65.39 -12.73 12.40
C ASP KA 41 -66.42 -13.48 13.24
N ASN KA 42 -67.48 -12.83 13.68
CA ASN KA 42 -68.37 -13.43 14.67
C ASN KA 42 -69.09 -14.64 14.11
N ARG KA 43 -68.83 -15.81 14.70
CA ARG KA 43 -69.45 -17.03 14.22
C ARG KA 43 -70.93 -17.12 14.56
N VAL KA 44 -71.36 -16.50 15.66
CA VAL KA 44 -72.80 -16.46 15.95
C VAL KA 44 -73.52 -15.62 14.91
N ARG KA 45 -72.94 -14.48 14.54
CA ARG KA 45 -73.52 -13.67 13.48
C ARG KA 45 -73.52 -14.42 12.16
N ARG KA 46 -72.44 -15.15 11.89
CA ARG KA 46 -72.34 -15.91 10.65
C ARG KA 46 -73.19 -17.17 10.65
N ARG KA 47 -73.77 -17.55 11.81
CA ARG KA 47 -74.71 -18.67 11.92
C ARG KA 47 -74.03 -20.02 11.67
N PHE KA 48 -72.88 -20.21 12.30
CA PHE KA 48 -72.24 -21.51 12.29
C PHE KA 48 -73.04 -22.50 13.13
N LYS KA 49 -72.92 -23.77 12.80
CA LYS KA 49 -73.69 -24.79 13.49
C LYS KA 49 -73.20 -24.93 14.93
N GLY KA 50 -74.13 -25.25 15.82
CA GLY KA 50 -73.81 -25.43 17.22
C GLY KA 50 -73.60 -24.17 18.00
N GLN KA 51 -74.01 -23.02 17.48
CA GLN KA 51 -73.77 -21.73 18.12
C GLN KA 51 -75.02 -21.23 18.81
N ILE KA 52 -74.91 -20.05 19.40
CA ILE KA 52 -76.05 -19.36 19.99
C ILE KA 52 -76.96 -18.86 18.87
N LEU KA 53 -78.24 -19.16 18.97
CA LEU KA 53 -79.18 -18.81 17.92
C LEU KA 53 -79.56 -17.33 17.98
N MET KA 54 -79.76 -16.74 16.81
CA MET KA 54 -80.16 -15.34 16.79
C MET KA 54 -81.66 -15.22 16.59
N PRO KA 55 -82.30 -14.33 17.34
CA PRO KA 55 -83.73 -14.09 17.13
C PRO KA 55 -84.01 -13.53 15.75
N ASN KA 56 -85.12 -13.99 15.16
CA ASN KA 56 -85.61 -13.44 13.91
C ASN KA 56 -87.13 -13.58 13.90
N ILE KA 57 -87.75 -13.04 12.86
CA ILE KA 57 -89.19 -12.94 12.82
C ILE KA 57 -89.86 -14.30 12.64
N GLY KA 58 -89.11 -15.33 12.23
CA GLY KA 58 -89.70 -16.63 12.04
C GLY KA 58 -90.13 -17.31 13.32
N TYR KA 59 -89.63 -16.84 14.46
CA TYR KA 59 -90.01 -17.36 15.76
C TYR KA 59 -91.30 -16.74 16.29
N GLY KA 60 -91.92 -15.86 15.51
CA GLY KA 60 -93.07 -15.12 16.02
C GLY KA 60 -94.22 -16.04 16.38
N SER KA 61 -94.94 -15.67 17.44
CA SER KA 61 -96.06 -16.47 17.91
C SER KA 61 -97.24 -16.33 16.98
N ASN KA 62 -98.11 -17.34 17.00
CA ASN KA 62 -99.38 -17.26 16.29
C ASN KA 62 -100.17 -16.05 16.76
N LYS KA 63 -100.73 -15.31 15.82
CA LYS KA 63 -101.42 -14.07 16.16
C LYS KA 63 -102.68 -14.35 16.96
N LYS KA 64 -103.28 -15.53 16.80
CA LYS KA 64 -104.45 -15.87 17.60
C LYS KA 64 -104.10 -16.02 19.07
N THR KA 65 -102.95 -16.62 19.37
CA THR KA 65 -102.58 -16.93 20.74
C THR KA 65 -101.44 -16.05 21.25
N LYS KA 66 -101.16 -14.94 20.58
CA LYS KA 66 -100.12 -14.04 21.05
C LYS KA 66 -100.59 -13.28 22.28
N HIS KA 67 -99.69 -13.20 23.27
CA HIS KA 67 -99.88 -12.50 24.54
C HIS KA 67 -100.87 -13.18 25.47
N MET KA 68 -101.39 -14.35 25.13
CA MET KA 68 -102.25 -15.07 26.06
C MET KA 68 -101.43 -15.60 27.23
N LEU KA 69 -101.99 -15.47 28.43
CA LEU KA 69 -101.46 -16.14 29.59
C LEU KA 69 -101.77 -17.63 29.48
N PRO KA 70 -101.10 -18.47 30.28
CA PRO KA 70 -101.44 -19.90 30.26
C PRO KA 70 -102.90 -20.19 30.56
N SER KA 71 -103.57 -19.33 31.34
CA SER KA 71 -104.99 -19.51 31.61
C SER KA 71 -105.86 -19.23 30.40
N GLY KA 72 -105.32 -18.64 29.34
CA GLY KA 72 -106.08 -18.30 28.16
C GLY KA 72 -106.54 -16.87 28.10
N PHE KA 73 -106.50 -16.14 29.21
CA PHE KA 73 -106.86 -14.74 29.22
C PHE KA 73 -105.70 -13.90 28.68
N ARG KA 74 -105.98 -12.65 28.38
CA ARG KA 74 -104.96 -11.67 28.07
C ARG KA 74 -104.95 -10.59 29.14
N LYS KA 75 -103.77 -10.11 29.45
CA LYS KA 75 -103.52 -9.33 30.65
C LYS KA 75 -103.74 -7.84 30.40
N PHE KA 76 -104.34 -7.16 31.37
CA PHE KA 76 -104.49 -5.71 31.32
C PHE KA 76 -104.17 -5.14 32.70
N LEU KA 77 -103.40 -4.06 32.74
CA LEU KA 77 -102.95 -3.50 34.00
C LEU KA 77 -103.89 -2.41 34.47
N VAL KA 78 -104.31 -2.48 35.74
CA VAL KA 78 -105.23 -1.52 36.32
C VAL KA 78 -104.60 -0.94 37.58
N HIS KA 79 -104.91 0.33 37.83
CA HIS KA 79 -104.39 1.04 38.98
C HIS KA 79 -105.44 1.39 40.02
N ASN KA 80 -106.69 1.58 39.62
CA ASN KA 80 -107.76 1.84 40.57
C ASN KA 80 -109.03 1.16 40.05
N VAL KA 81 -110.12 1.38 40.79
CA VAL KA 81 -111.38 0.73 40.45
C VAL KA 81 -111.93 1.26 39.12
N LYS KA 82 -111.73 2.55 38.85
CA LYS KA 82 -112.29 3.14 37.63
C LYS KA 82 -111.73 2.47 36.38
N GLU KA 83 -110.44 2.17 36.37
CA GLU KA 83 -109.85 1.47 35.24
C GLU KA 83 -110.28 0.01 35.15
N LEU KA 84 -110.97 -0.50 36.17
CA LEU KA 84 -111.45 -1.87 36.12
C LEU KA 84 -112.74 -2.03 35.33
N GLU KA 85 -113.54 -0.98 35.19
CA GLU KA 85 -114.78 -1.13 34.43
C GLU KA 85 -114.57 -1.04 32.92
N VAL KA 86 -113.35 -0.92 32.42
CA VAL KA 86 -113.16 -1.03 30.99
C VAL KA 86 -113.21 -2.49 30.55
N LEU KA 87 -113.00 -3.42 31.48
CA LEU KA 87 -113.01 -4.85 31.18
C LEU KA 87 -114.38 -5.47 31.34
N LEU KA 88 -115.38 -4.67 31.69
CA LEU KA 88 -116.72 -5.19 31.92
C LEU KA 88 -117.27 -5.91 30.70
N MET KA 89 -116.98 -5.38 29.50
CA MET KA 89 -117.43 -6.00 28.28
C MET KA 89 -116.35 -6.84 27.60
N CYS KA 90 -115.11 -6.75 28.08
CA CYS KA 90 -114.03 -7.64 27.67
C CYS KA 90 -113.82 -8.77 28.67
N ASN KA 91 -114.87 -9.05 29.45
CA ASN KA 91 -114.82 -9.97 30.58
C ASN KA 91 -114.23 -11.33 30.22
N LYS KA 92 -114.69 -11.92 29.13
CA LYS KA 92 -114.38 -13.32 28.83
C LYS KA 92 -113.05 -13.53 28.15
N SER KA 93 -112.31 -12.46 27.84
CA SER KA 93 -111.02 -12.61 27.18
C SER KA 93 -109.89 -11.83 27.84
N TYR KA 94 -110.18 -10.90 28.74
CA TYR KA 94 -109.15 -10.09 29.37
C TYR KA 94 -109.27 -10.15 30.89
N CYS KA 95 -108.14 -10.36 31.53
CA CYS KA 95 -108.01 -10.36 32.98
C CYS KA 95 -107.24 -9.12 33.41
N ALA KA 96 -107.21 -8.90 34.73
CA ALA KA 96 -106.64 -7.69 35.29
C ALA KA 96 -105.49 -8.02 36.22
N GLU KA 97 -104.41 -7.25 36.10
CA GLU KA 97 -103.38 -7.17 37.14
C GLU KA 97 -103.50 -5.84 37.85
N ILE KA 98 -103.55 -5.89 39.17
CA ILE KA 98 -103.42 -4.68 39.97
C ILE KA 98 -101.95 -4.28 39.96
N ALA KA 99 -101.68 -2.99 39.74
CA ALA KA 99 -100.31 -2.52 39.63
C ALA KA 99 -99.56 -2.74 40.95
N HIS KA 100 -98.24 -2.87 40.84
CA HIS KA 100 -97.43 -3.26 41.99
C HIS KA 100 -97.44 -2.21 43.08
N ASN KA 101 -97.65 -0.95 42.74
CA ASN KA 101 -97.55 0.13 43.71
C ASN KA 101 -98.89 0.47 44.35
N VAL KA 102 -99.96 -0.21 43.98
CA VAL KA 102 -101.26 0.04 44.60
C VAL KA 102 -101.25 -0.48 46.03
N SER KA 103 -101.77 0.32 46.96
CA SER KA 103 -101.76 -0.04 48.36
C SER KA 103 -102.74 -1.17 48.64
N SER KA 104 -102.58 -1.78 49.82
CA SER KA 104 -103.36 -2.95 50.17
C SER KA 104 -104.84 -2.64 50.36
N LYS KA 105 -105.16 -1.53 51.02
CA LYS KA 105 -106.56 -1.18 51.24
C LYS KA 105 -107.27 -0.85 49.93
N ASN KA 106 -106.53 -0.41 48.92
CA ASN KA 106 -107.15 -0.08 47.64
C ASN KA 106 -107.27 -1.32 46.76
N ARG KA 107 -106.25 -2.18 46.78
CA ARG KA 107 -106.35 -3.39 46.01
C ARG KA 107 -107.37 -4.36 46.58
N LYS KA 108 -107.70 -4.24 47.88
CA LYS KA 108 -108.84 -4.98 48.40
C LYS KA 108 -110.14 -4.57 47.69
N ALA KA 109 -110.36 -3.26 47.54
CA ALA KA 109 -111.55 -2.79 46.86
C ALA KA 109 -111.54 -3.20 45.39
N ILE KA 110 -110.38 -3.13 44.74
CA ILE KA 110 -110.28 -3.55 43.35
C ILE KA 110 -110.64 -5.02 43.21
N VAL KA 111 -110.12 -5.87 44.11
CA VAL KA 111 -110.39 -7.30 44.05
C VAL KA 111 -111.88 -7.57 44.24
N GLU KA 112 -112.50 -6.90 45.22
CA GLU KA 112 -113.91 -7.15 45.46
C GLU KA 112 -114.77 -6.68 44.30
N ARG KA 113 -114.44 -5.53 43.71
CA ARG KA 113 -115.20 -5.04 42.56
C ARG KA 113 -115.05 -5.98 41.37
N ALA KA 114 -113.84 -6.51 41.15
CA ALA KA 114 -113.65 -7.46 40.06
C ALA KA 114 -114.41 -8.74 40.30
N ALA KA 115 -114.48 -9.20 41.56
CA ALA KA 115 -115.30 -10.35 41.88
C ALA KA 115 -116.77 -10.09 41.57
N GLN KA 116 -117.23 -8.87 41.85
CA GLN KA 116 -118.61 -8.50 41.48
C GLN KA 116 -118.80 -8.53 39.97
N LEU KA 117 -117.88 -7.96 39.22
CA LEU KA 117 -118.01 -7.83 37.77
C LEU KA 117 -117.60 -9.09 37.03
N ALA KA 118 -117.23 -10.15 37.75
CA ALA KA 118 -116.82 -11.43 37.17
C ALA KA 118 -115.54 -11.29 36.33
N ILE KA 119 -114.73 -10.29 36.66
CA ILE KA 119 -113.44 -10.08 36.01
C ILE KA 119 -112.40 -10.90 36.75
N ARG KA 120 -111.49 -11.52 36.01
CA ARG KA 120 -110.44 -12.33 36.61
C ARG KA 120 -109.25 -11.45 36.99
N VAL KA 121 -108.72 -11.66 38.19
CA VAL KA 121 -107.51 -10.98 38.66
C VAL KA 121 -106.42 -12.03 38.82
N THR KA 122 -105.27 -11.76 38.23
CA THR KA 122 -104.18 -12.74 38.28
C THR KA 122 -103.44 -12.70 39.61
N ASN KA 123 -103.52 -11.61 40.36
CA ASN KA 123 -102.92 -11.51 41.69
C ASN KA 123 -103.97 -11.02 42.68
N PRO KA 124 -104.99 -11.85 42.96
CA PRO KA 124 -106.07 -11.39 43.85
C PRO KA 124 -105.69 -11.41 45.31
N ASN KA 125 -104.72 -12.22 45.71
CA ASN KA 125 -104.23 -12.25 47.08
C ASN KA 125 -102.77 -11.81 47.05
N ALA KA 126 -102.56 -10.50 47.06
CA ALA KA 126 -101.25 -9.94 46.80
C ALA KA 126 -100.75 -9.00 47.88
N ARG KA 127 -101.61 -8.45 48.73
CA ARG KA 127 -101.13 -7.70 49.89
C ARG KA 127 -102.09 -8.01 51.04
N LEU KA 128 -101.78 -9.06 51.78
CA LEU KA 128 -102.61 -9.51 52.89
C LEU KA 128 -101.89 -10.58 53.71
N SER LA 1 -96.88 -64.13 33.88
CA SER LA 1 -97.29 -65.25 33.04
C SER LA 1 -96.34 -65.46 31.88
N GLY LA 2 -95.90 -64.36 31.25
CA GLY LA 2 -94.99 -64.46 30.12
C GLY LA 2 -94.59 -63.09 29.63
N ARG LA 3 -93.61 -63.09 28.73
CA ARG LA 3 -92.96 -61.83 28.36
C ARG LA 3 -93.88 -60.94 27.54
N LEU LA 4 -94.57 -61.49 26.55
CA LEU LA 4 -95.60 -60.77 25.79
C LEU LA 4 -95.13 -59.53 25.04
N TRP LA 5 -93.83 -59.22 25.05
CA TRP LA 5 -93.32 -58.15 24.23
C TRP LA 5 -91.99 -58.56 23.62
N SER LA 6 -91.73 -58.07 22.42
CA SER LA 6 -90.47 -58.33 21.75
C SER LA 6 -89.39 -57.42 22.31
N LYS LA 7 -88.19 -58.00 22.48
CA LYS LA 7 -87.05 -57.24 22.96
C LYS LA 7 -86.46 -56.42 21.82
N ALA LA 8 -86.10 -55.17 22.12
CA ALA LA 8 -85.41 -54.33 21.16
C ALA LA 8 -84.36 -53.53 21.92
N ILE LA 9 -83.42 -52.98 21.16
CA ILE LA 9 -82.33 -52.19 21.73
C ILE LA 9 -82.42 -50.79 21.14
N PHE LA 10 -82.33 -49.79 22.00
CA PHE LA 10 -82.23 -48.41 21.52
C PHE LA 10 -80.82 -48.22 20.98
N ALA LA 11 -80.66 -48.34 19.66
CA ALA LA 11 -79.34 -48.25 19.07
C ALA LA 11 -78.85 -46.81 18.99
N GLY LA 12 -79.73 -45.88 18.69
CA GLY LA 12 -79.35 -44.48 18.59
C GLY LA 12 -80.43 -43.69 17.91
N TYR LA 13 -80.12 -42.41 17.69
CA TYR LA 13 -81.05 -41.52 17.01
C TYR LA 13 -80.84 -41.58 15.50
N LYS LA 14 -81.87 -41.15 14.78
CA LYS LA 14 -81.70 -40.88 13.36
C LYS LA 14 -80.71 -39.74 13.19
N ARG LA 15 -79.72 -39.95 12.33
CA ARG LA 15 -78.61 -39.01 12.29
C ARG LA 15 -77.90 -39.10 10.96
N GLY LA 16 -77.24 -38.01 10.60
CA GLY LA 16 -76.20 -38.05 9.60
C GLY LA 16 -74.90 -38.42 10.29
N LEU LA 17 -73.79 -38.02 9.69
CA LEU LA 17 -72.54 -38.21 10.41
C LEU LA 17 -72.37 -37.17 11.51
N ARG LA 18 -72.70 -35.91 11.22
CA ARG LA 18 -72.43 -34.81 12.14
C ARG LA 18 -73.70 -34.03 12.48
N ASN LA 19 -74.87 -34.61 12.23
CA ASN LA 19 -76.13 -34.02 12.65
C ASN LA 19 -76.99 -35.12 13.25
N GLN LA 20 -77.76 -34.77 14.26
CA GLN LA 20 -78.53 -35.75 15.02
C GLN LA 20 -79.96 -35.25 15.14
N ARG LA 21 -80.91 -36.06 14.71
CA ARG LA 21 -82.33 -35.73 14.79
C ARG LA 21 -82.92 -36.53 15.94
N GLU LA 22 -82.91 -35.93 17.12
CA GLU LA 22 -83.30 -36.65 18.33
C GLU LA 22 -84.78 -36.97 18.40
N HIS LA 23 -85.62 -36.38 17.55
CA HIS LA 23 -87.05 -36.61 17.66
C HIS LA 23 -87.44 -38.02 17.25
N THR LA 24 -86.61 -38.73 16.50
CA THR LA 24 -86.87 -40.09 16.09
C THR LA 24 -85.68 -40.98 16.42
N ALA LA 25 -85.96 -42.21 16.83
CA ALA LA 25 -84.96 -43.12 17.37
C ALA LA 25 -84.85 -44.37 16.51
N LEU LA 26 -83.73 -45.06 16.62
CA LEU LA 26 -83.48 -46.28 15.89
C LEU LA 26 -83.49 -47.45 16.85
N LEU LA 27 -84.28 -48.48 16.52
CA LEU LA 27 -84.45 -49.64 17.37
C LEU LA 27 -83.99 -50.88 16.62
N LYS LA 28 -83.27 -51.73 17.33
CA LYS LA 28 -82.80 -53.02 16.82
C LYS LA 28 -83.62 -54.09 17.51
N ILE LA 29 -84.58 -54.67 16.81
CA ILE LA 29 -85.41 -55.71 17.38
C ILE LA 29 -84.68 -57.04 17.31
N GLU LA 30 -84.70 -57.78 18.41
CA GLU LA 30 -83.97 -59.04 18.48
C GLU LA 30 -84.59 -60.08 17.56
N GLY LA 31 -83.78 -60.69 16.71
CA GLY LA 31 -84.25 -61.69 15.78
C GLY LA 31 -84.72 -61.16 14.44
N VAL LA 32 -84.76 -59.86 14.26
CA VAL LA 32 -85.18 -59.24 13.01
C VAL LA 32 -83.94 -58.63 12.38
N TYR LA 33 -83.36 -59.31 11.39
CA TYR LA 33 -82.09 -58.90 10.82
C TYR LA 33 -82.17 -58.72 9.30
N ALA LA 34 -83.37 -58.54 8.76
CA ALA LA 34 -83.54 -58.21 7.36
C ALA LA 34 -84.69 -57.21 7.24
N ARG LA 35 -84.64 -56.39 6.20
CA ARG LA 35 -85.65 -55.35 6.05
C ARG LA 35 -87.03 -55.93 5.78
N ASP LA 36 -87.10 -57.05 5.06
CA ASP LA 36 -88.39 -57.63 4.72
C ASP LA 36 -89.06 -58.33 5.90
N GLU LA 37 -88.36 -58.53 7.01
CA GLU LA 37 -88.96 -59.09 8.21
C GLU LA 37 -89.55 -58.02 9.12
N THR LA 38 -89.35 -56.75 8.82
CA THR LA 38 -89.79 -55.68 9.69
C THR LA 38 -91.25 -55.30 9.49
N GLU LA 39 -91.91 -55.85 8.48
CA GLU LA 39 -93.27 -55.43 8.15
C GLU LA 39 -94.24 -55.76 9.28
N PHE LA 40 -93.96 -56.81 10.05
CA PHE LA 40 -94.83 -57.17 11.16
C PHE LA 40 -94.85 -56.07 12.21
N TYR LA 41 -93.70 -55.48 12.50
CA TYR LA 41 -93.56 -54.56 13.63
C TYR LA 41 -93.95 -53.14 13.30
N LEU LA 42 -94.35 -52.84 12.07
CA LEU LA 42 -94.70 -51.48 11.72
C LEU LA 42 -96.00 -51.07 12.38
N GLY LA 43 -95.97 -49.94 13.07
CA GLY LA 43 -97.13 -49.44 13.78
C GLY LA 43 -97.31 -49.98 15.18
N LYS LA 44 -96.48 -50.91 15.62
CA LYS LA 44 -96.63 -51.47 16.95
C LYS LA 44 -96.22 -50.45 18.00
N ARG LA 45 -96.89 -50.50 19.13
CA ARG LA 45 -96.51 -49.66 20.26
C ARG LA 45 -95.18 -50.13 20.82
N CYS LA 46 -94.37 -49.19 21.28
CA CYS LA 46 -93.12 -49.52 21.95
C CYS LA 46 -92.95 -48.63 23.17
N ALA LA 47 -92.29 -49.18 24.18
CA ALA LA 47 -92.15 -48.54 25.48
C ALA LA 47 -90.72 -48.61 25.96
N TYR LA 48 -90.25 -47.50 26.52
CA TYR LA 48 -89.00 -47.45 27.25
C TYR LA 48 -89.34 -47.41 28.73
N VAL LA 49 -89.12 -48.51 29.42
CA VAL LA 49 -89.51 -48.67 30.81
C VAL LA 49 -88.28 -48.55 31.69
N TYR LA 50 -88.36 -47.72 32.71
CA TYR LA 50 -87.22 -47.45 33.57
C TYR LA 50 -87.70 -47.12 34.98
N LYS LA 51 -86.75 -47.01 35.90
CA LYS LA 51 -87.02 -46.71 37.29
C LYS LA 51 -86.40 -45.38 37.68
N ALA LA 52 -86.98 -44.73 38.68
CA ALA LA 52 -86.48 -43.45 39.17
C ALA LA 52 -86.59 -43.45 40.68
N LYS LA 53 -86.42 -42.27 41.27
CA LYS LA 53 -86.37 -42.12 42.72
C LYS LA 53 -87.76 -41.93 43.34
N ASN LA 54 -88.55 -41.03 42.78
CA ASN LA 54 -89.87 -40.74 43.32
C ASN LA 54 -90.92 -41.69 42.78
N ASN LA 55 -91.93 -41.95 43.59
CA ASN LA 55 -93.04 -42.79 43.15
C ASN LA 55 -93.94 -42.02 42.20
N THR LA 56 -94.44 -42.72 41.19
CA THR LA 56 -95.40 -42.16 40.24
C THR LA 56 -96.60 -43.08 40.16
N VAL LA 57 -97.77 -42.49 39.86
CA VAL LA 57 -98.99 -43.29 39.81
C VAL LA 57 -98.92 -44.33 38.72
N THR LA 58 -99.36 -45.53 39.04
CA THR LA 58 -99.41 -46.64 38.10
C THR LA 58 -100.85 -46.89 37.70
N PRO LA 59 -101.19 -46.87 36.42
CA PRO LA 59 -102.55 -47.18 36.00
C PRO LA 59 -102.92 -48.60 36.39
N GLY LA 60 -104.04 -48.74 37.09
CA GLY LA 60 -104.45 -50.04 37.59
C GLY LA 60 -103.46 -50.66 38.55
N GLY LA 61 -102.93 -49.88 39.47
CA GLY LA 61 -101.96 -50.39 40.42
C GLY LA 61 -101.54 -49.30 41.38
N LYS LA 62 -100.72 -49.70 42.34
CA LYS LA 62 -100.19 -48.78 43.34
C LYS LA 62 -98.99 -48.04 42.79
N PRO LA 63 -98.73 -46.83 43.28
CA PRO LA 63 -97.54 -46.09 42.82
C PRO LA 63 -96.26 -46.83 43.11
N ASN LA 64 -95.31 -46.73 42.18
CA ASN LA 64 -94.02 -47.39 42.31
C ASN LA 64 -92.97 -46.56 41.60
N LYS LA 65 -91.79 -47.12 41.43
CA LYS LA 65 -90.67 -46.42 40.83
C LYS LA 65 -90.68 -46.46 39.30
N THR LA 66 -91.57 -47.24 38.70
CA THR LA 66 -91.55 -47.48 37.27
C THR LA 66 -92.09 -46.28 36.51
N ARG LA 67 -91.39 -45.87 35.46
CA ARG LA 67 -91.83 -44.83 34.55
C ARG LA 67 -91.69 -45.32 33.12
N VAL LA 68 -92.53 -44.79 32.24
CA VAL LA 68 -92.56 -45.22 30.83
C VAL LA 68 -92.58 -43.99 29.93
N ILE LA 69 -91.81 -44.04 28.86
CA ILE LA 69 -91.96 -43.14 27.72
C ILE LA 69 -92.52 -43.97 26.58
N TRP LA 70 -93.74 -43.64 26.15
CA TRP LA 70 -94.41 -44.42 25.13
C TRP LA 70 -94.00 -43.97 23.73
N GLY LA 71 -94.23 -44.84 22.77
CA GLY LA 71 -93.91 -44.55 21.38
C GLY LA 71 -94.42 -45.64 20.49
N LYS LA 72 -94.06 -45.56 19.21
CA LYS LA 72 -94.47 -46.60 18.29
C LYS LA 72 -93.50 -46.67 17.11
N VAL LA 73 -93.41 -47.85 16.51
CA VAL LA 73 -92.57 -48.06 15.35
C VAL LA 73 -93.23 -47.40 14.14
N THR LA 74 -92.45 -46.61 13.40
CA THR LA 74 -92.97 -45.84 12.28
C THR LA 74 -92.67 -46.47 10.93
N ARG LA 75 -91.44 -46.95 10.73
CA ARG LA 75 -91.03 -47.48 9.45
C ARG LA 75 -89.76 -48.29 9.62
N ALA LA 76 -89.33 -48.94 8.56
CA ALA LA 76 -88.07 -49.66 8.57
C ALA LA 76 -86.91 -48.71 8.31
N HIS LA 77 -85.75 -49.11 8.80
CA HIS LA 77 -84.52 -48.36 8.64
C HIS LA 77 -83.41 -49.31 8.22
N GLY LA 78 -82.77 -48.99 7.10
CA GLY LA 78 -81.69 -49.79 6.58
C GLY LA 78 -82.19 -51.08 5.95
N ASN LA 79 -81.23 -51.90 5.53
CA ASN LA 79 -81.52 -53.22 5.00
C ASN LA 79 -81.43 -54.32 6.04
N SER LA 80 -80.88 -54.03 7.22
CA SER LA 80 -80.53 -55.06 8.19
C SER LA 80 -81.56 -55.16 9.31
N GLY LA 81 -82.76 -54.63 9.09
CA GLY LA 81 -83.82 -54.78 10.06
C GLY LA 81 -83.88 -53.74 11.14
N MET LA 82 -83.28 -52.57 10.93
CA MET LA 82 -83.52 -51.49 11.88
C MET LA 82 -84.95 -51.02 11.74
N VAL LA 83 -85.48 -50.40 12.80
CA VAL LA 83 -86.75 -49.70 12.67
C VAL LA 83 -86.59 -48.32 13.26
N ARG LA 84 -87.44 -47.41 12.81
CA ARG LA 84 -87.52 -46.07 13.37
C ARG LA 84 -88.72 -45.98 14.28
N ALA LA 85 -88.56 -45.28 15.39
CA ALA LA 85 -89.61 -45.12 16.38
C ALA LA 85 -89.76 -43.66 16.74
N LYS LA 86 -91.00 -43.23 16.91
CA LYS LA 86 -91.32 -41.91 17.42
C LYS LA 86 -91.93 -42.07 18.80
N PHE LA 87 -91.35 -41.39 19.78
CA PHE LA 87 -91.84 -41.45 21.14
C PHE LA 87 -92.54 -40.15 21.51
N ARG LA 88 -93.33 -40.20 22.58
CA ARG LA 88 -94.06 -39.01 23.01
C ARG LA 88 -93.11 -37.90 23.42
N SER LA 89 -92.00 -38.24 24.05
CA SER LA 89 -90.89 -37.33 24.25
C SER LA 89 -89.63 -38.03 23.78
N ASN LA 90 -88.68 -37.23 23.30
CA ASN LA 90 -87.45 -37.80 22.76
C ASN LA 90 -86.74 -38.63 23.80
N LEU LA 91 -86.23 -39.78 23.39
CA LEU LA 91 -85.61 -40.70 24.33
C LEU LA 91 -84.36 -40.09 24.92
N PRO LA 92 -84.11 -40.27 26.21
CA PRO LA 92 -82.87 -39.78 26.79
C PRO LA 92 -81.68 -40.55 26.26
N ALA LA 93 -80.54 -39.89 26.21
CA ALA LA 93 -79.34 -40.50 25.65
C ALA LA 93 -78.72 -41.54 26.56
N LYS LA 94 -79.12 -41.62 27.83
CA LYS LA 94 -78.64 -42.69 28.68
C LYS LA 94 -79.26 -44.03 28.34
N ALA LA 95 -80.32 -44.04 27.53
CA ALA LA 95 -81.01 -45.26 27.16
C ALA LA 95 -80.39 -45.95 25.97
N ILE LA 96 -79.31 -45.41 25.40
CA ILE LA 96 -78.68 -46.02 24.24
C ILE LA 96 -78.04 -47.34 24.66
N GLY LA 97 -78.33 -48.40 23.93
CA GLY LA 97 -77.89 -49.72 24.31
C GLY LA 97 -78.74 -50.38 25.37
N HIS LA 98 -79.95 -49.89 25.60
CA HIS LA 98 -80.82 -50.41 26.63
C HIS LA 98 -82.12 -50.93 26.02
N ARG LA 99 -82.92 -51.55 26.88
CA ARG LA 99 -84.08 -52.32 26.47
C ARG LA 99 -85.24 -51.42 26.08
N ILE LA 100 -85.86 -51.74 24.94
CA ILE LA 100 -87.14 -51.20 24.52
C ILE LA 100 -88.07 -52.38 24.32
N ARG LA 101 -89.34 -52.23 24.69
CA ARG LA 101 -90.31 -53.29 24.53
C ARG LA 101 -91.23 -52.96 23.37
N VAL LA 102 -91.40 -53.89 22.44
CA VAL LA 102 -92.36 -53.76 21.36
C VAL LA 102 -93.57 -54.62 21.70
N MET LA 103 -94.72 -53.99 21.85
CA MET LA 103 -95.79 -54.51 22.69
C MET LA 103 -96.83 -55.35 21.97
N LEU LA 104 -96.71 -55.52 20.65
CA LEU LA 104 -97.68 -56.29 19.85
C LEU LA 104 -99.09 -55.68 19.85
N TYR LA 105 -99.28 -54.50 20.45
CA TYR LA 105 -100.64 -54.02 20.73
C TYR LA 105 -101.45 -53.81 19.46
N PRO LA 106 -101.11 -52.88 18.55
CA PRO LA 106 -102.03 -52.71 17.40
C PRO LA 106 -101.86 -53.87 16.43
N SER LA 107 -102.49 -54.99 16.76
CA SER LA 107 -102.28 -56.21 16.02
C SER LA 107 -103.00 -56.16 14.68
N ARG LA 108 -102.34 -56.71 13.66
CA ARG LA 108 -102.93 -56.84 12.33
C ARG LA 108 -102.97 -58.28 11.87
N ILE LA 109 -102.77 -59.23 12.78
CA ILE LA 109 -102.74 -60.63 12.42
C ILE LA 109 -103.82 -61.39 13.17
N VAL MA 1 -6.06 10.39 76.59
CA VAL MA 1 -5.83 11.75 77.06
C VAL MA 1 -7.07 12.60 76.83
N GLN MA 2 -7.08 13.80 77.39
CA GLN MA 2 -8.21 14.69 77.25
C GLN MA 2 -8.15 15.37 75.89
N ARG MA 3 -9.17 15.15 75.07
CA ARG MA 3 -9.26 15.79 73.78
C ARG MA 3 -10.14 17.04 73.89
N LEU MA 4 -9.84 18.02 73.04
CA LEU MA 4 -10.35 19.37 73.22
C LEU MA 4 -11.43 19.70 72.19
N THR MA 5 -12.19 20.74 72.50
CA THR MA 5 -13.21 21.27 71.61
C THR MA 5 -13.06 22.78 71.54
N TYR MA 6 -13.56 23.35 70.44
CA TYR MA 6 -13.66 24.80 70.35
C TYR MA 6 -14.70 25.31 71.33
N ARG MA 7 -14.52 26.56 71.76
CA ARG MA 7 -15.45 27.18 72.69
C ARG MA 7 -16.36 28.19 72.01
N ARG MA 8 -16.16 28.47 70.73
CA ARG MA 8 -17.00 29.37 69.96
C ARG MA 8 -17.56 28.62 68.77
N ARG MA 9 -18.50 29.26 68.07
CA ARG MA 9 -19.16 28.58 66.96
C ARG MA 9 -18.35 28.62 65.68
N LEU MA 10 -17.25 29.35 65.63
CA LEU MA 10 -16.36 29.31 64.47
C LEU MA 10 -15.58 28.01 64.52
N SER MA 11 -15.84 27.13 63.55
CA SER MA 11 -15.33 25.78 63.57
C SER MA 11 -14.20 25.55 62.58
N TYR MA 12 -13.65 26.61 62.00
CA TYR MA 12 -12.62 26.47 60.99
C TYR MA 12 -11.32 27.05 61.49
N ASN MA 13 -10.21 26.50 61.00
CA ASN MA 13 -8.88 26.92 61.42
C ASN MA 13 -8.43 28.17 60.65
N THR MA 14 -9.24 29.22 60.76
CA THR MA 14 -8.94 30.46 60.08
C THR MA 14 -7.94 31.28 60.88
N ALA MA 15 -7.60 32.46 60.37
CA ALA MA 15 -6.59 33.28 61.01
C ALA MA 15 -7.09 33.91 62.30
N SER MA 16 -8.40 34.06 62.45
CA SER MA 16 -8.97 34.64 63.65
C SER MA 16 -9.40 33.58 64.66
N ASN MA 17 -9.11 32.33 64.40
CA ASN MA 17 -9.57 31.22 65.22
C ASN MA 17 -8.38 30.45 65.78
N LYS MA 18 -7.36 31.17 66.23
CA LYS MA 18 -6.14 30.57 66.73
C LYS MA 18 -6.21 30.45 68.25
N THR MA 19 -5.74 29.33 68.77
CA THR MA 19 -5.91 28.98 70.17
C THR MA 19 -4.56 28.61 70.77
N ARG MA 20 -4.55 28.54 72.10
CA ARG MA 20 -3.43 27.96 72.83
C ARG MA 20 -4.00 27.15 73.99
N LEU MA 21 -3.18 26.27 74.55
CA LEU MA 21 -3.64 25.34 75.57
C LEU MA 21 -3.36 25.91 76.95
N SER MA 22 -4.36 25.89 77.81
CA SER MA 22 -4.24 26.41 79.15
C SER MA 22 -4.73 25.38 80.14
N ARG MA 23 -4.05 25.24 81.27
CA ARG MA 23 -4.46 24.34 82.33
C ARG MA 23 -5.14 25.16 83.42
N THR MA 24 -6.45 24.97 83.56
CA THR MA 24 -7.23 25.75 84.51
C THR MA 24 -6.93 25.31 85.94
N PRO MA 25 -7.34 26.11 86.93
CA PRO MA 25 -7.27 25.64 88.32
C PRO MA 25 -8.10 24.41 88.59
N GLY MA 26 -9.07 24.09 87.74
CA GLY MA 26 -9.82 22.86 87.83
C GLY MA 26 -9.13 21.65 87.26
N ASN MA 27 -7.86 21.77 86.90
CA ASN MA 27 -7.03 20.69 86.38
C ASN MA 27 -7.64 20.10 85.12
N ARG MA 28 -7.81 20.96 84.12
CA ARG MA 28 -8.25 20.53 82.80
C ARG MA 28 -7.65 21.46 81.77
N ILE MA 29 -7.47 20.94 80.57
CA ILE MA 29 -6.90 21.69 79.47
C ILE MA 29 -8.03 22.30 78.66
N VAL MA 30 -7.91 23.60 78.37
CA VAL MA 30 -8.91 24.31 77.59
C VAL MA 30 -8.21 25.19 76.56
N TYR MA 31 -8.95 25.54 75.51
CA TYR MA 31 -8.49 26.55 74.58
C TYR MA 31 -8.64 27.95 75.15
N LEU MA 32 -7.58 28.73 75.00
CA LEU MA 32 -7.62 30.17 75.18
C LEU MA 32 -7.38 30.81 73.82
N TYR MA 33 -8.27 31.70 73.42
CA TYR MA 33 -8.20 32.30 72.10
C TYR MA 33 -7.22 33.47 72.14
N THR MA 34 -6.11 33.34 71.42
CA THR MA 34 -5.04 34.31 71.48
C THR MA 34 -5.32 35.50 70.57
N LYS MA 35 -4.58 36.58 70.81
CA LYS MA 35 -4.62 37.74 69.94
C LYS MA 35 -3.52 37.63 68.89
N LYS MA 36 -3.72 38.33 67.78
CA LYS MA 36 -2.76 38.27 66.69
C LYS MA 36 -1.44 38.92 67.10
N VAL MA 37 -0.36 38.50 66.45
CA VAL MA 37 0.96 39.02 66.75
C VAL MA 37 1.10 40.40 66.12
N GLY MA 38 1.37 41.41 66.96
CA GLY MA 38 1.55 42.75 66.47
C GLY MA 38 2.93 42.96 65.88
N LYS MA 39 3.07 44.08 65.17
CA LYS MA 39 4.32 44.44 64.53
C LYS MA 39 4.74 45.84 64.96
N ALA MA 40 6.04 46.01 65.16
CA ALA MA 40 6.60 47.33 65.37
C ALA MA 40 6.52 48.12 64.08
N PRO MA 41 6.59 49.45 64.16
CA PRO MA 41 6.57 50.26 62.93
C PRO MA 41 7.80 50.01 62.06
N LYS MA 42 7.62 50.19 60.76
CA LYS MA 42 8.74 50.29 59.84
C LYS MA 42 9.17 51.74 59.71
N SER MA 43 10.41 51.94 59.32
CA SER MA 43 10.96 53.28 59.24
C SER MA 43 10.36 54.03 58.07
N ALA MA 44 10.07 55.31 58.29
CA ALA MA 44 9.49 56.14 57.24
C ALA MA 44 10.46 56.42 56.10
N CYS MA 45 11.74 56.13 56.29
CA CYS MA 45 12.70 56.27 55.20
C CYS MA 45 12.38 55.32 54.06
N GLY MA 46 11.87 54.13 54.37
CA GLY MA 46 11.54 53.17 53.36
C GLY MA 46 12.70 52.40 52.79
N VAL MA 47 13.86 52.45 53.43
CA VAL MA 47 15.08 51.81 52.91
C VAL MA 47 15.51 50.65 53.80
N CYS MA 48 15.89 50.94 55.03
CA CYS MA 48 16.43 49.89 55.88
C CYS MA 48 15.28 49.02 56.39
N PRO MA 49 15.43 47.68 56.33
CA PRO MA 49 14.26 46.80 56.49
C PRO MA 49 13.90 46.47 57.93
N GLY MA 50 14.78 46.76 58.89
CA GLY MA 50 14.44 46.46 60.27
C GLY MA 50 13.36 47.37 60.81
N ARG MA 51 12.63 46.85 61.79
CA ARG MA 51 11.56 47.62 62.42
C ARG MA 51 12.12 48.40 63.60
N LEU MA 52 11.37 49.43 64.00
CA LEU MA 52 11.88 50.38 64.98
C LEU MA 52 11.98 49.77 66.37
N ARG MA 53 12.88 50.33 67.16
CA ARG MA 53 13.10 49.93 68.54
C ARG MA 53 12.44 50.91 69.50
N GLY MA 54 12.20 50.45 70.71
CA GLY MA 54 11.61 51.29 71.74
C GLY MA 54 10.12 51.45 71.67
N VAL MA 55 9.47 50.86 70.67
CA VAL MA 55 8.02 51.00 70.47
C VAL MA 55 7.39 49.63 70.67
N ARG MA 56 6.36 49.59 71.51
CA ARG MA 56 5.70 48.33 71.82
C ARG MA 56 4.96 47.80 70.60
N ALA MA 57 5.09 46.50 70.35
CA ALA MA 57 4.51 45.86 69.17
C ALA MA 57 3.15 45.28 69.53
N VAL MA 58 2.08 45.95 69.10
CA VAL MA 58 0.73 45.56 69.42
C VAL MA 58 -0.14 45.70 68.17
N ARG MA 59 -1.39 45.27 68.29
CA ARG MA 59 -2.36 45.50 67.24
C ARG MA 59 -2.71 46.99 67.18
N PRO MA 60 -3.13 47.48 66.01
CA PRO MA 60 -3.30 48.94 65.86
C PRO MA 60 -4.29 49.57 66.81
N LYS MA 61 -5.38 48.88 67.15
CA LYS MA 61 -6.36 49.47 68.05
C LYS MA 61 -5.93 49.40 69.50
N VAL MA 62 -4.90 48.62 69.82
CA VAL MA 62 -4.36 48.62 71.17
C VAL MA 62 -3.58 49.91 71.43
N LEU MA 63 -3.04 50.52 70.37
CA LEU MA 63 -2.25 51.74 70.54
C LEU MA 63 -3.08 52.90 71.07
N MET MA 64 -4.41 52.81 70.97
CA MET MA 64 -5.25 53.89 71.47
C MET MA 64 -5.20 53.99 72.99
N ARG MA 65 -4.93 52.88 73.68
CA ARG MA 65 -4.90 52.87 75.14
C ARG MA 65 -3.49 52.76 75.70
N LEU MA 66 -2.46 52.86 74.87
CA LEU MA 66 -1.09 52.94 75.34
C LEU MA 66 -0.75 54.40 75.63
N SER MA 67 0.16 54.59 76.58
CA SER MA 67 0.62 55.94 76.86
C SER MA 67 1.53 56.44 75.74
N LYS MA 68 1.78 57.74 75.74
CA LYS MA 68 2.54 58.35 74.65
C LYS MA 68 3.95 57.80 74.58
N THR MA 69 4.60 57.61 75.73
CA THR MA 69 5.99 57.17 75.76
C THR MA 69 6.17 55.79 75.14
N LYS MA 70 5.18 54.92 75.29
CA LYS MA 70 5.29 53.57 74.75
C LYS MA 70 5.20 53.53 73.23
N LYS MA 71 4.87 54.64 72.58
CA LYS MA 71 4.67 54.65 71.14
C LYS MA 71 5.66 55.51 70.39
N HIS MA 72 6.66 56.09 71.05
CA HIS MA 72 7.65 56.87 70.36
C HIS MA 72 8.98 56.79 71.10
N VAL MA 73 9.99 57.43 70.53
CA VAL MA 73 11.33 57.51 71.09
C VAL MA 73 11.69 58.99 71.21
N SER MA 74 12.35 59.35 72.31
CA SER MA 74 12.68 60.75 72.58
C SER MA 74 13.78 61.19 71.63
N ARG MA 75 13.38 61.60 70.43
CA ARG MA 75 14.27 62.07 69.38
C ARG MA 75 13.39 62.64 68.27
N ALA MA 76 13.97 63.52 67.46
CA ALA MA 76 13.29 64.01 66.28
C ALA MA 76 12.92 62.84 65.38
N TYR MA 77 11.70 62.85 64.85
CA TYR MA 77 11.12 61.75 64.10
C TYR MA 77 11.07 60.45 64.91
N GLY MA 78 11.12 60.55 66.24
CA GLY MA 78 11.15 59.38 67.09
C GLY MA 78 9.90 58.54 66.99
N GLY MA 79 10.05 57.24 66.81
CA GLY MA 79 8.91 56.37 66.63
C GLY MA 79 8.33 56.40 65.23
N SER MA 80 8.92 57.12 64.32
CA SER MA 80 8.54 57.18 62.92
C SER MA 80 9.71 56.90 61.99
N MET MA 81 10.91 57.32 62.36
CA MET MA 81 12.10 57.09 61.56
C MET MA 81 13.23 56.57 62.43
N CYS MA 82 14.05 55.72 61.83
CA CYS MA 82 15.19 55.14 62.50
C CYS MA 82 16.30 56.17 62.70
N ALA MA 83 17.12 55.93 63.72
CA ALA MA 83 18.16 56.88 64.09
C ALA MA 83 19.19 57.05 62.98
N LYS MA 84 19.56 55.95 62.31
CA LYS MA 84 20.57 56.03 61.27
C LYS MA 84 20.13 56.94 60.13
N CYS MA 85 18.90 56.77 59.67
CA CYS MA 85 18.40 57.64 58.61
C CYS MA 85 18.10 59.05 59.10
N VAL MA 86 17.79 59.24 60.38
CA VAL MA 86 17.69 60.61 60.91
C VAL MA 86 19.05 61.31 60.84
N ARG MA 87 20.12 60.62 61.23
CA ARG MA 87 21.45 61.20 61.10
C ARG MA 87 21.77 61.51 59.64
N ASP MA 88 21.41 60.58 58.75
CA ASP MA 88 21.68 60.80 57.33
C ASP MA 88 20.93 62.01 56.80
N ARG MA 89 19.67 62.19 57.21
CA ARG MA 89 18.90 63.34 56.76
C ARG MA 89 19.44 64.64 57.34
N ILE MA 90 19.88 64.64 58.60
CA ILE MA 90 20.48 65.84 59.16
C ILE MA 90 21.71 66.25 58.36
N LYS MA 91 22.60 65.29 58.12
CA LYS MA 91 23.82 65.58 57.37
C LYS MA 91 23.49 66.01 55.96
N ARG MA 92 22.54 65.34 55.32
CA ARG MA 92 22.17 65.67 53.94
C ARG MA 92 21.61 67.07 53.84
N ALA MA 93 20.71 67.44 54.75
CA ALA MA 93 20.16 68.78 54.74
C ALA MA 93 21.25 69.83 54.92
N PHE MA 94 22.09 69.64 55.93
CA PHE MA 94 23.15 70.61 56.20
C PHE MA 94 24.08 70.76 55.01
N LEU MA 95 24.50 69.64 54.43
CA LEU MA 95 25.50 69.70 53.37
C LEU MA 95 24.91 70.24 52.08
N ILE MA 96 23.65 69.96 51.79
CA ILE MA 96 23.05 70.51 50.58
C ILE MA 96 22.82 72.00 50.72
N GLU MA 97 22.41 72.47 51.91
CA GLU MA 97 22.31 73.91 52.10
C GLU MA 97 23.68 74.58 52.00
N GLU MA 98 24.73 73.94 52.52
CA GLU MA 98 26.07 74.46 52.35
C GLU MA 98 26.45 74.53 50.88
N GLN MA 99 26.06 73.51 50.10
CA GLN MA 99 26.32 73.51 48.67
C GLN MA 99 25.59 74.65 47.96
N LYS MA 100 24.36 74.93 48.37
CA LYS MA 100 23.64 76.06 47.81
C LYS MA 100 24.36 77.37 48.11
N ILE MA 101 24.87 77.52 49.34
CA ILE MA 101 25.66 78.70 49.66
C ILE MA 101 26.90 78.79 48.78
N VAL MA 102 27.55 77.65 48.56
CA VAL MA 102 28.77 77.62 47.75
C VAL MA 102 28.47 78.05 46.32
N VAL MA 103 27.40 77.52 45.73
CA VAL MA 103 27.12 77.87 44.34
C VAL MA 103 26.67 79.32 44.22
N LYS MA 104 25.95 79.84 45.22
CA LYS MA 104 25.60 81.25 45.20
C LYS MA 104 26.84 82.14 45.26
N VAL MA 105 27.78 81.82 46.16
CA VAL MA 105 29.03 82.56 46.23
C VAL MA 105 29.82 82.44 44.94
N LEU MA 106 29.79 81.25 44.33
CA LEU MA 106 30.54 81.02 43.10
C LEU MA 106 30.01 81.88 41.96
N LYS MA 107 28.70 81.91 41.77
CA LYS MA 107 28.16 82.77 40.72
C LYS MA 107 28.31 84.24 41.06
N ALA MA 108 28.27 84.61 42.35
CA ALA MA 108 28.50 85.99 42.73
C ALA MA 108 29.90 86.44 42.36
N GLN MA 109 30.92 85.61 42.62
CA GLN MA 109 32.27 86.00 42.25
C GLN MA 109 32.52 85.84 40.75
N ALA MA 110 31.73 85.01 40.06
CA ALA MA 110 31.86 84.88 38.62
C ALA MA 110 31.26 86.06 37.87
N GLN MA 111 30.20 86.67 38.40
CA GLN MA 111 29.56 87.79 37.73
C GLN MA 111 30.28 89.11 37.94
N SER MA 112 31.40 89.10 38.65
CA SER MA 112 32.16 90.33 38.88
C SER MA 112 32.82 90.86 37.61
N GLN MA 113 32.83 90.09 36.52
CA GLN MA 113 33.35 90.53 35.24
C GLN MA 113 32.23 90.55 34.21
N LYS MA 114 32.25 91.55 33.33
CA LYS MA 114 31.24 91.70 32.30
C LYS MA 114 31.32 90.56 31.29
N ALA NA 1 -71.62 45.37 88.00
CA ALA NA 1 -71.09 46.69 88.30
C ALA NA 1 -70.32 47.26 87.12
N LYS NA 2 -70.94 47.21 85.94
CA LYS NA 2 -70.29 47.63 84.72
C LYS NA 2 -70.30 49.15 84.58
N ILE NA 3 -69.53 49.64 83.62
CA ILE NA 3 -69.45 51.06 83.30
C ILE NA 3 -69.98 51.28 81.90
N LYS NA 4 -70.74 52.36 81.72
CA LYS NA 4 -71.37 52.69 80.46
C LYS NA 4 -70.67 53.89 79.83
N ALA NA 5 -70.92 54.11 78.56
CA ALA NA 5 -70.35 55.27 77.90
C ALA NA 5 -71.09 56.55 78.26
N ARG NA 6 -72.39 56.46 78.52
CA ARG NA 6 -73.21 57.65 78.70
C ARG NA 6 -72.76 58.46 79.90
N ASP NA 7 -72.51 57.79 81.02
CA ASP NA 7 -72.05 58.50 82.21
C ASP NA 7 -70.56 58.80 82.18
N LEU NA 8 -69.80 58.17 81.29
CA LEU NA 8 -68.41 58.53 81.09
C LEU NA 8 -68.27 59.82 80.29
N ARG NA 9 -69.19 60.08 79.36
CA ARG NA 9 -69.08 61.30 78.55
C ARG NA 9 -69.17 62.56 79.38
N GLY NA 10 -69.87 62.53 80.51
CA GLY NA 10 -69.93 63.69 81.39
C GLY NA 10 -68.61 64.02 82.03
N LYS NA 11 -67.82 63.01 82.38
CA LYS NA 11 -66.59 63.21 83.13
C LYS NA 11 -65.54 63.91 82.28
N LYS NA 12 -64.54 64.46 82.95
CA LYS NA 12 -63.45 65.16 82.29
C LYS NA 12 -62.19 64.30 82.30
N LYS NA 13 -61.08 64.90 81.85
CA LYS NA 13 -59.91 64.11 81.48
C LYS NA 13 -59.24 63.45 82.69
N GLU NA 14 -59.19 64.16 83.82
CA GLU NA 14 -58.43 63.66 84.97
C GLU NA 14 -59.03 62.36 85.51
N GLU NA 15 -60.32 62.35 85.81
CA GLU NA 15 -60.92 61.14 86.35
C GLU NA 15 -61.10 60.07 85.29
N LEU NA 16 -61.25 60.44 84.02
CA LEU NA 16 -61.26 59.43 82.97
C LEU NA 16 -59.94 58.69 82.90
N LEU NA 17 -58.82 59.42 82.97
CA LEU NA 17 -57.52 58.77 83.00
C LEU NA 17 -57.32 57.97 84.28
N LYS NA 18 -57.81 58.47 85.40
CA LYS NA 18 -57.76 57.72 86.65
C LYS NA 18 -58.49 56.37 86.53
N GLN NA 19 -59.69 56.39 85.95
CA GLN NA 19 -60.46 55.17 85.81
C GLN NA 19 -59.83 54.22 84.81
N LEU NA 20 -59.25 54.75 83.73
CA LEU NA 20 -58.51 53.91 82.79
C LEU NA 20 -57.34 53.23 83.48
N ASP NA 21 -56.63 53.97 84.33
CA ASP NA 21 -55.50 53.39 85.04
C ASP NA 21 -55.96 52.29 86.00
N ASP NA 22 -57.07 52.52 86.71
CA ASP NA 22 -57.61 51.49 87.60
C ASP NA 22 -58.00 50.24 86.83
N LEU NA 23 -58.63 50.41 85.67
CA LEU NA 23 -59.00 49.27 84.85
C LEU NA 23 -57.77 48.51 84.38
N LYS NA 24 -56.72 49.22 83.98
CA LYS NA 24 -55.50 48.54 83.53
C LYS NA 24 -54.84 47.77 84.67
N VAL NA 25 -54.84 48.34 85.87
CA VAL NA 25 -54.28 47.63 87.02
C VAL NA 25 -55.07 46.37 87.33
N GLU NA 26 -56.40 46.48 87.29
CA GLU NA 26 -57.23 45.29 87.55
C GLU NA 26 -57.06 44.25 86.45
N LEU NA 27 -56.87 44.67 85.21
CA LEU NA 27 -56.61 43.72 84.14
C LEU NA 27 -55.28 42.99 84.36
N SER NA 28 -54.25 43.71 84.81
CA SER NA 28 -52.98 43.06 85.10
C SER NA 28 -53.13 42.04 86.23
N GLN NA 29 -53.91 42.38 87.27
CA GLN NA 29 -54.18 41.40 88.33
C GLN NA 29 -54.91 40.19 87.77
N LEU NA 30 -55.87 40.40 86.87
CA LEU NA 30 -56.60 39.27 86.29
C LEU NA 30 -55.69 38.40 85.45
N ARG NA 31 -54.73 38.98 84.73
CA ARG NA 31 -53.78 38.17 83.99
C ARG NA 31 -52.88 37.37 84.92
N VAL NA 32 -52.47 37.97 86.04
CA VAL NA 32 -51.72 37.24 87.05
C VAL NA 32 -52.52 36.05 87.56
N ALA NA 33 -53.81 36.27 87.84
CA ALA NA 33 -54.66 35.16 88.27
C ALA NA 33 -54.79 34.10 87.19
N LYS NA 34 -54.92 34.52 85.93
CA LYS NA 34 -55.06 33.56 84.84
C LYS NA 34 -53.84 32.67 84.72
N VAL NA 35 -52.64 33.24 84.87
CA VAL NA 35 -51.45 32.41 84.79
C VAL NA 35 -51.23 31.59 86.07
N THR NA 36 -51.71 32.07 87.21
CA THR NA 36 -51.59 31.32 88.46
C THR NA 36 -52.85 30.52 88.77
N GLY NA 37 -53.65 30.21 87.77
CA GLY NA 37 -54.82 29.38 87.95
C GLY NA 37 -56.08 30.16 88.22
N GLY NA 38 -56.18 30.76 89.41
CA GLY NA 38 -57.31 31.61 89.71
C GLY NA 38 -58.63 30.86 89.74
N ALA NA 39 -59.69 31.58 89.39
CA ALA NA 39 -61.04 31.05 89.43
C ALA NA 39 -61.76 31.40 88.14
N ALA NA 40 -62.84 30.66 87.85
CA ALA NA 40 -63.59 30.87 86.64
C ALA NA 40 -64.19 32.27 86.57
N SER NA 41 -64.64 32.80 87.71
CA SER NA 41 -65.17 34.16 87.73
C SER NA 41 -64.10 35.17 87.35
N LYS NA 42 -62.89 35.01 87.89
CA LYS NA 42 -61.81 35.92 87.57
C LYS NA 42 -61.39 35.78 86.12
N LEU NA 43 -61.43 34.57 85.57
CA LEU NA 43 -61.16 34.40 84.15
C LEU NA 43 -62.19 35.10 83.29
N SER NA 44 -63.47 34.97 83.66
CA SER NA 44 -64.52 35.60 82.87
C SER NA 44 -64.51 37.11 82.98
N LYS NA 45 -63.98 37.66 84.08
CA LYS NA 45 -63.90 39.10 84.24
C LYS NA 45 -62.88 39.76 83.32
N ILE NA 46 -62.01 38.97 82.68
CA ILE NA 46 -60.97 39.54 81.82
C ILE NA 46 -61.62 40.26 80.64
N ARG NA 47 -62.60 39.64 80.01
CA ARG NA 47 -63.30 40.27 78.90
C ARG NA 47 -64.03 41.53 79.35
N VAL NA 48 -64.64 41.49 80.54
CA VAL NA 48 -65.36 42.64 81.04
C VAL NA 48 -64.42 43.82 81.22
N VAL NA 49 -63.25 43.58 81.81
CA VAL NA 49 -62.30 44.66 82.05
C VAL NA 49 -61.70 45.16 80.74
N ARG NA 50 -61.44 44.25 79.79
CA ARG NA 50 -60.91 44.67 78.50
C ARG NA 50 -61.90 45.55 77.76
N LYS NA 51 -63.17 45.17 77.76
CA LYS NA 51 -64.17 45.99 77.09
C LYS NA 51 -64.39 47.32 77.81
N SER NA 52 -64.26 47.33 79.13
CA SER NA 52 -64.35 48.58 79.86
C SER NA 52 -63.20 49.51 79.49
N ILE NA 53 -62.00 48.96 79.32
CA ILE NA 53 -60.85 49.74 78.87
C ILE NA 53 -61.14 50.32 77.49
N ALA NA 54 -61.67 49.50 76.59
CA ALA NA 54 -62.01 49.97 75.26
C ALA NA 54 -63.04 51.09 75.32
N ARG NA 55 -64.03 50.97 76.21
CA ARG NA 55 -65.05 52.00 76.36
C ARG NA 55 -64.45 53.32 76.83
N VAL NA 56 -63.61 53.27 77.87
CA VAL NA 56 -63.01 54.51 78.38
C VAL NA 56 -62.14 55.15 77.32
N LEU NA 57 -61.34 54.33 76.62
CA LEU NA 57 -60.44 54.89 75.61
C LEU NA 57 -61.20 55.48 74.44
N THR NA 58 -62.29 54.85 74.01
CA THR NA 58 -63.05 55.43 72.90
C THR NA 58 -63.76 56.71 73.33
N VAL NA 59 -64.19 56.80 74.59
CA VAL NA 59 -64.78 58.05 75.04
C VAL NA 59 -63.74 59.17 75.06
N ILE NA 60 -62.54 58.85 75.54
CA ILE NA 60 -61.45 59.84 75.55
C ILE NA 60 -61.14 60.30 74.14
N ASN NA 61 -60.99 59.36 73.21
CA ASN NA 61 -60.64 59.72 71.84
C ASN NA 61 -61.73 60.51 71.15
N GLN NA 62 -63.00 60.15 71.38
CA GLN NA 62 -64.10 60.88 70.76
C GLN NA 62 -64.17 62.31 71.30
N THR NA 63 -64.02 62.48 72.62
CA THR NA 63 -64.02 63.83 73.17
C THR NA 63 -62.88 64.66 72.60
N GLN NA 64 -61.68 64.08 72.53
CA GLN NA 64 -60.54 64.82 71.99
C GLN NA 64 -60.75 65.19 70.53
N LYS NA 65 -61.27 64.26 69.73
CA LYS NA 65 -61.49 64.52 68.32
C LYS NA 65 -62.52 65.60 68.10
N GLU NA 66 -63.62 65.57 68.86
CA GLU NA 66 -64.63 66.61 68.66
C GLU NA 66 -64.14 67.96 69.17
N ASN NA 67 -63.31 67.98 70.21
CA ASN NA 67 -62.69 69.24 70.62
C ASN NA 67 -61.80 69.80 69.53
N LEU NA 68 -61.02 68.94 68.87
CA LEU NA 68 -60.18 69.41 67.78
C LEU NA 68 -61.01 69.89 66.59
N ARG NA 69 -62.11 69.22 66.30
CA ARG NA 69 -63.00 69.67 65.23
C ARG NA 69 -63.57 71.05 65.55
N LYS NA 70 -63.97 71.27 66.80
CA LYS NA 70 -64.43 72.59 67.21
C LYS NA 70 -63.32 73.63 67.09
N PHE NA 71 -62.11 73.27 67.49
CA PHE NA 71 -61.00 74.21 67.44
C PHE NA 71 -60.66 74.60 66.02
N TYR NA 72 -60.69 73.65 65.09
CA TYR NA 72 -60.31 73.91 63.71
C TYR NA 72 -61.48 74.33 62.83
N LYS NA 73 -62.69 74.36 63.37
CA LYS NA 73 -63.83 74.84 62.58
C LYS NA 73 -63.67 76.33 62.29
N GLY NA 74 -63.90 76.71 61.04
CA GLY NA 74 -63.72 78.09 60.63
C GLY NA 74 -62.30 78.47 60.29
N LYS NA 75 -61.40 77.50 60.14
CA LYS NA 75 -60.02 77.77 59.77
C LYS NA 75 -59.78 77.32 58.34
N LYS NA 76 -58.86 78.01 57.66
CA LYS NA 76 -58.60 77.70 56.26
C LYS NA 76 -57.97 76.32 56.12
N TYR NA 77 -56.93 76.04 56.90
CA TYR NA 77 -56.17 74.81 56.79
C TYR NA 77 -56.47 73.92 57.98
N LYS NA 78 -56.83 72.68 57.71
CA LYS NA 78 -57.18 71.71 58.73
C LYS NA 78 -56.31 70.47 58.60
N PRO NA 79 -56.09 69.76 59.71
CA PRO NA 79 -55.36 68.50 59.61
C PRO NA 79 -56.08 67.47 58.75
N LEU NA 80 -55.28 66.60 58.14
CA LEU NA 80 -55.82 65.66 57.16
C LEU NA 80 -56.82 64.70 57.78
N ASP NA 81 -56.57 64.25 59.02
CA ASP NA 81 -57.54 63.41 59.70
C ASP NA 81 -58.82 64.14 60.03
N LEU NA 82 -58.82 65.46 60.03
CA LEU NA 82 -60.05 66.23 60.24
C LEU NA 82 -60.75 66.58 58.94
N ARG NA 83 -60.03 66.60 57.82
CA ARG NA 83 -60.67 66.81 56.54
C ARG NA 83 -61.53 65.60 56.16
N PRO NA 84 -62.56 65.81 55.33
CA PRO NA 84 -63.41 64.68 54.93
C PRO NA 84 -62.65 63.66 54.09
N LYS NA 85 -63.11 62.42 54.17
CA LYS NA 85 -62.45 61.30 53.48
C LYS NA 85 -63.45 60.56 52.62
N LYS NA 86 -64.16 61.28 51.74
CA LYS NA 86 -65.12 60.65 50.85
C LYS NA 86 -64.47 59.54 50.04
N THR NA 87 -63.53 59.91 49.19
CA THR NA 87 -62.88 59.05 48.21
C THR NA 87 -61.81 59.92 47.57
N ARG NA 88 -60.70 59.30 47.15
CA ARG NA 88 -59.64 60.09 46.54
C ARG NA 88 -60.14 60.85 45.33
N ALA NA 89 -60.89 60.19 44.45
CA ALA NA 89 -61.43 60.87 43.28
C ALA NA 89 -62.47 61.93 43.66
N MET NA 90 -63.29 61.64 44.66
CA MET NA 90 -64.27 62.61 45.12
C MET NA 90 -63.61 63.85 45.69
N ARG NA 91 -62.44 63.69 46.32
CA ARG NA 91 -61.70 64.83 46.81
C ARG NA 91 -61.00 65.58 45.68
N ARG NA 92 -60.60 64.87 44.62
CA ARG NA 92 -59.98 65.55 43.49
C ARG NA 92 -60.98 66.36 42.67
N ARG NA 93 -62.23 65.92 42.57
CA ARG NA 93 -63.16 66.55 41.64
C ARG NA 93 -63.48 67.99 42.07
N LEU NA 94 -64.11 68.72 41.15
CA LEU NA 94 -64.42 70.13 41.36
C LEU NA 94 -65.48 70.31 42.43
N ASN NA 95 -65.43 71.44 43.13
CA ASN NA 95 -66.43 71.73 44.14
C ASN NA 95 -67.68 72.32 43.52
N LYS NA 96 -68.67 72.61 44.36
CA LYS NA 96 -69.97 73.06 43.87
C LYS NA 96 -69.90 74.42 43.22
N HIS NA 97 -69.04 75.30 43.74
CA HIS NA 97 -68.97 76.67 43.23
C HIS NA 97 -68.40 76.69 41.81
N GLU NA 98 -67.16 76.23 41.66
CA GLU NA 98 -66.52 76.20 40.37
C GLU NA 98 -67.08 75.13 39.46
N GLU NA 99 -67.91 74.24 39.99
CA GLU NA 99 -68.62 73.28 39.14
C GLU NA 99 -69.70 73.97 38.33
N ASN NA 100 -70.41 74.92 38.92
CA ASN NA 100 -71.57 75.51 38.28
C ASN NA 100 -71.41 76.96 37.87
N LEU NA 101 -70.29 77.60 38.15
CA LEU NA 101 -70.08 78.94 37.59
C LEU NA 101 -69.86 78.86 36.08
N LYS NA 102 -70.35 79.86 35.37
CA LYS NA 102 -70.34 79.89 33.91
C LYS NA 102 -69.56 81.08 33.39
N THR NA 103 -69.38 81.11 32.07
CA THR NA 103 -68.80 82.27 31.41
C THR NA 103 -69.86 83.31 31.11
N LYS NA 104 -69.39 84.54 30.90
CA LYS NA 104 -70.30 85.63 30.55
C LYS NA 104 -71.00 85.37 29.22
N LYS NA 105 -70.29 84.78 28.26
CA LYS NA 105 -70.92 84.41 27.00
C LYS NA 105 -72.03 83.40 27.22
N GLN NA 106 -71.77 82.41 28.07
CA GLN NA 106 -72.76 81.37 28.33
C GLN NA 106 -74.00 81.94 29.00
N GLN NA 107 -73.82 82.78 30.02
CA GLN NA 107 -74.99 83.32 30.68
C GLN NA 107 -75.69 84.38 29.86
N ARG NA 108 -75.00 85.08 28.96
CA ARG NA 108 -75.69 85.93 28.00
C ARG NA 108 -76.56 85.11 27.07
N LYS NA 109 -76.06 83.94 26.63
CA LYS NA 109 -76.89 83.06 25.82
C LYS NA 109 -78.13 82.61 26.58
N GLU NA 110 -77.96 82.19 27.84
CA GLU NA 110 -79.10 81.75 28.63
C GLU NA 110 -80.07 82.87 28.91
N ARG NA 111 -79.58 84.11 29.05
CA ARG NA 111 -80.48 85.23 29.27
C ARG NA 111 -81.25 85.59 28.02
N LEU NA 112 -80.57 85.62 26.87
CA LEU NA 112 -81.21 86.07 25.63
C LEU NA 112 -82.15 85.02 25.06
N TYR NA 113 -81.76 83.75 25.07
CA TYR NA 113 -82.52 82.69 24.40
C TYR NA 113 -82.81 81.57 25.39
N PRO NA 114 -83.71 81.81 26.33
CA PRO NA 114 -84.07 80.76 27.29
C PRO NA 114 -85.03 79.76 26.68
N LEU NA 115 -84.95 78.53 27.16
CA LEU NA 115 -85.83 77.49 26.68
C LEU NA 115 -87.27 77.78 27.09
N ARG NA 116 -88.18 77.66 26.15
CA ARG NA 116 -89.58 78.03 26.36
C ARG NA 116 -90.43 76.79 26.59
N LYS NA 117 -91.50 76.97 27.36
CA LYS NA 117 -92.51 75.94 27.52
C LYS NA 117 -93.56 76.12 26.44
N TYR NA 118 -93.76 75.09 25.63
CA TYR NA 118 -94.68 75.20 24.51
C TYR NA 118 -95.39 73.88 24.30
N ALA NA 119 -96.53 73.96 23.62
CA ALA NA 119 -97.29 72.80 23.20
C ALA NA 119 -97.69 72.99 21.75
N VAL NA 120 -97.87 71.88 21.04
CA VAL NA 120 -98.19 71.91 19.62
C VAL NA 120 -99.54 71.24 19.42
N LYS NA 121 -100.50 72.00 18.88
CA LYS NA 121 -101.79 71.43 18.56
C LYS NA 121 -101.66 70.43 17.42
N ALA NA 122 -102.54 69.44 17.42
CA ALA NA 122 -102.49 68.36 16.44
C ALA NA 122 -102.76 68.87 15.03
N ALA OA 1 -96.37 66.02 -26.49
CA ALA OA 1 -95.76 67.30 -26.81
C ALA OA 1 -94.52 67.11 -27.66
N LEU OA 2 -93.90 68.23 -28.04
CA LEU OA 2 -92.69 68.15 -28.84
C LEU OA 2 -91.52 67.63 -28.01
N ARG OA 3 -91.34 68.17 -26.81
CA ARG OA 3 -90.22 67.79 -25.96
C ARG OA 3 -90.69 67.60 -24.53
N TYR OA 4 -90.13 66.58 -23.89
CA TYR OA 4 -90.44 66.16 -22.54
C TYR OA 4 -89.16 66.14 -21.70
N PRO OA 5 -89.26 66.35 -20.39
CA PRO OA 5 -88.10 66.16 -19.53
C PRO OA 5 -87.67 64.70 -19.53
N MET OA 6 -86.37 64.48 -19.67
CA MET OA 6 -85.83 63.14 -19.83
C MET OA 6 -84.82 62.85 -18.74
N ALA OA 7 -84.63 61.57 -18.47
CA ALA OA 7 -83.58 61.15 -17.54
C ALA OA 7 -82.21 61.08 -18.20
N VAL OA 8 -82.14 61.24 -19.52
CA VAL OA 8 -80.89 61.20 -20.25
C VAL OA 8 -80.84 62.38 -21.21
N GLY OA 9 -79.67 62.61 -21.77
CA GLY OA 9 -79.45 63.70 -22.70
C GLY OA 9 -78.69 64.84 -22.05
N LEU OA 10 -78.45 65.88 -22.84
CA LEU OA 10 -77.76 67.05 -22.34
C LEU OA 10 -78.60 67.79 -21.31
N ASN OA 11 -79.90 67.88 -21.55
CA ASN OA 11 -80.81 68.61 -20.67
C ASN OA 11 -81.50 67.68 -19.67
N LYS OA 12 -80.82 66.61 -19.27
CA LYS OA 12 -81.44 65.61 -18.41
C LYS OA 12 -81.72 66.18 -17.03
N GLY OA 13 -82.73 65.61 -16.38
CA GLY OA 13 -83.05 65.98 -15.03
C GLY OA 13 -84.45 66.55 -14.84
N HIS OA 14 -84.98 66.36 -13.65
CA HIS OA 14 -86.24 66.99 -13.27
C HIS OA 14 -86.06 68.50 -13.25
N LYS OA 15 -87.07 69.22 -13.72
CA LYS OA 15 -86.97 70.67 -13.89
C LYS OA 15 -87.45 71.37 -12.63
N VAL OA 16 -86.55 72.14 -12.01
CA VAL OA 16 -86.86 72.96 -10.85
C VAL OA 16 -86.33 74.36 -11.11
N THR OA 17 -86.95 75.35 -10.49
CA THR OA 17 -86.48 76.72 -10.59
C THR OA 17 -85.31 76.91 -9.64
N LYS OA 18 -84.15 77.26 -10.17
CA LYS OA 18 -82.96 77.37 -9.33
C LYS OA 18 -83.07 78.55 -8.39
N ASN OA 19 -82.87 78.29 -7.10
CA ASN OA 19 -82.85 79.33 -6.08
C ASN OA 19 -81.47 79.96 -6.08
N VAL OA 20 -81.38 81.21 -6.53
CA VAL OA 20 -80.13 81.94 -6.56
C VAL OA 20 -79.97 82.69 -5.25
N SER OA 21 -78.79 82.60 -4.65
CA SER OA 21 -78.55 83.18 -3.34
C SER OA 21 -77.07 83.52 -3.23
N LYS OA 22 -76.74 84.30 -2.20
CA LYS OA 22 -75.36 84.64 -1.95
C LYS OA 22 -74.59 83.38 -1.57
N PRO OA 23 -73.32 83.26 -1.96
CA PRO OA 23 -72.52 82.12 -1.52
C PRO OA 23 -72.29 82.17 -0.03
N ARG OA 24 -72.09 81.00 0.55
CA ARG OA 24 -71.79 80.92 1.98
C ARG OA 24 -70.46 81.60 2.27
N HIS OA 25 -70.30 82.05 3.51
CA HIS OA 25 -69.07 82.73 3.87
C HIS OA 25 -67.87 81.80 3.89
N SER OA 26 -68.08 80.49 4.02
CA SER OA 26 -66.95 79.58 3.98
C SER OA 26 -66.32 79.51 2.60
N ARG OA 27 -67.11 79.72 1.55
CA ARG OA 27 -66.57 79.73 0.20
C ARG OA 27 -65.63 80.90 -0.03
N ARG OA 28 -65.75 81.96 0.78
CA ARG OA 28 -64.86 83.10 0.70
C ARG OA 28 -63.42 82.77 1.08
N ARG OA 29 -63.21 81.64 1.77
CA ARG OA 29 -61.89 81.30 2.31
C ARG OA 29 -60.81 81.34 1.25
N GLY OA 30 -59.64 81.82 1.63
CA GLY OA 30 -58.51 81.89 0.73
C GLY OA 30 -58.37 83.16 -0.07
N ARG OA 31 -59.36 84.05 -0.01
CA ARG OA 31 -59.23 85.32 -0.70
C ARG OA 31 -58.16 86.18 -0.05
N LEU OA 32 -57.40 86.88 -0.87
CA LEU OA 32 -56.33 87.75 -0.39
C LEU OA 32 -56.91 89.09 0.00
N THR OA 33 -56.72 89.48 1.25
CA THR OA 33 -57.14 90.80 1.69
C THR OA 33 -56.00 91.80 1.50
N LYS OA 34 -56.37 93.08 1.55
CA LYS OA 34 -55.38 94.13 1.41
C LYS OA 34 -54.36 94.10 2.55
N HIS OA 35 -54.84 93.90 3.78
CA HIS OA 35 -53.95 93.88 4.93
C HIS OA 35 -53.05 92.65 4.91
N THR OA 36 -53.59 91.49 4.53
CA THR OA 36 -52.76 90.30 4.43
C THR OA 36 -51.73 90.44 3.33
N LYS OA 37 -52.10 91.04 2.20
CA LYS OA 37 -51.13 91.30 1.15
C LYS OA 37 -50.03 92.22 1.63
N PHE OA 38 -50.40 93.26 2.39
CA PHE OA 38 -49.40 94.15 2.96
C PHE OA 38 -48.45 93.40 3.89
N VAL OA 39 -48.99 92.55 4.75
CA VAL OA 39 -48.17 91.80 5.69
C VAL OA 39 -47.22 90.86 4.96
N ARG OA 40 -47.73 90.17 3.94
CA ARG OA 40 -46.88 89.26 3.18
C ARG OA 40 -45.80 89.99 2.40
N ASP OA 41 -46.10 91.17 1.86
CA ASP OA 41 -45.06 91.96 1.22
C ASP OA 41 -44.00 92.41 2.23
N MET OA 42 -44.43 92.82 3.42
CA MET OA 42 -43.49 93.19 4.48
C MET OA 42 -42.57 92.03 4.81
N ILE OA 43 -43.13 90.85 5.02
CA ILE OA 43 -42.33 89.70 5.39
C ILE OA 43 -41.42 89.29 4.23
N ARG OA 44 -41.89 89.41 3.01
CA ARG OA 44 -41.06 89.08 1.86
C ARG OA 44 -39.86 90.00 1.76
N GLU OA 45 -40.06 91.30 1.96
CA GLU OA 45 -38.91 92.20 1.84
C GLU OA 45 -38.03 92.19 3.08
N VAL OA 46 -38.53 91.67 4.21
CA VAL OA 46 -37.67 91.44 5.36
C VAL OA 46 -36.80 90.20 5.14
N CYS OA 47 -37.42 89.11 4.68
CA CYS OA 47 -36.73 87.83 4.60
C CYS OA 47 -35.89 87.73 3.34
N GLY OA 48 -36.53 87.79 2.18
CA GLY OA 48 -35.85 87.50 0.94
C GLY OA 48 -36.48 86.31 0.25
N PHE OA 49 -35.66 85.45 -0.35
CA PHE OA 49 -36.14 84.29 -1.08
C PHE OA 49 -35.35 83.06 -0.67
N ALA OA 50 -36.00 81.90 -0.78
CA ALA OA 50 -35.34 80.64 -0.52
C ALA OA 50 -34.31 80.36 -1.61
N PRO OA 51 -33.29 79.53 -1.31
CA PRO OA 51 -32.27 79.24 -2.32
C PRO OA 51 -32.82 78.64 -3.61
N TYR OA 52 -33.81 77.75 -3.51
CA TYR OA 52 -34.38 77.19 -4.73
C TYR OA 52 -35.12 78.25 -5.52
N GLU OA 53 -35.77 79.19 -4.83
CA GLU OA 53 -36.40 80.31 -5.52
C GLU OA 53 -35.37 81.17 -6.24
N ARG OA 54 -34.23 81.42 -5.59
CA ARG OA 54 -33.19 82.21 -6.24
C ARG OA 54 -32.63 81.50 -7.46
N ARG OA 55 -32.41 80.18 -7.36
CA ARG OA 55 -31.88 79.42 -8.48
C ARG OA 55 -32.86 79.40 -9.64
N ALA OA 56 -34.16 79.24 -9.35
CA ALA OA 56 -35.17 79.34 -10.39
C ALA OA 56 -35.20 80.73 -11.00
N MET OA 57 -34.95 81.76 -10.21
CA MET OA 57 -34.88 83.11 -10.75
C MET OA 57 -33.68 83.26 -11.69
N GLU OA 58 -32.56 82.62 -11.38
CA GLU OA 58 -31.45 82.63 -12.34
C GLU OA 58 -31.82 81.96 -13.64
N LEU OA 59 -32.52 80.82 -13.55
CA LEU OA 59 -32.97 80.15 -14.78
C LEU OA 59 -33.91 81.04 -15.58
N LEU OA 60 -34.82 81.73 -14.91
CA LEU OA 60 -35.72 82.64 -15.63
C LEU OA 60 -34.97 83.84 -16.17
N LYS OA 61 -33.91 84.28 -15.50
CA LYS OA 61 -33.10 85.38 -16.00
C LYS OA 61 -32.42 85.00 -17.30
N VAL OA 62 -31.87 83.79 -17.38
CA VAL OA 62 -31.30 83.30 -18.62
C VAL OA 62 -32.35 82.72 -19.54
N SER OA 63 -33.63 82.84 -19.18
CA SER OA 63 -34.77 82.57 -20.07
C SER OA 63 -34.85 81.10 -20.46
N LYS OA 64 -34.40 80.22 -19.55
CA LYS OA 64 -34.62 78.79 -19.70
C LYS OA 64 -35.88 78.42 -18.92
N ASP OA 65 -37.03 78.81 -19.48
CA ASP OA 65 -38.29 78.71 -18.74
C ASP OA 65 -38.74 77.27 -18.56
N LYS OA 66 -38.52 76.42 -19.57
CA LYS OA 66 -38.87 75.01 -19.39
C LYS OA 66 -38.03 74.36 -18.30
N ARG OA 67 -36.73 74.66 -18.29
CA ARG OA 67 -35.86 74.12 -17.24
C ARG OA 67 -36.25 74.66 -15.88
N ALA OA 68 -36.62 75.94 -15.82
CA ALA OA 68 -37.07 76.52 -14.55
C ALA OA 68 -38.34 75.86 -14.06
N LEU OA 69 -39.28 75.57 -14.97
CA LEU OA 69 -40.51 74.90 -14.57
C LEU OA 69 -40.23 73.49 -14.11
N LYS OA 70 -39.33 72.78 -14.79
CA LYS OA 70 -38.95 71.43 -14.34
C LYS OA 70 -38.35 71.47 -12.96
N PHE OA 71 -37.45 72.43 -12.71
CA PHE OA 71 -36.80 72.54 -11.41
C PHE OA 71 -37.79 72.89 -10.31
N ILE OA 72 -38.68 73.85 -10.57
CA ILE OA 72 -39.66 74.25 -9.58
C ILE OA 72 -40.64 73.12 -9.31
N LYS OA 73 -41.00 72.37 -10.35
CA LYS OA 73 -41.88 71.22 -10.15
C LYS OA 73 -41.21 70.16 -9.32
N LYS OA 74 -39.92 69.90 -9.58
CA LYS OA 74 -39.19 68.93 -8.78
C LYS OA 74 -39.07 69.38 -7.32
N ARG OA 75 -38.98 70.68 -7.09
CA ARG OA 75 -38.86 71.17 -5.72
C ARG OA 75 -40.19 71.18 -4.99
N VAL OA 76 -41.17 71.94 -5.50
CA VAL OA 76 -42.44 72.10 -4.82
C VAL OA 76 -43.26 70.81 -4.89
N GLY OA 77 -43.36 70.22 -6.07
CA GLY OA 77 -43.99 68.92 -6.17
C GLY OA 77 -45.03 68.71 -7.26
N THR OA 78 -45.86 69.70 -7.52
CA THR OA 78 -46.94 69.53 -8.47
C THR OA 78 -46.87 70.58 -9.57
N HIS OA 79 -47.49 70.24 -10.70
CA HIS OA 79 -47.45 71.10 -11.88
C HIS OA 79 -48.18 72.42 -11.64
N ILE OA 80 -49.34 72.37 -11.00
CA ILE OA 80 -50.12 73.59 -10.76
C ILE OA 80 -49.37 74.54 -9.83
N ARG OA 81 -48.88 74.01 -8.72
CA ARG OA 81 -48.12 74.82 -7.78
C ARG OA 81 -46.85 75.36 -8.42
N ALA OA 82 -46.19 74.55 -9.24
CA ALA OA 82 -45.00 75.01 -9.93
C ALA OA 82 -45.31 76.14 -10.91
N LYS OA 83 -46.44 76.03 -11.63
CA LYS OA 83 -46.82 77.10 -12.54
C LYS OA 83 -47.08 78.39 -11.79
N ARG OA 84 -47.81 78.31 -10.67
CA ARG OA 84 -48.08 79.51 -9.89
C ARG OA 84 -46.79 80.11 -9.34
N LYS OA 85 -45.89 79.28 -8.84
CA LYS OA 85 -44.63 79.78 -8.30
C LYS OA 85 -43.76 80.40 -9.40
N ARG OA 86 -43.75 79.80 -10.58
CA ARG OA 86 -42.96 80.36 -11.69
C ARG OA 86 -43.53 81.70 -12.13
N GLU OA 87 -44.86 81.83 -12.15
CA GLU OA 87 -45.45 83.14 -12.44
C GLU OA 87 -45.06 84.17 -11.38
N GLU OA 88 -45.06 83.77 -10.11
CA GLU OA 88 -44.64 84.69 -9.05
C GLU OA 88 -43.20 85.13 -9.24
N LEU OA 89 -42.31 84.19 -9.54
CA LEU OA 89 -40.90 84.52 -9.69
C LEU OA 89 -40.65 85.38 -10.92
N SER OA 90 -41.35 85.11 -12.02
CA SER OA 90 -41.26 85.97 -13.18
C SER OA 90 -41.75 87.37 -12.87
N ASN OA 91 -42.82 87.48 -12.08
CA ASN OA 91 -43.33 88.79 -11.70
C ASN OA 91 -42.33 89.56 -10.85
N VAL OA 92 -41.67 88.90 -9.91
CA VAL OA 92 -40.72 89.63 -9.08
C VAL OA 92 -39.47 89.98 -9.88
N LEU OA 93 -39.07 89.13 -10.83
CA LEU OA 93 -37.97 89.49 -11.71
C LEU OA 93 -38.31 90.69 -12.58
N ALA OA 94 -39.54 90.75 -13.08
CA ALA OA 94 -39.98 91.91 -13.85
C ALA OA 94 -40.00 93.17 -12.99
N ALA OA 95 -40.47 93.04 -11.74
CA ALA OA 95 -40.51 94.19 -10.85
C ALA OA 95 -39.12 94.71 -10.56
N MET OA 96 -38.15 93.82 -10.31
CA MET OA 96 -36.81 94.30 -10.06
C MET OA 96 -36.12 94.79 -11.33
N ARG OA 97 -36.48 94.25 -12.50
CA ARG OA 97 -35.96 94.78 -13.75
C ARG OA 97 -36.43 96.21 -13.97
N LYS OA 98 -37.72 96.47 -13.76
CA LYS OA 98 -38.21 97.83 -13.93
C LYS OA 98 -37.75 98.76 -12.80
N ALA OA 99 -37.41 98.22 -11.63
CA ALA OA 99 -36.80 99.06 -10.61
C ALA OA 99 -35.37 99.43 -10.99
N ALA OA 100 -34.61 98.50 -11.57
CA ALA OA 100 -33.28 98.82 -12.07
C ALA OA 100 -33.30 99.65 -13.34
N ALA OA 101 -34.45 99.73 -14.02
CA ALA OA 101 -34.56 100.57 -15.21
C ALA OA 101 -34.27 102.04 -14.88
N LYS OA 102 -34.81 102.55 -13.78
CA LYS OA 102 -34.50 103.91 -13.35
C LYS OA 102 -33.18 103.94 -12.57
N THR PA 1 -22.13 11.18 39.86
CA THR PA 1 -23.50 10.73 39.75
C THR PA 1 -24.49 11.88 39.70
N LYS PA 2 -25.29 11.91 38.66
CA LYS PA 2 -26.19 13.03 38.42
C LYS PA 2 -27.49 12.96 39.21
N GLY PA 3 -27.71 11.88 39.97
CA GLY PA 3 -28.95 11.72 40.69
C GLY PA 3 -28.83 11.77 42.20
N THR PA 4 -28.90 10.58 42.82
CA THR PA 4 -29.01 10.49 44.29
C THR PA 4 -27.82 11.10 44.98
N SER PA 5 -26.62 10.84 44.49
CA SER PA 5 -25.42 11.41 45.11
C SER PA 5 -25.41 12.92 44.99
N SER PA 6 -25.80 13.45 43.84
CA SER PA 6 -25.79 14.89 43.65
C SER PA 6 -26.89 15.59 44.42
N PHE PA 7 -27.95 14.87 44.79
CA PHE PA 7 -28.97 15.50 45.62
C PHE PA 7 -28.50 15.73 47.04
N GLY PA 8 -27.39 15.16 47.44
CA GLY PA 8 -26.89 15.42 48.77
C GLY PA 8 -26.17 16.72 48.95
N LYS PA 9 -25.87 17.42 47.85
CA LYS PA 9 -25.06 18.62 47.91
C LYS PA 9 -25.88 19.90 47.98
N ARG PA 10 -27.21 19.82 48.03
CA ARG PA 10 -28.03 21.02 48.02
C ARG PA 10 -28.26 21.47 49.46
N ARG PA 11 -27.55 22.52 49.86
CA ARG PA 11 -27.63 23.09 51.20
C ARG PA 11 -27.59 24.61 51.18
N ASN PA 12 -27.82 25.23 50.03
CA ASN PA 12 -27.76 26.68 49.89
C ASN PA 12 -29.03 27.16 49.22
N LYS PA 13 -29.83 27.93 49.93
CA LYS PA 13 -31.13 28.34 49.40
C LYS PA 13 -30.98 29.39 48.31
N THR PA 14 -31.61 29.15 47.17
CA THR PA 14 -31.69 30.17 46.13
C THR PA 14 -32.68 31.26 46.50
N HIS PA 15 -33.84 30.89 47.02
CA HIS PA 15 -34.94 31.80 47.26
C HIS PA 15 -35.22 31.92 48.75
N THR PA 16 -35.77 33.06 49.14
CA THR PA 16 -36.19 33.28 50.51
C THR PA 16 -37.56 33.97 50.48
N LEU PA 17 -38.08 34.26 51.66
CA LEU PA 17 -39.38 34.91 51.77
C LEU PA 17 -39.30 36.35 51.26
N CYS PA 18 -40.33 36.75 50.52
CA CYS PA 18 -40.38 38.08 49.94
C CYS PA 18 -41.18 39.01 50.85
N ARG PA 19 -40.65 40.20 51.10
CA ARG PA 19 -41.31 41.11 52.04
C ARG PA 19 -42.60 41.67 51.45
N ARG PA 20 -42.68 41.77 50.13
CA ARG PA 20 -43.94 41.91 49.44
C ARG PA 20 -44.45 40.52 49.11
N CYS PA 21 -45.76 40.34 49.11
CA CYS PA 21 -46.46 39.14 48.62
C CYS PA 21 -46.14 37.88 49.42
N GLY PA 22 -45.19 37.94 50.35
CA GLY PA 22 -44.94 36.87 51.30
C GLY PA 22 -44.65 35.51 50.72
N SER PA 23 -44.13 35.44 49.51
CA SER PA 23 -43.88 34.16 48.86
C SER PA 23 -42.40 33.83 48.89
N LYS PA 24 -42.11 32.53 48.93
CA LYS PA 24 -40.73 32.04 48.99
C LYS PA 24 -40.12 32.00 47.59
N ALA PA 25 -40.04 33.18 46.98
CA ALA PA 25 -39.50 33.29 45.63
C ALA PA 25 -38.56 34.48 45.50
N TYR PA 26 -38.12 35.06 46.60
CA TYR PA 26 -37.20 36.19 46.53
C TYR PA 26 -35.80 35.66 46.27
N HIS PA 27 -35.41 35.65 45.01
CA HIS PA 27 -34.04 35.33 44.64
C HIS PA 27 -33.09 36.26 45.36
N LEU PA 28 -32.25 35.67 46.21
CA LEU PA 28 -31.32 36.43 47.02
C LEU PA 28 -30.19 37.02 46.19
N GLN PA 29 -29.65 36.22 45.28
CA GLN PA 29 -28.48 36.65 44.51
C GLN PA 29 -28.85 37.70 43.48
N LYS PA 30 -30.04 37.58 42.88
CA LYS PA 30 -30.56 38.61 41.99
C LYS PA 30 -31.31 39.70 42.74
N SER PA 31 -31.62 39.48 44.02
CA SER PA 31 -32.38 40.43 44.84
C SER PA 31 -33.71 40.81 44.18
N THR PA 32 -34.46 39.80 43.78
CA THR PA 32 -35.71 40.06 43.07
C THR PA 32 -36.68 38.90 43.29
N CYS PA 33 -37.95 39.22 43.49
CA CYS PA 33 -38.95 38.17 43.66
C CYS PA 33 -39.36 37.63 42.29
N GLY PA 34 -39.31 36.31 42.14
CA GLY PA 34 -39.74 35.69 40.91
C GLY PA 34 -41.24 35.62 40.74
N LYS PA 35 -42.01 35.94 41.77
CA LYS PA 35 -43.46 35.96 41.68
C LYS PA 35 -44.02 37.35 41.48
N CYS PA 36 -43.59 38.32 42.30
CA CYS PA 36 -44.12 39.68 42.20
C CYS PA 36 -43.13 40.68 41.66
N GLY PA 37 -41.83 40.37 41.63
CA GLY PA 37 -40.82 41.35 41.26
C GLY PA 37 -40.77 42.50 42.23
N TYR PA 38 -40.40 42.22 43.49
CA TYR PA 38 -40.61 43.20 44.55
C TYR PA 38 -39.85 44.50 44.36
N PRO PA 39 -38.55 44.54 44.05
CA PRO PA 39 -37.89 45.85 43.92
C PRO PA 39 -38.48 46.69 42.80
N ALA PA 40 -39.17 46.07 41.84
CA ALA PA 40 -39.91 46.83 40.86
C ALA PA 40 -41.15 47.43 41.49
N LYS PA 41 -41.52 48.64 41.06
CA LYS PA 41 -42.68 49.31 41.63
C LYS PA 41 -43.96 48.56 41.29
N ARG PA 42 -44.07 48.03 40.09
CA ARG PA 42 -45.30 47.40 39.63
C ARG PA 42 -45.29 45.90 39.91
N LYS PA 43 -46.47 45.38 40.19
CA LYS PA 43 -46.62 43.95 40.44
C LYS PA 43 -46.39 43.16 39.16
N ARG PA 44 -45.69 42.04 39.28
CA ARG PA 44 -45.52 41.13 38.16
C ARG PA 44 -46.82 40.38 37.91
N LYS PA 45 -47.34 40.49 36.70
CA LYS PA 45 -48.63 39.91 36.38
C LYS PA 45 -48.68 39.69 34.87
N TYR PA 46 -49.07 38.48 34.46
CA TYR PA 46 -49.04 38.11 33.06
C TYR PA 46 -50.37 37.49 32.67
N ASN PA 47 -50.82 37.77 31.45
CA ASN PA 47 -52.10 37.27 30.98
C ASN PA 47 -52.01 35.84 30.48
N TRP PA 48 -50.81 35.25 30.40
CA TRP PA 48 -50.72 33.86 30.03
C TRP PA 48 -50.92 32.93 31.22
N SER PA 49 -51.27 33.46 32.39
CA SER PA 49 -51.65 32.62 33.53
C SER PA 49 -52.82 33.27 34.26
N ALA PA 50 -54.03 32.94 33.81
CA ALA PA 50 -55.22 33.41 34.50
C ALA PA 50 -55.36 32.75 35.87
N LYS PA 51 -54.92 31.51 35.99
CA LYS PA 51 -54.90 30.84 37.29
C LYS PA 51 -53.99 31.59 38.27
N ALA PA 52 -52.81 31.99 37.81
CA ALA PA 52 -51.92 32.76 38.69
C ALA PA 52 -52.51 34.12 39.02
N LYS PA 53 -53.19 34.75 38.06
CA LYS PA 53 -53.84 36.02 38.36
C LYS PA 53 -54.91 35.85 39.43
N ARG PA 54 -55.75 34.84 39.30
CA ARG PA 54 -56.85 34.66 40.25
C ARG PA 54 -56.38 34.13 41.59
N ARG PA 55 -55.17 33.59 41.67
CA ARG PA 55 -54.64 33.21 42.97
C ARG PA 55 -54.38 34.42 43.86
N ASN PA 56 -53.92 35.53 43.28
CA ASN PA 56 -53.50 36.68 44.07
C ASN PA 56 -54.22 37.96 43.66
N THR PA 57 -55.38 37.86 43.01
CA THR PA 57 -56.11 39.04 42.59
C THR PA 57 -56.80 39.69 43.79
N THR PA 58 -57.46 40.80 43.54
CA THR PA 58 -58.22 41.50 44.58
C THR PA 58 -59.41 40.66 45.00
N GLY PA 59 -59.61 40.55 46.32
CA GLY PA 59 -60.65 39.72 46.86
C GLY PA 59 -60.16 38.40 47.42
N THR PA 60 -58.96 37.98 47.04
CA THR PA 60 -58.37 36.77 47.59
C THR PA 60 -57.81 36.98 48.99
N GLY PA 61 -57.70 38.23 49.43
CA GLY PA 61 -57.19 38.51 50.75
C GLY PA 61 -58.24 39.10 51.67
N ARG PA 62 -57.89 40.18 52.35
CA ARG PA 62 -58.73 40.70 53.41
C ARG PA 62 -59.68 41.79 52.93
N MET PA 63 -59.21 42.65 52.04
CA MET PA 63 -59.98 43.79 51.54
C MET PA 63 -60.51 44.64 52.70
N ARG PA 64 -59.60 44.97 53.62
CA ARG PA 64 -59.99 45.70 54.83
C ARG PA 64 -60.63 47.02 54.51
N HIS PA 65 -60.07 47.75 53.55
CA HIS PA 65 -60.60 49.05 53.18
C HIS PA 65 -61.69 48.95 52.13
N LEU PA 66 -61.62 47.96 51.24
CA LEU PA 66 -62.61 47.87 50.19
C LEU PA 66 -63.95 47.38 50.71
N LYS PA 67 -63.97 46.56 51.75
CA LYS PA 67 -65.24 46.20 52.39
C LYS PA 67 -65.94 47.44 52.91
N ILE PA 68 -65.20 48.33 53.57
CA ILE PA 68 -65.78 49.54 54.11
C ILE PA 68 -66.21 50.47 53.00
N VAL PA 69 -65.44 50.53 51.91
CA VAL PA 69 -65.82 51.36 50.77
C VAL PA 69 -67.12 50.86 50.15
N TYR PA 70 -67.25 49.53 49.99
CA TYR PA 70 -68.46 48.97 49.41
C TYR PA 70 -69.67 49.24 50.30
N ARG PA 71 -69.48 49.15 51.61
CA ARG PA 71 -70.59 49.46 52.51
C ARG PA 71 -70.93 50.94 52.50
N ARG PA 72 -69.91 51.81 52.50
CA ARG PA 72 -70.14 53.24 52.57
C ARG PA 72 -70.71 53.80 51.28
N PHE PA 73 -70.52 53.11 50.16
CA PHE PA 73 -71.08 53.58 48.90
C PHE PA 73 -72.59 53.58 48.91
N ARG PA 74 -73.20 52.65 49.64
CA ARG PA 74 -74.64 52.52 49.66
C ARG PA 74 -75.34 53.69 50.32
N HIS PA 75 -74.62 54.54 51.05
CA HIS PA 75 -75.22 55.72 51.67
C HIS PA 75 -74.57 57.01 51.19
N GLY PA 76 -73.95 56.98 50.02
CA GLY PA 76 -73.41 58.18 49.43
C GLY PA 76 -72.14 58.69 50.06
N PHE PA 77 -71.39 57.83 50.74
CA PHE PA 77 -70.15 58.20 51.41
C PHE PA 77 -70.37 59.35 52.39
N ARG PA 78 -71.44 59.25 53.17
CA ARG PA 78 -71.75 60.29 54.13
C ARG PA 78 -70.70 60.33 55.24
N GLU PA 79 -70.39 61.54 55.71
CA GLU PA 79 -69.42 61.72 56.78
C GLU PA 79 -69.85 62.89 57.65
N GLY PA 80 -69.35 62.90 58.88
CA GLY PA 80 -69.62 63.97 59.79
C GLY PA 80 -71.00 63.95 60.43
N THR PA 81 -71.78 62.91 60.18
CA THR PA 81 -73.11 62.80 60.73
C THR PA 81 -73.20 61.60 61.65
N THR PA 82 -74.22 61.61 62.51
CA THR PA 82 -74.54 60.52 63.41
C THR PA 82 -76.03 60.26 63.32
N PRO PA 83 -76.47 59.04 63.65
CA PRO PA 83 -77.91 58.78 63.74
C PRO PA 83 -78.54 59.66 64.80
N LYS PA 84 -79.80 60.01 64.59
CA LYS PA 84 -80.50 60.92 65.48
C LYS PA 84 -80.55 60.34 66.88
N PRO PA 85 -80.04 61.03 67.89
CA PRO PA 85 -79.94 60.44 69.22
C PRO PA 85 -81.29 60.19 69.85
N LYS PA 86 -81.33 59.22 70.75
CA LYS PA 86 -82.56 58.86 71.45
C LYS PA 86 -82.60 59.53 72.82
N PRO QA 1 -5.81 41.95 90.36
CA PRO QA 1 -5.30 42.05 91.73
C PRO QA 1 -3.99 42.80 91.78
N ARG QA 2 -3.78 43.55 92.86
CA ARG QA 2 -2.56 44.31 93.06
C ARG QA 2 -1.93 43.91 94.38
N LYS QA 3 -0.61 43.70 94.36
CA LYS QA 3 0.14 43.35 95.55
C LYS QA 3 0.73 44.61 96.16
N ILE QA 4 0.27 44.96 97.36
CA ILE QA 4 0.82 46.10 98.08
C ILE QA 4 2.11 45.66 98.75
N GLU QA 5 3.15 46.48 98.64
CA GLU QA 5 4.46 46.08 99.13
C GLU QA 5 4.61 46.37 100.62
N GLU QA 6 4.41 47.62 101.02
CA GLU QA 6 4.62 48.03 102.40
C GLU QA 6 3.32 48.40 103.09
N ILE QA 7 3.40 48.46 104.42
CA ILE QA 7 2.22 48.63 105.26
C ILE QA 7 1.60 50.01 105.06
N LYS QA 8 2.43 51.02 104.81
CA LYS QA 8 1.96 52.39 104.70
C LYS QA 8 0.98 52.54 103.55
N ASP QA 9 1.29 51.95 102.40
CA ASP QA 9 0.36 51.99 101.28
C ASP QA 9 -0.95 51.29 101.60
N PHE QA 10 -0.87 50.15 102.29
CA PHE QA 10 -2.09 49.41 102.61
C PHE QA 10 -3.01 50.21 103.52
N LEU QA 11 -2.46 51.00 104.44
CA LEU QA 11 -3.33 51.80 105.31
C LEU QA 11 -4.21 52.77 104.51
N LEU QA 12 -3.61 53.59 103.63
CA LEU QA 12 -4.48 54.52 102.92
C LEU QA 12 -5.29 53.83 101.84
N THR QA 13 -4.83 52.68 101.33
CA THR QA 13 -5.69 51.92 100.43
C THR QA 13 -6.95 51.44 101.15
N ALA QA 14 -6.80 50.99 102.39
CA ALA QA 14 -7.96 50.61 103.19
C ALA QA 14 -8.80 51.81 103.58
N ARG QA 15 -8.18 52.98 103.76
CA ARG QA 15 -8.93 54.18 104.11
C ARG QA 15 -9.55 54.87 102.89
N ARG QA 16 -9.32 54.36 101.69
CA ARG QA 16 -9.97 54.91 100.51
C ARG QA 16 -11.49 54.81 100.64
N LYS QA 17 -12.18 55.67 99.90
CA LYS QA 17 -13.63 55.78 100.02
C LYS QA 17 -14.34 54.57 99.39
N ASP QA 18 -13.74 53.96 98.37
CA ASP QA 18 -14.37 52.85 97.68
C ASP QA 18 -14.00 51.49 98.27
N ALA QA 19 -13.22 51.46 99.34
CA ALA QA 19 -12.83 50.19 99.96
C ALA QA 19 -14.07 49.51 100.54
N LYS QA 20 -14.50 48.42 99.90
CA LYS QA 20 -15.71 47.74 100.33
C LYS QA 20 -15.49 47.01 101.65
N SER QA 21 -14.40 46.26 101.77
CA SER QA 21 -14.18 45.38 102.90
C SER QA 21 -12.72 44.96 102.91
N VAL QA 22 -12.32 44.31 104.00
CA VAL QA 22 -11.01 43.67 104.11
C VAL QA 22 -11.24 42.25 104.60
N LYS QA 23 -10.51 41.32 103.99
CA LYS QA 23 -10.49 39.92 104.38
C LYS QA 23 -9.11 39.60 104.94
N ILE QA 24 -9.08 38.81 105.99
CA ILE QA 24 -7.82 38.39 106.60
C ILE QA 24 -7.73 36.88 106.47
N LYS QA 25 -6.67 36.42 105.80
CA LYS QA 25 -6.44 35.00 105.57
C LYS QA 25 -5.16 34.59 106.26
N LYS QA 26 -5.24 33.58 107.11
CA LYS QA 26 -4.07 33.06 107.81
C LYS QA 26 -3.59 31.81 107.09
N ASN QA 27 -2.41 31.89 106.50
CA ASN QA 27 -1.78 30.75 105.87
C ASN QA 27 -0.71 30.18 106.80
N LYS QA 28 -0.09 29.09 106.38
CA LYS QA 28 0.93 28.46 107.21
C LYS QA 28 2.15 29.36 107.36
N ASP QA 29 2.54 30.06 106.29
CA ASP QA 29 3.74 30.87 106.30
C ASP QA 29 3.49 32.35 106.45
N ASN QA 30 2.33 32.85 106.06
CA ASN QA 30 2.10 34.29 106.05
C ASN QA 30 0.64 34.59 106.36
N VAL QA 31 0.34 35.87 106.54
CA VAL QA 31 -1.00 36.37 106.72
C VAL QA 31 -1.27 37.39 105.62
N LYS QA 32 -2.38 37.22 104.91
CA LYS QA 32 -2.73 38.08 103.79
C LYS QA 32 -3.91 38.96 104.16
N PHE QA 33 -3.73 40.27 103.97
CA PHE QA 33 -4.80 41.24 104.13
C PHE QA 33 -5.26 41.68 102.76
N LYS QA 34 -6.54 41.50 102.47
CA LYS QA 34 -7.10 41.67 101.13
C LYS QA 34 -8.17 42.75 101.21
N VAL QA 35 -7.87 43.96 100.75
CA VAL QA 35 -8.87 45.02 100.74
C VAL QA 35 -9.49 45.08 99.36
N ARG QA 36 -10.81 45.10 99.32
CA ARG QA 36 -11.59 45.07 98.08
C ARG QA 36 -11.97 46.49 97.72
N CYS QA 37 -11.28 47.04 96.73
CA CYS QA 37 -11.57 48.38 96.25
C CYS QA 37 -12.48 48.29 95.02
N SER QA 38 -12.71 49.42 94.36
CA SER QA 38 -13.62 49.43 93.22
C SER QA 38 -13.06 48.64 92.05
N ARG QA 39 -11.76 48.79 91.76
CA ARG QA 39 -11.16 48.16 90.60
C ARG QA 39 -10.32 46.95 90.96
N TYR QA 40 -9.53 47.00 92.03
CA TYR QA 40 -8.59 45.96 92.33
C TYR QA 40 -8.81 45.39 93.72
N LEU QA 41 -8.35 44.16 93.91
CA LEU QA 41 -8.21 43.54 95.20
C LEU QA 41 -6.75 43.70 95.59
N TYR QA 42 -6.49 44.46 96.64
CA TYR QA 42 -5.13 44.74 97.08
C TYR QA 42 -4.75 43.79 98.20
N THR QA 43 -3.67 43.05 98.00
CA THR QA 43 -3.22 42.05 98.97
C THR QA 43 -1.89 42.48 99.55
N LEU QA 44 -1.81 42.50 100.87
CA LEU QA 44 -0.56 42.69 101.59
C LEU QA 44 -0.20 41.41 102.31
N VAL QA 45 1.00 40.91 102.09
CA VAL QA 45 1.46 39.64 102.64
C VAL QA 45 2.43 39.95 103.77
N ILE QA 46 2.14 39.43 104.97
CA ILE QA 46 2.95 39.68 106.15
C ILE QA 46 3.54 38.35 106.59
N THR QA 47 4.87 38.28 106.67
CA THR QA 47 5.54 37.02 106.93
C THR QA 47 5.41 36.60 108.39
N ASP QA 48 5.57 37.53 109.33
CA ASP QA 48 5.51 37.20 110.74
C ASP QA 48 4.06 37.33 111.22
N LYS QA 49 3.87 37.29 112.54
CA LYS QA 49 2.53 37.29 113.12
C LYS QA 49 2.25 38.47 114.03
N GLU QA 50 3.25 38.98 114.75
CA GLU QA 50 3.01 40.11 115.64
C GLU QA 50 2.67 41.37 114.85
N LYS QA 51 3.37 41.60 113.73
CA LYS QA 51 3.02 42.73 112.88
C LYS QA 51 1.63 42.55 112.27
N ALA QA 52 1.28 41.31 111.91
CA ALA QA 52 -0.05 41.04 111.38
C ALA QA 52 -1.13 41.38 112.41
N GLU QA 53 -0.91 40.99 113.66
CA GLU QA 53 -1.88 41.33 114.71
C GLU QA 53 -1.94 42.83 114.95
N LYS QA 54 -0.79 43.49 114.94
CA LYS QA 54 -0.75 44.95 115.08
C LYS QA 54 -1.56 45.62 113.98
N LEU QA 55 -1.42 45.15 112.75
CA LEU QA 55 -2.26 45.64 111.66
C LEU QA 55 -3.74 45.34 111.90
N LYS QA 56 -4.03 44.13 112.42
CA LYS QA 56 -5.42 43.74 112.65
C LYS QA 56 -6.11 44.71 113.60
N GLN QA 57 -5.40 45.14 114.66
CA GLN QA 57 -5.98 46.16 115.53
C GLN QA 57 -5.83 47.58 114.99
N SER QA 58 -4.92 47.84 114.06
CA SER QA 58 -4.80 49.19 113.53
C SER QA 58 -5.66 49.45 112.31
N LEU QA 59 -6.44 48.46 111.87
CA LEU QA 59 -7.34 48.67 110.74
C LEU QA 59 -8.37 49.76 111.06
N PRO QA 60 -8.79 50.54 110.06
CA PRO QA 60 -9.74 51.62 110.32
C PRO QA 60 -11.10 51.07 110.67
N PRO QA 61 -11.90 51.80 111.44
CA PRO QA 61 -13.28 51.40 111.71
C PRO QA 61 -14.17 51.72 110.52
N GLY QA 62 -15.42 51.26 110.62
CA GLY QA 62 -16.38 51.48 109.55
C GLY QA 62 -16.20 50.61 108.34
N LEU QA 63 -15.32 49.61 108.41
CA LEU QA 63 -15.02 48.73 107.30
C LEU QA 63 -15.21 47.29 107.75
N ALA QA 64 -15.77 46.46 106.88
CA ALA QA 64 -15.95 45.05 107.21
C ALA QA 64 -14.60 44.37 107.33
N VAL QA 65 -14.42 43.53 108.35
CA VAL QA 65 -13.12 42.99 108.74
C VAL QA 65 -13.19 41.47 108.63
N LYS QA 66 -13.82 40.96 107.58
CA LYS QA 66 -14.08 39.54 107.42
C LYS QA 66 -12.83 38.69 107.61
N GLU QA 67 -12.97 37.64 108.42
CA GLU QA 67 -11.91 36.66 108.65
C GLU QA 67 -12.23 35.41 107.84
N LEU QA 68 -11.26 34.96 107.04
CA LEU QA 68 -11.51 33.84 106.14
C LEU QA 68 -11.37 32.49 106.82
N LYS QA 69 -11.08 32.45 108.10
CA LYS QA 69 -11.02 31.19 108.83
C LYS QA 69 -12.15 31.12 109.86
N SER RA 1 -30.92 26.36 61.37
CA SER RA 1 -29.62 26.38 62.04
C SER RA 1 -29.73 27.06 63.38
N SER RA 2 -28.62 27.13 64.09
CA SER RA 2 -28.61 27.89 65.34
C SER RA 2 -28.61 29.39 65.07
N HIS RA 3 -27.83 29.82 64.09
CA HIS RA 3 -27.88 31.21 63.63
C HIS RA 3 -29.12 31.40 62.79
N LYS RA 4 -30.03 32.26 63.24
CA LYS RA 4 -31.23 32.54 62.47
C LYS RA 4 -31.60 33.99 62.64
N THR RA 5 -32.42 34.48 61.71
CA THR RA 5 -32.90 35.85 61.78
C THR RA 5 -34.20 35.92 62.58
N PHE RA 6 -34.58 37.13 62.94
CA PHE RA 6 -35.79 37.33 63.73
C PHE RA 6 -37.04 36.97 62.95
N ARG RA 7 -37.07 37.30 61.65
CA ARG RA 7 -38.21 36.94 60.83
C ARG RA 7 -38.38 35.43 60.73
N ILE RA 8 -37.27 34.72 60.50
CA ILE RA 8 -37.33 33.26 60.43
C ILE RA 8 -37.77 32.66 61.75
N LYS RA 9 -37.24 33.18 62.86
CA LYS RA 9 -37.61 32.67 64.17
C LYS RA 9 -39.09 32.90 64.45
N ARG RA 10 -39.62 34.06 64.06
CA ARG RA 10 -41.03 34.34 64.25
C ARG RA 10 -41.90 33.42 63.39
N PHE RA 11 -41.47 33.16 62.15
CA PHE RA 11 -42.19 32.25 61.28
C PHE RA 11 -42.27 30.85 61.90
N LEU RA 12 -41.13 30.36 62.41
CA LEU RA 12 -41.12 29.06 63.06
C LEU RA 12 -41.97 29.07 64.33
N ALA RA 13 -42.01 30.18 65.04
CA ALA RA 13 -42.85 30.28 66.23
C ALA RA 13 -44.32 30.13 65.87
N LYS RA 14 -44.78 30.80 64.83
CA LYS RA 14 -46.17 30.66 64.42
C LYS RA 14 -46.48 29.25 63.98
N LYS RA 15 -45.56 28.63 63.23
CA LYS RA 15 -45.78 27.25 62.81
C LYS RA 15 -45.89 26.31 63.99
N GLN RA 16 -45.03 26.47 65.00
CA GLN RA 16 -45.14 25.69 66.23
C GLN RA 16 -46.48 25.90 66.90
N LYS RA 17 -46.90 27.15 67.02
CA LYS RA 17 -48.13 27.43 67.75
C LYS RA 17 -49.35 26.86 67.06
N GLN RA 18 -49.37 26.82 65.73
CA GLN RA 18 -50.54 26.29 65.04
C GLN RA 18 -50.42 24.80 64.73
N ASN RA 19 -49.29 24.17 65.04
CA ASN RA 19 -49.21 22.71 64.93
C ASN RA 19 -49.57 22.05 66.26
N ARG RA 20 -50.87 21.93 66.50
CA ARG RA 20 -51.38 21.33 67.72
C ARG RA 20 -52.74 20.73 67.44
N PRO RA 21 -53.22 19.79 68.28
CA PRO RA 21 -54.54 19.20 68.05
C PRO RA 21 -55.66 20.17 68.35
N ILE RA 22 -56.85 19.80 67.90
CA ILE RA 22 -58.06 20.58 68.16
C ILE RA 22 -58.49 20.38 69.61
N PRO RA 23 -59.18 21.34 70.20
CA PRO RA 23 -59.73 21.12 71.55
C PRO RA 23 -60.86 20.10 71.52
N GLN RA 24 -61.04 19.43 72.66
CA GLN RA 24 -62.06 18.40 72.76
C GLN RA 24 -63.47 18.97 72.68
N TRP RA 25 -63.69 20.17 73.23
CA TRP RA 25 -65.02 20.73 73.28
C TRP RA 25 -65.51 21.22 71.93
N ILE RA 26 -64.64 21.28 70.93
CA ILE RA 26 -65.07 21.65 69.58
C ILE RA 26 -66.07 20.65 69.03
N ARG RA 27 -65.83 19.36 69.27
CA ARG RA 27 -66.68 18.33 68.70
C ARG RA 27 -68.07 18.30 69.30
N MET RA 28 -68.32 19.05 70.37
CA MET RA 28 -69.65 19.14 70.94
C MET RA 28 -70.45 20.32 70.41
N LYS RA 29 -69.83 21.19 69.61
CA LYS RA 29 -70.55 22.35 69.09
C LYS RA 29 -71.60 21.93 68.08
N THR RA 30 -72.58 22.81 67.88
CA THR RA 30 -73.71 22.51 67.02
C THR RA 30 -73.28 22.57 65.55
N GLY RA 31 -73.48 21.48 64.82
CA GLY RA 31 -73.10 21.41 63.43
C GLY RA 31 -71.61 21.53 63.20
N ASN RA 32 -70.84 20.70 63.92
CA ASN RA 32 -69.39 20.85 63.92
C ASN RA 32 -68.77 20.48 62.58
N LYS RA 33 -68.93 19.22 62.17
CA LYS RA 33 -68.32 18.67 60.96
C LYS RA 33 -66.80 18.75 60.98
N ILE RA 34 -66.19 18.67 62.16
CA ILE RA 34 -64.74 18.63 62.29
C ILE RA 34 -64.37 17.49 63.21
N ARG RA 35 -63.57 16.55 62.71
CA ARG RA 35 -63.14 15.41 63.49
C ARG RA 35 -61.75 15.59 64.07
N TYR RA 36 -60.81 16.16 63.29
CA TYR RA 36 -59.44 16.31 63.73
C TYR RA 36 -58.79 17.43 62.94
N ASN RA 37 -57.68 17.92 63.47
CA ASN RA 37 -56.89 18.92 62.76
C ASN RA 37 -56.24 18.27 61.55
N SER RA 38 -56.75 18.60 60.36
CA SER RA 38 -56.20 18.02 59.14
C SER RA 38 -55.00 18.78 58.62
N LYS RA 39 -54.55 19.81 59.32
CA LYS RA 39 -53.37 20.57 58.95
C LYS RA 39 -52.19 20.28 59.88
N ARG RA 40 -52.22 19.15 60.58
CA ARG RA 40 -51.10 18.78 61.43
C ARG RA 40 -49.88 18.48 60.60
N ARG RA 41 -48.73 18.98 61.07
CA ARG RA 41 -47.47 18.83 60.37
C ARG RA 41 -46.46 18.14 61.27
N HIS RA 42 -45.74 17.17 60.73
CA HIS RA 42 -44.65 16.52 61.42
C HIS RA 42 -43.33 16.97 60.82
N TRP RA 43 -42.35 17.24 61.68
CA TRP RA 43 -41.08 17.79 61.24
C TRP RA 43 -40.33 16.84 60.31
N ARG RA 44 -40.61 15.55 60.37
CA ARG RA 44 -39.90 14.60 59.53
C ARG RA 44 -40.69 14.18 58.29
N ARG RA 45 -42.01 14.17 58.36
CA ARG RA 45 -42.80 13.78 57.19
C ARG RA 45 -42.76 14.86 56.13
N THR RA 46 -43.25 16.06 56.45
CA THR RA 46 -43.29 17.15 55.51
C THR RA 46 -42.49 18.34 56.03
N LYS RA 47 -41.76 19.00 55.14
CA LYS RA 47 -40.89 20.10 55.50
C LYS RA 47 -41.60 21.43 55.27
N LEU RA 48 -41.14 22.45 55.96
CA LEU RA 48 -41.78 23.75 55.87
C LEU RA 48 -41.42 24.46 54.57
N GLY RA 49 -42.14 25.54 54.30
CA GLY RA 49 -41.96 26.25 53.05
C GLY RA 49 -40.60 26.89 52.92
N LEU RA 50 -40.09 27.47 54.00
CA LEU RA 50 -38.82 28.18 53.94
C LEU RA 50 -37.68 27.21 53.68
N ILE SA 1 -0.94 -79.12 -3.59
CA ILE SA 1 -1.53 -79.22 -4.90
C ILE SA 1 -2.91 -79.87 -4.83
N ILE SA 2 -3.78 -79.48 -5.76
CA ILE SA 2 -5.09 -80.08 -5.92
C ILE SA 2 -5.13 -80.72 -7.29
N GLU SA 3 -5.43 -82.01 -7.33
CA GLU SA 3 -5.46 -82.71 -8.61
C GLU SA 3 -6.64 -82.21 -9.44
N PRO SA 4 -6.55 -82.31 -10.77
CA PRO SA 4 -7.51 -81.57 -11.64
C PRO SA 4 -8.97 -81.90 -11.41
N SER SA 5 -9.33 -83.14 -11.12
CA SER SA 5 -10.75 -83.45 -10.95
C SER SA 5 -11.29 -82.86 -9.65
N LEU SA 6 -10.50 -82.90 -8.58
CA LEU SA 6 -10.91 -82.25 -7.35
C LEU SA 6 -10.96 -80.74 -7.51
N ARG SA 7 -10.05 -80.18 -8.32
CA ARG SA 7 -10.11 -78.77 -8.63
C ARG SA 7 -11.40 -78.43 -9.38
N GLN SA 8 -11.79 -79.28 -10.32
CA GLN SA 8 -13.05 -79.09 -11.03
C GLN SA 8 -14.23 -79.14 -10.07
N LEU SA 9 -14.21 -80.08 -9.14
CA LEU SA 9 -15.29 -80.21 -8.17
C LEU SA 9 -15.38 -78.96 -7.29
N ALA SA 10 -14.23 -78.45 -6.84
CA ALA SA 10 -14.24 -77.24 -6.02
C ALA SA 10 -14.70 -76.04 -6.81
N GLN SA 11 -14.27 -75.93 -8.06
CA GLN SA 11 -14.66 -74.80 -8.90
C GLN SA 11 -16.13 -74.85 -9.28
N LYS SA 12 -16.74 -76.04 -9.29
CA LYS SA 12 -18.16 -76.12 -9.57
C LYS SA 12 -18.99 -75.37 -8.53
N TYR SA 13 -18.49 -75.27 -7.30
CA TYR SA 13 -19.17 -74.52 -6.26
C TYR SA 13 -18.57 -73.15 -6.01
N ASN SA 14 -17.32 -72.93 -6.40
CA ASN SA 14 -16.68 -71.65 -6.10
C ASN SA 14 -16.60 -70.67 -7.26
N CYS SA 15 -16.44 -71.14 -8.49
CA CYS SA 15 -16.12 -70.26 -9.61
C CYS SA 15 -17.10 -70.32 -10.76
N ASP SA 16 -17.60 -71.51 -11.09
CA ASP SA 16 -18.45 -71.67 -12.28
C ASP SA 16 -19.83 -71.12 -11.97
N LYS SA 17 -19.94 -69.79 -12.01
CA LYS SA 17 -21.16 -69.13 -11.58
C LYS SA 17 -21.34 -67.82 -12.32
N MET SA 18 -22.57 -67.30 -12.26
CA MET SA 18 -22.91 -66.00 -12.83
C MET SA 18 -23.03 -64.97 -11.73
N ILE SA 19 -22.74 -63.72 -12.08
CA ILE SA 19 -22.83 -62.58 -11.19
C ILE SA 19 -23.77 -61.56 -11.79
N CYS SA 20 -24.72 -61.09 -11.00
CA CYS SA 20 -25.60 -60.01 -11.44
C CYS SA 20 -24.84 -58.69 -11.45
N ARG SA 21 -24.97 -57.93 -12.54
CA ARG SA 21 -24.26 -56.66 -12.62
C ARG SA 21 -24.86 -55.60 -11.70
N LYS SA 22 -26.10 -55.78 -11.27
CA LYS SA 22 -26.73 -54.76 -10.44
C LYS SA 22 -26.55 -55.01 -8.95
N CYS SA 23 -26.61 -56.27 -8.51
CA CYS SA 23 -26.57 -56.57 -7.09
C CYS SA 23 -25.54 -57.63 -6.71
N TYR SA 24 -24.66 -58.02 -7.63
CA TYR SA 24 -23.51 -58.87 -7.36
C TYR SA 24 -23.91 -60.25 -6.83
N ALA SA 25 -25.16 -60.67 -7.02
CA ALA SA 25 -25.59 -61.96 -6.51
C ALA SA 25 -24.89 -63.09 -7.22
N ARG SA 26 -24.64 -64.17 -6.50
CA ARG SA 26 -23.94 -65.34 -7.03
C ARG SA 26 -24.99 -66.31 -7.57
N LEU SA 27 -24.98 -66.52 -8.88
CA LEU SA 27 -26.05 -67.22 -9.58
C LEU SA 27 -25.50 -68.49 -10.22
N HIS SA 28 -26.39 -69.44 -10.47
CA HIS SA 28 -25.99 -70.67 -11.13
C HIS SA 28 -25.58 -70.37 -12.57
N PRO SA 29 -24.70 -71.19 -13.16
CA PRO SA 29 -24.10 -70.82 -14.46
C PRO SA 29 -25.10 -70.72 -15.61
N ARG SA 30 -26.27 -71.34 -15.50
CA ARG SA 30 -27.26 -71.29 -16.56
C ARG SA 30 -28.31 -70.21 -16.34
N ALA SA 31 -28.07 -69.29 -15.41
CA ALA SA 31 -29.05 -68.26 -15.10
C ALA SA 31 -29.19 -67.26 -16.23
N VAL SA 32 -30.39 -66.73 -16.38
CA VAL SA 32 -30.66 -65.68 -17.36
C VAL SA 32 -31.14 -64.44 -16.61
N ASN SA 33 -31.78 -64.65 -15.46
CA ASN SA 33 -32.27 -63.56 -14.64
C ASN SA 33 -31.76 -63.73 -13.21
N CYS SA 34 -31.53 -62.61 -12.54
CA CYS SA 34 -31.17 -62.66 -11.13
C CYS SA 34 -32.38 -63.06 -10.31
N ARG SA 35 -32.12 -63.77 -9.21
CA ARG SA 35 -33.18 -64.32 -8.39
C ARG SA 35 -33.65 -63.38 -7.30
N LYS SA 36 -33.06 -62.19 -7.20
CA LYS SA 36 -33.25 -61.31 -6.07
C LYS SA 36 -34.11 -60.10 -6.45
N LYS SA 37 -35.01 -59.72 -5.55
CA LYS SA 37 -35.94 -58.64 -5.83
C LYS SA 37 -35.24 -57.29 -5.90
N LYS SA 38 -34.19 -57.08 -5.10
CA LYS SA 38 -33.62 -55.75 -4.96
C LYS SA 38 -32.98 -55.21 -6.23
N CYS SA 39 -32.66 -56.09 -7.18
CA CYS SA 39 -32.24 -55.65 -8.50
C CYS SA 39 -33.38 -55.72 -9.51
N GLY SA 40 -34.55 -56.19 -9.11
CA GLY SA 40 -35.67 -56.30 -10.02
C GLY SA 40 -35.62 -57.49 -10.94
N HIS SA 41 -34.96 -58.56 -10.52
CA HIS SA 41 -34.78 -59.78 -11.33
C HIS SA 41 -34.18 -59.44 -12.69
N THR SA 42 -33.19 -58.57 -12.69
CA THR SA 42 -32.62 -58.10 -13.94
C THR SA 42 -31.88 -59.22 -14.66
N ASN SA 43 -31.79 -59.08 -15.98
CA ASN SA 43 -31.10 -60.04 -16.82
C ASN SA 43 -29.73 -59.55 -17.27
N ASN SA 44 -29.17 -58.56 -16.58
CA ASN SA 44 -27.79 -58.12 -16.81
C ASN SA 44 -26.89 -58.99 -15.95
N LEU SA 45 -26.40 -60.08 -16.55
CA LEU SA 45 -25.54 -61.02 -15.87
C LEU SA 45 -24.21 -61.12 -16.60
N ARG SA 46 -23.17 -61.47 -15.86
CA ARG SA 46 -21.84 -61.68 -16.38
C ARG SA 46 -21.24 -62.92 -15.74
N PRO SA 47 -20.25 -63.53 -16.36
CA PRO SA 47 -19.57 -64.64 -15.70
C PRO SA 47 -18.77 -64.17 -14.50
N LYS SA 48 -18.60 -65.05 -13.52
CA LYS SA 48 -17.66 -64.78 -12.45
C LYS SA 48 -16.25 -64.82 -13.01
N LYS SA 49 -15.45 -63.81 -12.70
CA LYS SA 49 -14.13 -63.69 -13.31
C LYS SA 49 -13.19 -64.75 -12.78
N LYS SA 50 -12.33 -65.25 -13.66
CA LYS SA 50 -11.45 -66.36 -13.33
C LYS SA 50 -10.12 -65.86 -12.78
N VAL SA 51 -9.36 -66.78 -12.18
CA VAL SA 51 -8.03 -66.44 -11.65
C VAL SA 51 -6.97 -66.37 -12.74
N LYS SA 52 -7.33 -66.65 -13.99
CA LYS SA 52 -6.36 -66.64 -15.08
C LYS SA 52 -5.86 -65.22 -15.37
N MET TA 1 37.02 8.24 -11.18
CA MET TA 1 36.34 9.46 -10.77
C MET TA 1 37.31 10.49 -10.23
N ARG TA 2 36.83 11.71 -10.10
CA ARG TA 2 37.54 12.70 -9.30
C ARG TA 2 37.58 12.24 -7.85
N ALA TA 3 38.71 12.48 -7.19
CA ALA TA 3 38.88 12.01 -5.82
C ALA TA 3 37.88 12.65 -4.89
N LYS TA 4 37.56 13.93 -5.10
CA LYS TA 4 36.56 14.61 -4.28
C LYS TA 4 35.19 13.96 -4.44
N TRP TA 5 34.83 13.57 -5.66
CA TRP TA 5 33.54 12.92 -5.84
C TRP TA 5 33.53 11.50 -5.32
N ARG TA 6 34.65 10.79 -5.35
CA ARG TA 6 34.70 9.51 -4.66
C ARG TA 6 34.52 9.69 -3.16
N LYS TA 7 35.11 10.75 -2.61
CA LYS TA 7 34.93 11.06 -1.20
C LYS TA 7 33.46 11.33 -0.89
N LYS TA 8 32.79 12.08 -1.75
CA LYS TA 8 31.37 12.37 -1.57
C LYS TA 8 30.53 11.11 -1.67
N ARG TA 9 30.83 10.24 -2.64
CA ARG TA 9 30.12 8.98 -2.77
C ARG TA 9 30.31 8.10 -1.54
N MET TA 10 31.53 8.06 -1.02
CA MET TA 10 31.80 7.30 0.18
C MET TA 10 31.04 7.85 1.37
N ARG TA 11 30.93 9.18 1.47
CA ARG TA 11 30.18 9.78 2.56
C ARG TA 11 28.69 9.44 2.48
N ARG TA 12 28.13 9.50 1.27
CA ARG TA 12 26.74 9.12 1.09
C ARG TA 12 26.52 7.66 1.49
N LEU TA 13 27.41 6.78 1.03
CA LEU TA 13 27.30 5.37 1.37
C LEU TA 13 27.45 5.14 2.88
N LYS TA 14 28.31 5.91 3.53
CA LYS TA 14 28.49 5.74 4.97
C LYS TA 14 27.28 6.23 5.75
N ARG TA 15 26.63 7.30 5.30
CA ARG TA 15 25.38 7.70 5.95
C ARG TA 15 24.32 6.64 5.77
N LYS TA 16 24.23 6.06 4.57
CA LYS TA 16 23.25 4.98 4.38
C LYS TA 16 23.56 3.79 5.27
N ARG TA 17 24.84 3.44 5.41
CA ARG TA 17 25.22 2.33 6.27
C ARG TA 17 24.89 2.61 7.74
N ARG TA 18 25.16 3.84 8.20
CA ARG TA 18 24.83 4.20 9.57
C ARG TA 18 23.33 4.13 9.80
N LYS TA 19 22.54 4.59 8.84
CA LYS TA 19 21.09 4.52 8.97
C LYS TA 19 20.61 3.07 9.03
N MET TA 20 21.17 2.20 8.18
CA MET TA 20 20.80 0.79 8.21
C MET TA 20 21.14 0.14 9.53
N ARG TA 21 22.33 0.42 10.07
CA ARG TA 21 22.71 -0.18 11.35
C ARG TA 21 21.89 0.37 12.50
N GLN TA 22 21.59 1.67 12.48
CA GLN TA 22 20.76 2.27 13.51
C GLN TA 22 19.35 1.70 13.48
N ARG TA 23 18.88 1.29 12.31
CA ARG TA 23 17.56 0.69 12.22
C ARG TA 23 17.46 -0.62 13.00
N SER TA 24 18.57 -1.30 13.27
CA SER TA 24 18.55 -2.51 14.08
C SER TA 24 18.56 -2.17 15.56
N VAL UA 1 -36.90 26.29 -41.83
CA VAL UA 1 -37.76 26.39 -42.99
C VAL UA 1 -37.48 27.70 -43.70
N ASN UA 2 -37.99 27.81 -44.93
CA ASN UA 2 -37.82 29.00 -45.75
C ASN UA 2 -39.18 29.48 -46.20
N VAL UA 3 -39.44 30.77 -46.04
CA VAL UA 3 -40.69 31.35 -46.54
C VAL UA 3 -40.38 32.62 -47.32
N PRO UA 4 -41.11 32.92 -48.38
CA PRO UA 4 -40.83 34.15 -49.14
C PRO UA 4 -41.19 35.38 -48.35
N LYS UA 5 -40.56 36.50 -48.73
CA LYS UA 5 -40.81 37.77 -48.08
C LYS UA 5 -42.10 38.42 -48.53
N THR UA 6 -42.77 37.88 -49.53
CA THR UA 6 -44.06 38.39 -49.96
C THR UA 6 -44.98 37.24 -50.32
N ARG UA 7 -46.28 37.44 -50.07
CA ARG UA 7 -47.25 36.42 -50.44
C ARG UA 7 -48.60 37.07 -50.69
N ARG UA 8 -49.38 36.47 -51.56
CA ARG UA 8 -50.71 36.97 -51.88
C ARG UA 8 -51.71 36.16 -51.07
N THR UA 9 -52.29 36.78 -50.05
CA THR UA 9 -53.18 36.09 -49.14
C THR UA 9 -54.31 37.02 -48.73
N PHE UA 10 -55.29 36.47 -48.02
CA PHE UA 10 -56.51 37.19 -47.71
C PHE UA 10 -56.23 38.35 -46.76
N CYS UA 11 -56.83 39.50 -47.04
CA CYS UA 11 -56.77 40.65 -46.18
C CYS UA 11 -58.16 40.93 -45.63
N LYS UA 12 -58.29 40.96 -44.30
CA LYS UA 12 -59.60 41.09 -43.69
C LYS UA 12 -60.19 42.48 -43.88
N LYS UA 13 -59.34 43.51 -43.86
CA LYS UA 13 -59.85 44.87 -44.07
C LYS UA 13 -60.27 45.08 -45.51
N CYS UA 14 -59.44 44.66 -46.46
CA CYS UA 14 -59.85 44.72 -47.87
C CYS UA 14 -60.99 43.76 -48.17
N GLY UA 15 -61.01 42.61 -47.50
CA GLY UA 15 -62.04 41.62 -47.76
C GLY UA 15 -61.77 40.75 -48.95
N LYS UA 16 -60.51 40.67 -49.40
CA LYS UA 16 -60.15 39.90 -50.58
C LYS UA 16 -58.69 39.51 -50.47
N HIS UA 17 -58.19 38.82 -51.48
CA HIS UA 17 -56.80 38.42 -51.52
C HIS UA 17 -55.94 39.56 -52.03
N GLN UA 18 -54.92 39.92 -51.27
CA GLN UA 18 -54.05 41.04 -51.57
C GLN UA 18 -52.61 40.64 -51.32
N PRO UA 19 -51.65 41.33 -51.94
CA PRO UA 19 -50.24 41.08 -51.63
C PRO UA 19 -49.88 41.59 -50.24
N HIS UA 20 -48.99 40.86 -49.58
CA HIS UA 20 -48.59 41.11 -48.21
C HIS UA 20 -47.08 40.97 -48.11
N LYS UA 21 -46.47 41.94 -47.43
CA LYS UA 21 -45.09 41.83 -47.01
C LYS UA 21 -45.05 41.00 -45.73
N VAL UA 22 -44.07 40.11 -45.64
CA VAL UA 22 -43.97 39.16 -44.55
C VAL UA 22 -42.71 39.46 -43.76
N THR UA 23 -42.85 39.61 -42.44
CA THR UA 23 -41.71 39.73 -41.55
C THR UA 23 -41.87 38.72 -40.43
N GLN UA 24 -40.86 38.64 -39.57
CA GLN UA 24 -40.93 37.78 -38.40
C GLN UA 24 -41.32 38.63 -37.20
N TYR UA 25 -42.35 38.19 -36.48
CA TYR UA 25 -42.83 38.93 -35.33
C TYR UA 25 -41.85 38.78 -34.16
N LYS UA 26 -41.53 39.90 -33.52
CA LYS UA 26 -40.69 39.93 -32.34
C LYS UA 26 -41.49 40.44 -31.16
N LYS UA 27 -41.30 39.82 -30.00
CA LYS UA 27 -41.99 40.27 -28.81
C LYS UA 27 -41.54 41.67 -28.44
N GLY UA 28 -42.50 42.53 -28.15
CA GLY UA 28 -42.22 43.90 -27.81
C GLY UA 28 -41.66 44.03 -26.40
N LYS UA 29 -41.37 45.27 -26.03
CA LYS UA 29 -40.81 45.56 -24.73
C LYS UA 29 -41.93 45.68 -23.69
N ASP UA 30 -41.68 45.19 -22.49
CA ASP UA 30 -42.67 45.25 -21.43
C ASP UA 30 -42.97 46.69 -21.04
N SER UA 31 -44.24 46.96 -20.75
CA SER UA 31 -44.68 48.34 -20.62
C SER UA 31 -44.26 48.98 -19.31
N LEU UA 32 -44.15 48.18 -18.24
CA LEU UA 32 -43.85 48.62 -16.87
C LEU UA 32 -45.06 49.32 -16.27
N TYR UA 33 -46.08 49.58 -17.09
CA TYR UA 33 -47.33 50.15 -16.62
C TYR UA 33 -48.52 49.29 -17.00
N ALA UA 34 -48.26 48.09 -17.50
CA ALA UA 34 -49.29 47.08 -17.59
C ALA UA 34 -49.77 46.72 -16.20
N GLN UA 35 -51.05 46.37 -16.09
CA GLN UA 35 -51.66 46.18 -14.78
C GLN UA 35 -50.99 45.05 -14.01
N GLY UA 36 -50.63 43.97 -14.71
CA GLY UA 36 -49.95 42.87 -14.05
C GLY UA 36 -48.57 43.25 -13.57
N LYS UA 37 -47.85 44.06 -14.34
CA LYS UA 37 -46.54 44.53 -13.90
C LYS UA 37 -46.67 45.46 -12.69
N ARG UA 38 -47.68 46.32 -12.70
CA ARG UA 38 -47.91 47.18 -11.55
C ARG UA 38 -48.24 46.38 -10.30
N ARG UA 39 -49.11 45.39 -10.44
CA ARG UA 39 -49.44 44.51 -9.32
C ARG UA 39 -48.21 43.75 -8.84
N TYR UA 40 -47.39 43.26 -9.77
CA TYR UA 40 -46.19 42.53 -9.41
C TYR UA 40 -45.20 43.40 -8.66
N ASP UA 41 -44.99 44.63 -9.14
CA ASP UA 41 -44.07 45.54 -8.46
C ASP UA 41 -44.56 45.89 -7.06
N ARG UA 42 -45.86 46.16 -6.92
CA ARG UA 42 -46.41 46.44 -5.60
C ARG UA 42 -46.26 45.22 -4.68
N LYS UA 43 -46.49 44.03 -5.20
CA LYS UA 43 -46.34 42.82 -4.40
C LYS UA 43 -44.89 42.60 -3.98
N GLN UA 44 -43.95 42.86 -4.89
CA GLN UA 44 -42.55 42.58 -4.60
C GLN UA 44 -41.89 43.64 -3.74
N SER UA 45 -42.45 44.84 -3.68
CA SER UA 45 -41.88 45.87 -2.82
C SER UA 45 -42.04 45.48 -1.35
N GLY UA 46 -40.99 45.66 -0.57
CA GLY UA 46 -41.04 45.36 0.84
C GLY UA 46 -40.31 44.10 1.23
N TYR UA 47 -40.73 43.47 2.30
CA TYR UA 47 -40.15 42.22 2.76
C TYR UA 47 -41.03 41.04 2.36
N GLY UA 48 -40.41 39.87 2.31
CA GLY UA 48 -41.13 38.68 1.92
C GLY UA 48 -40.43 37.91 0.84
N GLY UA 49 -39.52 38.58 0.13
CA GLY UA 49 -38.77 37.92 -0.92
C GLY UA 49 -39.59 37.75 -2.19
N GLN UA 50 -39.20 36.74 -2.96
CA GLN UA 50 -39.90 36.44 -4.21
C GLN UA 50 -41.30 35.93 -3.91
N THR UA 51 -42.30 36.55 -4.53
CA THR UA 51 -43.69 36.26 -4.24
C THR UA 51 -44.39 35.51 -5.35
N LYS UA 52 -43.78 35.39 -6.52
CA LYS UA 52 -44.36 34.71 -7.67
C LYS UA 52 -43.38 33.66 -8.17
N PRO UA 53 -43.87 32.57 -8.75
CA PRO UA 53 -42.96 31.50 -9.19
C PRO UA 53 -42.04 31.95 -10.31
N ILE UA 54 -40.83 31.38 -10.30
CA ILE UA 54 -39.84 31.58 -11.34
C ILE UA 54 -39.61 30.24 -12.01
N PHE UA 55 -39.93 30.15 -13.30
CA PHE UA 55 -40.13 28.88 -13.98
C PHE UA 55 -38.91 27.95 -13.94
N ARG UA 56 -37.81 28.37 -14.57
CA ARG UA 56 -36.51 27.67 -14.55
C ARG UA 56 -36.60 26.15 -14.76
N LYS UA 57 -37.56 25.68 -15.56
CA LYS UA 57 -37.63 24.27 -15.93
C LYS UA 57 -37.89 24.13 -17.42
N LYS UA 58 -37.13 24.89 -18.21
CA LYS UA 58 -37.35 24.93 -19.66
C LYS UA 58 -37.15 23.56 -20.29
N ALA UA 59 -38.11 23.16 -21.13
CA ALA UA 59 -38.05 21.90 -21.84
C ALA UA 59 -38.12 22.04 -23.35
N LYS UA 60 -38.85 23.02 -23.87
CA LYS UA 60 -38.89 23.24 -25.31
C LYS UA 60 -37.55 23.78 -25.78
N THR UA 61 -37.18 23.40 -27.01
CA THR UA 61 -35.97 23.89 -27.63
C THR UA 61 -36.24 24.81 -28.81
N THR UA 62 -37.48 24.95 -29.22
CA THR UA 62 -37.87 25.79 -30.34
C THR UA 62 -39.01 26.70 -29.90
N LYS UA 63 -39.44 27.58 -30.80
CA LYS UA 63 -40.64 28.37 -30.63
C LYS UA 63 -41.43 28.33 -31.92
N LYS UA 64 -42.74 28.53 -31.81
CA LYS UA 64 -43.56 28.67 -33.00
C LYS UA 64 -43.26 30.01 -33.65
N ILE UA 65 -42.84 29.98 -34.89
CA ILE UA 65 -42.49 31.20 -35.60
C ILE UA 65 -43.77 31.90 -36.03
N VAL UA 66 -43.86 33.20 -35.74
CA VAL UA 66 -45.02 34.01 -36.07
C VAL UA 66 -44.64 34.95 -37.20
N LEU UA 67 -45.46 34.96 -38.24
CA LEU UA 67 -45.26 35.84 -39.38
C LEU UA 67 -46.17 37.05 -39.25
N ARG UA 68 -45.58 38.21 -39.43
CA ARG UA 68 -46.31 39.48 -39.43
C ARG UA 68 -46.55 39.84 -40.89
N LEU UA 69 -47.80 39.69 -41.33
CA LEU UA 69 -48.17 40.09 -42.67
C LEU UA 69 -48.67 41.52 -42.67
N GLU UA 70 -48.32 42.25 -43.72
CA GLU UA 70 -48.80 43.61 -43.91
C GLU UA 70 -49.34 43.75 -45.32
N CYS UA 71 -50.61 44.10 -45.45
CA CYS UA 71 -51.19 44.35 -46.75
C CYS UA 71 -50.48 45.53 -47.41
N VAL UA 72 -50.04 45.33 -48.66
CA VAL UA 72 -49.26 46.37 -49.33
C VAL UA 72 -50.12 47.47 -49.92
N GLU UA 73 -51.43 47.38 -49.79
CA GLU UA 73 -52.31 48.45 -50.25
C GLU UA 73 -52.04 49.72 -49.44
N PRO UA 74 -51.79 50.86 -50.09
CA PRO UA 74 -51.46 52.07 -49.32
C PRO UA 74 -52.56 52.51 -48.37
N ASN UA 75 -53.82 52.37 -48.76
CA ASN UA 75 -54.93 52.76 -47.92
C ASN UA 75 -55.30 51.67 -46.90
N CYS UA 76 -54.77 50.47 -47.06
CA CYS UA 76 -54.98 49.37 -46.12
C CYS UA 76 -53.62 48.83 -45.73
N ARG UA 77 -53.02 49.42 -44.72
CA ARG UA 77 -51.78 48.91 -44.16
C ARG UA 77 -52.03 47.94 -43.02
N SER UA 78 -53.15 47.24 -43.06
CA SER UA 78 -53.56 46.36 -41.97
C SER UA 78 -52.58 45.21 -41.83
N LYS UA 79 -52.48 44.70 -40.60
CA LYS UA 79 -51.53 43.66 -40.26
C LYS UA 79 -52.26 42.46 -39.67
N ARG UA 80 -51.62 41.31 -39.79
CA ARG UA 80 -52.18 40.07 -39.28
C ARG UA 80 -51.03 39.21 -38.78
N MET UA 81 -51.35 38.25 -37.92
CA MET UA 81 -50.37 37.32 -37.38
C MET UA 81 -50.70 35.90 -37.83
N LEU UA 82 -49.74 35.26 -38.48
CA LEU UA 82 -49.81 33.84 -38.79
C LEU UA 82 -48.73 33.10 -38.02
N ALA UA 83 -49.12 32.01 -37.38
CA ALA UA 83 -48.18 31.12 -36.73
C ALA UA 83 -47.96 29.90 -37.60
N ILE UA 84 -46.71 29.51 -37.79
CA ILE UA 84 -46.38 28.27 -38.47
C ILE UA 84 -45.80 27.33 -37.43
N LYS UA 85 -45.50 26.10 -37.83
CA LYS UA 85 -45.10 25.09 -36.87
C LYS UA 85 -43.74 25.40 -36.25
N ARG UA 86 -43.42 24.65 -35.21
CA ARG UA 86 -42.15 24.80 -34.54
C ARG UA 86 -41.01 24.40 -35.47
N CYS UA 87 -39.95 25.20 -35.47
CA CYS UA 87 -38.79 24.91 -36.28
C CYS UA 87 -37.55 25.40 -35.57
N LYS UA 88 -36.41 24.79 -35.87
CA LYS UA 88 -35.15 25.21 -35.29
C LYS UA 88 -34.49 26.32 -36.10
N HIS UA 89 -34.47 26.19 -37.43
CA HIS UA 89 -33.84 27.16 -38.30
C HIS UA 89 -34.91 27.79 -39.18
N PHE UA 90 -35.00 29.10 -39.15
CA PHE UA 90 -36.00 29.83 -39.90
C PHE UA 90 -35.34 31.00 -40.63
N GLU UA 91 -35.74 31.21 -41.88
CA GLU UA 91 -35.23 32.33 -42.65
C GLU UA 91 -36.34 32.86 -43.55
N LEU UA 92 -36.20 34.12 -43.93
CA LEU UA 92 -37.17 34.84 -44.73
C LEU UA 92 -36.59 35.08 -46.10
N GLY UA 93 -37.23 34.52 -47.13
CA GLY UA 93 -36.82 34.78 -48.49
C GLY UA 93 -35.41 34.35 -48.83
N GLY UA 94 -35.01 33.17 -48.38
CA GLY UA 94 -33.71 32.65 -48.70
C GLY UA 94 -33.65 32.13 -50.12
N ASP UA 95 -32.47 31.62 -50.48
CA ASP UA 95 -32.24 31.14 -51.84
C ASP UA 95 -33.04 29.87 -52.08
N LYS UA 96 -33.90 29.91 -53.09
CA LYS UA 96 -34.78 28.78 -53.36
C LYS UA 96 -34.00 27.61 -53.94
N LYS UA 97 -34.43 26.40 -53.59
CA LYS UA 97 -33.74 25.19 -53.98
C LYS UA 97 -34.01 24.83 -55.43
N ARG UA 98 -33.07 24.11 -56.03
CA ARG UA 98 -33.21 23.55 -57.36
C ARG UA 98 -33.10 22.04 -57.30
N LYS UA 99 -33.49 21.37 -58.38
CA LYS UA 99 -33.59 19.92 -58.39
C LYS UA 99 -32.39 19.25 -59.02
N GLY UA 100 -32.12 19.53 -60.30
CA GLY UA 100 -31.07 18.82 -61.00
C GLY UA 100 -29.73 19.52 -61.01
N GLN UA 101 -29.13 19.70 -59.84
CA GLN UA 101 -27.88 20.45 -59.72
C GLN UA 101 -26.83 19.60 -59.02
N VAL UA 102 -25.59 20.06 -59.10
CA VAL UA 102 -24.46 19.36 -58.50
C VAL UA 102 -24.23 19.92 -57.10
N ILE UA 103 -24.14 19.02 -56.13
CA ILE UA 103 -23.72 19.42 -54.79
C ILE UA 103 -22.25 19.79 -54.83
N GLN UA 104 -21.87 20.83 -54.10
CA GLN UA 104 -20.47 21.23 -54.05
C GLN UA 104 -19.66 20.14 -53.36
N PHE UA 105 -18.57 19.73 -54.01
CA PHE UA 105 -17.85 18.52 -53.63
C PHE UA 105 -17.18 18.64 -52.27
N ALA VA 1 32.14 15.56 44.61
CA ALA VA 1 32.33 14.92 43.31
C ALA VA 1 31.41 15.52 42.28
N LYS VA 2 31.81 15.47 41.01
CA LYS VA 2 30.93 15.95 39.95
C LYS VA 2 29.77 14.99 39.78
N ARG VA 3 28.56 15.53 39.81
CA ARG VA 3 27.36 14.71 39.89
C ARG VA 3 26.69 14.50 38.54
N THR VA 4 26.80 15.46 37.63
CA THR VA 4 26.23 15.34 36.30
C THR VA 4 27.31 15.65 35.27
N LYS VA 5 27.20 15.01 34.12
CA LYS VA 5 28.18 15.25 33.06
C LYS VA 5 27.91 16.57 32.36
N LYS VA 6 26.67 16.80 31.92
CA LYS VA 6 26.39 18.00 31.15
C LYS VA 6 25.12 18.76 31.53
N VAL VA 7 24.13 18.16 32.18
CA VAL VA 7 22.87 18.86 32.39
C VAL VA 7 23.04 20.00 33.39
N GLY VA 8 23.76 19.77 34.47
CA GLY VA 8 23.96 20.83 35.44
C GLY VA 8 22.65 21.22 36.09
N ILE VA 9 22.30 22.51 35.98
CA ILE VA 9 21.16 23.04 36.71
C ILE VA 9 19.83 22.49 36.21
N VAL VA 10 19.77 21.99 34.98
CA VAL VA 10 18.52 21.50 34.43
C VAL VA 10 18.35 19.99 34.69
N GLY VA 11 19.13 19.43 35.62
CA GLY VA 11 18.88 18.08 36.05
C GLY VA 11 17.60 17.92 36.83
N LYS VA 12 17.05 19.03 37.33
CA LYS VA 12 15.77 18.99 38.03
C LYS VA 12 14.61 18.69 37.10
N TYR VA 13 14.78 18.92 35.79
CA TYR VA 13 13.73 18.64 34.84
C TYR VA 13 13.70 17.20 34.37
N GLY VA 14 14.65 16.38 34.81
CA GLY VA 14 14.61 14.97 34.45
C GLY VA 14 14.87 14.74 32.99
N THR VA 15 14.12 13.81 32.41
CA THR VA 15 14.22 13.48 31.00
C THR VA 15 13.26 14.30 30.14
N ARG VA 16 12.53 15.22 30.74
CA ARG VA 16 11.41 15.84 30.07
C ARG VA 16 11.84 17.03 29.21
N TYR VA 17 10.94 17.43 28.32
CA TYR VA 17 10.88 18.67 27.55
C TYR VA 17 11.84 18.71 26.36
N GLY VA 18 12.72 17.74 26.20
CA GLY VA 18 13.62 17.79 25.06
C GLY VA 18 15.00 18.32 25.41
N ALA VA 19 16.03 17.66 24.89
CA ALA VA 19 17.40 18.03 25.22
C ALA VA 19 17.72 19.43 24.76
N SER VA 20 17.27 19.82 23.57
CA SER VA 20 17.58 21.15 23.08
C SER VA 20 16.84 22.22 23.87
N LEU VA 21 15.61 21.96 24.30
CA LEU VA 21 14.91 22.93 25.12
C LEU VA 21 15.56 23.07 26.48
N ARG VA 22 16.01 21.95 27.07
CA ARG VA 22 16.71 22.03 28.34
C ARG VA 22 18.04 22.77 28.20
N LYS VA 23 18.75 22.52 27.11
CA LYS VA 23 20.00 23.24 26.85
C LYS VA 23 19.74 24.73 26.66
N MET VA 24 18.65 25.09 25.99
CA MET VA 24 18.30 26.48 25.79
C MET VA 24 17.98 27.16 27.11
N VAL VA 25 17.20 26.48 27.97
CA VAL VA 25 16.80 27.11 29.23
C VAL VA 25 17.89 27.07 30.29
N LYS VA 26 18.94 26.28 30.08
CA LYS VA 26 19.98 26.14 31.09
C LYS VA 26 20.73 27.46 31.32
N LYS VA 27 21.18 28.11 30.25
CA LYS VA 27 21.92 29.35 30.40
C LYS VA 27 21.05 30.45 30.99
N ILE VA 28 19.78 30.50 30.58
CA ILE VA 28 18.86 31.50 31.12
C ILE VA 28 18.63 31.27 32.59
N GLU VA 29 18.46 30.02 33.02
CA GLU VA 29 18.27 29.74 34.43
C GLU VA 29 19.51 30.06 35.24
N ILE VA 30 20.69 29.77 34.70
CA ILE VA 30 21.92 30.09 35.41
C ILE VA 30 22.05 31.59 35.61
N SER VA 31 21.85 32.37 34.55
CA SER VA 31 21.95 33.82 34.68
C SER VA 31 20.84 34.38 35.53
N GLN VA 32 19.67 33.74 35.53
CA GLN VA 32 18.55 34.17 36.35
C GLN VA 32 18.85 34.02 37.83
N HIS VA 33 19.44 32.90 38.22
CA HIS VA 33 19.70 32.61 39.62
C HIS VA 33 21.10 33.00 40.05
N ALA VA 34 21.88 33.62 39.17
CA ALA VA 34 23.19 34.11 39.57
C ALA VA 34 23.06 35.31 40.48
N LYS VA 35 24.11 35.54 41.27
CA LYS VA 35 24.22 36.73 42.10
C LYS VA 35 25.27 37.64 41.50
N TYR VA 36 24.88 38.85 41.16
CA TYR VA 36 25.75 39.80 40.48
C TYR VA 36 26.38 40.75 41.47
N THR VA 37 27.45 41.40 41.05
CA THR VA 37 28.14 42.38 41.87
C THR VA 37 27.38 43.70 41.80
N CYS VA 38 26.94 44.21 42.95
CA CYS VA 38 26.23 45.48 42.97
C CYS VA 38 27.16 46.61 42.61
N SER VA 39 26.76 47.43 41.66
CA SER VA 39 27.57 48.56 41.23
C SER VA 39 27.45 49.76 42.14
N PHE VA 40 26.62 49.68 43.19
CA PHE VA 40 26.47 50.75 44.15
C PHE VA 40 27.27 50.50 45.42
N CYS VA 41 27.10 49.33 46.04
CA CYS VA 41 27.78 49.01 47.28
C CYS VA 41 29.01 48.13 47.09
N GLY VA 42 29.17 47.52 45.93
CA GLY VA 42 30.33 46.69 45.66
C GLY VA 42 30.21 45.24 46.08
N LYS VA 43 29.14 44.86 46.75
CA LYS VA 43 28.98 43.49 47.22
C LYS VA 43 28.33 42.63 46.16
N THR VA 44 28.56 41.33 46.25
CA THR VA 44 27.98 40.36 45.32
C THR VA 44 26.66 39.83 45.89
N LYS VA 45 25.68 40.73 45.94
CA LYS VA 45 24.39 40.43 46.54
C LYS VA 45 23.22 40.88 45.68
N MET VA 46 23.48 41.42 44.49
CA MET VA 46 22.41 41.87 43.60
C MET VA 46 21.82 40.65 42.92
N LYS VA 47 20.58 40.29 43.28
CA LYS VA 47 19.93 39.13 42.73
C LYS VA 47 18.51 39.48 42.31
N ARG VA 48 17.94 38.64 41.46
CA ARG VA 48 16.63 38.90 40.90
C ARG VA 48 15.53 38.70 41.93
N ARG VA 49 14.59 39.64 41.97
CA ARG VA 49 13.42 39.55 42.83
C ARG VA 49 12.22 39.02 42.05
N ALA VA 50 11.87 39.70 40.96
CA ALA VA 50 10.89 39.21 40.00
C ALA VA 50 11.45 39.46 38.62
N VAL VA 51 10.64 39.25 37.59
CA VAL VA 51 11.15 39.43 36.24
C VAL VA 51 11.41 40.91 35.99
N GLY VA 52 12.66 41.24 35.67
CA GLY VA 52 13.04 42.60 35.41
C GLY VA 52 13.44 43.41 36.62
N ILE VA 53 13.32 42.87 37.83
CA ILE VA 53 13.59 43.61 39.06
C ILE VA 53 14.77 42.95 39.76
N TRP VA 54 15.81 43.72 40.04
CA TRP VA 54 17.02 43.21 40.66
C TRP VA 54 17.29 43.99 41.93
N HIS VA 55 17.34 43.28 43.06
CA HIS VA 55 17.43 43.91 44.37
C HIS VA 55 18.73 43.50 45.03
N CYS VA 56 19.38 44.45 45.69
CA CYS VA 56 20.60 44.18 46.42
C CYS VA 56 20.29 44.00 47.90
N GLY VA 57 20.86 42.95 48.49
CA GLY VA 57 20.59 42.67 49.90
C GLY VA 57 21.17 43.71 50.83
N SER VA 58 22.35 44.22 50.51
CA SER VA 58 23.06 45.07 51.47
C SER VA 58 22.53 46.50 51.47
N CYS VA 59 22.67 47.21 50.35
CA CYS VA 59 22.28 48.61 50.30
C CYS VA 59 20.80 48.79 49.99
N MET VA 60 20.07 47.70 49.80
CA MET VA 60 18.63 47.73 49.55
C MET VA 60 18.28 48.56 48.32
N LYS VA 61 19.18 48.59 47.34
CA LYS VA 61 18.94 49.28 46.09
C LYS VA 61 18.23 48.33 45.13
N THR VA 62 17.18 48.83 44.47
CA THR VA 62 16.42 48.06 43.51
C THR VA 62 16.59 48.70 42.14
N VAL VA 63 16.87 47.86 41.14
CA VAL VA 63 17.18 48.31 39.79
C VAL VA 63 16.23 47.62 38.81
N ALA VA 64 15.81 48.35 37.78
CA ALA VA 64 15.07 47.77 36.68
C ALA VA 64 16.06 47.27 35.63
N GLY VA 65 16.20 45.96 35.52
CA GLY VA 65 17.12 45.37 34.57
C GLY VA 65 16.42 44.40 33.63
N GLY VA 66 17.15 43.41 33.13
CA GLY VA 66 16.57 42.47 32.20
C GLY VA 66 15.77 41.38 32.87
N ALA VA 67 15.16 40.53 32.04
CA ALA VA 67 14.32 39.46 32.55
C ALA VA 67 15.14 38.39 33.24
N TRP VA 68 16.25 37.97 32.63
CA TRP VA 68 17.07 36.91 33.16
C TRP VA 68 18.48 37.36 33.53
N THR VA 69 18.97 38.44 32.96
CA THR VA 69 20.27 38.98 33.30
C THR VA 69 20.09 40.35 33.93
N TYR VA 70 21.13 40.80 34.63
CA TYR VA 70 21.02 42.07 35.36
C TYR VA 70 20.83 43.23 34.40
N ASN VA 71 21.54 43.21 33.27
CA ASN VA 71 21.28 44.18 32.21
C ASN VA 71 21.40 43.49 30.87
N THR VA 72 20.69 44.03 29.88
CA THR VA 72 20.73 43.49 28.53
C THR VA 72 21.75 44.25 27.69
N THR VA 73 22.31 43.54 26.71
CA THR VA 73 23.24 44.17 25.78
C THR VA 73 22.56 45.29 25.01
N SER VA 74 21.28 45.09 24.68
CA SER VA 74 20.49 46.16 24.07
C SER VA 74 20.51 47.41 24.94
N ALA VA 75 20.18 47.26 26.22
CA ALA VA 75 20.12 48.41 27.11
C ALA VA 75 21.49 49.06 27.29
N VAL VA 76 22.56 48.27 27.31
CA VAL VA 76 23.89 48.84 27.46
C VAL VA 76 24.25 49.69 26.24
N THR VA 77 24.02 49.17 25.04
CA THR VA 77 24.26 49.96 23.84
C THR VA 77 23.36 51.19 23.79
N VAL VA 78 22.14 51.07 24.28
CA VAL VA 78 21.22 52.21 24.31
C VAL VA 78 21.75 53.29 25.24
N LYS VA 79 22.24 52.91 26.41
CA LYS VA 79 22.78 53.89 27.34
C LYS VA 79 23.98 54.60 26.74
N SER VA 80 24.86 53.85 26.08
CA SER VA 80 26.02 54.48 25.43
C SER VA 80 25.58 55.43 24.33
N ALA VA 81 24.59 55.01 23.53
CA ALA VA 81 24.10 55.86 22.45
C ALA VA 81 23.47 57.13 22.99
N ILE VA 82 22.69 57.03 24.07
CA ILE VA 82 22.07 58.21 24.65
C ILE VA 82 23.11 59.16 25.20
N ARG VA 83 24.17 58.63 25.82
CA ARG VA 83 25.24 59.50 26.29
C ARG VA 83 25.91 60.22 25.13
N ARG VA 84 26.16 59.51 24.03
CA ARG VA 84 26.79 60.14 22.87
C ARG VA 84 25.88 61.20 22.27
N LEU VA 85 24.59 60.92 22.15
CA LEU VA 85 23.66 61.91 21.62
C LEU VA 85 23.53 63.11 22.54
N LYS VA 86 23.62 62.92 23.85
CA LYS VA 86 23.57 64.06 24.77
C LYS VA 86 24.79 64.94 24.62
N GLU VA 87 25.98 64.32 24.58
CA GLU VA 87 27.20 65.11 24.45
C GLU VA 87 27.32 65.74 23.06
N LEU VA 88 26.61 65.21 22.07
CA LEU VA 88 26.55 65.87 20.78
C LEU VA 88 25.49 66.97 20.76
N LYS VA 89 24.39 66.78 21.48
CA LYS VA 89 23.34 67.78 21.55
C LYS VA 89 23.84 69.05 22.23
N ASP VA 90 24.57 68.91 23.33
CA ASP VA 90 25.17 70.08 23.95
C ASP VA 90 26.61 70.21 23.46
N GLN VA 91 27.25 71.31 23.86
CA GLN VA 91 28.65 71.54 23.49
C GLN VA 91 29.40 72.26 24.60
N SER WA 1 -118.82 17.96 13.19
CA SER WA 1 -119.31 16.72 12.63
C SER WA 1 -118.70 15.51 13.33
N ALA WA 2 -119.38 14.37 13.25
CA ALA WA 2 -118.91 13.17 13.94
C ALA WA 2 -117.58 12.70 13.38
N HIS WA 3 -117.44 12.65 12.06
CA HIS WA 3 -116.20 12.18 11.46
C HIS WA 3 -115.06 13.14 11.73
N LEU WA 4 -115.32 14.45 11.68
CA LEU WA 4 -114.28 15.42 11.96
C LEU WA 4 -113.81 15.33 13.41
N GLN WA 5 -114.75 15.28 14.34
CA GLN WA 5 -114.38 15.15 15.74
C GLN WA 5 -113.67 13.83 16.02
N TRP WA 6 -114.05 12.77 15.29
CA TRP WA 6 -113.32 11.51 15.42
C TRP WA 6 -111.89 11.64 14.94
N MET WA 7 -111.68 12.32 13.81
CA MET WA 7 -110.31 12.52 13.36
C MET WA 7 -109.52 13.37 14.35
N VAL WA 8 -110.18 14.23 15.10
CA VAL WA 8 -109.50 14.99 16.14
C VAL WA 8 -109.14 14.11 17.34
N VAL WA 9 -110.04 13.25 17.81
CA VAL WA 9 -109.86 12.59 19.11
C VAL WA 9 -109.55 11.10 19.00
N ARG WA 10 -109.28 10.59 17.79
CA ARG WA 10 -109.01 9.17 17.65
C ARG WA 10 -107.72 8.75 18.33
N ASN WA 11 -106.79 9.68 18.55
CA ASN WA 11 -105.54 9.37 19.21
C ASN WA 11 -105.16 10.37 20.28
N CYS WA 12 -105.89 11.47 20.41
CA CYS WA 12 -105.60 12.50 21.41
C CYS WA 12 -106.87 12.73 22.20
N SER WA 13 -107.02 12.00 23.31
CA SER WA 13 -108.20 12.13 24.14
C SER WA 13 -107.83 11.80 25.57
N SER WA 14 -108.49 12.46 26.51
CA SER WA 14 -108.27 12.18 27.92
C SER WA 14 -109.00 10.92 28.38
N PHE WA 15 -109.86 10.36 27.55
CA PHE WA 15 -110.51 9.09 27.84
C PHE WA 15 -109.77 7.90 27.24
N LEU WA 16 -108.66 8.14 26.57
CA LEU WA 16 -107.96 7.11 25.84
C LEU WA 16 -106.95 6.40 26.75
N ILE WA 17 -107.06 5.08 26.83
CA ILE WA 17 -106.13 4.26 27.57
C ILE WA 17 -105.49 3.29 26.59
N LYS WA 18 -104.16 3.33 26.52
CA LYS WA 18 -103.40 2.45 25.62
C LYS WA 18 -102.43 1.66 26.47
N ARG WA 19 -102.71 0.38 26.68
CA ARG WA 19 -101.91 -0.44 27.57
C ARG WA 19 -101.97 -1.88 27.10
N ASN WA 20 -100.84 -2.59 27.24
CA ASN WA 20 -100.78 -4.04 27.04
C ASN WA 20 -101.29 -4.45 25.67
N LYS WA 21 -100.90 -3.70 24.64
CA LYS WA 21 -101.31 -3.90 23.25
C LYS WA 21 -102.82 -3.77 23.08
N GLN WA 22 -103.50 -3.19 24.06
CA GLN WA 22 -104.93 -2.95 24.00
C GLN WA 22 -105.19 -1.45 24.06
N THR WA 23 -106.37 -1.07 23.60
CA THR WA 23 -106.81 0.31 23.70
C THR WA 23 -108.24 0.33 24.23
N TYR WA 24 -108.54 1.35 25.05
CA TYR WA 24 -109.84 1.48 25.67
C TYR WA 24 -110.22 2.95 25.71
N SER WA 25 -111.52 3.20 25.83
CA SER WA 25 -112.05 4.55 25.92
C SER WA 25 -113.03 4.61 27.08
N THR WA 26 -112.87 5.62 27.94
CA THR WA 26 -113.63 5.70 29.18
C THR WA 26 -114.62 6.86 29.19
N GLU WA 27 -115.06 7.32 28.04
CA GLU WA 27 -116.07 8.36 28.00
C GLU WA 27 -117.41 7.80 28.48
N PRO WA 28 -118.30 8.66 28.99
CA PRO WA 28 -119.47 8.14 29.73
C PRO WA 28 -120.41 7.24 28.93
N ASN WA 29 -120.59 7.47 27.64
CA ASN WA 29 -121.64 6.81 26.89
C ASN WA 29 -121.09 5.76 25.92
N ASN WA 30 -120.00 5.12 26.29
CA ASN WA 30 -119.31 4.17 25.41
C ASN WA 30 -119.69 2.75 25.84
N LEU WA 31 -120.60 2.13 25.10
CA LEU WA 31 -120.81 0.70 25.23
C LEU WA 31 -119.58 -0.03 24.70
N LYS WA 32 -119.19 -1.09 25.40
CA LYS WA 32 -118.01 -1.91 25.13
C LYS WA 32 -116.71 -1.20 25.50
N ALA WA 33 -116.80 0.09 25.83
CA ALA WA 33 -115.67 0.88 26.33
C ALA WA 33 -114.45 0.79 25.41
N ARG WA 34 -114.68 0.76 24.10
CA ARG WA 34 -113.59 0.64 23.15
C ARG WA 34 -113.40 1.94 22.38
N ASN WA 35 -112.17 2.19 21.98
CA ASN WA 35 -111.83 3.36 21.20
C ASN WA 35 -112.20 3.09 19.75
N SER WA 36 -113.38 3.56 19.34
CA SER WA 36 -113.84 3.30 17.99
C SER WA 36 -114.83 4.38 17.60
N PHE WA 37 -114.95 4.61 16.29
CA PHE WA 37 -115.88 5.62 15.81
C PHE WA 37 -117.31 5.23 16.10
N ARG WA 38 -117.64 3.94 15.96
CA ARG WA 38 -119.01 3.49 16.13
C ARG WA 38 -119.45 3.59 17.59
N TYR WA 39 -118.56 3.30 18.53
CA TYR WA 39 -118.92 3.22 19.93
C TYR WA 39 -118.55 4.45 20.74
N ASN WA 40 -117.96 5.47 20.12
CA ASN WA 40 -117.64 6.69 20.84
C ASN WA 40 -118.92 7.36 21.34
N GLY WA 41 -118.90 7.76 22.61
CA GLY WA 41 -120.11 8.27 23.24
C GLY WA 41 -120.16 9.77 23.30
N LEU WA 42 -119.36 10.44 22.49
CA LEU WA 42 -119.34 11.90 22.52
C LEU WA 42 -119.52 12.52 21.14
N ILE WA 43 -119.00 11.89 20.08
CA ILE WA 43 -118.94 12.54 18.78
C ILE WA 43 -120.21 12.40 17.97
N HIS WA 44 -121.13 11.54 18.38
CA HIS WA 44 -122.29 11.25 17.56
C HIS WA 44 -123.48 12.11 17.93
N ARG WA 45 -124.31 12.38 16.93
CA ARG WA 45 -125.49 13.20 17.15
C ARG WA 45 -126.51 12.50 18.03
N LYS WA 46 -126.60 11.18 17.95
CA LYS WA 46 -127.41 10.39 18.86
C LYS WA 46 -126.54 9.31 19.47
N THR WA 47 -126.59 9.17 20.79
CA THR WA 47 -125.85 8.13 21.49
C THR WA 47 -126.77 7.48 22.51
N VAL WA 48 -126.42 6.25 22.88
CA VAL WA 48 -127.10 5.52 23.94
C VAL WA 48 -126.06 4.93 24.86
N GLY WA 49 -126.34 4.94 26.15
CA GLY WA 49 -125.46 4.35 27.13
C GLY WA 49 -126.27 3.69 28.23
N VAL WA 50 -125.67 2.67 28.84
CA VAL WA 50 -126.31 1.92 29.92
C VAL WA 50 -125.37 1.94 31.11
N GLU WA 51 -125.88 2.39 32.25
CA GLU WA 51 -125.10 2.46 33.46
C GLU WA 51 -125.82 1.74 34.58
N PRO WA 52 -125.12 1.35 35.64
CA PRO WA 52 -125.82 0.89 36.85
C PRO WA 52 -126.57 2.03 37.50
N ALA WA 53 -127.66 1.70 38.17
CA ALA WA 53 -128.45 2.71 38.85
C ALA WA 53 -127.67 3.27 40.05
N ALA WA 54 -128.19 4.36 40.60
CA ALA WA 54 -127.52 5.01 41.72
C ALA WA 54 -127.37 4.06 42.89
N ASP WA 55 -128.47 3.45 43.32
CA ASP WA 55 -128.41 2.30 44.19
C ASP WA 55 -128.17 1.05 43.35
N GLY WA 56 -127.54 0.04 43.95
CA GLY WA 56 -127.17 -1.13 43.20
C GLY WA 56 -128.33 -2.02 42.81
N LYS WA 57 -129.31 -1.47 42.11
CA LYS WA 57 -130.42 -2.27 41.58
C LYS WA 57 -131.02 -1.54 40.39
N GLY WA 58 -131.08 -2.24 39.25
CA GLY WA 58 -131.59 -1.64 38.03
C GLY WA 58 -130.50 -1.04 37.17
N VAL WA 59 -130.93 -0.54 36.02
CA VAL WA 59 -130.04 0.13 35.08
C VAL WA 59 -130.60 1.51 34.79
N VAL WA 60 -129.72 2.37 34.29
CA VAL WA 60 -130.08 3.70 33.81
C VAL WA 60 -129.71 3.74 32.33
N VAL WA 61 -130.71 3.88 31.48
CA VAL WA 61 -130.50 4.02 30.05
C VAL WA 61 -130.53 5.51 29.73
N VAL WA 62 -129.45 6.02 29.17
CA VAL WA 62 -129.33 7.42 28.81
C VAL WA 62 -129.24 7.53 27.29
N ILE WA 63 -130.05 8.40 26.72
CA ILE WA 63 -130.04 8.64 25.28
C ILE WA 63 -129.81 10.12 25.04
N LYS WA 64 -129.19 10.43 23.91
CA LYS WA 64 -128.88 11.81 23.56
C LYS WA 64 -130.04 12.36 22.73
N ARG WA 65 -130.61 13.46 23.18
CA ARG WA 65 -131.70 14.09 22.44
C ARG WA 65 -131.15 14.80 21.21
N ARG WA 66 -132.05 15.08 20.27
CA ARG WA 66 -131.64 15.63 18.98
C ARG WA 66 -131.33 17.12 19.04
N SER WA 67 -132.02 17.88 19.89
CA SER WA 67 -132.00 19.33 19.75
C SER WA 67 -130.74 19.96 20.34
N GLY WA 68 -130.53 19.81 21.64
CA GLY WA 68 -129.46 20.55 22.29
C GLY WA 68 -128.09 19.91 22.15
N GLN WA 69 -127.53 19.93 20.93
CA GLN WA 69 -126.25 19.27 20.72
C GLN WA 69 -125.12 20.03 21.39
N ARG WA 70 -125.19 21.36 21.42
CA ARG WA 70 -124.17 22.18 22.04
C ARG WA 70 -124.49 22.52 23.49
N LYS WA 71 -125.58 21.98 24.03
CA LYS WA 71 -126.06 22.30 25.37
C LYS WA 71 -125.95 21.06 26.23
N PRO WA 72 -124.78 20.79 26.81
CA PRO WA 72 -124.59 19.52 27.52
C PRO WA 72 -125.42 19.36 28.78
N ALA WA 73 -126.00 20.44 29.32
CA ALA WA 73 -126.77 20.31 30.54
C ALA WA 73 -128.11 19.62 30.30
N THR WA 74 -128.63 19.71 29.08
CA THR WA 74 -129.93 19.13 28.75
C THR WA 74 -129.87 18.22 27.54
N SER WA 75 -128.68 17.76 27.17
CA SER WA 75 -128.52 16.95 25.96
C SER WA 75 -128.80 15.48 26.18
N TYR WA 76 -128.88 15.02 27.44
CA TYR WA 76 -129.04 13.61 27.73
C TYR WA 76 -130.28 13.38 28.56
N VAL WA 77 -131.01 12.32 28.24
CA VAL WA 77 -132.21 11.90 28.97
C VAL WA 77 -131.91 10.55 29.60
N ARG WA 78 -132.01 10.48 30.92
CA ARG WA 78 -131.73 9.27 31.67
C ARG WA 78 -133.02 8.71 32.23
N THR WA 79 -133.31 7.46 31.93
CA THR WA 79 -134.47 6.76 32.49
C THR WA 79 -134.00 5.50 33.20
N THR WA 80 -134.54 5.26 34.39
CA THR WA 80 -134.14 4.12 35.20
C THR WA 80 -135.13 2.99 35.01
N ILE WA 81 -134.61 1.82 34.67
CA ILE WA 81 -135.41 0.59 34.55
C ILE WA 81 -135.00 -0.34 35.69
N ASN WA 82 -135.96 -0.74 36.50
CA ASN WA 82 -135.72 -1.58 37.66
C ASN WA 82 -136.69 -2.76 37.66
N LYS WA 83 -136.82 -3.41 36.52
CA LYS WA 83 -137.68 -4.56 36.36
C LYS WA 83 -136.84 -5.83 36.45
N ASN WA 84 -137.46 -6.96 36.14
CA ASN WA 84 -136.70 -8.20 36.01
C ASN WA 84 -135.82 -8.13 34.76
N ALA WA 85 -134.93 -9.11 34.64
CA ALA WA 85 -133.91 -9.06 33.58
C ALA WA 85 -134.54 -9.12 32.20
N ARG WA 86 -135.50 -10.01 31.99
CA ARG WA 86 -136.11 -10.14 30.67
C ARG WA 86 -136.89 -8.89 30.28
N ALA WA 87 -137.64 -8.33 31.23
CA ALA WA 87 -138.37 -7.10 30.96
C ALA WA 87 -137.44 -5.94 30.69
N THR WA 88 -136.34 -5.84 31.43
CA THR WA 88 -135.37 -4.77 31.22
C THR WA 88 -134.75 -4.87 29.83
N LEU WA 89 -134.34 -6.09 29.43
CA LEU WA 89 -133.77 -6.26 28.11
C LEU WA 89 -134.78 -5.97 27.02
N SER WA 90 -136.04 -6.37 27.21
CA SER WA 90 -137.07 -6.05 26.24
C SER WA 90 -137.28 -4.55 26.12
N SER WA 91 -137.25 -3.83 27.24
CA SER WA 91 -137.41 -2.38 27.20
C SER WA 91 -136.26 -1.72 26.44
N ILE WA 92 -135.03 -2.15 26.69
CA ILE WA 92 -133.89 -1.58 25.97
C ILE WA 92 -133.96 -1.92 24.49
N ARG WA 93 -134.37 -3.15 24.17
CA ARG WA 93 -134.53 -3.55 22.78
C ARG WA 93 -135.57 -2.69 22.08
N HIS WA 94 -136.66 -2.39 22.76
CA HIS WA 94 -137.71 -1.57 22.17
C HIS WA 94 -137.26 -0.12 22.03
N MET WA 95 -136.50 0.40 22.99
CA MET WA 95 -136.00 1.76 22.86
C MET WA 95 -135.06 1.91 21.68
N ILE WA 96 -134.19 0.93 21.44
CA ILE WA 96 -133.26 1.06 20.33
C ILE WA 96 -133.90 0.70 19.00
N ARG WA 97 -134.69 -0.38 18.95
CA ARG WA 97 -135.17 -0.90 17.68
C ARG WA 97 -136.41 -0.18 17.18
N LYS WA 98 -137.43 -0.03 18.05
CA LYS WA 98 -138.67 0.59 17.63
C LYS WA 98 -138.47 2.05 17.25
N ASN WA 99 -137.65 2.77 18.00
CA ASN WA 99 -137.37 4.16 17.69
C ASN WA 99 -136.42 4.32 16.51
N LYS WA 100 -135.77 3.24 16.06
CA LYS WA 100 -134.67 3.30 15.11
C LYS WA 100 -133.61 4.28 15.59
N TYR WA 101 -133.36 4.26 16.89
CA TYR WA 101 -132.36 5.12 17.52
C TYR WA 101 -131.07 4.33 17.63
N ARG WA 102 -130.21 4.48 16.62
CA ARG WA 102 -128.93 3.80 16.51
C ARG WA 102 -129.09 2.29 16.63
N PRO WA 103 -129.70 1.63 15.63
CA PRO WA 103 -129.92 0.19 15.74
C PRO WA 103 -128.65 -0.64 15.73
N ASP WA 104 -127.50 -0.03 15.44
CA ASP WA 104 -126.24 -0.76 15.45
C ASP WA 104 -125.64 -0.93 16.84
N LEU WA 105 -126.27 -0.34 17.86
CA LEU WA 105 -125.82 -0.48 19.24
C LEU WA 105 -126.76 -1.36 20.06
N ARG WA 106 -127.71 -2.05 19.40
CA ARG WA 106 -128.75 -2.76 20.12
C ARG WA 106 -128.18 -3.89 20.96
N MET WA 107 -127.40 -4.78 20.35
CA MET WA 107 -126.85 -5.90 21.10
C MET WA 107 -125.78 -5.46 22.07
N ALA WA 108 -125.03 -4.39 21.76
CA ALA WA 108 -124.07 -3.87 22.71
C ALA WA 108 -124.77 -3.40 23.99
N ALA WA 109 -125.85 -2.65 23.84
CA ALA WA 109 -126.59 -2.18 25.00
C ALA WA 109 -127.24 -3.33 25.76
N ILE WA 110 -127.79 -4.31 25.04
CA ILE WA 110 -128.41 -5.45 25.69
C ILE WA 110 -127.38 -6.24 26.48
N ARG WA 111 -126.22 -6.50 25.90
CA ARG WA 111 -125.18 -7.24 26.59
C ARG WA 111 -124.64 -6.46 27.79
N ARG WA 112 -124.50 -5.15 27.66
CA ARG WA 112 -124.04 -4.36 28.79
C ARG WA 112 -125.06 -4.35 29.92
N ALA WA 113 -126.35 -4.26 29.59
CA ALA WA 113 -127.38 -4.33 30.63
C ALA WA 113 -127.38 -5.69 31.30
N SER WA 114 -127.19 -6.76 30.52
CA SER WA 114 -127.10 -8.10 31.12
C SER WA 114 -125.91 -8.20 32.06
N ALA WA 115 -124.77 -7.64 31.65
CA ALA WA 115 -123.59 -7.65 32.52
C ALA WA 115 -123.84 -6.88 33.80
N ILE WA 116 -124.49 -5.72 33.70
CA ILE WA 116 -124.75 -4.90 34.89
C ILE WA 116 -125.69 -5.63 35.85
N LEU WA 117 -126.77 -6.22 35.32
CA LEU WA 117 -127.70 -6.94 36.18
C LEU WA 117 -127.05 -8.16 36.82
N ARG WA 118 -126.25 -8.90 36.05
CA ARG WA 118 -125.56 -10.06 36.59
C ARG WA 118 -124.56 -9.67 37.66
N SER WA 119 -123.96 -8.49 37.54
CA SER WA 119 -123.11 -7.98 38.61
C SER WA 119 -123.93 -7.57 39.82
N GLN WA 120 -125.14 -7.05 39.60
CA GLN WA 120 -125.93 -6.57 40.71
C GLN WA 120 -126.56 -7.68 41.53
N LYS WA 121 -126.82 -8.84 40.94
CA LYS WA 121 -127.41 -9.92 41.71
C LYS WA 121 -126.43 -10.41 42.79
N PRO WA 122 -126.94 -10.85 43.93
CA PRO WA 122 -126.05 -11.20 45.04
C PRO WA 122 -125.14 -12.37 44.72
N VAL WA 123 -123.94 -12.33 45.30
CA VAL WA 123 -122.95 -13.37 45.05
C VAL WA 123 -123.41 -14.71 45.64
N MET WA 124 -122.79 -15.78 45.16
CA MET WA 124 -123.11 -17.13 45.61
C MET WA 124 -122.04 -17.64 46.56
N VAL WA 125 -122.25 -18.85 47.07
CA VAL WA 125 -121.27 -19.50 47.94
C VAL WA 125 -121.04 -20.93 47.46
N ASP XA 1 -36.22 -72.64 -48.69
CA ASP XA 1 -34.93 -73.31 -48.72
C ASP XA 1 -34.99 -74.71 -48.13
N ARG XA 2 -35.59 -74.81 -46.94
CA ARG XA 2 -35.67 -76.10 -46.26
C ARG XA 2 -36.58 -77.08 -47.02
N ALA XA 3 -37.72 -76.59 -47.51
CA ALA XA 3 -38.63 -77.45 -48.24
C ALA XA 3 -38.00 -77.94 -49.54
N THR XA 4 -37.30 -77.05 -50.26
CA THR XA 4 -36.61 -77.46 -51.46
C THR XA 4 -35.49 -78.44 -51.15
N TRP XA 5 -34.77 -78.20 -50.05
CA TRP XA 5 -33.75 -79.13 -49.59
C TRP XA 5 -34.33 -80.52 -49.39
N LYS XA 6 -35.46 -80.61 -48.70
CA LYS XA 6 -36.08 -81.90 -48.40
C LYS XA 6 -36.64 -82.57 -49.65
N SER XA 7 -37.23 -81.78 -50.55
CA SER XA 7 -37.77 -82.36 -51.78
C SER XA 7 -36.65 -82.89 -52.67
N ASN XA 8 -35.58 -82.12 -52.85
CA ASN XA 8 -34.42 -82.60 -53.57
C ASN XA 8 -33.80 -83.81 -52.89
N TYR XA 9 -33.84 -83.87 -51.56
CA TYR XA 9 -33.32 -85.03 -50.87
C TYR XA 9 -34.14 -86.27 -51.18
N PHE XA 10 -35.48 -86.16 -51.18
CA PHE XA 10 -36.30 -87.30 -51.55
C PHE XA 10 -36.08 -87.72 -53.00
N LEU XA 11 -35.91 -86.76 -53.91
CA LEU XA 11 -35.59 -87.12 -55.28
C LEU XA 11 -34.27 -87.88 -55.36
N LYS XA 12 -33.27 -87.41 -54.62
CA LYS XA 12 -31.97 -88.11 -54.59
C LYS XA 12 -32.11 -89.52 -54.03
N ILE XA 13 -32.88 -89.68 -52.95
CA ILE XA 13 -33.00 -91.00 -52.34
C ILE XA 13 -33.73 -91.95 -53.28
N ILE XA 14 -34.82 -91.49 -53.88
CA ILE XA 14 -35.60 -92.40 -54.74
C ILE XA 14 -34.78 -92.77 -55.97
N GLN XA 15 -34.04 -91.82 -56.55
CA GLN XA 15 -33.23 -92.17 -57.72
C GLN XA 15 -32.09 -93.11 -57.34
N LEU XA 16 -31.48 -92.91 -56.17
CA LEU XA 16 -30.39 -93.80 -55.76
C LEU XA 16 -30.89 -95.21 -55.48
N LEU XA 17 -32.04 -95.34 -54.81
CA LEU XA 17 -32.55 -96.68 -54.52
C LEU XA 17 -33.06 -97.36 -55.78
N ASP XA 18 -33.60 -96.60 -56.73
CA ASP XA 18 -34.00 -97.20 -58.00
C ASP XA 18 -32.78 -97.62 -58.81
N ASP XA 19 -31.69 -96.84 -58.73
CA ASP XA 19 -30.51 -97.15 -59.53
C ASP XA 19 -29.75 -98.34 -58.97
N TYR XA 20 -29.60 -98.41 -57.65
CA TYR XA 20 -28.79 -99.44 -57.04
C TYR XA 20 -29.67 -100.44 -56.31
N PRO XA 21 -29.69 -101.71 -56.72
CA PRO XA 21 -30.52 -102.71 -56.03
C PRO XA 21 -29.84 -103.42 -54.88
N LYS XA 22 -28.52 -103.29 -54.75
CA LYS XA 22 -27.76 -103.89 -53.66
C LYS XA 22 -27.32 -102.78 -52.71
N CYS XA 23 -27.79 -102.86 -51.47
CA CYS XA 23 -27.53 -101.81 -50.49
C CYS XA 23 -27.36 -102.44 -49.12
N PHE XA 24 -26.34 -101.98 -48.40
CA PHE XA 24 -26.09 -102.45 -47.04
C PHE XA 24 -26.37 -101.30 -46.09
N ILE XA 25 -27.22 -101.55 -45.10
CA ILE XA 25 -27.44 -100.55 -44.07
C ILE XA 25 -26.30 -100.65 -43.06
N VAL XA 26 -25.75 -99.50 -42.69
CA VAL XA 26 -24.46 -99.43 -42.04
C VAL XA 26 -24.55 -98.46 -40.88
N GLY XA 27 -24.02 -98.87 -39.72
CA GLY XA 27 -23.98 -98.03 -38.55
C GLY XA 27 -22.70 -97.22 -38.50
N ALA XA 28 -22.85 -95.91 -38.32
CA ALA XA 28 -21.73 -95.00 -38.13
C ALA XA 28 -21.60 -94.67 -36.66
N ASP XA 29 -20.48 -95.05 -36.07
CA ASP XA 29 -20.17 -94.71 -34.69
C ASP XA 29 -19.65 -93.27 -34.65
N ASN XA 30 -18.96 -92.89 -33.57
CA ASN XA 30 -18.44 -91.55 -33.48
C ASN XA 30 -17.32 -91.38 -34.51
N VAL XA 31 -17.69 -90.98 -35.72
CA VAL XA 31 -16.77 -90.86 -36.84
C VAL XA 31 -16.62 -89.37 -37.17
N GLY XA 32 -15.52 -89.04 -37.83
CA GLY XA 32 -15.21 -87.67 -38.17
C GLY XA 32 -15.52 -87.32 -39.61
N SER XA 33 -15.59 -86.01 -39.87
CA SER XA 33 -15.75 -85.54 -41.24
C SER XA 33 -14.53 -85.85 -42.08
N LYS XA 34 -13.33 -85.83 -41.47
CA LYS XA 34 -12.13 -86.28 -42.17
C LYS XA 34 -12.25 -87.73 -42.60
N GLN XA 35 -12.74 -88.59 -41.69
CA GLN XA 35 -12.98 -89.97 -42.05
C GLN XA 35 -14.02 -90.10 -43.14
N MET XA 36 -15.06 -89.26 -43.08
CA MET XA 36 -16.09 -89.29 -44.12
C MET XA 36 -15.53 -88.93 -45.49
N GLN XA 37 -14.67 -87.91 -45.53
CA GLN XA 37 -14.07 -87.52 -46.81
C GLN XA 37 -13.10 -88.60 -47.32
N GLN XA 38 -12.34 -89.21 -46.41
CA GLN XA 38 -11.45 -90.30 -46.80
C GLN XA 38 -12.24 -91.48 -47.37
N ILE XA 39 -13.33 -91.85 -46.71
CA ILE XA 39 -14.17 -92.94 -47.20
C ILE XA 39 -14.81 -92.56 -48.53
N ARG XA 40 -15.22 -91.29 -48.67
CA ARG XA 40 -15.84 -90.85 -49.92
C ARG XA 40 -14.86 -90.98 -51.08
N MET XA 41 -13.61 -90.55 -50.87
CA MET XA 41 -12.60 -90.71 -51.91
C MET XA 41 -12.31 -92.18 -52.19
N SER XA 42 -12.18 -92.99 -51.14
CA SER XA 42 -11.83 -94.40 -51.34
C SER XA 42 -12.95 -95.20 -51.99
N LEU XA 43 -14.21 -94.77 -51.84
CA LEU XA 43 -15.34 -95.56 -52.28
C LEU XA 43 -16.03 -95.01 -53.53
N ARG XA 44 -15.77 -93.75 -53.88
CA ARG XA 44 -16.46 -93.13 -55.01
C ARG XA 44 -16.11 -93.78 -56.34
N GLY XA 45 -15.07 -94.60 -56.39
CA GLY XA 45 -14.74 -95.28 -57.63
C GLY XA 45 -15.78 -96.29 -58.06
N LYS XA 46 -16.31 -97.07 -57.12
CA LYS XA 46 -17.19 -98.18 -57.46
C LYS XA 46 -18.59 -98.09 -56.86
N ALA XA 47 -18.74 -97.47 -55.69
CA ALA XA 47 -20.02 -97.47 -54.99
C ALA XA 47 -20.28 -96.08 -54.42
N VAL XA 48 -21.39 -95.94 -53.70
CA VAL XA 48 -21.72 -94.68 -53.05
C VAL XA 48 -22.14 -94.97 -51.63
N VAL XA 49 -21.91 -94.00 -50.73
CA VAL XA 49 -22.36 -94.08 -49.35
C VAL XA 49 -23.25 -92.87 -49.05
N LEU XA 50 -24.32 -93.11 -48.31
CA LEU XA 50 -25.38 -92.15 -48.07
C LEU XA 50 -25.65 -92.08 -46.58
N MET XA 51 -25.53 -90.87 -46.02
CA MET XA 51 -25.62 -90.70 -44.57
C MET XA 51 -26.44 -89.45 -44.30
N GLY XA 52 -27.69 -89.65 -43.88
CA GLY XA 52 -28.58 -88.53 -43.63
C GLY XA 52 -29.58 -88.78 -42.52
N LYS XA 53 -30.70 -88.07 -42.56
CA LYS XA 53 -31.71 -88.16 -41.50
C LYS XA 53 -32.49 -89.45 -41.61
N ASN XA 54 -32.62 -90.15 -40.48
CA ASN XA 54 -33.35 -91.42 -40.47
C ASN XA 54 -34.81 -91.23 -40.84
N THR XA 55 -35.43 -90.14 -40.37
CA THR XA 55 -36.80 -89.88 -40.75
C THR XA 55 -36.94 -89.66 -42.25
N MET XA 56 -35.98 -88.96 -42.85
CA MET XA 56 -35.92 -88.85 -44.30
C MET XA 56 -35.85 -90.22 -44.95
N MET XA 57 -34.98 -91.09 -44.42
CA MET XA 57 -34.84 -92.43 -44.99
C MET XA 57 -36.15 -93.21 -44.93
N ARG XA 58 -36.78 -93.24 -43.75
CA ARG XA 58 -38.03 -93.98 -43.59
C ARG XA 58 -39.13 -93.43 -44.49
N LYS XA 59 -39.25 -92.09 -44.56
CA LYS XA 59 -40.32 -91.53 -45.38
C LYS XA 59 -40.07 -91.81 -46.86
N ALA XA 60 -38.82 -91.69 -47.32
CA ALA XA 60 -38.52 -91.95 -48.71
C ALA XA 60 -38.76 -93.40 -49.09
N ILE XA 61 -38.38 -94.35 -48.21
CA ILE XA 61 -38.56 -95.76 -48.53
C ILE XA 61 -39.92 -96.30 -48.11
N ARG XA 62 -40.78 -95.46 -47.54
CA ARG XA 62 -42.13 -95.87 -47.18
C ARG XA 62 -43.20 -95.25 -48.08
N GLY XA 63 -43.19 -93.94 -48.23
CA GLY XA 63 -44.23 -93.29 -49.03
C GLY XA 63 -44.17 -93.69 -50.49
N HIS XA 64 -42.97 -93.81 -51.05
CA HIS XA 64 -42.79 -94.19 -52.44
C HIS XA 64 -42.36 -95.65 -52.55
N LEU XA 65 -42.92 -96.48 -51.67
CA LEU XA 65 -42.63 -97.91 -51.67
C LEU XA 65 -43.36 -98.66 -52.77
N GLU XA 66 -44.43 -98.09 -53.33
CA GLU XA 66 -45.25 -98.82 -54.29
C GLU XA 66 -44.52 -99.07 -55.60
N ASN XA 67 -43.42 -98.35 -55.87
CA ASN XA 67 -42.69 -98.58 -57.12
C ASN XA 67 -42.03 -99.95 -57.15
N ASN XA 68 -41.57 -100.45 -55.99
CA ASN XA 68 -41.02 -101.79 -55.92
C ASN XA 68 -41.37 -102.42 -54.59
N PRO XA 69 -42.00 -103.58 -54.59
CA PRO XA 69 -42.30 -104.26 -53.31
C PRO XA 69 -41.06 -104.88 -52.71
N ALA XA 70 -41.25 -105.66 -51.63
CA ALA XA 70 -40.15 -106.26 -50.87
C ALA XA 70 -39.19 -105.19 -50.36
N LEU XA 71 -39.76 -104.14 -49.78
CA LEU XA 71 -38.99 -103.07 -49.15
C LEU XA 71 -39.48 -102.69 -47.76
N GLU XA 72 -40.74 -102.99 -47.42
CA GLU XA 72 -41.30 -102.61 -46.13
C GLU XA 72 -40.70 -103.39 -44.97
N LYS XA 73 -39.90 -104.42 -45.24
CA LYS XA 73 -39.23 -105.14 -44.17
C LYS XA 73 -37.96 -104.45 -43.69
N LEU XA 74 -37.45 -103.44 -44.42
CA LEU XA 74 -36.38 -102.60 -43.89
C LEU XA 74 -36.89 -101.62 -42.85
N LEU XA 75 -38.15 -101.21 -42.97
CA LEU XA 75 -38.69 -100.15 -42.12
C LEU XA 75 -38.58 -100.41 -40.62
N PRO XA 76 -38.88 -101.62 -40.09
CA PRO XA 76 -38.74 -101.81 -38.64
C PRO XA 76 -37.30 -102.08 -38.20
N HIS XA 77 -36.32 -101.79 -39.05
CA HIS XA 77 -34.93 -102.04 -38.71
C HIS XA 77 -34.00 -100.84 -38.89
N ILE XA 78 -34.42 -99.79 -39.60
CA ILE XA 78 -33.57 -98.62 -39.79
C ILE XA 78 -33.70 -97.68 -38.59
N ARG XA 79 -32.81 -97.83 -37.61
CA ARG XA 79 -32.80 -96.98 -36.44
C ARG XA 79 -31.37 -96.62 -36.09
N GLY XA 80 -31.21 -95.51 -35.37
CA GLY XA 80 -29.90 -95.07 -34.94
C GLY XA 80 -29.14 -94.35 -36.04
N ASN XA 81 -27.90 -94.00 -35.72
CA ASN XA 81 -27.03 -93.26 -36.64
C ASN XA 81 -26.57 -94.21 -37.75
N VAL XA 82 -27.48 -94.47 -38.70
CA VAL XA 82 -27.24 -95.43 -39.77
C VAL XA 82 -27.47 -94.77 -41.11
N GLY XA 83 -26.89 -95.38 -42.14
CA GLY XA 83 -27.04 -94.94 -43.51
C GLY XA 83 -27.00 -96.12 -44.47
N PHE XA 84 -26.95 -95.86 -45.77
CA PHE XA 84 -26.92 -96.92 -46.76
C PHE XA 84 -25.71 -96.79 -47.65
N VAL XA 85 -25.01 -97.91 -47.87
CA VAL XA 85 -23.99 -97.99 -48.90
C VAL XA 85 -24.58 -98.76 -50.08
N PHE XA 86 -24.65 -98.09 -51.22
CA PHE XA 86 -25.23 -98.65 -52.44
C PHE XA 86 -24.09 -99.09 -53.36
N THR XA 87 -24.17 -100.33 -53.84
CA THR XA 87 -23.11 -100.87 -54.68
C THR XA 87 -23.69 -101.83 -55.70
N LYS XA 88 -22.93 -102.05 -56.77
CA LYS XA 88 -23.20 -103.11 -57.72
C LYS XA 88 -22.24 -104.28 -57.57
N GLU XA 89 -21.40 -104.25 -56.54
CA GLU XA 89 -20.50 -105.35 -56.22
C GLU XA 89 -21.19 -106.29 -55.22
N ASP XA 90 -20.44 -107.21 -54.64
CA ASP XA 90 -21.01 -108.21 -53.76
C ASP XA 90 -20.55 -108.03 -52.31
N LEU XA 91 -21.17 -108.84 -51.44
CA LEU XA 91 -21.06 -108.64 -50.00
C LEU XA 91 -19.62 -108.77 -49.51
N THR XA 92 -18.90 -109.79 -49.97
CA THR XA 92 -17.53 -109.99 -49.51
C THR XA 92 -16.62 -108.84 -49.95
N GLU XA 93 -16.74 -108.42 -51.22
CA GLU XA 93 -15.88 -107.36 -51.71
C GLU XA 93 -16.17 -106.03 -51.05
N ILE XA 94 -17.42 -105.78 -50.66
CA ILE XA 94 -17.67 -104.57 -49.88
C ILE XA 94 -17.16 -104.71 -48.44
N ARG XA 95 -17.45 -105.85 -47.80
CA ARG XA 95 -17.21 -105.98 -46.38
C ARG XA 95 -15.73 -106.03 -46.05
N ASP XA 96 -14.93 -106.75 -46.83
CA ASP XA 96 -13.51 -106.86 -46.52
C ASP XA 96 -12.82 -105.51 -46.64
N MET XA 97 -13.12 -104.74 -47.69
CA MET XA 97 -12.46 -103.44 -47.83
C MET XA 97 -12.98 -102.45 -46.80
N LEU XA 98 -14.26 -102.51 -46.45
CA LEU XA 98 -14.78 -101.57 -45.45
C LEU XA 98 -14.24 -101.89 -44.06
N LEU XA 99 -14.05 -103.17 -43.75
CA LEU XA 99 -13.42 -103.56 -42.50
C LEU XA 99 -11.92 -103.34 -42.49
N ALA XA 100 -11.31 -103.21 -43.67
CA ALA XA 100 -9.88 -102.96 -43.76
C ALA XA 100 -9.51 -101.47 -43.70
N ASN XA 101 -10.31 -100.60 -44.32
CA ASN XA 101 -9.96 -99.18 -44.37
C ASN XA 101 -10.46 -98.41 -43.14
N LYS XA 102 -10.11 -98.91 -41.96
CA LYS XA 102 -10.53 -98.29 -40.70
C LYS XA 102 -9.46 -97.31 -40.25
N VAL XA 103 -9.85 -96.05 -40.06
CA VAL XA 103 -8.91 -95.03 -39.60
C VAL XA 103 -8.59 -95.27 -38.13
N PRO XA 104 -7.32 -95.27 -37.73
CA PRO XA 104 -6.99 -95.43 -36.30
C PRO XA 104 -7.31 -94.19 -35.48
N ALA XA 105 -8.57 -94.07 -35.07
CA ALA XA 105 -8.99 -92.92 -34.28
C ALA XA 105 -8.32 -92.93 -32.91
N ALA XA 106 -7.96 -91.74 -32.43
CA ALA XA 106 -7.22 -91.59 -31.19
C ALA XA 106 -8.17 -91.70 -29.99
N ALA XA 107 -7.67 -91.36 -28.81
CA ALA XA 107 -8.43 -91.40 -27.57
C ALA XA 107 -8.98 -90.00 -27.29
N ARG XA 108 -10.21 -89.76 -27.74
CA ARG XA 108 -10.84 -88.47 -27.52
C ARG XA 108 -11.40 -88.39 -26.10
N ALA XA 109 -11.31 -87.21 -25.50
CA ALA XA 109 -11.75 -87.04 -24.13
C ALA XA 109 -13.26 -87.20 -24.00
N GLY XA 110 -13.69 -87.92 -22.96
CA GLY XA 110 -15.09 -88.13 -22.70
C GLY XA 110 -15.75 -89.27 -23.44
N ALA XA 111 -14.97 -90.09 -24.15
CA ALA XA 111 -15.51 -91.19 -24.93
C ALA XA 111 -15.28 -92.51 -24.21
N ILE XA 112 -16.34 -93.32 -24.11
CA ILE XA 112 -16.23 -94.63 -23.48
C ILE XA 112 -15.37 -95.55 -24.36
N ALA XA 113 -14.62 -96.44 -23.71
CA ALA XA 113 -13.71 -97.35 -24.40
C ALA XA 113 -14.01 -98.78 -23.97
N PRO XA 114 -14.91 -99.47 -24.69
CA PRO XA 114 -15.12 -100.90 -24.40
C PRO XA 114 -13.88 -101.74 -24.61
N CYS XA 115 -13.04 -101.40 -25.58
CA CYS XA 115 -11.80 -102.12 -25.81
C CYS XA 115 -10.77 -101.73 -24.75
N GLU XA 116 -9.82 -102.64 -24.50
CA GLU XA 116 -8.79 -102.45 -23.50
C GLU XA 116 -7.43 -102.33 -24.16
N VAL XA 117 -6.64 -101.36 -23.72
CA VAL XA 117 -5.27 -101.17 -24.17
C VAL XA 117 -4.38 -100.92 -22.97
N THR XA 118 -3.22 -101.58 -22.96
CA THR XA 118 -2.27 -101.45 -21.85
C THR XA 118 -0.90 -101.14 -22.43
N VAL XA 119 -0.25 -100.12 -21.88
CA VAL XA 119 1.08 -99.73 -22.36
C VAL XA 119 2.10 -100.78 -21.94
N PRO XA 120 3.05 -101.14 -22.80
CA PRO XA 120 4.15 -102.00 -22.35
C PRO XA 120 5.30 -101.19 -21.78
N ALA XA 121 6.40 -101.85 -21.42
CA ALA XA 121 7.57 -101.17 -20.89
C ALA XA 121 8.50 -100.84 -22.06
N GLN XA 122 8.53 -99.57 -22.45
CA GLN XA 122 9.39 -99.12 -23.53
C GLN XA 122 9.74 -97.66 -23.34
N ASN XA 123 10.83 -97.24 -23.99
CA ASN XA 123 11.22 -95.84 -23.96
C ASN XA 123 10.27 -94.99 -24.77
N THR XA 124 9.87 -93.85 -24.20
CA THR XA 124 8.97 -92.94 -24.91
C THR XA 124 9.63 -92.34 -26.14
N GLY XA 125 10.92 -92.02 -26.04
CA GLY XA 125 11.67 -91.48 -27.15
C GLY XA 125 11.61 -89.98 -27.29
N LEU XA 126 10.78 -89.30 -26.51
CA LEU XA 126 10.71 -87.85 -26.55
C LEU XA 126 11.69 -87.27 -25.54
N GLY XA 127 11.88 -85.95 -25.62
CA GLY XA 127 12.77 -85.25 -24.71
C GLY XA 127 12.26 -85.29 -23.29
N PRO XA 128 13.17 -85.18 -22.32
CA PRO XA 128 12.79 -85.27 -20.90
C PRO XA 128 12.19 -83.97 -20.37
N GLU XA 129 11.00 -83.63 -20.89
CA GLU XA 129 10.30 -82.44 -20.44
C GLU XA 129 8.80 -82.65 -20.27
N LYS XA 130 8.30 -83.88 -20.46
CA LYS XA 130 6.87 -84.16 -20.38
C LYS XA 130 6.52 -85.07 -19.20
N THR XA 131 7.38 -85.12 -18.19
CA THR XA 131 7.16 -85.98 -17.03
C THR XA 131 6.03 -85.50 -16.13
N SER XA 132 5.49 -84.31 -16.36
CA SER XA 132 4.43 -83.79 -15.51
C SER XA 132 3.17 -84.67 -15.58
N PHE XA 133 2.78 -85.06 -16.80
CA PHE XA 133 1.64 -85.96 -16.95
C PHE XA 133 1.92 -87.31 -16.31
N PHE XA 134 3.14 -87.82 -16.46
CA PHE XA 134 3.51 -89.10 -15.87
C PHE XA 134 3.39 -89.07 -14.36
N GLN XA 135 3.91 -88.01 -13.73
CA GLN XA 135 3.86 -87.93 -12.27
C GLN XA 135 2.45 -87.65 -11.78
N ALA XA 136 1.67 -86.87 -12.53
CA ALA XA 136 0.29 -86.61 -12.15
C ALA XA 136 -0.55 -87.89 -12.20
N LEU XA 137 -0.32 -88.72 -13.22
CA LEU XA 137 -1.01 -90.00 -13.28
C LEU XA 137 -0.52 -90.97 -12.22
N GLY XA 138 0.78 -90.94 -11.92
CA GLY XA 138 1.36 -91.83 -10.95
C GLY XA 138 2.21 -92.90 -11.59
N ILE XA 139 2.93 -92.52 -12.65
CA ILE XA 139 3.72 -93.45 -13.45
C ILE XA 139 5.19 -93.22 -13.14
N THR XA 140 5.88 -94.28 -12.73
CA THR XA 140 7.29 -94.18 -12.39
C THR XA 140 8.12 -94.09 -13.66
N THR XA 141 8.90 -93.01 -13.78
CA THR XA 141 9.78 -92.80 -14.92
C THR XA 141 11.14 -92.34 -14.42
N LYS XA 142 12.17 -92.61 -15.21
CA LYS XA 142 13.53 -92.20 -14.88
C LYS XA 142 14.25 -91.79 -16.16
N ILE XA 143 15.26 -90.93 -16.00
CA ILE XA 143 16.02 -90.44 -17.14
C ILE XA 143 16.87 -91.56 -17.71
N SER XA 144 16.89 -91.68 -19.04
CA SER XA 144 17.65 -92.72 -19.71
C SER XA 144 18.19 -92.15 -21.01
N ARG XA 145 19.48 -91.80 -21.01
CA ARG XA 145 20.17 -91.27 -22.18
C ARG XA 145 19.50 -90.00 -22.72
N GLY XA 146 18.87 -89.24 -21.83
CA GLY XA 146 18.10 -88.08 -22.26
C GLY XA 146 16.71 -88.39 -22.76
N THR XA 147 16.11 -89.50 -22.33
CA THR XA 147 14.78 -89.89 -22.76
C THR XA 147 14.02 -90.50 -21.60
N ILE XA 148 12.69 -90.49 -21.70
CA ILE XA 148 11.81 -90.97 -20.64
C ILE XA 148 11.36 -92.39 -20.96
N GLU XA 149 11.45 -93.28 -19.97
CA GLU XA 149 11.18 -94.70 -20.15
C GLU XA 149 10.22 -95.18 -19.07
N ILE XA 150 9.44 -96.21 -19.41
CA ILE XA 150 8.50 -96.83 -18.48
C ILE XA 150 9.19 -98.05 -17.89
N LEU XA 151 9.69 -97.93 -16.66
CA LEU XA 151 10.45 -99.01 -16.05
C LEU XA 151 9.55 -100.14 -15.58
N SER XA 152 8.33 -99.82 -15.14
CA SER XA 152 7.42 -100.82 -14.58
C SER XA 152 6.10 -100.78 -15.32
N ASP XA 153 5.58 -101.96 -15.65
CA ASP XA 153 4.27 -102.05 -16.30
C ASP XA 153 3.19 -101.54 -15.37
N VAL XA 154 2.29 -100.72 -15.91
CA VAL XA 154 1.24 -100.09 -15.12
C VAL XA 154 -0.09 -100.25 -15.84
N GLN XA 155 -1.16 -100.31 -15.05
CA GLN XA 155 -2.51 -100.37 -15.61
C GLN XA 155 -2.89 -99.01 -16.19
N LEU XA 156 -3.34 -99.02 -17.44
CA LEU XA 156 -3.71 -97.78 -18.13
C LEU XA 156 -5.22 -97.58 -18.17
N ILE XA 157 -5.95 -98.54 -18.72
CA ILE XA 157 -7.40 -98.42 -18.87
C ILE XA 157 -8.01 -99.81 -18.78
N LYS XA 158 -9.25 -99.86 -18.30
CA LYS XA 158 -10.04 -101.08 -18.26
C LYS XA 158 -11.13 -101.02 -19.32
N THR XA 159 -12.02 -102.01 -19.32
CA THR XA 159 -13.09 -102.08 -20.30
C THR XA 159 -14.32 -101.35 -19.78
N GLY XA 160 -14.90 -100.50 -20.63
CA GLY XA 160 -16.12 -99.79 -20.29
C GLY XA 160 -15.99 -98.82 -19.14
N ASP XA 161 -14.94 -98.01 -19.15
CA ASP XA 161 -14.75 -96.99 -18.14
C ASP XA 161 -14.45 -95.65 -18.80
N LYS XA 162 -14.74 -94.57 -18.07
CA LYS XA 162 -14.53 -93.23 -18.60
C LYS XA 162 -13.04 -92.92 -18.69
N VAL XA 163 -12.67 -92.15 -19.71
CA VAL XA 163 -11.28 -91.78 -19.98
C VAL XA 163 -11.03 -90.39 -19.40
N GLY XA 164 -10.01 -90.28 -18.57
CA GLY XA 164 -9.62 -88.98 -18.04
C GLY XA 164 -8.91 -88.13 -19.08
N ALA XA 165 -8.90 -86.82 -18.85
CA ALA XA 165 -8.24 -85.91 -19.77
C ALA XA 165 -6.72 -86.09 -19.73
N SER XA 166 -6.17 -86.34 -18.56
CA SER XA 166 -4.73 -86.65 -18.47
C SER XA 166 -4.40 -87.93 -19.22
N GLU XA 167 -5.26 -88.94 -19.09
CA GLU XA 167 -5.08 -90.18 -19.84
C GLU XA 167 -5.17 -89.94 -21.35
N ALA XA 168 -6.11 -89.10 -21.77
CA ALA XA 168 -6.28 -88.81 -23.19
C ALA XA 168 -5.07 -88.09 -23.75
N THR XA 169 -4.57 -87.06 -23.04
CA THR XA 169 -3.39 -86.37 -23.53
C THR XA 169 -2.13 -87.24 -23.46
N LEU XA 170 -2.05 -88.16 -22.49
CA LEU XA 170 -0.93 -89.07 -22.43
C LEU XA 170 -0.94 -90.04 -23.61
N LEU XA 171 -2.10 -90.60 -23.93
CA LEU XA 171 -2.20 -91.47 -25.10
C LEU XA 171 -2.02 -90.69 -26.41
N ASN XA 172 -2.35 -89.40 -26.41
CA ASN XA 172 -2.10 -88.58 -27.59
C ASN XA 172 -0.61 -88.36 -27.80
N MET XA 173 0.11 -87.99 -26.74
CA MET XA 173 1.55 -87.77 -26.87
C MET XA 173 2.34 -89.08 -26.97
N LEU XA 174 1.73 -90.22 -26.61
CA LEU XA 174 2.41 -91.50 -26.73
C LEU XA 174 2.59 -91.92 -28.18
N ASN XA 175 1.77 -91.41 -29.09
CA ASN XA 175 1.83 -91.74 -30.52
C ASN XA 175 1.70 -93.25 -30.75
N ILE XA 176 0.79 -93.88 -30.01
CA ILE XA 176 0.52 -95.30 -30.13
C ILE XA 176 -0.88 -95.48 -30.72
N SER XA 177 -1.29 -96.73 -30.93
CA SER XA 177 -2.63 -97.00 -31.43
C SER XA 177 -3.54 -97.35 -30.26
N PRO XA 178 -4.34 -96.42 -29.76
CA PRO XA 178 -5.32 -96.76 -28.73
C PRO XA 178 -6.55 -97.41 -29.35
N PHE XA 179 -7.61 -97.58 -28.56
CA PHE XA 179 -8.87 -98.04 -29.11
C PHE XA 179 -9.27 -97.20 -30.32
N SER XA 180 -9.65 -97.87 -31.40
CA SER XA 180 -10.06 -97.20 -32.63
C SER XA 180 -11.24 -97.96 -33.22
N PHE XA 181 -12.04 -97.24 -34.00
CA PHE XA 181 -13.31 -97.76 -34.48
C PHE XA 181 -13.80 -96.90 -35.63
N GLY XA 182 -14.82 -97.38 -36.32
CA GLY XA 182 -15.35 -96.68 -37.47
C GLY XA 182 -16.62 -97.29 -37.99
N LEU XA 183 -16.90 -96.99 -39.25
CA LEU XA 183 -18.14 -97.42 -39.91
C LEU XA 183 -18.22 -98.94 -39.98
N VAL XA 184 -19.31 -99.52 -39.49
CA VAL XA 184 -19.49 -100.96 -39.46
C VAL XA 184 -20.86 -101.31 -40.02
N ILE XA 185 -20.91 -102.31 -40.90
CA ILE XA 185 -22.17 -102.66 -41.55
C ILE XA 185 -23.13 -103.28 -40.55
N GLN XA 186 -24.33 -102.70 -40.43
CA GLN XA 186 -25.35 -103.27 -39.57
C GLN XA 186 -25.94 -104.52 -40.18
N GLN XA 187 -26.48 -104.40 -41.40
CA GLN XA 187 -27.00 -105.57 -42.10
C GLN XA 187 -27.06 -105.27 -43.59
N VAL XA 188 -27.46 -106.28 -44.36
CA VAL XA 188 -27.38 -106.23 -45.82
C VAL XA 188 -28.79 -106.26 -46.41
N PHE XA 189 -28.86 -105.92 -47.70
CA PHE XA 189 -30.13 -105.94 -48.43
C PHE XA 189 -29.80 -106.10 -49.91
N ASP XA 190 -29.93 -107.32 -50.42
CA ASP XA 190 -29.67 -107.62 -51.83
C ASP XA 190 -30.97 -108.10 -52.45
N ASN XA 191 -31.71 -107.15 -53.05
CA ASN XA 191 -32.98 -107.44 -53.72
C ASN XA 191 -33.98 -108.11 -52.78
N GLY XA 192 -34.00 -107.66 -51.53
CA GLY XA 192 -34.90 -108.23 -50.55
C GLY XA 192 -34.31 -109.38 -49.76
N SER XA 193 -33.15 -109.15 -49.14
CA SER XA 193 -32.48 -110.17 -48.36
C SER XA 193 -32.05 -109.61 -47.02
N ILE XA 194 -32.08 -110.45 -45.99
CA ILE XA 194 -31.68 -110.07 -44.64
C ILE XA 194 -30.60 -111.04 -44.20
N TYR XA 195 -29.36 -110.58 -44.17
CA TYR XA 195 -28.27 -111.34 -43.57
C TYR XA 195 -27.44 -110.41 -42.68
N ASN XA 196 -26.29 -110.89 -42.24
CA ASN XA 196 -25.41 -110.09 -41.38
C ASN XA 196 -24.82 -108.91 -42.16
N PRO YA 1 13.73 -92.34 -38.02
CA PRO YA 1 13.62 -91.28 -39.03
C PRO YA 1 14.80 -90.32 -39.01
N ASN YA 2 16.03 -90.87 -39.00
CA ASN YA 2 17.26 -90.09 -39.01
C ASN YA 2 17.35 -89.15 -37.81
N GLU YA 3 16.71 -89.53 -36.70
CA GLU YA 3 16.76 -88.84 -35.42
C GLU YA 3 16.17 -87.43 -35.45
N ILE YA 4 15.67 -87.00 -36.61
CA ILE YA 4 15.11 -85.67 -36.77
C ILE YA 4 14.26 -85.65 -38.03
N LYS YA 5 13.15 -84.91 -37.97
CA LYS YA 5 12.28 -84.75 -39.13
C LYS YA 5 11.85 -83.28 -39.23
N VAL YA 6 11.51 -82.88 -40.45
CA VAL YA 6 11.37 -81.47 -40.80
C VAL YA 6 9.97 -81.21 -41.36
N VAL YA 7 8.98 -81.94 -40.83
CA VAL YA 7 7.61 -81.89 -41.34
C VAL YA 7 7.03 -80.48 -41.31
N TYR YA 8 7.50 -79.63 -40.40
CA TYR YA 8 6.88 -78.33 -40.15
C TYR YA 8 6.90 -77.45 -41.41
N LEU YA 9 5.88 -76.62 -41.53
CA LEU YA 9 5.71 -75.72 -42.66
C LEU YA 9 6.39 -74.38 -42.36
N ARG YA 10 6.25 -73.44 -43.29
CA ARG YA 10 6.75 -72.08 -43.13
C ARG YA 10 5.76 -71.11 -43.75
N CYS YA 11 5.91 -69.84 -43.42
CA CYS YA 11 5.14 -68.76 -44.03
C CYS YA 11 6.04 -67.59 -44.38
N THR YA 12 7.26 -67.88 -44.85
CA THR YA 12 8.21 -66.85 -45.22
C THR YA 12 8.35 -66.78 -46.73
N GLY YA 13 8.58 -65.57 -47.23
CA GLY YA 13 8.67 -65.37 -48.67
C GLY YA 13 8.71 -63.89 -48.98
N GLY YA 14 8.98 -63.61 -50.26
CA GLY YA 14 9.15 -62.24 -50.70
C GLY YA 14 10.54 -61.71 -50.37
N GLU YA 15 10.62 -60.84 -49.38
CA GLU YA 15 11.90 -60.36 -48.90
C GLU YA 15 12.58 -61.45 -48.06
N VAL YA 16 13.91 -61.38 -47.96
CA VAL YA 16 14.67 -62.42 -47.28
C VAL YA 16 14.30 -62.50 -45.81
N GLY YA 17 14.36 -61.37 -45.11
CA GLY YA 17 14.09 -61.37 -43.68
C GLY YA 17 15.23 -61.96 -42.88
N ALA YA 18 15.41 -63.28 -42.97
CA ALA YA 18 16.49 -64.01 -42.32
C ALA YA 18 16.53 -63.79 -40.82
N THR YA 19 17.36 -62.85 -40.37
CA THR YA 19 17.42 -62.52 -38.95
C THR YA 19 16.10 -61.94 -38.47
N SER YA 20 15.49 -61.05 -39.27
CA SER YA 20 14.19 -60.49 -38.93
C SER YA 20 13.07 -61.51 -39.11
N ALA YA 21 13.33 -62.61 -39.80
CA ALA YA 21 12.33 -63.65 -39.98
C ALA YA 21 12.20 -64.49 -38.71
N LEU YA 22 11.19 -65.35 -38.71
CA LEU YA 22 10.96 -66.28 -37.60
C LEU YA 22 11.74 -67.58 -37.76
N ALA YA 23 12.47 -67.74 -38.85
CA ALA YA 23 13.35 -68.90 -39.01
C ALA YA 23 14.30 -69.10 -37.83
N PRO YA 24 14.91 -68.08 -37.23
CA PRO YA 24 15.63 -68.31 -35.97
C PRO YA 24 14.74 -68.78 -34.83
N LYS YA 25 13.44 -68.52 -34.88
CA LYS YA 25 12.56 -69.05 -33.85
C LYS YA 25 12.30 -70.55 -34.06
N ILE YA 26 12.11 -70.98 -35.32
CA ILE YA 26 11.92 -72.41 -35.55
C ILE YA 26 13.25 -73.17 -35.40
N GLY YA 27 14.38 -72.54 -35.72
CA GLY YA 27 15.70 -73.18 -35.70
C GLY YA 27 16.01 -74.14 -34.58
N PRO YA 28 15.82 -73.73 -33.31
CA PRO YA 28 16.09 -74.62 -32.18
C PRO YA 28 15.25 -75.89 -32.13
N LEU YA 29 14.28 -76.08 -33.04
CA LEU YA 29 13.60 -77.37 -33.12
C LEU YA 29 14.55 -78.46 -33.58
N GLY YA 30 15.41 -78.18 -34.54
CA GLY YA 30 16.30 -79.20 -35.08
C GLY YA 30 17.77 -78.93 -34.89
N LEU YA 31 18.15 -77.65 -34.83
CA LEU YA 31 19.52 -77.14 -34.68
C LEU YA 31 20.40 -77.39 -35.90
N SER YA 32 19.90 -78.11 -36.91
CA SER YA 32 20.68 -78.33 -38.13
C SER YA 32 20.67 -77.13 -39.07
N PRO YA 33 19.48 -76.60 -39.51
CA PRO YA 33 19.52 -75.52 -40.51
C PRO YA 33 20.18 -74.23 -40.02
N LYS YA 34 19.66 -73.65 -38.94
CA LYS YA 34 20.13 -72.38 -38.38
C LYS YA 34 20.15 -71.31 -39.48
N LYS YA 35 21.07 -70.35 -39.35
CA LYS YA 35 21.21 -69.31 -40.37
C LYS YA 35 21.76 -69.86 -41.68
N VAL YA 36 22.74 -70.76 -41.60
CA VAL YA 36 23.30 -71.38 -42.81
C VAL YA 36 22.30 -72.28 -43.53
N GLY YA 37 21.15 -72.57 -42.91
CA GLY YA 37 20.10 -73.31 -43.57
C GLY YA 37 18.98 -72.41 -44.06
N ASP YA 38 18.55 -71.45 -43.24
CA ASP YA 38 17.44 -70.61 -43.69
C ASP YA 38 17.89 -69.64 -44.79
N ASP YA 39 19.17 -69.27 -44.82
CA ASP YA 39 19.65 -68.44 -45.91
C ASP YA 39 19.56 -69.15 -47.25
N ILE YA 40 19.97 -70.41 -47.31
CA ILE YA 40 19.86 -71.13 -48.58
C ILE YA 40 18.40 -71.48 -48.89
N ALA YA 41 17.59 -71.70 -47.86
CA ALA YA 41 16.16 -71.91 -48.09
C ALA YA 41 15.53 -70.69 -48.75
N LYS YA 42 15.83 -69.50 -48.24
CA LYS YA 42 15.33 -68.28 -48.87
C LYS YA 42 15.97 -68.03 -50.23
N ALA YA 43 17.24 -68.41 -50.40
CA ALA YA 43 17.88 -68.24 -51.69
C ALA YA 43 17.18 -69.06 -52.76
N THR YA 44 16.81 -70.29 -52.43
CA THR YA 44 16.04 -71.13 -53.36
C THR YA 44 14.58 -70.72 -53.45
N GLY YA 45 14.03 -70.08 -52.42
CA GLY YA 45 12.64 -69.66 -52.42
C GLY YA 45 12.40 -68.17 -52.59
N ASP YA 46 13.33 -67.45 -53.22
CA ASP YA 46 13.12 -66.03 -53.48
C ASP YA 46 11.89 -65.80 -54.36
N TRP YA 47 11.72 -66.64 -55.38
CA TRP YA 47 10.55 -66.59 -56.24
C TRP YA 47 9.72 -67.85 -56.07
N LYS YA 48 8.60 -67.89 -56.78
CA LYS YA 48 7.58 -68.93 -56.66
C LYS YA 48 7.18 -69.14 -55.18
N GLY YA 49 6.55 -68.11 -54.62
CA GLY YA 49 6.21 -66.82 -55.18
C GLY YA 49 6.96 -65.68 -54.50
N LEU YA 50 6.66 -64.45 -54.91
CA LEU YA 50 7.20 -63.25 -54.28
C LEU YA 50 6.33 -62.80 -53.11
N ARG YA 51 5.48 -63.69 -52.61
CA ARG YA 51 4.50 -63.43 -51.58
C ARG YA 51 4.85 -64.28 -50.35
N ILE YA 52 3.90 -64.35 -49.41
CA ILE YA 52 4.09 -65.08 -48.16
C ILE YA 52 4.65 -66.48 -48.42
N THR YA 53 4.13 -67.16 -49.44
CA THR YA 53 4.69 -68.42 -49.96
C THR YA 53 4.78 -69.48 -48.85
N VAL YA 54 3.61 -69.89 -48.38
CA VAL YA 54 3.54 -70.99 -47.43
C VAL YA 54 4.06 -72.25 -48.12
N LYS YA 55 5.15 -72.81 -47.59
CA LYS YA 55 5.85 -73.87 -48.29
C LYS YA 55 6.43 -74.85 -47.29
N LEU YA 56 6.75 -76.04 -47.78
CA LEU YA 56 7.31 -77.11 -46.97
C LEU YA 56 8.78 -77.29 -47.34
N THR YA 57 9.58 -77.72 -46.37
CA THR YA 57 11.00 -77.97 -46.62
C THR YA 57 11.35 -79.39 -46.22
N ILE YA 58 12.32 -79.95 -46.93
CA ILE YA 58 12.81 -81.31 -46.71
C ILE YA 58 14.30 -81.22 -46.40
N GLN YA 59 14.71 -81.82 -45.28
CA GLN YA 59 16.05 -81.69 -44.74
C GLN YA 59 16.90 -82.86 -45.18
N ASN YA 60 18.12 -82.57 -45.62
CA ASN YA 60 19.09 -83.59 -46.01
C ASN YA 60 20.26 -83.66 -45.04
N ARG YA 61 20.07 -83.12 -43.83
CA ARG YA 61 21.03 -83.10 -42.72
C ARG YA 61 22.18 -82.15 -42.98
N GLN YA 62 22.27 -81.63 -44.19
CA GLN YA 62 23.17 -80.56 -44.60
C GLN YA 62 22.46 -79.45 -45.35
N ALA YA 63 21.47 -79.80 -46.17
CA ALA YA 63 20.79 -78.83 -47.03
C ALA YA 63 19.30 -79.12 -47.01
N GLN YA 64 18.52 -78.10 -47.38
CA GLN YA 64 17.07 -78.16 -47.40
C GLN YA 64 16.57 -77.87 -48.79
N ILE YA 65 15.62 -78.68 -49.27
CA ILE YA 65 14.97 -78.48 -50.55
C ILE YA 65 13.51 -78.14 -50.30
N GLU YA 66 13.02 -77.11 -50.99
CA GLU YA 66 11.74 -76.51 -50.68
C GLU YA 66 10.72 -76.86 -51.75
N VAL YA 67 9.52 -77.24 -51.31
CA VAL YA 67 8.39 -77.49 -52.19
C VAL YA 67 7.31 -76.47 -51.88
N VAL YA 68 6.70 -75.91 -52.91
CA VAL YA 68 5.68 -74.87 -52.78
C VAL YA 68 4.33 -75.53 -53.06
N PRO YA 69 3.47 -75.69 -52.05
CA PRO YA 69 2.08 -76.08 -52.33
C PRO YA 69 1.40 -75.02 -53.19
N SER YA 70 0.58 -75.48 -54.12
CA SER YA 70 -0.06 -74.59 -55.08
C SER YA 70 -1.31 -73.98 -54.45
N ALA YA 71 -1.08 -73.09 -53.49
CA ALA YA 71 -2.16 -72.26 -52.97
C ALA YA 71 -2.69 -71.37 -54.08
N SER YA 72 -4.02 -71.32 -54.20
CA SER YA 72 -4.64 -70.62 -55.31
C SER YA 72 -4.30 -69.14 -55.28
N ALA YA 73 -4.47 -68.49 -54.13
CA ALA YA 73 -4.17 -67.07 -54.01
C ALA YA 73 -2.69 -66.80 -54.19
N LEU YA 74 -1.83 -67.66 -53.66
CA LEU YA 74 -0.38 -67.48 -53.83
C LEU YA 74 0.00 -67.55 -55.30
N ILE YA 75 -0.47 -68.58 -56.01
CA ILE YA 75 -0.09 -68.76 -57.41
C ILE YA 75 -0.70 -67.67 -58.28
N ILE YA 76 -1.89 -67.18 -57.96
CA ILE YA 76 -2.47 -66.12 -58.77
C ILE YA 76 -1.83 -64.76 -58.46
N LYS YA 77 -1.38 -64.52 -57.23
CA LYS YA 77 -0.65 -63.29 -56.97
C LYS YA 77 0.74 -63.32 -57.59
N ALA YA 78 1.35 -64.51 -57.70
CA ALA YA 78 2.59 -64.65 -58.44
C ALA YA 78 2.36 -64.48 -59.94
N LEU YA 79 1.21 -64.94 -60.43
CA LEU YA 79 0.88 -64.82 -61.85
C LEU YA 79 0.60 -63.37 -62.22
N LYS YA 80 -0.03 -62.63 -61.32
CA LYS YA 80 -0.25 -61.20 -61.50
C LYS YA 80 1.05 -60.44 -61.27
N GLU YA 81 1.04 -59.15 -61.62
CA GLU YA 81 2.22 -58.31 -61.46
C GLU YA 81 1.85 -56.91 -60.99
N ILE YA 82 -10.86 -58.48 -66.85
CA ILE YA 82 -10.24 -59.51 -67.68
C ILE YA 82 -10.56 -60.89 -67.15
N THR YA 83 -10.48 -61.88 -68.04
CA THR YA 83 -10.86 -63.26 -67.73
C THR YA 83 -9.68 -64.13 -67.33
N PHE YA 84 -8.63 -64.15 -68.15
CA PHE YA 84 -7.45 -65.02 -68.01
C PHE YA 84 -7.82 -66.43 -67.57
N ASP YA 85 -8.76 -67.02 -68.31
CA ASP YA 85 -9.23 -68.36 -67.98
C ASP YA 85 -8.18 -69.43 -68.28
N GLU YA 86 -7.35 -69.22 -69.29
CA GLU YA 86 -6.37 -70.23 -69.65
C GLU YA 86 -5.31 -70.41 -68.57
N ILE YA 87 -4.83 -69.32 -67.96
CA ILE YA 87 -3.80 -69.46 -66.95
C ILE YA 87 -4.35 -70.12 -65.69
N VAL YA 88 -5.58 -69.83 -65.30
CA VAL YA 88 -6.15 -70.50 -64.14
C VAL YA 88 -6.49 -71.97 -64.45
N ASN YA 89 -6.85 -72.28 -65.70
CA ASN YA 89 -7.10 -73.68 -66.04
C ASN YA 89 -5.80 -74.49 -66.17
N ILE YA 90 -4.67 -73.83 -66.45
CA ILE YA 90 -3.41 -74.57 -66.48
C ILE YA 90 -2.72 -74.58 -65.12
N ALA YA 91 -3.02 -73.63 -64.23
CA ALA YA 91 -2.39 -73.59 -62.93
C ALA YA 91 -2.88 -74.71 -62.02
N ARG YA 92 -4.05 -75.28 -62.29
CA ARG YA 92 -4.61 -76.32 -61.46
C ARG YA 92 -4.13 -77.70 -61.83
N GLN YA 93 -3.38 -77.84 -62.94
CA GLN YA 93 -2.96 -79.17 -63.38
C GLN YA 93 -1.93 -79.78 -62.45
N MET YA 94 -0.97 -78.97 -61.99
CA MET YA 94 0.19 -79.48 -61.28
C MET YA 94 0.00 -79.59 -59.77
N ARG YA 95 -1.18 -79.27 -59.26
CA ARG YA 95 -1.38 -79.30 -57.82
C ARG YA 95 -1.91 -80.66 -57.38
N HIS YA 96 -2.20 -80.78 -56.08
CA HIS YA 96 -2.64 -82.05 -55.52
C HIS YA 96 -3.98 -82.49 -56.10
N ARG YA 97 -4.89 -81.53 -56.32
CA ARG YA 97 -6.14 -81.77 -57.03
C ARG YA 97 -7.04 -82.74 -56.28
N SER YA 98 -7.15 -82.58 -54.96
CA SER YA 98 -8.06 -83.42 -54.17
C SER YA 98 -9.41 -82.73 -53.98
N LEU YA 99 -9.42 -81.60 -53.25
CA LEU YA 99 -10.55 -80.69 -53.11
C LEU YA 99 -11.88 -81.40 -52.83
N ALA YA 100 -11.84 -82.61 -52.27
CA ALA YA 100 -13.02 -83.46 -52.09
C ALA YA 100 -13.81 -83.59 -53.40
N ARG YA 101 -13.08 -83.70 -54.51
CA ARG YA 101 -13.67 -83.53 -55.83
C ARG YA 101 -14.55 -84.71 -56.22
N GLU YA 102 -15.52 -84.42 -57.08
CA GLU YA 102 -16.26 -85.44 -57.81
C GLU YA 102 -16.21 -85.21 -59.31
N LEU YA 103 -15.65 -84.10 -59.78
CA LEU YA 103 -15.52 -83.79 -61.19
C LEU YA 103 -14.44 -82.72 -61.33
N SER YA 104 -13.94 -82.56 -62.56
CA SER YA 104 -12.92 -81.55 -62.80
C SER YA 104 -13.46 -80.14 -62.66
N GLY YA 105 -14.76 -79.94 -62.82
CA GLY YA 105 -15.33 -78.61 -62.68
C GLY YA 105 -15.23 -78.03 -61.29
N THR YA 106 -15.07 -78.89 -60.28
CA THR YA 106 -15.00 -78.42 -58.90
C THR YA 106 -13.78 -77.52 -58.68
N ILE YA 107 -12.63 -77.90 -59.24
CA ILE YA 107 -11.41 -77.12 -59.02
C ILE YA 107 -11.52 -75.76 -59.67
N LYS YA 108 -12.00 -75.71 -60.92
CA LYS YA 108 -12.12 -74.42 -61.60
C LYS YA 108 -13.20 -73.55 -60.98
N GLU YA 109 -14.28 -74.15 -60.48
CA GLU YA 109 -15.27 -73.38 -59.74
C GLU YA 109 -14.71 -72.84 -58.44
N ILE YA 110 -13.82 -73.60 -57.79
CA ILE YA 110 -13.19 -73.12 -56.58
C ILE YA 110 -12.32 -71.91 -56.88
N LEU YA 111 -11.43 -72.04 -57.87
CA LEU YA 111 -10.47 -70.97 -58.14
C LEU YA 111 -11.09 -69.74 -58.80
N GLY YA 112 -12.14 -69.92 -59.61
CA GLY YA 112 -12.70 -68.79 -60.33
C GLY YA 112 -13.25 -67.72 -59.41
N THR YA 113 -13.75 -68.12 -58.24
CA THR YA 113 -14.19 -67.16 -57.23
C THR YA 113 -13.28 -67.14 -56.01
N ALA YA 114 -12.25 -67.99 -55.95
CA ALA YA 114 -11.14 -67.72 -55.05
C ALA YA 114 -10.32 -66.55 -55.54
N GLN YA 115 -10.39 -66.25 -56.83
CA GLN YA 115 -9.81 -65.04 -57.41
C GLN YA 115 -10.66 -63.80 -57.18
N SER YA 116 -11.62 -63.85 -56.24
CA SER YA 116 -12.48 -62.70 -55.99
C SER YA 116 -11.70 -61.48 -55.51
N VAL YA 117 -10.53 -61.68 -54.92
CA VAL YA 117 -9.71 -60.57 -54.46
C VAL YA 117 -8.77 -60.10 -55.56
N HIS YA 125 -16.48 -58.76 -62.17
CA HIS YA 125 -16.29 -59.75 -61.10
C HIS YA 125 -16.13 -61.15 -61.67
N PRO YA 126 -15.18 -61.92 -61.12
CA PRO YA 126 -14.99 -63.30 -61.58
C PRO YA 126 -16.02 -64.25 -60.98
N HIS YA 127 -17.29 -63.84 -60.99
CA HIS YA 127 -18.39 -64.65 -60.49
C HIS YA 127 -19.44 -64.92 -61.54
N ASP YA 128 -19.40 -64.22 -62.68
CA ASP YA 128 -20.30 -64.53 -63.79
C ASP YA 128 -19.99 -65.92 -64.37
N ILE YA 129 -18.71 -66.27 -64.47
CA ILE YA 129 -18.35 -67.61 -64.93
C ILE YA 129 -18.86 -68.66 -63.95
N ILE YA 130 -18.78 -68.35 -62.66
CA ILE YA 130 -19.37 -69.21 -61.62
C ILE YA 130 -20.87 -69.33 -61.82
N ASP YA 131 -21.53 -68.21 -62.18
CA ASP YA 131 -22.97 -68.21 -62.36
C ASP YA 131 -23.40 -69.10 -63.53
N ASP YA 132 -22.79 -68.90 -64.69
CA ASP YA 132 -23.07 -69.77 -65.85
C ASP YA 132 -21.75 -70.12 -66.55
N ILE YA 133 -21.14 -71.21 -66.09
CA ILE YA 133 -19.95 -71.77 -66.73
C ILE YA 133 -20.37 -72.97 -67.57
N ASN YA 134 -19.89 -73.00 -68.81
CA ASN YA 134 -20.19 -74.11 -69.72
C ASN YA 134 -18.98 -74.47 -70.58
N SER YA 135 -17.77 -74.16 -70.11
CA SER YA 135 -16.56 -74.35 -70.90
C SER YA 135 -15.58 -75.23 -70.12
N GLY YA 136 -15.07 -76.25 -70.79
CA GLY YA 136 -14.05 -77.11 -70.20
C GLY YA 136 -14.49 -77.85 -68.96
N ALA YA 137 -15.71 -78.37 -68.95
CA ALA YA 137 -16.21 -79.09 -67.79
C ALA YA 137 -15.41 -80.36 -67.54
N VAL YA 138 -15.04 -81.07 -68.59
CA VAL YA 138 -14.27 -82.31 -68.48
C VAL YA 138 -12.92 -82.12 -69.15
N GLU YA 139 -12.40 -80.90 -69.11
CA GLU YA 139 -11.17 -80.57 -69.82
C GLU YA 139 -9.99 -81.40 -69.33
N CYS YA 140 -9.76 -81.40 -68.01
CA CYS YA 140 -8.61 -82.11 -67.47
C CYS YA 140 -8.68 -83.62 -67.66
N PRO YA 141 -9.80 -84.31 -67.35
CA PRO YA 141 -9.74 -85.76 -67.60
C PRO YA 141 -9.97 -86.10 -69.07
N MET ZA 1 65.08 -1.62 -98.89
CA MET ZA 1 64.17 -2.32 -99.79
C MET ZA 1 63.26 -3.27 -99.02
N ALA ZA 2 62.53 -4.13 -99.74
CA ALA ZA 2 61.57 -5.02 -99.10
C ALA ZA 2 62.26 -6.06 -98.23
N VAL ZA 3 63.49 -6.46 -98.57
CA VAL ZA 3 64.19 -7.48 -97.80
C VAL ZA 3 64.56 -6.94 -96.42
N GLN ZA 4 65.12 -5.73 -96.36
CA GLN ZA 4 65.50 -5.15 -95.09
C GLN ZA 4 64.30 -4.47 -94.42
N ILE ZA 5 64.27 -4.54 -93.10
CA ILE ZA 5 63.22 -3.90 -92.32
C ILE ZA 5 63.53 -2.42 -92.16
N SER ZA 6 62.57 -1.65 -91.68
CA SER ZA 6 62.74 -0.22 -91.52
C SER ZA 6 63.80 0.08 -90.46
N LYS ZA 7 64.27 1.33 -90.44
CA LYS ZA 7 65.30 1.74 -89.50
C LYS ZA 7 64.79 1.63 -88.06
N LYS ZA 8 63.53 1.97 -87.83
CA LYS ZA 8 62.98 1.90 -86.47
C LYS ZA 8 63.00 0.48 -85.94
N ARG ZA 9 62.44 -0.46 -86.71
CA ARG ZA 9 62.46 -1.86 -86.34
C ARG ZA 9 63.89 -2.39 -86.24
N LYS ZA 10 64.78 -1.90 -87.10
CA LYS ZA 10 66.17 -2.38 -87.11
C LYS ZA 10 66.88 -1.99 -85.82
N PHE ZA 11 66.77 -0.72 -85.42
CA PHE ZA 11 67.40 -0.28 -84.18
C PHE ZA 11 66.78 -0.95 -82.97
N VAL ZA 12 65.45 -1.13 -82.98
CA VAL ZA 12 64.81 -1.83 -81.87
C VAL ZA 12 65.32 -3.27 -81.79
N ALA ZA 13 65.46 -3.93 -82.94
CA ALA ZA 13 65.95 -5.30 -82.95
C ALA ZA 13 67.40 -5.38 -82.49
N ASP ZA 14 68.21 -4.39 -82.85
CA ASP ZA 14 69.59 -4.37 -82.38
C ASP ZA 14 69.65 -4.22 -80.86
N GLY ZA 15 68.81 -3.35 -80.31
CA GLY ZA 15 68.73 -3.23 -78.86
C GLY ZA 15 68.27 -4.52 -78.21
N ILE ZA 16 67.30 -5.20 -78.83
CA ILE ZA 16 66.82 -6.47 -78.30
C ILE ZA 16 67.93 -7.51 -78.33
N PHE ZA 17 68.72 -7.52 -79.41
CA PHE ZA 17 69.84 -8.45 -79.50
C PHE ZA 17 70.87 -8.16 -78.41
N LYS ZA 18 71.17 -6.89 -78.17
CA LYS ZA 18 72.10 -6.53 -77.11
C LYS ZA 18 71.58 -6.99 -75.75
N ALA ZA 19 70.29 -6.75 -75.48
CA ALA ZA 19 69.72 -7.11 -74.19
C ALA ZA 19 69.68 -8.62 -73.99
N GLU ZA 20 69.30 -9.37 -75.03
CA GLU ZA 20 69.26 -10.82 -74.94
C GLU ZA 20 70.66 -11.39 -74.72
N LEU ZA 21 71.65 -10.88 -75.46
CA LEU ZA 21 73.01 -11.35 -75.28
C LEU ZA 21 73.53 -11.02 -73.89
N ASN ZA 22 73.20 -9.82 -73.38
CA ASN ZA 22 73.63 -9.44 -72.04
C ASN ZA 22 73.01 -10.34 -70.98
N GLU ZA 23 71.71 -10.64 -71.12
CA GLU ZA 23 71.06 -11.54 -70.16
C GLU ZA 23 71.69 -12.92 -70.20
N PHE ZA 24 71.96 -13.44 -71.40
CA PHE ZA 24 72.57 -14.76 -71.49
C PHE ZA 24 73.97 -14.77 -70.87
N LEU ZA 25 74.77 -13.75 -71.17
CA LEU ZA 25 76.12 -13.70 -70.62
C LEU ZA 25 76.10 -13.51 -69.11
N THR ZA 26 75.13 -12.76 -68.59
CA THR ZA 26 74.99 -12.61 -67.15
C THR ZA 26 74.65 -13.93 -66.49
N ARG ZA 27 73.71 -14.67 -67.08
CA ARG ZA 27 73.33 -15.95 -66.47
C ARG ZA 27 74.39 -17.03 -66.68
N GLU ZA 28 75.27 -16.88 -67.65
CA GLU ZA 28 76.27 -17.91 -67.93
C GLU ZA 28 77.60 -17.66 -67.23
N LEU ZA 29 78.10 -16.42 -67.27
CA LEU ZA 29 79.40 -16.06 -66.70
C LEU ZA 29 79.27 -15.44 -65.32
N ALA ZA 30 78.26 -15.87 -64.54
CA ALA ZA 30 78.00 -15.24 -63.26
C ALA ZA 30 79.16 -15.45 -62.28
N GLU ZA 31 79.70 -16.65 -62.22
CA GLU ZA 31 80.78 -16.96 -61.29
C GLU ZA 31 82.15 -16.58 -61.83
N ASP ZA 32 82.23 -16.06 -63.05
CA ASP ZA 32 83.49 -15.78 -63.71
C ASP ZA 32 83.87 -14.30 -63.65
N GLY ZA 33 83.21 -13.53 -62.79
CA GLY ZA 33 83.48 -12.11 -62.74
C GLY ZA 33 83.04 -11.36 -63.97
N TYR ZA 34 81.85 -11.67 -64.49
CA TYR ZA 34 81.31 -10.94 -65.63
C TYR ZA 34 81.07 -9.48 -65.26
N SER ZA 35 81.43 -8.59 -66.18
CA SER ZA 35 81.18 -7.16 -66.01
C SER ZA 35 80.19 -6.64 -67.04
N GLY ZA 36 80.45 -6.82 -68.32
CA GLY ZA 36 79.55 -6.29 -69.34
C GLY ZA 36 79.91 -6.82 -70.72
N VAL ZA 37 79.14 -6.37 -71.71
CA VAL ZA 37 79.33 -6.80 -73.08
C VAL ZA 37 79.28 -5.57 -73.99
N GLU ZA 38 80.15 -5.54 -74.99
CA GLU ZA 38 80.20 -4.48 -75.97
C GLU ZA 38 80.27 -5.11 -77.36
N VAL ZA 39 79.31 -4.78 -78.21
CA VAL ZA 39 79.24 -5.35 -79.55
C VAL ZA 39 79.52 -4.28 -80.58
N ARG ZA 40 80.43 -4.58 -81.51
CA ARG ZA 40 80.78 -3.70 -82.62
C ARG ZA 40 80.33 -4.40 -83.89
N VAL ZA 41 79.30 -3.85 -84.53
CA VAL ZA 41 78.69 -4.46 -85.71
C VAL ZA 41 79.15 -3.72 -86.95
N THR ZA 42 79.53 -4.47 -87.97
CA THR ZA 42 79.84 -3.97 -89.30
C THR ZA 42 79.09 -4.83 -90.30
N PRO ZA 43 78.81 -4.31 -91.50
CA PRO ZA 43 78.19 -5.16 -92.52
C PRO ZA 43 79.02 -6.38 -92.87
N THR ZA 44 80.35 -6.26 -92.84
CA THR ZA 44 81.21 -7.41 -93.07
C THR ZA 44 81.03 -8.47 -91.99
N ARG ZA 45 81.15 -8.07 -90.73
CA ARG ZA 45 81.10 -9.01 -89.62
C ARG ZA 45 80.90 -8.23 -88.32
N THR ZA 46 80.76 -8.98 -87.23
CA THR ZA 46 80.50 -8.41 -85.92
C THR ZA 46 81.44 -9.00 -84.87
N GLU ZA 47 81.74 -8.18 -83.88
CA GLU ZA 47 82.68 -8.54 -82.82
C GLU ZA 47 82.01 -8.33 -81.48
N ILE ZA 48 82.09 -9.32 -80.61
CA ILE ZA 48 81.47 -9.28 -79.29
C ILE ZA 48 82.59 -9.34 -78.26
N ILE ZA 49 82.73 -8.29 -77.46
CA ILE ZA 49 83.77 -8.19 -76.45
C ILE ZA 49 83.10 -8.35 -75.09
N ILE ZA 50 83.56 -9.34 -74.33
CA ILE ZA 50 83.03 -9.64 -73.01
C ILE ZA 50 83.99 -9.08 -71.98
N LEU ZA 51 83.63 -7.94 -71.40
CA LEU ZA 51 84.38 -7.37 -70.29
C LEU ZA 51 84.12 -8.21 -69.05
N ALA ZA 52 85.18 -8.80 -68.51
CA ALA ZA 52 85.07 -9.58 -67.28
C ALA ZA 52 86.39 -9.44 -66.52
N THR ZA 53 86.44 -10.05 -65.35
CA THR ZA 53 87.66 -10.01 -64.55
C THR ZA 53 88.52 -11.24 -64.77
N ARG ZA 54 87.92 -12.43 -64.78
CA ARG ZA 54 88.65 -13.68 -64.93
C ARG ZA 54 88.56 -14.13 -66.38
N THR ZA 55 89.42 -13.53 -67.21
CA THR ZA 55 89.49 -13.94 -68.61
C THR ZA 55 90.01 -15.36 -68.75
N GLN ZA 56 91.02 -15.72 -67.95
CA GLN ZA 56 91.54 -17.08 -67.98
C GLN ZA 56 90.52 -18.09 -67.50
N ASN ZA 57 89.49 -17.67 -66.78
CA ASN ZA 57 88.43 -18.57 -66.36
C ASN ZA 57 87.29 -18.64 -67.37
N VAL ZA 58 86.93 -17.50 -67.97
CA VAL ZA 58 85.91 -17.54 -69.01
C VAL ZA 58 86.41 -18.30 -70.23
N LEU ZA 59 87.71 -18.24 -70.51
CA LEU ZA 59 88.32 -19.08 -71.52
C LEU ZA 59 88.59 -20.45 -70.91
N GLY ZA 60 87.99 -21.49 -71.47
CA GLY ZA 60 88.17 -22.83 -70.94
C GLY ZA 60 89.55 -23.40 -71.23
N GLU ZA 61 89.65 -24.73 -71.24
CA GLU ZA 61 90.92 -25.36 -71.60
C GLU ZA 61 91.26 -25.05 -73.05
N LYS ZA 62 92.26 -24.19 -73.25
CA LYS ZA 62 92.68 -23.75 -74.59
C LYS ZA 62 91.52 -23.14 -75.38
N GLY ZA 63 90.73 -22.31 -74.71
CA GLY ZA 63 89.65 -21.62 -75.38
C GLY ZA 63 88.44 -22.48 -75.66
N ARG ZA 64 88.28 -23.60 -74.94
CA ARG ZA 64 87.13 -24.47 -75.18
C ARG ZA 64 85.82 -23.76 -74.87
N ARG ZA 65 85.77 -23.03 -73.75
CA ARG ZA 65 84.52 -22.40 -73.36
C ARG ZA 65 84.19 -21.22 -74.26
N ILE ZA 66 85.20 -20.42 -74.64
CA ILE ZA 66 84.92 -19.32 -75.54
C ILE ZA 66 84.51 -19.84 -76.92
N ARG ZA 67 85.09 -20.97 -77.36
CA ARG ZA 67 84.62 -21.59 -78.60
C ARG ZA 67 83.17 -22.04 -78.47
N GLU ZA 68 82.82 -22.63 -77.32
CA GLU ZA 68 81.46 -23.08 -77.08
C GLU ZA 68 80.47 -21.92 -77.15
N LEU ZA 69 80.80 -20.82 -76.47
CA LEU ZA 69 79.90 -19.67 -76.47
C LEU ZA 69 79.84 -19.00 -77.83
N THR ZA 70 80.95 -19.00 -78.59
CA THR ZA 70 80.91 -18.48 -79.95
C THR ZA 70 79.96 -19.30 -80.81
N ALA ZA 71 80.02 -20.62 -80.68
CA ALA ZA 71 79.08 -21.46 -81.44
C ALA ZA 71 77.65 -21.24 -80.97
N VAL ZA 72 77.44 -21.03 -79.67
CA VAL ZA 72 76.08 -20.80 -79.16
C VAL ZA 72 75.50 -19.51 -79.73
N VAL ZA 73 76.26 -18.42 -79.68
CA VAL ZA 73 75.76 -17.15 -80.20
C VAL ZA 73 75.66 -17.21 -81.72
N GLN ZA 74 76.46 -18.07 -82.36
CA GLN ZA 74 76.31 -18.31 -83.79
C GLN ZA 74 74.95 -18.92 -84.10
N LYS ZA 75 74.62 -20.02 -83.43
CA LYS ZA 75 73.41 -20.77 -83.72
C LYS ZA 75 72.14 -20.06 -83.27
N ARG ZA 76 72.15 -19.44 -82.10
CA ARG ZA 76 70.91 -18.90 -81.54
C ARG ZA 76 70.37 -17.74 -82.38
N PHE ZA 77 71.26 -16.89 -82.89
CA PHE ZA 77 70.83 -15.76 -83.70
C PHE ZA 77 71.01 -15.98 -85.19
N GLY ZA 78 71.68 -17.05 -85.61
CA GLY ZA 78 71.77 -17.37 -87.01
C GLY ZA 78 72.56 -16.38 -87.85
N PHE ZA 79 73.75 -16.02 -87.40
CA PHE ZA 79 74.66 -15.26 -88.25
C PHE ZA 79 75.18 -16.16 -89.37
N PRO ZA 80 75.70 -15.58 -90.44
CA PRO ZA 80 76.54 -16.37 -91.35
C PRO ZA 80 77.78 -16.86 -90.63
N GLU ZA 81 78.27 -18.03 -91.05
CA GLU ZA 81 79.38 -18.65 -90.36
C GLU ZA 81 80.65 -17.83 -90.53
N GLY ZA 82 81.40 -17.68 -89.44
CA GLY ZA 82 82.61 -16.89 -89.47
C GLY ZA 82 82.40 -15.40 -89.50
N SER ZA 83 81.16 -14.95 -89.30
CA SER ZA 83 80.85 -13.52 -89.31
C SER ZA 83 80.72 -12.93 -87.92
N VAL ZA 84 81.00 -13.70 -86.88
CA VAL ZA 84 80.99 -13.20 -85.51
C VAL ZA 84 82.26 -13.69 -84.83
N GLU ZA 85 82.90 -12.81 -84.06
CA GLU ZA 85 84.08 -13.20 -83.29
C GLU ZA 85 83.94 -12.72 -81.85
N LEU ZA 86 84.22 -13.63 -80.91
CA LEU ZA 86 84.08 -13.36 -79.49
C LEU ZA 86 85.45 -13.17 -78.87
N TYR ZA 87 85.67 -11.99 -78.29
CA TYR ZA 87 86.89 -11.69 -77.55
C TYR ZA 87 86.56 -11.47 -76.09
N ALA ZA 88 87.43 -11.94 -75.20
CA ALA ZA 88 87.27 -11.73 -73.77
C ALA ZA 88 88.29 -10.70 -73.31
N GLU ZA 89 87.82 -9.68 -72.59
CA GLU ZA 89 88.64 -8.54 -72.23
C GLU ZA 89 88.65 -8.36 -70.72
N LYS ZA 90 89.84 -8.23 -70.16
CA LYS ZA 90 90.00 -8.01 -68.73
C LYS ZA 90 89.68 -6.56 -68.39
N VAL ZA 91 88.82 -6.36 -67.39
CA VAL ZA 91 88.47 -5.01 -66.99
C VAL ZA 91 89.60 -4.40 -66.17
N ALA ZA 92 89.61 -3.08 -66.11
CA ALA ZA 92 90.53 -2.33 -65.28
C ALA ZA 92 89.76 -1.69 -64.14
N THR ZA 93 90.36 -1.68 -62.95
CA THR ZA 93 89.75 -1.17 -61.73
C THR ZA 93 88.41 -1.87 -61.46
N ARG ZA 94 88.53 -3.16 -61.16
CA ARG ZA 94 87.35 -3.99 -60.93
C ARG ZA 94 86.53 -3.51 -59.73
N GLY ZA 95 87.12 -2.72 -58.84
CA GLY ZA 95 86.36 -2.13 -57.76
C GLY ZA 95 85.39 -1.06 -58.22
N LEU ZA 96 85.56 -0.55 -59.44
CA LEU ZA 96 84.68 0.47 -59.97
C LEU ZA 96 83.51 -0.10 -60.75
N CYS ZA 97 83.48 -1.41 -60.98
CA CYS ZA 97 82.37 -2.05 -61.67
C CYS ZA 97 81.35 -2.52 -60.64
N ALA ZA 98 80.15 -1.94 -60.70
CA ALA ZA 98 79.10 -2.34 -59.75
C ALA ZA 98 78.63 -3.77 -60.01
N ILE ZA 99 78.71 -4.21 -61.27
CA ILE ZA 99 78.29 -5.58 -61.59
C ILE ZA 99 79.21 -6.59 -60.94
N ALA ZA 100 80.53 -6.38 -61.09
CA ALA ZA 100 81.49 -7.31 -60.51
C ALA ZA 100 81.42 -7.33 -59.00
N GLN ZA 101 81.28 -6.16 -58.37
CA GLN ZA 101 81.20 -6.11 -56.92
C GLN ZA 101 79.93 -6.76 -56.40
N ALA ZA 102 78.80 -6.53 -57.08
CA ALA ZA 102 77.56 -7.18 -56.68
C ALA ZA 102 77.65 -8.69 -56.83
N GLU ZA 103 78.26 -9.15 -57.92
CA GLU ZA 103 78.42 -10.59 -58.12
C GLU ZA 103 79.32 -11.20 -57.06
N SER ZA 104 80.40 -10.50 -56.71
CA SER ZA 104 81.29 -11.01 -55.66
C SER ZA 104 80.60 -11.03 -54.31
N LEU ZA 105 79.79 -10.01 -54.02
CA LEU ZA 105 79.03 -10.00 -52.77
C LEU ZA 105 78.04 -11.16 -52.72
N ARG ZA 106 77.37 -11.44 -53.85
CA ARG ZA 106 76.47 -12.58 -53.91
C ARG ZA 106 77.22 -13.88 -53.71
N TYR ZA 107 78.42 -14.00 -54.30
CA TYR ZA 107 79.23 -15.19 -54.11
C TYR ZA 107 79.63 -15.36 -52.64
N LYS ZA 108 80.00 -14.26 -51.99
CA LYS ZA 108 80.37 -14.34 -50.57
C LYS ZA 108 79.19 -14.79 -49.72
N LEU ZA 109 78.01 -14.21 -49.97
CA LEU ZA 109 76.83 -14.58 -49.19
C LEU ZA 109 76.43 -16.03 -49.44
N LEU ZA 110 76.59 -16.51 -50.67
CA LEU ZA 110 76.34 -17.92 -50.96
C LEU ZA 110 77.37 -18.82 -50.30
N GLY ZA 111 78.62 -18.38 -50.24
CA GLY ZA 111 79.63 -19.16 -49.54
C GLY ZA 111 79.33 -19.28 -48.06
N GLY ZA 112 78.83 -18.20 -47.45
CA GLY ZA 112 78.37 -18.30 -46.08
C GLY ZA 112 78.96 -17.28 -45.15
N LEU ZA 113 79.65 -16.30 -45.69
CA LEU ZA 113 80.15 -15.20 -44.86
C LEU ZA 113 78.98 -14.40 -44.31
N ALA ZA 114 79.15 -13.87 -43.11
CA ALA ZA 114 78.13 -13.03 -42.51
C ALA ZA 114 77.90 -11.80 -43.38
N VAL ZA 115 76.64 -11.40 -43.48
CA VAL ZA 115 76.27 -10.31 -44.38
C VAL ZA 115 76.96 -9.01 -43.97
N ARG ZA 116 77.08 -8.78 -42.68
CA ARG ZA 116 77.72 -7.56 -42.18
C ARG ZA 116 79.18 -7.49 -42.61
N ARG ZA 117 79.94 -8.55 -42.34
CA ARG ZA 117 81.35 -8.59 -42.71
C ARG ZA 117 81.55 -8.54 -44.21
N ALA ZA 118 80.71 -9.28 -44.95
CA ALA ZA 118 80.85 -9.30 -46.41
C ALA ZA 118 80.60 -7.94 -47.01
N CYS ZA 119 79.56 -7.25 -46.55
CA CYS ZA 119 79.27 -5.92 -47.08
C CYS ZA 119 80.34 -4.92 -46.68
N TYR ZA 120 80.86 -5.02 -45.45
CA TYR ZA 120 81.96 -4.15 -45.06
C TYR ZA 120 83.19 -4.38 -45.94
N GLY ZA 121 83.50 -5.64 -46.24
CA GLY ZA 121 84.62 -5.93 -47.10
C GLY ZA 121 84.44 -5.40 -48.50
N VAL ZA 122 83.23 -5.52 -49.04
CA VAL ZA 122 82.95 -5.01 -50.38
C VAL ZA 122 83.11 -3.49 -50.41
N LEU ZA 123 82.54 -2.81 -49.41
CA LEU ZA 123 82.63 -1.36 -49.35
C LEU ZA 123 84.09 -0.90 -49.20
N ARG ZA 124 84.83 -1.58 -48.33
CA ARG ZA 124 86.23 -1.24 -48.13
C ARG ZA 124 87.06 -1.46 -49.39
N PHE ZA 125 86.80 -2.55 -50.10
CA PHE ZA 125 87.54 -2.80 -51.33
C PHE ZA 125 87.19 -1.77 -52.40
N ILE ZA 126 85.92 -1.37 -52.49
CA ILE ZA 126 85.53 -0.37 -53.48
C ILE ZA 126 86.23 0.96 -53.20
N MET ZA 127 86.17 1.42 -51.95
CA MET ZA 127 86.81 2.69 -51.64
C MET ZA 127 88.33 2.60 -51.71
N GLU ZA 128 88.91 1.42 -51.44
CA GLU ZA 128 90.34 1.25 -51.62
C GLU ZA 128 90.72 1.34 -53.09
N SER ZA 129 89.90 0.76 -53.97
CA SER ZA 129 90.11 0.94 -55.40
C SER ZA 129 89.99 2.41 -55.79
N GLY ZA 130 89.09 3.13 -55.15
CA GLY ZA 130 89.04 4.58 -55.31
C GLY ZA 130 87.80 5.07 -56.02
N ALA ZA 131 86.84 5.55 -55.23
CA ALA ZA 131 85.61 6.09 -55.75
C ALA ZA 131 85.19 7.25 -54.86
N LYS ZA 132 84.39 8.16 -55.41
CA LYS ZA 132 83.87 9.25 -54.61
C LYS ZA 132 82.99 8.74 -53.49
N GLY ZA 133 82.31 7.61 -53.70
CA GLY ZA 133 81.50 7.04 -52.65
C GLY ZA 133 80.87 5.75 -53.12
N CYS ZA 134 80.29 5.03 -52.16
CA CYS ZA 134 79.66 3.76 -52.43
C CYS ZA 134 78.46 3.59 -51.51
N GLU ZA 135 77.56 2.71 -51.92
CA GLU ZA 135 76.39 2.38 -51.12
C GLU ZA 135 75.92 0.98 -51.51
N VAL ZA 136 75.90 0.06 -50.56
CA VAL ZA 136 75.36 -1.27 -50.77
C VAL ZA 136 74.16 -1.47 -49.86
N VAL ZA 137 73.03 -1.84 -50.45
CA VAL ZA 137 71.80 -2.09 -49.72
C VAL ZA 137 71.47 -3.56 -49.87
N VAL ZA 138 71.35 -4.25 -48.74
CA VAL ZA 138 71.01 -5.66 -48.71
C VAL ZA 138 69.67 -5.79 -48.02
N SER ZA 139 68.70 -6.35 -48.73
CA SER ZA 139 67.33 -6.46 -48.23
C SER ZA 139 66.91 -7.91 -48.24
N GLY ZA 140 66.02 -8.26 -47.35
CA GLY ZA 140 65.43 -9.58 -47.38
C GLY ZA 140 65.24 -10.13 -45.99
N LYS ZA 141 65.14 -11.45 -45.90
CA LYS ZA 141 64.83 -12.13 -44.65
C LYS ZA 141 66.09 -12.31 -43.80
N LEU ZA 142 66.77 -11.19 -43.56
CA LEU ZA 142 67.88 -11.17 -42.63
C LEU ZA 142 67.35 -11.36 -41.21
N ARG ZA 143 68.17 -12.02 -40.38
CA ARG ZA 143 67.80 -12.40 -39.03
C ARG ZA 143 66.52 -13.26 -39.03
N GLY ZA 144 65.43 -12.71 -38.55
CA GLY ZA 144 64.21 -13.47 -38.36
C GLY ZA 144 63.40 -13.60 -39.64
N GLN ZA 145 62.18 -14.10 -39.46
CA GLN ZA 145 61.26 -14.23 -40.60
C GLN ZA 145 60.87 -12.88 -41.15
N ARG ZA 146 60.66 -11.90 -40.27
CA ARG ZA 146 60.33 -10.55 -40.71
C ARG ZA 146 61.52 -9.94 -41.45
N ALA ZA 147 61.24 -9.32 -42.60
CA ALA ZA 147 62.30 -8.87 -43.49
C ALA ZA 147 62.83 -7.51 -43.07
N LYS ZA 148 64.12 -7.29 -43.31
CA LYS ZA 148 64.78 -6.04 -42.99
C LYS ZA 148 65.73 -5.69 -44.12
N SER ZA 149 66.18 -4.44 -44.10
CA SER ZA 149 67.11 -3.90 -45.08
C SER ZA 149 68.23 -3.17 -44.35
N MET ZA 150 69.47 -3.41 -44.77
CA MET ZA 150 70.62 -2.72 -44.22
C MET ZA 150 71.34 -1.99 -45.34
N LYS ZA 151 71.56 -0.69 -45.14
CA LYS ZA 151 72.22 0.17 -46.11
C LYS ZA 151 73.55 0.62 -45.55
N PHE ZA 152 74.61 0.37 -46.31
CA PHE ZA 152 75.98 0.67 -45.90
C PHE ZA 152 76.55 1.64 -46.91
N VAL ZA 153 76.74 2.88 -46.50
CA VAL ZA 153 77.04 3.98 -47.41
C VAL ZA 153 78.24 4.75 -46.87
N ASP ZA 154 79.11 5.19 -47.78
CA ASP ZA 154 80.18 6.11 -47.41
C ASP ZA 154 80.55 6.96 -48.63
N GLY ZA 155 81.23 8.06 -48.37
CA GLY ZA 155 81.66 8.95 -49.42
C GLY ZA 155 80.51 9.75 -50.01
N LEU ZA 156 80.79 10.35 -51.16
CA LEU ZA 156 79.81 11.16 -51.86
C LEU ZA 156 78.89 10.28 -52.71
N MET ZA 157 77.64 10.71 -52.83
CA MET ZA 157 76.66 9.95 -53.60
C MET ZA 157 75.54 10.89 -54.03
N ILE ZA 158 75.42 11.13 -55.32
CA ILE ZA 158 74.34 11.96 -55.85
C ILE ZA 158 73.15 11.07 -56.19
N HIS ZA 159 71.98 11.68 -56.24
CA HIS ZA 159 70.75 10.92 -56.45
C HIS ZA 159 69.89 11.51 -57.56
N SER ZA 160 69.95 12.83 -57.74
CA SER ZA 160 69.04 13.52 -58.64
C SER ZA 160 69.80 14.18 -59.78
N GLY ZA 161 69.07 14.44 -60.86
CA GLY ZA 161 69.63 15.13 -62.00
C GLY ZA 161 70.26 14.21 -63.01
N ASP ZA 162 70.66 14.81 -64.13
CA ASP ZA 162 71.38 14.04 -65.15
C ASP ZA 162 72.69 13.42 -64.68
N PRO ZA 163 73.58 14.11 -63.95
CA PRO ZA 163 74.93 13.56 -63.74
C PRO ZA 163 74.98 12.23 -63.03
N VAL ZA 164 73.89 11.80 -62.37
CA VAL ZA 164 73.87 10.45 -61.81
C VAL ZA 164 74.04 9.41 -62.90
N ASN ZA 165 73.59 9.70 -64.13
CA ASN ZA 165 73.59 8.71 -65.19
C ASN ZA 165 75.01 8.34 -65.61
N TYR ZA 166 75.93 9.29 -65.62
CA TYR ZA 166 77.31 9.00 -65.99
C TYR ZA 166 78.26 9.07 -64.81
N TYR ZA 167 77.77 9.30 -63.59
CA TYR ZA 167 78.63 9.27 -62.42
C TYR ZA 167 78.38 8.11 -61.47
N VAL ZA 168 77.21 7.49 -61.51
CA VAL ZA 168 76.88 6.40 -60.60
C VAL ZA 168 76.60 5.15 -61.41
N ASP ZA 169 77.29 4.06 -61.07
CA ASP ZA 169 77.05 2.75 -61.66
C ASP ZA 169 76.23 1.95 -60.65
N THR ZA 170 75.11 1.41 -61.11
CA THR ZA 170 74.14 0.74 -60.24
C THR ZA 170 73.91 -0.67 -60.73
N ALA ZA 171 73.97 -1.63 -59.81
CA ALA ZA 171 73.72 -3.03 -60.10
C ALA ZA 171 72.73 -3.59 -59.09
N VAL ZA 172 71.84 -4.45 -59.55
CA VAL ZA 172 70.86 -5.12 -58.70
C VAL ZA 172 70.94 -6.62 -58.97
N ARG ZA 173 71.10 -7.40 -57.91
CA ARG ZA 173 71.23 -8.84 -58.01
C ARG ZA 173 70.34 -9.53 -56.98
N HIS ZA 174 70.03 -10.79 -57.26
CA HIS ZA 174 69.25 -11.64 -56.39
C HIS ZA 174 70.14 -12.76 -55.86
N VAL ZA 175 69.97 -13.10 -54.58
CA VAL ZA 175 70.69 -14.19 -53.93
C VAL ZA 175 69.66 -15.21 -53.49
N LEU ZA 176 69.77 -16.42 -54.02
CA LEU ZA 176 68.83 -17.50 -53.71
C LEU ZA 176 69.33 -18.22 -52.47
N LEU ZA 177 68.93 -17.73 -51.31
CA LEU ZA 177 69.31 -18.36 -50.05
C LEU ZA 177 68.21 -19.34 -49.63
N ARG ZA 178 68.56 -20.18 -48.66
CA ARG ZA 178 67.62 -21.21 -48.20
C ARG ZA 178 66.34 -20.60 -47.65
N GLN ZA 179 66.41 -19.38 -47.14
CA GLN ZA 179 65.24 -18.72 -46.58
C GLN ZA 179 64.47 -17.93 -47.61
N GLY ZA 180 64.97 -17.79 -48.82
CA GLY ZA 180 64.22 -17.07 -49.84
C GLY ZA 180 65.17 -16.35 -50.77
N VAL ZA 181 64.83 -15.09 -51.05
CA VAL ZA 181 65.58 -14.26 -51.98
C VAL ZA 181 66.08 -13.03 -51.23
N LEU ZA 182 67.36 -12.72 -51.41
CA LEU ZA 182 67.98 -11.55 -50.81
C LEU ZA 182 68.39 -10.59 -51.92
N GLY ZA 183 67.95 -9.34 -51.82
CA GLY ZA 183 68.25 -8.36 -52.84
C GLY ZA 183 69.49 -7.58 -52.50
N ILE ZA 184 70.36 -7.42 -53.51
CA ILE ZA 184 71.60 -6.67 -53.39
C ILE ZA 184 71.55 -5.51 -54.37
N LYS ZA 185 71.76 -4.30 -53.87
CA LYS ZA 185 71.84 -3.12 -54.72
C LYS ZA 185 73.16 -2.42 -54.43
N VAL ZA 186 73.98 -2.25 -55.46
CA VAL ZA 186 75.30 -1.65 -55.31
C VAL ZA 186 75.36 -0.41 -56.19
N LYS ZA 187 75.65 0.73 -55.57
CA LYS ZA 187 75.82 1.99 -56.28
C LYS ZA 187 77.22 2.51 -56.01
N ILE ZA 188 77.96 2.80 -57.07
CA ILE ZA 188 79.32 3.29 -56.97
C ILE ZA 188 79.41 4.62 -57.71
N MET ZA 189 79.85 5.65 -57.00
CA MET ZA 189 80.08 6.96 -57.63
C MET ZA 189 81.45 6.95 -58.27
N LEU ZA 190 81.49 6.95 -59.59
CA LEU ZA 190 82.75 6.89 -60.30
C LEU ZA 190 83.50 8.21 -60.15
N PRO ZA 191 84.81 8.18 -59.91
CA PRO ZA 191 85.56 9.43 -59.81
C PRO ZA 191 85.71 10.11 -61.16
N TRP ZA 192 85.82 11.44 -61.11
CA TRP ZA 192 86.02 12.21 -62.33
C TRP ZA 192 87.46 12.06 -62.80
N ASP ZA 193 87.64 11.86 -64.11
CA ASP ZA 193 88.98 11.85 -64.66
C ASP ZA 193 88.94 12.36 -66.09
N PRO ZA 194 89.88 13.24 -66.46
CA PRO ZA 194 89.94 13.68 -67.86
C PRO ZA 194 90.23 12.56 -68.84
N THR ZA 195 90.98 11.53 -68.41
CA THR ZA 195 91.25 10.40 -69.30
C THR ZA 195 89.97 9.66 -69.67
N GLY ZA 196 89.11 9.41 -68.69
CA GLY ZA 196 87.83 8.82 -68.95
C GLY ZA 196 87.77 7.31 -68.90
N LYS ZA 197 88.91 6.63 -68.74
CA LYS ZA 197 88.90 5.18 -68.73
C LYS ZA 197 88.60 4.61 -67.35
N ILE ZA 198 88.50 5.44 -66.32
CA ILE ZA 198 88.01 5.00 -65.02
C ILE ZA 198 86.71 5.69 -64.61
N GLY ZA 199 86.34 6.80 -65.24
CA GLY ZA 199 85.15 7.52 -64.88
C GLY ZA 199 84.73 8.49 -65.95
N PRO ZA 200 83.73 9.32 -65.68
CA PRO ZA 200 83.28 10.29 -66.67
C PRO ZA 200 84.33 11.35 -66.92
N LYS ZA 201 84.41 11.80 -68.18
CA LYS ZA 201 85.31 12.90 -68.52
C LYS ZA 201 84.75 14.23 -68.05
N LYS ZA 202 83.44 14.42 -68.18
CA LYS ZA 202 82.84 15.68 -67.77
C LYS ZA 202 82.84 15.80 -66.25
N PRO ZA 203 83.12 16.98 -65.71
CA PRO ZA 203 83.06 17.17 -64.26
C PRO ZA 203 81.62 17.24 -63.79
N LEU ZA 204 81.47 17.28 -62.47
CA LEU ZA 204 80.14 17.47 -61.91
C LEU ZA 204 79.62 18.85 -62.30
N PRO ZA 205 78.31 18.99 -62.56
CA PRO ZA 205 77.80 20.25 -63.11
C PRO ZA 205 78.02 21.45 -62.21
N ASP ZA 206 77.96 21.26 -60.91
CA ASP ZA 206 78.13 22.37 -59.97
C ASP ZA 206 79.56 22.57 -59.51
N HIS ZA 207 80.47 21.66 -59.86
CA HIS ZA 207 81.87 21.80 -59.46
C HIS ZA 207 82.53 22.87 -60.32
N VAL ZA 208 83.14 23.85 -59.67
CA VAL ZA 208 83.82 24.96 -60.35
C VAL ZA 208 85.29 24.92 -59.95
N SER ZA 209 86.17 24.91 -60.95
CA SER ZA 209 87.61 24.90 -60.73
C SER ZA 209 88.21 26.16 -61.34
N ILE ZA 210 89.12 26.78 -60.60
CA ILE ZA 210 89.74 28.04 -61.00
C ILE ZA 210 91.24 27.83 -61.12
N VAL ZA 211 91.81 28.27 -62.24
CA VAL ZA 211 93.26 28.17 -62.42
C VAL ZA 211 93.96 29.17 -61.52
N GLU ZA 212 95.18 28.83 -61.11
CA GLU ZA 212 95.94 29.69 -60.21
C GLU ZA 212 96.66 30.78 -61.00
N PRO ZA 213 96.44 32.05 -60.69
CA PRO ZA 213 97.15 33.12 -61.39
C PRO ZA 213 98.62 33.16 -61.02
N LYS ZA 214 99.41 33.75 -61.91
CA LYS ZA 214 100.84 33.94 -61.68
C LYS ZA 214 101.04 35.25 -60.91
N ASP ZA 215 102.30 35.68 -60.78
CA ASP ZA 215 102.58 36.91 -60.05
C ASP ZA 215 102.30 38.14 -60.90
N GLU ZA 216 103.05 38.32 -61.99
CA GLU ZA 216 102.89 39.43 -62.93
C GLU ZA 216 102.80 40.77 -62.22
N ILE ZA 217 103.84 41.09 -61.44
CA ILE ZA 217 103.80 42.26 -60.57
C ILE ZA 217 104.08 43.53 -61.36
N LEU ZA 218 105.21 43.57 -62.06
CA LEU ZA 218 105.71 44.74 -62.79
C LEU ZA 218 105.75 45.95 -61.88
N PRO ZA 219 106.69 46.02 -60.93
CA PRO ZA 219 106.81 47.20 -60.06
C PRO ZA 219 107.86 48.21 -60.49
N THR ZA 220 108.48 48.05 -61.65
CA THR ZA 220 109.67 48.80 -62.00
C THR ZA 220 109.37 49.90 -63.02
N THR ZA 221 110.43 50.57 -63.45
CA THR ZA 221 110.32 51.61 -64.46
C THR ZA 221 109.99 51.01 -65.82
N PRO ZA 222 109.30 51.75 -66.68
CA PRO ZA 222 109.08 51.28 -68.05
C PRO ZA 222 110.40 51.12 -68.80
N ILE ZA 223 110.48 50.05 -69.59
CA ILE ZA 223 111.64 49.77 -70.43
C ILE ZA 223 111.15 49.40 -71.81
N SER ZA 224 112.09 49.35 -72.76
CA SER ZA 224 111.82 48.93 -74.13
C SER ZA 224 112.87 47.89 -74.51
N GLU ZA 225 112.43 46.64 -74.67
CA GLU ZA 225 113.32 45.52 -74.96
C GLU ZA 225 113.27 45.22 -76.45
N GLN ZA 226 114.41 45.38 -77.13
CA GLN ZA 226 114.47 45.17 -78.56
C GLN ZA 226 114.60 43.67 -78.86
N LYS ZA 227 113.79 43.19 -79.79
CA LYS ZA 227 113.75 41.77 -80.12
C LYS ZA 227 113.41 41.55 -81.59
N ASP AB 1 38.71 58.00 -87.17
CA ASP AB 1 39.73 57.56 -88.11
C ASP AB 1 39.84 56.04 -88.09
N ILE AB 2 39.50 55.44 -86.96
CA ILE AB 2 39.66 53.99 -86.80
C ILE AB 2 38.38 53.25 -87.18
N LYS AB 3 37.22 53.75 -86.72
CA LYS AB 3 35.92 53.30 -87.23
C LYS AB 3 35.71 51.80 -87.01
N LEU AB 4 35.56 51.43 -85.75
CA LEU AB 4 35.27 50.06 -85.36
C LEU AB 4 34.18 49.44 -86.23
N PHE AB 5 34.47 48.28 -86.81
CA PHE AB 5 33.60 47.57 -87.76
C PHE AB 5 33.35 48.37 -89.03
N GLY AB 6 34.22 49.35 -89.32
CA GLY AB 6 34.04 50.19 -90.49
C GLY AB 6 33.16 51.41 -90.30
N LYS AB 7 32.70 51.69 -89.08
CA LYS AB 7 31.88 52.85 -88.80
C LYS AB 7 31.98 53.15 -87.31
N TRP AB 8 31.09 54.03 -86.82
CA TRP AB 8 30.98 54.33 -85.39
C TRP AB 8 32.30 54.83 -84.81
N SER AB 9 32.67 56.04 -85.25
CA SER AB 9 33.92 56.65 -84.81
C SER AB 9 33.96 56.76 -83.30
N THR AB 10 35.13 56.44 -82.72
CA THR AB 10 35.28 56.36 -81.28
C THR AB 10 35.49 57.71 -80.61
N ASP AB 11 35.79 58.75 -81.39
CA ASP AB 11 36.24 60.01 -80.79
C ASP AB 11 35.12 60.77 -80.10
N ASP AB 12 33.87 60.57 -80.50
CA ASP AB 12 32.75 61.29 -79.91
C ASP AB 12 32.18 60.60 -78.67
N VAL AB 13 32.68 59.43 -78.31
CA VAL AB 13 32.18 58.71 -77.14
C VAL AB 13 32.74 59.38 -75.89
N GLN AB 14 31.86 59.63 -74.92
CA GLN AB 14 32.23 60.31 -73.69
C GLN AB 14 31.90 59.44 -72.49
N ILE AB 15 32.84 59.31 -71.57
CA ILE AB 15 32.61 58.63 -70.30
C ILE AB 15 32.11 59.68 -69.31
N ASN AB 16 30.95 59.42 -68.72
CA ASN AB 16 30.24 60.45 -67.97
C ASN AB 16 30.76 60.64 -66.55
N ASP AB 17 31.53 59.70 -66.02
CA ASP AB 17 32.05 59.80 -64.67
C ASP AB 17 33.53 59.46 -64.66
N ILE AB 18 34.28 60.16 -63.80
CA ILE AB 18 35.72 59.94 -63.70
C ILE AB 18 36.09 58.68 -62.95
N SER AB 19 35.11 58.02 -62.32
CA SER AB 19 35.41 56.81 -61.57
C SER AB 19 35.90 55.68 -62.47
N LEU AB 20 35.37 55.58 -63.68
CA LEU AB 20 35.69 54.48 -64.58
C LEU AB 20 36.38 54.94 -65.87
N GLN AB 21 36.86 56.18 -65.94
CA GLN AB 21 37.47 56.63 -67.18
C GLN AB 21 38.90 56.12 -67.34
N ASP AB 22 39.51 55.63 -66.27
CA ASP AB 22 40.80 54.96 -66.36
C ASP AB 22 40.66 53.47 -66.66
N TYR AB 23 39.44 52.96 -66.74
CA TYR AB 23 39.22 51.55 -66.96
C TYR AB 23 38.34 51.24 -68.16
N ILE AB 24 37.59 52.22 -68.67
CA ILE AB 24 36.95 52.10 -69.98
C ILE AB 24 37.96 52.51 -71.05
N ALA AB 25 38.05 51.72 -72.11
CA ALA AB 25 39.14 51.82 -73.07
C ALA AB 25 38.61 51.99 -74.50
N VAL AB 26 37.70 52.95 -74.68
CA VAL AB 26 37.19 53.25 -76.03
C VAL AB 26 37.89 54.42 -76.67
N LYS AB 27 38.88 55.02 -76.01
CA LYS AB 27 39.50 56.23 -76.51
C LYS AB 27 40.46 55.88 -77.64
N GLU AB 28 40.98 56.92 -78.33
CA GLU AB 28 41.63 56.72 -79.62
C GLU AB 28 42.88 55.86 -79.53
N LYS AB 29 43.57 55.88 -78.39
CA LYS AB 29 44.72 55.01 -78.23
C LYS AB 29 44.33 53.54 -78.21
N TYR AB 30 43.11 53.23 -77.78
CA TYR AB 30 42.60 51.87 -77.74
C TYR AB 30 41.57 51.63 -78.83
N ALA AB 31 41.40 52.56 -79.76
CA ALA AB 31 40.46 52.39 -80.85
C ALA AB 31 41.00 51.35 -81.83
N LYS AB 32 40.26 50.28 -82.05
CA LYS AB 32 40.67 49.20 -82.92
C LYS AB 32 39.63 48.96 -84.00
N TYR AB 33 40.11 48.59 -85.19
CA TYR AB 33 39.22 48.35 -86.31
C TYR AB 33 38.26 47.20 -86.05
N LEU AB 34 38.68 46.22 -85.24
CA LEU AB 34 37.93 45.01 -85.08
C LEU AB 34 38.17 44.49 -83.67
N PRO AB 35 37.14 44.02 -82.97
CA PRO AB 35 37.31 43.56 -81.58
C PRO AB 35 37.87 42.14 -81.51
N HIS AB 36 39.09 41.96 -81.99
CA HIS AB 36 39.74 40.66 -81.94
C HIS AB 36 41.25 40.89 -81.98
N SER AB 37 41.90 40.69 -80.84
CA SER AB 37 43.36 40.87 -80.76
C SER AB 37 43.86 40.01 -79.61
N ALA AB 38 44.69 39.01 -79.95
CA ALA AB 38 45.30 38.14 -78.94
C ALA AB 38 46.45 38.91 -78.29
N GLY AB 39 46.08 39.85 -77.43
CA GLY AB 39 47.01 40.80 -76.85
C GLY AB 39 47.62 40.42 -75.52
N ARG AB 40 47.37 39.20 -75.03
CA ARG AB 40 47.93 38.72 -73.76
C ARG AB 40 47.55 39.65 -72.61
N TYR AB 41 46.26 39.95 -72.52
CA TYR AB 41 45.78 40.92 -71.56
C TYR AB 41 45.60 40.35 -70.16
N ALA AB 42 45.67 39.04 -70.00
CA ALA AB 42 45.55 38.39 -68.70
C ALA AB 42 46.89 37.91 -68.16
N ALA AB 43 48.00 38.28 -68.82
CA ALA AB 43 49.31 37.82 -68.38
C ALA AB 43 49.71 38.45 -67.06
N LYS AB 44 49.35 39.71 -66.85
CA LYS AB 44 49.75 40.45 -65.66
C LYS AB 44 48.55 41.20 -65.13
N ARG AB 45 48.59 41.49 -63.82
CA ARG AB 45 47.48 42.17 -63.17
C ARG AB 45 47.29 43.56 -63.75
N PHE AB 46 46.03 43.99 -63.81
CA PHE AB 46 45.59 45.30 -64.29
C PHE AB 46 45.88 45.53 -65.76
N ARG AB 47 46.30 44.50 -66.50
CA ARG AB 47 46.53 44.65 -67.93
C ARG AB 47 45.23 44.70 -68.71
N LYS AB 48 44.15 44.14 -68.17
CA LYS AB 48 42.87 44.19 -68.85
C LYS AB 48 42.26 45.58 -68.86
N ALA AB 49 42.77 46.50 -68.04
CA ALA AB 49 42.25 47.87 -68.04
C ALA AB 49 42.50 48.54 -69.37
N GLN AB 50 43.68 48.36 -69.96
CA GLN AB 50 44.01 48.95 -71.23
C GLN AB 50 43.50 48.13 -72.41
N CYS AB 51 42.88 46.99 -72.14
CA CYS AB 51 42.19 46.25 -73.20
C CYS AB 51 40.88 46.95 -73.53
N PRO AB 52 40.56 47.13 -74.82
CA PRO AB 52 39.32 47.81 -75.20
C PRO AB 52 38.10 47.06 -74.68
N ILE AB 53 37.10 47.82 -74.23
CA ILE AB 53 35.95 47.20 -73.58
C ILE AB 53 35.09 46.44 -74.58
N VAL AB 54 35.20 46.77 -75.87
CA VAL AB 54 34.51 45.97 -76.87
C VAL AB 54 35.11 44.58 -76.92
N GLU AB 55 36.44 44.49 -76.84
CA GLU AB 55 37.11 43.20 -76.70
C GLU AB 55 36.69 42.49 -75.42
N ARG AB 56 36.52 43.25 -74.33
CA ARG AB 56 36.07 42.65 -73.08
C ARG AB 56 34.68 42.04 -73.22
N LEU AB 57 33.77 42.76 -73.87
CA LEU AB 57 32.43 42.24 -74.10
C LEU AB 57 32.45 41.03 -75.01
N THR AB 58 33.29 41.06 -76.05
CA THR AB 58 33.41 39.91 -76.95
C THR AB 58 33.94 38.69 -76.19
N ASN AB 59 34.91 38.90 -75.31
CA ASN AB 59 35.47 37.79 -74.56
C ASN AB 59 34.46 37.24 -73.56
N SER AB 60 33.67 38.13 -72.95
CA SER AB 60 32.70 37.68 -71.96
C SER AB 60 31.47 37.04 -72.59
N MET AB 61 31.13 37.37 -73.82
CA MET AB 61 29.88 36.90 -74.39
C MET AB 61 29.93 35.43 -74.81
N MET AB 62 31.12 34.83 -74.88
CA MET AB 62 31.29 33.45 -75.33
C MET AB 62 31.40 32.54 -74.11
N MET AB 63 30.25 32.11 -73.59
CA MET AB 63 30.21 31.33 -72.37
C MET AB 63 29.23 30.16 -72.49
N HIS AB 64 29.13 29.41 -71.39
CA HIS AB 64 28.24 28.26 -71.24
C HIS AB 64 28.62 27.10 -72.17
N GLY AB 65 29.88 26.70 -72.12
CA GLY AB 65 30.28 25.39 -72.58
C GLY AB 65 30.23 25.17 -74.07
N ARG AB 66 29.06 25.36 -74.66
CA ARG AB 66 28.92 25.24 -76.10
C ARG AB 66 29.78 26.26 -76.82
N ASN AB 67 30.11 27.36 -76.17
CA ASN AB 67 30.70 28.52 -76.82
C ASN AB 67 31.93 28.91 -76.01
N ASN AB 68 33.07 28.31 -76.33
CA ASN AB 68 34.31 28.66 -75.64
C ASN AB 68 35.46 29.00 -76.57
N GLY AB 69 35.31 28.81 -77.88
CA GLY AB 69 36.32 29.25 -78.81
C GLY AB 69 35.71 30.07 -79.91
N LYS AB 70 34.38 30.13 -79.94
CA LYS AB 70 33.66 30.72 -81.05
C LYS AB 70 33.70 32.25 -80.98
N LYS AB 71 34.91 32.80 -80.99
CA LYS AB 71 35.07 34.25 -80.92
C LYS AB 71 34.64 34.93 -82.20
N LEU AB 72 34.77 34.28 -83.36
CA LEU AB 72 34.25 34.87 -84.59
C LEU AB 72 32.75 35.00 -84.53
N MET AB 73 32.06 33.98 -84.02
CA MET AB 73 30.63 34.08 -83.80
C MET AB 73 30.31 35.19 -82.83
N THR AB 74 31.11 35.34 -81.77
CA THR AB 74 30.84 36.41 -80.83
C THR AB 74 31.05 37.78 -81.46
N VAL AB 75 32.07 37.92 -82.30
CA VAL AB 75 32.33 39.19 -82.97
C VAL AB 75 31.17 39.54 -83.90
N ARG AB 76 30.67 38.56 -84.65
CA ARG AB 76 29.53 38.83 -85.51
C ARG AB 76 28.29 39.18 -84.69
N ILE AB 77 28.14 38.56 -83.51
CA ILE AB 77 27.04 38.90 -82.62
C ILE AB 77 27.14 40.35 -82.18
N VAL AB 78 28.34 40.78 -81.79
CA VAL AB 78 28.55 42.15 -81.34
C VAL AB 78 28.29 43.13 -82.48
N LYS AB 79 28.74 42.78 -83.69
CA LYS AB 79 28.51 43.66 -84.84
C LYS AB 79 27.03 43.83 -85.13
N HIS AB 80 26.28 42.72 -85.12
CA HIS AB 80 24.85 42.81 -85.35
C HIS AB 80 24.15 43.58 -84.24
N ALA AB 81 24.58 43.38 -82.99
CA ALA AB 81 23.98 44.11 -81.87
C ALA AB 81 24.22 45.61 -81.99
N PHE AB 82 25.43 46.00 -82.39
CA PHE AB 82 25.71 47.41 -82.60
C PHE AB 82 24.86 47.99 -83.73
N GLU AB 83 24.71 47.24 -84.83
CA GLU AB 83 23.82 47.68 -85.89
C GLU AB 83 22.40 47.90 -85.37
N ILE AB 84 21.91 46.94 -84.59
CA ILE AB 84 20.53 47.00 -84.08
C ILE AB 84 20.36 48.22 -83.17
N ILE AB 85 21.32 48.44 -82.26
CA ILE AB 85 21.14 49.56 -81.35
C ILE AB 85 21.30 50.89 -82.06
N HIS AB 86 22.14 50.95 -83.09
CA HIS AB 86 22.20 52.17 -83.89
C HIS AB 86 20.88 52.45 -84.57
N LEU AB 87 20.24 51.42 -85.12
CA LEU AB 87 18.94 51.64 -85.74
C LEU AB 87 17.89 52.05 -84.71
N LEU AB 88 17.93 51.42 -83.52
CA LEU AB 88 16.87 51.64 -82.54
C LEU AB 88 17.01 52.99 -81.83
N THR AB 89 18.23 53.49 -81.67
CA THR AB 89 18.42 54.70 -80.89
C THR AB 89 18.96 55.88 -81.68
N GLY AB 90 19.81 55.64 -82.69
CA GLY AB 90 20.34 56.70 -83.50
C GLY AB 90 21.67 57.28 -83.05
N GLU AB 91 22.16 56.90 -81.87
CA GLU AB 91 23.41 57.42 -81.35
C GLU AB 91 24.51 56.38 -81.50
N ASN AB 92 25.68 56.68 -80.96
CA ASN AB 92 26.83 55.81 -81.11
C ASN AB 92 26.64 54.52 -80.32
N PRO AB 93 26.78 53.36 -80.96
CA PRO AB 93 26.73 52.09 -80.21
C PRO AB 93 27.75 52.01 -79.10
N LEU AB 94 28.95 52.57 -79.30
CA LEU AB 94 29.93 52.59 -78.22
C LEU AB 94 29.48 53.47 -77.07
N GLN AB 95 28.83 54.59 -77.37
CA GLN AB 95 28.25 55.42 -76.32
C GLN AB 95 27.19 54.66 -75.54
N VAL AB 96 26.34 53.93 -76.24
CA VAL AB 96 25.32 53.13 -75.56
C VAL AB 96 25.97 52.09 -74.66
N LEU AB 97 27.02 51.43 -75.15
CA LEU AB 97 27.73 50.43 -74.35
C LEU AB 97 28.36 51.06 -73.11
N VAL AB 98 28.98 52.23 -73.27
CA VAL AB 98 29.63 52.88 -72.14
C VAL AB 98 28.61 53.28 -71.08
N ASN AB 99 27.48 53.83 -71.51
CA ASN AB 99 26.42 54.17 -70.56
C ASN AB 99 25.89 52.93 -69.86
N ALA AB 100 25.73 51.84 -70.59
CA ALA AB 100 25.27 50.59 -69.99
C ALA AB 100 26.25 50.09 -68.95
N ILE AB 101 27.55 50.15 -69.26
CA ILE AB 101 28.56 49.72 -68.29
C ILE AB 101 28.50 50.57 -67.03
N ILE AB 102 28.43 51.89 -67.20
CA ILE AB 102 28.46 52.79 -66.06
C ILE AB 102 27.22 52.58 -65.19
N ASN AB 103 26.05 52.47 -65.80
CA ASN AB 103 24.83 52.26 -65.03
C ASN AB 103 24.70 50.83 -64.50
N SER AB 104 25.49 49.88 -65.00
CA SER AB 104 25.37 48.50 -64.56
C SER AB 104 26.36 48.12 -63.48
N GLY AB 105 27.50 48.80 -63.39
CA GLY AB 105 28.45 48.54 -62.32
C GLY AB 105 27.85 48.86 -60.96
N PRO AB 106 27.84 47.88 -60.06
CA PRO AB 106 27.25 48.09 -58.72
C PRO AB 106 28.24 48.81 -57.81
N ARG AB 107 27.80 49.93 -57.24
CA ARG AB 107 28.73 50.81 -56.54
C ARG AB 107 29.25 50.21 -55.24
N GLU AB 108 28.46 49.37 -54.58
CA GLU AB 108 28.94 48.72 -53.37
C GLU AB 108 28.33 47.33 -53.28
N ASP AB 109 28.95 46.48 -52.47
CA ASP AB 109 28.55 45.10 -52.33
C ASP AB 109 28.74 44.71 -50.87
N SER AB 110 28.58 43.44 -50.55
CA SER AB 110 28.76 42.93 -49.21
C SER AB 110 29.45 41.57 -49.28
N THR AB 111 30.48 41.38 -48.46
CA THR AB 111 31.18 40.11 -48.42
C THR AB 111 31.80 39.91 -47.05
N ARG AB 112 31.66 38.69 -46.53
CA ARG AB 112 32.27 38.25 -45.28
C ARG AB 112 32.10 36.74 -45.19
N ILE AB 113 32.47 36.17 -44.03
CA ILE AB 113 32.51 34.73 -43.83
C ILE AB 113 31.62 34.30 -42.67
N GLY AB 114 31.72 34.99 -41.53
CA GLY AB 114 31.17 34.51 -40.28
C GLY AB 114 29.66 34.57 -40.16
N ARG AB 115 29.19 34.82 -38.95
CA ARG AB 115 27.75 34.81 -38.66
C ARG AB 115 27.12 36.03 -39.32
N ALA AB 116 26.80 35.90 -40.60
CA ALA AB 116 26.28 37.02 -41.37
C ALA AB 116 24.87 37.36 -40.92
N GLY AB 117 24.60 38.66 -40.82
CA GLY AB 117 23.29 39.14 -40.44
C GLY AB 117 22.21 38.78 -41.44
N THR AB 118 22.29 39.37 -42.64
CA THR AB 118 21.33 39.08 -43.70
C THR AB 118 21.97 38.30 -44.84
N VAL AB 119 23.06 38.81 -45.42
CA VAL AB 119 23.78 38.09 -46.46
C VAL AB 119 25.24 37.99 -46.05
N ARG AB 120 25.87 39.13 -45.81
CA ARG AB 120 27.24 39.17 -45.33
C ARG AB 120 27.35 40.19 -44.21
N ARG AB 121 28.34 39.97 -43.35
CA ARG AB 121 28.47 40.77 -42.12
C ARG AB 121 28.73 42.24 -42.43
N GLN AB 122 29.55 42.53 -43.44
CA GLN AB 122 29.94 43.88 -43.76
C GLN AB 122 29.53 44.24 -45.17
N ALA AB 123 29.21 45.52 -45.37
CA ALA AB 123 28.97 46.08 -46.70
C ALA AB 123 30.25 46.74 -47.19
N VAL AB 124 30.62 46.45 -48.42
CA VAL AB 124 31.93 46.82 -48.96
C VAL AB 124 31.74 47.48 -50.31
N ASP AB 125 32.22 48.72 -50.44
CA ASP AB 125 32.27 49.36 -51.75
C ASP AB 125 33.33 48.71 -52.63
N VAL AB 126 33.14 48.81 -53.94
CA VAL AB 126 33.94 48.04 -54.88
C VAL AB 126 34.88 48.97 -55.64
N SER AB 127 35.87 48.36 -56.29
CA SER AB 127 36.84 49.06 -57.11
C SER AB 127 36.28 49.31 -58.50
N PRO AB 128 36.80 50.31 -59.21
CA PRO AB 128 36.34 50.56 -60.59
C PRO AB 128 36.56 49.39 -61.54
N LEU AB 129 37.67 48.67 -61.39
CA LEU AB 129 37.90 47.50 -62.24
C LEU AB 129 36.86 46.42 -61.97
N ARG AB 130 36.54 46.18 -60.70
CA ARG AB 130 35.48 45.24 -60.36
C ARG AB 130 34.12 45.73 -60.86
N ARG AB 131 33.91 47.06 -60.85
CA ARG AB 131 32.70 47.62 -61.43
C ARG AB 131 32.56 47.24 -62.89
N VAL AB 132 33.61 47.47 -63.67
CA VAL AB 132 33.57 47.17 -65.10
C VAL AB 132 33.39 45.68 -65.34
N ASN AB 133 34.14 44.86 -64.60
CA ASN AB 133 34.04 43.41 -64.78
C ASN AB 133 32.64 42.91 -64.47
N GLN AB 134 32.07 43.34 -63.34
CA GLN AB 134 30.75 42.92 -62.94
C GLN AB 134 29.69 43.42 -63.90
N ALA AB 135 29.84 44.65 -64.42
CA ALA AB 135 28.88 45.19 -65.36
C ALA AB 135 28.87 44.38 -66.66
N ILE AB 136 30.04 44.09 -67.20
CA ILE AB 136 30.11 43.31 -68.43
C ILE AB 136 29.53 41.92 -68.21
N TRP AB 137 29.87 41.30 -67.08
CA TRP AB 137 29.35 39.97 -66.77
C TRP AB 137 27.83 39.99 -66.67
N LEU AB 138 27.27 41.00 -66.00
CA LEU AB 138 25.83 41.09 -65.83
C LEU AB 138 25.13 41.32 -67.16
N LEU AB 139 25.69 42.17 -68.02
CA LEU AB 139 25.07 42.41 -69.31
C LEU AB 139 25.05 41.14 -70.16
N CYS AB 140 26.18 40.44 -70.24
CA CYS AB 140 26.21 39.21 -71.01
C CYS AB 140 25.28 38.16 -70.44
N THR AB 141 25.21 38.06 -69.12
CA THR AB 141 24.32 37.09 -68.49
C THR AB 141 22.86 37.40 -68.79
N GLY AB 142 22.48 38.68 -68.72
CA GLY AB 142 21.12 39.07 -69.02
C GLY AB 142 20.76 38.76 -70.46
N ALA AB 143 21.66 39.07 -71.39
CA ALA AB 143 21.43 38.72 -72.78
C ALA AB 143 21.29 37.21 -72.98
N ARG AB 144 22.10 36.43 -72.26
CA ARG AB 144 22.06 34.97 -72.40
C ARG AB 144 20.71 34.39 -71.94
N GLU AB 145 20.28 34.74 -70.73
CA GLU AB 145 18.96 34.24 -70.31
C GLU AB 145 17.81 34.90 -71.04
N ALA AB 146 18.04 36.04 -71.69
CA ALA AB 146 17.00 36.58 -72.56
C ALA AB 146 16.86 35.75 -73.83
N ALA AB 147 17.99 35.32 -74.39
CA ALA AB 147 18.00 34.66 -75.69
C ALA AB 147 17.92 33.14 -75.61
N PHE AB 148 17.92 32.55 -74.42
CA PHE AB 148 18.00 31.10 -74.32
C PHE AB 148 16.85 30.40 -75.04
N ARG AB 149 15.63 30.54 -74.55
CA ARG AB 149 14.54 29.70 -75.02
C ARG AB 149 13.44 30.51 -75.67
N ASN AB 150 13.80 31.46 -76.53
CA ASN AB 150 12.82 32.21 -77.30
C ASN AB 150 13.35 32.44 -78.70
N ILE AB 151 12.43 32.78 -79.61
CA ILE AB 151 12.79 33.00 -81.00
C ILE AB 151 13.66 34.23 -81.18
N LYS AB 152 13.57 35.20 -80.26
CA LYS AB 152 14.38 36.41 -80.38
C LYS AB 152 15.85 36.06 -80.22
N THR AB 153 16.66 36.42 -81.21
CA THR AB 153 18.01 35.90 -81.27
C THR AB 153 18.94 36.67 -80.33
N ILE AB 154 20.15 36.14 -80.20
CA ILE AB 154 21.11 36.66 -79.25
C ILE AB 154 21.52 38.09 -79.60
N ALA AB 155 21.52 38.43 -80.89
CA ALA AB 155 21.84 39.80 -81.28
C ALA AB 155 20.83 40.79 -80.73
N GLU AB 156 19.53 40.52 -80.93
CA GLU AB 156 18.51 41.43 -80.41
C GLU AB 156 18.49 41.43 -78.89
N CYS AB 157 18.72 40.27 -78.27
CA CYS AB 157 18.70 40.23 -76.81
C CYS AB 157 19.84 41.05 -76.22
N LEU AB 158 21.05 40.91 -76.75
CA LEU AB 158 22.16 41.75 -76.30
C LEU AB 158 21.86 43.22 -76.59
N ALA AB 159 21.29 43.50 -77.75
CA ALA AB 159 21.04 44.88 -78.16
C ALA AB 159 20.07 45.58 -77.21
N ASP AB 160 18.93 44.95 -76.93
CA ASP AB 160 17.97 45.59 -76.06
C ASP AB 160 18.36 45.50 -74.59
N GLU AB 161 19.20 44.54 -74.22
CA GLU AB 161 19.81 44.57 -72.88
C GLU AB 161 20.66 45.81 -72.70
N LEU AB 162 21.54 46.10 -73.67
CA LEU AB 162 22.33 47.31 -73.61
C LEU AB 162 21.46 48.56 -73.66
N ILE AB 163 20.41 48.55 -74.48
CA ILE AB 163 19.54 49.71 -74.60
C ILE AB 163 18.87 50.01 -73.27
N ASN AB 164 18.31 48.98 -72.64
CA ASN AB 164 17.64 49.18 -71.36
C ASN AB 164 18.63 49.58 -70.27
N ALA AB 165 19.83 49.00 -70.29
CA ALA AB 165 20.80 49.31 -69.24
C ALA AB 165 21.35 50.71 -69.39
N ALA AB 166 21.48 51.21 -70.63
CA ALA AB 166 22.07 52.52 -70.84
C ALA AB 166 21.22 53.63 -70.23
N LYS AB 167 19.90 53.48 -70.25
CA LYS AB 167 19.03 54.44 -69.59
C LYS AB 167 18.83 54.11 -68.13
N GLY AB 168 18.48 52.85 -67.83
CA GLY AB 168 18.09 52.46 -66.50
C GLY AB 168 16.58 52.38 -66.45
N SER AB 169 16.03 51.18 -66.57
CA SER AB 169 14.59 51.02 -66.69
C SER AB 169 14.05 49.82 -65.94
N SER AB 170 14.88 49.09 -65.19
CA SER AB 170 14.52 47.89 -64.45
C SER AB 170 14.04 46.76 -65.36
N ASN AB 171 14.08 46.95 -66.68
CA ASN AB 171 13.80 45.88 -67.61
C ASN AB 171 15.06 45.13 -68.02
N SER AB 172 16.23 45.61 -67.61
CA SER AB 172 17.47 44.93 -67.89
C SER AB 172 17.93 44.14 -66.67
N TYR AB 173 18.24 42.87 -66.90
CA TYR AB 173 18.69 41.98 -65.85
C TYR AB 173 19.90 42.53 -65.12
N ALA AB 174 20.77 43.24 -65.84
CA ALA AB 174 21.98 43.78 -65.24
C ALA AB 174 21.65 44.75 -64.11
N ILE AB 175 20.81 45.74 -64.37
CA ILE AB 175 20.52 46.70 -63.32
C ILE AB 175 19.52 46.17 -62.31
N LYS AB 176 18.70 45.17 -62.68
CA LYS AB 176 17.91 44.50 -61.64
C LYS AB 176 18.82 43.82 -60.62
N LYS AB 177 19.82 43.09 -61.09
CA LYS AB 177 20.81 42.49 -60.19
C LYS AB 177 21.57 43.56 -59.42
N LYS AB 178 21.90 44.66 -60.11
CA LYS AB 178 22.64 45.74 -59.44
C LYS AB 178 21.83 46.31 -58.29
N ASP AB 179 20.53 46.55 -58.51
CA ASP AB 179 19.68 47.08 -57.45
C ASP AB 179 19.50 46.09 -56.31
N GLU AB 180 19.42 44.80 -56.65
CA GLU AB 180 19.35 43.79 -55.60
C GLU AB 180 20.60 43.81 -54.73
N LEU AB 181 21.77 43.94 -55.38
CA LEU AB 181 23.02 44.03 -54.63
C LEU AB 181 23.07 45.29 -53.79
N GLU AB 182 22.57 46.41 -54.33
CA GLU AB 182 22.54 47.65 -53.57
C GLU AB 182 21.67 47.51 -52.33
N ARG AB 183 20.50 46.89 -52.47
CA ARG AB 183 19.64 46.67 -51.32
C ARG AB 183 20.31 45.78 -50.28
N VAL AB 184 20.96 44.71 -50.73
CA VAL AB 184 21.64 43.81 -49.81
C VAL AB 184 22.74 44.54 -49.05
N ALA AB 185 23.55 45.32 -49.76
CA ALA AB 185 24.63 46.06 -49.11
C ALA AB 185 24.08 47.10 -48.14
N LYS AB 186 23.02 47.80 -48.53
CA LYS AB 186 22.45 48.82 -47.66
C LYS AB 186 21.90 48.20 -46.39
N SER AB 187 21.26 47.03 -46.50
CA SER AB 187 20.81 46.33 -45.31
C SER AB 187 21.99 45.83 -44.48
N ASN AB 188 23.09 45.47 -45.13
CA ASN AB 188 24.25 44.92 -44.44
C ASN AB 188 25.27 45.98 -44.04
N ARG AB 189 24.92 47.26 -44.15
CA ARG AB 189 25.76 48.34 -43.67
C ARG AB 189 26.14 48.17 -42.20
N MET BB 1 60.28 -40.78 -73.18
CA MET BB 1 60.07 -40.29 -74.54
C MET BB 1 60.04 -41.42 -75.55
N LEU BB 2 58.98 -41.45 -76.37
CA LEU BB 2 58.78 -42.49 -77.36
C LEU BB 2 59.51 -42.21 -78.67
N MET BB 3 60.43 -41.25 -78.67
CA MET BB 3 61.14 -40.89 -79.89
C MET BB 3 62.07 -42.03 -80.34
N PRO BB 4 62.13 -42.30 -81.64
CA PRO BB 4 62.85 -43.51 -82.11
C PRO BB 4 64.34 -43.33 -82.29
N LYS BB 5 65.00 -44.41 -82.71
CA LYS BB 5 66.44 -44.36 -82.98
C LYS BB 5 66.74 -43.44 -84.15
N LYS BB 6 65.88 -43.48 -85.19
CA LYS BB 6 66.17 -42.80 -86.44
C LYS BB 6 66.36 -41.30 -86.27
N ASN BB 7 65.84 -40.72 -85.19
CA ASN BB 7 66.14 -39.34 -84.85
C ASN BB 7 66.92 -39.19 -83.55
N ARG BB 8 66.95 -40.22 -82.69
CA ARG BB 8 67.83 -40.15 -81.53
C ARG BB 8 69.30 -40.06 -81.95
N ILE BB 9 69.72 -40.94 -82.86
CA ILE BB 9 71.09 -40.86 -83.38
C ILE BB 9 71.32 -39.55 -84.12
N ALA BB 10 70.29 -39.04 -84.81
CA ALA BB 10 70.45 -37.76 -85.50
C ALA BB 10 70.74 -36.63 -84.51
N ILE BB 11 69.95 -36.55 -83.44
CA ILE BB 11 70.19 -35.53 -82.41
C ILE BB 11 71.55 -35.72 -81.78
N TYR BB 12 71.92 -36.97 -81.49
CA TYR BB 12 73.19 -37.22 -80.81
C TYR BB 12 74.38 -36.84 -81.68
N GLU BB 13 74.31 -37.15 -82.98
CA GLU BB 13 75.42 -36.79 -83.86
C GLU BB 13 75.47 -35.29 -84.10
N LEU BB 14 74.31 -34.62 -84.10
CA LEU BB 14 74.33 -33.16 -84.13
C LEU BB 14 75.02 -32.61 -82.90
N LEU BB 15 74.72 -33.16 -81.72
CA LEU BB 15 75.33 -32.70 -80.49
C LEU BB 15 76.82 -33.02 -80.44
N PHE BB 16 77.26 -34.08 -81.10
CA PHE BB 16 78.69 -34.40 -81.08
C PHE BB 16 79.48 -33.69 -82.17
N LYS BB 17 78.83 -33.28 -83.26
CA LYS BB 17 79.55 -32.59 -84.32
C LYS BB 17 80.08 -31.24 -83.84
N GLU BB 18 79.29 -30.51 -83.06
CA GLU BB 18 79.72 -29.28 -82.43
C GLU BB 18 79.36 -29.34 -80.95
N GLY BB 19 80.23 -28.79 -80.11
CA GLY BB 19 80.15 -29.04 -78.67
C GLY BB 19 78.90 -28.49 -77.99
N VAL BB 20 78.09 -27.71 -78.70
CA VAL BB 20 76.93 -27.05 -78.11
C VAL BB 20 75.72 -27.36 -78.97
N MET BB 21 74.54 -27.07 -78.42
CA MET BB 21 73.36 -26.99 -79.27
C MET BB 21 72.32 -26.10 -78.61
N VAL BB 22 71.60 -25.35 -79.44
CA VAL BB 22 70.64 -24.34 -79.01
C VAL BB 22 69.26 -24.79 -79.43
N ALA BB 23 68.30 -24.72 -78.51
CA ALA BB 23 66.94 -25.16 -78.78
C ALA BB 23 65.95 -24.18 -78.19
N LYS BB 24 65.08 -23.62 -79.01
CA LYS BB 24 64.02 -22.76 -78.51
C LYS BB 24 63.01 -23.58 -77.73
N LYS BB 25 62.59 -23.05 -76.58
CA LYS BB 25 61.58 -23.72 -75.77
C LYS BB 25 60.21 -23.58 -76.41
N ASP BB 26 59.82 -24.57 -77.22
CA ASP BB 26 58.49 -24.60 -77.81
C ASP BB 26 58.18 -26.06 -78.10
N VAL BB 27 57.34 -26.66 -77.25
CA VAL BB 27 56.97 -28.06 -77.43
C VAL BB 27 56.03 -28.24 -78.61
N HIS BB 28 55.44 -27.17 -79.12
CA HIS BB 28 54.53 -27.24 -80.25
C HIS BB 28 55.17 -26.80 -81.56
N MET BB 29 56.46 -26.55 -81.57
CA MET BB 29 57.13 -26.22 -82.82
C MET BB 29 57.16 -27.46 -83.69
N PRO BB 30 56.61 -27.41 -84.90
CA PRO BB 30 56.55 -28.63 -85.72
C PRO BB 30 57.91 -29.16 -86.11
N LYS BB 31 58.92 -28.29 -86.22
CA LYS BB 31 60.22 -28.72 -86.70
C LYS BB 31 61.31 -27.89 -86.04
N HIS BB 32 62.32 -28.58 -85.52
CA HIS BB 32 63.51 -27.92 -85.02
C HIS BB 32 64.26 -27.27 -86.18
N PRO BB 33 64.76 -26.03 -86.02
CA PRO BB 33 65.25 -25.29 -87.21
C PRO BB 33 66.41 -25.95 -87.93
N GLU BB 34 67.52 -26.26 -87.26
CA GLU BB 34 68.54 -27.01 -87.96
C GLU BB 34 68.16 -28.48 -87.98
N LEU BB 35 69.00 -29.30 -88.61
CA LEU BB 35 68.65 -30.66 -89.04
C LEU BB 35 67.29 -30.68 -89.73
N ALA BB 36 67.12 -29.76 -90.69
CA ALA BB 36 65.83 -29.50 -91.31
C ALA BB 36 65.28 -30.72 -92.02
N ASP BB 37 66.15 -31.59 -92.52
CA ASP BB 37 65.73 -32.72 -93.35
C ASP BB 37 65.34 -33.95 -92.56
N LYS BB 38 65.53 -33.95 -91.24
CA LYS BB 38 65.31 -35.15 -90.44
C LYS BB 38 63.90 -35.28 -89.90
N ASN BB 39 63.06 -34.25 -90.07
CA ASN BB 39 61.65 -34.26 -89.65
C ASN BB 39 61.53 -34.59 -88.16
N VAL BB 40 62.27 -33.86 -87.35
CA VAL BB 40 62.33 -34.08 -85.90
C VAL BB 40 61.55 -32.97 -85.22
N PRO BB 41 60.58 -33.28 -84.37
CA PRO BB 41 59.90 -32.23 -83.61
C PRO BB 41 60.83 -31.63 -82.56
N ASN BB 42 60.52 -30.40 -82.17
CA ASN BB 42 61.30 -29.75 -81.12
C ASN BB 42 61.12 -30.44 -79.78
N LEU BB 43 59.96 -31.04 -79.54
CA LEU BB 43 59.71 -31.70 -78.27
C LEU BB 43 60.66 -32.88 -78.06
N HIS BB 44 60.90 -33.65 -79.11
CA HIS BB 44 61.79 -34.81 -78.99
C HIS BB 44 63.19 -34.39 -78.59
N VAL BB 45 63.73 -33.36 -79.25
CA VAL BB 45 65.09 -32.93 -78.93
C VAL BB 45 65.13 -32.29 -77.55
N MET BB 46 64.08 -31.55 -77.16
CA MET BB 46 64.06 -30.97 -75.83
C MET BB 46 64.10 -32.04 -74.75
N LYS BB 47 63.27 -33.09 -74.89
CA LYS BB 47 63.28 -34.13 -73.87
C LYS BB 47 64.54 -34.99 -73.92
N ALA BB 48 65.10 -35.21 -75.11
CA ALA BB 48 66.35 -35.95 -75.21
C ALA BB 48 67.48 -35.20 -74.50
N MET BB 49 67.57 -33.89 -74.72
CA MET BB 49 68.61 -33.12 -74.05
C MET BB 49 68.33 -33.01 -72.56
N GLN BB 50 67.05 -33.01 -72.15
CA GLN BB 50 66.73 -33.04 -70.74
C GLN BB 50 67.19 -34.35 -70.09
N SER BB 51 67.01 -35.47 -70.80
CA SER BB 51 67.50 -36.75 -70.29
C SER BB 51 69.02 -36.77 -70.20
N LEU BB 52 69.70 -36.18 -71.20
CA LEU BB 52 71.15 -36.09 -71.13
C LEU BB 52 71.61 -35.21 -69.98
N LYS BB 53 70.88 -34.12 -69.71
CA LYS BB 53 71.15 -33.31 -68.52
C LYS BB 53 70.99 -34.12 -67.24
N SER BB 54 69.91 -34.90 -67.17
CA SER BB 54 69.66 -35.71 -65.98
C SER BB 54 70.79 -36.70 -65.76
N ARG BB 55 71.26 -37.35 -66.82
CA ARG BB 55 72.37 -38.29 -66.67
C ARG BB 55 73.73 -37.60 -66.56
N GLY BB 56 73.80 -36.30 -66.80
CA GLY BB 56 74.99 -35.54 -66.49
C GLY BB 56 75.97 -35.34 -67.62
N TYR BB 57 75.63 -35.74 -68.85
CA TYR BB 57 76.54 -35.61 -69.96
C TYR BB 57 76.48 -34.25 -70.64
N VAL BB 58 75.60 -33.37 -70.19
CA VAL BB 58 75.45 -32.05 -70.79
C VAL BB 58 75.02 -31.08 -69.69
N LYS BB 59 75.48 -29.84 -69.77
CA LYS BB 59 75.11 -28.80 -68.83
C LYS BB 59 74.22 -27.78 -69.51
N GLU BB 60 73.21 -27.30 -68.79
CA GLU BB 60 72.09 -26.58 -69.39
C GLU BB 60 72.09 -25.13 -68.92
N GLN BB 61 71.86 -24.22 -69.87
CA GLN BB 61 71.74 -22.80 -69.60
C GLN BB 61 70.47 -22.29 -70.26
N PHE BB 62 69.73 -21.45 -69.54
CA PHE BB 62 68.42 -20.98 -69.98
C PHE BB 62 68.39 -19.45 -69.97
N ALA BB 63 68.35 -18.86 -71.17
CA ALA BB 63 68.05 -17.45 -71.36
C ALA BB 63 66.54 -17.29 -71.46
N TRP BB 64 66.10 -16.16 -72.01
CA TRP BB 64 64.67 -15.80 -72.09
C TRP BB 64 63.77 -16.96 -72.48
N ARG BB 65 63.93 -17.49 -73.70
CA ARG BB 65 63.12 -18.61 -74.16
C ARG BB 65 63.97 -19.59 -74.96
N HIS BB 66 65.16 -19.91 -74.45
CA HIS BB 66 66.06 -20.77 -75.21
C HIS BB 66 66.90 -21.61 -74.25
N PHE BB 67 67.26 -22.81 -74.70
CA PHE BB 67 68.23 -23.67 -74.02
C PHE BB 67 69.53 -23.67 -74.81
N TYR BB 68 70.64 -23.72 -74.07
CA TYR BB 68 71.98 -23.54 -74.61
C TYR BB 68 72.89 -24.68 -74.19
N TRP BB 69 72.47 -25.91 -74.46
CA TRP BB 69 73.14 -27.07 -73.88
C TRP BB 69 74.59 -27.18 -74.32
N TYR BB 70 75.48 -27.40 -73.35
CA TYR BB 70 76.92 -27.53 -73.55
C TYR BB 70 77.34 -28.96 -73.25
N LEU BB 71 77.86 -29.64 -74.26
CA LEU BB 71 78.34 -31.01 -74.06
C LEU BB 71 79.58 -31.03 -73.19
N THR BB 72 79.69 -32.05 -72.35
CA THR BB 72 80.75 -32.15 -71.35
C THR BB 72 81.70 -33.31 -71.68
N ASN BB 73 82.75 -33.41 -70.86
CA ASN BB 73 83.71 -34.50 -71.03
C ASN BB 73 83.08 -35.85 -70.75
N GLU BB 74 82.20 -35.95 -69.75
CA GLU BB 74 81.43 -37.17 -69.57
C GLU BB 74 80.51 -37.43 -70.75
N GLY BB 75 80.11 -36.39 -71.47
CA GLY BB 75 79.38 -36.58 -72.71
C GLY BB 75 80.22 -37.06 -73.86
N ILE BB 76 81.52 -36.71 -73.87
CA ILE BB 76 82.41 -37.15 -74.95
C ILE BB 76 82.36 -38.67 -75.11
N GLN BB 77 82.76 -39.41 -74.08
CA GLN BB 77 82.88 -40.85 -74.23
C GLN BB 77 81.53 -41.54 -74.29
N TYR BB 78 80.49 -40.94 -73.70
CA TYR BB 78 79.17 -41.55 -73.81
C TYR BB 78 78.63 -41.44 -75.22
N LEU BB 79 78.76 -40.27 -75.86
CA LEU BB 79 78.42 -40.19 -77.27
C LEU BB 79 79.31 -41.09 -78.12
N ARG BB 80 80.59 -41.20 -77.75
CA ARG BB 80 81.52 -42.01 -78.54
C ARG BB 80 81.13 -43.49 -78.53
N ASP BB 81 80.85 -44.04 -77.36
CA ASP BB 81 80.49 -45.46 -77.33
C ASP BB 81 79.00 -45.68 -77.59
N TYR BB 82 78.20 -44.62 -77.65
CA TYR BB 82 76.86 -44.75 -78.20
C TYR BB 82 76.90 -44.87 -79.71
N LEU BB 83 77.70 -44.05 -80.38
CA LEU BB 83 77.77 -44.02 -81.83
C LEU BB 83 78.80 -44.97 -82.39
N HIS BB 84 79.58 -45.64 -81.53
CA HIS BB 84 80.64 -46.56 -81.94
C HIS BB 84 81.64 -45.86 -82.87
N LEU BB 85 82.27 -44.82 -82.32
CA LEU BB 85 83.20 -43.99 -83.06
C LEU BB 85 84.52 -43.95 -82.30
N PRO BB 86 85.65 -44.12 -82.97
CA PRO BB 86 86.93 -44.14 -82.25
C PRO BB 86 87.26 -42.78 -81.68
N PRO BB 87 88.01 -42.73 -80.56
CA PRO BB 87 88.37 -41.44 -79.99
C PRO BB 87 89.43 -40.70 -80.80
N GLU BB 88 89.11 -40.41 -82.07
CA GLU BB 88 90.00 -39.65 -82.93
C GLU BB 88 89.23 -38.50 -83.55
N ILE BB 89 87.92 -38.70 -83.71
CA ILE BB 89 87.02 -37.65 -84.20
C ILE BB 89 86.48 -36.90 -82.99
N VAL BB 90 86.67 -35.60 -82.98
CA VAL BB 90 86.35 -34.78 -81.81
C VAL BB 90 85.28 -33.77 -82.23
N PRO BB 91 84.52 -33.23 -81.27
CA PRO BB 91 83.64 -32.10 -81.57
C PRO BB 91 84.45 -30.89 -82.02
N ALA BB 92 83.78 -30.00 -82.75
CA ALA BB 92 84.46 -28.87 -83.37
C ALA BB 92 85.06 -27.94 -82.33
N THR BB 93 84.40 -27.78 -81.19
CA THR BB 93 84.92 -26.92 -80.15
C THR BB 93 86.14 -27.51 -79.45
N LEU BB 94 86.29 -28.83 -79.46
CA LEU BB 94 87.42 -29.46 -78.78
C LEU BB 94 88.74 -29.14 -79.45
N ARG BB 95 88.85 -29.43 -80.74
CA ARG BB 95 90.08 -29.20 -81.48
C ARG BB 95 89.79 -28.43 -82.76
N ARG BB 96 90.54 -27.35 -82.97
CA ARG BB 96 90.46 -26.58 -84.20
C ARG BB 96 91.86 -26.45 -84.79
N SER BB 97 92.02 -26.86 -86.05
CA SER BB 97 93.24 -26.74 -86.83
C SER BB 97 94.45 -27.42 -86.20
N ARG BB 98 94.25 -28.21 -85.14
CA ARG BB 98 95.36 -28.83 -84.42
C ARG BB 98 95.08 -30.31 -84.16
N VAL CB 1 86.75 -74.35 -86.53
CA VAL CB 1 85.44 -73.77 -86.32
C VAL CB 1 85.59 -72.43 -85.60
N MET CB 2 86.73 -72.24 -84.93
CA MET CB 2 86.99 -70.99 -84.24
C MET CB 2 87.10 -69.82 -85.21
N ASP CB 3 87.70 -70.05 -86.39
CA ASP CB 3 87.87 -68.98 -87.35
C ASP CB 3 86.53 -68.46 -87.86
N VAL CB 4 85.66 -69.37 -88.31
CA VAL CB 4 84.34 -68.96 -88.79
C VAL CB 4 83.50 -68.43 -87.63
N ASN CB 5 83.73 -68.96 -86.41
CA ASN CB 5 82.99 -68.47 -85.25
C ASN CB 5 83.30 -67.00 -84.98
N THR CB 6 84.59 -66.65 -84.89
CA THR CB 6 84.98 -65.25 -84.77
C THR CB 6 84.55 -64.43 -85.98
N ALA CB 7 84.49 -65.05 -87.16
CA ALA CB 7 84.05 -64.34 -88.36
C ALA CB 7 82.61 -63.87 -88.22
N LEU CB 8 81.68 -64.77 -87.89
CA LEU CB 8 80.31 -64.28 -87.75
C LEU CB 8 80.14 -63.49 -86.46
N GLN CB 9 81.03 -63.67 -85.49
CA GLN CB 9 80.99 -62.80 -84.31
C GLN CB 9 81.25 -61.35 -84.67
N GLU CB 10 82.30 -61.09 -85.44
CA GLU CB 10 82.56 -59.71 -85.85
C GLU CB 10 81.53 -59.24 -86.87
N VAL CB 11 80.98 -60.16 -87.67
CA VAL CB 11 79.91 -59.79 -88.61
C VAL CB 11 78.69 -59.28 -87.84
N LEU CB 12 78.27 -60.01 -86.81
CA LEU CB 12 77.13 -59.56 -86.02
C LEU CB 12 77.48 -58.32 -85.21
N LYS CB 13 78.75 -58.17 -84.83
CA LYS CB 13 79.17 -56.92 -84.18
C LYS CB 13 78.96 -55.73 -85.10
N THR CB 14 79.40 -55.84 -86.36
CA THR CB 14 79.14 -54.80 -87.34
C THR CB 14 77.65 -54.61 -87.57
N ALA CB 15 76.89 -55.69 -87.49
CA ALA CB 15 75.43 -55.60 -87.62
C ALA CB 15 74.82 -54.79 -86.48
N LEU CB 16 75.31 -54.95 -85.26
CA LEU CB 16 74.88 -54.07 -84.17
C LEU CB 16 75.30 -52.62 -84.42
N ILE CB 17 76.52 -52.41 -84.93
CA ILE CB 17 76.96 -51.04 -85.22
C ILE CB 17 76.01 -50.37 -86.20
N HIS CB 18 75.62 -51.08 -87.24
CA HIS CB 18 74.66 -50.57 -88.21
C HIS CB 18 73.25 -51.02 -87.82
N ASP CB 19 72.30 -50.91 -88.73
CA ASP CB 19 70.90 -51.21 -88.44
C ASP CB 19 70.40 -52.47 -89.11
N GLY CB 20 71.20 -53.14 -89.93
CA GLY CB 20 70.76 -54.34 -90.61
C GLY CB 20 70.85 -55.58 -89.74
N LEU CB 21 70.08 -55.61 -88.65
CA LEU CB 21 70.15 -56.68 -87.67
C LEU CB 21 68.87 -57.46 -87.53
N ALA CB 22 67.73 -56.78 -87.29
CA ALA CB 22 66.40 -57.38 -87.28
C ALA CB 22 66.30 -58.56 -86.30
N ARG CB 23 66.49 -58.24 -85.02
CA ARG CB 23 66.40 -59.24 -83.95
C ARG CB 23 64.94 -59.63 -83.76
N GLY CB 24 64.58 -60.83 -84.19
CA GLY CB 24 63.22 -61.32 -84.07
C GLY CB 24 62.74 -62.01 -85.32
N ILE CB 25 61.86 -62.99 -85.13
CA ILE CB 25 61.35 -63.77 -86.26
C ILE CB 25 60.50 -62.91 -87.20
N ARG CB 26 59.75 -61.95 -86.65
CA ARG CB 26 58.90 -61.12 -87.48
C ARG CB 26 59.72 -60.27 -88.45
N GLU CB 27 60.71 -59.53 -87.94
CA GLU CB 27 61.56 -58.76 -88.83
C GLU CB 27 62.45 -59.66 -89.67
N ALA CB 28 62.81 -60.84 -89.17
CA ALA CB 28 63.58 -61.78 -89.96
C ALA CB 28 62.82 -62.22 -91.20
N ALA CB 29 61.57 -62.62 -91.03
CA ALA CB 29 60.74 -62.99 -92.17
C ALA CB 29 60.45 -61.79 -93.06
N LYS CB 30 60.33 -60.60 -92.47
CA LYS CB 30 60.15 -59.38 -93.26
C LYS CB 30 61.34 -59.15 -94.18
N ALA CB 31 62.55 -59.39 -93.69
CA ALA CB 31 63.74 -59.29 -94.54
C ALA CB 31 63.85 -60.46 -95.51
N LEU CB 32 63.33 -61.63 -95.13
CA LEU CB 32 63.42 -62.82 -95.97
C LEU CB 32 62.55 -62.68 -97.22
N ASP CB 33 61.24 -62.50 -97.04
CA ASP CB 33 60.35 -62.48 -98.18
C ASP CB 33 60.58 -61.27 -99.08
N LYS CB 34 61.24 -60.24 -98.57
CA LYS CB 34 61.63 -59.10 -99.38
C LYS CB 34 62.93 -59.33 -100.14
N ARG CB 35 63.55 -60.50 -99.97
CA ARG CB 35 64.85 -60.86 -100.53
C ARG CB 35 65.97 -59.94 -100.02
N GLN CB 36 65.70 -59.22 -98.95
CA GLN CB 36 66.66 -58.27 -98.38
C GLN CB 36 67.36 -58.90 -97.19
N ALA CB 37 68.17 -59.92 -97.49
CA ALA CB 37 68.86 -60.66 -96.43
C ALA CB 37 70.13 -61.29 -96.99
N HIS CB 38 71.06 -61.57 -96.09
CA HIS CB 38 72.33 -62.18 -96.48
C HIS CB 38 72.67 -63.43 -95.66
N LEU CB 39 72.36 -63.43 -94.37
CA LEU CB 39 72.65 -64.56 -93.50
C LEU CB 39 71.43 -64.84 -92.63
N CYS CB 40 71.36 -66.06 -92.10
CA CYS CB 40 70.33 -66.42 -91.13
C CYS CB 40 70.94 -67.38 -90.13
N VAL CB 41 71.17 -66.92 -88.91
CA VAL CB 41 71.63 -67.80 -87.83
C VAL CB 41 70.45 -68.11 -86.93
N LEU CB 42 70.28 -69.39 -86.64
CA LEU CB 42 69.15 -69.93 -85.89
C LEU CB 42 69.68 -70.76 -84.73
N ALA CB 43 69.01 -70.68 -83.60
CA ALA CB 43 69.44 -71.39 -82.41
C ALA CB 43 69.01 -72.85 -82.49
N SER CB 44 69.98 -73.76 -82.50
CA SER CB 44 69.65 -75.19 -82.47
C SER CB 44 69.06 -75.62 -81.13
N ASN CB 45 69.24 -74.83 -80.07
CA ASN CB 45 68.67 -75.13 -78.76
C ASN CB 45 67.38 -74.34 -78.59
N CYS CB 46 66.31 -74.85 -79.20
CA CYS CB 46 65.00 -74.24 -79.08
C CYS CB 46 63.96 -75.34 -78.89
N ASP CB 47 63.15 -75.22 -77.85
CA ASP CB 47 62.18 -76.26 -77.52
C ASP CB 47 60.97 -76.24 -78.46
N GLU CB 48 60.63 -75.09 -79.03
CA GLU CB 48 59.41 -74.97 -79.82
C GLU CB 48 59.59 -75.71 -81.13
N PRO CB 49 58.72 -76.69 -81.46
CA PRO CB 49 59.02 -77.61 -82.57
C PRO CB 49 59.18 -76.96 -83.95
N MET CB 50 58.16 -76.26 -84.44
CA MET CB 50 58.20 -75.68 -85.77
C MET CB 50 58.84 -74.31 -85.79
N TYR CB 51 59.29 -73.81 -84.63
CA TYR CB 51 60.06 -72.57 -84.58
C TYR CB 51 61.32 -72.69 -85.41
N VAL CB 52 62.02 -73.81 -85.30
CA VAL CB 52 63.29 -74.02 -85.99
C VAL CB 52 63.04 -74.65 -87.35
N LYS CB 53 61.77 -74.64 -87.78
CA LYS CB 53 61.39 -75.22 -89.05
C LYS CB 53 60.83 -74.19 -90.04
N LEU CB 54 59.98 -73.28 -89.56
CA LEU CB 54 59.42 -72.26 -90.45
C LEU CB 54 60.52 -71.40 -91.06
N VAL CB 55 61.45 -70.91 -90.24
CA VAL CB 55 62.47 -70.00 -90.73
C VAL CB 55 63.43 -70.71 -91.66
N GLU CB 56 63.79 -71.96 -91.38
CA GLU CB 56 64.70 -72.66 -92.27
C GLU CB 56 63.99 -73.02 -93.58
N ALA CB 57 62.69 -73.31 -93.54
CA ALA CB 57 61.95 -73.51 -94.78
C ALA CB 57 61.93 -72.26 -95.63
N LEU CB 58 61.70 -71.10 -95.00
CA LEU CB 58 61.73 -69.84 -95.75
C LEU CB 58 63.11 -69.57 -96.33
N CYS CB 59 64.17 -69.82 -95.54
CA CYS CB 59 65.51 -69.56 -96.00
C CYS CB 59 65.93 -70.52 -97.11
N ALA CB 60 65.41 -71.75 -97.08
CA ALA CB 60 65.71 -72.69 -98.16
C ALA CB 60 64.91 -72.36 -99.41
N GLU CB 61 63.69 -71.84 -99.26
CA GLU CB 61 62.94 -71.36 -100.41
C GLU CB 61 63.66 -70.18 -101.06
N HIS CB 62 64.24 -69.31 -100.25
CA HIS CB 62 65.10 -68.26 -100.76
C HIS CB 62 66.52 -68.79 -100.92
N GLN CB 63 67.45 -67.92 -101.30
CA GLN CB 63 68.86 -68.28 -101.45
C GLN CB 63 69.66 -67.44 -100.46
N ILE CB 64 69.72 -67.92 -99.22
CA ILE CB 64 70.38 -67.22 -98.12
C ILE CB 64 71.06 -68.25 -97.24
N ASN CB 65 72.25 -67.92 -96.74
CA ASN CB 65 72.99 -68.84 -95.89
C ASN CB 65 72.24 -69.13 -94.59
N LEU CB 66 72.33 -70.38 -94.15
CA LEU CB 66 71.77 -70.83 -92.88
C LEU CB 66 72.91 -71.34 -92.01
N ILE CB 67 73.03 -70.79 -90.81
CA ILE CB 67 74.01 -71.21 -89.83
C ILE CB 67 73.27 -71.46 -88.51
N LYS CB 68 73.69 -72.48 -87.79
CA LYS CB 68 73.09 -72.85 -86.51
C LYS CB 68 74.03 -72.49 -85.37
N VAL CB 69 73.50 -71.76 -84.39
CA VAL CB 69 74.25 -71.38 -83.20
C VAL CB 69 73.81 -72.29 -82.05
N ASP CB 70 74.75 -72.58 -81.15
CA ASP CB 70 74.53 -73.60 -80.14
C ASP CB 70 73.43 -73.20 -79.15
N ASP CB 71 73.53 -71.99 -78.58
CA ASP CB 71 72.64 -71.59 -77.51
C ASP CB 71 72.00 -70.24 -77.82
N ASN CB 72 70.69 -70.14 -77.56
CA ASN CB 72 69.98 -68.89 -77.82
C ASN CB 72 70.41 -67.78 -76.86
N LYS CB 73 70.64 -68.12 -75.59
CA LYS CB 73 71.11 -67.11 -74.65
C LYS CB 73 72.52 -66.66 -74.99
N LYS CB 74 73.36 -67.58 -75.45
CA LYS CB 74 74.70 -67.20 -75.91
C LYS CB 74 74.63 -66.29 -77.13
N LEU CB 75 73.72 -66.61 -78.06
CA LEU CB 75 73.51 -65.73 -79.21
C LEU CB 75 72.99 -64.37 -78.77
N GLY CB 76 72.14 -64.34 -77.75
CA GLY CB 76 71.65 -63.06 -77.25
C GLY CB 76 72.74 -62.22 -76.63
N GLU CB 77 73.62 -62.83 -75.84
CA GLU CB 77 74.76 -62.10 -75.31
C GLU CB 77 75.71 -61.67 -76.41
N TRP CB 78 75.79 -62.45 -77.49
CA TRP CB 78 76.61 -62.07 -78.64
C TRP CB 78 76.02 -60.84 -79.33
N VAL CB 79 74.71 -60.87 -79.58
CA VAL CB 79 74.01 -59.78 -80.27
C VAL CB 79 73.70 -58.63 -79.33
N GLY CB 80 74.10 -58.72 -78.07
CA GLY CB 80 73.94 -57.63 -77.13
C GLY CB 80 72.51 -57.30 -76.77
N LEU CB 81 71.68 -58.32 -76.57
CA LEU CB 81 70.30 -58.09 -76.14
C LEU CB 81 70.19 -58.15 -74.62
N CYS CB 82 71.06 -57.42 -73.94
CA CYS CB 82 71.15 -57.44 -72.50
C CYS CB 82 71.57 -56.06 -72.02
N LYS CB 83 71.95 -55.96 -70.75
CA LYS CB 83 72.35 -54.67 -70.20
C LYS CB 83 73.71 -54.23 -70.69
N ILE CB 84 74.50 -55.16 -71.27
CA ILE CB 84 75.82 -54.90 -71.83
C ILE CB 84 76.69 -54.26 -70.75
N ASP CB 85 76.96 -55.02 -69.70
CA ASP CB 85 77.73 -54.54 -68.56
C ASP CB 85 78.72 -55.59 -68.12
N ARG CB 86 79.48 -56.13 -69.08
CA ARG CB 86 80.38 -57.26 -68.82
C ARG CB 86 81.40 -56.96 -67.73
N GLU CB 87 81.78 -55.69 -67.55
CA GLU CB 87 82.79 -55.36 -66.56
C GLU CB 87 82.26 -55.44 -65.13
N GLY CB 88 80.96 -55.25 -64.94
CA GLY CB 88 80.41 -55.24 -63.59
C GLY CB 88 79.20 -56.12 -63.39
N LYS CB 89 78.59 -56.60 -64.47
CA LYS CB 89 77.36 -57.35 -64.40
C LYS CB 89 77.43 -58.59 -65.28
N PRO CB 90 76.74 -59.66 -64.89
CA PRO CB 90 76.53 -60.77 -65.85
C PRO CB 90 75.73 -60.36 -67.07
N ARG CB 91 74.95 -59.27 -66.98
CA ARG CB 91 74.13 -58.76 -68.08
C ARG CB 91 73.15 -59.82 -68.56
N LYS CB 92 72.19 -60.12 -67.69
CA LYS CB 92 71.15 -61.09 -67.99
C LYS CB 92 70.44 -60.73 -69.29
N VAL CB 93 70.23 -61.73 -70.13
CA VAL CB 93 69.88 -61.53 -71.52
C VAL CB 93 68.55 -62.22 -71.81
N VAL CB 94 67.82 -61.69 -72.80
CA VAL CB 94 66.63 -62.34 -73.32
C VAL CB 94 67.09 -63.43 -74.29
N GLY CB 95 66.17 -64.32 -74.66
CA GLY CB 95 66.53 -65.41 -75.56
C GLY CB 95 66.44 -65.03 -77.02
N CYS CB 96 67.56 -64.67 -77.62
CA CYS CB 96 67.62 -64.32 -79.04
C CYS CB 96 68.01 -65.58 -79.82
N SER CB 97 67.12 -66.02 -80.71
CA SER CB 97 67.27 -67.31 -81.36
C SER CB 97 67.35 -67.20 -82.88
N CYS CB 98 67.26 -65.98 -83.43
CA CYS CB 98 67.35 -65.81 -84.88
C CYS CB 98 67.93 -64.43 -85.17
N VAL CB 99 68.95 -64.39 -86.03
CA VAL CB 99 69.55 -63.12 -86.45
C VAL CB 99 69.79 -63.18 -87.96
N VAL CB 100 69.49 -62.07 -88.65
CA VAL CB 100 69.68 -61.95 -90.08
C VAL CB 100 70.51 -60.70 -90.36
N VAL CB 101 71.56 -60.84 -91.17
CA VAL CB 101 72.54 -59.78 -91.40
C VAL CB 101 72.22 -59.09 -92.72
N LYS CB 102 72.21 -57.76 -92.71
CA LYS CB 102 71.89 -56.98 -93.90
C LYS CB 102 72.93 -55.91 -94.21
N ASP CB 103 73.68 -55.48 -93.20
CA ASP CB 103 74.41 -54.21 -93.30
C ASP CB 103 75.64 -54.35 -94.19
N TYR CB 104 76.55 -55.27 -93.86
CA TYR CB 104 77.87 -55.37 -94.47
C TYR CB 104 78.60 -54.03 -94.43
N GLY CB 105 78.60 -53.43 -93.23
CA GLY CB 105 79.26 -52.13 -93.07
C GLY CB 105 80.74 -52.19 -93.35
N LYS CB 106 81.41 -53.23 -92.87
CA LYS CB 106 82.81 -53.45 -93.16
C LYS CB 106 83.07 -54.95 -93.22
N GLU CB 107 83.90 -55.37 -94.18
CA GLU CB 107 84.11 -56.78 -94.48
C GLU CB 107 85.57 -57.12 -94.24
N SER CB 108 85.89 -57.49 -93.00
CA SER CB 108 87.22 -57.99 -92.65
C SER CB 108 87.26 -59.50 -92.55
N GLN CB 109 86.45 -60.08 -91.67
CA GLN CB 109 86.29 -61.53 -91.59
C GLN CB 109 85.00 -62.02 -92.21
N ALA CB 110 84.22 -61.14 -92.84
CA ALA CB 110 83.03 -61.58 -93.55
C ALA CB 110 83.40 -62.45 -94.74
N LYS CB 111 84.59 -62.25 -95.30
CA LYS CB 111 85.08 -63.14 -96.35
C LYS CB 111 85.29 -64.56 -95.82
N ASP CB 112 85.63 -64.70 -94.54
CA ASP CB 112 85.71 -66.03 -93.95
C ASP CB 112 84.34 -66.71 -93.90
N VAL CB 113 83.30 -65.96 -93.55
CA VAL CB 113 81.94 -66.50 -93.59
C VAL CB 113 81.56 -66.85 -95.02
N ILE CB 114 81.98 -66.03 -95.97
CA ILE CB 114 81.71 -66.31 -97.38
C ILE CB 114 82.38 -67.62 -97.80
N GLU CB 115 83.62 -67.83 -97.37
CA GLU CB 115 84.33 -69.06 -97.71
C GLU CB 115 83.69 -70.27 -97.04
N GLU CB 116 83.23 -70.12 -95.80
CA GLU CB 116 82.50 -71.22 -95.15
C GLU CB 116 81.21 -71.53 -95.89
N TYR CB 117 80.50 -70.49 -96.36
CA TYR CB 117 79.30 -70.70 -97.15
C TYR CB 117 79.62 -71.42 -98.46
N PHE CB 118 80.73 -71.05 -99.09
CA PHE CB 118 81.15 -71.73 -100.32
C PHE CB 118 81.49 -73.19 -100.06
N LYS CB 119 82.16 -73.47 -98.95
CA LYS CB 119 82.49 -74.85 -98.61
C LYS CB 119 81.22 -75.65 -98.32
N CYS CB 120 80.25 -75.03 -97.64
CA CYS CB 120 78.99 -75.71 -97.37
C CYS CB 120 78.21 -75.99 -98.65
N LYS CB 121 78.20 -75.03 -99.58
CA LYS CB 121 77.47 -75.21 -100.83
C LYS CB 121 78.22 -76.06 -101.85
N LYS CB 122 79.50 -76.34 -101.62
CA LYS CB 122 80.25 -77.23 -102.50
C LYS CB 122 80.46 -78.59 -101.83
N THR DB 1 6.77 -22.09 -95.21
CA THR DB 1 7.05 -21.01 -96.15
C THR DB 1 8.12 -20.07 -95.59
N TYR DB 2 9.37 -20.28 -96.01
CA TYR DB 2 10.46 -19.49 -95.46
C TYR DB 2 10.59 -18.13 -96.16
N ARG DB 3 10.50 -18.12 -97.49
CA ARG DB 3 10.58 -16.89 -98.25
C ARG DB 3 9.54 -16.89 -99.35
N GLY DB 4 8.38 -17.49 -99.08
CA GLY DB 4 7.37 -17.72 -100.06
C GLY DB 4 7.40 -19.11 -100.67
N VAL DB 5 8.53 -19.80 -100.57
CA VAL DB 5 8.66 -21.17 -101.06
C VAL DB 5 8.38 -22.13 -99.91
N ASP DB 6 7.75 -23.25 -100.22
CA ASP DB 6 7.34 -24.17 -99.18
C ASP DB 6 8.50 -25.08 -98.76
N LEU DB 7 8.25 -25.83 -97.69
CA LEU DB 7 9.23 -26.80 -97.22
C LEU DB 7 9.49 -27.88 -98.25
N ASP DB 8 8.47 -28.24 -99.04
CA ASP DB 8 8.65 -29.27 -100.05
C ASP DB 8 9.68 -28.84 -101.09
N GLN DB 9 9.66 -27.57 -101.50
CA GLN DB 9 10.70 -27.08 -102.40
C GLN DB 9 12.00 -26.84 -101.66
N LEU DB 10 11.93 -26.52 -100.36
CA LEU DB 10 13.15 -26.30 -99.59
C LEU DB 10 13.98 -27.58 -99.45
N LEU DB 11 13.32 -28.74 -99.43
CA LEU DB 11 14.07 -30.00 -99.35
C LEU DB 11 14.98 -30.19 -100.55
N ASP DB 12 14.48 -29.93 -101.75
CA ASP DB 12 15.29 -30.07 -102.96
C ASP DB 12 15.78 -28.72 -103.47
N MET DB 13 15.86 -27.74 -102.59
CA MET DB 13 16.44 -26.43 -102.89
C MET DB 13 17.92 -26.53 -102.53
N SER DB 14 18.78 -26.50 -103.55
CA SER DB 14 20.21 -26.74 -103.31
C SER DB 14 20.86 -25.53 -102.65
N TYR DB 15 22.11 -25.74 -102.20
CA TYR DB 15 22.80 -24.76 -101.37
C TYR DB 15 23.05 -23.46 -102.13
N GLU DB 16 23.45 -23.59 -103.40
CA GLU DB 16 23.90 -22.43 -104.16
C GLU DB 16 22.79 -21.41 -104.33
N GLN DB 17 21.58 -21.88 -104.61
CA GLN DB 17 20.43 -20.99 -104.70
C GLN DB 17 19.75 -20.76 -103.36
N LEU DB 18 20.04 -21.59 -102.35
CA LEU DB 18 19.50 -21.37 -101.02
C LEU DB 18 20.20 -20.21 -100.31
N MET DB 19 21.45 -19.94 -100.68
CA MET DB 19 22.15 -18.79 -100.15
C MET DB 19 21.41 -17.49 -100.48
N GLN DB 20 20.75 -17.42 -101.64
CA GLN DB 20 19.99 -16.23 -101.98
C GLN DB 20 18.70 -16.12 -101.17
N LEU DB 21 18.29 -17.19 -100.49
CA LEU DB 21 17.15 -17.11 -99.59
C LEU DB 21 17.56 -16.82 -98.16
N TYR DB 22 18.73 -17.29 -97.74
CA TYR DB 22 19.20 -17.01 -96.39
C TYR DB 22 19.54 -15.53 -96.23
N SER DB 23 19.67 -15.12 -94.97
CA SER DB 23 20.07 -13.75 -94.64
C SER DB 23 21.52 -13.53 -95.02
N ALA DB 24 22.03 -12.32 -94.74
CA ALA DB 24 23.41 -12.02 -95.08
C ALA DB 24 24.38 -12.88 -94.30
N ARG DB 25 24.15 -13.03 -92.99
CA ARG DB 25 25.05 -13.82 -92.15
C ARG DB 25 25.06 -15.28 -92.58
N GLN DB 26 23.89 -15.87 -92.80
CA GLN DB 26 23.82 -17.27 -93.19
C GLN DB 26 24.36 -17.48 -94.59
N ARG DB 27 24.11 -16.54 -95.50
CA ARG DB 27 24.64 -16.64 -96.85
C ARG DB 27 26.15 -16.60 -96.84
N ARG DB 28 26.74 -15.73 -96.01
CA ARG DB 28 28.20 -15.71 -95.89
C ARG DB 28 28.71 -16.98 -95.25
N ARG DB 29 27.99 -17.51 -94.27
CA ARG DB 29 28.41 -18.75 -93.61
C ARG DB 29 28.43 -19.91 -94.58
N LEU DB 30 27.45 -19.97 -95.48
CA LEU DB 30 27.44 -21.05 -96.47
C LEU DB 30 28.37 -20.77 -97.65
N ASN DB 31 28.62 -19.50 -97.95
CA ASN DB 31 29.59 -19.17 -98.99
C ASN DB 31 30.98 -19.61 -98.56
N ARG DB 32 31.34 -19.35 -97.32
CA ARG DB 32 32.47 -20.05 -96.73
C ARG DB 32 32.12 -21.52 -96.56
N GLY DB 33 33.12 -22.38 -96.66
CA GLY DB 33 32.86 -23.81 -96.65
C GLY DB 33 32.40 -24.27 -95.27
N LEU DB 34 31.32 -25.05 -95.23
CA LEU DB 34 30.97 -25.75 -94.01
C LEU DB 34 32.01 -26.82 -93.72
N ARG DB 35 32.33 -27.02 -92.45
CA ARG DB 35 33.45 -27.87 -92.12
C ARG DB 35 33.01 -29.31 -91.88
N ARG DB 36 34.02 -30.15 -91.65
CA ARG DB 36 33.81 -31.59 -91.54
C ARG DB 36 32.95 -31.93 -90.34
N LYS DB 37 33.02 -31.12 -89.28
CA LYS DB 37 32.19 -31.37 -88.09
C LYS DB 37 30.71 -31.20 -88.42
N GLN DB 38 30.36 -30.11 -89.10
CA GLN DB 38 28.98 -29.90 -89.54
C GLN DB 38 28.55 -30.98 -90.51
N HIS DB 39 29.45 -31.40 -91.41
CA HIS DB 39 29.10 -32.47 -92.34
C HIS DB 39 28.80 -33.77 -91.61
N SER DB 40 29.60 -34.09 -90.59
CA SER DB 40 29.34 -35.28 -89.78
C SER DB 40 28.01 -35.18 -89.04
N LEU DB 41 27.70 -33.99 -88.51
CA LEU DB 41 26.40 -33.79 -87.87
C LEU DB 41 25.26 -34.04 -88.85
N LEU DB 42 25.38 -33.50 -90.06
CA LEU DB 42 24.33 -33.68 -91.06
C LEU DB 42 24.16 -35.15 -91.42
N LYS DB 43 25.28 -35.86 -91.59
CA LYS DB 43 25.20 -37.28 -91.88
C LYS DB 43 24.53 -38.04 -90.74
N ARG DB 44 24.85 -37.68 -89.50
CA ARG DB 44 24.23 -38.37 -88.36
C ARG DB 44 22.74 -38.13 -88.30
N LEU DB 45 22.29 -36.89 -88.50
CA LEU DB 45 20.86 -36.63 -88.52
C LEU DB 45 20.17 -37.37 -89.66
N ARG DB 46 20.81 -37.42 -90.84
CA ARG DB 46 20.24 -38.17 -91.95
C ARG DB 46 20.10 -39.65 -91.62
N LYS DB 47 21.15 -40.24 -91.04
CA LYS DB 47 21.11 -41.65 -90.69
C LYS DB 47 20.05 -41.93 -89.64
N ALA DB 48 19.94 -41.04 -88.64
CA ALA DB 48 18.93 -41.22 -87.60
C ALA DB 48 17.52 -41.14 -88.17
N LYS DB 49 17.29 -40.19 -89.09
CA LYS DB 49 15.97 -40.07 -89.68
C LYS DB 49 15.64 -41.27 -90.56
N LYS DB 50 16.61 -41.76 -91.33
CA LYS DB 50 16.36 -42.95 -92.15
C LYS DB 50 16.08 -44.17 -91.29
N GLU DB 51 16.83 -44.37 -90.22
CA GLU DB 51 16.62 -45.55 -89.38
C GLU DB 51 15.49 -45.36 -88.37
N ALA DB 52 14.90 -44.18 -88.30
CA ALA DB 52 13.76 -43.97 -87.43
C ALA DB 52 12.55 -44.72 -87.97
N PRO DB 53 11.71 -45.29 -87.09
CA PRO DB 53 10.48 -45.94 -87.54
C PRO DB 53 9.52 -44.92 -88.13
N PRO DB 54 8.59 -45.36 -88.98
CA PRO DB 54 7.64 -44.40 -89.57
C PRO DB 54 6.70 -43.83 -88.52
N MET DB 55 6.09 -42.68 -88.89
CA MET DB 55 5.16 -41.90 -88.05
C MET DB 55 5.68 -41.69 -86.63
N GLU DB 56 7.00 -41.72 -86.45
CA GLU DB 56 7.60 -41.61 -85.14
C GLU DB 56 8.79 -40.66 -85.22
N LYS DB 57 8.96 -39.84 -84.19
CA LYS DB 57 10.08 -38.91 -84.15
C LYS DB 57 11.40 -39.68 -84.05
N PRO DB 58 12.46 -39.16 -84.65
CA PRO DB 58 13.75 -39.86 -84.61
C PRO DB 58 14.34 -39.85 -83.22
N GLU DB 59 15.30 -40.73 -83.00
CA GLU DB 59 16.03 -40.73 -81.75
C GLU DB 59 16.86 -39.46 -81.64
N VAL DB 60 17.11 -39.05 -80.39
CA VAL DB 60 17.84 -37.81 -80.16
C VAL DB 60 19.32 -38.02 -80.43
N VAL DB 61 19.90 -37.06 -81.15
CA VAL DB 61 21.33 -37.04 -81.42
C VAL DB 61 21.92 -35.79 -80.77
N LYS DB 62 23.00 -35.97 -80.02
CA LYS DB 62 23.56 -34.91 -79.22
C LYS DB 62 24.72 -34.22 -79.95
N THR DB 63 24.99 -32.99 -79.55
CA THR DB 63 26.09 -32.22 -80.14
C THR DB 63 26.46 -31.06 -79.23
N HIS DB 64 27.72 -30.64 -79.33
CA HIS DB 64 28.13 -29.37 -78.74
C HIS DB 64 28.03 -28.22 -79.72
N LEU DB 65 28.28 -28.45 -80.99
CA LEU DB 65 28.39 -27.36 -81.96
C LEU DB 65 27.03 -26.70 -82.13
N ARG DB 66 26.88 -25.53 -81.50
CA ARG DB 66 25.65 -24.76 -81.54
C ARG DB 66 25.76 -23.56 -82.49
N ASP DB 67 26.84 -23.47 -83.24
CA ASP DB 67 26.96 -22.52 -84.34
C ASP DB 67 26.43 -23.09 -85.64
N MET DB 68 25.91 -24.31 -85.62
CA MET DB 68 25.23 -24.87 -86.78
C MET DB 68 24.03 -24.00 -87.16
N ILE DB 69 23.94 -23.67 -88.44
CA ILE DB 69 22.73 -23.08 -88.97
C ILE DB 69 21.77 -24.20 -89.35
N ILE DB 70 20.48 -23.95 -89.15
CA ILE DB 70 19.48 -24.99 -89.35
C ILE DB 70 19.14 -25.03 -90.84
N LEU DB 71 19.41 -26.09 -91.43
CA LEU DB 71 19.10 -26.28 -92.83
C LEU DB 71 17.67 -26.81 -92.97
N PRO DB 72 17.03 -26.58 -94.12
CA PRO DB 72 15.67 -27.13 -94.31
C PRO DB 72 15.60 -28.63 -94.22
N GLU DB 73 16.69 -29.35 -94.50
CA GLU DB 73 16.66 -30.80 -94.49
C GLU DB 73 16.78 -31.38 -93.08
N MET DB 74 17.02 -30.56 -92.07
CA MET DB 74 17.08 -31.05 -90.70
C MET DB 74 15.77 -30.84 -89.94
N VAL DB 75 14.72 -30.41 -90.62
CA VAL DB 75 13.43 -30.20 -89.97
C VAL DB 75 12.85 -31.56 -89.57
N GLY DB 76 12.51 -31.70 -88.29
CA GLY DB 76 11.93 -32.92 -87.79
C GLY DB 76 12.89 -33.84 -87.07
N SER DB 77 14.14 -33.44 -86.86
CA SER DB 77 15.09 -34.24 -86.11
C SER DB 77 15.03 -33.87 -84.63
N MET DB 78 15.55 -34.75 -83.80
CA MET DB 78 15.72 -34.51 -82.38
C MET DB 78 17.21 -34.26 -82.12
N VAL DB 79 17.56 -33.04 -81.74
CA VAL DB 79 18.94 -32.70 -81.43
C VAL DB 79 19.03 -32.23 -79.99
N GLY DB 80 19.99 -32.79 -79.27
CA GLY DB 80 20.36 -32.30 -77.95
C GLY DB 80 21.55 -31.39 -78.06
N VAL DB 81 21.29 -30.08 -78.00
CA VAL DB 81 22.34 -29.07 -78.08
C VAL DB 81 22.90 -28.85 -76.68
N TYR DB 82 24.22 -28.84 -76.57
CA TYR DB 82 24.84 -28.54 -75.29
C TYR DB 82 24.64 -27.06 -74.96
N ASN DB 83 24.14 -26.79 -73.75
CA ASN DB 83 24.02 -25.42 -73.27
C ASN DB 83 25.23 -24.98 -72.48
N GLY DB 84 26.23 -25.85 -72.31
CA GLY DB 84 27.36 -25.61 -71.43
C GLY DB 84 27.44 -26.61 -70.30
N LYS DB 85 26.31 -27.13 -69.85
CA LYS DB 85 26.27 -28.15 -68.82
C LYS DB 85 25.58 -29.42 -69.28
N THR DB 86 24.40 -29.31 -69.90
CA THR DB 86 23.61 -30.47 -70.27
C THR DB 86 23.16 -30.36 -71.72
N PHE DB 87 22.75 -31.49 -72.28
CA PHE DB 87 22.21 -31.53 -73.63
C PHE DB 87 20.70 -31.32 -73.57
N ASN DB 88 20.25 -30.16 -74.06
CA ASN DB 88 18.84 -29.84 -74.12
C ASN DB 88 18.31 -30.28 -75.49
N GLN DB 89 17.32 -31.17 -75.48
CA GLN DB 89 16.71 -31.57 -76.74
C GLN DB 89 15.77 -30.47 -77.24
N VAL DB 90 15.70 -30.33 -78.56
CA VAL DB 90 14.85 -29.30 -79.15
C VAL DB 90 14.28 -29.81 -80.47
N GLU DB 91 12.98 -29.60 -80.64
CA GLU DB 91 12.33 -29.78 -81.94
C GLU DB 91 12.88 -28.79 -82.94
N ILE DB 92 13.00 -29.21 -84.19
CA ILE DB 92 13.30 -28.29 -85.29
C ILE DB 92 12.02 -28.09 -86.08
N LYS DB 93 11.42 -26.92 -85.93
CA LYS DB 93 10.21 -26.56 -86.62
C LYS DB 93 10.52 -26.04 -88.02
N PRO DB 94 9.53 -26.00 -88.90
CA PRO DB 94 9.74 -25.39 -90.22
C PRO DB 94 9.73 -23.87 -90.17
N GLU DB 95 9.88 -23.30 -88.98
CA GLU DB 95 10.06 -21.87 -88.81
C GLU DB 95 11.43 -21.54 -88.22
N MET DB 96 12.32 -22.52 -88.15
CA MET DB 96 13.60 -22.38 -87.46
C MET DB 96 14.79 -22.40 -88.43
N ILE DB 97 14.54 -22.22 -89.72
CA ILE DB 97 15.61 -22.45 -90.71
C ILE DB 97 16.66 -21.35 -90.62
N GLY DB 98 16.24 -20.10 -90.53
CA GLY DB 98 17.22 -19.01 -90.57
C GLY DB 98 17.98 -18.80 -89.28
N HIS DB 99 17.82 -19.71 -88.31
CA HIS DB 99 18.28 -19.51 -86.95
C HIS DB 99 19.32 -20.56 -86.57
N TYR DB 100 20.25 -20.17 -85.72
CA TYR DB 100 21.28 -21.08 -85.23
C TYR DB 100 20.69 -22.08 -84.25
N LEU DB 101 21.41 -23.18 -84.05
CA LEU DB 101 21.00 -24.15 -83.04
C LEU DB 101 21.17 -23.60 -81.63
N GLY DB 102 22.11 -22.67 -81.44
CA GLY DB 102 22.38 -22.15 -80.10
C GLY DB 102 21.26 -21.30 -79.55
N GLU DB 103 20.39 -20.76 -80.40
CA GLU DB 103 19.33 -19.88 -79.95
C GLU DB 103 18.23 -20.62 -79.21
N PHE DB 104 18.23 -21.96 -79.23
CA PHE DB 104 17.15 -22.74 -78.66
C PHE DB 104 17.59 -23.61 -77.50
N SER DB 105 18.80 -23.42 -77.00
CA SER DB 105 19.31 -24.09 -75.80
C SER DB 105 19.97 -23.01 -74.96
N ILE DB 106 19.21 -22.42 -74.03
CA ILE DB 106 19.69 -21.27 -73.28
C ILE DB 106 20.78 -21.71 -72.32
N THR DB 107 21.79 -20.87 -72.15
CA THR DB 107 22.96 -21.20 -71.35
C THR DB 107 22.82 -20.80 -69.89
N TYR DB 108 21.75 -20.10 -69.53
CA TYR DB 108 21.58 -19.61 -68.17
C TYR DB 108 20.11 -19.69 -67.78
N LYS DB 109 19.87 -19.91 -66.49
CA LYS DB 109 18.46 -19.73 -66.21
C LYS DB 109 18.17 -18.26 -65.92
N PRO DB 110 16.94 -17.81 -66.15
CA PRO DB 110 16.60 -16.42 -65.83
C PRO DB 110 16.76 -16.15 -64.34
N VAL DB 111 17.21 -14.95 -64.01
CA VAL DB 111 17.49 -14.60 -62.62
C VAL DB 111 16.18 -14.33 -61.90
N LYS DB 112 16.01 -14.95 -60.75
CA LYS DB 112 14.91 -14.67 -59.83
C LYS DB 112 15.54 -13.98 -58.63
N HIS DB 113 15.35 -12.66 -58.56
CA HIS DB 113 16.06 -11.88 -57.56
C HIS DB 113 15.59 -12.20 -56.15
N GLY DB 114 16.55 -12.34 -55.25
CA GLY DB 114 16.29 -12.51 -53.84
C GLY DB 114 16.57 -11.24 -53.05
N ARG DB 115 16.61 -11.39 -51.75
CA ARG DB 115 16.82 -10.25 -50.87
C ARG DB 115 18.28 -9.81 -50.93
N PRO DB 116 18.55 -8.54 -51.20
CA PRO DB 116 19.95 -8.09 -51.29
C PRO DB 116 20.66 -8.18 -49.95
N GLY DB 117 21.97 -8.31 -50.01
CA GLY DB 117 22.81 -8.53 -48.85
C GLY DB 117 23.45 -7.27 -48.33
N ILE DB 118 24.69 -7.39 -47.86
CA ILE DB 118 25.39 -6.29 -47.21
C ILE DB 118 25.70 -5.16 -48.19
N GLY DB 119 25.77 -5.46 -49.48
CA GLY DB 119 26.07 -4.44 -50.45
C GLY DB 119 24.94 -3.44 -50.61
N ALA DB 120 25.31 -2.28 -51.18
CA ALA DB 120 24.39 -1.16 -51.39
C ALA DB 120 23.78 -0.68 -50.07
N THR DB 121 24.65 -0.24 -49.17
CA THR DB 121 24.22 0.21 -47.85
C THR DB 121 23.43 1.51 -47.95
N SER EB 1 63.63 53.18 -113.07
CA SER EB 1 63.66 52.81 -114.48
C SER EB 1 63.38 51.32 -114.67
N LYS EB 2 64.44 50.52 -114.69
CA LYS EB 2 64.33 49.07 -114.79
C LYS EB 2 65.31 48.40 -113.84
N GLY EB 3 65.48 48.97 -112.64
CA GLY EB 3 66.41 48.47 -111.67
C GLY EB 3 65.94 47.17 -111.03
N PRO EB 4 66.66 46.08 -111.33
CA PRO EB 4 66.22 44.76 -110.85
C PRO EB 4 66.72 44.44 -109.45
N LEU EB 5 66.42 43.22 -109.00
CA LEU EB 5 66.91 42.68 -107.73
C LEU EB 5 66.53 43.57 -106.54
N GLN EB 6 65.27 44.01 -106.54
CA GLN EB 6 64.72 44.79 -105.42
C GLN EB 6 63.65 43.92 -104.77
N SER EB 7 64.07 43.05 -103.87
CA SER EB 7 63.15 42.07 -103.29
C SER EB 7 63.66 41.64 -101.93
N VAL EB 8 62.71 41.37 -101.04
CA VAL EB 8 62.98 40.78 -99.73
C VAL EB 8 61.97 39.66 -99.50
N GLN EB 9 62.34 38.73 -98.64
CA GLN EB 9 61.47 37.60 -98.28
C GLN EB 9 61.44 37.51 -96.76
N VAL EB 10 60.32 37.91 -96.17
CA VAL EB 10 60.22 38.06 -94.72
C VAL EB 10 59.05 37.24 -94.21
N PHE EB 11 59.26 36.51 -93.13
CA PHE EB 11 58.23 35.62 -92.59
C PHE EB 11 57.57 36.22 -91.36
N GLY EB 12 56.46 35.60 -90.98
CA GLY EB 12 55.72 35.94 -89.79
C GLY EB 12 55.02 34.71 -89.23
N ARG EB 13 55.05 34.53 -87.91
CA ARG EB 13 54.59 33.30 -87.30
C ARG EB 13 53.52 33.60 -86.25
N LYS EB 14 52.57 32.67 -86.12
CA LYS EB 14 51.59 32.73 -85.04
C LYS EB 14 51.03 31.32 -84.86
N LYS EB 15 51.41 30.67 -83.76
CA LYS EB 15 50.96 29.32 -83.44
C LYS EB 15 51.25 28.35 -84.59
N THR EB 16 52.55 28.12 -84.80
CA THR EB 16 53.11 27.23 -85.83
C THR EB 16 52.46 27.43 -87.20
N ALA EB 17 51.99 28.64 -87.46
CA ALA EB 17 51.48 29.04 -88.77
C ALA EB 17 52.42 30.09 -89.32
N THR EB 18 53.12 29.76 -90.39
CA THR EB 18 54.10 30.66 -90.97
C THR EB 18 53.55 31.29 -92.25
N ALA EB 19 53.99 32.52 -92.50
CA ALA EB 19 53.61 33.23 -93.71
C ALA EB 19 54.85 33.94 -94.24
N VAL EB 20 55.21 33.69 -95.49
CA VAL EB 20 56.39 34.30 -96.10
C VAL EB 20 55.92 35.29 -97.16
N ALA EB 21 56.16 36.57 -96.93
CA ALA EB 21 55.85 37.62 -97.89
C ALA EB 21 57.08 37.88 -98.72
N HIS EB 22 56.93 37.81 -100.05
CA HIS EB 22 58.00 38.09 -100.99
C HIS EB 22 57.75 39.48 -101.57
N CYS EB 23 58.22 40.49 -100.86
CA CYS EB 23 58.04 41.86 -101.29
C CYS EB 23 59.02 42.18 -102.42
N LYS EB 24 58.55 42.93 -103.41
CA LYS EB 24 59.31 43.11 -104.63
C LYS EB 24 58.93 44.42 -105.29
N ARG EB 25 59.90 45.02 -105.98
CA ARG EB 25 59.64 46.23 -106.75
C ARG EB 25 58.62 45.96 -107.85
N GLY EB 26 57.67 46.88 -107.98
CA GLY EB 26 56.66 46.78 -109.03
C GLY EB 26 55.48 47.67 -108.68
N ASN EB 27 54.36 47.37 -109.33
CA ASN EB 27 53.12 48.06 -109.04
C ASN EB 27 52.65 47.69 -107.63
N GLY EB 28 51.74 48.51 -107.10
CA GLY EB 28 51.30 48.30 -105.74
C GLY EB 28 50.20 47.28 -105.59
N LEU EB 29 50.55 46.08 -105.14
CA LEU EB 29 49.54 45.04 -104.93
C LEU EB 29 50.04 44.03 -103.91
N ILE EB 30 49.09 43.41 -103.22
CA ILE EB 30 49.35 42.40 -102.21
C ILE EB 30 48.43 41.22 -102.47
N LYS EB 31 49.01 40.03 -102.57
CA LYS EB 31 48.24 38.82 -102.79
C LYS EB 31 48.71 37.72 -101.84
N VAL EB 32 47.77 36.88 -101.44
CA VAL EB 32 48.03 35.78 -100.51
C VAL EB 32 47.63 34.49 -101.22
N ASN EB 33 48.62 33.60 -101.42
CA ASN EB 33 48.41 32.33 -102.10
C ASN EB 33 47.83 32.52 -103.50
N GLY EB 34 48.19 33.61 -104.16
CA GLY EB 34 47.63 33.94 -105.45
C GLY EB 34 46.25 34.53 -105.42
N ARG EB 35 45.69 34.81 -104.25
CA ARG EB 35 44.38 35.41 -104.11
C ARG EB 35 44.51 36.85 -103.62
N PRO EB 36 43.56 37.72 -103.96
CA PRO EB 36 43.63 39.10 -103.47
C PRO EB 36 43.49 39.16 -101.96
N LEU EB 37 44.10 40.19 -101.37
CA LEU EB 37 44.12 40.33 -99.92
C LEU EB 37 42.72 40.51 -99.36
N GLU EB 38 41.89 41.32 -100.02
CA GLU EB 38 40.55 41.60 -99.51
C GLU EB 38 39.61 40.41 -99.62
N MET EB 39 40.03 39.35 -100.30
CA MET EB 39 39.19 38.17 -100.51
C MET EB 39 39.88 37.00 -99.82
N ILE EB 40 39.49 36.74 -98.57
CA ILE EB 40 40.09 35.69 -97.77
C ILE EB 40 38.95 34.92 -97.10
N GLU EB 41 39.24 33.69 -96.70
CA GLU EB 41 38.19 32.81 -96.17
C GLU EB 41 37.53 33.35 -94.91
N PRO EB 42 38.26 33.67 -93.82
CA PRO EB 42 37.51 34.23 -92.68
C PRO EB 42 37.29 35.73 -92.88
N ARG EB 43 36.26 36.04 -93.65
CA ARG EB 43 35.98 37.42 -94.06
C ARG EB 43 35.58 38.31 -92.89
N THR EB 44 35.26 37.73 -91.73
CA THR EB 44 35.03 38.53 -90.53
C THR EB 44 36.29 39.31 -90.15
N LEU EB 45 37.45 38.66 -90.24
CA LEU EB 45 38.72 39.26 -89.86
C LEU EB 45 39.42 39.95 -91.04
N GLN EB 46 38.67 40.45 -92.01
CA GLN EB 46 39.28 41.13 -93.14
C GLN EB 46 40.04 42.38 -92.72
N TYR EB 47 39.55 43.08 -91.70
CA TYR EB 47 40.25 44.25 -91.21
C TYR EB 47 41.60 43.88 -90.58
N LYS EB 48 41.73 42.68 -90.02
CA LYS EB 48 43.04 42.29 -89.52
C LYS EB 48 44.05 42.14 -90.65
N LEU EB 49 43.62 41.67 -91.81
CA LEU EB 49 44.52 41.61 -92.95
C LEU EB 49 44.80 43.00 -93.51
N LEU EB 50 43.78 43.84 -93.60
CA LEU EB 50 43.94 45.17 -94.19
C LEU EB 50 44.51 46.18 -93.21
N GLU EB 51 44.76 45.79 -91.97
CA GLU EB 51 45.22 46.71 -90.95
C GLU EB 51 46.54 47.38 -91.29
N PRO EB 52 47.60 46.67 -91.73
CA PRO EB 52 48.82 47.41 -92.12
C PRO EB 52 48.61 48.38 -93.26
N VAL EB 53 47.81 47.98 -94.26
CA VAL EB 53 47.56 48.86 -95.40
C VAL EB 53 46.82 50.11 -94.96
N LEU EB 54 45.78 49.94 -94.13
CA LEU EB 54 45.02 51.08 -93.65
C LEU EB 54 45.86 51.99 -92.77
N LEU EB 55 46.71 51.40 -91.92
CA LEU EB 55 47.51 52.21 -91.00
C LEU EB 55 48.58 53.00 -91.74
N LEU EB 56 49.26 52.36 -92.69
CA LEU EB 56 50.39 53.01 -93.35
C LEU EB 56 49.98 53.86 -94.53
N GLY EB 57 48.84 53.56 -95.13
CA GLY EB 57 48.44 54.28 -96.33
C GLY EB 57 48.83 53.51 -97.58
N LYS EB 58 48.02 53.68 -98.63
CA LYS EB 58 48.29 53.00 -99.90
C LYS EB 58 49.47 53.61 -100.63
N GLU EB 59 49.90 54.81 -100.24
CA GLU EB 59 51.03 55.45 -100.91
C GLU EB 59 52.30 54.63 -100.77
N ARG EB 60 52.59 54.15 -99.56
CA ARG EB 60 53.80 53.38 -99.34
C ARG EB 60 53.70 51.98 -99.94
N PHE EB 61 52.49 51.45 -100.06
CA PHE EB 61 52.28 50.15 -100.67
C PHE EB 61 52.20 50.22 -102.19
N ALA EB 62 52.13 51.42 -102.76
CA ALA EB 62 51.98 51.56 -104.20
C ALA EB 62 53.23 51.13 -104.97
N GLY EB 63 54.38 51.04 -104.32
CA GLY EB 63 55.60 50.70 -105.03
C GLY EB 63 56.07 49.27 -104.83
N VAL EB 64 55.22 48.40 -104.31
CA VAL EB 64 55.63 47.06 -103.93
C VAL EB 64 54.62 46.02 -104.41
N ASP EB 65 55.13 44.93 -104.95
CA ASP EB 65 54.35 43.76 -105.31
C ASP EB 65 54.68 42.66 -104.29
N ILE EB 66 53.68 42.30 -103.48
CA ILE EB 66 53.89 41.39 -102.35
C ILE EB 66 53.06 40.14 -102.59
N ARG EB 67 53.70 38.98 -102.44
CA ARG EB 67 53.02 37.68 -102.52
C ARG EB 67 53.32 36.88 -101.27
N VAL EB 68 52.28 36.33 -100.66
CA VAL EB 68 52.36 35.68 -99.36
C VAL EB 68 51.97 34.23 -99.50
N ARG EB 69 52.77 33.33 -98.94
CA ARG EB 69 52.49 31.91 -98.92
C ARG EB 69 52.36 31.45 -97.47
N VAL EB 70 51.32 30.67 -97.18
CA VAL EB 70 51.08 30.14 -95.85
C VAL EB 70 50.92 28.63 -95.92
N LYS EB 71 51.65 27.92 -95.07
CA LYS EB 71 51.65 26.45 -95.10
C LYS EB 71 51.59 25.90 -93.67
N GLY EB 72 50.65 26.39 -92.87
CA GLY EB 72 50.49 25.82 -91.53
C GLY EB 72 49.42 26.53 -90.75
N GLY EB 73 49.12 25.95 -89.58
CA GLY EB 73 48.20 26.55 -88.64
C GLY EB 73 46.74 26.37 -89.02
N GLY EB 74 45.90 27.20 -88.41
CA GLY EB 74 44.46 27.21 -88.62
C GLY EB 74 44.02 28.36 -89.51
N HIS EB 75 42.94 29.01 -89.11
CA HIS EB 75 42.41 30.14 -89.87
C HIS EB 75 42.90 31.48 -89.32
N VAL EB 76 42.55 31.78 -88.07
CA VAL EB 76 42.89 33.09 -87.52
C VAL EB 76 44.38 33.20 -87.23
N ALA EB 77 45.01 32.11 -86.81
CA ALA EB 77 46.47 32.11 -86.68
C ALA EB 77 47.12 32.37 -88.02
N GLN EB 78 46.55 31.82 -89.09
CA GLN EB 78 47.01 32.13 -90.43
C GLN EB 78 46.85 33.61 -90.75
N ILE EB 79 45.72 34.20 -90.37
CA ILE EB 79 45.50 35.62 -90.65
C ILE EB 79 46.53 36.48 -89.93
N TYR EB 80 46.79 36.17 -88.66
CA TYR EB 80 47.80 36.92 -87.91
C TYR EB 80 49.19 36.73 -88.50
N ALA EB 81 49.51 35.52 -88.95
CA ALA EB 81 50.77 35.30 -89.64
C ALA EB 81 50.88 36.16 -90.89
N ILE EB 82 49.81 36.26 -91.66
CA ILE EB 82 49.85 37.05 -92.89
C ILE EB 82 50.05 38.53 -92.58
N ARG EB 83 49.30 39.07 -91.60
CA ARG EB 83 49.43 40.49 -91.33
C ARG EB 83 50.81 40.82 -90.77
N GLN EB 84 51.34 39.96 -89.89
CA GLN EB 84 52.69 40.17 -89.38
C GLN EB 84 53.72 40.08 -90.50
N SER EB 85 53.55 39.11 -91.41
CA SER EB 85 54.49 38.95 -92.50
C SER EB 85 54.48 40.14 -93.42
N ILE EB 86 53.30 40.68 -93.73
CA ILE EB 86 53.21 41.84 -94.60
C ILE EB 86 53.87 43.04 -93.95
N SER EB 87 53.57 43.30 -92.68
CA SER EB 87 54.17 44.45 -92.00
C SER EB 87 55.69 44.31 -91.91
N LYS EB 88 56.17 43.13 -91.56
CA LYS EB 88 57.61 42.92 -91.45
C LYS EB 88 58.30 43.00 -92.80
N ALA EB 89 57.65 42.51 -93.86
CA ALA EB 89 58.24 42.62 -95.20
C ALA EB 89 58.33 44.07 -95.63
N LEU EB 90 57.29 44.86 -95.35
CA LEU EB 90 57.35 46.27 -95.71
C LEU EB 90 58.43 47.00 -94.94
N VAL EB 91 58.57 46.72 -93.63
CA VAL EB 91 59.60 47.42 -92.87
C VAL EB 91 60.99 46.97 -93.29
N ALA EB 92 61.15 45.72 -93.72
CA ALA EB 92 62.45 45.27 -94.19
C ALA EB 92 62.78 45.91 -95.55
N TYR EB 93 61.79 46.01 -96.42
CA TYR EB 93 61.98 46.72 -97.69
C TYR EB 93 62.38 48.17 -97.46
N TYR EB 94 61.69 48.85 -96.55
CA TYR EB 94 62.03 50.23 -96.24
C TYR EB 94 63.33 50.35 -95.46
N GLN EB 95 63.77 49.29 -94.80
CA GLN EB 95 65.06 49.29 -94.12
C GLN EB 95 66.21 49.13 -95.09
N LYS EB 96 66.05 48.31 -96.13
CA LYS EB 96 67.14 48.07 -97.06
C LYS EB 96 67.15 49.02 -98.24
N TYR EB 97 66.05 49.14 -98.96
CA TYR EB 97 66.06 49.84 -100.24
C TYR EB 97 65.70 51.31 -100.15
N VAL EB 98 65.35 51.82 -98.98
CA VAL EB 98 65.11 53.25 -98.78
C VAL EB 98 65.57 53.59 -97.36
N ASP EB 99 65.43 54.86 -96.98
CA ASP EB 99 66.08 55.38 -95.80
C ASP EB 99 65.45 54.88 -94.50
N GLU EB 100 66.29 54.72 -93.48
CA GLU EB 100 65.81 54.39 -92.16
C GLU EB 100 64.98 55.51 -91.54
N ALA EB 101 65.01 56.72 -92.09
CA ALA EB 101 64.02 57.72 -91.67
C ALA EB 101 62.61 57.21 -91.95
N SER EB 102 62.35 56.80 -93.19
CA SER EB 102 61.04 56.22 -93.50
C SER EB 102 60.82 54.91 -92.77
N LYS EB 103 61.89 54.12 -92.59
CA LYS EB 103 61.74 52.87 -91.85
C LYS EB 103 61.27 53.13 -90.42
N LYS EB 104 61.87 54.12 -89.75
CA LYS EB 104 61.48 54.45 -88.38
C LYS EB 104 60.07 55.03 -88.33
N GLU EB 105 59.76 55.96 -89.24
CA GLU EB 105 58.45 56.60 -89.26
C GLU EB 105 57.39 55.79 -89.98
N ILE EB 106 57.63 54.51 -90.25
CA ILE EB 106 56.54 53.55 -90.36
C ILE EB 106 56.56 52.53 -89.24
N LYS EB 107 57.74 52.18 -88.70
CA LYS EB 107 57.81 51.17 -87.65
C LYS EB 107 57.19 51.68 -86.37
N ASP EB 108 57.27 52.99 -86.12
CA ASP EB 108 56.63 53.53 -84.93
C ASP EB 108 55.12 53.37 -85.01
N ILE EB 109 54.49 53.83 -86.10
CA ILE EB 109 53.05 53.69 -86.21
C ILE EB 109 52.63 52.23 -86.06
N LEU EB 110 53.41 51.31 -86.66
CA LEU EB 110 53.11 49.89 -86.44
C LEU EB 110 53.23 49.49 -84.97
N ILE EB 111 54.26 49.97 -84.27
CA ILE EB 111 54.49 49.51 -82.90
C ILE EB 111 53.46 50.07 -81.93
N GLN EB 112 53.39 51.40 -81.79
CA GLN EB 112 52.32 51.87 -80.92
C GLN EB 112 50.93 51.85 -81.58
N TYR EB 113 50.71 51.07 -82.65
CA TYR EB 113 49.36 50.54 -82.85
C TYR EB 113 49.23 49.13 -82.30
N ASP EB 114 50.14 48.23 -82.67
CA ASP EB 114 50.04 46.83 -82.26
C ASP EB 114 51.43 46.21 -82.35
N ARG EB 115 51.96 45.77 -81.21
CA ARG EB 115 53.29 45.17 -81.20
C ARG EB 115 53.32 43.86 -81.97
N THR EB 116 52.22 43.09 -81.94
CA THR EB 116 52.19 41.81 -82.63
C THR EB 116 52.25 41.95 -84.14
N LEU EB 117 52.10 43.15 -84.67
CA LEU EB 117 52.29 43.37 -86.10
C LEU EB 117 53.74 43.19 -86.52
N LEU EB 118 54.68 43.32 -85.57
CA LEU EB 118 56.10 43.17 -85.89
C LEU EB 118 56.85 42.22 -84.98
N VAL EB 119 56.26 41.81 -83.85
CA VAL EB 119 56.91 40.90 -82.91
C VAL EB 119 56.04 39.65 -82.78
N ALA EB 120 56.64 38.49 -83.00
CA ALA EB 120 55.91 37.25 -82.98
C ALA EB 120 55.45 36.89 -81.58
N ASP EB 121 54.31 36.21 -81.51
CA ASP EB 121 53.80 35.70 -80.25
C ASP EB 121 54.58 34.43 -79.89
N PRO EB 122 55.28 34.40 -78.76
CA PRO EB 122 56.10 33.22 -78.45
C PRO EB 122 55.29 32.01 -78.02
N ARG EB 123 54.12 32.22 -77.43
CA ARG EB 123 53.34 31.11 -76.88
C ARG EB 123 52.85 30.19 -78.00
N ARG EB 124 53.07 28.88 -77.82
CA ARG EB 124 52.61 27.92 -78.81
C ARG EB 124 51.56 26.97 -78.25
N CYS EB 125 51.90 26.16 -77.25
CA CYS EB 125 51.03 25.13 -76.69
C CYS EB 125 51.61 24.71 -75.34
N GLU EB 126 51.09 23.62 -74.80
CA GLU EB 126 51.66 23.00 -73.62
C GLU EB 126 51.34 21.52 -73.65
N SER EB 127 52.33 20.71 -73.31
CA SER EB 127 52.18 19.26 -73.42
C SER EB 127 51.13 18.75 -72.45
N LYS EB 128 50.37 17.75 -72.89
CA LYS EB 128 49.40 17.09 -72.02
C LYS EB 128 50.13 16.16 -71.06
N LYS EB 129 49.67 16.13 -69.82
CA LYS EB 129 50.24 15.27 -68.80
C LYS EB 129 49.29 14.10 -68.54
N PHE EB 130 49.83 13.06 -67.91
CA PHE EB 130 49.16 11.77 -67.83
C PHE EB 130 48.21 11.67 -66.64
N GLY EB 131 47.69 12.78 -66.14
CA GLY EB 131 46.75 12.71 -65.04
C GLY EB 131 45.41 13.32 -65.38
N GLY EB 132 45.30 13.92 -66.56
CA GLY EB 132 44.10 14.60 -66.95
C GLY EB 132 43.94 14.67 -68.45
N PRO EB 133 42.87 15.31 -68.91
CA PRO EB 133 42.64 15.39 -70.36
C PRO EB 133 43.52 16.39 -71.05
N GLY EB 134 43.96 17.44 -70.37
CA GLY EB 134 44.71 18.48 -71.02
C GLY EB 134 46.03 18.79 -70.35
N ALA EB 135 46.57 19.98 -70.63
CA ALA EB 135 47.87 20.36 -70.09
C ALA EB 135 47.84 20.50 -68.58
N ARG EB 136 46.79 21.12 -68.05
CA ARG EB 136 46.73 21.38 -66.62
C ARG EB 136 45.53 20.76 -65.92
N ALA EB 137 44.41 20.57 -66.61
CA ALA EB 137 43.26 19.96 -65.98
C ALA EB 137 43.54 18.50 -65.61
N ARG EB 138 42.92 18.06 -64.53
CA ARG EB 138 43.06 16.70 -64.04
C ARG EB 138 41.73 15.97 -64.17
N TYR EB 139 41.79 14.66 -64.26
CA TYR EB 139 40.57 13.87 -64.26
C TYR EB 139 39.86 14.01 -62.93
N GLN EB 140 38.53 13.97 -62.97
CA GLN EB 140 37.75 14.12 -61.76
C GLN EB 140 38.02 12.96 -60.82
N LYS EB 141 38.30 13.29 -59.55
CA LYS EB 141 38.63 12.29 -58.55
C LYS EB 141 37.48 12.15 -57.56
N SER EB 142 37.38 10.97 -56.99
CA SER EB 142 36.30 10.62 -56.08
C SER EB 142 36.88 9.97 -54.83
N TYR EB 143 36.13 10.06 -53.74
CA TYR EB 143 36.58 9.53 -52.47
C TYR EB 143 35.70 8.42 -51.92
N ARG EB 144 34.48 8.28 -52.39
CA ARG EB 144 33.59 7.22 -51.93
C ARG EB 144 33.08 6.39 -53.09
N MET FB 1 60.88 37.73 -57.82
CA MET FB 1 60.94 36.70 -56.78
C MET FB 1 61.69 35.47 -57.26
N GLY FB 2 62.30 34.75 -56.32
CA GLY FB 2 63.04 33.55 -56.64
C GLY FB 2 64.29 33.78 -57.47
N ARG FB 3 65.03 34.84 -57.16
CA ARG FB 3 66.30 35.15 -57.83
C ARG FB 3 67.47 35.14 -56.86
N VAL FB 4 67.36 34.35 -55.79
CA VAL FB 4 68.41 34.28 -54.78
C VAL FB 4 69.50 33.34 -55.26
N ARG FB 5 70.74 33.81 -55.22
CA ARG FB 5 71.87 33.00 -55.65
C ARG FB 5 72.29 32.04 -54.54
N THR FB 6 73.03 31.01 -54.91
CA THR FB 6 73.37 29.93 -54.01
C THR FB 6 74.86 29.93 -53.66
N LYS FB 7 75.25 28.94 -52.85
CA LYS FB 7 76.64 28.84 -52.41
C LYS FB 7 77.58 28.65 -53.57
N THR FB 8 77.20 27.83 -54.56
CA THR FB 8 78.09 27.56 -55.67
C THR FB 8 78.48 28.85 -56.39
N VAL FB 9 77.49 29.62 -56.83
CA VAL FB 9 77.79 30.85 -57.56
C VAL FB 9 78.46 31.88 -56.65
N LYS FB 10 78.01 32.01 -55.40
CA LYS FB 10 78.59 33.04 -54.53
C LYS FB 10 80.05 32.74 -54.21
N LYS FB 11 80.36 31.49 -53.85
CA LYS FB 11 81.73 31.12 -53.55
C LYS FB 11 82.63 31.23 -54.77
N ALA FB 12 82.13 30.81 -55.94
CA ALA FB 12 82.93 30.95 -57.14
C ALA FB 12 83.22 32.42 -57.45
N ALA FB 13 82.20 33.28 -57.28
CA ALA FB 13 82.37 34.70 -57.52
C ALA FB 13 83.42 35.29 -56.58
N ARG FB 14 83.31 34.99 -55.29
CA ARG FB 14 84.27 35.54 -54.33
C ARG FB 14 85.68 35.06 -54.61
N VAL FB 15 85.84 33.77 -54.93
CA VAL FB 15 87.17 33.24 -55.20
C VAL FB 15 87.78 33.90 -56.42
N ILE FB 16 87.02 34.01 -57.51
CA ILE FB 16 87.62 34.57 -58.72
C ILE FB 16 87.83 36.07 -58.57
N ILE FB 17 87.02 36.74 -57.74
CA ILE FB 17 87.25 38.16 -57.50
C ILE FB 17 88.53 38.37 -56.72
N GLU FB 18 88.75 37.57 -55.68
CA GLU FB 18 89.98 37.71 -54.91
C GLU FB 18 91.20 37.16 -55.64
N LYS FB 19 91.02 36.40 -56.71
CA LYS FB 19 92.16 35.92 -57.50
C LYS FB 19 92.46 36.78 -58.71
N TYR FB 20 91.47 37.47 -59.29
CA TYR FB 20 91.63 38.21 -60.52
C TYR FB 20 90.97 39.58 -60.43
N TYR FB 21 91.22 40.30 -59.32
CA TYR FB 21 90.59 41.60 -59.14
C TYR FB 21 91.01 42.60 -60.20
N THR FB 22 92.26 42.51 -60.67
CA THR FB 22 92.75 43.48 -61.64
C THR FB 22 92.04 43.32 -62.98
N ARG FB 23 91.88 42.09 -63.45
CA ARG FB 23 91.35 41.87 -64.79
C ARG FB 23 89.85 42.11 -64.88
N LEU FB 24 89.12 41.84 -63.79
CA LEU FB 24 87.67 41.97 -63.81
C LEU FB 24 87.27 43.45 -63.86
N GLY FB 25 86.05 43.68 -64.33
CA GLY FB 25 85.50 45.02 -64.40
C GLY FB 25 84.03 45.05 -64.02
N ASN FB 26 83.36 46.16 -64.30
CA ASN FB 26 81.94 46.30 -63.99
C ASN FB 26 81.04 45.96 -65.17
N ASP FB 27 81.60 45.49 -66.28
CA ASP FB 27 80.80 45.12 -67.45
C ASP FB 27 80.48 43.62 -67.37
N PHE FB 28 79.19 43.30 -67.47
CA PHE FB 28 78.77 41.91 -67.35
C PHE FB 28 79.34 41.05 -68.46
N HIS FB 29 79.35 41.57 -69.68
CA HIS FB 29 79.78 40.76 -70.82
C HIS FB 29 81.29 40.53 -70.79
N THR FB 30 82.06 41.55 -70.41
CA THR FB 30 83.49 41.33 -70.25
C THR FB 30 83.78 40.36 -69.10
N ASN FB 31 83.04 40.47 -68.01
CA ASN FB 31 83.26 39.57 -66.89
C ASN FB 31 82.82 38.15 -67.22
N LYS FB 32 81.84 37.98 -68.11
CA LYS FB 32 81.50 36.63 -68.56
C LYS FB 32 82.41 36.14 -69.65
N ARG FB 33 83.17 37.03 -70.29
CA ARG FB 33 84.19 36.62 -71.24
C ARG FB 33 85.52 36.26 -70.59
N VAL FB 34 85.78 36.75 -69.38
CA VAL FB 34 87.00 36.33 -68.69
C VAL FB 34 86.84 34.98 -67.98
N CYS FB 35 85.61 34.59 -67.66
CA CYS FB 35 85.42 33.37 -66.85
C CYS FB 35 85.78 32.10 -67.60
N GLU FB 36 85.57 32.05 -68.92
CA GLU FB 36 85.84 30.81 -69.64
C GLU FB 36 87.31 30.42 -69.61
N GLU FB 37 88.20 31.38 -69.39
CA GLU FB 37 89.61 31.02 -69.25
C GLU FB 37 90.13 31.13 -67.82
N ILE FB 38 89.54 31.96 -66.97
CA ILE FB 38 90.01 32.00 -65.58
C ILE FB 38 89.40 30.90 -64.74
N ALA FB 39 88.39 30.19 -65.26
CA ALA FB 39 87.76 29.13 -64.52
C ALA FB 39 87.17 28.13 -65.51
N ILE FB 40 86.83 26.96 -65.00
CA ILE FB 40 86.20 25.91 -65.80
C ILE FB 40 84.78 25.75 -65.28
N ILE FB 41 83.82 26.27 -66.03
CA ILE FB 41 82.41 26.25 -65.65
C ILE FB 41 81.72 25.18 -66.48
N PRO FB 42 81.12 24.15 -65.86
CA PRO FB 42 80.46 23.11 -66.65
C PRO FB 42 79.24 23.59 -67.43
N SER FB 43 78.64 24.72 -67.06
CA SER FB 43 77.39 25.15 -67.66
C SER FB 43 77.45 26.63 -68.05
N LYS FB 44 76.87 26.95 -69.20
CA LYS FB 44 76.79 28.34 -69.64
C LYS FB 44 75.92 29.17 -68.72
N LYS FB 45 74.79 28.62 -68.28
CA LYS FB 45 73.92 29.33 -67.35
C LYS FB 45 74.63 29.59 -66.03
N LEU FB 46 75.35 28.59 -65.53
CA LEU FB 46 76.14 28.80 -64.32
C LEU FB 46 77.21 29.86 -64.53
N ARG FB 47 77.86 29.85 -65.70
CA ARG FB 47 78.92 30.82 -65.97
C ARG FB 47 78.39 32.24 -65.96
N ASN FB 48 77.30 32.50 -66.67
CA ASN FB 48 76.81 33.86 -66.72
C ASN FB 48 76.12 34.29 -65.42
N LYS FB 49 75.55 33.35 -64.67
CA LYS FB 49 75.06 33.68 -63.34
C LYS FB 49 76.21 34.12 -62.42
N ILE FB 50 77.32 33.38 -62.46
CA ILE FB 50 78.50 33.75 -61.69
C ILE FB 50 79.00 35.12 -62.12
N ALA FB 51 79.03 35.37 -63.43
CA ALA FB 51 79.51 36.66 -63.93
C ALA FB 51 78.63 37.81 -63.44
N GLY FB 52 77.31 37.62 -63.44
CA GLY FB 52 76.43 38.64 -62.92
C GLY FB 52 76.69 38.93 -61.46
N TYR FB 53 76.87 37.87 -60.65
CA TYR FB 53 77.18 38.11 -59.25
C TYR FB 53 78.55 38.77 -59.07
N VAL FB 54 79.51 38.47 -59.96
CA VAL FB 54 80.80 39.13 -59.90
C VAL FB 54 80.66 40.62 -60.16
N THR FB 55 79.84 40.99 -61.14
CA THR FB 55 79.60 42.40 -61.41
C THR FB 55 78.96 43.08 -60.20
N HIS FB 56 77.98 42.42 -59.58
CA HIS FB 56 77.34 42.99 -58.40
C HIS FB 56 78.36 43.19 -57.27
N LEU FB 57 79.15 42.17 -56.99
CA LEU FB 57 80.13 42.26 -55.90
C LEU FB 57 81.21 43.29 -56.20
N MET FB 58 81.56 43.47 -57.47
CA MET FB 58 82.60 44.45 -57.75
C MET FB 58 82.06 45.87 -57.70
N LYS FB 59 80.79 46.08 -58.03
CA LYS FB 59 80.19 47.38 -57.75
C LYS FB 59 80.20 47.65 -56.25
N ARG FB 60 79.84 46.64 -55.45
CA ARG FB 60 79.90 46.81 -54.00
C ARG FB 60 81.33 47.04 -53.51
N ILE FB 61 82.31 46.40 -54.17
CA ILE FB 61 83.70 46.56 -53.76
C ILE FB 61 84.20 47.96 -54.05
N GLN FB 62 83.91 48.50 -55.23
CA GLN FB 62 84.34 49.84 -55.52
C GLN FB 62 83.60 50.88 -54.69
N ARG FB 63 82.40 50.57 -54.21
CA ARG FB 63 81.75 51.50 -53.28
C ARG FB 63 82.15 51.29 -51.83
N GLY FB 64 82.77 50.16 -51.49
CA GLY FB 64 83.16 49.91 -50.11
C GLY FB 64 83.84 48.58 -49.89
N PRO FB 65 84.49 48.42 -48.72
CA PRO FB 65 85.23 47.19 -48.44
C PRO FB 65 84.34 45.99 -48.12
N VAL FB 66 83.89 45.28 -49.16
CA VAL FB 66 83.18 44.02 -48.95
C VAL FB 66 84.16 43.00 -48.31
N ARG FB 67 83.58 41.99 -47.65
CA ARG FB 67 84.38 41.00 -46.95
C ARG FB 67 85.30 40.20 -47.87
N GLY FB 68 85.07 40.24 -49.18
CA GLY FB 68 86.01 39.68 -50.12
C GLY FB 68 87.37 40.36 -50.02
N ILE FB 69 88.44 39.56 -49.90
CA ILE FB 69 89.76 40.12 -49.68
C ILE FB 69 90.24 40.81 -50.96
N SER FB 70 91.02 41.89 -50.79
CA SER FB 70 91.51 42.65 -51.92
C SER FB 70 92.85 43.27 -51.57
N ILE FB 71 93.81 43.19 -52.50
CA ILE FB 71 95.18 43.60 -52.17
C ILE FB 71 95.27 45.11 -52.01
N LYS FB 72 94.60 45.88 -52.87
CA LYS FB 72 94.63 47.33 -52.74
C LYS FB 72 93.93 47.78 -51.47
N LEU FB 73 92.78 47.18 -51.17
CA LEU FB 73 92.06 47.51 -49.95
C LEU FB 73 92.90 47.19 -48.72
N GLN FB 74 93.58 46.06 -48.73
CA GLN FB 74 94.38 45.67 -47.57
C GLN FB 74 95.63 46.54 -47.42
N GLU FB 75 96.26 46.94 -48.53
CA GLU FB 75 97.42 47.81 -48.37
C GLU FB 75 96.99 49.21 -47.91
N GLU FB 76 95.83 49.69 -48.39
CA GLU FB 76 95.31 50.96 -47.88
C GLU FB 76 94.98 50.87 -46.39
N GLU FB 77 94.35 49.76 -45.98
CA GLU FB 77 94.04 49.56 -44.57
C GLU FB 77 95.30 49.46 -43.73
N ARG FB 78 96.32 48.76 -44.23
CA ARG FB 78 97.57 48.64 -43.50
C ARG FB 78 98.23 50.01 -43.35
N GLU FB 79 98.23 50.81 -44.42
CA GLU FB 79 98.76 52.16 -44.31
C GLU FB 79 97.99 52.98 -43.29
N ARG FB 80 96.67 52.87 -43.29
CA ARG FB 80 95.85 53.64 -42.37
C ARG FB 80 95.92 53.13 -40.93
N ARG FB 81 96.43 51.92 -40.71
CA ARG FB 81 96.56 51.38 -39.36
C ARG FB 81 97.98 51.56 -38.80
N ASP FB 82 99.00 51.03 -39.48
CA ASP FB 82 100.35 51.06 -38.92
C ASP FB 82 101.08 52.37 -39.20
N ASN FB 83 100.35 53.41 -39.55
CA ASN FB 83 100.93 54.72 -39.77
C ASN FB 83 99.98 55.75 -39.18
N TYR FB 84 100.15 57.01 -39.58
CA TYR FB 84 99.38 58.14 -39.08
C TYR FB 84 99.49 58.25 -37.56
N VAL FB 85 100.68 58.01 -37.04
CA VAL FB 85 100.96 58.53 -35.70
C VAL FB 85 101.12 60.05 -35.80
N PRO FB 86 100.39 60.82 -35.00
CA PRO FB 86 100.46 62.28 -35.14
C PRO FB 86 101.83 62.80 -34.74
N GLU FB 87 102.20 63.94 -35.33
CA GLU FB 87 103.49 64.54 -35.03
C GLU FB 87 103.60 64.98 -33.57
N VAL FB 88 102.47 65.18 -32.90
CA VAL FB 88 102.43 65.40 -31.46
C VAL FB 88 101.62 64.28 -30.83
N SER FB 89 102.11 63.74 -29.71
CA SER FB 89 101.39 62.67 -29.04
C SER FB 89 100.08 63.18 -28.46
N ALA FB 90 99.14 62.27 -28.30
CA ALA FB 90 97.87 62.60 -27.68
C ALA FB 90 97.93 62.50 -26.16
N LEU FB 91 99.07 62.08 -25.61
CA LEU FB 91 99.21 61.86 -24.18
C LEU FB 91 100.26 62.77 -23.55
N ASP FB 92 100.60 63.88 -24.20
CA ASP FB 92 101.57 64.81 -23.64
C ASP FB 92 100.94 66.17 -23.42
N GLN FB 93 99.75 66.19 -22.81
CA GLN FB 93 99.06 67.43 -22.53
C GLN FB 93 99.91 68.34 -21.64
N GLU FB 94 99.84 69.64 -21.90
CA GLU FB 94 100.58 70.59 -21.09
C GLU FB 94 100.11 70.55 -19.63
N ILE FB 95 98.80 70.45 -19.43
CA ILE FB 95 98.22 70.29 -18.10
C ILE FB 95 97.25 69.12 -18.14
N ILE FB 96 97.04 68.51 -16.98
CA ILE FB 96 96.10 67.40 -16.82
C ILE FB 96 95.12 67.77 -15.73
N GLU FB 97 93.84 67.81 -16.08
CA GLU FB 97 92.79 68.06 -15.10
C GLU FB 97 92.75 66.88 -14.13
N VAL FB 98 93.10 67.12 -12.88
CA VAL FB 98 93.31 66.06 -11.91
C VAL FB 98 92.41 66.28 -10.70
N ASP FB 99 91.82 65.20 -10.21
CA ASP FB 99 90.92 65.12 -9.07
C ASP FB 99 91.74 65.22 -7.78
N PRO FB 100 91.26 65.93 -6.74
CA PRO FB 100 91.95 65.90 -5.44
C PRO FB 100 92.17 64.51 -4.88
N ASP FB 101 91.23 63.58 -5.09
CA ASP FB 101 91.45 62.20 -4.64
C ASP FB 101 92.64 61.57 -5.36
N THR FB 102 92.73 61.77 -6.67
CA THR FB 102 93.88 61.30 -7.41
C THR FB 102 95.17 62.01 -6.99
N LYS FB 103 95.07 63.28 -6.62
CA LYS FB 103 96.24 63.99 -6.10
C LYS FB 103 96.71 63.37 -4.78
N GLU FB 104 95.77 62.98 -3.92
CA GLU FB 104 96.14 62.29 -2.70
C GLU FB 104 96.77 60.93 -3.00
N MET FB 105 96.23 60.22 -4.01
CA MET FB 105 96.83 58.96 -4.42
C MET FB 105 98.26 59.16 -4.91
N LEU FB 106 98.50 60.22 -5.69
CA LEU FB 106 99.84 60.49 -6.17
C LEU FB 106 100.76 60.89 -5.02
N LYS FB 107 100.25 61.62 -4.04
CA LYS FB 107 101.04 61.97 -2.87
C LYS FB 107 101.47 60.72 -2.11
N LEU FB 108 100.53 59.78 -1.93
CA LEU FB 108 100.89 58.53 -1.26
C LEU FB 108 101.83 57.68 -2.11
N LEU FB 109 101.67 57.75 -3.43
CA LEU FB 109 102.54 57.03 -4.35
C LEU FB 109 103.93 57.68 -4.44
N ASP FB 110 104.07 58.89 -3.92
CA ASP FB 110 105.24 59.81 -3.85
C ASP FB 110 105.43 60.58 -5.15
N PHE FB 111 104.49 60.49 -6.08
CA PHE FB 111 104.52 61.31 -7.29
C PHE FB 111 103.71 62.59 -7.14
N GLY FB 112 103.53 63.07 -5.92
CA GLY FB 112 102.85 64.34 -5.72
C GLY FB 112 103.70 65.51 -6.15
N SER FB 113 103.03 66.66 -6.26
CA SER FB 113 103.66 67.94 -6.61
C SER FB 113 104.35 67.87 -7.98
N LEU FB 114 103.53 67.65 -9.01
CA LEU FB 114 103.97 67.68 -10.39
C LEU FB 114 103.45 68.93 -11.07
N SER FB 115 104.33 69.60 -11.83
CA SER FB 115 104.01 70.89 -12.41
C SER FB 115 102.96 70.81 -13.50
N ASN FB 116 102.70 69.62 -14.05
CA ASN FB 116 101.75 69.47 -15.14
C ASN FB 116 100.35 69.11 -14.67
N LEU FB 117 100.11 69.13 -13.36
CA LEU FB 117 98.81 68.79 -12.80
C LEU FB 117 98.09 70.05 -12.35
N GLN FB 118 96.84 70.20 -12.77
CA GLN FB 118 95.94 71.23 -12.26
C GLN FB 118 94.80 70.54 -11.53
N VAL FB 119 94.66 70.85 -10.24
CA VAL FB 119 93.67 70.16 -9.40
C VAL FB 119 92.30 70.76 -9.67
N THR FB 120 91.38 69.92 -10.11
CA THR FB 120 90.03 70.35 -10.41
C THR FB 120 89.26 70.60 -9.13
N GLN FB 121 88.27 71.49 -9.21
CA GLN FB 121 87.33 71.65 -8.10
C GLN FB 121 86.47 70.40 -8.01
N PRO FB 122 86.40 69.74 -6.86
CA PRO FB 122 85.57 68.53 -6.75
C PRO FB 122 84.10 68.87 -6.96
N THR FB 123 83.39 67.96 -7.63
CA THR FB 123 81.97 68.16 -7.83
C THR FB 123 81.20 67.93 -6.53
N VAL FB 124 80.04 68.55 -6.44
CA VAL FB 124 79.23 68.53 -5.22
C VAL FB 124 77.82 68.10 -5.58
N GLY FB 125 77.25 67.19 -4.80
CA GLY FB 125 75.89 66.74 -5.01
C GLY FB 125 75.75 65.24 -4.95
N MET FB 126 76.78 64.53 -5.42
CA MET FB 126 76.81 63.07 -5.44
C MET FB 126 75.58 62.50 -6.16
N ASN FB 127 75.26 63.10 -7.30
CA ASN FB 127 74.01 62.83 -8.01
C ASN FB 127 74.20 61.87 -9.18
N PHE FB 128 75.07 60.87 -9.02
CA PHE FB 128 75.20 59.82 -10.03
C PHE FB 128 74.05 58.84 -9.85
N LYS FB 129 74.14 57.67 -10.51
CA LYS FB 129 73.15 56.61 -10.51
C LYS FB 129 71.90 57.01 -11.30
N THR FB 130 71.34 56.08 -12.04
CA THR FB 130 70.08 56.34 -12.72
C THR FB 130 68.92 56.13 -11.75
N PRO FB 131 67.83 56.89 -11.91
CA PRO FB 131 66.66 56.65 -11.07
C PRO FB 131 66.14 55.23 -11.25
N ARG FB 132 65.75 54.63 -10.13
CA ARG FB 132 65.51 53.19 -10.12
C ARG FB 132 64.14 52.86 -10.68
N GLY FB 133 64.10 51.79 -11.49
CA GLY FB 133 62.88 51.38 -12.15
C GLY FB 133 62.48 52.33 -13.24
N PRO FB 134 61.30 52.12 -13.83
CA PRO FB 134 60.76 53.10 -14.77
C PRO FB 134 60.32 54.38 -14.07
N VAL FB 135 59.71 55.30 -14.82
CA VAL FB 135 59.26 56.60 -14.32
C VAL FB 135 60.45 57.41 -13.81
N MET GB 1 2.29 32.61 -102.72
CA MET GB 1 3.35 32.55 -101.71
C MET GB 1 3.28 33.75 -100.78
N SER GB 2 3.37 33.47 -99.48
CA SER GB 2 3.18 34.47 -98.42
C SER GB 2 1.82 35.14 -98.48
N LEU GB 3 0.85 34.48 -99.11
CA LEU GB 3 -0.52 34.98 -99.15
C LEU GB 3 -1.23 34.63 -97.85
N VAL GB 4 -2.54 34.83 -97.83
CA VAL GB 4 -3.36 34.41 -96.70
C VAL GB 4 -3.48 32.89 -96.73
N ILE GB 5 -3.99 32.32 -95.65
CA ILE GB 5 -4.26 30.88 -95.62
C ILE GB 5 -5.30 30.55 -96.68
N PRO GB 6 -5.12 29.51 -97.48
CA PRO GB 6 -6.11 29.19 -98.52
C PRO GB 6 -7.42 28.70 -97.93
N GLU GB 7 -8.48 28.88 -98.71
CA GLU GB 7 -9.82 28.54 -98.22
C GLU GB 7 -9.96 27.05 -97.97
N LYS GB 8 -9.43 26.23 -98.88
CA LYS GB 8 -9.46 24.77 -98.70
C LYS GB 8 -8.20 24.27 -98.00
N PHE GB 9 -7.89 24.90 -96.88
CA PHE GB 9 -6.78 24.51 -96.02
C PHE GB 9 -7.37 23.79 -94.82
N GLN GB 10 -7.10 22.48 -94.74
CA GLN GB 10 -7.46 21.74 -93.53
C GLN GB 10 -6.27 21.71 -92.59
N HIS GB 11 -6.55 21.91 -91.30
CA HIS GB 11 -5.46 22.04 -90.34
C HIS GB 11 -4.82 20.69 -90.05
N ILE GB 12 -5.60 19.62 -90.03
CA ILE GB 12 -5.04 18.27 -90.00
C ILE GB 12 -5.76 17.44 -91.07
N LEU GB 13 -5.08 16.41 -91.52
CA LEU GB 13 -5.57 15.54 -92.58
C LEU GB 13 -6.01 14.21 -91.98
N ARG GB 14 -6.39 13.29 -92.86
CA ARG GB 14 -6.64 11.91 -92.49
C ARG GB 14 -5.98 11.02 -93.55
N VAL GB 15 -4.79 10.53 -93.24
CA VAL GB 15 -4.01 9.70 -94.15
C VAL GB 15 -3.97 8.29 -93.60
N LEU GB 16 -4.30 7.32 -94.46
CA LEU GB 16 -4.43 5.92 -94.07
C LEU GB 16 -5.41 5.78 -92.93
N ASN GB 17 -4.90 5.70 -91.70
CA ASN GB 17 -5.77 5.66 -90.53
C ASN GB 17 -5.25 6.55 -89.41
N THR GB 18 -4.37 7.50 -89.71
CA THR GB 18 -3.85 8.43 -88.72
C THR GB 18 -3.90 9.84 -89.27
N ASN GB 19 -4.00 10.81 -88.36
CA ASN GB 19 -4.09 12.21 -88.74
C ASN GB 19 -2.72 12.87 -88.71
N ILE GB 20 -2.44 13.66 -89.74
CA ILE GB 20 -1.18 14.37 -89.87
C ILE GB 20 -1.46 15.86 -89.80
N ASP GB 21 -0.56 16.58 -89.14
CA ASP GB 21 -0.74 18.01 -88.96
C ASP GB 21 -0.45 18.73 -90.26
N GLY GB 22 -1.45 19.42 -90.80
CA GLY GB 22 -1.23 20.22 -91.98
C GLY GB 22 -0.55 21.53 -91.74
N ARG GB 23 -0.29 21.86 -90.47
CA ARG GB 23 0.35 23.12 -90.14
C ARG GB 23 1.83 23.12 -90.50
N ARG GB 24 2.48 21.97 -90.44
CA ARG GB 24 3.91 21.88 -90.72
C ARG GB 24 4.15 21.59 -92.20
N LYS GB 25 5.42 21.53 -92.57
CA LYS GB 25 5.79 21.30 -93.97
C LYS GB 25 5.42 19.88 -94.38
N ILE GB 26 5.26 19.69 -95.69
CA ILE GB 26 4.79 18.40 -96.19
C ILE GB 26 5.85 17.32 -95.99
N ALA GB 27 7.12 17.67 -96.17
CA ALA GB 27 8.19 16.68 -96.05
C ALA GB 27 8.30 16.11 -94.64
N PHE GB 28 7.81 16.82 -93.64
CA PHE GB 28 7.91 16.39 -92.25
C PHE GB 28 6.57 16.06 -91.63
N ALA GB 29 5.46 16.40 -92.29
CA ALA GB 29 4.15 16.12 -91.72
C ALA GB 29 3.81 14.64 -91.81
N ILE GB 30 4.09 14.01 -92.94
CA ILE GB 30 3.71 12.63 -93.17
C ILE GB 30 4.65 11.70 -92.42
N THR GB 31 5.69 12.28 -91.80
CA THR GB 31 6.51 11.50 -90.88
C THR GB 31 5.73 11.08 -89.64
N ALA GB 32 4.59 11.72 -89.37
CA ALA GB 32 3.71 11.29 -88.29
C ALA GB 32 3.07 9.94 -88.56
N ILE GB 33 3.16 9.44 -89.79
CA ILE GB 33 2.70 8.10 -90.11
C ILE GB 33 3.81 7.11 -89.75
N LYS GB 34 3.44 6.06 -89.02
CA LYS GB 34 4.41 5.04 -88.66
C LYS GB 34 4.90 4.32 -89.92
N GLY GB 35 6.19 4.01 -89.94
CA GLY GB 35 6.80 3.45 -91.12
C GLY GB 35 7.34 4.48 -92.10
N VAL GB 36 7.17 5.76 -91.83
CA VAL GB 36 7.64 6.83 -92.70
C VAL GB 36 8.59 7.71 -91.91
N GLY GB 37 9.79 7.91 -92.44
CA GLY GB 37 10.75 8.81 -91.83
C GLY GB 37 11.06 9.96 -92.76
N ARG GB 38 12.10 10.73 -92.42
CA ARG GB 38 12.43 11.90 -93.22
C ARG GB 38 12.89 11.50 -94.62
N ARG GB 39 13.76 10.49 -94.72
CA ARG GB 39 14.26 10.08 -96.03
C ARG GB 39 13.14 9.51 -96.90
N TYR GB 40 12.30 8.65 -96.34
CA TYR GB 40 11.20 8.08 -97.10
C TYR GB 40 10.21 9.14 -97.53
N ALA GB 41 9.88 10.08 -96.62
CA ALA GB 41 8.98 11.16 -96.98
C ALA GB 41 9.57 12.02 -98.09
N HIS GB 42 10.85 12.34 -98.00
CA HIS GB 42 11.47 13.18 -99.02
C HIS GB 42 11.49 12.49 -100.37
N VAL GB 43 11.81 11.20 -100.40
CA VAL GB 43 11.89 10.52 -101.69
C VAL GB 43 10.50 10.34 -102.30
N VAL GB 44 9.48 10.06 -101.47
CA VAL GB 44 8.15 9.90 -102.06
C VAL GB 44 7.61 11.24 -102.53
N LEU GB 45 7.93 12.33 -101.85
CA LEU GB 45 7.55 13.65 -102.36
C LEU GB 45 8.28 13.97 -103.66
N ARG GB 46 9.56 13.65 -103.74
CA ARG GB 46 10.33 13.93 -104.95
C ARG GB 46 9.78 13.18 -106.14
N LYS GB 47 9.43 11.90 -105.95
CA LYS GB 47 8.90 11.10 -107.04
C LYS GB 47 7.40 11.29 -107.22
N ALA GB 48 6.74 12.00 -106.32
CA ALA GB 48 5.40 12.53 -106.58
C ALA GB 48 5.45 13.87 -107.30
N ASP GB 49 6.63 14.50 -107.35
CA ASP GB 49 6.83 15.76 -108.06
C ASP GB 49 5.92 16.85 -107.48
N ILE GB 50 6.16 17.14 -106.20
CA ILE GB 50 5.39 18.12 -105.45
C ILE GB 50 6.37 19.15 -104.89
N ASP GB 51 5.98 20.42 -104.93
CA ASP GB 51 6.80 21.46 -104.33
C ASP GB 51 6.94 21.21 -102.84
N LEU GB 52 8.19 21.12 -102.37
CA LEU GB 52 8.46 20.82 -100.97
C LEU GB 52 8.33 22.04 -100.06
N THR GB 53 8.20 23.24 -100.62
CA THR GB 53 8.19 24.47 -99.83
C THR GB 53 6.78 24.90 -99.44
N LYS GB 54 5.86 23.95 -99.29
CA LYS GB 54 4.48 24.26 -98.96
C LYS GB 54 3.99 23.35 -97.85
N ARG GB 55 3.07 23.87 -97.05
CA ARG GB 55 2.57 23.13 -95.90
C ARG GB 55 1.64 22.00 -96.35
N ALA GB 56 1.49 21.01 -95.46
CA ALA GB 56 0.70 19.84 -95.80
C ALA GB 56 -0.78 20.17 -95.89
N GLY GB 57 -1.24 21.22 -95.20
CA GLY GB 57 -2.65 21.55 -95.19
C GLY GB 57 -3.15 22.14 -96.49
N GLU GB 58 -2.27 22.70 -97.30
CA GLU GB 58 -2.67 23.37 -98.54
C GLU GB 58 -2.54 22.49 -99.77
N LEU GB 59 -2.18 21.22 -99.61
CA LEU GB 59 -2.19 20.30 -100.74
C LEU GB 59 -3.62 19.97 -101.13
N THR GB 60 -3.79 19.61 -102.40
CA THR GB 60 -5.10 19.26 -102.92
C THR GB 60 -5.29 17.74 -102.88
N GLU GB 61 -6.53 17.32 -103.16
CA GLU GB 61 -6.90 15.92 -103.04
C GLU GB 61 -6.14 15.04 -104.03
N ASP GB 62 -5.93 15.51 -105.26
CA ASP GB 62 -5.19 14.71 -106.23
C ASP GB 62 -3.75 14.50 -105.78
N GLU GB 63 -3.10 15.54 -105.28
CA GLU GB 63 -1.73 15.40 -104.80
C GLU GB 63 -1.67 14.47 -103.59
N VAL GB 64 -2.61 14.61 -102.65
CA VAL GB 64 -2.52 13.77 -101.46
C VAL GB 64 -2.79 12.31 -101.81
N GLU GB 65 -3.68 12.03 -102.76
CA GLU GB 65 -3.88 10.64 -103.17
C GLU GB 65 -2.73 10.12 -104.01
N ARG GB 66 -2.03 10.98 -104.74
CA ARG GB 66 -0.78 10.56 -105.38
C ARG GB 66 0.24 10.12 -104.34
N VAL GB 67 0.37 10.89 -103.25
CA VAL GB 67 1.26 10.50 -102.16
C VAL GB 67 0.80 9.17 -101.55
N ILE GB 68 -0.51 9.00 -101.39
CA ILE GB 68 -1.04 7.73 -100.88
C ILE GB 68 -0.61 6.58 -101.76
N THR GB 69 -0.81 6.72 -103.07
CA THR GB 69 -0.51 5.62 -103.99
C THR GB 69 0.97 5.30 -103.99
N ILE GB 70 1.83 6.32 -104.00
CA ILE GB 70 3.27 6.06 -104.01
C ILE GB 70 3.72 5.41 -102.72
N MET GB 71 3.23 5.90 -101.57
CA MET GB 71 3.61 5.31 -100.29
C MET GB 71 3.16 3.86 -100.21
N GLN GB 72 1.93 3.56 -100.65
CA GLN GB 72 1.44 2.19 -100.61
C GLN GB 72 2.24 1.28 -101.54
N ASN GB 73 2.57 1.76 -102.73
CA ASN GB 73 3.18 0.93 -103.77
C ASN GB 73 4.43 1.63 -104.28
N PRO GB 74 5.54 1.53 -103.54
CA PRO GB 74 6.76 2.22 -103.96
C PRO GB 74 7.52 1.51 -105.06
N ARG GB 75 7.28 0.22 -105.27
CA ARG GB 75 8.08 -0.55 -106.24
C ARG GB 75 7.87 -0.04 -107.66
N GLN GB 76 6.63 0.27 -108.03
CA GLN GB 76 6.35 0.70 -109.39
C GLN GB 76 6.69 2.16 -109.63
N TYR GB 77 7.08 2.91 -108.61
CA TYR GB 77 7.44 4.32 -108.77
C TYR GB 77 8.93 4.55 -108.57
N LYS GB 78 9.74 3.55 -108.94
CA LYS GB 78 11.20 3.67 -109.02
C LYS GB 78 11.85 3.92 -107.66
N ILE GB 79 11.15 3.63 -106.57
CA ILE GB 79 11.82 3.59 -105.26
C ILE GB 79 12.76 2.39 -105.23
N PRO GB 80 14.03 2.57 -104.91
CA PRO GB 80 14.98 1.45 -105.02
C PRO GB 80 14.72 0.38 -103.97
N ASP GB 81 15.23 -0.81 -104.28
CA ASP GB 81 14.93 -2.00 -103.50
C ASP GB 81 15.43 -1.86 -102.05
N TRP GB 82 16.63 -1.34 -101.88
CA TRP GB 82 17.28 -1.26 -100.58
C TRP GB 82 16.64 -0.25 -99.64
N PHE GB 83 15.70 0.55 -100.13
CA PHE GB 83 15.16 1.66 -99.36
C PHE GB 83 14.01 1.24 -98.45
N LEU GB 84 13.50 0.03 -98.60
CA LEU GB 84 12.25 -0.39 -97.97
C LEU GB 84 12.51 -1.13 -96.65
N ASN GB 85 11.47 -1.20 -95.82
CA ASN GB 85 11.63 -1.81 -94.50
C ASN GB 85 11.50 -3.33 -94.55
N ARG GB 86 10.33 -3.83 -94.92
CA ARG GB 86 10.08 -5.27 -94.85
C ARG GB 86 10.62 -5.89 -96.13
N GLN GB 87 11.95 -5.89 -96.22
CA GLN GB 87 12.65 -6.53 -97.31
C GLN GB 87 12.75 -8.02 -97.01
N LYS GB 88 12.40 -8.85 -97.99
CA LYS GB 88 12.65 -10.28 -97.95
C LYS GB 88 11.92 -10.90 -96.75
N ASP GB 89 10.60 -10.76 -96.78
CA ASP GB 89 9.77 -11.06 -95.61
C ASP GB 89 9.89 -12.53 -95.24
N VAL GB 90 9.88 -12.79 -93.92
CA VAL GB 90 9.97 -14.15 -93.42
C VAL GB 90 8.75 -14.96 -93.79
N LYS GB 91 7.60 -14.32 -94.03
CA LYS GB 91 6.39 -15.04 -94.39
C LYS GB 91 6.37 -15.41 -95.86
N ASP GB 92 6.42 -14.42 -96.75
CA ASP GB 92 6.25 -14.64 -98.18
C ASP GB 92 7.45 -14.23 -99.02
N GLY GB 93 8.47 -13.63 -98.43
CA GLY GB 93 9.67 -13.29 -99.19
C GLY GB 93 9.46 -12.24 -100.25
N LYS GB 94 8.66 -11.22 -99.96
CA LYS GB 94 8.38 -10.17 -100.92
C LYS GB 94 8.76 -8.80 -100.34
N TYR GB 95 9.35 -7.97 -101.20
CA TYR GB 95 9.90 -6.68 -100.79
C TYR GB 95 8.76 -5.69 -100.64
N SER GB 96 8.52 -5.21 -99.42
CA SER GB 96 7.42 -4.30 -99.17
C SER GB 96 7.82 -3.23 -98.17
N GLN GB 97 7.25 -2.06 -98.33
CA GLN GB 97 7.29 -1.02 -97.31
C GLN GB 97 5.97 -1.07 -96.54
N VAL GB 98 6.05 -1.01 -95.21
CA VAL GB 98 4.87 -1.10 -94.37
C VAL GB 98 4.60 0.27 -93.75
N LEU GB 99 3.32 0.68 -93.74
CA LEU GB 99 2.97 2.08 -93.62
C LEU GB 99 2.04 2.43 -92.47
N ALA GB 100 1.52 1.46 -91.73
CA ALA GB 100 0.40 1.76 -90.84
C ALA GB 100 0.46 0.80 -89.66
N ASN GB 101 -0.67 0.64 -88.98
CA ASN GB 101 -0.86 -0.38 -87.95
C ASN GB 101 -0.53 -1.78 -88.47
N GLY GB 102 -0.40 -1.91 -89.79
CA GLY GB 102 0.25 -3.08 -90.35
C GLY GB 102 1.66 -3.27 -89.81
N LEU GB 103 2.38 -2.16 -89.58
CA LEU GB 103 3.69 -2.27 -88.95
C LEU GB 103 3.57 -2.80 -87.53
N ASP GB 104 2.58 -2.32 -86.77
CA ASP GB 104 2.37 -2.79 -85.41
C ASP GB 104 2.07 -4.28 -85.38
N ASN GB 105 1.12 -4.73 -86.20
CA ASN GB 105 0.75 -6.13 -86.16
C ASN GB 105 1.80 -7.03 -86.80
N LYS GB 106 2.60 -6.50 -87.73
CA LYS GB 106 3.71 -7.29 -88.27
C LYS GB 106 4.82 -7.45 -87.23
N LEU GB 107 5.08 -6.39 -86.47
CA LEU GB 107 5.99 -6.52 -85.34
C LEU GB 107 5.48 -7.53 -84.33
N ARG GB 108 4.18 -7.47 -84.04
CA ARG GB 108 3.58 -8.40 -83.09
C ARG GB 108 3.69 -9.84 -83.58
N GLU GB 109 3.41 -10.08 -84.87
CA GLU GB 109 3.46 -11.45 -85.36
C GLU GB 109 4.90 -11.95 -85.45
N ASP GB 110 5.86 -11.08 -85.75
CA ASP GB 110 7.24 -11.51 -85.75
C ASP GB 110 7.72 -11.85 -84.34
N LEU GB 111 7.36 -11.03 -83.35
CA LEU GB 111 7.75 -11.31 -81.98
C LEU GB 111 7.09 -12.60 -81.47
N GLU GB 112 5.82 -12.83 -81.82
CA GLU GB 112 5.18 -14.05 -81.36
C GLU GB 112 5.69 -15.26 -82.13
N ARG GB 113 6.17 -15.07 -83.36
CA ARG GB 113 6.85 -16.15 -84.07
C ARG GB 113 8.14 -16.55 -83.36
N LEU GB 114 8.93 -15.56 -82.95
CA LEU GB 114 10.14 -15.84 -82.19
C LEU GB 114 9.81 -16.52 -80.86
N LYS GB 115 8.76 -16.06 -80.19
CA LYS GB 115 8.33 -16.69 -78.95
C LYS GB 115 7.88 -18.12 -79.18
N LYS GB 116 7.15 -18.38 -80.27
CA LYS GB 116 6.65 -19.72 -80.55
C LYS GB 116 7.79 -20.68 -80.83
N ILE GB 117 8.78 -20.26 -81.63
CA ILE GB 117 9.94 -21.12 -81.83
C ILE GB 117 10.87 -21.11 -80.63
N ARG GB 118 10.59 -20.27 -79.62
CA ARG GB 118 11.31 -20.26 -78.35
C ARG GB 118 12.78 -19.90 -78.54
N ALA GB 119 13.02 -18.99 -79.49
CA ALA GB 119 14.37 -18.48 -79.68
C ALA GB 119 14.78 -17.66 -78.47
N HIS GB 120 16.10 -17.45 -78.33
CA HIS GB 120 16.60 -16.68 -77.20
C HIS GB 120 16.13 -15.24 -77.27
N ARG GB 121 16.15 -14.64 -78.47
CA ARG GB 121 15.66 -13.28 -78.63
C ARG GB 121 14.17 -13.19 -78.31
N GLY GB 122 13.40 -14.20 -78.71
CA GLY GB 122 11.99 -14.21 -78.38
C GLY GB 122 11.74 -14.34 -76.88
N LEU GB 123 12.56 -15.16 -76.21
CA LEU GB 123 12.45 -15.29 -74.77
C LEU GB 123 12.78 -13.97 -74.07
N ARG GB 124 13.81 -13.27 -74.56
CA ARG GB 124 14.16 -11.98 -73.98
C ARG GB 124 13.05 -10.97 -74.21
N HIS GB 125 12.43 -10.99 -75.39
CA HIS GB 125 11.29 -10.12 -75.66
C HIS GB 125 10.13 -10.44 -74.73
N PHE GB 126 9.88 -11.72 -74.47
CA PHE GB 126 8.82 -12.12 -73.56
C PHE GB 126 9.11 -11.63 -72.15
N TRP GB 127 10.35 -11.76 -71.70
CA TRP GB 127 10.69 -11.36 -70.34
C TRP GB 127 10.87 -9.86 -70.18
N GLY GB 128 10.97 -9.11 -71.27
CA GLY GB 128 11.10 -7.67 -71.17
C GLY GB 128 12.50 -7.17 -70.96
N LEU GB 129 13.51 -7.98 -71.25
CA LEU GB 129 14.89 -7.57 -71.09
C LEU GB 129 15.45 -7.06 -72.42
N ARG GB 130 16.73 -6.70 -72.41
CA ARG GB 130 17.39 -6.30 -73.64
C ARG GB 130 17.61 -7.52 -74.54
N VAL GB 131 17.53 -7.29 -75.85
CA VAL GB 131 17.70 -8.36 -76.82
C VAL GB 131 18.94 -8.19 -77.68
N ARG GB 132 19.51 -6.99 -77.75
CA ARG GB 132 20.67 -6.73 -78.60
C ARG GB 132 21.98 -6.89 -77.84
N GLY GB 133 22.02 -7.74 -76.82
CA GLY GB 133 23.26 -8.07 -76.15
C GLY GB 133 23.81 -7.02 -75.22
N GLN GB 134 23.02 -6.02 -74.84
CA GLN GB 134 23.53 -4.99 -73.95
C GLN GB 134 23.71 -5.54 -72.54
N HIS GB 135 24.44 -4.79 -71.74
CA HIS GB 135 24.68 -5.15 -70.35
C HIS GB 135 23.49 -4.68 -69.51
N THR GB 136 22.83 -5.60 -68.83
CA THR GB 136 21.66 -5.29 -68.02
C THR GB 136 21.99 -5.02 -66.57
N LYS GB 137 23.28 -4.98 -66.22
CA LYS GB 137 23.66 -4.87 -64.82
C LYS GB 137 23.35 -3.47 -64.27
N THR GB 138 23.71 -2.42 -65.00
CA THR GB 138 23.66 -1.07 -64.46
C THR GB 138 22.67 -0.15 -65.15
N THR GB 139 22.25 -0.45 -66.37
CA THR GB 139 21.36 0.43 -67.11
C THR GB 139 20.02 -0.24 -67.33
N GLY GB 140 19.07 0.53 -67.87
CA GLY GB 140 17.73 0.02 -68.04
C GLY GB 140 16.95 -0.15 -66.76
N ARG GB 141 17.35 0.55 -65.69
CA ARG GB 141 16.67 0.39 -64.41
C ARG GB 141 15.30 1.03 -64.41
N ARG GB 142 15.09 2.08 -65.22
CA ARG GB 142 13.81 2.77 -65.23
C ARG GB 142 12.70 1.87 -65.73
N GLY GB 143 12.98 1.07 -66.76
CA GLY GB 143 11.99 0.16 -67.31
C GLY GB 143 11.51 -0.92 -66.36
N ARG GB 144 12.09 -1.00 -65.17
CA ARG GB 144 11.69 -1.97 -64.15
C ARG GB 144 11.25 -1.31 -62.86
N THR GB 145 11.95 -0.28 -62.41
CA THR GB 145 11.51 0.53 -61.27
C THR GB 145 11.73 2.01 -61.57
N PRO HB 1 42.76 43.88 -117.94
CA PRO HB 1 42.28 43.36 -116.66
C PRO HB 1 41.75 41.93 -116.74
N GLY HB 2 42.63 40.98 -117.03
CA GLY HB 2 42.23 39.59 -117.06
C GLY HB 2 41.80 39.10 -115.69
N VAL HB 3 40.85 38.16 -115.68
CA VAL HB 3 40.28 37.65 -114.44
C VAL HB 3 40.42 36.14 -114.43
N THR HB 4 41.13 35.62 -113.43
CA THR HB 4 41.18 34.19 -113.14
C THR HB 4 40.15 33.86 -112.08
N VAL HB 5 40.03 32.58 -111.76
CA VAL HB 5 39.03 32.18 -110.78
C VAL HB 5 39.47 32.56 -109.38
N LYS HB 6 40.77 32.78 -109.18
CA LYS HB 6 41.30 33.11 -107.87
C LYS HB 6 41.04 34.54 -107.46
N ASP HB 7 40.52 35.37 -108.37
CA ASP HB 7 40.19 36.75 -108.09
C ASP HB 7 38.72 36.97 -107.82
N VAL HB 8 37.91 35.91 -107.83
CA VAL HB 8 36.48 36.02 -107.59
C VAL HB 8 36.12 35.19 -106.37
N ASN HB 9 35.08 35.62 -105.67
CA ASN HB 9 34.61 34.89 -104.50
C ASN HB 9 34.11 33.52 -104.93
N GLN HB 10 34.75 32.47 -104.41
CA GLN HB 10 34.50 31.12 -104.89
C GLN HB 10 33.06 30.66 -104.67
N GLN HB 11 32.33 31.30 -103.76
CA GLN HB 11 31.00 30.83 -103.42
C GLN HB 11 30.01 31.14 -104.54
N GLU HB 12 29.78 32.42 -104.83
CA GLU HB 12 28.92 32.72 -105.97
C GLU HB 12 29.58 32.35 -107.28
N PHE HB 13 30.90 32.18 -107.30
CA PHE HB 13 31.55 31.66 -108.51
C PHE HB 13 31.08 30.24 -108.80
N VAL HB 14 31.13 29.35 -107.80
CA VAL HB 14 30.69 27.99 -108.05
C VAL HB 14 29.19 27.95 -108.27
N ARG HB 15 28.45 28.89 -107.68
CA ARG HB 15 27.01 28.98 -107.96
C ARG HB 15 26.76 29.36 -109.42
N ALA HB 16 27.54 30.31 -109.94
CA ALA HB 16 27.37 30.72 -111.33
C ALA HB 16 27.84 29.63 -112.29
N LEU HB 17 28.90 28.91 -111.93
CA LEU HB 17 29.34 27.78 -112.74
C LEU HB 17 28.27 26.70 -112.78
N ALA HB 18 27.64 26.42 -111.64
CA ALA HB 18 26.54 25.46 -111.61
C ALA HB 18 25.36 25.96 -112.44
N ALA HB 19 25.06 27.26 -112.40
CA ALA HB 19 23.96 27.79 -113.20
C ALA HB 19 24.24 27.66 -114.69
N PHE HB 20 25.45 27.98 -115.12
CA PHE HB 20 25.82 27.80 -116.52
C PHE HB 20 25.75 26.34 -116.91
N LEU HB 21 26.23 25.46 -116.04
CA LEU HB 21 26.25 24.04 -116.34
C LEU HB 21 24.83 23.49 -116.42
N LYS HB 22 23.93 24.05 -115.62
CA LYS HB 22 22.50 23.76 -115.73
C LYS HB 22 21.95 24.20 -117.08
N LYS HB 23 22.18 25.47 -117.45
CA LYS HB 23 21.51 26.00 -118.63
C LYS HB 23 22.04 25.39 -119.92
N SER HB 24 23.33 25.07 -119.97
CA SER HB 24 23.90 24.34 -121.10
C SER HB 24 24.01 22.86 -120.76
N GLY HB 25 22.85 22.23 -120.57
CA GLY HB 25 22.80 20.90 -120.01
C GLY HB 25 23.17 19.79 -120.96
N LYS HB 26 24.36 19.22 -120.76
CA LYS HB 26 24.82 18.06 -121.51
C LYS HB 26 25.36 16.97 -120.59
N LEU HB 27 24.94 16.96 -119.33
CA LEU HB 27 25.51 16.07 -118.34
C LEU HB 27 24.95 14.66 -118.49
N LYS HB 28 25.69 13.69 -117.94
CA LYS HB 28 25.17 12.34 -117.73
C LYS HB 28 24.76 12.27 -116.26
N VAL HB 29 23.58 12.78 -115.98
CA VAL HB 29 23.05 12.76 -114.62
C VAL HB 29 22.45 11.39 -114.35
N PRO HB 30 22.91 10.69 -113.32
CA PRO HB 30 22.37 9.35 -113.04
C PRO HB 30 20.94 9.43 -112.54
N GLU HB 31 20.23 8.31 -112.69
CA GLU HB 31 18.80 8.26 -112.38
C GLU HB 31 18.52 8.23 -110.89
N TRP HB 32 19.52 8.06 -110.03
CA TRP HB 32 19.30 7.94 -108.59
C TRP HB 32 19.70 9.21 -107.84
N VAL HB 33 19.78 10.35 -108.52
CA VAL HB 33 20.14 11.59 -107.84
C VAL HB 33 19.07 12.04 -106.85
N ASP HB 34 17.82 11.63 -107.03
CA ASP HB 34 16.75 12.01 -106.14
C ASP HB 34 16.65 11.13 -104.90
N THR HB 35 17.51 10.12 -104.78
CA THR HB 35 17.41 9.14 -103.71
C THR HB 35 18.62 9.12 -102.80
N VAL HB 36 19.83 9.14 -103.35
CA VAL HB 36 21.02 8.84 -102.57
C VAL HB 36 21.37 10.00 -101.66
N LYS HB 37 22.02 9.68 -100.55
CA LYS HB 37 22.67 10.68 -99.71
C LYS HB 37 24.04 10.99 -100.29
N LEU HB 38 24.43 12.27 -100.20
CA LEU HB 38 25.71 12.67 -100.78
C LEU HB 38 26.90 12.07 -100.07
N ALA HB 39 26.72 11.56 -98.87
CA ALA HB 39 27.80 10.93 -98.12
C ALA HB 39 27.19 10.01 -97.06
N LYS HB 40 28.02 9.14 -96.51
CA LYS HB 40 27.58 8.21 -95.48
C LYS HB 40 27.06 8.95 -94.26
N HIS HB 41 27.77 10.00 -93.84
CA HIS HB 41 27.49 10.67 -92.58
C HIS HB 41 26.27 11.57 -92.63
N LYS HB 42 25.73 11.85 -93.82
CA LYS HB 42 24.52 12.65 -93.90
C LYS HB 42 23.32 11.84 -93.44
N GLU HB 43 22.27 12.55 -93.01
CA GLU HB 43 21.04 11.89 -92.61
C GLU HB 43 19.83 12.32 -93.42
N LEU HB 44 19.96 13.34 -94.27
CA LEU HB 44 18.92 13.68 -95.24
C LEU HB 44 19.55 13.84 -96.61
N ALA HB 45 18.73 13.62 -97.64
CA ALA HB 45 19.15 13.91 -98.99
C ALA HB 45 19.32 15.43 -99.15
N PRO HB 46 20.17 15.86 -100.07
CA PRO HB 46 20.39 17.31 -100.24
C PRO HB 46 19.09 18.04 -100.58
N TYR HB 47 18.95 19.24 -99.99
CA TYR HB 47 17.71 20.00 -100.12
C TYR HB 47 17.48 20.44 -101.56
N ASP HB 48 18.53 20.87 -102.24
CA ASP HB 48 18.38 21.37 -103.60
C ASP HB 48 18.11 20.21 -104.56
N GLU HB 49 17.28 20.48 -105.58
CA GLU HB 49 16.92 19.45 -106.53
C GLU HB 49 18.10 19.06 -107.41
N ASN HB 50 18.63 20.01 -108.17
CA ASN HB 50 19.75 19.74 -109.08
C ASN HB 50 21.10 19.98 -108.42
N TRP HB 51 21.32 19.29 -107.30
CA TRP HB 51 22.59 19.36 -106.59
C TRP HB 51 23.74 18.78 -107.40
N PHE HB 52 23.44 17.94 -108.39
CA PHE HB 52 24.50 17.34 -109.18
C PHE HB 52 25.29 18.39 -109.94
N TYR HB 53 24.62 19.40 -110.47
CA TYR HB 53 25.30 20.47 -111.17
C TYR HB 53 26.21 21.27 -110.24
N THR HB 54 25.74 21.57 -109.03
CA THR HB 54 26.57 22.27 -108.07
C THR HB 54 27.79 21.46 -107.66
N ARG HB 55 27.59 20.15 -107.44
CA ARG HB 55 28.71 19.31 -107.04
C ARG HB 55 29.73 19.18 -108.17
N ALA HB 56 29.26 19.03 -109.42
CA ALA HB 56 30.17 19.00 -110.55
C ALA HB 56 30.93 20.31 -110.69
N ALA HB 57 30.25 21.43 -110.47
CA ALA HB 57 30.93 22.72 -110.50
C ALA HB 57 32.02 22.81 -109.43
N SER HB 58 31.71 22.32 -108.22
CA SER HB 58 32.69 22.35 -107.14
C SER HB 58 33.89 21.46 -107.46
N THR HB 59 33.64 20.28 -108.03
CA THR HB 59 34.75 19.41 -108.41
C THR HB 59 35.59 20.04 -109.51
N ALA HB 60 34.96 20.72 -110.46
CA ALA HB 60 35.71 21.42 -111.50
C ALA HB 60 36.60 22.50 -110.91
N ARG HB 61 36.05 23.26 -109.95
CA ARG HB 61 36.85 24.30 -109.29
C ARG HB 61 38.01 23.70 -108.51
N HIS HB 62 37.78 22.58 -107.83
CA HIS HB 62 38.84 21.94 -107.06
C HIS HB 62 39.92 21.39 -107.99
N LEU HB 63 39.53 20.83 -109.13
CA LEU HB 63 40.50 20.35 -110.09
C LEU HB 63 41.28 21.50 -110.71
N TYR HB 64 40.65 22.68 -110.84
CA TYR HB 64 41.40 23.85 -111.28
C TYR HB 64 42.45 24.24 -110.24
N LEU HB 65 42.05 24.25 -108.96
CA LEU HB 65 43.00 24.66 -107.92
C LEU HB 65 44.17 23.69 -107.81
N ARG HB 66 43.90 22.38 -107.83
CA ARG HB 66 44.98 21.40 -107.85
C ARG HB 66 44.54 20.19 -108.64
N GLY HB 67 45.42 19.76 -109.57
CA GLY HB 67 45.13 18.63 -110.42
C GLY HB 67 45.52 17.31 -109.79
N GLY HB 68 45.24 16.24 -110.52
CA GLY HB 68 45.60 14.91 -110.08
C GLY HB 68 44.72 14.34 -108.98
N ALA HB 69 43.58 14.95 -108.70
CA ALA HB 69 42.71 14.48 -107.63
C ALA HB 69 41.84 13.33 -108.13
N GLY HB 70 41.95 12.18 -107.49
CA GLY HB 70 41.13 11.03 -107.81
C GLY HB 70 39.87 10.97 -106.98
N VAL HB 71 39.13 9.88 -107.15
CA VAL HB 71 37.84 9.71 -106.47
C VAL HB 71 38.03 9.69 -104.96
N GLY HB 72 39.02 8.94 -104.48
CA GLY HB 72 39.29 8.91 -103.05
C GLY HB 72 39.66 10.27 -102.49
N SER HB 73 40.37 11.07 -103.27
CA SER HB 73 40.66 12.44 -102.86
C SER HB 73 39.39 13.27 -102.78
N MET HB 74 38.51 13.13 -103.78
CA MET HB 74 37.29 13.94 -103.75
C MET HB 74 36.41 13.54 -102.57
N THR HB 75 36.44 12.28 -102.16
CA THR HB 75 35.79 11.90 -100.91
C THR HB 75 36.40 12.62 -99.72
N LYS HB 76 37.72 12.91 -99.78
CA LYS HB 76 38.34 13.68 -98.71
C LYS HB 76 37.85 15.13 -98.71
N ILE HB 77 37.74 15.74 -99.89
CA ILE HB 77 37.21 17.12 -99.93
C ILE HB 77 35.78 17.16 -99.41
N TYR HB 78 34.94 16.22 -99.84
CA TYR HB 78 33.53 16.28 -99.48
C TYR HB 78 33.18 15.44 -98.28
N GLY HB 79 34.17 15.01 -97.50
CA GLY HB 79 33.89 14.38 -96.23
C GLY HB 79 33.49 15.39 -95.17
N GLY HB 80 32.94 14.87 -94.08
CA GLY HB 80 32.44 15.74 -93.03
C GLY HB 80 32.40 15.10 -91.66
N ARG HB 81 31.59 15.68 -90.78
CA ARG HB 81 31.55 15.32 -89.37
C ARG HB 81 30.39 14.39 -89.13
N GLN HB 82 30.68 13.11 -88.89
CA GLN HB 82 29.66 12.13 -88.57
C GLN HB 82 29.39 12.18 -87.06
N ARG HB 83 28.13 12.39 -86.69
CA ARG HB 83 27.79 12.59 -85.28
C ARG HB 83 27.68 11.30 -84.49
N ASN HB 84 27.51 10.16 -85.14
CA ASN HB 84 27.53 8.84 -84.52
C ASN HB 84 26.50 8.67 -83.41
N GLY HB 85 25.52 9.56 -83.32
CA GLY HB 85 24.51 9.45 -82.28
C GLY HB 85 25.03 9.68 -80.88
N VAL HB 86 25.03 8.62 -80.06
CA VAL HB 86 25.37 8.78 -78.66
C VAL HB 86 26.88 8.64 -78.46
N MET HB 87 27.58 7.97 -79.37
CA MET HB 87 29.02 7.86 -79.30
C MET HB 87 29.67 9.11 -79.89
N PRO HB 88 30.93 9.40 -79.54
CA PRO HB 88 31.56 10.65 -79.99
C PRO HB 88 31.68 10.71 -81.50
N SER HB 89 31.68 11.94 -82.00
CA SER HB 89 31.71 12.19 -83.43
C SER HB 89 33.06 11.81 -84.03
N HIS HB 90 33.06 11.68 -85.36
CA HIS HB 90 34.26 11.32 -86.10
C HIS HB 90 34.20 11.96 -87.48
N PHE HB 91 35.13 11.60 -88.34
CA PHE HB 91 35.22 12.12 -89.69
C PHE HB 91 34.84 11.03 -90.69
N SER HB 92 34.01 11.37 -91.66
CA SER HB 92 33.60 10.46 -92.70
C SER HB 92 33.90 11.05 -94.07
N ARG HB 93 33.86 10.19 -95.08
CA ARG HB 93 34.24 10.55 -96.44
C ARG HB 93 33.01 10.64 -97.32
N GLY HB 94 33.17 11.31 -98.46
CA GLY HB 94 32.07 11.47 -99.40
C GLY HB 94 31.74 10.18 -100.12
N SER HB 95 30.63 10.21 -100.84
CA SER HB 95 30.16 9.03 -101.54
C SER HB 95 31.04 8.73 -102.75
N LYS HB 96 31.57 7.50 -102.78
CA LYS HB 96 32.51 7.14 -103.84
C LYS HB 96 31.83 7.10 -105.20
N SER HB 97 30.62 6.53 -105.28
CA SER HB 97 29.91 6.51 -106.55
C SER HB 97 29.52 7.91 -106.99
N VAL HB 98 29.16 8.78 -106.05
CA VAL HB 98 28.82 10.16 -106.40
C VAL HB 98 30.04 10.86 -107.00
N ALA HB 99 31.19 10.73 -106.35
CA ALA HB 99 32.40 11.36 -106.86
C ALA HB 99 32.80 10.78 -108.21
N ARG HB 100 32.72 9.45 -108.35
CA ARG HB 100 33.06 8.80 -109.60
C ARG HB 100 32.15 9.26 -110.73
N ARG HB 101 30.85 9.33 -110.46
CA ARG HB 101 29.91 9.72 -111.51
C ARG HB 101 30.04 11.19 -111.86
N VAL HB 102 30.34 12.04 -110.89
CA VAL HB 102 30.59 13.45 -111.19
C VAL HB 102 31.81 13.57 -112.10
N LEU HB 103 32.88 12.85 -111.77
CA LEU HB 103 34.08 12.89 -112.60
C LEU HB 103 33.80 12.35 -114.00
N GLN HB 104 33.06 11.24 -114.09
CA GLN HB 104 32.76 10.64 -115.39
C GLN HB 104 31.90 11.55 -116.24
N ALA HB 105 30.92 12.22 -115.62
CA ALA HB 105 30.17 13.25 -116.34
C ALA HB 105 31.09 14.38 -116.78
N LEU HB 106 32.12 14.68 -116.00
CA LEU HB 106 33.05 15.72 -116.40
C LEU HB 106 33.85 15.32 -117.64
N GLU HB 107 34.32 14.07 -117.73
CA GLU HB 107 34.95 13.76 -119.02
C GLU HB 107 33.95 13.47 -120.11
N GLY HB 108 32.68 13.20 -119.78
CA GLY HB 108 31.66 13.21 -120.80
C GLY HB 108 31.48 14.59 -121.40
N LEU HB 109 31.57 15.62 -120.56
CA LEU HB 109 31.68 16.99 -121.00
C LEU HB 109 33.08 17.33 -121.51
N LYS HB 110 34.00 16.38 -121.44
CA LYS HB 110 35.39 16.45 -121.92
C LYS HB 110 36.12 17.70 -121.43
N MET HB 111 35.71 18.26 -120.29
CA MET HB 111 36.50 19.28 -119.63
C MET HB 111 37.52 18.71 -118.67
N VAL HB 112 37.52 17.39 -118.46
CA VAL HB 112 38.41 16.72 -117.53
C VAL HB 112 38.99 15.50 -118.23
N GLU HB 113 40.31 15.32 -118.14
CA GLU HB 113 40.96 14.15 -118.71
C GLU HB 113 41.90 13.54 -117.69
N LYS HB 114 42.07 12.22 -117.78
CA LYS HB 114 42.94 11.50 -116.86
C LYS HB 114 44.39 11.86 -117.11
N ASP HB 115 45.20 11.74 -116.05
CA ASP HB 115 46.62 12.04 -116.12
C ASP HB 115 47.38 10.86 -116.72
N GLN HB 116 48.67 11.09 -117.02
CA GLN HB 116 49.55 9.96 -117.30
C GLN HB 116 49.71 9.09 -116.05
N ASP HB 117 49.80 9.74 -114.89
CA ASP HB 117 49.71 9.07 -113.61
C ASP HB 117 48.24 8.96 -113.22
N GLY HB 118 47.97 8.62 -111.96
CA GLY HB 118 46.59 8.49 -111.51
C GLY HB 118 45.88 9.82 -111.44
N GLY HB 119 44.56 9.72 -111.27
CA GLY HB 119 43.74 10.91 -111.13
C GLY HB 119 43.46 11.58 -112.45
N ARG HB 120 42.69 12.66 -112.39
CA ARG HB 120 42.33 13.42 -113.58
C ARG HB 120 42.44 14.91 -113.30
N LYS HB 121 42.69 15.66 -114.37
CA LYS HB 121 42.90 17.10 -114.30
C LYS HB 121 42.03 17.76 -115.35
N LEU HB 122 42.14 19.09 -115.45
CA LEU HB 122 41.38 19.83 -116.43
C LEU HB 122 42.07 19.82 -117.79
N THR HB 123 41.29 20.05 -118.83
CA THR HB 123 41.75 20.27 -120.19
C THR HB 123 41.87 21.77 -120.46
N PRO HB 124 42.63 22.17 -121.48
CA PRO HB 124 42.72 23.60 -121.80
C PRO HB 124 41.38 24.30 -122.01
N GLN HB 125 40.42 23.68 -122.69
CA GLN HB 125 39.13 24.35 -122.87
C GLN HB 125 38.30 24.35 -121.59
N GLY HB 126 38.48 23.36 -120.71
CA GLY HB 126 37.87 23.45 -119.40
C GLY HB 126 38.42 24.60 -118.58
N GLN HB 127 39.74 24.78 -118.62
CA GLN HB 127 40.36 25.95 -117.99
C GLN HB 127 39.83 27.24 -118.59
N ARG HB 128 39.66 27.26 -119.92
CA ARG HB 128 39.11 28.43 -120.59
C ARG HB 128 37.69 28.73 -120.11
N ASP HB 129 36.86 27.69 -119.97
CA ASP HB 129 35.49 27.89 -119.50
C ASP HB 129 35.46 28.43 -118.08
N LEU HB 130 36.30 27.85 -117.20
CA LEU HB 130 36.38 28.33 -115.83
C LEU HB 130 36.81 29.78 -115.77
N ASP HB 131 37.82 30.15 -116.55
CA ASP HB 131 38.29 31.53 -116.55
C ASP HB 131 37.26 32.49 -117.12
N ARG HB 132 36.54 32.08 -118.17
CA ARG HB 132 35.50 32.93 -118.74
C ARG HB 132 34.39 33.19 -117.73
N ILE HB 133 33.94 32.14 -117.05
CA ILE HB 133 32.89 32.31 -116.06
C ILE HB 133 33.38 33.16 -114.89
N ALA HB 134 34.65 32.99 -114.51
CA ALA HB 134 35.22 33.85 -113.48
C ALA HB 134 35.22 35.31 -113.91
N GLY HB 135 35.58 35.57 -115.16
CA GLY HB 135 35.56 36.94 -115.64
C GLY HB 135 34.17 37.55 -115.64
N GLN HB 136 33.19 36.78 -116.08
CA GLN HB 136 31.83 37.32 -116.11
C GLN HB 136 31.25 37.48 -114.70
N VAL HB 137 31.60 36.61 -113.77
CA VAL HB 137 31.09 36.78 -112.41
C VAL HB 137 31.80 37.95 -111.72
N ALA HB 138 33.07 38.20 -112.03
CA ALA HB 138 33.73 39.41 -111.53
C ALA HB 138 33.07 40.66 -112.09
N ALA HB 139 32.74 40.64 -113.39
CA ALA HB 139 32.07 41.78 -113.99
C ALA HB 139 30.69 42.01 -113.36
N ALA HB 140 29.96 40.93 -113.10
CA ALA HB 140 28.65 41.06 -112.46
C ALA HB 140 28.78 41.58 -111.03
N ASN HB 141 29.77 41.10 -110.29
CA ASN HB 141 29.97 41.56 -108.92
C ASN HB 141 30.40 43.01 -108.87
N LYS HB 142 31.16 43.47 -109.86
CA LYS HB 142 31.54 44.88 -109.90
C LYS HB 142 30.35 45.74 -110.29
N LYS HB 143 29.75 45.46 -111.44
CA LYS HB 143 28.57 46.19 -111.91
C LYS HB 143 27.34 45.29 -111.90
CA ALA IB 1 84.71 4.80 -114.03
C ALA IB 1 83.86 5.95 -113.50
N ILE IB 2 82.85 6.34 -114.27
CA ILE IB 2 81.95 7.41 -113.86
C ILE IB 2 81.02 6.88 -112.78
N HIS IB 3 81.34 7.14 -111.52
CA HIS IB 3 80.55 6.65 -110.40
C HIS IB 3 80.14 7.82 -109.52
N ARG IB 4 78.92 7.73 -108.97
CA ARG IB 4 78.39 8.72 -108.04
C ARG IB 4 77.71 7.95 -106.92
N ILE IB 5 78.27 7.97 -105.72
CA ILE IB 5 77.81 7.09 -104.66
C ILE IB 5 77.18 7.91 -103.53
N ARG IB 6 76.36 7.24 -102.73
CA ARG IB 6 75.71 7.82 -101.57
C ARG IB 6 76.02 6.99 -100.34
N ILE IB 7 76.43 7.65 -99.27
CA ILE IB 7 76.76 7.02 -98.01
C ILE IB 7 75.81 7.59 -96.96
N THR IB 8 75.03 6.71 -96.32
CA THR IB 8 74.13 7.14 -95.26
C THR IB 8 74.60 6.57 -93.94
N LEU IB 9 74.58 7.42 -92.92
CA LEU IB 9 74.99 7.08 -91.57
C LEU IB 9 73.79 7.27 -90.66
N THR IB 10 73.59 6.35 -89.72
CA THR IB 10 72.46 6.48 -88.81
C THR IB 10 72.81 5.86 -87.46
N SER IB 11 72.43 6.55 -86.38
CA SER IB 11 72.71 6.04 -85.05
C SER IB 11 71.74 6.67 -84.06
N ARG IB 12 72.04 6.47 -82.77
CA ARG IB 12 71.23 6.97 -81.68
C ARG IB 12 71.84 8.18 -80.99
N ASN IB 13 73.10 8.50 -81.26
CA ASN IB 13 73.77 9.62 -80.62
C ASN IB 13 74.30 10.59 -81.68
N VAL IB 14 74.46 11.83 -81.25
CA VAL IB 14 74.84 12.88 -82.19
C VAL IB 14 76.35 13.09 -82.25
N LYS IB 15 77.05 12.83 -81.13
CA LYS IB 15 78.50 13.01 -81.10
C LYS IB 15 79.21 12.13 -82.12
N SER IB 16 78.87 10.84 -82.13
CA SER IB 16 79.53 9.90 -83.03
C SER IB 16 79.22 10.22 -84.48
N LEU IB 17 77.95 10.52 -84.78
CA LEU IB 17 77.59 10.89 -86.15
C LEU IB 17 78.31 12.17 -86.58
N GLU IB 18 78.42 13.15 -85.70
CA GLU IB 18 79.07 14.39 -86.08
C GLU IB 18 80.55 14.16 -86.35
N LYS IB 19 81.21 13.34 -85.55
CA LYS IB 19 82.63 13.15 -85.80
C LYS IB 19 82.88 12.26 -87.02
N VAL IB 20 81.97 11.32 -87.32
CA VAL IB 20 82.10 10.55 -88.56
C VAL IB 20 81.83 11.45 -89.77
N CYS IB 21 80.75 12.23 -89.74
CA CYS IB 21 80.46 13.12 -90.85
C CYS IB 21 81.50 14.21 -90.99
N ALA IB 22 82.30 14.44 -89.95
CA ALA IB 22 83.46 15.33 -90.06
C ALA IB 22 84.64 14.62 -90.72
N ASP IB 23 85.09 13.51 -90.14
CA ASP IB 23 86.34 12.91 -90.60
C ASP IB 23 86.21 12.29 -91.99
N LEU IB 24 85.04 11.75 -92.33
CA LEU IB 24 84.86 11.19 -93.67
C LEU IB 24 84.97 12.26 -94.74
N ILE IB 25 84.28 13.40 -94.56
CA ILE IB 25 84.36 14.45 -95.56
C ILE IB 25 85.74 15.08 -95.57
N ARG IB 26 86.40 15.16 -94.40
CA ARG IB 26 87.77 15.69 -94.39
C ARG IB 26 88.71 14.79 -95.17
N GLY IB 27 88.59 13.47 -94.98
CA GLY IB 27 89.37 12.55 -95.79
C GLY IB 27 89.08 12.71 -97.27
N ALA IB 28 87.82 12.95 -97.62
CA ALA IB 28 87.46 13.18 -99.02
C ALA IB 28 88.12 14.45 -99.56
N LYS IB 29 88.11 15.54 -98.79
CA LYS IB 29 88.76 16.77 -99.24
C LYS IB 29 90.26 16.59 -99.40
N GLU IB 30 90.90 15.90 -98.45
CA GLU IB 30 92.33 15.65 -98.58
C GLU IB 30 92.62 14.69 -99.74
N LYS IB 31 91.66 13.84 -100.08
CA LYS IB 31 91.79 12.90 -101.19
C LYS IB 31 91.08 13.43 -102.44
N ASN IB 32 90.89 14.76 -102.48
CA ASN IB 32 90.30 15.59 -103.54
C ASN IB 32 89.18 14.92 -104.33
N LEU IB 33 88.12 14.51 -103.61
CA LEU IB 33 86.81 14.29 -104.20
C LEU IB 33 85.93 15.47 -103.83
N LYS IB 34 85.23 16.03 -104.81
CA LYS IB 34 84.29 17.10 -104.51
C LYS IB 34 83.08 16.52 -103.80
N VAL IB 35 82.68 17.15 -102.70
CA VAL IB 35 81.80 16.55 -101.71
C VAL IB 35 80.44 17.25 -101.75
N LYS IB 36 79.39 16.48 -101.97
CA LYS IB 36 78.04 16.98 -101.76
C LYS IB 36 77.80 17.07 -100.26
N GLY IB 37 77.25 18.20 -99.81
CA GLY IB 37 77.18 18.52 -98.41
C GLY IB 37 76.41 17.51 -97.58
N PRO IB 38 76.79 17.36 -96.31
CA PRO IB 38 76.09 16.42 -95.42
C PRO IB 38 74.66 16.89 -95.17
N VAL IB 39 73.70 16.04 -95.48
CA VAL IB 39 72.28 16.36 -95.36
C VAL IB 39 71.75 15.63 -94.13
N ARG IB 40 71.15 16.37 -93.22
CA ARG IB 40 70.65 15.83 -91.96
C ARG IB 40 69.16 15.56 -92.11
N MET IB 41 68.78 14.29 -92.11
CA MET IB 41 67.37 13.97 -92.20
C MET IB 41 66.68 14.27 -90.87
N PRO IB 42 65.37 14.49 -90.88
CA PRO IB 42 64.66 14.74 -89.62
C PRO IB 42 64.80 13.57 -88.65
N THR IB 43 64.91 13.91 -87.37
CA THR IB 43 65.13 12.91 -86.34
C THR IB 43 63.89 12.05 -86.14
N LYS IB 44 64.10 10.76 -85.94
CA LYS IB 44 63.01 9.83 -85.65
C LYS IB 44 62.93 9.65 -84.13
N THR IB 45 61.79 10.00 -83.55
CA THR IB 45 61.61 9.95 -82.10
C THR IB 45 60.64 8.81 -81.79
N LEU IB 46 61.18 7.65 -81.42
CA LEU IB 46 60.37 6.50 -81.04
C LEU IB 46 59.94 6.69 -79.59
N ARG IB 47 58.64 6.81 -79.36
CA ARG IB 47 58.10 7.09 -78.05
C ARG IB 47 57.30 5.89 -77.58
N ILE IB 48 57.57 5.43 -76.35
CA ILE IB 48 56.83 4.33 -75.75
C ILE IB 48 56.42 4.75 -74.35
N THR IB 49 55.12 4.90 -74.12
CA THR IB 49 54.59 5.28 -72.82
C THR IB 49 53.98 4.06 -72.16
N THR IB 50 54.32 3.82 -70.90
CA THR IB 50 53.98 2.58 -70.24
C THR IB 50 53.71 2.85 -68.77
N ARG IB 51 52.72 2.15 -68.20
CA ARG IB 51 52.45 2.28 -66.77
C ARG IB 51 53.67 1.87 -65.97
N LYS IB 52 54.04 2.70 -64.99
CA LYS IB 52 55.22 2.42 -64.17
C LYS IB 52 55.05 1.16 -63.35
N THR IB 53 53.88 0.99 -62.72
CA THR IB 53 53.70 -0.13 -61.82
C THR IB 53 53.60 -1.45 -62.59
N PRO IB 54 54.10 -2.54 -62.00
CA PRO IB 54 53.82 -3.88 -62.54
C PRO IB 54 52.54 -4.50 -62.00
N CYS IB 55 51.68 -3.72 -61.35
CA CYS IB 55 50.56 -4.23 -60.60
C CYS IB 55 49.22 -3.65 -61.02
N GLY IB 56 49.17 -2.39 -61.42
CA GLY IB 56 47.92 -1.71 -61.66
C GLY IB 56 47.39 -0.95 -60.46
N GLU IB 57 47.97 -1.15 -59.29
CA GLU IB 57 47.65 -0.36 -58.12
C GLU IB 57 48.62 0.81 -58.05
N GLY IB 58 48.12 1.97 -57.66
CA GLY IB 58 48.93 3.16 -57.56
C GLY IB 58 48.13 4.38 -57.94
N SER IB 59 48.85 5.41 -58.38
CA SER IB 59 48.25 6.70 -58.70
C SER IB 59 48.30 6.99 -60.20
N LYS IB 60 48.38 5.96 -61.03
CA LYS IB 60 48.36 6.10 -62.50
C LYS IB 60 49.50 6.98 -62.99
N THR IB 61 50.72 6.52 -62.76
CA THR IB 61 51.92 7.21 -63.23
C THR IB 61 52.43 6.51 -64.47
N TRP IB 62 52.77 7.29 -65.50
CA TRP IB 62 53.19 6.77 -66.79
C TRP IB 62 54.64 7.16 -67.04
N ASP IB 63 55.46 6.16 -67.33
CA ASP IB 63 56.86 6.36 -67.68
C ASP IB 63 56.96 6.38 -69.20
N ARG IB 64 57.56 7.45 -69.73
CA ARG IB 64 57.69 7.62 -71.17
C ARG IB 64 59.15 7.48 -71.58
N PHE IB 65 59.39 6.61 -72.56
CA PHE IB 65 60.73 6.30 -73.03
C PHE IB 65 60.89 6.81 -74.45
N GLN IB 66 62.06 7.35 -74.75
CA GLN IB 66 62.35 7.86 -76.07
C GLN IB 66 63.60 7.19 -76.63
N MET IB 67 63.57 6.96 -77.94
CA MET IB 67 64.76 6.63 -78.70
C MET IB 67 64.88 7.63 -79.83
N ARG IB 68 66.01 8.33 -79.91
CA ARG IB 68 66.25 9.26 -80.99
C ARG IB 68 67.15 8.61 -82.03
N ILE IB 69 66.71 8.61 -83.27
CA ILE IB 69 67.48 8.08 -84.39
C ILE IB 69 67.81 9.24 -85.31
N HIS IB 70 69.10 9.47 -85.51
CA HIS IB 70 69.58 10.53 -86.37
C HIS IB 70 70.30 9.92 -87.56
N LYS IB 71 70.12 10.51 -88.73
CA LYS IB 71 70.78 10.02 -89.93
C LYS IB 71 71.21 11.16 -90.83
N ARG IB 72 72.36 10.95 -91.46
CA ARG IB 72 72.97 11.91 -92.37
C ARG IB 72 73.30 11.22 -93.69
N LEU IB 73 73.25 12.01 -94.76
CA LEU IB 73 73.52 11.54 -96.11
C LEU IB 73 74.68 12.35 -96.69
N ILE IB 74 75.68 11.65 -97.22
CA ILE IB 74 76.82 12.28 -97.87
C ILE IB 74 76.97 11.65 -99.25
N ASP IB 75 76.92 12.47 -100.29
CA ASP IB 75 77.06 11.99 -101.65
C ASP IB 75 78.48 12.26 -102.12
N LEU IB 76 79.19 11.20 -102.47
CA LEU IB 76 80.56 11.29 -102.96
C LEU IB 76 80.53 11.21 -104.47
N HIS IB 77 81.07 12.24 -105.14
CA HIS IB 77 81.02 12.36 -106.58
C HIS IB 77 82.42 12.72 -107.08
N SER IB 78 82.99 11.85 -107.90
CA SER IB 78 84.27 12.12 -108.52
C SER IB 78 84.18 11.78 -110.01
N PRO IB 79 84.86 12.54 -110.87
CA PRO IB 79 84.93 12.16 -112.28
C PRO IB 79 85.59 10.81 -112.50
N SER IB 80 86.55 10.45 -111.67
CA SER IB 80 87.16 9.13 -111.72
C SER IB 80 86.32 8.15 -110.90
N GLU IB 81 86.84 6.95 -110.69
CA GLU IB 81 86.10 5.93 -109.97
C GLU IB 81 86.26 6.18 -108.47
N ILE IB 82 85.35 5.62 -107.67
CA ILE IB 82 85.27 5.91 -106.24
C ILE IB 82 85.59 4.69 -105.38
N VAL IB 83 85.05 3.52 -105.75
CA VAL IB 83 85.18 2.36 -104.88
C VAL IB 83 86.62 1.91 -104.76
N LYS IB 84 87.36 1.88 -105.87
CA LYS IB 84 88.77 1.52 -105.79
C LYS IB 84 89.61 2.62 -105.14
N GLN IB 85 89.07 3.84 -105.05
CA GLN IB 85 89.80 4.92 -104.39
C GLN IB 85 89.64 4.87 -102.88
N ILE IB 86 88.41 4.97 -102.40
CA ILE IB 86 88.12 4.92 -100.97
C ILE IB 86 87.66 3.52 -100.60
N THR IB 87 88.31 2.94 -99.62
CA THR IB 87 87.97 1.61 -99.12
C THR IB 87 87.82 1.59 -97.60
N SER IB 88 88.61 2.37 -96.89
CA SER IB 88 88.51 2.41 -95.43
C SER IB 88 87.18 2.99 -95.00
N ILE IB 89 86.63 2.45 -93.93
CA ILE IB 89 85.36 2.91 -93.38
C ILE IB 89 85.56 3.77 -92.14
N SER IB 90 86.43 3.35 -91.22
CA SER IB 90 86.72 4.05 -89.97
C SER IB 90 85.43 4.35 -89.19
N ILE IB 91 84.76 3.27 -88.79
CA ILE IB 91 83.44 3.34 -88.17
C ILE IB 91 83.54 2.78 -86.76
N GLU IB 92 83.16 3.59 -85.77
CA GLU IB 92 83.08 3.19 -84.38
C GLU IB 92 81.79 2.44 -84.11
N PRO IB 93 81.71 1.69 -83.02
CA PRO IB 93 80.45 1.03 -82.66
C PRO IB 93 79.37 2.03 -82.34
N GLY IB 94 78.13 1.62 -82.57
CA GLY IB 94 76.96 2.43 -82.27
C GLY IB 94 76.31 3.08 -83.47
N VAL IB 95 76.99 3.09 -84.62
CA VAL IB 95 76.51 3.76 -85.82
C VAL IB 95 76.52 2.77 -86.98
N GLU IB 96 75.48 2.81 -87.80
CA GLU IB 96 75.33 1.94 -88.95
C GLU IB 96 75.51 2.75 -90.23
N VAL IB 97 76.19 2.15 -91.20
CA VAL IB 97 76.51 2.80 -92.46
C VAL IB 97 75.98 1.96 -93.61
N GLU IB 98 75.44 2.62 -94.63
CA GLU IB 98 74.99 1.93 -95.83
C GLU IB 98 75.43 2.73 -97.05
N VAL IB 99 76.08 2.04 -98.00
CA VAL IB 99 76.66 2.69 -99.17
C VAL IB 99 75.95 2.14 -100.41
N THR IB 100 75.30 3.03 -101.15
CA THR IB 100 74.65 2.68 -102.40
C THR IB 100 75.23 3.54 -103.52
N ILE IB 101 74.79 3.26 -104.74
CA ILE IB 101 75.16 4.06 -105.89
C ILE IB 101 73.93 4.87 -106.33
N ALA IB 102 74.14 5.78 -107.27
CA ALA IB 102 73.05 6.61 -107.76
C ALA IB 102 71.98 5.80 -108.48
N ASP IB 103 72.31 4.59 -108.96
CA ASP IB 103 71.30 3.73 -109.57
C ASP IB 103 70.27 3.29 -108.54
N ALA IB 104 70.70 2.89 -107.36
CA ALA IB 104 69.79 2.41 -106.33
C ALA IB 104 69.44 3.51 -105.33
N ARG JB 1 2.95 31.32 -69.62
CA ARG JB 1 4.00 30.77 -70.48
C ARG JB 1 3.75 29.27 -70.68
N ASP JB 2 2.79 28.96 -71.55
CA ASP JB 2 2.45 27.57 -71.87
C ASP JB 2 2.74 27.22 -73.33
N LYS JB 3 2.15 27.93 -74.29
CA LYS JB 3 2.41 27.68 -75.71
C LYS JB 3 2.05 28.94 -76.49
N LEU JB 4 2.58 29.02 -77.71
CA LEU JB 4 2.46 30.22 -78.52
C LEU JB 4 1.54 30.09 -79.72
N ASN JB 5 1.19 28.86 -80.12
CA ASN JB 5 0.28 28.49 -81.21
C ASN JB 5 0.32 29.47 -82.39
N ASN JB 6 1.53 29.73 -82.88
CA ASN JB 6 1.75 30.76 -83.90
C ASN JB 6 1.13 30.38 -85.23
N LEU JB 7 0.62 31.38 -85.93
CA LEU JB 7 0.06 31.16 -87.27
C LEU JB 7 1.16 30.79 -88.25
N VAL JB 8 0.86 29.86 -89.14
CA VAL JB 8 1.83 29.39 -90.12
C VAL JB 8 1.56 30.06 -91.46
N LEU JB 9 0.32 30.49 -91.68
CA LEU JB 9 -0.07 31.22 -92.86
C LEU JB 9 -0.91 32.41 -92.45
N PHE JB 10 -0.88 33.46 -93.27
CA PHE JB 10 -1.56 34.69 -92.91
C PHE JB 10 -3.06 34.54 -93.10
N ASP JB 11 -3.77 35.56 -92.62
CA ASP JB 11 -5.18 35.75 -92.94
C ASP JB 11 -5.40 37.23 -93.23
N LYS JB 12 -6.67 37.62 -93.39
CA LYS JB 12 -6.97 39.02 -93.67
C LYS JB 12 -6.58 39.91 -92.51
N ALA JB 13 -6.86 39.48 -91.28
CA ALA JB 13 -6.66 40.34 -90.12
C ALA JB 13 -5.18 40.55 -89.81
N THR JB 14 -4.31 39.64 -90.23
CA THR JB 14 -2.89 39.79 -89.99
C THR JB 14 -2.11 40.27 -91.21
N TYR JB 15 -2.63 40.06 -92.41
CA TYR JB 15 -1.93 40.53 -93.61
C TYR JB 15 -1.91 42.05 -93.67
N ASP JB 16 -3.06 42.68 -93.44
CA ASP JB 16 -3.11 44.14 -93.37
C ASP JB 16 -2.33 44.65 -92.17
N LYS JB 17 -2.40 43.93 -91.05
CA LYS JB 17 -1.57 44.25 -89.88
C LYS JB 17 -0.10 44.31 -90.26
N LEU JB 18 0.36 43.36 -91.06
CA LEU JB 18 1.73 43.38 -91.53
C LEU JB 18 1.97 44.56 -92.47
N CYS JB 19 1.07 44.77 -93.42
CA CYS JB 19 1.34 45.76 -94.46
C CYS JB 19 1.27 47.19 -93.96
N LYS JB 20 0.53 47.48 -92.90
CA LYS JB 20 0.22 48.88 -92.61
C LYS JB 20 1.08 49.53 -91.53
N GLU JB 21 1.69 48.77 -90.61
CA GLU JB 21 2.60 49.42 -89.66
C GLU JB 21 3.94 48.74 -89.49
N VAL JB 22 4.17 47.57 -90.07
CA VAL JB 22 5.51 46.95 -89.98
C VAL JB 22 6.58 47.83 -90.62
N PRO JB 23 6.38 48.43 -91.82
CA PRO JB 23 7.38 49.38 -92.31
C PRO JB 23 7.23 50.76 -91.71
N ASN JB 24 7.02 50.83 -90.39
CA ASN JB 24 6.91 52.11 -89.69
C ASN JB 24 7.79 52.22 -88.46
N TYR JB 25 8.19 51.11 -87.85
CA TYR JB 25 9.11 51.11 -86.72
C TYR JB 25 10.53 50.74 -87.15
N LYS JB 26 11.46 50.95 -86.23
CA LYS JB 26 12.88 51.04 -86.60
C LYS JB 26 13.47 49.66 -86.88
N LEU JB 27 13.29 48.71 -85.96
CA LEU JB 27 13.93 47.41 -86.03
C LEU JB 27 12.98 46.37 -86.59
N ILE JB 28 13.19 45.97 -87.84
CA ILE JB 28 12.41 44.90 -88.45
C ILE JB 28 13.32 43.69 -88.57
N THR JB 29 13.04 42.67 -87.77
CA THR JB 29 13.68 41.38 -87.87
C THR JB 29 12.59 40.32 -87.84
N PRO JB 30 12.85 39.14 -88.41
CA PRO JB 30 11.85 38.07 -88.36
C PRO JB 30 11.43 37.71 -86.95
N ALA JB 31 12.37 37.75 -86.00
CA ALA JB 31 12.04 37.40 -84.62
C ALA JB 31 11.06 38.39 -84.00
N VAL JB 32 11.32 39.69 -84.17
CA VAL JB 32 10.42 40.68 -83.58
C VAL JB 32 9.08 40.67 -84.31
N VAL JB 33 9.10 40.47 -85.63
CA VAL JB 33 7.83 40.39 -86.36
C VAL JB 33 7.01 39.22 -85.87
N SER JB 34 7.66 38.07 -85.66
CA SER JB 34 6.96 36.90 -85.13
C SER JB 34 6.39 37.17 -83.74
N GLU JB 35 7.18 37.77 -82.86
CA GLU JB 35 6.70 37.94 -81.49
C GLU JB 35 5.63 39.02 -81.36
N ARG JB 36 5.60 40.00 -82.25
CA ARG JB 36 4.59 41.05 -82.20
C ARG JB 36 3.41 40.82 -83.14
N LEU JB 37 3.46 39.80 -84.00
CA LEU JB 37 2.31 39.47 -84.84
C LEU JB 37 1.77 38.07 -84.61
N LYS JB 38 2.38 37.29 -83.71
CA LYS JB 38 1.96 35.91 -83.43
C LYS JB 38 1.94 35.05 -84.69
N ILE JB 39 2.97 35.19 -85.51
CA ILE JB 39 3.16 34.34 -86.67
C ILE JB 39 4.37 33.45 -86.42
N ARG JB 40 4.57 32.48 -87.31
CA ARG JB 40 5.51 31.40 -87.04
C ARG JB 40 6.95 31.89 -87.01
N GLY JB 41 7.42 32.45 -88.12
CA GLY JB 41 8.77 32.98 -88.19
C GLY JB 41 9.46 32.65 -89.48
N SER JB 42 9.24 31.44 -90.01
CA SER JB 42 9.52 31.25 -91.43
C SER JB 42 8.55 32.06 -92.28
N LEU JB 43 7.29 32.11 -91.86
CA LEU JB 43 6.34 33.03 -92.45
C LEU JB 43 6.82 34.47 -92.32
N ALA JB 44 7.43 34.81 -91.18
CA ALA JB 44 7.96 36.16 -91.00
C ALA JB 44 9.07 36.46 -91.99
N ARG JB 45 10.00 35.52 -92.16
CA ARG JB 45 11.09 35.71 -93.11
C ARG JB 45 10.55 35.87 -94.53
N ALA JB 46 9.60 35.02 -94.91
CA ALA JB 46 9.03 35.09 -96.25
C ALA JB 46 8.30 36.42 -96.46
N ALA JB 47 7.53 36.86 -95.47
CA ALA JB 47 6.80 38.11 -95.59
C ALA JB 47 7.76 39.29 -95.68
N LEU JB 48 8.84 39.26 -94.90
CA LEU JB 48 9.79 40.36 -94.94
C LEU JB 48 10.51 40.44 -96.28
N GLN JB 49 10.84 39.30 -96.88
CA GLN JB 49 11.45 39.39 -98.21
C GLN JB 49 10.43 39.73 -99.29
N GLU JB 50 9.15 39.39 -99.09
CA GLU JB 50 8.11 39.90 -100.01
C GLU JB 50 8.01 41.42 -99.93
N LEU JB 51 8.09 41.98 -98.71
CA LEU JB 51 8.09 43.42 -98.58
C LEU JB 51 9.37 44.04 -99.13
N LEU JB 52 10.49 43.33 -99.06
CA LEU JB 52 11.70 43.76 -99.77
C LEU JB 52 11.44 43.84 -101.27
N SER JB 53 10.82 42.81 -101.83
CA SER JB 53 10.54 42.79 -103.27
C SER JB 53 9.61 43.93 -103.65
N LYS JB 54 8.59 44.19 -102.83
CA LYS JB 54 7.72 45.34 -103.06
C LYS JB 54 8.45 46.66 -102.84
N GLY JB 55 9.59 46.65 -102.15
CA GLY JB 55 10.43 47.81 -102.09
C GLY JB 55 10.08 48.82 -101.02
N LEU JB 56 9.25 48.45 -100.05
CA LEU JB 56 8.90 49.33 -98.95
C LEU JB 56 9.63 49.00 -97.66
N ILE JB 57 10.67 48.17 -97.73
CA ILE JB 57 11.53 47.88 -96.58
C ILE JB 57 12.98 47.93 -97.02
N LYS JB 58 13.81 48.59 -96.21
CA LYS JB 58 15.23 48.73 -96.48
C LYS JB 58 16.01 47.68 -95.70
N LEU JB 59 16.97 47.03 -96.37
CA LEU JB 59 17.80 45.99 -95.77
C LEU JB 59 19.17 46.54 -95.42
N VAL JB 60 19.69 46.12 -94.26
CA VAL JB 60 20.99 46.58 -93.79
C VAL JB 60 21.99 45.43 -93.62
N SER JB 61 21.57 44.30 -93.06
CA SER JB 61 22.52 43.28 -92.64
C SER JB 61 22.62 42.09 -93.60
N LYS JB 62 21.54 41.34 -93.77
CA LYS JB 62 21.51 40.12 -94.59
C LYS JB 62 22.64 39.17 -94.22
N HIS JB 63 22.54 38.62 -93.02
CA HIS JB 63 23.46 37.60 -92.54
C HIS JB 63 22.73 36.27 -92.38
N ARG JB 64 23.49 35.17 -92.45
CA ARG JB 64 22.90 33.84 -92.47
C ARG JB 64 22.18 33.48 -91.18
N ALA JB 65 22.44 34.21 -90.09
CA ALA JB 65 21.83 33.90 -88.81
C ALA JB 65 21.17 35.12 -88.17
N GLN JB 66 21.30 36.30 -88.77
CA GLN JB 66 20.72 37.51 -88.18
C GLN JB 66 20.50 38.51 -89.31
N VAL JB 67 19.25 38.65 -89.75
CA VAL JB 67 18.89 39.60 -90.79
C VAL JB 67 18.10 40.74 -90.16
N ILE JB 68 18.49 41.98 -90.47
CA ILE JB 68 17.87 43.16 -89.90
C ILE JB 68 17.35 44.02 -91.04
N TYR JB 69 16.11 44.49 -90.89
CA TYR JB 69 15.48 45.39 -91.84
C TYR JB 69 15.13 46.69 -91.15
N THR JB 70 14.92 47.74 -91.95
CA THR JB 70 14.51 49.03 -91.43
C THR JB 70 13.59 49.69 -92.43
N ARG JB 71 12.77 50.61 -91.93
CA ARG JB 71 11.85 51.32 -92.79
C ARG JB 71 12.59 52.33 -93.67
N ASN JB 72 11.93 52.76 -94.73
CA ASN JB 72 12.50 53.79 -95.58
C ASN JB 72 12.54 55.12 -94.85
N THR JB 73 13.62 55.86 -95.08
CA THR JB 73 13.78 57.16 -94.44
C THR JB 73 12.75 58.15 -94.97
N LYS JB 74 12.31 59.04 -94.09
CA LYS JB 74 11.31 60.05 -94.42
C LYS JB 74 11.97 61.42 -94.50
N GLY JB 75 11.32 62.33 -95.22
CA GLY JB 75 11.81 63.69 -95.37
C GLY JB 75 13.10 63.79 -96.16
N ARG KB 1 17.12 63.88 -47.79
CA ARG KB 1 17.59 63.55 -46.45
C ARG KB 1 18.82 62.67 -46.53
N VAL KB 2 18.82 61.73 -47.48
CA VAL KB 2 19.94 60.81 -47.63
C VAL KB 2 21.17 61.56 -48.10
N GLN KB 3 22.33 61.09 -47.67
CA GLN KB 3 23.59 61.72 -48.04
C GLN KB 3 23.89 61.44 -49.51
N PRO KB 4 24.30 62.44 -50.29
CA PRO KB 4 24.63 62.18 -51.69
C PRO KB 4 25.94 61.42 -51.83
N ILE KB 5 26.05 60.73 -52.96
CA ILE KB 5 27.23 59.94 -53.28
C ILE KB 5 28.39 60.88 -53.56
N LYS KB 6 29.57 60.56 -53.04
CA LYS KB 6 30.72 61.45 -53.22
C LYS KB 6 31.98 60.66 -53.52
N LEU KB 7 32.83 61.23 -54.37
CA LEU KB 7 33.98 60.53 -54.93
C LEU KB 7 35.20 60.70 -54.04
N ALA KB 8 36.13 59.73 -54.15
CA ALA KB 8 37.36 59.82 -53.39
C ALA KB 8 38.42 58.93 -54.04
N ARG KB 9 39.67 59.36 -53.95
CA ARG KB 9 40.80 58.74 -54.64
C ARG KB 9 41.69 57.98 -53.67
N VAL KB 10 42.09 56.77 -54.06
CA VAL KB 10 42.95 55.95 -53.21
C VAL KB 10 44.36 56.52 -53.21
N THR KB 11 44.91 56.74 -52.02
CA THR KB 11 46.26 57.25 -51.87
C THR KB 11 47.26 56.16 -51.49
N LYS KB 12 47.01 55.44 -50.40
CA LYS KB 12 47.86 54.34 -49.99
C LYS KB 12 47.01 53.12 -49.71
N VAL KB 13 47.47 51.97 -50.16
CA VAL KB 13 46.78 50.70 -49.98
C VAL KB 13 47.34 50.05 -48.73
N LEU KB 14 46.48 49.85 -47.72
CA LEU KB 14 46.94 49.30 -46.45
C LEU KB 14 47.26 47.81 -46.59
N GLY KB 15 46.29 47.01 -46.99
CA GLY KB 15 46.56 45.60 -47.22
C GLY KB 15 45.30 44.78 -47.16
N ARG KB 16 45.47 43.49 -47.46
CA ARG KB 16 44.33 42.60 -47.56
C ARG KB 16 43.72 42.31 -46.19
N THR KB 17 42.44 41.96 -46.21
CA THR KB 17 41.68 41.73 -44.99
C THR KB 17 40.53 40.78 -45.32
N GLY KB 18 39.59 40.65 -44.38
CA GLY KB 18 38.48 39.74 -44.54
C GLY KB 18 38.82 38.29 -44.30
N SER KB 19 40.08 37.99 -44.00
CA SER KB 19 40.62 36.68 -43.65
C SER KB 19 40.63 35.72 -44.83
N GLN KB 20 40.04 36.08 -45.97
CA GLN KB 20 40.22 35.34 -47.21
C GLN KB 20 40.95 36.14 -48.26
N GLY KB 21 41.36 37.37 -47.94
CA GLY KB 21 41.94 38.23 -48.95
C GLY KB 21 40.93 38.79 -49.92
N GLN KB 22 39.64 38.58 -49.67
CA GLN KB 22 38.62 39.02 -50.60
C GLN KB 22 38.45 40.53 -50.61
N CYS KB 23 38.95 41.21 -49.59
CA CYS KB 23 38.91 42.66 -49.50
C CYS KB 23 40.31 43.20 -49.33
N THR KB 24 40.56 44.38 -49.91
CA THR KB 24 41.76 45.14 -49.63
C THR KB 24 41.38 46.45 -48.96
N GLN KB 25 42.07 46.77 -47.88
CA GLN KB 25 41.84 47.98 -47.11
C GLN KB 25 42.80 49.04 -47.58
N VAL KB 26 42.26 50.22 -47.87
CA VAL KB 26 43.01 51.33 -48.46
C VAL KB 26 42.70 52.60 -47.69
N ARG KB 27 43.55 53.60 -47.87
CA ARG KB 27 43.31 54.96 -47.39
C ARG KB 27 42.89 55.80 -48.58
N VAL KB 28 41.80 56.55 -48.42
CA VAL KB 28 41.16 57.22 -49.53
C VAL KB 28 40.90 58.67 -49.15
N GLU KB 29 41.15 59.57 -50.10
CA GLU KB 29 41.15 61.01 -49.90
C GLU KB 29 39.99 61.62 -50.67
N PHE KB 30 39.19 62.44 -50.00
CA PHE KB 30 37.99 62.97 -50.63
C PHE KB 30 38.32 64.02 -51.69
N MET KB 31 37.44 64.13 -52.69
CA MET KB 31 37.60 65.14 -53.72
C MET KB 31 37.33 66.54 -53.19
N ASP KB 32 36.21 66.71 -52.48
CA ASP KB 32 35.77 68.05 -52.09
C ASP KB 32 36.73 68.68 -51.10
N ASP KB 33 37.14 67.93 -50.08
CA ASP KB 33 38.10 68.41 -49.09
C ASP KB 33 39.31 67.49 -49.18
N THR KB 34 40.34 67.94 -49.89
CA THR KB 34 41.54 67.12 -50.05
C THR KB 34 42.22 66.85 -48.72
N SER KB 35 42.08 67.76 -47.76
CA SER KB 35 42.60 67.51 -46.43
C SER KB 35 41.82 66.45 -45.68
N ARG KB 36 40.66 66.02 -46.18
CA ARG KB 36 39.89 64.96 -45.57
C ARG KB 36 40.22 63.62 -46.20
N SER KB 37 40.58 62.65 -45.36
CA SER KB 37 40.95 61.32 -45.83
C SER KB 37 40.60 60.31 -44.75
N ILE KB 38 40.01 59.19 -45.16
CA ILE KB 38 39.61 58.14 -44.23
C ILE KB 38 40.16 56.80 -44.71
N ILE KB 39 39.80 55.73 -44.02
CA ILE KB 39 40.25 54.38 -44.37
C ILE KB 39 39.03 53.54 -44.68
N ARG KB 40 39.01 52.93 -45.86
CA ARG KB 40 37.89 52.14 -46.32
C ARG KB 40 38.37 50.81 -46.86
N ASN KB 41 37.54 49.78 -46.69
CA ASN KB 41 37.84 48.47 -47.25
C ASN KB 41 37.03 48.27 -48.52
N VAL KB 42 37.71 47.92 -49.60
CA VAL KB 42 37.13 47.81 -50.93
C VAL KB 42 37.41 46.43 -51.49
N LYS KB 43 36.47 45.92 -52.27
CA LYS KB 43 36.60 44.61 -52.89
C LYS KB 43 36.85 44.77 -54.38
N GLY KB 44 37.57 43.82 -54.95
CA GLY KB 44 38.04 43.92 -56.31
C GLY KB 44 39.45 44.45 -56.38
N PRO KB 45 40.06 44.37 -57.55
CA PRO KB 45 41.46 44.79 -57.69
C PRO KB 45 41.60 46.29 -57.59
N VAL KB 46 42.48 46.74 -56.69
CA VAL KB 46 42.69 48.15 -56.41
C VAL KB 46 44.17 48.47 -56.50
N ARG KB 47 44.51 49.54 -57.20
CA ARG KB 47 45.85 50.10 -57.17
C ARG KB 47 45.73 51.59 -56.84
N GLU KB 48 46.68 52.08 -56.07
CA GLU KB 48 46.60 53.45 -55.58
C GLU KB 48 46.62 54.43 -56.75
N GLY KB 49 45.82 55.50 -56.62
CA GLY KB 49 45.69 56.51 -57.64
C GLY KB 49 44.36 56.49 -58.36
N ASP KB 50 43.58 55.42 -58.22
CA ASP KB 50 42.28 55.38 -58.88
C ASP KB 50 41.20 55.91 -57.94
N VAL KB 51 40.09 56.32 -58.53
CA VAL KB 51 39.04 57.01 -57.80
C VAL KB 51 37.82 56.10 -57.75
N LEU KB 52 37.00 56.29 -56.71
CA LEU KB 52 35.87 55.41 -56.51
C LEU KB 52 34.77 56.14 -55.75
N THR KB 53 33.55 55.62 -55.90
CA THR KB 53 32.37 56.24 -55.33
C THR KB 53 32.19 55.81 -53.89
N LEU KB 54 31.69 56.72 -53.07
CA LEU KB 54 31.32 56.45 -51.69
C LEU KB 54 29.83 56.74 -51.60
N LEU KB 55 29.03 55.67 -51.53
CA LEU KB 55 27.59 55.83 -51.31
C LEU KB 55 27.33 56.40 -49.93
N GLU KB 56 28.07 55.92 -48.94
CA GLU KB 56 28.04 56.44 -47.58
C GLU KB 56 29.45 56.87 -47.21
N SER KB 57 29.56 57.94 -46.42
CA SER KB 57 30.87 58.56 -46.21
C SER KB 57 31.75 57.75 -45.26
N GLU KB 58 31.35 57.62 -44.00
CA GLU KB 58 32.19 56.96 -43.01
C GLU KB 58 31.55 55.65 -42.55
N ARG KB 59 32.26 54.54 -42.77
CA ARG KB 59 31.80 53.23 -42.36
C ARG KB 59 32.66 52.60 -41.27
N GLU KB 60 33.95 52.43 -41.54
CA GLU KB 60 34.82 51.69 -40.62
C GLU KB 60 36.28 51.93 -40.92
N ALA KB 61 37.00 52.46 -39.94
CA ALA KB 61 38.44 52.62 -40.02
C ALA KB 61 39.08 51.74 -38.97
N ARG KB 62 40.00 50.86 -39.41
CA ARG KB 62 40.63 49.93 -38.48
C ARG KB 62 41.97 49.52 -39.09
N ARG KB 63 43.05 49.97 -38.47
CA ARG KB 63 44.38 49.58 -38.92
C ARG KB 63 44.59 48.08 -38.77
N LEU KB 64 45.17 47.47 -39.79
CA LEU KB 64 45.43 46.05 -39.83
C LEU KB 64 46.40 45.63 -38.72
N GLY LB 1 45.86 -36.54 -76.49
CA GLY LB 1 45.35 -37.04 -77.75
C GLY LB 1 46.43 -37.11 -78.81
N HIS LB 2 46.06 -37.65 -79.97
CA HIS LB 2 47.02 -37.81 -81.07
C HIS LB 2 47.22 -36.48 -81.77
N GLN LB 3 47.96 -36.50 -82.88
CA GLN LB 3 48.35 -35.29 -83.59
C GLN LB 3 47.16 -34.56 -84.21
N GLN LB 4 46.01 -35.21 -84.33
CA GLN LB 4 44.88 -34.60 -85.03
C GLN LB 4 44.11 -33.60 -84.18
N LEU LB 5 44.27 -33.62 -82.86
CA LEU LB 5 43.55 -32.68 -82.02
C LEU LB 5 44.40 -32.02 -80.94
N TYR LB 6 45.68 -32.40 -80.80
CA TYR LB 6 46.47 -31.88 -79.69
C TYR LB 6 46.69 -30.38 -79.81
N TRP LB 7 47.00 -29.89 -81.00
CA TRP LB 7 47.23 -28.47 -81.24
C TRP LB 7 46.33 -27.99 -82.37
N SER LB 8 45.18 -28.63 -82.53
CA SER LB 8 44.33 -28.41 -83.69
C SER LB 8 43.65 -27.05 -83.69
N HIS LB 9 43.45 -26.46 -82.52
CA HIS LB 9 42.73 -25.20 -82.44
C HIS LB 9 43.56 -24.08 -83.09
N PRO LB 10 42.98 -23.32 -84.02
CA PRO LB 10 43.73 -22.26 -84.68
C PRO LB 10 44.22 -21.20 -83.69
N ARG LB 11 45.47 -20.79 -83.87
CA ARG LB 11 46.05 -19.64 -83.17
C ARG LB 11 46.83 -18.80 -84.18
N LYS LB 12 46.20 -18.53 -85.33
CA LYS LB 12 46.81 -17.70 -86.35
C LYS LB 12 46.64 -16.21 -86.09
N PHE LB 13 45.96 -15.83 -85.01
CA PHE LB 13 45.73 -14.44 -84.66
C PHE LB 13 45.34 -14.37 -83.19
N GLY LB 14 44.87 -13.21 -82.77
CA GLY LB 14 44.32 -13.05 -81.44
C GLY LB 14 45.40 -12.94 -80.37
N GLN LB 15 44.92 -12.87 -79.13
CA GLN LB 15 45.81 -12.68 -77.99
C GLN LB 15 46.57 -13.96 -77.67
N GLY LB 16 46.03 -15.12 -78.03
CA GLY LB 16 46.70 -16.37 -77.76
C GLY LB 16 47.84 -16.70 -78.69
N SER LB 17 47.99 -15.97 -79.79
CA SER LB 17 49.08 -16.21 -80.72
C SER LB 17 50.36 -15.51 -80.32
N ARG LB 18 50.30 -14.52 -79.44
CA ARG LB 18 51.43 -13.70 -79.10
C ARG LB 18 51.79 -13.88 -77.63
N SER LB 19 53.08 -13.98 -77.36
CA SER LB 19 53.60 -14.08 -76.01
C SER LB 19 54.84 -13.21 -75.92
N CYS LB 20 55.18 -12.82 -74.69
CA CYS LB 20 56.38 -12.02 -74.47
C CYS LB 20 57.61 -12.82 -74.88
N ARG LB 21 58.51 -12.16 -75.60
CA ARG LB 21 59.73 -12.82 -76.05
C ARG LB 21 60.69 -13.12 -74.90
N VAL LB 22 60.42 -12.60 -73.70
CA VAL LB 22 61.26 -12.83 -72.53
C VAL LB 22 60.59 -13.77 -71.55
N CYS LB 23 59.44 -13.39 -71.02
CA CYS LB 23 58.81 -14.09 -69.91
C CYS LB 23 57.63 -14.96 -70.32
N SER LB 24 57.34 -15.06 -71.62
CA SER LB 24 56.26 -15.90 -72.14
C SER LB 24 54.90 -15.52 -71.55
N ASN LB 25 54.68 -14.24 -71.32
CA ASN LB 25 53.41 -13.75 -70.82
C ASN LB 25 52.51 -13.33 -71.98
N ARG LB 26 51.20 -13.40 -71.75
CA ARG LB 26 50.22 -13.09 -72.78
C ARG LB 26 49.45 -11.81 -72.47
N HIS LB 27 49.92 -11.01 -71.52
CA HIS LB 27 49.22 -9.80 -71.12
C HIS LB 27 50.18 -8.63 -71.10
N GLY LB 28 49.69 -7.48 -71.56
CA GLY LB 28 50.49 -6.27 -71.60
C GLY LB 28 51.65 -6.34 -72.56
N LEU LB 29 51.46 -6.91 -73.74
CA LEU LB 29 52.53 -6.93 -74.72
C LEU LB 29 52.69 -5.57 -75.37
N ILE LB 30 53.89 -5.31 -75.86
CA ILE LB 30 54.21 -4.12 -76.62
C ILE LB 30 54.64 -4.58 -78.00
N ARG LB 31 53.75 -4.47 -78.97
CA ARG LB 31 54.06 -4.88 -80.33
C ARG LB 31 54.52 -3.71 -81.19
N LYS LB 32 54.62 -2.52 -80.63
CA LYS LB 32 55.08 -1.37 -81.41
C LYS LB 32 56.55 -1.54 -81.75
N TYR LB 33 56.89 -1.22 -83.00
CA TYR LB 33 58.24 -1.40 -83.54
C TYR LB 33 58.71 -2.84 -83.45
N GLY LB 34 57.78 -3.78 -83.53
CA GLY LB 34 58.12 -5.19 -83.46
C GLY LB 34 58.80 -5.60 -82.18
N LEU LB 35 58.46 -4.94 -81.07
CA LEU LB 35 59.16 -5.18 -79.81
C LEU LB 35 58.78 -6.54 -79.24
N ASN LB 36 57.48 -6.84 -79.19
CA ASN LB 36 56.96 -8.14 -78.77
C ASN LB 36 57.44 -8.51 -77.37
N MET LB 37 57.46 -7.54 -76.48
CA MET LB 37 57.93 -7.74 -75.12
C MET LB 37 56.85 -7.32 -74.13
N CYS LB 38 56.83 -8.00 -72.99
CA CYS LB 38 55.85 -7.69 -71.96
C CYS LB 38 56.07 -6.29 -71.41
N ARG LB 39 55.00 -5.73 -70.84
CA ARG LB 39 55.04 -4.38 -70.30
C ARG LB 39 56.09 -4.25 -69.20
N GLN LB 40 56.17 -5.24 -68.31
CA GLN LB 40 57.13 -5.18 -67.23
C GLN LB 40 58.54 -5.46 -67.72
N CYS LB 41 58.68 -6.40 -68.65
CA CYS LB 41 60.01 -6.73 -69.17
C CYS LB 41 60.61 -5.57 -69.95
N PHE LB 42 59.77 -4.77 -70.62
CA PHE LB 42 60.29 -3.59 -71.30
C PHE LB 42 60.82 -2.57 -70.29
N ARG LB 43 60.12 -2.38 -69.18
CA ARG LB 43 60.66 -1.53 -68.13
C ARG LB 43 61.96 -2.09 -67.57
N GLN LB 44 62.06 -3.41 -67.48
CA GLN LB 44 63.28 -4.04 -66.99
C GLN LB 44 64.46 -3.77 -67.92
N TYR LB 45 64.26 -3.92 -69.23
CA TYR LB 45 65.37 -3.92 -70.17
C TYR LB 45 65.53 -2.62 -70.95
N ALA LB 46 64.67 -1.63 -70.75
CA ALA LB 46 64.61 -0.47 -71.64
C ALA LB 46 65.91 0.31 -71.69
N LYS LB 47 66.71 0.25 -70.62
CA LYS LB 47 68.04 0.84 -70.65
C LYS LB 47 68.92 0.14 -71.68
N ASP LB 48 68.80 -1.18 -71.80
CA ASP LB 48 69.68 -1.93 -72.69
C ASP LB 48 69.33 -1.69 -74.15
N ILE LB 49 68.05 -1.66 -74.50
CA ILE LB 49 67.66 -1.39 -75.88
C ILE LB 49 68.11 0.00 -76.31
N GLY LB 50 67.86 0.99 -75.46
CA GLY LB 50 68.21 2.36 -75.80
C GLY LB 50 67.07 3.32 -75.58
N PHE LB 51 65.95 2.81 -75.09
CA PHE LB 51 64.81 3.65 -74.74
C PHE LB 51 65.09 4.28 -73.39
N ILE LB 52 65.44 5.56 -73.39
CA ILE LB 52 65.87 6.26 -72.19
C ILE LB 52 64.94 7.44 -71.95
N LYS LB 53 64.86 7.85 -70.68
CA LYS LB 53 63.93 8.86 -70.24
C LYS LB 53 64.53 10.25 -70.42
N LEU LB 54 63.78 11.13 -71.06
CA LEU LB 54 64.20 12.51 -71.24
C LEU LB 54 63.24 13.52 -70.64
N ASP LB 55 61.94 13.28 -70.77
CA ASP LB 55 60.94 14.18 -70.19
C ASP LB 55 59.75 13.38 -69.70
N TYR MB 1 35.46 -33.75 -55.52
CA TYR MB 1 35.49 -34.60 -56.69
C TYR MB 1 34.12 -35.21 -57.00
N THR MB 2 33.98 -36.50 -56.66
CA THR MB 2 32.77 -37.28 -56.92
C THR MB 2 32.40 -37.23 -58.41
N THR MB 3 33.30 -37.81 -59.19
CA THR MB 3 33.12 -37.82 -60.64
C THR MB 3 32.00 -38.79 -61.00
N PRO MB 4 30.99 -38.34 -61.76
CA PRO MB 4 29.84 -39.22 -62.05
C PRO MB 4 30.20 -40.49 -62.81
N LYS MB 5 31.15 -40.41 -63.74
CA LYS MB 5 31.58 -41.59 -64.46
C LYS MB 5 32.66 -42.33 -63.68
N LYS MB 6 32.70 -43.64 -63.85
CA LYS MB 6 33.73 -44.45 -63.22
C LYS MB 6 35.08 -44.20 -63.89
N ASN MB 7 36.14 -44.62 -63.21
CA ASN MB 7 37.49 -44.50 -63.77
C ASN MB 7 37.60 -45.34 -65.03
N LYS MB 8 37.76 -44.66 -66.17
CA LYS MB 8 37.82 -45.34 -67.45
C LYS MB 8 38.96 -46.36 -67.49
N HIS MB 9 38.64 -47.56 -67.98
CA HIS MB 9 39.63 -48.62 -68.07
C HIS MB 9 40.54 -48.38 -69.27
N LYS MB 10 41.81 -48.11 -69.02
CA LYS MB 10 42.78 -47.97 -70.08
C LYS MB 10 43.00 -49.32 -70.76
N ARG MB 11 43.20 -49.28 -72.07
CA ARG MB 11 43.32 -50.50 -72.86
C ARG MB 11 44.58 -51.28 -72.49
N LYS MB 12 44.41 -52.59 -72.32
CA LYS MB 12 45.52 -53.53 -72.22
C LYS MB 12 45.52 -54.41 -73.45
N LYS MB 13 46.69 -54.58 -74.07
CA LYS MB 13 46.78 -55.36 -75.29
C LYS MB 13 46.57 -56.84 -75.00
N VAL MB 14 46.28 -57.59 -76.06
CA VAL MB 14 45.90 -59.00 -75.91
C VAL MB 14 47.08 -59.89 -75.52
N LYS MB 15 48.31 -59.37 -75.53
CA LYS MB 15 49.52 -60.11 -75.17
C LYS MB 15 49.68 -61.32 -76.08
N LEU MB 16 49.85 -61.02 -77.36
CA LEU MB 16 49.85 -62.04 -78.39
C LEU MB 16 51.10 -62.92 -78.29
N ALA MB 17 50.93 -64.22 -78.53
CA ALA MB 17 52.02 -65.16 -78.54
C ALA MB 17 52.74 -65.10 -79.88
N VAL MB 18 53.57 -66.12 -80.17
CA VAL MB 18 54.30 -66.16 -81.43
C VAL MB 18 53.32 -66.15 -82.60
N LEU MB 19 53.64 -65.35 -83.63
CA LEU MB 19 52.71 -65.03 -84.70
C LEU MB 19 52.30 -66.26 -85.51
N LYS MB 20 53.25 -66.89 -86.23
CA LYS MB 20 53.06 -68.18 -86.90
C LYS MB 20 51.84 -68.20 -87.83
N TYR MB 21 51.46 -67.07 -88.41
CA TYR MB 21 50.31 -67.09 -89.32
C TYR MB 21 50.74 -67.28 -90.78
N TYR MB 22 51.54 -68.32 -91.02
CA TYR MB 22 51.83 -68.81 -92.36
C TYR MB 22 52.44 -70.19 -92.23
N LYS MB 23 52.24 -71.02 -93.26
CA LYS MB 23 52.53 -72.44 -93.18
C LYS MB 23 53.16 -72.92 -94.47
N VAL MB 24 54.04 -73.91 -94.36
CA VAL MB 24 54.59 -74.62 -95.51
C VAL MB 24 54.28 -76.10 -95.35
N ASP MB 25 54.21 -76.81 -96.49
CA ASP MB 25 53.66 -78.16 -96.49
C ASP MB 25 54.46 -79.09 -97.39
N GLU MB 26 54.35 -80.40 -97.08
CA GLU MB 26 55.13 -81.49 -97.66
C GLU MB 26 56.60 -81.12 -97.89
N ASN MB 27 57.34 -80.93 -96.80
CA ASN MB 27 58.78 -80.65 -96.81
C ASN MB 27 59.07 -79.30 -97.48
N GLY MB 28 58.15 -78.36 -97.31
CA GLY MB 28 58.38 -76.97 -97.66
C GLY MB 28 57.74 -76.54 -98.96
N LYS MB 29 56.55 -75.96 -98.85
CA LYS MB 29 55.87 -75.35 -100.00
C LYS MB 29 55.13 -74.14 -99.44
N ILE MB 30 55.58 -72.94 -99.82
CA ILE MB 30 55.13 -71.73 -99.17
C ILE MB 30 53.64 -71.51 -99.38
N SER MB 31 52.96 -71.08 -98.31
CA SER MB 31 51.54 -70.76 -98.36
C SER MB 31 51.33 -69.48 -97.55
N ARG MB 32 51.34 -68.34 -98.23
CA ARG MB 32 50.94 -67.08 -97.61
C ARG MB 32 49.45 -67.15 -97.34
N LEU MB 33 49.07 -67.41 -96.08
CA LEU MB 33 47.67 -67.43 -95.71
C LEU MB 33 47.17 -66.06 -95.28
N ARG MB 34 47.97 -65.02 -95.49
CA ARG MB 34 47.59 -63.65 -95.20
C ARG MB 34 47.77 -62.79 -96.44
N ARG MB 35 46.90 -61.80 -96.57
CA ARG MB 35 46.96 -60.87 -97.70
C ARG MB 35 48.26 -60.05 -97.65
N GLU MB 36 48.73 -59.65 -98.83
CA GLU MB 36 49.95 -58.85 -98.96
C GLU MB 36 49.57 -57.42 -99.34
N CYS MB 37 50.04 -56.47 -98.54
CA CYS MB 37 49.85 -55.06 -98.86
C CYS MB 37 50.73 -54.69 -100.06
N PRO MB 38 50.16 -54.25 -101.17
CA PRO MB 38 50.95 -54.06 -102.39
C PRO MB 38 51.63 -52.71 -102.52
N SER MB 39 51.37 -51.77 -101.62
CA SER MB 39 51.96 -50.45 -101.75
C SER MB 39 53.45 -50.50 -101.45
N ASP MB 40 54.16 -49.48 -101.94
CA ASP MB 40 55.60 -49.39 -101.72
C ASP MB 40 55.91 -49.13 -100.24
N GLU MB 41 55.11 -48.28 -99.59
CA GLU MB 41 55.36 -47.98 -98.19
C GLU MB 41 55.11 -49.19 -97.30
N CYS MB 42 54.11 -50.01 -97.64
CA CYS MB 42 53.95 -51.29 -96.95
C CYS MB 42 55.06 -52.25 -97.36
N GLY MB 43 55.32 -52.36 -98.66
CA GLY MB 43 56.30 -53.31 -99.16
C GLY MB 43 55.72 -54.71 -99.30
N ALA MB 44 56.55 -55.60 -99.83
CA ALA MB 44 56.17 -56.99 -100.03
C ALA MB 44 56.46 -57.87 -98.82
N GLY MB 45 56.95 -57.29 -97.73
CA GLY MB 45 57.30 -58.06 -96.56
C GLY MB 45 56.17 -58.20 -95.55
N VAL MB 46 55.44 -57.11 -95.31
CA VAL MB 46 54.37 -57.14 -94.31
C VAL MB 46 53.13 -57.80 -94.88
N PHE MB 47 52.35 -58.41 -94.01
CA PHE MB 47 51.07 -58.99 -94.35
C PHE MB 47 49.95 -58.04 -93.97
N MET MB 48 48.79 -58.24 -94.58
CA MET MB 48 47.63 -57.43 -94.23
C MET MB 48 46.76 -58.14 -93.21
N ALA MB 49 45.87 -57.37 -92.60
CA ALA MB 49 44.95 -57.92 -91.62
C ALA MB 49 43.94 -58.84 -92.31
N SER MB 50 43.32 -59.71 -91.50
CA SER MB 50 42.39 -60.69 -92.03
C SER MB 50 41.04 -60.56 -91.34
N HIS MB 51 40.53 -59.33 -91.30
CA HIS MB 51 39.23 -59.07 -90.69
C HIS MB 51 38.13 -59.81 -91.45
N PHE MB 52 37.01 -60.01 -90.77
CA PHE MB 52 35.95 -60.87 -91.30
C PHE MB 52 35.34 -60.33 -92.59
N ASP MB 53 35.51 -59.04 -92.89
CA ASP MB 53 34.95 -58.49 -94.11
C ASP MB 53 35.85 -57.52 -94.85
N ARG MB 54 37.09 -57.30 -94.41
CA ARG MB 54 38.02 -56.45 -95.14
C ARG MB 54 39.44 -56.88 -94.77
N HIS MB 55 40.41 -56.28 -95.44
CA HIS MB 55 41.83 -56.46 -95.15
C HIS MB 55 42.46 -55.11 -94.89
N TYR MB 56 43.31 -55.05 -93.86
CA TYR MB 56 43.95 -53.81 -93.44
C TYR MB 56 45.46 -53.96 -93.47
N CYS MB 57 46.14 -52.97 -94.04
CA CYS MB 57 47.60 -52.98 -94.12
C CYS MB 57 48.13 -52.20 -92.92
N GLY MB 58 49.05 -52.81 -92.17
CA GLY MB 58 49.52 -52.18 -90.95
C GLY MB 58 50.29 -50.89 -91.21
N LYS MB 59 51.14 -50.88 -92.23
CA LYS MB 59 51.86 -49.67 -92.59
C LYS MB 59 51.08 -48.79 -93.56
N CYS MB 60 50.64 -49.37 -94.68
CA CYS MB 60 50.02 -48.57 -95.72
C CYS MB 60 48.65 -48.04 -95.33
N CYS MB 61 48.07 -48.57 -94.24
CA CYS MB 61 46.71 -48.25 -93.78
C CYS MB 61 45.69 -48.30 -94.91
N LEU MB 62 45.96 -49.13 -95.92
CA LEU MB 62 44.97 -49.41 -96.94
C LEU MB 62 43.99 -50.46 -96.45
N THR MB 63 42.72 -50.25 -96.77
CA THR MB 63 41.66 -51.17 -96.41
C THR MB 63 40.97 -51.64 -97.69
N TYR MB 64 41.14 -52.91 -98.01
CA TYR MB 64 40.51 -53.51 -99.17
C TYR MB 64 39.26 -54.26 -98.73
N CYS MB 65 38.14 -53.92 -99.33
CA CYS MB 65 36.85 -54.49 -98.96
C CYS MB 65 36.43 -55.54 -99.98
N PHE MB 66 36.04 -56.71 -99.49
CA PHE MB 66 35.39 -57.71 -100.31
C PHE MB 66 33.94 -57.85 -99.85
N ASN MB 67 33.01 -57.73 -100.78
CA ASN MB 67 31.58 -57.72 -100.44
C ASN MB 67 30.95 -59.07 -100.77
N THR NB 1 91.44 81.28 -76.60
CA THR NB 1 90.03 81.55 -76.86
C THR NB 1 89.34 80.32 -77.45
N GLU NB 2 90.00 79.16 -77.35
CA GLU NB 2 89.47 77.92 -77.89
C GLU NB 2 89.17 76.95 -76.76
N GLN NB 3 88.05 76.24 -76.91
CA GLN NB 3 87.67 75.19 -75.98
C GLN NB 3 86.76 74.22 -76.71
N MET NB 4 86.68 73.01 -76.19
CA MET NB 4 85.86 71.96 -76.79
C MET NB 4 84.49 72.02 -76.15
N THR NB 5 83.44 72.14 -76.97
CA THR NB 5 82.10 72.33 -76.46
C THR NB 5 81.15 71.39 -77.19
N LEU NB 6 79.93 71.31 -76.67
CA LEU NB 6 78.91 70.46 -77.27
C LEU NB 6 78.52 70.96 -78.65
N ARG NB 7 78.09 70.03 -79.50
CA ARG NB 7 77.53 70.39 -80.79
C ARG NB 7 76.22 69.66 -81.00
N GLY NB 8 76.05 68.51 -80.36
CA GLY NB 8 74.82 67.77 -80.45
C GLY NB 8 75.02 66.31 -80.12
N THR NB 9 73.94 65.56 -80.27
CA THR NB 9 73.91 64.13 -80.00
C THR NB 9 73.29 63.41 -81.17
N LEU NB 10 73.71 62.15 -81.38
CA LEU NB 10 73.13 61.30 -82.41
C LEU NB 10 72.43 60.13 -81.73
N LYS NB 11 71.21 59.84 -82.16
CA LYS NB 11 70.39 58.80 -81.55
C LYS NB 11 70.01 57.74 -82.57
N GLY NB 12 69.81 56.52 -82.09
CA GLY NB 12 69.39 55.43 -82.95
C GLY NB 12 69.99 54.09 -82.58
N HIS NB 13 70.95 54.09 -81.66
CA HIS NB 13 71.59 52.87 -81.23
C HIS NB 13 70.90 52.30 -79.99
N ASN NB 14 70.89 50.97 -79.91
CA ASN NB 14 70.39 50.26 -78.73
C ASN NB 14 71.52 49.60 -77.95
N GLY NB 15 72.72 50.14 -78.04
CA GLY NB 15 73.86 49.59 -77.33
C GLY NB 15 74.99 50.59 -77.29
N TRP NB 16 76.00 50.25 -76.50
CA TRP NB 16 77.16 51.13 -76.34
C TRP NB 16 77.84 51.35 -77.68
N VAL NB 17 78.14 52.60 -77.99
CA VAL NB 17 78.79 52.93 -79.26
C VAL NB 17 80.26 52.55 -79.12
N THR NB 18 80.62 51.37 -79.61
CA THR NB 18 81.96 50.83 -79.35
C THR NB 18 83.01 51.52 -80.21
N GLN NB 19 82.67 51.88 -81.44
CA GLN NB 19 83.66 52.41 -82.36
C GLN NB 19 83.03 53.46 -83.26
N ILE NB 20 83.81 54.50 -83.56
CA ILE NB 20 83.42 55.56 -84.49
C ILE NB 20 84.45 55.59 -85.60
N ALA NB 21 83.99 55.60 -86.85
CA ALA NB 21 84.87 55.69 -88.00
C ALA NB 21 84.43 56.84 -88.90
N THR NB 22 85.39 57.67 -89.28
CA THR NB 22 85.16 58.80 -90.17
C THR NB 22 86.10 58.70 -91.36
N THR NB 23 85.67 59.25 -92.49
CA THR NB 23 86.43 59.16 -93.72
C THR NB 23 86.77 60.55 -94.26
N PRO NB 24 87.92 60.69 -94.91
CA PRO NB 24 88.27 62.02 -95.46
C PRO NB 24 87.43 62.39 -96.67
N GLN NB 25 87.14 61.44 -97.56
CA GLN NB 25 86.45 61.75 -98.80
C GLN NB 25 84.99 62.14 -98.58
N PHE NB 26 84.37 61.67 -97.50
CA PHE NB 26 82.98 62.01 -97.17
C PHE NB 26 82.96 62.61 -95.77
N PRO NB 27 83.30 63.89 -95.65
CA PRO NB 27 83.36 64.51 -94.31
C PRO NB 27 82.04 64.53 -93.57
N ASP NB 28 80.91 64.59 -94.28
CA ASP NB 28 79.60 64.60 -93.66
C ASP NB 28 78.97 63.22 -93.57
N MET NB 29 79.79 62.17 -93.58
CA MET NB 29 79.31 60.80 -93.45
C MET NB 29 80.22 60.07 -92.47
N ILE NB 30 79.63 59.56 -91.40
CA ILE NB 30 80.36 58.79 -90.40
C ILE NB 30 79.70 57.43 -90.27
N LEU NB 31 80.32 56.54 -89.49
CA LEU NB 31 79.67 55.27 -89.19
C LEU NB 31 80.09 54.76 -87.82
N SER NB 32 79.09 54.35 -87.05
CA SER NB 32 79.26 53.96 -85.65
C SER NB 32 78.87 52.51 -85.48
N ALA NB 33 79.76 51.74 -84.85
CA ALA NB 33 79.43 50.40 -84.40
C ALA NB 33 78.75 50.45 -83.05
N SER NB 34 78.15 49.33 -82.65
CA SER NB 34 77.43 49.28 -81.39
C SER NB 34 77.40 47.84 -80.88
N ARG NB 35 76.81 47.68 -79.69
CA ARG NB 35 76.56 46.38 -79.10
C ARG NB 35 75.17 45.85 -79.43
N ASP NB 36 74.59 46.30 -80.54
CA ASP NB 36 73.30 45.81 -81.01
C ASP NB 36 73.43 44.98 -82.28
N LYS NB 37 74.64 44.47 -82.56
CA LYS NB 37 74.96 43.67 -83.73
C LYS NB 37 74.70 44.41 -85.04
N THR NB 38 74.65 45.74 -84.99
CA THR NB 38 74.43 46.56 -86.18
C THR NB 38 75.46 47.68 -86.22
N ILE NB 39 75.67 48.20 -87.43
CA ILE NB 39 76.51 49.39 -87.63
C ILE NB 39 75.66 50.43 -88.33
N ILE NB 40 75.54 51.61 -87.74
CA ILE NB 40 74.70 52.67 -88.29
C ILE NB 40 75.61 53.69 -88.94
N MET NB 41 75.41 53.95 -90.23
CA MET NB 41 76.12 55.03 -90.89
C MET NB 41 75.24 56.26 -90.91
N TRP NB 42 75.84 57.41 -90.63
CA TRP NB 42 75.13 58.66 -90.40
C TRP NB 42 75.50 59.67 -91.47
N LYS NB 43 74.49 60.29 -92.05
CA LYS NB 43 74.66 61.52 -92.82
C LYS NB 43 74.50 62.69 -91.86
N LEU NB 44 75.35 63.70 -92.02
CA LEU NB 44 75.48 64.78 -91.06
C LEU NB 44 74.70 65.97 -91.60
N THR NB 45 73.59 66.29 -90.94
CA THR NB 45 72.74 67.42 -91.33
C THR NB 45 72.80 68.42 -90.19
N ARG NB 46 73.78 69.31 -90.25
CA ARG NB 46 74.11 70.19 -89.13
C ARG NB 46 73.07 71.30 -89.05
N ASP NB 47 71.95 70.97 -88.40
CA ASP NB 47 70.86 71.92 -88.24
C ASP NB 47 70.46 72.06 -86.77
N GLU NB 48 69.39 72.80 -86.51
CA GLU NB 48 68.94 73.06 -85.16
C GLU NB 48 68.20 71.88 -84.54
N THR NB 49 67.67 70.97 -85.36
CA THR NB 49 66.90 69.84 -84.81
C THR NB 49 67.84 68.74 -84.31
N ASN NB 50 68.63 68.17 -85.21
CA ASN NB 50 69.63 67.18 -84.84
C ASN NB 50 70.86 67.39 -85.71
N TYR NB 51 71.99 66.87 -85.23
CA TYR NB 51 73.25 67.08 -85.95
C TYR NB 51 73.47 66.03 -87.03
N GLY NB 52 72.96 64.82 -86.85
CA GLY NB 52 73.11 63.79 -87.86
C GLY NB 52 71.88 62.90 -87.86
N ILE NB 53 71.89 61.94 -88.80
CA ILE NB 53 70.75 61.05 -88.96
C ILE NB 53 71.24 59.74 -89.57
N PRO NB 54 70.69 58.59 -89.17
CA PRO NB 54 71.01 57.34 -89.87
C PRO NB 54 70.58 57.39 -91.32
N GLN NB 55 71.42 56.84 -92.19
CA GLN NB 55 71.12 56.72 -93.60
C GLN NB 55 71.14 55.28 -94.08
N ARG NB 56 71.96 54.42 -93.48
CA ARG NB 56 71.92 53.00 -93.76
C ARG NB 56 72.33 52.25 -92.49
N ALA NB 57 71.79 51.04 -92.36
CA ALA NB 57 72.10 50.15 -91.25
C ALA NB 57 72.71 48.87 -91.81
N LEU NB 58 73.88 48.51 -91.30
CA LEU NB 58 74.60 47.32 -91.74
C LEU NB 58 74.35 46.23 -90.71
N ARG NB 59 73.77 45.12 -91.16
CA ARG NB 59 73.40 44.02 -90.29
C ARG NB 59 73.94 42.72 -90.86
N GLY NB 60 74.22 41.77 -89.98
CA GLY NB 60 74.80 40.51 -90.38
C GLY NB 60 75.76 39.93 -89.37
N HIS NB 61 76.22 40.75 -88.43
CA HIS NB 61 76.98 40.24 -87.30
C HIS NB 61 76.04 39.57 -86.31
N SER NB 62 76.52 38.48 -85.70
CA SER NB 62 75.71 37.72 -84.76
C SER NB 62 75.85 38.19 -83.32
N HIS NB 63 76.81 39.06 -83.02
CA HIS NB 63 77.02 39.49 -81.65
C HIS NB 63 77.53 40.94 -81.68
N PHE NB 64 78.06 41.40 -80.54
CA PHE NB 64 78.47 42.79 -80.41
C PHE NB 64 79.56 43.14 -81.41
N VAL NB 65 79.41 44.29 -82.06
CA VAL NB 65 80.41 44.75 -83.01
C VAL NB 65 81.53 45.44 -82.26
N SER NB 66 82.75 44.91 -82.38
CA SER NB 66 83.88 45.48 -81.66
C SER NB 66 84.45 46.67 -82.39
N ASP NB 67 84.93 46.46 -83.61
CA ASP NB 67 85.68 47.48 -84.34
C ASP NB 67 85.09 47.65 -85.73
N VAL NB 68 85.11 48.90 -86.22
CA VAL NB 68 84.73 49.20 -87.59
C VAL NB 68 85.74 50.21 -88.14
N VAL NB 69 86.22 49.96 -89.36
CA VAL NB 69 87.26 50.77 -89.98
C VAL NB 69 86.88 51.01 -91.43
N ILE NB 70 87.14 52.21 -91.92
CA ILE NB 70 86.84 52.62 -93.28
C ILE NB 70 87.87 52.05 -94.24
N SER NB 71 87.59 52.13 -95.54
CA SER NB 71 88.64 52.06 -96.54
C SER NB 71 89.17 53.46 -96.81
N SER NB 72 90.33 53.53 -97.46
CA SER NB 72 90.92 54.82 -97.79
C SER NB 72 90.03 55.60 -98.75
N ASP NB 73 89.47 54.93 -99.75
CA ASP NB 73 88.55 55.56 -100.69
C ASP NB 73 87.11 55.60 -100.15
N GLY NB 74 86.82 54.92 -99.05
CA GLY NB 74 85.52 54.97 -98.43
C GLY NB 74 84.46 54.11 -99.07
N GLN NB 75 84.80 53.29 -100.06
CA GLN NB 75 83.79 52.46 -100.70
C GLN NB 75 83.45 51.24 -99.88
N PHE NB 76 84.33 50.83 -98.97
CA PHE NB 76 84.14 49.61 -98.20
C PHE NB 76 84.41 49.87 -96.73
N ALA NB 77 83.80 49.03 -95.89
CA ALA NB 77 83.98 49.11 -94.45
C ALA NB 77 84.25 47.72 -93.89
N LEU NB 78 85.25 47.62 -93.03
CA LEU NB 78 85.68 46.36 -92.45
C LEU NB 78 85.32 46.34 -90.97
N SER NB 79 84.64 45.28 -90.53
CA SER NB 79 84.14 45.21 -89.17
C SER NB 79 84.52 43.88 -88.53
N GLY NB 80 84.85 43.96 -87.25
CA GLY NB 80 85.10 42.77 -86.45
C GLY NB 80 84.22 42.79 -85.22
N SER NB 81 83.62 41.64 -84.93
CA SER NB 81 82.63 41.51 -83.88
C SER NB 81 82.91 40.28 -83.03
N TRP NB 82 82.06 40.09 -82.02
CA TRP NB 82 82.22 38.98 -81.07
C TRP NB 82 81.79 37.65 -81.66
N ASP NB 83 81.20 37.64 -82.85
CA ASP NB 83 80.81 36.36 -83.46
C ASP NB 83 82.00 35.59 -84.00
N GLY NB 84 83.22 36.12 -83.86
CA GLY NB 84 84.41 35.44 -84.34
C GLY NB 84 84.68 35.60 -85.82
N THR NB 85 83.86 36.38 -86.53
CA THR NB 85 84.01 36.57 -87.95
C THR NB 85 84.20 38.05 -88.26
N LEU NB 86 84.96 38.33 -89.31
CA LEU NB 86 85.13 39.68 -89.83
C LEU NB 86 84.27 39.83 -91.07
N ARG NB 87 83.66 41.00 -91.23
CA ARG NB 87 82.79 41.25 -92.38
C ARG NB 87 83.26 42.50 -93.11
N LEU NB 88 83.51 42.36 -94.40
CA LEU NB 88 83.81 43.48 -95.27
C LEU NB 88 82.57 43.80 -96.09
N TRP NB 89 82.19 45.08 -96.07
CA TRP NB 89 80.91 45.57 -96.57
C TRP NB 89 81.17 46.59 -97.68
N ASP NB 90 80.27 46.64 -98.65
CA ASP NB 90 80.25 47.73 -99.61
C ASP NB 90 79.26 48.79 -99.14
N LEU NB 91 79.66 50.06 -99.21
CA LEU NB 91 78.83 51.12 -98.64
C LEU NB 91 77.68 51.52 -99.54
N THR NB 92 77.78 51.26 -100.85
CA THR NB 92 76.70 51.65 -101.75
C THR NB 92 75.43 50.88 -101.46
N THR NB 93 75.54 49.57 -101.22
CA THR NB 93 74.38 48.72 -100.99
C THR NB 93 74.28 48.20 -99.57
N GLY NB 94 75.28 48.46 -98.72
CA GLY NB 94 75.25 47.96 -97.36
C GLY NB 94 75.25 46.45 -97.26
N THR NB 95 76.05 45.79 -98.08
CA THR NB 95 76.03 44.34 -98.20
C THR NB 95 77.39 43.77 -97.84
N THR NB 96 77.38 42.59 -97.22
CA THR NB 96 78.60 41.90 -96.85
C THR NB 96 79.20 41.25 -98.08
N THR NB 97 80.20 41.91 -98.68
CA THR NB 97 80.88 41.36 -99.83
C THR NB 97 81.98 40.38 -99.45
N ARG NB 98 82.40 40.34 -98.18
CA ARG NB 98 83.46 39.42 -97.81
C ARG NB 98 83.30 38.99 -96.35
N ARG NB 99 83.65 37.75 -96.06
CA ARG NB 99 83.67 37.22 -94.70
C ARG NB 99 85.00 36.55 -94.42
N PHE NB 100 85.59 36.90 -93.28
CA PHE NB 100 86.87 36.37 -92.83
C PHE NB 100 86.63 35.49 -91.61
N VAL NB 101 87.11 34.25 -91.66
CA VAL NB 101 86.91 33.29 -90.59
C VAL NB 101 88.25 32.68 -90.20
N GLY NB 102 88.35 32.25 -88.95
CA GLY NB 102 89.57 31.67 -88.43
C GLY NB 102 89.87 31.99 -86.99
N HIS NB 103 89.39 33.11 -86.47
CA HIS NB 103 89.45 33.36 -85.04
C HIS NB 103 88.41 32.50 -84.32
N THR NB 104 88.83 31.81 -83.28
CA THR NB 104 87.95 30.92 -82.54
C THR NB 104 87.29 31.60 -81.34
N LYS NB 105 87.56 32.87 -81.11
CA LYS NB 105 86.96 33.60 -79.99
C LYS NB 105 86.53 34.97 -80.49
N ASP NB 106 86.17 35.84 -79.55
CA ASP NB 106 85.64 37.16 -79.90
C ASP NB 106 86.73 38.00 -80.55
N VAL NB 107 86.42 38.58 -81.70
CA VAL NB 107 87.34 39.46 -82.40
C VAL NB 107 87.15 40.87 -81.88
N LEU NB 108 88.22 41.48 -81.37
CA LEU NB 108 88.14 42.77 -80.73
C LEU NB 108 88.79 43.90 -81.52
N SER NB 109 89.70 43.61 -82.44
CA SER NB 109 90.41 44.68 -83.12
C SER NB 109 90.60 44.33 -84.58
N VAL NB 110 90.30 45.27 -85.47
CA VAL NB 110 90.59 45.14 -86.89
C VAL NB 110 91.37 46.36 -87.32
N ALA NB 111 92.19 46.19 -88.35
CA ALA NB 111 92.91 47.32 -88.92
C ALA NB 111 93.19 47.05 -90.39
N PHE NB 112 93.11 48.12 -91.18
CA PHE NB 112 93.20 48.07 -92.63
C PHE NB 112 94.42 48.87 -93.05
N SER NB 113 95.28 48.29 -93.88
CA SER NB 113 96.57 48.90 -94.16
C SER NB 113 96.41 50.15 -95.03
N SER NB 114 97.50 50.92 -95.10
CA SER NB 114 97.49 52.13 -95.93
C SER NB 114 97.33 51.79 -97.40
N ASP NB 115 97.99 50.74 -97.88
CA ASP NB 115 97.85 50.31 -99.26
C ASP NB 115 96.57 49.54 -99.51
N ASN NB 116 95.78 49.28 -98.47
CA ASN NB 116 94.47 48.64 -98.58
C ASN NB 116 94.57 47.24 -99.15
N ARG NB 117 95.68 46.56 -98.86
CA ARG NB 117 95.90 45.21 -99.33
C ARG NB 117 96.07 44.26 -98.15
N GLN NB 118 96.44 44.81 -96.99
CA GLN NB 118 96.68 44.01 -95.80
C GLN NB 118 95.61 44.29 -94.76
N ILE NB 119 95.15 43.22 -94.11
CA ILE NB 119 94.18 43.31 -93.01
C ILE NB 119 94.79 42.60 -91.81
N VAL NB 120 94.69 43.23 -90.64
CA VAL NB 120 95.18 42.60 -89.42
C VAL NB 120 94.06 42.58 -88.39
N SER NB 121 93.98 41.48 -87.64
CA SER NB 121 92.90 41.30 -86.67
C SER NB 121 93.46 40.69 -85.40
N GLY NB 122 92.90 41.13 -84.28
CA GLY NB 122 93.26 40.59 -82.98
C GLY NB 122 92.01 40.24 -82.20
N SER NB 123 92.03 39.06 -81.58
CA SER NB 123 90.86 38.49 -80.94
C SER NB 123 91.22 37.98 -79.55
N ARG NB 124 90.23 37.37 -78.89
CA ARG NB 124 90.41 36.79 -77.56
C ARG NB 124 91.20 35.48 -77.59
N ASP NB 125 91.41 34.90 -78.77
CA ASP NB 125 92.16 33.65 -78.86
C ASP NB 125 93.66 33.86 -78.71
N LYS NB 126 94.09 35.07 -78.34
CA LYS NB 126 95.50 35.40 -78.12
C LYS NB 126 96.33 35.18 -79.39
N THR NB 127 95.70 35.29 -80.55
CA THR NB 127 96.35 35.06 -81.83
C THR NB 127 95.99 36.18 -82.79
N ILE NB 128 96.99 36.75 -83.45
CA ILE NB 128 96.79 37.81 -84.42
C ILE NB 128 96.71 37.16 -85.79
N LYS NB 129 95.88 37.72 -86.68
CA LYS NB 129 95.69 37.13 -88.00
C LYS NB 129 95.86 38.19 -89.09
N LEU NB 130 96.55 37.80 -90.15
CA LEU NB 130 96.83 38.64 -91.30
C LEU NB 130 96.10 38.09 -92.52
N TRP NB 131 95.35 38.97 -93.19
CA TRP NB 131 94.41 38.61 -94.23
C TRP NB 131 94.66 39.44 -95.48
N ASN NB 132 94.29 38.85 -96.63
CA ASN NB 132 94.23 39.56 -97.89
C ASN NB 132 92.84 40.14 -98.09
N THR NB 133 92.66 40.89 -99.17
CA THR NB 133 91.34 41.40 -99.51
C THR NB 133 90.39 40.27 -99.86
N LEU NB 134 90.90 39.19 -100.46
CA LEU NB 134 90.06 38.11 -100.94
C LEU NB 134 89.45 37.27 -99.81
N GLY NB 135 89.90 37.45 -98.57
CA GLY NB 135 89.31 36.74 -97.46
C GLY NB 135 90.07 35.54 -96.95
N VAL NB 136 91.35 35.41 -97.29
CA VAL NB 136 92.17 34.27 -96.90
C VAL NB 136 93.11 34.71 -95.78
N CYS NB 137 93.18 33.91 -94.72
CA CYS NB 137 94.09 34.19 -93.62
C CYS NB 137 95.51 33.92 -94.09
N LYS NB 138 96.21 34.98 -94.50
CA LYS NB 138 97.58 34.80 -94.99
C LYS NB 138 98.51 34.31 -93.89
N TYR NB 139 98.33 34.81 -92.66
CA TYR NB 139 99.27 34.46 -91.61
C TYR NB 139 98.57 34.44 -90.26
N THR NB 140 99.10 33.62 -89.34
CA THR NB 140 98.63 33.55 -87.96
C THR NB 140 99.81 33.84 -87.05
N VAL NB 141 99.93 35.10 -86.64
CA VAL NB 141 100.95 35.50 -85.67
C VAL NB 141 100.56 34.92 -84.30
N GLN NB 142 101.31 33.91 -83.87
CA GLN NB 142 101.09 33.30 -82.55
C GLN NB 142 102.39 33.16 -81.80
N ASP NB 143 103.50 33.06 -82.53
CA ASP NB 143 104.80 32.85 -81.91
C ASP NB 143 105.31 34.15 -81.31
N GLU NB 144 105.66 34.11 -80.02
CA GLU NB 144 106.04 35.29 -79.25
C GLU NB 144 104.96 36.35 -79.32
N SER NB 145 103.71 35.91 -79.33
CA SER NB 145 102.56 36.80 -79.35
C SER NB 145 102.18 37.18 -77.92
N HIS NB 146 101.02 37.79 -77.75
CA HIS NB 146 100.56 38.14 -76.41
C HIS NB 146 100.16 36.88 -75.66
N SER NB 147 100.64 36.76 -74.41
CA SER NB 147 100.21 35.66 -73.56
C SER NB 147 98.76 35.79 -73.12
N GLU NB 148 98.15 36.95 -73.36
CA GLU NB 148 96.75 37.18 -73.03
C GLU NB 148 96.02 37.66 -74.28
N TRP NB 149 94.80 38.17 -74.12
CA TRP NB 149 94.02 38.66 -75.24
C TRP NB 149 94.78 39.71 -76.04
N VAL NB 150 94.34 39.92 -77.27
CA VAL NB 150 94.84 40.99 -78.13
C VAL NB 150 93.73 42.02 -78.26
N SER NB 151 93.96 43.22 -77.73
CA SER NB 151 92.90 44.20 -77.59
C SER NB 151 92.86 45.23 -78.71
N CYS NB 152 94.01 45.63 -79.26
CA CYS NB 152 93.99 46.67 -80.28
C CYS NB 152 95.20 46.52 -81.18
N VAL NB 153 94.95 46.34 -82.48
CA VAL NB 153 96.00 46.25 -83.49
C VAL NB 153 95.82 47.43 -84.45
N ARG NB 154 96.93 48.07 -84.81
CA ARG NB 154 96.89 49.25 -85.67
C ARG NB 154 98.08 49.25 -86.62
N PHE NB 155 97.85 49.70 -87.85
CA PHE NB 155 98.93 49.87 -88.80
C PHE NB 155 99.68 51.18 -88.54
N SER NB 156 100.88 51.27 -89.12
CA SER NB 156 101.60 52.53 -89.17
C SER NB 156 101.11 53.33 -90.38
N PRO NB 157 100.64 54.57 -90.20
CA PRO NB 157 100.20 55.37 -91.35
C PRO NB 157 101.32 55.68 -92.33
N ASN NB 158 102.58 55.60 -91.90
CA ASN NB 158 103.70 55.85 -92.80
C ASN NB 158 103.74 54.80 -93.91
N SER NB 159 103.97 55.28 -95.14
CA SER NB 159 104.12 54.36 -96.27
C SER NB 159 105.35 53.49 -96.09
N SER NB 160 106.45 54.07 -95.61
CA SER NB 160 107.65 53.30 -95.30
C SER NB 160 107.42 52.48 -94.04
N ASN NB 161 108.48 51.74 -93.65
CA ASN NB 161 108.63 50.87 -92.47
C ASN NB 161 107.31 50.24 -92.03
N PRO NB 162 106.68 49.41 -92.88
CA PRO NB 162 105.34 48.90 -92.55
C PRO NB 162 105.35 48.05 -91.28
N ILE NB 163 104.73 48.57 -90.24
CA ILE NB 163 104.69 47.92 -88.94
C ILE NB 163 103.29 48.03 -88.36
N ILE NB 164 103.01 47.15 -87.40
CA ILE NB 164 101.73 47.13 -86.71
C ILE NB 164 101.99 47.13 -85.21
N VAL NB 165 101.29 48.00 -84.49
CA VAL NB 165 101.29 47.97 -83.05
C VAL NB 165 100.15 47.08 -82.58
N SER NB 166 100.33 46.44 -81.43
CA SER NB 166 99.33 45.53 -80.90
C SER NB 166 99.42 45.57 -79.38
N CYS NB 167 98.33 45.99 -78.73
CA CYS NB 167 98.23 45.96 -77.29
C CYS NB 167 97.21 44.92 -76.85
N GLY NB 168 97.49 44.30 -75.72
CA GLY NB 168 96.61 43.28 -75.18
C GLY NB 168 96.45 43.33 -73.68
N TRP NB 169 96.01 42.23 -73.09
CA TRP NB 169 95.76 42.17 -71.66
C TRP NB 169 96.94 41.61 -70.87
N ASP NB 170 98.04 41.30 -71.55
CA ASP NB 170 99.29 40.94 -70.89
C ASP NB 170 100.15 42.15 -70.56
N LYS NB 171 99.57 43.35 -70.70
CA LYS NB 171 100.23 44.61 -70.35
C LYS NB 171 101.48 44.86 -71.19
N LEU NB 172 101.52 44.31 -72.41
CA LEU NB 172 102.64 44.51 -73.31
C LEU NB 172 102.15 45.00 -74.66
N VAL NB 173 102.70 46.11 -75.12
CA VAL NB 173 102.51 46.56 -76.49
C VAL NB 173 103.66 46.03 -77.34
N LYS NB 174 103.32 45.43 -78.48
CA LYS NB 174 104.31 44.81 -79.34
C LYS NB 174 104.18 45.36 -80.75
N VAL NB 175 105.32 45.65 -81.37
CA VAL NB 175 105.35 46.14 -82.74
C VAL NB 175 105.90 45.05 -83.64
N TRP NB 176 105.27 44.88 -84.80
CA TRP NB 176 105.60 43.79 -85.72
C TRP NB 176 105.89 44.38 -87.09
N ASN NB 177 107.06 44.06 -87.63
CA ASN NB 177 107.41 44.44 -88.98
C ASN NB 177 106.71 43.50 -89.96
N LEU NB 178 106.03 44.08 -90.95
CA LEU NB 178 105.24 43.34 -91.93
C LEU NB 178 106.08 42.70 -93.02
N ALA NB 179 107.32 43.16 -93.22
CA ALA NB 179 108.17 42.56 -94.24
C ALA NB 179 108.45 41.09 -93.93
N ASN NB 180 108.64 40.79 -92.65
CA ASN NB 180 108.82 39.41 -92.20
C ASN NB 180 107.72 38.96 -91.24
N CYS NB 181 106.74 39.82 -90.95
CA CYS NB 181 105.69 39.53 -89.97
C CYS NB 181 106.30 39.11 -88.63
N LYS NB 182 107.30 39.86 -88.20
CA LYS NB 182 108.12 39.45 -87.06
C LYS NB 182 108.19 40.57 -86.02
N LEU NB 183 108.37 40.15 -84.77
CA LEU NB 183 108.47 41.09 -83.66
C LEU NB 183 109.70 41.99 -83.82
N LYS NB 184 109.55 43.25 -83.41
CA LYS NB 184 110.64 44.21 -83.44
C LYS NB 184 111.12 44.58 -82.05
N THR NB 185 110.23 45.06 -81.19
CA THR NB 185 110.59 45.38 -79.81
C THR NB 185 109.35 45.30 -78.95
N ASN NB 186 109.57 45.13 -77.65
CA ASN NB 186 108.51 45.07 -76.67
C ASN NB 186 108.66 46.23 -75.70
N HIS NB 187 107.59 46.99 -75.50
CA HIS NB 187 107.59 48.10 -74.56
C HIS NB 187 106.81 47.69 -73.32
N ILE NB 188 107.46 47.76 -72.17
CA ILE NB 188 106.91 47.29 -70.91
C ILE NB 188 106.73 48.49 -69.99
N GLY NB 189 105.79 48.38 -69.05
CA GLY NB 189 105.59 49.45 -68.10
C GLY NB 189 104.16 49.68 -67.65
N HIS NB 190 103.20 49.01 -68.28
CA HIS NB 190 101.81 49.10 -67.84
C HIS NB 190 101.57 48.21 -66.64
N THR NB 191 100.82 48.73 -65.66
CA THR NB 191 100.45 47.97 -64.49
C THR NB 191 99.07 47.33 -64.61
N GLY NB 192 98.37 47.54 -65.72
CA GLY NB 192 97.06 46.96 -65.92
C GLY NB 192 96.85 46.64 -67.39
N TYR NB 193 95.76 45.93 -67.67
CA TYR NB 193 95.47 45.54 -69.04
C TYR NB 193 95.20 46.75 -69.91
N LEU NB 194 95.39 46.57 -71.20
CA LEU NB 194 95.34 47.66 -72.17
C LEU NB 194 94.06 47.58 -73.00
N ASN NB 195 93.39 48.73 -73.13
CA ASN NB 195 92.21 48.82 -73.96
C ASN NB 195 92.51 49.33 -75.36
N THR NB 196 93.48 50.22 -75.52
CA THR NB 196 93.68 50.84 -76.82
C THR NB 196 95.13 51.22 -77.01
N VAL NB 197 95.53 51.29 -78.27
CA VAL NB 197 96.80 51.86 -78.69
C VAL NB 197 96.61 52.49 -80.07
N THR NB 198 97.05 53.73 -80.22
CA THR NB 198 96.87 54.45 -81.47
C THR NB 198 98.16 55.13 -81.89
N VAL NB 199 98.43 55.08 -83.19
CA VAL NB 199 99.63 55.64 -83.78
C VAL NB 199 99.30 57.01 -84.34
N SER NB 200 100.12 58.01 -83.99
CA SER NB 200 99.95 59.34 -84.51
C SER NB 200 100.20 59.34 -86.02
N PRO NB 201 99.56 60.25 -86.77
CA PRO NB 201 99.66 60.20 -88.24
C PRO NB 201 101.08 60.36 -88.77
N ASP NB 202 101.98 60.96 -88.01
CA ASP NB 202 103.37 61.07 -88.45
C ASP NB 202 104.11 59.74 -88.37
N GLY NB 203 103.50 58.72 -87.75
CA GLY NB 203 104.15 57.42 -87.62
C GLY NB 203 105.34 57.40 -86.69
N SER NB 204 105.25 58.11 -85.57
CA SER NB 204 106.34 58.13 -84.59
C SER NB 204 105.89 57.88 -83.16
N LEU NB 205 104.60 58.04 -82.86
CA LEU NB 205 104.06 57.84 -81.52
C LEU NB 205 103.01 56.74 -81.57
N CYS NB 206 103.02 55.86 -80.57
CA CYS NB 206 102.09 54.72 -80.47
C CYS NB 206 101.39 54.73 -79.12
N ALA NB 207 100.76 55.85 -78.80
CA ALA NB 207 100.19 56.08 -77.47
C ALA NB 207 99.28 54.94 -77.05
N SER NB 208 99.55 54.39 -75.88
CA SER NB 208 98.85 53.22 -75.37
C SER NB 208 98.18 53.54 -74.05
N GLY NB 209 97.01 52.93 -73.82
CA GLY NB 209 96.26 53.18 -72.62
C GLY NB 209 95.32 52.03 -72.28
N GLY NB 210 95.00 51.92 -70.99
CA GLY NB 210 94.15 50.86 -70.49
C GLY NB 210 93.71 51.06 -69.06
N LYS NB 211 93.68 49.96 -68.29
CA LYS NB 211 93.17 49.99 -66.93
C LYS NB 211 94.06 50.78 -65.98
N ASP NB 212 95.34 50.95 -66.31
CA ASP NB 212 96.29 51.56 -65.38
C ASP NB 212 95.98 53.03 -65.09
N GLY NB 213 95.12 53.67 -65.87
CA GLY NB 213 94.84 55.07 -65.67
C GLY NB 213 95.91 56.00 -66.16
N GLN NB 214 96.90 55.50 -66.88
CA GLN NB 214 98.00 56.30 -67.37
C GLN NB 214 98.36 55.88 -68.78
N ALA NB 215 98.58 56.87 -69.64
CA ALA NB 215 98.92 56.66 -71.04
C ALA NB 215 100.42 56.68 -71.22
N MET NB 216 100.91 55.84 -72.12
CA MET NB 216 102.33 55.71 -72.39
C MET NB 216 102.61 56.13 -73.82
N LEU NB 217 103.54 57.07 -73.98
CA LEU NB 217 103.96 57.58 -75.28
C LEU NB 217 105.33 57.01 -75.57
N TRP NB 218 105.47 56.31 -76.70
CA TRP NB 218 106.70 55.62 -77.05
C TRP NB 218 107.24 56.20 -78.37
N ASP NB 219 108.47 55.80 -78.70
CA ASP NB 219 109.11 56.15 -79.95
C ASP NB 219 108.93 55.03 -80.95
N LEU NB 220 108.74 55.41 -82.22
CA LEU NB 220 108.68 54.42 -83.29
C LEU NB 220 109.88 54.45 -84.23
N ASN NB 221 110.50 55.62 -84.41
CA ASN NB 221 111.64 55.71 -85.33
C ASN NB 221 112.79 54.83 -84.86
N GLU NB 222 113.10 54.86 -83.58
CA GLU NB 222 114.12 53.99 -82.98
C GLU NB 222 113.52 52.94 -82.07
N GLY NB 223 112.57 53.33 -81.22
CA GLY NB 223 111.89 52.42 -80.35
C GLY NB 223 112.39 52.48 -78.92
N LYS NB 224 111.69 53.23 -78.08
CA LYS NB 224 112.05 53.44 -76.69
C LYS NB 224 110.93 54.23 -76.03
N HIS NB 225 111.04 54.38 -74.71
CA HIS NB 225 110.09 55.20 -73.98
C HIS NB 225 110.27 56.67 -74.30
N LEU NB 226 109.17 57.40 -74.37
CA LEU NB 226 109.20 58.84 -74.60
C LEU NB 226 108.58 59.62 -73.44
N TYR NB 227 107.37 59.27 -73.02
CA TYR NB 227 106.70 60.03 -71.99
C TYR NB 227 105.66 59.17 -71.29
N THR NB 228 105.36 59.51 -70.05
CA THR NB 228 104.32 58.86 -69.26
C THR NB 228 103.33 59.91 -68.80
N LEU NB 229 102.16 59.95 -69.44
CA LEU NB 229 101.09 60.85 -69.06
C LEU NB 229 100.10 60.09 -68.18
N ASP NB 230 99.35 60.82 -67.37
CA ASP NB 230 98.40 60.19 -66.44
C ASP NB 230 97.05 60.89 -66.51
N GLY NB 231 95.97 60.09 -66.41
CA GLY NB 231 94.64 60.62 -66.33
C GLY NB 231 93.98 60.16 -65.03
N GLY NB 232 92.72 60.55 -64.89
CA GLY NB 232 91.99 60.23 -63.67
C GLY NB 232 91.77 58.74 -63.48
N ASP NB 233 91.35 58.06 -64.54
CA ASP NB 233 90.93 56.67 -64.43
C ASP NB 233 91.22 55.96 -65.75
N ILE NB 234 90.55 54.82 -65.96
CA ILE NB 234 90.83 53.94 -67.08
C ILE NB 234 90.76 54.68 -68.42
N ILE NB 235 91.69 54.35 -69.30
CA ILE NB 235 91.76 54.90 -70.65
C ILE NB 235 91.27 53.82 -71.59
N ASN NB 236 89.99 53.88 -71.97
CA ASN NB 236 89.38 52.91 -72.86
C ASN NB 236 89.24 53.41 -74.29
N ALA NB 237 89.65 54.65 -74.56
CA ALA NB 237 89.60 55.18 -75.92
C ALA NB 237 90.68 56.25 -76.06
N LEU NB 238 91.33 56.27 -77.21
CA LEU NB 238 92.47 57.14 -77.48
C LEU NB 238 92.50 57.48 -78.96
N CYS NB 239 92.84 58.74 -79.27
CA CYS NB 239 93.22 59.08 -80.64
C CYS NB 239 93.88 60.45 -80.68
N PHE NB 240 94.64 60.67 -81.75
CA PHE NB 240 95.32 61.93 -82.00
C PHE NB 240 94.49 62.83 -82.89
N SER NB 241 94.78 64.12 -82.83
CA SER NB 241 94.21 65.07 -83.78
C SER NB 241 94.96 64.95 -85.10
N PRO NB 242 94.26 64.75 -86.23
CA PRO NB 242 94.99 64.57 -87.50
C PRO NB 242 95.75 65.80 -87.95
N ASN NB 243 95.20 66.99 -87.72
CA ASN NB 243 95.85 68.22 -88.14
C ASN NB 243 96.73 68.85 -87.07
N ARG NB 244 96.78 68.26 -85.88
CA ARG NB 244 97.51 68.82 -84.75
C ARG NB 244 98.38 67.74 -84.12
N TYR NB 245 98.99 68.07 -83.00
CA TYR NB 245 99.68 67.10 -82.16
C TYR NB 245 98.86 66.75 -80.92
N TRP NB 246 97.61 67.20 -80.85
CA TRP NB 246 96.78 66.97 -79.68
C TRP NB 246 96.46 65.50 -79.50
N LEU NB 247 96.34 65.07 -78.24
CA LEU NB 247 96.04 63.68 -77.89
C LEU NB 247 94.82 63.66 -76.99
N CYS NB 248 93.76 62.99 -77.42
CA CYS NB 248 92.53 62.94 -76.64
C CYS NB 248 92.25 61.51 -76.18
N ALA NB 249 91.81 61.41 -74.93
CA ALA NB 249 91.59 60.15 -74.24
C ALA NB 249 90.23 60.17 -73.55
N ALA NB 250 89.66 58.99 -73.38
CA ALA NB 250 88.39 58.83 -72.67
C ALA NB 250 88.68 58.40 -71.25
N THR NB 251 88.72 59.37 -70.34
CA THR NB 251 88.90 59.11 -68.91
C THR NB 251 87.52 58.78 -68.34
N GLY NB 252 87.13 57.52 -68.53
CA GLY NB 252 85.87 57.05 -68.02
C GLY NB 252 84.70 57.79 -68.63
N PRO NB 253 83.90 58.44 -67.79
CA PRO NB 253 82.77 59.23 -68.28
C PRO NB 253 83.17 60.60 -68.80
N SER NB 254 84.45 60.95 -68.76
CA SER NB 254 84.92 62.26 -69.19
C SER NB 254 85.90 62.10 -70.34
N ILE NB 255 86.17 63.22 -71.01
CA ILE NB 255 87.10 63.27 -72.13
C ILE NB 255 88.20 64.27 -71.78
N LYS NB 256 89.45 63.84 -71.88
CA LYS NB 256 90.58 64.69 -71.58
C LYS NB 256 91.42 64.89 -72.83
N ILE NB 257 91.69 66.14 -73.20
CA ILE NB 257 92.50 66.44 -74.38
C ILE NB 257 93.76 67.15 -73.93
N TRP NB 258 94.91 66.70 -74.45
CA TRP NB 258 96.21 67.16 -74.03
C TRP NB 258 96.98 67.76 -75.20
N ASP NB 259 97.72 68.82 -74.91
CA ASP NB 259 98.72 69.37 -75.83
C ASP NB 259 100.04 68.67 -75.57
N LEU NB 260 100.49 67.86 -76.52
CA LEU NB 260 101.67 67.03 -76.31
C LEU NB 260 102.94 67.87 -76.16
N GLU NB 261 103.01 69.01 -76.84
CA GLU NB 261 104.13 69.92 -76.63
C GLU NB 261 104.14 70.46 -75.21
N GLY NB 262 102.97 70.84 -74.69
CA GLY NB 262 102.87 71.34 -73.34
C GLY NB 262 102.69 70.30 -72.27
N LYS NB 263 102.35 69.06 -72.65
CA LYS NB 263 102.12 67.96 -71.70
C LYS NB 263 101.06 68.33 -70.66
N ILE NB 264 100.02 69.05 -71.10
CA ILE NB 264 99.08 69.67 -70.18
C ILE NB 264 97.67 69.57 -70.75
N ILE NB 265 96.69 69.56 -69.86
CA ILE NB 265 95.28 69.64 -70.25
C ILE NB 265 95.04 70.92 -71.03
N VAL NB 266 94.32 70.80 -72.15
CA VAL NB 266 93.78 71.98 -72.81
C VAL NB 266 92.28 72.03 -72.56
N ASP NB 267 91.65 70.86 -72.39
CA ASP NB 267 90.24 70.84 -72.01
C ASP NB 267 89.88 69.47 -71.43
N GLU NB 268 88.78 69.48 -70.66
CA GLU NB 268 88.15 68.29 -70.11
C GLU NB 268 86.65 68.43 -70.26
N LEU NB 269 85.99 67.37 -70.72
CA LEU NB 269 84.57 67.35 -71.03
C LEU NB 269 83.88 66.36 -70.12
N LYS NB 270 82.79 66.79 -69.47
CA LYS NB 270 82.15 66.00 -68.43
C LYS NB 270 80.69 65.65 -68.75
N GLN NB 271 80.30 65.72 -70.03
CA GLN NB 271 78.99 65.31 -70.52
C GLN NB 271 77.84 66.20 -70.04
N GLU NB 272 78.14 67.15 -69.14
CA GLU NB 272 77.15 68.09 -68.61
C GLU NB 272 75.93 67.36 -68.03
N VAL NB 273 76.19 66.45 -67.11
CA VAL NB 273 75.13 65.68 -66.45
C VAL NB 273 74.97 66.21 -65.04
N ILE NB 274 73.78 66.69 -64.71
CA ILE NB 274 73.49 67.24 -63.38
C ILE NB 274 72.41 66.41 -62.72
N SER NB 275 72.33 65.13 -63.09
CA SER NB 275 71.38 64.23 -62.45
C SER NB 275 71.71 64.03 -60.97
N THR NB 276 73.01 63.90 -60.66
CA THR NB 276 73.60 63.82 -59.32
C THR NB 276 72.78 62.97 -58.34
N SER NB 277 72.22 61.86 -58.83
CA SER NB 277 71.41 60.99 -57.98
C SER NB 277 72.25 60.26 -56.95
N SER NB 278 73.57 60.20 -57.14
CA SER NB 278 74.49 59.51 -56.23
C SER NB 278 74.13 58.03 -56.07
N LYS NB 279 73.54 57.45 -57.11
CA LYS NB 279 73.18 56.04 -57.14
C LYS NB 279 73.78 55.30 -58.31
N ALA NB 280 73.82 55.92 -59.49
CA ALA NB 280 74.35 55.31 -60.70
C ALA NB 280 75.55 56.10 -61.20
N GLU NB 281 76.57 55.38 -61.65
CA GLU NB 281 77.73 56.02 -62.24
C GLU NB 281 77.35 56.69 -63.56
N PRO NB 282 78.02 57.78 -63.92
CA PRO NB 282 77.74 58.43 -65.19
C PRO NB 282 78.15 57.53 -66.35
N PRO NB 283 77.55 57.72 -67.53
CA PRO NB 283 77.88 56.85 -68.67
C PRO NB 283 79.34 57.01 -69.09
N GLN NB 284 80.04 55.89 -69.20
CA GLN NB 284 81.42 55.90 -69.63
C GLN NB 284 81.52 56.27 -71.11
N CYS NB 285 82.71 56.68 -71.53
CA CYS NB 285 82.98 56.96 -72.93
C CYS NB 285 83.76 55.78 -73.52
N THR NB 286 83.24 55.19 -74.58
CA THR NB 286 83.82 53.98 -75.14
C THR NB 286 84.55 54.19 -76.45
N SER NB 287 84.13 55.15 -77.27
CA SER NB 287 84.75 55.35 -78.57
C SER NB 287 85.10 56.82 -78.74
N LEU NB 288 86.19 57.06 -79.46
CA LEU NB 288 86.69 58.42 -79.66
C LEU NB 288 87.27 58.51 -81.06
N ALA NB 289 86.81 59.46 -81.86
CA ALA NB 289 87.35 59.61 -83.20
C ALA NB 289 87.25 61.06 -83.66
N TRP NB 290 88.37 61.63 -84.08
CA TRP NB 290 88.35 62.94 -84.68
C TRP NB 290 87.78 62.88 -86.09
N SER NB 291 87.45 64.03 -86.64
CA SER NB 291 87.05 64.09 -88.04
C SER NB 291 88.29 64.15 -88.93
N ALA NB 292 88.06 64.22 -90.24
CA ALA NB 292 89.18 64.37 -91.17
C ALA NB 292 89.88 65.70 -90.98
N ASP NB 293 89.12 66.77 -90.80
CA ASP NB 293 89.68 68.11 -90.66
C ASP NB 293 90.32 68.36 -89.30
N GLY NB 294 90.12 67.47 -88.33
CA GLY NB 294 90.55 67.74 -86.98
C GLY NB 294 89.78 68.83 -86.29
N GLN NB 295 88.65 69.25 -86.86
CA GLN NB 295 87.83 70.33 -86.31
C GLN NB 295 86.83 69.83 -85.28
N THR NB 296 86.19 68.70 -85.53
CA THR NB 296 85.18 68.17 -84.64
C THR NB 296 85.53 66.73 -84.26
N LEU NB 297 84.95 66.29 -83.14
CA LEU NB 297 85.26 65.00 -82.55
C LEU NB 297 83.97 64.28 -82.24
N PHE NB 298 84.00 62.96 -82.26
CA PHE NB 298 82.83 62.14 -81.97
C PHE NB 298 83.18 61.15 -80.86
N ALA NB 299 82.39 61.16 -79.80
CA ALA NB 299 82.62 60.32 -78.64
C ALA NB 299 81.38 59.46 -78.39
N GLY NB 300 81.55 58.15 -78.52
CA GLY NB 300 80.47 57.22 -78.25
C GLY NB 300 80.53 56.70 -76.83
N TYR NB 301 79.38 56.69 -76.17
CA TYR NB 301 79.27 56.41 -74.75
C TYR NB 301 78.51 55.11 -74.52
N THR NB 302 78.27 54.81 -73.24
CA THR NB 302 77.52 53.63 -72.83
C THR NB 302 76.02 53.88 -72.76
N ASP NB 303 75.56 55.10 -73.03
CA ASP NB 303 74.14 55.42 -72.99
C ASP NB 303 73.48 55.23 -74.35
N ASN NB 304 74.02 54.33 -75.18
CA ASN NB 304 73.49 54.05 -76.52
C ASN NB 304 73.48 55.30 -77.39
N LEU NB 305 74.52 56.12 -77.24
CA LEU NB 305 74.49 57.44 -77.86
C LEU NB 305 75.91 57.94 -78.08
N VAL NB 306 76.08 58.75 -79.11
CA VAL NB 306 77.34 59.40 -79.44
C VAL NB 306 77.13 60.91 -79.43
N ARG NB 307 78.10 61.63 -78.87
CA ARG NB 307 78.05 63.08 -78.74
C ARG NB 307 79.11 63.68 -79.64
N VAL NB 308 78.76 64.76 -80.33
CA VAL NB 308 79.68 65.45 -81.23
C VAL NB 308 80.18 66.72 -80.55
N TRP NB 309 81.49 66.91 -80.58
CA TRP NB 309 82.17 68.02 -79.94
C TRP NB 309 82.79 68.92 -81.00
N GLN NB 310 82.69 70.22 -80.79
CA GLN NB 310 83.27 71.20 -81.70
C GLN NB 310 84.23 72.10 -80.94
N VAL NB 311 85.37 72.40 -81.56
CA VAL NB 311 86.31 73.35 -81.01
C VAL NB 311 85.85 74.76 -81.33
N THR NB 312 85.99 75.67 -80.36
CA THR NB 312 85.56 77.05 -80.55
C THR NB 312 86.52 77.75 -81.50
N ILE NB 313 85.96 78.46 -82.48
CA ILE NB 313 86.76 79.16 -83.47
C ILE NB 313 87.29 80.46 -82.88
N GLY OB 1 107.82 44.04 -9.72
CA GLY OB 1 109.22 44.40 -9.69
C GLY OB 1 109.59 45.25 -8.49
N ALA OB 2 110.45 44.73 -7.63
CA ALA OB 2 110.83 45.39 -6.40
C ALA OB 2 112.10 46.23 -6.53
N LEU OB 3 112.73 46.23 -7.70
CA LEU OB 3 114.01 46.89 -7.86
C LEU OB 3 113.82 48.40 -8.05
N ASP OB 4 114.94 49.14 -7.93
CA ASP OB 4 114.91 50.57 -8.16
C ASP OB 4 114.83 50.89 -9.65
N VAL OB 5 115.47 50.08 -10.49
CA VAL OB 5 115.38 50.30 -11.93
C VAL OB 5 113.98 50.00 -12.43
N LEU OB 6 113.27 49.07 -11.77
CA LEU OB 6 111.91 48.71 -12.16
C LEU OB 6 110.87 49.56 -11.43
N GLN OB 7 111.03 50.88 -11.49
CA GLN OB 7 110.12 51.78 -10.81
C GLN OB 7 109.43 52.70 -11.80
N MET OB 8 108.19 53.05 -11.49
CA MET OB 8 107.44 53.99 -12.30
C MET OB 8 108.15 55.33 -12.35
N LYS OB 9 108.14 55.96 -13.52
CA LYS OB 9 108.75 57.27 -13.71
C LYS OB 9 107.66 58.33 -13.86
N GLU OB 10 108.08 59.59 -13.69
CA GLU OB 10 107.15 60.70 -13.80
C GLU OB 10 106.50 60.73 -15.18
N GLU OB 11 107.27 60.41 -16.22
CA GLU OB 11 106.71 60.36 -17.56
C GLU OB 11 105.64 59.29 -17.67
N ASP OB 12 105.87 58.12 -17.05
CA ASP OB 12 104.86 57.08 -17.03
C ASP OB 12 103.60 57.53 -16.30
N VAL OB 13 103.78 58.23 -15.17
CA VAL OB 13 102.62 58.77 -14.44
C VAL OB 13 101.84 59.73 -15.32
N LEU OB 14 102.56 60.59 -16.04
CA LEU OB 14 101.91 61.57 -16.91
C LEU OB 14 101.12 60.89 -18.01
N LYS OB 15 101.71 59.86 -18.63
CA LYS OB 15 100.98 59.11 -19.65
C LYS OB 15 99.74 58.44 -19.08
N PHE OB 16 99.87 57.84 -17.90
CA PHE OB 16 98.73 57.16 -17.27
C PHE OB 16 97.61 58.15 -16.99
N LEU OB 17 97.94 59.30 -16.42
CA LEU OB 17 96.91 60.29 -16.10
C LEU OB 17 96.30 60.86 -17.37
N ALA OB 18 97.10 61.10 -18.41
CA ALA OB 18 96.57 61.65 -19.65
C ALA OB 18 95.62 60.67 -20.31
N ALA OB 19 95.95 59.38 -20.28
CA ALA OB 19 95.06 58.38 -20.88
C ALA OB 19 93.94 57.95 -19.96
N GLY OB 20 93.94 58.39 -18.71
CA GLY OB 20 92.91 57.98 -17.77
C GLY OB 20 93.40 56.85 -16.90
N THR OB 21 92.96 55.62 -17.21
CA THR OB 21 93.45 54.34 -16.68
C THR OB 21 93.53 54.29 -15.16
N HIS OB 22 92.93 55.27 -14.49
CA HIS OB 22 92.75 55.24 -13.06
C HIS OB 22 91.33 55.57 -12.69
N LEU OB 23 90.47 55.81 -13.67
CA LEU OB 23 89.07 56.16 -13.47
C LEU OB 23 88.25 54.93 -13.83
N GLY OB 24 88.00 54.09 -12.84
CA GLY OB 24 87.26 52.87 -13.05
C GLY OB 24 85.77 53.11 -13.21
N GLY OB 25 85.02 52.02 -13.19
CA GLY OB 25 83.58 52.10 -13.29
C GLY OB 25 82.93 52.45 -11.96
N THR OB 26 81.61 52.59 -12.01
CA THR OB 26 80.85 52.81 -10.79
C THR OB 26 80.60 51.55 -9.99
N ASN OB 27 80.81 50.38 -10.59
CA ASN OB 27 80.68 49.11 -9.89
C ASN OB 27 82.06 48.62 -9.46
N LEU OB 28 82.07 47.80 -8.41
CA LEU OB 28 83.30 47.24 -7.89
C LEU OB 28 83.13 45.74 -7.72
N ASP OB 29 84.11 44.97 -8.20
CA ASP OB 29 84.15 43.54 -7.98
C ASP OB 29 84.92 43.26 -6.71
N PHE OB 30 84.40 42.32 -5.91
CA PHE OB 30 84.96 42.07 -4.58
C PHE OB 30 86.38 41.52 -4.66
N GLN OB 31 86.73 40.87 -5.76
CA GLN OB 31 88.09 40.42 -5.98
C GLN OB 31 88.97 41.50 -6.59
N MET OB 32 88.37 42.56 -7.12
CA MET OB 32 89.11 43.73 -7.58
C MET OB 32 89.19 44.82 -6.52
N GLU OB 33 88.56 44.62 -5.37
CA GLU OB 33 88.53 45.65 -4.33
C GLU OB 33 89.92 45.97 -3.80
N GLN OB 34 90.84 45.02 -3.86
CA GLN OB 34 92.17 45.23 -3.29
C GLN OB 34 93.04 46.15 -4.12
N TYR OB 35 92.62 46.53 -5.32
CA TYR OB 35 93.38 47.42 -6.18
C TYR OB 35 92.86 48.84 -6.20
N ILE OB 36 91.87 49.16 -5.38
CA ILE OB 36 91.17 50.44 -5.44
C ILE OB 36 91.71 51.36 -4.37
N TYR OB 37 92.00 52.61 -4.75
CA TYR OB 37 92.41 53.60 -3.76
C TYR OB 37 91.21 54.16 -3.02
N LYS OB 38 90.30 54.82 -3.73
CA LYS OB 38 89.14 55.44 -3.11
C LYS OB 38 88.08 55.65 -4.16
N ARG OB 39 86.84 55.80 -3.71
CA ARG OB 39 85.70 56.08 -4.57
C ARG OB 39 85.41 57.57 -4.54
N LYS OB 40 85.36 58.20 -5.71
CA LYS OB 40 85.09 59.63 -5.77
C LYS OB 40 83.62 59.91 -5.46
N SER OB 41 83.31 61.20 -5.38
CA SER OB 41 81.92 61.62 -5.24
C SER OB 41 81.11 61.34 -6.51
N ASP OB 42 81.77 61.18 -7.64
CA ASP OB 42 81.11 60.76 -8.88
C ASP OB 42 80.66 59.31 -8.84
N GLY OB 43 81.11 58.54 -7.86
CA GLY OB 43 80.94 57.10 -7.88
C GLY OB 43 82.01 56.37 -8.65
N ILE OB 44 82.94 57.09 -9.28
CA ILE OB 44 84.02 56.47 -10.02
C ILE OB 44 85.09 56.03 -9.05
N TYR OB 45 85.49 54.76 -9.13
CA TYR OB 45 86.54 54.24 -8.28
C TYR OB 45 87.90 54.65 -8.82
N ILE OB 46 88.80 54.98 -7.91
CA ILE OB 46 90.17 55.35 -8.26
C ILE OB 46 91.05 54.12 -8.06
N ILE OB 47 91.78 53.75 -9.09
CA ILE OB 47 92.61 52.54 -9.06
C ILE OB 47 94.03 52.94 -8.72
N ASN OB 48 94.63 52.22 -7.77
CA ASN OB 48 95.99 52.50 -7.33
C ASN OB 48 96.97 52.21 -8.45
N LEU OB 49 97.55 53.28 -9.02
CA LEU OB 49 98.43 53.11 -10.16
C LEU OB 49 99.71 52.39 -9.79
N LYS OB 50 100.15 52.48 -8.53
CA LYS OB 50 101.30 51.69 -8.09
C LYS OB 50 101.00 50.20 -8.15
N ARG OB 51 99.81 49.80 -7.68
CA ARG OB 51 99.42 48.40 -7.75
C ARG OB 51 99.27 47.97 -9.21
N THR OB 52 98.72 48.84 -10.06
CA THR OB 52 98.63 48.53 -11.48
C THR OB 52 100.02 48.34 -12.09
N TRP OB 53 100.97 49.19 -11.72
CA TRP OB 53 102.33 49.05 -12.22
C TRP OB 53 102.95 47.74 -11.79
N GLU OB 54 102.75 47.36 -10.53
CA GLU OB 54 103.31 46.11 -10.05
C GLU OB 54 102.70 44.91 -10.76
N LYS OB 55 101.38 44.93 -10.97
CA LYS OB 55 100.73 43.85 -11.70
C LYS OB 55 101.20 43.80 -13.15
N LEU OB 56 101.40 44.96 -13.77
CA LEU OB 56 101.88 45.00 -15.15
C LEU OB 56 103.29 44.44 -15.25
N LEU OB 57 104.15 44.78 -14.28
CA LEU OB 57 105.50 44.23 -14.28
C LEU OB 57 105.50 42.73 -14.06
N LEU OB 58 104.62 42.24 -13.19
CA LEU OB 58 104.48 40.80 -13.00
C LEU OB 58 104.03 40.12 -14.28
N ALA OB 59 103.08 40.73 -14.99
CA ALA OB 59 102.65 40.19 -16.28
C ALA OB 59 103.79 40.18 -17.30
N ALA OB 60 104.59 41.24 -17.29
CA ALA OB 60 105.74 41.29 -18.19
C ALA OB 60 106.73 40.17 -17.90
N ARG OB 61 106.99 39.90 -16.62
CA ARG OB 61 107.86 38.79 -16.27
C ARG OB 61 107.26 37.47 -16.74
N ALA OB 62 105.95 37.28 -16.54
CA ALA OB 62 105.31 36.05 -16.98
C ALA OB 62 105.42 35.87 -18.49
N ILE OB 63 105.27 36.97 -19.24
CA ILE OB 63 105.35 36.90 -20.69
C ILE OB 63 106.78 36.59 -21.15
N VAL OB 64 107.76 37.30 -20.59
CA VAL OB 64 109.14 37.08 -21.02
C VAL OB 64 109.71 35.77 -20.51
N ALA OB 65 109.03 35.10 -19.59
CA ALA OB 65 109.48 33.79 -19.16
C ALA OB 65 109.34 32.73 -20.25
N ILE OB 66 108.67 33.03 -21.35
CA ILE OB 66 108.40 32.06 -22.41
C ILE OB 66 109.48 32.19 -23.46
N GLU OB 67 110.17 31.07 -23.75
CA GLU OB 67 111.26 31.10 -24.72
C GLU OB 67 110.75 31.39 -26.12
N ASN OB 68 109.64 30.77 -26.51
CA ASN OB 68 109.10 30.96 -27.86
C ASN OB 68 108.14 32.13 -27.84
N PRO OB 69 108.48 33.26 -28.46
CA PRO OB 69 107.60 34.44 -28.38
C PRO OB 69 106.24 34.23 -29.01
N ALA OB 70 106.10 33.25 -29.92
CA ALA OB 70 104.81 32.97 -30.52
C ALA OB 70 103.88 32.21 -29.59
N ASP OB 71 104.42 31.60 -28.53
CA ASP OB 71 103.59 30.81 -27.63
C ASP OB 71 102.65 31.65 -26.78
N VAL OB 72 102.82 32.96 -26.74
CA VAL OB 72 101.90 33.86 -26.06
C VAL OB 72 100.95 34.44 -27.10
N SER OB 73 99.65 34.38 -26.80
CA SER OB 73 98.63 34.83 -27.74
C SER OB 73 97.84 35.97 -27.10
N VAL OB 74 97.56 36.99 -27.91
CA VAL OB 74 96.87 38.19 -27.45
C VAL OB 74 95.56 38.31 -28.20
N ILE OB 75 94.47 38.52 -27.46
CA ILE OB 75 93.12 38.49 -28.01
C ILE OB 75 92.39 39.74 -27.58
N SER OB 76 91.70 40.38 -28.52
CA SER OB 76 90.81 41.50 -28.23
C SER OB 76 89.61 41.38 -29.16
N SER OB 77 88.50 40.91 -28.63
CA SER OB 77 87.30 40.80 -29.44
C SER OB 77 86.71 42.16 -29.76
N ARG OB 78 86.74 43.08 -28.79
CA ARG OB 78 86.20 44.41 -29.02
C ARG OB 78 87.09 45.20 -29.96
N ASN OB 79 86.47 46.15 -30.67
CA ASN OB 79 87.20 46.97 -31.62
C ASN OB 79 88.28 47.80 -30.94
N THR OB 80 87.97 48.36 -29.77
CA THR OB 80 88.92 49.17 -29.01
C THR OB 80 89.94 48.24 -28.36
N GLY OB 81 90.95 47.88 -29.14
CA GLY OB 81 91.98 46.99 -28.66
C GLY OB 81 92.52 46.05 -29.72
N GLN OB 82 91.82 45.92 -30.84
CA GLN OB 82 92.32 45.08 -31.92
C GLN OB 82 93.60 45.66 -32.52
N ARG OB 83 93.62 46.97 -32.75
CA ARG OB 83 94.86 47.59 -33.22
C ARG OB 83 95.97 47.44 -32.19
N ALA OB 84 95.63 47.59 -30.92
CA ALA OB 84 96.62 47.46 -29.86
C ALA OB 84 97.24 46.07 -29.84
N VAL OB 85 96.41 45.03 -29.95
CA VAL OB 85 96.96 43.68 -29.89
C VAL OB 85 97.73 43.35 -31.16
N LEU OB 86 97.30 43.88 -32.31
CA LEU OB 86 98.09 43.65 -33.53
C LEU OB 86 99.46 44.30 -33.44
N LYS OB 87 99.53 45.54 -32.93
CA LYS OB 87 100.83 46.19 -32.79
C LYS OB 87 101.67 45.52 -31.71
N PHE OB 88 101.03 45.02 -30.65
CA PHE OB 88 101.74 44.28 -29.62
C PHE OB 88 102.37 43.02 -30.20
N ALA OB 89 101.61 42.29 -31.02
CA ALA OB 89 102.14 41.09 -31.64
C ALA OB 89 103.28 41.42 -32.60
N ALA OB 90 103.14 42.50 -33.36
CA ALA OB 90 104.22 42.92 -34.25
C ALA OB 90 105.47 43.27 -33.47
N ALA OB 91 105.31 43.92 -32.31
CA ALA OB 91 106.47 44.36 -31.54
C ALA OB 91 107.15 43.18 -30.83
N THR OB 92 106.37 42.26 -30.26
CA THR OB 92 106.92 41.26 -29.36
C THR OB 92 107.04 39.88 -29.98
N GLY OB 93 106.57 39.67 -31.21
CA GLY OB 93 106.58 38.34 -31.78
C GLY OB 93 105.49 37.43 -31.26
N ALA OB 94 104.44 37.99 -30.66
CA ALA OB 94 103.34 37.19 -30.16
C ALA OB 94 102.38 36.82 -31.30
N THR OB 95 101.37 36.03 -30.97
CA THR OB 95 100.40 35.57 -31.95
C THR OB 95 99.09 36.31 -31.75
N PRO OB 96 98.67 37.16 -32.68
CA PRO OB 96 97.47 37.97 -32.46
C PRO OB 96 96.19 37.27 -32.90
N ILE OB 97 95.12 37.51 -32.15
CA ILE OB 97 93.76 37.15 -32.55
C ILE OB 97 92.89 38.38 -32.33
N ALA OB 98 92.27 38.86 -33.39
CA ALA OB 98 91.47 40.06 -33.32
C ALA OB 98 90.07 39.78 -33.85
N GLY OB 99 89.10 40.54 -33.33
CA GLY OB 99 87.74 40.37 -33.80
C GLY OB 99 87.12 39.09 -33.24
N ARG OB 100 86.34 38.42 -34.09
CA ARG OB 100 85.61 37.24 -33.66
C ARG OB 100 86.57 36.10 -33.36
N PHE OB 101 86.46 35.56 -32.14
CA PHE OB 101 87.22 34.39 -31.72
C PHE OB 101 86.33 33.17 -31.93
N THR OB 102 86.68 32.34 -32.89
CA THR OB 102 85.89 31.15 -33.17
C THR OB 102 86.01 30.16 -32.02
N PRO OB 103 84.90 29.69 -31.46
CA PRO OB 103 84.99 28.71 -30.36
C PRO OB 103 85.63 27.41 -30.84
N GLY OB 104 86.32 26.75 -29.92
CA GLY OB 104 87.04 25.54 -30.25
C GLY OB 104 88.43 25.76 -30.80
N THR OB 105 88.93 26.99 -30.76
CA THR OB 105 90.28 27.25 -31.25
C THR OB 105 91.32 26.54 -30.40
N PHE OB 106 91.11 26.50 -29.09
CA PHE OB 106 92.04 25.85 -28.18
C PHE OB 106 91.66 24.42 -27.86
N THR OB 107 90.55 23.93 -28.36
CA THR OB 107 90.11 22.61 -27.94
C THR OB 107 89.83 21.66 -29.09
N ASN OB 108 89.28 22.16 -30.19
CA ASN OB 108 89.00 21.32 -31.37
C ASN OB 108 90.25 21.28 -32.23
N GLN OB 109 90.91 20.11 -32.26
CA GLN OB 109 92.20 19.97 -32.91
C GLN OB 109 92.11 19.60 -34.38
N ILE OB 110 90.91 19.50 -34.94
CA ILE OB 110 90.76 19.05 -36.31
C ILE OB 110 91.07 20.17 -37.29
N GLN OB 111 90.42 21.32 -37.11
CA GLN OB 111 90.53 22.39 -38.09
C GLN OB 111 91.92 23.00 -38.09
N ALA OB 112 92.26 23.68 -39.18
CA ALA OB 112 93.53 24.37 -39.28
C ALA OB 112 93.62 25.57 -38.36
N ALA OB 113 92.47 26.16 -38.00
CA ALA OB 113 92.45 27.28 -37.07
C ALA OB 113 92.86 26.89 -35.66
N PHE OB 114 92.97 25.60 -35.37
CA PHE OB 114 93.36 25.13 -34.05
C PHE OB 114 94.76 25.60 -33.69
N ARG OB 115 94.93 26.01 -32.45
CA ARG OB 115 96.25 26.34 -31.93
C ARG OB 115 96.26 26.08 -30.43
N GLU OB 116 97.44 25.82 -29.90
CA GLU OB 116 97.61 25.54 -28.47
C GLU OB 116 98.77 26.36 -27.93
N PRO OB 117 98.50 27.56 -27.40
CA PRO OB 117 99.56 28.43 -26.91
C PRO OB 117 99.97 28.09 -25.48
N ARG OB 118 100.95 28.80 -24.94
CA ARG OB 118 101.40 28.58 -23.58
C ARG OB 118 100.99 29.69 -22.61
N LEU OB 119 100.43 30.78 -23.12
CA LEU OB 119 99.97 31.88 -22.28
C LEU OB 119 98.87 32.60 -23.01
N LEU OB 120 97.85 33.06 -22.27
CA LEU OB 120 96.75 33.80 -22.84
C LEU OB 120 96.82 35.22 -22.30
N VAL OB 121 96.65 36.21 -23.16
CA VAL OB 121 96.59 37.60 -22.73
C VAL OB 121 95.34 38.22 -23.34
N VAL OB 122 94.52 38.83 -22.50
CA VAL OB 122 93.15 39.19 -22.85
C VAL OB 122 92.92 40.66 -22.52
N THR OB 123 92.28 41.37 -23.46
CA THR OB 123 91.99 42.79 -23.25
C THR OB 123 90.89 42.99 -22.21
N ASP OB 124 89.84 42.16 -22.26
CA ASP OB 124 88.73 42.34 -21.33
C ASP OB 124 88.08 41.01 -21.02
N PRO OB 125 87.86 40.70 -19.73
CA PRO OB 125 87.25 39.40 -19.40
C PRO OB 125 85.81 39.26 -19.86
N ARG OB 126 85.00 40.31 -19.69
CA ARG OB 126 83.60 40.22 -20.11
C ARG OB 126 83.48 40.05 -21.62
N ALA OB 127 84.30 40.78 -22.38
CA ALA OB 127 84.23 40.67 -23.83
C ALA OB 127 84.87 39.39 -24.34
N ASP OB 128 85.86 38.87 -23.62
CA ASP OB 128 86.62 37.71 -24.07
C ASP OB 128 86.43 36.54 -23.11
N HIS OB 129 85.20 36.37 -22.61
CA HIS OB 129 84.91 35.22 -21.76
C HIS OB 129 85.12 33.90 -22.47
N GLN OB 130 84.84 33.85 -23.78
CA GLN OB 130 84.96 32.58 -24.50
C GLN OB 130 86.40 32.06 -24.55
N PRO OB 131 87.42 32.84 -24.94
CA PRO OB 131 88.79 32.33 -24.80
C PRO OB 131 89.17 32.09 -23.35
N LEU OB 132 88.65 32.90 -22.42
CA LEU OB 132 88.89 32.66 -21.01
C LEU OB 132 88.35 31.30 -20.58
N THR OB 133 87.13 30.98 -21.01
CA THR OB 133 86.56 29.68 -20.68
C THR OB 133 87.33 28.55 -21.33
N GLU OB 134 87.74 28.73 -22.59
CA GLU OB 134 88.43 27.67 -23.31
C GLU OB 134 89.84 27.46 -22.81
N ALA OB 135 90.46 28.46 -22.19
CA ALA OB 135 91.76 28.26 -21.58
C ALA OB 135 91.70 27.31 -20.39
N SER OB 136 90.52 27.12 -19.80
CA SER OB 136 90.37 26.22 -18.67
C SER OB 136 90.32 24.77 -19.08
N TYR OB 137 90.27 24.46 -20.36
CA TYR OB 137 90.30 23.08 -20.83
C TYR OB 137 91.69 22.62 -21.22
N VAL OB 138 92.67 23.51 -21.29
CA VAL OB 138 93.93 23.18 -21.93
C VAL OB 138 95.12 23.60 -21.06
N ASN OB 139 94.85 23.88 -19.79
CA ASN OB 139 95.88 24.28 -18.81
C ASN OB 139 96.64 25.52 -19.27
N LEU OB 140 95.89 26.59 -19.49
CA LEU OB 140 96.44 27.82 -20.05
C LEU OB 140 96.42 28.93 -19.02
N PRO OB 141 97.57 29.41 -18.55
CA PRO OB 141 97.57 30.57 -17.66
C PRO OB 141 97.16 31.84 -18.39
N THR OB 142 96.63 32.79 -17.64
CA THR OB 142 95.95 33.94 -18.23
C THR OB 142 96.35 35.26 -17.56
N ILE OB 143 96.70 36.24 -18.39
CA ILE OB 143 96.77 37.64 -18.01
C ILE OB 143 95.58 38.34 -18.66
N ALA OB 144 94.87 39.17 -17.89
CA ALA OB 144 93.76 39.91 -18.46
C ALA OB 144 93.78 41.34 -17.93
N LEU OB 145 93.34 42.27 -18.78
CA LEU OB 145 93.38 43.69 -18.47
C LEU OB 145 92.02 44.05 -17.88
N CYS OB 146 91.93 44.02 -16.55
CA CYS OB 146 90.65 44.06 -15.86
C CYS OB 146 90.34 45.45 -15.32
N ASN OB 147 89.06 45.77 -15.30
CA ASN OB 147 88.55 46.99 -14.69
C ASN OB 147 88.01 46.67 -13.30
N THR OB 148 87.40 47.65 -12.66
CA THR OB 148 86.90 47.48 -11.30
C THR OB 148 85.75 46.48 -11.22
N ASP OB 149 85.06 46.24 -12.33
CA ASP OB 149 83.89 45.35 -12.34
C ASP OB 149 84.13 44.08 -13.15
N SER OB 150 85.38 43.78 -13.49
CA SER OB 150 85.66 42.63 -14.33
C SER OB 150 85.63 41.35 -13.50
N PRO OB 151 84.91 40.32 -13.93
CA PRO OB 151 84.99 39.02 -13.24
C PRO OB 151 86.38 38.42 -13.38
N LEU OB 152 86.81 37.74 -12.33
CA LEU OB 152 88.16 37.18 -12.29
C LEU OB 152 88.13 35.66 -12.20
N ARG OB 153 87.17 35.03 -12.87
CA ARG OB 153 86.96 33.60 -12.69
C ARG OB 153 88.18 32.80 -13.14
N TYR OB 154 88.64 33.02 -14.37
CA TYR OB 154 89.76 32.28 -14.92
C TYR OB 154 90.97 33.17 -15.15
N VAL OB 155 91.05 34.27 -14.42
CA VAL OB 155 92.10 35.27 -14.58
C VAL OB 155 93.16 35.07 -13.52
N ASP OB 156 94.42 35.07 -13.93
CA ASP OB 156 95.54 34.82 -13.03
C ASP OB 156 96.41 36.05 -12.79
N ILE OB 157 96.65 36.88 -13.80
CA ILE OB 157 97.57 38.00 -13.67
C ILE OB 157 96.82 39.29 -13.96
N ALA OB 158 95.57 39.37 -13.50
CA ALA OB 158 94.71 40.53 -13.69
C ALA OB 158 95.44 41.84 -13.45
N ILE OB 159 95.46 42.68 -14.48
CA ILE OB 159 96.08 44.00 -14.42
C ILE OB 159 94.98 45.02 -14.20
N PRO OB 160 94.93 45.71 -13.07
CA PRO OB 160 93.83 46.63 -12.75
C PRO OB 160 94.07 48.04 -13.29
N CYS OB 161 93.84 48.23 -14.58
CA CYS OB 161 93.99 49.55 -15.18
C CYS OB 161 92.70 50.09 -15.77
N ASN OB 162 92.13 49.42 -16.78
CA ASN OB 162 90.95 49.89 -17.49
C ASN OB 162 90.62 48.87 -18.57
N ASN OB 163 89.40 48.94 -19.08
CA ASN OB 163 89.07 48.24 -20.32
C ASN OB 163 88.13 49.03 -21.21
N LYS OB 164 87.76 50.25 -20.84
CA LYS OB 164 86.76 51.02 -21.56
C LYS OB 164 87.37 52.05 -22.51
N GLY OB 165 88.21 52.93 -21.99
CA GLY OB 165 88.75 54.00 -22.82
C GLY OB 165 89.72 53.48 -23.86
N ALA OB 166 89.56 53.98 -25.09
CA ALA OB 166 90.47 53.61 -26.17
C ALA OB 166 91.90 54.06 -25.87
N HIS OB 167 92.05 55.29 -25.36
CA HIS OB 167 93.36 55.78 -24.97
C HIS OB 167 93.97 54.90 -23.89
N SER OB 168 93.18 54.53 -22.89
CA SER OB 168 93.68 53.70 -21.81
C SER OB 168 94.13 52.34 -22.32
N VAL OB 169 93.32 51.71 -23.18
CA VAL OB 169 93.65 50.38 -23.69
C VAL OB 169 94.91 50.43 -24.53
N GLY OB 170 95.00 51.41 -25.43
CA GLY OB 170 96.21 51.56 -26.21
C GLY OB 170 97.43 51.79 -25.35
N LEU OB 171 97.30 52.63 -24.32
CA LEU OB 171 98.44 52.93 -23.47
C LEU OB 171 98.88 51.70 -22.67
N MET OB 172 97.93 50.95 -22.12
CA MET OB 172 98.31 49.79 -21.33
C MET OB 172 98.96 48.72 -22.19
N TRP OB 173 98.46 48.52 -23.41
CA TRP OB 173 99.08 47.54 -24.30
C TRP OB 173 100.48 48.00 -24.70
N TRP OB 174 100.64 49.29 -25.03
CA TRP OB 174 101.95 49.81 -25.38
C TRP OB 174 102.91 49.73 -24.21
N MET OB 175 102.42 49.99 -22.99
CA MET OB 175 103.25 49.91 -21.80
C MET OB 175 103.71 48.49 -21.55
N LEU OB 176 102.82 47.51 -21.72
CA LEU OB 176 103.19 46.11 -21.54
C LEU OB 176 104.21 45.69 -22.59
N ALA OB 177 104.02 46.12 -23.84
CA ALA OB 177 105.00 45.83 -24.88
C ALA OB 177 106.35 46.44 -24.57
N ARG OB 178 106.35 47.69 -24.10
CA ARG OB 178 107.60 48.34 -23.74
C ARG OB 178 108.30 47.59 -22.62
N GLU OB 179 107.55 47.16 -21.60
CA GLU OB 179 108.16 46.46 -20.48
C GLU OB 179 108.73 45.11 -20.90
N VAL OB 180 108.00 44.35 -21.72
CA VAL OB 180 108.55 43.05 -22.11
C VAL OB 180 109.77 43.23 -23.02
N LEU OB 181 109.76 44.24 -23.89
CA LEU OB 181 110.92 44.47 -24.74
C LEU OB 181 112.11 45.00 -23.95
N ARG OB 182 111.87 45.73 -22.87
CA ARG OB 182 112.99 46.18 -22.04
C ARG OB 182 113.53 45.05 -21.17
N MET OB 183 112.65 44.17 -20.69
CA MET OB 183 113.11 42.99 -19.96
C MET OB 183 113.96 42.09 -20.84
N ARG OB 184 113.53 41.88 -22.08
CA ARG OB 184 114.41 41.23 -23.03
C ARG OB 184 115.48 42.21 -23.48
N GLY OB 185 116.50 41.69 -24.17
CA GLY OB 185 117.61 42.53 -24.56
C GLY OB 185 117.35 43.37 -25.80
N THR OB 186 116.19 44.02 -25.85
CA THR OB 186 115.78 44.78 -27.03
C THR OB 186 115.95 46.28 -26.85
N ILE OB 187 115.52 46.82 -25.72
CA ILE OB 187 115.64 48.25 -25.44
C ILE OB 187 116.66 48.44 -24.33
N SER OB 188 117.25 49.63 -24.27
CA SER OB 188 118.41 49.89 -23.44
C SER OB 188 118.07 50.52 -22.09
N ARG OB 189 116.77 50.69 -21.77
CA ARG OB 189 116.30 51.19 -20.49
C ARG OB 189 116.67 52.66 -20.25
N GLU OB 190 117.45 53.25 -21.16
CA GLU OB 190 117.97 54.59 -20.99
C GLU OB 190 117.20 55.62 -21.82
N HIS OB 191 117.17 55.44 -23.08
CA HIS OB 191 116.40 56.38 -23.88
C HIS OB 191 114.97 55.89 -24.03
N PRO OB 192 114.01 56.81 -24.17
CA PRO OB 192 112.62 56.38 -24.32
C PRO OB 192 112.41 55.57 -25.58
N TRP OB 193 111.45 54.66 -25.52
CA TRP OB 193 111.12 53.82 -26.68
C TRP OB 193 110.65 54.69 -27.83
N GLU OB 194 111.14 54.39 -29.03
CA GLU OB 194 110.83 55.22 -30.19
C GLU OB 194 109.40 55.06 -30.66
N VAL OB 195 108.68 54.04 -30.23
CA VAL OB 195 107.32 53.79 -30.70
C VAL OB 195 106.38 54.67 -29.89
N MET OB 196 105.65 55.52 -30.58
CA MET OB 196 104.67 56.38 -29.92
C MET OB 196 103.48 55.56 -29.46
N PRO OB 197 102.95 55.82 -28.26
CA PRO OB 197 101.76 55.09 -27.80
C PRO OB 197 100.52 55.35 -28.65
N ASP OB 198 100.51 56.41 -29.47
CA ASP OB 198 99.40 56.61 -30.38
C ASP OB 198 99.30 55.52 -31.44
N LEU OB 199 100.39 54.81 -31.69
CA LEU OB 199 100.37 53.70 -32.63
C LEU OB 199 99.42 52.60 -32.17
N TYR OB 200 99.16 52.49 -30.87
CA TYR OB 200 98.31 51.46 -30.32
C TYR OB 200 96.88 51.91 -30.08
N PHE OB 201 96.57 53.17 -30.37
CA PHE OB 201 95.24 53.70 -30.09
C PHE OB 201 94.25 53.30 -31.16
N TYR OB 202 93.05 52.93 -30.72
CA TYR OB 202 91.96 52.67 -31.65
C TYR OB 202 91.31 53.99 -32.06
N ARG OB 203 91.12 54.16 -33.36
CA ARG OB 203 90.54 55.38 -33.91
C ARG OB 203 89.17 55.05 -34.49
N ASP OB 204 88.22 55.95 -34.31
CA ASP OB 204 86.88 55.71 -34.78
C ASP OB 204 86.80 56.00 -36.29
N PRO OB 205 85.95 55.27 -37.02
CA PRO OB 205 85.87 55.48 -38.48
C PRO OB 205 85.58 56.90 -38.88
N GLU OB 206 84.88 57.68 -38.05
CA GLU OB 206 84.69 59.09 -38.37
C GLU OB 206 85.93 59.93 -38.11
N GLU OB 207 87.00 59.34 -37.56
CA GLU OB 207 88.33 59.96 -37.63
C GLU OB 207 89.15 59.41 -38.77
N ILE OB 208 89.07 58.10 -39.05
CA ILE OB 208 89.80 57.57 -40.21
C ILE OB 208 89.27 58.20 -41.49
N GLU OB 209 88.01 58.63 -41.52
CA GLU OB 209 87.48 59.17 -42.76
C GLU OB 209 87.67 60.67 -42.91
N LYS OB 210 88.34 61.35 -41.96
CA LYS OB 210 88.57 62.78 -42.09
C LYS OB 210 89.97 63.24 -41.74
N GLU OB 211 90.74 62.48 -40.97
CA GLU OB 211 92.04 62.98 -40.51
C GLU OB 211 93.06 63.08 -41.64
N GLU OB 212 93.14 62.06 -42.51
CA GLU OB 212 94.15 62.12 -43.56
C GLU OB 212 93.80 63.14 -44.62
N GLN OB 213 92.51 63.40 -44.86
CA GLN OB 213 92.16 64.45 -45.80
C GLN OB 213 92.39 65.84 -45.21
N ALA OB 214 92.15 66.03 -43.91
CA ALA OB 214 92.54 67.28 -43.28
C ALA OB 214 94.05 67.48 -43.36
N ALA OB 215 94.82 66.42 -43.10
CA ALA OB 215 96.26 66.51 -43.23
C ALA OB 215 96.69 66.75 -44.67
N ALA OB 216 95.97 66.21 -45.64
CA ALA OB 216 96.29 66.45 -47.04
C ALA OB 216 96.07 67.90 -47.42
N GLU OB 217 94.98 68.50 -46.94
CA GLU OB 217 94.77 69.92 -47.17
C GLU OB 217 95.86 70.75 -46.51
N LYS OB 218 96.24 70.40 -45.28
CA LYS OB 218 97.32 71.14 -44.62
C LYS OB 218 98.64 71.00 -45.35
N ALA OB 219 98.92 69.80 -45.90
CA ALA OB 219 100.17 69.57 -46.61
C ALA OB 219 100.19 70.30 -47.94
N VAL OB 220 99.06 70.33 -48.66
CA VAL OB 220 99.02 71.02 -49.93
C VAL OB 220 98.98 72.53 -49.75
N THR OB 221 98.52 73.01 -48.60
CA THR OB 221 98.55 74.45 -48.31
C THR OB 221 99.81 74.81 -47.53
N VAL PB 1 -0.96 64.96 -29.52
CA VAL PB 1 -0.46 64.83 -30.88
C VAL PB 1 0.55 65.93 -31.16
N VAL PB 2 0.23 67.14 -30.70
CA VAL PB 2 1.12 68.28 -30.90
C VAL PB 2 2.38 68.09 -30.05
N ASP PB 3 3.51 68.56 -30.57
CA ASP PB 3 4.76 68.43 -29.84
C ASP PB 3 4.73 69.27 -28.57
N PRO PB 4 5.12 68.71 -27.42
CA PRO PB 4 5.09 69.47 -26.17
C PRO PB 4 6.04 70.64 -26.14
N PHE PB 5 7.03 70.69 -27.04
CA PHE PB 5 7.99 71.78 -27.03
C PHE PB 5 7.38 73.09 -27.54
N SER PB 6 6.18 73.05 -28.10
CA SER PB 6 5.47 74.29 -28.38
C SER PB 6 5.03 75.00 -27.11
N LYS PB 7 4.87 74.26 -26.01
CA LYS PB 7 4.45 74.84 -24.74
C LYS PB 7 5.61 75.13 -23.81
N LYS PB 8 6.84 75.02 -24.29
CA LYS PB 8 8.01 75.32 -23.49
C LYS PB 8 8.50 76.73 -23.81
N ASP PB 9 8.81 77.49 -22.76
CA ASP PB 9 9.37 78.82 -22.92
C ASP PB 9 10.70 78.89 -22.17
N TRP PB 10 11.66 79.60 -22.76
CA TRP PB 10 13.04 79.56 -22.32
C TRP PB 10 13.31 80.60 -21.24
N TYR PB 11 14.27 80.29 -20.38
CA TYR PB 11 14.72 81.16 -19.31
C TYR PB 11 16.23 81.25 -19.34
N ASP PB 12 16.77 82.34 -18.82
CA ASP PB 12 18.21 82.53 -18.73
C ASP PB 12 18.69 82.26 -17.33
N VAL PB 13 19.74 81.44 -17.20
CA VAL PB 13 20.28 81.05 -15.91
C VAL PB 13 21.42 81.99 -15.56
N LYS PB 14 21.40 82.50 -14.33
CA LYS PB 14 22.33 83.52 -13.88
C LYS PB 14 23.12 83.01 -12.68
N ALA PB 15 24.42 83.23 -12.71
CA ALA PB 15 25.37 82.90 -11.66
C ALA PB 15 25.54 84.06 -10.70
N PRO PB 16 26.01 83.80 -9.47
CA PRO PB 16 26.23 84.90 -8.52
C PRO PB 16 27.36 85.83 -8.95
N ALA PB 17 27.58 86.87 -8.16
CA ALA PB 17 28.57 87.90 -8.51
C ALA PB 17 30.01 87.42 -8.34
N MET PB 18 30.22 86.25 -7.74
CA MET PB 18 31.58 85.73 -7.60
C MET PB 18 32.23 85.41 -8.93
N PHE PB 19 31.45 85.20 -9.98
CA PHE PB 19 31.94 84.85 -11.30
C PHE PB 19 31.69 86.00 -12.25
N ASN PB 20 32.69 86.36 -13.05
CA ASN PB 20 32.56 87.50 -13.95
C ASN PB 20 31.84 87.17 -15.25
N ILE PB 21 31.62 85.89 -15.55
CA ILE PB 21 30.69 85.49 -16.60
C ILE PB 21 29.40 85.11 -15.90
N ARG PB 22 28.37 85.95 -16.02
CA ARG PB 22 27.14 85.78 -15.28
C ARG PB 22 26.15 84.84 -15.96
N ASN PB 23 26.25 84.70 -17.28
CA ASN PB 23 25.30 83.89 -18.04
C ASN PB 23 25.79 82.45 -18.04
N ILE PB 24 25.15 81.61 -17.23
CA ILE PB 24 25.40 80.18 -17.30
C ILE PB 24 24.94 79.64 -18.64
N GLY PB 25 23.75 80.03 -19.06
CA GLY PB 25 23.16 79.57 -20.31
C GLY PB 25 21.66 79.75 -20.28
N LYS PB 26 20.97 78.89 -21.01
CA LYS PB 26 19.53 78.90 -21.08
C LYS PB 26 18.97 77.55 -20.65
N THR PB 27 17.78 77.59 -20.07
CA THR PB 27 17.01 76.41 -19.73
C THR PB 27 15.61 76.58 -20.28
N LEU PB 28 14.80 75.53 -20.16
CA LEU PB 28 13.42 75.59 -20.61
C LEU PB 28 12.53 74.90 -19.60
N VAL PB 29 11.25 75.26 -19.64
CA VAL PB 29 10.24 74.65 -18.79
C VAL PB 29 8.90 74.84 -19.47
N THR PB 30 7.97 73.94 -19.17
CA THR PB 30 6.62 74.07 -19.69
C THR PB 30 5.92 75.24 -19.02
N ARG PB 31 5.15 76.00 -19.82
CA ARG PB 31 4.41 77.15 -19.30
C ARG PB 31 3.45 76.72 -18.20
N THR PB 32 3.06 77.69 -17.37
CA THR PB 32 2.18 77.41 -16.25
C THR PB 32 0.81 76.96 -16.75
N GLN PB 33 0.33 75.85 -16.19
CA GLN PB 33 -0.97 75.32 -16.57
C GLN PB 33 -1.62 74.71 -15.34
N GLY PB 34 -2.75 75.26 -14.92
CA GLY PB 34 -3.39 74.77 -13.71
C GLY PB 34 -2.55 75.07 -12.48
N THR PB 35 -2.47 74.09 -11.58
CA THR PB 35 -1.68 74.25 -10.37
C THR PB 35 -0.18 74.14 -10.65
N LYS PB 36 0.21 73.60 -11.80
CA LYS PB 36 1.62 73.39 -12.11
C LYS PB 36 2.27 74.71 -12.48
N ILE PB 37 3.19 75.17 -11.65
CA ILE PB 37 3.83 76.47 -11.82
C ILE PB 37 5.20 76.29 -12.44
N ALA PB 38 5.47 77.07 -13.50
CA ALA PB 38 6.79 77.03 -14.13
C ALA PB 38 7.87 77.49 -13.17
N SER PB 39 7.55 78.40 -12.25
CA SER PB 39 8.51 78.80 -11.23
C SER PB 39 8.90 77.62 -10.36
N ASP PB 40 7.92 76.83 -9.93
CA ASP PB 40 8.21 75.64 -9.12
C ASP PB 40 9.00 74.62 -9.92
N GLY PB 41 8.69 74.49 -11.21
CA GLY PB 41 9.48 73.59 -12.05
C GLY PB 41 10.93 74.02 -12.17
N LEU PB 42 11.16 75.33 -12.34
CA LEU PB 42 12.53 75.81 -12.52
C LEU PB 42 13.32 75.79 -11.23
N LYS PB 43 12.67 75.98 -10.08
CA LYS PB 43 13.38 75.96 -8.82
C LYS PB 43 13.92 74.57 -8.53
N GLY PB 44 15.09 74.53 -7.88
CA GLY PB 44 15.68 73.27 -7.50
C GLY PB 44 16.43 72.55 -8.59
N ARG PB 45 16.91 73.26 -9.61
CA ARG PB 45 17.70 72.67 -10.67
C ARG PB 45 19.18 72.95 -10.43
N VAL PB 46 20.03 71.99 -10.77
CA VAL PB 46 21.47 72.07 -10.52
C VAL PB 46 22.18 72.10 -11.86
N PHE PB 47 23.13 73.03 -11.99
CA PHE PB 47 23.83 73.29 -13.26
C PHE PB 47 25.31 73.03 -13.06
N GLU PB 48 25.75 71.80 -13.34
CA GLU PB 48 27.15 71.45 -13.23
C GLU PB 48 27.91 72.15 -14.34
N VAL PB 49 28.54 73.28 -14.02
CA VAL PB 49 29.21 74.11 -15.01
C VAL PB 49 30.68 74.23 -14.62
N SER PB 50 31.55 74.20 -15.63
CA SER PB 50 32.98 74.30 -15.38
C SER PB 50 33.34 75.67 -14.81
N LEU PB 51 34.59 75.79 -14.38
CA LEU PB 51 35.09 77.06 -13.89
C LEU PB 51 35.68 77.92 -15.00
N ALA PB 52 36.15 77.30 -16.09
CA ALA PB 52 36.75 78.06 -17.17
C ALA PB 52 35.71 78.86 -17.96
N ASP PB 53 34.44 78.48 -17.90
CA ASP PB 53 33.37 79.26 -18.51
C ASP PB 53 32.54 80.02 -17.49
N LEU PB 54 33.01 80.09 -16.25
CA LEU PB 54 32.45 80.99 -15.24
C LEU PB 54 33.38 82.12 -14.87
N GLN PB 55 34.67 81.84 -14.73
CA GLN PB 55 35.71 82.83 -14.52
C GLN PB 55 36.50 82.98 -15.82
N ASN PB 56 37.10 84.14 -16.01
CA ASN PB 56 37.67 84.48 -17.31
C ASN PB 56 38.83 83.57 -17.69
N ASP PB 57 39.80 83.41 -16.80
CA ASP PB 57 41.02 82.69 -17.14
C ASP PB 57 41.41 81.69 -16.05
N GLU PB 58 40.43 81.02 -15.45
CA GLU PB 58 40.72 80.04 -14.43
C GLU PB 58 40.89 78.65 -15.05
N VAL PB 59 41.18 77.67 -14.21
CA VAL PB 59 41.39 76.32 -14.69
C VAL PB 59 40.06 75.70 -15.11
N ALA PB 60 40.15 74.60 -15.86
CA ALA PB 60 38.97 73.98 -16.45
C ALA PB 60 38.53 72.70 -15.75
N PHE PB 61 39.34 72.14 -14.88
CA PHE PB 61 38.99 70.87 -14.23
C PHE PB 61 38.16 71.05 -12.98
N ARG PB 62 37.64 72.24 -12.74
CA ARG PB 62 36.84 72.53 -11.55
C ARG PB 62 35.41 72.84 -11.96
N LYS PB 63 34.44 72.15 -11.37
CA LYS PB 63 33.05 72.31 -11.71
C LYS PB 63 32.26 72.74 -10.47
N PHE PB 64 31.23 73.55 -10.71
CA PHE PB 64 30.37 74.10 -9.67
C PHE PB 64 28.94 73.69 -9.95
N LYS PB 65 28.18 73.48 -8.88
CA LYS PB 65 26.82 72.95 -8.99
C LYS PB 65 25.78 74.03 -9.27
N LEU PB 66 25.78 75.11 -8.48
CA LEU PB 66 24.99 76.31 -8.77
C LEU PB 66 23.49 76.00 -8.87
N ILE PB 67 22.92 75.61 -7.73
CA ILE PB 67 21.50 75.31 -7.67
C ILE PB 67 20.68 76.59 -7.77
N THR PB 68 19.50 76.49 -8.38
CA THR PB 68 18.59 77.61 -8.55
C THR PB 68 17.65 77.71 -7.36
N GLU PB 69 17.60 78.90 -6.74
CA GLU PB 69 16.67 79.17 -5.65
C GLU PB 69 15.43 79.93 -6.09
N ASP PB 70 15.61 81.09 -6.74
CA ASP PB 70 14.48 81.94 -7.08
C ASP PB 70 14.56 82.37 -8.53
N VAL PB 71 13.40 82.43 -9.18
CA VAL PB 71 13.27 82.89 -10.56
C VAL PB 71 12.39 84.14 -10.56
N GLN PB 72 12.83 85.17 -11.26
CA GLN PB 72 12.05 86.39 -11.42
C GLN PB 72 12.08 86.79 -12.88
N GLY PB 73 10.90 87.04 -13.44
CA GLY PB 73 10.82 87.37 -14.86
C GLY PB 73 11.31 86.21 -15.69
N LYS PB 74 12.28 86.49 -16.57
CA LYS PB 74 12.86 85.47 -17.43
C LYS PB 74 14.25 85.07 -16.98
N ASN PB 75 14.59 85.29 -15.71
CA ASN PB 75 15.88 84.94 -15.17
C ASN PB 75 15.72 83.97 -14.00
N CYS PB 76 16.34 82.80 -14.11
CA CYS PB 76 16.58 81.94 -12.97
C CYS PB 76 17.87 82.38 -12.32
N LEU PB 77 17.88 82.48 -11.00
CA LEU PB 77 19.03 82.96 -10.25
C LEU PB 77 19.57 81.84 -9.39
N THR PB 78 20.88 81.58 -9.49
CA THR PB 78 21.47 80.43 -8.83
C THR PB 78 22.32 80.86 -7.63
N ASN PB 79 22.70 79.86 -6.84
CA ASN PB 79 23.58 80.04 -5.71
C ASN PB 79 24.43 78.78 -5.58
N PHE PB 80 25.56 78.92 -4.88
CA PHE PB 80 26.51 77.83 -4.75
C PHE PB 80 25.89 76.63 -4.05
N HIS PB 81 26.24 75.44 -4.54
CA HIS PB 81 25.68 74.19 -4.02
C HIS PB 81 26.80 73.19 -3.72
N GLY PB 82 27.89 73.30 -4.45
CA GLY PB 82 29.05 72.47 -4.27
C GLY PB 82 30.00 72.61 -5.42
N MET PB 83 31.18 72.04 -5.26
CA MET PB 83 32.14 71.94 -6.35
C MET PB 83 32.79 70.58 -6.35
N ASP PB 84 33.37 70.24 -7.50
CA ASP PB 84 34.03 68.95 -7.67
C ASP PB 84 35.13 69.08 -8.71
N LEU PB 85 36.18 68.28 -8.52
CA LEU PB 85 37.14 68.14 -9.61
C LEU PB 85 36.59 67.22 -10.68
N THR PB 86 37.16 67.32 -11.88
CA THR PB 86 36.68 66.49 -12.98
C THR PB 86 37.25 65.08 -12.89
N ARG PB 87 36.57 64.16 -13.57
CA ARG PB 87 36.96 62.76 -13.55
C ARG PB 87 38.36 62.55 -14.13
N ASP PB 88 38.64 63.18 -15.27
CA ASP PB 88 39.93 62.96 -15.91
C ASP PB 88 41.06 63.53 -15.05
N LYS PB 89 40.86 64.71 -14.47
CA LYS PB 89 41.89 65.29 -13.60
C LYS PB 89 42.11 64.41 -12.37
N MET PB 90 41.03 63.95 -11.75
CA MET PB 90 41.18 63.12 -10.55
C MET PB 90 41.86 61.81 -10.87
N CYS PB 91 41.55 61.20 -12.02
CA CYS PB 91 42.18 59.94 -12.37
C CYS PB 91 43.63 60.13 -12.80
N SER PB 92 43.96 61.27 -13.42
CA SER PB 92 45.34 61.51 -13.80
C SER PB 92 46.21 61.80 -12.60
N MET PB 93 45.63 62.40 -11.54
CA MET PB 93 46.42 62.68 -10.36
C MET PB 93 46.83 61.41 -9.61
N VAL PB 94 46.03 60.36 -9.69
CA VAL PB 94 46.34 59.13 -8.96
C VAL PB 94 47.39 58.34 -9.72
N LYS PB 95 48.51 58.06 -9.07
CA LYS PB 95 49.63 57.37 -9.71
C LYS PB 95 50.25 56.42 -8.71
N LYS PB 96 50.97 55.43 -9.23
CA LYS PB 96 51.63 54.43 -8.40
C LYS PB 96 52.92 54.99 -7.80
N TRP PB 97 53.45 54.23 -6.84
CA TRP PB 97 54.69 54.57 -6.14
C TRP PB 97 54.59 55.93 -5.45
N GLN PB 98 53.40 56.25 -4.94
CA GLN PB 98 53.21 57.46 -4.16
C GLN PB 98 51.98 57.27 -3.28
N THR PB 99 51.95 58.01 -2.18
CA THR PB 99 50.88 57.94 -1.21
C THR PB 99 49.98 59.15 -1.35
N MET PB 100 48.68 58.94 -1.35
CA MET PB 100 47.75 60.07 -1.32
C MET PB 100 47.09 60.13 0.04
N ILE PB 101 46.94 61.35 0.55
CA ILE PB 101 46.30 61.63 1.81
C ILE PB 101 44.97 62.29 1.51
N GLU PB 102 43.90 61.75 2.09
CA GLU PB 102 42.54 62.23 1.88
C GLU PB 102 41.97 62.68 3.22
N ALA PB 103 41.38 63.87 3.23
CA ALA PB 103 40.74 64.37 4.44
C ALA PB 103 39.35 64.89 4.10
N HIS PB 104 38.44 64.80 5.06
CA HIS PB 104 37.11 65.37 4.92
C HIS PB 104 36.73 66.04 6.23
N VAL PB 105 35.97 67.11 6.13
CA VAL PB 105 35.56 67.84 7.34
C VAL PB 105 34.20 68.48 7.08
N ASP PB 106 33.34 68.39 8.10
CA ASP PB 106 32.05 69.08 8.11
C ASP PB 106 32.22 70.38 8.89
N VAL PB 107 31.87 71.50 8.27
CA VAL PB 107 32.14 72.80 8.85
C VAL PB 107 31.01 73.76 8.50
N LYS PB 108 30.63 74.60 9.46
CA LYS PB 108 29.55 75.55 9.30
C LYS PB 108 30.11 76.95 9.06
N THR PB 109 29.55 77.64 8.07
CA THR PB 109 29.94 79.02 7.79
C THR PB 109 29.32 79.96 8.81
N THR PB 110 29.60 81.26 8.65
CA THR PB 110 29.03 82.25 9.55
C THR PB 110 27.54 82.47 9.28
N ASP PB 111 27.10 82.29 8.04
CA ASP PB 111 25.72 82.56 7.66
C ASP PB 111 24.83 81.33 7.71
N GLY PB 112 25.32 80.21 8.24
CA GLY PB 112 24.50 79.04 8.45
C GLY PB 112 24.59 77.96 7.41
N TYR PB 113 25.52 78.05 6.47
CA TYR PB 113 25.71 77.00 5.47
C TYR PB 113 26.65 75.93 6.01
N LEU PB 114 26.20 74.69 6.01
CA LEU PB 114 27.03 73.55 6.40
C LEU PB 114 27.62 72.92 5.15
N LEU PB 115 28.95 72.75 5.16
CA LEU PB 115 29.66 72.23 4.01
C LEU PB 115 30.47 71.01 4.41
N ARG PB 116 30.53 70.03 3.52
CA ARG PB 116 31.45 68.91 3.65
C ARG PB 116 32.55 69.11 2.62
N LEU PB 117 33.78 69.25 3.11
CA LEU PB 117 34.93 69.49 2.25
C LEU PB 117 35.81 68.24 2.20
N PHE PB 118 36.22 67.88 0.99
CA PHE PB 118 37.11 66.75 0.74
C PHE PB 118 38.35 67.26 0.05
N CYS PB 119 39.52 67.02 0.66
CA CYS PB 119 40.81 67.46 0.16
C CYS PB 119 41.69 66.24 -0.08
N VAL PB 120 42.47 66.31 -1.16
CA VAL PB 120 43.42 65.26 -1.50
C VAL PB 120 44.80 65.88 -1.68
N GLY PB 121 45.81 65.10 -1.33
CA GLY PB 121 47.18 65.47 -1.62
C GLY PB 121 47.97 64.23 -1.95
N PHE PB 122 49.06 64.42 -2.69
CA PHE PB 122 49.86 63.32 -3.18
C PHE PB 122 51.31 63.62 -2.86
N THR PB 123 52.01 62.59 -2.43
CA THR PB 123 53.43 62.70 -2.13
C THR PB 123 54.23 63.01 -3.39
N LYS PB 124 55.19 63.90 -3.25
CA LYS PB 124 56.03 64.32 -4.37
C LYS PB 124 57.45 63.82 -4.17
N LYS PB 125 57.99 63.22 -5.21
CA LYS PB 125 59.38 62.81 -5.20
C LYS PB 125 60.27 64.01 -5.50
N ARG PB 126 61.45 64.02 -4.90
CA ARG PB 126 62.38 65.10 -5.15
C ARG PB 126 62.97 64.98 -6.55
N ASN PB 127 63.57 66.09 -7.01
CA ASN PB 127 64.16 66.10 -8.34
C ASN PB 127 65.36 65.18 -8.45
N ASN PB 128 66.13 65.04 -7.38
CA ASN PB 128 67.32 64.19 -7.37
C ASN PB 128 67.05 62.82 -6.77
N GLN PB 129 65.79 62.48 -6.52
CA GLN PB 129 65.49 61.20 -5.88
C GLN PB 129 65.75 60.04 -6.82
N ILE PB 130 66.42 59.02 -6.31
CA ILE PB 130 66.77 57.84 -7.11
C ILE PB 130 65.79 56.72 -6.78
N ARG PB 131 65.30 56.70 -5.54
CA ARG PB 131 64.35 55.68 -5.14
C ARG PB 131 63.07 55.79 -5.95
N LYS PB 132 62.52 54.62 -6.31
CA LYS PB 132 61.35 54.59 -7.18
C LYS PB 132 60.13 55.17 -6.49
N THR PB 133 59.84 54.71 -5.29
CA THR PB 133 58.62 55.08 -4.59
C THR PB 133 58.85 56.27 -3.68
N SER PB 134 57.76 56.97 -3.39
CA SER PB 134 57.75 58.11 -2.47
C SER PB 134 56.60 57.90 -1.51
N TYR PB 135 56.85 57.16 -0.44
CA TYR PB 135 55.82 56.78 0.51
C TYR PB 135 56.07 57.50 1.83
N ALA PB 136 55.01 58.06 2.39
CA ALA PB 136 55.08 58.64 3.72
C ALA PB 136 54.70 57.61 4.76
N GLN PB 137 55.38 57.65 5.91
CA GLN PB 137 55.02 56.76 6.99
C GLN PB 137 53.66 57.14 7.56
N HIS PB 138 53.08 56.24 8.34
CA HIS PB 138 51.71 56.42 8.78
C HIS PB 138 51.55 57.61 9.71
N GLN PB 139 52.55 57.88 10.57
CA GLN PB 139 52.46 59.05 11.43
C GLN PB 139 52.57 60.34 10.63
N GLN PB 140 53.42 60.35 9.61
CA GLN PB 140 53.48 61.51 8.73
C GLN PB 140 52.16 61.73 8.01
N VAL PB 141 51.54 60.65 7.55
CA VAL PB 141 50.23 60.76 6.90
C VAL PB 141 49.19 61.30 7.86
N ARG PB 142 49.21 60.81 9.11
CA ARG PB 142 48.26 61.28 10.11
C ARG PB 142 48.46 62.76 10.42
N GLN PB 143 49.71 63.20 10.55
CA GLN PB 143 49.98 64.61 10.82
C GLN PB 143 49.56 65.47 9.65
N ILE PB 144 49.80 65.02 8.42
CA ILE PB 144 49.39 65.77 7.24
C ILE PB 144 47.87 65.87 7.17
N ARG PB 145 47.18 64.76 7.43
CA ARG PB 145 45.72 64.77 7.43
C ARG PB 145 45.18 65.69 8.50
N LYS PB 146 45.76 65.66 9.69
CA LYS PB 146 45.31 66.54 10.76
C LYS PB 146 45.56 68.00 10.41
N LYS PB 147 46.72 68.30 9.83
CA LYS PB 147 47.04 69.67 9.43
C LYS PB 147 46.05 70.16 8.39
N MET PB 148 45.76 69.35 7.39
CA MET PB 148 44.87 69.79 6.32
C MET PB 148 43.40 69.66 6.67
N MET PB 149 43.07 69.04 7.80
CA MET PB 149 41.73 69.19 8.36
C MET PB 149 41.60 70.44 9.21
N GLU PB 150 42.67 70.85 9.89
CA GLU PB 150 42.57 72.03 10.74
C GLU PB 150 42.90 73.33 10.02
N ILE PB 151 43.40 73.26 8.79
CA ILE PB 151 43.50 74.50 8.01
C ILE PB 151 42.54 74.44 6.82
N MET PB 152 41.44 73.70 6.99
CA MET PB 152 40.23 73.95 6.22
C MET PB 152 39.10 74.49 7.06
N THR PB 153 39.13 74.26 8.38
CA THR PB 153 38.07 74.76 9.25
C THR PB 153 38.22 76.26 9.50
N ARG PB 154 39.46 76.74 9.58
CA ARG PB 154 39.65 78.15 9.89
C ARG PB 154 39.49 79.04 8.67
N GLU PB 155 39.36 78.47 7.48
CA GLU PB 155 39.01 79.23 6.29
C GLU PB 155 37.53 79.21 6.00
N VAL PB 156 36.73 78.52 6.82
CA VAL PB 156 35.29 78.43 6.63
C VAL PB 156 34.52 78.98 7.82
N GLN PB 157 34.96 78.69 9.04
CA GLN PB 157 34.19 79.10 10.22
C GLN PB 157 34.17 80.62 10.39
N THR PB 158 35.23 81.29 9.99
CA THR PB 158 35.39 82.72 10.29
C THR PB 158 35.04 83.61 9.11
N ASN PB 159 34.20 83.14 8.19
CA ASN PB 159 33.85 83.95 7.05
C ASN PB 159 32.57 83.43 6.40
N ASP PB 160 31.98 84.28 5.57
CA ASP PB 160 30.71 83.99 4.91
C ASP PB 160 30.93 83.05 3.72
N LEU PB 161 29.82 82.47 3.25
CA LEU PB 161 29.89 81.57 2.10
C LEU PB 161 30.37 82.28 0.85
N LYS PB 162 30.08 83.57 0.71
CA LYS PB 162 30.52 84.32 -0.46
C LYS PB 162 32.03 84.35 -0.55
N GLU PB 163 32.69 84.77 0.52
CA GLU PB 163 34.15 84.82 0.49
C GLU PB 163 34.79 83.47 0.80
N VAL PB 164 33.99 82.44 1.09
CA VAL PB 164 34.50 81.08 1.00
C VAL PB 164 34.57 80.63 -0.46
N VAL PB 165 33.51 80.90 -1.23
CA VAL PB 165 33.47 80.51 -2.63
C VAL PB 165 34.53 81.25 -3.42
N ASN PB 166 34.69 82.55 -3.19
CA ASN PB 166 35.65 83.28 -4.01
C ASN PB 166 37.09 82.94 -3.67
N LYS PB 167 37.34 82.32 -2.52
CA LYS PB 167 38.68 81.89 -2.18
C LYS PB 167 38.93 80.43 -2.52
N LEU PB 168 37.88 79.63 -2.68
CA LEU PB 168 38.08 78.30 -3.26
C LEU PB 168 38.03 78.31 -4.77
N ILE PB 169 37.64 79.43 -5.39
CA ILE PB 169 37.77 79.55 -6.84
C ILE PB 169 39.21 79.39 -7.32
N PRO PB 170 40.21 80.05 -6.73
CA PRO PB 170 41.60 79.76 -7.12
C PRO PB 170 42.26 78.64 -6.32
N ASP PB 171 41.51 77.97 -5.44
CA ASP PB 171 42.04 76.96 -4.53
C ASP PB 171 43.21 77.51 -3.72
N SER PB 172 42.96 78.62 -3.04
CA SER PB 172 43.94 79.13 -2.07
C SER PB 172 44.10 78.16 -0.91
N ILE PB 173 43.01 77.48 -0.52
CA ILE PB 173 43.06 76.53 0.58
C ILE PB 173 44.05 75.41 0.29
N GLY PB 174 43.96 74.83 -0.91
CA GLY PB 174 44.91 73.78 -1.26
C GLY PB 174 46.34 74.28 -1.34
N LYS PB 175 46.54 75.51 -1.83
CA LYS PB 175 47.89 76.05 -1.92
C LYS PB 175 48.50 76.23 -0.54
N ASP PB 176 47.74 76.77 0.42
CA ASP PB 176 48.31 76.91 1.75
C ASP PB 176 48.47 75.57 2.45
N ILE PB 177 47.59 74.59 2.16
CA ILE PB 177 47.78 73.25 2.72
C ILE PB 177 49.09 72.66 2.22
N GLU PB 178 49.34 72.78 0.91
CA GLU PB 178 50.58 72.26 0.35
C GLU PB 178 51.80 72.97 0.92
N LYS PB 179 51.71 74.29 1.09
CA LYS PB 179 52.82 75.02 1.68
C LYS PB 179 53.06 74.60 3.12
N ALA PB 180 51.98 74.37 3.88
CA ALA PB 180 52.14 73.97 5.27
C ALA PB 180 52.75 72.59 5.41
N CYS PB 181 52.38 71.67 4.54
CA CYS PB 181 52.80 70.28 4.70
C CYS PB 181 54.24 70.01 4.31
N GLN PB 182 54.95 71.00 3.72
CA GLN PB 182 56.30 70.75 3.23
C GLN PB 182 57.28 70.43 4.34
N SER PB 183 57.00 70.84 5.57
CA SER PB 183 57.86 70.50 6.69
C SER PB 183 57.62 69.09 7.21
N ILE PB 184 56.58 68.41 6.74
CA ILE PB 184 56.38 67.00 7.06
C ILE PB 184 56.74 66.11 5.89
N TYR PB 185 56.02 66.23 4.77
CA TYR PB 185 56.49 65.41 3.69
C TYR PB 185 56.08 66.32 2.53
N PRO PB 186 56.88 66.46 1.48
CA PRO PB 186 56.48 67.30 0.34
C PRO PB 186 55.25 66.75 -0.38
N LEU PB 187 54.35 67.66 -0.77
CA LEU PB 187 53.16 67.34 -1.54
C LEU PB 187 53.08 68.25 -2.77
N HIS PB 188 52.52 67.73 -3.86
CA HIS PB 188 52.45 68.52 -5.08
C HIS PB 188 51.04 68.76 -5.59
N ASP PB 189 50.20 67.73 -5.65
CA ASP PB 189 48.85 67.88 -6.19
C ASP PB 189 47.88 67.95 -5.01
N VAL PB 190 47.71 69.15 -4.48
CA VAL PB 190 46.83 69.38 -3.34
C VAL PB 190 45.65 70.23 -3.81
N PHE PB 191 44.46 69.69 -3.67
CA PHE PB 191 43.25 70.40 -4.04
C PHE PB 191 42.16 70.11 -3.02
N VAL PB 192 41.22 71.04 -2.90
CA VAL PB 192 39.94 70.72 -2.28
C VAL PB 192 39.17 69.95 -3.33
N ARG PB 193 39.23 68.61 -3.23
CA ARG PB 193 38.72 67.75 -4.29
C ARG PB 193 37.22 67.95 -4.50
N LYS PB 194 36.50 68.20 -3.41
CA LYS PB 194 35.05 68.29 -3.50
C LYS PB 194 34.55 69.12 -2.33
N VAL PB 195 33.41 69.77 -2.51
CA VAL PB 195 32.62 70.28 -1.40
C VAL PB 195 31.16 70.12 -1.74
N LYS PB 196 30.38 69.70 -0.76
CA LYS PB 196 28.94 69.50 -0.95
C LYS PB 196 28.19 70.25 0.13
N MET PB 197 27.07 70.86 -0.26
CA MET PB 197 26.18 71.49 0.70
C MET PB 197 25.43 70.43 1.48
N LEU PB 198 25.43 70.54 2.81
CA LEU PB 198 24.69 69.61 3.65
C LEU PB 198 23.39 70.22 4.18
N LYS PB 199 23.44 71.46 4.65
CA LYS PB 199 22.24 72.17 5.08
C LYS PB 199 22.30 73.60 4.59
N LYS PB 200 21.12 74.20 4.44
CA LYS PB 200 21.00 75.58 4.00
C LYS PB 200 20.10 76.36 4.95
N PRO PB 201 20.42 77.62 5.20
CA PRO PB 201 19.62 78.48 6.12
C PRO PB 201 18.46 79.28 5.52
N LYS PB 202 17.34 78.60 5.26
CA LYS PB 202 16.01 79.21 5.23
C LYS PB 202 15.77 80.09 3.99
N PHE PB 203 16.79 80.30 3.15
CA PHE PB 203 16.65 81.02 1.89
C PHE PB 203 16.15 82.45 2.11
N GLU PB 204 17.05 83.28 2.63
CA GLU PB 204 16.81 84.71 2.66
C GLU PB 204 16.91 85.29 1.26
N LEU PB 205 15.78 85.82 0.75
CA LEU PB 205 15.76 86.41 -0.58
C LEU PB 205 16.67 87.62 -0.68
N GLY PB 206 16.78 88.40 0.39
CA GLY PB 206 17.73 89.51 0.38
C GLY PB 206 19.17 89.05 0.24
N LYS PB 207 19.51 87.95 0.91
CA LYS PB 207 20.85 87.39 0.74
C LYS PB 207 21.07 86.86 -0.67
N LEU PB 208 20.07 86.20 -1.26
CA LEU PB 208 20.22 85.77 -2.64
C LEU PB 208 20.41 86.95 -3.59
N MET PB 209 19.65 88.02 -3.37
CA MET PB 209 19.75 89.16 -4.26
C MET PB 209 21.04 89.95 -4.05
N GLU PB 210 21.60 89.93 -2.85
CA GLU PB 210 22.91 90.58 -2.71
C GLU PB 210 24.01 89.70 -3.27
N LEU PB 211 23.82 88.37 -3.27
CA LEU PB 211 24.77 87.50 -3.96
C LEU PB 211 24.76 87.76 -5.46
N HIS PB 212 23.58 87.92 -6.05
CA HIS PB 212 23.53 88.15 -7.49
C HIS PB 212 23.86 89.59 -7.87
N GLY PB 213 23.10 90.56 -7.38
CA GLY PB 213 23.36 91.94 -7.72
C GLY PB 213 24.38 92.54 -6.77
N GLU PB 214 23.99 93.60 -6.08
CA GLU PB 214 24.86 94.22 -5.09
C GLU PB 214 24.21 94.23 -3.71
N GLU QB 1 102.41 5.24 -39.75
CA GLU QB 1 101.51 5.99 -40.62
C GLU QB 1 100.71 7.03 -39.82
N TRP QB 2 101.22 7.37 -38.64
CA TRP QB 2 100.53 8.28 -37.73
C TRP QB 2 101.12 9.68 -37.87
N MET QB 3 100.27 10.65 -38.19
CA MET QB 3 100.70 12.03 -38.33
C MET QB 3 100.08 12.84 -37.19
N PRO QB 4 100.81 13.13 -36.13
CA PRO QB 4 100.21 13.80 -34.97
C PRO QB 4 100.01 15.29 -35.23
N VAL QB 5 98.84 15.79 -34.82
CA VAL QB 5 98.64 17.22 -34.78
C VAL QB 5 98.36 17.64 -33.34
N THR QB 6 99.44 17.84 -32.59
CA THR QB 6 99.45 18.27 -31.19
C THR QB 6 100.92 18.46 -30.82
N LYS QB 7 101.25 19.46 -30.01
CA LYS QB 7 102.61 19.53 -29.48
C LYS QB 7 102.94 18.31 -28.65
N LEU QB 8 102.00 17.91 -27.79
CA LEU QB 8 102.20 16.70 -26.98
C LEU QB 8 102.35 15.46 -27.84
N GLY QB 9 101.51 15.34 -28.88
CA GLY QB 9 101.60 14.18 -29.75
C GLY QB 9 102.89 14.13 -30.52
N ARG QB 10 103.35 15.28 -31.01
CA ARG QB 10 104.63 15.34 -31.72
C ARG QB 10 105.78 14.95 -30.80
N LEU QB 11 105.79 15.48 -29.57
CA LEU QB 11 106.87 15.17 -28.64
C LEU QB 11 106.83 13.69 -28.25
N VAL QB 12 105.65 13.11 -28.11
CA VAL QB 12 105.55 11.68 -27.83
C VAL QB 12 106.08 10.88 -29.01
N LYS QB 13 105.71 11.27 -30.23
CA LYS QB 13 106.10 10.49 -31.41
C LYS QB 13 107.61 10.50 -31.61
N ASP QB 14 108.25 11.66 -31.45
CA ASP QB 14 109.67 11.73 -31.77
C ASP QB 14 110.57 11.50 -30.57
N MET QB 15 110.12 10.67 -29.61
CA MET QB 15 110.93 10.20 -28.50
C MET QB 15 111.47 11.35 -27.65
N LYS QB 16 110.56 12.24 -27.26
CA LYS QB 16 110.91 13.33 -26.35
C LYS QB 16 110.33 13.15 -24.96
N ILE QB 17 109.19 12.48 -24.86
CA ILE QB 17 108.55 12.17 -23.57
C ILE QB 17 108.65 10.67 -23.36
N LYS QB 18 109.20 10.27 -22.22
CA LYS QB 18 109.52 8.87 -21.99
C LYS QB 18 108.41 8.08 -21.32
N SER QB 19 107.67 8.70 -20.40
CA SER QB 19 106.64 8.00 -19.65
C SER QB 19 105.34 8.76 -19.69
N LEU QB 20 104.24 8.01 -19.58
CA LEU QB 20 102.92 8.62 -19.46
C LEU QB 20 102.80 9.44 -18.19
N GLU QB 21 103.61 9.15 -17.18
CA GLU QB 21 103.56 9.91 -15.94
C GLU QB 21 104.10 11.32 -16.12
N GLU QB 22 104.93 11.56 -17.13
CA GLU QB 22 105.33 12.93 -17.41
C GLU QB 22 104.15 13.78 -17.87
N ILE QB 23 103.25 13.19 -18.66
CA ILE QB 23 102.02 13.88 -19.03
C ILE QB 23 101.09 13.99 -17.83
N TYR QB 24 100.97 12.91 -17.06
CA TYR QB 24 100.07 12.91 -15.90
C TYR QB 24 100.49 13.93 -14.86
N LEU QB 25 101.78 14.19 -14.74
CA LEU QB 25 102.28 15.15 -13.76
C LEU QB 25 101.75 16.54 -14.04
N PHE QB 26 101.75 16.95 -15.30
CA PHE QB 26 101.33 18.28 -15.68
C PHE QB 26 99.88 18.34 -16.15
N SER QB 27 99.17 17.21 -16.07
CA SER QB 27 97.74 17.15 -16.35
C SER QB 27 97.39 17.62 -17.75
N LEU QB 28 98.30 17.37 -18.69
CA LEU QB 28 98.03 17.71 -20.08
C LEU QB 28 96.95 16.79 -20.63
N PRO QB 29 95.95 17.31 -21.33
CA PRO QB 29 94.92 16.44 -21.88
C PRO QB 29 95.46 15.63 -23.05
N ILE QB 30 95.08 14.36 -23.09
CA ILE QB 30 95.44 13.47 -24.18
C ILE QB 30 94.34 13.58 -25.24
N LYS QB 31 94.64 14.25 -26.34
CA LYS QB 31 93.64 14.54 -27.36
C LYS QB 31 93.76 13.64 -28.58
N GLU QB 32 94.57 12.59 -28.53
CA GLU QB 32 94.62 11.63 -29.62
C GLU QB 32 95.10 10.28 -29.10
N SER QB 33 94.34 9.23 -29.43
CA SER QB 33 94.55 7.92 -28.83
C SER QB 33 95.88 7.29 -29.23
N GLU QB 34 96.48 7.73 -30.32
CA GLU QB 34 97.76 7.18 -30.73
C GLU QB 34 98.89 7.59 -29.82
N ILE QB 35 98.62 8.41 -28.81
CA ILE QB 35 99.65 8.76 -27.85
C ILE QB 35 99.88 7.63 -26.87
N ILE QB 36 98.81 7.12 -26.24
CA ILE QB 36 99.04 6.22 -25.12
C ILE QB 36 99.55 4.86 -25.59
N ASP QB 37 99.05 4.32 -26.71
CA ASP QB 37 99.44 2.99 -27.12
C ASP QB 37 100.91 2.92 -27.50
N PHE QB 38 101.49 4.05 -27.89
CA PHE QB 38 102.94 4.13 -28.02
C PHE QB 38 103.65 3.81 -26.71
N PHE QB 39 103.03 4.13 -25.57
CA PHE QB 39 103.61 3.83 -24.27
C PHE QB 39 103.20 2.45 -23.78
N LEU QB 40 101.89 2.24 -23.66
CA LEU QB 40 101.31 0.97 -23.23
C LEU QB 40 100.97 0.08 -24.42
N GLY QB 41 101.94 -0.12 -25.31
CA GLY QB 41 101.73 -1.03 -26.42
C GLY QB 41 101.75 -2.47 -25.95
N ALA QB 42 100.88 -3.29 -26.56
CA ALA QB 42 100.82 -4.73 -26.38
C ALA QB 42 100.47 -5.15 -24.95
N SER QB 43 100.19 -4.20 -24.07
CA SER QB 43 99.78 -4.53 -22.70
C SER QB 43 98.42 -3.99 -22.33
N LEU QB 44 97.76 -3.24 -23.22
CA LEU QB 44 96.45 -2.67 -22.93
C LEU QB 44 95.39 -3.72 -23.22
N LYS QB 45 94.99 -4.44 -22.17
CA LYS QB 45 93.88 -5.36 -22.30
C LYS QB 45 92.57 -4.60 -22.41
N ASP QB 46 91.60 -5.23 -23.05
CA ASP QB 46 90.36 -4.57 -23.45
C ASP QB 46 89.18 -5.47 -23.13
N GLU QB 47 88.03 -4.86 -22.88
CA GLU QB 47 86.82 -5.63 -22.62
C GLU QB 47 85.60 -4.77 -22.91
N VAL QB 48 84.58 -5.38 -23.48
CA VAL QB 48 83.32 -4.73 -23.80
C VAL QB 48 82.33 -5.05 -22.69
N LEU QB 49 81.97 -4.04 -21.90
CA LEU QB 49 81.09 -4.27 -20.76
C LEU QB 49 79.66 -4.58 -21.20
N LYS QB 50 79.11 -3.76 -22.08
CA LYS QB 50 77.71 -3.91 -22.46
C LYS QB 50 77.46 -3.16 -23.76
N ILE QB 51 76.47 -3.63 -24.51
CA ILE QB 51 75.99 -2.97 -25.71
C ILE QB 51 74.52 -2.66 -25.49
N MET QB 52 74.20 -1.39 -25.25
CA MET QB 52 72.81 -1.05 -25.00
C MET QB 52 72.22 -0.32 -26.20
N PRO QB 53 71.05 -0.74 -26.66
CA PRO QB 53 70.35 -0.13 -27.80
C PRO QB 53 69.42 1.02 -27.46
N VAL QB 54 69.99 2.22 -27.32
CA VAL QB 54 69.16 3.41 -27.13
C VAL QB 54 68.37 3.69 -28.40
N GLN QB 55 67.18 4.25 -28.23
CA GLN QB 55 66.28 4.50 -29.34
C GLN QB 55 65.73 5.92 -29.26
N LYS QB 56 65.53 6.53 -30.42
CA LYS QB 56 64.96 7.86 -30.53
C LYS QB 56 63.74 7.81 -31.43
N GLN QB 57 62.60 8.21 -30.89
CA GLN QB 57 61.36 8.17 -31.65
C GLN QB 57 61.36 9.24 -32.73
N THR QB 58 60.91 8.87 -33.92
CA THR QB 58 60.85 9.79 -35.05
C THR QB 58 59.47 9.78 -35.70
N ARG QB 59 59.33 10.48 -36.82
CA ARG QB 59 58.09 10.44 -37.59
C ARG QB 59 57.81 9.04 -38.10
N ALA QB 60 58.81 8.39 -38.70
CA ALA QB 60 58.66 7.06 -39.26
C ALA QB 60 59.23 6.04 -38.28
N GLY QB 61 58.46 5.76 -37.23
CA GLY QB 61 58.94 4.81 -36.24
C GLY QB 61 60.07 5.39 -35.42
N GLN QB 62 60.76 4.50 -34.71
CA GLN QB 62 61.91 4.88 -33.90
C GLN QB 62 63.17 4.26 -34.49
N ARG QB 63 64.25 5.03 -34.48
CA ARG QB 63 65.52 4.54 -34.99
C ARG QB 63 66.46 4.23 -33.83
N THR QB 64 67.29 3.20 -34.04
CA THR QB 64 68.08 2.61 -32.97
C THR QB 64 69.56 2.90 -33.19
N ARG QB 65 70.20 3.44 -32.18
CA ARG QB 65 71.65 3.55 -32.13
C ARG QB 65 72.15 2.69 -30.98
N PHE QB 66 73.34 2.12 -31.16
CA PHE QB 66 73.91 1.22 -30.18
C PHE QB 66 75.02 1.94 -29.41
N LYS QB 67 74.98 1.83 -28.09
CA LYS QB 67 75.95 2.45 -27.21
C LYS QB 67 76.86 1.37 -26.65
N ALA QB 68 78.16 1.59 -26.74
CA ALA QB 68 79.16 0.63 -26.32
C ALA QB 68 79.94 1.20 -25.15
N PHE QB 69 80.03 0.42 -24.08
CA PHE QB 69 80.89 0.71 -22.94
C PHE QB 69 82.10 -0.19 -23.03
N VAL QB 70 83.30 0.40 -23.04
CA VAL QB 70 84.53 -0.34 -23.21
C VAL QB 70 85.51 0.05 -22.13
N ALA QB 71 86.03 -0.93 -21.42
CA ALA QB 71 87.03 -0.71 -20.39
C ALA QB 71 88.35 -1.31 -20.84
N ILE QB 72 89.42 -0.51 -20.77
CA ILE QB 72 90.74 -0.97 -21.14
C ILE QB 72 91.70 -0.63 -20.02
N GLY QB 73 92.88 -1.23 -20.09
CA GLY QB 73 93.94 -0.91 -19.15
C GLY QB 73 94.87 -2.07 -18.86
N ASP QB 74 96.16 -1.79 -18.78
CA ASP QB 74 97.09 -2.82 -18.36
C ASP QB 74 96.89 -3.13 -16.88
N TYR QB 75 97.28 -4.33 -16.48
CA TYR QB 75 97.05 -4.76 -15.12
C TYR QB 75 98.20 -4.29 -14.22
N ASN QB 76 98.52 -2.99 -14.30
CA ASN QB 76 99.63 -2.46 -13.53
C ASN QB 76 99.37 -1.06 -12.96
N GLY QB 77 98.17 -0.52 -13.12
CA GLY QB 77 97.87 0.76 -12.51
C GLY QB 77 97.32 1.82 -13.44
N HIS QB 78 96.97 1.43 -14.66
CA HIS QB 78 96.32 2.32 -15.60
C HIS QB 78 95.01 1.71 -16.05
N VAL QB 79 93.96 2.53 -16.07
CA VAL QB 79 92.63 2.05 -16.43
C VAL QB 79 91.90 3.18 -17.15
N GLY QB 80 90.94 2.79 -17.99
CA GLY QB 80 90.15 3.77 -18.72
C GLY QB 80 88.82 3.22 -19.17
N LEU QB 81 87.79 4.04 -19.12
CA LEU QB 81 86.45 3.64 -19.48
C LEU QB 81 85.91 4.62 -20.51
N GLY QB 82 85.42 4.08 -21.63
CA GLY QB 82 84.90 4.92 -22.70
C GLY QB 82 83.51 4.48 -23.09
N VAL QB 83 82.69 5.44 -23.48
CA VAL QB 83 81.31 5.20 -23.88
C VAL QB 83 81.09 5.89 -25.22
N LYS QB 84 80.66 5.13 -26.21
CA LYS QB 84 80.41 5.70 -27.54
C LYS QB 84 79.10 5.19 -28.10
N CYS QB 85 78.28 6.12 -28.59
CA CYS QB 85 77.01 5.79 -29.23
C CYS QB 85 77.16 5.97 -30.72
N SER QB 86 76.93 4.89 -31.48
CA SER QB 86 77.06 4.93 -32.92
C SER QB 86 75.97 4.06 -33.52
N LYS QB 87 75.72 4.27 -34.82
CA LYS QB 87 74.65 3.55 -35.49
C LYS QB 87 74.95 2.05 -35.59
N GLU QB 88 76.20 1.70 -35.89
CA GLU QB 88 76.60 0.31 -36.03
C GLU QB 88 77.40 -0.12 -34.80
N VAL QB 89 77.25 -1.40 -34.43
CA VAL QB 89 77.88 -1.90 -33.21
C VAL QB 89 79.39 -1.88 -33.34
N ALA QB 90 79.93 -2.29 -34.49
CA ALA QB 90 81.38 -2.30 -34.65
C ALA QB 90 81.97 -0.90 -34.59
N THR QB 91 81.30 0.06 -35.23
CA THR QB 91 81.76 1.44 -35.15
C THR QB 91 81.68 1.97 -33.73
N ALA QB 92 80.61 1.62 -33.01
CA ALA QB 92 80.50 2.01 -31.61
C ALA QB 92 81.63 1.40 -30.79
N ILE QB 93 81.99 0.16 -31.08
CA ILE QB 93 83.07 -0.50 -30.34
C ILE QB 93 84.38 0.20 -30.58
N ARG QB 94 84.68 0.53 -31.84
CA ARG QB 94 85.93 1.23 -32.14
C ARG QB 94 85.97 2.60 -31.48
N GLY QB 95 84.87 3.35 -31.56
CA GLY QB 95 84.83 4.65 -30.93
C GLY QB 95 84.96 4.58 -29.42
N ALA QB 96 84.33 3.58 -28.80
CA ALA QB 96 84.46 3.42 -27.36
C ALA QB 96 85.85 3.00 -26.95
N ILE QB 97 86.52 2.21 -27.78
CA ILE QB 97 87.92 1.87 -27.51
C ILE QB 97 88.78 3.12 -27.56
N ILE QB 98 88.54 3.98 -28.55
CA ILE QB 98 89.31 5.21 -28.66
C ILE QB 98 89.05 6.13 -27.47
N LEU QB 99 87.79 6.24 -27.05
CA LEU QB 99 87.47 7.12 -25.92
C LEU QB 99 88.04 6.56 -24.61
N ALA QB 100 87.98 5.24 -24.42
CA ALA QB 100 88.59 4.64 -23.25
C ALA QB 100 90.10 4.85 -23.27
N LYS QB 101 90.71 4.80 -24.46
CA LYS QB 101 92.12 5.10 -24.58
C LYS QB 101 92.42 6.54 -24.17
N LEU QB 102 91.57 7.48 -24.60
CA LEU QB 102 91.80 8.86 -24.21
C LEU QB 102 91.64 9.06 -22.71
N SER QB 103 90.67 8.39 -22.11
CA SER QB 103 90.39 8.58 -20.68
C SER QB 103 91.12 7.58 -19.81
N ILE QB 104 92.44 7.46 -19.96
CA ILE QB 104 93.25 6.58 -19.13
C ILE QB 104 93.80 7.39 -17.97
N VAL QB 105 93.54 6.93 -16.75
CA VAL QB 105 94.01 7.63 -15.54
C VAL QB 105 94.93 6.70 -14.77
N PRO QB 106 95.91 7.23 -14.04
CA PRO QB 106 96.74 6.38 -13.20
C PRO QB 106 96.01 5.99 -11.92
N VAL QB 107 96.48 4.90 -11.32
CA VAL QB 107 95.85 4.32 -10.14
C VAL QB 107 96.89 4.24 -9.04
N ARG QB 108 96.56 4.79 -7.87
CA ARG QB 108 97.43 4.73 -6.71
C ARG QB 108 97.09 3.48 -5.91
N ARG QB 109 98.09 2.65 -5.65
CA ARG QB 109 97.92 1.45 -4.86
C ARG QB 109 98.56 1.63 -3.49
N GLY QB 110 97.86 1.19 -2.46
CA GLY QB 110 98.38 1.29 -1.11
C GLY QB 110 98.47 -0.05 -0.43
N TYR QB 111 98.61 -0.05 0.89
CA TYR QB 111 98.67 -1.25 1.68
C TYR QB 111 97.57 -1.25 2.72
N TRP QB 112 96.99 -2.41 2.96
CA TRP QB 112 96.01 -2.54 4.04
C TRP QB 112 96.67 -2.32 5.39
N GLY QB 113 97.89 -2.84 5.56
CA GLY QB 113 98.68 -2.65 6.75
C GLY QB 113 99.97 -3.42 6.61
N ASN QB 114 101.02 -3.03 7.34
CA ASN QB 114 102.32 -3.69 7.29
C ASN QB 114 102.85 -3.69 5.85
N LYS QB 115 103.21 -2.50 5.39
CA LYS QB 115 103.66 -2.31 4.02
C LYS QB 115 104.91 -3.14 3.76
N ILE QB 116 104.80 -4.21 2.98
CA ILE QB 116 105.88 -5.19 2.82
C ILE QB 116 106.48 -5.12 1.42
N GLY QB 117 105.68 -5.39 0.39
CA GLY QB 117 106.21 -5.46 -0.95
C GLY QB 117 105.53 -4.52 -1.92
N LYS QB 118 105.09 -5.03 -3.05
CA LYS QB 118 104.37 -4.20 -4.00
C LYS QB 118 102.98 -3.88 -3.45
N PRO QB 119 102.53 -2.63 -3.57
CA PRO QB 119 101.21 -2.28 -3.05
C PRO QB 119 100.11 -3.01 -3.81
N HIS QB 120 99.06 -3.39 -3.10
CA HIS QB 120 98.04 -4.29 -3.62
C HIS QB 120 96.63 -3.77 -3.52
N THR QB 121 96.34 -2.80 -2.66
CA THR QB 121 94.99 -2.34 -2.42
C THR QB 121 94.93 -0.83 -2.56
N VAL QB 122 93.73 -0.28 -2.44
CA VAL QB 122 93.54 1.17 -2.52
C VAL QB 122 94.21 1.81 -1.31
N PRO QB 123 94.80 3.00 -1.45
CA PRO QB 123 95.47 3.63 -0.30
C PRO QB 123 94.52 3.95 0.84
N CYS QB 124 93.28 4.31 0.54
CA CYS QB 124 92.28 4.60 1.55
C CYS QB 124 90.92 4.27 0.94
N LYS QB 125 89.86 4.41 1.73
CA LYS QB 125 88.53 4.20 1.19
C LYS QB 125 88.17 5.42 0.34
N VAL QB 126 87.73 5.17 -0.88
CA VAL QB 126 87.38 6.24 -1.81
C VAL QB 126 85.96 6.02 -2.30
N THR QB 127 85.30 7.11 -2.65
CA THR QB 127 83.91 7.06 -3.09
C THR QB 127 83.76 7.73 -4.45
N GLY QB 128 83.25 6.97 -5.41
CA GLY QB 128 82.87 7.50 -6.70
C GLY QB 128 81.36 7.65 -6.78
N ARG QB 129 80.92 8.63 -7.56
CA ARG QB 129 79.52 9.00 -7.63
C ARG QB 129 79.16 9.28 -9.07
N CYS QB 130 78.10 8.64 -9.56
CA CYS QB 130 77.59 8.93 -10.89
C CYS QB 130 76.11 8.56 -10.93
N GLY QB 131 75.28 9.51 -11.34
CA GLY QB 131 73.85 9.30 -11.22
C GLY QB 131 73.48 9.10 -9.78
N SER QB 132 72.67 8.08 -9.50
CA SER QB 132 72.37 7.68 -8.14
C SER QB 132 73.32 6.63 -7.60
N VAL QB 133 74.25 6.15 -8.42
CA VAL QB 133 75.13 5.05 -8.03
C VAL QB 133 76.30 5.60 -7.25
N LEU QB 134 76.46 5.13 -6.02
CA LEU QB 134 77.59 5.46 -5.17
C LEU QB 134 78.40 4.19 -4.96
N VAL QB 135 79.69 4.25 -5.23
CA VAL QB 135 80.58 3.10 -5.10
C VAL QB 135 81.71 3.46 -4.15
N ARG QB 136 81.91 2.66 -3.13
CA ARG QB 136 82.96 2.86 -2.14
C ARG QB 136 83.94 1.70 -2.21
N LEU QB 137 85.22 2.04 -2.37
CA LEU QB 137 86.31 1.08 -2.39
C LEU QB 137 87.02 1.17 -1.05
N ILE QB 138 87.12 0.02 -0.37
CA ILE QB 138 87.73 -0.09 0.96
C ILE QB 138 88.99 -0.94 0.86
N PRO QB 139 90.08 -0.55 1.49
CA PRO QB 139 91.28 -1.38 1.49
C PRO QB 139 91.03 -2.73 2.13
N ALA QB 140 91.72 -3.74 1.61
CA ALA QB 140 91.57 -5.11 2.06
C ALA QB 140 92.93 -5.76 2.21
N PRO QB 141 93.06 -6.72 3.13
CA PRO QB 141 94.35 -7.40 3.31
C PRO QB 141 94.71 -8.24 2.10
N ARG QB 142 95.98 -8.64 2.07
CA ARG QB 142 96.51 -9.43 0.95
C ARG QB 142 95.72 -10.71 0.75
N GLY QB 143 95.41 -11.01 -0.51
CA GLY QB 143 94.81 -12.28 -0.87
C GLY QB 143 93.30 -12.31 -0.86
N THR QB 144 92.63 -11.26 -0.37
CA THR QB 144 91.18 -11.26 -0.37
C THR QB 144 90.60 -11.19 -1.78
N GLY QB 145 91.37 -10.70 -2.74
CA GLY QB 145 90.83 -10.51 -4.06
C GLY QB 145 89.93 -9.29 -4.08
N ILE QB 146 89.19 -9.15 -5.18
CA ILE QB 146 88.23 -8.07 -5.33
C ILE QB 146 86.86 -8.62 -5.00
N VAL QB 147 86.31 -8.23 -3.85
CA VAL QB 147 84.93 -8.57 -3.53
C VAL QB 147 84.06 -7.39 -3.93
N SER QB 148 83.17 -7.65 -4.89
CA SER QB 148 82.48 -6.60 -5.63
C SER QB 148 81.51 -7.27 -6.60
N ALA QB 149 80.67 -6.45 -7.23
CA ALA QB 149 79.86 -6.90 -8.35
C ALA QB 149 80.77 -7.16 -9.55
N PRO QB 150 80.32 -7.96 -10.52
CA PRO QB 150 81.21 -8.27 -11.66
C PRO QB 150 81.65 -7.07 -12.47
N VAL QB 151 80.75 -6.11 -12.71
CA VAL QB 151 81.04 -4.94 -13.54
C VAL QB 151 82.14 -4.09 -12.90
N PRO QB 152 82.07 -3.72 -11.61
CA PRO QB 152 83.25 -3.10 -11.00
C PRO QB 152 84.40 -4.04 -10.79
N LYS QB 153 84.15 -5.36 -10.70
CA LYS QB 153 85.22 -6.30 -10.46
C LYS QB 153 86.21 -6.30 -11.61
N LYS QB 154 85.70 -6.36 -12.84
CA LYS QB 154 86.60 -6.38 -13.99
C LYS QB 154 87.36 -5.07 -14.13
N LEU QB 155 86.70 -3.94 -13.85
CA LEU QB 155 87.37 -2.65 -13.94
C LEU QB 155 88.47 -2.53 -12.89
N LEU QB 156 88.18 -2.93 -11.64
CA LEU QB 156 89.20 -2.91 -10.60
C LEU QB 156 90.35 -3.86 -10.94
N MET QB 157 90.03 -5.03 -11.51
CA MET QB 157 91.07 -6.00 -11.84
C MET QB 157 92.00 -5.45 -12.91
N MET QB 158 91.44 -4.90 -13.99
CA MET QB 158 92.31 -4.35 -15.02
C MET QB 158 92.88 -3.00 -14.63
N ALA QB 159 92.45 -2.42 -13.52
CA ALA QB 159 93.14 -1.27 -12.96
C ALA QB 159 94.39 -1.64 -12.18
N GLY QB 160 94.66 -2.93 -11.99
CA GLY QB 160 95.80 -3.39 -11.25
C GLY QB 160 95.57 -3.61 -9.78
N ILE QB 161 94.37 -3.30 -9.27
CA ILE QB 161 94.06 -3.56 -7.87
C ILE QB 161 93.94 -5.07 -7.65
N ASP QB 162 94.64 -5.57 -6.64
CA ASP QB 162 94.58 -6.99 -6.32
C ASP QB 162 93.51 -7.31 -5.29
N ASP QB 163 93.42 -6.52 -4.23
CA ASP QB 163 92.52 -6.80 -3.12
C ASP QB 163 91.73 -5.54 -2.80
N CYS QB 164 90.41 -5.69 -2.65
CA CYS QB 164 89.54 -4.55 -2.40
C CYS QB 164 88.15 -4.98 -1.98
N TYR QB 165 87.64 -4.39 -0.89
CA TYR QB 165 86.23 -4.51 -0.57
C TYR QB 165 85.47 -3.44 -1.34
N THR QB 166 84.28 -3.78 -1.82
CA THR QB 166 83.47 -2.78 -2.51
C THR QB 166 82.06 -2.75 -1.91
N SER QB 167 81.51 -1.55 -1.78
CA SER QB 167 80.13 -1.37 -1.38
C SER QB 167 79.44 -0.46 -2.38
N ALA QB 168 78.26 -0.84 -2.82
CA ALA QB 168 77.53 -0.06 -3.80
C ALA QB 168 76.14 0.28 -3.28
N ARG QB 169 75.66 1.47 -3.65
CA ARG QB 169 74.31 1.88 -3.36
C ARG QB 169 73.72 2.53 -4.60
N GLY QB 170 72.43 2.36 -4.79
CA GLY QB 170 71.73 2.99 -5.89
C GLY QB 170 71.33 1.97 -6.94
N CYS QB 171 70.86 2.49 -8.08
CA CYS QB 171 70.39 1.64 -9.18
C CYS QB 171 71.62 1.12 -9.92
N THR QB 172 72.25 0.12 -9.33
CA THR QB 172 73.40 -0.52 -9.95
C THR QB 172 73.03 -1.31 -11.20
N ALA QB 173 71.74 -1.53 -11.45
CA ALA QB 173 71.31 -2.12 -12.71
C ALA QB 173 71.68 -1.25 -13.90
N THR QB 174 71.77 0.06 -13.68
CA THR QB 174 72.28 0.97 -14.70
C THR QB 174 73.78 0.72 -14.85
N LEU QB 175 74.14 -0.04 -15.87
CA LEU QB 175 75.54 -0.47 -16.00
C LEU QB 175 76.46 0.69 -16.34
N GLY QB 176 75.99 1.65 -17.13
CA GLY QB 176 76.84 2.78 -17.46
C GLY QB 176 77.19 3.62 -16.25
N ASN QB 177 76.19 3.96 -15.45
CA ASN QB 177 76.44 4.72 -14.23
C ASN QB 177 77.24 3.90 -13.24
N PHE QB 178 76.99 2.60 -13.15
CA PHE QB 178 77.68 1.76 -12.19
C PHE QB 178 79.15 1.59 -12.55
N ALA QB 179 79.47 1.57 -13.85
CA ALA QB 179 80.85 1.55 -14.26
C ALA QB 179 81.51 2.91 -14.09
N LYS QB 180 80.78 3.98 -14.40
CA LYS QB 180 81.35 5.31 -14.34
C LYS QB 180 81.63 5.74 -12.90
N ALA QB 181 80.79 5.31 -11.96
CA ALA QB 181 81.04 5.61 -10.56
C ALA QB 181 82.31 4.94 -10.06
N THR QB 182 82.51 3.67 -10.42
CA THR QB 182 83.74 3.00 -10.05
C THR QB 182 84.95 3.62 -10.73
N PHE QB 183 84.78 4.06 -11.97
CA PHE QB 183 85.86 4.76 -12.65
C PHE QB 183 86.22 6.04 -11.93
N ASP QB 184 85.22 6.79 -11.46
CA ASP QB 184 85.49 8.00 -10.68
C ASP QB 184 86.21 7.67 -9.38
N ALA QB 185 85.76 6.62 -8.69
CA ALA QB 185 86.38 6.23 -7.43
C ALA QB 185 87.84 5.83 -7.64
N ILE QB 186 88.11 5.08 -8.71
CA ILE QB 186 89.48 4.71 -9.05
C ILE QB 186 90.30 5.94 -9.41
N SER QB 187 89.72 6.84 -10.20
CA SER QB 187 90.46 8.01 -10.67
C SER QB 187 90.84 8.95 -9.55
N LYS QB 188 90.01 9.05 -8.50
CA LYS QB 188 90.35 9.94 -7.40
C LYS QB 188 91.23 9.26 -6.35
N THR QB 189 91.95 8.21 -6.70
CA THR QB 189 92.94 7.66 -5.78
C THR QB 189 94.12 8.61 -5.60
N TYR QB 190 94.50 9.34 -6.65
CA TYR QB 190 95.48 10.41 -6.50
C TYR QB 190 94.89 11.74 -6.09
N SER QB 191 93.58 11.94 -6.25
CA SER QB 191 92.98 13.18 -5.80
C SER QB 191 93.00 13.29 -4.27
N TYR QB 192 93.17 12.17 -3.57
CA TYR QB 192 93.15 12.17 -2.11
C TYR QB 192 94.53 12.52 -1.58
N LEU QB 193 94.57 13.43 -0.61
CA LEU QB 193 95.82 13.84 0.01
C LEU QB 193 96.08 13.01 1.26
N THR QB 194 97.26 12.42 1.34
CA THR QB 194 97.65 11.58 2.45
C THR QB 194 98.95 12.09 3.05
N PRO QB 195 99.22 11.81 4.33
CA PRO QB 195 100.40 12.40 4.97
C PRO QB 195 101.72 12.03 4.34
N ASP QB 196 101.79 10.91 3.60
CA ASP QB 196 103.01 10.61 2.86
C ASP QB 196 103.16 11.45 1.61
N LEU QB 197 102.14 12.19 1.21
CA LEU QB 197 102.23 13.17 0.13
C LEU QB 197 102.37 14.59 0.64
N TRP QB 198 102.66 14.77 1.94
CA TRP QB 198 102.73 16.08 2.53
C TRP QB 198 104.02 16.83 2.20
N LYS QB 199 105.01 16.15 1.63
CA LYS QB 199 106.26 16.81 1.28
C LYS QB 199 106.01 17.92 0.27
N GLU QB 200 106.62 19.08 0.51
CA GLU QB 200 106.44 20.22 -0.38
C GLU QB 200 107.03 19.90 -1.75
N THR QB 201 106.24 20.14 -2.79
CA THR QB 201 106.60 19.68 -4.13
C THR QB 201 107.75 20.50 -4.70
N VAL QB 202 108.60 19.83 -5.45
CA VAL QB 202 109.60 20.49 -6.28
C VAL QB 202 109.11 20.47 -7.72
N PHE QB 203 109.19 21.62 -8.39
CA PHE QB 203 108.63 21.79 -9.72
C PHE QB 203 109.71 21.58 -10.77
N THR QB 204 109.44 20.71 -11.72
CA THR QB 204 110.29 20.52 -12.89
C THR QB 204 109.68 21.22 -14.09
N LYS QB 205 110.48 21.35 -15.14
CA LYS QB 205 109.99 21.99 -16.36
C LYS QB 205 108.88 21.18 -16.99
N SER QB 206 107.84 21.88 -17.44
CA SER QB 206 106.84 21.25 -18.28
C SER QB 206 107.47 20.80 -19.59
N PRO QB 207 106.96 19.73 -20.20
CA PRO QB 207 107.53 19.29 -21.48
C PRO QB 207 107.50 20.37 -22.55
N TYR QB 208 106.50 21.25 -22.53
CA TYR QB 208 106.39 22.30 -23.53
C TYR QB 208 107.58 23.24 -23.47
N GLN QB 209 107.90 23.78 -22.31
CA GLN QB 209 109.07 24.65 -22.20
C GLN QB 209 110.38 23.88 -22.20
N GLU QB 210 110.34 22.60 -21.86
CA GLU QB 210 111.57 21.81 -21.85
C GLU QB 210 112.01 21.46 -23.26
N PHE QB 211 111.07 21.31 -24.19
CA PHE QB 211 111.37 20.99 -25.58
C PHE QB 211 110.79 22.03 -26.54
N THR QB 212 110.66 23.27 -26.07
CA THR QB 212 110.12 24.32 -26.92
C THR QB 212 111.02 24.60 -28.13
N ASP QB 213 112.31 24.33 -28.03
CA ASP QB 213 113.20 24.54 -29.17
C ASP QB 213 113.03 23.46 -30.24
N HIS QB 214 112.79 22.21 -29.83
CA HIS QB 214 112.57 21.14 -30.78
C HIS QB 214 111.22 21.26 -31.47
N LEU QB 215 110.21 21.77 -30.75
CA LEU QB 215 108.89 21.95 -31.34
C LEU QB 215 108.91 22.98 -32.45
N VAL QB 216 109.73 24.02 -32.31
CA VAL QB 216 109.87 25.04 -33.36
C VAL QB 216 110.38 24.39 -34.64
N LYS QB 217 111.38 23.53 -34.52
CA LYS QB 217 111.95 22.90 -35.70
C LYS QB 217 110.98 21.90 -36.33
N THR QB 218 110.36 21.05 -35.51
CA THR QB 218 109.55 19.96 -36.08
C THR QB 218 108.08 20.33 -36.25
N HIS QB 219 107.40 20.64 -35.14
CA HIS QB 219 105.96 20.90 -35.17
C HIS QB 219 105.73 22.39 -35.37
N THR QB 220 105.89 22.82 -36.62
CA THR QB 220 105.72 24.22 -36.96
C THR QB 220 104.27 24.67 -36.82
N ALA RB 1 63.02 -31.46 42.19
CA ALA RB 1 63.14 -32.79 42.74
C ALA RB 1 62.44 -32.90 44.08
N ARG RB 2 61.94 -34.09 44.39
CA ARG RB 2 61.27 -34.34 45.66
C ARG RB 2 62.23 -34.75 46.76
N GLY RB 3 63.52 -34.80 46.48
CA GLY RB 3 64.51 -35.15 47.46
C GLY RB 3 65.92 -34.97 46.94
N PRO RB 4 66.91 -35.44 47.69
CA PRO RB 4 68.30 -35.29 47.27
C PRO RB 4 68.60 -36.10 46.01
N LYS RB 5 69.53 -35.57 45.22
CA LYS RB 5 69.99 -36.26 44.03
C LYS RB 5 71.11 -37.22 44.40
N LYS RB 6 71.20 -38.32 43.68
CA LYS RB 6 72.23 -39.31 43.94
C LYS RB 6 72.84 -39.83 42.64
N HIS RB 7 72.80 -39.00 41.59
CA HIS RB 7 73.45 -39.28 40.33
C HIS RB 7 74.30 -38.09 39.94
N LEU RB 8 75.29 -38.34 39.10
CA LEU RB 8 76.16 -37.29 38.59
C LEU RB 8 76.44 -37.56 37.13
N LYS RB 9 75.96 -36.69 36.25
CA LYS RB 9 76.18 -36.85 34.82
C LYS RB 9 77.66 -36.70 34.51
N ARG RB 10 78.10 -37.42 33.47
CA ARG RB 10 79.52 -37.45 33.14
C ARG RB 10 80.03 -36.06 32.76
N VAL RB 11 79.24 -35.31 31.99
CA VAL RB 11 79.71 -34.00 31.53
C VAL RB 11 79.53 -32.92 32.60
N ALA RB 12 78.67 -33.14 33.59
CA ALA RB 12 78.50 -32.20 34.67
C ALA RB 12 79.47 -32.44 35.81
N ALA RB 13 80.35 -33.42 35.67
CA ALA RB 13 81.34 -33.72 36.70
C ALA RB 13 82.35 -32.58 36.81
N PRO RB 14 83.04 -32.47 37.94
CA PRO RB 14 84.07 -31.44 38.08
C PRO RB 14 85.16 -31.59 37.02
N LYS RB 15 85.62 -30.44 36.53
CA LYS RB 15 86.59 -30.43 35.44
C LYS RB 15 87.92 -31.05 35.85
N HIS RB 16 88.36 -30.81 37.08
CA HIS RB 16 89.66 -31.29 37.53
C HIS RB 16 89.71 -32.80 37.67
N TRP RB 17 88.57 -33.50 37.62
CA TRP RB 17 88.59 -34.95 37.58
C TRP RB 17 89.14 -35.48 36.27
N MET RB 18 89.13 -34.66 35.22
CA MET RB 18 89.69 -35.02 33.92
C MET RB 18 89.02 -36.24 33.31
N LEU RB 19 87.72 -36.39 33.57
CA LEU RB 19 86.96 -37.48 32.97
C LEU RB 19 86.58 -37.11 31.53
N ASP RB 20 86.68 -38.09 30.64
CA ASP RB 20 86.38 -37.86 29.23
C ASP RB 20 84.88 -37.92 29.02
N LYS RB 21 84.46 -37.96 27.75
CA LYS RB 21 83.04 -37.95 27.42
C LYS RB 21 82.49 -39.29 26.96
N LEU RB 22 83.28 -40.06 26.23
CA LEU RB 22 82.75 -41.23 25.53
C LEU RB 22 82.70 -42.48 26.39
N THR RB 23 83.32 -42.49 27.56
CA THR RB 23 83.36 -43.71 28.36
C THR RB 23 82.03 -44.00 29.04
N GLY RB 24 81.24 -42.95 29.34
CA GLY RB 24 79.99 -43.21 30.02
C GLY RB 24 79.10 -42.00 30.02
N VAL RB 25 77.95 -42.16 30.68
CA VAL RB 25 76.93 -41.13 30.76
C VAL RB 25 77.00 -40.52 32.16
N PHE RB 26 77.47 -41.31 33.11
CA PHE RB 26 77.48 -40.92 34.51
C PHE RB 26 78.89 -40.74 35.02
N ALA RB 27 78.98 -40.07 36.16
CA ALA RB 27 80.21 -39.81 36.87
C ALA RB 27 80.16 -40.49 38.24
N PRO RB 28 81.30 -40.61 38.92
CA PRO RB 28 81.32 -41.33 40.20
C PRO RB 28 80.30 -40.89 41.23
N ARG RB 29 79.91 -39.61 41.28
CA ARG RB 29 78.99 -39.10 42.30
C ARG RB 29 79.50 -39.46 43.70
N PRO RB 30 80.51 -38.74 44.19
CA PRO RB 30 81.11 -39.10 45.47
C PRO RB 30 80.10 -39.03 46.60
N SER RB 31 80.24 -39.95 47.56
CA SER RB 31 79.38 -39.95 48.72
C SER RB 31 79.68 -38.74 49.59
N THR RB 32 78.76 -38.47 50.53
CA THR RB 32 78.98 -37.39 51.47
C THR RB 32 80.17 -37.72 52.36
N GLY RB 33 80.94 -36.71 52.71
CA GLY RB 33 82.14 -36.92 53.47
C GLY RB 33 82.79 -35.64 53.93
N PRO RB 34 84.07 -35.72 54.29
CA PRO RB 34 84.78 -34.53 54.81
C PRO RB 34 84.92 -33.40 53.82
N HIS RB 35 84.85 -33.67 52.52
CA HIS RB 35 85.07 -32.64 51.51
C HIS RB 35 83.87 -32.52 50.57
N LYS RB 36 83.64 -31.30 50.10
CA LYS RB 36 82.60 -31.04 49.13
C LYS RB 36 82.89 -31.77 47.83
N LEU RB 37 81.83 -32.11 47.09
CA LEU RB 37 82.02 -32.91 45.89
C LEU RB 37 82.65 -32.11 44.75
N ARG RB 38 82.65 -30.78 44.84
CA ARG RB 38 83.28 -29.98 43.80
C ARG RB 38 84.80 -30.08 43.84
N GLU RB 39 85.38 -30.21 45.03
CA GLU RB 39 86.83 -30.24 45.19
C GLU RB 39 87.32 -31.52 45.86
N CYS RB 40 86.65 -32.65 45.60
CA CYS RB 40 87.07 -33.94 46.11
C CYS RB 40 87.47 -34.84 44.95
N LEU RB 41 88.33 -35.82 45.27
CA LEU RB 41 88.77 -36.82 44.30
C LEU RB 41 88.34 -38.19 44.79
N PRO RB 42 87.23 -38.74 44.28
CA PRO RB 42 86.79 -40.07 44.73
C PRO RB 42 87.81 -41.15 44.41
N LEU RB 43 87.84 -42.16 45.28
CA LEU RB 43 88.85 -43.21 45.17
C LEU RB 43 88.72 -44.01 43.89
N ILE RB 44 87.51 -44.13 43.34
CA ILE RB 44 87.33 -44.86 42.10
C ILE RB 44 88.16 -44.24 40.98
N ILE RB 45 88.05 -42.94 40.77
CA ILE RB 45 88.87 -42.31 39.74
C ILE RB 45 90.31 -42.11 40.17
N PHE RB 46 90.58 -41.97 41.47
CA PHE RB 46 91.98 -41.89 41.90
C PHE RB 46 92.74 -43.17 41.57
N LEU RB 47 92.12 -44.33 41.79
CA LEU RB 47 92.80 -45.59 41.56
C LEU RB 47 92.58 -46.16 40.15
N ARG RB 48 91.63 -45.62 39.40
CA ARG RB 48 91.38 -46.10 38.04
C ARG RB 48 91.98 -45.22 36.97
N ASN RB 49 92.02 -43.90 37.18
CA ASN RB 49 92.44 -42.97 36.16
C ASN RB 49 93.78 -42.29 36.48
N ARG RB 50 94.06 -42.03 37.74
CA ARG RB 50 95.32 -41.41 38.12
C ARG RB 50 96.45 -42.42 38.25
N LEU RB 51 96.14 -43.61 38.76
CA LEU RB 51 97.15 -44.64 38.96
C LEU RB 51 97.04 -45.80 37.99
N LYS RB 52 95.88 -46.01 37.38
CA LYS RB 52 95.62 -47.12 36.47
C LYS RB 52 95.84 -48.48 37.13
N TYR RB 53 95.70 -48.55 38.46
CA TYR RB 53 95.72 -49.84 39.14
C TYR RB 53 94.50 -50.68 38.79
N ALA RB 54 93.39 -50.02 38.45
CA ALA RB 54 92.15 -50.70 38.08
C ALA RB 54 91.75 -50.29 36.67
N LEU RB 55 91.14 -51.23 35.96
CA LEU RB 55 90.57 -50.95 34.65
C LEU RB 55 89.09 -50.64 34.69
N THR RB 56 88.39 -51.09 35.73
CA THR RB 56 86.94 -50.90 35.83
C THR RB 56 86.57 -50.59 37.26
N GLY RB 57 85.36 -50.06 37.41
CA GLY RB 57 84.81 -49.83 38.74
C GLY RB 57 84.71 -51.10 39.56
N ASP RB 58 84.44 -52.23 38.90
CA ASP RB 58 84.46 -53.50 39.61
C ASP RB 58 85.84 -53.83 40.15
N GLU RB 59 86.89 -53.58 39.36
CA GLU RB 59 88.24 -53.87 39.84
C GLU RB 59 88.64 -52.95 40.99
N VAL RB 60 88.30 -51.66 40.90
CA VAL RB 60 88.61 -50.80 42.02
C VAL RB 60 87.76 -51.16 43.24
N LYS RB 61 86.56 -51.69 43.03
CA LYS RB 61 85.75 -52.18 44.15
C LYS RB 61 86.40 -53.38 44.81
N LYS RB 62 86.96 -54.30 44.01
CA LYS RB 62 87.69 -55.43 44.58
C LYS RB 62 88.88 -54.96 45.39
N ILE RB 63 89.64 -54.00 44.84
CA ILE RB 63 90.80 -53.49 45.55
C ILE RB 63 90.38 -52.84 46.87
N CYS RB 64 89.30 -52.05 46.85
CA CYS RB 64 88.84 -51.40 48.07
C CYS RB 64 88.35 -52.42 49.10
N MET RB 65 87.59 -53.43 48.66
CA MET RB 65 87.03 -54.39 49.59
C MET RB 65 88.08 -55.33 50.17
N GLN RB 66 89.20 -55.52 49.47
CA GLN RB 66 90.29 -56.28 50.08
C GLN RB 66 91.02 -55.50 51.17
N ARG RB 67 90.59 -54.27 51.45
CA ARG RB 67 91.07 -53.47 52.59
C ARG RB 67 92.57 -53.18 52.49
N PHE RB 68 92.97 -52.62 51.35
CA PHE RB 68 94.33 -52.13 51.17
C PHE RB 68 94.43 -50.62 51.17
N ILE RB 69 93.31 -49.92 51.00
CA ILE RB 69 93.31 -48.48 50.84
C ILE RB 69 93.11 -47.86 52.22
N LYS RB 70 94.16 -47.21 52.73
CA LYS RB 70 94.09 -46.53 54.02
C LYS RB 70 94.17 -45.02 53.76
N ILE RB 71 93.13 -44.31 54.18
CA ILE RB 71 93.06 -42.85 54.04
C ILE RB 71 93.09 -42.24 55.43
N ASP RB 72 94.07 -41.37 55.66
CA ASP RB 72 94.26 -40.69 56.95
C ASP RB 72 94.42 -41.68 58.09
N GLY RB 73 95.03 -42.83 57.81
CA GLY RB 73 95.25 -43.85 58.81
C GLY RB 73 94.10 -44.78 59.06
N LYS RB 74 92.97 -44.63 58.35
CA LYS RB 74 91.83 -45.52 58.50
C LYS RB 74 91.49 -46.18 57.18
N VAL RB 75 91.07 -47.43 57.25
CA VAL RB 75 90.70 -48.19 56.07
C VAL RB 75 89.30 -47.79 55.63
N ARG RB 76 89.17 -47.39 54.39
CA ARG RB 76 87.88 -47.00 53.81
C ARG RB 76 87.54 -47.96 52.69
N THR RB 77 86.39 -48.62 52.80
CA THR RB 77 85.92 -49.55 51.78
C THR RB 77 84.94 -48.91 50.82
N ASP RB 78 84.69 -47.60 50.94
CA ASP RB 78 83.79 -46.93 50.02
C ASP RB 78 84.46 -46.73 48.67
N ILE RB 79 83.78 -47.14 47.61
CA ILE RB 79 84.31 -46.95 46.27
C ILE RB 79 84.33 -45.46 45.90
N THR RB 80 83.35 -44.69 46.38
CA THR RB 80 83.20 -43.28 46.02
C THR RB 80 83.43 -42.38 47.23
N TYR RB 81 84.42 -42.70 48.04
CA TYR RB 81 84.72 -41.87 49.20
C TYR RB 81 85.42 -40.59 48.75
N PRO RB 82 84.94 -39.42 49.15
CA PRO RB 82 85.60 -38.18 48.73
C PRO RB 82 86.91 -37.93 49.46
N ALA RB 83 88.03 -38.14 48.78
CA ALA RB 83 89.33 -37.97 49.42
C ALA RB 83 89.59 -36.52 49.83
N GLY RB 84 89.74 -35.63 48.86
CA GLY RB 84 89.92 -34.23 49.19
C GLY RB 84 91.37 -33.80 49.36
N PHE RB 85 91.52 -32.58 49.86
CA PHE RB 85 92.81 -31.89 49.89
C PHE RB 85 93.72 -32.46 50.98
N MET RB 86 94.93 -32.86 50.57
CA MET RB 86 96.03 -33.29 51.45
C MET RB 86 95.61 -34.32 52.49
N ASP RB 87 94.73 -35.24 52.09
CA ASP RB 87 94.53 -36.45 52.86
C ASP RB 87 95.52 -37.51 52.39
N VAL RB 88 96.20 -38.13 53.34
CA VAL RB 88 97.22 -39.12 53.01
C VAL RB 88 96.54 -40.41 52.58
N ILE RB 89 96.81 -40.85 51.36
CA ILE RB 89 96.38 -42.14 50.87
C ILE RB 89 97.53 -43.11 51.09
N SER RB 90 97.24 -44.21 51.79
CA SER RB 90 98.26 -45.19 52.15
C SER RB 90 97.86 -46.55 51.63
N ILE RB 91 98.77 -47.18 50.88
CA ILE RB 91 98.63 -48.58 50.48
C ILE RB 91 99.84 -49.31 51.07
N ASP RB 92 99.59 -50.19 52.03
CA ASP RB 92 100.67 -50.91 52.67
C ASP RB 92 101.11 -52.14 51.90
N LYS RB 93 100.25 -52.68 51.04
CA LYS RB 93 100.64 -53.88 50.28
C LYS RB 93 101.68 -53.54 49.23
N THR RB 94 101.50 -52.44 48.51
CA THR RB 94 102.50 -51.99 47.54
C THR RB 94 103.51 -51.04 48.16
N GLY RB 95 103.32 -50.63 49.42
CA GLY RB 95 104.30 -49.87 50.15
C GLY RB 95 104.61 -48.47 49.64
N GLU RB 96 103.59 -47.67 49.33
CA GLU RB 96 103.81 -46.27 49.05
C GLU RB 96 102.69 -45.46 49.67
N ASN RB 97 102.91 -44.15 49.76
CA ASN RB 97 101.95 -43.23 50.32
C ASN RB 97 101.76 -42.05 49.38
N PHE RB 98 100.53 -41.55 49.30
CA PHE RB 98 100.19 -40.44 48.43
C PHE RB 98 99.64 -39.29 49.24
N ARG RB 99 100.02 -38.07 48.87
CA ARG RB 99 99.43 -36.86 49.40
C ARG RB 99 98.67 -36.17 48.27
N LEU RB 100 97.40 -35.87 48.50
CA LEU RB 100 96.53 -35.35 47.46
C LEU RB 100 96.63 -33.83 47.45
N ILE RB 101 97.39 -33.28 46.50
CA ILE RB 101 97.67 -31.86 46.43
C ILE RB 101 97.39 -31.38 45.01
N TYR RB 102 96.84 -30.18 44.89
CA TYR RB 102 96.63 -29.58 43.57
C TYR RB 102 97.97 -29.29 42.91
N ASP RB 103 97.98 -29.32 41.58
CA ASP RB 103 99.16 -28.98 40.81
C ASP RB 103 99.08 -27.49 40.42
N THR RB 104 99.99 -27.06 39.55
CA THR RB 104 99.95 -25.68 39.07
C THR RB 104 98.73 -25.40 38.22
N LYS RB 105 98.13 -26.43 37.61
CA LYS RB 105 96.97 -26.26 36.75
C LYS RB 105 95.66 -26.54 37.48
N GLY RB 106 95.69 -26.55 38.81
CA GLY RB 106 94.49 -26.73 39.59
C GLY RB 106 93.86 -28.10 39.49
N ARG RB 107 94.69 -29.16 39.44
CA ARG RB 107 94.21 -30.52 39.41
C ARG RB 107 94.99 -31.34 40.44
N PHE RB 108 94.33 -32.33 41.01
CA PHE RB 108 94.98 -33.20 41.98
C PHE RB 108 96.07 -34.00 41.28
N ALA RB 109 97.29 -33.91 41.79
CA ALA RB 109 98.43 -34.59 41.21
C ALA RB 109 98.78 -35.84 42.01
N VAL RB 110 99.36 -36.81 41.33
CA VAL RB 110 99.83 -38.03 41.99
C VAL RB 110 101.15 -37.68 42.67
N HIS RB 111 101.09 -37.34 43.95
CA HIS RB 111 102.24 -36.91 44.71
C HIS RB 111 102.61 -38.01 45.70
N ARG RB 112 103.82 -38.55 45.56
CA ARG RB 112 104.29 -39.66 46.37
C ARG RB 112 105.11 -39.12 47.53
N ILE RB 113 104.94 -39.73 48.70
CA ILE RB 113 105.54 -39.23 49.93
C ILE RB 113 106.14 -40.37 50.74
N THR RB 114 107.09 -40.01 51.60
CA THR RB 114 107.69 -40.96 52.50
C THR RB 114 106.74 -41.27 53.66
N PRO RB 115 106.86 -42.45 54.27
CA PRO RB 115 105.95 -42.77 55.39
C PRO RB 115 106.08 -41.84 56.58
N GLU RB 116 107.30 -41.39 56.90
CA GLU RB 116 107.46 -40.50 58.05
C GLU RB 116 106.84 -39.14 57.81
N GLU RB 117 106.84 -38.67 56.56
CA GLU RB 117 106.12 -37.44 56.24
C GLU RB 117 104.62 -37.70 56.20
N ALA RB 118 104.20 -38.87 55.72
CA ALA RB 118 102.81 -39.24 55.63
C ALA RB 118 102.16 -39.42 56.99
N LYS RB 119 102.95 -39.66 58.03
CA LYS RB 119 102.39 -39.85 59.36
C LYS RB 119 101.69 -38.60 59.90
N TYR RB 120 102.01 -37.42 59.38
CA TYR RB 120 101.34 -36.19 59.80
C TYR RB 120 100.55 -35.59 58.63
N LYS RB 121 99.77 -34.56 58.94
CA LYS RB 121 98.86 -33.96 57.98
C LYS RB 121 98.49 -32.56 58.45
N LEU RB 122 98.46 -31.62 57.51
CA LEU RB 122 98.03 -30.26 57.80
C LEU RB 122 96.52 -30.11 57.64
N CYS RB 123 95.94 -29.22 58.43
CA CYS RB 123 94.53 -28.90 58.35
C CYS RB 123 94.37 -27.39 58.51
N LYS RB 124 93.33 -26.84 57.89
CA LYS RB 124 93.00 -25.44 58.05
C LYS RB 124 91.77 -25.34 58.93
N VAL RB 125 91.93 -24.69 60.09
CA VAL RB 125 90.80 -24.53 61.00
C VAL RB 125 89.75 -23.63 60.37
N ARG RB 126 88.50 -24.09 60.41
CA ARG RB 126 87.39 -23.35 59.84
C ARG RB 126 86.54 -22.64 60.87
N LYS RB 127 86.42 -23.18 62.09
CA LYS RB 127 85.77 -22.39 63.13
C LYS RB 127 86.26 -22.83 64.50
N ILE RB 128 86.19 -21.89 65.44
CA ILE RB 128 86.56 -22.14 66.83
C ILE RB 128 85.43 -21.60 67.71
N PHE RB 129 84.80 -22.48 68.47
CA PHE RB 129 83.70 -22.13 69.33
C PHE RB 129 83.86 -22.84 70.67
N VAL RB 130 83.31 -22.25 71.70
CA VAL RB 130 83.30 -22.88 73.01
C VAL RB 130 81.97 -23.58 73.22
N GLY RB 131 82.03 -24.85 73.63
CA GLY RB 131 80.85 -25.62 73.93
C GLY RB 131 80.65 -25.83 75.41
N THR RB 132 79.67 -26.68 75.74
CA THR RB 132 79.19 -26.84 77.10
C THR RB 132 80.31 -27.22 78.05
N LYS RB 133 80.12 -26.86 79.32
CA LYS RB 133 81.15 -26.93 80.36
C LYS RB 133 82.37 -26.09 80.03
N GLY RB 134 82.20 -25.11 79.14
CA GLY RB 134 83.30 -24.24 78.75
C GLY RB 134 84.44 -24.94 78.06
N ILE RB 135 84.14 -25.85 77.14
CA ILE RB 135 85.16 -26.66 76.48
C ILE RB 135 85.43 -26.06 75.11
N PRO RB 136 86.62 -25.54 74.85
CA PRO RB 136 86.92 -25.03 73.51
C PRO RB 136 86.95 -26.15 72.49
N HIS RB 137 86.54 -25.82 71.27
CA HIS RB 137 86.45 -26.77 70.18
C HIS RB 137 87.07 -26.17 68.93
N LEU RB 138 87.31 -27.02 67.94
CA LEU RB 138 88.04 -26.61 66.76
C LEU RB 138 87.60 -27.46 65.59
N VAL RB 139 87.00 -26.84 64.58
CA VAL RB 139 86.56 -27.53 63.37
C VAL RB 139 87.48 -27.12 62.23
N THR RB 140 88.12 -28.12 61.61
CA THR RB 140 89.12 -27.90 60.58
C THR RB 140 88.46 -27.79 59.21
N HIS RB 141 89.27 -27.79 58.15
CA HIS RB 141 88.74 -27.77 56.80
C HIS RB 141 88.12 -29.09 56.41
N ASP RB 142 88.52 -30.19 57.06
CA ASP RB 142 87.77 -31.42 56.99
C ASP RB 142 86.54 -31.29 57.88
N ALA RB 143 85.78 -32.37 58.03
CA ALA RB 143 84.74 -32.39 59.04
C ALA RB 143 85.31 -32.65 60.43
N ARG RB 144 86.63 -32.69 60.57
CA ARG RB 144 87.24 -33.11 61.82
C ARG RB 144 87.16 -31.99 62.85
N THR RB 145 86.56 -32.30 63.99
CA THR RB 145 86.51 -31.41 65.14
C THR RB 145 87.29 -32.02 66.29
N ILE RB 146 87.96 -31.17 67.05
CA ILE RB 146 88.76 -31.60 68.18
C ILE RB 146 88.49 -30.68 69.37
N ARG RB 147 88.68 -31.22 70.56
CA ARG RB 147 88.50 -30.47 71.80
C ARG RB 147 89.85 -30.12 72.39
N TYR RB 148 89.84 -29.08 73.22
CA TYR RB 148 91.00 -28.56 73.93
C TYR RB 148 92.16 -28.27 72.99
N PRO RB 149 92.06 -27.29 72.11
CA PRO RB 149 93.21 -26.92 71.29
C PRO RB 149 94.08 -25.90 72.01
N ASP RB 150 95.16 -25.48 71.37
CA ASP RB 150 95.93 -24.36 71.90
C ASP RB 150 95.09 -23.09 71.79
N PRO RB 151 94.96 -22.32 72.87
CA PRO RB 151 94.19 -21.07 72.79
C PRO RB 151 94.78 -20.05 71.84
N LEU RB 152 96.07 -20.17 71.49
CA LEU RB 152 96.65 -19.25 70.53
C LEU RB 152 96.13 -19.46 69.12
N ILE RB 153 95.56 -20.63 68.83
CA ILE RB 153 95.04 -20.90 67.49
C ILE RB 153 93.77 -20.10 67.29
N LYS RB 154 93.71 -19.34 66.21
CA LYS RB 154 92.57 -18.53 65.84
C LYS RB 154 91.93 -19.12 64.58
N VAL RB 155 90.94 -18.41 64.04
CA VAL RB 155 90.27 -18.86 62.83
C VAL RB 155 91.28 -18.86 61.66
N ASN RB 156 90.99 -19.71 60.66
CA ASN RB 156 91.76 -19.91 59.43
C ASN RB 156 93.28 -19.86 59.64
N ASP RB 157 93.73 -20.55 60.66
CA ASP RB 157 95.12 -20.93 60.84
C ASP RB 157 95.31 -22.37 60.38
N THR RB 158 96.55 -22.84 60.42
CA THR RB 158 96.88 -24.20 60.02
C THR RB 158 97.37 -24.96 61.24
N ILE RB 159 96.96 -26.22 61.35
CA ILE RB 159 97.39 -27.08 62.45
C ILE RB 159 97.97 -28.37 61.87
N GLN RB 160 98.89 -28.95 62.62
CA GLN RB 160 99.57 -30.19 62.25
C GLN RB 160 98.93 -31.32 63.03
N ILE RB 161 98.13 -32.14 62.34
CA ILE RB 161 97.43 -33.25 62.97
C ILE RB 161 98.20 -34.53 62.66
N ASP RB 162 98.83 -35.10 63.68
CA ASP RB 162 99.50 -36.38 63.52
C ASP RB 162 98.46 -37.48 63.48
N LEU RB 163 98.57 -38.37 62.51
CA LEU RB 163 97.58 -39.41 62.32
C LEU RB 163 97.68 -40.45 63.44
N GLU RB 164 96.63 -41.26 63.55
CA GLU RB 164 96.47 -42.34 64.53
C GLU RB 164 96.24 -41.80 65.93
N THR RB 165 96.32 -40.49 66.11
CA THR RB 165 95.98 -39.83 67.36
C THR RB 165 95.00 -38.68 67.16
N GLY RB 166 95.10 -37.95 66.06
CA GLY RB 166 94.20 -36.86 65.78
C GLY RB 166 94.46 -35.59 66.57
N LYS RB 167 95.55 -35.52 67.32
CA LYS RB 167 95.83 -34.38 68.17
C LYS RB 167 96.71 -33.36 67.43
N ILE RB 168 96.87 -32.20 68.05
CA ILE RB 168 97.66 -31.12 67.48
C ILE RB 168 99.09 -31.22 68.00
N THR RB 169 100.05 -31.15 67.09
CA THR RB 169 101.46 -31.09 67.46
C THR RB 169 102.05 -29.69 67.29
N ASP RB 170 101.61 -28.96 66.27
CA ASP RB 170 102.12 -27.62 66.00
C ASP RB 170 101.07 -26.88 65.20
N PHE RB 171 101.33 -25.59 64.98
CA PHE RB 171 100.40 -24.79 64.20
C PHE RB 171 101.12 -23.61 63.58
N ILE RB 172 100.57 -23.12 62.48
CA ILE RB 172 101.03 -21.93 61.79
C ILE RB 172 99.92 -20.89 61.85
N LYS RB 173 100.25 -19.73 62.40
CA LYS RB 173 99.31 -18.62 62.42
C LYS RB 173 99.17 -18.04 61.02
N PHE RB 174 97.96 -17.59 60.69
CA PHE RB 174 97.76 -16.84 59.46
C PHE RB 174 98.34 -15.44 59.67
N ASP RB 175 99.56 -15.23 59.15
CA ASP RB 175 100.24 -13.97 59.32
C ASP RB 175 100.85 -13.55 57.99
N THR RB 176 101.02 -12.24 57.83
CA THR RB 176 101.68 -11.72 56.64
C THR RB 176 103.11 -12.24 56.57
N GLY RB 177 103.48 -12.73 55.39
CA GLY RB 177 104.81 -13.29 55.20
C GLY RB 177 104.90 -14.79 55.30
N ASN RB 178 103.78 -15.51 55.33
CA ASN RB 178 103.79 -16.96 55.49
C ASN RB 178 103.45 -17.64 54.16
N LEU RB 179 104.04 -18.81 53.94
CA LEU RB 179 103.80 -19.57 52.73
C LEU RB 179 102.39 -20.14 52.72
N CYS RB 180 101.69 -19.97 51.59
CA CYS RB 180 100.32 -20.42 51.49
C CYS RB 180 100.14 -21.19 50.19
N MET RB 181 98.92 -21.68 49.99
CA MET RB 181 98.51 -22.35 48.77
C MET RB 181 97.06 -22.01 48.50
N VAL RB 182 96.74 -21.73 47.25
CA VAL RB 182 95.37 -21.36 46.90
C VAL RB 182 94.56 -22.62 46.62
N THR RB 183 93.46 -22.79 47.35
CA THR RB 183 92.65 -23.98 47.28
C THR RB 183 91.29 -23.72 46.65
N GLY RB 184 91.22 -22.78 45.72
CA GLY RB 184 89.98 -22.51 45.02
C GLY RB 184 90.14 -21.33 44.09
N GLY RB 185 89.23 -21.26 43.13
CA GLY RB 185 89.24 -20.17 42.18
C GLY RB 185 90.23 -20.38 41.05
N ALA RB 186 90.55 -19.27 40.37
CA ALA RB 186 91.43 -19.34 39.21
C ALA RB 186 92.85 -19.69 39.59
N ASN RB 187 93.33 -19.15 40.71
CA ASN RB 187 94.71 -19.37 41.14
C ASN RB 187 94.91 -20.68 41.87
N LEU RB 188 93.98 -21.63 41.71
CA LEU RB 188 94.04 -22.92 42.37
C LEU RB 188 95.37 -23.62 42.15
N GLY RB 189 96.09 -23.85 43.24
CA GLY RB 189 97.33 -24.60 43.19
C GLY RB 189 98.60 -23.79 43.14
N ARG RB 190 98.52 -22.47 43.36
CA ARG RB 190 99.68 -21.61 43.27
C ARG RB 190 100.28 -21.41 44.66
N ILE RB 191 101.58 -21.64 44.78
CA ILE RB 191 102.30 -21.52 46.04
C ILE RB 191 102.92 -20.14 46.12
N GLY RB 192 102.72 -19.47 47.24
CA GLY RB 192 103.31 -18.15 47.40
C GLY RB 192 103.30 -17.72 48.85
N VAL RB 193 103.74 -16.48 49.06
CA VAL RB 193 103.89 -15.89 50.39
C VAL RB 193 102.78 -14.86 50.59
N ILE RB 194 102.11 -14.93 51.74
CA ILE RB 194 101.11 -13.93 52.08
C ILE RB 194 101.76 -12.57 52.17
N THR RB 195 101.39 -11.66 51.27
CA THR RB 195 101.93 -10.31 51.26
C THR RB 195 101.00 -9.27 51.84
N ASN RB 196 99.70 -9.35 51.54
CA ASN RB 196 98.79 -8.34 52.07
C ASN RB 196 97.44 -8.97 52.28
N ARG RB 197 96.63 -8.37 53.16
CA ARG RB 197 95.26 -8.80 53.37
C ARG RB 197 94.40 -7.57 53.55
N GLU RB 198 93.56 -7.27 52.55
CA GLU RB 198 92.56 -6.23 52.68
C GLU RB 198 91.25 -6.89 53.12
N ARG RB 199 90.59 -6.28 54.09
CA ARG RB 199 89.39 -6.85 54.67
C ARG RB 199 88.21 -5.94 54.42
N HIS RB 200 87.12 -6.52 53.93
CA HIS RB 200 85.91 -5.77 53.64
C HIS RB 200 84.82 -6.25 54.57
N PRO RB 201 84.44 -5.46 55.58
CA PRO RB 201 83.39 -5.90 56.51
C PRO RB 201 82.09 -6.16 55.79
N GLY RB 202 81.40 -7.21 56.22
CA GLY RB 202 80.18 -7.63 55.57
C GLY RB 202 80.37 -8.36 54.26
N SER RB 203 81.61 -8.61 53.86
CA SER RB 203 81.91 -9.23 52.56
C SER RB 203 83.16 -10.08 52.71
N PHE RB 204 83.75 -10.45 51.59
CA PHE RB 204 84.88 -11.37 51.57
C PHE RB 204 86.20 -10.61 51.66
N ASP RB 205 87.11 -11.13 52.47
CA ASP RB 205 88.44 -10.56 52.59
C ASP RB 205 89.32 -11.05 51.46
N VAL RB 206 90.08 -10.13 50.87
CA VAL RB 206 90.93 -10.43 49.71
C VAL RB 206 92.38 -10.39 50.16
N VAL RB 207 93.10 -11.47 49.89
CA VAL RB 207 94.49 -11.61 50.30
C VAL RB 207 95.36 -11.64 49.04
N HIS RB 208 96.43 -10.84 49.06
CA HIS RB 208 97.38 -10.73 47.97
C HIS RB 208 98.63 -11.53 48.30
N VAL RB 209 99.02 -12.40 47.37
CA VAL RB 209 100.08 -13.38 47.55
C VAL RB 209 101.09 -13.22 46.41
N LYS RB 210 102.38 -13.19 46.75
CA LYS RB 210 103.45 -13.17 45.77
C LYS RB 210 104.20 -14.49 45.83
N ASP RB 211 104.45 -15.09 44.67
CA ASP RB 211 105.10 -16.39 44.61
C ASP RB 211 106.62 -16.21 44.65
N ALA RB 212 107.34 -17.30 44.40
CA ALA RB 212 108.80 -17.25 44.42
C ALA RB 212 109.35 -16.38 43.29
N ASN RB 213 108.75 -16.48 42.10
CA ASN RB 213 109.25 -15.75 40.94
C ASN RB 213 108.84 -14.29 40.93
N GLY RB 214 107.95 -13.86 41.82
CA GLY RB 214 107.52 -12.48 41.89
C GLY RB 214 106.19 -12.19 41.25
N ASN RB 215 105.50 -13.20 40.73
CA ASN RB 215 104.18 -13.00 40.14
C ASN RB 215 103.16 -12.86 41.26
N SER RB 216 102.71 -11.63 41.50
CA SER RB 216 101.78 -11.35 42.58
C SER RB 216 100.35 -11.44 42.08
N PHE RB 217 99.54 -12.24 42.77
CA PHE RB 217 98.13 -12.42 42.46
C PHE RB 217 97.33 -12.20 43.74
N ALA RB 218 96.02 -12.38 43.65
CA ALA RB 218 95.13 -12.20 44.78
C ALA RB 218 94.05 -13.26 44.74
N THR RB 219 93.42 -13.49 45.89
CA THR RB 219 92.31 -14.42 45.97
C THR RB 219 91.53 -14.16 47.24
N ARG RB 220 90.34 -14.74 47.31
CA ARG RB 220 89.52 -14.61 48.50
C ARG RB 220 90.14 -15.33 49.68
N LEU RB 221 89.78 -14.89 50.88
CA LEU RB 221 90.40 -15.42 52.09
C LEU RB 221 90.06 -16.88 52.30
N SER RB 222 88.84 -17.28 51.95
CA SER RB 222 88.39 -18.66 52.16
C SER RB 222 89.10 -19.66 51.27
N ASN RB 223 89.85 -19.20 50.27
CA ASN RB 223 90.50 -20.09 49.33
C ASN RB 223 91.99 -20.26 49.63
N ILE RB 224 92.42 -19.96 50.84
CA ILE RB 224 93.83 -19.92 51.21
C ILE RB 224 94.09 -20.96 52.28
N PHE RB 225 95.16 -21.74 52.11
CA PHE RB 225 95.60 -22.74 53.06
C PHE RB 225 97.05 -22.45 53.37
N VAL RB 226 97.34 -22.00 54.59
CA VAL RB 226 98.74 -21.74 54.95
C VAL RB 226 99.45 -23.07 55.12
N ILE RB 227 100.60 -23.21 54.47
CA ILE RB 227 101.29 -24.50 54.41
C ILE RB 227 102.75 -24.42 54.86
N GLY RB 228 103.23 -23.26 55.29
CA GLY RB 228 104.60 -23.16 55.73
C GLY RB 228 104.80 -22.00 56.68
N LYS RB 229 105.87 -22.09 57.46
CA LYS RB 229 106.24 -21.03 58.39
C LYS RB 229 107.14 -20.06 57.65
N GLY RB 230 106.56 -18.95 57.19
CA GLY RB 230 107.28 -17.93 56.48
C GLY RB 230 107.47 -18.26 55.02
N ASN RB 231 108.45 -19.10 54.70
CA ASN RB 231 108.63 -19.58 53.32
C ASN RB 231 108.95 -21.06 53.21
N LYS RB 232 109.43 -21.73 54.26
CA LYS RB 232 109.70 -23.16 54.16
C LYS RB 232 108.41 -23.94 54.35
N PRO RB 233 107.99 -24.73 53.36
CA PRO RB 233 106.75 -25.51 53.52
C PRO RB 233 106.92 -26.61 54.57
N TRP RB 234 105.82 -26.94 55.22
CA TRP RB 234 105.80 -28.03 56.19
C TRP RB 234 105.49 -29.36 55.54
N ILE RB 235 105.20 -29.37 54.24
CA ILE RB 235 104.91 -30.58 53.49
C ILE RB 235 105.86 -30.64 52.30
N SER RB 236 105.74 -31.71 51.53
CA SER RB 236 106.53 -31.88 50.31
C SER RB 236 105.77 -31.29 49.14
N LEU RB 237 106.32 -30.26 48.53
CA LEU RB 237 105.66 -29.62 47.40
C LEU RB 237 105.76 -30.51 46.16
N PRO RB 238 104.76 -30.46 45.28
CA PRO RB 238 104.81 -31.27 44.06
C PRO RB 238 105.80 -30.73 43.05
N ARG RB 239 105.86 -31.36 41.88
CA ARG RB 239 106.73 -30.86 40.81
C ARG RB 239 106.22 -29.50 40.34
N GLY RB 240 107.16 -28.60 40.07
CA GLY RB 240 106.83 -27.25 39.70
C GLY RB 240 106.70 -26.29 40.86
N LYS RB 241 106.72 -26.79 42.09
CA LYS RB 241 106.69 -25.98 43.32
C LYS RB 241 105.48 -25.06 43.38
N GLY RB 242 104.40 -25.40 42.68
CA GLY RB 242 103.24 -24.54 42.63
C GLY RB 242 103.52 -23.20 41.99
N ILE RB 243 104.41 -23.15 41.02
CA ILE RB 243 104.75 -21.92 40.31
C ILE RB 243 104.07 -22.01 38.96
N ARG RB 244 102.95 -21.30 38.81
CA ARG RB 244 102.22 -21.30 37.54
C ARG RB 244 103.01 -20.51 36.51
N LEU RB 245 103.41 -21.19 35.43
CA LEU RB 245 104.12 -20.56 34.33
C LEU RB 245 103.22 -20.55 33.11
N THR RB 246 103.22 -19.44 32.38
CA THR RB 246 102.26 -19.25 31.31
C THR RB 246 102.59 -20.17 30.12
N ILE RB 247 101.65 -20.24 29.19
CA ILE RB 247 101.79 -21.12 28.03
C ILE RB 247 102.98 -20.72 27.17
N ALA RB 248 103.36 -19.45 27.18
CA ALA RB 248 104.50 -19.00 26.39
C ALA RB 248 105.79 -19.67 26.82
N GLU RB 249 106.01 -19.76 28.14
CA GLU RB 249 107.18 -20.47 28.64
C GLU RB 249 106.88 -21.92 28.98
N GLU RB 250 105.67 -22.39 28.69
CA GLU RB 250 105.38 -23.83 28.74
C GLU RB 250 105.71 -24.50 27.40
N ARG RB 251 105.42 -23.82 26.30
CA ARG RB 251 105.67 -24.40 24.98
C ARG RB 251 107.15 -24.65 24.74
N ASP RB 252 108.01 -23.70 25.11
CA ASP RB 252 109.44 -23.90 24.86
C ASP RB 252 110.01 -24.92 25.84
N LYS RB 253 109.43 -25.05 27.02
CA LYS RB 253 109.79 -26.16 27.90
C LYS RB 253 109.46 -27.50 27.24
N ARG RB 254 108.30 -27.59 26.60
CA ARG RB 254 107.95 -28.79 25.86
C ARG RB 254 108.93 -29.06 24.73
N LEU RB 255 109.30 -28.01 24.00
CA LEU RB 255 110.23 -28.17 22.88
C LEU RB 255 111.61 -28.60 23.38
N ALA RB 256 112.07 -28.04 24.49
CA ALA RB 256 113.36 -28.45 25.04
C ALA RB 256 113.31 -29.89 25.52
N ALA RB 257 112.19 -30.30 26.11
CA ALA RB 257 112.04 -31.70 26.52
C ALA RB 257 112.07 -32.63 25.31
N LYS RB 258 111.38 -32.25 24.23
CA LYS RB 258 111.40 -33.04 23.00
C LYS RB 258 112.82 -33.13 22.45
N GLN RB 259 113.55 -32.02 22.45
CA GLN RB 259 114.91 -32.01 21.95
C GLN RB 259 115.81 -32.90 22.79
N SER RB 260 115.67 -32.84 24.11
CA SER RB 260 116.48 -33.67 25.00
C SER RB 260 116.15 -35.16 24.84
N SER RB 261 114.87 -35.49 24.69
CA SER RB 261 114.46 -36.88 24.60
C SER RB 261 114.76 -37.50 23.24
N GLY RB 262 114.72 -36.71 22.17
CA GLY RB 262 114.98 -37.22 20.84
C GLY RB 262 116.46 -37.32 20.52
N MET SB 1 24.26 -72.81 55.40
CA MET SB 1 25.29 -71.93 55.91
C MET SB 1 26.32 -72.71 56.70
N LYS SB 2 27.56 -72.74 56.21
CA LYS SB 2 28.56 -73.58 56.84
C LYS SB 2 29.03 -72.97 58.16
N LEU SB 3 29.54 -73.82 59.04
CA LEU SB 3 30.06 -73.38 60.33
C LEU SB 3 31.47 -73.93 60.48
N ASN SB 4 32.44 -73.02 60.60
CA ASN SB 4 33.82 -73.41 60.83
C ASN SB 4 34.01 -73.50 62.34
N ILE SB 5 33.99 -74.73 62.86
CA ILE SB 5 33.92 -74.99 64.28
C ILE SB 5 35.32 -75.33 64.77
N SER SB 6 35.80 -74.58 65.76
CA SER SB 6 37.17 -74.71 66.25
C SER SB 6 37.17 -74.85 67.77
N PHE SB 7 37.86 -75.87 68.27
CA PHE SB 7 38.00 -76.07 69.71
C PHE SB 7 39.45 -75.82 70.09
N PRO SB 8 39.75 -74.69 70.74
CA PRO SB 8 41.16 -74.32 70.95
C PRO SB 8 41.95 -75.31 71.79
N ALA SB 9 41.32 -75.96 72.76
CA ALA SB 9 42.06 -76.86 73.64
C ALA SB 9 42.55 -78.11 72.94
N THR SB 10 42.08 -78.39 71.73
CA THR SB 10 42.56 -79.53 70.97
C THR SB 10 42.88 -79.21 69.52
N GLY SB 11 42.58 -78.02 69.03
CA GLY SB 11 42.64 -77.77 67.61
C GLY SB 11 41.53 -78.54 66.92
N CYS SB 12 41.89 -79.27 65.87
CA CYS SB 12 40.98 -80.20 65.19
C CYS SB 12 39.69 -79.51 64.73
N GLN SB 13 39.85 -78.31 64.17
CA GLN SB 13 38.70 -77.60 63.64
C GLN SB 13 38.12 -78.35 62.45
N LYS SB 14 36.82 -78.16 62.21
CA LYS SB 14 36.17 -78.83 61.10
C LYS SB 14 35.01 -77.98 60.60
N LEU SB 15 34.57 -78.30 59.39
CA LEU SB 15 33.48 -77.58 58.75
C LEU SB 15 32.19 -78.38 58.89
N ILE SB 16 31.13 -77.71 59.34
CA ILE SB 16 29.84 -78.35 59.59
C ILE SB 16 28.83 -77.75 58.62
N GLU SB 17 28.20 -78.60 57.82
CA GLU SB 17 27.17 -78.17 56.89
C GLU SB 17 25.81 -78.26 57.57
N VAL SB 18 25.17 -77.11 57.76
CA VAL SB 18 23.82 -77.07 58.28
C VAL SB 18 22.95 -76.24 57.34
N ASP SB 19 21.67 -76.60 57.27
CA ASP SB 19 20.73 -75.88 56.42
C ASP SB 19 19.39 -75.69 57.13
N ASP SB 20 19.31 -76.00 58.42
CA ASP SB 20 18.08 -75.86 59.19
C ASP SB 20 18.05 -74.45 59.76
N GLU SB 21 17.16 -73.62 59.24
CA GLU SB 21 17.02 -72.25 59.73
C GLU SB 21 16.58 -72.25 61.19
N ARG SB 22 15.80 -73.25 61.62
CA ARG SB 22 15.47 -73.36 63.03
C ARG SB 22 16.71 -73.59 63.87
N LYS SB 23 17.62 -74.44 63.39
CA LYS SB 23 18.87 -74.69 64.10
C LYS SB 23 19.76 -73.45 64.11
N LEU SB 24 19.76 -72.67 63.03
CA LEU SB 24 20.62 -71.51 62.91
C LEU SB 24 20.02 -70.24 63.52
N ARG SB 25 18.73 -70.26 63.87
CA ARG SB 25 18.11 -69.07 64.43
C ARG SB 25 18.67 -68.69 65.79
N THR SB 26 19.32 -69.63 66.48
CA THR SB 26 19.93 -69.32 67.77
C THR SB 26 21.03 -68.27 67.65
N PHE SB 27 21.64 -68.13 66.47
CA PHE SB 27 22.76 -67.22 66.28
C PHE SB 27 22.35 -65.87 65.75
N TYR SB 28 21.12 -65.72 65.23
CA TYR SB 28 20.74 -64.52 64.52
C TYR SB 28 20.72 -63.31 65.45
N GLU SB 29 21.04 -62.14 64.87
CA GLU SB 29 21.08 -60.87 65.59
C GLU SB 29 22.00 -60.93 66.80
N LYS SB 30 23.13 -61.61 66.66
CA LYS SB 30 24.14 -61.66 67.70
C LYS SB 30 25.45 -61.12 67.15
N ARG SB 31 26.10 -60.26 67.93
CA ARG SB 31 27.35 -59.67 67.51
C ARG SB 31 28.49 -60.68 67.64
N MET SB 32 29.64 -60.33 67.08
CA MET SB 32 30.81 -61.18 67.21
C MET SB 32 31.31 -61.18 68.65
N ALA SB 33 32.12 -62.18 68.97
CA ALA SB 33 32.73 -62.35 70.28
C ALA SB 33 31.69 -62.48 71.38
N THR SB 34 30.52 -63.01 71.04
CA THR SB 34 29.47 -63.33 72.00
C THR SB 34 29.36 -64.83 72.14
N GLU SB 35 29.12 -65.29 73.36
CA GLU SB 35 29.05 -66.71 73.68
C GLU SB 35 27.58 -67.13 73.80
N VAL SB 36 27.21 -68.15 73.04
CA VAL SB 36 25.84 -68.65 72.98
C VAL SB 36 25.87 -70.14 73.31
N ALA SB 37 24.87 -70.59 74.07
CA ALA SB 37 24.69 -72.01 74.32
C ALA SB 37 24.29 -72.70 73.03
N ALA SB 38 25.18 -73.51 72.49
CA ALA SB 38 24.99 -74.17 71.20
C ALA SB 38 24.25 -75.50 71.34
N ASP SB 39 23.12 -75.48 72.03
CA ASP SB 39 22.31 -76.68 72.21
C ASP SB 39 21.26 -76.87 71.13
N ALA SB 40 21.07 -75.88 70.27
CA ALA SB 40 20.08 -75.95 69.20
C ALA SB 40 20.59 -76.67 67.98
N LEU SB 41 21.84 -77.11 67.98
CA LEU SB 41 22.41 -77.88 66.87
C LEU SB 41 22.29 -79.38 67.12
N GLY SB 42 21.09 -79.85 67.41
CA GLY SB 42 20.86 -81.27 67.62
C GLY SB 42 21.29 -81.71 69.01
N GLU SB 43 21.07 -83.01 69.26
CA GLU SB 43 21.36 -83.58 70.56
C GLU SB 43 22.85 -83.68 70.84
N GLU SB 44 23.67 -83.90 69.81
CA GLU SB 44 25.09 -84.12 70.01
C GLU SB 44 25.81 -82.87 70.51
N TRP SB 45 25.24 -81.69 70.27
CA TRP SB 45 25.86 -80.42 70.64
C TRP SB 45 25.36 -79.91 71.98
N LYS SB 46 24.63 -80.73 72.73
CA LYS SB 46 24.06 -80.30 74.00
C LYS SB 46 25.15 -80.04 75.03
N GLY SB 47 24.93 -79.04 75.88
CA GLY SB 47 25.88 -78.72 76.92
C GLY SB 47 27.11 -77.97 76.47
N TYR SB 48 27.07 -77.38 75.27
CA TYR SB 48 28.21 -76.71 74.67
C TYR SB 48 27.96 -75.21 74.66
N VAL SB 49 29.02 -74.42 74.85
CA VAL SB 49 28.97 -72.98 74.73
C VAL SB 49 30.00 -72.56 73.68
N VAL SB 50 29.57 -71.77 72.71
CA VAL SB 50 30.44 -71.42 71.60
C VAL SB 50 30.36 -69.91 71.35
N ARG SB 51 31.50 -69.33 71.01
CA ARG SB 51 31.64 -67.89 70.79
C ARG SB 51 31.72 -67.61 69.31
N ILE SB 52 30.97 -66.60 68.86
CA ILE SB 52 30.95 -66.21 67.46
C ILE SB 52 32.24 -65.42 67.19
N SER SB 53 33.21 -66.04 66.51
CA SER SB 53 34.50 -65.41 66.31
C SER SB 53 34.62 -64.66 65.00
N GLY SB 54 33.64 -64.77 64.11
CA GLY SB 54 33.67 -64.11 62.83
C GLY SB 54 33.00 -64.95 61.78
N GLY SB 55 33.20 -64.58 60.52
CA GLY SB 55 32.60 -65.31 59.43
C GLY SB 55 32.84 -64.60 58.11
N ASN SB 56 32.05 -64.97 57.11
CA ASN SB 56 32.15 -64.40 55.79
C ASN SB 56 30.77 -64.07 55.25
N ASP SB 57 30.73 -63.12 54.32
CA ASP SB 57 29.50 -62.70 53.68
C ASP SB 57 29.12 -63.72 52.60
N LYS SB 58 27.98 -63.50 51.95
CA LYS SB 58 27.60 -64.36 50.83
C LYS SB 58 28.60 -64.26 49.68
N GLN SB 59 29.26 -63.12 49.54
CA GLN SB 59 30.26 -62.92 48.50
C GLN SB 59 31.68 -63.04 49.01
N GLY SB 60 31.86 -63.55 50.23
CA GLY SB 60 33.19 -63.78 50.75
C GLY SB 60 33.82 -62.61 51.47
N PHE SB 61 33.10 -61.53 51.69
CA PHE SB 61 33.66 -60.39 52.39
C PHE SB 61 33.72 -60.68 53.88
N PRO SB 62 34.91 -60.68 54.49
CA PRO SB 62 35.00 -61.00 55.91
C PRO SB 62 34.33 -59.95 56.77
N MET SB 63 33.82 -60.38 57.91
CA MET SB 63 33.21 -59.46 58.85
C MET SB 63 34.25 -58.91 59.82
N LYS SB 64 34.10 -57.64 60.16
CA LYS SB 64 35.01 -56.94 61.03
C LYS SB 64 34.32 -56.62 62.35
N GLN SB 65 35.02 -56.81 63.44
CA GLN SB 65 34.44 -56.56 64.76
C GLN SB 65 34.23 -55.07 64.97
N GLY SB 66 33.04 -54.71 65.45
CA GLY SB 66 32.74 -53.34 65.80
C GLY SB 66 32.00 -52.53 64.77
N VAL SB 67 31.66 -53.13 63.62
CA VAL SB 67 30.94 -52.37 62.59
C VAL SB 67 29.54 -52.01 63.06
N LEU SB 68 28.90 -52.90 63.83
CA LEU SB 68 27.59 -52.65 64.45
C LEU SB 68 26.51 -52.40 63.39
N THR SB 69 26.51 -53.24 62.36
CA THR SB 69 25.42 -53.27 61.40
C THR SB 69 25.36 -54.67 60.80
N HIS SB 70 24.28 -54.93 60.07
CA HIS SB 70 24.17 -56.12 59.24
C HIS SB 70 24.22 -55.67 57.78
N GLY SB 71 25.17 -56.20 57.04
CA GLY SB 71 25.36 -55.81 55.67
C GLY SB 71 26.79 -55.37 55.42
N ARG SB 72 27.02 -54.88 54.21
CA ARG SB 72 28.36 -54.56 53.75
C ARG SB 72 28.56 -53.04 53.76
N VAL SB 73 29.71 -52.61 54.26
CA VAL SB 73 30.10 -51.21 54.24
C VAL SB 73 31.50 -51.10 53.65
N ARG SB 74 31.94 -49.87 53.44
CA ARG SB 74 33.27 -49.58 52.92
C ARG SB 74 34.05 -48.81 53.96
N LEU SB 75 35.28 -49.24 54.21
CA LEU SB 75 36.11 -48.65 55.26
C LEU SB 75 37.49 -48.36 54.72
N LEU SB 76 38.05 -47.22 55.14
CA LEU SB 76 39.44 -46.88 54.83
C LEU SB 76 40.33 -47.55 55.87
N LEU SB 77 40.80 -48.74 55.53
CA LEU SB 77 41.55 -49.56 56.46
C LEU SB 77 43.03 -49.20 56.43
N SER SB 78 43.57 -48.87 57.60
CA SER SB 78 44.99 -48.60 57.74
C SER SB 78 45.70 -49.87 58.20
N LYS SB 79 46.96 -49.74 58.60
CA LYS SB 79 47.73 -50.90 59.04
C LYS SB 79 47.18 -51.47 60.33
N GLY SB 80 47.08 -52.80 60.38
CA GLY SB 80 46.77 -53.47 61.63
C GLY SB 80 45.36 -53.28 62.15
N HIS SB 81 44.40 -52.95 61.29
CA HIS SB 81 43.02 -52.88 61.78
C HIS SB 81 42.40 -54.27 61.80
N SER SB 82 42.11 -54.82 60.62
CA SER SB 82 41.72 -56.20 60.34
C SER SB 82 41.41 -56.22 58.86
N CYS SB 83 41.26 -57.44 58.31
CA CYS SB 83 40.76 -57.65 56.96
C CYS SB 83 41.58 -56.91 55.91
N TYR SB 84 42.84 -56.62 56.21
CA TYR SB 84 43.68 -55.79 55.35
C TYR SB 84 45.13 -55.97 55.74
N ARG SB 85 46.00 -55.99 54.73
CA ARG SB 85 47.43 -55.89 54.95
C ARG SB 85 47.99 -54.89 53.95
N PRO SB 86 48.76 -53.91 54.40
CA PRO SB 86 49.28 -52.90 53.47
C PRO SB 86 50.40 -53.44 52.62
N ARG SB 87 50.35 -53.11 51.32
CA ARG SB 87 51.44 -53.51 50.42
C ARG SB 87 52.73 -52.78 50.77
N ARG SB 88 52.64 -51.48 51.07
CA ARG SB 88 53.80 -50.69 51.45
C ARG SB 88 53.50 -49.94 52.73
N THR SB 89 54.55 -49.41 53.35
CA THR SB 89 54.42 -48.76 54.65
C THR SB 89 53.57 -47.51 54.54
N GLY SB 90 52.61 -47.37 55.45
CA GLY SB 90 51.74 -46.20 55.48
C GLY SB 90 50.60 -46.21 54.49
N GLU SB 91 50.41 -47.32 53.76
CA GLU SB 91 49.33 -47.40 52.79
C GLU SB 91 48.01 -47.70 53.49
N ARG SB 92 46.98 -46.94 53.14
CA ARG SB 92 45.62 -47.21 53.58
C ARG SB 92 44.75 -47.37 52.34
N LYS SB 93 43.84 -48.35 52.38
CA LYS SB 93 43.03 -48.65 51.21
C LYS SB 93 41.58 -48.84 51.65
N ARG SB 94 40.65 -48.33 50.83
CA ARG SB 94 39.24 -48.51 51.11
C ARG SB 94 38.78 -49.87 50.61
N LYS SB 95 38.19 -50.66 51.50
CA LYS SB 95 37.80 -52.03 51.20
C LYS SB 95 36.41 -52.30 51.75
N SER SB 96 35.76 -53.32 51.21
CA SER SB 96 34.42 -53.71 51.60
C SER SB 96 34.48 -54.74 52.71
N VAL SB 97 33.71 -54.52 53.77
CA VAL SB 97 33.67 -55.43 54.91
C VAL SB 97 32.23 -55.71 55.27
N ARG SB 98 32.03 -56.82 55.98
CA ARG SB 98 30.73 -57.24 56.47
C ARG SB 98 30.55 -56.79 57.92
N GLY SB 99 29.33 -56.41 58.26
CA GLY SB 99 29.04 -56.01 59.62
C GLY SB 99 29.12 -57.18 60.59
N CYS SB 100 29.22 -56.84 61.87
CA CYS SB 100 29.45 -57.84 62.89
C CYS SB 100 28.19 -58.64 63.23
N ILE SB 101 27.00 -58.03 63.11
CA ILE SB 101 25.78 -58.76 63.40
C ILE SB 101 25.55 -59.83 62.33
N VAL SB 102 25.39 -61.06 62.78
CA VAL SB 102 25.19 -62.20 61.88
C VAL SB 102 23.71 -62.38 61.62
N ASP SB 103 23.38 -62.69 60.37
CA ASP SB 103 22.01 -62.96 59.96
C ASP SB 103 22.06 -64.12 58.97
N ALA SB 104 20.96 -64.32 58.24
CA ALA SB 104 20.87 -65.46 57.31
C ALA SB 104 21.84 -65.32 56.14
N ASN SB 105 22.20 -64.09 55.77
CA ASN SB 105 22.90 -63.85 54.51
C ASN SB 105 24.41 -63.98 54.71
N LEU SB 106 24.84 -65.21 55.00
CA LEU SB 106 26.25 -65.52 55.16
C LEU SB 106 26.58 -66.82 54.44
N SER SB 107 27.87 -66.98 54.13
CA SER SB 107 28.38 -68.24 53.59
C SER SB 107 28.85 -69.16 54.72
N VAL SB 108 29.81 -68.70 55.51
CA VAL SB 108 30.29 -69.46 56.64
C VAL SB 108 30.12 -68.64 57.92
N LEU SB 109 30.35 -69.30 59.05
CA LEU SB 109 30.31 -68.63 60.35
C LEU SB 109 31.39 -69.28 61.20
N ASN SB 110 32.38 -68.50 61.64
CA ASN SB 110 33.44 -69.03 62.47
C ASN SB 110 32.98 -69.07 63.92
N LEU SB 111 33.00 -70.27 64.51
CA LEU SB 111 32.59 -70.46 65.89
C LEU SB 111 33.70 -71.17 66.65
N VAL SB 112 33.97 -70.71 67.87
CA VAL SB 112 35.05 -71.24 68.69
C VAL SB 112 34.47 -71.66 70.03
N ILE SB 113 34.64 -72.92 70.38
CA ILE SB 113 34.01 -73.45 71.59
C ILE SB 113 34.74 -72.92 72.81
N VAL SB 114 33.98 -72.35 73.74
CA VAL SB 114 34.58 -71.83 74.97
C VAL SB 114 34.71 -72.91 76.03
N LYS SB 115 33.65 -73.68 76.28
CA LYS SB 115 33.67 -74.71 77.31
C LYS SB 115 33.20 -76.04 76.75
N LYS SB 116 33.72 -77.11 77.33
CA LYS SB 116 33.42 -78.45 76.86
C LYS SB 116 32.00 -78.86 77.24
N GLY SB 117 31.40 -79.70 76.40
CA GLY SB 117 30.12 -80.31 76.70
C GLY SB 117 30.28 -81.56 77.53
N GLU SB 118 29.19 -82.29 77.69
CA GLU SB 118 29.21 -83.50 78.50
C GLU SB 118 29.80 -84.70 77.78
N LYS SB 119 29.74 -84.74 76.44
CA LYS SB 119 30.26 -85.84 75.68
C LYS SB 119 31.12 -85.31 74.53
N ASP SB 120 31.81 -86.24 73.85
CA ASP SB 120 32.80 -85.88 72.84
C ASP SB 120 32.17 -85.78 71.46
N ILE SB 121 32.47 -84.69 70.77
CA ILE SB 121 32.10 -84.55 69.35
C ILE SB 121 33.06 -85.40 68.53
N PRO SB 122 32.56 -86.23 67.61
CA PRO SB 122 33.46 -87.06 66.81
C PRO SB 122 34.31 -86.22 65.87
N GLY SB 123 35.58 -86.58 65.77
CA GLY SB 123 36.50 -85.93 64.86
C GLY SB 123 36.93 -84.53 65.24
N LEU SB 124 36.39 -83.97 66.32
CA LEU SB 124 36.71 -82.61 66.73
C LEU SB 124 37.32 -82.56 68.12
N THR SB 125 36.71 -83.22 69.11
CA THR SB 125 37.19 -83.19 70.48
C THR SB 125 38.11 -84.35 70.82
N ASP SB 126 38.53 -85.13 69.82
CA ASP SB 126 39.41 -86.26 70.03
C ASP SB 126 40.59 -86.17 69.07
N THR SB 127 41.61 -87.00 69.33
CA THR SB 127 42.86 -87.04 68.57
C THR SB 127 43.51 -85.65 68.53
N THR SB 128 43.91 -85.20 69.72
CA THR SB 128 44.46 -83.87 69.91
C THR SB 128 45.74 -83.65 69.11
N VAL SB 129 45.67 -82.77 68.12
CA VAL SB 129 46.88 -82.39 67.39
C VAL SB 129 47.74 -81.50 68.27
N PRO SB 130 49.05 -81.72 68.32
CA PRO SB 130 49.90 -80.90 69.19
C PRO SB 130 50.34 -79.62 68.51
N ARG SB 131 50.74 -78.65 69.33
CA ARG SB 131 51.45 -77.49 68.82
C ARG SB 131 52.80 -77.93 68.30
N ARG SB 132 53.20 -77.38 67.14
CA ARG SB 132 54.37 -77.89 66.44
C ARG SB 132 55.64 -77.71 67.24
N LEU SB 133 56.02 -76.47 67.48
CA LEU SB 133 57.33 -76.13 68.00
C LEU SB 133 57.18 -75.37 69.31
N GLY SB 134 57.99 -75.76 70.30
CA GLY SB 134 57.87 -75.25 71.63
C GLY SB 134 58.53 -73.90 71.80
N PRO SB 135 58.62 -73.44 73.04
CA PRO SB 135 59.16 -72.10 73.29
C PRO SB 135 60.62 -71.97 72.88
N LYS SB 136 60.97 -70.77 72.42
CA LYS SB 136 62.32 -70.45 71.96
C LYS SB 136 63.08 -69.56 72.92
N ARG SB 137 62.39 -68.78 73.74
CA ARG SB 137 63.05 -67.90 74.69
C ARG SB 137 63.38 -68.66 75.97
N ALA SB 138 64.52 -68.30 76.57
CA ALA SB 138 64.98 -68.98 77.78
C ALA SB 138 63.98 -68.85 78.91
N SER SB 139 63.47 -67.64 79.13
CA SER SB 139 62.46 -67.46 80.17
C SER SB 139 61.17 -68.19 79.82
N ARG SB 140 60.83 -68.29 78.55
CA ARG SB 140 59.60 -68.97 78.17
C ARG SB 140 59.71 -70.48 78.31
N ILE SB 141 60.91 -71.05 78.25
CA ILE SB 141 61.03 -72.46 78.61
C ILE SB 141 61.17 -72.64 80.12
N ARG SB 142 61.71 -71.64 80.82
CA ARG SB 142 61.80 -71.71 82.28
C ARG SB 142 60.42 -71.70 82.90
N LYS SB 143 59.49 -70.89 82.38
CA LYS SB 143 58.12 -70.95 82.87
C LYS SB 143 57.49 -72.30 82.57
N LEU SB 144 57.80 -72.88 81.41
CA LEU SB 144 57.08 -74.06 80.97
C LEU SB 144 57.54 -75.31 81.73
N PHE SB 145 58.82 -75.38 82.10
CA PHE SB 145 59.30 -76.47 82.94
C PHE SB 145 59.56 -76.05 84.39
N ASN SB 146 59.07 -74.87 84.81
CA ASN SB 146 59.14 -74.43 86.20
C ASN SB 146 60.58 -74.40 86.73
N LEU SB 147 61.47 -73.77 85.96
CA LEU SB 147 62.85 -73.61 86.40
C LEU SB 147 62.97 -72.43 87.36
N SER SB 148 63.87 -72.57 88.34
CA SER SB 148 64.18 -71.43 89.20
C SER SB 148 65.24 -70.54 88.56
N LYS SB 149 66.48 -71.05 88.44
CA LYS SB 149 67.60 -70.27 87.92
C LYS SB 149 68.69 -71.23 87.47
N GLU SB 150 68.92 -71.30 86.16
CA GLU SB 150 70.09 -71.93 85.56
C GLU SB 150 70.27 -73.38 86.04
N ASP SB 151 69.28 -74.20 85.71
CA ASP SB 151 69.32 -75.63 86.00
C ASP SB 151 69.16 -76.37 84.68
N ASP SB 152 70.28 -76.62 84.01
CA ASP SB 152 70.33 -77.43 82.79
C ASP SB 152 69.41 -76.85 81.72
N VAL SB 153 69.46 -75.54 81.54
CA VAL SB 153 68.60 -74.85 80.57
C VAL SB 153 68.95 -75.31 79.15
N ARG SB 154 70.22 -75.62 78.90
CA ARG SB 154 70.61 -76.10 77.59
C ARG SB 154 69.93 -77.43 77.25
N GLN SB 155 69.88 -78.35 78.20
CA GLN SB 155 69.31 -79.67 77.93
C GLN SB 155 67.83 -79.76 78.26
N TYR SB 156 67.22 -78.70 78.76
CA TYR SB 156 65.78 -78.69 78.94
C TYR SB 156 65.03 -78.15 77.72
N VAL SB 157 65.73 -77.81 76.64
CA VAL SB 157 65.05 -77.39 75.43
C VAL SB 157 64.38 -78.60 74.79
N VAL SB 158 63.25 -78.37 74.13
CA VAL SB 158 62.53 -79.43 73.44
C VAL SB 158 63.27 -79.77 72.16
N ARG SB 159 63.64 -81.03 72.00
CA ARG SB 159 64.30 -81.51 70.80
C ARG SB 159 63.27 -82.08 69.85
N LYS SB 160 63.28 -81.62 68.60
CA LYS SB 160 62.34 -82.08 67.60
C LYS SB 160 62.94 -83.27 66.86
N PRO SB 161 62.40 -84.48 67.01
CA PRO SB 161 62.88 -85.60 66.21
C PRO SB 161 62.11 -85.72 64.91
N LEU SB 162 62.81 -85.76 63.79
CA LEU SB 162 62.17 -85.85 62.49
C LEU SB 162 62.70 -87.06 61.74
N ASN SB 163 61.80 -87.77 61.06
CA ASN SB 163 62.14 -88.98 60.33
C ASN SB 163 61.55 -88.91 58.94
N LYS SB 164 62.37 -89.19 57.93
CA LYS SB 164 61.94 -89.39 56.56
C LYS SB 164 62.57 -90.66 56.04
N GLU SB 165 62.06 -91.13 54.90
CA GLU SB 165 62.49 -92.42 54.34
C GLU SB 165 63.97 -92.40 53.99
N GLY SB 166 64.35 -91.54 53.05
CA GLY SB 166 65.76 -91.44 52.69
C GLY SB 166 66.60 -90.75 53.75
N LYS SB 167 65.97 -90.03 54.66
CA LYS SB 167 66.72 -89.32 55.69
C LYS SB 167 67.28 -90.26 56.74
N LYS SB 168 68.56 -90.10 57.04
CA LYS SB 168 69.21 -90.71 58.18
C LYS SB 168 68.75 -90.03 59.46
N PRO SB 169 68.46 -90.79 60.52
CA PRO SB 169 67.81 -90.21 61.71
C PRO SB 169 68.62 -89.09 62.34
N ARG SB 170 67.90 -88.09 62.86
CA ARG SB 170 68.49 -86.89 63.44
C ARG SB 170 67.42 -86.16 64.24
N THR SB 171 67.85 -85.47 65.29
CA THR SB 171 66.99 -84.59 66.07
C THR SB 171 67.40 -83.14 65.85
N LYS SB 172 66.43 -82.25 66.00
CA LYS SB 172 66.65 -80.83 65.72
C LYS SB 172 66.35 -80.00 66.96
N ALA SB 173 67.20 -79.02 67.23
CA ALA SB 173 67.07 -78.14 68.38
C ALA SB 173 67.16 -76.69 67.94
N PRO SB 174 66.40 -75.81 68.57
CA PRO SB 174 66.43 -74.39 68.20
C PRO SB 174 67.56 -73.63 68.89
N LYS SB 175 67.99 -72.56 68.22
CA LYS SB 175 68.93 -71.62 68.83
C LYS SB 175 68.16 -70.80 69.85
N ILE SB 176 68.35 -71.13 71.13
CA ILE SB 176 67.58 -70.50 72.20
C ILE SB 176 68.08 -69.08 72.44
N GLN SB 177 67.15 -68.14 72.54
CA GLN SB 177 67.48 -66.72 72.60
C GLN SB 177 67.33 -66.19 74.03
N ARG SB 178 67.97 -65.03 74.25
CA ARG SB 178 67.95 -64.32 75.54
C ARG SB 178 68.50 -65.20 76.66
N LEU SB 179 69.77 -65.53 76.55
CA LEU SB 179 70.49 -66.32 77.54
C LEU SB 179 71.59 -65.48 78.17
N VAL SB 180 72.08 -65.97 79.31
CA VAL SB 180 73.37 -65.54 79.84
C VAL SB 180 74.43 -66.43 79.21
N THR SB 181 75.45 -65.81 78.64
CA THR SB 181 76.44 -66.49 77.84
C THR SB 181 77.79 -65.85 78.12
N PRO SB 182 78.87 -66.63 78.04
CA PRO SB 182 80.21 -66.02 78.09
C PRO SB 182 80.38 -64.91 77.06
N ARG SB 183 79.79 -65.06 75.86
CA ARG SB 183 79.88 -64.02 74.85
C ARG SB 183 79.14 -62.76 75.27
N VAL SB 184 77.96 -62.93 75.89
CA VAL SB 184 77.19 -61.77 76.34
C VAL SB 184 77.92 -61.04 77.48
N LEU SB 185 78.47 -61.81 78.43
CA LEU SB 185 79.28 -61.19 79.47
C LEU SB 185 80.53 -60.54 78.89
N GLN SB 186 81.07 -61.10 77.81
CA GLN SB 186 82.18 -60.49 77.11
C GLN SB 186 81.80 -59.13 76.55
N HIS SB 187 80.63 -59.04 75.92
CA HIS SB 187 80.17 -57.76 75.39
C HIS SB 187 79.95 -56.75 76.53
N LYS SB 188 79.39 -57.21 77.65
CA LYS SB 188 79.17 -56.32 78.78
C LYS SB 188 80.49 -55.80 79.34
N ARG SB 189 81.48 -56.69 79.48
CA ARG SB 189 82.78 -56.24 79.94
C ARG SB 189 83.43 -55.28 78.95
N ARG SB 190 83.23 -55.53 77.65
CA ARG SB 190 83.79 -54.65 76.63
C ARG SB 190 83.21 -53.24 76.73
N ARG SB 191 81.89 -53.13 76.85
CA ARG SB 191 81.27 -51.81 76.92
C ARG SB 191 81.62 -51.09 78.21
N ILE SB 192 81.72 -51.83 79.32
CA ILE SB 192 82.17 -51.20 80.57
C ILE SB 192 83.60 -50.68 80.42
N ALA SB 193 84.47 -51.46 79.76
CA ALA SB 193 85.83 -51.01 79.53
C ALA SB 193 85.86 -49.76 78.66
N LEU SB 194 85.01 -49.72 77.64
CA LEU SB 194 84.89 -48.53 76.79
C LEU SB 194 84.53 -47.31 77.62
N LYS SB 195 83.55 -47.45 78.52
CA LYS SB 195 83.29 -46.39 79.48
C LYS SB 195 84.53 -46.01 80.28
N LYS SB 196 85.32 -47.00 80.68
CA LYS SB 196 86.50 -46.72 81.50
C LYS SB 196 87.50 -45.84 80.77
N GLN SB 197 87.91 -46.24 79.54
CA GLN SB 197 88.90 -45.37 78.91
C GLN SB 197 88.28 -44.09 78.38
N ARG SB 198 86.97 -44.05 78.15
CA ARG SB 198 86.36 -42.79 77.78
C ARG SB 198 86.47 -41.79 78.93
N THR SB 199 86.17 -42.24 80.15
CA THR SB 199 86.31 -41.37 81.32
C THR SB 199 87.77 -40.97 81.54
N LYS SB 200 88.69 -41.92 81.38
CA LYS SB 200 90.11 -41.61 81.55
C LYS SB 200 90.56 -40.58 80.53
N LYS SB 201 90.12 -40.73 79.28
CA LYS SB 201 90.43 -39.77 78.23
C LYS SB 201 89.92 -38.38 78.59
N ASN SB 202 88.67 -38.29 79.04
CA ASN SB 202 88.13 -36.98 79.41
C ASN SB 202 88.94 -36.34 80.53
N LYS SB 203 89.27 -37.11 81.57
CA LYS SB 203 90.01 -36.54 82.70
C LYS SB 203 91.40 -36.07 82.28
N GLU SB 204 92.13 -36.89 81.54
CA GLU SB 204 93.49 -36.51 81.18
C GLU SB 204 93.52 -35.38 80.15
N GLU SB 205 92.55 -35.33 79.22
CA GLU SB 205 92.49 -34.19 78.31
C GLU SB 205 92.17 -32.91 79.06
N ALA SB 206 91.27 -32.96 80.04
CA ALA SB 206 90.99 -31.77 80.84
C ALA SB 206 92.23 -31.32 81.59
N ALA SB 207 92.98 -32.25 82.17
CA ALA SB 207 94.20 -31.89 82.89
C ALA SB 207 95.23 -31.26 81.95
N GLU SB 208 95.41 -31.85 80.76
CA GLU SB 208 96.37 -31.32 79.81
C GLU SB 208 95.98 -29.91 79.37
N TYR SB 209 94.70 -29.70 79.06
CA TYR SB 209 94.25 -28.37 78.68
C TYR SB 209 94.41 -27.38 79.81
N ALA SB 210 94.13 -27.80 81.05
CA ALA SB 210 94.30 -26.89 82.17
C ALA SB 210 95.75 -26.45 82.33
N LYS SB 211 96.68 -27.39 82.20
CA LYS SB 211 98.09 -27.05 82.30
C LYS SB 211 98.53 -26.12 81.17
N LEU SB 212 98.12 -26.43 79.94
CA LEU SB 212 98.49 -25.59 78.80
C LEU SB 212 97.88 -24.20 78.91
N LEU SB 213 96.63 -24.11 79.35
CA LEU SB 213 95.99 -22.81 79.54
C LEU SB 213 96.66 -22.02 80.65
N ALA SB 214 97.09 -22.70 81.72
CA ALA SB 214 97.84 -22.02 82.77
C ALA SB 214 99.14 -21.45 82.23
N LYS SB 215 99.84 -22.22 81.39
CA LYS SB 215 101.07 -21.71 80.79
C LYS SB 215 100.81 -20.52 79.88
N ARG SB 216 99.76 -20.60 79.06
CA ARG SB 216 99.45 -19.48 78.16
C ARG SB 216 99.06 -18.22 78.92
N MET SB 217 98.24 -18.37 79.96
CA MET SB 217 97.86 -17.21 80.74
C MET SB 217 99.02 -16.65 81.54
N LYS SB 218 99.95 -17.51 81.94
CA LYS SB 218 101.19 -17.03 82.57
C LYS SB 218 102.01 -16.22 81.57
N GLU SB 219 102.05 -16.66 80.31
CA GLU SB 219 102.75 -15.90 79.28
C GLU SB 219 102.08 -14.53 79.06
N ALA SB 220 100.75 -14.51 79.02
CA ALA SB 220 100.06 -13.23 78.85
C ALA SB 220 100.28 -12.31 80.04
N LYS SB 221 100.25 -12.86 81.25
CA LYS SB 221 100.55 -12.07 82.44
C LYS SB 221 101.98 -11.55 82.39
N GLU SB 222 102.91 -12.36 81.87
CA GLU SB 222 104.28 -11.92 81.72
C GLU SB 222 104.38 -10.77 80.72
N LYS SB 223 103.58 -10.81 79.65
CA LYS SB 223 103.55 -9.69 78.71
C LYS SB 223 103.03 -8.42 79.37
N ARG SB 224 101.96 -8.54 80.16
CA ARG SB 224 101.45 -7.38 80.89
C ARG SB 224 102.48 -6.84 81.88
N GLN SB 225 103.16 -7.74 82.60
CA GLN SB 225 104.18 -7.32 83.54
C GLN SB 225 105.38 -6.71 82.82
N GLU SB 226 105.66 -7.14 81.60
CA GLU SB 226 106.75 -6.56 80.84
C GLU SB 226 106.39 -5.16 80.35
N GLN SB 227 105.13 -4.95 79.95
CA GLN SB 227 104.67 -3.59 79.67
C GLN SB 227 104.78 -2.70 80.91
N ILE SB 228 104.41 -3.24 82.08
CA ILE SB 228 104.55 -2.50 83.33
C ILE SB 228 106.02 -2.16 83.60
N ALA SB 229 106.91 -3.12 83.37
CA ALA SB 229 108.34 -2.89 83.58
C ALA SB 229 108.88 -1.84 82.62
N LYS SB 230 108.39 -1.84 81.37
CA LYS SB 230 108.79 -0.80 80.42
C LYS SB 230 108.34 0.58 80.88
N ARG SB 231 107.10 0.70 81.34
CA ARG SB 231 106.62 2.02 81.77
C ARG SB 231 107.18 2.44 83.12
N ARG SB 232 107.72 1.51 83.91
CA ARG SB 232 108.30 1.82 85.21
C ARG SB 232 109.80 2.07 85.18
N ARG SB 233 110.55 1.36 84.32
CA ARG SB 233 112.01 1.50 84.31
C ARG SB 233 112.47 2.83 83.74
N LEU SB 234 111.64 3.49 82.93
CA LEU SB 234 112.01 4.73 82.25
C LEU SB 234 110.91 5.75 82.55
N SER SB 235 111.06 6.45 83.67
CA SER SB 235 110.07 7.42 84.10
C SER SB 235 110.58 8.86 84.10
N SER SB 236 111.89 9.08 84.13
CA SER SB 236 112.43 10.43 84.16
C SER SB 236 113.50 10.63 83.09
N LEU SB 237 114.21 9.56 82.75
CA LEU SB 237 115.33 9.66 81.82
C LEU SB 237 114.86 9.69 80.37
N SER TB 1 120.34 45.50 63.26
CA SER TB 1 119.54 45.74 62.08
C SER TB 1 118.16 46.27 62.46
N ALA TB 2 117.67 47.25 61.70
CA ALA TB 2 116.40 47.91 61.97
C ALA TB 2 115.37 47.38 60.97
N LYS TB 3 114.39 46.64 61.48
CA LYS TB 3 113.35 46.02 60.66
C LYS TB 3 112.04 46.16 61.42
N ILE TB 4 111.28 47.21 61.11
CA ILE TB 4 110.04 47.49 61.81
C ILE TB 4 108.81 47.26 60.93
N VAL TB 5 108.95 47.23 59.62
CA VAL TB 5 107.83 47.06 58.71
C VAL TB 5 108.10 45.81 57.86
N LYS TB 6 107.72 44.64 58.41
CA LYS TB 6 107.79 43.36 57.74
C LYS TB 6 106.99 42.31 58.51
N PRO TB 7 105.68 42.25 58.32
CA PRO TB 7 104.93 41.10 58.85
C PRO TB 7 104.68 40.02 57.81
N ASN TB 8 104.83 38.76 58.22
CA ASN TB 8 104.40 37.60 57.44
C ASN TB 8 104.30 36.40 58.38
N GLY TB 9 104.04 35.22 57.80
CA GLY TB 9 103.79 34.05 58.62
C GLY TB 9 104.99 33.62 59.45
N GLU TB 10 106.17 33.59 58.83
CA GLU TB 10 107.38 33.24 59.55
C GLU TB 10 108.02 34.49 60.14
N LYS TB 11 108.92 34.26 61.09
CA LYS TB 11 109.58 35.37 61.78
C LYS TB 11 110.76 35.97 61.01
N PRO TB 12 111.74 35.18 60.50
CA PRO TB 12 112.96 35.81 59.98
C PRO TB 12 112.78 36.48 58.61
N ASP TB 13 113.89 36.97 58.06
CA ASP TB 13 113.92 37.54 56.73
C ASP TB 13 115.37 37.53 56.24
N GLU TB 14 115.52 37.57 54.91
CA GLU TB 14 116.84 37.72 54.29
C GLU TB 14 116.72 38.75 53.18
N PHE TB 15 117.50 39.83 53.32
CA PHE TB 15 117.58 40.95 52.37
C PHE TB 15 116.30 41.79 52.40
N GLU TB 16 115.26 41.28 53.06
CA GLU TB 16 114.03 42.05 53.22
C GLU TB 16 114.16 43.05 54.36
N SER TB 17 115.09 42.80 55.28
CA SER TB 17 115.47 43.82 56.25
C SER TB 17 115.99 45.06 55.54
N GLY TB 18 116.69 44.88 54.42
CA GLY TB 18 117.17 46.01 53.66
C GLY TB 18 116.05 46.83 53.06
N ILE TB 19 115.03 46.18 52.49
CA ILE TB 19 113.94 46.94 51.90
C ILE TB 19 113.05 47.58 52.96
N SER TB 20 112.83 46.89 54.08
CA SER TB 20 112.12 47.50 55.20
C SER TB 20 112.91 48.68 55.76
N GLN TB 21 114.23 48.56 55.80
CA GLN TB 21 115.09 49.67 56.18
C GLN TB 21 114.85 50.85 55.26
N ALA TB 22 115.11 50.66 53.96
CA ALA TB 22 114.90 51.72 52.98
C ALA TB 22 113.54 52.37 53.10
N LEU TB 23 112.50 51.58 53.39
CA LEU TB 23 111.20 52.17 53.68
C LEU TB 23 111.19 52.98 54.98
N LEU TB 24 111.93 52.56 56.02
CA LEU TB 24 111.85 53.31 57.26
C LEU TB 24 112.63 54.63 57.20
N GLU TB 25 113.85 54.64 56.63
CA GLU TB 25 114.48 55.92 56.35
C GLU TB 25 114.02 56.53 55.04
N LEU TB 26 112.92 56.05 54.47
CA LEU TB 26 112.11 56.88 53.59
C LEU TB 26 111.30 57.91 54.41
N GLU TB 27 111.59 58.01 55.71
CA GLU TB 27 111.08 59.05 56.58
C GLU TB 27 111.39 60.44 56.01
N MET TB 28 110.66 61.44 56.50
CA MET TB 28 110.79 62.86 56.12
C MET TB 28 110.83 63.03 54.60
N ASN TB 29 109.96 62.30 53.92
CA ASN TB 29 109.81 62.42 52.48
C ASN TB 29 108.79 63.51 52.16
N SER TB 30 108.33 63.56 50.90
CA SER TB 30 107.39 64.59 50.46
C SER TB 30 105.98 64.21 50.91
N ASP TB 31 105.79 64.26 52.23
CA ASP TB 31 104.49 64.00 52.88
C ASP TB 31 103.92 62.65 52.47
N LEU TB 32 104.77 61.62 52.49
CA LEU TB 32 104.37 60.27 52.15
C LEU TB 32 104.26 59.36 53.35
N LYS TB 33 105.02 59.63 54.42
CA LYS TB 33 104.96 58.80 55.62
C LYS TB 33 103.60 58.85 56.30
N ALA TB 34 102.86 59.94 56.13
CA ALA TB 34 101.54 60.05 56.77
C ALA TB 34 100.60 58.96 56.28
N GLN TB 35 100.60 58.68 54.98
CA GLN TB 35 99.82 57.60 54.41
C GLN TB 35 100.62 56.32 54.20
N LEU TB 36 101.89 56.31 54.61
CA LEU TB 36 102.73 55.13 54.47
C LEU TB 36 102.95 54.38 55.78
N ARG TB 37 102.73 55.03 56.93
CA ARG TB 37 103.09 54.38 58.19
C ARG TB 37 102.08 53.29 58.59
N GLU TB 38 100.83 53.40 58.14
CA GLU TB 38 99.85 52.36 58.42
C GLU TB 38 100.00 51.15 57.51
N LEU TB 39 101.05 51.13 56.69
CA LEU TB 39 101.24 50.16 55.62
C LEU TB 39 102.31 49.15 56.02
N ASN TB 40 102.31 48.00 55.34
CA ASN TB 40 103.29 46.97 55.68
C ASN TB 40 103.63 46.14 54.44
N ILE TB 41 104.70 45.36 54.56
CA ILE TB 41 105.27 44.59 53.47
C ILE TB 41 105.33 43.12 53.88
N THR TB 42 104.86 42.25 52.99
CA THR TB 42 104.88 40.82 53.30
C THR TB 42 106.26 40.21 53.05
N ALA TB 43 106.84 40.46 51.88
CA ALA TB 43 108.12 39.85 51.53
C ALA TB 43 108.76 40.65 50.40
N ALA TB 44 109.99 40.27 50.05
CA ALA TB 44 110.70 40.88 48.94
C ALA TB 44 111.63 39.85 48.31
N LYS TB 45 111.92 40.04 47.03
CA LYS TB 45 112.73 39.09 46.28
C LYS TB 45 113.50 39.78 45.18
N GLU TB 46 114.81 39.52 45.11
CA GLU TB 46 115.66 39.99 44.04
C GLU TB 46 115.86 38.91 43.00
N ILE TB 47 115.64 39.25 41.73
CA ILE TB 47 115.87 38.31 40.64
C ILE TB 47 116.66 39.00 39.54
N GLU TB 48 117.26 38.16 38.69
CA GLU TB 48 118.06 38.61 37.55
C GLU TB 48 117.21 38.58 36.29
N VAL TB 49 117.17 39.69 35.57
CA VAL TB 49 116.41 39.80 34.34
C VAL TB 49 117.27 40.48 33.28
N GLY TB 50 116.90 40.27 32.02
CA GLY TB 50 117.58 40.92 30.91
C GLY TB 50 119.03 40.52 30.76
N GLY TB 51 119.92 41.48 30.98
CA GLY TB 51 121.35 41.23 30.90
C GLY TB 51 121.96 41.06 32.27
N GLY TB 52 122.58 42.12 32.80
CA GLY TB 52 123.05 42.14 34.16
C GLY TB 52 122.17 43.02 35.03
N ARG TB 53 120.86 42.93 34.81
CA ARG TB 53 119.90 43.85 35.39
C ARG TB 53 119.12 43.14 36.50
N LYS TB 54 118.84 43.87 37.57
CA LYS TB 54 118.18 43.30 38.74
C LYS TB 54 116.78 43.88 38.92
N ALA TB 55 115.84 43.01 39.28
CA ALA TB 55 114.48 43.40 39.56
C ALA TB 55 114.11 42.98 40.99
N ILE TB 56 113.57 43.92 41.74
CA ILE TB 56 113.10 43.67 43.10
C ILE TB 56 111.57 43.61 43.08
N ILE TB 57 111.02 42.56 43.66
CA ILE TB 57 109.60 42.30 43.71
C ILE TB 57 109.18 42.37 45.16
N ILE TB 58 108.20 43.22 45.46
CA ILE TB 58 107.75 43.47 46.82
C ILE TB 58 106.34 42.93 46.97
N PHE TB 59 106.17 41.93 47.83
CA PHE TB 59 104.89 41.29 48.06
C PHE TB 59 104.16 41.98 49.20
N VAL TB 60 102.85 42.09 49.04
CA VAL TB 60 102.05 43.01 49.85
C VAL TB 60 100.74 42.31 50.20
N PRO TB 61 100.07 42.76 51.27
CA PRO TB 61 98.76 42.18 51.59
C PRO TB 61 97.70 42.59 50.60
N VAL TB 62 96.79 41.64 50.33
CA VAL TB 62 95.66 41.92 49.45
C VAL TB 62 94.79 43.07 49.95
N PRO TB 63 94.42 43.16 51.24
CA PRO TB 63 93.61 44.31 51.67
C PRO TB 63 94.26 45.65 51.44
N GLN TB 64 95.58 45.75 51.54
CA GLN TB 64 96.27 47.03 51.36
C GLN TB 64 96.84 47.19 49.95
N LEU TB 65 96.59 46.25 49.06
CA LEU TB 65 97.07 46.38 47.69
C LEU TB 65 96.50 47.64 47.01
N LYS TB 66 95.22 47.93 47.25
CA LYS TB 66 94.61 49.10 46.64
C LYS TB 66 95.23 50.40 47.15
N SER TB 67 95.48 50.47 48.47
CA SER TB 67 96.14 51.65 49.02
C SER TB 67 97.57 51.78 48.51
N PHE TB 68 98.25 50.66 48.33
CA PHE TB 68 99.59 50.69 47.74
C PHE TB 68 99.55 51.19 46.31
N GLN TB 69 98.55 50.77 45.53
CA GLN TB 69 98.43 51.25 44.16
C GLN TB 69 98.09 52.73 44.11
N LYS TB 70 97.29 53.21 45.07
CA LYS TB 70 96.87 54.61 45.08
C LYS TB 70 98.05 55.57 45.17
N ILE TB 71 99.18 55.12 45.75
CA ILE TB 71 100.39 55.93 45.82
C ILE TB 71 101.56 55.28 45.11
N GLN TB 72 101.34 54.17 44.40
CA GLN TB 72 102.46 53.36 43.90
C GLN TB 72 103.30 54.13 42.90
N VAL TB 73 102.66 54.85 41.98
CA VAL TB 73 103.38 55.61 40.96
C VAL TB 73 104.33 56.62 41.58
N ARG TB 74 104.08 57.02 42.83
CA ARG TB 74 104.92 58.03 43.47
C ARG TB 74 106.22 57.42 43.98
N LEU TB 75 106.12 56.44 44.88
CA LEU TB 75 107.31 55.99 45.61
C LEU TB 75 108.16 55.00 44.81
N VAL TB 76 107.72 54.55 43.64
CA VAL TB 76 108.56 53.66 42.84
C VAL TB 76 109.84 54.36 42.43
N ARG TB 77 109.74 55.63 42.02
CA ARG TB 77 110.95 56.37 41.66
C ARG TB 77 111.86 56.58 42.86
N GLU TB 78 111.29 56.80 44.05
CA GLU TB 78 112.10 56.93 45.25
C GLU TB 78 112.85 55.64 45.56
N LEU TB 79 112.14 54.50 45.48
CA LEU TB 79 112.79 53.22 45.72
C LEU TB 79 113.85 52.93 44.68
N GLU TB 80 113.63 53.35 43.43
CA GLU TB 80 114.65 53.15 42.40
C GLU TB 80 115.86 54.02 42.62
N LYS TB 81 115.67 55.26 43.08
CA LYS TB 81 116.81 56.09 43.45
C LYS TB 81 117.57 55.49 44.63
N LYS TB 82 116.84 54.89 45.58
CA LYS TB 82 117.50 54.15 46.65
C LYS TB 82 118.32 53.00 46.10
N PHE TB 83 117.74 52.22 45.19
CA PHE TB 83 118.39 51.08 44.56
C PHE TB 83 118.48 51.39 43.07
N SER TB 84 119.49 52.17 42.69
CA SER TB 84 119.69 52.51 41.30
C SER TB 84 120.10 51.30 40.48
N GLY TB 85 119.73 51.30 39.21
CA GLY TB 85 120.03 50.18 38.33
C GLY TB 85 119.14 48.97 38.51
N LYS TB 86 118.09 49.09 39.31
CA LYS TB 86 117.18 47.99 39.58
C LYS TB 86 115.75 48.46 39.37
N HIS TB 87 114.88 47.54 38.96
CA HIS TB 87 113.48 47.89 38.71
C HIS TB 87 112.58 47.30 39.78
N VAL TB 88 111.66 48.12 40.28
CA VAL TB 88 110.84 47.79 41.45
C VAL TB 88 109.43 47.47 40.97
N VAL TB 89 108.87 46.36 41.46
CA VAL TB 89 107.49 46.00 41.16
C VAL TB 89 106.79 45.58 42.45
N PHE TB 90 105.48 45.82 42.49
CA PHE TB 90 104.66 45.56 43.67
C PHE TB 90 103.62 44.49 43.32
N ILE TB 91 103.64 43.37 44.06
CA ILE TB 91 102.78 42.23 43.79
C ILE TB 91 102.10 41.84 45.10
N ALA TB 92 100.83 41.44 45.01
CA ALA TB 92 100.08 41.00 46.18
C ALA TB 92 100.19 39.49 46.32
N GLN TB 93 100.42 39.04 47.56
CA GLN TB 93 100.43 37.61 47.85
C GLN TB 93 99.00 37.09 47.85
N ARG TB 94 98.72 36.08 47.03
CA ARG TB 94 97.36 35.65 46.78
C ARG TB 94 97.02 34.26 47.31
N ARG TB 95 98.01 33.48 47.75
CA ARG TB 95 97.76 32.24 48.48
C ARG TB 95 96.91 31.27 47.67
N ILE TB 96 97.50 30.76 46.59
CA ILE TB 96 96.83 29.78 45.74
C ILE TB 96 96.39 28.57 46.55
N LEU TB 97 95.11 28.24 46.45
CA LEU TB 97 94.64 27.04 47.12
C LEU TB 97 94.60 25.86 46.15
N PRO TB 98 95.06 24.69 46.58
CA PRO TB 98 95.13 23.55 45.66
C PRO TB 98 93.77 23.10 45.19
N LYS TB 99 93.74 22.55 43.99
CA LYS TB 99 92.50 22.03 43.42
C LYS TB 99 92.06 20.79 44.19
N PRO TB 100 90.81 20.74 44.65
CA PRO TB 100 90.38 19.59 45.44
C PRO TB 100 90.28 18.30 44.63
N THR TB 101 91.19 17.38 44.88
CA THR TB 101 91.17 16.09 44.21
C THR TB 101 90.28 15.13 44.99
N ARG TB 102 90.25 13.86 44.59
CA ARG TB 102 89.46 12.86 45.28
C ARG TB 102 90.17 12.30 46.51
N LYS TB 103 91.39 12.72 46.78
CA LYS TB 103 92.13 12.19 47.92
C LYS TB 103 92.23 13.23 49.04
N LYS TB 104 88.56 16.93 59.23
CA LYS TB 104 88.23 16.31 57.95
C LYS TB 104 87.13 17.10 57.25
N ASN TB 105 87.30 18.42 57.21
CA ASN TB 105 86.26 19.30 56.68
C ASN TB 105 86.92 20.57 56.15
N LYS TB 106 86.93 20.71 54.83
CA LYS TB 106 87.43 21.91 54.17
C LYS TB 106 86.29 22.60 53.44
N GLN TB 107 86.27 23.92 53.52
CA GLN TB 107 85.22 24.70 52.88
C GLN TB 107 85.42 24.71 51.37
N LYS TB 108 84.38 25.15 50.66
CA LYS TB 108 84.47 25.29 49.22
C LYS TB 108 85.55 26.30 48.86
N ARG TB 109 86.41 25.92 47.93
CA ARG TB 109 87.52 26.78 47.55
C ARG TB 109 86.99 28.03 46.86
N PRO TB 110 87.34 29.22 47.32
CA PRO TB 110 86.89 30.43 46.62
C PRO TB 110 87.51 30.51 45.25
N ARG TB 111 86.77 31.11 44.32
CA ARG TB 111 87.30 31.29 42.97
C ARG TB 111 88.49 32.24 42.96
N SER TB 112 88.55 33.15 43.93
CA SER TB 112 89.67 34.08 44.01
C SER TB 112 90.97 33.36 44.35
N ARG TB 113 90.88 32.22 45.03
CA ARG TB 113 92.06 31.43 45.37
C ARG TB 113 92.47 30.48 44.27
N THR TB 114 91.67 30.34 43.22
CA THR TB 114 92.05 29.47 42.11
C THR TB 114 93.26 30.03 41.39
N LEU TB 115 93.99 29.14 40.73
CA LEU TB 115 95.31 29.49 40.23
C LEU TB 115 95.24 30.39 39.00
N THR TB 116 94.26 30.18 38.12
CA THR TB 116 94.11 31.06 36.97
C THR TB 116 93.78 32.48 37.42
N ALA TB 117 92.87 32.62 38.39
CA ALA TB 117 92.53 33.92 38.94
C ALA TB 117 93.74 34.57 39.60
N VAL TB 118 94.54 33.80 40.33
CA VAL TB 118 95.74 34.36 40.93
C VAL TB 118 96.69 34.85 39.86
N HIS TB 119 96.88 34.06 38.79
CA HIS TB 119 97.87 34.42 37.79
C HIS TB 119 97.46 35.66 37.01
N ASP TB 120 96.20 35.74 36.56
CA ASP TB 120 95.87 36.96 35.83
C ASP TB 120 95.72 38.16 36.77
N ALA TB 121 95.39 37.94 38.05
CA ALA TB 121 95.39 39.05 38.99
C ALA TB 121 96.79 39.61 39.20
N ILE TB 122 97.78 38.74 39.36
CA ILE TB 122 99.14 39.24 39.58
C ILE TB 122 99.69 39.83 38.29
N LEU TB 123 99.31 39.28 37.14
CA LEU TB 123 99.68 39.92 35.88
C LEU TB 123 99.09 41.32 35.78
N GLU TB 124 97.86 41.49 36.25
CA GLU TB 124 97.24 42.81 36.20
C GLU TB 124 97.92 43.79 37.14
N ASP TB 125 98.20 43.37 38.36
CA ASP TB 125 98.81 44.29 39.31
C ASP TB 125 100.31 44.47 39.10
N LEU TB 126 100.92 43.68 38.23
CA LEU TB 126 102.33 43.87 37.92
C LEU TB 126 102.56 45.09 37.03
N VAL TB 127 101.59 45.44 36.20
CA VAL TB 127 101.76 46.48 35.18
C VAL TB 127 100.97 47.71 35.59
N PHE TB 128 100.87 47.94 36.89
CA PHE TB 128 99.85 48.85 37.43
C PHE TB 128 99.78 50.23 36.80
N PRO TB 129 100.88 50.94 36.50
CA PRO TB 129 100.73 52.23 35.81
C PRO TB 129 99.99 52.13 34.48
N SER TB 130 99.94 50.95 33.88
CA SER TB 130 99.13 50.68 32.71
C SER TB 130 97.98 49.73 33.07
N GLU TB 131 97.21 49.36 32.06
CA GLU TB 131 96.15 48.38 32.21
C GLU TB 131 96.18 47.43 31.02
N ILE TB 132 95.70 46.22 31.23
CA ILE TB 132 95.55 45.26 30.14
C ILE TB 132 94.31 45.60 29.35
N VAL TB 133 94.49 45.97 28.08
CA VAL TB 133 93.37 46.21 27.18
C VAL TB 133 93.04 44.99 26.35
N GLY TB 134 93.89 43.98 26.34
CA GLY TB 134 93.64 42.76 25.59
C GLY TB 134 94.68 41.69 25.87
N LYS TB 135 94.31 40.44 25.68
CA LYS TB 135 95.22 39.32 25.91
C LYS TB 135 95.08 38.31 24.79
N ARG TB 136 96.21 37.77 24.36
CA ARG TB 136 96.24 36.74 23.33
C ARG TB 136 97.15 35.62 23.80
N ILE TB 137 96.82 34.39 23.43
CA ILE TB 137 97.66 33.24 23.75
C ILE TB 137 97.97 32.51 22.46
N ARG TB 138 99.26 32.40 22.13
CA ARG TB 138 99.73 31.71 20.94
C ARG TB 138 100.28 30.34 21.33
N VAL TB 139 99.88 29.31 20.59
CA VAL TB 139 100.39 27.96 20.78
C VAL TB 139 101.43 27.72 19.69
N LYS TB 140 102.68 27.57 20.09
CA LYS TB 140 103.81 27.70 19.15
C LYS TB 140 104.24 26.34 18.61
N LEU TB 141 103.28 25.64 17.99
CA LEU TB 141 103.54 24.50 17.11
C LEU TB 141 104.14 23.30 17.83
N ASP TB 142 104.41 23.42 19.12
CA ASP TB 142 104.94 22.31 19.89
C ASP TB 142 104.28 22.20 21.26
N GLY TB 143 103.13 22.84 21.45
CA GLY TB 143 102.43 22.83 22.71
C GLY TB 143 102.79 23.96 23.65
N SER TB 144 103.92 24.62 23.43
CA SER TB 144 104.30 25.73 24.27
C SER TB 144 103.35 26.91 24.05
N ARG TB 145 103.08 27.65 25.12
CA ARG TB 145 102.18 28.80 25.07
C ARG TB 145 102.97 30.07 25.31
N LEU TB 146 102.62 31.12 24.57
CA LEU TB 146 103.19 32.44 24.76
C LEU TB 146 102.05 33.44 24.84
N ILE TB 147 102.02 34.25 25.90
CA ILE TB 147 100.92 35.17 26.13
C ILE TB 147 101.36 36.58 25.75
N LYS TB 148 100.64 37.18 24.81
CA LYS TB 148 100.86 38.57 24.43
C LYS TB 148 99.85 39.44 25.14
N VAL TB 149 100.34 40.47 25.82
CA VAL TB 149 99.52 41.36 26.64
C VAL TB 149 99.54 42.74 26.01
N HIS TB 150 98.35 43.28 25.76
CA HIS TB 150 98.20 44.58 25.12
C HIS TB 150 97.97 45.62 26.21
N LEU TB 151 98.84 46.62 26.27
CA LEU TB 151 98.80 47.60 27.33
C LEU TB 151 98.01 48.84 26.88
N ASP TB 152 97.98 49.84 27.77
CA ASP TB 152 97.05 50.96 27.60
C ASP TB 152 97.35 51.79 26.37
N LYS TB 153 98.64 52.10 26.15
CA LYS TB 153 99.15 53.00 25.11
C LYS TB 153 98.81 54.45 25.48
N ALA TB 154 98.01 54.64 26.54
CA ALA TB 154 97.78 55.97 27.07
C ALA TB 154 99.05 56.54 27.68
N GLN TB 155 99.86 55.68 28.30
CA GLN TB 155 101.18 56.05 28.78
C GLN TB 155 102.23 55.21 28.08
N GLN TB 156 103.30 55.88 27.64
CA GLN TB 156 104.43 55.22 27.00
C GLN TB 156 105.74 55.84 27.47
N ASN TB 157 105.78 56.33 28.70
CA ASN TB 157 106.95 56.99 29.24
C ASN TB 157 107.64 56.23 30.36
N ASN TB 158 106.93 55.30 31.01
CA ASN TB 158 107.46 54.66 32.21
C ASN TB 158 107.24 53.16 32.26
N VAL TB 159 106.78 52.53 31.18
CA VAL TB 159 106.55 51.09 31.17
C VAL TB 159 107.24 50.47 29.96
N GLU TB 160 107.50 51.29 28.94
CA GLU TB 160 108.15 50.80 27.74
C GLU TB 160 109.58 50.34 28.01
N HIS TB 161 110.19 50.80 29.10
CA HIS TB 161 111.50 50.31 29.48
C HIS TB 161 111.45 49.21 30.54
N LYS TB 162 110.27 48.95 31.11
CA LYS TB 162 110.11 47.90 32.11
C LYS TB 162 109.35 46.69 31.58
N VAL TB 163 108.98 46.69 30.30
CA VAL TB 163 108.31 45.51 29.75
C VAL TB 163 109.18 44.25 29.89
N GLU TB 164 110.49 44.37 29.68
CA GLU TB 164 111.38 43.22 29.80
C GLU TB 164 111.42 42.69 31.24
N THR TB 165 111.51 43.59 32.22
CA THR TB 165 111.49 43.15 33.60
C THR TB 165 110.14 42.57 33.99
N PHE TB 166 109.06 43.09 33.41
CA PHE TB 166 107.75 42.52 33.63
C PHE TB 166 107.70 41.08 33.14
N SER TB 167 108.19 40.83 31.94
CA SER TB 167 108.24 39.47 31.42
C SER TB 167 109.12 38.58 32.30
N GLY TB 168 110.25 39.12 32.75
CA GLY TB 168 111.15 38.33 33.59
C GLY TB 168 110.53 37.94 34.91
N VAL TB 169 109.89 38.90 35.60
CA VAL TB 169 109.31 38.57 36.90
C VAL TB 169 108.11 37.65 36.74
N TYR TB 170 107.32 37.84 35.67
CA TYR TB 170 106.19 36.93 35.46
C TYR TB 170 106.68 35.52 35.17
N LYS TB 171 107.74 35.36 34.39
CA LYS TB 171 108.32 34.03 34.19
C LYS TB 171 108.89 33.49 35.50
N LYS TB 172 109.46 34.35 36.33
CA LYS TB 172 110.10 33.89 37.56
C LYS TB 172 109.08 33.35 38.55
N LEU TB 173 108.00 34.09 38.78
CA LEU TB 173 107.04 33.69 39.81
C LEU TB 173 105.74 33.14 39.24
N THR TB 174 105.69 32.86 37.95
CA THR TB 174 104.55 32.19 37.35
C THR TB 174 104.95 31.00 36.50
N GLY TB 175 106.05 31.09 35.76
CA GLY TB 175 106.56 29.99 34.99
C GLY TB 175 106.15 29.92 33.54
N LYS TB 176 105.52 30.96 33.01
CA LYS TB 176 105.07 30.97 31.62
C LYS TB 176 105.59 32.22 30.90
N ASP TB 177 105.70 32.10 29.57
CA ASP TB 177 106.29 33.15 28.76
C ASP TB 177 105.25 34.18 28.38
N VAL TB 178 105.55 35.45 28.65
CA VAL TB 178 104.66 36.56 28.36
C VAL TB 178 105.45 37.68 27.71
N ASN TB 179 104.94 38.18 26.58
CA ASN TB 179 105.46 39.37 25.93
C ASN TB 179 104.41 40.47 25.99
N PHE TB 180 104.88 41.71 26.01
CA PHE TB 180 104.02 42.88 26.15
C PHE TB 180 104.13 43.74 24.91
N GLU TB 181 103.02 44.39 24.55
CA GLU TB 181 103.01 45.25 23.38
C GLU TB 181 101.92 46.30 23.53
N PHE TB 182 102.06 47.36 22.75
CA PHE TB 182 101.17 48.50 22.80
C PHE TB 182 100.42 48.62 21.48
N PRO TB 183 99.14 48.32 21.42
CA PRO TB 183 98.42 48.39 20.15
C PRO TB 183 98.10 49.85 19.81
N GLU TB 184 97.50 50.04 18.65
CA GLU TB 184 97.10 51.36 18.18
C GLU TB 184 95.78 51.73 18.85
N PHE TB 185 95.17 52.82 18.39
CA PHE TB 185 93.89 53.24 18.94
C PHE TB 185 92.79 52.23 18.61
N GLN TB 186 91.81 52.14 19.50
CA GLN TB 186 90.73 51.19 19.35
C GLN TB 186 89.37 51.90 19.30
N GLY UB 1 45.99 -28.65 51.74
CA GLY UB 1 45.27 -28.18 52.90
C GLY UB 1 45.45 -26.70 53.14
N ILE UB 2 45.55 -26.33 54.41
CA ILE UB 2 45.84 -24.94 54.74
C ILE UB 2 47.26 -24.62 54.30
N SER UB 3 47.42 -23.57 53.50
CA SER UB 3 48.67 -23.30 52.83
C SER UB 3 49.24 -21.97 53.31
N ARG UB 4 50.56 -21.93 53.50
CA ARG UB 4 51.27 -20.75 53.92
C ARG UB 4 52.11 -20.16 52.80
N ASP UB 5 51.69 -20.36 51.57
CA ASP UB 5 52.46 -19.87 50.44
C ASP UB 5 52.30 -18.35 50.31
N ASN UB 6 53.26 -17.74 49.63
CA ASN UB 6 53.18 -16.33 49.28
C ASN UB 6 52.62 -16.09 47.90
N TRP UB 7 52.52 -17.12 47.06
CA TRP UB 7 52.12 -16.89 45.68
C TRP UB 7 50.62 -16.78 45.48
N HIS UB 8 49.81 -17.12 46.49
CA HIS UB 8 48.38 -16.92 46.35
C HIS UB 8 47.97 -15.48 46.61
N LYS UB 9 48.88 -14.64 47.05
CA LYS UB 9 48.61 -13.23 47.32
C LYS UB 9 48.81 -12.40 46.05
N ARG UB 10 48.17 -11.24 46.03
CA ARG UB 10 48.36 -10.33 44.93
C ARG UB 10 49.75 -9.72 44.96
N ARG UB 11 50.22 -9.29 43.80
CA ARG UB 11 51.51 -8.64 43.71
C ARG UB 11 51.46 -7.28 44.40
N LYS UB 12 52.65 -6.75 44.71
CA LYS UB 12 52.72 -5.44 45.37
C LYS UB 12 52.04 -4.37 44.54
N THR UB 13 52.18 -4.46 43.22
CA THR UB 13 51.49 -3.55 42.31
C THR UB 13 49.98 -3.74 42.31
N GLY UB 14 49.48 -4.83 42.87
CA GLY UB 14 48.07 -5.14 42.84
C GLY UB 14 47.68 -6.13 41.77
N GLY UB 15 48.60 -6.53 40.91
CA GLY UB 15 48.28 -7.49 39.88
C GLY UB 15 48.09 -8.88 40.45
N LYS UB 16 47.25 -9.67 39.77
CA LYS UB 16 46.96 -11.01 40.23
C LYS UB 16 48.03 -11.98 39.75
N ARG UB 17 48.55 -12.78 40.67
CA ARG UB 17 49.61 -13.74 40.38
C ARG UB 17 49.02 -15.09 40.01
N LYS UB 18 49.62 -15.74 39.00
CA LYS UB 18 49.16 -17.07 38.67
C LYS UB 18 50.15 -18.10 39.17
N PRO UB 19 49.67 -19.18 39.80
CA PRO UB 19 50.60 -20.17 40.37
C PRO UB 19 51.25 -21.00 39.29
N TYR UB 20 52.55 -21.24 39.45
CA TYR UB 20 53.29 -22.09 38.52
C TYR UB 20 53.42 -23.52 39.00
N HIS UB 21 52.86 -23.85 40.17
CA HIS UB 21 52.80 -25.22 40.63
C HIS UB 21 51.61 -25.36 41.56
N LYS UB 22 51.24 -26.61 41.86
CA LYS UB 22 50.20 -26.87 42.82
C LYS UB 22 50.76 -26.74 44.23
N LYS UB 23 49.92 -27.01 45.22
CA LYS UB 23 50.33 -26.86 46.61
C LYS UB 23 51.39 -27.89 46.98
N ARG UB 24 52.48 -27.44 47.58
CA ARG UB 24 53.54 -28.31 48.05
C ARG UB 24 53.36 -28.58 49.54
N LYS UB 25 53.99 -29.67 50.01
CA LYS UB 25 53.79 -30.05 51.40
C LYS UB 25 54.52 -29.11 52.35
N TYR UB 26 55.75 -28.71 52.01
CA TYR UB 26 56.53 -27.91 52.94
C TYR UB 26 55.89 -26.57 53.24
N GLU UB 27 55.05 -26.05 52.35
CA GLU UB 27 54.30 -24.83 52.63
C GLU UB 27 52.91 -25.14 53.18
N LEU UB 28 52.81 -25.98 54.19
CA LEU UB 28 51.51 -26.32 54.75
C LEU UB 28 51.24 -25.54 56.02
N GLY UB 29 49.97 -25.48 56.39
CA GLY UB 29 49.57 -24.96 57.68
C GLY UB 29 48.69 -25.97 58.38
N ARG UB 30 48.58 -25.78 59.69
CA ARG UB 30 47.82 -26.71 60.52
C ARG UB 30 46.81 -25.91 61.35
N PRO UB 31 45.70 -26.55 61.74
CA PRO UB 31 44.68 -25.83 62.51
C PRO UB 31 45.23 -25.33 63.84
N ALA UB 32 44.67 -24.22 64.31
CA ALA UB 32 45.13 -23.60 65.55
C ALA UB 32 44.91 -24.52 66.74
N ALA UB 33 45.83 -24.45 67.69
CA ALA UB 33 45.69 -25.26 68.90
C ALA UB 33 44.50 -24.81 69.74
N ASN UB 34 44.33 -23.50 69.90
CA ASN UB 34 43.23 -22.92 70.68
C ASN UB 34 43.19 -23.48 72.09
N THR UB 35 44.27 -23.21 72.82
CA THR UB 35 44.47 -23.81 74.13
C THR UB 35 43.45 -23.25 75.13
N LYS UB 36 42.73 -24.15 75.80
CA LYS UB 36 41.76 -23.78 76.80
C LYS UB 36 42.35 -24.00 78.19
N ILE UB 37 41.52 -23.83 79.21
CA ILE UB 37 41.91 -24.06 80.59
C ILE UB 37 41.13 -25.26 81.10
N GLY UB 38 41.83 -26.25 81.63
CA GLY UB 38 41.20 -27.44 82.13
C GLY UB 38 42.22 -28.50 82.46
N PRO UB 39 41.77 -29.74 82.67
CA PRO UB 39 42.72 -30.84 82.89
C PRO UB 39 43.65 -31.00 81.71
N ARG UB 40 44.89 -31.38 82.01
CA ARG UB 40 45.95 -31.37 81.01
C ARG UB 40 45.59 -32.27 79.82
N ARG UB 41 45.73 -31.72 78.62
CA ARG UB 41 45.57 -32.49 77.39
C ARG UB 41 46.59 -31.95 76.41
N ILE UB 42 47.51 -32.81 75.97
CA ILE UB 42 48.54 -32.41 75.03
C ILE UB 42 48.62 -33.46 73.94
N HIS UB 43 48.43 -33.02 72.70
CA HIS UB 43 48.59 -33.87 71.53
C HIS UB 43 49.96 -33.66 70.94
N THR UB 44 50.44 -34.64 70.19
CA THR UB 44 51.74 -34.57 69.54
C THR UB 44 51.55 -34.60 68.03
N VAL UB 45 52.16 -33.65 67.34
CA VAL UB 45 52.17 -33.63 65.89
C VAL UB 45 53.61 -33.77 65.40
N ARG UB 46 53.78 -34.59 64.37
CA ARG UB 46 55.07 -34.69 63.71
C ARG UB 46 55.23 -33.54 62.73
N VAL UB 47 56.41 -32.93 62.73
CA VAL UB 47 56.63 -31.75 61.91
C VAL UB 47 57.76 -32.03 60.93
N ARG UB 48 58.14 -31.01 60.17
CA ARG UB 48 59.19 -31.15 59.17
C ARG UB 48 60.48 -31.64 59.81
N GLY UB 49 61.16 -32.56 59.15
CA GLY UB 49 62.38 -33.14 59.68
C GLY UB 49 62.16 -34.23 60.69
N GLY UB 50 60.94 -34.68 60.89
CA GLY UB 50 60.66 -35.71 61.86
C GLY UB 50 60.66 -35.24 63.29
N ASN UB 51 60.71 -33.94 63.53
CA ASN UB 51 60.73 -33.41 64.89
C ASN UB 51 59.31 -33.39 65.44
N LYS UB 52 59.17 -32.90 66.66
CA LYS UB 52 57.96 -33.04 67.45
C LYS UB 52 57.43 -31.67 67.84
N LYS UB 53 56.12 -31.49 67.76
CA LYS UB 53 55.47 -30.30 68.30
C LYS UB 53 54.33 -30.72 69.20
N TYR UB 54 54.13 -29.97 70.27
CA TYR UB 54 53.11 -30.26 71.26
C TYR UB 54 51.97 -29.26 71.12
N ARG UB 55 50.79 -29.77 70.80
CA ARG UB 55 49.57 -28.96 70.83
C ARG UB 55 48.97 -29.10 72.23
N ALA UB 56 49.13 -28.08 73.04
CA ALA UB 56 48.45 -28.04 74.33
C ALA UB 56 47.01 -27.67 74.07
N LEU UB 57 46.10 -28.66 74.09
CA LEU UB 57 44.70 -28.34 73.89
C LEU UB 57 44.07 -27.76 75.15
N ARG UB 58 44.47 -28.26 76.32
CA ARG UB 58 44.02 -27.73 77.60
C ARG UB 58 45.19 -27.70 78.57
N LEU UB 59 45.29 -26.62 79.33
CA LEU UB 59 46.32 -26.50 80.37
C LEU UB 59 45.71 -25.84 81.59
N ASP UB 60 46.23 -26.23 82.77
CA ASP UB 60 45.81 -25.64 84.02
C ASP UB 60 46.96 -25.20 84.91
N VAL UB 61 48.20 -25.60 84.61
CA VAL UB 61 49.36 -25.18 85.38
C VAL UB 61 50.33 -24.50 84.43
N GLY UB 62 51.21 -23.69 85.02
CA GLY UB 62 52.23 -23.01 84.26
C GLY UB 62 53.37 -22.59 85.15
N ASN UB 63 54.56 -22.50 84.57
CA ASN UB 63 55.74 -22.10 85.30
C ASN UB 63 55.90 -20.59 85.15
N PHE UB 64 55.64 -19.85 86.21
CA PHE UB 64 55.70 -18.40 86.16
C PHE UB 64 56.78 -17.88 87.10
N SER UB 65 57.49 -16.86 86.64
CA SER UB 65 58.62 -16.29 87.35
C SER UB 65 58.29 -14.89 87.84
N TRP UB 66 58.64 -14.60 89.10
CA TRP UB 66 58.41 -13.28 89.66
C TRP UB 66 59.30 -12.24 89.00
N GLY UB 67 60.59 -12.52 88.89
CA GLY UB 67 61.50 -11.61 88.23
C GLY UB 67 62.17 -10.65 89.19
N SER UB 68 61.39 -9.78 89.83
CA SER UB 68 61.96 -8.86 90.81
C SER UB 68 62.55 -9.62 91.99
N GLU UB 69 61.86 -10.67 92.43
CA GLU UB 69 62.34 -11.51 93.52
C GLU UB 69 63.10 -12.74 93.02
N CYS UB 70 63.11 -12.98 91.71
CA CYS UB 70 63.79 -14.13 91.10
C CYS UB 70 63.31 -15.45 91.69
N CYS UB 71 62.01 -15.54 91.96
CA CYS UB 71 61.37 -16.76 92.43
C CYS UB 71 60.48 -17.30 91.33
N THR UB 72 60.74 -18.53 90.89
CA THR UB 72 60.05 -19.10 89.74
C THR UB 72 59.35 -20.38 90.18
N ARG UB 73 58.02 -20.41 90.08
CA ARG UB 73 57.25 -21.51 90.63
C ARG UB 73 56.23 -22.03 89.62
N LYS UB 74 55.89 -23.30 89.77
CA LYS UB 74 54.86 -23.95 88.98
C LYS UB 74 53.52 -23.76 89.69
N THR UB 75 52.69 -22.87 89.16
CA THR UB 75 51.43 -22.53 89.79
C THR UB 75 50.26 -22.91 88.89
N ARG UB 76 49.05 -22.57 89.34
CA ARG UB 76 47.82 -22.92 88.66
C ARG UB 76 47.25 -21.68 88.00
N ILE UB 77 46.86 -21.81 86.73
CA ILE UB 77 46.20 -20.73 86.00
C ILE UB 77 44.71 -20.80 86.27
N ILE UB 78 44.13 -19.69 86.72
CA ILE UB 78 42.71 -19.66 87.03
C ILE UB 78 41.90 -19.29 85.79
N ASP UB 79 42.15 -18.12 85.21
CA ASP UB 79 41.44 -17.71 84.01
C ASP UB 79 42.21 -16.59 83.31
N VAL UB 80 41.76 -16.29 82.09
CA VAL UB 80 42.33 -15.22 81.27
C VAL UB 80 41.54 -13.95 81.51
N VAL UB 81 42.24 -12.84 81.72
CA VAL UB 81 41.59 -11.58 82.02
C VAL UB 81 41.71 -10.55 80.91
N TYR UB 82 42.74 -10.64 80.07
CA TYR UB 82 42.92 -9.64 79.02
C TYR UB 82 43.74 -10.26 77.91
N ASN UB 83 43.50 -9.79 76.69
CA ASN UB 83 44.23 -10.24 75.51
C ASN UB 83 44.32 -9.08 74.53
N ALA UB 84 45.54 -8.75 74.13
CA ALA UB 84 45.75 -7.60 73.26
C ALA UB 84 45.20 -7.84 71.86
N SER UB 85 45.28 -9.08 71.38
CA SER UB 85 44.84 -9.37 70.02
C SER UB 85 43.33 -9.33 69.90
N ASN UB 86 42.64 -10.21 70.62
CA ASN UB 86 41.20 -10.34 70.46
C ASN UB 86 40.52 -10.46 71.81
N ASN UB 87 39.39 -9.78 71.95
CA ASN UB 87 38.54 -9.91 73.13
C ASN UB 87 37.90 -11.29 73.20
N GLU UB 88 37.64 -11.90 72.03
CA GLU UB 88 37.04 -13.21 72.00
C GLU UB 88 37.94 -14.26 72.64
N LEU UB 89 39.25 -14.07 72.57
CA LEU UB 89 40.16 -14.98 73.25
C LEU UB 89 39.99 -14.91 74.76
N VAL UB 90 39.77 -13.71 75.31
CA VAL UB 90 39.46 -13.60 76.73
C VAL UB 90 38.14 -14.29 77.04
N ARG UB 91 37.13 -14.06 76.20
CA ARG UB 91 35.81 -14.61 76.51
C ARG UB 91 35.83 -16.14 76.47
N THR UB 92 36.52 -16.71 75.50
CA THR UB 92 36.63 -18.17 75.40
C THR UB 92 37.75 -18.74 76.25
N LYS UB 93 38.50 -17.88 76.96
CA LYS UB 93 39.57 -18.30 77.87
C LYS UB 93 40.65 -19.08 77.12
N THR UB 94 41.12 -18.49 76.02
CA THR UB 94 42.12 -19.12 75.18
C THR UB 94 43.51 -18.64 75.59
N LEU UB 95 44.39 -19.60 75.88
CA LEU UB 95 45.75 -19.28 76.33
C LEU UB 95 46.65 -19.15 75.10
N VAL UB 96 47.16 -17.94 74.87
CA VAL UB 96 48.06 -17.69 73.75
C VAL UB 96 49.33 -17.05 74.30
N LYS UB 97 50.22 -16.63 73.40
CA LYS UB 97 51.58 -16.28 73.80
C LYS UB 97 51.61 -15.02 74.66
N ASN UB 98 50.74 -14.06 74.41
CA ASN UB 98 50.82 -12.79 75.13
C ASN UB 98 49.60 -12.47 75.98
N CYS UB 99 48.62 -13.35 76.06
CA CYS UB 99 47.48 -13.09 76.91
C CYS UB 99 47.89 -13.14 78.37
N ILE UB 100 47.31 -12.28 79.19
CA ILE UB 100 47.61 -12.23 80.62
C ILE UB 100 46.51 -12.97 81.36
N VAL UB 101 46.92 -13.71 82.40
CA VAL UB 101 46.05 -14.63 83.10
C VAL UB 101 46.15 -14.35 84.60
N LEU UB 102 45.28 -15.01 85.35
CA LEU UB 102 45.31 -14.98 86.81
C LEU UB 102 45.89 -16.30 87.29
N ILE UB 103 46.94 -16.21 88.10
CA ILE UB 103 47.63 -17.39 88.60
C ILE UB 103 47.59 -17.38 90.12
N ASP UB 104 47.67 -18.57 90.69
CA ASP UB 104 47.65 -18.73 92.14
C ASP UB 104 48.94 -18.19 92.73
N SER UB 105 48.82 -17.35 93.75
CA SER UB 105 49.98 -16.75 94.40
C SER UB 105 50.46 -17.54 95.60
N THR UB 106 49.92 -18.73 95.82
CA THR UB 106 50.31 -19.53 96.98
C THR UB 106 51.80 -19.88 97.00
N PRO UB 107 52.41 -20.38 95.92
CA PRO UB 107 53.85 -20.69 96.02
C PRO UB 107 54.72 -19.46 96.23
N TYR UB 108 54.37 -18.34 95.59
CA TYR UB 108 55.12 -17.11 95.79
C TYR UB 108 55.00 -16.62 97.22
N ARG UB 109 53.80 -16.71 97.81
CA ARG UB 109 53.65 -16.38 99.23
C ARG UB 109 54.50 -17.29 100.09
N GLN UB 110 54.46 -18.60 99.81
CA GLN UB 110 55.24 -19.54 100.61
C GLN UB 110 56.71 -19.21 100.57
N TRP UB 111 57.24 -18.91 99.38
CA TRP UB 111 58.62 -18.49 99.28
C TRP UB 111 58.86 -17.17 100.01
N TYR UB 112 57.88 -16.26 99.99
CA TYR UB 112 58.08 -14.96 100.63
C TYR UB 112 58.24 -15.10 102.14
N GLU UB 113 57.35 -15.84 102.80
CA GLU UB 113 57.59 -16.06 104.23
C GLU UB 113 58.80 -16.94 104.49
N SER UB 114 59.05 -17.96 103.64
CA SER UB 114 60.20 -18.81 103.94
C SER UB 114 61.53 -18.09 103.73
N HIS UB 115 61.54 -16.99 103.00
CA HIS UB 115 62.76 -16.23 102.72
C HIS UB 115 62.89 -14.97 103.56
N TYR UB 116 61.81 -14.22 103.74
CA TYR UB 116 61.88 -12.96 104.45
C TYR UB 116 61.24 -12.99 105.83
N ALA UB 117 60.30 -13.91 106.06
CA ALA UB 117 59.54 -14.01 107.30
C ALA UB 117 58.73 -12.74 107.57
N LEU UB 118 57.89 -12.37 106.61
CA LEU UB 118 56.94 -11.29 106.77
C LEU UB 118 55.55 -11.76 106.35
N PRO UB 119 54.50 -11.32 107.04
CA PRO UB 119 53.14 -11.72 106.64
C PRO UB 119 52.77 -11.08 105.31
N LEU UB 120 52.66 -11.91 104.28
CA LEU UB 120 52.25 -11.45 102.95
C LEU UB 120 50.90 -12.07 102.64
N GLY UB 121 49.92 -11.23 102.33
CA GLY UB 121 48.59 -11.70 102.02
C GLY UB 121 47.70 -11.97 103.21
N ARG UB 122 48.25 -12.00 104.42
CA ARG UB 122 47.44 -12.21 105.61
C ARG UB 122 46.69 -10.94 105.98
N LYS UB 123 45.55 -11.12 106.66
CA LYS UB 123 44.71 -10.01 107.08
C LYS UB 123 44.94 -9.65 108.55
N LYS UB 124 44.73 -10.62 109.46
CA LYS UB 124 44.86 -10.36 110.89
C LYS UB 124 45.72 -11.37 111.62
N GLY UB 125 46.14 -12.47 110.99
CA GLY UB 125 47.01 -13.43 111.63
C GLY UB 125 46.26 -14.41 112.51
N ALA UB 126 47.05 -15.30 113.14
CA ALA UB 126 46.53 -16.35 114.02
C ALA UB 126 45.48 -17.21 113.32
N LYS UB 127 45.79 -17.63 112.10
CA LYS UB 127 44.89 -18.46 111.32
C LYS UB 127 45.54 -19.73 110.78
N LEU UB 128 46.86 -19.88 110.92
CA LEU UB 128 47.58 -21.08 110.50
C LEU UB 128 48.58 -21.46 111.58
N THR UB 129 48.14 -21.45 112.83
CA THR UB 129 49.05 -21.48 113.98
C THR UB 129 50.06 -22.63 114.00
N PRO UB 130 49.73 -23.88 113.62
CA PRO UB 130 50.77 -24.92 113.63
C PRO UB 130 51.92 -24.67 112.68
N GLU UB 131 51.77 -23.77 111.70
CA GLU UB 131 52.85 -23.49 110.76
C GLU UB 131 53.35 -22.06 110.85
N GLU UB 132 52.45 -21.06 110.87
CA GLU UB 132 52.90 -19.68 110.89
C GLU UB 132 53.60 -19.32 112.19
N GLU UB 133 53.20 -19.91 113.31
CA GLU UB 133 53.91 -19.66 114.56
C GLU UB 133 55.35 -20.16 114.50
N GLU UB 134 55.59 -21.29 113.84
CA GLU UB 134 56.96 -21.74 113.66
C GLU UB 134 57.71 -20.82 112.71
N ILE UB 135 57.12 -20.51 111.55
CA ILE UB 135 57.81 -19.72 110.54
C ILE UB 135 58.01 -18.27 110.92
N LEU UB 136 57.36 -17.79 111.98
CA LEU UB 136 57.67 -16.43 112.44
C LEU UB 136 58.86 -16.40 113.37
N ASN UB 137 58.98 -17.36 114.29
CA ASN UB 137 60.05 -17.36 115.28
C ASN UB 137 61.23 -18.22 114.87
N LYS UB 138 61.01 -19.54 114.72
CA LYS UB 138 62.04 -20.53 114.42
C LYS UB 138 63.08 -20.65 115.54
N LYS UB 139 62.93 -19.88 116.62
CA LYS UB 139 63.87 -19.74 117.73
C LYS UB 139 65.33 -19.75 117.28
N ARG UB 140 65.63 -19.06 116.18
CA ARG UB 140 66.93 -19.24 115.56
C ARG UB 140 68.02 -18.43 116.27
N SER UB 141 69.27 -18.79 115.96
CA SER UB 141 70.43 -18.28 116.68
C SER UB 141 70.76 -16.86 116.26
N LYS UB 142 71.83 -16.33 116.86
CA LYS UB 142 72.24 -14.94 116.61
C LYS UB 142 72.61 -14.74 115.15
N LYS UB 143 73.37 -15.67 114.56
CA LYS UB 143 73.84 -15.49 113.19
C LYS UB 143 72.68 -15.60 112.19
N ILE UB 144 71.76 -16.53 112.43
CA ILE UB 144 70.63 -16.68 111.52
C ILE UB 144 69.70 -15.48 111.64
N GLN UB 145 69.51 -14.98 112.86
CA GLN UB 145 68.74 -13.74 113.03
C GLN UB 145 69.45 -12.56 112.38
N LYS UB 146 70.79 -12.56 112.41
CA LYS UB 146 71.55 -11.51 111.72
C LYS UB 146 71.34 -11.59 110.22
N LYS UB 147 71.17 -12.78 109.68
CA LYS UB 147 70.82 -12.91 108.26
C LYS UB 147 69.41 -12.37 108.01
N TYR UB 148 68.44 -12.79 108.83
CA TYR UB 148 67.04 -12.47 108.55
C TYR UB 148 66.74 -10.98 108.75
N ASP UB 149 67.22 -10.40 109.86
CA ASP UB 149 66.95 -8.99 110.09
C ASP UB 149 67.66 -8.10 109.06
N GLU UB 150 68.81 -8.55 108.54
CA GLU UB 150 69.42 -7.86 107.42
C GLU UB 150 68.55 -7.96 106.17
N ARG UB 151 67.98 -9.13 105.90
CA ARG UB 151 67.10 -9.25 104.75
C ARG UB 151 65.76 -8.53 104.93
N LYS UB 152 65.43 -8.12 106.15
CA LYS UB 152 64.16 -7.42 106.38
C LYS UB 152 64.07 -6.11 105.61
N LYS UB 153 65.16 -5.35 105.53
CA LYS UB 153 65.07 -3.95 105.12
C LYS UB 153 64.58 -3.80 103.69
N ASN UB 154 65.00 -4.69 102.79
CA ASN UB 154 64.57 -4.63 101.40
C ASN UB 154 63.42 -5.59 101.10
N ALA UB 155 62.61 -5.91 102.11
CA ALA UB 155 61.43 -6.73 101.93
C ALA UB 155 60.19 -5.89 101.63
N LYS UB 156 60.31 -5.00 100.64
CA LYS UB 156 59.22 -4.12 100.27
C LYS UB 156 58.57 -4.63 99.00
N ILE UB 157 57.25 -4.74 99.03
CA ILE UB 157 56.46 -5.18 97.88
C ILE UB 157 55.58 -4.00 97.47
N SER UB 158 55.45 -3.79 96.17
CA SER UB 158 54.59 -2.72 95.67
C SER UB 158 53.16 -2.92 96.16
N SER UB 159 52.45 -1.82 96.37
CA SER UB 159 51.10 -1.89 96.91
C SER UB 159 50.16 -2.64 95.96
N LEU UB 160 50.43 -2.58 94.66
CA LEU UB 160 49.59 -3.31 93.70
C LEU UB 160 49.75 -4.81 93.86
N LEU UB 161 51.01 -5.28 93.94
CA LEU UB 161 51.25 -6.69 94.20
C LEU UB 161 50.73 -7.10 95.58
N GLU UB 162 50.78 -6.18 96.55
CA GLU UB 162 50.26 -6.47 97.87
C GLU UB 162 48.75 -6.69 97.82
N GLU UB 163 48.04 -5.84 97.09
CA GLU UB 163 46.60 -6.02 96.92
C GLU UB 163 46.30 -7.33 96.21
N GLN UB 164 47.09 -7.67 95.19
CA GLN UB 164 46.90 -8.94 94.50
C GLN UB 164 47.14 -10.13 95.43
N PHE UB 165 48.15 -10.04 96.29
CA PHE UB 165 48.41 -11.11 97.23
C PHE UB 165 47.31 -11.22 98.29
N GLN UB 166 46.74 -10.08 98.69
CA GLN UB 166 45.57 -10.11 99.58
C GLN UB 166 44.40 -10.82 98.91
N GLN UB 167 44.19 -10.53 97.62
CA GLN UB 167 43.15 -11.23 96.88
C GLN UB 167 43.49 -12.70 96.68
N GLY UB 168 44.77 -13.07 96.75
CA GLY UB 168 45.19 -14.44 96.57
C GLY UB 168 45.51 -14.83 95.14
N LYS UB 169 45.29 -13.95 94.18
CA LYS UB 169 45.55 -14.24 92.77
C LYS UB 169 46.42 -13.13 92.19
N LEU UB 170 47.55 -13.51 91.62
CA LEU UB 170 48.36 -12.57 90.86
C LEU UB 170 47.94 -12.60 89.41
N LEU UB 171 48.29 -11.55 88.66
CA LEU UB 171 48.05 -11.53 87.23
C LEU UB 171 49.39 -11.46 86.50
N ALA UB 172 49.58 -12.39 85.56
CA ALA UB 172 50.87 -12.63 84.95
C ALA UB 172 50.71 -12.81 83.45
N CYS UB 173 51.78 -12.50 82.71
CA CYS UB 173 51.77 -12.59 81.26
C CYS UB 173 52.47 -13.86 80.83
N ILE UB 174 51.81 -14.63 79.96
CA ILE UB 174 52.44 -15.80 79.36
C ILE UB 174 53.58 -15.35 78.45
N ALA UB 175 54.60 -16.18 78.34
CA ALA UB 175 55.72 -15.90 77.45
C ALA UB 175 56.00 -17.02 76.46
N SER UB 176 55.66 -18.26 76.79
CA SER UB 176 55.82 -19.37 75.87
C SER UB 176 54.68 -19.38 74.87
N ARG UB 177 54.74 -20.29 73.90
CA ARG UB 177 53.70 -20.43 72.90
C ARG UB 177 53.02 -21.78 73.04
N PRO UB 178 51.91 -21.87 73.76
CA PRO UB 178 51.13 -23.12 73.75
C PRO UB 178 50.65 -23.43 72.35
N GLY UB 179 50.62 -24.71 72.02
CA GLY UB 179 50.41 -25.14 70.67
C GLY UB 179 51.67 -25.24 69.84
N GLN UB 180 52.80 -24.80 70.38
CA GLN UB 180 54.11 -25.06 69.80
C GLN UB 180 55.01 -25.82 70.74
N CYS UB 181 55.01 -25.47 72.02
CA CYS UB 181 55.78 -26.19 73.04
C CYS UB 181 54.91 -26.97 74.00
N GLY UB 182 53.61 -26.69 74.05
CA GLY UB 182 52.72 -27.45 74.91
C GLY UB 182 52.75 -27.05 76.37
N ARG UB 183 53.28 -25.88 76.70
CA ARG UB 183 53.33 -25.42 78.07
C ARG UB 183 53.05 -23.93 78.11
N ALA UB 184 52.77 -23.42 79.30
CA ALA UB 184 52.25 -22.07 79.50
C ALA UB 184 53.11 -21.29 80.47
N ASP UB 185 54.42 -21.28 80.23
CA ASP UB 185 55.32 -20.55 81.10
C ASP UB 185 55.11 -19.05 80.95
N GLY UB 186 55.56 -18.30 81.94
CA GLY UB 186 55.36 -16.86 81.90
C GLY UB 186 56.01 -16.14 83.05
N TYR UB 187 55.67 -14.86 83.19
CA TYR UB 187 56.25 -14.01 84.21
C TYR UB 187 55.17 -13.15 84.86
N VAL UB 188 55.35 -12.88 86.14
CA VAL UB 188 54.41 -12.10 86.92
C VAL UB 188 54.51 -10.63 86.52
N LEU UB 189 53.37 -10.04 86.17
CA LEU UB 189 53.33 -8.63 85.83
C LEU UB 189 53.56 -7.79 87.07
N GLU UB 190 54.39 -6.76 86.93
CA GLU UB 190 54.65 -5.84 88.03
C GLU UB 190 55.20 -4.55 87.45
N GLY UB 191 54.96 -3.45 88.18
CA GLY UB 191 55.49 -2.17 87.77
C GLY UB 191 54.57 -1.43 86.81
N LYS UB 192 55.20 -0.66 85.91
CA LYS UB 192 54.45 0.13 84.94
C LYS UB 192 53.64 -0.75 84.00
N GLU UB 193 54.17 -1.92 83.65
CA GLU UB 193 53.41 -2.87 82.84
C GLU UB 193 52.16 -3.32 83.58
N LEU UB 194 52.28 -3.57 84.88
CA LEU UB 194 51.14 -3.94 85.69
C LEU UB 194 50.11 -2.82 85.75
N GLU UB 195 50.56 -1.58 85.94
CA GLU UB 195 49.60 -0.47 85.97
C GLU UB 195 48.92 -0.30 84.62
N PHE UB 196 49.66 -0.48 83.53
CA PHE UB 196 49.09 -0.36 82.19
C PHE UB 196 48.00 -1.39 81.98
N TYR UB 197 48.27 -2.65 82.32
CA TYR UB 197 47.27 -3.68 82.13
C TYR UB 197 46.10 -3.56 83.11
N LEU UB 198 46.36 -3.09 84.33
CA LEU UB 198 45.28 -2.82 85.26
C LEU UB 198 44.35 -1.75 84.73
N ARG UB 199 44.92 -0.67 84.19
CA ARG UB 199 44.09 0.39 83.63
C ARG UB 199 43.32 -0.10 82.40
N LYS UB 200 43.95 -0.96 81.60
CA LYS UB 200 43.24 -1.54 80.45
C LYS UB 200 42.04 -2.37 80.90
N ILE UB 201 42.22 -3.21 81.92
CA ILE UB 201 41.13 -4.03 82.42
C ILE UB 201 40.02 -3.17 83.02
N LYS UB 202 40.40 -2.14 83.79
CA LYS UB 202 39.40 -1.29 84.42
C LYS UB 202 38.65 -0.46 83.39
N ALA UB 203 39.33 -0.04 82.32
CA ALA UB 203 38.63 0.67 81.25
C ALA UB 203 37.71 -0.26 80.48
N ARG UB 204 38.12 -1.52 80.31
CA ARG UB 204 37.26 -2.51 79.69
C ARG UB 204 35.99 -2.73 80.50
N LYS UB 205 36.12 -2.83 81.82
CA LYS UB 205 34.95 -3.01 82.67
C LYS UB 205 35.07 -2.15 83.92
N GLY UB 206 34.08 -1.29 84.13
CA GLY UB 206 34.09 -0.40 85.28
C GLY UB 206 34.73 0.94 84.97
N PRO VB 1 71.14 -39.13 28.93
CA PRO VB 1 70.79 -40.25 28.08
C PRO VB 1 71.96 -40.86 27.32
N VAL VB 2 72.02 -40.67 26.01
CA VAL VB 2 73.03 -41.38 25.23
C VAL VB 2 74.42 -40.79 25.46
N ALA VB 3 75.43 -41.61 25.21
CA ALA VB 3 76.83 -41.24 25.38
C ALA VB 3 77.52 -40.93 24.06
N ARG VB 4 76.78 -40.42 23.08
CA ARG VB 4 77.37 -40.08 21.79
C ARG VB 4 78.08 -38.74 21.91
N SER VB 5 78.53 -38.21 20.77
CA SER VB 5 79.19 -36.91 20.77
C SER VB 5 78.49 -35.88 19.88
N TRP VB 6 78.08 -36.27 18.68
CA TRP VB 6 77.50 -35.42 17.64
C TRP VB 6 78.17 -34.05 17.54
N VAL VB 7 79.50 -34.01 17.65
CA VAL VB 7 80.26 -32.80 17.39
C VAL VB 7 80.81 -32.93 15.98
N CYS VB 8 80.23 -32.17 15.05
CA CYS VB 8 80.61 -32.28 13.66
C CYS VB 8 80.51 -30.90 13.00
N ARG VB 9 81.26 -30.72 11.93
CA ARG VB 9 81.24 -29.48 11.19
C ARG VB 9 81.48 -29.77 9.72
N LYS VB 10 80.96 -28.88 8.87
CA LYS VB 10 81.21 -29.00 7.44
C LYS VB 10 82.63 -28.53 7.13
N THR VB 11 83.20 -29.12 6.08
CA THR VB 11 84.57 -28.83 5.68
C THR VB 11 84.65 -27.93 4.46
N TYR VB 12 83.52 -27.47 3.93
CA TYR VB 12 83.51 -26.73 2.68
C TYR VB 12 82.37 -25.74 2.68
N VAL VB 13 82.46 -24.75 1.80
CA VAL VB 13 81.41 -23.76 1.60
C VAL VB 13 81.17 -23.60 0.11
N THR VB 14 79.91 -23.70 -0.30
CA THR VB 14 79.56 -23.52 -1.69
C THR VB 14 79.74 -22.05 -2.10
N PRO VB 15 80.09 -21.80 -3.36
CA PRO VB 15 80.25 -20.41 -3.81
C PRO VB 15 78.95 -19.65 -3.76
N ARG VB 16 79.06 -18.33 -3.61
CA ARG VB 16 77.89 -17.49 -3.43
C ARG VB 16 76.98 -17.53 -4.64
N ARG VB 17 77.53 -17.30 -5.83
CA ARG VB 17 76.73 -17.28 -7.04
C ARG VB 17 77.17 -18.41 -7.96
N PRO VB 18 76.24 -19.22 -8.45
CA PRO VB 18 76.59 -20.27 -9.40
C PRO VB 18 76.62 -19.72 -10.83
N PHE VB 19 77.23 -20.52 -11.71
CA PHE VB 19 77.26 -20.25 -13.15
C PHE VB 19 77.95 -18.92 -13.46
N GLU VB 20 79.22 -18.83 -13.06
CA GLU VB 20 80.08 -17.73 -13.47
C GLU VB 20 81.33 -18.31 -14.13
N LYS VB 21 81.63 -17.82 -15.33
CA LYS VB 21 82.62 -18.46 -16.20
C LYS VB 21 84.00 -18.47 -15.57
N SER VB 22 84.41 -17.35 -14.97
CA SER VB 22 85.76 -17.27 -14.43
C SER VB 22 85.98 -18.28 -13.32
N ARG VB 23 85.07 -18.34 -12.34
CA ARG VB 23 85.21 -19.30 -11.25
C ARG VB 23 85.11 -20.73 -11.75
N LEU VB 24 84.16 -21.00 -12.65
CA LEU VB 24 84.04 -22.36 -13.17
C LEU VB 24 85.30 -22.80 -13.88
N ASP VB 25 85.86 -21.94 -14.72
CA ASP VB 25 87.07 -22.31 -15.46
C ASP VB 25 88.27 -22.47 -14.55
N GLN VB 26 88.43 -21.59 -13.57
CA GLN VB 26 89.58 -21.70 -12.67
C GLN VB 26 89.49 -22.95 -11.81
N GLU VB 27 88.30 -23.26 -11.30
CA GLU VB 27 88.14 -24.46 -10.49
C GLU VB 27 88.35 -25.72 -11.33
N LEU VB 28 87.85 -25.72 -12.57
CA LEU VB 28 88.11 -26.86 -13.45
C LEU VB 28 89.58 -27.00 -13.77
N LYS VB 29 90.29 -25.88 -13.93
CA LYS VB 29 91.71 -25.93 -14.21
C LYS VB 29 92.48 -26.55 -13.04
N LEU VB 30 92.14 -26.15 -11.81
CA LEU VB 30 92.77 -26.77 -10.65
C LEU VB 30 92.43 -28.24 -10.55
N ILE VB 31 91.16 -28.60 -10.82
CA ILE VB 31 90.74 -29.99 -10.77
C ILE VB 31 91.54 -30.83 -11.76
N GLY VB 32 91.68 -30.33 -12.99
CA GLY VB 32 92.40 -31.08 -13.99
C GLY VB 32 93.89 -31.17 -13.70
N GLU VB 33 94.45 -30.12 -13.11
CA GLU VB 33 95.89 -30.16 -12.84
C GLU VB 33 96.23 -31.04 -11.66
N TYR VB 34 95.37 -31.10 -10.64
CA TYR VB 34 95.66 -31.86 -9.44
C TYR VB 34 94.92 -33.19 -9.36
N GLY VB 35 94.16 -33.56 -10.39
CA GLY VB 35 93.48 -34.83 -10.40
C GLY VB 35 92.43 -34.99 -9.32
N LEU VB 36 91.59 -33.98 -9.15
CA LEU VB 36 90.56 -34.01 -8.13
C LEU VB 36 89.27 -34.63 -8.66
N ARG VB 37 88.49 -35.21 -7.75
CA ARG VB 37 87.27 -35.89 -8.16
C ARG VB 37 86.15 -34.92 -8.51
N ASN VB 38 85.99 -33.85 -7.73
CA ASN VB 38 84.85 -32.95 -7.93
C ASN VB 38 85.22 -31.56 -7.45
N LYS VB 39 84.25 -30.64 -7.56
CA LYS VB 39 84.42 -29.30 -7.05
C LYS VB 39 84.40 -29.23 -5.52
N ARG VB 40 83.85 -30.25 -4.87
CA ARG VB 40 83.76 -30.21 -3.42
C ARG VB 40 85.13 -30.25 -2.76
N GLU VB 41 86.06 -31.03 -3.30
CA GLU VB 41 87.37 -31.15 -2.67
C GLU VB 41 88.35 -30.09 -3.13
N VAL VB 42 87.91 -29.13 -3.95
CA VAL VB 42 88.61 -27.87 -4.08
C VAL VB 42 87.94 -26.76 -3.27
N TRP VB 43 86.62 -26.80 -3.11
CA TRP VB 43 85.98 -25.91 -2.15
C TRP VB 43 86.44 -26.19 -0.73
N ARG VB 44 86.79 -27.45 -0.43
CA ARG VB 44 87.26 -27.79 0.91
C ARG VB 44 88.60 -27.14 1.21
N VAL VB 45 89.55 -27.24 0.28
CA VAL VB 45 90.85 -26.62 0.51
C VAL VB 45 90.72 -25.11 0.48
N LYS VB 46 89.80 -24.58 -0.34
CA LYS VB 46 89.53 -23.15 -0.30
C LYS VB 46 89.02 -22.74 1.08
N PHE VB 47 88.14 -23.54 1.68
CA PHE VB 47 87.62 -23.25 3.02
C PHE VB 47 88.72 -23.32 4.06
N THR VB 48 89.61 -24.30 3.95
CA THR VB 48 90.72 -24.39 4.90
C THR VB 48 91.63 -23.16 4.80
N LEU VB 49 91.97 -22.74 3.58
CA LEU VB 49 92.76 -21.54 3.42
C LEU VB 49 92.01 -20.31 3.92
N ALA VB 50 90.70 -20.26 3.72
CA ALA VB 50 89.92 -19.14 4.22
C ALA VB 50 89.95 -19.07 5.73
N LYS VB 51 89.81 -20.21 6.40
CA LYS VB 51 89.90 -20.23 7.85
C LYS VB 51 91.28 -19.79 8.34
N ILE VB 52 92.32 -20.26 7.67
CA ILE VB 52 93.68 -19.87 8.04
C ILE VB 52 93.87 -18.36 7.87
N ARG VB 53 93.41 -17.83 6.74
CA ARG VB 53 93.55 -16.40 6.48
C ARG VB 53 92.74 -15.57 7.48
N LYS VB 54 91.54 -16.03 7.82
CA LYS VB 54 90.72 -15.30 8.78
C LYS VB 54 91.38 -15.28 10.15
N ALA VB 55 91.95 -16.42 10.58
CA ALA VB 55 92.68 -16.45 11.84
C ALA VB 55 93.89 -15.53 11.80
N ALA VB 56 94.62 -15.51 10.68
CA ALA VB 56 95.79 -14.66 10.55
C ALA VB 56 95.40 -13.19 10.60
N ARG VB 57 94.32 -12.81 9.92
CA ARG VB 57 93.87 -11.42 9.93
C ARG VB 57 93.41 -11.01 11.32
N GLU VB 58 92.69 -11.91 12.01
CA GLU VB 58 92.28 -11.62 13.37
C GLU VB 58 93.48 -11.43 14.28
N LEU VB 59 94.51 -12.26 14.13
CA LEU VB 59 95.72 -12.09 14.91
C LEU VB 59 96.44 -10.79 14.59
N LEU VB 60 96.47 -10.40 13.30
CA LEU VB 60 97.12 -9.17 12.92
C LEU VB 60 96.41 -7.94 13.48
N THR VB 61 95.08 -8.02 13.64
CA THR VB 61 94.36 -6.91 14.24
C THR VB 61 94.76 -6.71 15.70
N LEU VB 62 95.19 -7.77 16.39
CA LEU VB 62 95.68 -7.61 17.75
C LEU VB 62 96.96 -6.80 17.79
N ASP VB 63 97.20 -6.15 18.92
CA ASP VB 63 98.40 -5.36 19.11
C ASP VB 63 99.63 -6.26 19.06
N GLU VB 64 100.71 -5.71 18.53
CA GLU VB 64 102.00 -6.38 18.59
C GLU VB 64 102.43 -6.54 20.04
N LYS VB 65 103.16 -7.62 20.32
CA LYS VB 65 103.70 -8.04 21.60
C LYS VB 65 102.60 -8.63 22.51
N ASP VB 66 101.34 -8.60 22.10
CA ASP VB 66 100.25 -9.23 22.85
C ASP VB 66 100.53 -10.73 22.95
N PRO VB 67 100.60 -11.31 24.15
CA PRO VB 67 101.00 -12.71 24.27
C PRO VB 67 100.08 -13.69 23.56
N ARG VB 68 98.78 -13.43 23.48
CA ARG VB 68 97.90 -14.30 22.71
C ARG VB 68 98.26 -14.26 21.23
N ARG VB 69 98.49 -13.06 20.70
CA ARG VB 69 98.91 -12.92 19.31
C ARG VB 69 100.23 -13.63 19.07
N LEU VB 70 101.20 -13.45 19.96
CA LEU VB 70 102.50 -14.11 19.80
C LEU VB 70 102.36 -15.62 19.81
N PHE VB 71 101.68 -16.15 20.83
CA PHE VB 71 101.56 -17.59 20.98
C PHE VB 71 100.85 -18.22 19.80
N GLU VB 72 99.68 -17.70 19.42
CA GLU VB 72 98.94 -18.30 18.32
C GLU VB 72 99.61 -18.04 16.97
N GLY VB 73 100.30 -16.92 16.80
CA GLY VB 73 101.03 -16.69 15.57
C GLY VB 73 102.16 -17.68 15.38
N ASN VB 74 102.96 -17.89 16.43
CA ASN VB 74 104.02 -18.89 16.31
C ASN VB 74 103.46 -20.30 16.12
N ALA VB 75 102.36 -20.62 16.80
CA ALA VB 75 101.76 -21.94 16.60
C ALA VB 75 101.27 -22.13 15.17
N LEU VB 76 100.60 -21.12 14.62
CA LEU VB 76 100.09 -21.22 13.26
C LEU VB 76 101.22 -21.29 12.25
N LEU VB 77 102.27 -20.49 12.43
CA LEU VB 77 103.41 -20.55 11.53
C LEU VB 77 104.13 -21.89 11.63
N ARG VB 78 104.23 -22.46 12.83
CA ARG VB 78 104.83 -23.77 12.98
C ARG VB 78 104.03 -24.83 12.25
N ARG VB 79 102.70 -24.79 12.35
CA ARG VB 79 101.89 -25.75 11.62
C ARG VB 79 102.03 -25.57 10.12
N LEU VB 80 102.08 -24.32 9.66
CA LEU VB 80 102.22 -24.06 8.23
C LEU VB 80 103.55 -24.56 7.69
N VAL VB 81 104.65 -24.36 8.43
CA VAL VB 81 105.91 -24.89 7.95
C VAL VB 81 105.98 -26.41 8.10
N ARG VB 82 105.26 -26.99 9.07
CA ARG VB 82 105.21 -28.45 9.15
C ARG VB 82 104.51 -29.06 7.95
N ILE VB 83 103.37 -28.48 7.54
CA ILE VB 83 102.74 -28.97 6.31
C ILE VB 83 103.49 -28.51 5.08
N GLY VB 84 104.41 -27.57 5.20
CA GLY VB 84 105.31 -27.25 4.13
C GLY VB 84 104.80 -26.25 3.11
N VAL VB 85 103.60 -25.69 3.31
CA VAL VB 85 103.10 -24.68 2.39
C VAL VB 85 103.84 -23.36 2.55
N LEU VB 86 104.54 -23.18 3.66
CA LEU VB 86 105.27 -21.95 3.94
C LEU VB 86 106.75 -22.27 4.13
N ASP VB 87 107.60 -21.34 3.69
CA ASP VB 87 109.03 -21.51 3.88
C ASP VB 87 109.39 -21.37 5.35
N GLU VB 88 110.44 -22.09 5.76
CA GLU VB 88 110.85 -22.07 7.16
C GLU VB 88 111.34 -20.70 7.59
N GLY VB 89 111.92 -19.93 6.68
CA GLY VB 89 112.38 -18.60 7.01
C GLY VB 89 111.36 -17.50 6.92
N LYS VB 90 110.18 -17.80 6.39
CA LYS VB 90 109.12 -16.79 6.21
C LYS VB 90 108.15 -16.82 7.38
N MET VB 91 108.70 -16.56 8.58
CA MET VB 91 107.93 -16.65 9.81
C MET VB 91 107.32 -15.29 10.16
N LYS VB 92 106.41 -14.85 9.30
CA LYS VB 92 105.65 -13.63 9.50
C LYS VB 92 104.18 -13.88 9.25
N LEU VB 93 103.33 -13.17 9.99
CA LEU VB 93 101.90 -13.27 9.76
C LEU VB 93 101.49 -12.65 8.43
N ASP VB 94 102.31 -11.74 7.88
CA ASP VB 94 102.01 -11.17 6.58
C ASP VB 94 102.07 -12.21 5.48
N TYR VB 95 103.09 -13.08 5.52
CA TYR VB 95 103.27 -14.06 4.46
C TYR VB 95 102.17 -15.12 4.44
N ILE VB 96 101.39 -15.25 5.51
CA ILE VB 96 100.27 -16.18 5.49
C ILE VB 96 99.21 -15.71 4.51
N LEU VB 97 99.00 -14.39 4.42
CA LEU VB 97 98.01 -13.87 3.49
C LEU VB 97 98.43 -14.03 2.04
N GLY VB 98 99.73 -14.23 1.78
CA GLY VB 98 100.20 -14.45 0.43
C GLY VB 98 100.06 -15.87 -0.07
N LEU VB 99 99.55 -16.78 0.76
CA LEU VB 99 99.41 -18.17 0.37
C LEU VB 99 98.23 -18.35 -0.57
N LYS VB 100 98.30 -19.41 -1.38
CA LYS VB 100 97.26 -19.76 -2.32
C LYS VB 100 96.96 -21.25 -2.19
N ILE VB 101 95.76 -21.65 -2.64
CA ILE VB 101 95.35 -23.04 -2.49
C ILE VB 101 96.18 -23.98 -3.34
N GLU VB 102 96.90 -23.46 -4.34
CA GLU VB 102 97.84 -24.31 -5.05
C GLU VB 102 98.93 -24.83 -4.13
N ASP VB 103 99.38 -24.01 -3.17
CA ASP VB 103 100.39 -24.46 -2.22
C ASP VB 103 99.88 -25.62 -1.38
N PHE VB 104 98.60 -25.57 -0.98
CA PHE VB 104 98.04 -26.65 -0.18
C PHE VB 104 97.77 -27.89 -1.02
N LEU VB 105 97.29 -27.70 -2.26
CA LEU VB 105 97.02 -28.83 -3.14
C LEU VB 105 98.30 -29.54 -3.55
N GLU VB 106 99.42 -28.82 -3.60
CA GLU VB 106 100.69 -29.44 -3.93
C GLU VB 106 101.16 -30.39 -2.83
N ARG VB 107 100.68 -30.22 -1.61
CA ARG VB 107 101.12 -31.03 -0.49
C ARG VB 107 100.27 -32.28 -0.29
N ARG VB 108 99.29 -32.53 -1.15
CA ARG VB 108 98.52 -33.76 -1.08
C ARG VB 108 99.40 -34.95 -1.44
N LEU VB 109 99.09 -36.10 -0.83
CA LEU VB 109 99.81 -37.33 -1.14
C LEU VB 109 99.66 -37.71 -2.60
N GLN VB 110 98.48 -37.45 -3.18
CA GLN VB 110 98.24 -37.76 -4.58
C GLN VB 110 99.21 -37.02 -5.49
N THR VB 111 99.43 -35.74 -5.22
CA THR VB 111 100.42 -35.00 -5.99
C THR VB 111 101.84 -35.36 -5.59
N GLN VB 112 102.05 -35.74 -4.33
CA GLN VB 112 103.41 -36.00 -3.87
C GLN VB 112 103.98 -37.26 -4.52
N VAL VB 113 103.17 -38.31 -4.67
CA VAL VB 113 103.70 -39.52 -5.31
C VAL VB 113 103.97 -39.26 -6.79
N PHE VB 114 103.12 -38.47 -7.45
CA PHE VB 114 103.37 -38.11 -8.84
C PHE VB 114 104.65 -37.31 -8.98
N LYS VB 115 104.89 -36.36 -8.07
CA LYS VB 115 106.11 -35.56 -8.13
C LYS VB 115 107.34 -36.41 -7.84
N LEU VB 116 107.23 -37.33 -6.88
CA LEU VB 116 108.31 -38.28 -6.62
C LEU VB 116 108.51 -39.26 -7.77
N GLY VB 117 107.54 -39.40 -8.65
CA GLY VB 117 107.68 -40.27 -9.80
C GLY VB 117 107.21 -41.69 -9.57
N LEU VB 118 106.52 -41.96 -8.47
CA LEU VB 118 105.96 -43.28 -8.27
C LEU VB 118 104.79 -43.58 -9.20
N ALA VB 119 104.27 -42.57 -9.89
CA ALA VB 119 103.18 -42.75 -10.82
C ALA VB 119 103.46 -42.00 -12.10
N LYS VB 120 102.87 -42.49 -13.20
CA LYS VB 120 103.09 -41.91 -14.51
C LYS VB 120 102.19 -40.71 -14.80
N SER VB 121 101.18 -40.49 -13.97
CA SER VB 121 100.30 -39.33 -14.10
C SER VB 121 99.62 -39.11 -12.77
N ILE VB 122 98.94 -37.96 -12.65
CA ILE VB 122 98.26 -37.64 -11.40
C ILE VB 122 97.08 -38.57 -11.16
N HIS VB 123 96.35 -38.95 -12.21
CA HIS VB 123 95.24 -39.87 -12.06
C HIS VB 123 95.72 -41.27 -11.73
N HIS VB 124 96.82 -41.69 -12.37
CA HIS VB 124 97.46 -42.94 -12.00
C HIS VB 124 97.90 -42.92 -10.54
N ALA VB 125 98.37 -41.76 -10.07
CA ALA VB 125 98.73 -41.62 -8.66
C ALA VB 125 97.53 -41.80 -7.75
N ARG VB 126 96.40 -41.18 -8.12
CA ARG VB 126 95.20 -41.31 -7.28
C ARG VB 126 94.73 -42.75 -7.20
N VAL VB 127 94.65 -43.44 -8.35
CA VAL VB 127 94.18 -44.81 -8.32
C VAL VB 127 95.20 -45.71 -7.61
N LEU VB 128 96.49 -45.42 -7.76
CA LEU VB 128 97.52 -46.21 -7.09
C LEU VB 128 97.40 -46.08 -5.57
N ILE VB 129 97.15 -44.87 -5.08
CA ILE VB 129 96.96 -44.66 -3.66
C ILE VB 129 95.70 -45.38 -3.18
N ARG VB 130 94.61 -45.28 -3.95
CA ARG VB 130 93.36 -45.92 -3.53
C ARG VB 130 93.50 -47.44 -3.48
N GLN VB 131 94.30 -48.04 -4.36
CA GLN VB 131 94.46 -49.48 -4.36
C GLN VB 131 95.56 -49.98 -3.42
N ARG VB 132 95.92 -49.18 -2.41
CA ARG VB 132 96.78 -49.62 -1.31
C ARG VB 132 98.16 -50.05 -1.81
N HIS VB 133 98.80 -49.19 -2.59
CA HIS VB 133 100.15 -49.47 -3.05
C HIS VB 133 101.19 -48.55 -2.44
N ILE VB 134 100.79 -47.43 -1.85
CA ILE VB 134 101.71 -46.43 -1.33
C ILE VB 134 101.62 -46.43 0.19
N ARG VB 135 102.79 -46.37 0.83
CA ARG VB 135 102.87 -46.29 2.28
C ARG VB 135 103.74 -45.10 2.66
N VAL VB 136 103.49 -44.58 3.85
CA VAL VB 136 104.29 -43.52 4.45
C VAL VB 136 104.91 -44.08 5.72
N ARG VB 137 106.24 -43.93 5.84
CA ARG VB 137 107.00 -44.56 6.92
C ARG VB 137 106.76 -46.06 6.90
N LYS VB 138 105.82 -46.52 7.71
CA LYS VB 138 105.39 -47.91 7.70
C LYS VB 138 103.90 -48.07 7.47
N GLN VB 139 103.09 -47.09 7.88
CA GLN VB 139 101.65 -47.16 7.70
C GLN VB 139 101.29 -46.94 6.23
N VAL VB 140 100.43 -47.77 5.69
CA VAL VB 140 99.93 -47.58 4.34
C VAL VB 140 98.79 -46.58 4.38
N VAL VB 141 98.76 -45.67 3.41
CA VAL VB 141 97.74 -44.64 3.33
C VAL VB 141 96.98 -44.81 2.02
N ASN VB 142 95.66 -44.91 2.11
CA ASN VB 142 94.80 -45.00 0.95
C ASN VB 142 93.92 -43.76 0.79
N ILE VB 143 94.35 -42.64 1.38
CA ILE VB 143 93.62 -41.39 1.33
C ILE VB 143 94.37 -40.43 0.40
N PRO VB 144 93.80 -40.05 -0.75
CA PRO VB 144 94.50 -39.11 -1.63
C PRO VB 144 94.74 -37.75 -1.00
N SER VB 145 93.83 -37.28 -0.14
CA SER VB 145 93.94 -35.97 0.48
C SER VB 145 94.82 -35.98 1.72
N PHE VB 146 95.64 -36.99 1.89
CA PHE VB 146 96.56 -37.06 3.02
C PHE VB 146 97.62 -35.97 2.86
N ILE VB 147 97.55 -34.94 3.70
CA ILE VB 147 98.54 -33.87 3.64
C ILE VB 147 99.88 -34.40 4.13
N VAL VB 148 100.92 -34.19 3.33
CA VAL VB 148 102.23 -34.74 3.59
C VAL VB 148 103.07 -33.68 4.28
N ARG VB 149 103.53 -33.98 5.50
CA ARG VB 149 104.41 -33.06 6.19
C ARG VB 149 105.82 -33.17 5.63
N LEU VB 150 106.65 -32.19 5.99
CA LEU VB 150 108.02 -32.13 5.47
C LEU VB 150 108.85 -33.31 5.96
N ASP VB 151 108.66 -33.74 7.20
CA ASP VB 151 109.40 -34.89 7.71
C ASP VB 151 108.93 -36.19 7.08
N SER VB 152 107.64 -36.30 6.77
CA SER VB 152 107.12 -37.48 6.09
C SER VB 152 107.33 -37.44 4.59
N GLN VB 153 107.87 -36.34 4.06
CA GLN VB 153 108.11 -36.22 2.63
C GLN VB 153 109.02 -37.33 2.11
N LYS VB 154 110.12 -37.58 2.81
CA LYS VB 154 111.13 -38.51 2.31
C LYS VB 154 110.72 -39.97 2.48
N HIS VB 155 109.79 -40.26 3.38
CA HIS VB 155 109.46 -41.63 3.74
C HIS VB 155 108.33 -42.21 2.91
N ILE VB 156 107.88 -41.50 1.87
CA ILE VB 156 106.85 -42.06 0.99
C ILE VB 156 107.47 -43.14 0.12
N ASP VB 157 106.83 -44.30 0.08
CA ASP VB 157 107.39 -45.46 -0.61
C ASP VB 157 106.26 -46.41 -0.94
N PHE VB 158 106.56 -47.36 -1.82
CA PHE VB 158 105.60 -48.40 -2.18
C PHE VB 158 105.29 -49.29 -0.98
N SER VB 159 104.05 -49.77 -0.94
CA SER VB 159 103.66 -50.70 0.11
C SER VB 159 104.36 -52.05 -0.07
N LEU VB 160 104.65 -52.69 1.06
CA LEU VB 160 105.40 -53.95 1.01
C LEU VB 160 104.54 -55.09 0.47
N ARG VB 161 103.25 -55.07 0.75
CA ARG VB 161 102.37 -56.12 0.22
C ARG VB 161 101.93 -55.86 -1.20
N SER VB 162 102.15 -54.66 -1.73
CA SER VB 162 101.74 -54.34 -3.07
C SER VB 162 102.62 -55.04 -4.10
N PRO VB 163 102.10 -55.28 -5.32
CA PRO VB 163 102.95 -55.91 -6.35
C PRO VB 163 103.88 -54.92 -7.02
N TYR VB 164 104.49 -54.04 -6.22
CA TYR VB 164 105.52 -53.13 -6.71
C TYR VB 164 106.73 -53.06 -5.77
N GLY VB 165 106.57 -53.40 -4.50
CA GLY VB 165 107.67 -53.48 -3.56
C GLY VB 165 108.06 -54.93 -3.37
N GLY VB 166 107.54 -55.54 -2.31
CA GLY VB 166 107.70 -56.97 -2.11
C GLY VB 166 106.98 -57.77 -3.19
N GLY VB 167 106.92 -59.08 -2.95
CA GLY VB 167 106.37 -60.00 -3.92
C GLY VB 167 104.86 -60.00 -3.97
N ARG VB 168 104.28 -61.21 -4.08
CA ARG VB 168 102.83 -61.41 -4.09
C ARG VB 168 102.17 -60.65 -5.24
N PRO VB 169 102.32 -61.12 -6.48
CA PRO VB 169 101.71 -60.42 -7.62
C PRO VB 169 100.19 -60.39 -7.58
N GLY VB 170 99.57 -59.72 -8.55
CA GLY VB 170 98.14 -59.51 -8.53
C GLY VB 170 97.34 -60.72 -8.95
N ARG VB 171 96.03 -60.62 -8.74
CA ARG VB 171 95.13 -61.72 -9.05
C ARG VB 171 95.09 -62.01 -10.55
N VAL VB 172 95.11 -60.96 -11.38
CA VAL VB 172 95.11 -61.20 -12.82
C VAL VB 172 96.45 -61.76 -13.27
N LYS VB 173 97.55 -61.36 -12.62
CA LYS VB 173 98.85 -61.96 -12.93
C LYS VB 173 98.85 -63.44 -12.62
N ARG VB 174 98.29 -63.82 -11.47
CA ARG VB 174 98.27 -65.23 -11.09
C ARG VB 174 97.32 -66.03 -11.97
N LYS VB 175 96.18 -65.43 -12.37
CA LYS VB 175 95.27 -66.09 -13.29
C LYS VB 175 95.92 -66.28 -14.65
N ASN VB 176 96.67 -65.28 -15.12
CA ASN VB 176 97.41 -65.43 -16.37
C ASN VB 176 98.47 -66.51 -16.27
N ALA VB 177 99.15 -66.60 -15.13
CA ALA VB 177 100.15 -67.64 -14.94
C ALA VB 177 99.54 -69.03 -14.95
N LYS VB 178 98.40 -69.20 -14.28
CA LYS VB 178 97.77 -70.53 -14.27
C LYS VB 178 97.18 -70.87 -15.63
N LYS VB 179 96.66 -69.87 -16.36
CA LYS VB 179 96.26 -70.11 -17.75
C LYS VB 179 97.45 -70.53 -18.60
N GLY VB 180 98.61 -69.89 -18.40
CA GLY VB 180 99.79 -70.25 -19.17
C GLY VB 180 100.24 -71.67 -18.91
N GLN VB 181 100.27 -72.08 -17.64
CA GLN VB 181 100.68 -73.45 -17.34
C GLN VB 181 99.62 -74.47 -17.73
N GLY VB 182 98.35 -74.08 -17.79
CA GLY VB 182 97.32 -75.00 -18.24
C GLY VB 182 97.26 -75.14 -19.75
N GLY VB 183 97.66 -74.11 -20.48
CA GLY VB 183 97.64 -74.16 -21.92
C GLY VB 183 98.91 -74.73 -22.52
N ALA VB 184 100.07 -74.30 -21.99
CA ALA VB 184 101.36 -74.81 -22.44
C ALA VB 184 101.93 -75.72 -21.36
N GLY VB 185 102.22 -76.96 -21.74
CA GLY VB 185 102.77 -77.93 -20.79
C GLY VB 185 104.24 -77.72 -20.50
N ALA WB 1 54.30 12.76 72.39
CA ALA WB 1 53.33 11.70 72.66
C ALA WB 1 53.93 10.63 73.56
N ASP WB 2 53.06 9.94 74.30
CA ASP WB 2 53.48 8.78 75.08
C ASP WB 2 53.64 7.58 74.15
N ILE WB 3 54.53 6.66 74.55
CA ILE WB 3 54.83 5.52 73.70
C ILE WB 3 53.85 4.38 73.84
N GLN WB 4 53.02 4.39 74.89
CA GLN WB 4 52.05 3.32 75.12
C GLN WB 4 50.73 3.69 74.44
N THR WB 5 50.70 3.50 73.13
CA THR WB 5 49.50 3.76 72.35
C THR WB 5 48.87 2.49 71.80
N GLU WB 6 49.42 1.32 72.13
CA GLU WB 6 48.95 0.05 71.61
C GLU WB 6 48.14 -0.68 72.67
N ARG WB 7 47.46 -1.74 72.24
CA ARG WB 7 46.71 -2.57 73.17
C ARG WB 7 47.63 -3.34 74.11
N ALA WB 8 48.78 -3.76 73.62
CA ALA WB 8 49.76 -4.43 74.46
C ALA WB 8 50.76 -3.42 75.02
N TYR WB 9 51.54 -3.86 75.99
CA TYR WB 9 52.56 -3.02 76.60
C TYR WB 9 53.79 -3.02 75.70
N GLN WB 10 54.13 -1.85 75.17
CA GLN WB 10 55.31 -1.71 74.32
C GLN WB 10 56.55 -1.54 75.19
N LYS WB 11 57.54 -2.40 74.98
CA LYS WB 11 58.76 -2.38 75.77
C LYS WB 11 59.86 -3.08 74.99
N GLN WB 12 61.09 -2.78 75.35
CA GLN WB 12 62.22 -3.50 74.78
C GLN WB 12 62.38 -4.84 75.49
N PRO WB 13 62.36 -5.96 74.78
CA PRO WB 13 62.41 -7.27 75.46
C PRO WB 13 63.67 -7.51 76.26
N THR WB 14 64.79 -6.89 75.88
CA THR WB 14 66.05 -7.18 76.57
C THR WB 14 66.10 -6.52 77.94
N ILE WB 15 65.58 -5.31 78.08
CA ILE WB 15 65.69 -4.56 79.32
C ILE WB 15 64.65 -5.04 80.31
N PHE WB 16 65.08 -5.27 81.55
CA PHE WB 16 64.19 -5.63 82.65
C PHE WB 16 63.87 -4.36 83.42
N GLN WB 17 62.59 -4.04 83.55
CA GLN WB 17 62.18 -2.77 84.13
C GLN WB 17 62.01 -2.80 85.63
N ASN WB 18 61.59 -3.94 86.19
CA ASN WB 18 61.20 -4.02 87.59
C ASN WB 18 62.36 -4.46 88.47
N LYS WB 19 63.41 -3.64 88.47
CA LYS WB 19 64.63 -3.98 89.22
C LYS WB 19 64.50 -3.52 90.68
N LYS WB 20 63.57 -4.17 91.38
CA LYS WB 20 63.50 -4.25 92.83
C LYS WB 20 63.73 -2.88 93.50
N ARG WB 21 62.76 -1.99 93.29
CA ARG WB 21 62.80 -0.68 93.92
C ARG WB 21 62.88 -0.82 95.42
N VAL WB 22 64.02 -0.46 96.00
CA VAL WB 22 64.29 -0.61 97.42
C VAL WB 22 64.85 0.70 97.97
N LEU WB 23 65.25 0.65 99.24
CA LEU WB 23 65.73 1.85 99.92
C LEU WB 23 66.98 2.42 99.27
N LEU WB 24 67.91 1.55 98.86
CA LEU WB 24 69.14 2.03 98.23
C LEU WB 24 68.89 2.65 96.85
N GLY WB 25 67.72 2.42 96.27
CA GLY WB 25 67.34 3.06 95.04
C GLY WB 25 66.47 4.28 95.32
N GLU WB 26 67.04 5.46 95.08
CA GLU WB 26 66.38 6.73 95.41
C GLU WB 26 65.30 7.00 94.39
N THR WB 27 64.08 6.57 94.70
CA THR WB 27 62.93 6.72 93.82
C THR WB 27 62.05 7.87 94.33
N GLY WB 28 61.84 8.87 93.49
CA GLY WB 28 62.44 8.98 92.17
C GLY WB 28 63.70 9.83 92.19
N LYS WB 29 64.27 10.07 91.01
CA LYS WB 29 63.80 9.55 89.72
C LYS WB 29 64.93 8.82 89.01
N GLU WB 30 64.69 7.54 88.69
CA GLU WB 30 65.66 6.71 87.99
C GLU WB 30 65.21 6.55 86.55
N LYS WB 31 66.08 6.95 85.61
CA LYS WB 31 65.76 6.82 84.20
C LYS WB 31 65.88 5.38 83.76
N LEU WB 32 64.90 4.93 82.97
CA LEU WB 32 64.91 3.58 82.44
C LEU WB 32 66.07 3.40 81.47
N PRO WB 33 66.89 2.37 81.64
CA PRO WB 33 67.99 2.15 80.69
C PRO WB 33 67.46 1.77 79.32
N ARG WB 34 68.23 2.14 78.30
CA ARG WB 34 67.87 1.91 76.91
C ARG WB 34 68.77 0.86 76.30
N TYR WB 35 68.18 -0.07 75.57
CA TYR WB 35 68.95 -1.06 74.83
C TYR WB 35 69.27 -0.51 73.45
N TYR WB 36 70.54 -0.57 73.07
CA TYR WB 36 70.96 -0.14 71.74
C TYR WB 36 72.22 -0.90 71.37
N LYS WB 37 72.53 -0.87 70.08
CA LYS WB 37 73.70 -1.54 69.57
C LYS WB 37 74.22 -0.78 68.35
N ASN WB 38 75.51 -0.91 68.08
CA ASN WB 38 76.02 -0.44 66.81
C ASN WB 38 75.80 -1.52 65.76
N ILE WB 39 75.42 -1.09 64.55
CA ILE WB 39 75.04 -2.02 63.51
C ILE WB 39 76.20 -2.42 62.62
N GLY WB 40 77.42 -2.01 62.95
CA GLY WB 40 78.56 -2.37 62.15
C GLY WB 40 78.60 -1.60 60.84
N LEU WB 41 79.55 -2.00 60.00
CA LEU WB 41 79.77 -1.43 58.68
C LEU WB 41 80.06 0.06 58.72
N GLY WB 42 80.53 0.57 59.86
CA GLY WB 42 80.90 1.96 59.97
C GLY WB 42 79.77 2.93 60.20
N PHE WB 43 78.53 2.45 60.29
CA PHE WB 43 77.41 3.33 60.56
C PHE WB 43 77.35 3.64 62.05
N LYS WB 44 77.22 4.92 62.38
CA LYS WB 44 77.16 5.33 63.77
C LYS WB 44 75.70 5.45 64.21
N THR WB 45 75.42 4.95 65.40
CA THR WB 45 74.05 4.96 65.90
C THR WB 45 73.67 6.38 66.34
N PRO WB 46 72.51 6.87 65.94
CA PRO WB 46 72.15 8.26 66.24
C PRO WB 46 71.84 8.47 67.72
N LYS WB 47 72.10 9.70 68.17
CA LYS WB 47 71.86 10.06 69.57
C LYS WB 47 70.39 9.94 69.94
N GLU WB 48 69.48 10.17 68.98
CA GLU WB 48 68.07 9.96 69.26
C GLU WB 48 67.77 8.49 69.51
N ALA WB 49 68.41 7.59 68.77
CA ALA WB 49 68.29 6.18 69.09
C ALA WB 49 68.95 5.83 70.41
N ILE WB 50 69.99 6.58 70.80
CA ILE WB 50 70.66 6.31 72.07
C ILE WB 50 69.74 6.66 73.24
N GLU WB 51 69.15 7.85 73.21
CA GLU WB 51 68.47 8.36 74.40
C GLU WB 51 67.05 8.81 74.11
N GLY WB 52 66.37 8.16 73.17
CA GLY WB 52 64.96 8.37 73.00
C GLY WB 52 64.15 7.46 73.89
N THR WB 53 62.83 7.51 73.71
CA THR WB 53 61.93 6.65 74.47
C THR WB 53 61.05 5.79 73.58
N TYR WB 54 61.13 5.95 72.26
CA TYR WB 54 60.28 5.20 71.36
C TYR WB 54 60.60 3.72 71.42
N ILE WB 55 59.60 2.90 71.09
CA ILE WB 55 59.76 1.46 71.00
C ILE WB 55 59.53 1.05 69.56
N ASP WB 56 60.50 0.37 68.97
CA ASP WB 56 60.36 -0.13 67.61
C ASP WB 56 61.14 -1.44 67.52
N LYS WB 57 60.43 -2.56 67.40
CA LYS WB 57 61.09 -3.85 67.29
C LYS WB 57 61.82 -4.02 65.98
N LYS WB 58 61.57 -3.15 65.00
CA LYS WB 58 62.22 -3.23 63.70
C LYS WB 58 63.28 -2.15 63.50
N CYS WB 59 63.52 -1.32 64.50
CA CYS WB 59 64.57 -0.32 64.40
C CYS WB 59 65.93 -1.00 64.31
N PRO WB 60 66.79 -0.55 63.40
CA PRO WB 60 68.12 -1.18 63.29
C PRO WB 60 68.98 -1.04 64.52
N PHE WB 61 68.72 -0.04 65.36
CA PHE WB 61 69.56 0.23 66.52
C PHE WB 61 68.95 -0.23 67.83
N THR WB 62 67.63 -0.15 67.98
CA THR WB 62 66.97 -0.53 69.22
C THR WB 62 65.95 -1.65 69.02
N GLY WB 63 66.09 -2.43 67.95
CA GLY WB 63 65.16 -3.48 67.64
C GLY WB 63 65.86 -4.81 67.42
N ASN WB 64 65.05 -5.80 67.05
CA ASN WB 64 65.54 -7.15 66.77
C ASN WB 64 65.72 -7.37 65.28
N VAL WB 65 66.64 -6.61 64.68
CA VAL WB 65 66.98 -6.77 63.27
C VAL WB 65 68.48 -6.68 63.12
N SER WB 66 69.04 -7.51 62.24
CA SER WB 66 70.46 -7.49 61.92
C SER WB 66 70.63 -7.06 60.47
N ILE WB 67 71.58 -6.17 60.23
CA ILE WB 67 71.80 -5.62 58.90
C ILE WB 67 72.89 -6.45 58.22
N ARG WB 68 72.54 -7.12 57.14
CA ARG WB 68 73.48 -7.96 56.41
C ARG WB 68 73.01 -8.08 54.98
N GLY WB 69 73.96 -8.23 54.07
CA GLY WB 69 73.63 -8.34 52.67
C GLY WB 69 74.03 -7.12 51.85
N ARG WB 70 73.05 -6.43 51.29
CA ARG WB 70 73.30 -5.32 50.38
C ARG WB 70 73.04 -3.99 51.08
N ILE WB 71 73.98 -3.07 50.92
CA ILE WB 71 73.83 -1.69 51.37
C ILE WB 71 73.67 -0.83 50.13
N LEU WB 72 72.52 -0.17 50.01
CA LEU WB 72 72.27 0.66 48.84
C LEU WB 72 71.60 1.94 49.32
N SER WB 73 71.07 2.73 48.37
CA SER WB 73 70.56 4.04 48.72
C SER WB 73 69.45 4.45 47.75
N GLY WB 74 68.68 5.44 48.16
CA GLY WB 74 67.57 5.91 47.37
C GLY WB 74 67.14 7.29 47.80
N VAL WB 75 66.07 7.78 47.19
CA VAL WB 75 65.53 9.11 47.43
C VAL WB 75 64.12 8.97 47.97
N VAL WB 76 63.83 9.67 49.07
CA VAL WB 76 62.54 9.56 49.73
C VAL WB 76 61.45 10.08 48.80
N THR WB 77 60.39 9.29 48.65
CA THR WB 77 59.29 9.62 47.74
C THR WB 77 58.00 9.97 48.49
N LYS WB 78 57.52 9.08 49.35
CA LYS WB 78 56.35 9.34 50.16
C LYS WB 78 56.58 8.83 51.57
N MET WB 79 55.97 9.51 52.53
CA MET WB 79 56.10 9.19 53.95
C MET WB 79 54.72 9.03 54.58
N LYS WB 80 53.86 8.26 53.91
CA LYS WB 80 52.46 8.17 54.27
C LYS WB 80 52.14 6.95 55.12
N MET WB 81 53.02 5.97 55.18
CA MET WB 81 52.77 4.77 55.95
C MET WB 81 53.28 4.93 57.39
N GLN WB 82 52.88 4.01 58.25
CA GLN WB 82 53.32 4.01 59.64
C GLN WB 82 54.70 3.39 59.73
N ARG WB 83 55.67 4.16 60.22
CA ARG WB 83 57.02 3.71 60.51
C ARG WB 83 57.78 3.24 59.28
N THR WB 84 57.24 3.47 58.07
CA THR WB 84 57.92 3.03 56.86
C THR WB 84 57.60 3.98 55.73
N ILE WB 85 58.56 4.13 54.82
CA ILE WB 85 58.47 5.06 53.71
C ILE WB 85 58.73 4.29 52.42
N VAL WB 86 58.55 4.99 51.31
CA VAL WB 86 58.86 4.46 49.99
C VAL WB 86 59.92 5.33 49.35
N ILE WB 87 60.91 4.70 48.73
CA ILE WB 87 62.03 5.40 48.12
C ILE WB 87 62.14 4.98 46.66
N ARG WB 88 62.69 5.86 45.85
CA ARG WB 88 62.87 5.62 44.42
C ARG WB 88 64.34 5.56 44.10
N ARG WB 89 64.78 4.47 43.49
CA ARG WB 89 66.14 4.33 43.01
C ARG WB 89 66.16 4.50 41.50
N ASP WB 90 67.01 5.40 41.02
CA ASP WB 90 67.10 5.72 39.61
C ASP WB 90 68.39 5.15 39.05
N TYR WB 91 68.28 4.41 37.96
CA TYR WB 91 69.43 3.76 37.35
C TYR WB 91 69.26 3.77 35.84
N LEU WB 92 70.36 3.55 35.14
CA LEU WB 92 70.37 3.52 33.69
C LEU WB 92 70.59 2.08 33.23
N HIS WB 93 69.66 1.58 32.41
CA HIS WB 93 69.76 0.24 31.87
C HIS WB 93 70.37 0.32 30.47
N TYR WB 94 71.35 -0.53 30.21
CA TYR WB 94 72.09 -0.48 28.95
C TYR WB 94 71.44 -1.36 27.90
N ILE WB 95 71.15 -0.78 26.74
CA ILE WB 95 70.61 -1.49 25.59
C ILE WB 95 71.73 -1.64 24.58
N ARG WB 96 72.16 -2.88 24.34
CA ARG WB 96 73.37 -3.09 23.54
C ARG WB 96 73.18 -2.65 22.09
N LYS WB 97 72.02 -2.96 21.50
CA LYS WB 97 71.82 -2.77 20.07
C LYS WB 97 72.03 -1.31 19.66
N TYR WB 98 71.53 -0.39 20.47
CA TYR WB 98 71.67 1.02 20.18
C TYR WB 98 72.85 1.67 20.89
N ASN WB 99 73.63 0.89 21.65
CA ASN WB 99 74.77 1.39 22.41
C ASN WB 99 74.39 2.51 23.37
N ARG WB 100 73.12 2.61 23.73
CA ARG WB 100 72.62 3.71 24.53
C ARG WB 100 71.95 3.16 25.79
N PHE WB 101 71.61 4.07 26.69
CA PHE WB 101 71.04 3.70 27.97
C PHE WB 101 69.56 4.02 28.00
N GLU WB 102 68.94 3.63 29.11
CA GLU WB 102 67.50 3.75 29.26
C GLU WB 102 67.22 4.10 30.72
N LYS WB 103 66.56 5.23 30.94
CA LYS WB 103 66.30 5.69 32.30
C LYS WB 103 65.19 4.84 32.92
N ARG WB 104 65.54 4.11 33.98
CA ARG WB 104 64.60 3.26 34.69
C ARG WB 104 64.57 3.64 36.16
N HIS WB 105 63.61 3.08 36.87
CA HIS WB 105 63.47 3.33 38.30
C HIS WB 105 62.76 2.18 38.94
N LYS WB 106 62.97 2.02 40.24
CA LYS WB 106 62.21 1.08 41.05
C LYS WB 106 61.88 1.71 42.38
N ASN WB 107 60.67 1.44 42.86
CA ASN WB 107 60.23 1.90 44.16
C ASN WB 107 60.46 0.80 45.20
N MET WB 108 60.97 1.18 46.36
CA MET WB 108 61.20 0.25 47.44
C MET WB 108 60.60 0.79 48.73
N SER WB 109 59.78 -0.02 49.38
CA SER WB 109 59.25 0.32 50.69
C SER WB 109 60.25 -0.12 51.74
N VAL WB 110 60.79 0.84 52.48
CA VAL WB 110 61.78 0.57 53.50
C VAL WB 110 61.25 1.02 54.84
N HIS WB 111 61.73 0.40 55.91
CA HIS WB 111 61.29 0.74 57.25
C HIS WB 111 62.10 1.90 57.79
N LEU WB 112 61.42 2.90 58.33
CA LEU WB 112 62.05 4.10 58.86
C LEU WB 112 61.90 4.10 60.37
N SER WB 113 63.01 4.01 61.08
CA SER WB 113 62.98 4.07 62.53
C SER WB 113 62.62 5.48 63.00
N PRO WB 114 61.96 5.61 64.15
CA PRO WB 114 61.64 6.94 64.67
C PRO WB 114 62.85 7.74 65.10
N CYS WB 115 64.04 7.14 65.15
CA CYS WB 115 65.24 7.89 65.49
C CYS WB 115 65.59 8.92 64.43
N PHE WB 116 65.00 8.81 63.25
CA PHE WB 116 65.17 9.79 62.18
C PHE WB 116 63.91 10.65 62.16
N ARG WB 117 63.99 11.83 62.76
CA ARG WB 117 62.81 12.69 62.91
C ARG WB 117 62.66 13.71 61.79
N ASP WB 118 63.75 14.32 61.35
CA ASP WB 118 63.68 15.33 60.30
C ASP WB 118 64.00 14.70 58.95
N VAL WB 119 63.09 13.87 58.48
CA VAL WB 119 63.16 13.24 57.17
C VAL WB 119 62.11 13.88 56.28
N GLN WB 120 62.53 14.35 55.12
CA GLN WB 120 61.64 15.02 54.18
C GLN WB 120 61.71 14.34 52.81
N ILE WB 121 60.67 14.56 52.02
CA ILE WB 121 60.63 14.04 50.67
C ILE WB 121 61.77 14.66 49.86
N GLY WB 122 62.52 13.82 49.15
CA GLY WB 122 63.65 14.26 48.38
C GLY WB 122 64.99 13.99 49.02
N ASP WB 123 65.01 13.60 50.28
CA ASP WB 123 66.27 13.33 50.97
C ASP WB 123 66.87 12.02 50.49
N ILE WB 124 68.19 11.88 50.69
CA ILE WB 124 68.91 10.70 50.26
C ILE WB 124 69.07 9.78 51.47
N VAL WB 125 68.48 8.61 51.40
CA VAL WB 125 68.55 7.65 52.50
C VAL WB 125 69.37 6.44 52.06
N THR WB 126 70.38 6.13 52.85
CA THR WB 126 71.13 4.88 52.72
C THR WB 126 70.40 3.83 53.53
N VAL WB 127 70.09 2.71 52.89
CA VAL WB 127 69.36 1.61 53.50
C VAL WB 127 70.18 0.34 53.41
N GLY WB 128 69.90 -0.57 54.32
CA GLY WB 128 70.59 -1.86 54.39
C GLY WB 128 69.60 -3.00 54.42
N GLU WB 129 69.99 -4.13 53.82
CA GLU WB 129 69.09 -5.26 53.71
C GLU WB 129 68.96 -5.98 55.04
N CYS WB 130 67.73 -6.35 55.40
CA CYS WB 130 67.49 -7.14 56.61
C CYS WB 130 66.54 -8.29 56.28
N ARG WB 131 66.11 -9.02 57.30
CA ARG WB 131 65.12 -10.05 57.09
C ARG WB 131 63.79 -9.42 56.69
N PRO WB 132 62.93 -10.17 55.99
CA PRO WB 132 61.64 -9.62 55.59
C PRO WB 132 60.83 -9.07 56.75
N LEU WB 133 60.63 -7.76 56.78
CA LEU WB 133 59.87 -7.13 57.85
C LEU WB 133 58.38 -7.13 57.59
N SER WB 134 57.98 -7.10 56.32
CA SER WB 134 56.60 -7.22 55.93
C SER WB 134 56.56 -7.88 54.56
N LYS WB 135 55.40 -7.83 53.91
CA LYS WB 135 55.26 -8.46 52.60
C LYS WB 135 56.19 -7.83 51.58
N THR WB 136 56.33 -6.52 51.60
CA THR WB 136 57.12 -5.82 50.61
C THR WB 136 58.32 -5.07 51.18
N VAL WB 137 58.60 -5.20 52.46
CA VAL WB 137 59.68 -4.45 53.11
C VAL WB 137 60.81 -5.42 53.43
N ARG WB 138 62.01 -5.10 52.96
CA ARG WB 138 63.19 -5.91 53.26
C ARG WB 138 64.40 -5.06 53.60
N PHE WB 139 64.24 -3.75 53.81
CA PHE WB 139 65.36 -2.86 54.02
C PHE WB 139 65.05 -1.89 55.15
N ASN WB 140 66.10 -1.45 55.83
CA ASN WB 140 66.02 -0.48 56.91
C ASN WB 140 66.83 0.75 56.58
N VAL WB 141 66.29 1.92 56.92
CA VAL WB 141 67.03 3.16 56.73
C VAL WB 141 68.13 3.23 57.77
N LEU WB 142 69.38 3.22 57.30
CA LEU WB 142 70.54 3.32 58.16
C LEU WB 142 71.11 4.73 58.22
N LYS WB 143 70.90 5.56 57.20
CA LYS WB 143 71.44 6.90 57.22
C LYS WB 143 70.57 7.82 56.39
N VAL WB 144 70.46 9.08 56.82
CA VAL WB 144 69.67 10.09 56.12
C VAL WB 144 70.56 11.30 55.87
N THR WB 145 70.54 11.82 54.64
CA THR WB 145 71.21 13.06 54.29
C THR WB 145 70.23 13.98 53.60
N LYS WB 146 70.32 15.28 53.93
CA LYS WB 146 69.46 16.28 53.33
C LYS WB 146 69.83 16.53 51.88
N ALA WB 147 68.87 17.04 51.11
CA ALA WB 147 69.07 17.35 49.70
C ALA WB 147 69.09 18.87 49.54
N ALA WB 148 70.29 19.44 49.61
CA ALA WB 148 70.51 20.89 49.44
C ALA WB 148 69.65 21.70 50.40
N GLY WB 149 69.54 21.22 51.64
CA GLY WB 149 68.74 21.89 52.64
C GLY WB 149 69.56 22.43 53.80
N THR WB 150 69.43 21.80 54.97
CA THR WB 150 70.09 22.19 56.20
C THR WB 150 69.77 23.62 56.61
N LYS WB 151 68.66 24.17 56.12
CA LYS WB 151 68.20 25.50 56.45
C LYS WB 151 66.77 25.66 55.97
N LYS WB 152 66.03 26.55 56.62
CA LYS WB 152 64.69 26.91 56.22
C LYS WB 152 64.61 28.41 56.02
N GLN WB 153 63.79 28.83 55.06
CA GLN WB 153 63.65 30.25 54.76
C GLN WB 153 62.50 30.89 55.53
N GLY XB 1 66.71 32.39 19.37
CA GLY XB 1 65.61 33.29 19.09
C GLY XB 1 64.81 33.62 20.34
N ARG XB 2 63.67 34.27 20.15
CA ARG XB 2 62.83 34.62 21.29
C ARG XB 2 62.12 33.39 21.84
N MET XB 3 61.78 33.45 23.12
CA MET XB 3 61.07 32.35 23.76
C MET XB 3 59.70 32.15 23.14
N HIS XB 4 58.93 33.22 23.01
CA HIS XB 4 57.55 33.13 22.56
C HIS XB 4 57.27 34.02 21.36
N ALA XB 5 58.27 34.33 20.57
CA ALA XB 5 58.10 35.10 19.34
C ALA XB 5 59.06 34.55 18.30
N PRO XB 6 58.73 34.68 17.02
CA PRO XB 6 59.66 34.23 15.98
C PRO XB 6 60.67 35.31 15.63
N GLY XB 7 61.23 35.95 16.65
CA GLY XB 7 62.22 36.99 16.44
C GLY XB 7 63.60 36.46 16.77
N LYS XB 8 64.60 36.93 16.03
CA LYS XB 8 65.98 36.53 16.24
C LYS XB 8 66.86 37.77 16.29
N GLY XB 9 66.43 38.76 17.07
CA GLY XB 9 67.17 39.99 17.17
C GLY XB 9 68.45 39.84 17.95
N LEU XB 10 69.31 40.84 17.81
CA LEU XB 10 70.64 40.81 18.39
C LEU XB 10 70.92 42.00 19.31
N SER XB 11 69.97 42.90 19.50
CA SER XB 11 70.20 44.11 20.29
C SER XB 11 70.55 43.78 21.73
N GLN XB 12 71.79 44.05 22.12
CA GLN XB 12 72.29 43.71 23.45
C GLN XB 12 73.18 44.85 23.92
N SER XB 13 73.92 44.60 25.00
CA SER XB 13 74.90 45.54 25.52
C SER XB 13 76.27 44.88 25.48
N ALA XB 14 77.25 45.58 24.90
CA ALA XB 14 78.62 45.08 24.81
C ALA XB 14 79.39 45.65 25.99
N LEU XB 15 79.50 44.86 27.05
CA LEU XB 15 80.26 45.27 28.22
C LEU XB 15 81.73 45.38 27.85
N PRO XB 16 82.40 46.47 28.20
CA PRO XB 16 83.79 46.65 27.76
C PRO XB 16 84.74 45.69 28.45
N TYR XB 17 85.90 45.51 27.81
CA TYR XB 17 86.92 44.60 28.33
C TYR XB 17 87.58 45.14 29.59
N ARG XB 18 87.58 46.46 29.79
CA ARG XB 18 88.24 47.05 30.94
C ARG XB 18 87.30 46.99 32.14
N ARG XB 19 87.57 46.08 33.06
CA ARG XB 19 86.77 45.96 34.28
C ARG XB 19 87.10 47.04 35.31
N SER XB 20 88.15 47.81 35.09
CA SER XB 20 88.58 48.78 36.08
C SER XB 20 87.64 49.98 36.12
N VAL XB 21 87.61 50.64 37.27
CA VAL XB 21 86.84 51.88 37.41
C VAL XB 21 87.53 52.99 36.62
N PRO XB 22 86.80 53.81 35.87
CA PRO XB 22 87.44 54.94 35.19
C PRO XB 22 88.08 55.90 36.19
N THR XB 23 89.18 56.52 35.77
CA THR XB 23 89.91 57.41 36.66
C THR XB 23 89.10 58.65 37.01
N TRP XB 24 88.28 59.14 36.08
CA TRP XB 24 87.50 60.34 36.34
C TRP XB 24 86.33 60.10 37.27
N LEU XB 25 86.03 58.85 37.61
CA LEU XB 25 84.92 58.56 38.53
C LEU XB 25 85.40 58.82 39.94
N LYS XB 26 85.00 59.97 40.50
CA LYS XB 26 85.34 60.31 41.88
C LYS XB 26 84.52 59.52 42.89
N LEU XB 27 83.37 58.99 42.48
CA LEU XB 27 82.45 58.35 43.42
C LEU XB 27 83.07 57.08 44.01
N THR XB 28 82.93 56.91 45.31
CA THR XB 28 83.45 55.74 46.00
C THR XB 28 82.34 54.71 46.20
N SER XB 29 82.75 53.53 46.68
CA SER XB 29 81.81 52.42 46.82
C SER XB 29 80.70 52.75 47.80
N ASP XB 30 81.04 53.36 48.93
CA ASP XB 30 80.01 53.74 49.90
C ASP XB 30 79.09 54.81 49.33
N ASP XB 31 79.62 55.72 48.51
CA ASP XB 31 78.78 56.75 47.89
C ASP XB 31 77.78 56.12 46.94
N VAL XB 32 78.23 55.19 46.10
CA VAL XB 32 77.31 54.50 45.19
C VAL XB 32 76.29 53.70 45.99
N LYS XB 33 76.72 53.09 47.09
CA LYS XB 33 75.78 52.35 47.93
C LYS XB 33 74.71 53.27 48.50
N GLU XB 34 75.10 54.46 48.95
CA GLU XB 34 74.13 55.44 49.45
C GLU XB 34 73.16 55.83 48.35
N GLN XB 35 73.66 56.04 47.13
CA GLN XB 35 72.77 56.39 46.03
C GLN XB 35 71.77 55.28 45.75
N ILE XB 36 72.22 54.04 45.75
CA ILE XB 36 71.32 52.91 45.54
C ILE XB 36 70.28 52.84 46.65
N TYR XB 37 70.70 53.10 47.90
CA TYR XB 37 69.76 53.08 49.01
C TYR XB 37 68.68 54.14 48.84
N LYS XB 38 69.09 55.35 48.45
CA LYS XB 38 68.12 56.42 48.27
C LYS XB 38 67.15 56.12 47.14
N LEU XB 39 67.66 55.59 46.02
CA LEU XB 39 66.78 55.25 44.91
C LEU XB 39 65.81 54.12 45.29
N ALA XB 40 66.28 53.12 46.02
CA ALA XB 40 65.40 52.04 46.44
C ALA XB 40 64.33 52.53 47.42
N LYS XB 41 64.70 53.47 48.29
CA LYS XB 41 63.69 54.12 49.13
C LYS XB 41 62.66 54.85 48.28
N LYS XB 42 63.12 55.56 47.25
CA LYS XB 42 62.19 56.20 46.32
C LYS XB 42 61.36 55.21 45.52
N GLY XB 43 61.75 53.94 45.50
CA GLY XB 43 60.92 52.90 44.93
C GLY XB 43 61.36 52.36 43.59
N LEU XB 44 62.61 52.59 43.19
CA LEU XB 44 63.07 52.15 41.88
C LEU XB 44 63.52 50.70 41.94
N THR XB 45 63.15 49.93 40.92
CA THR XB 45 63.63 48.57 40.77
C THR XB 45 65.10 48.60 40.38
N PRO XB 46 65.84 47.49 40.61
CA PRO XB 46 67.29 47.50 40.33
C PRO XB 46 67.66 47.90 38.91
N SER XB 47 66.86 47.52 37.92
CA SER XB 47 67.12 47.96 36.55
C SER XB 47 67.06 49.47 36.45
N GLN XB 48 66.04 50.09 37.05
CA GLN XB 48 65.95 51.55 37.02
C GLN XB 48 67.06 52.20 37.81
N ILE XB 49 67.48 51.59 38.93
CA ILE XB 49 68.61 52.13 39.68
C ILE XB 49 69.86 52.15 38.83
N GLY XB 50 70.13 51.05 38.12
CA GLY XB 50 71.28 51.00 37.24
C GLY XB 50 71.19 52.01 36.11
N VAL XB 51 69.99 52.17 35.53
CA VAL XB 51 69.81 53.11 34.43
C VAL XB 51 70.06 54.54 34.90
N ILE XB 52 69.48 54.92 36.04
CA ILE XB 52 69.67 56.26 36.58
C ILE XB 52 71.14 56.49 36.91
N LEU XB 53 71.78 55.52 37.55
CA LEU XB 53 73.17 55.68 37.97
C LEU XB 53 74.09 55.81 36.76
N ARG XB 54 73.83 55.05 35.70
CA ARG XB 54 74.66 55.16 34.51
C ARG XB 54 74.39 56.46 33.77
N ASP XB 55 73.13 56.87 33.66
CA ASP XB 55 72.79 58.05 32.86
C ASP XB 55 73.28 59.33 33.52
N SER XB 56 73.02 59.49 34.81
CA SER XB 56 73.22 60.77 35.46
C SER XB 56 74.53 60.87 36.22
N HIS XB 57 74.85 59.86 37.04
CA HIS XB 57 76.00 59.93 37.93
C HIS XB 57 77.28 59.41 37.31
N GLY XB 58 77.23 58.86 36.11
CA GLY XB 58 78.43 58.53 35.38
C GLY XB 58 79.12 57.26 35.80
N VAL XB 59 78.46 56.40 36.56
CA VAL XB 59 79.04 55.12 36.93
C VAL XB 59 78.69 54.08 35.87
N ALA XB 60 79.73 53.41 35.35
CA ALA XB 60 79.53 52.46 34.27
C ALA XB 60 78.87 51.18 34.76
N GLN XB 61 79.52 50.49 35.70
CA GLN XB 61 79.00 49.27 36.27
C GLN XB 61 79.08 49.35 37.79
N VAL XB 62 77.92 49.21 38.44
CA VAL XB 62 77.88 49.20 39.89
C VAL XB 62 78.69 48.04 40.43
N ARG XB 63 78.64 46.89 39.75
CA ARG XB 63 79.45 45.76 40.17
C ARG XB 63 80.94 46.06 40.05
N PHE XB 64 81.34 46.79 39.01
CA PHE XB 64 82.74 47.14 38.86
C PHE XB 64 83.20 48.11 39.96
N VAL XB 65 82.36 49.08 40.30
CA VAL XB 65 82.81 50.10 41.25
C VAL XB 65 82.68 49.64 42.71
N THR XB 66 81.67 48.83 43.05
CA THR XB 66 81.47 48.41 44.42
C THR XB 66 81.94 46.99 44.71
N GLY XB 67 81.89 46.11 43.71
CA GLY XB 67 82.20 44.71 43.92
C GLY XB 67 81.01 43.81 44.12
N ASN XB 68 79.81 44.37 44.32
CA ASN XB 68 78.60 43.58 44.48
C ASN XB 68 77.53 44.12 43.54
N LYS XB 69 76.64 43.24 43.12
CA LYS XB 69 75.58 43.63 42.22
C LYS XB 69 74.52 44.43 42.98
N ILE XB 70 73.66 45.11 42.21
CA ILE XB 70 72.68 46.01 42.81
C ILE XB 70 71.71 45.25 43.69
N LEU XB 71 71.20 44.12 43.20
CA LEU XB 71 70.28 43.33 43.99
C LEU XB 71 70.96 42.72 45.21
N ARG XB 72 72.24 42.36 45.09
CA ARG XB 72 72.98 41.91 46.26
C ARG XB 72 73.07 43.00 47.31
N ILE XB 73 73.35 44.23 46.89
CA ILE XB 73 73.44 45.34 47.84
C ILE XB 73 72.10 45.59 48.50
N LEU XB 74 71.03 45.59 47.72
CA LEU XB 74 69.69 45.81 48.27
C LEU XB 74 69.32 44.71 49.26
N LYS XB 75 69.63 43.46 48.93
CA LYS XB 75 69.29 42.36 49.83
C LYS XB 75 70.15 42.39 51.09
N SER XB 76 71.40 42.81 50.97
CA SER XB 76 72.25 42.94 52.16
C SER XB 76 71.73 44.02 53.09
N LYS XB 77 71.32 45.17 52.54
CA LYS XB 77 70.74 46.20 53.39
C LYS XB 77 69.35 45.82 53.88
N GLY XB 78 68.68 44.90 53.19
CA GLY XB 78 67.39 44.40 53.65
C GLY XB 78 66.18 45.07 53.04
N LEU XB 79 66.35 45.90 52.01
CA LEU XB 79 65.22 46.59 51.41
C LEU XB 79 64.96 46.11 49.98
N ALA XB 80 65.41 44.90 49.66
CA ALA XB 80 65.10 44.32 48.36
C ALA XB 80 63.62 43.96 48.29
N PRO XB 81 63.03 43.99 47.10
CA PRO XB 81 61.62 43.58 46.96
C PRO XB 81 61.43 42.11 47.28
N ASP XB 82 60.26 41.78 47.83
CA ASP XB 82 59.94 40.39 48.14
C ASP XB 82 59.83 39.57 46.85
N LEU XB 83 59.13 40.10 45.84
CA LEU XB 83 59.11 39.41 44.56
C LEU XB 83 60.29 39.88 43.69
N PRO XB 84 60.82 38.98 42.87
CA PRO XB 84 61.82 39.40 41.89
C PRO XB 84 61.23 40.39 40.90
N GLU XB 85 62.09 41.26 40.38
CA GLU XB 85 61.63 42.34 39.51
C GLU XB 85 60.96 41.80 38.25
N ASP XB 86 61.61 40.86 37.57
CA ASP XB 86 61.08 40.36 36.31
C ASP XB 86 59.78 39.59 36.51
N LEU XB 87 59.70 38.78 37.56
CA LEU XB 87 58.45 38.09 37.86
C LEU XB 87 57.35 39.08 38.22
N TYR XB 88 57.67 40.13 38.96
CA TYR XB 88 56.69 41.15 39.29
C TYR XB 88 56.17 41.83 38.03
N HIS XB 89 57.05 42.15 37.09
CA HIS XB 89 56.61 42.80 35.86
C HIS XB 89 55.79 41.86 34.98
N LEU XB 90 56.14 40.58 34.95
CA LEU XB 90 55.34 39.62 34.21
C LEU XB 90 53.94 39.49 34.80
N ILE XB 91 53.84 39.44 36.13
CA ILE XB 91 52.52 39.36 36.76
C ILE XB 91 51.74 40.65 36.53
N LYS XB 92 52.42 41.79 36.55
CA LYS XB 92 51.79 43.06 36.22
C LYS XB 92 51.19 43.04 34.83
N LYS XB 93 51.97 42.56 33.85
CA LYS XB 93 51.47 42.48 32.48
C LYS XB 93 50.29 41.53 32.37
N ALA XB 94 50.35 40.40 33.06
CA ALA XB 94 49.24 39.45 33.03
C ALA XB 94 47.98 40.06 33.62
N VAL XB 95 48.11 40.81 34.71
CA VAL XB 95 46.96 41.46 35.31
C VAL XB 95 46.37 42.50 34.37
N ALA XB 96 47.23 43.28 33.71
CA ALA XB 96 46.74 44.27 32.75
C ALA XB 96 46.00 43.61 31.60
N VAL XB 97 46.55 42.52 31.07
CA VAL XB 97 45.91 41.84 29.96
C VAL XB 97 44.57 41.25 30.38
N ARG XB 98 44.51 40.66 31.58
CA ARG XB 98 43.23 40.13 32.08
C ARG XB 98 42.20 41.24 32.25
N LYS XB 99 42.64 42.39 32.75
CA LYS XB 99 41.73 43.52 32.92
C LYS XB 99 41.18 43.99 31.58
N HIS XB 100 42.03 44.01 30.55
CA HIS XB 100 41.53 44.35 29.22
C HIS XB 100 40.61 43.27 28.68
N LEU XB 101 40.92 42.00 28.96
CA LEU XB 101 40.20 40.89 28.37
C LEU XB 101 38.80 40.75 28.96
N GLU XB 102 38.64 41.04 30.25
CA GLU XB 102 37.31 40.94 30.84
C GLU XB 102 36.35 41.98 30.29
N ARG XB 103 36.85 43.02 29.61
CA ARG XB 103 36.00 43.97 28.91
C ARG XB 103 35.89 43.67 27.42
N ASN XB 104 36.94 43.13 26.81
CA ASN XB 104 36.95 42.83 25.38
C ASN XB 104 36.98 41.32 25.21
N ARG XB 105 35.79 40.71 25.16
CA ARG XB 105 35.69 39.25 25.08
C ARG XB 105 36.07 38.71 23.71
N LYS XB 106 36.03 39.53 22.67
CA LYS XB 106 36.34 39.07 21.33
C LYS XB 106 37.82 39.22 20.96
N ASP XB 107 38.66 39.65 21.91
CA ASP XB 107 40.07 39.86 21.64
C ASP XB 107 40.82 38.54 21.82
N LYS XB 108 40.67 37.66 20.83
CA LYS XB 108 41.35 36.38 20.88
C LYS XB 108 42.85 36.53 20.74
N ASP XB 109 43.33 37.59 20.08
CA ASP XB 109 44.75 37.89 20.12
C ASP XB 109 45.20 38.18 21.55
N ALA XB 110 44.40 38.92 22.29
CA ALA XB 110 44.73 39.18 23.69
C ALA XB 110 44.69 37.89 24.51
N LYS XB 111 43.76 36.99 24.21
CA LYS XB 111 43.76 35.70 24.90
C LYS XB 111 45.04 34.92 24.61
N PHE XB 112 45.49 34.92 23.36
CA PHE XB 112 46.72 34.23 22.99
C PHE XB 112 47.92 34.84 23.71
N ARG XB 113 48.01 36.16 23.73
CA ARG XB 113 49.12 36.82 24.42
C ARG XB 113 49.07 36.53 25.91
N LEU XB 114 47.87 36.47 26.49
CA LEU XB 114 47.74 36.15 27.90
C LEU XB 114 48.25 34.75 28.20
N ILE XB 115 47.94 33.80 27.33
CA ILE XB 115 48.44 32.44 27.50
C ILE XB 115 49.97 32.43 27.46
N LEU XB 116 50.55 33.17 26.51
CA LEU XB 116 52.01 33.23 26.44
C LEU XB 116 52.61 33.84 27.71
N ILE XB 117 52.03 34.93 28.20
CA ILE XB 117 52.54 35.61 29.38
C ILE XB 117 52.45 34.71 30.59
N GLU XB 118 51.34 34.00 30.75
CA GLU XB 118 51.18 33.12 31.90
C GLU XB 118 52.12 31.92 31.82
N SER XB 119 52.39 31.41 30.62
CA SER XB 119 53.39 30.37 30.48
C SER XB 119 54.76 30.86 30.92
N ARG XB 120 55.13 32.08 30.51
CA ARG XB 120 56.38 32.65 30.96
C ARG XB 120 56.41 32.81 32.48
N ILE XB 121 55.29 33.24 33.06
CA ILE XB 121 55.20 33.42 34.51
C ILE XB 121 55.45 32.10 35.22
N HIS XB 122 54.79 31.03 34.75
CA HIS XB 122 54.94 29.75 35.42
C HIS XB 122 56.34 29.19 35.26
N ARG XB 123 56.97 29.37 34.11
CA ARG XB 123 58.35 28.90 33.95
C ARG XB 123 59.31 29.65 34.86
N LEU XB 124 59.17 30.98 34.91
CA LEU XB 124 60.03 31.76 35.79
C LEU XB 124 59.79 31.44 37.25
N ALA XB 125 58.54 31.19 37.62
CA ALA XB 125 58.22 30.82 38.99
C ALA XB 125 58.82 29.47 39.35
N ARG XB 126 58.80 28.52 38.42
CA ARG XB 126 59.45 27.24 38.64
C ARG XB 126 60.94 27.43 38.86
N TYR XB 127 61.58 28.28 38.07
CA TYR XB 127 63.00 28.55 38.26
C TYR XB 127 63.27 29.17 39.64
N TYR XB 128 62.43 30.12 40.06
CA TYR XB 128 62.69 30.78 41.33
C TYR XB 128 62.43 29.87 42.51
N LYS XB 129 61.44 28.98 42.41
CA LYS XB 129 61.26 27.99 43.46
C LYS XB 129 62.40 26.99 43.49
N THR XB 130 62.97 26.66 42.32
CA THR XB 130 64.16 25.82 42.29
C THR XB 130 65.33 26.49 43.02
N LYS XB 131 65.53 27.78 42.77
CA LYS XB 131 66.58 28.53 43.46
C LYS XB 131 66.20 28.91 44.88
N ARG XB 132 64.98 28.62 45.31
CA ARG XB 132 64.49 28.88 46.66
C ARG XB 132 64.42 30.38 46.96
N VAL XB 133 64.30 31.21 45.93
CA VAL XB 133 63.97 32.61 46.14
C VAL XB 133 62.52 32.74 46.61
N LEU XB 134 61.66 31.97 46.04
CA LEU XB 134 60.23 31.88 46.30
C LEU XB 134 59.91 30.74 47.24
N PRO XB 135 58.80 30.81 47.98
CA PRO XB 135 58.40 29.69 48.81
C PRO XB 135 58.12 28.47 47.95
N PRO XB 136 58.35 27.27 48.48
CA PRO XB 136 58.09 26.06 47.69
C PRO XB 136 56.64 25.91 47.25
N ASN XB 137 55.70 26.40 48.04
CA ASN XB 137 54.29 26.32 47.70
C ASN XB 137 53.77 27.56 46.99
N TRP XB 138 54.67 28.47 46.60
CA TRP XB 138 54.26 29.67 45.90
C TRP XB 138 53.58 29.30 44.58
N LYS XB 139 52.35 29.76 44.42
CA LYS XB 139 51.58 29.49 43.21
C LYS XB 139 50.99 30.79 42.72
N TYR XB 140 51.01 30.97 41.40
CA TYR XB 140 50.42 32.16 40.78
C TYR XB 140 48.95 31.85 40.52
N GLU XB 141 48.07 32.52 41.26
CA GLU XB 141 46.63 32.42 41.02
C GLU XB 141 46.19 33.67 40.27
N SER XB 142 45.53 33.45 39.14
CA SER XB 142 45.12 34.56 38.28
C SER XB 142 44.13 35.48 38.99
N SER XB 143 43.28 34.92 39.85
CA SER XB 143 42.28 35.73 40.54
C SER XB 143 42.91 36.60 41.61
N THR XB 144 43.82 36.05 42.40
CA THR XB 144 44.39 36.78 43.53
C THR XB 144 45.62 37.59 43.17
N ALA XB 145 46.17 37.43 41.96
CA ALA XB 145 47.38 38.14 41.60
C ALA XB 145 47.17 39.62 41.37
N SER XB 146 45.92 40.07 41.31
CA SER XB 146 45.65 41.48 41.03
C SER XB 146 46.14 42.38 42.17
N ALA XB 147 46.05 41.91 43.41
CA ALA XB 147 46.43 42.72 44.56
C ALA XB 147 47.92 42.71 44.82
N LEU XB 148 48.70 41.96 44.07
CA LEU XB 148 50.15 41.89 44.28
C LEU XB 148 50.91 42.97 43.54
N VAL XB 149 50.35 43.54 42.48
CA VAL XB 149 51.08 44.41 41.57
C VAL XB 149 50.31 45.71 41.39
N ALA XB 150 51.06 46.81 41.22
CA ALA XB 150 50.52 48.11 40.85
C ALA XB 150 49.41 48.60 41.77
N ILE YB 4 8.67 80.92 -35.74
CA ILE YB 4 8.70 80.70 -34.30
C ILE YB 4 9.79 79.67 -33.96
N SER YB 5 9.89 78.63 -34.81
CA SER YB 5 11.01 77.70 -34.84
C SER YB 5 11.19 76.89 -33.57
N LEU YB 6 10.32 77.08 -32.57
CA LEU YB 6 10.38 76.37 -31.28
C LEU YB 6 11.77 76.52 -30.64
N GLY YB 7 12.30 77.72 -30.66
CA GLY YB 7 13.61 77.96 -30.11
C GLY YB 7 13.68 79.24 -29.31
N PRO YB 8 14.75 79.40 -28.53
CA PRO YB 8 14.94 80.64 -27.78
C PRO YB 8 15.41 81.77 -28.68
N GLN YB 9 15.26 82.99 -28.17
CA GLN YB 9 15.77 84.16 -28.86
C GLN YB 9 17.27 84.21 -28.67
N VAL YB 10 18.01 84.09 -29.77
CA VAL YB 10 19.46 83.98 -29.72
C VAL YB 10 20.07 85.00 -30.67
N ALA YB 11 21.27 85.45 -30.33
CA ALA YB 11 22.01 86.36 -31.18
C ALA YB 11 22.74 85.58 -32.26
N GLU YB 12 23.40 86.31 -33.16
CA GLU YB 12 24.13 85.68 -34.25
C GLU YB 12 25.45 85.06 -33.80
N GLY YB 13 26.27 85.82 -33.09
CA GLY YB 13 27.62 85.40 -32.76
C GLY YB 13 27.74 84.46 -31.58
N GLU YB 14 26.64 84.04 -30.97
CA GLU YB 14 26.68 83.16 -29.82
C GLU YB 14 25.86 81.91 -30.10
N ASN YB 15 26.11 80.88 -29.30
CA ASN YB 15 25.47 79.59 -29.45
C ASN YB 15 24.81 79.18 -28.14
N VAL YB 16 23.76 78.40 -28.25
CA VAL YB 16 23.03 77.88 -27.09
C VAL YB 16 23.42 76.42 -26.89
N PHE YB 17 23.55 76.03 -25.63
CA PHE YB 17 24.17 74.77 -25.24
C PHE YB 17 23.14 73.78 -24.71
N GLY YB 18 23.28 72.53 -25.13
CA GLY YB 18 22.62 71.41 -24.50
C GLY YB 18 23.67 70.46 -23.93
N VAL YB 19 23.19 69.37 -23.33
CA VAL YB 19 24.07 68.35 -22.78
C VAL YB 19 23.67 67.01 -23.37
N CYS YB 20 24.59 66.39 -24.11
CA CYS YB 20 24.38 65.08 -24.69
C CYS YB 20 24.98 64.02 -23.79
N HIS YB 21 24.13 63.19 -23.21
CA HIS YB 21 24.55 62.01 -22.47
C HIS YB 21 24.63 60.85 -23.46
N ILE YB 22 25.84 60.36 -23.69
CA ILE YB 22 26.06 59.22 -24.57
C ILE YB 22 26.32 58.02 -23.68
N PHE YB 23 25.31 57.18 -23.50
CA PHE YB 23 25.44 55.96 -22.71
C PHE YB 23 25.71 54.84 -23.69
N ALA YB 24 26.98 54.56 -23.93
CA ALA YB 24 27.36 53.56 -24.92
C ALA YB 24 27.71 52.27 -24.19
N SER YB 25 26.69 51.48 -23.88
CA SER YB 25 26.94 50.22 -23.22
C SER YB 25 27.23 49.20 -24.31
N PHE YB 26 27.53 47.98 -23.91
CA PHE YB 26 27.33 46.92 -24.87
C PHE YB 26 25.84 46.61 -24.94
N ASN YB 27 25.45 46.02 -26.07
CA ASN YB 27 24.07 45.66 -26.41
C ASN YB 27 23.21 46.86 -26.77
N ASP YB 28 23.68 48.10 -26.57
CA ASP YB 28 22.92 49.28 -26.98
C ASP YB 28 23.73 50.55 -26.69
N THR YB 29 23.35 51.62 -27.37
CA THR YB 29 23.85 52.96 -27.11
C THR YB 29 22.70 53.95 -27.03
N PHE YB 30 22.87 54.96 -26.17
CA PHE YB 30 21.91 56.03 -25.95
C PHE YB 30 22.56 57.35 -26.31
N VAL YB 31 21.82 58.20 -27.02
CA VAL YB 31 22.33 59.48 -27.52
C VAL YB 31 21.44 60.56 -26.92
N HIS YB 32 21.13 60.41 -25.63
CA HIS YB 32 20.20 61.31 -24.96
C HIS YB 32 20.71 62.75 -25.02
N VAL YB 33 19.81 63.70 -25.21
CA VAL YB 33 20.14 65.12 -25.13
C VAL YB 33 19.15 65.81 -24.21
N THR YB 34 19.67 66.52 -23.22
CA THR YB 34 18.90 67.28 -22.26
C THR YB 34 19.35 68.73 -22.29
N ASP YB 35 18.70 69.55 -21.48
CA ASP YB 35 19.08 70.95 -21.34
C ASP YB 35 20.36 71.04 -20.52
N LEU YB 36 20.77 72.26 -20.19
CA LEU YB 36 22.01 72.43 -19.45
C LEU YB 36 21.88 71.97 -18.01
N SER YB 37 20.66 71.99 -17.46
CA SER YB 37 20.43 71.46 -16.12
C SER YB 37 20.37 69.94 -16.09
N GLY YB 38 20.00 69.32 -17.20
CA GLY YB 38 19.81 67.88 -17.26
C GLY YB 38 18.41 67.42 -16.92
N LYS YB 39 17.60 68.26 -16.30
CA LYS YB 39 16.25 67.85 -15.91
C LYS YB 39 15.32 67.79 -17.11
N GLU YB 40 15.40 68.77 -18.00
CA GLU YB 40 14.53 68.82 -19.17
C GLU YB 40 15.27 68.22 -20.36
N THR YB 41 14.69 67.21 -20.97
CA THR YB 41 15.29 66.52 -22.10
C THR YB 41 14.73 67.03 -23.42
N ILE YB 42 15.57 66.98 -24.45
CA ILE YB 42 15.22 67.50 -25.76
C ILE YB 42 14.91 66.35 -26.70
N CYS YB 43 15.90 65.49 -26.94
CA CYS YB 43 15.75 64.35 -27.83
C CYS YB 43 16.54 63.18 -27.28
N ARG YB 44 15.94 61.99 -27.33
CA ARG YB 44 16.62 60.76 -26.97
C ARG YB 44 16.37 59.73 -28.06
N VAL YB 45 17.44 59.29 -28.73
CA VAL YB 45 17.37 58.25 -29.74
C VAL YB 45 18.44 57.22 -29.41
N THR YB 46 18.09 55.95 -29.52
CA THR YB 46 19.01 54.85 -29.28
C THR YB 46 19.26 54.10 -30.58
N GLY YB 47 20.24 53.19 -30.54
CA GLY YB 47 20.49 52.35 -31.70
C GLY YB 47 19.43 51.30 -31.92
N GLY YB 48 18.74 50.91 -30.85
CA GLY YB 48 17.68 49.92 -30.97
C GLY YB 48 16.48 50.42 -31.72
N MET YB 49 16.23 51.73 -31.69
CA MET YB 49 15.15 52.33 -32.45
C MET YB 49 15.59 52.77 -33.83
N LYS YB 50 16.85 52.52 -34.20
CA LYS YB 50 17.34 52.74 -35.55
C LYS YB 50 17.57 51.46 -36.32
N VAL YB 51 17.91 50.36 -35.65
CA VAL YB 51 18.03 49.07 -36.31
C VAL YB 51 16.84 48.20 -35.94
N LYS YB 52 16.72 47.07 -36.64
CA LYS YB 52 15.68 46.09 -36.37
C LYS YB 52 16.26 44.70 -36.41
N ALA YB 53 17.42 44.51 -35.80
CA ALA YB 53 18.15 43.24 -35.88
C ALA YB 53 18.57 42.68 -34.53
N ASP YB 54 18.60 43.48 -33.46
CA ASP YB 54 18.85 43.04 -32.09
C ASP YB 54 20.31 42.67 -31.88
N ARG YB 55 21.09 42.58 -32.95
CA ARG YB 55 22.53 42.45 -32.88
C ARG YB 55 23.23 43.79 -33.00
N ASP YB 56 22.61 44.72 -33.71
CA ASP YB 56 23.22 45.95 -34.13
C ASP YB 56 22.84 47.12 -33.23
N GLU YB 57 22.15 46.86 -32.13
CA GLU YB 57 21.72 47.94 -31.25
C GLU YB 57 22.92 48.67 -30.65
N SER YB 58 24.04 47.98 -30.51
CA SER YB 58 25.28 48.61 -30.05
C SER YB 58 26.25 48.91 -31.19
N SER YB 59 25.84 48.71 -32.43
CA SER YB 59 26.76 48.84 -33.54
C SER YB 59 27.13 50.31 -33.79
N PRO YB 60 28.33 50.57 -34.29
CA PRO YB 60 28.71 51.94 -34.63
C PRO YB 60 27.79 52.58 -35.66
N TYR YB 61 27.29 51.82 -36.62
CA TYR YB 61 26.38 52.37 -37.62
C TYR YB 61 25.08 52.84 -36.98
N ALA YB 62 24.54 52.03 -36.06
CA ALA YB 62 23.34 52.43 -35.35
C ALA YB 62 23.59 53.67 -34.49
N ALA YB 63 24.75 53.73 -33.85
CA ALA YB 63 25.09 54.92 -33.08
C ALA YB 63 25.16 56.15 -33.97
N MET YB 64 25.73 56.01 -35.16
CA MET YB 64 25.81 57.13 -36.09
C MET YB 64 24.43 57.59 -36.51
N LEU YB 65 23.54 56.65 -36.84
CA LEU YB 65 22.19 57.01 -37.25
C LEU YB 65 21.44 57.72 -36.13
N ALA YB 66 21.56 57.20 -34.90
CA ALA YB 66 20.89 57.81 -33.77
C ALA YB 66 21.41 59.22 -33.52
N ALA YB 67 22.73 59.40 -33.61
CA ALA YB 67 23.29 60.74 -33.42
C ALA YB 67 22.85 61.69 -34.52
N GLN YB 68 22.72 61.22 -35.76
CA GLN YB 68 22.23 62.08 -36.83
C GLN YB 68 20.81 62.53 -36.57
N ASP YB 69 19.92 61.62 -36.16
CA ASP YB 69 18.56 62.03 -35.84
C ASP YB 69 18.49 62.97 -34.65
N VAL YB 70 19.26 62.71 -33.60
CA VAL YB 70 19.31 63.61 -32.46
C VAL YB 70 19.79 64.99 -32.90
N ALA YB 71 20.79 65.04 -33.76
CA ALA YB 71 21.34 66.31 -34.21
C ALA YB 71 20.32 67.11 -35.00
N GLN YB 72 19.58 66.44 -35.90
CA GLN YB 72 18.60 67.21 -36.69
C GLN YB 72 17.44 67.67 -35.82
N ARG YB 73 17.03 66.85 -34.84
CA ARG YB 73 16.00 67.31 -33.89
C ARG YB 73 16.47 68.51 -33.09
N CYS YB 74 17.71 68.47 -32.61
CA CYS YB 74 18.25 69.58 -31.84
C CYS YB 74 18.36 70.84 -32.69
N LYS YB 75 18.77 70.70 -33.94
CA LYS YB 75 18.86 71.85 -34.83
C LYS YB 75 17.48 72.46 -35.07
N GLU YB 76 16.45 71.63 -35.30
CA GLU YB 76 15.14 72.22 -35.52
C GLU YB 76 14.54 72.79 -34.25
N LEU YB 77 14.92 72.30 -33.08
CA LEU YB 77 14.50 72.91 -31.83
C LEU YB 77 15.39 74.06 -31.39
N GLY YB 78 16.45 74.35 -32.14
CA GLY YB 78 17.24 75.54 -31.87
C GLY YB 78 18.27 75.36 -30.79
N ILE YB 79 19.06 74.30 -30.89
CA ILE YB 79 20.22 74.09 -30.04
C ILE YB 79 21.43 73.88 -30.95
N THR YB 80 22.51 74.61 -30.67
CA THR YB 80 23.65 74.64 -31.56
C THR YB 80 24.89 73.96 -31.02
N ALA YB 81 25.15 74.00 -29.72
CA ALA YB 81 26.34 73.40 -29.15
C ALA YB 81 25.93 72.36 -28.11
N LEU YB 82 26.84 71.43 -27.84
CA LEU YB 82 26.55 70.32 -26.95
C LEU YB 82 27.77 70.03 -26.08
N HIS YB 83 27.58 70.03 -24.76
CA HIS YB 83 28.51 69.37 -23.88
C HIS YB 83 28.30 67.87 -23.98
N ILE YB 84 29.34 67.10 -23.66
CA ILE YB 84 29.31 65.66 -23.84
C ILE YB 84 29.55 64.98 -22.50
N LYS YB 85 28.75 63.96 -22.19
CA LYS YB 85 28.95 63.13 -21.01
C LYS YB 85 28.94 61.68 -21.48
N LEU YB 86 30.13 61.10 -21.63
CA LEU YB 86 30.25 59.71 -22.03
C LEU YB 86 30.07 58.79 -20.82
N ARG YB 87 29.36 57.69 -21.03
CA ARG YB 87 29.03 56.78 -19.95
C ARG YB 87 29.13 55.35 -20.44
N ALA YB 88 29.86 54.53 -19.68
CA ALA YB 88 29.84 53.09 -19.87
C ALA YB 88 28.80 52.49 -18.93
N THR YB 89 28.79 51.16 -18.80
CA THR YB 89 27.83 50.55 -17.90
C THR YB 89 28.08 50.97 -16.45
N GLY YB 90 29.34 50.99 -16.04
CA GLY YB 90 29.65 51.46 -14.70
C GLY YB 90 29.25 50.44 -13.64
N GLY YB 91 29.19 50.94 -12.40
CA GLY YB 91 28.89 50.08 -11.29
C GLY YB 91 29.99 49.06 -11.09
N ASN YB 92 29.60 47.85 -10.73
CA ASN YB 92 30.56 46.75 -10.65
C ASN YB 92 30.79 46.08 -12.00
N ARG YB 93 30.11 46.52 -13.05
CA ARG YB 93 30.28 45.97 -14.38
C ARG YB 93 31.35 46.77 -15.12
N THR YB 94 31.42 46.62 -16.45
CA THR YB 94 32.53 47.15 -17.21
C THR YB 94 32.56 48.67 -17.17
N LYS YB 95 33.77 49.22 -17.32
CA LYS YB 95 34.00 50.65 -17.35
C LYS YB 95 34.36 51.17 -18.73
N THR YB 96 34.67 50.30 -19.67
CA THR YB 96 35.03 50.71 -21.01
C THR YB 96 33.77 51.06 -21.80
N PRO YB 97 33.73 52.22 -22.46
CA PRO YB 97 32.56 52.55 -23.29
C PRO YB 97 32.43 51.58 -24.45
N GLY YB 98 31.19 51.38 -24.88
CA GLY YB 98 30.90 50.42 -25.91
C GLY YB 98 31.34 50.88 -27.27
N PRO YB 99 31.03 50.07 -28.30
CA PRO YB 99 31.46 50.41 -29.66
C PRO YB 99 30.77 51.63 -30.24
N GLY YB 100 29.68 52.09 -29.64
CA GLY YB 100 28.92 53.17 -30.23
C GLY YB 100 29.34 54.57 -29.85
N ALA YB 101 30.15 54.74 -28.80
CA ALA YB 101 30.47 56.08 -28.32
C ALA YB 101 31.25 56.88 -29.35
N GLN YB 102 32.28 56.26 -29.94
CA GLN YB 102 33.11 56.96 -30.90
C GLN YB 102 32.30 57.42 -32.11
N SER YB 103 31.47 56.53 -32.65
CA SER YB 103 30.66 56.87 -33.81
C SER YB 103 29.60 57.90 -33.49
N ALA YB 104 28.97 57.80 -32.30
CA ALA YB 104 27.96 58.78 -31.94
C ALA YB 104 28.57 60.17 -31.82
N LEU YB 105 29.73 60.28 -31.17
CA LEU YB 105 30.34 61.59 -30.99
C LEU YB 105 30.86 62.13 -32.31
N ARG YB 106 31.44 61.27 -33.16
CA ARG YB 106 31.89 61.71 -34.48
C ARG YB 106 30.73 62.16 -35.34
N ALA YB 107 29.59 61.45 -35.26
CA ALA YB 107 28.42 61.85 -36.05
C ALA YB 107 27.87 63.17 -35.57
N LEU YB 108 27.85 63.40 -34.26
CA LEU YB 108 27.43 64.69 -33.75
C LEU YB 108 28.36 65.80 -34.22
N ALA YB 109 29.66 65.52 -34.27
CA ALA YB 109 30.59 66.51 -34.77
C ALA YB 109 30.37 66.81 -36.25
N ARG YB 110 30.19 65.78 -37.06
CA ARG YB 110 30.07 65.94 -38.51
C ARG YB 110 28.70 66.44 -38.94
N SER YB 111 27.69 66.35 -38.08
CA SER YB 111 26.35 66.81 -38.42
C SER YB 111 26.15 68.30 -38.13
N GLY YB 112 27.22 69.05 -37.89
CA GLY YB 112 27.14 70.48 -37.71
C GLY YB 112 27.02 70.94 -36.27
N MET YB 113 26.71 70.04 -35.34
CA MET YB 113 26.58 70.44 -33.94
C MET YB 113 27.94 70.81 -33.37
N LYS YB 114 28.01 71.97 -32.72
CA LYS YB 114 29.23 72.38 -32.05
C LYS YB 114 29.46 71.53 -30.81
N ILE YB 115 30.72 71.32 -30.48
CA ILE YB 115 31.10 70.45 -29.36
C ILE YB 115 31.78 71.31 -28.30
N GLY YB 116 31.40 71.11 -27.03
CA GLY YB 116 32.01 71.81 -25.93
C GLY YB 116 32.83 70.90 -25.04
N ARG YB 117 32.54 70.91 -23.74
CA ARG YB 117 33.26 70.07 -22.81
C ARG YB 117 32.92 68.59 -23.01
N ILE YB 118 33.93 67.74 -22.81
CA ILE YB 118 33.78 66.30 -22.86
C ILE YB 118 34.23 65.73 -21.53
N GLU YB 119 33.39 64.88 -20.93
CA GLU YB 119 33.72 64.33 -19.63
C GLU YB 119 33.19 62.91 -19.52
N ASP YB 120 33.94 62.06 -18.82
CA ASP YB 120 33.46 60.73 -18.48
C ASP YB 120 32.62 60.82 -17.21
N VAL YB 121 31.45 60.19 -17.23
CA VAL YB 121 30.56 60.18 -16.08
C VAL YB 121 30.21 58.75 -15.72
N THR YB 122 31.11 57.82 -16.01
CA THR YB 122 30.86 56.42 -15.73
C THR YB 122 30.72 56.23 -14.22
N PRO YB 123 29.69 55.53 -13.76
CA PRO YB 123 29.52 55.33 -12.31
C PRO YB 123 30.60 54.43 -11.73
N ILE YB 124 31.51 55.00 -10.96
CA ILE YB 124 32.62 54.29 -10.35
C ILE YB 124 32.31 54.10 -8.88
N PRO YB 125 32.15 52.86 -8.40
CA PRO YB 125 31.90 52.66 -6.98
C PRO YB 125 33.16 52.87 -6.15
N SER YB 126 33.00 53.56 -5.02
CA SER YB 126 34.07 53.55 -4.03
C SER YB 126 34.27 52.16 -3.49
N ASP YB 127 33.21 51.34 -3.53
CA ASP YB 127 33.12 49.89 -3.68
C ASP YB 127 31.67 49.46 -3.73
N SER YB 128 31.46 48.37 -4.43
CA SER YB 128 30.17 47.96 -4.92
C SER YB 128 29.72 46.70 -4.23
N THR YB 129 28.50 46.30 -4.54
CA THR YB 129 28.01 45.00 -4.17
C THR YB 129 28.72 43.93 -5.00
N ARG YB 130 28.44 42.67 -4.69
CA ARG YB 130 29.11 41.58 -5.37
C ARG YB 130 28.67 41.51 -6.83
N ARG YB 131 29.63 41.43 -7.73
CA ARG YB 131 29.33 41.34 -9.14
C ARG YB 131 28.75 39.97 -9.48
N LYS YB 132 27.82 39.94 -10.43
CA LYS YB 132 27.21 38.68 -10.81
C LYS YB 132 28.18 37.84 -11.63
N GLY YB 133 27.96 36.54 -11.62
CA GLY YB 133 28.78 35.59 -12.34
C GLY YB 133 29.38 34.49 -11.49
N GLY YB 134 29.36 34.61 -10.17
CA GLY YB 134 29.98 33.63 -9.32
C GLY YB 134 31.49 33.83 -9.24
N ARG YB 135 32.11 33.02 -8.39
CA ARG YB 135 33.55 33.12 -8.22
C ARG YB 135 34.33 32.40 -9.32
N ARG YB 136 33.67 31.57 -10.10
CA ARG YB 136 34.29 30.95 -11.26
C ARG YB 136 33.99 31.69 -12.54
N GLY YB 137 33.26 32.79 -12.47
CA GLY YB 137 33.09 33.65 -13.62
C GLY YB 137 32.07 33.13 -14.61
N ARG YB 138 32.10 33.73 -15.80
CA ARG YB 138 31.25 33.33 -16.91
C ARG YB 138 32.04 32.33 -17.76
N ARG YB 139 31.74 31.05 -17.59
CA ARG YB 139 32.49 30.00 -18.27
C ARG YB 139 32.05 29.92 -19.72
N LEU YB 140 33.00 30.11 -20.63
CA LEU YB 140 32.72 30.04 -22.06
C LEU YB 140 33.78 29.24 -22.82
N MET ZB 1 103.59 5.52 -0.46
CA MET ZB 1 104.86 5.01 -0.98
C MET ZB 1 105.81 4.67 0.16
N GLN ZB 2 107.04 4.30 -0.20
CA GLN ZB 2 108.13 4.11 0.75
C GLN ZB 2 107.79 3.03 1.78
N ASN ZB 3 107.70 1.79 1.27
CA ASN ZB 3 107.45 0.63 2.11
C ASN ZB 3 108.56 0.40 3.12
N ASP ZB 4 108.40 -0.60 3.99
CA ASP ZB 4 109.33 -0.78 5.11
C ASP ZB 4 110.75 -1.02 4.62
N ALA ZB 5 110.91 -1.65 3.45
CA ALA ZB 5 112.25 -1.80 2.87
C ALA ZB 5 112.83 -0.44 2.53
N GLY ZB 6 112.04 0.47 1.97
CA GLY ZB 6 112.50 1.82 1.72
C GLY ZB 6 112.20 2.38 0.35
N GLU ZB 7 112.10 1.52 -0.67
CA GLU ZB 7 111.92 2.02 -2.03
C GLU ZB 7 110.55 2.67 -2.20
N PHE ZB 8 110.50 3.63 -3.11
CA PHE ZB 8 109.29 4.42 -3.34
C PHE ZB 8 108.39 3.68 -4.31
N VAL ZB 9 107.41 2.97 -3.78
CA VAL ZB 9 106.48 2.19 -4.61
C VAL ZB 9 105.32 3.12 -4.94
N ASP ZB 10 105.54 3.97 -5.95
CA ASP ZB 10 104.54 4.91 -6.42
C ASP ZB 10 105.00 5.47 -7.76
N LEU ZB 11 104.17 5.39 -8.79
CA LEU ZB 11 104.67 5.64 -10.14
C LEU ZB 11 104.79 7.12 -10.48
N TYR ZB 12 104.19 8.02 -9.71
CA TYR ZB 12 104.61 9.43 -9.76
C TYR ZB 12 104.13 10.13 -8.50
N VAL ZB 13 104.69 11.32 -8.28
CA VAL ZB 13 104.30 12.18 -7.17
C VAL ZB 13 103.57 13.39 -7.73
N PRO ZB 14 102.26 13.50 -7.54
CA PRO ZB 14 101.53 14.62 -8.13
C PRO ZB 14 101.91 15.96 -7.51
N ARG ZB 15 101.72 17.02 -8.29
CA ARG ZB 15 101.99 18.35 -7.79
C ARG ZB 15 100.88 18.79 -6.83
N LYS ZB 16 101.21 19.77 -6.00
CA LYS ZB 16 100.28 20.36 -5.08
C LYS ZB 16 100.15 21.85 -5.39
N CYS ZB 17 98.91 22.32 -5.43
CA CYS ZB 17 98.63 23.73 -5.68
C CYS ZB 17 99.34 24.60 -4.65
N SER ZB 18 99.99 25.65 -5.13
CA SER ZB 18 100.80 26.49 -4.25
C SER ZB 18 99.96 27.44 -3.42
N ALA ZB 19 98.64 27.43 -3.57
CA ALA ZB 19 97.75 28.27 -2.78
C ALA ZB 19 96.93 27.47 -1.79
N SER ZB 20 96.19 26.47 -2.26
CA SER ZB 20 95.31 25.68 -1.41
C SER ZB 20 95.94 24.37 -0.94
N ASN ZB 21 97.15 24.05 -1.40
CA ASN ZB 21 97.87 22.85 -1.00
C ASN ZB 21 97.07 21.58 -1.34
N ARG ZB 22 96.30 21.65 -2.41
CA ARG ZB 22 95.49 20.54 -2.88
C ARG ZB 22 96.22 19.79 -3.97
N ILE ZB 23 95.99 18.47 -4.04
CA ILE ZB 23 96.64 17.68 -5.08
C ILE ZB 23 96.03 18.00 -6.42
N ILE ZB 24 96.88 18.28 -7.41
CA ILE ZB 24 96.43 18.53 -8.77
C ILE ZB 24 96.34 17.19 -9.49
N GLY ZB 25 95.12 16.79 -9.84
CA GLY ZB 25 94.91 15.50 -10.45
C GLY ZB 25 95.40 15.45 -11.89
N ALA ZB 26 95.47 14.22 -12.40
CA ALA ZB 26 95.93 14.03 -13.77
C ALA ZB 26 94.93 14.55 -14.79
N LYS ZB 27 93.64 14.47 -14.48
CA LYS ZB 27 92.59 14.93 -15.38
C LYS ZB 27 92.02 16.27 -14.97
N ASP ZB 28 92.77 17.06 -14.20
CA ASP ZB 28 92.34 18.41 -13.85
C ASP ZB 28 93.04 19.36 -14.81
N HIS ZB 29 92.38 19.61 -15.94
CA HIS ZB 29 92.96 20.43 -17.00
C HIS ZB 29 92.79 21.91 -16.77
N ALA ZB 30 92.04 22.32 -15.76
CA ALA ZB 30 91.97 23.72 -15.42
C ALA ZB 30 93.19 24.20 -14.65
N SER ZB 31 93.99 23.29 -14.11
CA SER ZB 31 95.17 23.68 -13.35
C SER ZB 31 96.21 24.32 -14.25
N ILE ZB 32 96.97 25.24 -13.67
CA ILE ZB 32 98.02 25.94 -14.40
C ILE ZB 32 99.32 25.84 -13.63
N GLN ZB 33 100.43 25.97 -14.36
CA GLN ZB 33 101.75 26.05 -13.75
C GLN ZB 33 102.52 27.10 -14.54
N MET ZB 34 102.63 28.30 -13.98
CA MET ZB 34 103.27 29.39 -14.69
C MET ZB 34 104.65 29.69 -14.12
N ASN ZB 35 105.46 30.34 -14.95
CA ASN ZB 35 106.80 30.76 -14.57
C ASN ZB 35 106.84 32.28 -14.57
N VAL ZB 36 107.38 32.86 -13.50
CA VAL ZB 36 107.62 34.29 -13.41
C VAL ZB 36 109.12 34.48 -13.51
N ALA ZB 37 109.54 35.32 -14.45
CA ALA ZB 37 110.95 35.50 -14.76
C ALA ZB 37 111.51 36.62 -13.89
N GLU ZB 38 112.36 36.26 -12.93
CA GLU ZB 38 113.02 37.29 -12.15
C GLU ZB 38 114.24 37.81 -12.88
N VAL ZB 39 114.52 39.09 -12.68
CA VAL ZB 39 115.54 39.80 -13.44
C VAL ZB 39 116.73 40.07 -12.55
N ASP ZB 40 117.80 40.58 -13.14
CA ASP ZB 40 118.98 40.92 -12.38
C ASP ZB 40 118.73 42.18 -11.54
N LYS ZB 41 119.64 42.43 -10.59
CA LYS ZB 41 119.44 43.52 -9.66
C LYS ZB 41 119.67 44.88 -10.32
N VAL ZB 42 120.63 44.96 -11.22
CA VAL ZB 42 121.11 46.27 -11.69
C VAL ZB 42 120.40 46.71 -12.96
N THR ZB 43 120.33 45.86 -13.99
CA THR ZB 43 119.78 46.28 -15.28
C THR ZB 43 118.31 45.94 -15.45
N GLY ZB 44 117.73 45.17 -14.53
CA GLY ZB 44 116.34 44.79 -14.68
C GLY ZB 44 116.08 43.87 -15.84
N ARG ZB 45 117.10 43.15 -16.31
CA ARG ZB 45 116.98 42.29 -17.48
C ARG ZB 45 116.93 40.83 -17.05
N PHE ZB 46 116.21 40.03 -17.83
CA PHE ZB 46 116.01 38.62 -17.53
C PHE ZB 46 117.35 37.88 -17.57
N ASN ZB 47 117.62 37.12 -16.51
CA ASN ZB 47 118.88 36.40 -16.35
C ASN ZB 47 118.76 34.91 -16.62
N GLY ZB 48 117.66 34.47 -17.20
CA GLY ZB 48 117.50 33.06 -17.54
C GLY ZB 48 116.78 32.21 -16.51
N GLN ZB 49 117.06 32.44 -15.23
CA GLN ZB 49 116.47 31.65 -14.17
C GLN ZB 49 115.21 32.32 -13.63
N PHE ZB 50 114.20 31.52 -13.33
CA PHE ZB 50 112.85 31.98 -13.06
C PHE ZB 50 112.33 31.26 -11.82
N LYS ZB 51 111.04 31.43 -11.53
CA LYS ZB 51 110.41 30.71 -10.43
C LYS ZB 51 109.00 30.30 -10.81
N THR ZB 52 108.59 29.13 -10.35
CA THR ZB 52 107.39 28.47 -10.84
C THR ZB 52 106.32 28.38 -9.76
N TYR ZB 53 105.08 28.60 -10.17
CA TYR ZB 53 103.91 28.50 -9.29
C TYR ZB 53 102.89 27.60 -9.96
N ALA ZB 54 102.11 26.89 -9.14
CA ALA ZB 54 101.06 26.00 -9.64
C ALA ZB 54 99.76 26.31 -8.92
N ILE ZB 55 98.68 26.44 -9.68
CA ILE ZB 55 97.37 26.76 -9.16
C ILE ZB 55 96.39 25.71 -9.64
N CYS ZB 56 95.53 25.24 -8.75
CA CYS ZB 56 94.60 24.18 -9.10
C CYS ZB 56 93.32 24.75 -9.70
N GLY ZB 57 92.57 23.87 -10.36
CA GLY ZB 57 91.35 24.28 -11.04
C GLY ZB 57 90.30 24.83 -10.10
N ALA ZB 58 90.21 24.28 -8.89
CA ALA ZB 58 89.22 24.78 -7.94
C ALA ZB 58 89.51 26.23 -7.57
N ILE ZB 59 90.76 26.55 -7.27
CA ILE ZB 59 91.10 27.93 -6.91
C ILE ZB 59 90.91 28.85 -8.10
N ARG ZB 60 91.46 28.50 -9.25
CA ARG ZB 60 91.35 29.39 -10.40
C ARG ZB 60 90.03 29.21 -11.14
N ARG ZB 61 89.07 28.53 -10.53
CA ARG ZB 61 87.67 28.59 -10.94
C ARG ZB 61 86.81 29.39 -9.99
N MET ZB 62 87.06 29.30 -8.69
CA MET ZB 62 86.41 30.20 -7.74
C MET ZB 62 86.95 31.62 -7.84
N GLY ZB 63 88.06 31.83 -8.54
CA GLY ZB 63 88.49 33.15 -8.94
C GLY ZB 63 89.59 33.75 -8.09
N GLU ZB 64 90.11 33.03 -7.12
CA GLU ZB 64 91.16 33.54 -6.26
C GLU ZB 64 92.55 33.33 -6.82
N SER ZB 65 92.65 33.01 -8.12
CA SER ZB 65 93.96 32.79 -8.73
C SER ZB 65 94.78 34.06 -8.74
N ASP ZB 66 94.17 35.20 -9.05
CA ASP ZB 66 94.91 36.46 -9.08
C ASP ZB 66 95.48 36.80 -7.71
N ASP ZB 67 94.66 36.71 -6.67
CA ASP ZB 67 95.14 37.01 -5.32
C ASP ZB 67 96.20 36.02 -4.89
N SER ZB 68 96.02 34.74 -5.25
CA SER ZB 68 97.00 33.73 -4.88
C SER ZB 68 98.35 34.00 -5.52
N ILE ZB 69 98.36 34.27 -6.83
CA ILE ZB 69 99.62 34.55 -7.52
C ILE ZB 69 100.26 35.82 -6.98
N LEU ZB 70 99.45 36.84 -6.71
CA LEU ZB 70 100.00 38.08 -6.16
C LEU ZB 70 100.63 37.85 -4.80
N ARG ZB 71 99.97 37.07 -3.94
CA ARG ZB 71 100.53 36.76 -2.63
C ARG ZB 71 101.82 35.97 -2.75
N LEU ZB 72 101.86 34.99 -3.66
CA LEU ZB 72 103.08 34.21 -3.83
C LEU ZB 72 104.23 35.07 -4.31
N ALA ZB 73 103.98 35.95 -5.29
CA ALA ZB 73 105.02 36.85 -5.77
C ALA ZB 73 105.47 37.80 -4.67
N LYS ZB 74 104.53 38.34 -3.89
CA LYS ZB 74 104.87 39.21 -2.78
C LYS ZB 74 105.76 38.49 -1.77
N ALA ZB 75 105.35 37.29 -1.37
CA ALA ZB 75 106.07 36.56 -0.33
C ALA ZB 75 107.45 36.15 -0.81
N ASP ZB 76 107.58 35.73 -2.07
CA ASP ZB 76 108.87 35.27 -2.55
C ASP ZB 76 109.75 36.45 -2.96
N GLY ZB 77 109.19 37.65 -3.12
CA GLY ZB 77 109.99 38.83 -3.31
C GLY ZB 77 109.89 39.47 -4.68
N ILE ZB 78 109.06 38.95 -5.57
CA ILE ZB 78 108.92 39.55 -6.90
C ILE ZB 78 108.28 40.92 -6.80
N VAL ZB 79 107.18 41.01 -6.08
CA VAL ZB 79 106.48 42.28 -5.89
C VAL ZB 79 107.02 42.95 -4.64
N SER ZB 80 107.20 44.27 -4.72
CA SER ZB 80 107.77 45.02 -3.61
C SER ZB 80 106.85 44.97 -2.40
N LYS ZB 81 107.45 45.08 -1.21
CA LYS ZB 81 106.70 44.99 0.04
C LYS ZB 81 105.66 46.11 0.14
N ASN ZB 82 105.96 47.28 -0.42
CA ASN ZB 82 105.08 48.44 -0.34
C ASN ZB 82 104.00 48.45 -1.41
N PHE ZB 83 103.67 47.29 -1.98
CA PHE ZB 83 102.59 47.14 -2.95
C PHE ZB 83 101.27 47.73 -2.45
N VAL AC 1 69.48 25.91 20.41
CA VAL AC 1 70.64 26.58 20.98
C VAL AC 1 71.88 25.74 20.74
N ARG AC 2 73.05 26.31 21.00
CA ARG AC 2 74.30 25.60 20.80
C ARG AC 2 74.55 24.69 21.99
N MET AC 3 74.58 23.39 21.75
CA MET AC 3 74.78 22.41 22.79
C MET AC 3 76.12 21.69 22.71
N ASN AC 4 76.81 21.79 21.58
CA ASN AC 4 78.10 21.12 21.40
C ASN AC 4 79.08 22.12 20.78
N VAL AC 5 79.82 22.79 21.65
CA VAL AC 5 80.77 23.81 21.23
C VAL AC 5 81.87 23.19 20.38
N LEU AC 6 82.33 21.99 20.75
CA LEU AC 6 83.35 21.31 19.96
C LEU AC 6 82.81 20.94 18.58
N ALA AC 7 81.55 20.52 18.50
CA ALA AC 7 80.95 20.22 17.20
C ALA AC 7 80.92 21.46 16.33
N ASP AC 8 80.51 22.60 16.91
CA ASP AC 8 80.46 23.83 16.12
C ASP AC 8 81.85 24.23 15.63
N ALA AC 9 82.86 24.13 16.50
CA ALA AC 9 84.21 24.50 16.10
C ALA AC 9 84.76 23.59 15.01
N LEU AC 10 84.52 22.28 15.15
CA LEU AC 10 85.02 21.33 14.16
C LEU AC 10 84.34 21.52 12.83
N LYS AC 11 83.03 21.80 12.82
CA LYS AC 11 82.34 22.08 11.56
C LYS AC 11 82.86 23.36 10.93
N SER AC 12 83.14 24.39 11.73
CA SER AC 12 83.70 25.62 11.19
C SER AC 12 85.04 25.38 10.54
N ILE AC 13 85.92 24.62 11.22
CA ILE AC 13 87.22 24.30 10.65
C ILE AC 13 87.07 23.52 9.36
N ASN AC 14 86.17 22.53 9.34
CA ASN AC 14 85.98 21.73 8.15
C ASN AC 14 85.49 22.56 6.97
N ASN AC 15 84.53 23.45 7.21
CA ASN AC 15 84.00 24.27 6.13
C ASN AC 15 85.05 25.25 5.61
N ALA AC 16 85.83 25.87 6.51
CA ALA AC 16 86.87 26.78 6.07
C ALA AC 16 87.95 26.03 5.28
N GLU AC 17 88.30 24.82 5.72
CA GLU AC 17 89.27 24.02 5.00
C GLU AC 17 88.77 23.66 3.61
N LYS AC 18 87.49 23.28 3.49
CA LYS AC 18 86.94 22.98 2.18
C LYS AC 18 86.91 24.21 1.29
N ARG AC 19 86.58 25.36 1.85
CA ARG AC 19 86.57 26.59 1.07
C ARG AC 19 87.97 27.12 0.78
N GLY AC 20 89.00 26.58 1.42
CA GLY AC 20 90.35 26.97 1.10
C GLY AC 20 90.88 28.20 1.81
N LYS AC 21 90.20 28.67 2.86
CA LYS AC 21 90.69 29.81 3.61
C LYS AC 21 92.00 29.46 4.32
N ARG AC 22 92.80 30.50 4.58
CA ARG AC 22 94.06 30.31 5.27
C ARG AC 22 93.92 30.39 6.78
N GLN AC 23 92.92 31.11 7.27
CA GLN AC 23 92.68 31.21 8.70
C GLN AC 23 91.20 31.01 8.98
N VAL AC 24 90.89 30.41 10.11
CA VAL AC 24 89.50 30.21 10.53
C VAL AC 24 89.34 30.76 11.95
N LEU AC 25 88.19 31.37 12.20
CA LEU AC 25 87.84 31.87 13.52
C LEU AC 25 86.71 31.04 14.08
N ILE AC 26 86.93 30.43 15.23
CA ILE AC 26 85.90 29.70 15.95
C ILE AC 26 85.57 30.47 17.22
N ARG AC 27 84.28 30.77 17.39
CA ARG AC 27 83.88 31.77 18.36
C ARG AC 27 83.90 31.28 19.81
N PRO AC 28 83.21 30.19 20.18
CA PRO AC 28 83.30 29.74 21.57
C PRO AC 28 84.50 28.84 21.78
N CYS AC 29 85.48 29.31 22.55
CA CYS AC 29 86.61 28.48 22.90
C CYS AC 29 86.32 27.67 24.15
N SER AC 30 87.06 26.59 24.32
CA SER AC 30 86.96 25.78 25.53
C SER AC 30 88.24 24.96 25.67
N LYS AC 31 88.42 24.40 26.87
CA LYS AC 31 89.58 23.55 27.13
C LYS AC 31 89.57 22.33 26.22
N VAL AC 32 88.39 21.76 25.98
CA VAL AC 32 88.28 20.60 25.11
C VAL AC 32 88.71 20.97 23.69
N ILE AC 33 88.28 22.14 23.22
CA ILE AC 33 88.67 22.59 21.88
C ILE AC 33 90.17 22.80 21.80
N VAL AC 34 90.74 23.42 22.84
CA VAL AC 34 92.19 23.68 22.82
C VAL AC 34 92.96 22.38 22.81
N ARG AC 35 92.53 21.39 23.60
CA ARG AC 35 93.22 20.11 23.62
C ARG AC 35 93.08 19.36 22.30
N PHE AC 36 91.88 19.40 21.70
CA PHE AC 36 91.67 18.77 20.40
C PHE AC 36 92.56 19.40 19.34
N LEU AC 37 92.59 20.73 19.30
CA LEU AC 37 93.42 21.43 18.34
C LEU AC 37 94.90 21.20 18.62
N THR AC 38 95.27 21.02 19.88
CA THR AC 38 96.66 20.73 20.20
C THR AC 38 97.06 19.35 19.68
N VAL AC 39 96.15 18.37 19.79
CA VAL AC 39 96.41 17.05 19.21
C VAL AC 39 96.59 17.17 17.70
N MET AC 40 95.68 17.90 17.04
CA MET AC 40 95.77 18.08 15.59
C MET AC 40 97.07 18.79 15.20
N MET AC 41 97.46 19.80 15.98
CA MET AC 41 98.66 20.57 15.67
C MET AC 41 99.91 19.74 15.90
N LYS AC 42 99.93 18.90 16.94
CA LYS AC 42 101.08 18.03 17.16
C LYS AC 42 101.19 16.98 16.07
N HIS AC 43 100.07 16.52 15.53
CA HIS AC 43 100.12 15.62 14.39
C HIS AC 43 100.25 16.35 13.07
N GLY AC 44 100.28 17.68 13.09
CA GLY AC 44 100.64 18.46 11.92
C GLY AC 44 99.52 18.79 10.97
N TYR AC 45 98.28 18.46 11.31
CA TYR AC 45 97.18 18.70 10.38
C TYR AC 45 96.78 20.16 10.32
N ILE AC 46 97.12 20.95 11.34
CA ILE AC 46 96.86 22.38 11.34
C ILE AC 46 98.12 23.11 11.79
N GLY AC 47 98.16 24.40 11.50
CA GLY AC 47 99.26 25.25 11.92
C GLY AC 47 99.04 25.76 13.33
N GLU AC 48 99.72 26.85 13.66
CA GLU AC 48 99.54 27.47 14.95
C GLU AC 48 98.15 28.08 15.06
N PHE AC 49 97.62 28.09 16.27
CA PHE AC 49 96.37 28.77 16.57
C PHE AC 49 96.57 29.67 17.77
N GLU AC 50 95.92 30.83 17.75
CA GLU AC 50 96.08 31.84 18.76
C GLU AC 50 94.72 32.16 19.38
N ILE AC 51 94.70 32.28 20.70
CA ILE AC 51 93.46 32.42 21.46
C ILE AC 51 93.26 33.88 21.80
N ILE AC 52 92.20 34.47 21.27
CA ILE AC 52 91.79 35.82 21.64
C ILE AC 52 91.03 35.76 22.95
N ASP AC 53 91.52 36.49 23.95
CA ASP AC 53 90.95 36.51 25.29
C ASP AC 53 90.07 37.74 25.43
N ASP AC 54 88.77 37.55 25.30
CA ASP AC 54 87.81 38.46 25.92
C ASP AC 54 87.40 37.88 27.27
N HIS AC 55 86.86 38.73 28.13
CA HIS AC 55 86.49 38.25 29.45
C HIS AC 55 85.34 37.26 29.43
N ARG AC 56 84.66 37.12 28.30
CA ARG AC 56 83.72 36.04 28.05
C ARG AC 56 84.51 34.77 27.69
N ALA AC 57 83.81 33.77 27.16
CA ALA AC 57 84.50 32.65 26.54
C ALA AC 57 85.30 33.16 25.34
N GLY AC 58 86.57 32.81 25.29
CA GLY AC 58 87.45 33.36 24.28
C GLY AC 58 87.13 32.85 22.89
N LYS AC 59 87.85 33.42 21.92
CA LYS AC 59 87.76 32.97 20.53
C LYS AC 59 89.09 32.39 20.12
N ILE AC 60 89.11 31.65 19.01
CA ILE AC 60 90.36 31.07 18.52
C ILE AC 60 90.48 31.37 17.04
N VAL AC 61 91.70 31.72 16.61
CA VAL AC 61 92.04 31.84 15.20
C VAL AC 61 93.07 30.77 14.88
N VAL AC 62 92.74 29.88 13.95
CA VAL AC 62 93.58 28.76 13.59
C VAL AC 62 94.15 29.00 12.21
N ASN AC 63 95.45 28.75 12.04
CA ASN AC 63 96.07 28.77 10.72
C ASN AC 63 95.91 27.39 10.09
N LEU AC 64 95.32 27.34 8.90
CA LEU AC 64 95.08 26.08 8.21
C LEU AC 64 96.22 25.82 7.24
N THR AC 65 96.81 24.64 7.33
CA THR AC 65 97.91 24.24 6.45
C THR AC 65 97.43 23.60 5.16
N GLY AC 66 96.14 23.35 5.02
CA GLY AC 66 95.60 22.81 3.80
C GLY AC 66 95.71 21.31 3.65
N ARG AC 67 96.18 20.59 4.66
CA ARG AC 67 96.37 19.15 4.58
C ARG AC 67 95.34 18.39 5.41
N LEU AC 68 94.15 18.96 5.58
CA LEU AC 68 93.09 18.34 6.37
C LEU AC 68 91.95 17.93 5.45
N ASN AC 69 91.50 16.68 5.58
CA ASN AC 69 90.36 16.18 4.81
C ASN AC 69 89.04 16.33 5.56
N LYS AC 70 89.01 15.91 6.81
CA LYS AC 70 87.78 15.92 7.61
C LYS AC 70 88.17 15.92 9.07
N CYS AC 71 87.47 16.72 9.87
CA CYS AC 71 87.73 16.83 11.30
C CYS AC 71 86.43 16.79 12.08
N GLY AC 72 85.58 15.81 11.78
CA GLY AC 72 84.27 15.75 12.37
C GLY AC 72 84.30 15.37 13.84
N VAL AC 73 83.10 15.24 14.41
CA VAL AC 73 82.91 14.98 15.82
C VAL AC 73 81.92 13.84 15.97
N ILE AC 74 82.09 13.06 17.03
CA ILE AC 74 81.10 12.06 17.44
C ILE AC 74 80.31 12.69 18.59
N SER AC 75 79.04 12.98 18.34
CA SER AC 75 78.34 13.88 19.25
C SER AC 75 77.93 13.21 20.56
N PRO AC 76 77.27 12.04 20.57
CA PRO AC 76 77.12 11.36 21.86
C PRO AC 76 78.43 10.74 22.27
N ARG AC 77 79.03 11.23 23.35
CA ARG AC 77 80.37 10.82 23.74
C ARG AC 77 80.30 9.40 24.28
N PHE AC 78 80.31 8.44 23.35
CA PHE AC 78 80.22 7.03 23.68
C PHE AC 78 81.41 6.60 24.51
N ASP AC 79 81.15 5.67 25.42
CA ASP AC 79 82.20 5.08 26.24
C ASP AC 79 82.94 4.03 25.42
N VAL AC 80 84.20 4.27 25.13
CA VAL AC 80 84.99 3.42 24.25
C VAL AC 80 85.98 2.63 25.09
N GLN AC 81 85.90 1.32 25.01
CA GLN AC 81 86.87 0.44 25.65
C GLN AC 81 87.95 0.06 24.65
N LEU AC 82 89.05 -0.47 25.17
CA LEU AC 82 90.14 -0.88 24.28
C LEU AC 82 89.74 -2.05 23.41
N LYS AC 83 88.77 -2.85 23.84
CA LYS AC 83 88.33 -3.99 23.05
C LYS AC 83 87.60 -3.55 21.79
N ASP AC 84 86.75 -2.54 21.89
CA ASP AC 84 85.97 -2.05 20.75
C ASP AC 84 86.57 -0.81 20.10
N LEU AC 85 87.73 -0.36 20.59
CA LEU AC 85 88.44 0.73 19.93
C LEU AC 85 88.81 0.37 18.50
N GLU AC 86 89.12 -0.90 18.24
CA GLU AC 86 89.44 -1.31 16.87
C GLU AC 86 88.24 -1.17 15.95
N LYS AC 87 87.05 -1.54 16.44
CA LYS AC 87 85.85 -1.39 15.63
C LYS AC 87 85.55 0.09 15.37
N TRP AC 88 85.72 0.93 16.39
CA TRP AC 88 85.58 2.37 16.15
C TRP AC 88 86.60 2.85 15.13
N GLN AC 89 87.82 2.33 15.22
CA GLN AC 89 88.92 2.77 14.35
C GLN AC 89 88.64 2.43 12.89
N ASN AC 90 88.21 1.21 12.61
CA ASN AC 90 87.96 0.85 11.22
C ASN AC 90 86.55 1.19 10.77
N ASN AC 91 85.71 1.73 11.65
CA ASN AC 91 84.48 2.38 11.20
C ASN AC 91 84.70 3.84 10.83
N LEU AC 92 85.59 4.55 11.53
CA LEU AC 92 85.74 5.98 11.33
C LEU AC 92 87.00 6.38 10.56
N LEU AC 93 87.89 5.46 10.30
CA LEU AC 93 89.07 6.04 9.69
C LEU AC 93 89.18 5.65 8.22
N PRO AC 94 89.76 6.53 7.39
CA PRO AC 94 89.90 6.22 5.97
C PRO AC 94 90.80 5.02 5.71
N SER AC 95 91.81 4.80 6.54
CA SER AC 95 92.72 3.67 6.35
C SER AC 95 93.46 3.44 7.65
N ARG AC 96 94.33 2.43 7.64
CA ARG AC 96 95.14 2.11 8.81
C ARG AC 96 96.50 2.79 8.80
N GLN AC 97 96.87 3.43 7.69
CA GLN AC 97 98.17 4.07 7.59
C GLN AC 97 98.16 5.50 8.11
N PHE AC 98 97.01 6.14 8.19
CA PHE AC 98 96.90 7.50 8.67
C PHE AC 98 95.52 7.72 9.26
N GLY AC 99 95.27 8.94 9.71
CA GLY AC 99 94.02 9.24 10.36
C GLY AC 99 94.07 8.96 11.84
N PHE AC 100 93.41 9.80 12.64
CA PHE AC 100 93.48 9.66 14.09
C PHE AC 100 92.10 9.83 14.67
N ILE AC 101 91.86 9.12 15.77
CA ILE AC 101 90.65 9.25 16.57
C ILE AC 101 91.03 9.82 17.92
N VAL AC 102 90.50 10.99 18.24
CA VAL AC 102 90.74 11.64 19.52
C VAL AC 102 89.65 11.20 20.48
N LEU AC 103 90.04 10.68 21.63
CA LEU AC 103 89.11 10.31 22.69
C LEU AC 103 89.65 10.85 24.01
N THR AC 104 88.75 11.39 24.82
CA THR AC 104 89.15 11.88 26.13
C THR AC 104 89.27 10.69 27.09
N THR AC 105 90.46 10.52 27.64
CA THR AC 105 90.73 9.45 28.59
C THR AC 105 90.95 10.07 29.96
N SER AC 106 91.07 9.19 30.95
CA SER AC 106 91.37 9.66 32.30
C SER AC 106 92.76 10.28 32.37
N ALA AC 107 93.64 9.95 31.43
CA ALA AC 107 94.98 10.53 31.39
C ALA AC 107 95.02 11.84 30.60
N GLY AC 108 93.90 12.26 30.01
CA GLY AC 108 93.84 13.49 29.26
C GLY AC 108 93.12 13.28 27.95
N ILE AC 109 93.37 14.18 27.01
CA ILE AC 109 92.78 14.13 25.67
C ILE AC 109 93.91 13.79 24.70
N MET AC 110 93.71 12.73 23.93
CA MET AC 110 94.79 12.21 23.09
C MET AC 110 94.19 11.28 22.04
N ASP AC 111 95.03 10.91 21.07
CA ASP AC 111 94.56 10.09 19.97
C ASP AC 111 94.53 8.61 20.37
N HIS AC 112 93.89 7.81 19.51
CA HIS AC 112 93.69 6.40 19.82
C HIS AC 112 95.01 5.65 19.90
N GLU AC 113 96.02 6.06 19.13
CA GLU AC 113 97.30 5.37 19.18
C GLU AC 113 97.98 5.57 20.52
N GLU AC 114 97.97 6.78 21.06
CA GLU AC 114 98.53 6.99 22.39
C GLU AC 114 97.67 6.32 23.45
N ALA AC 115 96.36 6.32 23.27
CA ALA AC 115 95.48 5.64 24.22
C ALA AC 115 95.80 4.16 24.29
N ARG AC 116 96.02 3.52 23.15
CA ARG AC 116 96.39 2.11 23.16
C ARG AC 116 97.82 1.92 23.64
N ARG AC 117 98.69 2.91 23.40
CA ARG AC 117 100.06 2.82 23.90
C ARG AC 117 100.10 2.76 25.42
N LYS AC 118 99.33 3.62 26.08
CA LYS AC 118 99.33 3.64 27.54
C LYS AC 118 98.12 2.92 28.13
N HIS AC 119 97.43 2.11 27.32
CA HIS AC 119 96.49 1.09 27.79
C HIS AC 119 95.35 1.69 28.61
N THR AC 120 94.55 2.52 27.94
CA THR AC 120 93.39 3.11 28.59
C THR AC 120 92.34 3.45 27.54
N GLY AC 121 91.08 3.29 27.93
CA GLY AC 121 89.96 3.73 27.13
C GLY AC 121 89.47 5.09 27.58
N GLY AC 122 88.24 5.41 27.16
CA GLY AC 122 87.66 6.68 27.55
C GLY AC 122 86.41 6.97 26.77
N LYS AC 123 86.07 8.24 26.71
CA LYS AC 123 84.90 8.70 25.98
C LYS AC 123 85.33 9.25 24.62
N ILE AC 124 84.57 8.88 23.59
CA ILE AC 124 84.90 9.31 22.24
C ILE AC 124 84.69 10.81 22.12
N LEU AC 125 85.60 11.48 21.41
CA LEU AC 125 85.49 12.91 21.16
C LEU AC 125 85.26 13.19 19.68
N GLY AC 126 86.11 12.68 18.82
CA GLY AC 126 85.96 12.93 17.40
C GLY AC 126 87.11 12.29 16.65
N PHE AC 127 87.27 12.72 15.40
CA PHE AC 127 88.26 12.13 14.53
C PHE AC 127 88.76 13.20 13.58
N PHE AC 128 89.93 12.97 13.01
CA PHE AC 128 90.45 13.84 11.98
C PHE AC 128 91.42 13.06 11.10
N PHE AC 129 91.36 13.32 9.80
CA PHE AC 129 92.26 12.68 8.85
C PHE AC 129 92.43 13.55 7.62
N GLY BC 1 65.28 15.06 11.92
CA GLY BC 1 66.38 14.21 12.31
C GLY BC 1 66.00 13.25 13.42
N LYS BC 2 66.90 12.34 13.75
CA LYS BC 2 66.67 11.36 14.79
C LYS BC 2 67.42 11.75 16.06
N CYS BC 3 66.90 11.30 17.20
CA CYS BC 3 67.53 11.58 18.48
C CYS BC 3 68.83 10.78 18.62
N ARG BC 4 69.81 11.38 19.31
CA ARG BC 4 71.13 10.79 19.42
C ARG BC 4 71.66 10.81 20.85
N GLY BC 5 70.80 11.07 21.84
CA GLY BC 5 71.26 11.15 23.20
C GLY BC 5 71.70 9.80 23.75
N LEU BC 6 72.41 9.85 24.88
CA LEU BC 6 72.93 8.61 25.46
C LEU BC 6 71.84 7.79 26.12
N ARG BC 7 70.76 8.41 26.57
CA ARG BC 7 69.68 7.68 27.21
C ARG BC 7 68.38 7.80 26.42
N THR BC 8 68.50 7.71 25.09
CA THR BC 8 67.35 7.70 24.20
C THR BC 8 67.01 6.30 23.70
N ALA BC 9 67.60 5.27 24.28
CA ALA BC 9 67.41 3.91 23.76
C ALA BC 9 65.97 3.46 23.89
N ARG BC 10 65.26 3.91 24.93
CA ARG BC 10 63.85 3.55 25.06
C ARG BC 10 63.04 4.09 23.89
N LYS BC 11 63.24 5.36 23.53
CA LYS BC 11 62.52 5.91 22.40
C LYS BC 11 62.95 5.27 21.09
N LEU BC 12 64.24 4.97 20.94
CA LEU BC 12 64.70 4.33 19.73
C LEU BC 12 64.06 2.96 19.54
N ARG BC 13 64.06 2.14 20.58
CA ARG BC 13 63.46 0.81 20.47
C ARG BC 13 61.95 0.87 20.34
N SER BC 14 61.30 1.83 21.01
CA SER BC 14 59.86 2.00 20.85
C SER BC 14 59.51 2.37 19.42
N HIS BC 15 60.27 3.30 18.83
CA HIS BC 15 60.02 3.70 17.45
C HIS BC 15 60.30 2.57 16.48
N ARG BC 16 61.35 1.76 16.73
CA ARG BC 16 61.60 0.62 15.85
C ARG BC 16 60.47 -0.39 15.91
N ARG BC 17 60.00 -0.73 17.11
CA ARG BC 17 58.97 -1.75 17.17
C ARG BC 17 57.61 -1.19 16.76
N ASP BC 18 57.43 0.13 16.78
CA ASP BC 18 56.22 0.70 16.20
C ASP BC 18 56.27 0.71 14.69
N GLN BC 19 57.42 1.07 14.10
CA GLN BC 19 57.55 1.16 12.67
C GLN BC 19 57.74 -0.19 12.00
N LYS BC 20 58.05 -1.24 12.75
CA LYS BC 20 58.20 -2.55 12.14
C LYS BC 20 56.88 -3.14 11.67
N TRP BC 21 55.75 -2.57 12.07
CA TRP BC 21 54.46 -3.10 11.64
C TRP BC 21 54.06 -2.61 10.26
N HIS BC 22 54.85 -1.73 9.63
CA HIS BC 22 54.43 -1.06 8.42
C HIS BC 22 54.94 -1.73 7.14
N ASP BC 23 55.76 -2.78 7.25
CA ASP BC 23 56.13 -3.55 6.07
C ASP BC 23 55.34 -4.85 6.04
N LYS BC 24 55.06 -5.31 4.83
CA LYS BC 24 54.09 -6.40 4.65
C LYS BC 24 54.58 -7.70 5.27
N GLN BC 25 55.88 -7.99 5.17
CA GLN BC 25 56.39 -9.27 5.66
C GLN BC 25 56.24 -9.40 7.17
N TYR BC 26 56.64 -8.36 7.92
CA TYR BC 26 56.53 -8.41 9.37
C TYR BC 26 55.09 -8.49 9.83
N LYS BC 27 54.22 -7.66 9.23
CA LYS BC 27 52.81 -7.68 9.58
C LYS BC 27 52.20 -9.05 9.32
N LYS BC 28 52.53 -9.63 8.16
CA LYS BC 28 52.06 -10.97 7.84
C LYS BC 28 52.57 -12.00 8.83
N ALA BC 29 53.85 -11.96 9.15
CA ALA BC 29 54.46 -12.98 9.98
C ALA BC 29 54.06 -12.91 11.44
N HIS BC 30 53.69 -11.73 11.94
CA HIS BC 30 53.44 -11.57 13.36
C HIS BC 30 52.02 -11.20 13.73
N LEU BC 31 51.15 -10.84 12.78
CA LEU BC 31 49.78 -10.54 13.15
C LEU BC 31 48.98 -11.82 13.42
N GLY BC 32 49.21 -12.86 12.63
CA GLY BC 32 48.53 -14.13 12.82
C GLY BC 32 47.26 -14.30 12.00
N THR BC 33 46.67 -13.21 11.51
CA THR BC 33 45.48 -13.35 10.67
C THR BC 33 45.82 -14.00 9.35
N ALA BC 34 47.03 -13.80 8.84
CA ALA BC 34 47.47 -14.53 7.66
C ALA BC 34 47.59 -16.01 7.94
N LEU BC 35 48.06 -16.38 9.13
CA LEU BC 35 48.13 -17.78 9.50
C LEU BC 35 46.74 -18.39 9.60
N LYS BC 36 45.78 -17.64 10.15
CA LYS BC 36 44.41 -18.13 10.20
C LYS BC 36 43.82 -18.29 8.80
N ALA BC 37 44.11 -17.34 7.91
CA ALA BC 37 43.55 -17.40 6.56
C ALA BC 37 44.21 -18.47 5.71
N ASN BC 38 45.45 -18.84 6.00
CA ASN BC 38 46.14 -19.85 5.22
C ASN BC 38 45.49 -21.22 5.41
N PRO BC 39 45.02 -21.86 4.34
CA PRO BC 39 44.41 -23.19 4.52
C PRO BC 39 45.35 -24.24 5.06
N PHE BC 40 46.65 -24.15 4.74
CA PHE BC 40 47.59 -25.17 5.20
C PHE BC 40 47.90 -25.02 6.68
N GLY BC 41 47.65 -23.84 7.26
CA GLY BC 41 47.98 -23.59 8.65
C GLY BC 41 49.47 -23.62 8.92
N GLY BC 42 50.27 -23.03 8.04
CA GLY BC 42 51.70 -23.01 8.25
C GLY BC 42 52.41 -24.30 7.92
N ALA BC 43 51.76 -25.21 7.20
CA ALA BC 43 52.37 -26.46 6.79
C ALA BC 43 52.91 -26.33 5.38
N SER BC 44 53.99 -27.06 5.10
CA SER BC 44 54.55 -27.04 3.74
C SER BC 44 53.67 -27.82 2.77
N HIS BC 45 53.07 -28.91 3.23
CA HIS BC 45 52.22 -29.75 2.42
C HIS BC 45 50.93 -30.04 3.16
N ALA BC 46 49.94 -30.56 2.43
CA ALA BC 46 48.70 -30.97 3.05
C ALA BC 46 48.08 -32.08 2.21
N LYS BC 47 47.18 -32.83 2.83
CA LYS BC 47 46.46 -33.89 2.15
C LYS BC 47 45.00 -33.49 1.96
N GLY BC 48 44.40 -33.98 0.88
CA GLY BC 48 43.02 -33.65 0.62
C GLY BC 48 42.38 -34.70 -0.25
N ILE BC 49 41.07 -34.55 -0.43
CA ILE BC 49 40.27 -35.44 -1.27
C ILE BC 49 39.78 -34.64 -2.47
N VAL BC 50 39.98 -35.19 -3.66
CA VAL BC 50 39.61 -34.49 -4.90
C VAL BC 50 38.09 -34.37 -4.94
N LEU BC 51 37.58 -33.16 -4.76
CA LEU BC 51 36.15 -32.94 -4.91
C LEU BC 51 35.74 -32.93 -6.37
N GLU BC 52 36.56 -32.33 -7.24
CA GLU BC 52 36.12 -32.11 -8.61
C GLU BC 52 37.34 -31.85 -9.48
N LYS BC 53 37.13 -31.94 -10.79
CA LYS BC 53 38.13 -31.56 -11.79
C LYS BC 53 37.60 -30.36 -12.55
N VAL BC 54 38.39 -29.29 -12.59
CA VAL BC 54 37.97 -28.06 -13.24
C VAL BC 54 39.08 -27.57 -14.17
N GLY BC 55 38.67 -26.74 -15.12
CA GLY BC 55 39.59 -26.04 -15.99
C GLY BC 55 39.53 -24.55 -15.71
N VAL BC 56 40.69 -23.93 -15.63
CA VAL BC 56 40.81 -22.51 -15.30
C VAL BC 56 41.38 -21.81 -16.52
N GLU BC 57 40.69 -20.77 -16.98
CA GLU BC 57 41.18 -20.00 -18.12
C GLU BC 57 42.44 -19.25 -17.75
N ALA BC 58 43.36 -19.17 -18.71
CA ALA BC 58 44.58 -18.41 -18.48
C ALA BC 58 44.28 -16.91 -18.44
N LYS BC 59 45.31 -16.12 -18.17
CA LYS BC 59 45.15 -14.67 -18.05
C LYS BC 59 44.98 -14.05 -19.43
N GLN BC 60 44.98 -12.71 -19.49
CA GLN BC 60 44.63 -12.02 -20.73
C GLN BC 60 45.59 -12.29 -21.89
N PRO BC 61 46.92 -12.18 -21.76
CA PRO BC 61 47.75 -12.42 -22.94
C PRO BC 61 47.82 -13.88 -23.33
N ASN BC 62 47.89 -14.79 -22.36
CA ASN BC 62 47.90 -16.21 -22.66
C ASN BC 62 46.49 -16.69 -22.98
N SER BC 63 46.39 -17.93 -23.47
CA SER BC 63 45.10 -18.52 -23.77
C SER BC 63 45.25 -20.03 -23.66
N ALA BC 64 44.77 -20.59 -22.56
CA ALA BC 64 44.84 -22.02 -22.33
C ALA BC 64 43.87 -22.37 -21.21
N ILE BC 65 43.63 -23.67 -21.06
CA ILE BC 65 42.86 -24.22 -19.96
C ILE BC 65 43.85 -24.94 -19.04
N ARG BC 66 44.17 -24.32 -17.92
CA ARG BC 66 45.00 -24.97 -16.91
C ARG BC 66 44.14 -25.97 -16.15
N LYS BC 67 44.64 -27.19 -15.99
CA LYS BC 67 43.86 -28.27 -15.40
C LYS BC 67 44.09 -28.27 -13.90
N CYS BC 68 43.03 -28.02 -13.14
CA CYS BC 68 43.11 -27.97 -11.69
C CYS BC 68 42.09 -28.92 -11.09
N VAL BC 69 42.29 -29.23 -9.82
CA VAL BC 69 41.39 -30.08 -9.07
C VAL BC 69 40.90 -29.30 -7.85
N ARG BC 70 39.59 -29.34 -7.64
CA ARG BC 70 38.99 -28.80 -6.43
C ARG BC 70 39.10 -29.85 -5.34
N VAL BC 71 39.80 -29.51 -4.27
CA VAL BC 71 40.27 -30.46 -3.27
C VAL BC 71 39.86 -29.96 -1.89
N GLN BC 72 39.28 -30.84 -1.08
CA GLN BC 72 38.92 -30.52 0.29
C GLN BC 72 39.93 -31.16 1.23
N LEU BC 73 40.60 -30.34 2.03
CA LEU BC 73 41.67 -30.82 2.89
C LEU BC 73 41.12 -31.71 4.00
N ILE BC 74 41.88 -32.74 4.34
CA ILE BC 74 41.44 -33.69 5.37
C ILE BC 74 41.35 -33.00 6.72
N LYS BC 75 42.41 -32.30 7.12
CA LYS BC 75 42.31 -31.43 8.28
C LYS BC 75 41.52 -30.18 7.92
N ASN BC 76 40.72 -29.70 8.87
CA ASN BC 76 40.00 -28.42 8.85
C ASN BC 76 39.05 -28.24 7.68
N GLY BC 77 38.95 -29.24 6.80
CA GLY BC 77 37.90 -29.30 5.79
C GLY BC 77 37.84 -28.14 4.81
N LYS BC 78 38.92 -27.38 4.66
CA LYS BC 78 38.91 -26.23 3.78
C LYS BC 78 39.04 -26.66 2.32
N LYS BC 79 38.35 -25.94 1.45
CA LYS BC 79 38.30 -26.28 0.03
C LYS BC 79 39.20 -25.34 -0.76
N ILE BC 80 40.12 -25.92 -1.52
CA ILE BC 80 41.12 -25.18 -2.28
C ILE BC 80 41.10 -25.68 -3.71
N THR BC 81 41.83 -24.97 -4.58
CA THR BC 81 42.00 -25.35 -5.98
C THR BC 81 43.49 -25.55 -6.23
N ALA BC 82 43.85 -26.72 -6.73
CA ALA BC 82 45.25 -27.10 -6.89
C ALA BC 82 45.54 -27.47 -8.34
N PHE BC 83 46.62 -26.90 -8.88
CA PHE BC 83 47.03 -27.16 -10.24
C PHE BC 83 47.57 -28.58 -10.39
N VAL BC 84 47.39 -29.16 -11.58
CA VAL BC 84 47.94 -30.49 -11.85
C VAL BC 84 49.05 -30.33 -12.88
N PRO BC 85 50.32 -30.31 -12.45
CA PRO BC 85 51.41 -29.73 -13.26
C PRO BC 85 52.19 -30.68 -14.17
N ASN BC 86 51.57 -31.14 -15.25
CA ASN BC 86 52.27 -31.68 -16.41
C ASN BC 86 51.25 -31.93 -17.52
N ASP BC 87 51.74 -32.53 -18.62
CA ASP BC 87 50.99 -32.60 -19.86
C ASP BC 87 49.74 -33.47 -19.73
N GLY BC 88 49.89 -34.68 -19.20
CA GLY BC 88 48.76 -35.57 -19.12
C GLY BC 88 48.53 -36.12 -17.74
N CYS BC 89 48.77 -35.31 -16.72
CA CYS BC 89 48.64 -35.75 -15.34
C CYS BC 89 47.23 -35.57 -14.77
N LEU BC 90 46.31 -35.00 -15.55
CA LEU BC 90 44.93 -34.94 -15.07
C LEU BC 90 44.25 -36.30 -15.19
N ASN BC 91 44.59 -37.09 -16.20
CA ASN BC 91 43.97 -38.40 -16.36
C ASN BC 91 44.38 -39.36 -15.25
N PHE BC 92 45.49 -39.12 -14.56
CA PHE BC 92 45.79 -39.91 -13.37
C PHE BC 92 44.91 -39.56 -12.20
N ILE BC 93 44.19 -38.46 -12.25
CA ILE BC 93 43.36 -37.98 -11.15
C ILE BC 93 41.92 -38.38 -11.43
N GLU BC 94 41.33 -39.16 -10.54
CA GLU BC 94 39.90 -39.44 -10.58
C GLU BC 94 39.26 -38.90 -9.30
N GLU BC 95 37.95 -39.05 -9.22
CA GLU BC 95 37.22 -38.53 -8.07
C GLU BC 95 37.58 -39.29 -6.81
N ASN BC 96 37.44 -38.62 -5.67
CA ASN BC 96 37.66 -39.17 -4.34
C ASN BC 96 39.08 -39.68 -4.13
N ASP BC 97 40.03 -39.24 -4.95
CA ASP BC 97 41.41 -39.58 -4.69
C ASP BC 97 41.95 -38.77 -3.51
N GLU BC 98 42.92 -39.33 -2.83
CA GLU BC 98 43.64 -38.63 -1.77
C GLU BC 98 44.92 -38.08 -2.36
N VAL BC 99 44.95 -36.77 -2.58
CA VAL BC 99 46.09 -36.10 -3.19
C VAL BC 99 46.87 -35.36 -2.11
N LEU BC 100 48.15 -35.18 -2.37
CA LEU BC 100 49.01 -34.33 -1.57
C LEU BC 100 49.23 -33.05 -2.35
N VAL BC 101 49.04 -31.90 -1.70
CA VAL BC 101 49.17 -30.61 -2.34
C VAL BC 101 50.22 -29.80 -1.60
N ALA BC 102 51.09 -29.14 -2.37
CA ALA BC 102 52.11 -28.25 -1.86
C ALA BC 102 51.84 -26.84 -2.38
N GLY BC 103 52.59 -25.88 -1.84
CA GLY BC 103 52.52 -24.53 -2.34
C GLY BC 103 52.96 -24.45 -3.79
N PHE BC 104 52.51 -23.41 -4.47
CA PHE BC 104 52.72 -23.31 -5.91
C PHE BC 104 53.88 -22.40 -6.27
N GLY BC 105 54.64 -21.93 -5.27
CA GLY BC 105 55.93 -21.32 -5.57
C GLY BC 105 56.30 -20.07 -4.82
N ARG BC 106 55.35 -19.19 -4.54
CA ARG BC 106 55.68 -17.87 -4.00
C ARG BC 106 54.78 -17.50 -2.82
N LYS BC 107 54.65 -18.44 -1.87
CA LYS BC 107 54.20 -18.15 -0.51
C LYS BC 107 52.78 -17.58 -0.48
N GLY BC 108 51.84 -18.39 -0.97
CA GLY BC 108 50.44 -17.98 -0.93
C GLY BC 108 50.04 -16.99 -2.00
N HIS BC 109 50.91 -16.74 -2.98
CA HIS BC 109 50.60 -15.85 -4.09
C HIS BC 109 50.47 -16.67 -5.37
N ALA BC 110 49.55 -16.25 -6.23
CA ALA BC 110 49.34 -16.95 -7.49
C ALA BC 110 50.56 -16.83 -8.39
N VAL BC 111 50.78 -17.84 -9.22
CA VAL BC 111 51.96 -17.92 -10.08
C VAL BC 111 51.49 -17.97 -11.53
N GLY BC 112 52.07 -17.11 -12.35
CA GLY BC 112 51.82 -17.18 -13.78
C GLY BC 112 50.41 -16.78 -14.15
N ASP BC 113 49.96 -17.29 -15.29
CA ASP BC 113 48.67 -16.93 -15.86
C ASP BC 113 47.50 -17.70 -15.25
N ILE BC 114 47.69 -18.34 -14.09
CA ILE BC 114 46.65 -19.13 -13.46
C ILE BC 114 46.04 -18.28 -12.34
N PRO BC 115 44.83 -17.73 -12.51
CA PRO BC 115 44.31 -16.78 -11.53
C PRO BC 115 43.82 -17.48 -10.27
N GLY BC 116 44.31 -17.00 -9.12
CA GLY BC 116 43.78 -17.41 -7.83
C GLY BC 116 44.08 -18.84 -7.45
N VAL BC 117 45.13 -19.43 -8.02
CA VAL BC 117 45.51 -20.81 -7.71
C VAL BC 117 46.88 -20.77 -7.06
N ARG BC 118 46.96 -21.25 -5.83
CA ARG BC 118 48.18 -21.14 -5.04
C ARG BC 118 48.74 -22.48 -4.60
N PHE BC 119 48.21 -23.59 -5.10
CA PHE BC 119 48.68 -24.91 -4.70
C PHE BC 119 48.78 -25.82 -5.91
N LYS BC 120 49.59 -26.86 -5.78
CA LYS BC 120 49.75 -27.83 -6.85
C LYS BC 120 49.85 -29.23 -6.27
N VAL BC 121 49.46 -30.21 -7.07
CA VAL BC 121 49.41 -31.60 -6.64
C VAL BC 121 50.78 -32.24 -6.85
N VAL BC 122 51.30 -32.87 -5.79
CA VAL BC 122 52.58 -33.56 -5.84
C VAL BC 122 52.39 -35.07 -5.95
N LYS BC 123 51.48 -35.62 -5.15
CA LYS BC 123 51.20 -37.05 -5.14
C LYS BC 123 49.70 -37.26 -5.22
N VAL BC 124 49.30 -38.41 -5.77
CA VAL BC 124 47.92 -38.85 -5.76
C VAL BC 124 47.88 -40.31 -5.35
N ALA BC 125 47.00 -40.64 -4.40
CA ALA BC 125 46.84 -42.01 -3.91
C ALA BC 125 48.17 -42.60 -3.47
N ASN BC 126 49.01 -41.77 -2.84
CA ASN BC 126 50.32 -42.15 -2.32
C ASN BC 126 51.23 -42.69 -3.42
N VAL BC 127 51.13 -42.12 -4.61
CA VAL BC 127 52.13 -42.33 -5.66
C VAL BC 127 52.39 -40.98 -6.33
N SER BC 128 53.66 -40.69 -6.58
CA SER BC 128 54.06 -39.38 -7.07
C SER BC 128 53.56 -39.15 -8.48
N LEU BC 129 53.10 -37.92 -8.74
CA LEU BC 129 52.72 -37.53 -10.09
C LEU BC 129 53.91 -37.60 -11.03
N LEU BC 130 55.11 -37.30 -10.54
CA LEU BC 130 56.30 -37.44 -11.37
C LEU BC 130 56.54 -38.91 -11.73
N ALA BC 131 56.35 -39.81 -10.77
CA ALA BC 131 56.50 -41.23 -11.05
C ALA BC 131 55.49 -41.70 -12.09
N LEU BC 132 54.23 -41.25 -11.96
CA LEU BC 132 53.22 -41.64 -12.93
C LEU BC 132 53.48 -41.03 -14.30
N TYR BC 133 53.99 -39.80 -14.33
CA TYR BC 133 54.27 -39.13 -15.59
C TYR BC 133 55.43 -39.78 -16.32
N LYS BC 134 56.45 -40.19 -15.59
CA LYS BC 134 57.58 -40.89 -16.19
C LYS BC 134 57.33 -42.38 -16.36
N GLY BC 135 56.21 -42.89 -15.84
CA GLY BC 135 55.92 -44.30 -15.99
C GLY BC 135 56.76 -45.21 -15.13
N LYS BC 136 57.37 -44.66 -14.07
CA LYS BC 136 58.25 -45.47 -13.23
C LYS BC 136 57.46 -46.42 -12.34
N LYS BC 137 56.18 -46.13 -12.09
CA LYS BC 137 55.31 -47.06 -11.39
C LYS BC 137 53.87 -46.72 -11.76
N GLU BC 138 52.97 -47.64 -11.44
CA GLU BC 138 51.63 -47.67 -12.00
C GLU BC 138 50.59 -47.29 -10.95
N ARG BC 139 49.42 -46.88 -11.43
CA ARG BC 139 48.30 -46.55 -10.55
C ARG BC 139 47.89 -47.79 -9.77
N PRO BC 140 47.42 -47.61 -8.53
CA PRO BC 140 47.09 -48.78 -7.70
C PRO BC 140 45.81 -49.49 -8.13
N ARG BC 141 45.93 -50.36 -9.12
CA ARG BC 141 44.79 -51.14 -9.59
C ARG BC 141 44.49 -52.30 -8.65
N ASN CC 1 103.63 -68.26 12.21
CA ASN CC 1 104.53 -68.77 13.23
C ASN CC 1 105.99 -68.45 12.91
N ASP CC 2 106.33 -68.49 11.63
CA ASP CC 2 107.72 -68.27 11.23
C ASP CC 2 108.19 -66.86 11.56
N THR CC 3 107.34 -65.86 11.31
CA THR CC 3 107.66 -64.46 11.64
C THR CC 3 106.47 -63.89 12.41
N VAL CC 4 106.47 -64.13 13.72
CA VAL CC 4 105.50 -63.54 14.64
C VAL CC 4 106.28 -63.08 15.87
N THR CC 5 106.14 -61.82 16.23
CA THR CC 5 106.87 -61.29 17.36
C THR CC 5 105.95 -60.50 18.29
N ILE CC 6 106.07 -60.82 19.58
CA ILE CC 6 105.38 -60.14 20.67
C ILE CC 6 106.31 -59.06 21.20
N ARG CC 7 105.77 -57.87 21.43
CA ARG CC 7 106.50 -56.84 22.16
C ARG CC 7 105.58 -56.28 23.23
N THR CC 8 106.14 -56.02 24.41
CA THR CC 8 105.38 -55.53 25.53
C THR CC 8 105.74 -54.07 25.80
N ARG CC 9 104.79 -53.34 26.38
CA ARG CC 9 105.04 -51.95 26.75
C ARG CC 9 104.01 -51.54 27.78
N LYS CC 10 104.27 -50.39 28.41
CA LYS CC 10 103.48 -49.90 29.54
C LYS CC 10 103.34 -50.97 30.61
N PHE CC 11 104.41 -51.76 30.78
CA PHE CC 11 104.38 -52.86 31.72
C PHE CC 11 104.37 -52.34 33.16
N MET CC 12 103.53 -52.95 33.98
CA MET CC 12 103.54 -52.62 35.40
C MET CC 12 102.99 -53.80 36.16
N THR CC 13 103.27 -53.84 37.45
CA THR CC 13 102.76 -54.88 38.33
C THR CC 13 102.05 -54.23 39.51
N ASN CC 14 100.91 -54.80 39.89
CA ASN CC 14 100.19 -54.36 41.07
C ASN CC 14 99.86 -55.55 41.94
N ARG CC 15 100.30 -55.48 43.19
CA ARG CC 15 99.96 -56.51 44.18
C ARG CC 15 98.52 -56.39 44.65
N LEU CC 16 97.86 -55.26 44.37
CA LEU CC 16 96.49 -55.07 44.82
C LEU CC 16 95.57 -56.11 44.20
N LEU CC 17 95.74 -56.38 42.91
CA LEU CC 17 95.06 -57.48 42.24
C LEU CC 17 95.99 -58.66 42.01
N GLN CC 18 97.21 -58.60 42.55
CA GLN CC 18 98.21 -59.66 42.46
C GLN CC 18 98.44 -60.08 41.01
N ARG CC 19 98.88 -59.13 40.20
CA ARG CC 19 99.04 -59.41 38.78
C ARG CC 19 100.05 -58.45 38.18
N LYS CC 20 100.47 -58.78 36.96
CA LYS CC 20 101.28 -57.91 36.13
C LYS CC 20 100.49 -57.66 34.85
N GLN CC 21 100.26 -56.39 34.54
CA GLN CC 21 99.47 -56.01 33.38
C GLN CC 21 100.30 -55.11 32.48
N MET CC 22 100.05 -55.23 31.18
CA MET CC 22 100.78 -54.47 30.19
C MET CC 22 99.91 -54.34 28.96
N VAL CC 23 100.39 -53.57 27.99
CA VAL CC 23 99.79 -53.51 26.67
C VAL CC 23 100.81 -54.05 25.67
N ILE CC 24 100.38 -55.01 24.87
CA ILE CC 24 101.27 -55.73 23.98
C ILE CC 24 100.88 -55.44 22.55
N ASP CC 25 101.86 -55.51 21.66
CA ASP CC 25 101.65 -55.44 20.23
C ASP CC 25 102.40 -56.57 19.55
N VAL CC 26 101.70 -57.29 18.67
CA VAL CC 26 102.29 -58.40 17.94
C VAL CC 26 102.28 -58.08 16.46
N LEU CC 27 103.39 -58.40 15.81
CA LEU CC 27 103.61 -58.11 14.39
C LEU CC 27 103.39 -59.39 13.60
N HIS CC 28 102.43 -59.37 12.69
CA HIS CC 28 102.14 -60.47 11.78
C HIS CC 28 102.14 -59.89 10.38
N PRO CC 29 103.31 -59.75 9.76
CA PRO CC 29 103.42 -58.92 8.54
C PRO CC 29 102.54 -59.38 7.38
N GLY CC 30 102.38 -60.67 7.19
CA GLY CC 30 101.61 -61.14 6.04
C GLY CC 30 100.46 -62.05 6.42
N LYS CC 31 100.23 -62.21 7.71
CA LYS CC 31 99.23 -63.12 8.23
C LYS CC 31 98.07 -62.35 8.82
N ALA CC 32 96.99 -63.08 9.11
CA ALA CC 32 95.84 -62.50 9.77
C ALA CC 32 96.19 -62.16 11.23
N THR CC 33 95.20 -61.65 11.95
CA THR CC 33 95.41 -61.34 13.36
C THR CC 33 95.75 -62.64 14.11
N VAL CC 34 96.81 -62.59 14.91
CA VAL CC 34 97.30 -63.80 15.57
C VAL CC 34 96.26 -64.24 16.60
N PRO CC 35 95.93 -65.53 16.69
CA PRO CC 35 94.90 -65.97 17.63
C PRO CC 35 95.32 -65.78 19.08
N LYS CC 36 94.33 -65.36 19.89
CA LYS CC 36 94.56 -65.13 21.32
C LYS CC 36 95.17 -66.34 21.99
N THR CC 37 94.77 -67.54 21.57
CA THR CC 37 95.45 -68.74 22.03
C THR CC 37 96.94 -68.66 21.78
N GLU CC 38 97.34 -68.31 20.55
CA GLU CC 38 98.77 -68.25 20.24
C GLU CC 38 99.49 -67.20 21.08
N ILE CC 39 98.90 -66.01 21.24
CA ILE CC 39 99.50 -65.02 22.12
C ILE CC 39 99.64 -65.57 23.54
N ARG CC 40 98.69 -66.38 23.98
CA ARG CC 40 98.70 -66.86 25.36
C ARG CC 40 99.98 -67.63 25.66
N GLU CC 41 100.24 -68.73 24.93
CA GLU CC 41 101.48 -69.45 25.22
C GLU CC 41 102.73 -68.73 24.75
N LYS CC 42 102.65 -67.86 23.73
CA LYS CC 42 103.86 -67.14 23.35
C LYS CC 42 104.30 -66.20 24.46
N LEU CC 43 103.35 -65.47 25.06
CA LEU CC 43 103.64 -64.61 26.19
C LEU CC 43 104.00 -65.43 27.43
N ALA CC 44 103.42 -66.63 27.56
CA ALA CC 44 103.80 -67.52 28.66
C ALA CC 44 105.26 -67.93 28.55
N LYS CC 45 105.73 -68.26 27.35
CA LYS CC 45 107.15 -68.52 27.16
C LYS CC 45 107.98 -67.27 27.42
N MET CC 46 107.44 -66.11 27.04
CA MET CC 46 108.16 -64.86 27.27
C MET CC 46 108.41 -64.61 28.75
N TYR CC 47 107.40 -64.85 29.58
CA TYR CC 47 107.49 -64.56 31.02
C TYR CC 47 107.70 -65.81 31.87
N LYS CC 48 108.06 -66.94 31.26
CA LYS CC 48 108.36 -68.18 31.98
C LYS CC 48 107.21 -68.62 32.89
N THR CC 49 105.99 -68.52 32.39
CA THR CC 49 104.80 -68.97 33.10
C THR CC 49 104.02 -69.96 32.24
N THR CC 50 102.84 -70.32 32.69
CA THR CC 50 102.08 -71.31 31.96
C THR CC 50 100.93 -70.66 31.20
N PRO CC 51 100.54 -71.21 30.04
CA PRO CC 51 99.48 -70.58 29.25
C PRO CC 51 98.08 -70.90 29.73
N ASP CC 52 97.87 -70.81 31.04
CA ASP CC 52 96.55 -70.91 31.63
C ASP CC 52 96.26 -69.80 32.63
N VAL CC 53 97.30 -69.13 33.15
CA VAL CC 53 97.13 -67.91 33.93
C VAL CC 53 97.21 -66.68 33.05
N ILE CC 54 97.61 -66.83 31.79
CA ILE CC 54 97.74 -65.70 30.88
C ILE CC 54 96.36 -65.25 30.43
N PHE CC 55 96.11 -63.95 30.48
CA PHE CC 55 94.82 -63.37 30.13
C PHE CC 55 95.03 -62.20 29.19
N VAL CC 56 94.53 -62.30 27.97
CA VAL CC 56 94.67 -61.25 26.97
C VAL CC 56 93.32 -61.00 26.32
N PHE CC 57 93.15 -59.77 25.81
CA PHE CC 57 91.90 -59.33 25.22
C PHE CC 57 92.14 -58.02 24.50
N GLY CC 58 91.09 -57.50 23.87
CA GLY CC 58 91.13 -56.18 23.26
C GLY CC 58 92.12 -56.04 22.13
N PHE CC 59 92.18 -57.03 21.24
CA PHE CC 59 93.16 -57.04 20.16
C PHE CC 59 92.57 -56.38 18.93
N ARG CC 60 93.03 -55.17 18.64
CA ARG CC 60 92.60 -54.44 17.45
C ARG CC 60 93.80 -54.28 16.53
N THR CC 61 93.60 -54.52 15.24
CA THR CC 61 94.69 -54.53 14.26
C THR CC 61 94.73 -53.18 13.55
N HIS CC 62 95.93 -52.63 13.42
CA HIS CC 62 96.08 -51.35 12.74
C HIS CC 62 95.72 -51.50 11.26
N PHE CC 63 95.31 -50.40 10.66
CA PHE CC 63 94.96 -50.39 9.25
C PHE CC 63 96.15 -50.82 8.39
N GLY CC 64 95.89 -51.64 7.40
CA GLY CC 64 96.95 -52.16 6.56
C GLY CC 64 97.67 -53.37 7.11
N GLY CC 65 97.11 -54.03 8.11
CA GLY CC 65 97.73 -55.22 8.65
C GLY CC 65 99.00 -54.91 9.42
N GLY CC 66 99.77 -55.96 9.67
CA GLY CC 66 101.03 -55.80 10.36
C GLY CC 66 100.88 -55.87 11.86
N LYS CC 67 100.79 -54.70 12.49
CA LYS CC 67 100.72 -54.63 13.94
C LYS CC 67 99.28 -54.79 14.42
N THR CC 68 99.11 -55.53 15.51
CA THR CC 68 97.87 -55.48 16.26
C THR CC 68 98.19 -55.36 17.75
N THR CC 69 97.33 -54.62 18.45
CA THR CC 69 97.59 -54.22 19.82
C THR CC 69 96.47 -54.73 20.72
N GLY CC 70 96.85 -55.33 21.86
CA GLY CC 70 95.89 -55.76 22.84
C GLY CC 70 96.43 -55.53 24.24
N PHE CC 71 95.64 -55.92 25.23
CA PHE CC 71 96.00 -55.71 26.63
C PHE CC 71 96.26 -57.07 27.27
N GLY CC 72 97.43 -57.24 27.87
CA GLY CC 72 97.82 -58.48 28.48
C GLY CC 72 97.78 -58.42 30.00
N MET CC 73 97.34 -59.51 30.60
CA MET CC 73 97.11 -59.61 32.04
C MET CC 73 97.62 -60.97 32.48
N ILE CC 74 98.59 -61.01 33.39
CA ILE CC 74 99.12 -62.27 33.89
C ILE CC 74 99.04 -62.24 35.41
N TYR CC 75 98.67 -63.37 36.01
CA TYR CC 75 98.56 -63.44 37.46
C TYR CC 75 99.65 -64.33 38.03
N ASP CC 76 99.84 -64.20 39.34
CA ASP CC 76 100.79 -65.06 40.03
C ASP CC 76 100.23 -66.46 40.25
N SER CC 77 98.91 -66.59 40.45
CA SER CC 77 98.31 -67.86 40.76
C SER CC 77 96.93 -67.96 40.13
N LEU CC 78 96.59 -69.17 39.69
CA LEU CC 78 95.30 -69.40 39.03
C LEU CC 78 94.13 -69.17 39.98
N ASP CC 79 94.31 -69.39 41.28
CA ASP CC 79 93.22 -69.08 42.21
C ASP CC 79 92.93 -67.60 42.23
N TYR CC 80 93.97 -66.76 42.24
CA TYR CC 80 93.77 -65.32 42.13
C TYR CC 80 93.15 -64.96 40.78
N ALA CC 81 93.58 -65.63 39.71
CA ALA CC 81 92.98 -65.38 38.41
C ALA CC 81 91.49 -65.71 38.40
N LYS CC 82 91.10 -66.80 39.07
CA LYS CC 82 89.69 -67.10 39.21
C LYS CC 82 88.98 -66.07 40.10
N LYS CC 83 89.69 -65.53 41.08
CA LYS CC 83 89.06 -64.64 42.05
C LYS CC 83 88.77 -63.26 41.46
N ASN CC 84 89.80 -62.57 41.00
CA ASN CC 84 89.62 -61.21 40.49
C ASN CC 84 89.91 -61.16 38.99
N GLU CC 85 88.89 -61.48 38.19
CA GLU CC 85 88.91 -61.44 36.74
C GLU CC 85 87.48 -61.62 36.26
N PRO CC 86 87.07 -60.94 35.19
CA PRO CC 86 85.66 -61.02 34.78
C PRO CC 86 85.21 -62.42 34.35
N LYS CC 87 83.95 -62.69 34.66
CA LYS CC 87 83.38 -64.01 34.39
C LYS CC 87 83.37 -64.33 32.89
N HIS CC 88 83.28 -63.31 32.04
CA HIS CC 88 83.27 -63.62 30.61
C HIS CC 88 84.65 -64.05 30.13
N ARG CC 89 85.72 -63.49 30.69
CA ARG CC 89 87.05 -64.00 30.33
C ARG CC 89 87.29 -65.38 30.93
N LEU CC 90 86.78 -65.62 32.14
CA LEU CC 90 86.87 -66.97 32.69
C LEU CC 90 86.12 -67.98 31.81
N ALA CC 91 84.95 -67.60 31.31
CA ALA CC 91 84.21 -68.47 30.40
C ALA CC 91 84.90 -68.62 29.05
N ARG CC 92 85.58 -67.56 28.60
CA ARG CC 92 86.36 -67.67 27.38
C ARG CC 92 87.45 -68.72 27.52
N HIS CC 93 88.10 -68.76 28.67
CA HIS CC 93 89.06 -69.82 28.93
C HIS CC 93 88.41 -71.11 29.42
N GLY CC 94 87.09 -71.13 29.57
CA GLY CC 94 86.38 -72.34 29.90
C GLY CC 94 86.31 -72.67 31.38
N LEU CC 95 86.80 -71.79 32.25
CA LEU CC 95 86.79 -72.03 33.68
C LEU CC 95 85.49 -71.59 34.34
N TYR CC 96 84.56 -71.04 33.58
CA TYR CC 96 83.28 -70.57 34.13
C TYR CC 96 82.19 -70.91 33.13
N GLU CC 97 81.03 -71.30 33.67
CA GLU CC 97 79.88 -71.67 32.86
C GLU CC 97 78.74 -70.68 33.07
N LYS CC 98 78.13 -70.24 31.97
CA LYS CC 98 77.01 -69.31 31.99
C LYS CC 98 75.72 -70.00 31.55
N LYS CC 99 75.55 -71.25 31.96
CA LYS CC 99 74.40 -72.06 31.57
C LYS CC 99 73.21 -71.58 32.38
N LYS CC 100 72.43 -70.66 31.80
CA LYS CC 100 71.33 -70.04 32.52
C LYS CC 100 70.28 -69.54 31.53
N THR CC 101 69.14 -69.16 32.07
CA THR CC 101 67.97 -68.80 31.29
C THR CC 101 68.09 -67.37 30.75
N SER CC 102 67.07 -66.97 29.99
CA SER CC 102 67.02 -65.63 29.43
C SER CC 102 66.61 -64.60 30.49
N ARG CC 103 67.04 -63.36 30.26
CA ARG CC 103 66.66 -62.27 31.15
C ARG CC 103 65.15 -62.05 31.12
N LYS CC 104 64.54 -62.16 29.94
CA LYS CC 104 63.09 -62.04 29.83
C LYS CC 104 62.39 -63.09 30.69
N GLN CC 105 62.81 -64.35 30.58
CA GLN CC 105 62.19 -65.42 31.35
C GLN CC 105 62.40 -65.22 32.84
N ARG CC 106 63.59 -64.76 33.23
CA ARG CC 106 63.86 -64.48 34.64
C ARG CC 106 62.95 -63.39 35.17
N LYS CC 107 62.73 -62.33 34.40
CA LYS CC 107 61.78 -61.30 34.81
C LYS CC 107 60.36 -61.83 34.89
N GLU CC 108 59.97 -62.69 33.95
CA GLU CC 108 58.63 -63.30 34.01
C GLU CC 108 58.45 -64.08 35.29
N ARG CC 109 59.46 -64.89 35.65
CA ARG CC 109 59.39 -65.68 36.87
C ARG CC 109 59.32 -64.78 38.10
N LYS CC 110 60.11 -63.70 38.12
CA LYS CC 110 60.09 -62.79 39.26
C LYS CC 110 58.71 -62.14 39.42
N ASN CC 111 58.13 -61.67 38.32
CA ASN CC 111 56.82 -61.02 38.40
C ASN CC 111 55.74 -62.01 38.81
N ARG CC 112 55.80 -63.24 38.30
CA ARG CC 112 54.81 -64.23 38.71
C ARG CC 112 54.96 -64.59 40.18
N MET CC 113 56.19 -64.73 40.67
CA MET CC 113 56.43 -64.98 42.07
C MET CC 113 55.95 -63.84 42.96
N LYS CC 114 55.92 -62.63 42.43
CA LYS CC 114 55.32 -61.52 43.18
C LYS CC 114 53.84 -61.76 43.46
N LYS CC 115 53.14 -62.49 42.59
CA LYS CC 115 51.71 -62.72 42.77
C LYS CC 115 51.41 -63.70 43.90
N VAL CC 116 52.37 -64.53 44.29
CA VAL CC 116 52.15 -65.53 45.33
C VAL CC 116 52.81 -65.02 46.61
N ARG CC 117 52.03 -64.95 47.68
CA ARG CC 117 52.48 -64.36 48.93
C ARG CC 117 52.90 -65.45 49.90
N GLY CC 118 54.13 -65.35 50.40
CA GLY CC 118 54.54 -66.11 51.56
C GLY CC 118 54.72 -67.59 51.37
N THR CC 119 53.64 -68.25 50.92
CA THR CC 119 53.58 -69.71 50.84
C THR CC 119 54.76 -70.28 50.08
N ALA CC 120 55.56 -71.11 50.75
CA ALA CC 120 56.82 -71.57 50.16
C ALA CC 120 56.58 -72.44 48.94
N LYS CC 121 55.70 -73.45 49.05
CA LYS CC 121 55.52 -74.38 47.95
C LYS CC 121 54.88 -73.72 46.74
N ALA CC 122 53.91 -72.83 46.96
CA ALA CC 122 53.34 -72.09 45.84
C ALA CC 122 54.30 -71.06 45.26
N ASN CC 123 55.12 -70.44 46.10
CA ASN CC 123 56.09 -69.47 45.60
C ASN CC 123 57.16 -70.15 44.76
N VAL CC 124 57.53 -71.37 45.10
CA VAL CC 124 58.48 -72.08 44.25
C VAL CC 124 57.78 -72.76 43.06
N GLY CC 125 56.49 -73.04 43.17
CA GLY CC 125 55.72 -73.56 42.05
C GLY CC 125 55.18 -72.52 41.11
N ALA CC 126 55.40 -71.24 41.40
CA ALA CC 126 54.92 -70.16 40.54
C ALA CC 126 55.47 -70.29 39.12
N GLY CC 127 56.76 -70.57 38.98
CA GLY CC 127 57.34 -70.75 37.67
C GLY CC 127 57.30 -72.17 37.13
N LYS CC 128 56.70 -73.11 37.87
CA LYS CC 128 56.70 -74.50 37.42
C LYS CC 128 55.73 -74.71 36.26
N LYS CC 129 54.52 -74.17 36.38
CA LYS CC 129 53.48 -74.42 35.38
C LYS CC 129 53.68 -73.63 34.10
N PRO CC 130 53.81 -72.28 34.14
CA PRO CC 130 53.98 -71.57 32.85
C PRO CC 130 55.43 -71.51 32.37
N LYS CC 131 55.88 -72.61 31.80
CA LYS CC 131 57.23 -72.71 31.25
C LYS CC 131 57.37 -71.88 29.98
N THR DC 1 55.84 19.05 -11.50
CA THR DC 1 56.99 19.94 -11.48
C THR DC 1 56.55 21.37 -11.20
N LYS DC 2 57.35 22.09 -10.42
CA LYS DC 2 57.05 23.48 -10.10
C LYS DC 2 57.40 24.33 -11.32
N LYS DC 3 56.37 24.90 -11.96
CA LYS DC 3 56.58 25.64 -13.20
C LYS DC 3 57.26 26.98 -12.93
N ARG DC 4 56.83 27.68 -11.88
CA ARG DC 4 57.34 29.01 -11.57
C ARG DC 4 57.79 29.06 -10.12
N ARG DC 5 58.90 29.75 -9.89
CA ARG DC 5 59.40 29.88 -8.52
C ARG DC 5 58.43 30.67 -7.66
N ASN DC 6 57.83 31.72 -8.22
CA ASN DC 6 56.90 32.57 -7.50
C ASN DC 6 55.48 32.04 -7.53
N ASN DC 7 55.28 30.83 -8.05
CA ASN DC 7 53.97 30.18 -8.16
C ASN DC 7 53.00 30.97 -9.02
N GLY DC 8 53.52 31.80 -9.91
CA GLY DC 8 52.65 32.59 -10.76
C GLY DC 8 51.97 33.75 -10.09
N ARG DC 9 52.44 34.16 -8.91
CA ARG DC 9 51.84 35.25 -8.18
C ARG DC 9 52.91 35.98 -7.38
N ALA DC 10 52.57 37.18 -6.92
CA ALA DC 10 53.51 38.03 -6.23
C ALA DC 10 53.44 37.91 -4.72
N LYS DC 11 52.61 37.01 -4.20
CA LYS DC 11 52.49 36.85 -2.75
C LYS DC 11 53.76 36.24 -2.19
N LYS DC 12 54.43 36.97 -1.30
CA LYS DC 12 55.68 36.48 -0.71
C LYS DC 12 55.62 36.34 0.81
N GLY DC 13 55.23 37.38 1.52
CA GLY DC 13 55.20 37.29 2.97
C GLY DC 13 53.82 37.42 3.55
N ARG DC 14 52.82 36.93 2.84
CA ARG DC 14 51.42 37.13 3.18
C ARG DC 14 50.81 35.78 3.47
N GLY DC 15 49.65 35.79 4.10
CA GLY DC 15 48.88 34.57 4.15
C GLY DC 15 47.77 34.60 3.13
N HIS DC 16 47.06 35.71 3.09
CA HIS DC 16 45.88 35.85 2.25
C HIS DC 16 45.90 37.20 1.56
N VAL DC 17 45.66 37.20 0.26
CA VAL DC 17 45.48 38.42 -0.53
C VAL DC 17 44.05 38.47 -0.99
N GLN DC 18 43.40 39.62 -0.81
CA GLN DC 18 41.99 39.73 -1.13
C GLN DC 18 41.76 39.56 -2.63
N PRO DC 19 40.65 38.96 -3.04
CA PRO DC 19 40.42 38.71 -4.46
C PRO DC 19 39.85 39.92 -5.17
N ILE DC 20 39.96 39.89 -6.50
CA ILE DC 20 39.32 40.85 -7.38
C ILE DC 20 38.62 40.07 -8.48
N ARG DC 21 37.68 40.72 -9.14
CA ARG DC 21 36.89 40.10 -10.19
C ARG DC 21 37.50 40.42 -11.55
N CYS DC 22 37.67 39.40 -12.38
CA CYS DC 22 38.16 39.61 -13.73
C CYS DC 22 37.22 40.52 -14.50
N THR DC 23 37.76 41.56 -15.12
CA THR DC 23 36.93 42.50 -15.84
C THR DC 23 36.27 41.87 -17.07
N ASN DC 24 36.80 40.74 -17.53
CA ASN DC 24 36.25 40.10 -18.72
C ASN DC 24 35.14 39.11 -18.38
N CYS DC 25 35.32 38.28 -17.36
CA CYS DC 25 34.38 37.21 -17.07
C CYS DC 25 33.88 37.19 -15.64
N ALA DC 26 34.32 38.12 -14.79
CA ALA DC 26 33.87 38.24 -13.39
C ALA DC 26 34.28 37.02 -12.57
N ARG DC 27 35.49 36.52 -12.80
CA ARG DC 27 36.06 35.46 -11.98
C ARG DC 27 36.85 36.05 -10.83
N CYS DC 28 36.72 35.46 -9.65
CA CYS DC 28 37.51 35.89 -8.50
C CYS DC 28 38.95 35.45 -8.69
N VAL DC 29 39.85 36.43 -8.81
CA VAL DC 29 41.27 36.18 -8.95
C VAL DC 29 41.96 36.82 -7.76
N PRO DC 30 42.97 36.20 -7.17
CA PRO DC 30 43.80 36.92 -6.19
C PRO DC 30 44.40 38.16 -6.84
N LYS DC 31 44.43 39.25 -6.07
CA LYS DC 31 44.81 40.54 -6.62
C LYS DC 31 46.24 40.51 -7.15
N ASP DC 32 47.14 39.82 -6.46
CA ASP DC 32 48.53 39.76 -6.90
C ASP DC 32 48.74 38.77 -8.04
N LYS DC 33 47.77 37.90 -8.30
CA LYS DC 33 47.89 36.94 -9.40
C LYS DC 33 47.35 37.49 -10.71
N ALA DC 34 46.37 38.38 -10.65
CA ALA DC 34 45.70 38.85 -11.86
C ALA DC 34 46.63 39.68 -12.72
N ILE DC 35 46.40 39.63 -14.03
CA ILE DC 35 47.14 40.47 -14.97
C ILE DC 35 46.48 41.84 -15.01
N LYS DC 36 47.25 42.87 -14.71
CA LYS DC 36 46.73 44.24 -14.65
C LYS DC 36 47.24 45.03 -15.84
N LYS DC 37 46.32 45.74 -16.49
CA LYS DC 37 46.65 46.63 -17.59
C LYS DC 37 46.03 47.99 -17.31
N PHE DC 38 46.86 49.01 -17.19
CA PHE DC 38 46.39 50.37 -16.96
C PHE DC 38 46.37 51.09 -18.30
N VAL DC 39 45.19 51.18 -18.90
CA VAL DC 39 45.06 51.78 -20.22
C VAL DC 39 44.69 53.25 -20.08
N ILE DC 40 45.44 54.10 -20.76
CA ILE DC 40 45.25 55.55 -20.73
C ILE DC 40 44.98 55.93 -22.18
N ARG DC 41 43.71 55.95 -22.57
CA ARG DC 41 43.37 56.08 -23.97
C ARG DC 41 42.69 57.41 -24.24
N ASN DC 42 42.95 57.98 -25.42
CA ASN DC 42 42.26 59.19 -25.82
C ASN DC 42 40.76 58.94 -25.85
N ILE DC 43 40.00 59.91 -25.33
CA ILE DC 43 38.56 59.74 -25.21
C ILE DC 43 37.87 59.73 -26.56
N VAL DC 44 38.56 60.17 -27.62
CA VAL DC 44 38.06 60.08 -28.98
C VAL DC 44 39.12 59.38 -29.83
N GLU DC 45 38.66 58.78 -30.91
CA GLU DC 45 39.57 58.10 -31.82
C GLU DC 45 40.45 59.09 -32.56
N ALA DC 46 41.67 58.64 -32.89
CA ALA DC 46 42.58 59.45 -33.68
C ALA DC 46 42.05 59.67 -35.10
N ALA DC 47 41.06 58.88 -35.53
CA ALA DC 47 40.38 59.16 -36.77
C ALA DC 47 39.42 60.33 -36.64
N ALA DC 48 38.89 60.56 -35.44
CA ALA DC 48 37.86 61.57 -35.22
C ALA DC 48 38.37 62.79 -34.49
N VAL DC 49 39.67 62.83 -34.13
CA VAL DC 49 40.20 63.98 -33.42
C VAL DC 49 40.04 65.25 -34.25
N ARG DC 50 40.26 65.16 -35.57
CA ARG DC 50 40.15 66.35 -36.40
C ARG DC 50 38.71 66.85 -36.47
N ASP DC 51 37.75 65.95 -36.65
CA ASP DC 51 36.35 66.38 -36.71
C ASP DC 51 35.91 67.00 -35.39
N ILE DC 52 36.30 66.39 -34.26
CA ILE DC 52 35.95 66.95 -32.97
C ILE DC 52 36.59 68.32 -32.77
N SER DC 53 37.86 68.47 -33.15
CA SER DC 53 38.54 69.74 -32.97
C SER DC 53 37.93 70.83 -33.85
N GLU DC 54 37.53 70.47 -35.08
CA GLU DC 54 36.90 71.45 -35.96
C GLU DC 54 35.52 71.85 -35.45
N ALA DC 55 34.76 70.88 -34.91
CA ALA DC 55 33.44 71.19 -34.38
C ALA DC 55 33.48 71.77 -32.98
N SER DC 56 34.65 71.85 -32.35
CA SER DC 56 34.74 72.38 -31.00
C SER DC 56 34.45 73.87 -30.96
N VAL DC 57 33.74 74.30 -29.91
CA VAL DC 57 33.54 75.72 -29.67
C VAL DC 57 34.79 76.40 -29.16
N PHE DC 58 35.73 75.65 -28.61
CA PHE DC 58 36.96 76.20 -28.07
C PHE DC 58 38.05 76.16 -29.13
N ASP DC 59 39.09 76.95 -28.90
CA ASP DC 59 40.24 76.99 -29.79
C ASP DC 59 41.37 76.08 -29.32
N ALA DC 60 41.88 76.30 -28.11
CA ALA DC 60 42.93 75.46 -27.55
C ALA DC 60 42.34 74.49 -26.53
N TYR DC 61 41.52 73.57 -27.01
CA TYR DC 61 40.87 72.58 -26.14
C TYR DC 61 41.62 71.27 -26.23
N VAL DC 62 42.17 70.82 -25.11
CA VAL DC 62 42.90 69.57 -25.03
C VAL DC 62 41.92 68.45 -24.69
N LEU DC 63 41.88 67.43 -25.53
CA LEU DC 63 40.91 66.37 -25.37
C LEU DC 63 41.20 65.56 -24.12
N PRO DC 64 40.20 65.24 -23.31
CA PRO DC 64 40.43 64.50 -22.07
C PRO DC 64 40.83 63.06 -22.35
N LYS DC 65 41.42 62.44 -21.34
CA LYS DC 65 41.83 61.06 -21.42
C LYS DC 65 40.81 60.16 -20.74
N LEU DC 66 41.04 58.86 -20.86
CA LEU DC 66 40.19 57.82 -20.28
C LEU DC 66 41.12 56.85 -19.58
N TYR DC 67 41.03 56.80 -18.25
CA TYR DC 67 41.94 56.03 -17.42
C TYR DC 67 41.18 54.82 -16.90
N VAL DC 68 41.53 53.63 -17.37
CA VAL DC 68 40.83 52.41 -16.98
C VAL DC 68 41.86 51.39 -16.54
N LYS DC 69 41.67 50.82 -15.35
CA LYS DC 69 42.51 49.72 -14.90
C LYS DC 69 41.75 48.42 -15.12
N LEU DC 70 42.37 47.50 -15.85
CA LEU DC 70 41.76 46.24 -16.23
C LEU DC 70 42.46 45.09 -15.51
N HIS DC 71 41.67 44.20 -14.93
CA HIS DC 71 42.18 43.01 -14.28
C HIS DC 71 41.68 41.78 -15.03
N TYR DC 72 42.60 40.85 -15.30
CA TYR DC 72 42.29 39.65 -16.05
C TYR DC 72 42.72 38.44 -15.26
N CYS DC 73 41.87 37.41 -15.24
CA CYS DC 73 42.36 36.08 -14.92
C CYS DC 73 43.27 35.62 -16.04
N VAL DC 74 44.12 34.63 -15.75
CA VAL DC 74 45.09 34.22 -16.74
C VAL DC 74 44.40 33.58 -17.94
N SER DC 75 43.24 32.95 -17.73
CA SER DC 75 42.50 32.38 -18.85
C SER DC 75 42.07 33.46 -19.83
N CYS DC 76 41.41 34.51 -19.33
CA CYS DC 76 41.00 35.59 -20.21
C CYS DC 76 42.18 36.36 -20.77
N ALA DC 77 43.26 36.46 -20.01
CA ALA DC 77 44.45 37.14 -20.51
C ALA DC 77 45.05 36.39 -21.70
N ILE DC 78 45.17 35.07 -21.58
CA ILE DC 78 45.74 34.28 -22.66
C ILE DC 78 44.80 34.25 -23.86
N HIS DC 79 43.49 34.19 -23.60
CA HIS DC 79 42.53 34.19 -24.70
C HIS DC 79 42.50 35.53 -25.42
N SER DC 80 42.66 36.62 -24.67
CA SER DC 80 42.67 37.97 -25.25
C SER DC 80 44.03 38.38 -25.74
N LYS DC 81 45.05 37.52 -25.59
CA LYS DC 81 46.37 37.69 -26.18
C LYS DC 81 47.13 38.87 -25.57
N VAL DC 82 46.72 39.34 -24.39
CA VAL DC 82 47.53 40.34 -23.71
C VAL DC 82 48.82 39.71 -23.20
N VAL DC 83 48.78 38.44 -22.82
CA VAL DC 83 49.98 37.69 -22.49
C VAL DC 83 50.02 36.44 -23.38
N ARG DC 84 51.23 35.94 -23.58
CA ARG DC 84 51.46 34.77 -24.41
C ARG DC 84 52.31 33.78 -23.65
N ASN DC 85 52.21 32.52 -24.03
CA ASN DC 85 53.12 31.52 -23.49
C ASN DC 85 54.54 31.79 -23.97
N ARG DC 86 55.50 31.46 -23.12
CA ARG DC 86 56.91 31.70 -23.41
C ARG DC 86 57.70 30.44 -23.15
N SER DC 87 58.93 30.42 -23.66
CA SER DC 87 59.80 29.27 -23.46
C SER DC 87 60.23 29.18 -22.00
N ARG DC 88 60.87 28.07 -21.65
CA ARG DC 88 61.30 27.87 -20.27
C ARG DC 88 62.30 28.93 -19.85
N GLU DC 89 63.22 29.31 -20.73
CA GLU DC 89 64.17 30.36 -20.40
C GLU DC 89 63.52 31.73 -20.46
N ALA DC 90 62.60 31.93 -21.41
CA ALA DC 90 61.98 33.23 -21.59
C ALA DC 90 60.94 33.57 -20.53
N ARG DC 91 60.47 32.57 -19.79
CA ARG DC 91 59.56 32.86 -18.68
C ARG DC 91 60.22 33.63 -17.57
N LYS DC 92 61.55 33.61 -17.50
CA LYS DC 92 62.26 34.10 -16.34
C LYS DC 92 62.48 35.61 -16.32
N ASP DC 93 62.23 36.31 -17.42
CA ASP DC 93 62.42 37.75 -17.41
C ASP DC 93 61.12 38.47 -17.11
N ARG DC 94 61.24 39.62 -16.45
CA ARG DC 94 60.08 40.39 -16.02
C ARG DC 94 60.01 41.77 -16.65
N THR DC 95 60.93 42.11 -17.54
CA THR DC 95 60.90 43.41 -18.17
C THR DC 95 59.69 43.52 -19.07
N PRO DC 96 58.88 44.57 -18.95
CA PRO DC 96 57.70 44.69 -19.81
C PRO DC 96 58.13 44.91 -21.26
N PRO DC 97 57.30 44.53 -22.22
CA PRO DC 97 57.66 44.72 -23.62
C PRO DC 97 57.81 46.20 -23.94
N PRO DC 98 58.66 46.54 -24.90
CA PRO DC 98 58.92 47.96 -25.20
C PRO DC 98 57.66 48.68 -25.67
N ARG DC 99 57.61 49.98 -25.39
CA ARG DC 99 56.46 50.80 -25.75
C ARG DC 99 56.40 51.08 -27.24
N PHE DC 100 57.51 50.96 -27.96
CA PHE DC 100 57.60 51.26 -29.40
C PHE DC 100 57.17 52.70 -29.68
N ARG DC 101 57.92 53.64 -29.12
CA ARG DC 101 57.69 55.05 -29.36
C ARG DC 101 57.96 55.47 -30.80
N PRO DC 102 58.85 54.80 -31.57
CA PRO DC 102 58.84 55.30 -32.96
C PRO DC 102 57.86 54.53 -33.85
N PRO EC 1 88.54 36.43 -0.98
CA PRO EC 1 89.93 36.32 -0.54
C PRO EC 1 90.12 35.20 0.49
N LEU EC 2 91.12 34.35 0.25
CA LEU EC 2 91.38 33.21 1.11
C LEU EC 2 92.36 33.51 2.24
N ALA EC 3 93.12 34.60 2.14
CA ALA EC 3 94.16 34.90 3.12
C ALA EC 3 93.88 36.23 3.82
N LYS EC 4 92.63 36.44 4.21
CA LYS EC 4 92.30 37.56 5.08
C LYS EC 4 92.94 37.36 6.45
N ASP EC 5 93.52 38.43 7.00
CA ASP EC 5 94.16 38.36 8.31
C ASP EC 5 93.07 38.57 9.35
N LEU EC 6 92.65 37.49 9.99
CA LEU EC 6 91.63 37.59 11.02
C LEU EC 6 92.20 38.10 12.34
N LEU EC 7 93.49 37.87 12.58
CA LEU EC 7 94.08 38.25 13.87
C LEU EC 7 94.28 39.75 13.97
N HIS EC 8 94.57 40.41 12.84
CA HIS EC 8 94.86 41.85 12.84
C HIS EC 8 94.00 42.55 11.79
N PRO EC 9 92.71 42.71 12.04
CA PRO EC 9 91.90 43.54 11.16
C PRO EC 9 92.16 45.01 11.46
N SER EC 10 92.14 45.82 10.40
CA SER EC 10 92.44 47.23 10.57
C SER EC 10 91.29 47.92 11.29
N PRO EC 11 91.57 49.04 11.98
CA PRO EC 11 90.52 49.69 12.77
C PRO EC 11 89.34 50.16 11.96
N GLU EC 12 89.49 50.37 10.65
CA GLU EC 12 88.35 50.77 9.82
C GLU EC 12 87.25 49.72 9.88
N GLU EC 13 87.53 48.50 9.40
CA GLU EC 13 86.52 47.46 9.46
C GLU EC 13 86.25 47.01 10.89
N GLU EC 14 87.23 47.13 11.79
CA GLU EC 14 86.99 46.80 13.19
C GLU EC 14 85.90 47.68 13.78
N LYS EC 15 85.92 48.98 13.44
CA LYS EC 15 84.86 49.88 13.88
C LYS EC 15 83.57 49.67 13.11
N ARG EC 16 83.64 49.37 11.82
CA ARG EC 16 82.40 49.26 11.07
C ARG EC 16 81.63 48.00 11.43
N LYS EC 17 82.29 46.98 11.97
CA LYS EC 17 81.57 45.78 12.34
C LYS EC 17 80.66 46.03 13.54
N HIS EC 18 79.69 45.14 13.72
CA HIS EC 18 78.78 45.20 14.85
C HIS EC 18 79.56 45.03 16.15
N LYS EC 19 78.99 45.54 17.25
CA LYS EC 19 79.70 45.53 18.53
C LYS EC 19 80.05 44.12 18.97
N LYS EC 20 79.16 43.16 18.74
CA LYS EC 20 79.39 41.80 19.20
C LYS EC 20 80.27 41.02 18.23
N LYS EC 21 80.19 41.34 16.95
CA LYS EC 21 80.92 40.62 15.91
C LYS EC 21 82.35 41.11 15.76
N ARG EC 22 82.80 42.03 16.59
CA ARG EC 22 84.19 42.41 16.60
C ARG EC 22 85.04 41.27 17.16
N LEU EC 23 86.37 41.43 17.06
CA LEU EC 23 87.27 40.45 17.63
C LEU EC 23 87.11 40.38 19.15
N VAL EC 24 87.14 41.53 19.81
CA VAL EC 24 86.76 41.67 21.20
C VAL EC 24 85.64 42.69 21.26
N GLN EC 25 84.62 42.41 22.06
CA GLN EC 25 83.45 43.28 22.13
C GLN EC 25 83.84 44.67 22.57
N SER EC 26 83.25 45.66 21.93
CA SER EC 26 83.54 47.05 22.23
C SER EC 26 82.25 47.84 22.25
N PRO EC 27 81.90 48.49 23.36
CA PRO EC 27 80.72 49.35 23.36
C PRO EC 27 80.92 50.55 22.45
N ASN EC 28 79.86 50.91 21.73
CA ASN EC 28 79.89 52.07 20.86
C ASN EC 28 79.53 53.36 21.57
N SER EC 29 79.10 53.27 22.83
CA SER EC 29 78.70 54.43 23.59
C SER EC 29 79.89 54.99 24.38
N TYR EC 30 79.67 56.09 25.08
CA TYR EC 30 80.74 56.76 25.81
C TYR EC 30 80.13 57.65 26.87
N PHE EC 31 80.99 58.34 27.61
CA PHE EC 31 80.58 59.32 28.59
C PHE EC 31 81.12 60.69 28.21
N MET EC 32 80.35 61.71 28.53
CA MET EC 32 80.68 63.06 28.10
C MET EC 32 80.53 64.04 29.26
N ASP EC 33 81.45 65.00 29.28
CA ASP EC 33 81.32 66.18 30.13
C ASP EC 33 80.38 67.16 29.43
N VAL EC 34 79.31 67.51 30.12
CA VAL EC 34 78.29 68.41 29.60
C VAL EC 34 78.31 69.70 30.43
N LYS EC 35 78.27 70.82 29.73
CA LYS EC 35 78.36 72.16 30.29
C LYS EC 35 77.08 72.87 29.92
N CYS EC 36 76.22 73.10 30.90
CA CYS EC 36 75.06 73.94 30.68
C CYS EC 36 75.46 75.41 30.72
N PRO EC 37 75.05 76.23 29.75
CA PRO EC 37 75.34 77.66 29.83
C PRO EC 37 74.69 78.29 31.05
N GLY EC 38 75.40 79.23 31.66
CA GLY EC 38 74.94 79.83 32.90
C GLY EC 38 75.19 79.00 34.14
N CYS EC 39 75.91 77.88 34.02
CA CYS EC 39 76.24 77.05 35.17
C CYS EC 39 77.72 76.71 35.13
N TYR EC 40 78.30 76.56 36.33
CA TYR EC 40 79.71 76.27 36.47
C TYR EC 40 80.02 74.78 36.53
N LYS EC 41 79.11 73.99 37.08
CA LYS EC 41 79.36 72.57 37.29
C LYS EC 41 79.35 71.81 35.97
N ILE EC 42 80.01 70.65 36.00
CA ILE EC 42 80.16 69.80 34.83
C ILE EC 42 79.43 68.49 35.12
N THR EC 43 78.63 68.02 34.17
CA THR EC 43 77.85 66.81 34.37
C THR EC 43 78.40 65.67 33.52
N THR EC 44 78.50 64.48 34.12
CA THR EC 44 78.91 63.30 33.38
C THR EC 44 77.66 62.60 32.86
N VAL EC 45 77.52 62.53 31.55
CA VAL EC 45 76.30 62.04 30.91
C VAL EC 45 76.65 60.90 29.96
N PHE EC 46 75.89 59.82 30.06
CA PHE EC 46 75.97 58.72 29.10
C PHE EC 46 75.52 59.20 27.73
N SER EC 47 76.20 58.73 26.68
CA SER EC 47 75.83 59.15 25.33
C SER EC 47 74.45 58.65 24.96
N HIS EC 48 74.12 57.42 25.33
CA HIS EC 48 72.84 56.79 24.98
C HIS EC 48 71.87 56.81 26.15
N ALA EC 49 71.87 57.89 26.91
CA ALA EC 49 71.05 58.00 28.10
C ALA EC 49 69.57 57.87 27.77
N GLN EC 50 68.87 57.07 28.56
CA GLN EC 50 67.44 56.86 28.39
C GLN EC 50 66.59 57.81 29.22
N THR EC 51 67.21 58.63 30.08
CA THR EC 51 66.48 59.48 31.00
C THR EC 51 66.80 60.93 30.73
N VAL EC 52 65.87 61.81 31.08
CA VAL EC 52 66.07 63.24 30.97
C VAL EC 52 67.00 63.66 32.10
N VAL EC 53 68.21 64.09 31.75
CA VAL EC 53 69.21 64.46 32.75
C VAL EC 53 69.07 65.94 33.06
N LEU EC 54 69.00 66.25 34.35
CA LEU EC 54 68.78 67.59 34.84
C LEU EC 54 69.98 68.08 35.63
N CYS EC 55 70.23 69.38 35.58
CA CYS EC 55 71.22 69.98 36.46
C CYS EC 55 70.71 69.98 37.90
N VAL EC 56 71.64 69.84 38.84
CA VAL EC 56 71.24 69.91 40.25
C VAL EC 56 71.15 71.36 40.72
N GLY EC 57 71.97 72.24 40.15
CA GLY EC 57 71.94 73.65 40.50
C GLY EC 57 70.94 74.49 39.75
N CYS EC 58 70.26 73.90 38.76
CA CYS EC 58 69.30 74.63 37.96
C CYS EC 58 68.27 73.65 37.42
N SER EC 59 67.01 74.08 37.34
CA SER EC 59 65.94 73.25 36.81
C SER EC 59 65.93 73.36 35.28
N THR EC 60 66.96 72.78 34.67
CA THR EC 60 67.10 72.76 33.23
C THR EC 60 67.53 71.37 32.78
N VAL EC 61 67.12 71.01 31.56
CA VAL EC 61 67.37 69.68 31.02
C VAL EC 61 68.64 69.72 30.20
N LEU EC 62 69.42 68.64 30.27
CA LEU EC 62 70.67 68.56 29.53
C LEU EC 62 70.58 67.67 28.30
N CYS EC 63 69.74 66.64 28.33
CA CYS EC 63 69.58 65.76 27.19
C CYS EC 63 68.16 65.23 27.15
N GLN EC 64 67.71 64.89 25.95
CA GLN EC 64 66.42 64.28 25.77
C GLN EC 64 66.61 62.88 25.18
N PRO EC 65 66.05 61.84 25.79
CA PRO EC 65 66.24 60.49 25.26
C PRO EC 65 65.62 60.34 23.88
N THR EC 66 66.36 59.65 23.01
CA THR EC 66 65.88 59.35 21.66
C THR EC 66 65.99 57.85 21.43
N GLY EC 67 65.88 57.43 20.17
CA GLY EC 67 66.05 56.03 19.84
C GLY EC 67 67.43 55.52 20.18
N GLY EC 68 68.47 56.10 19.59
CA GLY EC 68 69.81 55.63 19.86
C GLY EC 68 70.66 56.48 20.76
N LYS EC 69 70.69 57.79 20.53
CA LYS EC 69 71.56 58.69 21.26
C LYS EC 69 70.76 59.83 21.86
N ALA EC 70 71.06 60.16 23.12
CA ALA EC 70 70.42 61.29 23.76
C ALA EC 70 70.82 62.58 23.04
N ARG EC 71 69.83 63.41 22.74
CA ARG EC 71 70.06 64.67 22.04
C ARG EC 71 70.26 65.76 23.07
N LEU EC 72 71.47 66.33 23.10
CA LEU EC 72 71.76 67.41 24.03
C LEU EC 72 71.00 68.67 23.62
N THR EC 73 70.57 69.44 24.62
CA THR EC 73 69.90 70.70 24.36
C THR EC 73 70.89 71.70 23.74
N GLU EC 74 70.36 72.59 22.92
CA GLU EC 74 71.20 73.56 22.23
C GLU EC 74 71.81 74.54 23.23
N GLY EC 75 73.04 74.95 22.95
CA GLY EC 75 73.78 75.81 23.83
C GLY EC 75 74.60 75.09 24.88
N CYS EC 76 74.45 73.78 25.00
CA CYS EC 76 75.21 72.98 25.95
C CYS EC 76 76.48 72.46 25.27
N SER EC 77 77.59 72.52 25.99
CA SER EC 77 78.86 72.00 25.48
C SER EC 77 79.07 70.59 25.98
N PHE EC 78 79.93 69.85 25.28
CA PHE EC 78 80.24 68.49 25.70
C PHE EC 78 81.60 68.08 25.14
N ARG EC 79 82.32 67.29 25.93
CA ARG EC 79 83.57 66.67 25.48
C ARG EC 79 83.57 65.20 25.90
N ARG EC 80 84.45 64.43 25.27
CA ARG EC 80 84.56 63.00 25.50
C ARG EC 80 85.22 62.72 26.84
N LYS EC 81 85.05 61.49 27.33
CA LYS EC 81 85.78 60.98 28.49
C LYS EC 81 86.83 59.98 28.02
N GLN EC 82 88.10 60.29 28.32
CA GLN EC 82 89.29 59.48 28.06
C GLN EC 82 89.26 58.77 26.70
N HIS EC 83 88.75 59.47 25.67
CA HIS EC 83 88.52 58.90 24.35
C HIS EC 83 87.69 57.61 24.42
N VAL FC 1 30.70 -27.55 -15.15
CA VAL FC 1 31.98 -27.32 -15.80
C VAL FC 1 31.75 -26.97 -17.28
N HIS FC 2 32.61 -26.10 -17.81
CA HIS FC 2 32.49 -25.67 -19.21
C HIS FC 2 32.77 -26.79 -20.20
N GLY FC 3 33.49 -27.83 -19.79
CA GLY FC 3 33.76 -28.94 -20.69
C GLY FC 3 34.93 -28.71 -21.63
N SER FC 4 36.12 -28.49 -21.08
CA SER FC 4 37.33 -28.34 -21.88
C SER FC 4 38.46 -29.25 -21.41
N LEU FC 5 38.18 -30.16 -20.47
CA LEU FC 5 39.21 -31.05 -19.95
C LEU FC 5 39.51 -32.20 -20.89
N ALA FC 6 38.63 -32.47 -21.86
CA ALA FC 6 38.78 -33.63 -22.74
C ALA FC 6 40.05 -33.57 -23.58
N ARG FC 7 40.65 -32.40 -23.73
CA ARG FC 7 41.88 -32.26 -24.48
C ARG FC 7 43.13 -32.49 -23.64
N ALA FC 8 42.98 -33.05 -22.44
CA ALA FC 8 44.14 -33.27 -21.59
C ALA FC 8 45.11 -34.26 -22.21
N GLY FC 9 46.39 -33.91 -22.20
CA GLY FC 9 47.43 -34.81 -22.67
C GLY FC 9 47.47 -34.99 -24.18
N LYS FC 10 46.93 -34.04 -24.93
CA LYS FC 10 46.77 -34.21 -26.37
C LYS FC 10 48.11 -34.35 -27.07
N VAL FC 11 49.03 -33.40 -26.85
CA VAL FC 11 50.29 -33.41 -27.57
C VAL FC 11 51.18 -34.55 -27.12
N ARG FC 12 51.21 -34.83 -25.81
CA ARG FC 12 51.97 -35.98 -25.34
C ARG FC 12 51.38 -37.29 -25.82
N GLY FC 13 50.13 -37.29 -26.25
CA GLY FC 13 49.57 -38.45 -26.93
C GLY FC 13 49.99 -38.52 -28.38
N GLN FC 14 49.86 -37.41 -29.12
CA GLN FC 14 50.17 -37.45 -30.54
C GLN FC 14 51.67 -37.51 -30.84
N THR FC 15 52.52 -37.29 -29.86
CA THR FC 15 53.95 -37.30 -30.12
C THR FC 15 54.40 -38.69 -30.55
N PRO FC 16 55.03 -38.84 -31.71
CA PRO FC 16 55.53 -40.16 -32.11
C PRO FC 16 56.61 -40.65 -31.16
N LYS FC 17 56.63 -41.96 -30.93
CA LYS FC 17 57.53 -42.56 -29.96
C LYS FC 17 58.78 -43.06 -30.69
N VAL FC 18 59.87 -42.34 -30.53
CA VAL FC 18 61.17 -42.75 -31.07
C VAL FC 18 62.04 -43.21 -29.91
N ALA FC 19 62.70 -44.34 -30.10
CA ALA FC 19 63.47 -44.95 -29.03
C ALA FC 19 64.79 -44.23 -28.82
N LYS FC 20 65.30 -44.30 -27.60
CA LYS FC 20 66.64 -43.80 -27.32
C LYS FC 20 67.67 -44.70 -27.97
N GLN FC 21 68.68 -44.10 -28.60
CA GLN FC 21 69.79 -44.86 -29.14
C GLN FC 21 70.58 -45.51 -28.02
N GLU FC 22 70.97 -46.77 -28.23
CA GLU FC 22 71.83 -47.45 -27.29
C GLU FC 22 73.27 -46.99 -27.52
N LYS FC 23 73.85 -46.32 -26.53
CA LYS FC 23 75.13 -45.67 -26.68
C LYS FC 23 76.05 -46.08 -25.55
N LYS FC 24 77.33 -45.74 -25.70
CA LYS FC 24 78.34 -46.14 -24.74
C LYS FC 24 78.17 -45.38 -23.43
N LYS FC 25 78.55 -46.05 -22.33
CA LYS FC 25 78.45 -45.43 -21.01
C LYS FC 25 79.39 -44.24 -20.91
N LYS FC 26 79.01 -43.28 -20.08
CA LYS FC 26 79.79 -42.09 -19.84
C LYS FC 26 80.62 -42.26 -18.57
N LYS FC 27 81.89 -41.89 -18.65
CA LYS FC 27 82.74 -41.92 -17.46
C LYS FC 27 82.23 -40.93 -16.43
N THR FC 28 82.36 -41.30 -15.16
CA THR FC 28 81.81 -40.52 -14.07
C THR FC 28 82.89 -40.20 -13.05
N GLY FC 29 82.72 -39.07 -12.38
CA GLY FC 29 83.62 -38.68 -11.32
C GLY FC 29 84.91 -38.05 -11.80
N ARG FC 30 86.03 -38.53 -11.25
CA ARG FC 30 87.32 -37.96 -11.57
C ARG FC 30 87.65 -38.12 -13.05
N ALA FC 31 87.26 -39.24 -13.64
CA ALA FC 31 87.48 -39.43 -15.08
C ALA FC 31 86.67 -38.44 -15.90
N LYS FC 32 85.43 -38.18 -15.51
CA LYS FC 32 84.62 -37.20 -16.23
C LYS FC 32 85.23 -35.82 -16.12
N ARG FC 33 85.69 -35.45 -14.93
CA ARG FC 33 86.34 -34.15 -14.77
C ARG FC 33 87.61 -34.07 -15.61
N ARG FC 34 88.39 -35.15 -15.64
CA ARG FC 34 89.59 -35.19 -16.47
C ARG FC 34 89.25 -35.01 -17.94
N MET FC 35 88.22 -35.69 -18.41
CA MET FC 35 87.84 -35.62 -19.82
C MET FC 35 87.39 -34.21 -20.19
N GLN FC 36 86.49 -33.63 -19.39
CA GLN FC 36 85.99 -32.31 -19.75
C GLN FC 36 87.00 -31.21 -19.47
N TYR FC 37 88.01 -31.47 -18.64
CA TYR FC 37 89.12 -30.53 -18.52
C TYR FC 37 90.02 -30.61 -19.74
N ASN FC 38 90.29 -31.82 -20.22
CA ASN FC 38 91.14 -31.99 -21.38
C ASN FC 38 90.49 -31.43 -22.63
N ARG FC 39 89.16 -31.50 -22.73
CA ARG FC 39 88.49 -31.00 -23.93
C ARG FC 39 88.61 -29.49 -24.05
N ARG FC 40 88.52 -28.76 -22.94
CA ARG FC 40 88.39 -27.31 -23.01
C ARG FC 40 89.59 -26.56 -22.43
N PHE FC 41 90.65 -27.24 -22.02
CA PHE FC 41 91.82 -26.51 -21.57
C PHE FC 41 93.10 -26.88 -22.30
N VAL FC 42 93.17 -28.08 -22.85
CA VAL FC 42 94.33 -28.50 -23.65
C VAL FC 42 93.82 -28.92 -25.03
N ASN FC 43 93.80 -27.95 -25.94
CA ASN FC 43 93.44 -28.13 -27.34
C ASN FC 43 93.75 -26.82 -28.06
N VAL FC 44 94.14 -26.96 -29.33
CA VAL FC 44 94.46 -25.81 -30.18
C VAL FC 44 93.67 -25.95 -31.48
N VAL FC 45 92.95 -24.90 -31.85
CA VAL FC 45 92.17 -24.87 -33.08
C VAL FC 45 92.71 -23.74 -33.96
N PRO FC 46 93.07 -24.01 -35.21
CA PRO FC 46 93.48 -22.94 -36.13
C PRO FC 46 92.34 -22.28 -36.89
N THR FC 47 91.10 -22.72 -36.67
CA THR FC 47 89.95 -22.25 -37.42
C THR FC 47 89.35 -21.03 -36.73
N PHE FC 48 88.83 -20.10 -37.52
CA PHE FC 48 88.13 -18.94 -36.99
C PHE FC 48 86.76 -19.36 -36.45
N GLY FC 49 86.02 -18.39 -35.92
CA GLY FC 49 84.70 -18.67 -35.36
C GLY FC 49 84.38 -17.85 -34.13
N LYS FC 50 85.34 -17.03 -33.69
CA LYS FC 50 85.16 -16.10 -32.57
C LYS FC 50 84.79 -16.85 -31.28
N LYS FC 51 85.48 -17.97 -31.02
CA LYS FC 51 85.32 -18.77 -29.81
C LYS FC 51 83.87 -19.24 -29.66
N LYS FC 52 83.46 -20.07 -30.62
CA LYS FC 52 82.10 -20.59 -30.64
C LYS FC 52 81.90 -21.60 -29.52
N GLY FC 53 80.66 -21.69 -29.03
CA GLY FC 53 80.33 -22.45 -27.85
C GLY FC 53 80.46 -23.94 -28.01
N PRO FC 54 80.30 -24.67 -26.88
CA PRO FC 54 80.52 -26.12 -26.91
C PRO FC 54 79.44 -26.90 -27.64
N ASN FC 55 78.21 -26.41 -27.68
CA ASN FC 55 77.11 -27.09 -28.35
C ASN FC 55 76.75 -26.38 -29.65
N ALA FC 56 77.77 -25.93 -30.38
CA ALA FC 56 77.55 -25.26 -31.65
C ALA FC 56 76.83 -26.17 -32.62
N ASN FC 57 75.79 -25.64 -33.26
CA ASN FC 57 75.03 -26.39 -34.25
C ASN FC 57 75.53 -26.03 -35.65
N SER FC 58 76.70 -26.58 -35.97
CA SER FC 58 77.33 -26.34 -37.28
C SER FC 58 76.69 -27.22 -38.34
P A2M GC 27 61.56 -34.64 8.69
OP1 A2M GC 27 61.45 -35.88 9.51
O5' A2M GC 27 60.39 -34.52 7.31
C5' A2M GC 27 59.09 -34.53 7.63
C4' A2M GC 27 58.26 -34.04 6.46
O4' A2M GC 27 58.63 -32.73 6.15
C3' A2M GC 27 58.48 -34.87 5.22
O3' A2M GC 27 57.82 -36.07 5.42
C2' A2M GC 27 58.00 -33.92 4.14
O2' A2M GC 27 56.61 -33.80 4.12
C1' A2M GC 27 58.62 -32.65 4.74
CM' A2M GC 27 56.24 -32.76 3.25
N9 A2M GC 27 59.95 -32.34 4.28
C8 A2M GC 27 61.20 -32.40 4.87
N7 A2M GC 27 62.19 -32.00 4.06
C5 A2M GC 27 61.52 -31.68 2.89
C6 A2M GC 27 61.92 -31.21 1.66
N6 A2M GC 27 63.26 -30.96 1.38
N1 A2M GC 27 61.06 -30.96 0.65
C2 A2M GC 27 59.77 -31.20 0.93
N3 A2M GC 27 59.20 -31.65 2.05
C4 A2M GC 27 60.13 -31.88 3.00
OP2 A2M GC 27 62.74 -34.47 7.77
N1 PSU GC 93 63.51 -42.12 41.51
C2 PSU GC 93 63.76 -43.22 40.71
N3 PSU GC 93 65.05 -43.60 40.44
C4 PSU GC 93 66.10 -42.89 40.98
C5 PSU GC 93 65.85 -41.79 41.80
C6 PSU GC 93 64.54 -41.43 42.05
O2 PSU GC 93 62.82 -43.84 40.23
O4 PSU GC 93 67.24 -43.25 40.73
C1' PSU GC 93 66.97 -41.00 42.40
C2' PSU GC 93 67.67 -40.24 41.27
O2' PSU GC 93 69.02 -40.03 41.64
C3' PSU GC 93 66.91 -38.92 41.29
C4' PSU GC 93 66.71 -38.70 42.78
O3' PSU GC 93 67.60 -37.86 40.65
O4' PSU GC 93 66.46 -40.03 43.29
C5' PSU GC 93 65.56 -37.79 43.14
O5' PSU GC 93 64.33 -38.31 42.65
P PSU GC 93 62.96 -37.58 42.99
OP1 PSU GC 93 63.21 -36.15 42.81
OP2 PSU GC 93 61.90 -38.21 42.18
P A2M GC 99 53.74 -27.26 25.12
OP1 A2M GC 99 54.02 -27.55 23.68
O5' A2M GC 99 52.36 -28.18 25.84
C5' A2M GC 99 51.13 -27.76 25.52
C4' A2M GC 99 50.23 -27.88 26.75
O4' A2M GC 99 50.63 -28.98 27.51
C3' A2M GC 99 50.34 -26.65 27.64
O3' A2M GC 99 49.62 -25.64 27.03
C2' A2M GC 99 49.90 -27.21 28.98
O2' A2M GC 99 48.51 -27.44 29.07
C1' A2M GC 99 50.63 -28.54 28.86
CM' A2M GC 99 48.20 -27.95 30.34
N9 A2M GC 99 51.97 -28.54 29.33
C8 A2M GC 99 53.21 -28.60 28.69
N7 A2M GC 99 54.25 -28.56 29.53
C5 A2M GC 99 53.65 -28.47 30.76
C6 A2M GC 99 54.13 -28.40 32.04
N6 A2M GC 99 55.49 -28.39 32.30
N1 A2M GC 99 53.33 -28.31 33.13
C2 A2M GC 99 52.00 -28.31 32.86
N3 A2M GC 99 51.36 -28.38 31.70
C4 A2M GC 99 52.23 -28.45 30.67
OP2 A2M GC 99 53.16 -25.93 25.48
N1 PSU GC 105 60.96 -16.27 35.95
C2 PSU GC 105 61.67 -16.11 34.77
N3 PSU GC 105 61.91 -17.21 33.96
C4 PSU GC 105 61.45 -18.44 34.34
C5 PSU GC 105 60.76 -18.59 35.53
C6 PSU GC 105 60.52 -17.48 36.32
O2 PSU GC 105 62.08 -15.01 34.43
O4 PSU GC 105 61.68 -19.40 33.61
C1' PSU GC 105 60.23 -19.92 35.96
C2' PSU GC 105 61.34 -20.87 36.36
O2' PSU GC 105 60.94 -22.20 36.05
C3' PSU GC 105 61.40 -20.67 37.86
C4' PSU GC 105 59.93 -20.50 38.21
O3' PSU GC 105 62.02 -21.73 38.56
O4' PSU GC 105 59.38 -19.77 37.09
C5' PSU GC 105 59.65 -19.74 39.48
O5' PSU GC 105 60.35 -18.50 39.51
P PSU GC 105 59.95 -17.38 40.56
OP1 PSU GC 105 60.08 -17.96 41.91
OP2 PSU GC 105 60.74 -16.18 40.18
N1 PSU GC 109 73.09 -15.06 42.01
C2 PSU GC 109 71.92 -14.85 42.72
N3 PSU GC 109 71.73 -13.67 43.39
C4 PSU GC 109 72.70 -12.69 43.33
C5 PSU GC 109 73.87 -12.92 42.63
C6 PSU GC 109 74.04 -14.12 41.95
O2 PSU GC 109 71.06 -15.71 42.76
O4 PSU GC 109 72.53 -11.64 43.93
C1' PSU GC 109 74.94 -11.86 42.54
C2' PSU GC 109 75.82 -11.78 43.78
O2' PSU GC 109 76.18 -10.42 43.97
C3' PSU GC 109 77.04 -12.58 43.33
C4' PSU GC 109 77.14 -12.25 41.86
O3' PSU GC 109 78.21 -12.25 44.05
O4' PSU GC 109 75.75 -12.14 41.43
C5' PSU GC 109 77.84 -13.27 41.00
O5' PSU GC 109 77.24 -14.55 41.12
P PSU GC 109 77.77 -15.78 40.25
OP1 PSU GC 109 79.24 -15.83 40.39
OP2 PSU GC 109 76.97 -16.98 40.58
N1 OMU GC 116 66.72 -27.18 58.05
C2 OMU GC 116 67.43 -27.47 56.76
N3 OMU GC 116 68.74 -26.81 56.45
C4 OMU GC 116 69.32 -25.87 57.41
C5 OMU GC 116 68.61 -25.59 58.68
C6 OMU GC 116 67.32 -26.26 58.99
O2 OMU GC 116 66.95 -28.25 55.96
O4 OMU GC 116 70.31 -25.37 57.18
C1' OMU GC 116 65.43 -27.81 58.36
C2' OMU GC 116 65.59 -29.26 58.82
O2' OMU GC 116 64.45 -29.99 58.39
CM2 OMU GC 116 64.33 -30.10 57.01
C3' OMU GC 116 65.57 -29.10 60.33
C4' OMU GC 116 64.56 -27.98 60.53
O3' OMU GC 116 65.24 -30.29 61.03
O4' OMU GC 116 64.81 -27.10 59.41
C5' OMU GC 116 64.68 -27.21 61.82
O5' OMU GC 116 65.93 -26.55 61.92
P OMU GC 116 66.09 -25.21 62.76
OP1 OMU GC 116 65.50 -25.44 64.12
OP2 OMU GC 116 67.52 -24.76 62.64
N1 OMU GC 121 81.56 -38.15 58.90
C2 OMU GC 121 81.13 -36.89 59.60
N3 OMU GC 121 79.82 -36.83 60.32
C4 OMU GC 121 78.95 -38.00 60.33
C5 OMU GC 121 79.39 -39.24 59.63
C6 OMU GC 121 80.69 -39.29 58.93
O2 OMU GC 121 81.86 -35.92 59.58
O4 OMU GC 121 77.96 -37.96 60.87
C1' OMU GC 121 82.86 -38.21 58.19
C2' OMU GC 121 84.02 -38.42 59.15
O2' OMU GC 121 85.19 -37.84 58.56
CM2 OMU GC 121 85.49 -36.57 59.04
C3' OMU GC 121 84.14 -39.94 59.13
C4' OMU GC 121 83.87 -40.26 57.69
O3' OMU GC 121 85.37 -40.42 59.60
O4' OMU GC 121 82.84 -39.30 57.30
C5' OMU GC 121 83.39 -41.66 57.40
O5' OMU GC 121 82.36 -42.04 58.31
P OMU GC 121 81.47 -43.32 58.02
OP1 OMU GC 121 82.38 -44.49 57.89
OP2 OMU GC 121 80.33 -43.33 59.02
P A2M GC 159 36.83 -67.56 42.51
OP1 A2M GC 159 38.11 -68.30 42.30
O5' A2M GC 159 37.54 -66.00 41.86
C5' A2M GC 159 38.14 -66.06 40.66
C4' A2M GC 159 38.20 -64.65 40.05
O4' A2M GC 159 36.92 -64.07 40.07
C3' A2M GC 159 39.16 -63.77 40.82
O3' A2M GC 159 40.42 -64.08 40.34
C2' A2M GC 159 38.58 -62.38 40.61
O2' A2M GC 159 38.94 -61.79 39.37
C1' A2M GC 159 37.08 -62.77 40.57
CM' A2M GC 159 38.10 -60.71 39.07
N9 A2M GC 159 36.37 -62.67 41.83
C8 A2M GC 159 36.28 -63.51 42.94
N7 A2M GC 159 35.50 -63.02 43.92
C5 A2M GC 159 35.09 -61.80 43.41
C6 A2M GC 159 34.28 -60.78 43.89
N6 A2M GC 159 33.69 -60.87 45.13
N1 A2M GC 159 34.02 -59.66 43.17
C2 A2M GC 159 34.60 -59.59 41.95
N3 A2M GC 159 35.40 -60.47 41.33
C4 A2M GC 159 35.62 -61.56 42.11
OP2 A2M GC 159 36.24 -67.48 43.89
P A2M GC 166 40.64 -66.65 66.41
OP1 A2M GC 166 40.31 -66.41 67.86
O5' A2M GC 166 41.22 -68.32 66.72
C5' A2M GC 166 40.29 -69.21 67.09
C4' A2M GC 166 40.76 -70.61 66.78
O4' A2M GC 166 40.69 -70.85 65.40
C3' A2M GC 166 42.19 -70.80 67.20
O3' A2M GC 166 42.18 -70.84 68.58
C2' A2M GC 166 42.57 -72.02 66.39
O2' A2M GC 166 42.02 -73.21 66.88
C1' A2M GC 166 41.83 -71.61 65.09
CM' A2M GC 166 42.67 -74.32 66.34
N9 A2M GC 166 42.63 -70.89 64.14
C8 A2M GC 166 42.55 -69.59 63.63
N7 A2M GC 166 43.53 -69.31 62.75
C5 A2M GC 166 44.27 -70.50 62.71
C6 A2M GC 166 45.39 -70.90 62.03
N6 A2M GC 166 46.04 -70.06 61.14
N1 A2M GC 166 45.92 -72.14 62.16
C2 A2M GC 166 45.28 -72.96 63.02
N3 A2M GC 166 44.20 -72.74 63.76
C4 A2M GC 166 43.73 -71.49 63.57
OP2 A2M GC 166 41.62 -65.73 65.73
N1 OMU GC 172 69.80 -55.05 66.07
C2 OMU GC 172 70.02 -54.72 64.62
N3 OMU GC 172 71.32 -55.06 63.96
C4 OMU GC 172 72.36 -55.71 64.74
C5 OMU GC 172 72.13 -56.02 66.18
C6 OMU GC 172 70.85 -55.68 66.83
O2 OMU GC 172 69.14 -54.17 63.97
O4 OMU GC 172 73.35 -55.98 64.25
C1' OMU GC 172 68.53 -54.70 66.72
C2' OMU GC 172 67.39 -55.65 66.41
O2' OMU GC 172 66.82 -55.42 65.15
CM2 OMU GC 172 65.90 -56.41 64.77
C3' OMU GC 172 66.46 -55.35 67.58
C4' OMU GC 172 67.45 -55.14 68.74
O3' OMU GC 172 65.79 -54.12 67.32
O4' OMU GC 172 68.70 -54.76 68.11
C5' OMU GC 172 67.67 -56.35 69.63
O5' OMU GC 172 68.41 -57.37 68.98
P OMU GC 172 68.14 -58.90 69.29
OP1 OMU GC 172 69.20 -59.72 68.61
OP2 OMU GC 172 67.94 -59.03 70.77
N1 OMC GC 174 58.34 -54.46 70.71
C2 OMC GC 174 58.32 -55.22 71.90
N3 OMC GC 174 59.48 -55.68 72.38
C4 OMC GC 174 60.63 -55.43 71.78
C5 OMC GC 174 60.69 -54.67 70.58
C6 OMC GC 174 59.53 -54.21 70.10
O2 OMC GC 174 57.26 -55.44 72.46
N4 OMC GC 174 61.74 -55.92 72.32
C1' OMC GC 174 57.10 -53.91 70.10
C2' OMC GC 174 56.57 -52.70 70.86
O2' OMC GC 174 55.15 -52.77 70.86
CM2 OMC GC 174 54.62 -53.26 72.06
C3' OMC GC 174 57.05 -51.54 69.98
C4' OMC GC 174 56.99 -52.14 68.58
O4' OMC GC 174 57.40 -53.51 68.78
O3' OMC GC 174 56.28 -50.36 70.11
C5' OMC GC 174 57.86 -51.47 67.56
O5' OMC GC 174 59.17 -51.31 68.05
P OMC GC 174 60.38 -50.95 67.06
OP1 OMC GC 174 60.08 -49.60 66.43
OP2 OMC GC 174 61.68 -51.16 67.80
N1 OMU GC 293 68.90 -7.47 38.48
C2 OMU GC 293 69.02 -8.86 37.93
N3 OMU GC 293 68.20 -9.96 38.50
C4 OMU GC 293 67.28 -9.68 39.59
C5 OMU GC 293 67.17 -8.30 40.12
C6 OMU GC 293 67.99 -7.21 39.56
O2 OMU GC 293 69.79 -9.08 37.02
O4 OMU GC 293 66.66 -10.51 40.03
C1' OMU GC 293 69.72 -6.39 37.87
C2' OMU GC 293 69.07 -5.87 36.60
O2' OMU GC 293 70.09 -5.34 35.76
CM2 OMU GC 293 70.78 -6.30 35.05
C3' OMU GC 293 68.23 -4.74 37.17
C4' OMU GC 293 69.18 -4.14 38.19
O3' OMU GC 293 67.76 -3.82 36.20
O4' OMU GC 293 69.81 -5.31 38.77
C5' OMU GC 293 68.55 -3.30 39.28
O5' OMU GC 293 67.56 -4.02 40.00
P OMU GC 293 66.97 -3.44 41.35
OP1 OMU GC 293 66.77 -1.97 41.18
OP2 OMU GC 293 65.82 -4.33 41.77
N1 PSU GC 345 50.39 -15.66 26.07
C2 PSU GC 345 51.49 -15.33 26.83
N3 PSU GC 345 52.73 -15.24 26.26
C4 PSU GC 345 52.87 -15.47 24.92
C5 PSU GC 345 51.77 -15.78 24.14
C6 PSU GC 345 50.53 -15.87 24.75
O2 PSU GC 345 51.36 -15.14 28.04
O4 PSU GC 345 53.98 -15.39 24.39
C1' PSU GC 345 51.93 -16.02 22.68
C2' PSU GC 345 52.40 -17.45 22.43
O2' PSU GC 345 53.23 -17.43 21.27
C3' PSU GC 345 51.08 -18.15 22.12
C4' PSU GC 345 50.33 -17.09 21.35
O3' PSU GC 345 51.23 -19.34 21.39
O4' PSU GC 345 50.70 -15.86 22.01
C5' PSU GC 345 48.84 -17.24 21.32
O5' PSU GC 345 48.32 -17.45 22.63
P PSU GC 345 46.77 -17.26 22.93
OP1 PSU GC 345 46.02 -18.16 22.03
OP2 PSU GC 345 46.59 -17.35 24.40
N1 OMU GC 367 70.38 -35.52 24.34
C2 OMU GC 367 70.21 -36.79 23.55
N3 OMU GC 367 70.11 -36.74 22.06
C4 OMU GC 367 70.18 -35.45 21.39
C5 OMU GC 367 70.36 -34.20 22.18
C6 OMU GC 367 70.46 -34.26 23.66
O2 OMU GC 367 70.15 -37.86 24.14
O4 OMU GC 367 70.11 -35.39 20.26
C1' OMU GC 367 70.48 -35.57 25.81
C2' OMU GC 367 71.22 -34.38 26.41
O2' OMU GC 367 72.62 -34.54 26.32
CM2 OMU GC 367 73.32 -33.34 26.36
C3' OMU GC 367 70.67 -34.38 27.83
C4' OMU GC 367 69.23 -34.86 27.64
O3' OMU GC 367 71.39 -35.33 28.59
O4' OMU GC 367 69.18 -35.51 26.35
C5' OMU GC 367 68.18 -33.77 27.68
O5' OMU GC 367 68.71 -32.52 27.23
P OMU GC 367 67.77 -31.46 26.52
OP1 OMU GC 367 66.82 -30.90 27.55
OP2 OMU GC 367 68.64 -30.53 25.71
P OMG GC 375 48.10 -39.81 34.64
OP1 OMG GC 375 47.50 -39.78 36.05
OP2 OMG GC 375 48.56 -41.12 34.03
O5' OMG GC 375 47.02 -39.16 33.69
C5' OMG GC 375 47.37 -38.57 32.45
C4' OMG GC 375 46.21 -37.84 31.85
O4' OMG GC 375 45.10 -38.75 31.66
C3' OMG GC 375 45.63 -36.72 32.69
O3' OMG GC 375 46.37 -35.51 32.61
C2' OMG GC 375 44.22 -36.61 32.17
O2' OMG GC 375 44.19 -35.99 30.90
CM2 OMG GC 375 42.89 -35.71 30.45
C1' OMG GC 375 43.89 -38.09 31.97
N9 OMG GC 375 43.33 -38.69 33.20
C8 OMG GC 375 43.91 -39.66 33.98
N7 OMG GC 375 43.19 -39.96 35.00
C5 OMG GC 375 42.09 -39.16 34.91
C6 OMG GC 375 40.95 -39.05 35.76
O6 OMG GC 375 40.69 -39.66 36.78
N1 OMG GC 375 40.06 -38.08 35.27
C2 OMG GC 375 40.23 -37.34 34.15
N2 OMG GC 375 39.27 -36.46 33.85
N3 OMG GC 375 41.28 -37.44 33.38
C4 OMG GC 375 42.16 -38.36 33.79
N1 OMC GC 401 35.19 -56.85 34.42
C2 OMC GC 401 34.53 -56.66 35.64
N3 OMC GC 401 33.79 -55.54 35.80
C4 OMC GC 401 33.70 -54.63 34.86
C5 OMC GC 401 34.36 -54.78 33.60
C6 OMC GC 401 35.10 -55.91 33.46
O2 OMC GC 401 34.61 -57.49 36.52
N4 OMC GC 401 32.95 -53.56 35.08
C1' OMC GC 401 36.04 -58.03 34.14
C2' OMC GC 401 35.23 -59.31 33.95
O2' OMC GC 401 35.97 -60.39 34.48
CM2 OMC GC 401 35.98 -60.42 35.89
C3' OMC GC 401 35.17 -59.41 32.42
C4' OMC GC 401 36.52 -58.87 32.01
O4' OMC GC 401 36.76 -57.79 32.94
O3' OMC GC 401 34.94 -60.73 31.96
C5' OMC GC 401 36.61 -58.33 30.59
O5' OMC GC 401 35.65 -57.32 30.37
P OMC GC 401 35.71 -56.41 29.07
OP1 OMC GC 401 35.75 -57.32 27.85
OP2 OMC GC 401 34.63 -55.34 29.17
P A2M GC 407 33.91 -54.02 46.03
OP1 A2M GC 407 34.79 -54.10 47.24
O5' A2M GC 407 35.23 -54.46 44.91
C5' A2M GC 407 35.79 -55.66 45.11
C4' A2M GC 407 36.50 -56.12 43.86
O4' A2M GC 407 35.54 -56.32 42.85
C3' A2M GC 407 37.48 -55.10 43.35
O3' A2M GC 407 38.56 -55.10 44.20
C2' A2M GC 407 37.65 -55.55 41.92
O2' A2M GC 407 38.38 -56.73 41.79
C1' A2M GC 407 36.16 -55.85 41.66
CM' A2M GC 407 38.30 -57.22 40.48
N9 A2M GC 407 35.40 -54.77 41.14
C8 A2M GC 407 34.42 -53.95 41.69
N7 A2M GC 407 33.95 -53.03 40.81
C5 A2M GC 407 34.69 -53.30 39.67
C6 A2M GC 407 34.73 -52.74 38.40
N6 A2M GC 407 33.91 -51.68 38.05
N1 A2M GC 407 35.55 -53.19 37.43
C2 A2M GC 407 36.35 -54.24 37.78
N3 A2M GC 407 36.44 -54.89 38.93
C4 A2M GC 407 35.58 -54.37 39.85
OP2 A2M GC 407 33.21 -52.73 45.73
P A2M GC 423 51.93 -37.75 7.02
OP1 A2M GC 423 52.36 -39.13 6.63
O5' A2M GC 423 53.42 -37.47 7.99
C5' A2M GC 423 54.59 -37.81 7.43
C4' A2M GC 423 55.72 -37.19 8.22
O4' A2M GC 423 55.56 -35.79 8.23
C3' A2M GC 423 55.73 -37.69 9.66
O3' A2M GC 423 56.50 -38.88 9.66
C2' A2M GC 423 56.20 -36.49 10.47
O2' A2M GC 423 57.60 -36.40 10.59
C1' A2M GC 423 55.69 -35.35 9.56
CM' A2M GC 423 57.94 -35.27 11.34
N9 A2M GC 423 54.46 -34.69 9.96
C8 A2M GC 423 53.12 -34.95 9.69
N7 A2M GC 423 52.29 -34.08 10.28
C5 A2M GC 423 53.13 -33.23 10.94
C6 A2M GC 423 52.93 -32.12 11.73
N6 A2M GC 423 51.67 -31.64 12.00
N1 A2M GC 423 53.95 -31.42 12.28
C2 A2M GC 423 55.18 -31.90 12.01
N3 A2M GC 423 55.57 -32.94 11.28
C4 A2M GC 423 54.49 -33.58 10.76
OP2 A2M GC 423 50.63 -37.56 7.73
P OMG GC 448 68.68 -43.81 29.56
OP1 OMG GC 448 68.73 -42.36 29.15
OP2 OMG GC 448 67.62 -44.70 28.92
O5' OMG GC 448 70.11 -44.46 29.26
C5' OMG GC 448 71.30 -43.83 29.67
C4' OMG GC 448 72.37 -44.84 29.98
O4' OMG GC 448 71.86 -45.83 30.91
C3' OMG GC 448 72.88 -45.66 28.80
O3' OMG GC 448 73.83 -44.97 28.01
C2' OMG GC 448 73.43 -46.90 29.48
O2' OMG GC 448 74.68 -46.60 30.09
CM2 OMG GC 448 75.33 -47.75 30.57
C1' OMG GC 448 72.41 -47.10 30.60
N9 OMG GC 448 71.30 -47.99 30.19
C8 OMG GC 448 69.99 -47.65 30.01
N7 OMG GC 448 69.26 -48.65 29.65
C5 OMG GC 448 70.13 -49.71 29.58
C6 OMG GC 448 69.90 -51.08 29.24
O6 OMG GC 448 68.86 -51.62 28.91
N1 OMG GC 448 71.08 -51.79 29.30
C2 OMG GC 448 72.30 -51.30 29.65
N2 OMG GC 448 73.33 -52.16 29.65
N3 OMG GC 448 72.51 -50.05 29.96
C4 OMG GC 448 71.39 -49.31 29.91
N1 OMC GC 456 69.01 -36.47 10.32
C2 OMC GC 456 69.85 -35.81 11.23
N3 OMC GC 456 70.87 -36.50 11.77
C4 OMC GC 456 71.09 -37.76 11.48
C5 OMC GC 456 70.25 -38.47 10.56
C6 OMC GC 456 69.24 -37.77 10.02
O2 OMC GC 456 69.65 -34.65 11.51
N4 OMC GC 456 72.11 -38.37 12.05
C1' OMC GC 456 67.86 -35.79 9.69
C2' OMC GC 456 68.28 -34.84 8.56
O2' OMC GC 456 67.37 -33.76 8.53
CM2 OMC GC 456 67.90 -32.57 9.06
C3' OMC GC 456 68.09 -35.74 7.34
C4' OMC GC 456 66.84 -36.52 7.71
O4' OMC GC 456 67.00 -36.76 9.13
O3' OMC GC 456 67.97 -35.02 6.13
C5' OMC GC 456 66.64 -37.82 7.00
O5' OMC GC 456 67.85 -38.27 6.40
P OMC GC 456 68.16 -39.82 6.29
OP1 OMC GC 456 69.15 -40.19 7.40
OP2 OMC GC 456 66.83 -40.55 6.19
P A2M GC 515 80.93 -64.95 20.37
OP1 A2M GC 515 80.43 -65.68 19.16
O5' A2M GC 515 80.35 -63.34 19.76
C5' A2M GC 515 80.35 -63.16 18.43
C4' A2M GC 515 78.90 -63.09 17.93
O4' A2M GC 515 78.07 -62.62 18.97
C3' A2M GC 515 78.78 -62.15 16.75
O3' A2M GC 515 79.12 -62.90 15.63
C2' A2M GC 515 77.35 -61.61 16.91
O2' A2M GC 515 76.35 -62.49 16.48
C1' A2M GC 515 77.34 -61.53 18.45
CM' A2M GC 515 75.09 -62.02 16.90
N9 A2M GC 515 77.90 -60.33 19.00
C8 A2M GC 515 78.96 -60.08 19.86
N7 A2M GC 515 79.16 -58.78 20.09
C5 A2M GC 515 78.18 -58.17 19.33
C6 A2M GC 515 77.83 -56.86 19.10
N6 A2M GC 515 78.51 -55.81 19.71
N1 A2M GC 515 76.81 -56.51 18.29
C2 A2M GC 515 76.15 -57.53 17.70
N3 A2M GC 515 76.35 -58.85 17.80
C4 A2M GC 515 77.39 -59.11 18.63
OP2 A2M GC 515 82.39 -65.01 20.71
P OMG GC 540 70.17 -17.98 -22.76
OP1 OMG GC 540 71.65 -17.86 -23.09
OP2 OMG GC 540 69.66 -19.14 -21.91
O5' OMG GC 540 69.73 -16.62 -22.06
C5' OMG GC 540 70.06 -15.36 -22.61
C4' OMG GC 540 69.43 -14.24 -21.82
O4' OMG GC 540 68.00 -14.42 -21.82
C3' OMG GC 540 69.80 -14.22 -20.35
O3' OMG GC 540 71.03 -13.52 -20.13
C2' OMG GC 540 68.61 -13.54 -19.69
O2' OMG GC 540 68.74 -12.13 -19.75
CM2 OMG GC 540 67.59 -11.40 -19.37
C1' OMG GC 540 67.45 -13.94 -20.62
N9 OMG GC 540 66.58 -14.98 -20.07
C8 OMG GC 540 66.44 -16.26 -20.55
N7 OMG GC 540 65.55 -16.95 -19.90
C5 OMG GC 540 65.07 -16.09 -18.95
C6 OMG GC 540 64.08 -16.29 -17.96
O6 OMG GC 540 63.44 -17.30 -17.72
N1 OMG GC 540 63.90 -15.15 -17.20
C2 OMG GC 540 64.57 -13.97 -17.37
N2 OMG GC 540 64.25 -12.97 -16.53
N3 OMG GC 540 65.47 -13.78 -18.29
C4 OMG GC 540 65.69 -14.86 -19.04
N1 OMU GC 566 50.21 -25.08 -39.06
C2 OMU GC 566 50.30 -26.58 -39.23
N3 OMU GC 566 49.12 -27.42 -38.86
C4 OMU GC 566 47.91 -26.80 -38.35
C5 OMU GC 566 47.85 -25.32 -38.20
C6 OMU GC 566 49.02 -24.48 -38.55
O2 OMU GC 566 51.32 -27.08 -39.66
O4 OMU GC 566 47.02 -27.44 -38.07
C1' OMU GC 566 51.37 -24.24 -39.41
C2' OMU GC 566 50.99 -22.94 -40.11
O2' OMU GC 566 50.87 -23.12 -41.51
CM2 OMU GC 566 49.60 -22.82 -42.01
C3' OMU GC 566 52.12 -22.03 -39.69
C4' OMU GC 566 52.34 -22.46 -38.24
O3' OMU GC 566 53.28 -22.32 -40.45
O4' OMU GC 566 52.03 -23.87 -38.22
C5' OMU GC 566 51.48 -21.75 -37.23
O5' OMU GC 566 51.33 -20.37 -37.53
P OMU GC 566 49.94 -19.64 -37.27
OP1 OMU GC 566 50.23 -18.23 -36.81
OP2 OMU GC 566 49.08 -19.86 -38.48
P OMG GC 583 76.61 -37.64 -1.07
OP1 OMG GC 583 78.08 -37.29 -1.17
OP2 OMG GC 583 76.02 -37.99 0.29
O5' OMG GC 583 75.77 -36.41 -1.65
C5' OMG GC 583 76.27 -35.63 -2.72
C4' OMG GC 583 75.45 -35.82 -3.98
O4' OMG GC 583 74.72 -37.06 -3.93
C3' OMG GC 583 74.38 -34.78 -4.24
O3' OMG GC 583 74.89 -33.56 -4.74
C2' OMG GC 583 73.47 -35.50 -5.22
O2' OMG GC 583 74.01 -35.48 -6.53
CM2 OMG GC 583 73.25 -36.17 -7.48
C1' OMG GC 583 73.54 -36.94 -4.70
N9 OMG GC 583 72.39 -37.32 -3.87
C8 OMG GC 583 72.36 -37.45 -2.52
N7 OMG GC 583 71.18 -37.80 -2.08
C5 OMG GC 583 70.40 -37.89 -3.20
C6 OMG GC 583 69.04 -38.23 -3.35
O6 OMG GC 583 68.22 -38.53 -2.47
N1 OMG GC 583 68.66 -38.21 -4.69
C2 OMG GC 583 69.47 -37.89 -5.73
N2 OMG GC 583 68.90 -37.92 -6.95
N3 OMG GC 583 70.72 -37.58 -5.59
C4 OMG GC 583 71.13 -37.59 -4.33
N1 PSU GC 588 60.29 -23.82 1.05
C2 PSU GC 588 61.40 -24.22 1.78
N3 PSU GC 588 61.23 -24.65 3.07
C4 PSU GC 588 59.98 -24.67 3.63
C5 PSU GC 588 58.89 -24.26 2.90
C6 PSU GC 588 59.06 -23.84 1.59
O2 PSU GC 588 62.51 -24.20 1.27
O4 PSU GC 588 59.84 -25.05 4.79
C1' PSU GC 588 57.52 -24.29 3.51
C2' PSU GC 588 57.34 -23.04 4.38
O2' PSU GC 588 56.47 -23.38 5.46
C3' PSU GC 588 56.62 -22.11 3.40
C4' PSU GC 588 55.71 -23.08 2.65
O3' PSU GC 588 55.93 -21.06 4.04
O4' PSU GC 588 56.52 -24.28 2.53
C5' PSU GC 588 55.26 -22.62 1.30
O5' PSU GC 588 56.37 -22.35 0.44
P PSU GC 588 56.18 -22.24 -1.13
OP1 PSU GC 588 55.06 -21.32 -1.41
OP2 PSU GC 588 57.51 -21.97 -1.71
N1 PSU GC 590 62.48 -18.52 5.36
C2 PSU GC 590 63.55 -18.99 4.63
N3 PSU GC 590 64.73 -19.29 5.26
C4 PSU GC 590 64.85 -19.12 6.62
C5 PSU GC 590 63.77 -18.66 7.35
C6 PSU GC 590 62.59 -18.36 6.69
O2 PSU GC 590 63.45 -19.13 3.42
O4 PSU GC 590 65.91 -19.40 7.18
C1' PSU GC 590 63.90 -18.48 8.83
C2' PSU GC 590 64.63 -17.17 9.14
O2' PSU GC 590 65.32 -17.31 10.36
C3' PSU GC 590 63.45 -16.22 9.32
C4' PSU GC 590 62.44 -17.09 10.04
O3' PSU GC 590 63.77 -15.04 10.04
O4' PSU GC 590 62.62 -18.40 9.42
C5' PSU GC 590 61.00 -16.68 9.92
O5' PSU GC 590 60.58 -16.61 8.56
P PSU GC 590 59.04 -16.63 8.18
OP1 PSU GC 590 58.36 -15.60 9.00
OP2 PSU GC 590 58.91 -16.61 6.72
P A2M GC 607 54.07 13.87 -5.75
OP1 A2M GC 607 52.59 13.89 -5.91
O5' A2M GC 607 54.87 12.38 -6.29
C5' A2M GC 607 56.10 12.15 -5.81
C4' A2M GC 607 56.52 10.77 -6.20
O4' A2M GC 607 57.88 10.76 -6.35
C3' A2M GC 607 56.15 9.78 -5.13
O3' A2M GC 607 54.81 9.51 -5.33
C2' A2M GC 607 57.18 8.67 -5.32
O2' A2M GC 607 56.71 7.62 -6.10
C1' A2M GC 607 58.29 9.45 -6.10
CM' A2M GC 607 57.63 6.55 -6.09
N9 A2M GC 607 59.60 9.50 -5.53
C8 A2M GC 607 60.08 9.59 -4.23
N7 A2M GC 607 61.42 9.61 -4.16
C5 A2M GC 607 61.80 9.53 -5.49
C6 A2M GC 607 63.01 9.51 -6.14
N6 A2M GC 607 64.21 9.56 -5.45
N1 A2M GC 607 63.12 9.42 -7.48
C2 A2M GC 607 61.95 9.36 -8.15
N3 A2M GC 607 60.70 9.37 -7.69
C4 A2M GC 607 60.69 9.47 -6.35
OP2 A2M GC 607 54.65 13.76 -4.37
N1 PSU GC 620 63.93 15.64 28.38
C2 PSU GC 620 64.08 16.94 27.98
N3 PSU GC 620 64.66 17.24 26.77
C4 PSU GC 620 65.08 16.21 25.95
C5 PSU GC 620 64.93 14.89 26.35
C6 PSU GC 620 64.34 14.64 27.57
O2 PSU GC 620 63.70 17.85 28.71
O4 PSU GC 620 65.59 16.50 24.87
C1' PSU GC 620 65.36 13.75 25.48
C2' PSU GC 620 66.88 13.69 25.39
O2' PSU GC 620 67.22 13.15 24.12
C3' PSU GC 620 67.20 12.68 26.48
C4' PSU GC 620 66.06 11.69 26.34
O3' PSU GC 620 68.47 12.07 26.35
O4' PSU GC 620 64.92 12.52 26.02
C5' PSU GC 620 65.77 10.86 27.55
O5' PSU GC 620 65.76 11.66 28.73
P PSU GC 620 64.97 11.19 30.02
OP1 PSU GC 620 65.69 10.06 30.63
OP2 PSU GC 620 64.73 12.43 30.79
P OMG GC 622 73.89 16.59 26.37
OP1 OMG GC 622 75.15 15.86 25.96
OP2 OMG GC 622 73.26 16.33 27.74
O5' OMG GC 622 74.16 18.15 26.26
C5' OMG GC 622 73.89 19.00 27.36
C4' OMG GC 622 73.55 20.39 26.92
O4' OMG GC 622 72.11 20.52 26.79
C3' OMG GC 622 73.97 21.49 27.88
O3' OMG GC 622 75.27 21.97 27.60
C2' OMG GC 622 72.89 22.54 27.73
O2' OMG GC 622 73.10 23.32 26.57
CM2 OMG GC 622 72.54 24.61 26.65
C1' OMG GC 622 71.67 21.66 27.48
N9 OMG GC 622 71.04 21.22 28.74
C8 OMG GC 622 71.02 19.94 29.25
N7 OMG GC 622 70.38 19.87 30.38
C5 OMG GC 622 69.95 21.15 30.62
C6 OMG GC 622 69.20 21.68 31.70
O6 OMG GC 622 68.76 21.11 32.68
N1 OMG GC 622 69.00 23.04 31.52
C2 OMG GC 622 69.45 23.80 30.49
N2 OMG GC 622 69.15 25.10 30.50
N3 OMG GC 622 70.14 23.31 29.49
C4 OMG GC 622 70.36 21.99 29.61
N1 PSU GC 625 82.07 26.32 33.24
C2 PSU GC 625 81.39 26.37 34.43
N3 PSU GC 625 81.80 27.24 35.42
C4 PSU GC 625 82.88 28.05 35.22
C5 PSU GC 625 83.57 27.99 34.02
C6 PSU GC 625 83.15 27.12 33.03
O2 PSU GC 625 80.42 25.65 34.60
O4 PSU GC 625 83.24 28.82 36.10
C1' PSU GC 625 84.76 28.87 33.76
C2' PSU GC 625 86.00 28.41 34.51
O2' PSU GC 625 86.74 29.56 34.89
C3' PSU GC 625 86.74 27.62 33.44
C4' PSU GC 625 86.44 28.42 32.18
O3' PSU GC 625 88.13 27.51 33.67
O4' PSU GC 625 85.07 28.86 32.37
C5' PSU GC 625 86.56 27.66 30.89
O5' PSU GC 625 85.76 26.49 30.90
P PSU GC 625 85.39 25.74 29.55
OP1 PSU GC 625 86.62 25.20 28.95
OP2 PSU GC 625 84.26 24.87 29.89
N1 OMU GC 670 81.44 15.55 46.86
C2 OMU GC 670 80.14 15.51 46.08
N3 OMU GC 670 80.16 15.87 44.63
C4 OMU GC 670 81.39 16.27 43.99
C5 OMU GC 670 82.67 16.31 44.77
C6 OMU GC 670 82.65 15.96 46.21
O2 OMU GC 670 79.09 15.17 46.61
O4 OMU GC 670 81.40 16.54 42.89
C1' OMU GC 670 81.49 15.23 48.31
C2' OMU GC 670 81.10 13.79 48.62
O2' OMU GC 670 80.37 13.78 49.84
CM2 OMU GC 670 79.13 14.41 49.77
C3' OMU GC 670 82.46 13.11 48.80
C4' OMU GC 670 83.30 14.22 49.40
O3' OMU GC 670 82.41 11.96 49.62
O4' OMU GC 670 82.82 15.42 48.76
C5' OMU GC 670 84.79 14.08 49.17
O5' OMU GC 670 85.44 15.35 49.24
P OMU GC 670 86.94 15.51 48.75
OP1 OMU GC 670 87.74 14.40 49.36
OP2 OMU GC 670 86.93 15.69 47.25
N1 PSU GC 672 81.92 10.42 41.26
C2 PSU GC 672 82.10 11.01 40.03
N3 PSU GC 672 81.07 11.01 39.12
C4 PSU GC 672 79.87 10.42 39.43
C5 PSU GC 672 79.70 9.82 40.68
C6 PSU GC 672 80.75 9.83 41.58
O2 PSU GC 672 83.17 11.55 39.75
O4 PSU GC 672 78.97 10.44 38.59
C1' PSU GC 672 78.42 9.15 41.08
C2' PSU GC 672 78.16 7.92 40.22
O2' PSU GC 672 76.75 7.73 40.14
C3' PSU GC 672 78.79 6.83 41.06
C4' PSU GC 672 78.45 7.26 42.47
O3' PSU GC 672 78.33 5.53 40.75
O4' PSU GC 672 78.54 8.72 42.42
C5' PSU GC 672 79.35 6.73 43.55
O5' PSU GC 672 78.67 6.64 44.79
P PSU GC 672 79.46 6.68 46.16
OP1 PSU GC 672 79.20 5.43 46.89
OP2 PSU GC 672 80.85 7.07 45.84
N1 PSU GC 685 82.02 -25.27 25.18
C2 PSU GC 685 81.79 -23.91 25.31
N3 PSU GC 685 80.80 -23.30 24.59
C4 PSU GC 685 80.03 -24.06 23.72
C5 PSU GC 685 80.26 -25.41 23.59
C6 PSU GC 685 81.27 -26.00 24.34
O2 PSU GC 685 82.49 -23.25 26.08
O4 PSU GC 685 79.15 -23.49 23.08
C1' PSU GC 685 79.42 -26.24 22.66
C2' PSU GC 685 79.78 -25.93 21.21
O2' PSU GC 685 78.63 -26.15 20.41
C3' PSU GC 685 80.81 -27.02 20.94
C4' PSU GC 685 80.22 -28.20 21.68
O3' PSU GC 685 81.02 -27.27 19.56
O4' PSU GC 685 79.66 -27.62 22.88
C5' PSU GC 685 81.19 -29.30 22.04
O5' PSU GC 685 82.26 -28.80 22.83
P PSU GC 685 83.19 -29.79 23.65
OP1 PSU GC 685 83.77 -30.78 22.72
OP2 PSU GC 685 84.06 -28.92 24.46
N1 PSU GC 734 86.16 14.07 33.64
C2 PSU GC 734 85.42 13.06 34.19
N3 PSU GC 734 84.49 12.38 33.44
C4 PSU GC 734 84.32 12.72 32.12
C5 PSU GC 734 85.07 13.76 31.56
C6 PSU GC 734 85.99 14.42 32.35
O2 PSU GC 734 85.58 12.74 35.38
O4 PSU GC 734 83.50 12.12 31.44
C1' PSU GC 734 84.89 14.13 30.12
C2' PSU GC 734 83.62 14.95 29.88
O2' PSU GC 734 83.10 14.62 28.61
C3' PSU GC 734 84.17 16.37 29.89
C4' PSU GC 734 85.53 16.20 29.25
O3' PSU GC 734 83.35 17.30 29.21
O4' PSU GC 734 85.99 14.92 29.71
C5' PSU GC 734 86.54 17.26 29.61
O5' PSU GC 734 86.67 17.38 31.01
P PSU GC 734 87.80 18.29 31.65
OP1 PSU GC 734 87.72 19.57 30.93
OP2 PSU GC 734 87.66 18.26 33.13
N1 PSU GC 737 78.60 18.08 39.50
C2 PSU GC 737 79.74 17.84 40.23
N3 PSU GC 737 79.67 17.15 41.41
C4 PSU GC 737 78.44 16.70 41.86
C5 PSU GC 737 77.30 16.94 41.12
C6 PSU GC 737 77.40 17.63 39.92
O2 PSU GC 737 80.83 18.25 39.83
O4 PSU GC 737 78.38 16.08 42.92
C1' PSU GC 737 75.97 16.43 41.60
C2' PSU GC 737 75.43 17.34 42.71
O2' PSU GC 737 74.70 16.54 43.62
C3' PSU GC 737 74.48 18.25 41.92
C4' PSU GC 737 73.91 17.29 40.88
O3' PSU GC 737 73.48 18.85 42.72
O4' PSU GC 737 75.03 16.43 40.55
C5' PSU GC 737 73.37 17.94 39.64
O5' PSU GC 737 74.34 18.76 39.01
P PSU GC 737 74.10 19.32 37.54
OP1 PSU GC 737 72.77 19.95 37.48
OP2 PSU GC 737 75.30 20.07 37.14
P OMG GC 738 73.20 20.43 42.58
OP1 OMG GC 738 71.71 20.63 42.30
OP2 OMG GC 738 74.24 21.01 41.64
O5' OMG GC 738 73.52 20.99 44.03
C5' OMG GC 738 74.86 21.17 44.45
C4' OMG GC 738 75.12 20.52 45.79
O4' OMG GC 738 75.75 19.24 45.59
C3' OMG GC 738 76.04 21.32 46.72
O3' OMG GC 738 75.31 22.01 47.72
C2' OMG GC 738 77.02 20.28 47.29
O2' OMG GC 738 76.50 19.70 48.47
CM2 OMG GC 738 77.32 18.70 49.01
C1' OMG GC 738 77.02 19.22 46.20
N9 OMG GC 738 78.06 19.40 45.17
C8 OMG GC 738 77.86 19.61 43.83
N7 OMG GC 738 78.97 19.70 43.17
C5 OMG GC 738 79.94 19.51 44.09
C6 OMG GC 738 81.36 19.51 43.95
O6 OMG GC 738 82.02 19.66 42.93
N1 OMG GC 738 81.98 19.30 45.17
C2 OMG GC 738 81.35 19.11 46.36
N2 OMG GC 738 82.14 18.92 47.43
N3 OMG GC 738 80.06 19.13 46.50
C4 OMG GC 738 79.41 19.33 45.35
N1 PSU GC 837 11.18 38.91 -22.10
C2 PSU GC 837 11.69 40.10 -22.54
N3 PSU GC 837 12.15 41.03 -21.64
C4 PSU GC 837 12.10 40.76 -20.30
C5 PSU GC 837 11.58 39.55 -19.86
C6 PSU GC 837 11.13 38.62 -20.79
O2 PSU GC 837 11.74 40.34 -23.74
O4 PSU GC 837 12.52 41.59 -19.51
C1' PSU GC 837 11.52 39.20 -18.40
C2' PSU GC 837 10.52 40.07 -17.64
O2' PSU GC 837 11.01 40.27 -16.32
C3' PSU GC 837 9.30 39.17 -17.61
C4' PSU GC 837 9.90 37.78 -17.48
O3' PSU GC 837 8.39 39.46 -16.57
O4' PSU GC 837 11.12 37.85 -18.25
C5' PSU GC 837 9.05 36.64 -17.96
O5' PSU GC 837 8.77 36.76 -19.34
P PSU GC 837 7.73 35.78 -20.05
OP1 PSU GC 837 6.72 35.52 -19.01
OP2 PSU GC 837 7.35 36.38 -21.35
N1 PSU GC 875 39.74 56.32 13.01
C2 PSU GC 875 38.86 55.58 13.76
N3 PSU GC 875 38.05 56.19 14.69
C4 PSU GC 875 38.12 57.54 14.87
C5 PSU GC 875 38.99 58.30 14.11
C6 PSU GC 875 39.80 57.66 13.18
O2 PSU GC 875 38.80 54.37 13.61
O4 PSU GC 875 37.39 58.09 15.69
C1' PSU GC 875 39.06 59.79 14.31
C2' PSU GC 875 39.93 60.10 15.52
O2' PSU GC 875 39.44 61.29 16.13
C3' PSU GC 875 41.28 60.36 14.86
C4' PSU GC 875 40.89 61.06 13.58
O3' PSU GC 875 42.17 61.10 15.67
O4' PSU GC 875 39.65 60.40 13.18
C5' PSU GC 875 41.88 60.98 12.46
O5' PSU GC 875 42.19 59.63 12.14
P PSU GC 875 43.02 59.27 10.84
OP1 PSU GC 875 44.09 60.28 10.88
OP2 PSU GC 875 43.32 57.82 10.84
P A2M GC 902 40.87 24.64 25.08
OP1 A2M GC 902 39.46 24.70 25.56
O5' A2M GC 902 41.48 26.12 24.25
C5' A2M GC 902 41.43 27.26 24.95
C4' A2M GC 902 42.35 28.29 24.33
O4' A2M GC 902 43.64 27.77 24.29
C3' A2M GC 902 41.95 28.62 22.91
O3' A2M GC 902 40.81 29.42 22.97
C2' A2M GC 902 43.24 29.21 22.39
O2' A2M GC 902 43.52 30.47 22.93
C1' A2M GC 902 44.17 28.18 23.05
CM' A2M GC 902 44.28 31.22 22.03
N9 A2M GC 902 44.47 27.01 22.26
C8 A2M GC 902 44.17 25.66 22.42
N7 A2M GC 902 44.66 24.90 21.44
C5 A2M GC 902 45.29 25.81 20.62
C6 A2M GC 902 46.00 25.69 19.45
N6 A2M GC 902 46.20 24.48 18.83
N1 A2M GC 902 46.55 26.75 18.82
C2 A2M GC 902 46.37 27.95 19.42
N3 A2M GC 902 45.71 28.24 20.55
C4 A2M GC 902 45.20 27.13 21.11
OP2 A2M GC 902 41.20 23.76 23.90
N1 PSU GC 916 21.44 42.90 1.63
C2 PSU GC 916 22.77 42.64 1.43
N3 PSU GC 916 23.50 43.38 0.54
C4 PSU GC 916 22.88 44.38 -0.16
C5 PSU GC 916 21.53 44.64 0.03
C6 PSU GC 916 20.83 43.88 0.95
O2 PSU GC 916 23.32 41.74 2.07
O4 PSU GC 916 23.53 45.03 -0.97
C1' PSU GC 916 20.85 45.74 -0.73
C2' PSU GC 916 20.68 45.36 -2.20
O2' PSU GC 916 20.89 46.53 -2.98
C3' PSU GC 916 19.22 44.95 -2.24
C4' PSU GC 916 18.58 45.93 -1.28
O3' PSU GC 916 18.66 45.00 -3.54
O4' PSU GC 916 19.56 46.04 -0.22
C5' PSU GC 916 17.24 45.53 -0.71
O5' PSU GC 916 17.10 44.13 -0.63
P PSU GC 916 16.39 43.46 0.63
OP1 PSU GC 916 15.75 44.55 1.40
OP2 PSU GC 916 15.59 42.31 0.16
N1 PSU GC 917 21.38 41.09 -1.50
C2 PSU GC 917 22.21 40.18 -0.88
N3 PSU GC 917 23.52 40.07 -1.26
C4 PSU GC 917 24.01 40.88 -2.25
C5 PSU GC 917 23.18 41.80 -2.88
C6 PSU GC 917 21.86 41.89 -2.47
O2 PSU GC 917 21.76 39.46 0.00
O4 PSU GC 917 25.18 40.79 -2.59
C1' PSU GC 917 23.70 42.70 -3.96
C2' PSU GC 917 23.92 42.02 -5.29
O2' PSU GC 917 25.06 42.59 -5.92
C3' PSU GC 917 22.66 42.39 -6.05
C4' PSU GC 917 22.33 43.77 -5.53
O3' PSU GC 917 22.85 42.38 -7.46
O4' PSU GC 917 22.77 43.75 -4.15
C5' PSU GC 917 20.89 44.17 -5.59
O5' PSU GC 917 20.10 43.33 -4.76
P PSU GC 917 18.58 43.68 -4.45
OP1 PSU GC 917 18.07 44.03 -5.78
OP2 PSU GC 917 17.98 42.58 -3.66
N1 PSU GC 927 18.25 24.34 -25.42
C2 PSU GC 927 18.52 23.30 -24.56
N3 PSU GC 927 19.81 22.84 -24.40
C4 PSU GC 927 20.82 23.43 -25.11
C5 PSU GC 927 20.55 24.48 -25.97
C6 PSU GC 927 19.24 24.93 -26.11
O2 PSU GC 927 17.61 22.77 -23.94
O4 PSU GC 927 21.98 23.03 -24.97
C1' PSU GC 927 21.65 25.16 -26.73
C2' PSU GC 927 22.15 24.35 -27.93
O2' PSU GC 927 23.56 24.57 -28.05
C3' PSU GC 927 21.41 25.02 -29.08
C4' PSU GC 927 21.35 26.46 -28.65
O3' PSU GC 927 22.04 24.84 -30.34
O4' PSU GC 927 21.18 26.40 -27.21
C5' PSU GC 927 20.23 27.26 -29.25
O5' PSU GC 927 19.04 26.51 -29.27
P PSU GC 927 17.63 27.21 -29.48
OP1 PSU GC 927 17.61 27.80 -30.82
OP2 PSU GC 927 16.59 26.24 -29.06
N1 PSU GC 952 39.42 23.64 10.39
C2 PSU GC 952 39.27 24.69 9.51
N3 PSU GC 952 38.82 24.46 8.24
C4 PSU GC 952 38.49 23.19 7.85
C5 PSU GC 952 38.64 22.12 8.74
C6 PSU GC 952 39.10 22.38 10.01
O2 PSU GC 952 39.57 25.82 9.86
O4 PSU GC 952 38.07 23.05 6.70
C1' PSU GC 952 38.28 20.71 8.36
C2' PSU GC 952 38.98 20.15 7.12
O2' PSU GC 952 38.00 19.58 6.26
C3' PSU GC 952 39.87 19.05 7.71
C4' PSU GC 952 39.07 18.58 8.91
O3' PSU GC 952 40.13 18.00 6.81
O4' PSU GC 952 38.47 19.79 9.42
C5' PSU GC 952 39.86 17.88 9.98
O5' PSU GC 952 40.82 18.72 10.57
P PSU GC 952 40.73 19.08 12.11
OP1 PSU GC 952 40.60 17.81 12.84
OP2 PSU GC 952 41.80 20.02 12.52
N1 PSU GC 1045 34.96 0.63 11.87
C2 PSU GC 1045 36.13 1.06 12.44
N3 PSU GC 1045 36.81 0.24 13.32
C4 PSU GC 1045 36.30 -1.00 13.61
C5 PSU GC 1045 35.12 -1.43 13.03
C6 PSU GC 1045 34.46 -0.58 12.15
O2 PSU GC 1045 36.57 2.17 12.18
O4 PSU GC 1045 36.90 -1.73 14.40
C1' PSU GC 1045 34.57 -2.80 13.35
C2' PSU GC 1045 33.79 -2.74 14.66
O2' PSU GC 1045 33.89 -4.02 15.28
C3' PSU GC 1045 32.39 -2.50 14.15
C4' PSU GC 1045 32.34 -3.35 12.91
O3' PSU GC 1045 31.37 -2.81 15.09
O4' PSU GC 1045 33.67 -3.21 12.34
C5' PSU GC 1045 31.31 -2.95 11.87
O5' PSU GC 1045 31.41 -1.56 11.57
P PSU GC 1045 30.71 -0.95 10.30
OP1 PSU GC 1045 29.28 -1.30 10.32
OP2 PSU GC 1045 31.13 0.45 10.17
N1 PSU GC 1048 33.12 6.89 19.74
C2 PSU GC 1048 33.19 7.51 18.51
N3 PSU GC 1048 34.10 8.50 18.28
C4 PSU GC 1048 34.96 8.87 19.29
C5 PSU GC 1048 34.89 8.26 20.52
C6 PSU GC 1048 33.96 7.26 20.73
O2 PSU GC 1048 32.43 7.15 17.62
O4 PSU GC 1048 35.77 9.76 19.07
C1' PSU GC 1048 35.83 8.69 21.61
C2' PSU GC 1048 35.30 9.94 22.30
O2' PSU GC 1048 36.41 10.70 22.74
C3' PSU GC 1048 34.57 9.34 23.50
C4' PSU GC 1048 35.49 8.19 23.87
O3' PSU GC 1048 34.34 10.24 24.55
O4' PSU GC 1048 35.96 7.69 22.60
C5' PSU GC 1048 34.86 7.07 24.66
O5' PSU GC 1048 33.69 6.58 24.02
P PSU GC 1048 33.10 5.16 24.38
OP1 PSU GC 1048 32.82 5.14 25.83
OP2 PSU GC 1048 32.04 4.84 23.41
N1 PSU GC 1103 28.68 0.54 -68.00
C2 PSU GC 1103 28.56 1.24 -66.82
N3 PSU GC 1103 29.66 1.82 -66.24
C4 PSU GC 1103 30.89 1.71 -66.86
C5 PSU GC 1103 31.01 1.00 -68.04
C6 PSU GC 1103 29.88 0.43 -68.61
O2 PSU GC 1103 27.46 1.34 -66.28
O4 PSU GC 1103 31.88 2.22 -66.33
C1' PSU GC 1103 32.35 0.87 -68.71
C2' PSU GC 1103 33.16 -0.25 -68.03
O2' PSU GC 1103 34.53 0.08 -68.14
C3' PSU GC 1103 32.83 -1.43 -68.93
C4' PSU GC 1103 32.80 -0.78 -70.31
O3' PSU GC 1103 33.74 -2.49 -68.83
O4' PSU GC 1103 32.21 0.53 -70.07
C5' PSU GC 1103 32.03 -1.51 -71.37
O5' PSU GC 1103 30.68 -1.70 -71.00
P PSU GC 1103 29.59 -2.09 -72.09
OP1 PSU GC 1103 30.13 -3.18 -72.92
OP2 PSU GC 1103 28.28 -2.25 -71.42
N1 PSU GC 1115 37.42 -11.39 -60.93
C2 PSU GC 1115 38.08 -10.34 -61.56
N3 PSU GC 1115 39.43 -10.20 -61.43
C4 PSU GC 1115 40.15 -11.10 -60.68
C5 PSU GC 1115 39.49 -12.15 -60.06
C6 PSU GC 1115 38.12 -12.27 -60.19
O2 PSU GC 1115 37.43 -9.54 -62.22
O4 PSU GC 1115 41.36 -10.97 -60.58
C1' PSU GC 1115 40.25 -13.15 -59.23
C2' PSU GC 1115 40.65 -12.52 -57.89
O2' PSU GC 1115 41.90 -13.07 -57.50
C3' PSU GC 1115 39.53 -13.04 -56.99
C4' PSU GC 1115 39.30 -14.44 -57.53
O3' PSU GC 1115 39.87 -13.03 -55.61
O4' PSU GC 1115 39.46 -14.29 -58.96
C5' PSU GC 1115 37.95 -15.05 -57.22
O5' PSU GC 1115 36.91 -14.45 -57.96
P PSU GC 1115 35.48 -15.13 -58.06
OP1 PSU GC 1115 35.11 -15.64 -56.72
OP2 PSU GC 1115 34.56 -14.19 -58.73
O5' B8N GC 1119 39.11 3.68 -48.13
C5' B8N GC 1119 38.69 3.99 -49.45
C4' B8N GC 1119 38.76 5.47 -49.71
O4' B8N GC 1119 38.62 6.17 -48.45
C3' B8N GC 1119 40.09 5.96 -50.28
O3' B8N GC 1119 40.11 5.89 -51.69
C2' B8N GC 1119 40.19 7.39 -49.75
O2' B8N GC 1119 39.49 8.29 -50.60
C1' B8N GC 1119 39.45 7.31 -48.43
C5 B8N GC 1119 40.35 7.23 -47.13
C6 B8N GC 1119 40.65 5.94 -46.60
N1 B8N GC 1119 41.51 5.98 -45.32
C2 B8N GC 1119 41.96 7.35 -44.71
N3 B8N GC 1119 41.60 8.55 -45.32
C4 B8N GC 1119 40.90 8.56 -46.36
C34 B8N GC 1119 43.09 11.66 -43.00
CN1 B8N GC 1119 41.92 4.72 -44.66
N34 B8N GC 1119 41.05 11.76 -41.69
O2 B8N GC 1119 42.63 7.34 -43.73
O4 B8N GC 1119 40.64 9.63 -46.80
OP1 B8N GC 1119 41.02 2.09 -47.82
OP2 B8N GC 1119 38.83 1.88 -46.41
P B8N GC 1119 39.52 2.20 -47.71
C31 B8N GC 1119 42.04 9.83 -44.72
C32 B8N GC 1119 41.15 10.21 -43.56
C33 B8N GC 1119 41.57 11.58 -43.03
O36 B8N GC 1119 43.74 10.96 -42.18
O35 B8N GC 1119 43.69 12.45 -43.79
N1 OMC GC 1143 47.02 -36.85 -72.35
C2 OMC GC 1143 47.44 -35.84 -71.46
N3 OMC GC 1143 46.81 -35.72 -70.28
C4 OMC GC 1143 45.83 -36.51 -69.94
C5 OMC GC 1143 45.38 -37.55 -70.80
C6 OMC GC 1143 46.01 -37.67 -71.99
O2 OMC GC 1143 48.36 -35.09 -71.78
N4 OMC GC 1143 45.25 -36.34 -68.76
C1' OMC GC 1143 47.66 -37.06 -73.67
C2' OMC GC 1143 49.06 -37.70 -73.54
O2' OMC GC 1143 49.89 -37.16 -74.55
CM2 OMC GC 1143 50.63 -36.04 -74.11
C3' OMC GC 1143 48.74 -39.16 -73.83
C4' OMC GC 1143 47.66 -39.06 -74.88
O4' OMC GC 1143 46.86 -37.94 -74.43
O3' OMC GC 1143 49.86 -39.92 -74.25
C5' OMC GC 1143 46.81 -40.28 -75.05
O5' OMC GC 1143 45.43 -39.99 -74.88
P OMC GC 1143 44.52 -40.87 -73.93
OP1 OMC GC 1143 44.64 -42.31 -74.39
OP2 OMC GC 1143 44.86 -40.53 -72.49
N1 OMU GC 1159 55.28 -52.93 -76.97
C2 OMU GC 1159 55.40 -52.75 -78.47
N3 OMU GC 1159 54.82 -53.78 -79.39
C4 OMU GC 1159 54.15 -54.94 -78.84
C5 OMU GC 1159 54.02 -55.10 -77.35
C6 OMU GC 1159 54.60 -54.09 -76.44
O2 OMU GC 1159 55.97 -51.78 -78.94
O4 OMU GC 1159 53.71 -55.72 -79.52
C1' OMU GC 1159 55.85 -51.92 -76.06
C2' OMU GC 1159 55.05 -50.61 -76.09
O2' OMU GC 1159 55.97 -49.54 -75.86
CM2 OMU GC 1159 56.80 -49.28 -76.95
C3' OMU GC 1159 54.13 -50.79 -74.89
C4' OMU GC 1159 55.01 -51.53 -73.90
O3' OMU GC 1159 53.61 -49.57 -74.39
O4' OMU GC 1159 55.78 -52.42 -74.74
C5' OMU GC 1159 54.28 -52.31 -72.84
O5' OMU GC 1159 54.44 -53.70 -73.01
P OMU GC 1159 54.63 -54.67 -71.75
OP1 OMU GC 1159 53.95 -54.02 -70.58
OP2 OMU GC 1159 54.23 -56.05 -72.17
N1 OMU GC 1197 48.14 -16.51 -64.41
C2 OMU GC 1197 47.23 -15.44 -64.95
N3 OMU GC 1197 47.79 -14.34 -65.79
C4 OMU GC 1197 49.21 -14.32 -66.09
C5 OMU GC 1197 50.10 -15.38 -65.55
C6 OMU GC 1197 49.55 -16.47 -64.72
O2 OMU GC 1197 46.04 -15.47 -64.69
O4 OMU GC 1197 49.64 -13.48 -66.72
C1' OMU GC 1197 47.58 -17.58 -63.58
C2' OMU GC 1197 47.66 -18.98 -64.21
O2' OMU GC 1197 46.57 -19.21 -65.08
CM2 OMU GC 1197 46.72 -20.36 -65.83
C3' OMU GC 1197 47.70 -19.86 -62.98
C4' OMU GC 1197 48.52 -19.04 -62.00
O3' OMU GC 1197 46.38 -20.01 -62.46
O4' OMU GC 1197 48.37 -17.66 -62.40
C5' OMU GC 1197 50.00 -19.38 -61.93
O5' OMU GC 1197 50.59 -19.48 -63.22
P OMU GC 1197 51.58 -20.67 -63.57
OP1 OMU GC 1197 51.71 -20.75 -65.07
OP2 OMU GC 1197 52.80 -20.52 -62.72
P OMG GC 1199 45.78 -18.77 -55.83
OP1 OMG GC 1199 44.47 -18.00 -55.78
OP2 OMG GC 1199 46.99 -18.16 -56.54
O5' OMG GC 1199 46.20 -19.12 -54.36
C5' OMG GC 1199 45.33 -19.85 -53.50
C4' OMG GC 1199 45.96 -20.07 -52.15
O4' OMG GC 1199 46.97 -21.09 -52.25
C3' OMG GC 1199 46.68 -18.88 -51.57
O3' OMG GC 1199 45.80 -17.95 -50.96
C2' OMG GC 1199 47.65 -19.52 -50.60
O2' OMG GC 1199 46.98 -19.88 -49.39
CM2 OMG GC 1199 47.73 -20.69 -48.51
C1' OMG GC 1199 48.01 -20.83 -51.33
N9 OMG GC 1199 49.28 -20.75 -52.06
C8 OMG GC 1199 49.46 -20.58 -53.41
N7 OMG GC 1199 50.71 -20.58 -53.75
C5 OMG GC 1199 51.40 -20.76 -52.59
C6 OMG GC 1199 52.79 -20.84 -52.34
O6 OMG GC 1199 53.72 -20.78 -53.12
N1 OMG GC 1199 53.05 -21.05 -50.98
C2 OMG GC 1199 52.10 -21.14 -50.00
N2 OMG GC 1199 52.55 -21.33 -48.75
N3 OMG GC 1199 50.82 -21.06 -50.23
C4 OMG GC 1199 50.53 -20.87 -51.52
P 4AC GC 1208 60.40 1.99 -60.05
OP1 4AC GC 1208 60.81 2.97 -61.13
OP2 4AC GC 1208 61.18 1.97 -58.75
O5' 4AC GC 1208 58.88 2.23 -59.69
C5' 4AC GC 1208 57.85 2.01 -60.65
C4' 4AC GC 1208 56.51 1.82 -59.99
O4' 4AC GC 1208 56.52 0.59 -59.22
C3' 4AC GC 1208 56.13 2.88 -58.98
O3' 4AC GC 1208 55.61 4.05 -59.57
C2' 4AC GC 1208 55.16 2.15 -58.08
O2' 4AC GC 1208 53.89 2.02 -58.70
C1' 4AC GC 1208 55.80 0.76 -58.02
N1 4AC GC 1208 56.75 0.64 -56.90
C2 4AC GC 1208 56.26 0.40 -55.61
O2 4AC GC 1208 55.04 0.31 -55.45
N3 4AC GC 1208 57.14 0.29 -54.59
C4 4AC GC 1208 58.44 0.41 -54.81
N4 4AC GC 1208 59.32 0.28 -53.71
C5 4AC GC 1208 58.96 0.64 -56.10
C6 4AC GC 1208 58.09 0.74 -57.11
C7 4AC GC 1208 59.03 0.10 -52.40
O7 4AC GC 1208 57.90 0.05 -51.96
CM7 4AC GC 1208 60.23 -0.07 -51.53
N1 PSU GC 1238 63.81 35.87 -44.37
C2 PSU GC 1238 64.23 34.57 -44.46
N3 PSU GC 1238 64.98 34.14 -45.52
C4 PSU GC 1238 65.32 35.03 -46.50
C5 PSU GC 1238 64.89 36.35 -46.44
C6 PSU GC 1238 64.14 36.76 -45.34
O2 PSU GC 1238 63.93 33.78 -43.56
O4 PSU GC 1238 66.00 34.65 -47.46
C1' PSU GC 1238 65.26 37.34 -47.50
C2' PSU GC 1238 64.44 37.12 -48.76
O2' PSU GC 1238 65.23 37.51 -49.88
C3' PSU GC 1238 63.30 38.11 -48.57
C4' PSU GC 1238 63.99 39.28 -47.89
O3' PSU GC 1238 62.65 38.47 -49.77
O4' PSU GC 1238 64.98 38.64 -47.03
C5' PSU GC 1238 63.12 40.19 -47.08
O5' PSU GC 1238 62.38 39.47 -46.10
P PSU GC 1238 61.58 40.22 -44.96
OP1 PSU GC 1238 60.69 41.21 -45.60
OP2 PSU GC 1238 61.00 39.21 -44.06
P A2M GC 1254 80.94 18.92 -49.22
OP1 A2M GC 1254 81.60 18.88 -50.56
O5' A2M GC 1254 79.76 17.57 -48.89
C5' A2M GC 1254 80.30 16.35 -48.75
C4' A2M GC 1254 79.22 15.32 -48.48
O4' A2M GC 1254 78.96 15.28 -47.10
C3' A2M GC 1254 77.91 15.63 -49.16
O3' A2M GC 1254 78.05 15.37 -50.52
C2' A2M GC 1254 76.95 14.83 -48.32
O2' A2M GC 1254 77.08 13.44 -48.47
C1' A2M GC 1254 77.55 15.25 -46.99
CM' A2M GC 1254 76.55 12.77 -47.35
N9 A2M GC 1254 77.11 16.52 -46.50
C8 A2M GC 1254 77.72 17.77 -46.42
N7 A2M GC 1254 76.92 18.70 -45.88
C5 A2M GC 1254 75.75 18.01 -45.62
C6 A2M GC 1254 74.53 18.36 -45.08
N6 A2M GC 1254 74.27 19.64 -44.66
N1 A2M GC 1254 73.52 17.47 -44.93
C2 A2M GC 1254 73.78 16.21 -45.35
N3 A2M GC 1254 74.89 15.69 -45.89
C4 A2M GC 1254 75.84 16.66 -46.00
OP2 A2M GC 1254 79.92 19.97 -48.93
N1 OMC GC 1262 65.18 18.27 -71.74
C2 OMC GC 1262 64.02 18.82 -71.19
N3 OMC GC 1262 64.14 19.95 -70.46
C4 OMC GC 1262 65.29 20.52 -70.24
C5 OMC GC 1262 66.50 19.99 -70.79
C6 OMC GC 1262 66.38 18.87 -71.52
O2 OMC GC 1262 62.94 18.29 -71.37
N4 OMC GC 1262 65.33 21.63 -69.50
C1' OMC GC 1262 65.15 17.04 -72.56
C2' OMC GC 1262 64.63 17.29 -73.98
O2' OMC GC 1262 63.97 16.11 -74.40
CM2 OMC GC 1262 62.60 16.08 -74.11
C3' OMC GC 1262 65.93 17.47 -74.73
C4' OMC GC 1262 66.83 16.44 -74.07
O4' OMC GC 1262 66.46 16.52 -72.67
O3' OMC GC 1262 65.81 17.29 -76.13
C5' OMC GC 1262 68.31 16.63 -74.24
O5' OMC GC 1262 68.73 17.91 -73.79
P OMC GC 1262 70.26 18.23 -73.55
OP1 OMC GC 1262 71.03 17.82 -74.80
OP2 OMC GC 1262 70.39 19.66 -73.03
N1 OMU GC 1313 64.58 32.60 -97.28
C2 OMU GC 1313 63.45 32.22 -98.19
N3 OMU GC 1313 63.72 31.39 -99.39
C4 OMU GC 1313 65.07 30.94 -99.68
C5 OMU GC 1313 66.18 31.32 -98.76
C6 OMU GC 1313 65.91 32.16 -97.56
O2 OMU GC 1313 62.32 32.60 -97.95
O4 OMU GC 1313 65.28 30.30 -100.58
C1' OMU GC 1313 64.33 33.45 -96.09
C2' OMU GC 1313 63.67 32.69 -94.93
O2' OMU GC 1313 62.82 33.58 -94.23
CM2 OMU GC 1313 61.66 33.91 -94.94
C3' OMU GC 1313 64.89 32.34 -94.08
C4' OMU GC 1313 65.82 33.51 -94.28
O3' OMU GC 1313 64.57 32.13 -92.71
O4' OMU GC 1313 65.57 33.95 -95.64
C5' OMU GC 1313 67.29 33.19 -94.12
O5' OMU GC 1313 67.47 31.84 -93.77
P OMU GC 1313 68.83 31.09 -94.06
OP1 OMU GC 1313 69.94 32.09 -93.92
OP2 OMU GC 1313 68.84 29.80 -93.27
P OMG GC 1361 51.50 -3.71 -46.07
OP1 OMG GC 1361 50.29 -4.63 -46.06
OP2 OMG GC 1361 52.50 -3.78 -47.22
O5' OMG GC 1361 50.98 -2.21 -45.93
C5' OMG GC 1361 49.59 -1.92 -45.88
C4' OMG GC 1361 49.14 -1.17 -47.10
O4' OMG GC 1361 50.05 -0.07 -47.36
C3' OMG GC 1361 49.13 -1.97 -48.39
O3' OMG GC 1361 47.91 -2.68 -48.56
C2' OMG GC 1361 49.36 -0.92 -49.46
O2' OMG GC 1361 48.16 -0.22 -49.76
CM2 OMG GC 1361 48.27 0.59 -50.91
C1' OMG GC 1361 50.31 0.03 -48.75
N9 OMG GC 1361 51.72 -0.31 -48.98
C8 OMG GC 1361 52.60 -0.77 -48.04
N7 OMG GC 1361 53.78 -0.98 -48.52
C5 OMG GC 1361 53.67 -0.65 -49.84
C6 OMG GC 1361 54.65 -0.69 -50.86
O6 OMG GC 1361 55.80 -1.04 -50.76
N1 OMG GC 1361 54.11 -0.26 -52.07
C2 OMG GC 1361 52.83 0.14 -52.28
N2 OMG GC 1361 52.50 0.51 -53.53
N3 OMG GC 1361 51.92 0.17 -51.33
C4 OMG GC 1361 52.40 -0.23 -50.15
P G7M GC 1510 20.57 21.34 -58.49
OP1 G7M GC 1510 20.13 22.73 -58.86
OP2 G7M GC 1510 22.04 20.99 -58.53
O5' G7M GC 1510 20.07 21.08 -57.00
C5' G7M GC 1510 18.73 21.35 -56.62
C4' G7M GC 1510 18.41 20.72 -55.30
O4' G7M GC 1510 18.03 19.35 -55.52
C3' G7M GC 1510 19.58 20.62 -54.33
O3' G7M GC 1510 19.77 21.81 -53.59
C2' G7M GC 1510 19.22 19.41 -53.46
O2' G7M GC 1510 18.44 19.82 -52.34
C1' G7M GC 1510 18.34 18.58 -54.38
N9 G7M GC 1510 18.95 17.31 -54.79
C8 G7M GC 1510 19.41 17.60 -56.03
N7 G7M GC 1510 19.98 16.49 -56.51
CN7 G7M GC 1510 20.59 16.49 -57.84
C5 G7M GC 1510 19.88 15.53 -55.59
C6 G7M GC 1510 20.34 14.06 -55.58
O6 G7M GC 1510 20.91 13.61 -56.52
N1 G7M GC 1510 20.09 13.25 -54.44
C2 G7M GC 1510 19.40 13.80 -53.31
N2 G7M GC 1510 19.14 12.98 -52.14
N3 G7M GC 1510 18.96 15.19 -53.32
C4 G7M GC 1510 19.23 16.04 -54.52
N1 OMC GC 1574 42.58 7.36 -24.47
C2 OMC GC 1574 41.67 8.31 -23.95
N3 OMC GC 1574 40.44 8.37 -24.49
C4 OMC GC 1574 40.08 7.59 -25.48
C5 OMC GC 1574 40.97 6.63 -26.03
C6 OMC GC 1574 42.20 6.56 -25.49
O2 OMC GC 1574 42.01 9.03 -23.04
N4 OMC GC 1574 38.85 7.72 -25.95
C1' OMC GC 1574 43.95 7.22 -23.95
C2' OMC GC 1574 43.99 6.60 -22.56
O2' OMC GC 1574 45.06 7.18 -21.84
CM2 OMC GC 1574 44.71 8.39 -21.22
C3' OMC GC 1574 44.29 5.14 -22.88
C4' OMC GC 1574 45.21 5.26 -24.07
O4' OMC GC 1574 44.68 6.38 -24.81
O3' OMC GC 1574 44.87 4.43 -21.80
C5' OMC GC 1574 45.26 4.06 -24.98
O5' OMC GC 1574 44.15 4.05 -25.87
P OMC GC 1574 44.17 3.19 -27.19
OP1 OMC GC 1574 44.87 1.87 -26.89
OP2 OMC GC 1574 42.75 3.17 -27.74
C2 6MZ GC 1703 41.38 10.59 -20.08
C4 6MZ GC 1703 39.91 12.11 -19.12
C5 6MZ GC 1703 39.02 11.88 -20.09
O1P 6MZ GC 1703 37.86 18.35 -18.59
O2P 6MZ GC 1703 36.16 16.60 -19.50
N9 6MZ GC 1703 39.38 13.03 -18.30
N3 6MZ GC 1703 41.09 11.48 -19.12
N1 6MZ GC 1703 40.48 10.34 -21.07
C6 6MZ GC 1703 39.34 10.97 -21.08
N6 6MZ GC 1703 38.41 10.63 -22.19
C9 6MZ GC 1703 37.74 11.65 -22.98
N7 6MZ GC 1703 37.96 12.62 -19.85
C8 6MZ GC 1703 38.17 13.35 -18.75
O5' 6MZ GC 1703 37.36 16.27 -17.33
C5' 6MZ GC 1703 38.21 16.62 -16.25
C4' 6MZ GC 1703 39.39 15.69 -16.18
O4' 6MZ GC 1703 38.94 14.33 -16.41
C1' 6MZ GC 1703 39.94 13.60 -17.08
C2' 6MZ GC 1703 41.12 14.54 -17.33
O2' 6MZ GC 1703 42.06 14.37 -16.29
C3' 6MZ GC 1703 40.46 15.91 -17.24
O3' 6MZ GC 1703 41.35 16.95 -16.87
P 6MZ GC 1703 36.77 17.37 -18.31
O3P 6MZ GC 1703 35.65 18.13 -17.60
P 4AC GC 1713 40.04 16.97 -5.85
OP1 4AC GC 1713 40.04 15.54 -5.35
OP2 4AC GC 1713 38.78 17.55 -6.45
O5' 4AC GC 1713 40.48 17.91 -4.65
C5' 4AC GC 1713 41.67 17.65 -3.92
C4' 4AC GC 1713 41.83 18.60 -2.76
O4' 4AC GC 1713 41.99 19.95 -3.27
C3' 4AC GC 1713 40.62 18.71 -1.84
O3' 4AC GC 1713 40.60 17.68 -0.87
C2' 4AC GC 1713 40.79 20.10 -1.23
O2' 4AC GC 1713 41.78 20.08 -0.22
C1' 4AC GC 1713 41.35 20.87 -2.42
N1 4AC GC 1713 40.30 21.56 -3.21
C2 4AC GC 1713 39.67 22.69 -2.68
O2 4AC GC 1713 39.98 23.08 -1.54
N3 4AC GC 1713 38.73 23.32 -3.41
C4 4AC GC 1713 38.41 22.87 -4.61
N4 4AC GC 1713 37.40 23.64 -5.25
C5 4AC GC 1713 39.04 21.74 -5.18
C6 4AC GC 1713 39.97 21.13 -4.46
C7 4AC GC 1713 36.74 23.40 -6.40
O7 4AC GC 1713 36.94 22.42 -7.10
CM7 4AC GC 1713 35.74 24.45 -6.78
C2 MA6 GC 1721 26.31 9.58 -18.52
C4 MA6 GC 1721 25.54 9.39 -16.33
C5 MA6 GC 1721 24.84 10.53 -16.46
P MA6 GC 1721 22.97 9.97 -10.81
OP1 MA6 GC 1721 23.04 9.87 -9.30
OP2 MA6 GC 1721 22.84 11.32 -11.47
O5' MA6 GC 1721 24.26 9.27 -11.41
C5' MA6 GC 1721 24.57 7.91 -11.15
C4' MA6 GC 1721 25.57 7.39 -12.14
O4' MA6 GC 1721 24.95 7.31 -13.45
C1' MA6 GC 1721 25.86 7.73 -14.45
N9 MA6 GC 1721 25.34 8.95 -15.08
N3 MA6 GC 1721 26.28 8.91 -17.34
N1 MA6 GC 1721 25.60 10.74 -18.66
C6 MA6 GC 1721 24.88 11.21 -17.66
N6 MA6 GC 1721 24.30 12.42 -18.23
C9 MA6 GC 1721 24.63 12.87 -19.57
C10 MA6 GC 1721 23.32 13.20 -17.41
N7 MA6 GC 1721 24.21 10.77 -15.30
C8 MA6 GC 1721 24.50 9.79 -14.43
C2' MA6 GC 1721 27.21 7.94 -13.78
O2' MA6 GC 1721 27.90 6.70 -13.83
C3' MA6 GC 1721 26.79 8.27 -12.35
O3' MA6 GC 1721 27.81 8.03 -11.40
C2 MA6 GC 1722 29.74 11.80 -18.88
C4 MA6 GC 1722 29.42 11.36 -16.61
C5 MA6 GC 1722 28.58 12.40 -16.51
P MA6 GC 1722 28.32 9.22 -10.45
OP1 MA6 GC 1722 28.08 8.83 -9.02
OP2 MA6 GC 1722 27.75 10.51 -10.99
O5' MA6 GC 1722 29.89 9.25 -10.69
C5' MA6 GC 1722 30.49 10.24 -11.49
C4' MA6 GC 1722 31.06 9.67 -12.76
O4' MA6 GC 1722 29.97 9.33 -13.67
C1' MA6 GC 1722 30.32 9.66 -14.98
N9 MA6 GC 1722 29.50 10.81 -15.40
N3 MA6 GC 1722 30.01 11.05 -17.78
N1 MA6 GC 1722 28.88 12.85 -18.79
C6 MA6 GC 1722 28.30 13.15 -17.64
N6 MA6 GC 1722 27.50 14.31 -17.99
C9 MA6 GC 1722 26.55 14.85 -17.03
C10 MA6 GC 1722 27.65 14.97 -19.33
N7 MA6 GC 1722 28.14 12.47 -15.24
C8 MA6 GC 1722 28.72 11.48 -14.54
C2' MA6 GC 1722 31.80 10.02 -14.98
O2' MA6 GC 1722 32.54 8.83 -15.12
C3' MA6 GC 1722 31.95 10.59 -13.58
O3' MA6 GC 1722 33.28 10.62 -13.10
MG MG IC . -19.87 13.09 17.04
MG MG JC . -68.01 -2.51 20.35
MG MG KC . -29.36 -12.96 27.49
MG MG LC . -55.71 -0.90 -7.10
MG MG MC . -43.03 72.10 52.51
MG MG NC . -45.76 21.43 6.75
MG MG OC . -33.77 -20.09 25.10
MG MG PC . -46.56 -9.45 3.84
MG MG QC . -81.53 -10.18 -0.71
MG MG RC . -64.70 84.68 24.74
MG MG SC . -57.64 40.86 6.75
MG MG TC . -78.45 39.22 -1.98
MG MG UC . -45.15 1.12 15.14
MG MG VC . -49.70 -19.49 13.45
MG MG WC . -60.81 -12.38 14.91
MG MG XC . -66.47 18.91 34.62
MG MG YC . -75.21 2.37 55.99
MG MG ZC . -18.62 3.36 16.87
MG MG AD . -60.60 16.58 18.72
MG MG BD . -40.10 -10.88 23.81
MG MG CD . -38.60 -16.19 22.85
MG MG DD . -51.91 53.62 36.53
MG MG ED . -65.37 61.72 25.88
MG MG FD . -66.71 17.71 41.65
MG MG GD . -15.27 15.50 18.43
MG MG HD . -64.31 -12.03 7.40
MG MG ID . -52.29 18.72 5.32
MG MG JD . -100.64 34.15 59.11
MG MG KD . -93.49 21.39 54.08
MG MG LD . -57.77 2.06 1.15
MG MG MD . -41.95 4.22 18.05
MG MG ND . -53.35 41.00 24.75
MG MG OD . -51.39 -9.41 5.22
MG MG PD . -82.56 -10.46 5.05
MG MG QD . -74.67 -3.27 9.11
MG MG RD . -42.05 26.11 10.68
MG MG SD . -30.12 26.87 6.95
MG MG TD . -46.86 34.42 5.13
MG MG UD . -89.16 48.71 -1.95
MG MG VD . -60.66 59.80 -13.20
MG MG WD . -53.22 17.46 20.62
MG MG XD . -63.24 64.25 21.03
MG MG YD . -37.79 16.92 47.16
MG MG ZD . -29.86 -20.46 15.56
MG MG AE . -45.99 -10.14 18.84
MG MG BE . -62.96 -6.57 3.36
MG MG CE . -54.43 0.51 7.01
MG MG DE . -73.04 -11.25 -3.48
MG MG EE . -50.14 23.61 4.59
MG MG FE . -97.17 25.42 53.16
MG MG GE . -10.51 -4.20 68.09
MG MG HE . -51.56 -2.85 15.15
MG MG IE . -44.03 -48.27 -6.80
MG MG JE . -40.25 -17.19 52.32
MG MG KE . -19.41 6.96 31.25
MG MG LE . -35.05 7.44 45.42
MG MG ME . -38.81 -20.84 47.80
MG MG NE . -71.54 -25.89 -7.99
MG MG OE . -57.88 89.15 23.14
MG MG PE . -54.33 -9.63 -34.86
MG MG QE . -2.47 -31.47 54.92
MG MG RE . -14.53 37.09 61.00
MG MG SE . -12.56 0.57 28.36
MG MG TE . -61.66 -10.92 -28.94
MG MG UE . -15.88 3.96 32.31
MG MG VE . -48.28 11.30 -1.47
MG MG WE . -22.31 46.65 54.79
MG MG XE . -68.30 -29.75 5.57
MG MG YE . -50.57 -21.70 -36.37
MG MG ZE . 4.34 13.64 41.21
MG MG AF . -52.43 -7.55 27.12
MG MG BF . -85.27 -0.12 58.61
MG MG CF . -86.72 -45.00 0.15
MG MG DF . -24.93 43.26 56.54
MG MG EF . -35.58 14.38 55.12
MG MG FF . -25.75 21.67 76.49
MG MG GF . 3.02 8.58 41.60
MG MG HF . -50.11 14.50 -15.78
MG MG IF . -11.27 -7.37 72.43
MG MG JF . -0.85 10.38 26.59
MG MG KF . -4.20 23.46 20.57
MG MG LF . -20.65 -12.26 33.20
MG MG MF . -10.54 16.07 0.22
MG MG NF . -43.77 -3.56 63.59
MG MG OF . -5.29 -10.05 36.17
MG MG PF . -73.07 11.06 25.50
MG MG QF . -28.75 16.64 34.34
MG MG RF . -72.51 3.12 31.87
MG MG SF . -86.74 -33.03 6.87
MG MG TF . -25.46 24.66 72.07
MG MG UF . -11.08 -4.85 62.47
MG MG VF . -35.61 12.46 73.52
MG MG WF . -23.79 -10.30 61.49
MG MG XF . -59.73 -7.64 -31.16
MG MG YF . -58.61 -35.33 2.54
MG MG ZF . -29.76 -8.30 66.27
MG MG AG . -44.65 15.02 68.46
MG MG BG . -29.72 38.15 73.92
MG MG CG . -90.07 -16.37 25.53
MG MG DG . -67.40 -0.94 31.34
MG MG EG . -2.24 -28.95 41.28
MG MG FG . 8.29 19.16 16.51
MG MG GG . -110.14 -26.13 12.77
MG MG HG . -75.33 17.39 -2.17
MG MG IG . -21.34 -6.57 35.83
MG MG JG . -28.66 -47.46 3.14
MG MG KG . -99.25 18.60 -27.53
MG MG LG . -67.63 -41.94 5.75
MG MG MG . -74.10 -48.69 11.28
MG MG NG . -123.93 -44.69 -39.99
MG MG OG . -22.40 27.57 42.70
MG MG PG . -0.53 -17.59 20.12
MG MG QG . -41.95 -19.46 -48.13
MG MG RG . -21.49 26.76 10.67
MG MG SG . -33.78 -13.86 53.61
MG MG TG . -39.70 -54.73 29.23
MG MG UG . 2.62 -1.37 1.09
MG MG VG . -25.30 29.68 -6.13
MG MG WG . -56.49 14.18 -67.57
MG MG XG . 14.90 -0.05 0.36
MG MG YG . -12.07 -44.73 38.68
MG MG ZG . -48.75 -10.04 -4.37
MG MG AH . -55.11 -3.22 69.30
MG MG BH . -54.91 14.94 -45.88
MG MG CH . -21.61 -37.00 13.38
MG MG DH . -9.84 -45.33 57.88
MG MG EH . -86.23 58.63 16.08
MG MG FH . 4.53 20.88 1.65
MG MG GH . -33.39 -71.15 10.76
MG MG HH . -95.72 43.84 51.84
MG MG IH . -10.61 -50.02 -25.38
MG MG JH . -87.16 25.29 -31.06
MG MG KH . -17.62 13.05 65.19
MG MG LH . -65.31 26.67 -49.09
MG MG MH . -4.42 -22.24 23.00
MG MG NH . -15.83 50.60 -11.12
MG MG OH . 8.18 6.64 -3.28
MG MG PH . 6.22 -6.54 8.82
MG MG QH . -29.05 -46.74 22.77
MG MG RH . -8.71 -24.90 22.08
MG MG SH . -48.35 -30.39 18.64
MG MG TH . -28.57 -29.80 -10.72
MG MG UH . -45.32 -22.10 44.65
MG MG VH . -33.30 -66.80 0.83
MG MG WH . -99.42 -60.24 -19.47
MG MG XH . -30.62 2.20 59.79
MG MG YH . -7.13 -60.25 1.23
MG MG ZH . 2.28 -29.62 42.14
MG MG AI . 13.36 -3.04 31.60
MG MG BI . -51.34 12.96 -62.98
MG MG CI . -16.96 -6.16 21.14
MG MG DI . -37.59 21.48 8.21
MG MG EI . -27.47 6.98 55.12
MG MG FI . -49.83 18.65 -10.72
MG MG GI . -71.74 -20.09 0.38
MG MG HI . -2.89 -4.52 9.32
MG MG II . -0.42 29.79 90.49
MG MG JI . -86.63 -19.82 0.63
N1 SPM KI . -51.60 -8.48 -46.40
C2 SPM KI . -52.24 -9.12 -45.26
C3 SPM KI . -53.67 -9.49 -45.63
C4 SPM KI . -54.31 -10.26 -44.48
N5 SPM KI . -53.60 -11.50 -44.26
C6 SPM KI . -53.44 -11.68 -42.84
C7 SPM KI . -52.78 -13.01 -42.52
C8 SPM KI . -52.32 -12.96 -41.07
C9 SPM KI . -52.44 -14.34 -40.45
N10 SPM KI . -51.94 -14.31 -39.09
C11 SPM KI . -51.97 -15.65 -38.57
C12 SPM KI . -51.29 -15.70 -37.21
C13 SPM KI . -49.81 -15.99 -37.40
N14 SPM KI . -49.15 -15.84 -36.12
MG MG LI . -51.81 -14.37 -10.21
MG MG MI . -73.70 9.18 44.43
N1 SPD NI . -50.39 23.72 -4.20
C2 SPD NI . -50.08 24.53 -5.36
C3 SPD NI . -51.31 25.35 -5.72
C4 SPD NI . -50.99 26.21 -6.96
C5 SPD NI . -52.25 26.97 -7.34
N6 SPD NI . -51.98 27.81 -8.49
C7 SPD NI . -53.17 28.62 -8.74
C8 SPD NI . -52.94 29.48 -9.97
C9 SPD NI . -54.26 30.13 -10.36
N10 SPD NI . -54.01 31.10 -11.42
MG MG OI . -14.65 -42.88 76.22
N1 SPM PI . -54.63 5.73 -5.92
C2 SPM PI . -54.15 4.56 -6.63
C3 SPM PI . -54.00 4.90 -8.11
C4 SPM PI . -52.67 5.62 -8.32
N5 SPM PI . -52.41 5.74 -9.74
C6 SPM PI . -52.03 4.44 -10.27
C7 SPM PI . -51.11 4.65 -11.47
C8 SPM PI . -50.13 3.47 -11.57
C9 SPM PI . -48.88 3.93 -12.30
N10 SPM PI . -48.23 2.82 -12.95
C11 SPM PI . -47.70 1.89 -11.96
C12 SPM PI . -46.75 0.92 -12.65
C13 SPM PI . -47.39 0.40 -13.93
N14 SPM PI . -46.87 1.14 -15.06
N1 SPM QI . -53.75 46.13 -2.58
C2 SPM QI . -52.49 45.44 -2.84
C3 SPM QI . -52.57 44.05 -2.25
C4 SPM QI . -52.58 44.16 -0.73
N5 SPM QI . -52.19 42.89 -0.16
C6 SPM QI . -51.81 43.11 1.22
C7 SPM QI . -51.07 41.88 1.72
C8 SPM QI . -51.72 41.40 3.01
C9 SPM QI . -51.27 42.30 4.15
N10 SPM QI . -51.97 41.93 5.36
C11 SPM QI . -51.12 41.12 6.19
C12 SPM QI . -51.48 41.36 7.66
C13 SPM QI . -52.93 40.99 7.90
N14 SPM QI . -53.29 41.33 9.26
MG MG RI . 0.50 29.28 83.28
MG MG SI . -0.22 25.97 19.91
N1 SPM TI . -36.88 35.51 21.18
C2 SPM TI . -37.23 34.48 20.22
C3 SPM TI . -36.53 33.17 20.60
C4 SPM TI . -37.03 32.05 19.69
N5 SPM TI . -35.89 31.25 19.28
C6 SPM TI . -36.35 29.96 18.79
C7 SPM TI . -35.23 29.31 17.98
C8 SPM TI . -35.82 28.17 17.16
C9 SPM TI . -35.05 28.05 15.84
N10 SPM TI . -35.24 26.70 15.35
C11 SPM TI . -34.87 26.62 13.95
C12 SPM TI . -33.36 26.80 13.75
C13 SPM TI . -32.98 26.11 12.45
N14 SPM TI . -31.56 25.79 12.45
MG MG UI . -14.01 12.86 35.01
MG MG VI . -16.08 66.96 47.13
MG MG WI . 2.08 -14.16 70.73
MG MG XI . 21.67 -16.01 64.81
MG MG YI . -56.36 -3.85 14.61
MG MG ZI . -33.63 -83.35 -10.18
MG MG AJ . -57.98 -1.89 30.37
MG MG BJ . 6.15 30.27 -4.38
MG MG CJ . 3.34 -17.78 78.99
MG MG DJ . -93.52 40.16 20.70
MG MG EJ . 31.17 42.21 66.63
MG MG FJ . 6.61 13.17 19.45
MG MG GJ . -7.98 22.35 99.69
MG MG HJ . -67.10 74.22 11.32
N1 SPD IJ . -18.30 12.25 37.41
C2 SPD IJ . -18.39 11.50 38.65
C3 SPD IJ . -18.66 10.03 38.32
C4 SPD IJ . -18.35 9.15 39.54
C5 SPD IJ . -17.81 7.81 39.07
N6 SPD IJ . -17.91 6.85 40.15
C7 SPD IJ . -17.43 5.56 39.68
C8 SPD IJ . -17.41 4.57 40.84
C9 SPD IJ . -16.83 3.24 40.36
N10 SPD IJ . -16.45 2.44 41.50
N1 SPD JJ . -60.20 73.80 12.97
C2 SPD JJ . -61.47 73.29 12.51
C3 SPD JJ . -61.70 71.89 13.06
C4 SPD JJ . -61.80 71.96 14.58
C5 SPD JJ . -61.27 70.66 15.19
N6 SPD JJ . -62.38 69.81 15.56
C7 SPD JJ . -61.86 68.57 16.12
C8 SPD JJ . -61.40 68.81 17.57
C9 SPD JJ . -60.66 67.57 18.05
N10 SPD JJ . -61.52 66.75 18.89
N1 SPD KJ . -6.14 6.81 47.77
C2 SPD KJ . -5.37 5.63 47.43
C3 SPD KJ . -6.18 4.77 46.48
C4 SPD KJ . -5.42 3.49 46.15
C5 SPD KJ . -4.92 3.55 44.71
N6 SPD KJ . -3.51 3.23 44.67
C7 SPD KJ . -3.35 1.94 44.03
C8 SPD KJ . -1.94 1.42 44.28
C9 SPD KJ . -2.03 0.09 45.04
N10 SPD KJ . -0.87 -0.71 44.75
N1 SPD LJ . -53.25 -24.09 -0.38
C2 SPD LJ . -52.76 -25.43 -0.64
C3 SPD LJ . -51.93 -25.90 0.55
C4 SPD LJ . -51.75 -27.42 0.50
C5 SPD LJ . -50.61 -27.84 1.44
N6 SPD LJ . -50.92 -27.45 2.80
C7 SPD LJ . -49.78 -27.72 3.63
C8 SPD LJ . -49.94 -27.02 4.98
C9 SPD LJ . -48.99 -27.67 6.00
N10 SPD LJ . -49.05 -26.96 7.26
N1 SPD MJ . -34.97 68.13 39.43
C2 SPD MJ . -34.14 68.75 40.45
C3 SPD MJ . -34.86 68.67 41.79
C4 SPD MJ . -33.87 68.98 42.91
C5 SPD MJ . -33.61 67.72 43.73
N6 SPD MJ . -34.53 67.66 44.85
C7 SPD MJ . -34.16 66.60 45.75
C8 SPD MJ . -34.50 66.98 47.18
C9 SPD MJ . -33.35 66.58 48.11
N10 SPD MJ . -33.52 67.20 49.40
N1 SPD NJ . -74.07 -22.31 35.40
C2 SPD NJ . -75.06 -22.67 34.41
C3 SPD NJ . -75.00 -24.18 34.16
C4 SPD NJ . -73.54 -24.65 34.23
C5 SPD NJ . -73.51 -26.15 34.00
N6 SPD NJ . -72.16 -26.56 33.64
C7 SPD NJ . -72.16 -27.96 33.26
C8 SPD NJ . -71.96 -28.84 34.50
C9 SPD NJ . -70.47 -29.03 34.75
N10 SPD NJ . -70.27 -29.65 36.04
N1 SPM OJ . -32.29 -46.97 23.89
C2 SPM OJ . -32.47 -48.21 23.16
C3 SPM OJ . -33.77 -48.90 23.59
C4 SPM OJ . -34.90 -48.53 22.62
N5 SPM OJ . -34.67 -47.18 22.14
C6 SPM OJ . -35.61 -46.87 21.07
C7 SPM OJ . -34.92 -45.86 20.14
C8 SPM OJ . -33.56 -46.42 19.75
C9 SPM OJ . -32.85 -45.44 18.82
N10 SPM OJ . -33.75 -45.07 17.74
C11 SPM OJ . -32.97 -44.86 16.54
C12 SPM OJ . -33.72 -45.43 15.35
C13 SPM OJ . -32.76 -45.78 14.23
N14 SPM OJ . -33.45 -46.41 13.14
N1 SPD PJ . -23.73 -57.61 20.81
C2 SPD PJ . -25.02 -57.91 21.39
C3 SPD PJ . -25.89 -56.65 21.39
C4 SPD PJ . -25.49 -55.77 22.57
C5 SPD PJ . -25.91 -54.33 22.29
N6 SPD PJ . -27.35 -54.20 22.34
C7 SPD PJ . -27.73 -52.91 21.83
C8 SPD PJ . -29.25 -52.80 21.75
C9 SPD PJ . -29.64 -51.31 21.81
N10 SPD PJ . -31.03 -51.20 22.22
N1 SPD QJ . -53.09 22.79 26.10
C2 SPD QJ . -52.64 23.95 26.84
C3 SPD QJ . -53.86 24.75 27.27
C4 SPD QJ . -54.54 24.07 28.44
C5 SPD QJ . -55.25 25.12 29.29
N6 SPD QJ . -55.90 26.08 28.43
C7 SPD QJ . -55.71 27.41 28.97
C8 SPD QJ . -57.03 27.95 29.53
C9 SPD QJ . -57.77 28.73 28.45
N10 SPD QJ . -58.44 27.81 27.55
N1 SPM RJ . 8.34 -1.31 12.53
C2 SPM RJ . 9.69 -0.87 12.27
C3 SPM RJ . 9.70 0.63 11.98
C4 SPM RJ . 8.48 0.98 11.15
N5 SPM RJ . 8.30 2.43 11.13
C6 SPM RJ . 7.08 2.75 10.42
C7 SPM RJ . 5.92 2.83 11.41
C8 SPM RJ . 5.92 4.22 12.07
C9 SPM RJ . 5.62 5.27 11.01
N10 SPM RJ . 4.35 5.91 11.32
C11 SPM RJ . 4.57 7.04 12.21
C12 SPM RJ . 3.26 7.81 12.37
C13 SPM RJ . 2.38 7.63 11.14
N14 SPM RJ . 1.63 8.85 10.88
N1 SPM SJ . -51.44 -35.74 30.34
C2 SPM SJ . -52.58 -34.85 30.54
C3 SPM SJ . -53.59 -35.09 29.44
C4 SPM SJ . -54.88 -34.35 29.75
N5 SPM SJ . -55.75 -34.42 28.58
C6 SPM SJ . -56.12 -35.80 28.34
C7 SPM SJ . -56.20 -36.08 26.85
C8 SPM SJ . -57.36 -35.31 26.22
C9 SPM SJ . -57.96 -36.14 25.09
N10 SPM SJ . -59.15 -35.49 24.57
C11 SPM SJ . -60.27 -36.40 24.70
C12 SPM SJ . -61.55 -35.73 24.18
C13 SPM SJ . -62.71 -36.06 25.12
N14 SPM SJ . -63.88 -36.40 24.32
MG MG TJ . -71.82 -17.72 49.01
MG MG UJ . -44.32 -18.11 -21.50
MG MG VJ . -69.01 -28.54 -12.26
MG MG WJ . -54.52 -25.50 -67.73
MG MG XJ . -66.49 -32.36 -31.02
MG MG YJ . -73.72 -8.59 51.44
MG MG ZJ . -85.92 9.17 38.80
MG MG AK . -24.23 91.30 33.49
MG MG BK . -72.16 48.59 70.57
MG MG CK . -13.97 20.30 9.44
N1 SPD DK . -29.80 52.49 13.07
C2 SPD DK . -31.13 52.57 13.63
C3 SPD DK . -31.53 54.03 13.80
C4 SPD DK . -32.92 54.12 14.42
C5 SPD DK . -33.18 55.58 14.81
N6 SPD DK . -34.49 55.70 15.43
C7 SPD DK . -34.36 56.35 16.71
C8 SPD DK . -35.72 56.87 17.15
C9 SPD DK . -36.76 55.77 17.02
N10 SPD DK . -36.31 54.61 17.74
MG MG EK . -36.81 -2.11 49.31
MG MG FK . -12.46 -28.71 24.03
MG MG GK . -73.14 -12.23 31.90
ZN ZN HK . 16.10 53.94 57.73
MG MG IK . -26.47 31.16 43.29
ZN ZN JK . -42.60 38.94 45.97
ZN ZN KK . -29.33 -59.14 -9.00
ZN ZN LK . -55.67 45.20 -47.19
ZN ZN MK . 24.40 46.90 46.74
MG MG NK . 15.66 15.51 -89.22
MG MG OK . 70.24 -63.04 70.78
ZN ZN PK . 38.36 36.16 -16.89
MG MG QK . 51.76 20.48 -15.96
MG MG RK . 63.81 3.32 1.06
MG MG SK . 64.98 -29.76 -25.82
MG MG TK . 59.46 19.90 29.17
MG MG UK . 79.23 22.18 29.79
MG MG VK . 67.09 18.42 16.88
MG MG WK . 53.09 -23.91 25.52
MG MG XK . 55.13 -33.55 40.96
MG MG YK . 63.79 -43.03 56.59
MG MG ZK . 13.53 41.38 -23.17
MG MG AL . 53.48 12.71 -2.65
MG MG BL . 51.64 0.61 0.96
MG MG CL . 67.04 19.20 -59.44
MG MG DL . 37.32 28.91 -22.81
MG MG EL . 36.59 20.51 -18.71
MG MG FL . 20.36 31.96 11.86
MG MG GL . 37.62 20.36 -18.76
MG MG HL . 64.75 -25.62 26.40
MG MG IL . 34.80 19.18 -15.78
MG MG JL . 49.19 -36.71 42.68
MG MG KL . 20.03 37.60 -9.75
MG MG LL . 67.04 -12.75 4.54
MG MG ML . 33.80 30.47 9.66
MG MG NL . 46.45 29.96 2.36
MG MG OL . 65.84 -31.40 32.52
MG MG PL . 77.79 -47.82 -10.73
#